data_9GYT
#
_entry.id   9GYT
#
_cell.length_a   1.00
_cell.length_b   1.00
_cell.length_c   1.00
_cell.angle_alpha   90.00
_cell.angle_beta   90.00
_cell.angle_gamma   90.00
#
_symmetry.space_group_name_H-M   'P 1'
#
loop_
_entity.id
_entity.type
_entity.pdbx_description
1 polymer '5S rRNA'
2 polymer 'Ribosomal protein S2'
3 polymer 'Small ribosomal subunit protein uS3m'
4 polymer uS4m
5 polymer 'S5 DRBM domain-containing protein'
6 polymer bS6m
7 polymer 'uS7m,Small ribosomal subunit protein uS7m'
8 polymer uS8m
9 polymer uS9m
10 polymer 'Small ribosomal subunit protein uS10 domain-containing protein'
11 polymer uS11m
12 polymer uS12m
13 polymer uS13m
14 polymer uS14m
15 polymer 'Small ribosomal subunit protein uS15c'
16 polymer '30S ribosomal protein S16'
17 polymer uS17m
18 polymer bS18m
19 polymer 'Small ribosomal subunit protein uS19m'
20 polymer 'Ribosomal protein S21'
21 polymer '30S ribosomal protein S31, mitochondrial'
22 polymer mS23
23 polymer mS26
24 polymer 'Small ribosomal subunit protein mS29'
25 polymer mS31/mS46
26 polymer mS33
27 polymer mS34
28 polymer mS35
29 polymer mS37
30 polymer mS38
31 polymer mS41
32 polymer mS45
33 polymer mS47
34 polymer 'Small ribosomal subunit protein mS81 (rPPR8)'
35 polymer 'mS83 (rPPR10)'
36 polymer 'PROP1-like PPR domain-containing protein'
37 polymer 'mS76 (rPPR1)'
38 polymer mS86
39 polymer 'Small ribosomal subunit protein mS80 (rPPR6)'
40 polymer 'Large ribosomal subunit protein uL2 C-terminal domain-containing protein'
41 polymer 'uL2m N-ter mitochondrial'
42 polymer uL3m
43 polymer uL4m
44 polymer uL5m
45 polymer 'Large ribosomal subunit protein uL6 alpha-beta domain-containing protein'
46 polymer bL9m
47 polymer uL10m
48 polymer uL11m
49 polymer '50S ribosomal protein L13'
50 polymer uL14m
51 polymer uL15m
52 polymer 'Large ribosomal subunit protein uL16m'
53 polymer '50S ribosomal protein L17'
54 polymer 'Ribosomal protein L18e/L15P domain-containing protein'
55 polymer bL19m
56 polymer bL20m
57 polymer bL21m
58 polymer 'Large ribosomal subunit protein uL22m'
59 polymer uL23m
60 polymer uL24m
61 polymer bL25-2m
62 polymer bL25m
63 polymer '50S ribosomal protein L27'
64 polymer bL28m
65 polymer uL29m
66 polymer uL30m
67 polymer bL31m
68 polymer bL32m
69 polymer bL33m
70 polymer 'Large ribosomal subunit protein bL34m'
71 polymer bL35m
72 polymer 'Ribosomal protein'
73 polymer mL40
74 polymer mL41
75 polymer 'Large ribosomal subunit protein mL43'
76 polymer mL46
77 polymer mL53
78 polymer mL54
79 polymer mL59/mL64
80 polymer mL60
81 polymer mL80
82 polymer mL87
83 polymer 'mL101 (rPPR4)'
84 polymer 'mL102 (rPPR5)'
85 polymer 'mL104 (rPPR9)'
86 polymer '26S rRNA'
87 polymer '18S rRNA'
88 non-polymer 'MAGNESIUM ION'
89 non-polymer "ADENOSINE-5'-TRIPHOSPHATE"
90 non-polymer 'POTASSIUM ION'
91 non-polymer 'ZINC ION'
92 water water
#
loop_
_entity_poly.entity_id
_entity_poly.type
_entity_poly.pdbx_seq_one_letter_code
_entity_poly.pdbx_strand_id
1 'polyribonucleotide'
;AAACCGGGCACUACGGUGAGACGUGAAAACACCCGAUCCCAUUCCGACCUCGAUAUGUGGAAUCGUCUUGCGCCAUAUGU
ACUGAGAUUGUUCGGGAGACAUGGUCCAAGCCCGGUGA
;
3
2 'polypeptide(L)'
;MTLHGAVIQKLLNTGSHLGRRAAEHHFKQYAYGTRNGMTIIDSDKTLICLRSAASFVANLASARGNIFFVNTNPLFDEIV
ELTSRRIQGDAYNHNRSTNLWKMGGFLTNSYSPKKFRSRHKKLCFGPTTMPDCVVVFDAERKSSVVLEAAKLQIPVVAIV
DPNVPLEFFEKITYPVPARDSVKFVYLFCNVITKCFVAEQMKMGIKDGDLAA
;
A
3 'polypeptide(L)'
;MARKGNPISVRLGKNRSSDSSWFSDYYYGKFVYQDVNLRSYFGSIRPPTRLTFGFRLGRCIILHFPKRTFIHFFLPRRPR
RLKRREKTRPGKEKGRWWTTFGKAGPIGCLRDDTEEERNEVRGRGARKRVESIRLDDRKKQNEIRGWPKKKQRYGYHDRS
PSIKKNLSKLLRISGAFKHPKYAGVVNDIAFLIENDDSFKKTKLFKFFFPKKSRSDGPTSYLRTLPAVRPSLNFLVMQYF
FNTKNQMNFDPVVVLNHFVAPGAAEPSTMGRANAQGRSLQKRIRSRIAFFVESLTSEKKCLAEAKNRLTHFIRLANDLRF
AGTTKTTISLFPFFGATFFFLRDGVGVYNNLDAREQLLNQLRVKCWNLLGKDKVMELIEKFKNLGGIEELIKVIDMMIEI
ILRKRGIPYRYNSYFYEVKKMRSFLSNRTNTKTLIESVKIKSVYQSASLIAQDISFQLKNKRRSFHSIFAKIVKEIPKRV
EGIRICFSGRLKDAAEKAQTKCYKHRKTSCNVFNQKIDYAPVEVSTRYGILGVKVWISYSQKKGGRAISETYEI
;
B
4 'polypeptide(L)'
;MWLLKKLIQRDIDMSPLRFQTCRLLLGNVWNRELTIIQRRILRRLRNRKRSIKKRKIYSKKYLTSYIQLQTTRKLSLFYG
DLPITEMHRGTKRTSYIPFLLNLETRFDVILLRLHFLETIPQARQLISHRRVCVNKGMVSITHLKLSHGDIISFQENNAI
IRGEEIRRSFYKEILVEKIIGKLLHQPLRMWRRSKTEWFHLLKTKRGCRLLLKSRFLQQLRSSMQEEDLERTKKFGSEKV
CLGSSFAEHKRMKRNLLKSLFLSKRRKEKNLNLPTRTISPIVYNSSLSLYSNSTYCFASPHKLTMKRRIKRIELPTHYLE
VNYRTPKAVVFYGPNIGHIPHDIRLKDLNLLLWSRNGRGQNI
;
C
5 'polypeptide(L)'
;MSFRTRASSWTRLLLRRNPRSSFSRQISSLDASGSAFPGRITPWISSQTHRFSSATTISPAEADRVVRDLLAEVEKEKQR
EREERQRQGLDCKDIDDEDEDEEDYLGIEPFIEKLKKQNLKDDGELNRREESSDSDSELDEVDWDEERKKEDMFNKKFQR
HKELLQTLTKSETLDEAYKWMTKLDKFEEKHFKLAPEYRVIGELMNRLKVAEGKDKFILQQKINRAMRLVEWKEAFDPNN
PANYGVIERDNVQGGEEKEERLVADGSKDDNDDNEEEFDDMKERDDILLEKLNAIDKKLESKLSELDHTFGKKGKRLEEE
IRDLAEERNALTEKKRQPLYRKGYDVHVIDVKKVAKVTKGGRVERYTALMVCGNYEGVIGYAKAKAETGQSAMQKAYEKC
FQNLHYIERHEEHTIAHAIQTSYKKTKLYLWPAPTTTGMKAGRVVKTMLLLAGFKNIKSKVIGSRNSYNTVKAVLKALNA
VETPKDVQEKFGRTVVEKYLL
;
D
6 'polypeptide(L)'
;MPLYDCMLLFKPIIRKEGLIDLVARIGKHVYSKNGVLTEVKSFGKVELGYGIKKLDGRHYQGQLMQITMMATPNINKELH
YLNKDDKLLRWLLVKHRDIKIGSSEMEDRQDDSNRVTNRSLYDESSTDEDDDILGLSR
;
E
7 'polypeptide(L)'
;(UNK)(UNK)(UNK)(UNK)(UNK)(UNK)(UNK)(UNK)(UNK)(UNK)GGLDGEQKLLIKKLVNFRMKEGKRTRVRAI
VYQTFHRPARTERDVIKLMVDAVENIKPICEVAKVGVAGTIYDVPGIVARDRQQTLAIRWILEAAFKRRISYRISLEKCS
FAEILDAYQKRGSARRKRENLHGLASTNRSFAHFRWW
;
F
8 'polypeptide(L)'
;MGRRILNDALRTIVNAERRGKASVELKPISTVMSSFLRIMKEKGYIKNFQVHDPHRVGRITVDLQGRVNDCKALTYRQDV
KAKEIEEYTERTLPTRQWGYVVVTTPDGILDHEEAIKRNVGGQVLGFFY
;
G
9 'polypeptide(L)'
;MLSRLFLRSSNLRLATLVSSKSNSQIFSSFIRPLSTNSSGGGGGNDSGNGGNRNDAPWSFSGVNDGKSDPFSSFESGSPG
GDGKWPKEEPKRWNMKEEGDEKAVFGDVSNGFGDVKSSGWDVSSKPWDLKEDEEDGKVVFDTSGEMPVSFDNSLVNEEEE
RAKKELFEKEEKELTEVIKGPDRAFGDLIAKSGITDEMLDSLIALKDFQGVQGLPPLTEIENLRREKSSKKSSRAEIELQ
MQEEIAKARVRQVDEAGRAYGTGRRKCSIARVWIVPGKGKFLVNDKEFDVYFPMLDHRAALLRPLAETKTLGSWDINCTV
TGGGTTGQVGAIQLGISRALQNWEPDMRTALRAAGFLTRDSRVVERKKPGKAKARKSFQWVKR
;
H
10 'polypeptide(L)'
;MIGVLRRSSLPSRHALSAALTSFDSGLSLNITSAATGASVKLNLVGNGSTLSSASFVISARDFHIRSEPSMVSPAKISFR
GYATGSESSIGDSAKIKISPENVKPLSKKKKGGGESTSKIKGTRICIAIRSFDNPEKEAWCLPPHSRYAAMPDTRTLYTV
LRSPHVDKKSREQFEMRFKKRFLVIKAQSHELSNKLFWLKRYRILGAQYELQFHCKTRLDMSPVLGSK
;
I
11 'polypeptide(L)'
;MNGVSRHLRASSLPSLIRSYGGIKSVCRFSCQSDGSSGGRFGEQGRVPGDSENKSGLPDPNASPSKSFSEMRSGLLNKIG
DGGYSAPNAPPTFRNPLRSRLPNTLPSQSGQMNQEGLPNTGGTGFSAPSYQSFTQSNLLKDNFRTGGISKDLDFVRGVIE
DDEGRRATGLFSHFHRPNLETNADIIHIKLLRNNTFVTVTDSKGNVKCKATSGSLPDLKGGRKMTSYTADATAENIGRRV
KAMGLKSVVVKVNGFTHFKKKRNAIVAFRSGYSNSRNDQNPIVYIEDTTRKAHNGCRLPRKRRV
;
J
12 'polypeptide(L)'
;MPTFNQLIRHGREEKRRTDRTRALDKCPQKLGACLRVSTRTPKKPNSALRKIAKVRLSNRHDIFAYIPGEGHNLQEHSQV
LIRGGRVKDLPGVKFHCIRGVKDLMGIPGRRRGRSKYGAEKPKSI
;
K
13 'polypeptide(L)'
;MLGLRRSAATLFDHSQSLLRNLSFHGLRVQGIRVGNAEVPNHKPLKTGLQEVYGIGRRKSHQVLCGLGITNKLARDLTGK
ELIDLREEVGMHQHGDELRRRVGSEIQRLVEVDCYRGSRHRHGMPCRGQRTKTNARTKKGKRVAIAGKKKAPRK
;
L
14 'polypeptide(L)'
;MANLRGVLTNVSSYCQRSFSQSALLWRSAVKPPNNLAQIQSRQISTSLAKHSGTEQGVKRNSADHRRRLLAARFELRRKL
YKAFCKDPELPSEMREKNRYKLSKLPRNSAFTRIRNRCVFTGRSRSVTELFRMSRICFRGLANKGELVGIKKSSW
;
M
15 'polypeptide(L)'
;MAFHLARRKQRLHSNPYLIHLFSTSSSSASPQDGNESGEQQPSQSPSDFKISSYFSGIKSSLKQQPQHQAQDGRRQLAGF
DPKAPSFSGSGGDFQDVRRNLNEFRRRAAAPPARDLQDLYKQNVLSKSGDLGAGKVEGSPFENLKKNLRQMRPQETRWSN
LSSLQSIMKAKDSGNVRSNVFGGGEGLPISVFGEEIEERKKMGDDSEEMKSEFIKSYNTKELGEILRQYRPEGKREEGWF
SLQELNQRLVKLREVEEAAAQGARKGIAFDDLRSEIQQARKSQAFQNLDFFSVLNGTPKYLLEPPKDELVQTYFHPDNMS
SAEKMKIELAKVREEFKMSESDCGSARVQVAQLTTKIKHLSSVLHKKDKHSKKGLIAMVHRRKKLLKYMRRTDWDSYCLS
LSKLGLRDNPDYKF
;
N
16 'polypeptide(L)'
;MVVRLRLSRLGCKNRPFFRVMATDSRSPRDGKHIEVLGYFNPLPGQDGGKRMGLKFDRIKYWLSVGAQASDPVQRLLFRS
GLLPPPPMVAMGRKGGERDTRPVDPMTGRFVDAEKKTPVIIDNQPKEEDNAQDKSP
;
O
17 'polypeptide(L)'
;MKPVIGTVVSNKMQKSVVVAVDRLFHNKLYNRYVKRTSKFMAHDETNACNIGDRVKLDPSRPLSKHKNWIVAEIIKKARI
YSPQAAAAAALSFSAAKSPSESSVPPVSSS
;
P
18 'polypeptide(L)'
;MKLAHSAIRSLSDVASFQTCRPFVSRSLSTNANQDDWMFGGKDEKANSFFQHLGKAEKDKRDYTGFSRSQGNGSRFDPSS
DGVDGKLKEAALIYNVDDDEGVKDGYSFRPDVNSWGVNQFPRDMNFRRQMQRPRQNNKAEITTEEVLKKADFRNVRFLAQ
FITEAGILVKRKQTGISAKAQRKIAREIKTARAFGLMPFTTMGTKAFTFGKTMENRDQDFEYEVIDDDDEYDDNTPE
;
Q
19 'polypeptide(L)'
;MAFCTKLGGHWKQGVNVPVSSMLGSLRYMSTKLYIGGLSPGTDEHSLKDAFSSFNGVTEARVMTNKVTGRSRGYGFVNFI
SEDSANSAISAMNGQELNGFNISVNVAKDWPSLPLSLDESIEEAEKKENKMMSRSVWKDPFVDAFLMKKKNAALNRKIWS
RRSTILPEYVDSAVRIYNGKTHVRCKITEGKVGHKFGEFAFTRKVKKHAKAK
;
R
20 'polypeptide(L)'
;MNTIAKRVTGLLTRPSHSQLQQERGIRVKVFSGDLDKALTILQRKMQSSGMERLIKAQQTHHIKNSEKKVLARKNLERKI
KSIDFARKLQSILIKKVRGL
;
S
21 'polypeptide(L)'
;MMAAAQWCSSMTRLVMMMQRTSPALACSARYSSLCPAAASMEVCGRGDSKTKKGKRFKGSYGNSRGKKQKMIERIKDKLE
LPRSTPWPLPFKLI
;
T
22 'polypeptide(L)'
;MSWMKGDLLSKTRRLVGGLATREPVWLKAMEASPPPVFPRSNGNLKKIVLPEDPYVRRFARKHPEAKLVEPNKVSAFIPD
PARVYGCRVLELTKNGISEDDAMSVANMEYLAERKEKKKAYKRLKELAVLQDKAPPPKPYLSTKKEMQTQEKKPPTDPPS
VRRLVNQLKQQKDVLLQDKPGGSANQDHWIDE
;
U
23 'polypeptide(L)'
;MSLCNQLSRLVKQSPLTKQSLRSFSAEAATHHRHHQETHSFLEPESYIGSWEAPKDPKDAERMLAQLRRDYAKKVSLYRK
DYVHEIEMLRVEKQRKDEARLVAERAANEERRRLKAEAAKVRAEERKIFQDEFRKTLMKERAEKLEFWRMTGLKREEKKK
ARKKLLHEQSSLWIEPKELEKKITEALVDSTTL
;
V
24 'polypeptide(L)'
;MFRSVVRITSRNFNLNRRSLIPNDAVSHFPSPPSASAATLIPSLDHAHRRRFSSSKSTKSSITKTKKSEGKKSKSKGGES
GAAAGAEDGEFGGSAGDDLEAGRAKRLADDEKTPSLDVGPNGRPLFTPRDVTLSKLSQKDIGSYFNFDEAALKAVLPEGL
ASGIEDEFKESWRPALLVRKSFLDLRDNFRRIADPPMWPSEGKGGVKPKKQIILDGPVKSGKSIALAMLVHWARDEGWLV
LYAPKGRDWTHGGYFYKNQHTGFWDTPLQAESILKDFVKFNEPRLRELRCNVYDPIVLGEGAGVGYLKGQETMPIPEDST
LYDLVQMGINSTHAAVSVVVRLRKELSLVKDVPVLIAIDQYNNWFTFSEFEEPVTPRSCRPIHARELTTVNAFRSMMHDD
MMVGAFSHSTAVGKLRKDLPDVPADARQNFPRYSLDEAEAVCYYYLRQRLVRREVFSEENWKKIYYLANGNGAEMRWLVP
FMR
;
W
25 'polypeptide(L)'
;MRGAIGRRLSNPSNGFSLASIVKHTPFLVQPTSHFSSSSSDGGAVRGRGRGRGGSGSPAAGAGQFGFNREPEKANEPVGQ
ARGSSESQSPGGYGHGRGRPIQSDPISPPFSSFVKPDSHSVGRGRGSLRSDPVSPFSPEPPRHPAPPQPQQPRFEPAKDG
VQGSPPFAKLEATKDATSPPPPPPPGAPNNISNALGSGAGRGKPFVQNEDNRHIQRSPQPLQRQKRVQPPKDTTPRPQLS
PEEAGRRARSQLSRGEAEGGSGGGVRGRGGGRGRGRGARGRGRGRGGEGWRDDKKEEEAEQEALSVFVGDNADGEKFAKK
MGDEIMAKLAEGYEDICERALPSTAHDALVDAYDTNLMIECEPEYLMPDFGSNPDIDEKPPMPLRECLEKVKPFIVALEG
IKDQEEWEEAIGEAMAEAPRMKEIVDHYSGPDRVTAKKQNEELDRIATTVPQSAPDSVKRFADRVALSLKSNPGWGFDKK
YQFMDKLVLEVSQNYK
;
X
26 'polypeptide(L)'
;MASGSLKNLVTSAVTVGVTEARARIFGHMLNPTGQRSPHKILRKKLFGDKVAEWYPYDIKNEDPNVLAREEKERLSKLEM
LKRRNKGPPQKGHGRRAAKRNK
;
Y
27 'polypeptide(L)'
;MAATLMNRAISRTETVGAFRLSLNLLRNFSAPAAAAAASPSTENPSSDSIKPKRRKKKNLIEVAQFLPNWGIGYHMAKAH
WNGVSYEITKINLYKDGRHGKAWGIVHKDGLRAAEAPKKISGVHKRCWKYIPNLSKTTPATTGSAPAAEVQAA
;
Z
28 'polypeptide(L)'
;MRGALFRNASLCARRLLLSPRINTHQPSSSSNARFVAPIATPFPPRLFSSESDSSGENPPPPPESSSPIESSNKKDLAVE
DVGNKELKARIEKYFNEGNEDALPGIIEALLQRRLADKHADTDDEVMDSLQNQPFKDDVKDEDFESDFEEAHSTDDELED
LYNSPEYVKKKMQNNEFFNMDEKKWDVIVRDGIRHGILKDTKECEEILEDMLHWDKLLPDDLKKKVEAKFNELGDMCERG
EIEPEAAYELFKEFEDEMVIQYGDQMEAAGPPKFDETDPSYSNTNLDDPPGKGPILRWQSRIVFAPGGDAWHPKNRKVKL
SVTVKELGLSKHQARRLRELVGKRYDSGKDELTITSERFEHREENRKDCLRTLYGLIEEAAKANKIAEDIRTAYVKQRLQ
ANPAFMQKLQAKIMRSKESNPINA
;
a
29 'polypeptide(L)' MGRKAGNLYINPKKLGNLAKPCMKEMVSFLNCMALNNIKDDKCEKQKQLLSVCMQGQSDHKNKSWGNINYHLQRLTRGRK b
30 'polypeptide(L)'
;MANLMQRFIRNQSCLRAIPKLTPNLIPHQKPCIIINNNVESPFPLTNPVIAFSGSGIKPDEALRFYPSFPIGYGLNPSVV
HGSGLTDTVVEEKEKEVVIHADSVKKKRKKKMNKHKYRKLRKKQGRKS
;
c
31 'polypeptide(L)'
;MAWMQMIQSARFLRKTQPFSTPSLARFYSKPAPYAVKVGIPEFLSGIGGGVETHVARLETELGDLSKLLVTRTLKLKKFG
IPCKHRKLILKYSQKYRLGLWKPRADAIKA
;
d
32 'polypeptide(L)'
;MFKLSRMIPRLQSVSLNPSTTASGSLIENAPRIFQSLGNRAFSGKSSSDGSGSNENGWDIATGGSFGGGTTGGSDDLDWD
HKSMWSTGLSKEHFDGVSVGRQNPSSENAVSDSGDVMSKLGPREVAMVNEMNEYDDMIKEIEKDNRHSRVFVDGIKQKMM
EMSVLLKQVKEPGARGSYLKDSEKTEMYRLHKENPEVYTVERLAKDYRIMRQRVHAILFLKEDEEEEERKLGRPLDDSVE
RLLDEYPEFFVSHDREFHVASLSYKPDFKVMPEGWDGTIKDMDEVHYEISKKEDDILYEEFLRRFEFNKLKWKGEVKCHK
YSRRRSSDGWKITVEKLGPQGKRGNGGGWKFVSLPDGSSRPLNEVEKMYVKREAPRRRRKILP
;
e
33 'polypeptide(L)'
;MQTVRALRRVTKPSQWVRSVSQGKRSFSALPNFSASDADVQDQVSVEGKAKSRAAILDRPSSLNALSAPMVGRLKRLYES
WEENPAISFVLMKGSGKTFCSGADVLPLYHSINEGNTEECKHFFGSLYNFVYLQGTYLKPNIAIMDGVTMGCGGGISIPG
MFRVATDKTVLAHPEVQIGFHPDAGASYYLSRLPGYLGEYLALTGQKLDGVEMIACGLATHFCLHSRLGMVEERIGKLLT
DDPTVIEASLAQYSDLVYPDNTSVLHKIEMIDRYFGLDTVEEIIEAMENEVADSGNEWCKKTLKQVKEASPLSLKITLQS
IREGRFQTLDQCLTREYRISLCGVSKTVSGDFCEGIRARLVDKDFAPKWDPPRLEDVSKDMVDCYFSPATDADDSESELK
LPTAQREPYF
;
f
34 'polypeptide(L)'
;MRYQQWRLMLLRSYHRSHLPYLSPCSQVTSISSRSFSSFIHPGIGALQQSEQLCPLRSPMTSSGNLVKSVGRSFSSEPAV
EEKSSAEATVIDIFSRLSGEDEIRKELESSGVVISQDLALKVLRKLESNPDVAKSFFQWIKEASPEELSSKNYNMMLRIL
GGNGLVDEFWGLVDVMKKKGHGLSANVRDKVGDKFQKDGLESDLLRLRKLFTSDCLDNSAENVCDRVCKIVMKEEWGDDV
EKRVRDLNVEFKSDLVKMIVERLDVEPRKALLFFRWIDESDLFKHDEKTYNAMARVLGKEKFLDRFQNIVVEMRSAGYEV
EIETYVRVSTRFCQTKLIKEAVDLFEIAMAGSSSSNNPTPHCFCLLLKKIVTAKILDMDLFSRAVKVYTKNGNALTDSLL
KSVLKSLRSVDRVEQSNELLKEMKRGGYVPSGDMQSMIASSLSRKGKKDEADEFVDFMESSGNNLDDKAMASLVEGYCDS
GNLDEALVCFEKMVGNTGVSYADYSFEKLVLAYCNKNQVRDAYKLLSAQVTKNQLKPRHSTYKSLVTNLLTKKIARDGGF
EEALSLLPIMKDHGFPPFIDPFMSYFSSTGKSTEALGFLKAMTSNNFPYISVVLRVFETMMKSARHSEAQDLLSLCPNYI
RNNPDVLELFNTMKPNESAVEKPLAASA
;
g
35 'polypeptide(L)'
;MQYLSNSRRIARALKPLALLEADVRFASHVVDSTQWQNHRSPSVSVSPGMNTQSHMTGLMMLRSSFSSEAKLVEDPTEAV
KELHGKILDSVNVKRSMPPNALLWSLIENCRKEDDISFLFDALQNLRRFRLSNLRIHDNFNCNLCRQVAKTCVRVGAINH
GKRALWKHNVHGLTPSVASAHHLLSYALEHKNSNLMDEVMKLLKANDLPLQPGTADLVFRICHETDSWDLLAKYSKKFCK
AGVKLRKTTFDVWMEFAAKRGDTESLWKVDKLRSETYTQHTLSAAFSCAKGFLLEHKPEEAAAVIQIICQAYPDEKKSAL
EAEFKKLVNEWPVDVLKHQNEEDKKAVAASLKSDIPAMVNALVNSGLRVSVDLDELNKNEALLS
;
h
36 'polypeptide(L)'
;MKSFLLSRQAIHRISLLSSKTPTFCRNFSAITSTISHSDRHLRSYDEQTPFQNVEIPRPISSFNRYFHFTRESRLSESSA
AIDDSNDQEEDDEDGTTNEFLSRFVWIMRGKVSEAYPDCDKKMIDGMLLLIVEKVVEEIERGGFNKVGSAPPSPSSEFSD
DLWATIWEVSNTVLKDMEKERKKEKMKQYVQSPEVMEMCRFAGEIGIRGDLLRELRFKWAREKMDDAEFYESLEQQRDLD
NSIRESETVDGEVEEEGFVPSDEVESRSISLPKRKGKLKYKIYGLELSDPKWVEMADKIHEAEEEADWREPKPVTGKCKL
VMEKLESLQEGDDPSGLLAEWAELLEPNRVDWIALINQLREGNTHAYLKVAEGVLDEKSFNASISDYSKLIHIHAKENHI
EDVERILKKMSQNGIFPDILTATALVHMYSKSGNFERATEAFENLKSYGLRPDEKIYEAMILGYVNAGKPKLGERLMKEM
QAKELKASEEVYMALLRAYAQMGDANGAAGISSSMQYASDGPLSFEAYSLFVEAYGKAGQVDKAKSNFDEMRKLGHKPDD
KCIANLVRAYKGENSLDKALRLLLQLEKDGIEIGVITYTVLVDWMANLGLIEEAEQLLVKISQLGEAPPFELQVSLCCMY
SGVRNEKKTLQALGVLEAKRDQMGPNEFDKVISALKRGGFEKDARRMYKYMEARKFLPSQRLQMDMVAPPRAFGSGSGRV
RRFNS
;
i
37 'polypeptide(L)'
;MALLSRIRSSASLLRHLNPSPQIRSLSSASSILSPDSKTPLTSKQKSKTALTLLKTERDPDRILEICRAASLTPDCHIDR
LAFSAAVQNLTENKHFSAVTNLLDGLLENRPDLKTERFAAHAIVLYAQANMLDHSLRVFSDLEKLEIQRTVKSLNALLFA
CLVAKDYKEAKRVYIEIPKMYKIEPDLETYDRMIKVFCESGSASSSYSIVAEMERKGVKPTSSTFGLMIAGFYREDKKED
VGKVLAMMKERGVSIGVSTHNIRIQSLCKRKRSGEAKALLDGMLSSGMKPNAVTYGHLIHGFCNEGEFDEAKKLFKAMVN
RGCKPDSECYFTLVYYLCKGGDFEAALSLCKESMEKNWVPSFSIMKSLVNGLAKDSKVEEAKELIAQVKEKFTRNVELWN
EVEAALPQ
;
j
38 'polypeptide(L)'
;MHYMGLFSKAGNIFRQPRAMQAANAMLQGNLSLTPSKLFVGGLSPTTDVDILKEVFGKFGKIVDVVVVSDRETGVSKGFG
FVTYDSIDAANKAMQQMNDQELDGRIIGVNPADSGGGGGGFARRGGYGGGRGGFGRGGFGRGGFGRGGYNFVR
;
k
39 'polypeptide(L)'
;MLRSFLCRSQNASRNLAVTRISKKKTQTTHSLTSLSRFSYLESSGNASVRNIRFFSTSPPTEENPVSLPADEIPISSAAE
LTLEESVASALGFSESGDYGGTSVEAVGEDGDSEIVAIENEVYQFDDEKLESVLSLLRSDEESLEFGLNALNVDLHLDFV
VRVFESPGISGKNLIRFLKWATQNEEITVTTSLVESLLVAIASDTRRMDAYGLWDLVKEIGEKESCGVLNLEILNELIAL
FGKLGKSKAAFDVFSKTEEFGFTPNAKTYYLTLEALCKRSFMDWACSVCEKMLKSGVLSEGEQMGNIITWFCKEGKAEEA
YSVYELAKTKEKSLPPRFVATLITALCKNDGTITFAQEMLGDLSGEARRRGIKPFSDVIHSLCRMRNVKDAKALLLDMIS
KGPAPGNAVFNLVVHACSKTGDLDEAKEVLKLMESRGLKPDVYTYTVIISGYAKGGMMDEAQEILAEAKKKHKKLSPVTY
HALIRGYCKIEEYDEALKLLNEMDRFGVQPNADEYNKLIQSFCLKALDWEKAEVLFEEMKQKGLHLNAISQGLIRAVKEM
ESEAKVTEDGNLLAEA
;
l
40 'polypeptide(L)'
;MSALVALCRARTAASSSSSSLLNSLVRPAFRCLSTGFGDVQNKTLVAEMEEKMLHMDINSMIGSSMPLGMMRIGTIIHNI
EMNPGQGAKLVRAAGTNAKILKEPASGKCLIKLPSGDTRWINARCRATIGTVSNPSHGVKKLYKAGQSRWLGIRPKVRGV
AMNPCDHPHGGGEGKSKSSGSRGRTSVSPWGKPCKGGYKSASVKKKKKRLAAREAKM
;
1B
41 'polypeptide(L)'
;MRPGKARALRQFTLSTGKSAGRNSSGRITVFHRGGGSKRLLRRIDLKRSTSSMGIVESIEYDPNRSSQIALVRWIKGGCQ
KKMNTIKKLAPPRKILEPTTNTISGLFSFSFLPGKVDQRKVACFSPGLMAAYVVVGLPTGMPPLSSYKSAFASKSAGSTK
TLVKDIFFSAFSSPKAKRETASLAFASSFDFPRIPVAGVSTAFFAPRMRQKVRGKSTFSLYEVRKWRTYSILWAHRINGK
AGLSWKSFRRQDTLGLACKVDRAPVTYIIASHQLEAGKMVMNCDWS
;
1C
42 'polypeptide(L)'
;MAAVPRGLISRFTQLLSIRSTTPSPSQCSFYLLRRFSSDAELLTATGSDITEAPTRIIDAKPGEMSPGSKRTGIIAVKCG
MTALWDKWGARVPVSILWVDDNIVSQVKTIEKEGIFALQIGCGHKKPKHLTMPELGHFRAQGVPLKRKLREFPVTEDALL
PVGTELGVRHFVPGQYVDVTGITRGKGFQGVMKRWKFKGGPASHGCSKAHRKGGSTGQRDDPGKVFKGRKMPGHMGAAQR
TVKNVWVYKIDPARNLIWVRGQVPGAEGNFVFINDACYKKPDISKLPFPTYLAPEDEDPSELEPLVADLGEVDPFMLAE
;
1D
43 'polypeptide(L)'
;MAASLSKRVLRTFGSFTALGRSNATNASGNGLSSRYSDLKCGMGLLSNRKLSTSILTPDDSFPHDLLSQKTVITPDRTIG
QYQDLVIPVTNFQNEDKGFMVLAGDVFDVPVRKDIIHHVVRWQLAKRQQGTHSTKTISEVSGTGRKPWNQKGTGRARHGT
LRGPQFRGGCVMHGPRPRSHAIKMNKQVRRLGLKIALTARAAEGKLLVFDDLALPTHKTKNIVNYYNQMETTKKVLVVEG
GPIDEKLKLATQNLHYVNILPSIGLNVYSILLHDTLVMSRDAVNKIVERMHTPINR
;
1E
44 'polypeptide(L)'
;MFPLNFHYEDVSRQDLLLKLNYANVMEVPGLCEIRVVPKAPYNFIIKNGKLAMEIPCGQKFIQTQRGSTGKSFRSNPFLG
SNKDKGYVSDLARQSTLRGHGMSNFLVRILTVMSLLDFPVEIRKNSIQFSMETEFCEFSPELEDHFEIFEHIRGFNVTIV
TSANTQDETLLLWSGFLQKDEGETQ
;
1F
45 'polypeptide(L)'
;MEAKFFRFLKIVGVGYKARAEEAGRFLYLKLGYSHEVELAVPPAVRVFCFKNNVVCCTGIDKDRVHQFAATVRSCKPPEV
YKGKGIMYVDEVVKKKVGKKSK
;
1G
46 'polypeptide(L)'
;MAHVAQSRNVIRHVVSRGTAFHKTENAIHHPLLFACQGVRYRKLEVILTTGIEKLGKGGETVKVAPGYFRNHLMPKLLAV
PNIDKYAHLIREQRKMRNYEEKEEVKVVHKSSEVQTKEFEKAAKRLANANLVLRKLIDKEKFKNRSSKEDKPDVQTPVTK
EEIVSEVARQLCVKIDPDNVVLTEPLATFGEYEVPLKFPKTIPLPPGTVQWILKVKVRGH
;
1H
47 'polypeptide(L)'
;MSSLRRALLVAGKTKINLQNCHFITGINYNGLTVKQLQELRGILRENSNTKLLVAKNTLVFKALEGTKWESLKPCMKGMN
AWIFVQTEDIPAALKTFVSFQKEKKLFDNNLGGAVFEKKLYGPQDYKVIETMPSRADVYGVMFGALHWPGLDLVNTLQAP
SASENESAAA
;
1I
48 'polypeptide(L)'
;MAAVAKDIVTRRAVAGTIKLTVLAGKASPGPPVSPALGPYRLNMMAFCKDFNARTQKYKPDTPMAVKITAYMDHSFEFTF
KSPSVSWYIKKAAGVDKGSTRPGHLTVTTLSVRHVYEIAKVKQTDPFCQYMPLESICKSIIGTANSMGIKIVQDLE
;
1J
49 'polypeptide(L)'
;MATQAAAASFNGNLKKAVAGIKRINLDGLRWRVFDAKGQVLGRLASQISTVLQAKDKPTYCPNRDDGDICIVLNAKDIGI
TGRKLTDKFYRWHTGYVGHLKERSLKDQMAKDPTEVIRKAVWRMLPTNNLRDDRDRKLRIFEGNEHPFGDKPLEPFVMPP
RTVREMRPRARRAMIRAQKKAELAENGGTEVKKGKKRTPSQVTA
;
1K
50 'polypeptide(L)'
;MAAALASRISRGGRSLLGGLKNDFAGSMTSSTGMMNGSILLPQQQQRRTFIQMGTVLKVVDNSGAKKVMCIQALKGKKGA
RLGDTIVASVKEAMPNGKVKKGAVVYGVVVRAAMQRGRVDGSEVRFDDNAVVLVDNKDKKTKTDRQPIGTRVFGPVPHEL
RKKKHLKILALAQHIA
;
1L
51 'polypeptide(L)'
;MIRRRISSIISTSLFNSSIHHSAKPRFIVSSPLLQCRRSPILTQVSSFPGGVSSFQGIRAYSLLSLNDLRDNVPRKLKTR
KGRGIGSGKGKTAGRGHKGQKARGTMKFGFEGGQTPLRRRLPKRGFKNKFKLHFQPVGLGKIAKLINAGQIDSHELITMK
TLKDVGAIGKQIEDGVRLMGRGADEIKWPLHFEVSRVTVRAKEVVEAAGGSVRRVYYNKLGLRALLKPEWFEKKGRLLPK
AARPPPKQLDRVDSIGRLPAPKKPIPFYAAEESKVESPVES
;
1M
52 'polypeptide(L)'
;MYLTIKSIMLLWKYLLVTESQVSKCGFHIVKKKGDVLYPKRTKYSKYRKGRCSRGCKPDGTKLGFGRYGIKSCKAGRLSY
RAIEAARRAIIGHFHRAMSGQFRRNGKIWVRVFADLPITGKPTEVRMGRGKGNPTGWIARVSTGQILFEMDGVSLANARQ
AATLAAHKLCLSTKFVQWS
;
1N
53 'polypeptide(L)'
;MTKLRKLGRHTGHRMSMLRTLVSQLVKHERIETTITKAKEVRRLADNMVQLGKEGSLDAARRAAGFVRGDDVIHKIFTEF
AYRYKDRTGGYTRMLRTRIRVGDAAPMAYIEFIDRENELRQSNPPTPQPPQRVPLDPWARSRLMRQYAPPKEEKNSDSDL
;
1O
54 'polypeptide(L)'
;MVIPPAVRPPRLFDYLKPYVLKMHFTNKFVHAQVIHSPTATVACAASSQEKALRETMGVTRDVAAASKIGKILGERLLMK
DIPAVAIHMKKEQRYHGKVKAVIDSVREAGVKLL
;
1P
55 'polypeptide(L)'
;MQSIRSSTRLLHRNRFSNANTLPRFTSSSSPTLPANESRSVRGFDSSRSTGAFDSPAKYLISSLTKAVSFSSALPKHNLT
YSSRCFSTVGDSVQSAPQGFPVSAPDAPPRIKFKRLDKTAKHIMQIVDKEAVEEVRTRREIPEIRPGYIVQLKVEVPENK
RRVSIVKGIVIARRNAGLNSTFRIRRLVAGVGVESMFPLYSPNLREIKVLDKKRVRRAKLYYLRDKMNALKKH
;
1Q
56 'polypeptide(L)'
;MNKKEIFKLAKGFRGRAKNCIRIARERVEKALQYSYRDRRNKKREMRGLWIERINAGSRQHGVNYGNFIHGLMKENIQLN
RKVLSELSMHEPYSFKALVDVSRNSFPGNKNVVQAPRKVDVTSINA
;
1R
57 'polypeptide(L)'
;MASLRCFRELSRRATTVFSINQTRSISSFHGIEFSGTSISHGTVIPNRSLTRNLPWYSHWYRSQDRCFSSNTKDTDEDEE
SSEGEDDDEEEGEDFEDSADMEVEREYSPAEKVEEAEEIGYKVMGPLKPSERLFKPYEPVFAIVQIGSHQFKVSNGDSIF
TEKLKFCDINDKLVLTKVLLLGSASQTIIGRPILPDATVHAVVEEHALDEKVLIFKKKRRKNYRRTTGHRQELTKLRITD
IQGIEKPEPKIVHKPSKEAVTEQTKAELVA
;
1S
58 'polypeptide(L)'
;MAGWQRNLQLIRHVARRVTNSNVSTANYSWSLESPFSKGCLLRPTYSSAPLHHYLKQVGISTSRKLEAGEEPVSSPLSSP
ALLGPGKEEEEQKIIPKRKKVQAVLKAIKQSPKKVNLVAALVRGMRVEDALMQLQVTVKRASHTVYRVIHAARANASHNH
GLDPDRLIIAEAFVGKGLFKKRISIHGKGKCGLMIRPECRLTVIVRETTPEEEAEIARLKVHNFKKLTKRERRLNPHKLI
ETTPIWNRRGTKANHRSSELVPSR
;
1T
59 'polypeptide(L)'
;MGSRLGRRVVHFANLPIKLLMPTKLTNIHEFALRTIPSATKIEIKRVLESLYGFEVEKVNTLNMDGKKKKRGGLLIAKAD
YKKAYVTLKNPLSISGDLFPVKFIEEDRKSKVKGSSFVEEEDDKKSHWLDQKERREVGGYGNGKGRRGGGGERSASPAKG
VASAAAVAKFPWSSMRFGGK
;
1U
60 'polypeptide(L)'
;MGWKAAEKLIRHWKILRGDNVMIIRGKDKGETGTVKRVIRSQNRVIVEGKNLIKKHIKGGPDHEGGIFTVEAPLHASNVQ
VVDPVTGRPCKVGVKYLEDGTKVRVARGTGTSGSIIPRPEILKIRTTPRPTTAGPKDTPMEFVWEQTYDAKTGKGMPDL
;
1V
61 'polypeptide(L)'
;MAIWWRGLRSAAEAANLPAYSFGRSIRCLHQYETIQAIPREATGRRVSARDRTIGRIPAVVFTQSLLETDASKRGVSRKQ
LLTADRKQIKSIVDSVGLPFFCSTTFKLQVRAGQGSSSLVESGRVLPLKIHRDEESGKILNLVFVWANDGELLKVDVPLV
FKGLDDCPGLKKGGNLRSMRSTLKLLGPAEHIPSKIEVDVSKLDIADKVLMQEVEFHPSLKLLSKNDTLPVCKIVATSPV
KEPEAVQA
;
1W
62 'polypeptide(L)'
;MLLRRATALPKTLQNLRLFSPAATSALALDHTLEIQLEYLPGFPRPDAKHAETILAVPRSDSGKNISAKERKAGRVPSII
FEQEDGQHGGNKRLVSVQTNQIRKLVTHLGYSFFLSRLFDVEVRSEIGSDEVIEKVRALPRSIHLHSGTDAPLNVTFIRA
PPGTLLKVDIPLVFIGDDVSPGLKKGASLNTIKRTVKFLCPAEIVPPYIEVDLSLLDVGQKLVAGDLKVHPALKLIRPKD
EPIVKIAGGRVSDQQKDQQKKDQPKKEQSKK
;
1X
63 'polypeptide(L)'
;MNFFNSAASLCRRVSLRELITEVPAYGGSGIYDGSSSGLSLVFKRWATKKTAGSTKNGRDSKPKNLGVKKFGGENVIPGN
IIVRQRGTRFHPGDYVGIGKDHTLFALKEGRVRFEKNKITGRKWIHVDPKGGHVLHPIYTRAAATKSTQMETASSS
;
1Y
64 'polypeptide(L)'
;MAFRGKEMMKKLVKKVGAETLTPELKGKLKACVPDSKVVMGRAKRGLYAGRHIQYGNRVSEDGGNKSRRCWKPNVQEKRL
FSYIFDRHIKVKVTTHALRCIDKAGGIDEYLLKTPYQKMDTEMGLFWKTKVEQRYAELGQMEVAFFNAEDEAKFEQGFKD
LNIAKKDARREARKEARRKMYGDKGGEEKGEEEASLEAGGSESHQDDHGWLEANA
;
1Z
65 'polypeptide(L)'
;MFLTRFIGRRFLAVAASTRSESTTAAAASTVKIAKNPLEEFFEFDRSQDEDKPVVYGRGWKASELRLKSWDDLQKLWYVL
LKEKNMLMTQRQMLQAQNMMFPNPERIPKVRRSMCRIKHVLTERAIEEPDPRRSAEMKRMVNGM
;
1a
66 'polypeptide(L)'
;MSGFRAFKAQVPIQWSESLYITLVRGLPGTRKLHRRTLEAMGLRRCHRTVLHSNTSSIRGMIQQVKRMVVVETEEMFKAR
KEAEANHKALRPPLVVSHSSPATGSSNMS
;
1b
67 'polypeptide(L)'
;MNERVFEAFVLGPNRTYWSSEAKRQARAYTFLLCITIDEGRTTPSLSKLIHLLTVAGWTMKKGVHPQMQWISYVTQSGRL
MHVMMTRIHHVGKVYHFGAKRQLAQSIGQIAKFKRRFNELEEEPSHENNIDNQKK
;
1c
68 'polypeptide(L)'
;MALRLTSLKRAAVESCRIFQTRSLSHVAAMPTPLNSAIDRTISMPPLISPEFDQNQNQPGSIDEKSFGFGLPDFGFGGSI
ELMAVPKKKVSKHKRGIRNGPKALKPVPVIIRCRSCGRVKLPHFFCCSGERGNPTEQGN
;
1d
69 'polypeptide(L)'
;MGDKRKKTFMFIRLVSAAGTGFFYVKRKSSKGLLEKLEFRKYDPRVNRHVLFTEQKMKIVSVSSPAKHLDVKESFQCLLR
QSQFKRRKIFFSVVKFSIKYKTSSVA
;
1e
70 'polypeptide(L)'
;MAAKTLIRSGALLMNRFLSKPTTNLVKNNLRSFQQIAPQGPELPPYFPPSLSNLQRSLYSPPNDTVTLKELTERGFLHPS
GLPSLEFFLPEVDPSSEPLLLFPKRTFQPSTIRRKRNHGFFARKATKGGRRVIARRIAKGRHRVTA
;
1f
71 'polypeptide(L)'
;MQRFCTKLRSISLHSNRNISFTSVPHRLIHHSRSPQSTLGFARTSKWNFVSPSNPTSTGSISVPHHLVQVRNITSKDKMA
KWKKKWRPRTPITSKVKKVKIKFYSSYKDRFRPLNDGTIRRWKEGKRHNAHLKSKKSKRRLRQPGLVPPAYAKVMKKLNF
CN
;
1g
72 'polypeptide(L)'
;MKVRSSVKKMCEFCKTVKRRGRVYVICSSNPKHKQRQGFSSFAYEGITPSPLFAEPIASQELVRLPGQGVSAGLASLLHK
RPMPTAYFGWRSGLASILFKQGN
;
1h
73 'polypeptide(L)'
;MIRITRPKPIIESLTYNLIQRCSAGGTPKGKAKLKTGQPLKRNKLSTKNPAASGEGEEAVKGKGRISDEKQKLYEQCLNA
PCPVRSLTPKEAEREAQREKLGLISKDKQRDMEIQKKGGAAAMGINTDEPMRIGTAGLDYVSLGIFSADELVKYKVTAED
GERLAKENSKVLMREHRERRAAETVLLNMKKAAIEALPEKLKMAALEPDLTPFPANRGMATLTPPIEGYLEKVMDAAKKS
SSKEKLR
;
1i
74 'polypeptide(L)'
;MTLGLLSAIGRSFRRKRASSLDILSPKRAPRDFYKGKNCKPTGFHTKKGGYVVQPDKLPNYVIPDLTGFKLKPYVSQCPI
EVNKTTEASK
;
1j
75 'polypeptide(L)'
;MALRGVWQLQKLVVSYCNWGGSSRGIRAFMESELPALIEKNPQLEVVTELSRGQHPYLKGIYRNRNERVVCVKNMDPDQV
LLNATRLRNSLGRKVVKLRTRHVTKHPSVQGTWTTAVKF
;
1k
76 'polypeptide(L)'
;MQRLRSQQLLRRPLWESRRLGGGYCTSSSSEKIVASVLFERLRVVIPKPDPAVYAFQEFKFNWQQQFRRRYPDEFLDIAK
NRAKGEYQMDYVPAPRITEADKNNDRKSLYRALDKKLYLLIFGKPFGATSDEPVWHFPEKVYDSEPTLRKCAESALKSVL
GDLTHTYFVGNAPMAHMAIQPTEETPDLPSYKRFFFKCSVVAASKYNISNCEDFVWVTKDELLEFLPEQAEFFNKMIIS
;
1l
77 'polypeptide(L)'
;MLKFLSKVKIEFNTLDPRLASCVEFLAQCNARKAKESNPNCQVLVKRRTDDQPPQISVTFVNGVEEAFDAAATSAQSIRK
MILDKGQYLETEQMFREAGEQWPVIIPEEEIHQEAPGVKPRKAEDKKQ
;
1m
78 'polypeptide(L)'
;MNCRIGLITGGSKDVVRRTFAAAASKAKKGGKGGGSDAPKGSSLSKEIKSTTVVGANTLKDRSDPKILPDSDYPDWLWRL
LQIRPALSELRRKNVETLPYDDLKRFVKLDTRAKIKENNSIKAKN
;
1o
79 'polypeptide(L)'
;MAGKAAEAVAKTVTAVQHPWRAKLDKYRTELTKGVWGYWEMGAWKPLGISARRRAMLRKEVLTAGEDWPYDPERKAMRTK
RKGHKCDRISAEKRENTAKLMLKMPQMLLDYKKRRWEKKMKEEEKAKEDK
;
1p
80 'polypeptide(L)' MGAFWGTRVMEIVKKHDSGGLIWKRIKLTSTRKANAKTRLRRVWQNEAVLKACGTSDASVSPGVSSNTETCTSSAKNE 1q
81 'polypeptide(L)'
;MWFTGGGGGVGGLRKLCRASATVLEKEMSCNSLLVRYMSRERAVNVRKINPKVSIQEAHIISSSLYDVFKKHGPLSVPNT
WLRAQEAGVSGLNSKTHMKLMLKWMRGRKMLKLICNQVGSSKKFFHTVLPDDDPQQETPPVAAAAAAAAAATTTDKNKKA
FSKRRSK
;
1r
82 'polypeptide(L)'
;MGFGAIRSILRPLSRTLVSRVAASCSSAPLIPAAKPELCSFLGGSRLPWIPMANHFHSLSLTDTRLPKRRPMAHPKKKRF
KLKPPGPYAYVQYTPGEPIASNNPNKGSVKRRNAKKRIGQRRAFILSEKKKRQGLVQEAKRKKRIKEVERKMAKVARERA
WEERLAELQRLEEEKKKSMSS
;
1s
83 'polypeptide(L)'
;MALRHLSRPRDIVKRSTKKYLDEPLYHRLFKDGGSEVSVRQQLNQFLKGTKHVFKWEVGDTIKKLRSRGLYYPALKLSEV
MEHRGMNKTVSDQAIHLDLVAKARGIAAGESYFVDLPETSKTELTYASLLNCYCKELMTEKAEGLLNKMKELNITVSSMS
YNSLMTLYTKTGQAERVPGMIQEMKAEDVMPDSYTYNVWMRALAATEDVSGVERVIEEMNRDGRVAPDWTTYSNMASIYV
DAGLSEKAEKALQELEMKNTDRDFKAYQFLITLYGRLGKLNEVYRIWRSLRLAMPKTSNVAYLNMIQVLVNLKDLPGAET
LFKEWQANCSTYDIRVVNVMIGAYTREGLVEKANELKEKSPRRGGKLNAKTWELFMDYYVKRGETAQALECITKAVSIGK
GDGGKWLPSEDTVRALMSQFEEKKDVNGAESLLEILKKGTDDVGAETFESLIRTYAAAGKSHPAMRQRLKMEKVKVDKAT
EKLLDELCQDE
;
1t
84 'polypeptide(L)'
;MAFISRSNQWNKARVFLSLPRSSHSALLSSSRLLTSTIEITENQSENPEPHSPETKTRPPPPLRERFQRGKRQNHHEKLE
DTICRMMDNREWTTRLQNSIRDLIPEWDHSLVYNVLHGAKKLDHALQFFRWSERSGLIRHDRDTHMKMIEMLGQGQKLNH
ARCILLDMPEKGVPWDEDMFKILIESYGKAGIVQESVKIFQKMKELGVERTVKSYDTLFKVILRRGRYMMAKRYFNKMVS
EGVEPTRHTYNLMLWGFFLCLRLETALRFYDDMISRGISPDVVTYNTMINGYCRFKKMDEAEKLFVEMKGKNIEPSVVSY
TTMIKGYVSVERVDDGLRIFEEMRSFGIEANATTYSTLLPGLCDAGKMVEARNVLKSMMAKHIAPNDNSIFLKLLVSQSK
AGDMAAATEVLKAMATLNVPAEAGHYGVLIENQCKANAYNRAIKLLDVLVEKEIILRHQDTLEMEPSAYNPIIEYLCNNG
QTSKAEVLFRQLMKRGVQDQDALNNLISGHAKEGNPDASYEILKIMSRRGVPREANAYELLIKSYMSKGEPGDAKTALDS
MIEDGHVPDSTLFRSVIESLFEDGRVQTASRVMMIMIDKNVGVEENMDLVAKILEALLMRGHVEEALGRIDLLNQNGHTA
DVDRLLSVLSEKGKTIAALKLLDFALERDLSLEFSSYDKVLDALLGAGKTLNAYSVLCKIMGKGSGSDWKSCDELIKSLN
QEGNTKQADVLSRMIKKEQGSKKDKKEDSVSL
;
1u
85 'polypeptide(L)'
;MPPPLPSLQLRRLLLRTFTTPLQSRSRIIPPTTSFPHPPPPRFPLFPSRLFSSETNASDPQTPDPTQIALSFSKELTGTP
EADPQSISQRFHLSFSHITPTRDLILQTLNLSPEAGRAALGFNDWLDSNAAFSHDDETVSLFVDYFGRRKDFKGMQEIIA
KYKGVAGAKTLDSAVDRLARAGRAKQAVEFFERMEIDYGLKRDRESLTLVVKKLCEKGHASFAEKMVKSTANEIFPDEKI
CDLLISGWCAAEKLDEATRFAGEMARGGFEIGTLAYNVILDCVCKLCRKKDPFRLQSEVEKVLLEMETRGVPRNTKTFNV
LINNLSKIRRTEEAMELFGRMSEWGCQPDAETYLVLIRSLYQAARIGEGDEMIDKMKSAGYGKALDKKEYYGFLKILCGI
ERLEHAMSVFKNMKADGCKPGIKTYDLLMGKMCANNQLTRANGLYKEAARRGVAVSPKEYRVDPRFLKKKSKEVDSNVKK
RETLPEKTARKRRRLKQINMSFVKKPHNKMRRRM
;
1v
86 'polyribonucleotide'
;GAAUGCAUUGGAUGGAUGCCCGGGCAUUGAGAAGGAAGGACGCUUUCAGAGGCGAAAGGCCAUGGGGAGAUACCGUCUGU
GAUCCAUGGAUCUCCGAUCGGGAAACCGUAUCCAAGCUCCGUGGCUAGUCUGCGCUCUUUGGACUUUGAAAACUUAGCGA
ACUGAAACAUCUAAGUAGCUAAAGGAAGGGAAAUCAACCGAGACCCCGUUAGUAGCGGCGAGCGAGAGCGGAUUUGGGAU
UUGAAGAAAAAAAAAAAAAAUUUUUUUUAAAAAAUUUUUUUUUUUAAAAAAAAAAAAAAAAAAAAAAAAAAAAAAAAAAU
UUUUUUUUUUUUUUUACUGUAAUUGUGAAAAGGUUGGAAGAUCUGGCCAAAGAAGGUGAUAGCCCUGUAGAUUCGUUCCU
AUUUUUCGAUCCUUCCCAGUAAAACGCGGCGUGUUCGAAUUCUGAUCGCUUUUACGCGAGAAAGGGGGACCACCCUCUAA
GCCUAAGUAUUCCUCAAUGACCGAUAGCGUACAAGUACCGUGAGGGAAAGGUGAAAAGAACCCUAUGACGGGAGUGCAAU
AGAGAACCUGAGAUCCGAUGCGAACAAUCAGUCGAAGGAGUAGUCAAGCGCACUCACUCUAACGGCGUACCUUUUGCAUG
AUGGGUCAGCGAGGAAAUGGGAAGAGCGGCUUAAGCCAUUAGGUGUAGGCGCUUUCCAAAGGUGGAAUCUUCUAGUUCUU
CCUAUUUGACCCGAAACCGAUCGAUCUAGCCAUGAGCAGGUUGAAGAGAGCUCUACAGGCCUUGGAGGACCGAACCCACG
UAUG(PSU)GGCAAAAUACGGGGAUGACUUGUGGCUAGGGGUGAAAGGCCAACCAAGAUCGGAUAUAGCUGGUUUUCCGC
GAAAUCUAUUUCAGUAGAGCGUAUGAUGUCGAUGGCCCGAGGUAGAGCACUCAAUGGGCUAGGGUGCUUACCAACCCCAG
GGAAACUCCGAAUACAGGCCGUUCUCGUUUGUACAGACAGACUUUUGGGG(PSU)GCUAAGAUCCAAAGUCGAGAGGGAA
ACAGCCCAGAUCGUACGCUAAGGUCCCUAAGCAAUCACUUAGUGGAAAAGGAAGUGAUCGAGCGAUGACAACCAGGAGGU
GGGCUUGGAAGCAGCCAUCCUUUGAAGAAAGCGUAAUAGCUCACUGGUCUAGCUCCAUGGCACCGAAAAUGUAUCAGGGC
UCAAGUGAUUCACCGAAGCGACGAGACCUUGCAAGCUGCUUUUCCAAGUGUCAGUAGCGGAACGUUCUGUCAAUCGGAGA
AGGUUUUUGGUGACAAGACCUGGAGAUAUCAGAAGUGAGAAUGCUGACAUGAGUAACGAAAAAUCCUGUGAAAAACAAGA
UCGCCUGCCAGUGGAAGGCUUUCUGCGUUCAGUCAAUCUACGCAGAGUGAAUCGGUCCCUAAGGAAACCCCGAAAGGGCU
GCCGUCCGAUGGGUACACGAAAGUGACGAAGUUGCUUUGACUACAAAACCAUGCCUCUCUCUUGGAGCGAAUUGGAUGAU
CGGGCCGAGGGCAGCGUAGCGCCUCUUCCCCUCACUCUCCUUUCCCUAAUAUGACUUGAGUCAUCAAAGCCUUUCUGACU
CAAAAAUUUUUUAAAAAAAAAAGUCGCGUAUUUUAAUAUCGCGACUCUAAUUUUUAGUCAAGAAGGUUGAAACUUCCAGG
AAAAAACUUCGAAUUGGGAGGGCGAUCCUCCCGGUGAACUGACCGUACCCCAAACCGACACAGGUGAACAAGUAGAGUAU
ACUAGGGCGCUUGAGAGAACCAUGUCGAAGGAACUCGGCAAAAUGACCCCGUAACUUCGGGAGAAGGGGUGCUCUCCUAU
CUUUUGAUUAGGAAAGCGGCACAUACCAGGGGGUAGCGACUGUUUAUUAAAAACACAGGACUCUGCUAAGUGGUAACACG
AUGUAUAGAGUCUGACACCUGCCCGGUGCUGGAAAGUCAAAAGGAGAAG(PSU)GUUAUAAGCUUUGAAUGGAAGCCCCG
GUAAACGGCGGCAGUAACUCUAACUGUCCUAAGGUAGCGAAA(5MU)UCCUUGUCGCAUAAGUAGCGACCUGCACGAAUG
GUGUAACGACUGCCCCGCUGUCUCCGACAUGGACCCAGUGAAAUUGAAUUCUCCGUGAAGAUGCGGAGUACCAACGGCUA
GACGGUAAGACCCCGUGCACCUUCACUAUAGCUUCGCAGUGACAACCUUGAUCGAAUGUGUAGGAUAGGUGGGAGGUCCU
CACAUAGAAAGACCAAUCCUGAAAGACCACUCUUUCGUCUAAGGGUGCCUAACCGCCGCGGCGGGACACUGCGAGGUGGG
UAGUUUAUCUG(OMG)GGCGGAUGCCUCCUAAAGAGUAACGGAGGUGUGCGAAGGUAGGCUCAAGCAAAUCUGCUCGUGA
GCGUAAUGGUAUAAGCCUGCCUGACUGUGAGACCGACUGGUCGAACAGAGACGAAAGUCGGCCAUAGUGAUCCGGGAGUC
CCGUGUGGAAGGGCUCUCGCUCAACGGAUCAAAGGUACGCCGGGGA(H2U)AACAGGC(PSU)GAUGACUCCCAAGAGCU
CUUAUCGACGGAGUCGUUUGGCA(OMC)CUCG(2MA)UGUCGACUCAUCACAUCCUGGGGUUGAAGAAGGUCCCAAGGGU
UCGGU(OMU)GUUCGCCGAUUCAAGUGGUACGUGAGU(PSU)GGGUUUAGAACGUCGUGAGACAGU(PSU)CGGUUCCUA
UCUACCGUUGGUGUUAAAGCGAGAACUGCGAGGAGCCAACCCUAGUACGAGAGGACUGGGUUGGGCCAACCUAUGGUGUA
CCGGUUGUUAUGACAAUAGCAGCGCCGGGAAGCUAAGUUGGUAUGGAAGAACUGCUGCUUAGCGGGAAAUCCUUCUCUAU
ACAAGUUCUCGGAACAGGUUUUAGAACAGAACUUCGAUAGGCGAGAGGUGGAAGCACCGCGAGGUGUGGAGCCAUCUCGU
ACUAAACGAA
;
1
87 'polyribonucleotide'
;CAUAGUCAAAAGAAGAGUUUGAUUCUGGCUCAGAAGGAACGCUAGCUAUAUGCUUAACACAUGCAAGUCGAACGUUGUUC
UAAAAAAAAAAAAAAUUUUUUUUUUUUUAAAAAAAAAAAAAAUUUUUUUUAAGAGUUGAGAACAAAGUGGCGAACGGGUG
AGUAAGGCGUGGGAAUCUGCCGAACAGUUCGGGCUAAAUCCCGAAGAAAGCUAGAAAGCGCUGUUUGAUGAGCCUGCGUA
GUAUUAGGUAGUUGGUUAGGUAAAGGCUGACCAAGCCGAUGAUGCUUAGCUGGUCUUUUCGGACGAUCAGCCACACCGGG
ACUGAGACACGGCCCGGACUCCCACGGGGGGCAGCAGUGGGGAAUCUUGGACAAUGGGCGCAAGCCUGAUCCAGCAAUAU
UGCGUGAGUGAAGAAGGGCAAUUCCGCUCGUAAAGCUCUUUCGUCGAGUGCGCGAUCAUGACAUGACUCGAGGAAGAAGC
CCCGGCUAACUCCGUGCCAGCAGCC(G7M)CGGUAAAACGGGGGGGGCAAGUGUUCUUCGGAAUGACUAGGCGUAAAGGG
CACGUAGGCGGUUCAUCGGGUUGAAAGUGAAAGUCGUCAAAAAGUGGCGGAAUGCUUUCGAAACCACUGAACUUGAGUGA
GACAGAGGAGAGUGGAAUUUCGUGUGGAGGGGUGAAAUCUACGGAUCUACGAAGGAACGCCAAAAGCGAAGGCAGCUCUC
UGGGUCUCUACCGACGCUGGUGUGCGAAAGCAUGGGGAGCGAACGGGAUUAGAUACCCUGGUAGUCCAUGCCGUAAACGA
UGAGUGUUCGCCCUUGGUCUAUUCUGAUCUGGGGCUCAGCUAACGCGUUAAACACUCCGCCUGGGGAGUACGGUCGCAAG
ACCAAAACUCAAAGGAAUUGACGGGGGCCUGCACAAGCGGUGGAGCAUGUGGUUUAAUUCGAUACAACGCGCAGAACCUU
ACCAGCCCUUGACAUAUGAACGAGAAACCCUAUCCUUAACGGGAUGGUACUGACUUUCAUACAGGUGCUGCAUGGCUGUC
GUCAGCUCGUGUCGUGAGAUGUUUGGUUAAGUCCUAUAACGAGCGAAACCCUCGCCUUGUGUUGCUCAGACAUGCGCCUA
AGGAGAAAAAAAUUUUUUUUUUUUUUUUUUUUUUUUUUUAAAUUUUUUUUUUUUUUUUUUUAAAAAAAAAAAAAAAAAAA
AAAAAAAAAUUUUUAAAAAAAAAAAAAAAAAAAAAAAUUUUUUUUUUUAAAAAAAAAAAAAAAAAAAAAAAAAAAAAAAA
AAAAAAAAUUUUUUUUUUUAAACUCCGAAACAAACAAAAAGGUGCGUGACGCACUCACGAGGGACUGCCAGUGAUAUACU
GGAGGAAGGUGGGGAUGACGUCAAGUCCGCAUGGCCCUUAUGGGCUGGGCCACACACGUGCUACAAUGGCAAUUACAAUG
GGAAGCAAGGCUGUAAGGCGGAGCGAAUCCGGAAAGAUUGCCUCAGUUCGGAUUGUUCUCUGCAACUCGGGAACAUGAAG
UUGGAAUCGCUAGUAAUCGCGGAUCAGCAUGCCGCGGUGAAUAUGUACCCGGGCCCUGUACACACCG(4OC)CCGUCACA
CCCUGGGAAUUGGUUUCGCCCGAAGCAUCGGACCAAUGAUCACCCAGCACUUCUGUGUAACACUAGUCACACAAAGACUU
UUGGUGGUCUUAUUGACGCAUACCACGGUGGGGUCUUCGACUGGGGUGAAGUCG(UR3)AACAAGGUAGCCGUAGG
(2MG)G(MA6)(MA6)CCUGUGGCUGGAUUAUCC
;
2
#
loop_
_chem_comp.id
_chem_comp.type
_chem_comp.name
_chem_comp.formula
2MA RNA linking 2-METHYLADENOSINE-5'-MONOPHOSPHATE 'C11 H16 N5 O7 P'
2MG RNA linking 2N-METHYLGUANOSINE-5'-MONOPHOSPHATE 'C11 H16 N5 O8 P'
4OC RNA linking 4N,O2'-METHYLCYTIDINE-5'-MONOPHOSPHATE 'C11 H18 N3 O8 P'
5MU RNA linking '5-METHYLURIDINE 5'-MONOPHOSPHATE' 'C10 H15 N2 O9 P'
A RNA linking ADENOSINE-5'-MONOPHOSPHATE 'C10 H14 N5 O7 P'
ATP non-polymer ADENOSINE-5'-TRIPHOSPHATE 'C10 H16 N5 O13 P3'
C RNA linking CYTIDINE-5'-MONOPHOSPHATE 'C9 H14 N3 O8 P'
G RNA linking GUANOSINE-5'-MONOPHOSPHATE 'C10 H14 N5 O8 P'
G7M RNA linking N7-METHYL-GUANOSINE-5'-MONOPHOSPHATE 'C11 H17 N5 O8 P 1'
H2U RNA linking 5,6-DIHYDROURIDINE-5'-MONOPHOSPHATE 'C9 H15 N2 O9 P'
K non-polymer 'POTASSIUM ION' 'K 1'
MA6 RNA linking 6N-DIMETHYLADENOSINE-5'-MONOPHOSHATE 'C12 H18 N5 O7 P'
MG non-polymer 'MAGNESIUM ION' 'Mg 2'
OMC RNA linking O2'-METHYLYCYTIDINE-5'-MONOPHOSPHATE 'C10 H16 N3 O8 P'
OMG RNA linking O2'-METHYLGUANOSINE-5'-MONOPHOSPHATE 'C11 H16 N5 O8 P'
OMU RNA linking 'O2'-METHYLURIDINE 5'-MONOPHOSPHATE' 'C10 H15 N2 O9 P'
PSU RNA linking PSEUDOURIDINE-5'-MONOPHOSPHATE 'C9 H13 N2 O9 P'
U RNA linking URIDINE-5'-MONOPHOSPHATE 'C9 H13 N2 O9 P'
UR3 RNA linking 3-METHYLURIDINE-5'-MONOPHOSHATE 'C10 H15 N2 O9 P'
ZN non-polymer 'ZINC ION' 'Zn 2'
#
# COMPACT_ATOMS: atom_id res chain seq x y z
N THR B 2 103.85 13.74 8.35
CA THR B 2 103.10 14.65 9.21
C THR B 2 102.61 13.95 10.46
N LEU B 3 102.64 14.68 11.59
CA LEU B 3 102.06 14.20 12.83
C LEU B 3 100.56 14.01 12.73
N HIS B 4 99.89 14.84 11.92
CA HIS B 4 98.44 14.77 11.79
C HIS B 4 98.02 13.45 11.17
N GLY B 5 98.82 12.92 10.24
CA GLY B 5 98.58 11.58 9.74
C GLY B 5 98.67 10.52 10.82
N ALA B 6 99.58 10.69 11.79
CA ALA B 6 99.66 9.74 12.90
C ALA B 6 98.45 9.83 13.82
N VAL B 7 97.94 11.05 14.03
CA VAL B 7 96.71 11.21 14.81
C VAL B 7 95.51 10.55 14.13
N ILE B 8 95.39 10.75 12.80
CA ILE B 8 94.31 10.12 12.04
C ILE B 8 94.47 8.60 12.07
N GLN B 9 95.71 8.12 12.04
CA GLN B 9 95.96 6.69 12.11
C GLN B 9 95.58 6.11 13.46
N LYS B 10 95.76 6.89 14.54
CA LYS B 10 95.30 6.43 15.84
C LYS B 10 93.79 6.34 15.90
N LEU B 11 93.10 7.32 15.31
CA LEU B 11 91.64 7.23 15.23
C LEU B 11 91.18 6.05 14.39
N LEU B 12 91.94 5.71 13.33
CA LEU B 12 91.59 4.55 12.53
C LEU B 12 91.89 3.25 13.26
N ASN B 13 92.84 3.27 14.20
CA ASN B 13 93.18 2.06 14.95
C ASN B 13 92.04 1.62 15.86
N THR B 14 91.23 2.56 16.35
CA THR B 14 90.07 2.20 17.16
C THR B 14 88.94 1.62 16.34
N GLY B 15 88.96 1.78 15.02
CA GLY B 15 87.87 1.30 14.19
C GLY B 15 86.63 2.15 14.24
N SER B 16 86.75 3.43 14.60
CA SER B 16 85.62 4.33 14.73
C SER B 16 85.07 4.80 13.39
N HIS B 17 85.72 4.46 12.29
CA HIS B 17 85.27 4.85 10.96
C HIS B 17 84.43 3.80 10.25
N LEU B 18 84.14 2.67 10.91
CA LEU B 18 83.40 1.58 10.27
C LEU B 18 81.93 1.63 10.69
N GLY B 19 81.21 2.63 10.19
CA GLY B 19 79.81 2.80 10.54
C GLY B 19 78.87 1.87 9.81
N ARG B 20 77.62 1.86 10.26
CA ARG B 20 76.61 0.98 9.68
C ARG B 20 76.08 1.54 8.36
N ARG B 21 75.66 0.61 7.49
CA ARG B 21 75.19 0.93 6.16
C ARG B 21 73.88 1.72 6.20
N ALA B 22 73.50 2.25 5.03
CA ALA B 22 72.29 3.04 4.82
C ALA B 22 72.27 4.27 5.73
N ALA B 23 73.22 5.16 5.50
CA ALA B 23 73.34 6.38 6.29
C ALA B 23 72.16 7.31 6.03
N GLU B 24 71.84 8.10 7.04
CA GLU B 24 70.76 9.07 6.93
C GLU B 24 71.23 10.27 6.11
N HIS B 25 70.29 11.18 5.84
CA HIS B 25 70.62 12.37 5.06
C HIS B 25 71.56 13.29 5.82
N HIS B 26 71.30 13.49 7.11
CA HIS B 26 72.07 14.44 7.91
C HIS B 26 73.43 13.92 8.32
N PHE B 27 73.71 12.64 8.08
CA PHE B 27 75.01 12.07 8.40
C PHE B 27 76.01 12.15 7.27
N LYS B 28 75.56 12.37 6.03
CA LYS B 28 76.44 12.27 4.88
C LYS B 28 77.47 13.39 4.81
N GLN B 29 77.31 14.46 5.58
CA GLN B 29 78.37 15.44 5.73
C GLN B 29 79.59 14.90 6.46
N TYR B 30 79.44 13.81 7.22
CA TYR B 30 80.53 13.20 7.96
C TYR B 30 81.15 12.00 7.25
N ALA B 31 80.59 11.56 6.12
CA ALA B 31 81.01 10.32 5.52
C ALA B 31 82.07 10.53 4.46
N TYR B 32 82.92 9.54 4.30
CA TYR B 32 83.89 9.54 3.22
C TYR B 32 83.40 8.73 2.02
N GLY B 33 82.72 7.61 2.28
CA GLY B 33 82.21 6.79 1.21
C GLY B 33 81.53 5.56 1.75
N THR B 34 81.19 4.64 0.86
CA THR B 34 80.65 3.34 1.22
C THR B 34 81.54 2.25 0.63
N ARG B 35 81.87 1.26 1.46
CA ARG B 35 82.67 0.13 1.00
C ARG B 35 82.36 -1.07 1.89
N ASN B 36 82.28 -2.25 1.26
CA ASN B 36 82.14 -3.54 1.94
C ASN B 36 80.87 -3.60 2.80
N GLY B 37 79.80 -3.00 2.29
CA GLY B 37 78.55 -2.97 3.03
C GLY B 37 78.55 -2.11 4.26
N MET B 38 79.48 -1.16 4.35
CA MET B 38 79.62 -0.29 5.49
C MET B 38 79.63 1.15 5.02
N THR B 39 79.32 2.05 5.94
CA THR B 39 79.51 3.48 5.73
C THR B 39 80.84 3.87 6.35
N ILE B 40 81.73 4.43 5.54
CA ILE B 40 83.06 4.79 6.01
C ILE B 40 83.06 6.26 6.40
N ILE B 41 83.40 6.54 7.63
CA ILE B 41 83.36 7.88 8.19
C ILE B 41 84.72 8.55 8.02
N ASP B 42 84.70 9.82 7.68
CA ASP B 42 85.93 10.63 7.64
C ASP B 42 86.45 10.82 9.06
N SER B 43 87.62 10.25 9.34
CA SER B 43 88.23 10.41 10.66
C SER B 43 88.75 11.81 10.91
N ASP B 44 88.98 12.58 9.85
CA ASP B 44 89.39 13.98 10.02
C ASP B 44 88.27 14.81 10.63
N LYS B 45 87.05 14.62 10.13
CA LYS B 45 85.90 15.27 10.73
C LYS B 45 85.59 14.70 12.11
N THR B 46 85.88 13.41 12.33
CA THR B 46 85.77 12.83 13.67
C THR B 46 86.70 13.53 14.64
N LEU B 47 87.95 13.79 14.23
CA LEU B 47 88.90 14.48 15.08
C LEU B 47 88.46 15.91 15.36
N ILE B 48 87.94 16.61 14.35
CA ILE B 48 87.50 17.98 14.53
C ILE B 48 86.33 18.06 15.52
N CYS B 49 85.36 17.15 15.37
CA CYS B 49 84.21 17.15 16.27
C CYS B 49 84.61 16.74 17.69
N LEU B 50 85.53 15.78 17.79
CA LEU B 50 86.12 15.39 19.07
C LEU B 50 86.79 16.57 19.77
N ARG B 51 87.58 17.35 19.03
CA ARG B 51 88.25 18.49 19.61
C ARG B 51 87.26 19.53 20.09
N SER B 52 86.20 19.77 19.32
CA SER B 52 85.18 20.73 19.72
C SER B 52 84.47 20.30 21.00
N ALA B 53 84.08 19.02 21.08
CA ALA B 53 83.40 18.52 22.27
C ALA B 53 84.32 18.54 23.49
N ALA B 54 85.58 18.13 23.32
CA ALA B 54 86.52 18.10 24.43
C ALA B 54 86.85 19.51 24.92
N SER B 55 86.93 20.47 24.00
CA SER B 55 87.21 21.85 24.40
C SER B 55 86.01 22.48 25.08
N PHE B 56 84.79 22.13 24.66
CA PHE B 56 83.61 22.62 25.35
C PHE B 56 83.53 22.07 26.78
N VAL B 57 83.80 20.77 26.95
CA VAL B 57 83.73 20.16 28.27
C VAL B 57 84.85 20.69 29.17
N ALA B 58 86.04 20.92 28.60
CA ALA B 58 87.14 21.48 29.38
C ALA B 58 86.82 22.90 29.85
N ASN B 59 86.17 23.71 29.02
CA ASN B 59 85.82 25.08 29.37
C ASN B 59 84.78 25.15 30.49
N LEU B 60 84.05 24.07 30.75
CA LEU B 60 83.08 24.06 31.83
C LEU B 60 83.71 23.83 33.19
N ALA B 61 84.95 23.35 33.23
CA ALA B 61 85.68 23.25 34.49
C ALA B 61 85.94 24.62 35.09
N SER B 62 86.23 25.60 34.25
CA SER B 62 86.56 26.94 34.72
C SER B 62 85.37 27.61 35.39
N ALA B 63 84.18 27.37 34.88
CA ALA B 63 82.96 27.95 35.44
C ALA B 63 82.31 27.07 36.50
N ARG B 64 82.94 25.93 36.84
CA ARG B 64 82.42 24.96 37.80
C ARG B 64 81.04 24.45 37.40
N GLY B 65 80.89 24.13 36.11
CA GLY B 65 79.66 23.55 35.63
C GLY B 65 79.54 22.08 35.97
N ASN B 66 78.30 21.64 36.14
CA ASN B 66 77.99 20.25 36.45
C ASN B 66 77.83 19.47 35.15
N ILE B 67 78.54 18.35 35.05
CA ILE B 67 78.51 17.52 33.85
C ILE B 67 77.94 16.16 34.24
N PHE B 68 76.83 15.79 33.61
CA PHE B 68 76.13 14.55 33.89
C PHE B 68 76.39 13.56 32.76
N PHE B 69 76.83 12.36 33.12
CA PHE B 69 77.10 11.31 32.15
C PHE B 69 75.94 10.33 32.15
N VAL B 70 75.52 9.91 30.97
CA VAL B 70 74.50 8.88 30.84
C VAL B 70 75.04 7.80 29.93
N ASN B 71 75.21 6.61 30.48
CA ASN B 71 75.62 5.44 29.70
C ASN B 71 74.54 4.38 29.81
N THR B 72 74.07 3.88 28.67
CA THR B 72 73.11 2.79 28.66
C THR B 72 73.68 1.50 28.10
N ASN B 73 74.91 1.52 27.59
CA ASN B 73 75.56 0.31 27.12
C ASN B 73 76.35 -0.33 28.26
N PRO B 74 76.12 -1.61 28.58
CA PRO B 74 76.92 -2.26 29.63
C PRO B 74 78.38 -2.46 29.27
N LEU B 75 78.74 -2.38 27.98
CA LEU B 75 80.14 -2.52 27.59
C LEU B 75 80.99 -1.36 28.07
N PHE B 76 80.40 -0.19 28.28
CA PHE B 76 81.13 1.00 28.67
C PHE B 76 80.87 1.41 30.12
N ASP B 77 80.47 0.47 30.97
CA ASP B 77 80.18 0.79 32.36
C ASP B 77 81.41 1.30 33.10
N GLU B 78 82.54 0.61 32.94
CA GLU B 78 83.73 0.94 33.72
C GLU B 78 84.36 2.24 33.26
N ILE B 79 84.46 2.43 31.94
CA ILE B 79 85.07 3.62 31.37
C ILE B 79 84.32 4.87 31.78
N VAL B 80 82.99 4.86 31.62
CA VAL B 80 82.16 5.98 31.98
C VAL B 80 82.10 6.15 33.49
N GLU B 81 82.15 5.04 34.24
CA GLU B 81 82.18 5.12 35.70
C GLU B 81 83.43 5.83 36.21
N LEU B 82 84.59 5.46 35.66
CA LEU B 82 85.85 6.11 36.04
C LEU B 82 85.87 7.57 35.63
N THR B 83 85.36 7.87 34.42
CA THR B 83 85.30 9.25 33.95
C THR B 83 84.41 10.10 34.83
N SER B 84 83.25 9.57 35.23
CA SER B 84 82.34 10.33 36.08
C SER B 84 82.89 10.48 37.49
N ARG B 85 83.60 9.47 37.99
CA ARG B 85 84.23 9.58 39.30
C ARG B 85 85.30 10.67 39.29
N ARG B 86 86.06 10.75 38.20
CA ARG B 86 87.10 11.77 38.12
C ARG B 86 86.52 13.16 37.93
N ILE B 87 85.48 13.29 37.11
CA ILE B 87 85.01 14.62 36.74
C ILE B 87 84.04 15.17 37.78
N GLN B 88 83.09 14.36 38.25
CA GLN B 88 82.08 14.85 39.17
C GLN B 88 82.61 15.03 40.59
N GLY B 89 83.74 14.42 40.92
CA GLY B 89 84.38 14.72 42.19
C GLY B 89 83.69 14.05 43.34
N ASP B 90 83.48 14.81 44.42
CA ASP B 90 82.76 14.26 45.56
C ASP B 90 81.27 14.15 45.30
N ALA B 91 80.75 14.88 44.33
CA ALA B 91 79.35 14.80 43.94
C ALA B 91 79.11 13.69 42.93
N TYR B 92 79.59 12.49 43.21
CA TYR B 92 79.33 11.32 42.38
C TYR B 92 78.44 10.37 43.16
N ASN B 93 77.40 9.87 42.50
CA ASN B 93 76.49 8.90 43.08
C ASN B 93 76.38 7.73 42.12
N HIS B 94 76.83 6.55 42.57
CA HIS B 94 76.86 5.40 41.68
C HIS B 94 75.46 4.91 41.35
N ASN B 95 74.55 4.97 42.33
CA ASN B 95 73.19 4.51 42.13
C ASN B 95 72.45 5.40 41.15
N ARG B 96 72.60 6.71 41.28
CA ARG B 96 71.98 7.64 40.33
C ARG B 96 72.59 7.49 38.95
N SER B 97 73.90 7.32 38.87
CA SER B 97 74.57 7.19 37.59
C SER B 97 74.20 5.90 36.87
N THR B 98 73.83 4.85 37.59
CA THR B 98 73.50 3.60 36.92
C THR B 98 72.00 3.35 36.79
N ASN B 99 71.15 4.12 37.48
CA ASN B 99 69.72 3.81 37.47
C ASN B 99 68.80 4.95 37.08
N LEU B 100 69.16 6.21 37.32
CA LEU B 100 68.22 7.32 37.21
C LEU B 100 67.77 7.57 35.77
N TRP B 101 68.60 7.23 34.78
CA TRP B 101 68.23 7.48 33.40
C TRP B 101 67.11 6.57 32.91
N LYS B 102 66.84 5.48 33.61
CA LYS B 102 65.75 4.59 33.20
C LYS B 102 64.39 5.20 33.46
N MET B 103 64.29 6.24 34.28
CA MET B 103 63.02 6.84 34.63
C MET B 103 62.68 7.96 33.65
N GLY B 104 61.49 7.87 33.06
CA GLY B 104 61.04 8.91 32.15
C GLY B 104 60.64 10.16 32.90
N GLY B 105 61.32 11.25 32.63
CA GLY B 105 61.07 12.47 33.36
C GLY B 105 62.08 12.82 34.41
N PHE B 106 63.23 12.13 34.46
CA PHE B 106 64.19 12.36 35.54
C PHE B 106 64.85 13.73 35.48
N LEU B 107 64.81 14.41 34.33
CA LEU B 107 65.30 15.77 34.24
C LEU B 107 64.18 16.80 34.20
N THR B 108 63.12 16.54 33.43
CA THR B 108 62.03 17.51 33.34
C THR B 108 61.16 17.49 34.59
N ASN B 109 61.10 16.37 35.29
CA ASN B 109 60.41 16.26 36.59
C ASN B 109 61.44 15.71 37.57
N SER B 110 62.31 16.57 38.06
CA SER B 110 63.36 16.17 38.99
C SER B 110 63.02 16.50 40.43
N TYR B 111 62.01 17.33 40.66
CA TYR B 111 61.55 17.65 41.99
C TYR B 111 60.35 16.81 42.42
N SER B 112 60.02 15.78 41.67
CA SER B 112 58.91 14.92 42.04
C SER B 112 59.33 14.00 43.19
N PRO B 113 58.41 13.68 44.09
CA PRO B 113 58.74 12.81 45.22
C PRO B 113 59.00 11.38 44.78
N LYS B 114 59.83 10.69 45.54
CA LYS B 114 60.09 9.28 45.33
C LYS B 114 59.92 8.53 46.64
N LYS B 115 59.53 7.27 46.52
CA LYS B 115 59.16 6.44 47.66
C LYS B 115 60.04 5.20 47.69
N PHE B 116 60.49 4.85 48.88
CA PHE B 116 61.21 3.60 49.07
C PHE B 116 60.22 2.45 49.08
N ARG B 117 60.54 1.38 48.35
CA ARG B 117 59.65 0.22 48.27
C ARG B 117 60.26 -1.03 48.89
N SER B 118 61.42 -1.46 48.41
CA SER B 118 62.00 -2.72 48.82
C SER B 118 63.50 -2.64 48.53
N ARG B 119 64.14 -3.79 48.44
CA ARG B 119 65.44 -3.82 47.77
C ARG B 119 65.30 -3.31 46.35
N HIS B 120 64.36 -3.87 45.60
CA HIS B 120 63.78 -3.34 44.35
C HIS B 120 64.89 -3.17 43.31
N LYS B 121 64.77 -2.18 42.42
CA LYS B 121 65.85 -1.75 41.53
C LYS B 121 66.61 -0.56 42.11
N LYS B 122 66.61 -0.43 43.44
CA LYS B 122 67.31 0.58 44.24
C LYS B 122 66.68 1.97 44.09
N LEU B 123 66.69 2.74 45.18
CA LEU B 123 66.11 4.07 45.22
C LEU B 123 67.16 5.09 44.87
N CYS B 124 66.87 5.93 43.87
CA CYS B 124 67.74 7.03 43.50
C CYS B 124 66.91 8.27 43.22
N PHE B 125 67.36 9.40 43.73
CA PHE B 125 66.72 10.68 43.49
C PHE B 125 67.41 11.40 42.34
N GLY B 126 66.74 12.45 41.85
CA GLY B 126 67.29 13.26 40.80
C GLY B 126 68.40 14.16 41.30
N PRO B 127 69.13 14.79 40.38
CA PRO B 127 70.20 15.69 40.79
C PRO B 127 69.65 16.95 41.46
N THR B 128 70.37 17.41 42.47
CA THR B 128 69.93 18.58 43.23
C THR B 128 70.07 19.85 42.41
N THR B 129 71.10 19.93 41.57
CA THR B 129 71.27 21.01 40.62
C THR B 129 71.05 20.45 39.23
N MET B 130 70.47 21.27 38.36
CA MET B 130 70.32 20.86 36.97
C MET B 130 71.68 20.87 36.30
N PRO B 131 72.00 19.87 35.49
CA PRO B 131 73.30 19.85 34.82
C PRO B 131 73.43 20.93 33.77
N ASP B 132 74.67 21.40 33.60
CA ASP B 132 75.02 22.34 32.55
C ASP B 132 75.40 21.66 31.25
N CYS B 133 75.61 20.35 31.28
CA CYS B 133 75.90 19.56 30.10
C CYS B 133 75.53 18.12 30.41
N VAL B 134 75.08 17.40 29.39
CA VAL B 134 74.87 15.97 29.48
C VAL B 134 75.71 15.29 28.42
N VAL B 135 76.49 14.29 28.82
CA VAL B 135 77.28 13.49 27.90
C VAL B 135 76.61 12.12 27.80
N VAL B 136 76.20 11.75 26.59
CA VAL B 136 75.30 10.63 26.38
C VAL B 136 76.03 9.53 25.60
N PHE B 137 75.86 8.28 26.04
CA PHE B 137 76.36 7.11 25.33
C PHE B 137 75.24 6.15 25.01
N ASP B 138 74.15 6.64 24.43
CA ASP B 138 72.91 5.88 24.26
C ASP B 138 72.72 5.54 22.78
N ALA B 139 73.36 4.46 22.34
CA ALA B 139 73.27 4.05 20.94
C ALA B 139 71.91 3.47 20.59
N GLU B 140 71.29 2.76 21.51
CA GLU B 140 70.01 2.11 21.28
C GLU B 140 68.82 2.93 21.75
N ARG B 141 69.07 4.13 22.28
CA ARG B 141 68.05 5.11 22.66
C ARG B 141 67.13 4.57 23.74
N LYS B 142 67.73 3.95 24.76
CA LYS B 142 66.97 3.33 25.84
C LYS B 142 66.48 4.35 26.87
N SER B 143 66.94 5.59 26.78
CA SER B 143 66.51 6.62 27.71
C SER B 143 66.01 7.84 26.95
N SER B 144 65.29 8.70 27.66
CA SER B 144 64.74 9.92 27.08
C SER B 144 65.63 11.13 27.35
N VAL B 145 66.95 10.93 27.39
CA VAL B 145 67.86 11.96 27.87
C VAL B 145 67.93 13.14 26.90
N VAL B 146 68.07 12.86 25.60
CA VAL B 146 68.20 13.90 24.60
C VAL B 146 66.93 14.74 24.52
N LEU B 147 65.77 14.10 24.62
CA LEU B 147 64.50 14.83 24.53
C LEU B 147 64.29 15.73 25.75
N GLU B 148 64.63 15.25 26.95
CA GLU B 148 64.48 16.07 28.14
C GLU B 148 65.51 17.20 28.19
N ALA B 149 66.72 16.93 27.71
CA ALA B 149 67.76 17.96 27.68
C ALA B 149 67.44 19.05 26.67
N ALA B 150 66.88 18.68 25.52
CA ALA B 150 66.42 19.68 24.55
C ALA B 150 65.22 20.44 25.07
N LYS B 151 64.35 19.78 25.84
CA LYS B 151 63.23 20.48 26.46
C LYS B 151 63.68 21.51 27.48
N LEU B 152 64.79 21.23 28.18
CA LEU B 152 65.27 22.08 29.27
C LEU B 152 66.36 23.06 28.84
N GLN B 153 66.72 23.09 27.56
CA GLN B 153 67.80 23.92 27.01
C GLN B 153 69.15 23.61 27.66
N ILE B 154 69.58 22.37 27.54
CA ILE B 154 70.85 21.89 28.08
C ILE B 154 71.65 21.32 26.92
N PRO B 155 72.91 21.67 26.75
CA PRO B 155 73.72 21.12 25.66
C PRO B 155 73.98 19.63 25.82
N VAL B 156 74.07 18.94 24.69
CA VAL B 156 74.26 17.50 24.64
C VAL B 156 75.51 17.19 23.82
N VAL B 157 76.43 16.44 24.43
CA VAL B 157 77.56 15.85 23.74
C VAL B 157 77.25 14.38 23.55
N ALA B 158 77.24 13.91 22.31
CA ALA B 158 76.90 12.52 22.06
C ALA B 158 77.64 12.02 20.84
N ILE B 159 77.87 10.72 20.80
CA ILE B 159 78.45 10.03 19.66
C ILE B 159 77.30 9.60 18.75
N VAL B 160 77.37 9.98 17.48
CA VAL B 160 76.29 9.75 16.52
C VAL B 160 76.71 8.65 15.56
N ASP B 161 75.86 7.63 15.45
CA ASP B 161 75.97 6.57 14.46
C ASP B 161 75.44 7.07 13.10
N PRO B 162 75.76 6.36 12.01
CA PRO B 162 75.15 6.73 10.71
C PRO B 162 73.64 6.67 10.67
N ASN B 163 73.01 5.79 11.44
CA ASN B 163 71.55 5.71 11.49
C ASN B 163 70.97 6.39 12.73
N VAL B 164 71.23 7.68 12.91
CA VAL B 164 70.55 8.42 13.97
C VAL B 164 69.35 9.15 13.35
N PRO B 165 68.19 9.17 14.00
CA PRO B 165 67.05 9.88 13.42
C PRO B 165 67.29 11.39 13.45
N LEU B 166 66.60 12.07 12.55
CA LEU B 166 66.69 13.52 12.46
C LEU B 166 66.14 14.18 13.72
N GLU B 167 65.16 13.55 14.36
CA GLU B 167 64.57 14.12 15.56
C GLU B 167 65.51 14.04 16.75
N PHE B 168 66.43 13.05 16.74
CA PHE B 168 67.48 12.96 17.76
C PHE B 168 68.71 13.74 17.37
N PHE B 169 69.08 13.75 16.09
CA PHE B 169 70.27 14.47 15.64
C PHE B 169 70.11 15.98 15.79
N GLU B 170 68.89 16.49 15.64
CA GLU B 170 68.65 17.93 15.73
C GLU B 170 68.86 18.48 17.14
N LYS B 171 68.81 17.64 18.15
CA LYS B 171 68.91 18.08 19.53
C LYS B 171 70.26 17.80 20.15
N ILE B 172 71.22 17.29 19.39
CA ILE B 172 72.56 17.01 19.86
C ILE B 172 73.45 18.18 19.49
N THR B 173 73.93 18.89 20.52
CA THR B 173 74.69 20.12 20.30
C THR B 173 76.09 19.83 19.78
N TYR B 174 76.74 18.80 20.31
CA TYR B 174 78.11 18.45 19.96
C TYR B 174 78.16 17.00 19.47
N PRO B 175 77.84 16.76 18.20
CA PRO B 175 77.93 15.41 17.66
C PRO B 175 79.38 15.00 17.42
N VAL B 176 79.66 13.74 17.67
CA VAL B 176 80.94 13.13 17.34
C VAL B 176 80.67 11.93 16.44
N PRO B 177 80.91 12.06 15.14
CA PRO B 177 80.55 11.00 14.19
C PRO B 177 81.54 9.84 14.23
N ALA B 178 81.11 8.73 14.81
CA ALA B 178 81.98 7.56 14.95
C ALA B 178 81.13 6.34 15.22
N ARG B 179 81.73 5.17 15.01
CA ARG B 179 81.20 3.95 15.59
C ARG B 179 81.68 3.87 17.03
N ASP B 180 80.75 3.66 17.97
CA ASP B 180 81.09 3.63 19.38
C ASP B 180 81.68 2.26 19.76
N SER B 181 82.92 2.08 19.34
CA SER B 181 83.70 0.93 19.76
C SER B 181 84.20 1.14 21.18
N VAL B 182 84.71 0.06 21.77
CA VAL B 182 85.30 0.14 23.11
C VAL B 182 86.53 1.04 23.09
N LYS B 183 87.37 0.90 22.07
CA LYS B 183 88.58 1.71 21.97
C LYS B 183 88.27 3.18 21.73
N PHE B 184 87.27 3.49 20.90
CA PHE B 184 86.96 4.88 20.66
C PHE B 184 86.29 5.52 21.87
N VAL B 185 85.43 4.80 22.57
CA VAL B 185 84.82 5.35 23.78
C VAL B 185 85.88 5.57 24.85
N TYR B 186 86.86 4.65 24.94
CA TYR B 186 87.98 4.83 25.85
C TYR B 186 88.80 6.05 25.49
N LEU B 187 89.10 6.24 24.21
CA LEU B 187 89.87 7.40 23.77
C LEU B 187 89.11 8.70 23.99
N PHE B 188 87.81 8.70 23.69
CA PHE B 188 86.95 9.85 23.93
C PHE B 188 86.92 10.23 25.40
N CYS B 189 86.72 9.25 26.28
CA CYS B 189 86.61 9.53 27.70
C CYS B 189 87.96 9.90 28.30
N ASN B 190 89.04 9.31 27.78
CA ASN B 190 90.38 9.67 28.23
C ASN B 190 90.74 11.10 27.86
N VAL B 191 90.38 11.52 26.64
CA VAL B 191 90.62 12.89 26.21
C VAL B 191 89.78 13.87 27.03
N ILE B 192 88.51 13.54 27.26
CA ILE B 192 87.63 14.37 28.08
C ILE B 192 88.17 14.51 29.49
N THR B 193 88.60 13.39 30.09
CA THR B 193 89.12 13.38 31.44
C THR B 193 90.38 14.23 31.57
N LYS B 194 91.30 14.06 30.62
CA LYS B 194 92.57 14.78 30.68
C LYS B 194 92.37 16.27 30.48
N CYS B 195 91.49 16.66 29.54
CA CYS B 195 91.21 18.08 29.34
C CYS B 195 90.57 18.70 30.56
N PHE B 196 89.61 18.00 31.17
CA PHE B 196 88.92 18.53 32.35
C PHE B 196 89.87 18.70 33.51
N VAL B 197 90.72 17.70 33.77
CA VAL B 197 91.59 17.83 34.94
C VAL B 197 92.80 18.70 34.65
N ALA B 198 93.19 18.90 33.38
CA ALA B 198 94.22 19.88 33.07
C ALA B 198 93.70 21.29 33.23
N GLU B 199 92.44 21.55 32.86
CA GLU B 199 91.86 22.85 33.13
C GLU B 199 91.62 23.05 34.62
N GLN B 200 91.34 21.96 35.34
CA GLN B 200 91.01 22.07 36.76
C GLN B 200 92.26 22.32 37.60
N MET B 201 93.40 21.76 37.19
CA MET B 201 94.67 22.04 37.85
C MET B 201 95.17 23.45 37.62
N LYS B 202 94.66 24.14 36.60
CA LYS B 202 95.07 25.51 36.33
C LYS B 202 94.45 26.51 37.28
N MET B 203 93.55 26.06 38.16
CA MET B 203 92.84 26.93 39.08
C MET B 203 93.22 26.65 40.53
N GLY B 204 94.19 25.79 40.76
CA GLY B 204 94.54 25.35 42.09
C GLY B 204 93.80 24.13 42.58
N ILE B 205 92.77 23.69 41.85
CA ILE B 205 91.96 22.56 42.25
C ILE B 205 92.59 21.25 41.80
N ALA C 2 23.45 2.26 56.73
CA ALA C 2 24.56 1.79 55.93
C ALA C 2 25.25 2.96 55.23
N ARG C 3 24.78 4.17 55.48
CA ARG C 3 25.45 5.36 55.00
C ARG C 3 26.60 5.71 55.95
N LYS C 4 27.37 6.73 55.59
CA LYS C 4 28.54 7.12 56.37
C LYS C 4 28.12 7.66 57.72
N GLY C 5 28.61 7.03 58.79
CA GLY C 5 28.21 7.38 60.13
C GLY C 5 29.09 8.46 60.74
N ASN C 6 28.70 8.88 61.94
CA ASN C 6 29.49 9.83 62.72
C ASN C 6 30.81 9.18 63.14
N PRO C 7 31.95 9.81 62.90
CA PRO C 7 33.23 9.21 63.30
C PRO C 7 33.41 9.05 64.79
N ILE C 8 32.66 9.80 65.61
CA ILE C 8 32.79 9.71 67.06
C ILE C 8 32.28 8.36 67.58
N SER C 9 31.20 7.85 66.96
CA SER C 9 30.49 6.70 67.53
C SER C 9 31.30 5.42 67.46
N VAL C 10 32.13 5.25 66.43
CA VAL C 10 32.85 3.99 66.27
C VAL C 10 34.13 3.94 67.10
N ARG C 11 34.56 5.06 67.67
CA ARG C 11 35.72 5.12 68.55
C ARG C 11 35.36 5.88 69.83
N LEU C 12 34.25 5.50 70.45
CA LEU C 12 33.80 6.15 71.68
C LEU C 12 34.25 5.42 72.93
N GLY C 13 34.37 4.10 72.89
CA GLY C 13 34.87 3.38 74.04
C GLY C 13 36.39 3.39 74.14
N LYS C 14 37.06 3.50 73.00
CA LYS C 14 38.51 3.51 72.92
C LYS C 14 38.93 4.70 72.07
N ASN C 15 40.13 5.23 72.38
CA ASN C 15 40.83 6.31 71.69
C ASN C 15 40.16 7.67 71.94
N ARG C 16 39.00 7.67 72.60
CA ARG C 16 38.29 8.90 72.93
C ARG C 16 37.40 8.61 74.13
N SER C 17 37.22 9.63 74.98
CA SER C 17 36.40 9.49 76.17
C SER C 17 35.17 10.37 76.05
N SER C 18 34.15 10.03 76.85
CA SER C 18 32.93 10.83 76.88
C SER C 18 33.18 12.14 77.62
N ASP C 19 32.40 13.16 77.23
CA ASP C 19 32.53 14.46 77.88
C ASP C 19 31.92 14.48 79.27
N SER C 20 31.07 13.52 79.60
CA SER C 20 30.47 13.43 80.92
C SER C 20 30.96 12.15 81.60
N SER C 21 30.96 12.18 82.93
CA SER C 21 31.45 11.05 83.72
C SER C 21 30.60 10.94 84.99
N TRP C 22 29.63 10.04 84.95
CA TRP C 22 28.75 9.78 86.10
C TRP C 22 28.11 8.41 85.91
N PHE C 23 27.46 7.94 86.97
CA PHE C 23 26.62 6.76 86.89
C PHE C 23 25.46 6.93 87.85
N SER C 24 24.28 6.52 87.42
CA SER C 24 23.12 6.35 88.28
C SER C 24 22.18 5.37 87.60
N ASP C 25 21.33 4.74 88.41
CA ASP C 25 20.25 3.91 87.91
C ASP C 25 18.87 4.44 88.26
N TYR C 26 18.67 4.89 89.49
CA TYR C 26 17.42 5.54 89.85
C TYR C 26 17.32 6.95 89.29
N TYR C 27 18.44 7.57 88.95
CA TYR C 27 18.47 8.95 88.46
C TYR C 27 19.12 9.07 87.09
N TYR C 28 19.00 8.03 86.25
CA TYR C 28 19.61 8.10 84.93
C TYR C 28 18.95 9.14 84.04
N GLY C 29 17.61 9.21 84.07
CA GLY C 29 16.89 10.10 83.17
C GLY C 29 17.17 11.56 83.45
N LYS C 30 17.25 11.92 84.73
CA LYS C 30 17.57 13.29 85.13
C LYS C 30 18.92 13.73 84.61
N PHE C 31 19.95 12.89 84.80
CA PHE C 31 21.30 13.29 84.40
C PHE C 31 21.47 13.26 82.89
N VAL C 32 20.84 12.29 82.20
CA VAL C 32 20.97 12.25 80.76
C VAL C 32 20.18 13.39 80.11
N TYR C 33 19.11 13.87 80.75
CA TYR C 33 18.48 15.08 80.25
C TYR C 33 19.32 16.31 80.56
N GLN C 34 19.95 16.35 81.74
CA GLN C 34 20.69 17.52 82.16
C GLN C 34 21.96 17.72 81.35
N ASP C 35 22.60 16.63 80.89
CA ASP C 35 23.77 16.75 80.03
C ASP C 35 23.43 17.50 78.74
N VAL C 36 22.38 17.03 78.04
CA VAL C 36 21.97 17.66 76.79
C VAL C 36 21.47 19.07 77.03
N ASN C 37 20.68 19.28 78.09
CA ASN C 37 20.07 20.58 78.33
C ASN C 37 21.11 21.62 78.74
N LEU C 38 22.09 21.22 79.56
CA LEU C 38 23.15 22.13 79.98
C LEU C 38 24.10 22.43 78.83
N ARG C 39 24.43 21.42 78.01
CA ARG C 39 25.30 21.68 76.87
C ARG C 39 24.61 22.52 75.80
N SER C 40 23.28 22.43 75.71
CA SER C 40 22.56 23.31 74.81
C SER C 40 22.45 24.72 75.36
N TYR C 41 22.33 24.87 76.68
CA TYR C 41 22.34 26.20 77.29
C TYR C 41 23.71 26.87 77.17
N PHE C 42 24.78 26.12 77.44
CA PHE C 42 26.11 26.73 77.50
C PHE C 42 26.62 27.11 76.12
N GLY C 43 26.13 26.46 75.07
CA GLY C 43 26.52 26.82 73.72
C GLY C 43 25.88 28.07 73.16
N SER C 44 24.86 28.60 73.84
CA SER C 44 24.15 29.79 73.39
C SER C 44 24.53 31.03 74.19
N ILE C 45 25.63 30.98 74.92
CA ILE C 45 26.04 32.05 75.82
C ILE C 45 26.99 32.98 75.09
N ARG C 46 26.67 34.29 75.12
CA ARG C 46 27.47 35.41 74.61
C ARG C 46 27.93 35.22 73.17
N PRO C 47 27.04 35.38 72.19
CA PRO C 47 27.43 35.15 70.80
C PRO C 47 28.37 36.23 70.31
N PRO C 48 29.23 35.92 69.34
CA PRO C 48 30.17 36.92 68.80
C PRO C 48 29.45 38.03 68.05
N THR C 49 29.61 39.26 68.53
CA THR C 49 29.15 40.43 67.81
C THR C 49 30.24 40.88 66.83
N ARG C 50 30.09 42.08 66.28
CA ARG C 50 31.13 42.62 65.40
C ARG C 50 32.38 42.97 66.17
N LEU C 51 32.22 43.56 67.36
CA LEU C 51 33.35 44.01 68.17
C LEU C 51 33.89 42.95 69.11
N THR C 52 33.22 41.80 69.25
CA THR C 52 33.60 40.80 70.23
C THR C 52 33.92 39.47 69.56
N PHE C 53 34.88 38.76 70.16
CA PHE C 53 35.21 37.42 69.68
C PHE C 53 34.17 36.39 70.11
N GLY C 54 33.51 36.62 71.23
CA GLY C 54 32.43 35.78 71.68
C GLY C 54 32.87 34.62 72.55
N PHE C 55 31.93 34.11 73.33
CA PHE C 55 32.14 32.93 74.16
C PHE C 55 32.03 31.69 73.28
N ARG C 56 33.15 30.99 73.09
CA ARG C 56 33.19 29.79 72.25
C ARG C 56 33.60 28.62 73.11
N LEU C 57 32.75 27.60 73.16
CA LEU C 57 33.04 26.37 73.91
C LEU C 57 33.51 25.28 72.97
N GLY C 58 34.71 24.76 73.23
CA GLY C 58 35.20 23.61 72.51
C GLY C 58 34.75 22.33 73.17
N ARG C 59 35.03 22.21 74.47
CA ARG C 59 34.55 21.09 75.26
C ARG C 59 33.94 21.59 76.55
N CYS C 60 32.92 20.90 77.03
CA CYS C 60 32.41 21.06 78.38
C CYS C 60 32.52 19.69 79.06
N ILE C 61 33.29 19.62 80.14
CA ILE C 61 33.50 18.38 80.86
C ILE C 61 32.71 18.45 82.16
N ILE C 62 31.77 17.52 82.32
CA ILE C 62 30.87 17.50 83.47
C ILE C 62 31.15 16.21 84.24
N LEU C 63 31.43 16.35 85.53
CA LEU C 63 31.64 15.22 86.42
C LEU C 63 30.71 15.36 87.62
N HIS C 64 29.97 14.31 87.93
CA HIS C 64 28.97 14.34 88.99
C HIS C 64 29.42 13.48 90.16
N PHE C 65 29.25 14.02 91.36
CA PHE C 65 29.59 13.37 92.61
C PHE C 65 28.44 13.63 93.57
N PRO C 66 28.36 12.89 94.68
CA PRO C 66 27.34 13.19 95.69
C PRO C 66 27.46 14.63 96.20
N LYS C 67 26.41 15.41 95.94
CA LYS C 67 26.20 16.81 96.30
C LYS C 67 27.12 17.79 95.57
N ARG C 68 28.03 17.31 94.72
CA ARG C 68 29.03 18.15 94.08
C ARG C 68 29.10 17.80 92.60
N THR C 69 29.08 18.82 91.74
CA THR C 69 29.33 18.63 90.32
C THR C 69 30.38 19.60 89.84
N PHE C 70 31.22 19.15 88.91
CA PHE C 70 32.36 19.90 88.40
C PHE C 70 32.18 20.15 86.91
N ILE C 71 32.28 21.41 86.50
CA ILE C 71 32.19 21.80 85.11
C ILE C 71 33.52 22.40 84.69
N HIS C 72 34.05 21.92 83.57
CA HIS C 72 35.34 22.39 83.05
C HIS C 72 35.14 22.93 81.64
N PHE C 73 35.24 24.24 81.49
CA PHE C 73 35.13 24.89 80.18
C PHE C 73 36.49 24.95 79.50
N PHE C 74 36.47 24.94 78.17
CA PHE C 74 37.68 25.07 77.36
C PHE C 74 37.40 26.10 76.28
N LEU C 75 38.14 27.20 76.29
CA LEU C 75 37.90 28.32 75.38
C LEU C 75 39.17 28.70 74.62
N PRO C 76 39.04 29.05 73.35
CA PRO C 76 40.18 29.62 72.63
C PRO C 76 40.40 31.08 73.01
N ARG C 77 41.66 31.48 73.01
CA ARG C 77 41.99 32.87 73.29
C ARG C 77 41.59 33.75 72.11
N ARG C 78 41.27 35.01 72.42
CA ARG C 78 40.93 35.97 71.37
C ARG C 78 42.18 36.35 70.60
N PRO C 79 42.22 36.17 69.28
CA PRO C 79 43.41 36.53 68.50
C PRO C 79 43.39 38.03 68.17
N ARG C 80 44.34 38.76 68.73
CA ARG C 80 44.40 40.21 68.55
C ARG C 80 45.86 40.64 68.40
N ARG C 81 46.09 41.60 67.50
CA ARG C 81 47.40 42.19 67.30
C ARG C 81 47.49 43.49 68.07
N LEU C 82 48.49 43.57 68.96
CA LEU C 82 48.72 44.75 69.79
C LEU C 82 49.70 45.69 69.08
N LYS C 83 50.21 46.66 69.84
CA LYS C 83 51.19 47.61 69.32
C LYS C 83 52.51 46.93 68.96
N ARG C 96 34.75 54.93 85.38
CA ARG C 96 35.34 53.99 86.34
C ARG C 96 34.40 53.77 87.52
N TRP C 97 34.82 52.89 88.43
CA TRP C 97 33.92 52.42 89.48
C TRP C 97 33.59 53.51 90.49
N TRP C 98 34.48 54.49 90.67
CA TRP C 98 34.23 55.55 91.64
C TRP C 98 33.08 56.44 91.22
N THR C 99 32.85 56.60 89.92
CA THR C 99 31.74 57.42 89.40
C THR C 99 30.89 56.53 88.49
N THR C 100 29.95 55.81 89.10
CA THR C 100 28.93 55.06 88.37
C THR C 100 27.57 55.41 88.93
N PHE C 101 26.61 55.60 88.05
CA PHE C 101 25.26 55.96 88.45
C PHE C 101 24.27 55.32 87.49
N GLY C 102 23.03 55.17 87.96
CA GLY C 102 21.99 54.52 87.21
C GLY C 102 21.98 53.01 87.30
N LYS C 103 22.97 52.42 87.99
CA LYS C 103 23.04 50.98 88.19
C LYS C 103 22.51 50.57 89.56
N ALA C 104 21.48 51.29 89.99
CA ALA C 104 20.77 50.90 91.21
C ALA C 104 19.53 51.63 90.99
N GLY C 105 18.41 51.01 91.20
CA GLY C 105 17.18 51.68 90.84
C GLY C 105 16.20 51.95 91.91
N PRO C 106 14.98 52.29 91.52
CA PRO C 106 13.91 52.61 92.46
C PRO C 106 14.06 52.10 93.88
N ILE C 107 13.73 52.95 94.82
CA ILE C 107 13.78 52.54 96.22
C ILE C 107 12.40 52.67 96.83
N GLY C 108 11.60 51.63 96.70
CA GLY C 108 10.26 51.65 97.27
C GLY C 108 10.38 51.31 98.73
N CYS C 109 9.28 50.93 99.33
CA CYS C 109 9.29 50.63 100.75
C CYS C 109 9.48 51.90 101.52
N LEU C 110 9.44 53.05 100.85
CA LEU C 110 9.56 54.34 101.53
C LEU C 110 8.45 54.52 102.51
N ARG C 111 7.22 54.27 102.06
CA ARG C 111 6.05 54.48 102.90
C ARG C 111 5.02 53.36 102.75
N ASN C 142 -1.80 20.53 113.53
CA ASN C 142 -0.95 20.07 112.43
C ASN C 142 0.47 19.81 112.91
N GLU C 143 0.66 19.79 114.23
CA GLU C 143 1.98 19.52 114.79
C GLU C 143 2.39 18.08 114.56
N ILE C 144 1.50 17.14 114.88
CA ILE C 144 1.76 15.73 114.58
C ILE C 144 1.65 15.50 113.08
N ARG C 145 0.63 16.05 112.44
CA ARG C 145 0.41 15.89 111.00
C ARG C 145 1.27 16.89 110.21
N GLY C 146 2.57 16.62 110.19
CA GLY C 146 3.49 17.42 109.41
C GLY C 146 3.67 16.88 107.99
N TRP C 147 4.18 17.75 107.12
CA TRP C 147 4.41 17.38 105.74
C TRP C 147 5.82 16.83 105.58
N PRO C 148 6.00 15.72 104.87
CA PRO C 148 7.35 15.18 104.67
C PRO C 148 8.11 15.98 103.61
N LYS C 149 9.40 15.67 103.50
CA LYS C 149 10.25 16.34 102.52
C LYS C 149 9.88 15.92 101.11
N LYS C 150 9.73 16.92 100.23
CA LYS C 150 9.36 16.65 98.85
C LYS C 150 10.53 16.03 98.10
N LYS C 151 10.22 15.14 97.16
CA LYS C 151 11.22 14.46 96.35
C LYS C 151 10.94 14.68 94.88
N GLN C 152 11.99 14.73 94.08
CA GLN C 152 11.88 14.75 92.63
C GLN C 152 12.94 13.80 92.06
N ARG C 153 12.71 13.34 90.84
CA ARG C 153 13.55 12.28 90.30
C ARG C 153 14.05 12.58 88.90
N TYR C 154 13.29 13.37 88.13
CA TYR C 154 13.52 13.43 86.69
C TYR C 154 14.00 14.77 86.17
N GLY C 155 13.89 15.85 86.93
CA GLY C 155 14.23 17.15 86.41
C GLY C 155 14.98 18.08 87.35
N TYR C 156 14.58 19.34 87.36
CA TYR C 156 15.18 20.37 88.21
C TYR C 156 14.28 20.67 89.39
N HIS C 157 14.90 21.12 90.48
CA HIS C 157 14.15 21.57 91.65
C HIS C 157 13.52 22.93 91.39
N ASP C 158 12.60 23.31 92.26
CA ASP C 158 11.93 24.59 92.16
C ASP C 158 12.80 25.70 92.75
N ARG C 159 12.27 26.91 92.76
CA ARG C 159 12.97 28.06 93.34
C ARG C 159 13.06 27.88 94.85
N SER C 160 14.25 28.10 95.41
CA SER C 160 14.49 27.93 96.83
C SER C 160 15.25 29.13 97.38
N PRO C 161 14.85 29.69 98.53
CA PRO C 161 15.66 30.72 99.17
C PRO C 161 17.00 30.17 99.62
N SER C 162 18.02 31.03 99.59
CA SER C 162 19.38 30.60 99.87
C SER C 162 19.64 30.55 101.38
N ILE C 163 20.79 29.98 101.74
CA ILE C 163 21.20 29.82 103.12
C ILE C 163 22.52 30.55 103.40
N LYS C 164 23.15 31.14 102.38
CA LYS C 164 24.48 31.74 102.53
C LYS C 164 24.51 32.93 103.47
N LYS C 165 23.38 33.62 103.68
CA LYS C 165 23.37 34.74 104.63
C LYS C 165 23.53 34.24 106.06
N ASN C 166 22.83 33.17 106.42
CA ASN C 166 22.97 32.61 107.76
C ASN C 166 24.35 32.00 107.97
N LEU C 167 24.91 31.37 106.94
CA LEU C 167 26.26 30.82 107.04
C LEU C 167 27.30 31.94 107.20
N SER C 168 27.12 33.04 106.46
CA SER C 168 28.01 34.19 106.61
C SER C 168 27.89 34.81 107.99
N LYS C 169 26.67 34.89 108.53
CA LYS C 169 26.48 35.39 109.88
C LYS C 169 27.17 34.49 110.91
N LEU C 170 27.05 33.18 110.76
CA LEU C 170 27.64 32.25 111.71
C LEU C 170 29.16 32.24 111.62
N LEU C 171 29.72 32.43 110.43
CA LEU C 171 31.17 32.49 110.28
C LEU C 171 31.74 33.89 110.54
N ARG C 172 30.89 34.91 110.63
CA ARG C 172 31.35 36.26 110.94
C ARG C 172 31.28 36.58 112.43
N ILE C 173 30.09 36.47 113.04
CA ILE C 173 29.96 36.82 114.45
C ILE C 173 30.46 35.71 115.37
N SER C 174 30.77 34.54 114.82
CA SER C 174 31.30 33.42 115.59
C SER C 174 32.47 32.80 114.85
N GLY C 175 33.49 32.40 115.60
CA GLY C 175 34.67 31.79 115.01
C GLY C 175 35.46 32.71 114.11
N ALA C 176 35.68 33.95 114.53
CA ALA C 176 36.36 34.94 113.70
C ALA C 176 37.87 34.77 113.68
N PHE C 177 38.41 33.91 114.55
CA PHE C 177 39.85 33.64 114.75
C PHE C 177 40.72 34.90 114.82
N LYS C 178 40.16 35.99 115.36
CA LYS C 178 40.95 37.11 115.84
C LYS C 178 41.08 37.10 117.36
N HIS C 179 40.51 36.09 118.02
CA HIS C 179 40.58 35.98 119.46
C HIS C 179 42.01 35.67 119.87
N PRO C 180 42.52 36.25 120.96
CA PRO C 180 43.95 36.15 121.29
C PRO C 180 44.45 34.74 121.63
N LYS C 181 43.57 33.74 121.71
CA LYS C 181 43.98 32.35 121.85
C LYS C 181 44.75 31.83 120.65
N TYR C 182 44.39 32.25 119.44
CA TYR C 182 44.96 31.68 118.23
C TYR C 182 46.20 32.41 117.74
N ALA C 183 46.58 33.52 118.38
CA ALA C 183 47.65 34.37 117.86
C ALA C 183 49.02 33.75 118.06
N GLY C 184 49.27 33.16 119.23
CA GLY C 184 50.55 32.52 119.47
C GLY C 184 50.79 31.33 118.58
N VAL C 185 49.75 30.55 118.32
CA VAL C 185 49.90 29.37 117.47
C VAL C 185 50.10 29.75 116.02
N VAL C 186 49.42 30.79 115.52
CA VAL C 186 49.67 31.21 114.13
C VAL C 186 51.04 31.88 114.01
N ASN C 187 51.52 32.53 115.09
CA ASN C 187 52.90 33.01 115.09
C ASN C 187 53.89 31.86 115.04
N ASP C 188 53.61 30.78 115.79
CA ASP C 188 54.45 29.58 115.73
C ASP C 188 54.41 28.94 114.36
N ILE C 189 53.23 28.94 113.71
CA ILE C 189 53.09 28.39 112.36
C ILE C 189 53.90 29.20 111.36
N ALA C 190 53.87 30.54 111.48
CA ALA C 190 54.68 31.39 110.63
C ALA C 190 56.17 31.17 110.85
N PHE C 191 56.58 31.00 112.12
CA PHE C 191 57.98 30.71 112.42
C PHE C 191 58.42 29.37 111.85
N LEU C 192 57.55 28.35 111.93
CA LEU C 192 57.86 27.05 111.35
C LEU C 192 57.92 27.11 109.83
N ILE C 193 57.08 27.95 109.21
CA ILE C 193 57.10 28.10 107.76
C ILE C 193 58.40 28.76 107.32
N GLU C 194 58.79 29.87 107.98
CA GLU C 194 59.94 30.63 107.53
C GLU C 194 61.26 30.15 108.12
N ASN C 195 61.25 29.16 109.01
CA ASN C 195 62.47 28.77 109.70
C ASN C 195 62.79 27.28 109.59
N ASP C 196 61.78 26.41 109.62
CA ASP C 196 61.99 24.97 109.71
C ASP C 196 61.69 24.30 108.37
N ASP C 197 62.62 23.45 107.92
CA ASP C 197 62.40 22.67 106.71
C ASP C 197 61.49 21.47 106.94
N SER C 198 61.29 21.07 108.20
CA SER C 198 60.42 19.94 108.48
C SER C 198 58.95 20.32 108.40
N PHE C 199 58.63 21.61 108.42
CA PHE C 199 57.27 22.08 108.20
C PHE C 199 56.99 22.40 106.73
N LYS C 200 57.75 21.81 105.82
CA LYS C 200 57.54 21.97 104.39
C LYS C 200 57.41 20.65 103.65
N LYS C 201 58.01 19.57 104.14
CA LYS C 201 57.87 18.25 103.55
C LYS C 201 56.90 17.39 104.36
N THR C 202 55.93 18.05 105.00
CA THR C 202 54.95 17.39 105.84
C THR C 202 53.57 17.49 105.19
N LYS C 203 52.71 16.55 105.56
CA LYS C 203 51.37 16.48 104.98
C LYS C 203 50.46 17.60 105.49
N LEU C 204 50.67 18.07 106.72
CA LEU C 204 49.82 19.13 107.26
C LEU C 204 50.04 20.45 106.53
N PHE C 205 51.30 20.78 106.22
CA PHE C 205 51.58 22.00 105.46
C PHE C 205 51.06 21.90 104.04
N LYS C 206 51.21 20.73 103.42
CA LYS C 206 50.72 20.54 102.05
C LYS C 206 49.21 20.59 101.99
N PHE C 207 48.52 20.07 103.00
CA PHE C 207 47.06 20.10 103.01
C PHE C 207 46.55 21.50 103.35
N PHE C 208 47.15 22.17 104.33
CA PHE C 208 46.62 23.44 104.79
C PHE C 208 47.16 24.63 104.01
N PHE C 209 48.24 24.47 103.28
CA PHE C 209 48.81 25.53 102.44
C PHE C 209 49.22 24.91 101.11
N PRO C 210 48.31 24.99 100.13
CA PRO C 210 48.56 24.43 98.81
C PRO C 210 49.24 25.49 97.94
N LYS C 211 50.47 25.21 97.51
CA LYS C 211 51.21 26.14 96.67
C LYS C 211 50.82 25.97 95.19
N VAL C 228 31.71 30.87 118.42
CA VAL C 228 31.66 29.58 119.09
C VAL C 228 32.98 28.87 118.84
N ARG C 229 33.59 28.35 119.90
CA ARG C 229 34.73 27.46 119.71
C ARG C 229 34.23 26.16 119.07
N PRO C 230 34.99 25.58 118.13
CA PRO C 230 34.40 24.60 117.20
C PRO C 230 34.07 23.24 117.80
N SER C 231 34.08 23.07 119.11
CA SER C 231 33.65 21.83 119.72
C SER C 231 32.19 21.84 120.13
N LEU C 232 31.70 22.93 120.73
CA LEU C 232 30.30 23.00 121.13
C LEU C 232 29.38 23.27 119.94
N ASN C 233 29.89 23.90 118.88
CA ASN C 233 29.09 24.10 117.68
C ASN C 233 28.71 22.77 117.04
N PHE C 234 29.66 21.83 116.99
CA PHE C 234 29.40 20.49 116.50
C PHE C 234 28.39 19.77 117.39
N LEU C 235 28.48 19.97 118.72
CA LEU C 235 27.55 19.33 119.63
C LEU C 235 26.13 19.84 119.43
N VAL C 236 25.96 21.16 119.25
CA VAL C 236 24.64 21.73 119.00
C VAL C 236 24.10 21.27 117.65
N MET C 237 24.97 21.23 116.63
CA MET C 237 24.55 20.78 115.31
C MET C 237 24.12 19.31 115.31
N GLN C 238 24.90 18.46 115.97
CA GLN C 238 24.54 17.05 116.06
C GLN C 238 23.31 16.83 116.93
N TYR C 239 23.11 17.65 117.96
CA TYR C 239 21.90 17.56 118.77
C TYR C 239 20.67 17.86 117.94
N PHE C 240 20.69 18.97 117.20
CA PHE C 240 19.53 19.32 116.38
C PHE C 240 19.33 18.32 115.25
N PHE C 241 20.42 17.80 114.69
CA PHE C 241 20.31 16.88 113.56
C PHE C 241 19.86 15.50 113.99
N ASN C 242 20.13 15.11 115.24
CA ASN C 242 19.68 13.82 115.74
C ASN C 242 18.31 13.89 116.41
N THR C 243 17.90 15.05 116.93
CA THR C 243 16.57 15.18 117.50
C THR C 243 15.53 15.60 116.47
N LYS C 244 15.94 16.12 115.32
CA LYS C 244 14.98 16.39 114.25
C LYS C 244 14.53 15.11 113.56
N ASN C 245 15.39 14.08 113.54
CA ASN C 245 15.07 12.82 112.90
C ASN C 245 14.68 11.74 113.90
N GLN C 246 14.43 12.13 115.16
CA GLN C 246 14.07 11.22 116.26
C GLN C 246 15.08 10.07 116.41
N MET C 247 16.33 10.43 116.60
CA MET C 247 17.43 9.49 116.78
C MET C 247 17.93 9.62 118.20
N ASN C 248 18.23 8.49 118.84
CA ASN C 248 18.71 8.49 120.22
C ASN C 248 20.06 9.19 120.28
N PHE C 249 20.07 10.43 120.77
CA PHE C 249 21.26 11.27 120.81
C PHE C 249 21.93 11.09 122.16
N ASP C 250 23.06 10.40 122.17
CA ASP C 250 23.88 10.29 123.36
C ASP C 250 25.09 11.19 123.18
N PRO C 251 25.18 12.31 123.91
CA PRO C 251 26.29 13.24 123.68
C PRO C 251 27.65 12.70 124.11
N VAL C 252 27.69 11.65 124.93
CA VAL C 252 28.96 11.04 125.29
C VAL C 252 29.57 10.31 124.11
N VAL C 253 28.74 9.63 123.31
CA VAL C 253 29.22 8.90 122.14
C VAL C 253 29.68 9.84 121.03
N VAL C 254 29.13 11.07 120.98
CA VAL C 254 29.57 12.07 120.01
C VAL C 254 31.02 12.48 120.25
N LEU C 255 31.48 12.38 121.51
CA LEU C 255 32.83 12.80 121.88
C LEU C 255 33.93 11.92 121.29
N ASN C 256 33.58 10.76 120.71
CA ASN C 256 34.57 9.95 120.00
C ASN C 256 35.06 10.62 118.73
N HIS C 257 34.31 11.60 118.21
CA HIS C 257 34.76 12.32 117.02
C HIS C 257 35.84 13.33 117.36
N PHE C 258 36.06 13.61 118.65
CA PHE C 258 37.06 14.57 119.10
C PHE C 258 38.38 13.87 119.45
N VAL C 259 38.41 12.56 119.29
CA VAL C 259 39.52 11.74 119.76
C VAL C 259 40.25 11.15 118.56
N ALA C 260 41.57 11.31 118.55
CA ALA C 260 42.42 10.79 117.48
C ALA C 260 43.50 9.92 118.10
N PRO C 261 43.16 8.69 118.52
CA PRO C 261 44.16 7.85 119.19
C PRO C 261 45.20 7.25 118.27
N GLY C 262 45.00 7.30 116.96
CA GLY C 262 45.97 6.75 116.02
C GLY C 262 46.84 7.81 115.38
N ARG C 277 51.12 7.44 137.44
CA ARG C 277 51.18 8.71 136.75
C ARG C 277 50.02 9.61 137.15
N SER C 278 48.88 9.45 136.47
CA SER C 278 47.68 10.21 136.76
C SER C 278 46.50 9.31 137.13
N LEU C 279 46.76 8.15 137.71
CA LEU C 279 45.70 7.22 138.08
C LEU C 279 44.86 7.73 139.24
N GLN C 280 45.39 8.65 140.04
CA GLN C 280 44.62 9.24 141.14
C GLN C 280 43.45 10.04 140.59
N LYS C 281 43.69 10.85 139.55
CA LYS C 281 42.62 11.59 138.91
C LYS C 281 41.62 10.64 138.25
N ARG C 282 42.09 9.51 137.72
CA ARG C 282 41.20 8.49 137.19
C ARG C 282 40.27 7.95 138.26
N ILE C 283 40.80 7.67 139.45
CA ILE C 283 40.01 7.11 140.54
C ILE C 283 38.99 8.13 141.04
N ARG C 284 39.41 9.39 141.23
CA ARG C 284 38.46 10.41 141.67
C ARG C 284 37.40 10.70 140.61
N SER C 285 37.75 10.62 139.33
CA SER C 285 36.74 10.81 138.29
C SER C 285 35.74 9.68 138.27
N ARG C 286 36.21 8.44 138.46
CA ARG C 286 35.31 7.29 138.55
C ARG C 286 34.37 7.42 139.75
N ILE C 287 34.90 7.86 140.90
CA ILE C 287 34.09 8.06 142.09
C ILE C 287 33.04 9.15 141.86
N ALA C 288 33.44 10.25 141.22
CA ALA C 288 32.50 11.34 140.93
C ALA C 288 31.40 10.91 139.98
N PHE C 289 31.76 10.10 138.96
CA PHE C 289 30.76 9.58 138.03
C PHE C 289 29.80 8.63 138.72
N PHE C 290 30.30 7.80 139.64
CA PHE C 290 29.42 6.93 140.42
C PHE C 290 28.48 7.74 141.31
N VAL C 291 28.99 8.82 141.91
CA VAL C 291 28.15 9.67 142.74
C VAL C 291 27.05 10.37 141.93
N GLU C 292 27.39 10.93 140.77
CA GLU C 292 26.36 11.61 139.98
C GLU C 292 25.42 10.65 139.27
N SER C 293 25.81 9.39 139.07
CA SER C 293 24.95 8.45 138.38
C SER C 293 23.78 8.00 139.26
N LEU C 294 24.07 7.65 140.52
CA LEU C 294 23.06 7.06 141.39
C LEU C 294 22.07 8.09 141.92
N THR C 295 22.41 9.37 141.89
CA THR C 295 21.58 10.43 142.43
C THR C 295 20.61 10.91 141.36
N SER C 296 20.04 12.11 141.56
CA SER C 296 18.94 12.69 140.77
C SER C 296 17.66 11.88 140.94
N GLU C 297 17.25 11.71 142.19
CA GLU C 297 15.94 11.17 142.58
C GLU C 297 15.31 12.25 143.44
N LYS C 298 14.45 13.06 142.83
CA LYS C 298 14.00 14.32 143.40
C LYS C 298 12.77 14.09 144.28
N LYS C 299 12.05 15.19 144.59
CA LYS C 299 10.85 15.20 145.45
C LYS C 299 11.19 14.81 146.89
N CYS C 300 12.27 15.39 147.41
CA CYS C 300 12.68 15.21 148.79
C CYS C 300 13.62 16.35 149.18
N LEU C 301 13.23 17.13 150.19
CA LEU C 301 14.03 18.29 150.59
C LEU C 301 15.25 17.87 151.42
N ALA C 302 15.13 16.76 152.16
CA ALA C 302 16.25 16.30 152.98
C ALA C 302 17.44 15.90 152.12
N GLU C 303 17.19 15.25 150.99
CA GLU C 303 18.25 15.02 150.03
C GLU C 303 18.51 16.21 149.12
N ALA C 304 17.59 17.18 149.06
CA ALA C 304 17.86 18.41 148.31
C ALA C 304 18.89 19.26 149.03
N LYS C 305 18.97 19.16 150.36
CA LYS C 305 20.08 19.77 151.09
C LYS C 305 21.41 19.16 150.67
N ASN C 306 21.43 17.85 150.41
CA ASN C 306 22.62 17.23 149.85
C ASN C 306 22.84 17.63 148.40
N ARG C 307 21.76 17.91 147.67
CA ARG C 307 21.89 18.42 146.31
C ARG C 307 22.51 19.81 146.29
N LEU C 308 22.31 20.60 147.36
CA LEU C 308 22.97 21.89 147.47
C LEU C 308 24.48 21.72 147.56
N THR C 309 24.95 20.70 148.27
CA THR C 309 26.37 20.40 148.37
C THR C 309 26.79 19.28 147.43
N HIS C 310 25.98 18.97 146.42
CA HIS C 310 26.31 17.94 145.43
C HIS C 310 27.23 18.46 144.33
N PHE C 311 27.96 19.54 144.56
CA PHE C 311 28.96 20.01 143.60
C PHE C 311 30.30 19.30 143.81
N ILE C 312 30.24 17.96 143.88
CA ILE C 312 31.45 17.16 143.86
C ILE C 312 31.77 16.76 142.43
N ARG C 313 30.76 16.75 141.55
CA ARG C 313 31.03 16.64 140.12
C ARG C 313 31.56 17.94 139.56
N LEU C 314 31.35 19.05 140.27
CA LEU C 314 31.96 20.32 139.89
C LEU C 314 33.48 20.27 139.99
N ALA C 315 34.01 19.56 140.99
CA ALA C 315 35.45 19.37 141.08
C ALA C 315 35.97 18.47 139.96
N ASN C 316 35.15 17.50 139.52
CA ASN C 316 35.51 16.68 138.38
C ASN C 316 35.38 17.44 137.06
N ASP C 317 34.58 18.50 137.04
CA ASP C 317 34.38 19.28 135.82
C ASP C 317 35.64 20.07 135.46
N LEU C 318 36.22 20.76 136.45
CA LEU C 318 37.32 21.68 136.22
C LEU C 318 38.66 21.11 136.65
N ARG C 319 38.73 19.78 136.82
CA ARG C 319 39.98 19.15 137.25
C ARG C 319 41.07 19.26 136.19
N PHE C 320 40.72 19.03 134.93
CA PHE C 320 41.69 19.00 133.83
C PHE C 320 41.69 20.35 133.14
N ALA C 321 42.34 21.32 133.78
CA ALA C 321 42.48 22.67 133.25
C ALA C 321 43.91 23.14 133.40
N GLY C 322 44.35 23.99 132.49
CA GLY C 322 45.71 24.49 132.52
C GLY C 322 45.96 25.42 131.36
N THR C 323 47.21 25.86 131.26
CA THR C 323 47.62 26.79 130.21
C THR C 323 47.65 26.07 128.86
N THR C 324 47.12 26.73 127.84
CA THR C 324 47.00 26.17 126.51
C THR C 324 47.85 26.96 125.52
N LYS C 325 48.50 26.23 124.59
CA LYS C 325 49.33 26.86 123.57
C LYS C 325 49.09 26.28 122.18
N THR C 326 47.92 25.71 121.93
CA THR C 326 47.67 24.99 120.68
C THR C 326 46.34 25.39 120.07
N THR C 327 46.33 25.58 118.75
CA THR C 327 45.11 25.71 117.96
C THR C 327 44.67 24.34 117.50
N ILE C 328 43.43 23.98 117.78
CA ILE C 328 42.91 22.66 117.42
C ILE C 328 42.63 22.65 115.92
N SER C 329 43.53 22.02 115.15
CA SER C 329 43.20 21.51 113.82
C SER C 329 43.00 20.00 113.87
N LEU C 330 42.67 19.47 115.05
CA LEU C 330 42.20 18.11 115.27
C LEU C 330 40.74 18.05 114.87
N PHE C 331 40.03 16.98 115.30
CA PHE C 331 38.57 16.92 115.22
C PHE C 331 38.11 16.98 113.75
N PRO C 332 38.17 15.85 113.04
CA PRO C 332 37.93 15.87 111.59
C PRO C 332 36.51 16.23 111.19
N PHE C 333 36.08 17.45 111.46
CA PHE C 333 34.89 18.01 110.81
C PHE C 333 35.14 19.38 110.18
N PHE C 334 35.92 20.26 110.80
CA PHE C 334 36.33 21.51 110.18
C PHE C 334 37.59 21.36 109.35
N GLY C 335 38.27 20.22 109.43
CA GLY C 335 39.27 19.88 108.43
C GLY C 335 38.64 19.48 107.12
N ALA C 336 37.41 18.95 107.18
CA ALA C 336 36.67 18.66 105.96
C ALA C 336 36.22 19.93 105.26
N THR C 337 35.96 20.99 106.02
CA THR C 337 35.65 22.29 105.42
C THR C 337 36.84 22.80 104.62
N PHE C 338 38.05 22.68 105.17
CA PHE C 338 39.23 23.10 104.42
C PHE C 338 39.51 22.14 103.26
N PHE C 339 39.16 20.86 103.42
CA PHE C 339 39.30 19.90 102.34
C PHE C 339 38.41 20.28 101.16
N PHE C 340 37.19 20.71 101.44
CA PHE C 340 36.31 21.20 100.38
C PHE C 340 36.77 22.55 99.85
N LEU C 341 37.43 23.35 100.70
CA LEU C 341 37.97 24.63 100.26
C LEU C 341 39.13 24.46 99.29
N ARG C 342 39.89 23.36 99.43
CA ARG C 342 41.10 23.16 98.62
C ARG C 342 40.79 23.07 97.14
N ASP C 343 39.66 22.48 96.77
CA ASP C 343 39.28 22.32 95.38
C ASP C 343 38.27 23.35 94.90
N GLY C 344 38.01 24.39 95.69
CA GLY C 344 36.99 25.35 95.34
C GLY C 344 37.41 26.81 95.34
N VAL C 345 38.68 27.09 95.62
CA VAL C 345 39.15 28.47 95.63
C VAL C 345 39.19 29.05 94.22
N GLY C 346 39.50 28.22 93.22
CA GLY C 346 39.63 28.72 91.87
C GLY C 346 40.95 29.39 91.62
N VAL C 347 40.99 30.15 90.53
CA VAL C 347 42.20 30.83 90.09
C VAL C 347 42.11 32.35 90.31
N TYR C 348 40.96 32.85 90.75
CA TYR C 348 40.71 34.27 90.86
C TYR C 348 40.52 34.67 92.32
N ASN C 349 41.00 35.88 92.66
CA ASN C 349 40.72 36.51 93.94
C ASN C 349 40.73 38.02 93.72
N ASN C 350 40.09 38.75 94.64
CA ASN C 350 39.98 40.20 94.54
C ASN C 350 40.42 40.88 95.83
N LEU C 351 41.35 40.28 96.57
CA LEU C 351 41.76 40.83 97.86
C LEU C 351 42.57 42.11 97.71
N ASP C 352 43.34 42.24 96.62
CA ASP C 352 44.13 43.44 96.40
C ASP C 352 43.23 44.65 96.15
N ALA C 353 42.11 44.45 95.45
CA ALA C 353 41.12 45.50 95.32
C ALA C 353 40.31 45.69 96.59
N ARG C 354 40.09 44.61 97.34
CA ARG C 354 39.32 44.68 98.58
C ARG C 354 40.01 45.55 99.62
N GLU C 355 41.33 45.39 99.77
CA GLU C 355 42.04 46.20 100.75
C GLU C 355 42.12 47.67 100.34
N GLN C 356 42.22 47.93 99.03
CA GLN C 356 42.21 49.31 98.54
C GLN C 356 40.87 49.97 98.80
N LEU C 357 39.77 49.27 98.48
CA LEU C 357 38.45 49.81 98.76
C LEU C 357 38.21 49.96 100.25
N LEU C 358 38.76 49.04 101.05
CA LEU C 358 38.63 49.12 102.50
C LEU C 358 39.32 50.34 103.07
N ASN C 359 40.54 50.65 102.59
CA ASN C 359 41.24 51.81 103.12
C ASN C 359 40.81 53.13 102.49
N GLN C 360 40.11 53.10 101.36
CA GLN C 360 39.58 54.34 100.82
C GLN C 360 38.16 54.64 101.30
N LEU C 361 37.38 53.61 101.64
CA LEU C 361 36.06 53.87 102.20
C LEU C 361 36.17 54.42 103.62
N ARG C 362 37.28 54.14 104.32
CA ARG C 362 37.55 54.77 105.60
C ARG C 362 37.63 56.29 105.45
N VAL C 363 38.58 56.77 104.64
CA VAL C 363 38.75 58.21 104.45
C VAL C 363 37.58 58.83 103.70
N LYS C 364 36.76 58.04 103.02
CA LYS C 364 35.50 58.58 102.51
C LYS C 364 34.50 58.79 103.63
N CYS C 365 34.42 57.85 104.57
CA CYS C 365 33.46 57.96 105.66
C CYS C 365 33.84 59.06 106.64
N TRP C 366 35.14 59.22 106.93
CA TRP C 366 35.53 60.25 107.89
C TRP C 366 35.39 61.64 107.29
N ASN C 367 35.53 61.77 105.96
CA ASN C 367 35.28 63.06 105.31
C ASN C 367 33.80 63.34 105.11
N LEU C 368 32.94 62.33 105.22
CA LEU C 368 31.51 62.54 105.04
C LEU C 368 30.85 63.07 106.30
N LEU C 369 31.09 62.42 107.43
CA LEU C 369 30.64 62.91 108.72
C LEU C 369 31.56 64.04 109.18
N GLY C 370 30.97 65.10 109.72
CA GLY C 370 31.76 66.24 110.13
C GLY C 370 31.76 67.38 109.13
N LYS C 371 30.58 67.68 108.57
CA LYS C 371 30.44 68.75 107.59
C LYS C 371 29.47 69.81 108.10
N ASP C 372 29.65 70.24 109.35
CA ASP C 372 28.85 71.22 110.09
C ASP C 372 27.44 70.73 110.40
N LYS C 373 27.12 69.47 110.09
CA LYS C 373 25.88 68.81 110.49
C LYS C 373 26.04 68.00 111.77
N VAL C 374 27.15 68.20 112.50
CA VAL C 374 27.53 67.31 113.59
C VAL C 374 26.69 67.48 114.85
N MET C 375 25.75 68.45 114.88
CA MET C 375 24.98 68.69 116.08
C MET C 375 24.07 67.51 116.44
N GLU C 376 23.62 66.75 115.44
CA GLU C 376 22.87 65.53 115.73
C GLU C 376 23.78 64.46 116.33
N LEU C 377 25.02 64.37 115.85
CA LEU C 377 25.94 63.37 116.38
C LEU C 377 26.38 63.72 117.80
N ILE C 378 26.62 65.00 118.08
CA ILE C 378 26.95 65.40 119.45
C ILE C 378 25.73 65.35 120.34
N GLU C 379 24.52 65.40 119.77
CA GLU C 379 23.33 65.11 120.54
C GLU C 379 23.27 63.63 120.90
N LYS C 380 23.66 62.77 119.96
CA LYS C 380 23.67 61.32 120.20
C LYS C 380 24.70 60.93 121.26
N PHE C 381 25.91 61.52 121.21
CA PHE C 381 26.93 61.12 122.17
C PHE C 381 26.64 61.67 123.57
N LYS C 382 25.85 62.73 123.66
CA LYS C 382 25.42 63.26 124.95
C LYS C 382 24.10 62.69 125.42
N ASN C 383 23.50 61.77 124.65
CA ASN C 383 22.26 61.12 125.10
C ASN C 383 22.54 60.13 126.21
N LEU C 384 23.34 59.11 125.92
CA LEU C 384 23.62 58.04 126.87
C LEU C 384 24.96 57.41 126.47
N GLY C 385 25.27 56.27 127.06
CA GLY C 385 26.44 55.50 126.68
C GLY C 385 26.30 54.68 125.43
N GLY C 386 25.12 54.68 124.82
CA GLY C 386 24.88 53.94 123.59
C GLY C 386 25.26 54.72 122.35
N ILE C 387 26.51 55.19 122.30
CA ILE C 387 27.03 55.87 121.12
C ILE C 387 27.12 54.90 119.95
N GLU C 388 27.46 53.64 120.23
CA GLU C 388 27.69 52.58 119.25
C GLU C 388 26.43 52.17 118.44
N GLU C 389 25.26 52.79 118.59
CA GLU C 389 24.17 52.55 117.65
C GLU C 389 24.27 53.43 116.42
N LEU C 390 25.31 54.28 116.35
CA LEU C 390 25.68 54.95 115.10
C LEU C 390 26.21 53.96 114.06
N ILE C 391 26.66 52.78 114.50
CA ILE C 391 27.14 51.75 113.59
C ILE C 391 26.02 51.25 112.68
N LYS C 392 24.77 51.27 113.14
CA LYS C 392 23.65 50.94 112.26
C LYS C 392 23.42 52.04 111.22
N VAL C 393 23.63 53.30 111.61
CA VAL C 393 23.50 54.40 110.66
C VAL C 393 24.58 54.29 109.58
N ILE C 394 25.81 53.99 109.97
CA ILE C 394 26.87 53.84 108.97
C ILE C 394 26.74 52.52 108.21
N ASP C 395 26.06 51.51 108.77
CA ASP C 395 25.63 50.35 108.00
C ASP C 395 24.74 50.77 106.84
N MET C 396 23.71 51.58 107.14
CA MET C 396 22.82 52.04 106.08
C MET C 396 23.55 52.92 105.07
N MET C 397 24.50 53.72 105.55
CA MET C 397 25.29 54.57 104.65
C MET C 397 26.13 53.74 103.70
N ILE C 398 26.92 52.79 104.24
CA ILE C 398 27.80 51.96 103.42
C ILE C 398 26.98 51.14 102.44
N GLU C 399 25.80 50.68 102.87
CA GLU C 399 24.90 49.99 101.95
C GLU C 399 24.40 50.91 100.85
N ILE C 400 24.16 52.20 101.16
CA ILE C 400 23.67 53.12 100.13
C ILE C 400 24.75 53.41 99.08
N ILE C 401 25.98 53.73 99.51
CA ILE C 401 27.06 53.94 98.54
C ILE C 401 27.37 52.67 97.76
N LEU C 402 27.41 51.51 98.43
CA LEU C 402 27.71 50.28 97.70
C LEU C 402 26.57 49.84 96.79
N ARG C 403 25.33 50.27 97.06
CA ARG C 403 24.23 50.00 96.14
C ARG C 403 24.26 50.94 94.94
N LYS C 404 24.68 52.19 95.15
CA LYS C 404 24.74 53.16 94.05
C LYS C 404 25.66 52.69 92.94
N ARG C 405 26.78 52.05 93.30
CA ARG C 405 27.75 51.63 92.30
C ARG C 405 27.27 50.41 91.52
N GLY C 406 27.05 49.28 92.21
CA GLY C 406 26.63 48.07 91.54
C GLY C 406 27.83 47.34 90.97
N ILE C 407 27.98 46.06 91.33
CA ILE C 407 29.12 45.17 91.05
C ILE C 407 30.34 45.65 91.84
N PRO C 408 31.10 44.76 92.48
CA PRO C 408 32.26 45.19 93.28
C PRO C 408 33.32 45.91 92.45
N TYR C 409 34.31 46.45 93.19
CA TYR C 409 35.18 47.51 92.68
C TYR C 409 35.97 47.08 91.46
N ARG C 410 36.86 46.10 91.63
CA ARG C 410 37.63 45.55 90.52
C ARG C 410 37.30 44.08 90.35
N TYR C 411 36.06 43.71 90.59
CA TYR C 411 35.63 42.33 90.42
C TYR C 411 35.64 41.96 88.94
N ASN C 412 36.14 40.77 88.65
CA ASN C 412 36.23 40.29 87.29
C ASN C 412 34.83 40.00 86.76
N SER C 413 34.54 40.56 85.57
CA SER C 413 33.22 40.41 84.97
C SER C 413 32.96 38.98 84.53
N TYR C 414 33.99 38.30 84.01
CA TYR C 414 33.85 36.89 83.66
C TYR C 414 33.53 36.05 84.88
N PHE C 415 34.25 36.27 85.98
CA PHE C 415 34.00 35.49 87.18
C PHE C 415 32.71 35.92 87.87
N TYR C 416 32.28 37.17 87.69
CA TYR C 416 30.97 37.58 88.18
C TYR C 416 29.86 36.84 87.43
N GLU C 417 29.99 36.71 86.12
CA GLU C 417 29.00 35.95 85.35
C GLU C 417 29.06 34.45 85.67
N VAL C 418 30.26 33.93 85.92
CA VAL C 418 30.41 32.53 86.31
C VAL C 418 29.75 32.27 87.66
N LYS C 419 29.92 33.20 88.61
CA LYS C 419 29.24 33.08 89.90
C LYS C 419 27.73 33.19 89.77
N LYS C 420 27.26 34.08 88.88
CA LYS C 420 25.82 34.20 88.65
C LYS C 420 25.25 32.92 88.05
N MET C 421 26.00 32.27 87.16
CA MET C 421 25.56 30.98 86.63
C MET C 421 25.60 29.90 87.71
N ARG C 422 26.65 29.89 88.52
CA ARG C 422 26.81 28.88 89.57
C ARG C 422 25.71 28.97 90.62
N SER C 423 25.22 30.17 90.90
CA SER C 423 24.17 30.35 91.89
C SER C 423 22.88 29.63 91.47
N PHE C 424 22.40 29.88 90.25
CA PHE C 424 21.15 29.23 89.86
C PHE C 424 21.37 27.76 89.51
N LEU C 425 22.58 27.37 89.05
CA LEU C 425 22.83 25.95 88.82
C LEU C 425 22.81 25.17 90.13
N SER C 426 23.42 25.70 91.18
CA SER C 426 23.38 25.04 92.48
C SER C 426 22.00 25.09 93.11
N ASN C 427 21.22 26.15 92.84
CA ASN C 427 19.87 26.19 93.40
C ASN C 427 18.94 25.23 92.68
N ARG C 428 19.11 25.06 91.36
CA ARG C 428 18.25 24.15 90.61
C ARG C 428 18.63 22.70 90.81
N THR C 429 19.91 22.37 90.92
CA THR C 429 20.34 20.99 91.04
C THR C 429 20.45 20.53 92.49
N ASN C 430 20.28 21.44 93.46
CA ASN C 430 20.51 21.18 94.89
C ASN C 430 21.89 20.62 95.15
N THR C 431 22.89 21.17 94.44
CA THR C 431 24.27 20.72 94.54
C THR C 431 25.17 21.88 94.88
N LYS C 432 26.48 21.67 94.78
CA LYS C 432 27.47 22.74 94.86
C LYS C 432 28.29 22.65 93.57
N THR C 433 27.84 23.36 92.54
CA THR C 433 28.51 23.30 91.24
C THR C 433 29.76 24.18 91.26
N LEU C 434 30.73 23.80 90.42
CA LEU C 434 31.99 24.52 90.30
C LEU C 434 32.34 24.61 88.81
N ILE C 435 32.56 25.83 88.33
CA ILE C 435 32.90 26.05 86.93
C ILE C 435 34.34 26.55 86.87
N GLU C 436 35.19 25.79 86.18
CA GLU C 436 36.59 26.15 85.98
C GLU C 436 36.85 26.27 84.48
N SER C 437 37.63 27.29 84.10
CA SER C 437 37.87 27.58 82.70
C SER C 437 39.34 27.39 82.36
N VAL C 438 39.59 26.86 81.17
CA VAL C 438 40.93 26.69 80.63
C VAL C 438 40.99 27.41 79.29
N LYS C 439 41.97 28.30 79.13
CA LYS C 439 42.15 29.03 77.89
C LYS C 439 43.16 28.30 77.02
N ILE C 440 42.78 28.02 75.78
CA ILE C 440 43.61 27.25 74.86
C ILE C 440 44.06 28.16 73.72
N LYS C 441 45.06 27.68 72.98
CA LYS C 441 45.78 28.53 72.04
C LYS C 441 44.94 28.82 70.79
N SER C 442 44.44 27.78 70.14
CA SER C 442 43.91 27.91 68.80
C SER C 442 42.44 27.50 68.75
N VAL C 443 41.74 28.04 67.74
CA VAL C 443 40.36 27.63 67.45
C VAL C 443 40.32 26.34 66.65
N TYR C 444 41.47 25.88 66.15
CA TYR C 444 41.54 24.65 65.38
C TYR C 444 41.82 23.43 66.25
N GLN C 445 41.50 23.48 67.54
CA GLN C 445 41.74 22.37 68.45
C GLN C 445 40.52 21.48 68.65
N SER C 446 39.40 21.79 68.00
CA SER C 446 38.24 20.92 67.98
C SER C 446 37.44 21.21 66.72
N ALA C 447 36.74 20.18 66.23
CA ALA C 447 35.88 20.36 65.05
C ALA C 447 34.70 21.28 65.36
N SER C 448 34.22 21.26 66.61
CA SER C 448 33.11 22.12 67.01
C SER C 448 33.48 23.59 66.90
N LEU C 449 34.70 23.94 67.31
CA LEU C 449 35.14 25.33 67.25
C LEU C 449 35.30 25.80 65.81
N ILE C 450 35.84 24.94 64.94
CA ILE C 450 35.99 25.29 63.53
C ILE C 450 34.63 25.46 62.87
N ALA C 451 33.69 24.55 63.15
CA ALA C 451 32.34 24.65 62.59
C ALA C 451 31.63 25.91 63.08
N GLN C 452 31.77 26.23 64.37
CA GLN C 452 31.18 27.44 64.92
C GLN C 452 31.78 28.70 64.29
N ASP C 453 33.11 28.69 64.09
CA ASP C 453 33.78 29.82 63.45
C ASP C 453 33.34 30.01 62.01
N ILE C 454 33.21 28.91 61.26
CA ILE C 454 32.73 28.99 59.88
C ILE C 454 31.30 29.51 59.83
N SER C 455 30.45 29.04 60.76
CA SER C 455 29.07 29.50 60.79
C SER C 455 28.96 30.98 61.13
N PHE C 456 29.82 31.47 62.03
CA PHE C 456 29.80 32.89 62.33
C PHE C 456 30.42 33.74 61.23
N GLN C 457 31.39 33.20 60.50
CA GLN C 457 31.89 33.89 59.31
C GLN C 457 30.84 33.95 58.21
N LEU C 458 29.95 32.95 58.13
CA LEU C 458 28.90 32.93 57.13
C LEU C 458 27.62 33.65 57.57
N LYS C 459 27.49 33.96 58.86
CA LYS C 459 26.28 34.64 59.34
C LYS C 459 26.20 36.06 58.80
N ASN C 460 27.29 36.81 58.91
CA ASN C 460 27.44 38.07 58.20
C ASN C 460 28.38 37.90 57.01
N LYS C 461 27.90 38.28 55.83
CA LYS C 461 28.54 37.93 54.57
C LYS C 461 29.76 38.80 54.36
N ARG C 462 30.94 38.20 54.44
CA ARG C 462 32.20 38.91 54.21
C ARG C 462 33.05 38.30 53.10
N ARG C 463 32.89 37.02 52.81
CA ARG C 463 33.77 36.28 51.91
C ARG C 463 33.10 35.00 51.45
N SER C 464 33.81 34.25 50.61
CA SER C 464 33.29 33.06 49.96
C SER C 464 33.80 31.80 50.66
N PHE C 465 33.33 30.64 50.18
CA PHE C 465 33.70 29.36 50.78
C PHE C 465 35.17 29.02 50.52
N HIS C 466 35.64 29.29 49.29
CA HIS C 466 37.02 28.99 48.94
C HIS C 466 38.00 29.84 49.75
N SER C 467 37.67 31.11 49.96
CA SER C 467 38.51 31.96 50.80
C SER C 467 38.48 31.53 52.26
N ILE C 468 37.33 31.04 52.74
CA ILE C 468 37.24 30.51 54.11
C ILE C 468 38.14 29.29 54.26
N PHE C 469 38.10 28.37 53.29
CA PHE C 469 38.95 27.18 53.35
C PHE C 469 40.42 27.53 53.21
N ALA C 470 40.75 28.51 52.35
CA ALA C 470 42.14 28.91 52.18
C ALA C 470 42.68 29.57 53.45
N LYS C 471 41.86 30.39 54.10
CA LYS C 471 42.26 30.99 55.37
C LYS C 471 42.43 29.93 56.46
N ILE C 472 41.58 28.90 56.45
CA ILE C 472 41.72 27.82 57.41
C ILE C 472 43.01 27.05 57.19
N VAL C 473 43.29 26.66 55.94
CA VAL C 473 44.49 25.89 55.61
C VAL C 473 45.76 26.70 55.84
N LYS C 474 45.69 28.03 55.67
CA LYS C 474 46.86 28.88 55.86
C LYS C 474 47.37 28.83 57.31
N GLU C 475 46.47 28.81 58.28
CA GLU C 475 46.86 28.80 59.68
C GLU C 475 46.46 27.51 60.41
N ILE C 476 46.60 26.37 59.74
CA ILE C 476 46.50 25.08 60.41
C ILE C 476 47.73 24.89 61.29
N PRO C 477 47.48 24.60 62.59
CA PRO C 477 48.59 24.25 63.45
C PRO C 477 49.15 23.01 62.89
N LYS C 478 50.15 22.41 63.50
CA LYS C 478 50.82 21.26 62.92
C LYS C 478 50.35 19.96 63.50
N ARG C 479 49.62 20.02 64.59
CA ARG C 479 49.00 18.84 65.12
C ARG C 479 48.08 18.24 64.08
N VAL C 480 47.40 19.07 63.26
CA VAL C 480 46.43 18.60 62.30
C VAL C 480 47.04 17.87 61.15
N GLU C 481 46.68 16.61 60.99
CA GLU C 481 47.20 15.80 59.94
C GLU C 481 46.30 15.86 58.74
N GLY C 482 45.19 16.57 58.85
CA GLY C 482 44.23 16.68 57.79
C GLY C 482 42.96 17.39 58.20
N ILE C 483 42.19 17.87 57.21
CA ILE C 483 40.94 18.56 57.46
C ILE C 483 40.03 18.35 56.26
N ARG C 484 38.73 18.47 56.49
CA ARG C 484 37.73 18.35 55.43
C ARG C 484 36.50 19.13 55.83
N ILE C 485 36.03 20.00 54.94
CA ILE C 485 34.87 20.86 55.19
C ILE C 485 33.91 20.73 54.03
N CYS C 486 32.63 20.49 54.35
CA CYS C 486 31.58 20.40 53.34
C CYS C 486 30.57 21.52 53.56
N PHE C 487 30.07 22.09 52.46
CA PHE C 487 29.02 23.10 52.50
C PHE C 487 27.81 22.60 51.74
N SER C 488 26.62 22.83 52.31
CA SER C 488 25.38 22.37 51.70
C SER C 488 24.32 23.45 51.80
N GLY C 489 23.54 23.61 50.73
CA GLY C 489 22.46 24.57 50.66
C GLY C 489 22.51 25.33 49.36
N ARG C 490 21.86 26.49 49.33
CA ARG C 490 21.97 27.37 48.17
C ARG C 490 23.33 28.06 48.24
N LEU C 491 24.33 27.42 47.64
CA LEU C 491 25.70 27.93 47.75
C LEU C 491 25.90 29.16 46.88
N LYS C 492 25.20 29.24 45.75
CA LYS C 492 25.29 30.37 44.84
C LYS C 492 23.95 31.09 44.80
N ASP C 493 23.98 32.41 44.92
CA ASP C 493 22.75 33.20 44.92
C ASP C 493 22.09 33.27 43.55
N ALA C 494 22.83 32.95 42.49
CA ALA C 494 22.24 32.99 41.15
C ALA C 494 21.29 31.82 40.93
N ALA C 495 21.68 30.62 41.34
CA ALA C 495 20.90 29.42 41.06
C ALA C 495 19.90 29.14 42.18
N GLU C 496 18.87 28.37 41.84
CA GLU C 496 17.87 27.93 42.80
C GLU C 496 18.14 26.54 43.35
N LYS C 497 18.79 25.67 42.58
CA LYS C 497 19.07 24.32 43.03
C LYS C 497 20.23 24.30 44.00
N ALA C 498 20.10 23.53 45.08
CA ALA C 498 21.17 23.38 46.04
C ALA C 498 22.22 22.40 45.54
N GLN C 499 23.41 22.50 46.12
CA GLN C 499 24.50 21.62 45.77
C GLN C 499 25.46 21.53 46.95
N THR C 500 26.35 20.54 46.91
CA THR C 500 27.31 20.30 47.97
C THR C 500 28.72 20.49 47.44
N LYS C 501 29.49 21.35 48.10
CA LYS C 501 30.88 21.59 47.76
C LYS C 501 31.76 21.07 48.88
N CYS C 502 32.79 20.30 48.53
CA CYS C 502 33.69 19.69 49.49
C CYS C 502 35.10 20.20 49.28
N TYR C 503 35.83 20.39 50.39
CA TYR C 503 37.22 20.81 50.37
C TYR C 503 38.01 19.87 51.27
N LYS C 504 39.03 19.23 50.73
CA LYS C 504 39.85 18.30 51.48
C LYS C 504 41.31 18.75 51.46
N HIS C 505 41.99 18.53 52.58
CA HIS C 505 43.39 18.91 52.75
C HIS C 505 44.10 17.80 53.50
N ARG C 506 45.14 17.24 52.89
CA ARG C 506 46.02 16.20 53.45
C ARG C 506 45.19 14.93 53.70
N LYS C 507 45.24 14.34 54.89
CA LYS C 507 44.73 13.00 55.15
C LYS C 507 43.45 13.05 55.96
N THR C 508 42.37 12.49 55.42
CA THR C 508 41.07 12.46 56.09
C THR C 508 40.46 11.06 55.94
N SER C 509 41.22 10.04 56.30
CA SER C 509 40.74 8.66 56.21
C SER C 509 39.96 8.33 57.49
N CYS C 510 38.65 8.19 57.36
CA CYS C 510 37.78 7.92 58.50
C CYS C 510 37.57 6.43 58.76
N ASN C 511 38.11 5.55 57.92
CA ASN C 511 37.91 4.12 58.10
C ASN C 511 39.00 3.47 58.92
N VAL C 512 39.99 4.23 59.40
CA VAL C 512 41.03 3.71 60.28
C VAL C 512 40.65 4.09 61.71
N PHE C 513 40.43 3.08 62.55
CA PHE C 513 39.82 3.32 63.85
C PHE C 513 40.80 3.88 64.87
N ASN C 514 42.10 3.63 64.70
CA ASN C 514 43.08 4.15 65.66
C ASN C 514 43.44 5.61 65.41
N GLN C 515 42.96 6.21 64.32
CA GLN C 515 43.17 7.63 64.11
C GLN C 515 42.28 8.44 65.04
N LYS C 516 42.60 9.72 65.15
CA LYS C 516 41.90 10.66 66.03
C LYS C 516 41.10 11.60 65.14
N ILE C 517 39.88 11.18 64.80
CA ILE C 517 39.02 11.90 63.87
C ILE C 517 37.94 12.60 64.66
N ASP C 518 37.82 13.91 64.47
CA ASP C 518 36.79 14.72 65.12
C ASP C 518 35.81 15.22 64.07
N TYR C 519 34.56 15.44 64.50
CA TYR C 519 33.50 15.81 63.57
C TYR C 519 32.46 16.66 64.30
N ALA C 520 31.92 17.65 63.59
CA ALA C 520 30.84 18.48 64.12
C ALA C 520 30.05 19.16 63.00
N PRO C 521 28.73 19.03 62.99
CA PRO C 521 27.92 19.81 62.05
C PRO C 521 27.49 21.13 62.68
N VAL C 522 27.10 22.06 61.81
CA VAL C 522 26.49 23.31 62.23
C VAL C 522 25.61 23.81 61.09
N GLU C 523 24.55 24.53 61.44
CA GLU C 523 23.62 25.08 60.46
C GLU C 523 23.69 26.60 60.48
N VAL C 524 23.52 27.21 59.32
CA VAL C 524 23.60 28.66 59.16
C VAL C 524 22.24 29.15 58.67
N SER C 525 21.66 30.09 59.41
CA SER C 525 20.39 30.69 59.06
C SER C 525 20.63 31.85 58.09
N THR C 526 20.14 31.70 56.86
CA THR C 526 20.29 32.71 55.83
C THR C 526 18.92 33.24 55.41
N ARG C 527 18.94 34.22 54.49
CA ARG C 527 17.72 34.77 53.94
C ARG C 527 16.98 33.77 53.07
N TYR C 528 17.70 32.84 52.44
CA TYR C 528 17.10 31.87 51.51
C TYR C 528 17.06 30.47 52.09
N GLY C 529 17.06 30.33 53.41
CA GLY C 529 16.98 29.02 54.03
C GLY C 529 18.14 28.69 54.94
N ILE C 530 18.47 27.40 55.03
CA ILE C 530 19.49 26.90 55.95
C ILE C 530 20.69 26.44 55.14
N LEU C 531 21.87 26.90 55.54
CA LEU C 531 23.13 26.40 54.98
C LEU C 531 23.79 25.51 56.02
N GLY C 532 24.37 24.40 55.56
CA GLY C 532 24.96 23.44 56.47
C GLY C 532 26.45 23.23 56.29
N VAL C 533 27.20 23.22 57.39
CA VAL C 533 28.64 23.02 57.38
C VAL C 533 28.96 21.76 58.15
N LYS C 534 29.75 20.87 57.54
CA LYS C 534 30.27 19.69 58.19
C LYS C 534 31.80 19.76 58.18
N VAL C 535 32.42 19.53 59.34
CA VAL C 535 33.86 19.67 59.50
C VAL C 535 34.43 18.35 60.00
N TRP C 536 35.41 17.82 59.28
CA TRP C 536 36.23 16.70 59.74
C TRP C 536 37.65 17.19 59.96
N ILE C 537 38.28 16.75 61.05
CA ILE C 537 39.65 17.12 61.33
C ILE C 537 40.35 15.94 62.02
N SER C 538 41.58 15.66 61.58
CA SER C 538 42.36 14.55 62.10
C SER C 538 43.57 15.08 62.86
N TYR C 539 43.77 14.56 64.07
CA TYR C 539 44.89 14.95 64.92
C TYR C 539 45.87 13.79 65.05
N SER C 540 47.14 14.13 65.23
CA SER C 540 48.19 13.12 65.36
C SER C 540 48.47 12.81 66.83
N LEU D 17 25.01 65.88 38.96
CA LEU D 17 25.70 66.53 37.85
C LEU D 17 27.14 66.07 37.70
N ARG D 18 28.04 66.72 38.42
CA ARG D 18 29.46 66.59 38.16
C ARG D 18 30.25 65.86 39.25
N PHE D 19 29.88 65.95 40.53
CA PHE D 19 30.58 65.14 41.52
C PHE D 19 30.30 63.65 41.34
N GLN D 20 29.13 63.30 40.82
CA GLN D 20 28.79 61.90 40.60
C GLN D 20 29.69 61.21 39.60
N THR D 21 30.35 61.98 38.72
CA THR D 21 31.30 61.41 37.77
C THR D 21 32.51 60.80 38.46
N CYS D 22 32.79 61.22 39.71
CA CYS D 22 33.82 60.56 40.50
C CYS D 22 33.45 59.12 40.83
N ARG D 23 32.16 58.84 41.04
CA ARG D 23 31.74 57.46 41.28
C ARG D 23 31.90 56.61 40.03
N LEU D 24 31.75 57.21 38.85
CA LEU D 24 31.93 56.47 37.62
C LEU D 24 33.40 56.20 37.33
N LEU D 25 34.27 57.16 37.66
CA LEU D 25 35.68 57.08 37.29
C LEU D 25 36.58 56.74 38.48
N LEU D 26 36.03 56.59 39.67
CA LEU D 26 36.70 56.05 40.86
C LEU D 26 37.88 56.90 41.30
N GLY D 27 37.78 58.20 41.10
CA GLY D 27 38.81 59.13 41.52
C GLY D 27 38.26 60.54 41.40
N ASN D 28 39.03 61.49 41.92
CA ASN D 28 38.59 62.89 41.94
C ASN D 28 38.82 63.50 40.57
N VAL D 29 37.80 63.41 39.72
CA VAL D 29 37.78 64.10 38.45
C VAL D 29 37.03 65.42 38.54
N TRP D 30 36.22 65.60 39.58
CA TRP D 30 35.57 66.86 39.86
C TRP D 30 36.60 67.82 40.45
N ASN D 31 36.48 69.10 40.14
CA ASN D 31 37.49 70.05 40.58
C ASN D 31 36.86 71.23 41.31
N ARG D 32 35.94 70.94 42.21
CA ARG D 32 35.40 71.93 43.13
C ARG D 32 35.71 71.49 44.56
N GLU D 33 35.20 72.25 45.52
CA GLU D 33 35.52 71.98 46.91
C GLU D 33 34.68 70.83 47.44
N LEU D 34 35.35 69.84 48.03
CA LEU D 34 34.68 68.67 48.56
C LEU D 34 34.22 68.89 49.99
N THR D 35 33.05 68.36 50.30
CA THR D 35 32.54 68.36 51.67
C THR D 35 33.18 67.21 52.45
N ILE D 36 32.81 67.09 53.72
CA ILE D 36 33.27 65.95 54.52
C ILE D 36 32.68 64.66 53.97
N ILE D 37 31.40 64.71 53.60
CA ILE D 37 30.70 63.55 53.08
C ILE D 37 31.30 63.08 51.76
N GLN D 38 31.66 64.04 50.90
CA GLN D 38 32.26 63.68 49.62
C GLN D 38 33.66 63.10 49.77
N ARG D 39 34.42 63.56 50.76
CA ARG D 39 35.71 62.95 51.06
C ARG D 39 35.55 61.54 51.60
N ARG D 40 34.53 61.32 52.42
CA ARG D 40 34.24 59.99 52.92
C ARG D 40 33.81 59.05 51.80
N ILE D 41 33.10 59.57 50.80
CA ILE D 41 32.74 58.77 49.63
C ILE D 41 33.99 58.47 48.79
N LEU D 42 34.87 59.47 48.63
CA LEU D 42 36.08 59.29 47.84
C LEU D 42 37.04 58.27 48.44
N ARG D 43 37.04 58.13 49.77
CA ARG D 43 37.85 57.08 50.40
C ARG D 43 37.41 55.70 49.92
N ARG D 44 36.09 55.45 49.90
CA ARG D 44 35.57 54.17 49.45
C ARG D 44 35.77 53.97 47.95
N LEU D 45 35.64 55.05 47.17
CA LEU D 45 35.87 54.97 45.73
C LEU D 45 37.31 54.62 45.41
N ARG D 46 38.26 55.22 46.13
CA ARG D 46 39.66 54.91 45.89
C ARG D 46 40.02 53.52 46.39
N ASN D 47 39.33 53.02 47.41
CA ASN D 47 39.47 51.62 47.79
C ASN D 47 39.01 50.70 46.67
N ARG D 48 37.89 51.04 46.02
CA ARG D 48 37.41 50.28 44.88
C ARG D 48 38.40 50.29 43.74
N LYS D 49 39.00 51.45 43.47
CA LYS D 49 39.99 51.55 42.41
C LYS D 49 41.24 50.73 42.72
N ARG D 50 41.64 50.69 44.00
CA ARG D 50 42.76 49.83 44.37
C ARG D 50 42.43 48.35 44.22
N SER D 51 41.22 47.93 44.59
CA SER D 51 40.88 46.52 44.48
C SER D 51 40.70 46.10 43.03
N ILE D 52 40.28 47.03 42.15
CA ILE D 52 40.16 46.70 40.74
C ILE D 52 41.54 46.54 40.10
N LYS D 53 42.51 47.38 40.48
CA LYS D 53 43.84 47.30 39.90
C LYS D 53 44.55 46.00 40.27
N LYS D 54 44.30 45.46 41.46
CA LYS D 54 44.82 44.14 41.81
C LYS D 54 44.14 43.02 41.03
N ARG D 55 42.90 43.24 40.63
CA ARG D 55 42.03 42.25 40.00
C ARG D 55 42.29 42.12 38.50
N LYS D 56 43.15 42.96 37.92
CA LYS D 56 43.32 43.06 36.47
C LYS D 56 43.91 41.79 35.85
N ILE D 57 44.57 40.95 36.64
CA ILE D 57 45.16 39.73 36.12
C ILE D 57 44.08 38.76 35.65
N TYR D 58 42.90 38.83 36.26
CA TYR D 58 41.82 37.89 35.97
C TYR D 58 40.64 38.54 35.24
N SER D 59 40.91 39.54 34.41
CA SER D 59 39.87 40.25 33.67
C SER D 59 40.13 40.14 32.18
N LYS D 60 39.19 39.55 31.45
CA LYS D 60 39.29 39.40 30.01
C LYS D 60 39.02 40.69 29.27
N LYS D 61 38.22 41.57 29.85
CA LYS D 61 37.77 42.79 29.21
C LYS D 61 38.51 44.02 29.72
N TYR D 62 39.71 43.83 30.29
CA TYR D 62 40.39 44.93 30.97
C TYR D 62 40.96 45.95 30.00
N LEU D 63 41.65 45.49 28.96
CA LEU D 63 42.31 46.42 28.06
C LEU D 63 41.36 47.00 27.03
N THR D 64 40.65 46.14 26.31
CA THR D 64 39.92 46.60 25.14
C THR D 64 38.64 47.35 25.49
N SER D 65 38.04 47.08 26.64
CA SER D 65 36.79 47.74 26.95
C SER D 65 36.87 48.65 28.15
N TYR D 66 37.46 48.19 29.26
CA TYR D 66 37.38 48.95 30.51
C TYR D 66 38.28 50.17 30.49
N ILE D 67 39.58 49.96 30.32
CA ILE D 67 40.56 51.04 30.41
C ILE D 67 40.34 52.07 29.30
N GLN D 68 40.00 51.60 28.10
CA GLN D 68 39.79 52.52 26.99
C GLN D 68 38.55 53.40 27.21
N LEU D 69 37.48 52.82 27.74
CA LEU D 69 36.30 53.62 28.04
C LEU D 69 36.56 54.62 29.15
N GLN D 70 37.31 54.22 30.18
CA GLN D 70 37.62 55.16 31.26
C GLN D 70 38.52 56.29 30.78
N THR D 71 39.51 55.98 29.94
CA THR D 71 40.40 57.00 29.40
C THR D 71 39.65 57.97 28.49
N THR D 72 38.74 57.46 27.67
CA THR D 72 37.94 58.33 26.82
C THR D 72 37.01 59.21 27.64
N ARG D 73 36.44 58.67 28.73
CA ARG D 73 35.63 59.49 29.62
C ARG D 73 36.46 60.60 30.29
N LYS D 74 37.67 60.26 30.74
CA LYS D 74 38.54 61.25 31.36
C LYS D 74 38.95 62.34 30.37
N LEU D 75 39.26 61.96 29.14
CA LEU D 75 39.59 62.92 28.10
C LEU D 75 38.41 63.82 27.76
N SER D 76 37.20 63.27 27.77
CA SER D 76 36.03 64.10 27.52
C SER D 76 35.81 65.11 28.65
N LEU D 77 36.01 64.68 29.89
CA LEU D 77 35.92 65.60 31.02
C LEU D 77 37.01 66.66 30.98
N PHE D 78 38.21 66.28 30.53
CA PHE D 78 39.36 67.16 30.50
C PHE D 78 39.15 68.32 29.53
N TYR D 79 38.53 68.05 28.38
CA TYR D 79 38.30 69.04 27.34
C TYR D 79 36.91 69.65 27.41
N GLY D 80 36.31 69.72 28.59
CA GLY D 80 35.04 70.38 28.77
C GLY D 80 33.83 69.70 28.17
N ASP D 81 33.69 68.39 28.42
CA ASP D 81 32.53 67.58 28.02
C ASP D 81 32.32 67.60 26.51
N LEU D 82 33.36 67.37 25.79
CA LEU D 82 33.25 67.27 24.35
C LEU D 82 33.05 65.81 23.93
N PRO D 83 32.37 65.57 22.82
CA PRO D 83 32.25 64.18 22.34
C PRO D 83 33.52 63.68 21.67
N ILE D 84 34.48 63.21 22.48
CA ILE D 84 35.81 62.86 22.00
C ILE D 84 35.78 61.67 21.05
N THR D 85 35.00 60.64 21.40
CA THR D 85 34.87 59.47 20.53
C THR D 85 34.26 59.85 19.19
N GLU D 86 33.24 60.69 19.21
CA GLU D 86 32.54 61.07 17.99
C GLU D 86 33.44 61.89 17.07
N MET D 87 34.12 62.89 17.63
CA MET D 87 34.97 63.75 16.81
C MET D 87 36.20 63.00 16.32
N HIS D 88 36.75 62.11 17.13
CA HIS D 88 37.87 61.30 16.65
C HIS D 88 37.44 60.30 15.59
N ARG D 89 36.23 59.75 15.70
CA ARG D 89 35.71 58.88 14.67
C ARG D 89 35.40 59.63 13.39
N GLY D 90 35.16 60.94 13.48
CA GLY D 90 35.04 61.75 12.27
C GLY D 90 36.28 61.68 11.40
N THR D 91 37.45 61.75 12.02
CA THR D 91 38.67 61.41 11.30
C THR D 91 38.79 59.90 11.19
N LYS D 92 39.63 59.44 10.28
CA LYS D 92 39.78 58.02 10.06
C LYS D 92 41.05 57.46 10.69
N ARG D 93 41.73 58.23 11.53
CA ARG D 93 43.00 57.82 12.10
C ARG D 93 42.75 56.99 13.36
N THR D 94 43.58 55.96 13.57
CA THR D 94 43.45 55.16 14.78
C THR D 94 43.99 55.88 16.01
N SER D 95 45.19 56.45 15.91
CA SER D 95 45.79 57.08 17.06
C SER D 95 45.20 58.46 17.30
N TYR D 96 45.22 58.87 18.57
CA TYR D 96 44.67 60.15 18.98
C TYR D 96 45.69 61.29 18.93
N ILE D 97 46.94 61.00 18.52
CA ILE D 97 47.99 62.04 18.55
C ILE D 97 47.69 63.24 17.66
N PRO D 98 47.35 63.10 16.36
CA PRO D 98 47.04 64.33 15.60
C PRO D 98 45.75 64.99 16.03
N PHE D 99 44.77 64.20 16.47
CA PHE D 99 43.52 64.73 17.00
C PHE D 99 43.75 65.55 18.26
N LEU D 100 44.57 65.04 19.18
CA LEU D 100 44.81 65.78 20.43
C LEU D 100 45.71 66.99 20.21
N LEU D 101 46.69 66.89 19.30
CA LEU D 101 47.51 68.05 18.97
C LEU D 101 46.68 69.13 18.31
N ASN D 102 45.70 68.75 17.50
CA ASN D 102 44.80 69.73 16.92
C ASN D 102 43.88 70.35 17.97
N LEU D 103 43.50 69.58 19.00
CA LEU D 103 42.66 70.11 20.06
C LEU D 103 43.39 71.15 20.91
N GLU D 104 44.71 71.01 21.04
CA GLU D 104 45.48 71.92 21.86
C GLU D 104 45.59 73.32 21.26
N THR D 105 45.32 73.45 19.96
CA THR D 105 45.38 74.74 19.26
C THR D 105 44.02 75.43 19.20
N ARG D 106 43.01 74.89 19.87
CA ARG D 106 41.72 75.54 19.95
C ARG D 106 41.82 76.80 20.81
N PHE D 107 40.85 77.68 20.65
CA PHE D 107 40.93 78.99 21.28
C PHE D 107 40.52 78.93 22.76
N ASP D 108 39.49 78.14 23.08
CA ASP D 108 39.11 77.94 24.47
C ASP D 108 40.13 77.10 25.24
N VAL D 109 40.69 76.08 24.59
CA VAL D 109 41.74 75.27 25.20
C VAL D 109 42.97 76.11 25.53
N ILE D 110 43.40 76.95 24.57
CA ILE D 110 44.56 77.81 24.78
C ILE D 110 44.28 78.82 25.89
N LEU D 111 43.06 79.37 25.93
CA LEU D 111 42.72 80.30 27.00
C LEU D 111 42.74 79.63 28.38
N LEU D 112 42.46 78.32 28.44
CA LEU D 112 42.72 77.58 29.67
C LEU D 112 44.21 77.37 29.94
N ARG D 113 45.00 77.07 28.90
CA ARG D 113 46.41 76.78 29.07
C ARG D 113 47.20 78.01 29.52
N LEU D 114 46.81 79.20 29.06
CA LEU D 114 47.49 80.43 29.47
C LEU D 114 47.17 80.84 30.89
N HIS D 115 46.24 80.16 31.55
CA HIS D 115 45.73 80.48 32.89
C HIS D 115 45.09 81.87 32.93
N PHE D 116 44.53 82.32 31.81
CA PHE D 116 43.74 83.54 31.83
C PHE D 116 42.36 83.29 32.43
N LEU D 117 41.93 82.03 32.45
CA LEU D 117 40.64 81.63 33.00
C LEU D 117 40.81 80.28 33.68
N GLU D 118 39.83 79.89 34.46
CA GLU D 118 39.95 78.72 35.34
C GLU D 118 39.47 77.42 34.71
N THR D 119 38.38 77.43 33.95
CA THR D 119 37.84 76.22 33.35
C THR D 119 37.54 76.47 31.88
N ILE D 120 37.38 75.36 31.14
CA ILE D 120 36.92 75.46 29.74
C ILE D 120 35.55 76.10 29.61
N PRO D 121 34.52 75.79 30.43
CA PRO D 121 33.25 76.52 30.30
C PRO D 121 33.33 78.02 30.52
N GLN D 122 34.22 78.49 31.39
CA GLN D 122 34.45 79.94 31.52
C GLN D 122 34.97 80.53 30.23
N ALA D 123 35.92 79.85 29.60
CA ALA D 123 36.50 80.33 28.36
C ALA D 123 35.46 80.34 27.24
N ARG D 124 34.63 79.30 27.17
CA ARG D 124 33.58 79.27 26.16
C ARG D 124 32.54 80.37 26.37
N GLN D 125 32.19 80.64 27.63
CA GLN D 125 31.28 81.75 27.93
C GLN D 125 31.88 83.09 27.54
N LEU D 126 33.18 83.29 27.80
CA LEU D 126 33.82 84.56 27.45
C LEU D 126 33.95 84.73 25.94
N ILE D 127 34.29 83.67 25.22
CA ILE D 127 34.44 83.78 23.77
C ILE D 127 33.08 83.96 23.11
N SER D 128 32.09 83.19 23.54
CA SER D 128 30.75 83.26 22.97
C SER D 128 30.09 84.61 23.19
N HIS D 129 30.35 85.23 24.33
CA HIS D 129 29.74 86.51 24.68
C HIS D 129 30.48 87.70 24.11
N ARG D 130 31.39 87.46 23.15
CA ARG D 130 32.09 88.49 22.38
C ARG D 130 32.96 89.38 23.26
N ARG D 131 33.91 88.74 23.97
CA ARG D 131 34.73 89.47 24.92
C ARG D 131 36.21 89.13 24.89
N VAL D 132 36.69 88.36 23.93
CA VAL D 132 38.11 88.07 23.80
C VAL D 132 38.48 88.35 22.35
N CYS D 133 39.66 88.93 22.12
CA CYS D 133 40.09 89.29 20.78
C CYS D 133 41.23 88.42 20.31
N VAL D 134 41.29 88.21 19.00
CA VAL D 134 42.44 87.59 18.33
C VAL D 134 42.93 88.59 17.28
N ASN D 135 44.20 89.00 17.41
CA ASN D 135 44.82 90.02 16.57
C ASN D 135 44.00 91.31 16.53
N LYS D 136 43.49 91.70 17.71
CA LYS D 136 42.73 92.90 18.05
C LYS D 136 41.31 92.89 17.49
N GLY D 137 40.95 91.92 16.67
CA GLY D 137 39.56 91.74 16.25
C GLY D 137 38.85 90.78 17.18
N MET D 138 37.59 91.10 17.47
CA MET D 138 36.76 90.21 18.27
C MET D 138 36.48 88.92 17.51
N VAL D 139 36.74 87.79 18.15
CA VAL D 139 36.47 86.47 17.59
C VAL D 139 35.61 85.73 18.58
N SER D 140 34.43 85.31 18.14
CA SER D 140 33.48 84.62 19.01
C SER D 140 33.32 83.14 18.64
N ILE D 141 34.34 82.54 18.03
CA ILE D 141 34.33 81.15 17.61
C ILE D 141 35.13 80.35 18.63
N THR D 142 34.44 79.52 19.41
CA THR D 142 35.10 78.80 20.50
C THR D 142 36.03 77.70 20.01
N HIS D 143 35.80 77.17 18.81
CA HIS D 143 36.61 76.08 18.27
C HIS D 143 37.67 76.55 17.28
N LEU D 144 37.93 77.85 17.25
CA LEU D 144 38.87 78.44 16.31
C LEU D 144 40.29 77.94 16.56
N LYS D 145 41.02 77.67 15.49
CA LYS D 145 42.38 77.18 15.60
C LYS D 145 43.36 78.35 15.46
N LEU D 146 44.26 78.47 16.41
CA LEU D 146 45.27 79.52 16.42
C LEU D 146 46.58 78.93 15.93
N SER D 147 47.13 79.51 14.89
CA SER D 147 48.42 79.07 14.37
C SER D 147 49.49 80.01 14.92
N HIS D 148 50.76 79.73 14.66
CA HIS D 148 51.83 80.51 15.25
C HIS D 148 51.89 81.88 14.60
N GLY D 149 51.86 82.92 15.43
CA GLY D 149 51.79 84.30 14.99
C GLY D 149 50.57 85.03 15.48
N ASP D 150 49.64 84.34 16.14
CA ASP D 150 48.40 84.95 16.58
C ASP D 150 48.57 85.64 17.94
N ILE D 151 47.92 86.80 18.08
CA ILE D 151 48.03 87.63 19.27
C ILE D 151 46.68 87.64 19.98
N ILE D 152 46.69 87.31 21.26
CA ILE D 152 45.46 87.13 22.05
C ILE D 152 45.41 88.22 23.11
N SER D 153 44.26 88.88 23.23
CA SER D 153 44.08 89.92 24.23
C SER D 153 42.62 89.97 24.62
N PHE D 154 42.32 90.80 25.61
CA PHE D 154 40.95 91.03 26.07
C PHE D 154 40.51 92.44 25.71
N GLN D 155 39.24 92.72 25.97
CA GLN D 155 38.70 94.04 25.72
C GLN D 155 39.23 95.02 26.77
N GLU D 156 39.24 96.30 26.38
CA GLU D 156 39.83 97.34 27.22
C GLU D 156 39.03 97.54 28.51
N ASN D 157 37.71 97.49 28.43
CA ASN D 157 36.88 97.57 29.62
C ASN D 157 36.77 96.23 30.36
N ASN D 158 37.30 95.15 29.78
CA ASN D 158 37.21 93.83 30.38
C ASN D 158 38.52 93.39 31.02
N ALA D 159 39.65 93.99 30.62
CA ALA D 159 40.96 93.48 31.01
C ALA D 159 41.29 93.73 32.48
N ILE D 160 40.69 94.72 33.13
CA ILE D 160 41.04 94.97 34.53
C ILE D 160 40.48 93.88 35.45
N ILE D 161 39.25 93.43 35.20
CA ILE D 161 38.69 92.34 35.97
C ILE D 161 39.45 91.05 35.69
N ARG D 162 39.91 90.87 34.45
CA ARG D 162 40.72 89.71 34.13
C ARG D 162 42.06 89.75 34.84
N GLY D 163 42.68 90.92 34.95
CA GLY D 163 43.93 91.01 35.69
C GLY D 163 43.76 90.74 37.17
N GLU D 164 42.67 91.24 37.76
CA GLU D 164 42.38 90.96 39.16
C GLU D 164 42.13 89.47 39.39
N GLU D 165 41.36 88.85 38.50
CA GLU D 165 41.06 87.43 38.66
C GLU D 165 42.28 86.56 38.39
N ILE D 166 43.19 87.02 37.53
CA ILE D 166 44.41 86.26 37.28
C ILE D 166 45.34 86.33 38.49
N ARG D 167 45.45 87.51 39.09
CA ARG D 167 46.21 87.62 40.35
C ARG D 167 45.60 86.77 41.46
N ARG D 168 44.27 86.80 41.59
CA ARG D 168 43.62 85.99 42.60
C ARG D 168 43.81 84.51 42.35
N SER D 169 43.74 84.08 41.08
CA SER D 169 43.98 82.69 40.75
C SER D 169 45.39 82.27 41.10
N PHE D 170 46.38 83.11 40.82
CA PHE D 170 47.76 82.74 41.11
C PHE D 170 48.07 82.76 42.61
N TYR D 171 47.57 83.76 43.34
CA TYR D 171 47.93 83.85 44.75
C TYR D 171 47.10 82.91 45.63
N LYS D 172 45.83 82.72 45.33
CA LYS D 172 45.11 81.63 45.97
C LYS D 172 45.52 80.28 45.44
N GLU D 173 46.17 80.19 44.27
CA GLU D 173 46.80 78.97 43.81
C GLU D 173 48.01 78.60 44.66
N ILE D 174 48.89 79.56 44.93
CA ILE D 174 50.03 79.24 45.79
C ILE D 174 49.57 78.96 47.21
N LEU D 175 48.56 79.69 47.69
CA LEU D 175 48.12 79.49 49.06
C LEU D 175 47.29 78.21 49.22
N VAL D 176 46.57 77.80 48.19
CA VAL D 176 45.69 76.65 48.27
C VAL D 176 46.33 75.37 47.72
N GLU D 177 47.41 75.47 46.95
CA GLU D 177 48.14 74.28 46.54
C GLU D 177 49.52 74.19 47.18
N LYS D 178 50.33 75.24 47.06
CA LYS D 178 51.72 75.15 47.49
C LYS D 178 51.91 75.31 48.97
N ILE D 179 50.90 75.77 49.70
CA ILE D 179 51.04 75.97 51.13
C ILE D 179 50.27 74.91 51.93
N ILE D 180 49.20 74.32 51.40
CA ILE D 180 48.46 73.38 52.24
C ILE D 180 49.19 72.05 52.31
N GLY D 181 49.90 71.67 51.26
CA GLY D 181 50.30 70.28 51.19
C GLY D 181 51.78 70.17 51.35
N LYS D 182 52.47 71.29 51.14
CA LYS D 182 53.92 71.34 51.24
C LYS D 182 54.24 71.75 52.67
N LEU D 183 54.62 70.76 53.48
CA LEU D 183 55.10 70.87 54.86
C LEU D 183 54.05 71.42 55.84
N LEU D 184 52.82 71.67 55.40
CA LEU D 184 51.75 72.15 56.27
C LEU D 184 50.55 71.24 56.16
N HIS D 185 50.81 69.94 56.13
CA HIS D 185 49.80 68.91 55.95
C HIS D 185 48.88 68.88 57.17
N GLN D 186 47.98 69.84 57.23
CA GLN D 186 47.12 70.02 58.38
C GLN D 186 45.79 69.30 58.17
N PRO D 187 45.13 68.91 59.26
CA PRO D 187 43.76 68.41 59.15
C PRO D 187 42.83 69.45 58.57
N LEU D 188 41.74 68.95 57.97
CA LEU D 188 40.88 69.75 57.12
C LEU D 188 40.23 70.91 57.86
N ARG D 189 39.65 70.66 59.02
CA ARG D 189 38.86 71.68 59.69
C ARG D 189 39.75 72.77 60.25
N MET D 190 40.91 72.39 60.80
CA MET D 190 41.77 73.41 61.38
C MET D 190 42.55 74.14 60.30
N TRP D 191 42.81 73.51 59.15
CA TRP D 191 43.35 74.26 58.03
C TRP D 191 42.33 75.21 57.43
N ARG D 192 41.06 74.82 57.42
CA ARG D 192 40.01 75.72 56.98
C ARG D 192 39.85 76.91 57.91
N ARG D 193 40.03 76.70 59.21
CA ARG D 193 40.06 77.84 60.13
C ARG D 193 41.34 78.66 59.94
N SER D 194 42.44 78.02 59.58
CA SER D 194 43.71 78.70 59.37
C SER D 194 43.73 79.53 58.08
N LYS D 195 42.91 79.18 57.09
CA LYS D 195 42.94 79.86 55.79
C LYS D 195 42.44 81.29 55.86
N THR D 196 41.64 81.64 56.87
CA THR D 196 41.19 83.02 57.01
C THR D 196 42.36 83.96 57.27
N GLU D 197 43.27 83.57 58.16
CA GLU D 197 44.46 84.36 58.44
C GLU D 197 45.38 84.43 57.24
N TRP D 198 45.43 83.37 56.44
CA TRP D 198 46.24 83.42 55.23
C TRP D 198 45.57 84.26 54.15
N PHE D 199 44.24 84.31 54.12
CA PHE D 199 43.54 85.14 53.15
C PHE D 199 43.62 86.61 53.48
N HIS D 200 43.66 86.96 54.78
CA HIS D 200 43.80 88.36 55.17
C HIS D 200 45.13 88.96 54.72
N LEU D 201 46.19 88.15 54.69
CA LEU D 201 47.47 88.66 54.28
C LEU D 201 47.50 88.99 52.78
N LEU D 202 46.71 88.28 51.98
CA LEU D 202 46.64 88.56 50.56
C LEU D 202 45.72 89.71 50.21
N LYS D 203 45.10 90.35 51.20
CA LYS D 203 44.19 91.46 50.92
C LYS D 203 44.90 92.67 50.35
N THR D 204 46.20 92.83 50.63
CA THR D 204 46.95 94.00 50.22
C THR D 204 48.11 93.60 49.33
N LYS D 205 48.57 94.56 48.53
CA LYS D 205 49.75 94.38 47.71
C LYS D 205 51.00 94.24 48.56
N ARG D 206 51.04 94.95 49.69
CA ARG D 206 52.17 94.83 50.61
C ARG D 206 52.25 93.44 51.21
N GLY D 207 51.10 92.84 51.53
CA GLY D 207 51.10 91.47 52.04
C GLY D 207 51.60 90.46 51.04
N CYS D 208 51.23 90.61 49.77
CA CYS D 208 51.73 89.71 48.75
C CYS D 208 53.22 89.89 48.52
N ARG D 209 53.71 91.14 48.53
CA ARG D 209 55.14 91.40 48.43
C ARG D 209 55.90 90.77 49.59
N LEU D 210 55.38 90.91 50.82
CA LEU D 210 56.08 90.37 51.97
C LEU D 210 55.97 88.85 52.08
N LEU D 211 54.90 88.26 51.57
CA LEU D 211 54.86 86.81 51.47
C LEU D 211 55.88 86.30 50.47
N LEU D 212 56.03 87.01 49.35
CA LEU D 212 57.03 86.61 48.35
C LEU D 212 58.44 86.71 48.92
N LYS D 213 58.72 87.78 49.66
CA LYS D 213 60.03 87.97 50.29
C LYS D 213 59.91 87.55 51.76
N SER D 214 60.03 86.25 51.98
CA SER D 214 59.87 85.68 53.31
C SER D 214 60.73 84.43 53.41
N ARG D 215 61.21 84.14 54.61
CA ARG D 215 62.02 82.95 54.80
C ARG D 215 61.17 81.68 54.87
N PHE D 216 59.86 81.84 55.11
CA PHE D 216 58.94 80.71 55.05
C PHE D 216 58.90 80.10 53.65
N LEU D 217 58.57 80.91 52.64
CA LEU D 217 58.55 80.38 51.28
C LEU D 217 59.93 80.04 50.78
N GLN D 218 60.98 80.66 51.34
CA GLN D 218 62.34 80.29 50.94
C GLN D 218 62.70 78.90 51.46
N GLN D 219 62.30 78.57 52.69
CA GLN D 219 62.48 77.22 53.18
C GLN D 219 61.64 76.21 52.41
N LEU D 220 60.40 76.59 52.06
CA LEU D 220 59.57 75.73 51.24
C LEU D 220 60.20 75.48 49.88
N ARG D 221 60.78 76.52 49.28
CA ARG D 221 61.46 76.41 48.00
C ARG D 221 62.68 75.51 48.08
N SER D 222 63.48 75.66 49.15
CA SER D 222 64.67 74.85 49.29
C SER D 222 64.33 73.38 49.50
N SER D 223 63.30 73.11 50.30
CA SER D 223 62.87 71.73 50.51
C SER D 223 62.32 71.13 49.22
N MET D 224 61.59 71.92 48.42
CA MET D 224 61.11 71.40 47.15
C MET D 224 62.25 71.20 46.15
N GLN D 225 63.29 72.02 46.23
CA GLN D 225 64.47 71.83 45.39
C GLN D 225 65.16 70.51 45.73
N GLU D 226 65.33 70.24 47.03
CA GLU D 226 65.95 68.98 47.45
C GLU D 226 65.07 67.78 47.10
N GLU D 227 63.76 67.96 47.22
CA GLU D 227 62.81 66.90 46.89
C GLU D 227 62.82 66.59 45.40
N ASP D 228 62.94 67.62 44.55
CA ASP D 228 63.05 67.39 43.11
C ASP D 228 64.39 66.78 42.76
N LEU D 229 65.43 67.10 43.53
CA LEU D 229 66.73 66.49 43.33
C LEU D 229 66.71 65.00 43.64
N GLU D 230 65.97 64.61 44.68
CA GLU D 230 65.93 63.21 45.07
C GLU D 230 65.19 62.36 44.05
N ARG D 231 64.15 62.91 43.43
CA ARG D 231 63.39 62.16 42.43
C ARG D 231 64.17 61.87 41.17
N THR D 232 65.25 62.62 40.90
CA THR D 232 66.07 62.35 39.74
C THR D 232 66.83 61.04 39.86
N LYS D 233 67.06 60.55 41.07
CA LYS D 233 67.81 59.31 41.30
C LYS D 233 67.03 58.07 40.84
N LYS D 234 65.73 58.20 40.61
CA LYS D 234 64.95 57.10 40.03
C LYS D 234 65.39 56.83 38.60
N PHE D 235 65.93 57.84 37.92
CA PHE D 235 66.51 57.69 36.60
C PHE D 235 67.99 57.30 36.65
N GLY D 236 68.51 57.00 37.82
CA GLY D 236 69.93 56.73 37.98
C GLY D 236 70.80 57.95 37.76
N SER D 237 70.40 59.11 38.29
CA SER D 237 71.15 60.35 38.10
C SER D 237 72.50 60.30 38.79
N GLU D 238 72.54 59.75 40.01
CA GLU D 238 73.78 59.69 40.76
C GLU D 238 74.80 58.76 40.11
N LYS D 239 74.33 57.76 39.36
CA LYS D 239 75.24 56.89 38.65
C LYS D 239 75.85 57.61 37.45
N VAL D 240 75.09 58.48 36.80
CA VAL D 240 75.66 59.32 35.76
C VAL D 240 76.65 60.33 36.35
N CYS D 241 76.35 60.85 37.54
CA CYS D 241 77.30 61.74 38.23
C CYS D 241 78.60 61.02 38.54
N LEU D 242 78.51 59.76 38.99
CA LEU D 242 79.72 58.98 39.22
C LEU D 242 80.45 58.67 37.92
N GLY D 243 79.71 58.38 36.85
CA GLY D 243 80.34 58.09 35.57
C GLY D 243 81.05 59.29 34.98
N SER D 244 80.52 60.48 35.20
CA SER D 244 81.21 61.71 34.80
C SER D 244 82.50 61.90 35.57
N SER D 245 82.50 61.57 36.86
CA SER D 245 83.59 61.85 37.78
C SER D 245 84.26 60.56 38.23
N PHE D 246 84.44 59.62 37.30
CA PHE D 246 85.00 58.33 37.68
C PHE D 246 86.47 58.43 38.03
N ALA D 247 87.23 59.22 37.26
CA ALA D 247 88.68 59.27 37.41
C ALA D 247 89.10 59.87 38.75
N GLU D 248 88.46 60.96 39.17
CA GLU D 248 88.84 61.58 40.43
C GLU D 248 88.32 60.82 41.64
N HIS D 249 87.16 60.17 41.51
CA HIS D 249 86.69 59.27 42.55
C HIS D 249 87.64 58.10 42.74
N LYS D 250 88.19 57.58 41.64
CA LYS D 250 89.22 56.55 41.77
C LYS D 250 90.50 57.13 42.38
N ARG D 251 90.88 58.34 41.96
CA ARG D 251 92.10 58.98 42.46
C ARG D 251 92.06 59.20 43.95
N MET D 252 90.87 59.41 44.51
CA MET D 252 90.73 59.45 45.96
C MET D 252 91.14 58.14 46.60
N LYS D 253 90.72 57.01 46.03
CA LYS D 253 91.11 55.71 46.55
C LYS D 253 92.59 55.42 46.33
N ARG D 254 93.16 55.85 45.19
CA ARG D 254 94.61 55.75 45.01
C ARG D 254 95.37 56.53 46.07
N ASN D 255 94.91 57.75 46.39
CA ASN D 255 95.56 58.54 47.41
C ASN D 255 95.46 57.88 48.78
N LEU D 256 94.29 57.32 49.10
CA LEU D 256 94.11 56.66 50.39
C LEU D 256 95.01 55.44 50.53
N LEU D 257 95.10 54.64 49.47
CA LEU D 257 95.93 53.44 49.51
C LEU D 257 97.41 53.79 49.53
N LYS D 258 97.81 54.83 48.79
CA LYS D 258 99.19 55.30 48.84
C LYS D 258 99.58 55.81 50.23
N SER D 259 98.70 56.59 50.86
CA SER D 259 99.01 57.10 52.19
C SER D 259 99.07 55.97 53.21
N LEU D 260 98.08 55.07 53.17
CA LEU D 260 98.03 53.95 54.10
C LEU D 260 99.07 52.88 53.79
N PHE D 261 99.78 52.98 52.67
CA PHE D 261 100.96 52.16 52.49
C PHE D 261 102.23 52.87 52.97
N LEU D 262 102.46 54.09 52.49
CA LEU D 262 103.72 54.78 52.74
C LEU D 262 103.86 55.21 54.19
N SER D 263 102.83 55.86 54.74
CA SER D 263 102.91 56.36 56.10
C SER D 263 102.54 55.30 57.13
N LYS D 264 102.47 54.04 56.74
CA LYS D 264 102.21 52.92 57.63
C LYS D 264 103.29 51.85 57.60
N ARG D 265 104.05 51.73 56.49
CA ARG D 265 105.09 50.70 56.41
C ARG D 265 106.18 50.89 57.45
N ARG D 266 106.41 52.11 57.92
CA ARG D 266 107.35 52.35 59.02
C ARG D 266 106.64 52.29 60.36
N PRO D 280 97.17 60.08 62.87
CA PRO D 280 96.20 59.23 62.19
C PRO D 280 95.02 60.06 61.69
N ILE D 281 95.12 61.38 61.87
CA ILE D 281 94.07 62.28 61.40
C ILE D 281 93.97 62.27 59.88
N VAL D 282 95.07 62.00 59.20
CA VAL D 282 95.05 61.85 57.74
C VAL D 282 94.22 60.64 57.34
N TYR D 283 94.40 59.52 58.03
CA TYR D 283 93.64 58.31 57.75
C TYR D 283 92.15 58.52 58.03
N ASN D 284 91.82 59.18 59.13
CA ASN D 284 90.43 59.42 59.46
C ASN D 284 89.78 60.39 58.48
N SER D 285 90.52 61.44 58.07
CA SER D 285 89.99 62.39 57.09
C SER D 285 89.77 61.74 55.74
N SER D 286 90.72 60.93 55.28
CA SER D 286 90.57 60.27 53.99
C SER D 286 89.45 59.23 54.04
N LEU D 287 89.32 58.52 55.16
CA LEU D 287 88.24 57.55 55.30
C LEU D 287 86.89 58.23 55.31
N SER D 288 86.78 59.36 56.01
CA SER D 288 85.52 60.11 56.05
C SER D 288 85.15 60.63 54.66
N LEU D 289 86.15 61.13 53.92
CA LEU D 289 85.87 61.65 52.58
C LEU D 289 85.46 60.53 51.62
N TYR D 290 86.19 59.41 51.63
CA TYR D 290 85.86 58.30 50.75
C TYR D 290 84.52 57.68 51.09
N SER D 291 84.20 57.56 52.38
CA SER D 291 82.90 57.03 52.77
C SER D 291 81.78 58.00 52.43
N ASN D 292 82.01 59.30 52.56
CA ASN D 292 81.00 60.27 52.15
C ASN D 292 80.75 60.20 50.65
N SER D 293 81.82 60.07 49.86
CA SER D 293 81.67 59.97 48.41
C SER D 293 80.99 58.66 48.00
N THR D 294 81.37 57.55 48.62
CA THR D 294 80.76 56.26 48.31
C THR D 294 79.30 56.23 48.69
N TYR D 295 78.94 56.86 49.81
CA TYR D 295 77.54 56.95 50.20
C TYR D 295 76.77 57.84 49.25
N CYS D 296 77.39 58.94 48.79
CA CYS D 296 76.67 59.87 47.91
C CYS D 296 76.49 59.29 46.51
N PHE D 297 77.39 58.41 46.08
CA PHE D 297 77.31 57.89 44.73
C PHE D 297 76.63 56.52 44.66
N ALA D 298 76.49 55.81 45.77
CA ALA D 298 75.96 54.45 45.74
C ALA D 298 74.63 54.28 46.45
N SER D 299 74.10 55.32 47.09
CA SER D 299 72.84 55.17 47.80
C SER D 299 71.67 55.13 46.84
N PRO D 300 70.77 54.16 46.96
CA PRO D 300 69.64 54.06 46.03
C PRO D 300 68.60 55.14 46.30
N HIS D 301 67.73 55.31 45.31
CA HIS D 301 66.65 56.28 45.39
C HIS D 301 65.65 55.91 46.47
N LYS D 302 65.21 56.90 47.23
CA LYS D 302 64.33 56.72 48.37
C LYS D 302 63.01 57.41 48.08
N LEU D 303 61.99 56.64 47.71
CA LEU D 303 60.66 57.16 47.45
C LEU D 303 59.87 57.09 48.75
N THR D 304 59.64 58.25 49.36
CA THR D 304 59.03 58.36 50.67
C THR D 304 57.52 58.16 50.60
N MET D 305 56.90 58.12 51.78
CA MET D 305 55.46 57.93 51.88
C MET D 305 54.69 59.17 51.43
N LYS D 306 55.27 60.34 51.64
CA LYS D 306 54.54 61.59 51.41
C LYS D 306 54.29 61.80 49.92
N ARG D 307 53.04 62.11 49.59
CA ARG D 307 52.64 62.24 48.20
C ARG D 307 53.24 63.49 47.57
N ARG D 308 53.57 63.38 46.30
CA ARG D 308 54.09 64.50 45.54
C ARG D 308 53.00 65.55 45.32
N ILE D 309 53.39 66.80 45.49
CA ILE D 309 52.51 67.95 45.23
C ILE D 309 52.39 68.13 43.72
N LYS D 310 51.18 68.35 43.24
CA LYS D 310 50.96 68.51 41.82
C LYS D 310 51.08 69.98 41.43
N ARG D 311 51.97 70.27 40.50
CA ARG D 311 52.33 71.63 40.14
C ARG D 311 51.60 72.09 38.89
N ILE D 312 51.26 73.38 38.88
CA ILE D 312 50.69 74.04 37.71
C ILE D 312 51.74 74.11 36.61
N GLU D 313 51.37 73.73 35.40
CA GLU D 313 52.26 73.80 34.26
C GLU D 313 52.10 75.15 33.55
N LEU D 314 53.18 75.59 32.92
CA LEU D 314 53.18 76.79 32.12
C LEU D 314 53.50 76.44 30.69
N PRO D 315 52.71 76.88 29.71
CA PRO D 315 52.85 76.44 28.32
C PRO D 315 53.91 77.17 27.51
N THR D 316 55.11 77.29 28.08
CA THR D 316 56.14 78.15 27.51
C THR D 316 56.83 77.56 26.30
N HIS D 317 56.52 76.31 25.94
CA HIS D 317 57.09 75.75 24.72
C HIS D 317 56.42 76.33 23.48
N TYR D 318 55.20 76.84 23.59
CA TYR D 318 54.56 77.43 22.42
C TYR D 318 53.68 78.64 22.69
N LEU D 319 53.59 79.14 23.92
CA LEU D 319 52.75 80.31 24.20
C LEU D 319 53.52 81.28 25.09
N GLU D 320 53.71 82.50 24.60
CA GLU D 320 54.47 83.54 25.30
C GLU D 320 53.49 84.56 25.89
N VAL D 321 53.53 84.71 27.21
CA VAL D 321 52.51 85.43 27.96
C VAL D 321 53.14 86.63 28.66
N ASN D 322 52.45 87.77 28.60
CA ASN D 322 52.76 88.93 29.43
C ASN D 322 51.55 89.18 30.33
N TYR D 323 51.65 88.82 31.60
CA TYR D 323 50.50 88.78 32.50
C TYR D 323 50.09 90.15 33.01
N ARG D 324 50.75 91.22 32.60
CA ARG D 324 50.41 92.55 33.11
C ARG D 324 49.11 93.07 32.50
N THR D 325 48.87 92.83 31.21
CA THR D 325 47.70 93.39 30.55
C THR D 325 46.41 92.57 30.74
N PRO D 326 46.37 91.23 30.53
CA PRO D 326 47.33 90.23 30.01
C PRO D 326 47.27 90.09 28.50
N LYS D 327 48.38 89.73 27.85
CA LYS D 327 48.39 89.45 26.42
C LYS D 327 49.26 88.24 26.19
N ALA D 328 49.08 87.61 25.03
CA ALA D 328 49.83 86.41 24.70
C ALA D 328 50.05 86.33 23.21
N VAL D 329 51.10 85.62 22.81
CA VAL D 329 51.43 85.38 21.40
C VAL D 329 51.74 83.91 21.23
N VAL D 330 51.11 83.27 20.23
CA VAL D 330 51.47 81.92 19.82
C VAL D 330 52.70 82.00 18.93
N PHE D 331 53.71 81.17 19.20
CA PHE D 331 54.89 81.17 18.37
C PHE D 331 55.36 79.78 17.93
N TYR D 332 54.66 78.73 18.31
CA TYR D 332 55.11 77.36 18.05
C TYR D 332 53.89 76.44 18.14
N GLY D 333 54.13 75.14 17.97
CA GLY D 333 53.09 74.15 18.12
C GLY D 333 53.13 73.40 19.44
N PRO D 334 52.00 72.82 19.82
CA PRO D 334 51.94 72.08 21.09
C PRO D 334 52.72 70.77 21.02
N ASN D 335 52.83 70.15 22.19
CA ASN D 335 53.60 68.92 22.36
C ASN D 335 52.70 67.85 22.95
N ILE D 336 52.83 66.63 22.46
CA ILE D 336 51.93 65.56 22.91
C ILE D 336 52.27 65.10 24.31
N GLY D 337 53.52 65.26 24.76
CA GLY D 337 53.89 64.89 26.10
C GLY D 337 53.71 65.96 27.16
N HIS D 338 53.29 67.16 26.78
CA HIS D 338 53.13 68.26 27.72
C HIS D 338 51.66 68.65 27.92
N ILE D 339 50.72 67.82 27.49
CA ILE D 339 49.31 68.10 27.76
C ILE D 339 49.03 67.77 29.22
N PRO D 340 48.53 68.72 30.01
CA PRO D 340 48.43 68.54 31.48
C PRO D 340 47.20 67.76 31.92
N HIS D 341 47.07 66.54 31.42
CA HIS D 341 46.03 65.63 31.89
C HIS D 341 46.60 64.79 33.03
N ASP D 342 45.71 64.39 33.94
CA ASP D 342 46.09 63.52 35.04
C ASP D 342 45.87 62.04 34.72
N ILE D 343 46.06 61.64 33.48
CA ILE D 343 45.92 60.26 33.06
C ILE D 343 47.31 59.63 33.02
N ARG D 344 47.42 58.37 33.44
CA ARG D 344 48.70 57.68 33.40
C ARG D 344 49.10 57.41 31.96
N LEU D 345 50.40 57.19 31.77
CA LEU D 345 50.93 56.95 30.43
C LEU D 345 50.53 55.60 29.89
N LYS D 346 50.48 54.57 30.73
CA LYS D 346 50.16 53.23 30.25
C LYS D 346 48.71 53.14 29.80
N ASP D 347 47.82 53.85 30.47
CA ASP D 347 46.42 53.86 30.06
C ASP D 347 46.24 54.65 28.78
N LEU D 348 46.84 55.84 28.71
CA LEU D 348 46.67 56.73 27.57
C LEU D 348 47.38 56.22 26.32
N ASN D 349 48.35 55.32 26.48
CA ASN D 349 49.04 54.72 25.34
C ASN D 349 48.10 53.86 24.50
N LEU D 350 47.00 53.39 25.09
CA LEU D 350 45.97 52.65 24.36
C LEU D 350 45.24 53.51 23.35
N LEU D 351 45.26 54.83 23.51
CA LEU D 351 44.71 55.75 22.52
C LEU D 351 45.77 56.42 21.69
N LEU D 352 46.88 56.84 22.29
CA LEU D 352 47.90 57.58 21.55
C LEU D 352 48.80 56.67 20.72
N TRP D 353 49.22 55.54 21.29
CA TRP D 353 50.21 54.63 20.70
C TRP D 353 51.51 55.38 20.39
N SER D 354 51.98 56.13 21.37
CA SER D 354 53.17 56.95 21.19
C SER D 354 54.42 56.19 21.62
N ARG D 355 55.45 56.28 20.79
CA ARG D 355 56.81 55.93 21.20
C ARG D 355 57.31 57.04 22.09
N ASN D 356 57.15 56.88 23.40
CA ASN D 356 57.53 57.94 24.32
C ASN D 356 59.02 57.83 24.66
N GLY D 357 59.62 58.97 24.94
CA GLY D 357 61.00 59.04 25.36
C GLY D 357 61.91 59.78 24.41
N ARG D 358 61.49 60.05 23.18
CA ARG D 358 62.31 60.75 22.22
C ARG D 358 62.04 62.25 22.18
N GLY D 359 61.02 62.73 22.88
CA GLY D 359 60.69 64.13 22.87
C GLY D 359 59.90 64.61 21.67
N GLN D 360 59.70 63.77 20.67
CA GLN D 360 59.01 64.16 19.45
C GLN D 360 57.50 63.96 19.60
N ASN D 361 56.73 64.52 18.67
CA ASN D 361 55.28 64.30 18.64
C ASN D 361 54.94 63.02 17.91
N ILE D 362 55.47 61.91 18.41
CA ILE D 362 55.30 60.60 17.83
C ILE D 362 54.70 59.67 18.88
N THR E 57 59.56 68.25 59.52
CA THR E 57 58.19 68.74 59.37
C THR E 57 58.01 70.12 60.02
N ILE E 58 56.81 70.68 59.92
CA ILE E 58 56.50 72.00 60.46
C ILE E 58 55.25 71.90 61.31
N SER E 59 55.33 72.40 62.55
CA SER E 59 54.20 72.42 63.46
C SER E 59 53.13 73.39 62.99
N PRO E 60 51.86 73.08 63.24
CA PRO E 60 50.79 74.06 62.92
C PRO E 60 50.86 75.32 63.78
N ALA E 61 51.34 75.21 65.02
CA ALA E 61 51.58 76.41 65.82
C ALA E 61 52.69 77.26 65.23
N GLU E 62 53.70 76.64 64.63
CA GLU E 62 54.74 77.38 63.92
C GLU E 62 54.17 78.09 62.70
N ALA E 63 53.21 77.48 62.00
CA ALA E 63 52.54 78.13 60.88
C ALA E 63 51.68 79.30 61.32
N ASP E 64 50.96 79.16 62.45
CA ASP E 64 50.22 80.29 62.99
C ASP E 64 51.16 81.42 63.42
N ARG E 65 52.31 81.06 63.99
CA ARG E 65 53.30 82.05 64.38
C ARG E 65 53.81 82.82 63.17
N VAL E 66 54.12 82.11 62.08
CA VAL E 66 54.69 82.80 60.93
C VAL E 66 53.63 83.62 60.19
N VAL E 67 52.36 83.19 60.17
CA VAL E 67 51.37 84.05 59.52
C VAL E 67 51.03 85.27 60.38
N ARG E 68 51.04 85.14 61.71
CA ARG E 68 50.83 86.30 62.56
C ARG E 68 52.02 87.26 62.47
N ASP E 69 53.23 86.71 62.37
CA ASP E 69 54.42 87.53 62.15
C ASP E 69 54.35 88.26 60.81
N LEU E 70 53.80 87.61 59.78
CA LEU E 70 53.68 88.28 58.48
C LEU E 70 52.68 89.42 58.52
N LEU E 71 51.53 89.20 59.16
CA LEU E 71 50.56 90.29 59.30
C LEU E 71 51.13 91.43 60.14
N ALA E 72 51.88 91.09 61.19
CA ALA E 72 52.57 92.09 61.99
C ALA E 72 53.61 92.84 61.18
N GLU E 73 54.37 92.14 60.32
CA GLU E 73 55.39 92.77 59.51
C GLU E 73 54.77 93.72 58.49
N VAL E 74 53.59 93.36 57.97
CA VAL E 74 52.81 94.28 57.14
C VAL E 74 52.49 95.55 57.90
N GLU E 75 51.99 95.40 59.14
CA GLU E 75 51.63 96.58 59.95
C GLU E 75 52.86 97.42 60.30
N LYS E 76 53.99 96.78 60.60
CA LYS E 76 55.21 97.51 60.94
C LYS E 76 55.76 98.26 59.73
N GLU E 77 55.72 97.64 58.55
CA GLU E 77 56.19 98.34 57.36
C GLU E 77 55.27 99.50 57.01
N LYS E 78 53.96 99.32 57.21
CA LYS E 78 53.02 100.42 56.96
C LYS E 78 53.26 101.58 57.92
N GLN E 79 53.48 101.30 59.21
CA GLN E 79 53.71 102.39 60.14
C GLN E 79 55.09 103.02 59.96
N ARG E 80 56.10 102.26 59.51
CA ARG E 80 57.41 102.83 59.29
C ARG E 80 57.42 103.72 58.06
N GLU E 81 56.74 103.30 56.97
CA GLU E 81 56.62 104.17 55.82
C GLU E 81 55.73 105.38 56.10
N ARG E 82 54.69 105.21 56.92
CA ARG E 82 53.89 106.34 57.36
C ARG E 82 54.71 107.33 58.16
N GLU E 83 55.60 106.82 59.03
CA GLU E 83 56.45 107.70 59.82
C GLU E 83 57.44 108.44 58.94
N GLU E 84 58.08 107.73 58.00
CA GLU E 84 59.06 108.35 57.11
C GLU E 84 58.42 109.41 56.23
N ARG E 85 57.21 109.15 55.74
CA ARG E 85 56.53 110.17 54.93
C ARG E 85 56.05 111.34 55.79
N GLN E 86 55.47 111.05 56.96
CA GLN E 86 54.83 112.09 57.76
C GLN E 86 55.85 113.04 58.39
N ARG E 87 57.05 112.54 58.71
CA ARG E 87 58.10 113.42 59.20
C ARG E 87 58.57 114.40 58.12
N GLN E 88 58.58 113.97 56.86
CA GLN E 88 59.01 114.82 55.74
C GLN E 88 57.83 115.51 55.08
N GLY E 89 56.97 116.18 55.85
CA GLY E 89 55.74 116.72 55.28
C GLY E 89 54.81 115.57 54.89
N LEU E 90 54.32 115.61 53.64
CA LEU E 90 53.83 114.45 52.89
C LEU E 90 52.67 113.75 53.61
N ASP E 91 51.51 114.41 53.55
CA ASP E 91 50.22 113.87 53.99
C ASP E 91 50.01 112.43 53.50
N CYS E 92 49.37 111.62 54.35
CA CYS E 92 49.33 110.17 54.22
C CYS E 92 48.00 109.66 53.66
N LYS E 93 47.43 110.34 52.65
CA LYS E 93 46.20 109.85 52.03
C LYS E 93 46.39 108.54 51.27
N ASP E 94 47.60 108.21 50.84
CA ASP E 94 47.85 106.94 50.17
C ASP E 94 48.17 105.81 51.15
N ILE E 95 48.28 106.10 52.45
CA ILE E 95 48.51 105.08 53.46
C ILE E 95 47.23 104.72 54.18
N ASP E 96 46.60 105.71 54.83
CA ASP E 96 45.26 105.50 55.35
C ASP E 96 44.27 105.44 54.20
N ASP E 97 43.21 104.66 54.39
CA ASP E 97 42.13 104.34 53.44
C ASP E 97 42.63 103.97 52.04
N GLU E 98 43.85 103.45 51.93
CA GLU E 98 44.34 102.85 50.70
C GLU E 98 45.06 101.53 50.94
N ASP E 99 45.46 101.24 52.17
CA ASP E 99 45.93 99.92 52.54
C ASP E 99 45.08 99.28 53.62
N GLU E 100 43.94 99.88 53.98
CA GLU E 100 43.11 99.38 55.07
C GLU E 100 41.72 98.97 54.60
N ASP E 101 40.99 99.85 53.93
CA ASP E 101 39.62 99.56 53.54
C ASP E 101 39.41 99.44 52.04
N GLU E 102 40.10 100.25 51.24
CA GLU E 102 39.84 100.26 49.81
C GLU E 102 41.09 99.82 49.04
N GLU E 103 41.77 98.78 49.53
CA GLU E 103 42.80 98.14 48.72
C GLU E 103 42.15 97.17 47.72
N ASP E 104 41.54 96.10 48.25
CA ASP E 104 40.79 95.09 47.50
C ASP E 104 41.67 94.50 46.40
N TYR E 105 42.83 93.98 46.81
CA TYR E 105 43.88 93.69 45.83
C TYR E 105 43.57 92.44 45.00
N LEU E 106 42.90 91.46 45.57
CA LEU E 106 42.58 90.23 44.87
C LEU E 106 41.09 89.99 44.71
N GLY E 107 40.24 90.84 45.28
CA GLY E 107 38.82 90.53 45.33
C GLY E 107 38.53 89.37 46.24
N ILE E 108 39.24 89.28 47.36
CA ILE E 108 39.19 88.11 48.23
C ILE E 108 38.23 88.31 49.40
N GLU E 109 37.72 89.52 49.60
CA GLU E 109 36.81 89.78 50.71
C GLU E 109 35.52 88.95 50.71
N PRO E 110 34.80 88.76 49.59
CA PRO E 110 33.66 87.81 49.63
C PRO E 110 34.07 86.40 49.94
N PHE E 111 35.26 85.97 49.51
CA PHE E 111 35.73 84.64 49.87
C PHE E 111 36.03 84.54 51.35
N ILE E 112 36.52 85.63 51.95
CA ILE E 112 36.75 85.66 53.39
C ILE E 112 35.44 85.59 54.15
N GLU E 113 34.42 86.34 53.70
CA GLU E 113 33.12 86.30 54.36
C GLU E 113 32.44 84.95 54.19
N LYS E 114 32.62 84.31 53.05
CA LYS E 114 32.06 82.99 52.82
C LYS E 114 32.78 81.93 53.68
N LEU E 115 34.09 82.04 53.81
CA LEU E 115 34.84 81.08 54.62
C LEU E 115 34.61 81.27 56.11
N LYS E 116 34.40 82.52 56.53
CA LYS E 116 34.17 82.82 57.94
C LYS E 116 32.86 82.22 58.41
N LYS E 117 31.82 82.29 57.57
CA LYS E 117 30.52 81.73 57.91
C LYS E 117 30.54 80.22 57.98
N GLN E 118 31.28 79.56 57.09
CA GLN E 118 31.34 78.11 57.04
C GLN E 118 32.21 77.51 58.13
N ASN E 119 32.90 78.33 58.91
CA ASN E 119 33.79 77.87 59.95
C ASN E 119 33.16 77.92 61.34
N LEU E 120 31.90 78.33 61.43
CA LEU E 120 31.22 78.48 62.71
C LEU E 120 29.89 77.72 62.74
N LYS E 121 29.81 76.61 62.03
CA LYS E 121 28.54 75.90 61.87
C LYS E 121 28.52 74.54 62.54
N ASP E 122 29.41 73.63 62.15
CA ASP E 122 29.32 72.23 62.57
C ASP E 122 30.39 71.91 63.61
N ASP E 123 30.24 70.74 64.22
CA ASP E 123 31.23 70.24 65.16
C ASP E 123 31.64 68.84 64.73
N GLY E 124 32.93 68.56 64.86
CA GLY E 124 33.43 67.21 64.67
C GLY E 124 34.59 66.98 65.62
N GLU E 125 35.67 66.43 65.10
CA GLU E 125 36.96 66.52 65.74
C GLU E 125 37.77 67.51 64.95
N LEU E 126 38.30 68.54 65.63
CA LEU E 126 39.00 69.60 64.93
C LEU E 126 40.30 69.11 64.32
N ASN E 127 40.96 68.14 64.95
CA ASN E 127 42.20 67.57 64.45
C ASN E 127 41.99 66.20 63.81
N ARG E 128 40.83 65.98 63.20
CA ARG E 128 40.56 64.72 62.51
C ARG E 128 41.05 64.82 61.07
N ARG E 129 41.88 63.86 60.67
CA ARG E 129 42.30 63.75 59.29
C ARG E 129 41.12 63.36 58.42
N GLU E 130 41.09 63.86 57.18
CA GLU E 130 40.10 63.45 56.21
C GLU E 130 40.79 63.00 54.94
N GLU E 131 40.00 62.59 53.97
CA GLU E 131 40.50 62.22 52.65
C GLU E 131 40.97 63.47 51.90
N SER E 132 42.10 63.37 51.23
CA SER E 132 42.65 64.53 50.56
C SER E 132 41.90 64.84 49.27
N SER E 133 41.89 66.12 48.90
CA SER E 133 41.23 66.53 47.67
C SER E 133 42.12 66.26 46.46
N ASP E 134 43.28 66.90 46.40
CA ASP E 134 44.21 66.71 45.29
C ASP E 134 45.07 65.47 45.51
N SER E 135 44.42 64.37 45.82
CA SER E 135 45.05 63.08 46.01
C SER E 135 45.09 62.39 44.64
N ASP E 136 45.13 61.06 44.61
CA ASP E 136 45.28 60.24 43.41
C ASP E 136 46.63 60.49 42.76
N SER E 137 47.72 60.19 43.47
CA SER E 137 49.01 60.09 42.82
C SER E 137 49.03 58.92 41.84
N GLU E 138 48.48 57.78 42.25
CA GLU E 138 48.18 56.58 41.45
C GLU E 138 49.39 55.79 40.99
N LEU E 139 50.59 56.35 41.04
CA LEU E 139 51.80 55.57 40.87
C LEU E 139 52.47 55.33 42.21
N ASP E 140 51.82 55.75 43.28
CA ASP E 140 52.27 55.55 44.65
C ASP E 140 51.82 54.19 45.19
N GLU E 141 51.43 53.27 44.32
CA GLU E 141 51.03 51.92 44.71
C GLU E 141 52.14 50.96 44.34
N VAL E 142 53.16 50.92 45.20
CA VAL E 142 54.24 49.94 45.15
C VAL E 142 54.34 49.35 46.54
N ASP E 143 54.57 48.03 46.62
CA ASP E 143 54.70 47.34 47.89
C ASP E 143 55.86 47.89 48.71
N TRP E 144 55.55 48.36 49.92
CA TRP E 144 56.52 49.12 50.71
C TRP E 144 57.55 48.23 51.39
N ASP E 145 57.26 46.93 51.52
CA ASP E 145 58.20 46.03 52.19
C ASP E 145 59.46 45.83 51.38
N GLU E 146 59.34 45.73 50.06
CA GLU E 146 60.53 45.60 49.21
C GLU E 146 61.37 46.86 49.27
N GLU E 147 60.72 48.02 49.33
CA GLU E 147 61.47 49.27 49.36
C GLU E 147 62.15 49.48 50.71
N ARG E 148 61.49 49.08 51.81
CA ARG E 148 62.12 49.21 53.11
C ARG E 148 63.09 48.07 53.40
N LYS E 149 63.09 47.04 52.56
CA LYS E 149 64.16 46.04 52.55
C LYS E 149 65.37 46.50 51.75
N LYS E 150 65.15 47.30 50.70
CA LYS E 150 66.26 47.90 49.96
C LYS E 150 67.11 48.81 50.82
N GLU E 151 66.45 49.56 51.72
CA GLU E 151 67.14 50.51 52.57
C GLU E 151 68.17 49.83 53.47
N ASP E 152 67.74 48.82 54.22
CA ASP E 152 68.70 48.18 55.12
C ASP E 152 69.56 47.15 54.42
N MET E 153 69.20 46.70 53.21
CA MET E 153 70.17 45.95 52.41
C MET E 153 71.36 46.82 52.03
N PHE E 154 71.08 48.04 51.54
CA PHE E 154 72.17 48.97 51.25
C PHE E 154 72.92 49.35 52.51
N ASN E 155 72.20 49.50 53.63
CA ASN E 155 72.85 49.86 54.88
C ASN E 155 73.79 48.77 55.38
N LYS E 156 73.39 47.50 55.26
CA LYS E 156 74.26 46.40 55.66
C LYS E 156 75.49 46.31 54.76
N LYS E 157 75.31 46.51 53.44
CA LYS E 157 76.45 46.54 52.54
C LYS E 157 77.39 47.70 52.88
N PHE E 158 76.83 48.86 53.21
CA PHE E 158 77.66 50.02 53.53
C PHE E 158 78.38 49.85 54.84
N GLN E 159 77.74 49.20 55.82
CA GLN E 159 78.41 48.96 57.09
C GLN E 159 79.54 47.96 56.92
N ARG E 160 79.34 46.94 56.08
CA ARG E 160 80.42 46.01 55.78
C ARG E 160 81.57 46.73 55.09
N HIS E 161 81.23 47.65 54.17
CA HIS E 161 82.24 48.47 53.51
C HIS E 161 83.03 49.31 54.51
N LYS E 162 82.33 49.98 55.43
CA LYS E 162 82.99 50.79 56.45
C LYS E 162 83.87 49.94 57.36
N GLU E 163 83.41 48.71 57.65
CA GLU E 163 84.20 47.82 58.48
C GLU E 163 85.50 47.40 57.79
N LEU E 164 85.44 47.10 56.49
CA LEU E 164 86.69 46.76 55.79
C LEU E 164 87.63 47.96 55.66
N LEU E 165 87.11 49.17 55.45
CA LEU E 165 88.01 50.34 55.46
C LEU E 165 88.60 50.61 56.84
N GLN E 166 87.84 50.35 57.92
CA GLN E 166 88.42 50.51 59.24
C GLN E 166 89.39 49.39 59.59
N THR E 167 89.19 48.21 59.01
CA THR E 167 90.14 47.12 59.20
C THR E 167 91.42 47.35 58.40
N LEU E 168 91.32 48.02 57.25
CA LEU E 168 92.50 48.36 56.46
C LEU E 168 93.41 49.33 57.20
N THR E 169 92.85 50.14 58.08
CA THR E 169 93.64 51.08 58.87
C THR E 169 94.14 50.48 60.18
N LYS E 170 93.72 49.26 60.50
CA LYS E 170 94.12 48.60 61.74
C LYS E 170 95.12 47.48 61.52
N SER E 171 95.69 47.38 60.33
CA SER E 171 96.67 46.35 60.03
C SER E 171 98.04 46.76 60.58
N GLU E 172 99.00 45.84 60.50
CA GLU E 172 100.36 46.15 60.94
C GLU E 172 101.36 45.64 59.91
N THR E 173 100.95 44.67 59.10
CA THR E 173 101.80 44.05 58.10
C THR E 173 101.26 44.38 56.72
N LEU E 174 102.16 44.74 55.79
CA LEU E 174 101.71 45.06 54.44
C LEU E 174 101.21 43.84 53.69
N ASP E 175 101.61 42.63 54.09
CA ASP E 175 100.95 41.43 53.57
C ASP E 175 99.50 41.40 54.00
N GLU E 176 99.23 41.72 55.27
CA GLU E 176 97.86 41.83 55.76
C GLU E 176 97.13 42.99 55.10
N ALA E 177 97.83 44.10 54.87
CA ALA E 177 97.22 45.24 54.20
C ALA E 177 96.83 44.90 52.77
N TYR E 178 97.69 44.17 52.06
CA TYR E 178 97.38 43.73 50.71
C TYR E 178 96.20 42.75 50.70
N LYS E 179 96.15 41.86 51.69
CA LYS E 179 95.04 40.91 51.78
C LYS E 179 93.70 41.62 52.02
N TRP E 180 93.68 42.59 52.92
CA TRP E 180 92.44 43.33 53.14
C TRP E 180 92.12 44.28 51.98
N MET E 181 93.14 44.75 51.25
CA MET E 181 92.89 45.50 50.04
C MET E 181 92.21 44.64 48.97
N THR E 182 92.66 43.40 48.82
CA THR E 182 92.02 42.51 47.86
C THR E 182 90.62 42.11 48.30
N LYS E 183 90.41 41.96 49.61
CA LYS E 183 89.04 41.73 50.10
C LYS E 183 88.14 42.93 49.83
N LEU E 184 88.67 44.14 49.99
CA LEU E 184 87.91 45.34 49.67
C LEU E 184 87.60 45.41 48.18
N ASP E 185 88.55 45.03 47.34
CA ASP E 185 88.33 45.02 45.90
C ASP E 185 87.26 44.01 45.49
N LYS E 186 87.31 42.81 46.07
CA LYS E 186 86.30 41.81 45.75
C LYS E 186 84.94 42.19 46.30
N PHE E 187 84.90 42.96 47.39
CA PHE E 187 83.62 43.45 47.90
C PHE E 187 83.05 44.53 47.00
N GLU E 188 83.89 45.48 46.58
CA GLU E 188 83.41 46.61 45.80
C GLU E 188 83.03 46.20 44.39
N GLU E 189 83.74 45.23 43.81
CA GLU E 189 83.42 44.71 42.50
C GLU E 189 82.17 43.84 42.50
N LYS E 190 81.68 43.44 43.67
CA LYS E 190 80.46 42.65 43.75
C LYS E 190 79.25 43.38 44.31
N HIS E 191 79.44 44.47 45.04
CA HIS E 191 78.30 45.14 45.68
C HIS E 191 78.20 46.63 45.39
N PHE E 192 79.28 47.29 45.05
CA PHE E 192 79.29 48.73 44.79
C PHE E 192 79.85 49.03 43.42
N LYS E 193 79.58 48.14 42.46
CA LYS E 193 80.20 48.24 41.15
C LYS E 193 79.31 49.06 40.22
N LEU E 194 79.90 50.08 39.60
CA LEU E 194 79.21 50.88 38.61
C LEU E 194 79.27 50.20 37.25
N ALA E 195 78.12 50.14 36.58
CA ALA E 195 78.05 49.51 35.27
C ALA E 195 78.81 50.34 34.25
N PRO E 196 79.47 49.71 33.27
CA PRO E 196 80.27 50.46 32.29
C PRO E 196 79.46 51.40 31.41
N GLU E 197 78.17 51.11 31.23
CA GLU E 197 77.30 51.98 30.46
C GLU E 197 77.18 53.35 31.10
N TYR E 198 77.17 53.41 32.43
CA TYR E 198 77.14 54.69 33.10
C TYR E 198 78.44 55.46 32.91
N ARG E 199 79.56 54.77 32.74
CA ARG E 199 80.80 55.46 32.43
C ARG E 199 80.78 56.05 31.03
N VAL E 200 80.20 55.31 30.07
CA VAL E 200 80.02 55.85 28.71
C VAL E 200 79.12 57.09 28.74
N ILE E 201 78.02 57.02 29.51
CA ILE E 201 77.10 58.14 29.58
C ILE E 201 77.74 59.34 30.27
N GLY E 202 78.58 59.10 31.29
CA GLY E 202 79.26 60.19 31.96
C GLY E 202 80.29 60.88 31.08
N GLU E 203 81.03 60.11 30.28
CA GLU E 203 81.95 60.70 29.32
C GLU E 203 81.20 61.53 28.27
N LEU E 204 80.07 61.00 27.78
CA LEU E 204 79.28 61.75 26.81
C LEU E 204 78.65 63.00 27.42
N MET E 205 78.28 62.95 28.69
CA MET E 205 77.80 64.16 29.37
C MET E 205 78.91 65.15 29.57
N ASN E 206 80.16 64.68 29.72
CA ASN E 206 81.28 65.59 29.82
C ASN E 206 81.51 66.33 28.51
N ARG E 207 81.36 65.63 27.38
CA ARG E 207 81.47 66.34 26.11
C ARG E 207 80.31 67.30 25.88
N LEU E 208 79.15 67.02 26.47
CA LEU E 208 77.93 67.75 26.14
C LEU E 208 77.86 69.13 26.79
N LYS E 209 78.43 69.30 27.98
CA LYS E 209 78.33 70.58 28.67
C LYS E 209 79.10 71.70 27.98
N VAL E 210 80.05 71.37 27.10
CA VAL E 210 80.79 72.36 26.35
C VAL E 210 80.48 72.30 24.85
N ALA E 211 79.50 71.51 24.46
CA ALA E 211 79.14 71.39 23.05
C ALA E 211 78.13 72.46 22.67
N GLU E 212 78.08 72.76 21.38
CA GLU E 212 77.19 73.78 20.86
C GLU E 212 76.87 73.46 19.40
N GLY E 213 75.64 73.75 19.01
CA GLY E 213 75.22 73.60 17.63
C GLY E 213 74.91 72.19 17.20
N LYS E 214 75.57 71.73 16.15
CA LYS E 214 75.30 70.40 15.60
C LYS E 214 75.80 69.31 16.55
N ASP E 215 76.94 69.54 17.21
CA ASP E 215 77.46 68.58 18.17
C ASP E 215 76.55 68.46 19.38
N LYS E 216 75.98 69.57 19.84
CA LYS E 216 75.05 69.52 20.97
C LYS E 216 73.80 68.70 20.62
N PHE E 217 73.27 68.88 19.41
CA PHE E 217 72.16 68.07 18.90
C PHE E 217 72.51 66.59 18.92
N ILE E 218 73.64 66.24 18.31
CA ILE E 218 73.96 64.84 18.09
C ILE E 218 74.27 64.14 19.41
N LEU E 219 74.95 64.85 20.33
CA LEU E 219 75.22 64.27 21.63
C LEU E 219 73.96 64.13 22.47
N GLN E 220 73.02 65.08 22.37
CA GLN E 220 71.75 64.95 23.08
C GLN E 220 70.97 63.72 22.59
N GLN E 221 70.95 63.48 21.28
CA GLN E 221 70.27 62.29 20.76
C GLN E 221 70.95 61.00 21.23
N LYS E 222 72.28 60.96 21.22
CA LYS E 222 73.00 59.76 21.63
C LYS E 222 72.80 59.46 23.11
N ILE E 223 72.84 60.49 23.95
CA ILE E 223 72.64 60.26 25.38
C ILE E 223 71.19 59.90 25.67
N ASN E 224 70.23 60.39 24.89
CA ASN E 224 68.84 59.96 25.02
C ASN E 224 68.70 58.46 24.78
N ARG E 225 69.33 57.97 23.70
CA ARG E 225 69.33 56.54 23.41
C ARG E 225 70.00 55.73 24.53
N ALA E 226 71.14 56.21 25.02
CA ALA E 226 71.86 55.50 26.08
C ALA E 226 71.07 55.46 27.38
N MET E 227 70.40 56.55 27.73
CA MET E 227 69.62 56.58 28.96
C MET E 227 68.45 55.61 28.89
N ARG E 228 67.80 55.52 27.71
CA ARG E 228 66.75 54.52 27.53
C ARG E 228 67.28 53.10 27.71
N LEU E 229 68.44 52.81 27.13
CA LEU E 229 69.01 51.47 27.26
C LEU E 229 69.41 51.12 28.70
N VAL E 230 69.98 52.07 29.43
CA VAL E 230 70.38 51.73 30.81
C VAL E 230 69.16 51.62 31.73
N GLU E 231 68.11 52.42 31.50
CA GLU E 231 66.91 52.27 32.31
C GLU E 231 66.25 50.93 32.07
N TRP E 232 66.20 50.49 30.80
CA TRP E 232 65.66 49.18 30.48
C TRP E 232 66.49 48.06 31.10
N LYS E 233 67.83 48.15 30.98
CA LYS E 233 68.71 47.12 31.51
C LYS E 233 68.60 47.01 33.02
N GLU E 234 68.49 48.15 33.72
CA GLU E 234 68.39 48.10 35.17
C GLU E 234 67.02 47.58 35.62
N ALA E 235 65.97 47.91 34.87
CA ALA E 235 64.63 47.49 35.30
C ALA E 235 64.36 46.02 35.01
N PHE E 236 64.92 45.44 33.95
CA PHE E 236 64.48 44.12 33.52
C PHE E 236 65.63 43.12 33.48
N ASP E 237 66.64 43.32 34.30
CA ASP E 237 67.77 42.38 34.35
C ASP E 237 67.36 41.11 35.06
N PRO E 238 67.48 39.94 34.43
CA PRO E 238 67.09 38.71 35.11
C PRO E 238 68.06 38.29 36.22
N ASN E 239 69.28 38.82 36.22
CA ASN E 239 70.26 38.45 37.23
C ASN E 239 70.03 39.15 38.56
N ASN E 240 69.30 40.25 38.56
CA ASN E 240 68.99 40.95 39.81
C ASN E 240 67.84 40.25 40.51
N PRO E 241 68.02 39.74 41.73
CA PRO E 241 66.89 39.16 42.47
C PRO E 241 65.83 40.16 42.90
N ALA E 242 66.13 41.46 42.82
CA ALA E 242 65.14 42.48 43.07
C ALA E 242 64.07 42.53 41.99
N ASN E 243 64.30 41.92 40.84
CA ASN E 243 63.35 41.89 39.74
C ASN E 243 62.44 40.67 39.78
N TYR E 244 62.20 40.10 40.96
CA TYR E 244 61.38 38.92 41.11
C TYR E 244 60.42 39.08 42.28
N GLY E 245 59.35 38.29 42.25
CA GLY E 245 58.39 38.24 43.33
C GLY E 245 58.06 36.83 43.76
N VAL E 246 56.99 36.66 44.54
CA VAL E 246 56.72 35.38 45.19
C VAL E 246 55.44 34.70 44.68
N ILE E 247 54.44 35.47 44.24
CA ILE E 247 53.07 35.02 43.93
C ILE E 247 52.42 34.41 45.17
N GLU E 248 51.81 35.27 46.01
CA GLU E 248 50.74 34.93 46.95
C GLU E 248 51.13 33.89 47.98
N ARG E 249 52.42 33.60 48.15
CA ARG E 249 52.94 32.43 48.89
C ARG E 249 52.31 31.13 48.36
N ASP E 250 52.08 31.06 47.05
CA ASP E 250 51.46 29.92 46.34
C ASP E 250 50.13 29.47 46.95
N ASP E 279 70.11 39.05 48.71
CA ASP E 279 70.80 37.78 48.57
C ASP E 279 70.16 36.73 49.47
N ASP E 280 68.99 37.06 50.02
CA ASP E 280 68.34 36.15 50.97
C ASP E 280 67.86 34.88 50.28
N MET E 281 67.34 34.98 49.05
CA MET E 281 66.92 33.79 48.33
C MET E 281 68.12 32.93 47.97
N LYS E 282 69.26 33.57 47.70
CA LYS E 282 70.51 32.84 47.45
C LYS E 282 70.90 31.97 48.64
N GLU E 283 70.92 32.53 49.85
CA GLU E 283 71.34 31.74 51.01
C GLU E 283 70.27 30.75 51.44
N ARG E 284 68.99 31.08 51.30
CA ARG E 284 67.94 30.12 51.62
C ARG E 284 67.87 28.98 50.60
N ASP E 285 68.38 29.18 49.38
CA ASP E 285 68.54 28.05 48.48
C ASP E 285 69.80 27.26 48.77
N ASP E 286 70.88 27.93 49.19
CA ASP E 286 72.13 27.23 49.50
C ASP E 286 71.98 26.33 50.71
N ILE E 287 71.23 26.77 51.73
CA ILE E 287 71.05 25.94 52.93
C ILE E 287 70.24 24.69 52.59
N LEU E 288 69.22 24.82 51.74
CA LEU E 288 68.45 23.66 51.32
C LEU E 288 69.27 22.73 50.44
N LEU E 289 70.14 23.29 49.61
CA LEU E 289 71.02 22.47 48.77
C LEU E 289 71.99 21.66 49.62
N GLU E 290 72.57 22.28 50.65
CA GLU E 290 73.48 21.55 51.54
C GLU E 290 72.73 20.49 52.36
N LYS E 291 71.51 20.80 52.79
CA LYS E 291 70.70 19.80 53.50
C LYS E 291 70.37 18.61 52.61
N LEU E 292 70.02 18.88 51.34
CA LEU E 292 69.70 17.81 50.41
C LEU E 292 70.92 16.94 50.14
N ASN E 293 72.09 17.57 50.02
CA ASN E 293 73.32 16.80 49.80
C ASN E 293 73.66 15.94 51.01
N ALA E 294 73.48 16.47 52.21
CA ALA E 294 73.72 15.68 53.43
C ALA E 294 72.77 14.49 53.52
N ILE E 295 71.49 14.72 53.19
CA ILE E 295 70.51 13.64 53.22
C ILE E 295 70.83 12.58 52.17
N ASP E 296 71.32 13.01 51.00
CA ASP E 296 71.68 12.04 49.96
C ASP E 296 72.89 11.20 50.37
N LYS E 297 73.89 11.80 51.02
CA LYS E 297 75.00 11.00 51.55
C LYS E 297 74.53 10.01 52.61
N LYS E 298 73.65 10.46 53.51
CA LYS E 298 73.13 9.56 54.55
C LYS E 298 72.32 8.43 53.96
N LEU E 299 71.50 8.73 52.94
CA LEU E 299 70.70 7.71 52.29
C LEU E 299 71.56 6.70 51.55
N GLU E 300 72.62 7.17 50.90
CA GLU E 300 73.56 6.26 50.24
C GLU E 300 74.24 5.34 51.25
N SER E 301 74.67 5.89 52.39
CA SER E 301 75.31 5.06 53.41
C SER E 301 74.34 4.04 54.01
N LYS E 302 73.08 4.44 54.21
CA LYS E 302 72.11 3.50 54.78
C LYS E 302 71.67 2.44 53.78
N LEU E 303 71.58 2.77 52.48
CA LEU E 303 71.34 1.73 51.49
C LEU E 303 72.51 0.76 51.42
N SER E 304 73.73 1.28 51.57
CA SER E 304 74.92 0.46 51.61
C SER E 304 74.88 -0.51 52.79
N GLU E 305 74.49 -0.03 53.98
CA GLU E 305 74.40 -0.93 55.13
C GLU E 305 73.10 -1.72 55.15
N LEU E 306 72.16 -1.43 54.25
CA LEU E 306 70.97 -2.26 54.14
C LEU E 306 71.21 -3.46 53.24
N ASP E 307 72.13 -3.33 52.27
CA ASP E 307 72.39 -4.43 51.34
C ASP E 307 72.92 -5.68 52.05
N HIS E 308 73.71 -5.51 53.12
CA HIS E 308 74.30 -6.64 53.82
C HIS E 308 73.57 -7.00 55.11
N THR E 309 72.41 -6.40 55.35
CA THR E 309 71.68 -6.58 56.60
C THR E 309 70.42 -7.38 56.35
N PHE E 310 70.20 -8.41 57.17
CA PHE E 310 69.04 -9.29 57.06
C PHE E 310 68.33 -9.37 58.41
N GLY E 311 67.03 -9.62 58.36
CA GLY E 311 66.26 -9.81 59.58
C GLY E 311 65.56 -8.56 60.09
N LYS E 312 65.40 -8.46 61.41
CA LYS E 312 64.70 -7.33 62.01
C LYS E 312 65.49 -6.04 61.90
N LYS E 313 66.83 -6.14 61.92
CA LYS E 313 67.65 -4.96 61.67
C LYS E 313 67.46 -4.44 60.25
N GLY E 314 67.20 -5.35 59.30
CA GLY E 314 66.86 -4.92 57.96
C GLY E 314 65.58 -4.11 57.92
N LYS E 315 64.57 -4.52 58.69
CA LYS E 315 63.32 -3.77 58.75
C LYS E 315 63.50 -2.43 59.45
N ARG E 316 64.34 -2.38 60.49
CA ARG E 316 64.59 -1.12 61.16
C ARG E 316 65.34 -0.14 60.26
N LEU E 317 66.31 -0.63 59.49
CA LEU E 317 66.96 0.23 58.50
C LEU E 317 66.00 0.64 57.39
N GLU E 318 65.05 -0.23 57.04
CA GLU E 318 64.06 0.13 56.03
C GLU E 318 63.19 1.28 56.52
N GLU E 319 62.77 1.23 57.79
CA GLU E 319 61.97 2.33 58.33
C GLU E 319 62.79 3.62 58.45
N GLU E 320 64.06 3.49 58.81
CA GLU E 320 64.93 4.67 58.88
C GLU E 320 65.13 5.29 57.51
N ILE E 321 65.26 4.45 56.47
CA ILE E 321 65.39 4.92 55.10
C ILE E 321 64.11 5.60 54.64
N ARG E 322 62.95 5.05 55.02
CA ARG E 322 61.68 5.68 54.66
C ARG E 322 61.52 7.06 55.30
N ASP E 323 61.95 7.20 56.56
CA ASP E 323 61.93 8.51 57.20
C ASP E 323 62.86 9.49 56.49
N LEU E 324 64.05 9.03 56.09
CA LEU E 324 64.98 9.89 55.36
C LEU E 324 64.42 10.31 54.01
N ALA E 325 63.75 9.39 53.32
CA ALA E 325 63.11 9.71 52.05
C ALA E 325 61.99 10.72 52.21
N GLU E 326 61.24 10.61 53.31
CA GLU E 326 60.20 11.60 53.58
C GLU E 326 60.78 12.98 53.84
N GLU E 327 61.88 13.05 54.60
CA GLU E 327 62.53 14.34 54.82
C GLU E 327 63.03 14.94 53.52
N ARG E 328 63.61 14.12 52.66
CA ARG E 328 64.17 14.62 51.41
C ARG E 328 63.06 15.07 50.46
N ASN E 329 61.92 14.36 50.46
CA ASN E 329 60.78 14.77 49.64
C ASN E 329 60.20 16.10 50.11
N ALA E 330 60.08 16.28 51.43
CA ALA E 330 59.58 17.56 51.95
C ALA E 330 60.54 18.71 51.62
N LEU E 331 61.85 18.48 51.75
CA LEU E 331 62.82 19.52 51.44
C LEU E 331 62.85 19.85 49.96
N THR E 332 62.62 18.85 49.11
CA THR E 332 62.55 19.10 47.67
C THR E 332 61.29 19.89 47.31
N GLU E 333 60.19 19.61 48.01
CA GLU E 333 58.99 20.42 47.83
C GLU E 333 59.23 21.87 48.25
N LYS E 334 60.01 22.09 49.31
CA LYS E 334 60.20 23.45 49.79
C LYS E 334 61.01 24.33 48.86
N LYS E 335 61.71 23.77 47.87
CA LYS E 335 62.45 24.60 46.93
C LYS E 335 61.64 25.06 45.73
N ARG E 336 60.42 24.56 45.56
CA ARG E 336 59.63 24.85 44.37
C ARG E 336 58.72 26.03 44.66
N GLN E 337 59.31 27.22 44.60
CA GLN E 337 58.55 28.44 44.77
C GLN E 337 58.45 29.13 43.43
N PRO E 338 57.26 29.29 42.86
CA PRO E 338 57.14 29.98 41.58
C PRO E 338 57.33 31.48 41.76
N LEU E 339 58.02 32.09 40.81
CA LEU E 339 58.32 33.51 40.86
C LEU E 339 57.66 34.24 39.70
N TYR E 340 57.15 35.42 39.96
CA TYR E 340 56.74 36.32 38.91
C TYR E 340 57.80 37.39 38.69
N ARG E 341 57.78 38.00 37.51
CA ARG E 341 58.75 39.02 37.17
C ARG E 341 58.12 40.39 37.26
N LYS E 342 58.79 41.31 37.94
CA LYS E 342 58.27 42.65 38.10
C LYS E 342 58.39 43.45 36.82
N GLY E 343 57.43 44.34 36.60
CA GLY E 343 57.35 45.10 35.38
C GLY E 343 56.63 44.42 34.25
N TYR E 344 56.13 43.21 34.46
CA TYR E 344 55.36 42.47 33.46
C TYR E 344 53.87 42.62 33.75
N ASP E 345 53.09 42.70 32.68
CA ASP E 345 51.63 42.66 32.77
C ASP E 345 51.15 41.33 32.23
N VAL E 346 50.23 40.69 32.95
CA VAL E 346 49.64 39.41 32.56
C VAL E 346 48.15 39.62 32.30
N HIS E 347 47.68 39.12 31.16
CA HIS E 347 46.30 39.30 30.74
C HIS E 347 45.67 37.97 30.34
N VAL E 348 44.38 37.82 30.64
CA VAL E 348 43.62 36.64 30.24
C VAL E 348 43.22 36.79 28.78
N ILE E 349 43.50 35.76 27.99
CA ILE E 349 42.96 35.72 26.64
C ILE E 349 41.63 34.99 26.61
N ASP E 350 41.57 33.82 27.25
CA ASP E 350 40.44 32.92 27.12
C ASP E 350 40.27 32.10 28.39
N VAL E 351 39.05 32.06 28.94
CA VAL E 351 38.66 31.12 29.98
C VAL E 351 37.47 30.34 29.46
N LYS E 352 37.60 29.01 29.41
CA LYS E 352 36.59 28.14 28.80
C LYS E 352 36.19 27.04 29.76
N LYS E 353 34.93 26.66 29.73
CA LYS E 353 34.46 25.48 30.44
C LYS E 353 34.42 24.30 29.47
N VAL E 354 35.21 23.28 29.77
CA VAL E 354 35.23 22.07 28.99
C VAL E 354 34.54 20.98 29.79
N ALA E 355 34.24 19.86 29.16
CA ALA E 355 33.51 18.81 29.84
C ALA E 355 33.98 17.44 29.36
N LYS E 356 33.86 16.48 30.26
CA LYS E 356 34.13 15.08 30.02
C LYS E 356 32.94 14.29 30.59
N VAL E 357 32.59 13.18 29.97
CA VAL E 357 31.39 12.43 30.33
C VAL E 357 31.79 11.14 31.03
N THR E 358 31.15 10.85 32.15
CA THR E 358 31.27 9.57 32.84
C THR E 358 29.88 8.96 33.01
N LYS E 359 29.85 7.77 33.61
CA LYS E 359 28.57 7.14 33.92
C LYS E 359 27.78 7.90 34.98
N GLY E 360 28.45 8.66 35.83
CA GLY E 360 27.76 9.52 36.76
C GLY E 360 27.32 10.85 36.22
N GLY E 361 27.70 11.19 35.00
CA GLY E 361 27.30 12.45 34.42
C GLY E 361 28.50 13.17 33.84
N ARG E 362 28.36 14.48 33.67
CA ARG E 362 29.38 15.30 33.04
C ARG E 362 30.37 15.82 34.08
N VAL E 363 31.65 15.79 33.71
CA VAL E 363 32.74 16.28 34.55
C VAL E 363 33.25 17.56 33.89
N GLU E 364 33.08 18.68 34.57
CA GLU E 364 33.33 20.00 33.99
C GLU E 364 34.55 20.66 34.62
N ARG E 365 35.50 21.06 33.79
CA ARG E 365 36.72 21.73 34.21
C ARG E 365 36.91 22.99 33.40
N TYR E 366 37.87 23.81 33.83
CA TYR E 366 38.11 25.10 33.19
C TYR E 366 39.52 25.16 32.65
N THR E 367 39.67 25.74 31.46
CA THR E 367 40.97 26.01 30.87
C THR E 367 41.17 27.52 30.81
N ALA E 368 42.39 27.96 31.06
CA ALA E 368 42.72 29.38 31.01
C ALA E 368 43.93 29.57 30.12
N LEU E 369 43.82 30.50 29.19
CA LEU E 369 44.92 30.89 28.32
C LEU E 369 45.29 32.32 28.65
N MET E 370 46.57 32.56 28.93
CA MET E 370 47.02 33.90 29.31
C MET E 370 48.34 34.23 28.64
N VAL E 371 48.57 35.53 28.46
CA VAL E 371 49.80 36.04 27.85
C VAL E 371 50.41 37.06 28.80
N CYS E 372 51.72 37.24 28.68
CA CYS E 372 52.45 38.18 29.50
C CYS E 372 53.52 38.89 28.67
N GLY E 373 53.92 40.06 29.14
CA GLY E 373 54.89 40.87 28.43
C GLY E 373 55.35 42.04 29.26
N ASN E 374 56.53 42.53 28.92
CA ASN E 374 57.17 43.61 29.66
C ASN E 374 57.22 44.92 28.89
N TYR E 375 56.52 45.00 27.75
CA TYR E 375 56.48 46.14 26.83
C TYR E 375 57.84 46.46 26.21
N GLU E 376 58.79 45.52 26.23
CA GLU E 376 60.14 45.77 25.78
C GLU E 376 60.65 44.65 24.91
N GLY E 377 59.75 43.92 24.26
CA GLY E 377 60.12 42.87 23.35
C GLY E 377 60.01 41.46 23.88
N VAL E 378 59.72 41.28 25.16
CA VAL E 378 59.61 39.95 25.77
C VAL E 378 58.14 39.59 25.92
N ILE E 379 57.75 38.45 25.38
CA ILE E 379 56.36 37.99 25.42
C ILE E 379 56.34 36.50 25.73
N GLY E 380 55.34 36.07 26.50
CA GLY E 380 55.15 34.66 26.78
C GLY E 380 53.68 34.32 26.91
N TYR E 381 53.41 33.02 26.98
CA TYR E 381 52.04 32.54 27.14
C TYR E 381 52.02 31.20 27.84
N ALA E 382 50.87 30.87 28.43
CA ALA E 382 50.67 29.59 29.08
C ALA E 382 49.20 29.22 29.07
N LYS E 383 48.93 27.90 29.03
CA LYS E 383 47.58 27.35 29.12
C LYS E 383 47.53 26.38 30.30
N ALA E 384 46.51 26.52 31.14
CA ALA E 384 46.36 25.69 32.32
C ALA E 384 44.92 25.21 32.45
N LYS E 385 44.75 24.08 33.13
CA LYS E 385 43.46 23.47 33.37
C LYS E 385 43.33 23.13 34.85
N ALA E 386 42.18 23.45 35.43
CA ALA E 386 41.92 23.18 36.84
C ALA E 386 40.42 22.99 37.04
N GLU E 387 40.02 22.86 38.30
CA GLU E 387 38.62 22.60 38.63
C GLU E 387 37.76 23.85 38.51
N THR E 388 38.30 25.01 38.86
CA THR E 388 37.58 26.27 38.77
C THR E 388 38.28 27.19 37.78
N GLY E 389 37.60 28.27 37.40
CA GLY E 389 38.21 29.25 36.53
C GLY E 389 39.33 30.03 37.20
N GLN E 390 39.13 30.41 38.47
CA GLN E 390 40.16 31.10 39.23
C GLN E 390 41.40 30.25 39.39
N SER E 391 41.24 28.96 39.67
CA SER E 391 42.39 28.09 39.86
C SER E 391 43.15 27.87 38.55
N ALA E 392 42.42 27.78 37.44
CA ALA E 392 43.06 27.64 36.14
C ALA E 392 43.85 28.89 35.78
N MET E 393 43.28 30.06 36.07
CA MET E 393 44.00 31.31 35.84
C MET E 393 45.24 31.41 36.71
N GLN E 394 45.16 30.95 37.96
CA GLN E 394 46.31 30.98 38.84
C GLN E 394 47.43 30.05 38.35
N LYS E 395 47.08 28.84 37.91
CA LYS E 395 48.09 27.92 37.39
C LYS E 395 48.73 28.46 36.11
N ALA E 396 47.94 29.09 35.24
CA ALA E 396 48.50 29.69 34.04
C ALA E 396 49.40 30.87 34.36
N TYR E 397 49.04 31.65 35.39
CA TYR E 397 49.87 32.77 35.84
C TYR E 397 51.20 32.31 36.38
N GLU E 398 51.20 31.22 37.14
CA GLU E 398 52.46 30.64 37.59
C GLU E 398 53.28 30.08 36.42
N LYS E 399 52.62 29.58 35.38
CA LYS E 399 53.35 28.98 34.26
C LYS E 399 53.75 29.97 33.18
N CYS E 400 53.31 31.23 33.26
CA CYS E 400 53.39 32.12 32.11
C CYS E 400 54.79 32.68 31.88
N PHE E 401 55.65 32.66 32.90
CA PHE E 401 57.02 33.14 32.78
C PHE E 401 58.00 32.04 32.40
N GLN E 402 57.51 30.86 32.08
CA GLN E 402 58.37 29.72 31.76
C GLN E 402 58.62 29.54 30.27
N ASN E 403 57.95 30.30 29.41
CA ASN E 403 58.18 30.21 27.98
C ASN E 403 58.14 31.63 27.43
N LEU E 404 59.26 32.33 27.54
CA LEU E 404 59.35 33.72 27.14
C LEU E 404 60.18 33.81 25.88
N HIS E 405 59.68 34.54 24.89
CA HIS E 405 60.38 34.82 23.65
C HIS E 405 60.86 36.26 23.68
N TYR E 406 61.92 36.54 22.93
CA TYR E 406 62.32 37.91 22.66
C TYR E 406 61.99 38.25 21.22
N ILE E 407 61.29 39.35 21.02
CA ILE E 407 60.83 39.80 19.72
C ILE E 407 61.59 41.07 19.36
N GLU E 408 62.19 41.08 18.17
CA GLU E 408 62.86 42.27 17.67
C GLU E 408 61.84 43.24 17.09
N ARG E 409 61.96 44.51 17.46
CA ARG E 409 61.13 45.56 16.92
C ARG E 409 61.97 46.55 16.14
N HIS E 410 61.34 47.22 15.17
CA HIS E 410 61.99 48.29 14.43
C HIS E 410 61.71 49.60 15.12
N GLU E 411 62.78 50.23 15.64
CA GLU E 411 62.73 51.53 16.29
C GLU E 411 61.75 51.57 17.45
N GLU E 412 61.62 50.45 18.17
CA GLU E 412 60.76 50.30 19.34
C GLU E 412 59.29 50.61 19.08
N HIS E 413 58.83 50.59 17.83
CA HIS E 413 57.43 50.93 17.58
C HIS E 413 56.73 50.08 16.53
N THR E 414 57.42 49.31 15.69
CA THR E 414 56.75 48.58 14.62
C THR E 414 57.63 47.40 14.20
N ILE E 415 57.13 46.63 13.24
CA ILE E 415 57.87 45.51 12.68
C ILE E 415 58.68 45.98 11.49
N ALA E 416 59.68 45.18 11.12
CA ALA E 416 60.58 45.56 10.03
C ALA E 416 59.90 45.47 8.67
N HIS E 417 59.07 44.46 8.45
CA HIS E 417 58.43 44.30 7.15
C HIS E 417 57.09 43.59 7.32
N ALA E 418 56.36 43.50 6.21
CA ALA E 418 55.06 42.85 6.20
C ALA E 418 55.21 41.33 6.26
N ILE E 419 54.42 40.70 7.11
CA ILE E 419 54.58 39.27 7.38
C ILE E 419 53.21 38.60 7.31
N GLN E 420 53.16 37.42 6.70
CA GLN E 420 51.95 36.63 6.60
C GLN E 420 52.28 35.20 6.99
N THR E 421 51.70 34.71 8.08
CA THR E 421 51.83 33.32 8.47
C THR E 421 50.46 32.71 8.68
N SER E 422 50.46 31.39 8.85
CA SER E 422 49.27 30.65 9.22
C SER E 422 49.64 29.60 10.25
N TYR E 423 48.81 29.45 11.27
CA TYR E 423 48.86 28.30 12.16
C TYR E 423 47.53 27.57 12.05
N LYS E 424 47.58 26.33 11.54
CA LYS E 424 46.41 25.52 11.17
C LYS E 424 45.56 26.34 10.19
N LYS E 425 44.33 26.70 10.53
CA LYS E 425 43.45 27.44 9.64
C LYS E 425 43.34 28.91 10.01
N THR E 426 44.23 29.42 10.86
CA THR E 426 44.24 30.82 11.24
C THR E 426 45.34 31.51 10.44
N LYS E 427 44.96 32.31 9.46
CA LYS E 427 45.90 33.13 8.69
C LYS E 427 46.03 34.51 9.31
N LEU E 428 47.26 34.93 9.54
CA LEU E 428 47.54 36.23 10.14
C LEU E 428 48.36 37.09 9.19
N TYR E 429 47.92 38.33 8.99
CA TYR E 429 48.65 39.33 8.23
C TYR E 429 49.07 40.44 9.18
N LEU E 430 50.29 40.93 9.05
CA LEU E 430 50.74 42.08 9.81
C LEU E 430 51.45 43.05 8.89
N TRP E 431 51.15 44.33 9.00
CA TRP E 431 51.75 45.35 8.17
C TRP E 431 52.40 46.42 9.04
N PRO E 432 53.65 46.78 8.78
CA PRO E 432 54.26 47.91 9.50
C PRO E 432 53.65 49.22 9.08
N ALA E 433 53.75 50.20 9.97
CA ALA E 433 53.12 51.48 9.79
C ALA E 433 54.04 52.59 10.27
N PRO E 434 53.89 53.80 9.74
CA PRO E 434 54.59 54.97 10.29
C PRO E 434 54.12 55.32 11.69
N THR E 435 54.80 56.30 12.27
CA THR E 435 54.88 56.47 13.71
C THR E 435 53.67 57.15 14.36
N THR E 436 52.74 57.73 13.61
CA THR E 436 51.52 58.27 14.22
C THR E 436 50.26 57.52 13.77
N THR E 437 50.39 56.25 13.43
CA THR E 437 49.28 55.48 12.89
C THR E 437 48.41 54.87 13.98
N GLY E 438 48.99 54.08 14.86
CA GLY E 438 48.27 53.38 15.90
C GLY E 438 48.20 51.89 15.62
N MET E 439 47.55 51.18 16.53
CA MET E 439 47.38 49.73 16.43
C MET E 439 45.99 49.43 15.90
N LYS E 440 45.94 48.75 14.77
CA LYS E 440 44.68 48.30 14.17
C LYS E 440 44.67 46.78 14.26
N ALA E 441 44.01 46.25 15.29
CA ALA E 441 44.01 44.80 15.51
C ALA E 441 42.78 44.40 16.30
N GLY E 442 42.39 43.13 16.17
CA GLY E 442 41.44 42.53 17.08
C GLY E 442 42.07 42.25 18.43
N ARG E 443 41.23 41.90 19.41
CA ARG E 443 41.63 41.95 20.82
C ARG E 443 42.77 40.99 21.17
N VAL E 444 42.78 39.78 20.60
CA VAL E 444 43.87 38.85 20.89
C VAL E 444 45.18 39.37 20.32
N VAL E 445 45.17 39.74 19.05
CA VAL E 445 46.36 40.27 18.38
C VAL E 445 46.76 41.59 19.00
N LYS E 446 45.79 42.44 19.33
CA LYS E 446 46.11 43.73 19.96
C LYS E 446 46.75 43.55 21.33
N THR E 447 46.26 42.59 22.13
CA THR E 447 46.84 42.37 23.45
C THR E 447 48.27 41.86 23.34
N MET E 448 48.51 40.89 22.45
CA MET E 448 49.87 40.37 22.32
C MET E 448 50.85 41.40 21.76
N LEU E 449 50.41 42.18 20.78
CA LEU E 449 51.28 43.20 20.21
C LEU E 449 51.52 44.35 21.18
N LEU E 450 50.51 44.70 22.00
CA LEU E 450 50.71 45.69 23.04
C LEU E 450 51.72 45.23 24.07
N LEU E 451 51.62 43.97 24.52
CA LEU E 451 52.53 43.49 25.54
C LEU E 451 53.94 43.28 25.01
N ALA E 452 54.10 43.04 23.72
CA ALA E 452 55.44 42.95 23.17
C ALA E 452 56.10 44.32 22.97
N GLY E 453 55.36 45.42 23.10
CA GLY E 453 55.93 46.73 22.98
C GLY E 453 55.72 47.46 21.66
N PHE E 454 54.94 46.90 20.74
CA PHE E 454 54.67 47.54 19.46
C PHE E 454 53.69 48.70 19.62
N LYS E 455 53.75 49.62 18.68
CA LYS E 455 52.86 50.77 18.69
C LYS E 455 52.10 50.98 17.39
N ASN E 456 52.73 50.72 16.24
CA ASN E 456 52.17 51.07 14.93
C ASN E 456 52.19 49.85 14.01
N ILE E 457 51.16 49.02 14.11
CA ILE E 457 51.01 47.84 13.27
C ILE E 457 49.55 47.75 12.84
N LYS E 458 49.32 47.43 11.58
CA LYS E 458 48.00 47.00 11.13
C LYS E 458 48.01 45.49 10.94
N SER E 459 46.87 44.85 11.18
CA SER E 459 46.80 43.40 11.17
C SER E 459 45.44 42.95 10.64
N LYS E 460 45.37 41.66 10.31
CA LYS E 460 44.13 41.04 9.90
C LYS E 460 44.20 39.55 10.18
N VAL E 461 43.18 39.02 10.86
CA VAL E 461 43.06 37.59 11.06
C VAL E 461 42.08 37.05 10.03
N ILE E 462 42.55 36.15 9.19
CA ILE E 462 41.75 35.61 8.10
C ILE E 462 41.52 34.13 8.33
N GLY E 463 40.27 33.71 8.28
CA GLY E 463 39.92 32.33 8.50
C GLY E 463 39.43 32.11 9.92
N SER E 464 39.96 31.07 10.56
CA SER E 464 39.48 30.69 11.87
C SER E 464 40.03 31.63 12.95
N ARG E 465 39.16 32.02 13.87
CA ARG E 465 39.52 32.93 14.95
C ARG E 465 39.52 32.21 16.28
N ASN E 466 39.97 30.96 16.27
CA ASN E 466 40.33 30.26 17.49
C ASN E 466 41.41 31.03 18.22
N SER E 467 41.14 31.40 19.48
CA SER E 467 42.02 32.33 20.19
C SER E 467 43.38 31.71 20.48
N TYR E 468 43.42 30.41 20.75
CA TYR E 468 44.69 29.75 21.04
C TYR E 468 45.54 29.59 19.78
N ASN E 469 44.91 29.20 18.68
CA ASN E 469 45.60 29.18 17.39
C ASN E 469 45.96 30.60 16.92
N THR E 470 45.18 31.60 17.29
CA THR E 470 45.57 32.99 17.00
C THR E 470 46.82 33.39 17.78
N VAL E 471 46.91 33.01 19.06
CA VAL E 471 48.10 33.29 19.87
C VAL E 471 49.33 32.64 19.26
N LYS E 472 49.17 31.38 18.85
CA LYS E 472 50.29 30.64 18.27
C LYS E 472 50.69 31.19 16.91
N ALA E 473 49.72 31.66 16.11
CA ALA E 473 50.05 32.29 14.84
C ALA E 473 50.73 33.63 15.03
N VAL E 474 50.36 34.39 16.07
CA VAL E 474 51.04 35.65 16.34
C VAL E 474 52.50 35.39 16.71
N LEU E 475 52.74 34.40 17.56
CA LEU E 475 54.13 34.08 17.91
C LEU E 475 54.90 33.50 16.74
N LYS E 476 54.24 32.76 15.86
CA LYS E 476 54.92 32.27 14.66
C LYS E 476 55.27 33.40 13.72
N ALA E 477 54.38 34.39 13.57
CA ALA E 477 54.62 35.53 12.69
C ALA E 477 55.74 36.41 13.21
N LEU E 478 55.75 36.71 14.50
CA LEU E 478 56.75 37.62 15.03
C LEU E 478 58.14 37.00 15.07
N ASN E 479 58.24 35.69 15.03
CA ASN E 479 59.53 35.02 14.97
C ASN E 479 59.98 34.72 13.55
N ALA E 480 59.19 35.03 12.54
CA ALA E 480 59.58 34.84 11.15
C ALA E 480 59.98 36.14 10.46
N VAL E 481 59.94 37.26 11.16
CA VAL E 481 60.38 38.54 10.63
C VAL E 481 61.90 38.54 10.53
N GLU E 482 62.42 38.99 9.39
CA GLU E 482 63.86 39.10 9.15
C GLU E 482 64.27 40.56 9.29
N THR E 483 65.03 40.87 10.34
CA THR E 483 65.45 42.23 10.60
C THR E 483 66.57 42.63 9.65
N PRO E 484 66.85 43.94 9.51
CA PRO E 484 68.04 44.35 8.74
C PRO E 484 69.35 43.79 9.28
N LYS E 485 69.47 43.58 10.59
CA LYS E 485 70.62 42.85 11.13
C LYS E 485 70.66 41.41 10.64
N ASP E 486 69.50 40.74 10.59
CA ASP E 486 69.44 39.37 10.10
C ASP E 486 69.83 39.27 8.65
N VAL E 487 69.34 40.20 7.82
CA VAL E 487 69.68 40.23 6.40
C VAL E 487 71.17 40.51 6.22
N GLN E 488 71.70 41.41 7.05
CA GLN E 488 73.11 41.78 7.00
C GLN E 488 74.01 40.60 7.34
N GLU E 489 73.59 39.78 8.31
CA GLU E 489 74.36 38.56 8.60
C GLU E 489 74.12 37.45 7.60
N LYS E 490 72.94 37.38 7.01
CA LYS E 490 72.64 36.29 6.09
C LYS E 490 73.33 36.47 4.75
N PHE E 491 73.43 37.71 4.26
CA PHE E 491 73.97 37.94 2.93
C PHE E 491 75.38 38.50 2.91
N GLY E 492 75.95 38.83 4.07
CA GLY E 492 77.30 39.36 4.12
C GLY E 492 77.45 40.71 3.47
N ARG E 493 76.46 41.58 3.62
CA ARG E 493 76.40 42.87 2.93
C ARG E 493 75.82 43.88 3.89
N THR E 494 76.06 45.16 3.62
CA THR E 494 75.56 46.23 4.47
C THR E 494 74.13 46.60 4.09
N VAL E 495 73.26 46.66 5.08
CA VAL E 495 71.86 47.07 4.93
C VAL E 495 71.71 48.45 5.55
N VAL E 496 71.18 49.40 4.78
CA VAL E 496 71.07 50.79 5.19
C VAL E 496 69.61 51.20 5.10
N GLU E 497 69.13 51.94 6.11
CA GLU E 497 67.85 52.62 5.98
C GLU E 497 67.91 53.64 4.85
N LYS E 498 66.81 53.74 4.12
CA LYS E 498 66.83 54.51 2.88
C LYS E 498 66.89 56.01 3.13
N TYR E 499 66.45 56.48 4.30
CA TYR E 499 66.45 57.92 4.54
C TYR E 499 67.82 58.40 5.00
N LEU E 500 68.70 57.48 5.39
CA LEU E 500 70.09 57.76 5.71
C LEU E 500 71.00 57.58 4.52
N LEU E 501 70.44 57.37 3.33
CA LEU E 501 71.24 57.02 2.18
C LEU E 501 71.65 58.26 1.43
N PRO F 2 53.67 -20.07 -42.57
CA PRO F 2 54.56 -20.27 -41.43
C PRO F 2 54.90 -21.74 -41.21
N LEU F 3 55.84 -21.99 -40.32
CA LEU F 3 56.29 -23.33 -40.02
C LEU F 3 55.47 -23.91 -38.87
N TYR F 4 54.94 -25.12 -39.07
CA TYR F 4 53.96 -25.70 -38.17
C TYR F 4 54.33 -27.12 -37.80
N ASP F 5 53.84 -27.56 -36.65
CA ASP F 5 53.90 -28.96 -36.25
C ASP F 5 52.49 -29.53 -36.22
N CYS F 6 52.23 -30.53 -37.05
CA CYS F 6 50.94 -31.21 -37.09
C CYS F 6 51.05 -32.48 -36.27
N MET F 7 50.45 -32.47 -35.08
CA MET F 7 50.46 -33.62 -34.19
C MET F 7 49.26 -34.49 -34.49
N LEU F 8 49.48 -35.79 -34.62
CA LEU F 8 48.44 -36.74 -34.98
C LEU F 8 48.47 -37.90 -33.99
N LEU F 9 47.41 -38.05 -33.21
CA LEU F 9 47.30 -39.15 -32.25
C LEU F 9 46.31 -40.16 -32.82
N PHE F 10 46.82 -41.24 -33.38
CA PHE F 10 45.98 -42.27 -33.98
C PHE F 10 45.40 -43.18 -32.91
N LYS F 11 44.33 -43.87 -33.28
CA LYS F 11 43.83 -44.97 -32.47
C LYS F 11 44.82 -46.12 -32.51
N PRO F 12 44.95 -46.88 -31.41
CA PRO F 12 46.00 -47.91 -31.35
C PRO F 12 45.73 -49.11 -32.26
N ILE F 13 44.52 -49.26 -32.79
CA ILE F 13 44.19 -50.40 -33.65
C ILE F 13 44.45 -50.11 -35.12
N ILE F 14 44.75 -48.86 -35.49
CA ILE F 14 44.94 -48.52 -36.89
C ILE F 14 46.26 -49.10 -37.38
N ARG F 15 46.22 -49.74 -38.54
CA ARG F 15 47.37 -50.43 -39.06
C ARG F 15 48.33 -49.45 -39.73
N LYS F 16 49.43 -49.99 -40.25
CA LYS F 16 50.46 -49.18 -40.90
C LYS F 16 49.90 -48.46 -42.12
N GLU F 17 49.05 -49.15 -42.88
CA GLU F 17 48.52 -48.62 -44.13
C GLU F 17 47.57 -47.46 -43.91
N GLY F 18 46.77 -47.52 -42.85
CA GLY F 18 45.88 -46.40 -42.54
C GLY F 18 46.64 -45.16 -42.09
N LEU F 19 47.66 -45.35 -41.27
CA LEU F 19 48.54 -44.25 -40.87
C LEU F 19 49.20 -43.61 -42.07
N ILE F 20 49.74 -44.42 -42.97
CA ILE F 20 50.39 -43.89 -44.16
C ILE F 20 49.38 -43.19 -45.05
N ASP F 21 48.16 -43.73 -45.15
CA ASP F 21 47.14 -43.12 -45.98
C ASP F 21 46.75 -41.73 -45.48
N LEU F 22 46.55 -41.59 -44.17
CA LEU F 22 46.16 -40.28 -43.64
C LEU F 22 47.31 -39.27 -43.71
N VAL F 23 48.53 -39.72 -43.39
CA VAL F 23 49.68 -38.83 -43.45
C VAL F 23 49.92 -38.36 -44.88
N ALA F 24 49.78 -39.27 -45.85
CA ALA F 24 49.94 -38.91 -47.25
C ALA F 24 48.81 -38.03 -47.76
N ARG F 25 47.58 -38.20 -47.25
CA ARG F 25 46.51 -37.31 -47.68
C ARG F 25 46.74 -35.89 -47.19
N ILE F 26 47.18 -35.73 -45.93
CA ILE F 26 47.51 -34.39 -45.43
C ILE F 26 48.71 -33.83 -46.19
N GLY F 27 49.68 -34.69 -46.51
CA GLY F 27 50.84 -34.23 -47.26
C GLY F 27 50.51 -33.75 -48.67
N LYS F 28 49.64 -34.47 -49.37
CA LYS F 28 49.20 -34.01 -50.68
C LYS F 28 48.34 -32.78 -50.57
N HIS F 29 47.65 -32.59 -49.44
CA HIS F 29 46.93 -31.34 -49.22
C HIS F 29 47.88 -30.17 -49.05
N VAL F 30 49.02 -30.39 -48.38
CA VAL F 30 50.00 -29.33 -48.17
C VAL F 30 50.68 -28.95 -49.48
N TYR F 31 50.99 -29.95 -50.32
CA TYR F 31 51.63 -29.69 -51.60
C TYR F 31 50.73 -28.90 -52.54
N SER F 32 49.43 -29.17 -52.52
CA SER F 32 48.51 -28.49 -53.43
C SER F 32 48.32 -27.02 -53.08
N LYS F 33 48.66 -26.61 -51.85
CA LYS F 33 48.56 -25.22 -51.44
C LYS F 33 49.90 -24.52 -51.47
N ASN F 34 50.84 -25.05 -52.27
CA ASN F 34 52.20 -24.53 -52.42
C ASN F 34 52.97 -24.53 -51.10
N GLY F 35 53.21 -25.74 -50.58
CA GLY F 35 53.86 -25.92 -49.30
C GLY F 35 54.95 -26.97 -49.35
N VAL F 36 55.81 -26.93 -48.35
CA VAL F 36 56.94 -27.84 -48.22
C VAL F 36 56.78 -28.66 -46.95
N LEU F 37 57.01 -29.96 -47.07
CA LEU F 37 57.06 -30.86 -45.93
C LEU F 37 58.52 -31.09 -45.58
N THR F 38 58.94 -30.67 -44.41
CA THR F 38 60.34 -30.76 -44.06
C THR F 38 60.66 -32.01 -43.24
N GLU F 39 59.67 -32.63 -42.62
CA GLU F 39 59.94 -33.59 -41.57
C GLU F 39 58.69 -34.41 -41.30
N VAL F 40 58.86 -35.71 -41.17
CA VAL F 40 57.81 -36.61 -40.70
C VAL F 40 58.46 -37.61 -39.74
N LYS F 41 57.82 -37.83 -38.59
CA LYS F 41 58.40 -38.71 -37.60
C LYS F 41 57.30 -39.42 -36.82
N SER F 42 57.69 -40.53 -36.21
CA SER F 42 56.79 -41.38 -35.44
C SER F 42 57.29 -41.47 -34.02
N PHE F 43 56.42 -41.20 -33.05
CA PHE F 43 56.79 -41.36 -31.65
C PHE F 43 56.40 -42.71 -31.09
N GLY F 44 55.96 -43.63 -31.94
CA GLY F 44 55.59 -44.96 -31.48
C GLY F 44 54.25 -44.96 -30.77
N LYS F 45 54.07 -45.97 -29.93
CA LYS F 45 52.88 -46.08 -29.12
C LYS F 45 53.08 -45.36 -27.79
N VAL F 46 52.10 -44.55 -27.42
CA VAL F 46 52.15 -43.78 -26.19
C VAL F 46 50.99 -44.23 -25.29
N GLU F 47 51.16 -44.02 -24.00
CA GLU F 47 50.10 -44.26 -23.03
C GLU F 47 49.45 -42.93 -22.69
N LEU F 48 48.13 -42.91 -22.64
CA LEU F 48 47.39 -41.69 -22.42
C LEU F 48 47.21 -41.41 -20.94
N GLY F 49 46.94 -40.15 -20.62
CA GLY F 49 46.72 -39.76 -19.24
C GLY F 49 45.36 -40.15 -18.71
N TYR F 50 44.36 -40.20 -19.58
CA TYR F 50 43.05 -40.72 -19.25
C TYR F 50 42.57 -41.57 -20.41
N GLY F 51 41.37 -42.11 -20.29
CA GLY F 51 40.82 -42.91 -21.36
C GLY F 51 40.03 -42.08 -22.35
N ILE F 52 40.57 -41.88 -23.55
CA ILE F 52 39.89 -41.06 -24.54
C ILE F 52 38.71 -41.85 -25.08
N LYS F 53 37.52 -41.28 -24.97
CA LYS F 53 36.31 -42.00 -25.31
C LYS F 53 35.81 -41.57 -26.68
N LYS F 54 35.65 -42.54 -27.57
CA LYS F 54 35.11 -42.29 -28.90
C LYS F 54 33.85 -43.11 -29.11
N LEU F 55 33.32 -43.10 -30.33
CA LEU F 55 32.17 -43.91 -30.64
C LEU F 55 32.51 -45.40 -30.64
N ASP F 56 33.78 -45.73 -30.93
CA ASP F 56 34.25 -47.10 -30.80
C ASP F 56 34.23 -47.57 -29.35
N GLY F 57 34.58 -46.69 -28.44
CA GLY F 57 34.75 -47.05 -27.05
C GLY F 57 35.78 -46.14 -26.40
N ARG F 58 36.52 -46.70 -25.45
CA ARG F 58 37.52 -45.98 -24.70
C ARG F 58 38.90 -46.54 -25.01
N HIS F 59 39.86 -45.67 -25.29
CA HIS F 59 41.20 -46.08 -25.65
C HIS F 59 42.20 -45.49 -24.66
N TYR F 60 43.15 -46.32 -24.25
CA TYR F 60 44.20 -45.91 -23.33
C TYR F 60 45.58 -45.93 -23.98
N GLN F 61 45.65 -46.19 -25.27
CA GLN F 61 46.89 -46.16 -26.03
C GLN F 61 46.65 -45.37 -27.31
N GLY F 62 47.72 -45.06 -28.00
CA GLY F 62 47.64 -44.35 -29.25
C GLY F 62 48.98 -44.32 -29.93
N GLN F 63 48.94 -44.04 -31.23
CA GLN F 63 50.15 -43.88 -32.03
C GLN F 63 50.33 -42.41 -32.36
N LEU F 64 51.51 -41.88 -32.06
CA LEU F 64 51.78 -40.45 -32.20
C LEU F 64 52.67 -40.19 -33.40
N MET F 65 52.21 -39.31 -34.28
CA MET F 65 52.93 -38.90 -35.48
C MET F 65 53.13 -37.39 -35.44
N GLN F 66 54.15 -36.91 -36.14
CA GLN F 66 54.36 -35.47 -36.27
C GLN F 66 54.82 -35.17 -37.69
N ILE F 67 54.11 -34.26 -38.35
CA ILE F 67 54.54 -33.70 -39.62
C ILE F 67 54.87 -32.24 -39.40
N THR F 68 56.07 -31.83 -39.81
CA THR F 68 56.46 -30.43 -39.77
C THR F 68 56.38 -29.88 -41.19
N MET F 69 55.64 -28.79 -41.35
CA MET F 69 55.34 -28.25 -42.67
C MET F 69 55.55 -26.74 -42.67
N MET F 70 55.96 -26.23 -43.83
CA MET F 70 55.94 -24.81 -44.13
C MET F 70 54.78 -24.58 -45.09
N ALA F 71 53.73 -23.92 -44.61
CA ALA F 71 52.46 -23.95 -45.29
C ALA F 71 51.78 -22.60 -45.14
N THR F 72 50.60 -22.48 -45.74
CA THR F 72 49.84 -21.25 -45.73
C THR F 72 49.29 -20.98 -44.32
N PRO F 73 49.03 -19.72 -43.97
CA PRO F 73 48.35 -19.44 -42.70
C PRO F 73 46.95 -20.01 -42.61
N ASN F 74 46.31 -20.33 -43.73
CA ASN F 74 44.94 -20.82 -43.71
C ASN F 74 44.85 -22.32 -43.44
N ILE F 75 45.97 -22.99 -43.17
CA ILE F 75 45.94 -24.45 -43.22
C ILE F 75 45.29 -25.07 -41.98
N ASN F 76 45.31 -24.42 -40.82
CA ASN F 76 44.59 -24.99 -39.68
C ASN F 76 43.09 -24.98 -39.92
N LYS F 77 42.58 -23.95 -40.59
CA LYS F 77 41.18 -23.93 -40.99
C LYS F 77 40.90 -24.97 -42.07
N GLU F 78 41.85 -25.21 -42.96
CA GLU F 78 41.63 -26.17 -44.05
C GLU F 78 41.82 -27.61 -43.61
N LEU F 79 42.31 -27.84 -42.40
CA LEU F 79 42.50 -29.17 -41.87
C LEU F 79 41.38 -29.58 -40.94
N HIS F 80 40.23 -28.91 -40.99
CA HIS F 80 39.16 -29.25 -40.07
C HIS F 80 38.44 -30.53 -40.43
N TYR F 81 38.81 -31.20 -41.51
CA TYR F 81 38.25 -32.51 -41.80
C TYR F 81 38.80 -33.59 -40.86
N LEU F 82 39.90 -33.30 -40.18
CA LEU F 82 40.44 -34.23 -39.19
C LEU F 82 39.58 -34.29 -37.93
N ASN F 83 38.64 -33.37 -37.75
CA ASN F 83 37.69 -33.47 -36.64
C ASN F 83 36.68 -34.58 -36.87
N LYS F 84 36.51 -35.03 -38.10
CA LYS F 84 35.54 -36.06 -38.46
C LYS F 84 36.25 -37.29 -38.99
N ASP F 85 37.46 -37.55 -38.49
CA ASP F 85 38.27 -38.66 -38.96
C ASP F 85 38.30 -39.75 -37.91
N ASP F 86 37.96 -40.97 -38.32
CA ASP F 86 37.77 -42.07 -37.39
C ASP F 86 39.06 -42.81 -37.04
N LYS F 87 40.15 -42.54 -37.76
CA LYS F 87 41.43 -43.12 -37.40
C LYS F 87 42.14 -42.36 -36.29
N LEU F 88 41.59 -41.22 -35.87
CA LEU F 88 42.30 -40.30 -35.00
C LEU F 88 41.65 -40.26 -33.63
N LEU F 89 42.49 -40.18 -32.61
CA LEU F 89 42.04 -39.80 -31.28
C LEU F 89 42.04 -38.28 -31.14
N ARG F 90 43.18 -37.65 -31.42
CA ARG F 90 43.33 -36.20 -31.34
C ARG F 90 44.22 -35.73 -32.47
N TRP F 91 44.10 -34.45 -32.80
CA TRP F 91 45.03 -33.78 -33.69
C TRP F 91 45.22 -32.35 -33.21
N LEU F 92 46.39 -31.80 -33.49
CA LEU F 92 46.71 -30.44 -33.06
C LEU F 92 47.76 -29.84 -33.97
N LEU F 93 47.53 -28.62 -34.41
CA LEU F 93 48.50 -27.86 -35.19
C LEU F 93 49.05 -26.75 -34.30
N VAL F 94 50.37 -26.71 -34.15
CA VAL F 94 51.01 -25.69 -33.34
C VAL F 94 52.10 -25.03 -34.18
N LYS F 95 52.34 -23.74 -33.92
CA LYS F 95 53.48 -23.07 -34.52
C LYS F 95 54.77 -23.70 -34.02
N HIS F 96 55.72 -23.88 -34.93
CA HIS F 96 56.94 -24.61 -34.61
C HIS F 96 57.77 -23.90 -33.55
N ARG F 97 58.26 -24.67 -32.59
CA ARG F 97 58.99 -24.15 -31.45
C ARG F 97 60.43 -24.64 -31.48
N ASP F 98 61.31 -23.86 -30.85
CA ASP F 98 62.75 -24.16 -30.83
C ASP F 98 63.11 -25.03 -29.63
N ILE F 99 62.38 -26.12 -29.45
CA ILE F 99 62.51 -27.00 -28.30
C ILE F 99 62.88 -28.38 -28.83
N LYS F 100 63.79 -29.05 -28.15
CA LYS F 100 64.13 -30.43 -28.49
C LYS F 100 63.10 -31.36 -27.86
N ILE F 101 62.34 -32.06 -28.70
CA ILE F 101 61.42 -33.11 -28.27
C ILE F 101 62.10 -34.45 -28.50
N GLY F 102 62.25 -35.22 -27.42
CA GLY F 102 62.89 -36.52 -27.51
C GLY F 102 62.04 -37.63 -26.95
N UNK G 1 30.70 -39.99 62.08
CA UNK G 1 30.90 -40.07 63.52
C UNK G 1 29.75 -39.36 64.26
N UNK G 2 29.28 -38.26 63.68
CA UNK G 2 28.12 -37.57 64.24
C UNK G 2 26.85 -38.39 64.06
N UNK G 3 26.79 -39.17 62.97
CA UNK G 3 25.69 -40.09 62.72
C UNK G 3 26.15 -41.51 62.99
N UNK G 4 25.31 -42.27 63.70
CA UNK G 4 25.56 -43.66 64.07
C UNK G 4 26.87 -43.82 64.86
N UNK G 5 26.87 -43.23 66.06
CA UNK G 5 28.02 -43.34 66.94
C UNK G 5 28.22 -44.75 67.47
N UNK G 6 27.17 -45.58 67.49
CA UNK G 6 27.32 -46.96 67.91
C UNK G 6 28.16 -47.76 66.91
N UNK G 7 27.96 -47.53 65.62
CA UNK G 7 28.78 -48.19 64.60
C UNK G 7 30.22 -47.69 64.62
N UNK G 8 30.42 -46.40 64.88
CA UNK G 8 31.77 -45.86 64.97
C UNK G 8 32.50 -46.35 66.22
N UNK G 9 31.77 -46.57 67.33
CA UNK G 9 32.41 -47.06 68.54
C UNK G 9 32.89 -48.50 68.37
N UNK G 10 32.08 -49.35 67.74
CA UNK G 10 32.50 -50.70 67.38
C UNK G 10 33.04 -50.69 65.94
N GLY G 11 34.10 -49.91 65.76
CA GLY G 11 34.59 -49.57 64.43
C GLY G 11 35.36 -50.67 63.72
N GLY G 12 34.71 -51.28 62.74
CA GLY G 12 35.38 -52.19 61.83
C GLY G 12 35.03 -51.83 60.40
N LEU G 13 34.87 -50.54 60.16
CA LEU G 13 34.38 -50.02 58.89
C LEU G 13 35.50 -49.31 58.14
N ASP G 14 35.19 -48.91 56.91
CA ASP G 14 36.06 -48.06 56.11
C ASP G 14 35.31 -46.76 55.78
N GLY G 15 35.91 -45.94 54.92
CA GLY G 15 35.30 -44.67 54.56
C GLY G 15 34.00 -44.82 53.79
N GLU G 16 33.97 -45.76 52.84
CA GLU G 16 32.78 -45.96 52.02
C GLU G 16 31.62 -46.51 52.85
N GLN G 17 31.90 -47.42 53.78
CA GLN G 17 30.84 -47.99 54.61
C GLN G 17 30.28 -46.95 55.59
N LYS G 18 31.16 -46.14 56.18
CA LYS G 18 30.71 -45.05 57.05
C LYS G 18 29.88 -44.04 56.28
N LEU G 19 30.30 -43.71 55.05
CA LEU G 19 29.54 -42.78 54.23
C LEU G 19 28.20 -43.35 53.82
N LEU G 20 28.14 -44.66 53.55
CA LEU G 20 26.89 -45.32 53.21
C LEU G 20 25.92 -45.29 54.39
N ILE G 21 26.41 -45.57 55.60
CA ILE G 21 25.56 -45.50 56.78
C ILE G 21 25.08 -44.08 57.04
N LYS G 22 25.97 -43.10 56.88
CA LYS G 22 25.62 -41.71 57.11
C LYS G 22 24.59 -41.22 56.09
N LYS G 23 24.73 -41.62 54.82
CA LYS G 23 23.75 -41.23 53.82
C LYS G 23 22.42 -41.95 54.01
N LEU G 24 22.45 -43.21 54.49
CA LEU G 24 21.21 -43.93 54.75
C LEU G 24 20.44 -43.30 55.90
N VAL G 25 21.15 -42.84 56.93
CA VAL G 25 20.48 -42.18 58.05
C VAL G 25 20.00 -40.78 57.66
N ASN G 26 20.86 -39.99 57.01
CA ASN G 26 20.66 -38.55 56.88
C ASN G 26 19.74 -38.13 55.74
N PHE G 27 19.49 -39.00 54.74
CA PHE G 27 18.77 -38.55 53.55
C PHE G 27 17.30 -38.30 53.84
N ARG G 28 16.69 -39.07 54.74
CA ARG G 28 15.28 -38.91 55.06
C ARG G 28 15.06 -38.21 56.40
N MET G 29 16.09 -37.60 56.97
CA MET G 29 15.90 -36.79 58.16
C MET G 29 15.28 -35.46 57.77
N LYS G 30 14.19 -35.10 58.45
CA LYS G 30 13.53 -33.82 58.27
C LYS G 30 13.52 -33.07 59.59
N GLU G 31 13.62 -31.73 59.50
CA GLU G 31 13.48 -30.81 60.63
C GLU G 31 14.51 -31.05 61.73
N GLY G 32 15.65 -31.62 61.38
CA GLY G 32 16.69 -31.93 62.36
C GLY G 32 16.32 -32.97 63.39
N LYS G 33 15.54 -33.98 63.00
CA LYS G 33 15.07 -35.02 63.90
C LYS G 33 15.65 -36.36 63.43
N ARG G 34 16.74 -36.78 64.06
CA ARG G 34 17.51 -37.95 63.62
C ARG G 34 17.05 -39.26 64.24
N THR G 35 16.54 -39.22 65.49
CA THR G 35 16.47 -40.40 66.34
C THR G 35 15.53 -41.47 65.79
N ARG G 36 14.38 -41.07 65.25
CA ARG G 36 13.40 -42.06 64.79
C ARG G 36 13.86 -42.74 63.50
N VAL G 37 14.39 -41.95 62.56
CA VAL G 37 14.92 -42.52 61.32
C VAL G 37 16.13 -43.40 61.60
N ARG G 38 16.97 -42.98 62.55
CA ARG G 38 18.13 -43.79 62.93
C ARG G 38 17.71 -45.08 63.61
N ALA G 39 16.63 -45.05 64.40
CA ALA G 39 16.11 -46.26 65.01
C ALA G 39 15.53 -47.21 63.98
N ILE G 40 14.86 -46.67 62.95
CA ILE G 40 14.35 -47.48 61.85
C ILE G 40 15.50 -48.15 61.11
N VAL G 41 16.57 -47.40 60.83
CA VAL G 41 17.74 -47.95 60.16
C VAL G 41 18.44 -48.98 61.05
N TYR G 42 18.45 -48.76 62.37
CA TYR G 42 19.04 -49.72 63.31
C TYR G 42 18.28 -51.04 63.31
N GLN G 43 16.95 -50.99 63.30
CA GLN G 43 16.17 -52.23 63.26
C GLN G 43 16.31 -52.93 61.92
N THR G 44 16.42 -52.16 60.82
CA THR G 44 16.69 -52.75 59.52
C THR G 44 18.06 -53.43 59.48
N PHE G 45 19.04 -52.85 60.18
CA PHE G 45 20.32 -53.54 60.38
C PHE G 45 20.13 -54.80 61.21
N HIS G 46 19.31 -54.73 62.25
CA HIS G 46 19.21 -55.82 63.22
C HIS G 46 18.50 -57.05 62.68
N ARG G 47 17.59 -56.87 61.72
CA ARG G 47 16.82 -58.01 61.22
C ARG G 47 17.67 -59.11 60.57
N PRO G 48 18.65 -58.83 59.70
CA PRO G 48 19.54 -59.92 59.26
C PRO G 48 20.77 -60.12 60.12
N ALA G 49 21.06 -59.21 61.06
CA ALA G 49 22.22 -59.38 61.92
C ALA G 49 22.03 -60.42 63.00
N ARG G 50 20.78 -60.77 63.34
CA ARG G 50 20.50 -61.78 64.34
C ARG G 50 20.51 -63.19 63.76
N THR G 51 20.80 -63.33 62.47
CA THR G 51 20.83 -64.63 61.80
C THR G 51 22.19 -64.85 61.16
N GLU G 52 23.25 -64.65 61.94
CA GLU G 52 24.65 -64.60 61.50
C GLU G 52 24.77 -63.48 60.47
N ARG G 53 25.70 -63.64 59.51
CA ARG G 53 25.97 -62.87 58.29
C ARG G 53 26.35 -61.41 58.55
N ASP G 54 26.98 -60.78 57.56
CA ASP G 54 27.50 -59.43 57.67
C ASP G 54 26.54 -58.48 56.95
N VAL G 55 25.78 -57.70 57.72
CA VAL G 55 24.78 -56.81 57.14
C VAL G 55 25.43 -55.66 56.38
N ILE G 56 26.61 -55.21 56.82
CA ILE G 56 27.27 -54.06 56.19
C ILE G 56 27.74 -54.42 54.79
N LYS G 57 28.35 -55.61 54.63
CA LYS G 57 28.77 -56.06 53.31
C LYS G 57 27.56 -56.33 52.42
N LEU G 58 26.46 -56.81 53.01
CA LEU G 58 25.24 -57.02 52.25
C LEU G 58 24.69 -55.70 51.69
N MET G 59 24.70 -54.64 52.50
CA MET G 59 24.20 -53.37 52.00
C MET G 59 25.17 -52.70 51.04
N VAL G 60 26.47 -52.96 51.20
CA VAL G 60 27.45 -52.49 50.21
C VAL G 60 27.18 -53.15 48.86
N ASP G 61 26.93 -54.46 48.85
CA ASP G 61 26.60 -55.15 47.61
C ASP G 61 25.23 -54.76 47.07
N ALA G 62 24.31 -54.35 47.96
CA ALA G 62 22.99 -53.93 47.51
C ALA G 62 23.03 -52.55 46.86
N VAL G 63 23.82 -51.63 47.42
CA VAL G 63 23.95 -50.29 46.83
C VAL G 63 24.67 -50.37 45.49
N GLU G 64 25.63 -51.29 45.35
CA GLU G 64 26.38 -51.45 44.10
C GLU G 64 25.49 -51.87 42.93
N ASN G 65 24.43 -52.64 43.21
CA ASN G 65 23.50 -53.05 42.16
C ASN G 65 22.60 -51.93 41.70
N ILE G 66 22.53 -50.81 42.43
CA ILE G 66 21.69 -49.67 42.08
C ILE G 66 22.51 -48.49 41.59
N LYS G 67 23.84 -48.59 41.61
CA LYS G 67 24.70 -47.47 41.25
C LYS G 67 24.58 -47.16 39.76
N PRO G 68 24.15 -45.96 39.38
CA PRO G 68 24.00 -45.65 37.94
C PRO G 68 25.30 -45.20 37.29
N ILE G 69 25.70 -45.91 36.24
CA ILE G 69 26.93 -45.55 35.54
C ILE G 69 26.77 -44.26 34.74
N CYS G 70 25.62 -44.07 34.09
CA CYS G 70 25.39 -42.92 33.23
C CYS G 70 24.08 -42.24 33.63
N GLU G 71 24.04 -40.91 33.44
CA GLU G 71 22.85 -40.11 33.69
C GLU G 71 22.65 -39.16 32.52
N VAL G 72 21.52 -38.46 32.53
CA VAL G 72 21.17 -37.55 31.44
C VAL G 72 20.95 -36.17 32.02
N ALA G 73 21.22 -35.13 31.21
CA ALA G 73 21.01 -33.75 31.61
C ALA G 73 20.35 -32.99 30.48
N LYS G 74 19.62 -31.93 30.84
CA LYS G 74 18.88 -31.14 29.86
C LYS G 74 19.72 -29.95 29.42
N VAL G 75 20.05 -29.91 28.14
CA VAL G 75 20.82 -28.83 27.53
C VAL G 75 20.01 -28.25 26.38
N GLY G 76 19.79 -26.94 26.40
CA GLY G 76 19.07 -26.28 25.33
C GLY G 76 19.98 -25.78 24.23
N VAL G 77 19.77 -26.25 23.01
CA VAL G 77 20.59 -25.88 21.85
C VAL G 77 19.67 -25.31 20.78
N ALA G 78 19.94 -24.06 20.38
CA ALA G 78 19.22 -23.34 19.32
C ALA G 78 17.72 -23.24 19.62
N GLY G 79 17.37 -23.08 20.90
CA GLY G 79 16.00 -22.93 21.31
C GLY G 79 15.24 -24.22 21.51
N THR G 80 15.83 -25.36 21.20
CA THR G 80 15.21 -26.66 21.39
C THR G 80 16.00 -27.45 22.43
N ILE G 81 15.30 -27.98 23.43
CA ILE G 81 15.93 -28.62 24.56
C ILE G 81 16.28 -30.06 24.18
N TYR G 82 17.56 -30.42 24.36
CA TYR G 82 18.04 -31.76 24.10
C TYR G 82 18.18 -32.54 25.42
N ASP G 83 18.65 -33.78 25.30
CA ASP G 83 18.96 -34.63 26.44
C ASP G 83 20.37 -35.18 26.23
N VAL G 84 21.31 -34.71 27.02
CA VAL G 84 22.73 -35.03 26.86
C VAL G 84 23.12 -36.06 27.91
N PRO G 85 23.65 -37.22 27.54
CA PRO G 85 24.12 -38.18 28.53
C PRO G 85 25.41 -37.73 29.18
N GLY G 86 25.68 -38.28 30.35
CA GLY G 86 26.87 -37.92 31.10
C GLY G 86 27.28 -39.00 32.07
N ILE G 87 28.53 -38.89 32.52
CA ILE G 87 29.11 -39.85 33.46
C ILE G 87 28.79 -39.43 34.88
N VAL G 88 28.45 -40.41 35.72
CA VAL G 88 28.10 -40.17 37.13
C VAL G 88 29.33 -40.43 37.98
N ALA G 89 29.65 -39.48 38.86
CA ALA G 89 30.74 -39.66 39.79
C ALA G 89 30.35 -40.63 40.90
N ARG G 90 31.36 -41.18 41.57
CA ARG G 90 31.16 -42.28 42.52
C ARG G 90 30.34 -41.84 43.73
N ASP G 91 30.62 -40.65 44.26
CA ASP G 91 29.81 -40.10 45.34
C ASP G 91 28.37 -39.88 44.89
N ARG G 92 28.20 -39.34 43.66
CA ARG G 92 26.86 -39.19 43.12
C ARG G 92 26.22 -40.54 42.83
N GLN G 93 27.01 -41.55 42.46
CA GLN G 93 26.48 -42.90 42.28
C GLN G 93 25.89 -43.44 43.58
N GLN G 94 26.65 -43.32 44.67
CA GLN G 94 26.17 -43.76 45.99
C GLN G 94 24.94 -42.96 46.43
N THR G 95 24.98 -41.63 46.22
CA THR G 95 23.87 -40.78 46.62
C THR G 95 22.59 -41.13 45.86
N LEU G 96 22.69 -41.33 44.55
CA LEU G 96 21.53 -41.67 43.74
C LEU G 96 21.00 -43.06 44.09
N ALA G 97 21.90 -44.02 44.34
CA ALA G 97 21.46 -45.37 44.71
C ALA G 97 20.70 -45.36 46.04
N ILE G 98 21.24 -44.69 47.05
CA ILE G 98 20.58 -44.64 48.35
C ILE G 98 19.29 -43.84 48.28
N ARG G 99 19.27 -42.77 47.46
CA ARG G 99 18.06 -41.98 47.28
C ARG G 99 16.95 -42.80 46.63
N TRP G 100 17.28 -43.59 45.60
CA TRP G 100 16.28 -44.42 44.95
C TRP G 100 15.80 -45.53 45.88
N ILE G 101 16.70 -46.09 46.69
CA ILE G 101 16.30 -47.14 47.64
C ILE G 101 15.33 -46.57 48.68
N LEU G 102 15.61 -45.38 49.20
CA LEU G 102 14.73 -44.79 50.20
C LEU G 102 13.40 -44.33 49.60
N GLU G 103 13.43 -43.85 48.34
CA GLU G 103 12.18 -43.52 47.66
C GLU G 103 11.31 -44.75 47.47
N ALA G 104 11.91 -45.86 47.03
CA ALA G 104 11.16 -47.11 46.86
C ALA G 104 10.60 -47.62 48.18
N ALA G 105 11.40 -47.55 49.24
CA ALA G 105 10.94 -48.03 50.55
C ALA G 105 9.80 -47.18 51.09
N PHE G 106 9.89 -45.85 50.96
CA PHE G 106 8.85 -45.01 51.54
C PHE G 106 7.58 -45.02 50.70
N LYS G 107 7.69 -45.16 49.38
CA LYS G 107 6.50 -45.36 48.56
C LYS G 107 5.89 -46.73 48.81
N ARG G 108 6.70 -47.74 49.11
CA ARG G 108 6.16 -49.04 49.50
C ARG G 108 5.42 -48.95 50.83
N ARG G 109 5.91 -48.11 51.76
CA ARG G 109 5.17 -47.91 53.00
C ARG G 109 3.85 -47.19 52.75
N ILE G 110 3.86 -46.15 51.91
CA ILE G 110 2.62 -45.41 51.67
C ILE G 110 1.64 -46.21 50.81
N SER G 111 2.11 -47.25 50.11
CA SER G 111 1.21 -48.10 49.34
C SER G 111 0.69 -49.30 50.13
N TYR G 112 1.59 -50.10 50.72
CA TYR G 112 1.20 -51.32 51.41
C TYR G 112 0.79 -51.13 52.86
N ARG G 113 1.23 -50.03 53.48
CA ARG G 113 0.88 -49.67 54.87
C ARG G 113 1.30 -50.75 55.86
N ILE G 114 2.61 -50.96 55.96
CA ILE G 114 3.22 -51.80 56.98
C ILE G 114 4.33 -51.00 57.64
N SER G 115 5.10 -51.63 58.51
CA SER G 115 6.19 -50.94 59.20
C SER G 115 7.28 -50.53 58.22
N LEU G 116 7.92 -49.39 58.52
CA LEU G 116 8.92 -48.84 57.62
C LEU G 116 10.20 -49.69 57.60
N GLU G 117 10.49 -50.36 58.71
CA GLU G 117 11.63 -51.27 58.75
C GLU G 117 11.44 -52.43 57.78
N LYS G 118 10.20 -52.94 57.71
CA LYS G 118 9.88 -54.01 56.78
C LYS G 118 10.06 -53.58 55.34
N CYS G 119 9.60 -52.37 55.00
CA CYS G 119 9.75 -51.86 53.64
C CYS G 119 11.22 -51.61 53.30
N SER G 120 11.98 -51.07 54.24
CA SER G 120 13.40 -50.82 53.99
C SER G 120 14.17 -52.12 53.78
N PHE G 121 13.93 -53.12 54.63
CA PHE G 121 14.60 -54.41 54.46
C PHE G 121 14.15 -55.11 53.18
N ALA G 122 12.86 -54.99 52.84
CA ALA G 122 12.36 -55.61 51.61
C ALA G 122 12.97 -54.98 50.37
N GLU G 123 13.10 -53.64 50.35
CA GLU G 123 13.65 -52.99 49.17
C GLU G 123 15.16 -53.20 49.07
N ILE G 124 15.87 -53.26 50.20
CA ILE G 124 17.30 -53.59 50.15
C ILE G 124 17.49 -55.03 49.70
N LEU G 125 16.59 -55.94 50.11
CA LEU G 125 16.64 -57.32 49.63
C LEU G 125 16.36 -57.41 48.14
N ASP G 126 15.40 -56.62 47.64
CA ASP G 126 15.14 -56.57 46.20
C ASP G 126 16.35 -56.04 45.44
N ALA G 127 17.02 -55.03 46.01
CA ALA G 127 18.27 -54.53 45.43
C ALA G 127 19.37 -55.59 45.47
N TYR G 128 19.31 -56.51 46.43
CA TYR G 128 20.36 -57.51 46.55
C TYR G 128 20.28 -58.58 45.48
N GLN G 129 19.07 -58.90 45.00
CA GLN G 129 18.92 -59.85 43.89
C GLN G 129 18.66 -59.15 42.56
N LYS G 130 19.11 -57.90 42.42
CA LYS G 130 19.06 -57.13 41.17
C LYS G 130 17.64 -57.01 40.62
N ARG G 131 16.69 -56.66 41.49
CA ARG G 131 15.31 -56.45 41.08
C ARG G 131 14.71 -55.31 41.88
N GLY G 132 13.40 -55.08 41.73
CA GLY G 132 12.71 -54.05 42.48
C GLY G 132 12.68 -52.71 41.76
N SER G 133 11.99 -51.77 42.41
CA SER G 133 11.72 -50.46 41.82
C SER G 133 13.00 -49.64 41.63
N ALA G 134 13.97 -49.77 42.54
CA ALA G 134 15.23 -49.06 42.37
C ALA G 134 16.01 -49.60 41.17
N ARG G 135 15.99 -50.92 40.96
CA ARG G 135 16.60 -51.50 39.78
C ARG G 135 15.88 -51.06 38.52
N ARG G 136 14.55 -50.94 38.57
CA ARG G 136 13.80 -50.41 37.43
C ARG G 136 14.18 -48.96 37.14
N LYS G 137 14.38 -48.16 38.18
CA LYS G 137 14.81 -46.77 37.99
C LYS G 137 16.20 -46.69 37.36
N ARG G 138 17.11 -47.54 37.82
CA ARG G 138 18.44 -47.61 37.21
C ARG G 138 18.36 -48.03 35.75
N GLU G 139 17.53 -49.03 35.45
CA GLU G 139 17.34 -49.49 34.07
C GLU G 139 16.74 -48.39 33.20
N ASN G 140 15.77 -47.65 33.73
CA ASN G 140 15.15 -46.55 32.98
C ASN G 140 16.15 -45.44 32.71
N LEU G 141 17.00 -45.11 33.69
CA LEU G 141 18.01 -44.08 33.48
C LEU G 141 19.06 -44.52 32.47
N HIS G 142 19.47 -45.79 32.52
CA HIS G 142 20.41 -46.30 31.53
C HIS G 142 19.80 -46.33 30.14
N GLY G 143 18.51 -46.66 30.04
CA GLY G 143 17.83 -46.63 28.75
C GLY G 143 17.69 -45.23 28.19
N LEU G 144 17.41 -44.25 29.07
CA LEU G 144 17.35 -42.86 28.62
C LEU G 144 18.72 -42.35 28.21
N ALA G 145 19.78 -42.80 28.89
CA ALA G 145 21.13 -42.41 28.48
C ALA G 145 21.52 -43.03 27.14
N SER G 146 21.18 -44.30 26.93
CA SER G 146 21.54 -44.97 25.68
C SER G 146 20.67 -44.52 24.51
N THR G 147 19.44 -44.08 24.79
CA THR G 147 18.56 -43.62 23.72
C THR G 147 19.04 -42.30 23.14
N ASN G 148 19.46 -41.37 23.99
CA ASN G 148 19.93 -40.05 23.57
C ASN G 148 21.44 -40.01 23.43
N ARG G 149 22.06 -41.14 23.08
CA ARG G 149 23.51 -41.20 22.98
C ARG G 149 24.05 -40.46 21.76
N SER G 150 23.20 -40.22 20.75
CA SER G 150 23.61 -39.45 19.59
C SER G 150 23.62 -37.96 19.85
N PHE G 151 22.99 -37.50 20.93
CA PHE G 151 23.01 -36.11 21.32
C PHE G 151 24.19 -35.78 22.22
N ALA G 152 25.08 -36.73 22.46
CA ALA G 152 26.35 -36.44 23.10
C ALA G 152 27.23 -35.62 22.16
N HIS G 153 28.30 -35.05 22.73
CA HIS G 153 29.22 -34.01 22.25
C HIS G 153 28.53 -32.64 22.28
N PHE G 154 27.28 -32.56 22.72
CA PHE G 154 26.64 -31.33 23.15
C PHE G 154 26.97 -31.01 24.60
N ARG G 155 27.86 -31.81 25.20
CA ARG G 155 28.27 -31.79 26.59
C ARG G 155 29.06 -30.52 26.89
N TRP G 156 29.00 -30.07 28.15
CA TRP G 156 29.79 -28.93 28.60
C TRP G 156 30.57 -29.15 29.89
N TRP G 157 30.22 -30.13 30.71
CA TRP G 157 30.84 -30.27 32.03
C TRP G 157 32.20 -30.94 31.98
N GLY H 2 59.74 30.81 -23.22
CA GLY H 2 60.62 30.08 -22.34
C GLY H 2 60.25 30.25 -20.89
N ARG H 3 59.00 30.62 -20.62
CA ARG H 3 58.57 30.84 -19.25
C ARG H 3 58.50 29.55 -18.45
N ARG H 4 58.11 28.45 -19.09
CA ARG H 4 57.93 27.19 -18.39
C ARG H 4 59.27 26.62 -17.91
N ILE H 5 60.28 26.60 -18.79
CA ILE H 5 61.57 26.04 -18.39
C ILE H 5 62.27 26.96 -17.39
N LEU H 6 62.03 28.27 -17.46
CA LEU H 6 62.59 29.17 -16.47
C LEU H 6 61.98 28.91 -15.09
N ASN H 7 60.66 28.73 -15.03
CA ASN H 7 60.03 28.37 -13.76
C ASN H 7 60.49 27.00 -13.27
N ASP H 8 60.70 26.06 -14.20
CA ASP H 8 61.22 24.74 -13.84
C ASP H 8 62.58 24.84 -13.18
N ALA H 9 63.48 25.66 -13.76
CA ALA H 9 64.81 25.78 -13.21
C ALA H 9 64.83 26.50 -11.86
N LEU H 10 64.03 27.57 -11.73
CA LEU H 10 63.98 28.28 -10.47
C LEU H 10 63.38 27.42 -9.36
N ARG H 11 62.39 26.59 -9.69
CA ARG H 11 61.81 25.66 -8.72
C ARG H 11 62.78 24.54 -8.37
N THR H 12 63.57 24.07 -9.33
CA THR H 12 64.59 23.07 -9.05
C THR H 12 65.62 23.61 -8.05
N ILE H 13 66.01 24.88 -8.24
CA ILE H 13 66.92 25.53 -7.31
C ILE H 13 66.33 25.62 -5.91
N VAL H 14 65.06 26.04 -5.82
CA VAL H 14 64.38 26.17 -4.52
C VAL H 14 64.28 24.82 -3.81
N ASN H 15 63.92 23.77 -4.58
CA ASN H 15 63.72 22.45 -3.98
C ASN H 15 65.02 21.85 -3.48
N ALA H 16 66.11 21.98 -4.24
CA ALA H 16 67.37 21.46 -3.74
C ALA H 16 67.98 22.36 -2.69
N GLU H 17 67.60 23.63 -2.65
CA GLU H 17 67.98 24.53 -1.59
C GLU H 17 67.41 24.08 -0.27
N ARG H 18 66.14 23.68 -0.26
CA ARG H 18 65.53 23.21 0.98
C ARG H 18 65.96 21.81 1.37
N ARG H 19 66.67 21.10 0.51
CA ARG H 19 67.29 19.84 0.90
C ARG H 19 68.70 20.04 1.41
N GLY H 20 69.20 21.27 1.45
CA GLY H 20 70.55 21.57 1.88
C GLY H 20 71.65 21.10 0.96
N LYS H 21 71.44 21.15 -0.35
CA LYS H 21 72.41 20.62 -1.30
C LYS H 21 73.42 21.67 -1.69
N ALA H 22 74.54 21.20 -2.25
CA ALA H 22 75.63 22.07 -2.65
C ALA H 22 75.48 22.59 -4.07
N SER H 23 74.93 21.79 -4.98
CA SER H 23 74.85 22.20 -6.37
C SER H 23 73.63 21.57 -7.03
N VAL H 24 73.17 22.21 -8.11
CA VAL H 24 72.11 21.67 -8.97
C VAL H 24 72.58 21.70 -10.41
N GLU H 25 71.92 20.87 -11.22
CA GLU H 25 72.07 20.84 -12.67
C GLU H 25 70.76 21.31 -13.29
N LEU H 26 70.84 22.25 -14.20
CA LEU H 26 69.67 22.78 -14.90
C LEU H 26 69.72 22.38 -16.36
N LYS H 27 68.60 21.92 -16.89
CA LYS H 27 68.47 21.56 -18.29
C LYS H 27 66.99 21.39 -18.63
N PRO H 28 66.48 22.02 -19.70
CA PRO H 28 67.14 22.92 -20.65
C PRO H 28 67.31 24.33 -20.09
N ILE H 29 68.24 25.08 -20.69
CA ILE H 29 68.58 26.42 -20.26
C ILE H 29 68.34 27.37 -21.42
N SER H 30 68.50 28.66 -21.14
CA SER H 30 68.41 29.70 -22.16
C SER H 30 69.29 30.86 -21.71
N THR H 31 69.41 31.85 -22.59
CA THR H 31 70.11 33.09 -22.23
C THR H 31 69.35 33.88 -21.17
N VAL H 32 68.03 33.86 -21.21
CA VAL H 32 67.21 34.47 -20.16
C VAL H 32 67.49 33.84 -18.81
N MET H 33 67.63 32.51 -18.79
CA MET H 33 67.91 31.80 -17.55
C MET H 33 69.27 32.20 -16.97
N SER H 34 70.30 32.29 -17.82
CA SER H 34 71.62 32.66 -17.33
C SER H 34 71.68 34.12 -16.91
N SER H 35 70.89 35.01 -17.53
CA SER H 35 70.84 36.40 -17.08
C SER H 35 70.13 36.53 -15.74
N PHE H 36 69.05 35.77 -15.54
CA PHE H 36 68.40 35.69 -14.24
C PHE H 36 69.38 35.18 -13.18
N LEU H 37 70.18 34.19 -13.52
CA LEU H 37 71.15 33.64 -12.57
C LEU H 37 72.28 34.61 -12.29
N ARG H 38 72.70 35.39 -13.29
CA ARG H 38 73.71 36.43 -13.05
C ARG H 38 73.19 37.48 -12.08
N ILE H 39 71.93 37.87 -12.21
CA ILE H 39 71.34 38.81 -11.25
C ILE H 39 71.26 38.18 -9.87
N MET H 40 70.90 36.90 -9.78
CA MET H 40 70.85 36.24 -8.47
C MET H 40 72.23 36.13 -7.84
N LYS H 41 73.26 35.88 -8.65
CA LYS H 41 74.62 35.78 -8.14
C LYS H 41 75.13 37.13 -7.66
N GLU H 42 74.77 38.21 -8.38
CA GLU H 42 75.20 39.55 -7.97
C GLU H 42 74.60 39.96 -6.65
N LYS H 43 73.34 39.62 -6.38
CA LYS H 43 72.72 39.97 -5.11
C LYS H 43 73.06 38.98 -4.01
N GLY H 44 73.85 37.96 -4.30
CA GLY H 44 74.36 37.05 -3.32
C GLY H 44 73.47 35.88 -2.98
N TYR H 45 72.42 35.63 -3.76
CA TYR H 45 71.50 34.55 -3.42
C TYR H 45 72.07 33.18 -3.78
N ILE H 46 72.87 33.10 -4.84
CA ILE H 46 73.63 31.90 -5.14
C ILE H 46 75.10 32.27 -5.12
N LYS H 47 75.94 31.25 -5.00
CA LYS H 47 77.38 31.47 -4.96
C LYS H 47 77.95 31.74 -6.35
N ASN H 48 77.72 30.83 -7.28
CA ASN H 48 78.33 30.86 -8.59
C ASN H 48 77.51 29.97 -9.51
N PHE H 49 77.63 30.21 -10.80
CA PHE H 49 77.04 29.31 -11.79
C PHE H 49 77.93 29.22 -13.02
N GLN H 50 77.89 28.05 -13.66
CA GLN H 50 78.66 27.78 -14.87
C GLN H 50 77.71 27.38 -15.99
N VAL H 51 77.97 27.87 -17.21
CA VAL H 51 77.19 27.52 -18.40
C VAL H 51 78.02 26.59 -19.27
N HIS H 52 77.45 25.46 -19.64
CA HIS H 52 78.13 24.46 -20.46
C HIS H 52 77.44 24.33 -21.80
N ASP H 53 78.21 24.50 -22.87
CA ASP H 53 77.76 24.34 -24.25
C ASP H 53 76.53 25.18 -24.59
N PRO H 54 76.60 26.51 -24.46
CA PRO H 54 75.39 27.33 -24.58
C PRO H 54 74.85 27.43 -25.99
N HIS H 55 75.58 26.96 -26.99
CA HIS H 55 75.13 27.04 -28.36
C HIS H 55 74.82 25.69 -29.00
N ARG H 56 74.98 24.57 -28.30
CA ARG H 56 74.51 23.31 -28.86
C ARG H 56 73.44 22.65 -27.99
N VAL H 57 73.76 22.17 -26.80
CA VAL H 57 72.78 21.65 -25.85
C VAL H 57 73.23 22.15 -24.49
N GLY H 58 72.61 23.22 -24.02
CA GLY H 58 73.11 23.93 -22.86
C GLY H 58 72.62 23.33 -21.56
N ARG H 59 73.55 23.20 -20.61
CA ARG H 59 73.20 22.87 -19.24
C ARG H 59 73.96 23.82 -18.33
N ILE H 60 73.39 24.08 -17.15
CA ILE H 60 73.94 25.02 -16.20
C ILE H 60 74.12 24.30 -14.86
N THR H 61 75.31 24.46 -14.28
CA THR H 61 75.55 24.08 -12.89
C THR H 61 75.48 25.32 -12.02
N VAL H 62 74.76 25.23 -10.91
CA VAL H 62 74.60 26.32 -9.96
C VAL H 62 75.22 25.89 -8.64
N ASP H 63 75.90 26.81 -7.95
CA ASP H 63 76.44 26.56 -6.63
C ASP H 63 75.54 27.24 -5.60
N LEU H 64 75.18 26.51 -4.55
CA LEU H 64 74.20 26.97 -3.58
C LEU H 64 74.84 27.25 -2.23
N GLN H 65 74.21 28.16 -1.48
CA GLN H 65 74.70 28.58 -0.17
C GLN H 65 73.68 28.47 0.95
N GLY H 66 72.40 28.30 0.67
CA GLY H 66 71.39 28.24 1.71
C GLY H 66 70.75 29.58 1.97
N ARG H 67 70.58 30.40 0.93
CA ARG H 67 70.22 31.80 1.12
C ARG H 67 68.92 32.22 0.45
N VAL H 68 68.36 31.43 -0.44
CA VAL H 68 67.15 31.85 -1.12
C VAL H 68 65.96 31.10 -0.56
N ASN H 69 64.88 31.84 -0.30
CA ASN H 69 63.62 31.27 0.15
C ASN H 69 62.73 30.83 -1.00
N ASP H 70 62.55 31.68 -2.01
CA ASP H 70 61.63 31.38 -3.09
C ASP H 70 62.04 32.14 -4.35
N CYS H 71 62.08 31.44 -5.48
CA CYS H 71 62.30 32.01 -6.79
C CYS H 71 61.09 31.65 -7.64
N LYS H 72 60.49 32.63 -8.30
CA LYS H 72 59.32 32.38 -9.13
C LYS H 72 59.48 33.07 -10.46
N ALA H 73 59.06 32.41 -11.52
CA ALA H 73 58.91 33.03 -12.83
C ALA H 73 57.44 33.27 -13.10
N LEU H 74 57.12 34.41 -13.66
CA LEU H 74 55.77 34.65 -14.13
C LEU H 74 55.46 33.75 -15.31
N THR H 75 54.26 33.20 -15.32
CA THR H 75 53.80 32.38 -16.44
C THR H 75 52.88 33.13 -17.39
N TYR H 76 52.77 34.45 -17.22
CA TYR H 76 51.90 35.27 -18.05
C TYR H 76 52.62 36.56 -18.41
N ARG H 77 52.10 37.26 -19.41
CA ARG H 77 52.69 38.52 -19.83
C ARG H 77 52.35 39.64 -18.85
N GLN H 78 53.36 40.39 -18.42
CA GLN H 78 53.17 41.51 -17.50
C GLN H 78 54.05 42.66 -17.94
N ASP H 79 53.44 43.72 -18.46
CA ASP H 79 54.15 44.92 -18.84
C ASP H 79 54.31 45.82 -17.62
N VAL H 80 55.43 46.53 -17.56
CA VAL H 80 55.59 47.52 -16.51
C VAL H 80 56.35 48.71 -17.08
N LYS H 81 55.93 49.90 -16.69
CA LYS H 81 56.63 51.13 -17.02
C LYS H 81 57.62 51.44 -15.92
N ALA H 82 58.61 52.28 -16.25
CA ALA H 82 59.65 52.61 -15.28
C ALA H 82 59.08 53.33 -14.07
N LYS H 83 58.07 54.16 -14.26
CA LYS H 83 57.36 54.81 -13.17
C LYS H 83 56.41 53.87 -12.45
N GLU H 84 56.19 52.67 -12.98
CA GLU H 84 55.28 51.69 -12.40
C GLU H 84 56.01 50.59 -11.65
N ILE H 85 57.34 50.56 -11.71
CA ILE H 85 58.10 49.40 -11.22
C ILE H 85 58.02 49.31 -9.70
N GLU H 86 58.10 50.44 -9.02
CA GLU H 86 58.21 50.44 -7.56
C GLU H 86 56.91 49.99 -6.90
N GLU H 87 55.75 50.39 -7.43
CA GLU H 87 54.51 50.01 -6.78
C GLU H 87 54.19 48.54 -7.09
N TYR H 88 54.57 48.09 -8.29
CA TYR H 88 54.50 46.67 -8.62
C TYR H 88 55.36 45.83 -7.68
N THR H 89 56.58 46.27 -7.42
CA THR H 89 57.46 45.53 -6.53
C THR H 89 56.95 45.55 -5.10
N GLU H 90 56.31 46.65 -4.69
CA GLU H 90 55.65 46.71 -3.39
C GLU H 90 54.54 45.68 -3.30
N ARG H 91 53.78 45.49 -4.38
CA ARG H 91 52.66 44.55 -4.34
C ARG H 91 53.06 43.11 -4.64
N THR H 92 54.28 42.86 -5.12
CA THR H 92 54.66 41.54 -5.57
C THR H 92 55.56 40.79 -4.58
N LEU H 93 56.48 41.48 -3.94
CA LEU H 93 57.29 40.84 -2.92
C LEU H 93 56.45 40.60 -1.68
N PRO H 94 56.43 39.38 -1.13
CA PRO H 94 55.58 39.10 0.05
C PRO H 94 55.94 39.90 1.28
N THR H 95 57.22 40.12 1.55
CA THR H 95 57.59 40.94 2.69
C THR H 95 57.44 42.42 2.41
N ARG H 96 57.38 42.80 1.13
CA ARG H 96 57.40 44.16 0.60
C ARG H 96 58.68 44.90 0.91
N GLN H 97 59.69 44.21 1.44
CA GLN H 97 60.99 44.78 1.75
C GLN H 97 62.13 44.08 1.03
N TRP H 98 62.26 42.77 1.20
CA TRP H 98 63.42 42.04 0.71
C TRP H 98 63.09 41.32 -0.59
N GLY H 99 64.11 41.17 -1.42
CA GLY H 99 63.95 40.51 -2.69
C GLY H 99 63.90 41.50 -3.84
N TYR H 100 63.96 40.94 -5.05
CA TYR H 100 64.14 41.70 -6.27
C TYR H 100 63.23 41.19 -7.36
N VAL H 101 62.74 42.10 -8.18
CA VAL H 101 61.95 41.75 -9.36
C VAL H 101 62.83 41.90 -10.58
N VAL H 102 62.88 40.87 -11.41
CA VAL H 102 63.73 40.84 -12.60
C VAL H 102 62.90 41.22 -13.82
N VAL H 103 63.36 42.22 -14.55
CA VAL H 103 62.64 42.79 -15.69
C VAL H 103 63.49 42.62 -16.94
N THR H 104 62.84 42.23 -18.04
CA THR H 104 63.44 42.27 -19.36
C THR H 104 63.21 43.66 -19.94
N THR H 105 64.27 44.38 -20.23
CA THR H 105 64.20 45.74 -20.75
C THR H 105 64.91 45.81 -22.09
N PRO H 106 64.68 46.87 -22.87
CA PRO H 106 65.54 47.10 -24.05
C PRO H 106 67.00 47.32 -23.71
N ASP H 107 67.33 47.74 -22.49
CA ASP H 107 68.72 47.81 -22.05
C ASP H 107 69.24 46.49 -21.51
N GLY H 108 68.45 45.43 -21.53
CA GLY H 108 68.87 44.14 -21.04
C GLY H 108 68.03 43.68 -19.87
N ILE H 109 68.43 42.55 -19.32
CA ILE H 109 67.73 41.94 -18.19
C ILE H 109 68.32 42.50 -16.91
N LEU H 110 67.49 43.15 -16.11
CA LEU H 110 67.95 43.94 -14.96
C LEU H 110 67.05 43.68 -13.76
N ASP H 111 67.60 43.94 -12.57
CA ASP H 111 66.79 43.95 -11.37
C ASP H 111 66.00 45.26 -11.32
N HIS H 112 65.02 45.32 -10.42
CA HIS H 112 64.06 46.41 -10.46
C HIS H 112 64.65 47.76 -10.04
N GLU H 113 65.60 47.75 -9.11
CA GLU H 113 66.26 48.99 -8.69
C GLU H 113 67.09 49.58 -9.83
N GLU H 114 67.83 48.74 -10.53
CA GLU H 114 68.63 49.18 -11.68
C GLU H 114 67.74 49.69 -12.81
N ALA H 115 66.60 49.04 -13.03
CA ALA H 115 65.69 49.50 -14.07
C ALA H 115 65.05 50.83 -13.71
N ILE H 116 64.78 51.07 -12.43
CA ILE H 116 64.31 52.39 -12.00
C ILE H 116 65.39 53.44 -12.23
N LYS H 117 66.64 53.09 -11.90
CA LYS H 117 67.76 54.03 -12.06
C LYS H 117 68.00 54.37 -13.54
N ARG H 118 67.93 53.39 -14.42
CA ARG H 118 68.14 53.63 -15.83
C ARG H 118 66.90 54.17 -16.55
N ASN H 119 65.76 54.25 -15.86
CA ASN H 119 64.49 54.75 -16.38
C ASN H 119 64.04 54.00 -17.62
N VAL H 120 64.00 52.67 -17.52
CA VAL H 120 63.61 51.82 -18.62
C VAL H 120 62.62 50.78 -18.10
N GLY H 121 61.55 50.54 -18.86
CA GLY H 121 60.56 49.54 -18.50
C GLY H 121 60.68 48.27 -19.31
N GLY H 122 59.68 47.41 -19.16
CA GLY H 122 59.65 46.19 -19.95
C GLY H 122 58.72 45.11 -19.45
N GLN H 123 59.16 43.87 -19.53
CA GLN H 123 58.37 42.70 -19.17
C GLN H 123 58.95 42.12 -17.89
N VAL H 124 58.10 41.83 -16.91
CA VAL H 124 58.55 41.21 -15.67
C VAL H 124 58.82 39.74 -15.93
N LEU H 125 60.05 39.29 -15.67
CA LEU H 125 60.35 37.88 -15.77
C LEU H 125 59.91 37.11 -14.55
N GLY H 126 60.16 37.66 -13.37
CA GLY H 126 59.90 36.96 -12.14
C GLY H 126 60.54 37.70 -10.98
N PHE H 127 60.73 36.97 -9.90
CA PHE H 127 61.26 37.58 -8.69
C PHE H 127 61.92 36.51 -7.85
N PHE H 128 62.71 36.95 -6.88
CA PHE H 128 63.30 36.05 -5.91
C PHE H 128 63.46 36.81 -4.60
N TYR H 129 63.46 36.08 -3.50
CA TYR H 129 63.68 36.65 -2.17
C TYR H 129 64.16 35.60 -1.19
N ASN I 156 124.66 -29.92 32.50
CA ASN I 156 124.69 -28.49 32.22
C ASN I 156 124.71 -28.21 30.73
N GLU I 157 125.43 -29.04 29.98
CA GLU I 157 125.51 -28.90 28.52
C GLU I 157 124.18 -29.19 27.85
N GLU I 158 123.24 -29.85 28.54
CA GLU I 158 121.91 -30.06 27.99
C GLU I 158 121.18 -28.73 27.81
N GLU I 159 121.42 -27.77 28.71
CA GLU I 159 120.93 -26.41 28.50
C GLU I 159 121.56 -25.77 27.27
N GLU I 160 122.83 -26.08 26.99
CA GLU I 160 123.44 -25.57 25.77
C GLU I 160 122.86 -26.22 24.52
N ARG I 161 122.52 -27.51 24.58
CA ARG I 161 121.86 -28.16 23.44
C ARG I 161 120.46 -27.58 23.22
N ALA I 162 119.73 -27.31 24.30
CA ALA I 162 118.44 -26.63 24.19
C ALA I 162 118.61 -25.21 23.64
N LYS I 163 119.71 -24.54 24.01
CA LYS I 163 120.03 -23.23 23.45
C LYS I 163 120.31 -23.33 21.95
N LYS I 164 120.98 -24.40 21.52
CA LYS I 164 121.20 -24.62 20.10
C LYS I 164 119.88 -24.84 19.35
N GLU I 165 118.97 -25.61 19.95
CA GLU I 165 117.65 -25.80 19.35
C GLU I 165 116.87 -24.50 19.28
N LEU I 166 116.96 -23.67 20.32
CA LEU I 166 116.30 -22.37 20.32
C LEU I 166 116.93 -21.43 19.30
N PHE I 167 118.25 -21.50 19.13
CA PHE I 167 118.94 -20.69 18.13
C PHE I 167 118.54 -21.10 16.72
N GLU I 168 118.33 -22.40 16.49
CA GLU I 168 117.78 -22.84 15.21
C GLU I 168 116.31 -22.47 15.08
N LYS I 169 115.60 -22.32 16.21
CA LYS I 169 114.19 -21.98 16.17
C LYS I 169 113.95 -20.51 15.87
N GLU I 170 114.92 -19.64 16.21
CA GLU I 170 114.73 -18.20 16.10
C GLU I 170 114.52 -17.75 14.64
N GLU I 171 115.48 -18.06 13.76
CA GLU I 171 115.32 -17.66 12.36
C GLU I 171 114.25 -18.46 11.64
N LYS I 172 113.91 -19.65 12.16
CA LYS I 172 112.82 -20.40 11.55
C LYS I 172 111.46 -19.83 11.92
N GLU I 173 111.30 -19.33 13.16
CA GLU I 173 110.12 -18.55 13.50
C GLU I 173 110.11 -17.23 12.74
N LEU I 174 111.29 -16.72 12.39
CA LEU I 174 111.36 -15.57 11.49
C LEU I 174 110.89 -15.94 10.08
N THR I 175 111.06 -17.19 9.65
CA THR I 175 110.56 -17.59 8.33
C THR I 175 109.05 -17.75 8.30
N GLU I 176 108.36 -17.75 9.45
CA GLU I 176 106.92 -17.58 9.49
C GLU I 176 106.49 -16.18 9.09
N VAL I 177 107.45 -15.25 9.03
CA VAL I 177 107.30 -13.86 8.66
C VAL I 177 108.22 -13.82 7.43
N ILE I 178 108.57 -12.62 6.93
CA ILE I 178 109.21 -12.24 5.67
C ILE I 178 108.03 -12.23 4.69
N LYS I 179 108.26 -12.50 3.40
CA LYS I 179 107.48 -12.02 2.27
C LYS I 179 107.00 -10.58 2.54
N GLY I 180 107.96 -9.66 2.68
CA GLY I 180 107.64 -8.35 3.19
C GLY I 180 107.57 -8.35 4.71
N PRO I 181 108.73 -8.52 5.35
CA PRO I 181 108.75 -8.84 6.81
C PRO I 181 108.08 -7.82 7.69
N ASP I 182 108.22 -6.53 7.40
CA ASP I 182 107.43 -5.54 8.10
C ASP I 182 106.11 -5.26 7.38
N ARG I 183 106.19 -5.01 6.06
CA ARG I 183 105.08 -4.52 5.22
C ARG I 183 104.48 -3.31 5.94
N ALA I 184 103.16 -3.22 6.07
CA ALA I 184 102.48 -2.21 6.88
C ALA I 184 102.91 -0.79 6.52
N PHE I 185 102.94 -0.53 5.21
CA PHE I 185 103.34 0.79 4.75
C PHE I 185 102.24 1.79 5.06
N GLY I 186 102.34 2.43 6.22
CA GLY I 186 101.31 3.34 6.67
C GLY I 186 101.06 3.25 8.15
N ASP I 187 101.68 2.27 8.81
CA ASP I 187 101.54 2.11 10.25
C ASP I 187 102.52 3.04 10.95
N LEU I 188 102.15 4.32 11.01
CA LEU I 188 103.05 5.33 11.54
C LEU I 188 103.27 5.18 13.04
N ILE I 189 102.28 4.65 13.77
CA ILE I 189 102.44 4.44 15.20
C ILE I 189 103.40 3.28 15.47
N ALA I 190 103.29 2.19 14.72
CA ALA I 190 104.10 1.01 14.98
C ALA I 190 105.46 1.04 14.32
N LYS I 191 105.57 1.57 13.10
CA LYS I 191 106.88 1.71 12.46
C LYS I 191 107.76 2.69 13.24
N SER I 192 107.17 3.78 13.71
CA SER I 192 107.81 4.66 14.66
C SER I 192 107.46 4.16 16.07
N GLY I 193 107.70 4.97 17.09
CA GLY I 193 107.48 4.53 18.46
C GLY I 193 106.72 5.49 19.37
N ILE I 194 105.64 6.09 18.88
CA ILE I 194 104.97 7.15 19.64
C ILE I 194 104.16 6.54 20.77
N THR I 195 104.13 7.22 21.90
CA THR I 195 103.40 6.75 23.06
C THR I 195 102.02 7.39 23.11
N ASP I 196 101.12 6.77 23.88
CA ASP I 196 99.74 7.21 23.88
C ASP I 196 99.55 8.52 24.64
N GLU I 197 100.48 8.86 25.54
CA GLU I 197 100.37 10.12 26.26
C GLU I 197 100.58 11.31 25.33
N MET I 198 101.65 11.28 24.53
CA MET I 198 101.90 12.38 23.61
C MET I 198 100.95 12.35 22.43
N LEU I 199 100.44 11.18 22.06
CA LEU I 199 99.46 11.10 21.00
C LEU I 199 98.11 11.64 21.45
N ASP I 200 97.77 11.46 22.73
CA ASP I 200 96.62 12.13 23.31
C ASP I 200 96.88 13.60 23.56
N SER I 201 98.16 14.01 23.62
CA SER I 201 98.45 15.43 23.67
C SER I 201 98.24 16.10 22.31
N LEU I 202 98.49 15.35 21.23
CA LEU I 202 98.28 15.89 19.89
C LEU I 202 96.80 16.12 19.61
N ILE I 203 95.95 15.18 20.01
CA ILE I 203 94.52 15.45 20.14
C ILE I 203 94.34 16.48 21.25
N ALA I 204 93.41 17.40 21.05
CA ALA I 204 93.04 18.50 21.95
C ALA I 204 94.09 19.59 22.08
N LEU I 205 95.30 19.40 21.52
CA LEU I 205 96.32 20.44 21.38
C LEU I 205 96.70 21.08 22.71
N LYS I 206 96.78 20.27 23.76
CA LYS I 206 97.10 20.75 25.08
C LYS I 206 98.28 19.96 25.65
N ASP I 207 99.03 20.62 26.52
CA ASP I 207 100.17 19.99 27.16
C ASP I 207 99.67 19.17 28.35
N PHE I 208 99.90 17.85 28.31
CA PHE I 208 99.51 16.94 29.39
C PHE I 208 100.78 16.36 30.00
N GLN I 209 101.38 17.12 30.91
CA GLN I 209 102.46 16.63 31.77
C GLN I 209 102.08 16.92 33.21
N GLY I 210 102.22 15.92 34.06
CA GLY I 210 101.63 15.98 35.37
C GLY I 210 100.14 15.74 35.38
N VAL I 211 99.59 15.22 34.29
CA VAL I 211 98.15 15.05 34.11
C VAL I 211 97.88 13.56 33.90
N GLN I 212 97.22 12.95 34.87
CA GLN I 212 96.86 11.53 34.79
C GLN I 212 95.45 11.42 34.25
N GLY I 213 95.27 10.55 33.26
CA GLY I 213 93.96 10.38 32.68
C GLY I 213 93.22 9.20 33.24
N LEU I 214 92.99 8.19 32.42
CA LEU I 214 92.34 6.96 32.80
C LEU I 214 93.38 5.86 32.88
N PRO I 215 93.10 4.80 33.64
CA PRO I 215 93.97 3.63 33.61
C PRO I 215 93.96 2.99 32.23
N PRO I 216 95.02 2.26 31.87
CA PRO I 216 95.09 1.66 30.54
C PRO I 216 93.96 0.65 30.30
N LEU I 217 93.68 0.42 29.02
CA LEU I 217 92.56 -0.41 28.63
C LEU I 217 92.73 -1.86 29.09
N THR I 218 93.96 -2.33 29.22
CA THR I 218 94.20 -3.66 29.75
C THR I 218 93.85 -3.74 31.24
N GLU I 219 94.10 -2.66 31.98
CA GLU I 219 93.72 -2.64 33.39
C GLU I 219 92.20 -2.63 33.56
N ILE I 220 91.50 -1.89 32.70
CA ILE I 220 90.05 -1.89 32.72
C ILE I 220 89.50 -3.26 32.31
N GLU I 221 90.19 -3.94 31.38
CA GLU I 221 89.79 -5.30 31.02
C GLU I 221 89.99 -6.27 32.17
N ASN I 222 91.09 -6.13 32.91
CA ASN I 222 91.30 -6.96 34.10
C ASN I 222 90.24 -6.69 35.17
N LEU I 223 89.85 -5.43 35.31
CA LEU I 223 88.78 -5.07 36.24
C LEU I 223 87.45 -5.69 35.83
N ARG I 224 87.14 -5.69 34.54
CA ARG I 224 85.93 -6.35 34.06
C ARG I 224 85.98 -7.86 34.30
N ARG I 225 87.15 -8.46 34.08
CA ARG I 225 87.28 -9.90 34.32
C ARG I 225 87.10 -10.25 35.79
N GLU I 226 87.65 -9.44 36.70
CA GLU I 226 87.49 -9.76 38.11
C GLU I 226 86.09 -9.43 38.61
N LYS I 227 85.41 -8.47 37.98
CA LYS I 227 84.02 -8.21 38.35
C LYS I 227 83.09 -9.29 37.83
N SER I 228 83.43 -9.91 36.68
CA SER I 228 82.64 -11.02 36.20
C SER I 228 82.92 -12.29 37.00
N SER I 229 84.17 -12.47 37.45
CA SER I 229 84.51 -13.67 38.22
C SER I 229 83.96 -13.59 39.64
N LYS I 230 83.80 -12.39 40.18
CA LYS I 230 83.23 -12.22 41.51
C LYS I 230 81.72 -12.46 41.52
N LYS I 231 81.06 -12.35 40.36
CA LYS I 231 79.61 -12.45 40.29
C LYS I 231 79.16 -13.86 40.62
N SER I 232 78.20 -13.96 41.54
CA SER I 232 77.67 -15.24 41.97
C SER I 232 76.26 -15.45 41.46
N ALA I 248 57.24 -32.86 74.11
CA ALA I 248 57.93 -32.38 75.30
C ALA I 248 56.94 -31.99 76.38
N ARG I 249 55.86 -32.76 76.49
CA ARG I 249 54.83 -32.50 77.48
C ARG I 249 54.80 -33.60 78.51
N VAL I 250 54.59 -33.21 79.78
CA VAL I 250 54.67 -34.13 80.90
C VAL I 250 53.28 -34.24 81.54
N ARG I 251 53.06 -35.34 82.26
CA ARG I 251 51.76 -35.60 82.86
C ARG I 251 51.47 -34.66 84.02
N GLN I 252 50.22 -34.22 84.12
CA GLN I 252 49.74 -33.41 85.24
C GLN I 252 48.71 -34.22 86.02
N VAL I 253 49.07 -34.60 87.24
CA VAL I 253 48.24 -35.47 88.07
C VAL I 253 48.08 -34.81 89.44
N ASP I 254 46.85 -34.77 89.93
CA ASP I 254 46.53 -34.21 91.24
C ASP I 254 47.16 -35.05 92.34
N GLU I 255 47.25 -34.47 93.54
CA GLU I 255 47.86 -35.13 94.69
C GLU I 255 47.09 -36.38 95.11
N ALA I 256 45.81 -36.46 94.78
CA ALA I 256 45.02 -37.66 95.04
C ALA I 256 45.15 -38.71 93.94
N GLY I 257 45.94 -38.44 92.91
CA GLY I 257 46.12 -39.39 91.83
C GLY I 257 45.16 -39.27 90.68
N ARG I 258 44.46 -38.14 90.56
CA ARG I 258 43.42 -37.96 89.56
C ARG I 258 43.89 -37.02 88.46
N ALA I 259 43.67 -37.42 87.21
CA ALA I 259 43.90 -36.56 86.07
C ALA I 259 42.62 -35.78 85.75
N TYR I 260 42.80 -34.56 85.24
CA TYR I 260 41.70 -33.64 85.06
C TYR I 260 41.68 -33.11 83.62
N GLY I 261 40.46 -32.85 83.13
CA GLY I 261 40.27 -32.17 81.86
C GLY I 261 38.96 -31.40 81.79
N THR I 262 38.99 -30.21 81.22
CA THR I 262 37.80 -29.40 81.01
C THR I 262 37.39 -29.48 79.55
N GLY I 263 36.14 -29.83 79.30
CA GLY I 263 35.61 -29.89 77.95
C GLY I 263 34.53 -28.85 77.74
N ARG I 264 34.42 -28.37 76.50
CA ARG I 264 33.41 -27.38 76.15
C ARG I 264 32.89 -27.66 74.75
N ARG I 265 31.58 -27.48 74.58
CA ARG I 265 30.92 -27.70 73.29
C ARG I 265 29.63 -26.92 73.31
N LYS I 266 29.45 -26.03 72.32
CA LYS I 266 28.34 -25.08 72.22
C LYS I 266 28.21 -24.27 73.50
N CYS I 267 27.20 -24.57 74.33
CA CYS I 267 27.04 -23.90 75.61
C CYS I 267 27.22 -24.83 76.80
N SER I 268 27.80 -26.02 76.58
CA SER I 268 27.99 -27.00 77.64
C SER I 268 29.42 -26.98 78.14
N ILE I 269 29.58 -27.02 79.46
CA ILE I 269 30.88 -27.06 80.11
C ILE I 269 30.95 -28.32 80.97
N ALA I 270 32.01 -29.10 80.79
CA ALA I 270 32.20 -30.34 81.53
C ALA I 270 33.49 -30.28 82.33
N ARG I 271 33.42 -30.72 83.59
CA ARG I 271 34.58 -30.87 84.46
C ARG I 271 34.75 -32.36 84.71
N VAL I 272 35.81 -32.95 84.16
CA VAL I 272 35.98 -34.40 84.15
C VAL I 272 37.21 -34.77 84.97
N TRP I 273 37.03 -35.67 85.93
CA TRP I 273 38.12 -36.26 86.71
C TRP I 273 38.19 -37.75 86.41
N ILE I 274 39.38 -38.25 86.09
CA ILE I 274 39.58 -39.67 85.87
C ILE I 274 40.61 -40.18 86.87
N VAL I 275 40.48 -41.46 87.21
CA VAL I 275 41.35 -42.13 88.18
C VAL I 275 41.27 -43.61 87.80
N PRO I 276 42.35 -44.39 87.92
CA PRO I 276 42.26 -45.82 87.60
C PRO I 276 41.26 -46.56 88.49
N GLY I 277 40.55 -47.50 87.86
CA GLY I 277 39.48 -48.22 88.53
C GLY I 277 38.96 -49.40 87.72
N LYS I 278 37.65 -49.63 87.77
CA LYS I 278 37.06 -50.80 87.13
C LYS I 278 35.96 -50.48 86.14
N GLY I 279 35.77 -49.22 85.75
CA GLY I 279 34.81 -48.89 84.73
C GLY I 279 33.63 -48.06 85.18
N LYS I 280 33.73 -47.45 86.36
CA LYS I 280 32.67 -46.60 86.87
C LYS I 280 32.61 -45.30 86.08
N PHE I 281 31.40 -44.79 85.86
CA PHE I 281 31.20 -43.56 85.11
C PHE I 281 29.99 -42.84 85.73
N LEU I 282 30.24 -41.71 86.37
CA LEU I 282 29.19 -40.92 87.00
C LEU I 282 29.08 -39.57 86.32
N VAL I 283 27.84 -39.16 86.02
CA VAL I 283 27.54 -37.85 85.45
C VAL I 283 26.55 -37.15 86.37
N ASN I 284 26.98 -36.04 86.97
CA ASN I 284 26.18 -35.22 87.88
C ASN I 284 25.61 -36.04 89.04
N ASP I 285 26.50 -36.85 89.64
CA ASP I 285 26.18 -37.76 90.75
C ASP I 285 25.12 -38.79 90.37
N LYS I 286 25.04 -39.14 89.08
CA LYS I 286 24.13 -40.16 88.58
C LYS I 286 24.90 -41.09 87.66
N GLU I 287 24.43 -42.33 87.56
CA GLU I 287 25.04 -43.28 86.64
C GLU I 287 24.76 -42.84 85.21
N PHE I 288 25.73 -43.07 84.31
CA PHE I 288 25.70 -42.39 83.02
C PHE I 288 24.67 -42.98 82.07
N ASP I 289 24.20 -44.20 82.30
CA ASP I 289 23.09 -44.71 81.52
C ASP I 289 21.75 -44.16 81.98
N VAL I 290 21.70 -43.52 83.16
CA VAL I 290 20.50 -42.81 83.59
C VAL I 290 20.48 -41.39 83.04
N TYR I 291 21.63 -40.70 83.06
CA TYR I 291 21.70 -39.33 82.56
C TYR I 291 21.64 -39.31 81.03
N PHE I 292 22.24 -40.30 80.37
CA PHE I 292 22.23 -40.43 78.92
C PHE I 292 21.69 -41.80 78.56
N PRO I 293 20.37 -41.97 78.57
CA PRO I 293 19.81 -43.30 78.26
C PRO I 293 19.92 -43.71 76.80
N MET I 294 20.11 -42.76 75.89
CA MET I 294 20.27 -43.12 74.48
C MET I 294 21.64 -43.74 74.24
N LEU I 295 21.67 -44.74 73.36
CA LEU I 295 22.88 -45.54 73.18
C LEU I 295 23.97 -44.80 72.41
N ASP I 296 23.59 -43.95 71.44
CA ASP I 296 24.60 -43.25 70.65
C ASP I 296 25.31 -42.19 71.46
N HIS I 297 24.63 -41.57 72.44
CA HIS I 297 25.29 -40.64 73.34
C HIS I 297 26.36 -41.34 74.17
N ARG I 298 26.04 -42.53 74.69
CA ARG I 298 27.01 -43.28 75.47
C ARG I 298 28.15 -43.80 74.60
N ALA I 299 27.86 -44.14 73.34
CA ALA I 299 28.91 -44.55 72.42
C ALA I 299 29.87 -43.42 72.13
N ALA I 300 29.34 -42.21 71.92
CA ALA I 300 30.18 -41.04 71.73
C ALA I 300 30.96 -40.70 72.99
N LEU I 301 30.39 -40.95 74.17
CA LEU I 301 31.11 -40.74 75.42
C LEU I 301 32.29 -41.71 75.56
N LEU I 302 32.08 -42.98 75.20
CA LEU I 302 33.08 -44.01 75.45
C LEU I 302 34.03 -44.23 74.28
N ARG I 303 33.84 -43.54 73.16
CA ARG I 303 34.78 -43.64 72.04
C ARG I 303 36.22 -43.23 72.35
N PRO I 304 36.53 -42.12 73.07
CA PRO I 304 37.94 -41.84 73.37
C PRO I 304 38.59 -42.87 74.28
N LEU I 305 37.83 -43.56 75.11
CA LEU I 305 38.40 -44.67 75.88
C LEU I 305 38.72 -45.86 74.99
N ALA I 306 37.89 -46.10 73.97
CA ALA I 306 38.11 -47.24 73.10
C ALA I 306 39.21 -46.97 72.07
N GLU I 307 39.48 -45.71 71.74
CA GLU I 307 40.57 -45.42 70.81
C GLU I 307 41.93 -45.66 71.43
N THR I 308 42.07 -45.48 72.74
CA THR I 308 43.31 -45.71 73.44
C THR I 308 43.40 -47.09 74.06
N LYS I 309 42.37 -47.93 73.87
CA LYS I 309 42.29 -49.30 74.39
C LYS I 309 42.42 -49.34 75.90
N THR I 310 41.77 -48.40 76.59
CA THR I 310 41.78 -48.32 78.05
C THR I 310 40.37 -48.37 78.61
N LEU I 311 39.53 -49.25 78.07
CA LEU I 311 38.18 -49.44 78.60
C LEU I 311 38.21 -50.31 79.85
N GLY I 312 37.42 -49.93 80.85
CA GLY I 312 37.36 -50.66 82.10
C GLY I 312 38.49 -50.39 83.06
N SER I 313 39.35 -49.42 82.75
CA SER I 313 40.49 -49.09 83.59
C SER I 313 40.36 -47.71 84.23
N TRP I 314 39.18 -47.10 84.17
CA TRP I 314 38.99 -45.75 84.67
C TRP I 314 37.71 -45.64 85.49
N ASP I 315 37.77 -44.86 86.55
CA ASP I 315 36.60 -44.49 87.36
C ASP I 315 36.39 -43.00 87.15
N ILE I 316 35.51 -42.66 86.22
CA ILE I 316 35.36 -41.28 85.77
C ILE I 316 34.16 -40.64 86.46
N ASN I 317 34.41 -39.52 87.13
CA ASN I 317 33.38 -38.71 87.75
C ASN I 317 33.41 -37.35 87.07
N CYS I 318 32.27 -36.91 86.55
CA CYS I 318 32.22 -35.67 85.80
C CYS I 318 30.97 -34.86 86.16
N THR I 319 31.11 -33.54 86.02
CA THR I 319 30.02 -32.59 86.24
C THR I 319 29.84 -31.80 84.96
N VAL I 320 28.59 -31.73 84.46
CA VAL I 320 28.31 -31.05 83.20
C VAL I 320 27.12 -30.13 83.39
N THR I 321 27.14 -29.00 82.70
CA THR I 321 26.10 -27.98 82.84
C THR I 321 25.97 -27.21 81.53
N GLY I 322 24.76 -26.74 81.26
CA GLY I 322 24.51 -25.88 80.13
C GLY I 322 24.34 -26.64 78.83
N GLY I 323 23.73 -25.96 77.86
CA GLY I 323 23.52 -26.55 76.54
C GLY I 323 22.49 -27.67 76.55
N GLY I 324 22.51 -28.44 75.46
CA GLY I 324 21.64 -29.58 75.31
C GLY I 324 22.39 -30.90 75.48
N THR I 325 21.72 -31.98 75.07
CA THR I 325 22.22 -33.31 75.37
C THR I 325 23.46 -33.65 74.54
N THR I 326 23.42 -33.38 73.23
CA THR I 326 24.58 -33.68 72.39
C THR I 326 25.74 -32.72 72.68
N GLY I 327 25.43 -31.48 73.02
CA GLY I 327 26.49 -30.56 73.46
C GLY I 327 27.16 -31.01 74.74
N GLN I 328 26.37 -31.52 75.69
CA GLN I 328 26.94 -32.05 76.93
C GLN I 328 27.76 -33.30 76.68
N VAL I 329 27.31 -34.15 75.75
CA VAL I 329 28.07 -35.34 75.38
C VAL I 329 29.41 -34.94 74.75
N GLY I 330 29.40 -33.96 73.86
CA GLY I 330 30.64 -33.50 73.25
C GLY I 330 31.58 -32.85 74.25
N ALA I 331 31.03 -32.08 75.19
CA ALA I 331 31.86 -31.48 76.24
C ALA I 331 32.50 -32.54 77.13
N ILE I 332 31.73 -33.57 77.50
CA ILE I 332 32.29 -34.63 78.33
C ILE I 332 33.33 -35.43 77.56
N GLN I 333 33.11 -35.62 76.25
CA GLN I 333 34.10 -36.30 75.40
C GLN I 333 35.42 -35.52 75.35
N LEU I 334 35.33 -34.19 75.17
CA LEU I 334 36.53 -33.37 75.15
C LEU I 334 37.24 -33.37 76.50
N GLY I 335 36.47 -33.31 77.59
CA GLY I 335 37.07 -33.37 78.92
C GLY I 335 37.74 -34.70 79.21
N ILE I 336 37.14 -35.79 78.74
CA ILE I 336 37.74 -37.12 78.90
C ILE I 336 39.04 -37.22 78.11
N SER I 337 39.04 -36.71 76.88
CA SER I 337 40.25 -36.75 76.06
C SER I 337 41.36 -35.91 76.67
N ARG I 338 41.02 -34.74 77.22
CA ARG I 338 42.03 -33.90 77.84
C ARG I 338 42.56 -34.50 79.13
N ALA I 339 41.69 -35.15 79.92
CA ALA I 339 42.15 -35.83 81.12
C ALA I 339 43.02 -37.03 80.79
N LEU I 340 42.69 -37.75 79.71
CA LEU I 340 43.51 -38.88 79.28
C LEU I 340 44.87 -38.40 78.80
N GLN I 341 44.92 -37.25 78.12
CA GLN I 341 46.20 -36.66 77.73
C GLN I 341 47.00 -36.23 78.95
N ASN I 342 46.32 -35.67 79.97
CA ASN I 342 47.00 -35.24 81.18
C ASN I 342 47.52 -36.42 82.00
N TRP I 343 46.85 -37.58 81.93
CA TRP I 343 47.33 -38.75 82.63
C TRP I 343 48.60 -39.30 81.99
N GLU I 344 48.60 -39.42 80.67
CA GLU I 344 49.75 -39.92 79.94
C GLU I 344 49.86 -39.21 78.60
N PRO I 345 50.90 -38.39 78.40
CA PRO I 345 51.05 -37.66 77.13
C PRO I 345 51.33 -38.55 75.91
N ASP I 346 51.72 -39.81 76.11
CA ASP I 346 51.94 -40.70 74.98
C ASP I 346 50.65 -41.14 74.31
N MET I 347 49.50 -40.89 74.94
CA MET I 347 48.20 -41.21 74.40
C MET I 347 47.67 -40.12 73.47
N ARG I 348 48.46 -39.07 73.23
CA ARG I 348 48.01 -37.95 72.42
C ARG I 348 47.87 -38.33 70.94
N THR I 349 48.66 -39.30 70.47
CA THR I 349 48.67 -39.63 69.04
C THR I 349 47.34 -40.22 68.59
N ALA I 350 46.81 -41.19 69.34
CA ALA I 350 45.52 -41.78 68.99
C ALA I 350 44.38 -40.78 69.18
N LEU I 351 44.48 -39.90 70.17
CA LEU I 351 43.44 -38.90 70.39
C LEU I 351 43.48 -37.79 69.36
N ARG I 352 44.68 -37.41 68.89
CA ARG I 352 44.78 -36.39 67.86
C ARG I 352 44.44 -36.95 66.48
N ALA I 353 44.68 -38.25 66.26
CA ALA I 353 44.31 -38.86 65.00
C ALA I 353 42.80 -38.94 64.83
N ALA I 354 42.05 -39.13 65.92
CA ALA I 354 40.61 -39.20 65.87
C ALA I 354 39.94 -37.84 66.00
N GLY I 355 40.70 -36.78 66.22
CA GLY I 355 40.12 -35.46 66.35
C GLY I 355 39.46 -35.17 67.67
N PHE I 356 39.71 -35.98 68.70
CA PHE I 356 39.05 -35.82 69.98
C PHE I 356 39.61 -34.66 70.80
N LEU I 357 40.81 -34.20 70.51
CA LEU I 357 41.41 -33.10 71.24
C LEU I 357 41.11 -31.74 70.62
N THR I 358 40.43 -31.72 69.48
CA THR I 358 40.00 -30.47 68.85
C THR I 358 38.71 -30.00 69.48
N ARG I 359 38.70 -28.75 69.94
CA ARG I 359 37.49 -28.14 70.46
C ARG I 359 36.63 -27.70 69.29
N ASP I 360 35.40 -28.19 69.23
CA ASP I 360 34.45 -27.80 68.19
C ASP I 360 33.98 -26.38 68.48
N SER I 361 34.42 -25.43 67.65
CA SER I 361 34.14 -24.02 67.86
C SER I 361 32.86 -23.55 67.19
N ARG I 362 32.11 -24.44 66.55
CA ARG I 362 30.86 -24.04 65.91
C ARG I 362 29.80 -23.72 66.96
N VAL I 363 29.35 -22.47 66.98
CA VAL I 363 28.33 -22.02 67.90
C VAL I 363 27.21 -21.37 67.11
N VAL I 364 26.12 -21.04 67.80
CA VAL I 364 24.92 -20.51 67.16
C VAL I 364 25.21 -19.11 66.64
N GLU I 365 25.00 -18.91 65.34
CA GLU I 365 25.26 -17.62 64.73
C GLU I 365 24.14 -16.63 65.09
N ARG I 366 24.52 -15.39 65.34
CA ARG I 366 23.56 -14.40 65.81
C ARG I 366 22.61 -13.97 64.71
N LYS I 367 21.41 -13.59 65.11
CA LYS I 367 20.42 -13.08 64.17
C LYS I 367 20.77 -11.66 63.76
N LYS I 368 20.63 -11.37 62.48
CA LYS I 368 20.96 -10.04 61.98
C LYS I 368 19.70 -9.22 61.78
N PRO I 369 19.76 -7.90 61.99
CA PRO I 369 18.56 -7.08 61.77
C PRO I 369 18.25 -6.96 60.28
N GLY I 370 16.96 -6.90 59.97
CA GLY I 370 16.52 -6.93 58.59
C GLY I 370 16.50 -8.30 57.97
N LYS I 371 16.69 -9.36 58.77
CA LYS I 371 16.61 -10.73 58.28
C LYS I 371 15.76 -11.56 59.25
N ALA I 372 15.18 -12.63 58.72
CA ALA I 372 14.36 -13.51 59.55
C ALA I 372 15.20 -14.31 60.53
N LYS I 373 16.40 -14.69 60.12
CA LYS I 373 17.29 -15.52 60.92
C LYS I 373 18.71 -14.98 60.74
N ALA I 374 19.70 -15.79 61.11
CA ALA I 374 21.09 -15.41 60.84
C ALA I 374 21.36 -15.24 59.36
N ARG I 375 20.89 -16.17 58.54
CA ARG I 375 21.09 -16.08 57.10
C ARG I 375 19.80 -16.01 56.29
N LYS I 376 18.73 -16.64 56.76
CA LYS I 376 17.48 -16.66 56.01
C LYS I 376 16.86 -15.26 55.92
N SER I 377 16.57 -14.84 54.69
CA SER I 377 16.04 -13.51 54.43
C SER I 377 14.51 -13.55 54.41
N PHE I 378 13.90 -12.37 54.47
CA PHE I 378 12.47 -12.24 54.26
C PHE I 378 12.14 -12.50 52.79
N GLN I 379 10.88 -12.81 52.51
CA GLN I 379 10.45 -13.09 51.15
C GLN I 379 10.44 -11.81 50.34
N TRP I 380 11.19 -11.81 49.25
CA TRP I 380 11.43 -10.62 48.43
C TRP I 380 10.47 -10.65 47.24
N VAL I 381 9.80 -9.53 47.00
CA VAL I 381 8.84 -9.44 45.90
C VAL I 381 9.62 -9.26 44.59
N LYS I 382 9.41 -10.16 43.65
CA LYS I 382 10.12 -10.12 42.37
C LYS I 382 9.55 -9.00 41.49
N SER J 116 45.02 -15.54 105.28
CA SER J 116 44.10 -16.56 104.79
C SER J 116 43.23 -16.02 103.66
N THR J 117 42.93 -16.88 102.69
CA THR J 117 42.11 -16.52 101.55
C THR J 117 40.63 -16.76 101.79
N SER J 118 40.25 -17.17 103.01
CA SER J 118 38.85 -17.45 103.32
C SER J 118 38.06 -16.15 103.41
N LYS J 119 36.74 -16.29 103.43
CA LYS J 119 35.84 -15.15 103.39
C LYS J 119 35.88 -14.37 104.69
N ILE J 120 35.77 -13.05 104.58
CA ILE J 120 35.72 -12.17 105.74
C ILE J 120 34.28 -12.15 106.25
N LYS J 121 34.05 -12.78 107.39
CA LYS J 121 32.71 -12.91 107.98
C LYS J 121 32.77 -12.38 109.41
N GLY J 122 32.56 -11.07 109.55
CA GLY J 122 32.54 -10.43 110.84
C GLY J 122 32.10 -8.99 110.72
N THR J 123 32.66 -8.10 111.55
CA THR J 123 32.39 -6.68 111.40
C THR J 123 33.20 -6.15 110.22
N ARG J 124 32.51 -5.58 109.23
CA ARG J 124 33.18 -5.15 108.01
C ARG J 124 32.31 -4.15 107.28
N ILE J 125 32.94 -3.40 106.38
CA ILE J 125 32.26 -2.52 105.45
C ILE J 125 32.48 -3.08 104.05
N CYS J 126 31.39 -3.31 103.32
CA CYS J 126 31.44 -3.78 101.95
C CYS J 126 31.05 -2.63 101.02
N ILE J 127 31.81 -2.46 99.95
CA ILE J 127 31.58 -1.38 98.99
C ILE J 127 31.25 -1.99 97.64
N ALA J 128 30.10 -1.61 97.08
CA ALA J 128 29.69 -1.98 95.74
C ALA J 128 29.74 -0.75 94.86
N ILE J 129 30.51 -0.81 93.78
CA ILE J 129 30.73 0.32 92.89
C ILE J 129 30.15 -0.04 91.53
N ARG J 130 29.23 0.79 91.04
CA ARG J 130 28.57 0.60 89.75
C ARG J 130 28.94 1.74 88.82
N SER J 131 29.37 1.41 87.61
CA SER J 131 29.83 2.43 86.67
C SER J 131 29.62 1.94 85.24
N PHE J 132 29.61 2.90 84.30
CA PHE J 132 29.65 2.57 82.89
C PHE J 132 31.06 2.28 82.40
N ASP J 133 32.08 2.69 83.15
CA ASP J 133 33.47 2.46 82.79
C ASP J 133 34.13 1.56 83.82
N ASN J 134 35.26 0.99 83.44
CA ASN J 134 36.00 0.12 84.35
C ASN J 134 36.63 0.95 85.46
N PRO J 135 36.43 0.59 86.73
CA PRO J 135 37.13 1.29 87.81
C PRO J 135 38.63 1.02 87.85
N GLU J 136 39.12 0.02 87.11
CA GLU J 136 40.56 -0.19 86.98
C GLU J 136 41.22 0.88 86.13
N LYS J 137 40.44 1.62 85.33
CA LYS J 137 41.00 2.73 84.56
C LYS J 137 41.47 3.85 85.47
N GLU J 138 40.74 4.10 86.56
CA GLU J 138 41.16 5.03 87.61
C GLU J 138 41.11 4.27 88.92
N ALA J 139 42.17 3.52 89.22
CA ALA J 139 42.24 2.75 90.46
C ALA J 139 42.84 3.53 91.61
N TRP J 140 43.35 4.73 91.33
CA TRP J 140 43.92 5.57 92.37
C TRP J 140 42.85 6.17 93.28
N CYS J 141 41.63 6.35 92.77
CA CYS J 141 40.54 6.92 93.55
C CYS J 141 39.72 5.86 94.28
N LEU J 142 40.09 4.58 94.16
CA LEU J 142 39.39 3.55 94.89
C LEU J 142 39.78 3.60 96.37
N PRO J 143 38.84 3.35 97.29
CA PRO J 143 39.19 3.26 98.70
C PRO J 143 40.06 2.04 98.95
N PRO J 144 40.91 2.08 99.99
CA PRO J 144 41.67 0.88 100.36
C PRO J 144 40.75 -0.24 100.81
N HIS J 145 41.14 -1.47 100.47
CA HIS J 145 40.24 -2.60 100.64
C HIS J 145 41.05 -3.86 100.93
N SER J 146 40.37 -4.84 101.53
CA SER J 146 40.98 -6.14 101.81
C SER J 146 40.75 -7.12 100.67
N ARG J 147 39.56 -7.11 100.06
CA ARG J 147 39.23 -7.99 98.95
C ARG J 147 38.62 -7.18 97.81
N TYR J 148 38.79 -7.68 96.60
CA TYR J 148 38.30 -7.04 95.40
C TYR J 148 37.65 -8.09 94.51
N ALA J 149 36.36 -7.92 94.22
CA ALA J 149 35.63 -8.85 93.39
C ALA J 149 34.78 -8.08 92.38
N ALA J 150 34.44 -8.76 91.29
CA ALA J 150 33.68 -8.15 90.19
C ALA J 150 32.44 -8.95 89.89
N MET J 151 31.35 -8.25 89.62
CA MET J 151 30.11 -8.86 89.15
C MET J 151 30.16 -9.04 87.63
N PRO J 152 29.40 -10.00 87.09
CA PRO J 152 29.33 -10.12 85.63
C PRO J 152 28.70 -8.90 84.98
N ASP J 153 29.20 -8.57 83.79
CA ASP J 153 28.68 -7.43 83.04
C ASP J 153 27.25 -7.70 82.58
N THR J 154 26.44 -6.65 82.56
CA THR J 154 25.06 -6.72 82.12
C THR J 154 24.83 -5.63 81.08
N ARG J 155 24.24 -6.00 79.93
CA ARG J 155 23.98 -5.04 78.88
C ARG J 155 22.48 -4.98 78.57
N THR J 156 22.06 -3.84 78.02
CA THR J 156 20.71 -3.64 77.53
C THR J 156 20.79 -3.23 76.07
N LEU J 157 20.18 -4.02 75.19
CA LEU J 157 20.29 -3.81 73.75
C LEU J 157 19.19 -2.87 73.27
N TYR J 158 19.56 -1.87 72.47
CA TYR J 158 18.63 -0.93 71.85
C TYR J 158 18.78 -1.02 70.34
N THR J 159 17.67 -1.30 69.66
CA THR J 159 17.65 -1.35 68.20
C THR J 159 16.65 -0.30 67.70
N VAL J 160 17.15 0.70 66.99
CA VAL J 160 16.32 1.79 66.49
C VAL J 160 16.42 1.84 64.97
N LEU J 161 15.41 2.45 64.36
CA LEU J 161 15.43 2.68 62.92
C LEU J 161 16.40 3.80 62.58
N ARG J 162 17.14 3.61 61.48
CA ARG J 162 18.12 4.60 61.07
C ARG J 162 17.45 5.83 60.46
N SER J 163 16.54 5.61 59.52
CA SER J 163 15.84 6.69 58.85
C SER J 163 14.73 7.25 59.74
N PRO J 164 14.39 8.53 59.59
CA PRO J 164 13.19 9.05 60.23
C PRO J 164 11.89 8.66 59.54
N HIS J 165 11.95 7.97 58.41
CA HIS J 165 10.78 7.59 57.63
C HIS J 165 11.11 6.18 57.12
N VAL J 166 10.37 5.66 56.14
CA VAL J 166 10.25 4.21 55.98
C VAL J 166 11.48 3.55 55.35
N ASP J 167 12.35 3.04 56.21
CA ASP J 167 13.50 2.23 55.80
C ASP J 167 13.69 1.09 56.80
N LYS J 168 12.62 0.29 56.98
CA LYS J 168 12.47 -0.61 58.12
C LYS J 168 13.62 -1.62 58.26
N LYS J 169 14.16 -2.11 57.15
CA LYS J 169 15.24 -3.10 57.24
C LYS J 169 16.58 -2.52 57.63
N SER J 170 16.71 -1.20 57.74
CA SER J 170 17.96 -0.56 58.15
C SER J 170 17.87 -0.19 59.62
N ARG J 171 18.67 -0.86 60.45
CA ARG J 171 18.66 -0.63 61.89
C ARG J 171 20.08 -0.35 62.38
N GLU J 172 20.15 0.41 63.48
CA GLU J 172 21.40 0.64 64.19
C GLU J 172 21.23 0.14 65.62
N GLN J 173 22.19 -0.64 66.11
CA GLN J 173 22.09 -1.31 67.40
C GLN J 173 23.06 -0.67 68.39
N PHE J 174 22.54 -0.28 69.55
CA PHE J 174 23.32 0.28 70.64
C PHE J 174 23.18 -0.60 71.87
N GLU J 175 24.07 -0.39 72.85
CA GLU J 175 24.01 -1.12 74.10
C GLU J 175 24.33 -0.19 75.26
N MET J 176 23.85 -0.57 76.44
CA MET J 176 24.21 0.07 77.70
C MET J 176 24.79 -1.00 78.61
N ARG J 177 26.11 -1.05 78.71
CA ARG J 177 26.79 -2.08 79.48
C ARG J 177 27.00 -1.60 80.91
N PHE J 178 26.60 -2.44 81.88
CA PHE J 178 26.73 -2.13 83.28
C PHE J 178 27.91 -2.89 83.87
N LYS J 179 28.73 -2.20 84.66
CA LYS J 179 29.87 -2.81 85.32
C LYS J 179 29.72 -2.62 86.83
N LYS J 180 30.11 -3.64 87.59
CA LYS J 180 29.99 -3.60 89.04
C LYS J 180 31.19 -4.27 89.68
N ARG J 181 31.71 -3.65 90.73
CA ARG J 181 32.81 -4.19 91.52
C ARG J 181 32.41 -4.26 92.99
N PHE J 182 32.99 -5.22 93.70
CA PHE J 182 32.71 -5.43 95.11
C PHE J 182 34.00 -5.31 95.90
N LEU J 183 33.98 -4.47 96.94
CA LEU J 183 35.14 -4.21 97.79
C LEU J 183 34.80 -4.58 99.21
N VAL J 184 35.70 -5.28 99.89
CA VAL J 184 35.52 -5.69 101.28
C VAL J 184 36.58 -4.98 102.11
N ILE J 185 36.13 -4.26 103.15
CA ILE J 185 37.02 -3.57 104.07
C ILE J 185 36.82 -4.19 105.45
N LYS J 186 37.82 -4.93 105.92
CA LYS J 186 37.80 -5.44 107.28
C LYS J 186 37.96 -4.32 108.28
N ALA J 187 37.09 -4.27 109.28
CA ALA J 187 37.10 -3.20 110.25
C ALA J 187 36.74 -3.76 111.63
N GLN J 188 36.84 -2.90 112.63
CA GLN J 188 36.36 -3.21 113.98
C GLN J 188 35.21 -2.27 114.31
N SER J 189 34.51 -2.58 115.40
CA SER J 189 33.28 -1.87 115.71
C SER J 189 33.54 -0.43 116.15
N HIS J 190 34.69 -0.17 116.77
CA HIS J 190 34.99 1.19 117.21
C HIS J 190 35.42 2.06 116.03
N GLU J 191 36.13 1.48 115.06
CA GLU J 191 36.56 2.23 113.88
C GLU J 191 35.56 2.12 112.73
N LEU J 192 34.29 2.39 113.03
CA LEU J 192 33.24 2.35 112.03
C LEU J 192 32.68 3.71 111.68
N SER J 193 32.38 4.54 112.69
CA SER J 193 31.91 5.90 112.42
C SER J 193 33.05 6.77 111.87
N ASN J 194 34.27 6.55 112.35
CA ASN J 194 35.43 7.27 111.84
C ASN J 194 35.69 6.95 110.38
N LYS J 195 35.57 5.68 110.00
CA LYS J 195 35.65 5.32 108.59
C LYS J 195 34.44 5.83 107.82
N LEU J 196 33.26 5.87 108.46
CA LEU J 196 32.05 6.32 107.78
C LEU J 196 32.12 7.80 107.43
N PHE J 197 32.76 8.62 108.27
CA PHE J 197 32.82 10.06 108.00
C PHE J 197 33.55 10.36 106.70
N TRP J 198 34.68 9.70 106.46
CA TRP J 198 35.43 9.93 105.24
C TRP J 198 34.81 9.20 104.04
N LEU J 199 34.13 8.09 104.28
CA LEU J 199 33.43 7.38 103.20
C LEU J 199 32.27 8.18 102.64
N LYS J 200 31.63 9.03 103.45
CA LYS J 200 30.57 9.90 102.96
C LYS J 200 31.08 10.99 102.04
N ARG J 201 32.40 11.20 101.96
CA ARG J 201 32.96 12.31 101.20
C ARG J 201 33.88 11.85 100.08
N TYR J 202 33.86 10.57 99.71
CA TYR J 202 34.70 10.12 98.61
C TYR J 202 34.14 10.58 97.26
N ARG J 203 35.02 10.50 96.26
CA ARG J 203 34.72 10.88 94.88
C ARG J 203 35.29 9.79 93.98
N ILE J 204 34.48 8.79 93.65
CA ILE J 204 34.87 7.76 92.71
C ILE J 204 34.48 8.22 91.31
N LEU J 205 35.41 8.10 90.37
CA LEU J 205 35.28 8.75 89.07
C LEU J 205 34.22 8.04 88.23
N GLY J 206 33.14 8.75 87.93
CA GLY J 206 32.07 8.25 87.10
C GLY J 206 31.36 7.04 87.64
N ALA J 207 31.00 7.06 88.92
CA ALA J 207 30.45 5.87 89.55
C ALA J 207 29.49 6.27 90.67
N GLN J 208 28.66 5.29 91.06
CA GLN J 208 27.80 5.40 92.23
C GLN J 208 28.14 4.25 93.15
N TYR J 209 28.61 4.56 94.37
CA TYR J 209 29.09 3.54 95.28
C TYR J 209 28.07 3.28 96.36
N GLU J 210 28.24 2.14 97.04
CA GLU J 210 27.20 1.54 97.86
C GLU J 210 27.84 0.94 99.10
N LEU J 211 27.47 1.43 100.28
CA LEU J 211 28.08 0.99 101.53
C LEU J 211 27.20 -0.02 102.25
N GLN J 212 27.69 -1.25 102.41
CA GLN J 212 27.11 -2.23 103.32
C GLN J 212 27.79 -2.13 104.68
N PHE J 213 27.00 -2.21 105.75
CA PHE J 213 27.53 -2.27 107.10
C PHE J 213 27.08 -3.56 107.77
N HIS J 214 28.03 -4.29 108.33
CA HIS J 214 27.77 -5.52 109.08
C HIS J 214 28.27 -5.29 110.50
N CYS J 215 27.35 -5.01 111.42
CA CYS J 215 27.70 -4.71 112.80
C CYS J 215 26.94 -5.65 113.73
N LYS J 216 27.53 -5.90 114.89
CA LYS J 216 26.98 -6.82 115.87
C LYS J 216 26.70 -6.09 117.17
N THR J 217 25.53 -6.33 117.73
CA THR J 217 25.16 -5.91 119.09
C THR J 217 24.82 -7.17 119.89
N ARG J 218 24.34 -6.97 121.11
CA ARG J 218 23.92 -8.09 121.95
C ARG J 218 22.50 -7.86 122.41
N LEU J 219 21.71 -8.93 122.44
CA LEU J 219 20.28 -8.84 122.68
C LEU J 219 20.00 -8.81 124.17
N ASP J 220 19.25 -7.80 124.60
CA ASP J 220 18.83 -7.67 125.99
C ASP J 220 17.59 -8.54 126.21
N MET J 221 17.77 -9.67 126.89
CA MET J 221 16.68 -10.61 127.11
C MET J 221 15.92 -10.34 128.40
N SER J 222 16.23 -9.25 129.10
CA SER J 222 15.50 -8.92 130.33
C SER J 222 14.00 -8.67 130.18
N PRO J 223 13.44 -8.15 129.08
CA PRO J 223 11.97 -8.10 128.99
C PRO J 223 11.32 -9.36 128.45
N VAL J 224 12.09 -10.41 128.14
CA VAL J 224 11.50 -11.64 127.60
C VAL J 224 11.98 -12.85 128.40
N LEU J 225 12.74 -12.61 129.47
CA LEU J 225 13.22 -13.72 130.29
C LEU J 225 12.12 -14.31 131.16
N GLY J 226 11.12 -13.51 131.53
CA GLY J 226 10.02 -14.03 132.32
C GLY J 226 9.16 -15.02 131.54
N SER J 227 8.96 -14.77 130.25
CA SER J 227 8.23 -15.70 129.39
C SER J 227 9.08 -16.89 128.94
N LYS J 228 10.39 -16.86 129.23
CA LYS J 228 11.34 -17.93 128.93
C LYS J 228 11.41 -18.27 127.44
N ASN K 178 47.84 -67.69 -6.30
CA ASN K 178 47.40 -67.64 -4.91
C ASN K 178 47.39 -66.19 -4.44
N LEU K 179 46.79 -65.32 -5.26
CA LEU K 179 46.75 -63.89 -4.96
C LEU K 179 45.54 -63.36 -5.71
N GLU K 180 44.52 -62.92 -4.98
CA GLU K 180 43.27 -62.58 -5.62
C GLU K 180 43.19 -61.10 -5.96
N THR K 181 42.29 -60.79 -6.88
CA THR K 181 42.19 -59.49 -7.52
C THR K 181 40.89 -58.78 -7.24
N ASN K 182 39.76 -59.49 -7.24
CA ASN K 182 38.44 -58.86 -7.28
C ASN K 182 37.84 -58.78 -5.88
N ALA K 183 38.37 -57.86 -5.08
CA ALA K 183 37.84 -57.65 -3.75
C ALA K 183 36.58 -56.80 -3.81
N ASP K 184 35.75 -56.94 -2.79
CA ASP K 184 34.54 -56.14 -2.70
C ASP K 184 34.89 -54.72 -2.29
N ILE K 185 34.02 -53.78 -2.68
CA ILE K 185 34.28 -52.36 -2.48
C ILE K 185 33.25 -51.81 -1.51
N ILE K 186 33.71 -51.09 -0.51
CA ILE K 186 32.86 -50.37 0.42
C ILE K 186 32.90 -48.91 0.02
N HIS K 187 31.80 -48.40 -0.51
CA HIS K 187 31.69 -47.00 -0.91
C HIS K 187 31.12 -46.23 0.26
N ILE K 188 31.83 -45.19 0.70
CA ILE K 188 31.33 -44.31 1.75
C ILE K 188 31.22 -42.92 1.15
N LYS K 189 30.02 -42.37 1.18
CA LYS K 189 29.73 -41.04 0.65
C LYS K 189 29.26 -40.14 1.79
N LEU K 190 30.07 -39.15 2.15
CA LEU K 190 29.71 -38.15 3.15
C LEU K 190 29.05 -36.97 2.47
N LEU K 191 27.79 -36.74 2.78
CA LEU K 191 27.12 -35.51 2.41
C LEU K 191 26.90 -34.68 3.68
N ARG K 192 26.40 -33.46 3.49
CA ARG K 192 26.12 -32.61 4.64
C ARG K 192 24.94 -33.15 5.44
N ASN K 193 23.90 -33.64 4.77
CA ASN K 193 22.68 -34.05 5.44
C ASN K 193 22.56 -35.56 5.63
N ASN K 194 23.44 -36.35 5.03
CA ASN K 194 23.25 -37.80 5.05
C ASN K 194 24.60 -38.47 4.82
N THR K 195 24.66 -39.77 5.10
CA THR K 195 25.80 -40.58 4.73
C THR K 195 25.29 -41.84 4.04
N PHE K 196 25.96 -42.22 2.97
CA PHE K 196 25.58 -43.40 2.21
C PHE K 196 26.75 -44.37 2.26
N VAL K 197 26.52 -45.55 2.82
CA VAL K 197 27.50 -46.62 2.78
C VAL K 197 26.91 -47.73 1.94
N THR K 198 27.63 -48.11 0.88
CA THR K 198 27.17 -49.08 -0.10
C THR K 198 28.24 -50.14 -0.24
N VAL K 199 27.83 -51.40 -0.29
CA VAL K 199 28.74 -52.52 -0.52
C VAL K 199 28.45 -53.03 -1.92
N THR K 200 29.48 -53.04 -2.76
CA THR K 200 29.35 -53.61 -4.09
C THR K 200 30.39 -54.71 -4.26
N ASP K 201 30.37 -55.35 -5.42
CA ASP K 201 31.45 -56.23 -5.85
C ASP K 201 32.51 -55.37 -6.54
N SER K 202 33.46 -56.00 -7.22
CA SER K 202 34.48 -55.22 -7.90
C SER K 202 33.94 -54.50 -9.13
N LYS K 203 32.78 -54.91 -9.64
CA LYS K 203 32.24 -54.35 -10.88
C LYS K 203 31.04 -53.43 -10.64
N GLY K 204 30.74 -53.10 -9.40
CA GLY K 204 29.72 -52.10 -9.12
C GLY K 204 28.32 -52.62 -8.91
N ASN K 205 28.15 -53.91 -8.68
CA ASN K 205 26.83 -54.47 -8.41
C ASN K 205 26.57 -54.42 -6.91
N VAL K 206 25.53 -53.69 -6.51
CA VAL K 206 25.21 -53.47 -5.11
C VAL K 206 24.79 -54.79 -4.46
N LYS K 207 25.34 -55.08 -3.29
CA LYS K 207 24.89 -56.19 -2.48
C LYS K 207 24.04 -55.74 -1.30
N CYS K 208 24.50 -54.75 -0.55
CA CYS K 208 23.72 -54.17 0.54
C CYS K 208 24.15 -52.73 0.74
N LYS K 209 23.31 -51.96 1.41
CA LYS K 209 23.57 -50.54 1.62
C LYS K 209 22.85 -50.07 2.87
N ALA K 210 23.28 -48.93 3.40
CA ALA K 210 22.61 -48.30 4.52
C ALA K 210 22.78 -46.79 4.44
N THR K 211 21.75 -46.07 4.83
CA THR K 211 21.80 -44.61 4.91
C THR K 211 21.59 -44.19 6.36
N SER K 212 21.54 -42.87 6.58
CA SER K 212 21.32 -42.35 7.92
C SER K 212 19.90 -42.65 8.41
N GLY K 213 18.92 -42.44 7.55
CA GLY K 213 17.54 -42.65 7.95
C GLY K 213 17.09 -44.09 7.96
N SER K 214 17.88 -45.01 7.42
CA SER K 214 17.54 -46.42 7.41
C SER K 214 18.05 -47.17 8.63
N LEU K 215 18.77 -46.50 9.52
CA LEU K 215 19.24 -47.16 10.72
C LEU K 215 18.08 -47.38 11.69
N PRO K 216 17.99 -48.55 12.32
CA PRO K 216 16.81 -48.89 13.14
C PRO K 216 16.65 -48.06 14.41
N ASP K 217 17.69 -47.39 14.89
CA ASP K 217 17.64 -46.71 16.17
C ASP K 217 17.34 -45.22 16.04
N LEU K 218 18.08 -44.52 15.19
CA LEU K 218 17.95 -43.07 15.07
C LEU K 218 16.61 -42.71 14.43
N LYS K 219 15.86 -41.83 15.07
CA LYS K 219 14.49 -41.54 14.66
C LYS K 219 14.24 -40.04 14.75
N GLY K 220 14.46 -39.33 13.64
CA GLY K 220 14.16 -37.91 13.57
C GLY K 220 15.21 -37.02 14.20
N GLY K 221 14.98 -35.72 14.05
CA GLY K 221 15.83 -34.70 14.65
C GLY K 221 17.04 -34.26 13.86
N ARG K 222 18.09 -35.09 13.85
CA ARG K 222 19.36 -34.72 13.25
C ARG K 222 19.94 -35.90 12.48
N LYS K 223 20.60 -35.60 11.35
CA LYS K 223 21.33 -36.60 10.58
C LYS K 223 22.72 -36.14 10.15
N MET K 224 23.11 -34.92 10.49
CA MET K 224 24.37 -34.33 10.04
C MET K 224 25.51 -34.58 11.00
N THR K 225 25.31 -35.40 12.03
CA THR K 225 26.33 -35.60 13.05
C THR K 225 27.45 -36.50 12.54
N SER K 226 28.57 -36.48 13.28
CA SER K 226 29.63 -37.46 13.05
C SER K 226 29.21 -38.83 13.54
N TYR K 227 28.40 -38.85 14.61
CA TYR K 227 27.96 -40.11 15.20
C TYR K 227 27.10 -40.91 14.24
N THR K 228 26.28 -40.23 13.44
CA THR K 228 25.42 -40.93 12.50
C THR K 228 26.24 -41.60 11.40
N ALA K 229 27.27 -40.92 10.90
CA ALA K 229 28.15 -41.50 9.89
C ALA K 229 28.94 -42.68 10.45
N ASP K 230 29.43 -42.54 11.67
CA ASP K 230 30.12 -43.64 12.34
C ASP K 230 29.19 -44.82 12.55
N ALA K 231 27.94 -44.56 12.94
CA ALA K 231 26.97 -45.63 13.17
C ALA K 231 26.61 -46.34 11.88
N THR K 232 26.50 -45.60 10.77
CA THR K 232 26.19 -46.21 9.48
C THR K 232 27.34 -47.12 9.03
N ALA K 233 28.58 -46.66 9.18
CA ALA K 233 29.72 -47.51 8.83
C ALA K 233 29.83 -48.72 9.75
N GLU K 234 29.51 -48.55 11.04
CA GLU K 234 29.52 -49.67 11.99
C GLU K 234 28.47 -50.72 11.63
N ASN K 235 27.28 -50.27 11.25
CA ASN K 235 26.20 -51.15 10.81
C ASN K 235 26.61 -51.95 9.59
N ILE K 236 27.22 -51.29 8.60
CA ILE K 236 27.65 -51.99 7.40
C ILE K 236 28.80 -52.95 7.70
N GLY K 237 29.68 -52.59 8.63
CA GLY K 237 30.75 -53.51 9.01
C GLY K 237 30.23 -54.77 9.67
N ARG K 238 29.23 -54.62 10.55
CA ARG K 238 28.57 -55.79 11.13
C ARG K 238 27.92 -56.66 10.08
N ARG K 239 27.22 -56.05 9.11
CA ARG K 239 26.60 -56.84 8.04
C ARG K 239 27.64 -57.51 7.16
N VAL K 240 28.77 -56.86 6.92
CA VAL K 240 29.80 -57.44 6.07
C VAL K 240 30.49 -58.61 6.74
N LYS K 241 30.68 -58.56 8.06
CA LYS K 241 31.12 -59.77 8.74
C LYS K 241 30.05 -60.86 8.68
N ALA K 242 28.77 -60.47 8.82
CA ALA K 242 27.69 -61.44 8.86
C ALA K 242 27.52 -62.21 7.55
N MET K 243 27.99 -61.69 6.43
CA MET K 243 27.98 -62.42 5.17
C MET K 243 29.34 -62.98 4.80
N GLY K 244 30.27 -63.01 5.75
CA GLY K 244 31.55 -63.69 5.55
C GLY K 244 32.48 -63.08 4.52
N LEU K 245 32.55 -61.76 4.46
CA LEU K 245 33.51 -61.09 3.58
C LEU K 245 34.80 -60.88 4.34
N LYS K 246 35.91 -61.31 3.76
CA LYS K 246 37.20 -61.24 4.44
C LYS K 246 38.15 -60.22 3.84
N SER K 247 37.81 -59.63 2.69
CA SER K 247 38.68 -58.66 2.04
C SER K 247 37.83 -57.58 1.39
N VAL K 248 38.07 -56.32 1.75
CA VAL K 248 37.34 -55.19 1.19
C VAL K 248 38.30 -54.06 0.84
N VAL K 249 37.85 -53.24 -0.10
CA VAL K 249 38.50 -51.98 -0.46
C VAL K 249 37.56 -50.86 -0.06
N VAL K 250 38.06 -49.91 0.72
CA VAL K 250 37.27 -48.78 1.17
C VAL K 250 37.52 -47.60 0.23
N LYS K 251 36.45 -47.07 -0.35
CA LYS K 251 36.50 -45.86 -1.15
C LYS K 251 35.66 -44.81 -0.44
N VAL K 252 36.28 -43.68 -0.10
CA VAL K 252 35.57 -42.60 0.58
C VAL K 252 35.44 -41.42 -0.36
N ASN K 253 34.41 -40.61 -0.12
CA ASN K 253 34.04 -39.53 -1.01
C ASN K 253 33.28 -38.49 -0.21
N GLY K 254 33.71 -37.24 -0.29
CA GLY K 254 32.99 -36.19 0.41
C GLY K 254 33.75 -34.90 0.60
N PHE K 255 33.02 -33.80 0.68
CA PHE K 255 33.63 -32.49 0.89
C PHE K 255 33.61 -32.15 2.37
N THR K 256 34.38 -32.94 3.12
CA THR K 256 34.53 -32.81 4.55
C THR K 256 36.02 -32.85 4.90
N HIS K 257 36.33 -32.59 6.16
CA HIS K 257 37.68 -32.77 6.66
C HIS K 257 38.06 -34.25 6.64
N PHE K 258 39.37 -34.51 6.64
CA PHE K 258 39.80 -35.90 6.57
C PHE K 258 39.53 -36.67 7.86
N LYS K 259 39.39 -35.97 8.99
CA LYS K 259 39.11 -36.66 10.24
C LYS K 259 37.78 -37.38 10.21
N LYS K 260 36.78 -36.80 9.55
CA LYS K 260 35.48 -37.45 9.42
C LYS K 260 35.57 -38.75 8.63
N LYS K 261 36.34 -38.75 7.54
CA LYS K 261 36.51 -39.97 6.75
C LYS K 261 37.32 -41.00 7.49
N ARG K 262 38.33 -40.56 8.25
CA ARG K 262 39.11 -41.47 9.09
C ARG K 262 38.23 -42.13 10.14
N ASN K 263 37.36 -41.35 10.78
CA ASN K 263 36.44 -41.89 11.78
C ASN K 263 35.42 -42.83 11.15
N ALA K 264 35.00 -42.57 9.92
CA ALA K 264 34.10 -43.49 9.22
C ALA K 264 34.77 -44.82 8.92
N ILE K 265 36.02 -44.81 8.45
CA ILE K 265 36.73 -46.06 8.15
C ILE K 265 36.99 -46.84 9.44
N VAL K 266 37.35 -46.14 10.51
CA VAL K 266 37.60 -46.80 11.80
C VAL K 266 36.31 -47.40 12.35
N ALA K 267 35.17 -46.78 12.14
CA ALA K 267 33.93 -47.38 12.56
C ALA K 267 33.62 -48.66 11.80
N PHE K 268 33.88 -48.69 10.51
CA PHE K 268 33.61 -49.87 9.75
C PHE K 268 34.35 -51.04 10.32
N ARG K 269 35.62 -50.88 10.67
CA ARG K 269 36.41 -52.00 11.18
C ARG K 269 35.94 -52.34 12.57
N SER K 270 35.51 -51.35 13.32
CA SER K 270 34.99 -51.58 14.65
C SER K 270 33.63 -52.24 14.67
N GLY K 271 33.01 -52.43 13.52
CA GLY K 271 31.76 -53.15 13.45
C GLY K 271 32.07 -54.52 12.94
N TYR K 272 32.98 -54.65 12.01
CA TYR K 272 33.33 -55.91 11.46
C TYR K 272 33.90 -56.72 12.57
N SER K 273 34.81 -56.15 13.33
CA SER K 273 35.34 -56.81 14.49
C SER K 273 34.79 -56.01 15.61
N ASN K 274 34.55 -56.60 16.76
CA ASN K 274 33.87 -55.95 17.88
C ASN K 274 34.83 -55.06 18.68
N SER K 275 35.97 -55.61 19.12
CA SER K 275 37.03 -54.80 19.72
C SER K 275 38.36 -55.22 19.12
N ARG K 276 38.65 -54.71 17.91
CA ARG K 276 39.95 -54.68 17.25
C ARG K 276 40.70 -56.02 17.25
N ASN K 277 39.97 -57.13 17.35
CA ASN K 277 40.58 -58.42 17.63
C ASN K 277 40.89 -59.20 16.35
N ASP K 278 39.89 -59.41 15.51
CA ASP K 278 40.09 -60.16 14.28
C ASP K 278 40.94 -59.33 13.30
N GLN K 279 41.47 -60.03 12.30
CA GLN K 279 42.35 -59.41 11.33
C GLN K 279 41.60 -58.39 10.47
N ASN K 280 42.36 -57.52 9.84
CA ASN K 280 41.78 -56.46 9.04
C ASN K 280 41.29 -57.00 7.70
N PRO K 281 40.02 -56.80 7.35
CA PRO K 281 39.61 -57.09 5.98
C PRO K 281 40.05 -56.04 4.97
N ILE K 282 40.33 -54.81 5.41
CA ILE K 282 40.63 -53.71 4.50
C ILE K 282 42.02 -53.88 3.91
N VAL K 283 42.09 -54.03 2.60
CA VAL K 283 43.36 -54.22 1.90
C VAL K 283 43.78 -52.98 1.13
N TYR K 284 42.87 -52.03 0.90
CA TYR K 284 43.17 -50.79 0.20
C TYR K 284 42.21 -49.73 0.70
N ILE K 285 42.69 -48.50 0.78
CA ILE K 285 41.86 -47.34 1.07
C ILE K 285 42.08 -46.33 -0.04
N GLU K 286 41.05 -45.54 -0.32
CA GLU K 286 41.13 -44.61 -1.44
C GLU K 286 40.16 -43.46 -1.24
N ASP K 287 40.62 -42.24 -1.49
CA ASP K 287 39.76 -41.06 -1.54
C ASP K 287 39.46 -40.72 -2.99
N THR K 288 38.19 -40.55 -3.33
CA THR K 288 37.77 -40.35 -4.71
C THR K 288 37.12 -38.99 -4.96
N THR K 289 37.34 -38.01 -4.09
CA THR K 289 36.59 -36.77 -4.18
C THR K 289 37.08 -35.92 -5.35
N ARG K 290 36.14 -35.45 -6.16
CA ARG K 290 36.42 -34.62 -7.32
C ARG K 290 35.62 -33.33 -7.23
N LYS K 291 36.26 -32.22 -7.55
CA LYS K 291 35.55 -30.94 -7.62
C LYS K 291 35.08 -30.69 -9.05
N ALA K 292 34.10 -29.81 -9.17
CA ALA K 292 33.79 -29.21 -10.44
C ALA K 292 34.92 -28.28 -10.85
N HIS K 293 35.27 -28.29 -12.13
CA HIS K 293 36.29 -27.39 -12.65
C HIS K 293 35.65 -26.07 -13.09
N ASN K 294 34.97 -25.45 -12.11
CA ASN K 294 34.02 -24.35 -12.26
C ASN K 294 32.86 -24.69 -13.20
N GLY K 295 31.98 -25.56 -12.73
CA GLY K 295 30.83 -25.99 -13.51
C GLY K 295 29.59 -25.13 -13.31
N CYS K 296 28.62 -25.60 -12.55
CA CYS K 296 27.33 -24.92 -12.44
C CYS K 296 27.30 -23.91 -11.31
N ARG K 297 26.46 -22.90 -11.46
CA ARG K 297 26.28 -21.90 -10.41
C ARG K 297 25.56 -22.52 -9.22
N LEU K 298 26.15 -22.34 -8.05
CA LEU K 298 25.62 -22.86 -6.80
C LEU K 298 24.44 -22.02 -6.35
N PRO K 299 23.60 -22.54 -5.45
CA PRO K 299 22.45 -21.77 -4.98
C PRO K 299 22.86 -20.54 -4.18
N ARG K 300 21.90 -19.64 -4.05
CA ARG K 300 22.11 -18.40 -3.32
C ARG K 300 22.30 -18.65 -1.83
N LYS K 301 23.12 -17.81 -1.20
CA LYS K 301 23.41 -17.94 0.22
C LYS K 301 22.19 -17.68 1.08
N ARG K 302 22.03 -18.48 2.13
CA ARG K 302 20.90 -18.33 3.04
C ARG K 302 21.11 -17.15 3.97
N ARG K 303 20.04 -16.43 4.23
CA ARG K 303 20.09 -15.25 5.09
C ARG K 303 19.38 -15.62 6.39
N VAL K 304 20.14 -16.20 7.30
CA VAL K 304 19.62 -16.66 8.58
C VAL K 304 20.27 -15.87 9.72
N PRO L 2 39.03 28.38 -9.91
CA PRO L 2 39.20 28.16 -11.35
C PRO L 2 40.47 28.78 -11.87
N THR L 3 40.89 28.39 -13.08
CA THR L 3 42.00 29.06 -13.72
C THR L 3 41.60 30.46 -14.15
N PHE L 4 42.60 31.25 -14.53
CA PHE L 4 42.34 32.61 -14.99
C PHE L 4 41.60 32.62 -16.32
N ASN L 5 41.92 31.67 -17.21
CA ASN L 5 41.21 31.52 -18.47
C ASN L 5 39.75 31.14 -18.24
N GLN L 6 39.49 30.27 -17.27
CA GLN L 6 38.11 29.91 -16.92
C GLN L 6 37.35 31.11 -16.40
N LEU L 7 37.99 31.96 -15.59
CA LEU L 7 37.35 33.16 -15.07
C LEU L 7 37.10 34.16 -16.18
N ILE L 8 37.96 34.22 -17.18
CA ILE L 8 37.72 35.08 -18.33
C ILE L 8 36.50 34.60 -19.12
N ARG L 9 36.46 33.29 -19.39
CA ARG L 9 35.33 32.74 -20.15
C ARG L 9 34.04 32.81 -19.35
N HIS L 10 34.06 32.34 -18.11
CA HIS L 10 32.89 32.25 -17.26
C HIS L 10 33.25 32.85 -15.93
N GLY L 11 32.72 34.02 -15.62
CA GLY L 11 33.11 34.76 -14.43
C GLY L 11 32.60 34.16 -13.14
N ARG L 12 32.40 35.02 -12.16
CA ARG L 12 31.88 34.61 -10.86
C ARG L 12 30.49 35.18 -10.67
N GLU L 13 29.54 34.32 -10.31
CA GLU L 13 28.18 34.74 -10.01
C GLU L 13 28.09 35.20 -8.57
N GLU L 14 26.93 35.70 -8.17
CA GLU L 14 26.72 36.09 -6.77
C GLU L 14 25.96 35.01 -6.02
N LYS L 15 25.97 35.14 -4.70
CA LYS L 15 25.14 34.28 -3.86
C LYS L 15 23.67 34.62 -4.02
N ARG L 16 22.83 33.59 -3.99
CA ARG L 16 21.40 33.72 -4.22
C ARG L 16 20.68 33.66 -2.88
N ARG L 17 20.06 34.77 -2.49
CA ARG L 17 19.32 34.84 -1.22
C ARG L 17 17.94 35.44 -1.45
N THR L 18 16.91 34.77 -0.93
CA THR L 18 15.55 35.21 -1.14
C THR L 18 15.24 36.47 -0.34
N ASP L 19 14.33 37.27 -0.88
CA ASP L 19 13.89 38.50 -0.23
C ASP L 19 13.11 38.19 1.05
N ARG L 20 13.33 39.00 2.08
CA ARG L 20 12.62 38.78 3.34
C ARG L 20 11.20 39.35 3.29
N THR L 21 11.06 40.59 2.85
CA THR L 21 9.78 41.28 2.80
C THR L 21 9.47 41.66 1.36
N ARG L 22 9.05 40.68 0.57
CA ARG L 22 8.74 40.93 -0.84
C ARG L 22 7.45 41.73 -1.00
N ALA L 23 6.53 41.64 -0.05
CA ALA L 23 5.26 42.33 -0.16
C ALA L 23 5.34 43.81 0.12
N LEU L 24 6.41 44.28 0.78
CA LEU L 24 6.54 45.72 1.00
C LEU L 24 6.99 46.44 -0.26
N ASP L 25 7.54 45.72 -1.23
CA ASP L 25 7.92 46.23 -2.55
C ASP L 25 8.96 47.35 -2.42
N LYS L 26 9.94 47.11 -1.55
CA LYS L 26 11.08 48.01 -1.29
C LYS L 26 10.63 49.38 -0.81
N CYS L 27 9.48 49.43 -0.15
CA CYS L 27 9.00 50.59 0.53
C CYS L 27 9.23 50.43 2.01
N PRO L 28 9.42 51.51 2.75
CA PRO L 28 9.61 51.36 4.20
C PRO L 28 8.36 50.92 4.92
N GLN L 29 7.20 51.44 4.53
CA GLN L 29 5.92 51.09 5.11
C GLN L 29 4.89 50.96 4.00
N LYS L 30 3.78 50.29 4.32
CA LYS L 30 2.66 50.17 3.39
C LYS L 30 1.39 50.28 4.19
N LEU L 31 0.42 51.05 3.70
CA LEU L 31 -0.89 51.12 4.31
C LEU L 31 -1.71 49.88 3.97
N GLY L 32 -2.56 49.47 4.92
CA GLY L 32 -3.42 48.32 4.71
C GLY L 32 -4.73 48.47 5.43
N ALA L 33 -5.63 47.53 5.16
CA ALA L 33 -6.91 47.42 5.86
C ALA L 33 -7.04 46.02 6.43
N CYS L 34 -7.49 45.94 7.67
CA CYS L 34 -7.60 44.65 8.33
C CYS L 34 -8.77 43.86 7.78
N LEU L 35 -8.50 42.60 7.42
CA LEU L 35 -9.52 41.66 7.01
C LEU L 35 -10.04 40.81 8.16
N ARG L 36 -9.13 40.27 8.97
CA ARG L 36 -9.48 39.43 10.09
C ARG L 36 -8.51 39.68 11.24
N VAL L 37 -9.03 39.98 12.41
CA VAL L 37 -8.24 40.14 13.62
C VAL L 37 -8.45 38.89 14.47
N SER L 38 -7.36 38.23 14.87
CA SER L 38 -7.46 36.96 15.54
C SER L 38 -6.27 36.79 16.48
N THR L 39 -6.13 35.58 17.03
CA THR L 39 -4.96 35.19 17.80
C THR L 39 -4.36 33.92 17.20
N ARG L 40 -3.09 33.69 17.52
CA ARG L 40 -2.37 32.52 17.05
C ARG L 40 -1.46 32.01 18.15
N THR L 41 -1.35 30.70 18.26
CA THR L 41 -0.46 30.19 19.30
C THR L 41 0.97 30.12 18.77
N PRO L 42 1.97 30.32 19.63
CA PRO L 42 3.36 30.27 19.17
C PRO L 42 3.83 28.87 18.87
N LYS L 43 4.95 28.83 18.15
CA LYS L 43 5.74 27.62 18.01
C LYS L 43 6.38 27.24 19.34
N LYS L 44 6.41 25.95 19.63
CA LYS L 44 7.01 25.45 20.87
C LYS L 44 8.52 25.71 20.85
N PRO L 45 9.14 25.96 22.02
CA PRO L 45 8.66 25.83 23.40
C PRO L 45 7.91 27.03 23.97
N ASN L 46 7.54 28.03 23.19
CA ASN L 46 6.80 29.16 23.73
C ASN L 46 5.31 28.87 23.73
N SER L 47 4.58 29.54 24.62
CA SER L 47 3.15 29.33 24.73
C SER L 47 2.48 30.62 25.14
N ALA L 48 1.60 31.13 24.27
CA ALA L 48 0.83 32.35 24.52
C ALA L 48 -0.34 32.38 23.55
N LEU L 49 -1.02 33.53 23.49
CA LEU L 49 -2.03 33.81 22.46
C LEU L 49 -1.65 35.17 21.87
N ARG L 50 -0.94 35.15 20.75
CA ARG L 50 -0.38 36.34 20.14
C ARG L 50 -1.43 37.00 19.24
N LYS L 51 -1.66 38.30 19.45
CA LYS L 51 -2.68 39.03 18.70
C LYS L 51 -2.14 39.45 17.35
N ILE L 52 -2.66 38.86 16.27
CA ILE L 52 -2.24 39.21 14.92
C ILE L 52 -3.41 39.80 14.16
N ALA L 53 -3.15 40.24 12.93
CA ALA L 53 -4.19 40.74 12.04
C ALA L 53 -3.85 40.35 10.62
N LYS L 54 -4.84 39.86 9.88
CA LYS L 54 -4.68 39.64 8.45
C LYS L 54 -4.98 40.94 7.72
N VAL L 55 -4.00 41.42 6.95
CA VAL L 55 -4.04 42.74 6.36
C VAL L 55 -3.90 42.60 4.85
N ARG L 56 -4.77 43.26 4.10
CA ARG L 56 -4.59 43.40 2.67
C ARG L 56 -3.91 44.73 2.38
N LEU L 57 -2.78 44.67 1.69
CA LEU L 57 -2.00 45.87 1.47
C LEU L 57 -2.51 46.66 0.27
N SER L 58 -1.98 47.87 0.12
CA SER L 58 -2.41 48.77 -0.94
C SER L 58 -2.01 48.25 -2.32
N ASN L 59 -0.96 47.44 -2.41
CA ASN L 59 -0.61 46.78 -3.66
C ASN L 59 -1.28 45.42 -3.80
N ARG L 60 -2.39 45.21 -3.09
CA ARG L 60 -3.23 44.01 -3.17
C ARG L 60 -2.46 42.74 -2.81
N HIS L 61 -1.59 42.86 -1.82
CA HIS L 61 -0.91 41.72 -1.22
C HIS L 61 -1.57 41.43 0.13
N ASP L 62 -1.74 40.15 0.42
CA ASP L 62 -2.31 39.69 1.69
C ASP L 62 -1.18 39.21 2.58
N ILE L 63 -1.07 39.80 3.76
CA ILE L 63 0.01 39.50 4.70
C ILE L 63 -0.59 39.25 6.08
N PHE L 64 0.24 38.71 6.95
CA PHE L 64 -0.05 38.62 8.37
C PHE L 64 0.87 39.57 9.12
N ALA L 65 0.30 40.45 9.93
CA ALA L 65 1.06 41.43 10.67
C ALA L 65 0.79 41.28 12.16
N TYR L 66 1.80 41.51 12.96
CA TYR L 66 1.69 41.38 14.41
C TYR L 66 1.27 42.70 15.03
N ILE L 67 0.44 42.63 16.07
CA ILE L 67 0.00 43.81 16.80
C ILE L 67 0.76 43.85 18.12
N PRO L 68 1.74 44.73 18.29
CA PRO L 68 2.58 44.71 19.48
C PRO L 68 1.94 45.48 20.64
N GLY L 69 2.47 45.23 21.83
CA GLY L 69 1.95 45.84 23.03
C GLY L 69 0.84 45.03 23.64
N GLU L 70 0.27 45.59 24.71
CA GLU L 70 -0.82 44.96 25.45
C GLU L 70 -2.13 45.66 25.13
N GLY L 71 -3.03 44.97 24.44
CA GLY L 71 -4.33 45.48 24.12
C GLY L 71 -4.37 46.33 22.88
N HIS L 72 -5.42 46.18 22.07
CA HIS L 72 -5.58 46.98 20.87
C HIS L 72 -7.05 47.23 20.61
N ASN L 73 -7.32 48.15 19.70
CA ASN L 73 -8.67 48.56 19.33
C ASN L 73 -9.04 48.17 17.91
N LEU L 74 -8.27 47.27 17.30
CA LEU L 74 -8.48 46.95 15.91
C LEU L 74 -9.75 46.13 15.71
N GLN L 75 -10.41 46.37 14.58
CA GLN L 75 -11.55 45.58 14.14
C GLN L 75 -11.34 45.24 12.68
N GLU L 76 -12.33 44.62 12.05
CA GLU L 76 -12.31 44.47 10.60
C GLU L 76 -12.44 45.85 9.96
N HIS L 77 -11.75 46.01 8.83
CA HIS L 77 -11.77 47.24 8.02
C HIS L 77 -11.22 48.44 8.77
N SER L 78 -10.15 48.21 9.54
CA SER L 78 -9.41 49.30 10.16
C SER L 78 -8.11 49.53 9.40
N GLN L 79 -7.77 50.80 9.22
CA GLN L 79 -6.56 51.16 8.49
C GLN L 79 -5.34 51.01 9.40
N VAL L 80 -4.35 50.27 8.95
CA VAL L 80 -3.10 50.08 9.69
C VAL L 80 -1.92 50.34 8.78
N LEU L 81 -0.90 51.01 9.31
CA LEU L 81 0.36 51.17 8.61
C LEU L 81 1.30 50.06 9.03
N ILE L 82 1.91 49.41 8.06
CA ILE L 82 2.61 48.14 8.24
C ILE L 82 4.09 48.37 7.97
N ARG L 83 4.93 47.96 8.91
CA ARG L 83 6.38 47.99 8.71
C ARG L 83 6.93 46.58 8.72
N GLY L 84 8.17 46.46 8.29
CA GLY L 84 8.81 45.16 8.25
C GLY L 84 9.22 44.67 9.61
N GLY L 85 9.63 43.40 9.66
CA GLY L 85 10.08 42.81 10.90
C GLY L 85 9.24 41.64 11.36
N ARG L 86 9.82 40.45 11.33
CA ARG L 86 9.11 39.23 11.63
C ARG L 86 8.97 39.00 13.14
N VAL L 87 8.09 38.08 13.50
CA VAL L 87 7.92 37.63 14.88
C VAL L 87 8.38 36.18 14.92
N LYS L 88 9.37 35.90 15.76
CA LYS L 88 10.06 34.63 15.67
C LYS L 88 9.23 33.47 16.23
N ASP L 89 8.30 33.77 17.15
CA ASP L 89 7.37 32.74 17.62
C ASP L 89 6.46 32.25 16.50
N LEU L 90 6.08 33.13 15.59
CA LEU L 90 4.96 32.88 14.69
C LEU L 90 5.45 32.79 13.25
N PRO L 91 5.60 31.59 12.69
CA PRO L 91 5.92 31.49 11.26
C PRO L 91 4.80 32.04 10.39
N GLY L 92 5.19 32.68 9.30
CA GLY L 92 4.25 33.31 8.41
C GLY L 92 3.83 34.72 8.79
N VAL L 93 4.26 35.20 9.95
CA VAL L 93 4.03 36.58 10.37
C VAL L 93 5.36 37.30 10.20
N LYS L 94 5.47 38.12 9.15
CA LYS L 94 6.72 38.77 8.80
C LYS L 94 6.66 40.29 8.95
N PHE L 95 5.58 40.83 9.51
CA PHE L 95 5.38 42.26 9.54
C PHE L 95 4.83 42.67 10.89
N HIS L 96 4.85 43.97 11.13
CA HIS L 96 4.36 44.59 12.35
C HIS L 96 3.40 45.72 12.01
N CYS L 97 2.44 45.95 12.89
CA CYS L 97 1.61 47.14 12.83
C CYS L 97 2.24 48.25 13.65
N ILE L 98 2.17 49.48 13.16
CA ILE L 98 2.78 50.61 13.83
C ILE L 98 1.74 51.27 14.73
N ARG L 99 2.06 51.36 16.02
CA ARG L 99 1.16 51.92 17.01
C ARG L 99 1.14 53.44 16.96
N GLY L 100 -0.04 54.01 17.10
CA GLY L 100 -0.20 55.44 17.09
C GLY L 100 -0.37 56.09 15.75
N VAL L 101 -0.46 55.31 14.66
CA VAL L 101 -0.71 55.86 13.34
C VAL L 101 -1.96 55.18 12.78
N LYS L 102 -2.79 55.97 12.10
CA LYS L 102 -4.09 55.57 11.56
C LYS L 102 -5.02 55.09 12.66
N ASP L 103 -5.60 53.91 12.50
CA ASP L 103 -6.63 53.45 13.41
C ASP L 103 -6.10 52.81 14.68
N LEU L 104 -4.92 52.19 14.61
CA LEU L 104 -4.33 51.54 15.77
C LEU L 104 -3.81 52.61 16.74
N MET L 105 -4.43 52.70 17.91
CA MET L 105 -4.10 53.76 18.83
C MET L 105 -2.79 53.45 19.56
N GLY L 106 -2.23 54.49 20.19
CA GLY L 106 -1.08 54.30 21.06
C GLY L 106 -1.50 53.71 22.38
N ILE L 107 -0.51 53.51 23.25
CA ILE L 107 -0.79 52.94 24.57
C ILE L 107 -0.48 53.97 25.63
N PRO L 108 -1.48 54.71 26.12
CA PRO L 108 -1.24 55.58 27.27
C PRO L 108 -0.99 54.73 28.51
N GLY L 109 -0.22 55.30 29.44
CA GLY L 109 0.22 54.57 30.59
C GLY L 109 1.53 53.85 30.39
N ARG L 110 1.89 53.57 29.15
CA ARG L 110 3.24 53.15 28.82
C ARG L 110 4.20 54.30 29.13
N ARG L 111 5.33 53.97 29.72
CA ARG L 111 6.24 55.01 30.21
C ARG L 111 7.65 54.83 29.70
N ARG L 112 8.06 53.60 29.45
CA ARG L 112 9.43 53.30 29.05
C ARG L 112 9.42 52.68 27.67
N GLY L 113 10.28 53.18 26.79
CA GLY L 113 10.32 52.74 25.41
C GLY L 113 9.07 53.07 24.64
N ARG L 114 8.44 54.20 24.93
CA ARG L 114 7.07 54.42 24.53
C ARG L 114 6.90 55.06 23.16
N SER L 115 7.98 55.43 22.47
CA SER L 115 7.87 55.84 21.08
C SER L 115 7.76 54.66 20.13
N LYS L 116 8.06 53.45 20.58
CA LYS L 116 7.77 52.25 19.82
C LYS L 116 6.34 51.80 19.99
N TYR L 117 5.54 52.50 20.80
CA TYR L 117 4.16 52.15 21.08
C TYR L 117 3.23 53.35 20.93
N GLY L 118 3.71 54.42 20.29
CA GLY L 118 2.87 55.56 19.97
C GLY L 118 2.45 56.40 21.15
N ALA L 119 3.14 56.30 22.27
CA ALA L 119 2.69 56.94 23.51
C ALA L 119 3.39 58.28 23.69
N GLU L 120 2.61 59.30 24.02
CA GLU L 120 3.14 60.64 24.20
C GLU L 120 3.87 60.77 25.54
N LYS L 121 4.60 61.86 25.69
CA LYS L 121 5.24 62.17 26.94
C LYS L 121 4.22 62.68 27.95
N PRO L 122 4.14 62.12 29.14
CA PRO L 122 3.19 62.62 30.13
C PRO L 122 3.59 63.99 30.64
N LYS L 123 2.65 64.93 30.55
CA LYS L 123 2.92 66.30 30.96
C LYS L 123 3.02 66.38 32.47
N SER L 124 4.04 67.07 32.96
CA SER L 124 4.22 67.22 34.39
C SER L 124 3.30 68.31 34.92
N ILE L 125 2.64 68.02 36.04
CA ILE L 125 1.73 68.99 36.66
C ILE L 125 2.26 69.35 38.04
N ILE M 32 -26.84 -47.42 68.36
CA ILE M 32 -27.72 -47.12 69.49
C ILE M 32 -28.14 -45.66 69.42
N ARG M 33 -29.42 -45.41 69.59
CA ARG M 33 -29.96 -44.05 69.58
C ARG M 33 -29.81 -43.47 70.99
N VAL M 34 -28.84 -42.58 71.14
CA VAL M 34 -28.59 -41.88 72.41
C VAL M 34 -28.82 -40.40 72.18
N GLY M 35 -29.57 -39.78 73.07
CA GLY M 35 -29.95 -38.38 72.90
C GLY M 35 -30.91 -38.23 71.73
N ASN M 36 -30.42 -37.63 70.64
CA ASN M 36 -31.17 -37.57 69.40
C ASN M 36 -30.27 -37.90 68.21
N ALA M 37 -29.36 -38.84 68.38
CA ALA M 37 -28.35 -39.16 67.37
C ALA M 37 -28.03 -40.65 67.42
N GLU M 38 -27.39 -41.13 66.36
CA GLU M 38 -27.04 -42.54 66.24
C GLU M 38 -25.57 -42.73 66.61
N VAL M 39 -25.34 -43.40 67.73
CA VAL M 39 -23.97 -43.77 68.13
C VAL M 39 -23.60 -45.06 67.41
N PRO M 40 -22.47 -45.10 66.70
CA PRO M 40 -22.10 -46.30 65.94
C PRO M 40 -21.79 -47.48 66.85
N ASN M 41 -22.18 -48.68 66.39
CA ASN M 41 -21.98 -49.89 67.17
C ASN M 41 -20.52 -50.34 67.19
N HIS M 42 -19.81 -50.18 66.08
CA HIS M 42 -18.46 -50.69 65.93
C HIS M 42 -17.39 -49.76 66.49
N LYS M 43 -17.75 -48.55 66.86
CA LYS M 43 -16.75 -47.63 67.39
C LYS M 43 -16.72 -47.70 68.92
N PRO M 44 -15.57 -47.39 69.53
CA PRO M 44 -15.54 -47.23 70.99
C PRO M 44 -16.42 -46.08 71.43
N LEU M 45 -16.95 -46.19 72.66
CA LEU M 45 -18.06 -45.34 73.07
C LEU M 45 -17.61 -43.91 73.30
N LYS M 46 -16.38 -43.72 73.81
CA LYS M 46 -15.89 -42.38 74.09
C LYS M 46 -15.74 -41.58 72.80
N THR M 47 -15.33 -42.23 71.72
CA THR M 47 -15.38 -41.60 70.40
C THR M 47 -16.81 -41.45 69.91
N GLY M 48 -17.62 -42.52 70.05
CA GLY M 48 -18.95 -42.53 69.46
C GLY M 48 -19.96 -41.66 70.16
N LEU M 49 -19.74 -41.33 71.44
CA LEU M 49 -20.69 -40.49 72.16
C LEU M 49 -20.62 -39.04 71.72
N GLN M 50 -19.52 -38.64 71.07
CA GLN M 50 -19.37 -37.28 70.57
C GLN M 50 -20.24 -37.00 69.34
N GLU M 51 -20.86 -38.04 68.76
CA GLU M 51 -21.87 -37.85 67.72
C GLU M 51 -23.10 -37.12 68.25
N VAL M 52 -23.36 -37.19 69.56
CA VAL M 52 -24.48 -36.47 70.15
C VAL M 52 -24.18 -34.98 70.14
N TYR M 53 -25.12 -34.19 69.65
CA TYR M 53 -25.01 -32.73 69.72
C TYR M 53 -25.01 -32.29 71.18
N GLY M 54 -24.09 -31.40 71.52
CA GLY M 54 -23.94 -30.96 72.89
C GLY M 54 -22.97 -31.77 73.73
N ILE M 55 -22.38 -32.83 73.17
CA ILE M 55 -21.39 -33.64 73.87
C ILE M 55 -20.12 -33.67 73.03
N GLY M 56 -19.01 -33.22 73.61
CA GLY M 56 -17.73 -33.24 72.93
C GLY M 56 -16.74 -34.16 73.58
N ARG M 57 -15.44 -33.82 73.50
CA ARG M 57 -14.40 -34.69 74.02
C ARG M 57 -14.38 -34.70 75.54
N ARG M 58 -14.63 -33.55 76.17
CA ARG M 58 -14.59 -33.47 77.63
C ARG M 58 -15.82 -34.15 78.24
N LYS M 59 -17.00 -33.87 77.72
CA LYS M 59 -18.22 -34.38 78.32
C LYS M 59 -18.39 -35.88 78.11
N SER M 60 -17.85 -36.42 77.02
CA SER M 60 -17.87 -37.87 76.82
C SER M 60 -17.05 -38.57 77.89
N HIS M 61 -15.86 -38.04 78.19
CA HIS M 61 -15.03 -38.59 79.25
C HIS M 61 -15.70 -38.44 80.61
N GLN M 62 -16.37 -37.30 80.84
CA GLN M 62 -17.09 -37.10 82.09
C GLN M 62 -18.23 -38.09 82.27
N VAL M 63 -19.00 -38.33 81.20
CA VAL M 63 -20.13 -39.27 81.26
C VAL M 63 -19.64 -40.69 81.45
N LEU M 64 -18.59 -41.10 80.71
CA LEU M 64 -18.05 -42.44 80.89
C LEU M 64 -17.39 -42.63 82.25
N CYS M 65 -16.83 -41.56 82.84
CA CYS M 65 -16.34 -41.65 84.20
C CYS M 65 -17.49 -41.79 85.20
N GLY M 66 -18.64 -41.17 84.89
CA GLY M 66 -19.81 -41.36 85.73
C GLY M 66 -20.43 -42.74 85.63
N LEU M 67 -20.12 -43.48 84.56
CA LEU M 67 -20.63 -44.84 84.38
C LEU M 67 -19.69 -45.90 84.92
N GLY M 68 -18.50 -45.52 85.37
CA GLY M 68 -17.50 -46.51 85.76
C GLY M 68 -16.95 -47.31 84.61
N ILE M 69 -16.83 -46.71 83.43
CA ILE M 69 -16.34 -47.37 82.22
C ILE M 69 -15.12 -46.60 81.74
N THR M 70 -14.04 -47.32 81.44
CA THR M 70 -12.89 -46.67 80.81
C THR M 70 -13.16 -46.42 79.32
N ASN M 71 -13.33 -47.50 78.56
CA ASN M 71 -13.71 -47.44 77.16
C ASN M 71 -14.16 -48.82 76.72
N LYS M 72 -15.22 -48.87 75.92
CA LYS M 72 -15.71 -50.13 75.37
C LYS M 72 -16.48 -49.82 74.09
N LEU M 73 -16.71 -50.86 73.30
CA LEU M 73 -17.54 -50.73 72.12
C LEU M 73 -18.99 -50.48 72.51
N ALA M 74 -19.70 -49.72 71.68
CA ALA M 74 -21.08 -49.35 72.00
C ALA M 74 -22.03 -50.53 71.95
N ARG M 75 -21.77 -51.50 71.07
CA ARG M 75 -22.61 -52.69 70.99
C ARG M 75 -22.39 -53.64 72.16
N ASP M 76 -21.33 -53.47 72.93
CA ASP M 76 -21.04 -54.31 74.09
C ASP M 76 -21.71 -53.80 75.35
N LEU M 77 -22.50 -52.74 75.26
CA LEU M 77 -23.23 -52.21 76.41
C LEU M 77 -24.31 -53.18 76.85
N THR M 78 -24.49 -53.31 78.16
CA THR M 78 -25.63 -54.04 78.70
C THR M 78 -26.85 -53.13 78.73
N GLY M 79 -28.00 -53.71 79.08
CA GLY M 79 -29.22 -52.91 79.14
C GLY M 79 -29.19 -51.88 80.25
N LYS M 80 -28.81 -52.31 81.46
CA LYS M 80 -28.70 -51.40 82.60
C LYS M 80 -27.70 -50.29 82.33
N GLU M 81 -26.61 -50.62 81.61
CA GLU M 81 -25.69 -49.60 81.14
C GLU M 81 -26.36 -48.63 80.17
N LEU M 82 -27.35 -49.10 79.39
CA LEU M 82 -28.05 -48.19 78.48
C LEU M 82 -28.98 -47.23 79.22
N ILE M 83 -29.71 -47.71 80.24
CA ILE M 83 -30.49 -46.78 81.07
C ILE M 83 -29.57 -45.79 81.79
N ASP M 84 -28.43 -46.27 82.31
CA ASP M 84 -27.50 -45.36 82.98
C ASP M 84 -26.91 -44.34 82.01
N LEU M 85 -26.59 -44.76 80.79
CA LEU M 85 -26.05 -43.85 79.79
C LEU M 85 -27.07 -42.80 79.37
N ARG M 86 -28.33 -43.21 79.16
CA ARG M 86 -29.35 -42.24 78.81
C ARG M 86 -29.69 -41.32 79.98
N GLU M 87 -29.47 -41.77 81.21
CA GLU M 87 -29.65 -40.88 82.36
C GLU M 87 -28.52 -39.87 82.47
N GLU M 88 -27.28 -40.29 82.21
CA GLU M 88 -26.13 -39.39 82.34
C GLU M 88 -26.15 -38.29 81.27
N VAL M 89 -26.49 -38.65 80.03
CA VAL M 89 -26.61 -37.64 78.98
C VAL M 89 -27.76 -36.69 79.26
N GLY M 90 -28.82 -37.18 79.91
CA GLY M 90 -29.96 -36.35 80.26
C GLY M 90 -29.68 -35.25 81.27
N MET M 91 -28.58 -35.35 82.01
CA MET M 91 -28.20 -34.27 82.92
C MET M 91 -27.66 -33.05 82.19
N HIS M 92 -27.28 -33.20 80.92
CA HIS M 92 -26.76 -32.11 80.11
C HIS M 92 -27.77 -31.72 79.03
N GLN M 93 -27.82 -30.43 78.72
CA GLN M 93 -28.58 -29.98 77.57
C GLN M 93 -27.91 -30.49 76.29
N HIS M 94 -28.69 -31.16 75.44
CA HIS M 94 -28.12 -31.85 74.30
C HIS M 94 -29.19 -32.04 73.24
N GLY M 95 -28.73 -32.43 72.04
CA GLY M 95 -29.63 -32.87 71.00
C GLY M 95 -30.44 -31.75 70.35
N ASP M 96 -31.65 -32.12 69.91
CA ASP M 96 -32.47 -31.24 69.10
C ASP M 96 -33.01 -30.07 69.90
N GLU M 97 -33.28 -30.26 71.20
CA GLU M 97 -33.70 -29.13 72.03
C GLU M 97 -32.56 -28.13 72.24
N LEU M 98 -31.31 -28.60 72.32
CA LEU M 98 -30.18 -27.68 72.38
C LEU M 98 -30.00 -26.96 71.04
N ARG M 99 -30.20 -27.67 69.93
CA ARG M 99 -30.14 -27.03 68.61
C ARG M 99 -31.19 -25.95 68.49
N ARG M 100 -32.41 -26.23 68.95
CA ARG M 100 -33.48 -25.24 68.91
C ARG M 100 -33.21 -24.07 69.85
N ARG M 101 -32.56 -24.33 70.99
CA ARG M 101 -32.19 -23.26 71.90
C ARG M 101 -31.16 -22.32 71.29
N VAL M 102 -30.14 -22.88 70.63
CA VAL M 102 -29.13 -22.06 69.97
C VAL M 102 -29.75 -21.26 68.82
N GLY M 103 -30.61 -21.91 68.02
CA GLY M 103 -31.30 -21.20 66.96
C GLY M 103 -32.20 -20.10 67.46
N SER M 104 -32.90 -20.33 68.58
CA SER M 104 -33.78 -19.32 69.14
C SER M 104 -33.00 -18.17 69.76
N GLU M 105 -31.81 -18.44 70.31
CA GLU M 105 -30.96 -17.36 70.80
C GLU M 105 -30.44 -16.48 69.66
N ILE M 106 -30.04 -17.11 68.56
CA ILE M 106 -29.61 -16.35 67.38
C ILE M 106 -30.78 -15.53 66.82
N GLN M 107 -31.97 -16.13 66.77
CA GLN M 107 -33.13 -15.39 66.29
C GLN M 107 -33.56 -14.29 67.25
N ARG M 108 -33.34 -14.45 68.55
CA ARG M 108 -33.60 -13.37 69.50
C ARG M 108 -32.67 -12.20 69.25
N LEU M 109 -31.38 -12.49 68.99
CA LEU M 109 -30.44 -11.44 68.63
C LEU M 109 -30.85 -10.75 67.34
N VAL M 110 -31.34 -11.52 66.36
CA VAL M 110 -31.78 -10.95 65.09
C VAL M 110 -33.00 -10.06 65.29
N GLU M 111 -33.98 -10.53 66.07
CA GLU M 111 -35.25 -9.82 66.19
C GLU M 111 -35.20 -8.65 67.16
N VAL M 112 -34.19 -8.58 68.04
CA VAL M 112 -34.03 -7.39 68.88
C VAL M 112 -33.31 -6.29 68.11
N ASP M 113 -32.72 -6.63 66.96
CA ASP M 113 -31.96 -5.71 66.10
C ASP M 113 -30.82 -5.02 66.85
N CYS M 114 -30.03 -5.83 67.56
CA CYS M 114 -28.75 -5.37 68.07
C CYS M 114 -27.72 -5.46 66.94
N TYR M 115 -26.45 -5.17 67.26
CA TYR M 115 -25.44 -5.18 66.21
C TYR M 115 -25.08 -6.61 65.80
N ARG M 116 -25.01 -7.54 66.75
CA ARG M 116 -24.74 -8.93 66.41
C ARG M 116 -25.89 -9.54 65.60
N GLY M 117 -27.12 -9.12 65.87
CA GLY M 117 -28.24 -9.60 65.08
C GLY M 117 -28.18 -9.11 63.65
N SER M 118 -27.75 -7.87 63.45
CA SER M 118 -27.57 -7.36 62.09
C SER M 118 -26.41 -8.04 61.38
N ARG M 119 -25.36 -8.40 62.11
CA ARG M 119 -24.27 -9.17 61.49
C ARG M 119 -24.72 -10.58 61.15
N HIS M 120 -25.57 -11.19 62.00
CA HIS M 120 -26.09 -12.52 61.73
C HIS M 120 -27.03 -12.51 60.52
N ARG M 121 -27.89 -11.49 60.42
CA ARG M 121 -28.84 -11.40 59.32
C ARG M 121 -28.15 -11.13 58.00
N HIS M 122 -27.10 -10.32 57.99
CA HIS M 122 -26.39 -9.95 56.78
C HIS M 122 -25.37 -11.00 56.35
N GLY M 123 -25.21 -12.07 57.11
CA GLY M 123 -24.15 -13.03 56.82
C GLY M 123 -22.76 -12.47 57.04
N MET M 124 -22.53 -11.83 58.18
CA MET M 124 -21.29 -11.13 58.47
C MET M 124 -20.71 -11.59 59.81
N PRO M 125 -19.39 -11.53 59.98
CA PRO M 125 -18.79 -11.85 61.28
C PRO M 125 -19.23 -10.87 62.36
N CYS M 126 -19.45 -11.40 63.56
CA CYS M 126 -19.98 -10.61 64.67
C CYS M 126 -19.04 -10.60 65.88
N ARG M 127 -17.80 -11.07 65.73
CA ARG M 127 -16.83 -11.05 66.81
C ARG M 127 -15.64 -10.14 66.48
N GLY M 128 -15.89 -9.08 65.73
CA GLY M 128 -14.88 -8.07 65.47
C GLY M 128 -13.86 -8.41 64.42
N GLN M 129 -14.04 -9.49 63.67
CA GLN M 129 -13.07 -9.86 62.65
C GLN M 129 -13.14 -8.90 61.47
N ARG M 130 -12.05 -8.84 60.72
CA ARG M 130 -12.00 -8.01 59.53
C ARG M 130 -12.85 -8.61 58.42
N THR M 131 -13.45 -7.74 57.61
CA THR M 131 -14.19 -8.14 56.43
C THR M 131 -13.50 -7.69 55.16
N LYS M 132 -12.35 -7.02 55.27
CA LYS M 132 -11.63 -6.54 54.08
C LYS M 132 -11.06 -7.70 53.27
N THR M 133 -10.52 -8.72 53.93
CA THR M 133 -9.83 -9.78 53.21
C THR M 133 -10.26 -11.20 53.60
N ASN M 134 -10.65 -11.43 54.84
CA ASN M 134 -10.67 -12.79 55.39
C ASN M 134 -11.97 -13.08 56.12
N ALA M 135 -13.11 -12.81 55.48
CA ALA M 135 -14.40 -13.24 56.00
C ALA M 135 -14.97 -14.39 55.17
N ARG M 136 -14.10 -15.26 54.66
CA ARG M 136 -14.52 -16.26 53.68
C ARG M 136 -15.32 -17.41 54.29
N THR M 137 -15.17 -17.68 55.59
CA THR M 137 -15.98 -18.72 56.21
C THR M 137 -17.43 -18.28 56.35
N LYS M 138 -17.64 -17.04 56.81
CA LYS M 138 -19.00 -16.52 56.95
C LYS M 138 -19.63 -16.25 55.58
N LYS M 139 -18.84 -15.81 54.62
CA LYS M 139 -19.26 -15.76 53.22
C LYS M 139 -19.08 -17.14 52.58
N GLY M 140 -19.15 -17.20 51.26
CA GLY M 140 -18.89 -18.45 50.57
C GLY M 140 -17.55 -18.46 49.87
N LYS M 141 -17.33 -19.44 49.01
CA LYS M 141 -16.09 -19.52 48.24
C LYS M 141 -16.13 -18.58 47.04
N GLU N 55 4.60 26.19 80.62
CA GLU N 55 5.06 25.35 81.72
C GLU N 55 6.35 24.63 81.38
N GLN N 56 6.36 23.96 80.22
CA GLN N 56 7.51 23.18 79.80
C GLN N 56 8.10 23.60 78.46
N GLY N 57 7.32 24.19 77.57
CA GLY N 57 7.89 24.80 76.38
C GLY N 57 7.49 24.22 75.04
N VAL N 58 7.42 22.89 74.93
CA VAL N 58 7.06 22.26 73.67
C VAL N 58 5.54 22.28 73.55
N LYS N 59 5.05 22.82 72.41
CA LYS N 59 3.61 23.05 72.26
C LYS N 59 2.83 21.76 72.08
N ARG N 60 3.39 20.76 71.40
CA ARG N 60 2.69 19.50 71.22
C ARG N 60 2.77 18.59 72.44
N ASN N 61 3.40 19.04 73.52
CA ASN N 61 3.41 18.33 74.79
C ASN N 61 2.51 18.99 75.83
N SER N 62 1.76 20.02 75.43
CA SER N 62 1.00 20.82 76.39
C SER N 62 -0.20 20.07 76.94
N ALA N 63 -0.95 19.41 76.06
CA ALA N 63 -2.15 18.69 76.48
C ALA N 63 -1.79 17.50 77.37
N ASP N 64 -0.72 16.78 77.04
CA ASP N 64 -0.28 15.67 77.88
C ASP N 64 0.23 16.16 79.23
N HIS N 65 0.93 17.29 79.25
CA HIS N 65 1.39 17.84 80.53
C HIS N 65 0.23 18.28 81.41
N ARG N 66 -0.80 18.87 80.80
CA ARG N 66 -2.00 19.25 81.54
C ARG N 66 -2.72 18.01 82.07
N ARG N 67 -2.77 16.94 81.27
CA ARG N 67 -3.39 15.70 81.71
C ARG N 67 -2.60 15.05 82.84
N ARG N 68 -1.27 15.13 82.79
CA ARG N 68 -0.44 14.57 83.84
C ARG N 68 -0.62 15.33 85.15
N LEU N 69 -0.70 16.67 85.08
CA LEU N 69 -0.97 17.45 86.29
C LEU N 69 -2.37 17.16 86.85
N LEU N 70 -3.36 17.03 85.97
CA LEU N 70 -4.71 16.70 86.43
C LEU N 70 -4.80 15.31 87.03
N ALA N 71 -4.03 14.36 86.49
CA ALA N 71 -4.00 13.01 87.06
C ALA N 71 -3.26 12.98 88.39
N ALA N 72 -2.24 13.83 88.55
CA ALA N 72 -1.60 13.96 89.86
C ALA N 72 -2.54 14.60 90.87
N ARG N 73 -3.42 15.49 90.42
CA ARG N 73 -4.35 16.15 91.34
C ARG N 73 -5.41 15.19 91.88
N PHE N 74 -5.93 14.31 91.04
CA PHE N 74 -7.10 13.50 91.36
C PHE N 74 -6.75 12.07 91.75
N GLU N 75 -5.49 11.78 92.08
CA GLU N 75 -5.08 10.40 92.34
C GLU N 75 -5.67 9.86 93.63
N LEU N 76 -5.69 10.68 94.69
CA LEU N 76 -6.15 10.20 95.99
C LEU N 76 -7.64 9.92 96.00
N ARG N 77 -8.44 10.80 95.37
CA ARG N 77 -9.87 10.58 95.28
C ARG N 77 -10.20 9.35 94.44
N ARG N 78 -9.44 9.15 93.34
CA ARG N 78 -9.62 7.97 92.50
C ARG N 78 -9.33 6.69 93.29
N LYS N 79 -8.24 6.69 94.06
CA LYS N 79 -7.91 5.52 94.87
C LYS N 79 -8.94 5.28 95.96
N LEU N 80 -9.46 6.35 96.58
CA LEU N 80 -10.46 6.21 97.63
C LEU N 80 -11.77 5.64 97.09
N TYR N 81 -12.23 6.14 95.93
CA TYR N 81 -13.48 5.65 95.38
C TYR N 81 -13.34 4.22 94.85
N LYS N 82 -12.17 3.89 94.30
CA LYS N 82 -11.95 2.52 93.83
C LYS N 82 -11.83 1.55 95.00
N ALA N 83 -11.29 2.02 96.14
CA ALA N 83 -11.23 1.16 97.32
C ALA N 83 -12.60 0.97 97.96
N PHE N 84 -13.43 2.02 97.96
CA PHE N 84 -14.81 1.87 98.42
C PHE N 84 -15.61 0.93 97.53
N CYS N 85 -15.40 1.00 96.22
CA CYS N 85 -16.11 0.13 95.30
C CYS N 85 -15.63 -1.31 95.34
N LYS N 86 -14.52 -1.60 96.00
CA LYS N 86 -13.91 -2.92 95.97
C LYS N 86 -14.35 -3.83 97.13
N ASP N 87 -14.87 -3.25 98.22
CA ASP N 87 -15.31 -4.06 99.35
C ASP N 87 -16.73 -4.54 99.10
N PRO N 88 -16.98 -5.85 98.99
CA PRO N 88 -18.34 -6.32 98.72
C PRO N 88 -19.24 -6.39 99.94
N GLU N 89 -18.69 -6.23 101.14
CA GLU N 89 -19.50 -6.33 102.35
C GLU N 89 -20.08 -4.98 102.75
N LEU N 90 -19.69 -3.93 102.05
CA LEU N 90 -20.24 -2.62 102.32
C LEU N 90 -21.70 -2.54 101.88
N PRO N 91 -22.48 -1.63 102.45
CA PRO N 91 -23.87 -1.44 101.98
C PRO N 91 -23.92 -0.98 100.53
N SER N 92 -25.01 -1.34 99.86
CA SER N 92 -25.13 -1.08 98.43
C SER N 92 -25.23 0.40 98.12
N GLU N 93 -25.86 1.19 99.00
CA GLU N 93 -26.01 2.62 98.76
C GLU N 93 -24.66 3.33 98.75
N MET N 94 -23.77 2.95 99.69
CA MET N 94 -22.44 3.54 99.74
C MET N 94 -21.62 3.14 98.51
N ARG N 95 -21.76 1.89 98.07
CA ARG N 95 -21.08 1.44 96.86
C ARG N 95 -21.58 2.19 95.62
N GLU N 96 -22.89 2.44 95.55
CA GLU N 96 -23.43 3.18 94.41
C GLU N 96 -23.00 4.64 94.43
N LYS N 97 -22.97 5.27 95.61
CA LYS N 97 -22.55 6.67 95.65
C LYS N 97 -21.05 6.81 95.36
N ASN N 98 -20.24 5.83 95.76
CA ASN N 98 -18.83 5.90 95.42
C ASN N 98 -18.58 5.57 93.95
N ARG N 99 -19.40 4.70 93.36
CA ARG N 99 -19.34 4.50 91.91
C ARG N 99 -19.73 5.78 91.17
N TYR N 100 -20.72 6.52 91.69
CA TYR N 100 -21.12 7.79 91.11
C TYR N 100 -19.99 8.81 91.17
N LYS N 101 -19.34 8.93 92.34
CA LYS N 101 -18.21 9.86 92.44
C LYS N 101 -17.00 9.39 91.64
N LEU N 102 -16.82 8.10 91.43
CA LEU N 102 -15.75 7.63 90.57
C LEU N 102 -16.04 7.96 89.11
N SER N 103 -17.32 7.93 88.71
CA SER N 103 -17.68 8.28 87.35
C SER N 103 -17.71 9.78 87.10
N LYS N 104 -17.79 10.60 88.15
CA LYS N 104 -17.80 12.04 87.99
C LYS N 104 -16.40 12.65 87.98
N LEU N 105 -15.35 11.87 88.21
CA LEU N 105 -13.99 12.36 88.07
C LEU N 105 -13.71 12.69 86.61
N PRO N 106 -12.91 13.73 86.35
CA PRO N 106 -12.63 14.12 84.96
C PRO N 106 -11.84 13.05 84.23
N ARG N 107 -12.27 12.77 83.00
CA ARG N 107 -11.66 11.70 82.21
C ARG N 107 -10.25 12.06 81.75
N ASN N 108 -9.89 13.34 81.74
CA ASN N 108 -8.52 13.73 81.47
C ASN N 108 -7.61 13.54 82.68
N SER N 109 -8.17 13.30 83.86
CA SER N 109 -7.39 13.01 85.05
C SER N 109 -7.10 11.53 85.20
N ALA N 110 -7.48 10.71 84.24
CA ALA N 110 -7.20 9.28 84.27
C ALA N 110 -5.83 8.99 83.70
N PHE N 111 -5.17 7.98 84.27
CA PHE N 111 -3.81 7.65 83.88
C PHE N 111 -3.75 6.95 82.52
N THR N 112 -4.87 6.41 82.04
CA THR N 112 -4.88 5.75 80.74
C THR N 112 -4.85 6.72 79.59
N ARG N 113 -5.23 7.99 79.80
CA ARG N 113 -5.16 9.01 78.77
C ARG N 113 -3.75 9.58 78.59
N ILE N 114 -2.85 9.28 79.51
CA ILE N 114 -1.50 9.84 79.49
C ILE N 114 -0.65 9.05 78.51
N ARG N 115 0.00 9.76 77.59
CA ARG N 115 0.81 9.15 76.54
C ARG N 115 2.24 9.66 76.65
N ASN N 116 3.20 8.72 76.63
CA ASN N 116 4.60 9.09 76.75
C ASN N 116 5.09 9.74 75.46
N ARG N 117 5.46 11.01 75.54
CA ARG N 117 5.94 11.77 74.39
C ARG N 117 7.40 12.16 74.58
N CYS N 118 8.06 12.42 73.46
CA CYS N 118 9.44 12.91 73.48
C CYS N 118 9.47 14.32 74.07
N VAL N 119 10.40 14.55 75.00
CA VAL N 119 10.48 15.85 75.66
C VAL N 119 11.16 16.90 74.80
N PHE N 120 11.81 16.50 73.71
CA PHE N 120 12.48 17.43 72.81
C PHE N 120 11.57 17.86 71.65
N THR N 121 11.01 16.89 70.93
CA THR N 121 10.24 17.17 69.73
C THR N 121 8.73 17.05 69.93
N GLY N 122 8.28 16.20 70.84
CA GLY N 122 6.86 15.97 71.03
C GLY N 122 6.29 14.79 70.29
N ARG N 123 7.13 13.89 69.77
CA ARG N 123 6.65 12.74 69.03
C ARG N 123 5.89 11.77 69.94
N SER N 124 4.78 11.23 69.43
CA SER N 124 3.92 10.34 70.19
C SER N 124 4.25 8.87 70.00
N ARG N 125 5.17 8.54 69.09
CA ARG N 125 5.48 7.16 68.77
C ARG N 125 6.96 6.90 68.93
N SER N 126 7.29 5.65 69.28
CA SER N 126 8.66 5.17 69.45
C SER N 126 9.44 6.00 70.47
N VAL N 127 8.86 6.15 71.66
CA VAL N 127 9.48 6.92 72.73
C VAL N 127 10.00 5.94 73.78
N THR N 128 11.32 5.90 73.94
CA THR N 128 11.94 5.09 74.98
C THR N 128 11.69 5.73 76.35
N GLU N 129 11.24 4.93 77.31
CA GLU N 129 10.80 5.46 78.59
C GLU N 129 11.99 5.90 79.44
N LEU N 130 13.12 5.19 79.33
CA LEU N 130 14.29 5.55 80.13
C LEU N 130 14.87 6.90 79.71
N PHE N 131 14.88 7.18 78.41
CA PHE N 131 15.47 8.42 77.89
C PHE N 131 14.45 9.52 77.67
N ARG N 132 13.15 9.20 77.66
CA ARG N 132 12.05 10.14 77.43
C ARG N 132 12.18 10.86 76.08
N MET N 133 12.80 10.22 75.10
CA MET N 133 13.00 10.81 73.79
C MET N 133 12.64 9.80 72.70
N SER N 134 12.32 10.33 71.53
CA SER N 134 11.97 9.50 70.39
C SER N 134 13.22 8.80 69.84
N ARG N 135 12.98 7.86 68.92
CA ARG N 135 14.08 7.07 68.36
C ARG N 135 15.00 7.92 67.50
N ILE N 136 14.48 8.95 66.83
CA ILE N 136 15.30 9.81 65.99
C ILE N 136 16.22 10.66 66.86
N CYS N 137 15.67 11.25 67.92
CA CYS N 137 16.50 12.00 68.87
C CYS N 137 17.50 11.08 69.57
N PHE N 138 17.08 9.86 69.90
CA PHE N 138 17.97 8.89 70.52
C PHE N 138 19.15 8.56 69.62
N ARG N 139 18.89 8.27 68.35
CA ARG N 139 19.98 7.96 67.42
C ARG N 139 20.89 9.14 67.17
N GLY N 140 20.29 10.34 67.03
CA GLY N 140 21.10 11.53 66.82
C GLY N 140 22.00 11.86 67.99
N LEU N 141 21.49 11.72 69.22
CA LEU N 141 22.32 11.97 70.39
C LEU N 141 23.30 10.83 70.66
N ALA N 142 22.96 9.60 70.29
CA ALA N 142 23.82 8.46 70.56
C ALA N 142 25.01 8.40 69.61
N ASN N 143 24.82 8.79 68.34
CA ASN N 143 25.92 8.77 67.40
C ASN N 143 26.94 9.87 67.68
N LYS N 144 26.55 10.92 68.41
CA LYS N 144 27.46 12.00 68.79
C LYS N 144 28.20 11.73 70.09
N GLY N 145 27.91 10.64 70.78
CA GLY N 145 28.51 10.38 72.07
C GLY N 145 27.90 11.15 73.22
N GLU N 146 26.75 11.79 73.01
CA GLU N 146 26.12 12.61 74.03
C GLU N 146 25.42 11.78 75.11
N LEU N 147 24.97 10.57 74.79
CA LEU N 147 24.24 9.74 75.73
C LEU N 147 25.22 8.91 76.55
N VAL N 148 25.20 9.10 77.87
CA VAL N 148 26.16 8.45 78.75
C VAL N 148 25.84 6.97 78.90
N GLY N 149 26.83 6.13 78.69
CA GLY N 149 26.66 4.70 78.78
C GLY N 149 26.17 4.04 77.52
N ILE N 150 25.85 4.80 76.48
CA ILE N 150 25.32 4.27 75.23
C ILE N 150 26.49 4.14 74.25
N LYS N 151 26.68 2.94 73.73
CA LYS N 151 27.77 2.65 72.82
C LYS N 151 27.27 1.75 71.71
N LYS N 152 27.93 1.82 70.55
CA LYS N 152 27.57 0.98 69.42
C LYS N 152 27.89 -0.48 69.73
N SER N 153 26.91 -1.36 69.55
CA SER N 153 27.05 -2.77 69.87
C SER N 153 27.34 -3.55 68.61
N SER N 154 28.37 -4.40 68.67
CA SER N 154 28.88 -5.07 67.47
C SER N 154 29.23 -6.51 67.76
N TRP N 155 28.51 -7.17 68.66
CA TRP N 155 28.81 -8.55 69.06
C TRP N 155 28.59 -9.55 67.92
N GLY O 296 80.97 -35.42 -35.77
CA GLY O 296 80.13 -34.26 -35.51
C GLY O 296 79.44 -33.67 -36.71
N THR O 297 79.39 -34.40 -37.84
CA THR O 297 78.77 -33.92 -39.07
C THR O 297 77.26 -34.24 -39.06
N PRO O 298 76.40 -33.25 -39.27
CA PRO O 298 74.96 -33.53 -39.30
C PRO O 298 74.55 -34.32 -40.54
N LYS O 299 73.29 -34.77 -40.51
CA LYS O 299 72.82 -35.69 -41.54
C LYS O 299 72.52 -34.96 -42.86
N TYR O 300 72.09 -33.71 -42.80
CA TYR O 300 71.73 -32.99 -44.02
C TYR O 300 72.93 -32.55 -44.84
N LEU O 301 74.14 -32.58 -44.27
CA LEU O 301 75.33 -32.18 -45.00
C LEU O 301 75.97 -33.32 -45.78
N LEU O 302 75.19 -34.34 -46.15
CA LEU O 302 75.66 -35.44 -46.97
C LEU O 302 74.89 -35.55 -48.29
N GLU O 303 73.62 -35.19 -48.27
CA GLU O 303 72.77 -35.26 -49.45
C GLU O 303 72.80 -33.92 -50.19
N PRO O 304 72.55 -33.92 -51.50
CA PRO O 304 72.50 -32.67 -52.25
C PRO O 304 71.29 -31.84 -51.86
N PRO O 305 71.45 -30.52 -51.78
CA PRO O 305 70.30 -29.66 -51.46
C PRO O 305 69.30 -29.61 -52.60
N LYS O 306 68.06 -29.25 -52.26
CA LYS O 306 66.95 -29.21 -53.19
C LYS O 306 66.50 -27.76 -53.36
N ASP O 307 66.78 -27.20 -54.53
CA ASP O 307 66.60 -25.77 -54.75
C ASP O 307 65.14 -25.39 -54.99
N GLU O 308 64.37 -26.27 -55.63
CA GLU O 308 62.98 -25.98 -55.90
C GLU O 308 62.17 -25.93 -54.60
N LEU O 309 62.52 -26.77 -53.63
CA LEU O 309 61.86 -26.71 -52.34
C LEU O 309 62.23 -25.46 -51.56
N VAL O 310 63.47 -24.96 -51.72
CA VAL O 310 63.85 -23.71 -51.07
C VAL O 310 63.12 -22.55 -51.71
N GLN O 311 62.94 -22.59 -53.03
CA GLN O 311 62.16 -21.55 -53.70
C GLN O 311 60.69 -21.58 -53.27
N THR O 312 60.14 -22.78 -53.10
CA THR O 312 58.77 -22.91 -52.60
C THR O 312 58.66 -22.41 -51.16
N TYR O 313 59.70 -22.65 -50.36
CA TYR O 313 59.71 -22.31 -48.94
C TYR O 313 59.56 -20.81 -48.70
N PHE O 314 60.11 -20.00 -49.58
CA PHE O 314 60.14 -18.56 -49.37
C PHE O 314 59.06 -17.84 -50.16
N HIS O 315 58.10 -18.58 -50.70
CA HIS O 315 57.00 -17.99 -51.43
C HIS O 315 56.13 -17.14 -50.50
N PRO O 316 55.57 -16.04 -51.01
CA PRO O 316 54.69 -15.21 -50.19
C PRO O 316 53.42 -15.89 -49.73
N ASP O 317 52.99 -16.98 -50.39
CA ASP O 317 51.87 -17.76 -49.89
C ASP O 317 52.20 -18.46 -48.57
N ASN O 318 53.48 -18.68 -48.28
CA ASN O 318 53.91 -19.30 -47.04
C ASN O 318 54.24 -18.29 -45.96
N MET O 319 53.92 -17.02 -46.16
CA MET O 319 54.21 -15.99 -45.20
C MET O 319 52.92 -15.55 -44.52
N SER O 320 53.02 -15.22 -43.24
CA SER O 320 51.87 -14.67 -42.54
C SER O 320 51.61 -13.24 -43.01
N SER O 321 50.44 -12.74 -42.64
CA SER O 321 50.04 -11.39 -43.04
C SER O 321 50.94 -10.32 -42.42
N ALA O 322 51.45 -10.57 -41.20
CA ALA O 322 52.32 -9.61 -40.54
C ALA O 322 53.65 -9.47 -41.26
N GLU O 323 54.21 -10.58 -41.74
CA GLU O 323 55.47 -10.51 -42.48
C GLU O 323 55.28 -9.77 -43.79
N LYS O 324 54.15 -9.99 -44.46
CA LYS O 324 53.85 -9.29 -45.71
C LYS O 324 53.68 -7.80 -45.48
N MET O 325 53.02 -7.43 -44.38
CA MET O 325 52.92 -6.01 -44.02
C MET O 325 54.29 -5.41 -43.73
N LYS O 326 55.18 -6.16 -43.10
CA LYS O 326 56.52 -5.64 -42.83
C LYS O 326 57.29 -5.37 -44.13
N ILE O 327 57.23 -6.32 -45.07
CA ILE O 327 57.91 -6.15 -46.36
C ILE O 327 57.31 -4.99 -47.16
N GLU O 328 55.97 -4.91 -47.17
CA GLU O 328 55.29 -3.84 -47.92
C GLU O 328 55.57 -2.47 -47.33
N LEU O 329 55.62 -2.35 -46.00
CA LEU O 329 55.91 -1.07 -45.39
C LEU O 329 57.35 -0.66 -45.61
N ALA O 330 58.29 -1.62 -45.63
CA ALA O 330 59.66 -1.29 -45.98
C ALA O 330 59.76 -0.77 -47.41
N LYS O 331 59.00 -1.37 -48.33
CA LYS O 331 58.97 -0.89 -49.71
C LYS O 331 58.40 0.52 -49.82
N VAL O 332 57.30 0.79 -49.10
CA VAL O 332 56.69 2.11 -49.11
C VAL O 332 57.64 3.14 -48.52
N ARG O 333 58.36 2.77 -47.45
CA ARG O 333 59.32 3.67 -46.83
C ARG O 333 60.51 3.94 -47.75
N GLU O 334 60.90 2.95 -48.54
CA GLU O 334 61.96 3.19 -49.53
C GLU O 334 61.48 4.14 -50.61
N GLU O 335 60.19 4.08 -50.94
CA GLU O 335 59.65 4.91 -52.02
C GLU O 335 59.55 6.39 -51.66
N PHE O 336 59.50 6.75 -50.39
CA PHE O 336 59.14 8.10 -49.97
C PHE O 336 60.26 8.82 -49.22
N LYS O 337 61.43 8.21 -49.06
CA LYS O 337 62.44 8.74 -48.16
C LYS O 337 63.09 10.01 -48.71
N MET O 338 63.49 10.89 -47.80
CA MET O 338 64.18 12.11 -48.18
C MET O 338 65.69 11.90 -48.31
N SER O 339 66.31 11.28 -47.33
CA SER O 339 67.69 10.84 -47.36
C SER O 339 67.73 9.33 -47.57
N GLU O 340 68.92 8.73 -47.59
CA GLU O 340 68.96 7.28 -47.79
C GLU O 340 68.67 6.52 -46.51
N SER O 341 69.07 7.04 -45.35
CA SER O 341 68.72 6.42 -44.09
C SER O 341 67.45 6.99 -43.49
N ASP O 342 66.69 7.77 -44.26
CA ASP O 342 65.46 8.37 -43.76
C ASP O 342 64.38 7.31 -43.55
N CYS O 343 63.92 7.20 -42.32
CA CYS O 343 62.81 6.33 -41.99
C CYS O 343 61.82 6.99 -41.05
N GLY O 344 62.04 8.23 -40.65
CA GLY O 344 61.20 8.86 -39.67
C GLY O 344 60.81 10.28 -39.99
N SER O 345 60.91 10.68 -41.26
CA SER O 345 60.39 12.00 -41.62
C SER O 345 58.88 11.94 -41.72
N ALA O 346 58.27 13.12 -41.80
CA ALA O 346 56.82 13.23 -41.73
C ALA O 346 56.14 12.59 -42.94
N ARG O 347 56.73 12.73 -44.13
CA ARG O 347 56.09 12.16 -45.31
C ARG O 347 56.25 10.64 -45.35
N VAL O 348 57.36 10.12 -44.81
CA VAL O 348 57.53 8.69 -44.68
C VAL O 348 56.50 8.11 -43.71
N GLN O 349 56.29 8.79 -42.58
CA GLN O 349 55.31 8.35 -41.61
C GLN O 349 53.90 8.44 -42.18
N VAL O 350 53.63 9.46 -43.00
CA VAL O 350 52.32 9.61 -43.64
C VAL O 350 52.07 8.47 -44.62
N ALA O 351 53.07 8.10 -45.42
CA ALA O 351 52.89 7.02 -46.39
C ALA O 351 52.70 5.67 -45.71
N GLN O 352 53.49 5.41 -44.66
CA GLN O 352 53.34 4.17 -43.90
C GLN O 352 51.98 4.10 -43.20
N LEU O 353 51.53 5.22 -42.64
CA LEU O 353 50.22 5.24 -42.00
C LEU O 353 49.11 5.03 -43.01
N THR O 354 49.24 5.59 -44.21
CA THR O 354 48.22 5.40 -45.23
C THR O 354 48.10 3.94 -45.63
N THR O 355 49.25 3.26 -45.79
CA THR O 355 49.24 1.83 -46.10
C THR O 355 48.61 1.00 -44.99
N LYS O 356 48.97 1.29 -43.73
CA LYS O 356 48.39 0.58 -42.60
C LYS O 356 46.89 0.84 -42.48
N ILE O 357 46.46 2.08 -42.68
CA ILE O 357 45.06 2.46 -42.57
C ILE O 357 44.23 1.73 -43.62
N LYS O 358 44.75 1.65 -44.85
CA LYS O 358 44.02 0.96 -45.90
C LYS O 358 43.94 -0.54 -45.65
N HIS O 359 45.00 -1.15 -45.12
CA HIS O 359 44.93 -2.57 -44.76
C HIS O 359 43.94 -2.83 -43.62
N LEU O 360 43.96 -1.98 -42.59
CA LEU O 360 43.14 -2.21 -41.41
C LEU O 360 41.68 -1.93 -41.66
N SER O 361 41.37 -0.97 -42.52
CA SER O 361 39.98 -0.67 -42.83
C SER O 361 39.31 -1.80 -43.59
N SER O 362 40.09 -2.67 -44.23
CA SER O 362 39.52 -3.81 -44.93
C SER O 362 39.53 -5.09 -44.11
N VAL O 363 40.54 -5.34 -43.28
CA VAL O 363 40.62 -6.64 -42.61
C VAL O 363 39.98 -6.68 -41.23
N LEU O 364 39.66 -5.55 -40.61
CA LEU O 364 39.20 -5.57 -39.24
C LEU O 364 37.71 -5.87 -39.17
N HIS O 365 37.34 -6.75 -38.26
CA HIS O 365 35.94 -7.12 -38.05
C HIS O 365 35.18 -5.98 -37.39
N LYS O 366 33.88 -5.93 -37.66
CA LYS O 366 33.02 -4.88 -37.13
C LYS O 366 32.93 -4.94 -35.60
N LYS O 367 32.93 -6.14 -35.04
CA LYS O 367 32.82 -6.28 -33.59
C LYS O 367 34.13 -5.95 -32.87
N ASP O 368 35.26 -5.95 -33.59
CA ASP O 368 36.58 -5.67 -33.02
C ASP O 368 36.75 -4.18 -32.78
N LYS O 369 36.21 -3.71 -31.66
CA LYS O 369 36.25 -2.28 -31.35
C LYS O 369 37.62 -1.83 -30.85
N HIS O 370 38.33 -2.73 -30.15
CA HIS O 370 39.63 -2.39 -29.57
C HIS O 370 40.67 -2.10 -30.64
N SER O 371 40.64 -2.84 -31.76
CA SER O 371 41.52 -2.52 -32.88
C SER O 371 41.06 -1.31 -33.66
N LYS O 372 39.75 -1.06 -33.72
CA LYS O 372 39.25 0.12 -34.42
C LYS O 372 39.64 1.41 -33.72
N LYS O 373 39.79 1.37 -32.40
CA LYS O 373 40.29 2.57 -31.71
C LYS O 373 41.72 2.90 -32.11
N GLY O 374 42.56 1.87 -32.26
CA GLY O 374 43.91 2.09 -32.79
C GLY O 374 43.93 2.56 -34.23
N LEU O 375 43.01 2.07 -35.05
CA LEU O 375 42.91 2.56 -36.43
C LEU O 375 42.53 4.04 -36.48
N ILE O 376 41.60 4.46 -35.63
CA ILE O 376 41.22 5.87 -35.55
C ILE O 376 42.41 6.71 -35.04
N ALA O 377 43.20 6.15 -34.14
CA ALA O 377 44.42 6.82 -33.69
C ALA O 377 45.41 7.00 -34.84
N MET O 378 45.54 6.01 -35.72
CA MET O 378 46.38 6.14 -36.90
C MET O 378 45.88 7.25 -37.83
N VAL O 379 44.56 7.35 -37.99
CA VAL O 379 43.96 8.42 -38.80
C VAL O 379 44.31 9.79 -38.24
N HIS O 380 44.18 9.97 -36.93
CA HIS O 380 44.44 11.27 -36.35
C HIS O 380 45.92 11.62 -36.31
N ARG O 381 46.79 10.62 -36.16
CA ARG O 381 48.22 10.85 -36.29
C ARG O 381 48.57 11.31 -37.70
N ARG O 382 47.96 10.70 -38.72
CA ARG O 382 48.25 11.11 -40.09
C ARG O 382 47.78 12.54 -40.35
N LYS O 383 46.64 12.93 -39.76
CA LYS O 383 46.20 14.33 -39.85
C LYS O 383 47.22 15.28 -39.22
N LYS O 384 47.76 14.91 -38.06
CA LYS O 384 48.74 15.79 -37.40
C LYS O 384 50.02 15.93 -38.22
N LEU O 385 50.48 14.84 -38.82
CA LEU O 385 51.68 14.90 -39.65
C LEU O 385 51.44 15.70 -40.92
N LEU O 386 50.26 15.57 -41.52
CA LEU O 386 49.93 16.34 -42.72
C LEU O 386 49.82 17.81 -42.41
N LYS O 387 49.29 18.15 -41.24
CA LYS O 387 49.23 19.53 -40.81
C LYS O 387 50.61 20.13 -40.60
N TYR O 388 51.54 19.33 -40.06
CA TYR O 388 52.93 19.77 -39.93
C TYR O 388 53.57 20.02 -41.30
N MET O 389 53.36 19.09 -42.24
CA MET O 389 53.94 19.26 -43.57
C MET O 389 53.31 20.40 -44.35
N ARG O 390 52.04 20.71 -44.13
CA ARG O 390 51.42 21.79 -44.89
C ARG O 390 52.01 23.15 -44.55
N ARG O 391 52.40 23.38 -43.30
CA ARG O 391 53.01 24.65 -42.95
C ARG O 391 54.53 24.65 -43.12
N THR O 392 55.18 23.49 -43.03
CA THR O 392 56.64 23.46 -43.07
C THR O 392 57.20 23.13 -44.45
N ASP O 393 56.77 22.03 -45.06
CA ASP O 393 57.30 21.59 -46.35
C ASP O 393 56.15 21.40 -47.34
N TRP O 394 55.84 22.47 -48.08
CA TRP O 394 54.69 22.46 -48.98
C TRP O 394 54.89 21.50 -50.14
N ASP O 395 56.13 21.37 -50.63
CA ASP O 395 56.42 20.45 -51.73
C ASP O 395 56.19 19.00 -51.32
N SER O 396 56.65 18.60 -50.14
CA SER O 396 56.39 17.24 -49.68
C SER O 396 54.92 17.01 -49.36
N TYR O 397 54.23 18.07 -48.91
CA TYR O 397 52.78 17.99 -48.71
C TYR O 397 52.06 17.66 -50.01
N CYS O 398 52.39 18.38 -51.08
CA CYS O 398 51.76 18.13 -52.38
C CYS O 398 52.20 16.77 -52.94
N LEU O 399 53.44 16.37 -52.68
CA LEU O 399 53.92 15.04 -53.07
C LEU O 399 53.08 13.93 -52.44
N SER O 400 52.86 14.02 -51.13
CA SER O 400 52.10 12.99 -50.42
C SER O 400 50.65 12.98 -50.84
N LEU O 401 50.02 14.15 -50.96
CA LEU O 401 48.62 14.21 -51.38
C LEU O 401 48.42 13.70 -52.79
N SER O 402 49.37 13.96 -53.70
CA SER O 402 49.21 13.46 -55.05
C SER O 402 49.45 11.96 -55.12
N LYS O 403 50.52 11.48 -54.50
CA LYS O 403 50.90 10.09 -54.70
C LYS O 403 50.02 9.14 -53.90
N LEU O 404 49.54 9.57 -52.74
CA LEU O 404 48.70 8.71 -51.93
C LEU O 404 47.21 8.95 -52.14
N GLY O 405 46.84 9.95 -52.94
CA GLY O 405 45.45 10.24 -53.21
C GLY O 405 44.65 10.78 -52.03
N LEU O 406 45.21 11.71 -51.28
CA LEU O 406 44.53 12.29 -50.14
C LEU O 406 44.01 13.68 -50.46
N ARG O 407 42.91 14.04 -49.84
CA ARG O 407 42.30 15.34 -49.99
C ARG O 407 43.08 16.38 -49.20
N ASP O 408 42.91 17.64 -49.57
CA ASP O 408 43.48 18.76 -48.83
C ASP O 408 42.40 19.35 -47.94
N ASN O 409 42.63 19.30 -46.63
CA ASN O 409 41.68 19.80 -45.64
C ASN O 409 42.41 20.74 -44.69
N PRO O 410 42.67 21.98 -45.12
CA PRO O 410 43.35 22.94 -44.21
C PRO O 410 42.45 23.45 -43.10
N ASP O 411 41.16 23.13 -43.13
CA ASP O 411 40.21 23.56 -42.11
C ASP O 411 40.07 22.49 -41.03
N VAL P 2 28.12 83.68 -32.26
CA VAL P 2 29.26 84.51 -31.92
C VAL P 2 29.94 84.01 -30.63
N VAL P 3 31.27 83.93 -30.66
CA VAL P 3 32.03 83.63 -29.47
C VAL P 3 31.95 84.82 -28.53
N ARG P 4 31.75 84.55 -27.25
CA ARG P 4 31.62 85.64 -26.30
C ARG P 4 32.52 85.43 -25.10
N LEU P 5 33.17 86.52 -24.70
CA LEU P 5 33.88 86.58 -23.43
C LEU P 5 32.90 87.11 -22.40
N ARG P 6 32.42 86.23 -21.52
CA ARG P 6 31.35 86.60 -20.60
C ARG P 6 31.65 86.01 -19.23
N LEU P 7 30.72 86.20 -18.31
CA LEU P 7 30.91 85.83 -16.91
C LEU P 7 30.01 84.67 -16.54
N SER P 8 30.59 83.62 -15.99
CA SER P 8 29.84 82.51 -15.41
C SER P 8 29.80 82.67 -13.89
N ARG P 9 28.64 82.41 -13.30
CA ARG P 9 28.49 82.56 -11.87
C ARG P 9 28.93 81.31 -11.13
N LEU P 10 29.86 81.48 -10.20
CA LEU P 10 30.28 80.46 -9.25
C LEU P 10 30.00 80.98 -7.84
N GLY P 11 30.55 80.30 -6.84
CA GLY P 11 30.31 80.70 -5.47
C GLY P 11 29.17 79.95 -4.85
N CYS P 12 28.42 80.62 -3.97
CA CYS P 12 27.19 80.07 -3.42
C CYS P 12 26.19 81.20 -3.37
N LYS P 13 25.03 80.91 -2.78
CA LYS P 13 24.00 81.93 -2.58
C LYS P 13 24.52 83.02 -1.66
N ASN P 14 24.33 84.27 -2.07
CA ASN P 14 24.77 85.50 -1.41
C ASN P 14 26.29 85.62 -1.29
N ARG P 15 27.04 84.76 -1.97
CA ARG P 15 28.50 84.84 -2.04
C ARG P 15 28.91 84.69 -3.50
N PRO P 16 28.73 85.73 -4.31
CA PRO P 16 29.02 85.57 -5.75
C PRO P 16 30.51 85.52 -6.06
N PHE P 17 30.85 84.67 -7.01
CA PHE P 17 32.16 84.59 -7.60
C PHE P 17 31.98 84.35 -9.09
N PHE P 18 32.87 84.92 -9.89
CA PHE P 18 32.73 84.86 -11.34
C PHE P 18 33.96 84.25 -11.99
N ARG P 19 33.72 83.52 -13.06
CA ARG P 19 34.76 83.03 -13.95
C ARG P 19 34.60 83.72 -15.29
N VAL P 20 35.72 84.03 -15.92
CA VAL P 20 35.73 84.64 -17.25
C VAL P 20 35.86 83.53 -18.28
N MET P 21 34.91 83.44 -19.19
CA MET P 21 34.77 82.28 -20.05
C MET P 21 34.76 82.71 -21.51
N ALA P 22 35.23 81.83 -22.37
CA ALA P 22 35.04 81.94 -23.82
C ALA P 22 33.97 80.93 -24.22
N THR P 23 32.81 81.41 -24.64
CA THR P 23 31.68 80.53 -24.92
C THR P 23 31.06 80.87 -26.26
N ASP P 24 30.41 79.86 -26.83
CA ASP P 24 29.35 80.12 -27.80
C ASP P 24 28.22 80.85 -27.10
N SER P 25 27.63 81.82 -27.80
CA SER P 25 26.59 82.65 -27.19
C SER P 25 25.33 81.86 -26.87
N ARG P 26 25.03 80.80 -27.62
CA ARG P 26 23.82 80.05 -27.38
C ARG P 26 23.89 79.15 -26.15
N SER P 27 25.07 78.96 -25.56
CA SER P 27 25.28 78.04 -24.47
C SER P 27 24.58 78.53 -23.19
N PRO P 28 24.27 77.62 -22.26
CA PRO P 28 23.77 78.04 -20.95
C PRO P 28 24.87 78.78 -20.18
N ARG P 29 24.44 79.60 -19.22
CA ARG P 29 25.37 80.48 -18.50
C ARG P 29 26.45 79.69 -17.77
N ASP P 30 26.08 78.64 -17.06
CA ASP P 30 27.04 77.83 -16.32
C ASP P 30 27.30 76.50 -16.99
N GLY P 31 26.92 76.35 -18.25
CA GLY P 31 27.02 75.07 -18.91
C GLY P 31 28.25 74.90 -19.77
N LYS P 32 28.02 74.69 -21.07
CA LYS P 32 29.11 74.39 -21.98
C LYS P 32 29.89 75.64 -22.34
N HIS P 33 31.20 75.46 -22.57
CA HIS P 33 32.10 76.57 -22.84
C HIS P 33 33.22 76.08 -23.74
N ILE P 34 33.94 77.03 -24.33
CA ILE P 34 35.15 76.68 -25.06
C ILE P 34 36.37 76.72 -24.14
N GLU P 35 36.48 77.72 -23.27
CA GLU P 35 37.68 77.91 -22.48
C GLU P 35 37.41 78.73 -21.23
N VAL P 36 38.07 78.36 -20.14
CA VAL P 36 38.14 79.20 -18.94
C VAL P 36 39.31 80.18 -19.13
N LEU P 37 39.04 81.46 -19.01
CA LEU P 37 40.05 82.47 -19.28
C LEU P 37 40.58 83.16 -18.03
N GLY P 38 39.95 82.95 -16.89
CA GLY P 38 40.36 83.64 -15.68
C GLY P 38 39.21 83.70 -14.70
N TYR P 39 39.30 84.68 -13.80
CA TYR P 39 38.32 84.81 -12.73
C TYR P 39 38.17 86.28 -12.38
N PHE P 40 37.18 86.55 -11.54
CA PHE P 40 36.93 87.88 -11.02
C PHE P 40 36.16 87.73 -9.72
N ASN P 41 36.60 88.43 -8.68
CA ASN P 41 35.97 88.40 -7.37
C ASN P 41 35.23 89.70 -7.15
N PRO P 42 33.90 89.72 -7.19
CA PRO P 42 33.17 90.98 -7.00
C PRO P 42 33.09 91.44 -5.56
N LEU P 43 33.60 90.67 -4.61
CA LEU P 43 33.50 91.15 -3.24
C LEU P 43 34.83 91.73 -2.79
N PRO P 44 34.83 92.87 -2.12
CA PRO P 44 36.10 93.47 -1.66
C PRO P 44 36.71 92.69 -0.51
N GLY P 45 38.03 92.51 -0.57
CA GLY P 45 38.77 91.77 0.43
C GLY P 45 39.38 92.64 1.51
N GLN P 46 40.29 92.03 2.27
CA GLN P 46 40.98 92.72 3.37
C GLN P 46 41.93 93.79 2.87
N ASP P 47 42.41 93.70 1.64
CA ASP P 47 43.33 94.71 1.15
C ASP P 47 42.63 95.97 0.68
N GLY P 48 41.30 96.00 0.71
CA GLY P 48 40.55 97.15 0.29
C GLY P 48 40.25 97.22 -1.18
N GLY P 49 40.59 96.17 -1.94
CA GLY P 49 40.28 96.13 -3.35
C GLY P 49 39.73 94.81 -3.80
N LYS P 50 39.61 94.62 -5.10
CA LYS P 50 39.02 93.43 -5.68
C LYS P 50 40.11 92.65 -6.41
N ARG P 51 39.83 91.38 -6.72
CA ARG P 51 40.82 90.53 -7.35
C ARG P 51 40.34 90.11 -8.72
N MET P 52 41.30 89.87 -9.61
CA MET P 52 41.01 89.42 -10.97
C MET P 52 42.24 88.70 -11.49
N GLY P 53 42.02 87.60 -12.20
CA GLY P 53 43.08 86.95 -12.93
C GLY P 53 42.60 86.69 -14.34
N LEU P 54 43.53 86.79 -15.29
CA LEU P 54 43.20 86.58 -16.70
C LEU P 54 44.36 85.88 -17.38
N LYS P 55 44.03 85.05 -18.37
CA LYS P 55 45.04 84.48 -19.27
C LYS P 55 45.18 85.45 -20.43
N PHE P 56 46.23 86.28 -20.36
CA PHE P 56 46.35 87.43 -21.27
C PHE P 56 46.53 86.99 -22.72
N ASP P 57 47.32 85.94 -22.95
CA ASP P 57 47.56 85.50 -24.32
C ASP P 57 46.31 84.85 -24.94
N ARG P 58 45.52 84.12 -24.14
CA ARG P 58 44.30 83.52 -24.68
C ARG P 58 43.23 84.57 -24.93
N ILE P 59 43.18 85.60 -24.11
CA ILE P 59 42.23 86.69 -24.33
C ILE P 59 42.61 87.46 -25.58
N LYS P 60 43.92 87.62 -25.82
CA LYS P 60 44.38 88.23 -27.07
C LYS P 60 44.04 87.35 -28.27
N TYR P 61 44.14 86.03 -28.12
CA TYR P 61 43.75 85.13 -29.20
C TYR P 61 42.29 85.27 -29.55
N TRP P 62 41.42 85.26 -28.52
CA TRP P 62 40.00 85.29 -28.81
C TRP P 62 39.55 86.65 -29.32
N LEU P 63 40.15 87.73 -28.83
CA LEU P 63 39.85 89.04 -29.38
C LEU P 63 40.35 89.19 -30.81
N SER P 64 41.45 88.52 -31.16
CA SER P 64 41.99 88.64 -32.51
C SER P 64 41.11 87.94 -33.55
N VAL P 65 40.36 86.91 -33.16
CA VAL P 65 39.51 86.18 -34.08
C VAL P 65 38.06 86.64 -34.03
N GLY P 66 37.76 87.68 -33.27
CA GLY P 66 36.47 88.32 -33.34
C GLY P 66 35.49 88.01 -32.24
N ALA P 67 35.95 87.56 -31.08
CA ALA P 67 35.05 87.36 -29.95
C ALA P 67 34.55 88.69 -29.42
N GLN P 68 33.33 88.68 -28.89
CA GLN P 68 32.66 89.88 -28.42
C GLN P 68 32.49 89.80 -26.91
N ALA P 69 33.07 90.76 -26.20
CA ALA P 69 32.96 90.77 -24.74
C ALA P 69 31.61 91.33 -24.30
N SER P 70 31.09 90.78 -23.21
CA SER P 70 29.84 91.25 -22.64
C SER P 70 30.06 92.56 -21.88
N ASP P 71 28.99 93.10 -21.31
CA ASP P 71 29.07 94.41 -20.65
C ASP P 71 29.99 94.45 -19.43
N PRO P 72 30.00 93.48 -18.49
CA PRO P 72 31.01 93.57 -17.42
C PRO P 72 32.40 93.15 -17.87
N VAL P 73 32.51 92.31 -18.89
CA VAL P 73 33.83 91.89 -19.35
C VAL P 73 34.51 93.01 -20.11
N GLN P 74 33.75 93.91 -20.73
CA GLN P 74 34.36 95.09 -21.35
C GLN P 74 35.03 95.99 -20.32
N ARG P 75 34.36 96.19 -19.18
CA ARG P 75 34.95 96.95 -18.08
C ARG P 75 36.16 96.24 -17.48
N LEU P 76 36.07 94.92 -17.30
CA LEU P 76 37.18 94.16 -16.72
C LEU P 76 38.38 94.11 -17.66
N LEU P 77 38.14 94.13 -18.97
CA LEU P 77 39.25 94.07 -19.91
C LEU P 77 39.84 95.44 -20.18
N PHE P 78 39.06 96.51 -20.01
CA PHE P 78 39.67 97.82 -19.96
C PHE P 78 40.54 97.96 -18.73
N ARG P 79 40.05 97.50 -17.59
CA ARG P 79 40.79 97.69 -16.34
C ARG P 79 42.11 96.92 -16.33
N SER P 80 42.20 95.84 -17.10
CA SER P 80 43.45 95.11 -17.22
C SER P 80 44.32 95.58 -18.39
N GLY P 81 43.82 96.48 -19.23
CA GLY P 81 44.58 97.02 -20.32
C GLY P 81 44.50 96.28 -21.63
N LEU P 82 43.60 95.32 -21.77
CA LEU P 82 43.47 94.57 -23.02
C LEU P 82 42.44 95.15 -23.97
N LEU P 83 41.61 96.09 -23.52
CA LEU P 83 40.61 96.74 -24.35
C LEU P 83 40.58 98.23 -24.03
N PRO P 84 40.11 99.06 -24.97
CA PRO P 84 39.94 100.50 -24.71
C PRO P 84 38.82 100.75 -23.70
N PRO P 85 38.76 101.94 -23.11
CA PRO P 85 37.70 102.24 -22.13
C PRO P 85 36.32 102.22 -22.75
N PRO P 86 35.33 101.69 -22.03
CA PRO P 86 33.95 101.67 -22.55
C PRO P 86 33.41 103.09 -22.68
N PRO P 87 32.45 103.31 -23.57
CA PRO P 87 32.02 104.69 -23.86
C PRO P 87 31.37 105.41 -22.71
N MET P 88 30.80 104.70 -21.75
CA MET P 88 30.07 105.35 -20.69
C MET P 88 30.94 105.79 -19.53
N VAL P 89 32.23 105.43 -19.50
CA VAL P 89 33.07 105.83 -18.38
C VAL P 89 33.46 107.30 -18.47
N ALA P 90 33.23 107.94 -19.61
CA ALA P 90 33.48 109.36 -19.79
C ALA P 90 32.50 110.23 -19.02
N MET P 91 31.37 109.67 -18.57
CA MET P 91 30.33 110.47 -17.96
C MET P 91 30.68 110.95 -16.56
N GLY P 92 31.64 110.32 -15.89
CA GLY P 92 31.98 110.72 -14.55
C GLY P 92 30.98 110.23 -13.53
N ARG P 93 31.37 110.31 -12.27
CA ARG P 93 30.60 109.70 -11.21
C ARG P 93 29.56 110.68 -10.67
N LYS P 94 28.46 110.13 -10.17
CA LYS P 94 27.47 110.95 -9.50
C LYS P 94 28.01 111.40 -8.14
N GLY P 95 27.87 112.68 -7.84
CA GLY P 95 28.37 113.24 -6.61
C GLY P 95 27.38 113.09 -5.48
N GLY P 96 27.51 113.99 -4.51
CA GLY P 96 26.68 113.93 -3.33
C GLY P 96 27.52 113.82 -2.07
N GLU P 97 26.91 114.11 -0.92
CA GLU P 97 27.63 114.13 0.33
C GLU P 97 27.78 112.71 0.86
N ARG P 98 29.01 112.22 0.87
CA ARG P 98 29.31 110.90 1.41
C ARG P 98 29.66 111.01 2.88
N ASP P 99 29.22 110.02 3.66
CA ASP P 99 29.52 109.97 5.09
C ASP P 99 30.97 109.55 5.26
N THR P 100 31.84 110.51 5.53
CA THR P 100 33.27 110.26 5.70
C THR P 100 33.68 110.10 7.15
N ARG P 101 32.75 109.74 8.02
CA ARG P 101 33.11 109.51 9.42
C ARG P 101 33.88 108.20 9.53
N PRO P 102 35.06 108.20 10.12
CA PRO P 102 35.91 107.00 10.08
C PRO P 102 35.39 105.91 10.99
N VAL P 103 35.53 104.67 10.52
CA VAL P 103 35.18 103.49 11.29
C VAL P 103 36.46 102.72 11.55
N ASP P 104 36.52 102.05 12.69
CA ASP P 104 37.69 101.27 13.01
C ASP P 104 37.80 100.07 12.08
N PRO P 105 38.98 99.81 11.52
CA PRO P 105 39.11 98.65 10.64
C PRO P 105 38.85 97.33 11.34
N MET P 106 39.39 97.11 12.53
CA MET P 106 39.23 95.80 13.17
C MET P 106 37.81 95.59 13.69
N THR P 107 37.15 96.63 14.19
CA THR P 107 35.90 96.42 14.92
C THR P 107 34.65 96.94 14.22
N GLY P 108 34.79 97.83 13.24
CA GLY P 108 33.63 98.36 12.54
C GLY P 108 32.85 99.43 13.29
N ARG P 109 33.35 99.90 14.41
CA ARG P 109 32.67 100.96 15.16
C ARG P 109 33.31 102.31 14.88
N PHE P 110 32.57 103.37 15.20
CA PHE P 110 33.03 104.73 14.94
C PHE P 110 34.20 105.08 15.85
N VAL P 111 35.27 105.62 15.24
CA VAL P 111 36.47 105.98 15.97
C VAL P 111 36.22 107.23 16.79
N LYS Q 2 46.80 53.80 -37.57
CA LYS Q 2 47.85 52.78 -37.64
C LYS Q 2 47.70 51.89 -38.87
N PRO Q 3 48.37 50.74 -38.85
CA PRO Q 3 48.36 49.80 -39.97
C PRO Q 3 47.45 48.63 -39.64
N VAL Q 4 46.56 48.28 -40.58
CA VAL Q 4 45.54 47.27 -40.36
C VAL Q 4 45.84 46.08 -41.27
N ILE Q 5 46.14 44.95 -40.67
CA ILE Q 5 46.55 43.75 -41.40
C ILE Q 5 45.68 42.58 -40.97
N GLY Q 6 45.14 41.85 -41.93
CA GLY Q 6 44.37 40.66 -41.61
C GLY Q 6 44.38 39.60 -42.69
N THR Q 7 43.58 38.55 -42.48
CA THR Q 7 43.53 37.39 -43.36
C THR Q 7 42.19 37.36 -44.08
N VAL Q 8 42.22 37.12 -45.39
CA VAL Q 8 41.00 37.07 -46.19
C VAL Q 8 40.22 35.82 -45.83
N VAL Q 9 38.97 36.00 -45.41
CA VAL Q 9 38.11 34.88 -45.03
C VAL Q 9 36.98 34.65 -46.01
N SER Q 10 36.74 35.57 -46.94
CA SER Q 10 35.70 35.40 -47.94
C SER Q 10 36.02 36.29 -49.13
N ASN Q 11 35.82 35.76 -50.35
CA ASN Q 11 36.09 36.54 -51.54
C ASN Q 11 35.02 36.40 -52.62
N LYS Q 12 33.87 35.83 -52.30
CA LYS Q 12 32.91 35.47 -53.34
C LYS Q 12 32.08 36.64 -53.84
N MET Q 13 32.13 37.78 -53.18
CA MET Q 13 31.49 38.98 -53.69
C MET Q 13 32.29 39.54 -54.86
N GLN Q 14 31.60 40.31 -55.69
CA GLN Q 14 32.24 40.98 -56.81
C GLN Q 14 32.89 42.28 -56.33
N LYS Q 15 34.20 42.41 -56.56
CA LYS Q 15 35.03 43.55 -56.15
C LYS Q 15 35.02 43.76 -54.64
N SER Q 16 34.91 42.66 -53.88
CA SER Q 16 34.83 42.78 -52.42
C SER Q 16 35.39 41.52 -51.77
N VAL Q 17 36.07 41.71 -50.65
CA VAL Q 17 36.49 40.64 -49.77
C VAL Q 17 36.09 41.01 -48.35
N VAL Q 18 36.01 40.00 -47.49
CA VAL Q 18 35.89 40.19 -46.05
C VAL Q 18 37.19 39.73 -45.41
N VAL Q 19 37.75 40.55 -44.53
CA VAL Q 19 39.07 40.34 -43.96
C VAL Q 19 38.93 40.25 -42.45
N ALA Q 20 39.51 39.21 -41.86
CA ALA Q 20 39.50 39.03 -40.41
C ALA Q 20 40.77 39.61 -39.80
N VAL Q 21 40.60 40.55 -38.87
CA VAL Q 21 41.70 41.23 -38.21
C VAL Q 21 41.66 40.90 -36.73
N ASP Q 22 42.79 40.42 -36.20
CA ASP Q 22 42.90 40.04 -34.79
C ASP Q 22 43.41 41.20 -33.95
N ARG Q 23 43.07 41.19 -32.67
CA ARG Q 23 43.55 42.16 -31.71
C ARG Q 23 43.56 41.53 -30.32
N LEU Q 24 44.28 42.15 -29.41
CA LEU Q 24 44.38 41.69 -28.04
C LEU Q 24 43.66 42.68 -27.14
N PHE Q 25 42.67 42.19 -26.41
CA PHE Q 25 41.97 42.99 -25.42
C PHE Q 25 42.53 42.67 -24.04
N HIS Q 26 42.84 43.70 -23.28
CA HIS Q 26 43.36 43.50 -21.92
C HIS Q 26 42.18 43.42 -20.96
N ASN Q 27 41.96 42.23 -20.40
CA ASN Q 27 41.04 42.05 -19.29
C ASN Q 27 41.72 42.60 -18.04
N LYS Q 28 41.24 43.74 -17.56
CA LYS Q 28 41.94 44.42 -16.48
C LYS Q 28 41.74 43.73 -15.14
N LEU Q 29 40.56 43.16 -14.91
CA LEU Q 29 40.29 42.51 -13.63
C LEU Q 29 41.11 41.23 -13.49
N TYR Q 30 41.27 40.46 -14.56
CA TYR Q 30 41.95 39.18 -14.46
C TYR Q 30 43.34 39.19 -15.07
N ASN Q 31 43.80 40.33 -15.60
CA ASN Q 31 45.18 40.54 -16.03
C ASN Q 31 45.63 39.56 -17.11
N ARG Q 32 44.82 39.41 -18.14
CA ARG Q 32 45.20 38.59 -19.28
C ARG Q 32 44.85 39.33 -20.56
N TYR Q 33 45.32 38.78 -21.66
CA TYR Q 33 45.14 39.39 -22.97
C TYR Q 33 44.31 38.47 -23.85
N VAL Q 34 43.12 38.93 -24.23
CA VAL Q 34 42.12 38.12 -24.89
C VAL Q 34 42.12 38.47 -26.38
N LYS Q 35 42.21 37.44 -27.22
CA LYS Q 35 42.16 37.64 -28.67
C LYS Q 35 40.72 37.91 -29.10
N ARG Q 36 40.53 39.01 -29.83
CA ARG Q 36 39.24 39.36 -30.42
C ARG Q 36 39.44 39.56 -31.91
N THR Q 37 38.41 39.26 -32.67
CA THR Q 37 38.48 39.32 -34.12
C THR Q 37 37.40 40.27 -34.64
N SER Q 38 37.77 41.11 -35.59
CA SER Q 38 36.83 41.90 -36.36
C SER Q 38 36.89 41.46 -37.81
N LYS Q 39 35.74 41.41 -38.46
CA LYS Q 39 35.66 41.13 -39.89
C LYS Q 39 35.34 42.44 -40.61
N PHE Q 40 36.25 42.87 -41.47
CA PHE Q 40 36.10 44.11 -42.22
C PHE Q 40 35.90 43.83 -43.69
N MET Q 41 35.01 44.57 -44.33
CA MET Q 41 34.75 44.44 -45.75
C MET Q 41 35.60 45.44 -46.50
N ALA Q 42 36.31 44.97 -47.51
CA ALA Q 42 37.30 45.79 -48.21
C ALA Q 42 37.08 45.69 -49.72
N HIS Q 43 37.46 46.77 -50.41
CA HIS Q 43 37.39 46.81 -51.86
C HIS Q 43 38.58 46.09 -52.48
N ASP Q 44 38.31 45.26 -53.47
CA ASP Q 44 39.31 44.49 -54.22
C ASP Q 44 38.89 44.49 -55.68
N GLU Q 45 39.33 45.51 -56.43
CA GLU Q 45 38.79 45.78 -57.76
C GLU Q 45 39.02 44.64 -58.74
N THR Q 46 40.20 44.06 -58.72
CA THR Q 46 40.53 43.00 -59.67
C THR Q 46 39.97 41.63 -59.25
N ASN Q 47 39.56 41.49 -57.98
CA ASN Q 47 39.26 40.20 -57.34
C ASN Q 47 40.47 39.27 -57.41
N ALA Q 48 41.57 39.72 -56.81
CA ALA Q 48 42.83 39.00 -56.82
C ALA Q 48 43.10 38.23 -55.54
N CYS Q 49 42.36 38.50 -54.47
CA CYS Q 49 42.65 37.92 -53.18
C CYS Q 49 41.94 36.57 -53.03
N ASN Q 50 42.70 35.54 -52.71
CA ASN Q 50 42.15 34.25 -52.36
C ASN Q 50 41.87 34.19 -50.86
N ILE Q 51 41.10 33.18 -50.46
CA ILE Q 51 40.85 32.96 -49.04
C ILE Q 51 42.12 32.38 -48.41
N GLY Q 52 42.57 33.01 -47.33
CA GLY Q 52 43.82 32.67 -46.71
C GLY Q 52 44.96 33.61 -46.98
N ASP Q 53 44.75 34.61 -47.83
CA ASP Q 53 45.79 35.60 -48.09
C ASP Q 53 45.89 36.57 -46.94
N ARG Q 54 47.10 37.03 -46.68
CA ARG Q 54 47.39 38.05 -45.68
C ARG Q 54 47.49 39.38 -46.40
N VAL Q 55 46.62 40.33 -46.04
CA VAL Q 55 46.53 41.60 -46.75
C VAL Q 55 46.68 42.76 -45.78
N LYS Q 56 46.98 43.93 -46.34
CA LYS Q 56 47.00 45.18 -45.60
C LYS Q 56 45.89 46.06 -46.15
N LEU Q 57 45.17 46.74 -45.27
CA LEU Q 57 44.04 47.58 -45.65
C LEU Q 57 44.32 49.05 -45.36
N ASP Q 58 43.81 49.93 -46.26
CA ASP Q 58 43.77 51.36 -45.99
C ASP Q 58 42.37 51.79 -45.64
N PRO Q 59 42.23 52.83 -44.81
CA PRO Q 59 40.92 53.43 -44.61
C PRO Q 59 40.41 54.12 -45.86
N SER Q 60 39.10 54.31 -45.92
CA SER Q 60 38.47 54.87 -47.09
C SER Q 60 37.17 55.54 -46.69
N ARG Q 61 36.67 56.40 -47.57
CA ARG Q 61 35.29 56.86 -47.47
C ARG Q 61 34.37 55.67 -47.73
N PRO Q 62 33.12 55.73 -47.26
CA PRO Q 62 32.19 54.61 -47.50
C PRO Q 62 31.98 54.36 -48.99
N LEU Q 63 32.24 53.11 -49.40
CA LEU Q 63 32.02 52.69 -50.77
C LEU Q 63 30.68 52.00 -50.95
N SER Q 64 30.22 51.28 -49.95
CA SER Q 64 28.93 50.60 -49.96
C SER Q 64 28.40 50.66 -48.54
N LYS Q 65 27.40 49.83 -48.23
CA LYS Q 65 26.78 49.87 -46.91
C LYS Q 65 27.75 49.43 -45.82
N HIS Q 66 28.61 48.45 -46.09
CA HIS Q 66 29.51 47.91 -45.09
C HIS Q 66 30.97 48.00 -45.51
N LYS Q 67 31.27 48.63 -46.64
CA LYS Q 67 32.63 48.69 -47.16
C LYS Q 67 33.26 50.04 -46.82
N ASN Q 68 34.31 50.02 -46.01
CA ASN Q 68 35.00 51.24 -45.60
C ASN Q 68 36.51 51.14 -45.78
N TRP Q 69 36.99 50.06 -46.38
CA TRP Q 69 38.42 49.82 -46.53
C TRP Q 69 38.74 49.48 -47.97
N ILE Q 70 40.01 49.60 -48.31
CA ILE Q 70 40.52 49.23 -49.61
C ILE Q 70 41.73 48.33 -49.41
N VAL Q 71 41.74 47.18 -50.07
CA VAL Q 71 42.91 46.31 -50.06
C VAL Q 71 44.05 47.00 -50.80
N ALA Q 72 45.19 47.13 -50.12
CA ALA Q 72 46.34 47.82 -50.68
C ALA Q 72 47.44 46.85 -51.12
N GLU Q 73 47.87 45.97 -50.24
CA GLU Q 73 48.97 45.06 -50.52
C GLU Q 73 48.61 43.66 -50.06
N ILE Q 74 48.92 42.66 -50.88
CA ILE Q 74 48.84 41.27 -50.48
C ILE Q 74 50.20 40.88 -49.91
N ILE Q 75 50.26 40.71 -48.59
CA ILE Q 75 51.53 40.48 -47.91
C ILE Q 75 52.02 39.05 -48.15
N LYS Q 76 51.17 38.07 -47.93
CA LYS Q 76 51.52 36.66 -48.12
C LYS Q 76 50.36 35.95 -48.78
N LYS Q 77 50.63 35.29 -49.89
CA LYS Q 77 49.61 34.58 -50.64
C LYS Q 77 49.40 33.19 -50.07
N ALA Q 78 48.15 32.76 -49.98
CA ALA Q 78 47.85 31.43 -49.49
C ALA Q 78 48.25 30.37 -50.51
N ARG Q 79 48.59 29.18 -50.02
CA ARG Q 79 48.94 28.07 -50.87
C ARG Q 79 47.69 27.29 -51.22
N ILE Q 80 47.50 27.05 -52.53
CA ILE Q 80 46.33 26.36 -53.05
C ILE Q 80 46.79 25.04 -53.66
N TYR Q 81 46.19 23.94 -53.23
CA TYR Q 81 46.57 22.63 -53.75
C TYR Q 81 45.82 22.37 -55.04
N SER Q 82 46.54 22.31 -56.15
CA SER Q 82 45.99 21.91 -57.43
C SER Q 82 46.50 20.52 -57.75
N PRO Q 83 45.62 19.51 -57.84
CA PRO Q 83 46.12 18.13 -58.03
C PRO Q 83 46.85 17.89 -59.33
N GLN Q 84 46.44 18.51 -60.44
CA GLN Q 84 47.09 18.20 -61.71
C GLN Q 84 48.45 18.89 -61.83
N ALA Q 85 48.55 20.13 -61.34
CA ALA Q 85 49.85 20.80 -61.32
C ALA Q 85 50.81 20.08 -60.38
N ALA Q 86 50.29 19.59 -59.25
CA ALA Q 86 51.11 18.81 -58.33
C ALA Q 86 51.57 17.51 -58.97
N ALA Q 87 50.70 16.83 -59.71
CA ALA Q 87 51.08 15.60 -60.39
C ALA Q 87 52.14 15.87 -61.47
N ALA Q 88 52.02 16.99 -62.17
CA ALA Q 88 53.06 17.38 -63.13
C ALA Q 88 54.39 17.67 -62.44
N ALA Q 89 54.34 18.27 -61.24
CA ALA Q 89 55.55 18.46 -60.46
C ALA Q 89 56.16 17.14 -60.01
N ALA Q 90 55.33 16.17 -59.64
CA ALA Q 90 55.81 14.82 -59.32
C ALA Q 90 56.46 14.14 -60.52
N LEU Q 91 55.92 14.36 -61.73
CA LEU Q 91 56.51 13.73 -62.91
C LEU Q 91 57.91 14.26 -63.22
N SER Q 92 58.21 15.48 -62.82
CA SER Q 92 59.55 16.05 -63.01
C SER Q 92 60.56 15.37 -62.11
N LYS R 138 65.40 -32.30 -2.46
CA LYS R 138 64.37 -31.82 -3.37
C LYS R 138 65.00 -31.55 -4.73
N ALA R 139 64.24 -31.80 -5.79
CA ALA R 139 64.74 -31.65 -7.15
C ALA R 139 64.85 -30.17 -7.50
N GLU R 140 66.07 -29.68 -7.70
CA GLU R 140 66.29 -28.28 -8.01
C GLU R 140 66.18 -28.11 -9.52
N ILE R 141 65.06 -27.57 -9.95
CA ILE R 141 64.79 -27.27 -11.35
C ILE R 141 65.08 -25.79 -11.55
N THR R 142 65.79 -25.45 -12.62
CA THR R 142 66.12 -24.07 -12.89
C THR R 142 65.17 -23.48 -13.92
N THR R 143 65.18 -22.14 -13.99
CA THR R 143 64.35 -21.42 -14.95
C THR R 143 64.77 -21.71 -16.39
N GLU R 144 66.07 -21.75 -16.66
CA GLU R 144 66.55 -21.97 -18.01
C GLU R 144 66.24 -23.38 -18.49
N GLU R 145 66.30 -24.35 -17.58
CA GLU R 145 65.93 -25.72 -17.90
C GLU R 145 64.46 -25.82 -18.29
N VAL R 146 63.58 -25.11 -17.58
CA VAL R 146 62.16 -25.09 -17.91
C VAL R 146 61.94 -24.43 -19.27
N LEU R 147 62.55 -23.26 -19.48
CA LEU R 147 62.39 -22.55 -20.74
C LEU R 147 62.98 -23.29 -21.92
N LYS R 148 63.88 -24.24 -21.68
CA LYS R 148 64.41 -25.10 -22.72
C LYS R 148 63.62 -26.39 -22.91
N LYS R 149 62.93 -26.88 -21.88
CA LYS R 149 62.35 -28.21 -21.90
C LYS R 149 60.83 -28.26 -21.91
N ALA R 150 60.14 -27.23 -21.43
CA ALA R 150 58.69 -27.30 -21.22
C ALA R 150 57.97 -27.29 -22.55
N ASP R 151 57.33 -28.42 -22.87
CA ASP R 151 56.55 -28.59 -24.08
C ASP R 151 55.55 -29.69 -23.84
N PHE R 152 54.38 -29.59 -24.48
CA PHE R 152 53.32 -30.56 -24.22
C PHE R 152 53.65 -31.95 -24.74
N ARG R 153 54.66 -32.07 -25.60
CA ARG R 153 55.24 -33.35 -25.96
C ARG R 153 56.15 -33.94 -24.89
N ASN R 154 56.78 -33.11 -24.06
CA ASN R 154 57.73 -33.60 -23.06
C ASN R 154 57.00 -33.92 -21.76
N VAL R 155 56.25 -35.03 -21.80
CA VAL R 155 55.44 -35.43 -20.67
C VAL R 155 56.30 -35.95 -19.53
N ARG R 156 57.45 -36.55 -19.85
CA ARG R 156 58.36 -37.01 -18.81
C ARG R 156 58.89 -35.85 -17.98
N PHE R 157 59.22 -34.73 -18.63
CA PHE R 157 59.67 -33.56 -17.90
C PHE R 157 58.51 -32.90 -17.16
N LEU R 158 57.34 -32.80 -17.80
CA LEU R 158 56.21 -32.07 -17.23
C LEU R 158 55.55 -32.80 -16.08
N ALA R 159 55.78 -34.10 -15.93
CA ALA R 159 55.15 -34.86 -14.86
C ALA R 159 55.69 -34.49 -13.49
N GLN R 160 56.82 -33.77 -13.43
CA GLN R 160 57.35 -33.31 -12.17
C GLN R 160 56.52 -32.20 -11.55
N PHE R 161 55.69 -31.52 -12.35
CA PHE R 161 55.01 -30.32 -11.92
C PHE R 161 53.54 -30.58 -11.60
N ILE R 162 53.14 -31.83 -11.44
CA ILE R 162 51.82 -32.18 -10.93
C ILE R 162 51.98 -32.99 -9.66
N THR R 163 51.02 -32.85 -8.76
CA THR R 163 51.02 -33.63 -7.53
C THR R 163 50.35 -34.97 -7.78
N GLU R 164 50.33 -35.81 -6.75
CA GLU R 164 49.73 -37.13 -6.84
C GLU R 164 48.22 -37.09 -6.97
N ALA R 165 47.59 -35.96 -6.68
CA ALA R 165 46.19 -35.75 -7.04
C ALA R 165 46.01 -35.24 -8.46
N GLY R 166 47.11 -34.97 -9.17
CA GLY R 166 47.04 -34.55 -10.55
C GLY R 166 46.86 -33.08 -10.80
N ILE R 167 47.13 -32.24 -9.80
CA ILE R 167 46.93 -30.80 -9.93
C ILE R 167 48.28 -30.11 -10.02
N LEU R 168 48.28 -28.89 -10.55
CA LEU R 168 49.50 -28.16 -10.87
C LEU R 168 50.13 -27.61 -9.59
N VAL R 169 51.45 -27.76 -9.49
CA VAL R 169 52.25 -27.27 -8.37
C VAL R 169 52.44 -25.75 -8.44
N LYS R 170 52.47 -25.11 -7.27
CA LYS R 170 52.74 -23.68 -7.18
C LYS R 170 54.17 -23.33 -7.58
N ARG R 171 54.35 -22.07 -7.99
CA ARG R 171 55.67 -21.56 -8.38
C ARG R 171 56.63 -21.52 -7.20
N LYS R 172 56.14 -21.18 -6.00
CA LYS R 172 57.00 -21.07 -4.84
C LYS R 172 57.51 -22.41 -4.33
N GLN R 173 57.00 -23.52 -4.84
CA GLN R 173 57.55 -24.82 -4.49
C GLN R 173 58.76 -25.19 -5.34
N THR R 174 58.94 -24.57 -6.51
CA THR R 174 60.12 -24.81 -7.34
C THR R 174 61.07 -23.63 -7.39
N GLY R 175 60.58 -22.40 -7.20
CA GLY R 175 61.43 -21.24 -7.26
C GLY R 175 61.84 -20.81 -8.66
N ILE R 176 61.12 -21.22 -9.69
CA ILE R 176 61.37 -20.76 -11.05
C ILE R 176 60.69 -19.41 -11.26
N SER R 177 60.97 -18.77 -12.40
CA SER R 177 60.40 -17.46 -12.70
C SER R 177 58.90 -17.56 -12.99
N ALA R 178 58.22 -16.42 -12.92
CA ALA R 178 56.79 -16.37 -13.23
C ALA R 178 56.52 -16.72 -14.68
N LYS R 179 57.41 -16.31 -15.58
CA LYS R 179 57.29 -16.67 -16.98
C LYS R 179 57.42 -18.18 -17.18
N ALA R 180 58.35 -18.80 -16.47
CA ALA R 180 58.54 -20.25 -16.55
C ALA R 180 57.33 -21.02 -16.01
N GLN R 181 56.75 -20.55 -14.90
CA GLN R 181 55.54 -21.15 -14.37
C GLN R 181 54.36 -21.00 -15.33
N ARG R 182 54.25 -19.84 -15.99
CA ARG R 182 53.21 -19.67 -17.01
C ARG R 182 53.37 -20.65 -18.16
N LYS R 183 54.61 -20.85 -18.61
CA LYS R 183 54.86 -21.80 -19.69
C LYS R 183 54.53 -23.23 -19.27
N ILE R 184 54.89 -23.61 -18.04
CA ILE R 184 54.58 -24.93 -17.54
C ILE R 184 53.08 -25.17 -17.45
N ALA R 185 52.34 -24.19 -16.92
CA ALA R 185 50.90 -24.32 -16.82
C ALA R 185 50.25 -24.45 -18.19
N ARG R 186 50.69 -23.62 -19.15
CA ARG R 186 50.11 -23.64 -20.48
C ARG R 186 50.38 -24.96 -21.20
N GLU R 187 51.62 -25.48 -21.09
CA GLU R 187 51.95 -26.73 -21.76
C GLU R 187 51.24 -27.91 -21.12
N ILE R 188 51.08 -27.91 -19.81
CA ILE R 188 50.40 -29.04 -19.17
C ILE R 188 48.91 -29.02 -19.50
N LYS R 189 48.32 -27.82 -19.60
CA LYS R 189 46.92 -27.73 -20.03
C LYS R 189 46.75 -28.22 -21.46
N THR R 190 47.69 -27.91 -22.34
CA THR R 190 47.66 -28.42 -23.70
C THR R 190 47.78 -29.94 -23.74
N ALA R 191 48.72 -30.50 -22.97
CA ALA R 191 48.92 -31.94 -22.95
C ALA R 191 47.74 -32.67 -22.31
N ARG R 192 47.05 -32.02 -21.38
CA ARG R 192 45.83 -32.58 -20.81
C ARG R 192 44.72 -32.65 -21.85
N ALA R 193 44.50 -31.54 -22.57
CA ALA R 193 43.48 -31.56 -23.62
C ALA R 193 43.87 -32.44 -24.79
N PHE R 194 45.15 -32.76 -24.94
CA PHE R 194 45.62 -33.70 -25.95
C PHE R 194 45.61 -35.15 -25.45
N GLY R 195 45.30 -35.39 -24.19
CA GLY R 195 45.18 -36.74 -23.69
C GLY R 195 46.43 -37.35 -23.09
N LEU R 196 47.55 -36.64 -23.11
CA LEU R 196 48.80 -37.23 -22.63
C LEU R 196 48.99 -37.11 -21.12
N MET R 197 48.21 -36.28 -20.46
CA MET R 197 48.29 -36.05 -19.02
C MET R 197 46.90 -36.02 -18.43
N PRO R 198 46.71 -36.44 -17.19
CA PRO R 198 45.38 -36.42 -16.60
C PRO R 198 44.99 -35.07 -16.03
N PHE R 199 43.72 -34.72 -16.22
CA PHE R 199 43.14 -33.57 -15.54
C PHE R 199 43.09 -33.78 -14.04
N THR R 200 42.75 -34.99 -13.60
CA THR R 200 42.69 -35.32 -12.18
C THR R 200 42.99 -36.80 -12.02
N THR R 201 43.61 -37.17 -10.91
CA THR R 201 43.84 -38.57 -10.59
C THR R 201 43.10 -39.01 -9.33
N MET R 202 42.13 -38.23 -8.87
CA MET R 202 41.24 -38.66 -7.79
C MET R 202 40.27 -39.69 -8.36
N GLY R 203 40.26 -40.87 -7.76
CA GLY R 203 39.44 -41.96 -8.23
C GLY R 203 40.13 -42.89 -9.21
N THR R 204 41.34 -42.57 -9.65
CA THR R 204 42.10 -43.44 -10.52
C THR R 204 43.45 -43.73 -9.87
N LYS R 205 44.32 -44.42 -10.61
CA LYS R 205 45.65 -44.70 -10.12
C LYS R 205 46.54 -43.47 -10.30
N ALA R 206 47.68 -43.49 -9.62
CA ALA R 206 48.62 -42.38 -9.73
C ALA R 206 49.25 -42.36 -11.11
N PHE R 207 49.41 -41.17 -11.67
CA PHE R 207 49.93 -41.03 -13.03
C PHE R 207 51.43 -41.19 -13.00
N THR R 208 51.94 -42.12 -13.78
CA THR R 208 53.36 -42.19 -14.07
C THR R 208 53.51 -42.23 -15.57
N PHE R 209 54.56 -41.57 -16.08
CA PHE R 209 54.78 -41.57 -17.51
C PHE R 209 55.19 -42.97 -17.97
N GLY R 210 54.57 -43.44 -19.05
CA GLY R 210 54.87 -44.74 -19.61
C GLY R 210 54.03 -45.89 -19.09
N LYS R 211 53.20 -45.66 -18.09
CA LYS R 211 52.34 -46.69 -17.53
C LYS R 211 50.90 -46.44 -17.95
N THR R 212 50.14 -47.51 -18.14
CA THR R 212 48.75 -47.35 -18.53
C THR R 212 47.91 -46.82 -17.38
N MET R 213 46.88 -46.06 -17.74
CA MET R 213 45.95 -45.51 -16.76
C MET R 213 44.64 -46.27 -16.75
N GLU R 214 44.57 -47.39 -17.45
CA GLU R 214 43.39 -48.22 -17.43
C GLU R 214 43.29 -48.94 -16.09
N ASN R 215 42.09 -48.92 -15.51
CA ASN R 215 41.84 -49.65 -14.27
C ASN R 215 41.83 -51.14 -14.58
N ARG R 216 42.79 -51.87 -14.02
CA ARG R 216 42.95 -53.28 -14.27
C ARG R 216 42.75 -54.05 -12.96
N ASP R 217 42.65 -55.38 -13.07
CA ASP R 217 42.36 -56.20 -11.90
C ASP R 217 43.52 -56.22 -10.92
N GLN R 218 44.76 -56.18 -11.41
CA GLN R 218 45.91 -56.25 -10.52
C GLN R 218 46.30 -54.89 -9.95
N ASP R 219 45.53 -53.84 -10.25
CA ASP R 219 45.68 -52.58 -9.52
C ASP R 219 45.35 -52.76 -8.04
N PHE R 220 44.27 -53.47 -7.75
CA PHE R 220 43.83 -53.73 -6.38
C PHE R 220 44.15 -55.16 -5.96
N GLU R 221 45.30 -55.65 -6.40
CA GLU R 221 45.80 -56.97 -6.02
C GLU R 221 46.06 -57.01 -4.52
N TYR R 222 45.54 -58.04 -3.85
CA TYR R 222 45.70 -58.19 -2.41
C TYR R 222 46.18 -59.58 -2.07
N GLU R 223 46.73 -59.71 -0.87
CA GLU R 223 47.31 -60.93 -0.37
C GLU R 223 46.44 -61.48 0.75
N VAL R 224 46.04 -62.74 0.64
CA VAL R 224 45.30 -63.41 1.70
C VAL R 224 46.15 -64.43 2.43
N ILE R 225 47.25 -64.89 1.85
CA ILE R 225 48.06 -65.92 2.46
C ILE R 225 48.84 -65.40 3.67
N ASP R 226 49.01 -64.07 3.76
CA ASP R 226 49.55 -63.46 4.95
C ASP R 226 48.60 -63.58 6.14
N ASP R 227 47.29 -63.62 5.87
CA ASP R 227 46.30 -63.86 6.90
C ASP R 227 46.21 -65.34 7.24
N VAL S 19 -29.88 -56.45 142.17
CA VAL S 19 -29.64 -55.03 141.89
C VAL S 19 -28.16 -54.86 141.49
N SER S 20 -27.36 -55.86 141.81
CA SER S 20 -25.93 -55.84 141.51
C SER S 20 -25.59 -56.57 140.21
N SER S 21 -26.59 -57.08 139.49
CA SER S 21 -26.33 -57.78 138.24
C SER S 21 -26.09 -56.84 137.08
N MET S 22 -26.37 -55.54 137.24
CA MET S 22 -26.15 -54.58 136.17
C MET S 22 -24.73 -54.02 136.17
N LEU S 23 -23.94 -54.30 137.22
CA LEU S 23 -22.55 -53.84 137.23
C LEU S 23 -21.70 -54.63 136.23
N GLY S 24 -21.94 -55.93 136.11
CA GLY S 24 -21.26 -56.73 135.12
C GLY S 24 -21.79 -56.59 133.71
N SER S 25 -22.95 -55.95 133.55
CA SER S 25 -23.56 -55.71 132.25
C SER S 25 -23.16 -54.36 131.65
N LEU S 26 -22.32 -53.59 132.34
CA LEU S 26 -21.88 -52.29 131.87
C LEU S 26 -20.57 -52.36 131.08
N ARG S 27 -19.87 -53.49 131.15
CA ARG S 27 -18.56 -53.64 130.52
C ARG S 27 -18.73 -54.02 129.05
N TYR S 28 -17.65 -54.50 128.43
CA TYR S 28 -17.56 -55.05 127.07
C TYR S 28 -18.19 -54.13 126.02
N MET S 29 -17.57 -52.96 125.88
CA MET S 29 -17.94 -52.01 124.83
C MET S 29 -17.18 -52.24 123.53
N SER S 30 -15.96 -52.77 123.59
CA SER S 30 -15.12 -52.96 122.42
C SER S 30 -15.01 -54.44 122.06
N THR S 31 -14.67 -54.71 120.82
CA THR S 31 -14.51 -56.06 120.32
C THR S 31 -13.08 -56.59 120.47
N LYS S 32 -12.17 -55.78 120.99
CA LYS S 32 -10.79 -56.19 121.23
C LYS S 32 -10.55 -56.29 122.73
N LEU S 33 -10.18 -57.48 123.19
CA LEU S 33 -10.06 -57.77 124.61
C LEU S 33 -8.61 -57.67 125.06
N TYR S 34 -8.43 -57.22 126.30
CA TYR S 34 -7.12 -57.11 126.92
C TYR S 34 -6.96 -58.21 127.96
N ILE S 35 -5.84 -58.93 127.90
CA ILE S 35 -5.50 -59.95 128.88
C ILE S 35 -4.15 -59.57 129.49
N GLY S 36 -4.12 -59.39 130.80
CA GLY S 36 -2.92 -58.99 131.49
C GLY S 36 -2.42 -59.99 132.51
N GLY S 37 -1.26 -59.70 133.10
CA GLY S 37 -0.66 -60.60 134.08
C GLY S 37 -0.20 -61.92 133.49
N LEU S 38 0.24 -61.90 132.23
CA LEU S 38 0.65 -63.11 131.55
C LEU S 38 2.03 -63.57 132.04
N SER S 39 2.25 -64.88 131.93
CA SER S 39 3.53 -65.45 132.31
C SER S 39 4.60 -65.08 131.29
N PRO S 40 5.87 -64.96 131.72
CA PRO S 40 6.95 -64.71 130.75
C PRO S 40 7.13 -65.81 129.72
N GLY S 41 6.78 -67.05 130.05
CA GLY S 41 6.88 -68.15 129.11
C GLY S 41 5.72 -68.30 128.15
N THR S 42 4.73 -67.41 128.23
CA THR S 42 3.56 -67.49 127.36
C THR S 42 3.86 -66.80 126.03
N ASP S 43 3.65 -67.51 124.93
CA ASP S 43 3.83 -66.96 123.60
C ASP S 43 2.48 -66.75 122.94
N GLU S 44 2.50 -66.34 121.66
CA GLU S 44 1.27 -66.12 120.92
C GLU S 44 0.56 -67.42 120.59
N HIS S 45 1.31 -68.50 120.39
CA HIS S 45 0.70 -69.80 120.13
C HIS S 45 -0.08 -70.30 121.34
N SER S 46 0.47 -70.11 122.54
CA SER S 46 -0.25 -70.52 123.75
C SER S 46 -1.47 -69.63 124.00
N LEU S 47 -1.38 -68.34 123.64
CA LEU S 47 -2.52 -67.45 123.79
C LEU S 47 -3.64 -67.83 122.82
N LYS S 48 -3.28 -68.21 121.59
CA LYS S 48 -4.28 -68.70 120.66
C LYS S 48 -4.86 -70.05 121.09
N ASP S 49 -4.03 -70.90 121.69
CA ASP S 49 -4.51 -72.19 122.19
C ASP S 49 -5.48 -72.02 123.36
N ALA S 50 -5.22 -71.04 124.23
CA ALA S 50 -6.11 -70.80 125.36
C ALA S 50 -7.43 -70.18 124.92
N PHE S 51 -7.45 -69.51 123.77
CA PHE S 51 -8.66 -68.89 123.25
C PHE S 51 -9.22 -69.63 122.04
N SER S 52 -8.68 -70.81 121.71
CA SER S 52 -9.20 -71.60 120.60
C SER S 52 -10.56 -72.22 120.92
N SER S 53 -10.90 -72.37 122.20
CA SER S 53 -12.18 -72.91 122.60
C SER S 53 -13.34 -71.94 122.39
N PHE S 54 -13.05 -70.68 122.10
CA PHE S 54 -14.06 -69.65 121.89
C PHE S 54 -14.08 -69.27 120.41
N ASN S 55 -15.27 -69.32 119.81
CA ASN S 55 -15.41 -69.09 118.38
C ASN S 55 -15.46 -67.59 118.10
N GLY S 56 -14.54 -67.12 117.26
CA GLY S 56 -14.51 -65.73 116.86
C GLY S 56 -13.23 -64.98 117.15
N VAL S 57 -12.22 -65.63 117.69
CA VAL S 57 -10.95 -64.96 118.00
C VAL S 57 -10.21 -64.68 116.70
N THR S 58 -9.81 -63.43 116.51
CA THR S 58 -9.14 -62.99 115.28
C THR S 58 -7.63 -62.83 115.47
N GLU S 59 -7.23 -62.06 116.47
CA GLU S 59 -5.82 -61.75 116.70
C GLU S 59 -5.37 -62.29 118.03
N ALA S 60 -4.13 -62.81 118.05
CA ALA S 60 -3.48 -63.28 119.27
C ALA S 60 -2.06 -62.71 119.27
N ARG S 61 -1.93 -61.51 119.82
CA ARG S 61 -0.67 -60.77 119.83
C ARG S 61 -0.25 -60.53 121.28
N VAL S 62 0.99 -60.87 121.60
CA VAL S 62 1.57 -60.58 122.90
C VAL S 62 2.70 -59.57 122.71
N MET S 63 2.56 -58.41 123.35
CA MET S 63 3.54 -57.35 123.21
C MET S 63 4.80 -57.68 124.01
N THR S 64 5.95 -57.57 123.37
CA THR S 64 7.24 -57.92 123.96
C THR S 64 8.17 -56.72 123.90
N ASN S 65 9.33 -56.87 124.55
CA ASN S 65 10.38 -55.86 124.51
C ASN S 65 11.29 -56.19 123.33
N LYS S 66 11.27 -55.33 122.30
CA LYS S 66 11.91 -55.63 121.03
C LYS S 66 13.43 -55.51 121.07
N VAL S 67 14.00 -54.99 122.15
CA VAL S 67 15.46 -54.89 122.29
C VAL S 67 16.00 -55.99 123.19
N THR S 68 15.46 -56.11 124.40
CA THR S 68 15.95 -57.12 125.34
C THR S 68 15.39 -58.51 125.06
N GLY S 69 14.31 -58.61 124.28
CA GLY S 69 13.76 -59.89 123.90
C GLY S 69 12.79 -60.51 124.89
N ARG S 70 12.56 -59.88 126.03
CA ARG S 70 11.67 -60.42 127.04
C ARG S 70 10.24 -59.94 126.81
N SER S 71 9.29 -60.70 127.37
CA SER S 71 7.88 -60.36 127.27
C SER S 71 7.52 -59.26 128.25
N ARG S 72 6.49 -58.48 127.89
CA ARG S 72 6.00 -57.41 128.76
C ARG S 72 4.86 -57.86 129.65
N GLY S 73 4.37 -59.09 129.51
CA GLY S 73 3.43 -59.67 130.44
C GLY S 73 1.96 -59.45 130.14
N TYR S 74 1.62 -58.99 128.93
CA TYR S 74 0.22 -58.78 128.57
C TYR S 74 0.08 -58.85 127.06
N GLY S 75 -1.17 -59.01 126.61
CA GLY S 75 -1.43 -59.14 125.18
C GLY S 75 -2.84 -58.76 124.82
N PHE S 76 -3.02 -58.42 123.54
CA PHE S 76 -4.32 -58.02 123.00
C PHE S 76 -4.92 -59.18 122.22
N VAL S 77 -6.23 -59.38 122.37
CA VAL S 77 -6.98 -60.39 121.65
C VAL S 77 -8.21 -59.74 121.04
N ASN S 78 -8.34 -59.83 119.72
CA ASN S 78 -9.47 -59.28 118.99
C ASN S 78 -10.51 -60.37 118.74
N PHE S 79 -11.76 -59.94 118.60
CA PHE S 79 -12.88 -60.86 118.43
C PHE S 79 -13.71 -60.46 117.21
N ILE S 80 -14.24 -61.47 116.52
CA ILE S 80 -15.13 -61.21 115.39
C ILE S 80 -16.45 -60.62 115.89
N SER S 81 -17.04 -61.25 116.91
CA SER S 81 -18.31 -60.82 117.47
C SER S 81 -18.14 -60.48 118.95
N GLU S 82 -19.01 -59.61 119.44
CA GLU S 82 -18.91 -59.15 120.82
C GLU S 82 -19.41 -60.19 121.82
N ASP S 83 -20.31 -61.07 121.41
CA ASP S 83 -20.89 -62.05 122.34
C ASP S 83 -19.86 -63.06 122.81
N SER S 84 -18.98 -63.50 121.90
CA SER S 84 -17.88 -64.37 122.31
C SER S 84 -16.90 -63.64 123.22
N ALA S 85 -16.74 -62.32 123.04
CA ALA S 85 -15.93 -61.54 123.96
C ALA S 85 -16.56 -61.48 125.34
N ASN S 86 -17.89 -61.36 125.41
CA ASN S 86 -18.59 -61.41 126.70
C ASN S 86 -18.40 -62.76 127.37
N SER S 87 -18.48 -63.84 126.58
CA SER S 87 -18.26 -65.18 127.12
C SER S 87 -16.83 -65.36 127.62
N ALA S 88 -15.85 -64.80 126.89
CA ALA S 88 -14.46 -64.91 127.31
C ALA S 88 -14.18 -64.08 128.55
N ILE S 89 -14.84 -62.93 128.69
CA ILE S 89 -14.72 -62.14 129.91
C ILE S 89 -15.33 -62.88 131.09
N SER S 90 -16.52 -63.46 130.90
CA SER S 90 -17.19 -64.17 131.99
C SER S 90 -16.52 -65.50 132.33
N ALA S 91 -15.71 -66.06 131.42
CA ALA S 91 -15.13 -67.38 131.62
C ALA S 91 -13.68 -67.31 132.09
N MET S 92 -12.83 -66.58 131.37
CA MET S 92 -11.39 -66.59 131.62
C MET S 92 -10.94 -65.49 132.59
N ASN S 93 -11.82 -65.04 133.47
CA ASN S 93 -11.48 -63.98 134.42
C ASN S 93 -10.96 -64.63 135.70
N GLY S 94 -9.72 -64.32 136.05
CA GLY S 94 -9.10 -64.83 137.25
C GLY S 94 -8.50 -66.21 137.13
N GLN S 95 -8.58 -66.85 135.97
CA GLN S 95 -8.03 -68.18 135.80
C GLN S 95 -6.50 -68.12 135.72
N GLU S 96 -5.87 -69.23 136.07
CA GLU S 96 -4.42 -69.33 136.08
C GLU S 96 -3.92 -69.88 134.76
N LEU S 97 -3.05 -69.12 134.10
CA LEU S 97 -2.41 -69.55 132.85
C LEU S 97 -0.91 -69.62 133.09
N ASN S 98 -0.33 -70.81 132.93
CA ASN S 98 1.08 -71.10 133.20
C ASN S 98 1.46 -70.73 134.64
N GLY S 99 0.55 -70.98 135.57
CA GLY S 99 0.77 -70.67 136.97
C GLY S 99 0.54 -69.23 137.36
N PHE S 100 0.15 -68.37 136.42
CA PHE S 100 -0.06 -66.95 136.67
C PHE S 100 -1.51 -66.60 136.35
N ASN S 101 -2.16 -65.89 137.27
CA ASN S 101 -3.54 -65.48 137.07
C ASN S 101 -3.63 -64.40 136.00
N ILE S 102 -4.69 -64.45 135.20
CA ILE S 102 -4.91 -63.50 134.14
C ILE S 102 -6.19 -62.72 134.42
N SER S 103 -6.27 -61.53 133.85
CA SER S 103 -7.45 -60.67 133.96
C SER S 103 -7.87 -60.24 132.56
N VAL S 104 -9.13 -60.50 132.22
CA VAL S 104 -9.66 -60.22 130.88
C VAL S 104 -10.55 -58.99 130.98
N ASN S 105 -10.22 -57.97 130.18
CA ASN S 105 -10.97 -56.72 130.14
C ASN S 105 -10.97 -56.22 128.70
N VAL S 106 -11.40 -54.96 128.54
CA VAL S 106 -11.44 -54.35 127.21
C VAL S 106 -10.12 -53.67 126.89
N MET S 132 -22.74 -16.48 97.18
CA MET S 132 -23.85 -15.53 97.23
C MET S 132 -24.75 -15.69 96.01
N SER S 133 -25.82 -14.89 95.97
CA SER S 133 -26.76 -14.96 94.85
C SER S 133 -26.20 -14.34 93.57
N ARG S 134 -25.26 -13.40 93.70
CA ARG S 134 -24.71 -12.73 92.54
C ARG S 134 -23.83 -13.67 91.73
N SER S 135 -24.06 -13.69 90.42
CA SER S 135 -23.24 -14.48 89.52
C SER S 135 -22.15 -13.66 88.84
N VAL S 136 -22.30 -12.34 88.79
CA VAL S 136 -21.27 -11.44 88.30
C VAL S 136 -20.94 -10.50 89.44
N TRP S 137 -19.66 -10.47 89.85
CA TRP S 137 -19.27 -9.68 91.02
C TRP S 137 -19.27 -8.19 90.74
N LYS S 138 -19.18 -7.78 89.47
CA LYS S 138 -19.03 -6.40 89.08
C LYS S 138 -20.35 -5.86 88.55
N ASP S 139 -20.74 -4.67 89.00
CA ASP S 139 -21.98 -4.06 88.55
C ASP S 139 -21.87 -3.64 87.09
N PRO S 140 -22.98 -3.66 86.34
CA PRO S 140 -22.95 -3.14 84.97
C PRO S 140 -22.80 -1.63 84.98
N PHE S 141 -22.06 -1.12 83.99
CA PHE S 141 -21.68 0.28 84.01
C PHE S 141 -22.79 1.18 83.49
N VAL S 142 -23.00 2.29 84.19
CA VAL S 142 -23.93 3.34 83.81
C VAL S 142 -23.24 4.67 84.08
N ASP S 143 -23.31 5.59 83.11
CA ASP S 143 -22.74 6.93 83.30
C ASP S 143 -23.45 7.69 84.41
N ALA S 144 -22.75 8.70 84.94
CA ALA S 144 -23.17 9.35 86.17
C ALA S 144 -24.40 10.22 85.99
N PHE S 145 -24.65 10.73 84.79
CA PHE S 145 -25.84 11.55 84.58
C PHE S 145 -27.11 10.72 84.57
N LEU S 146 -27.02 9.42 84.32
CA LEU S 146 -28.17 8.53 84.42
C LEU S 146 -28.38 7.99 85.82
N MET S 147 -27.44 8.23 86.74
CA MET S 147 -27.53 7.69 88.09
C MET S 147 -28.24 8.60 89.07
N LYS S 148 -28.61 9.82 88.67
CA LYS S 148 -29.30 10.73 89.57
C LYS S 148 -30.75 10.96 89.18
N LYS S 149 -31.02 11.33 87.93
CA LYS S 149 -32.39 11.56 87.49
C LYS S 149 -33.02 10.36 86.79
N LYS S 150 -32.23 9.31 86.52
CA LYS S 150 -32.70 7.97 86.13
C LYS S 150 -33.48 8.04 84.83
N ASN S 151 -34.77 7.68 84.79
CA ASN S 151 -35.55 7.65 83.57
C ASN S 151 -35.93 9.04 83.06
N ALA S 152 -35.74 10.09 83.87
CA ALA S 152 -35.98 11.44 83.39
C ALA S 152 -34.96 11.87 82.34
N ALA S 153 -33.78 11.26 82.34
CA ALA S 153 -32.76 11.52 81.34
C ALA S 153 -32.96 10.73 80.05
N LEU S 154 -33.97 9.85 80.00
CA LEU S 154 -34.17 8.97 78.86
C LEU S 154 -35.41 9.34 78.06
N ASN S 155 -35.71 10.64 77.97
CA ASN S 155 -36.71 11.17 77.04
C ASN S 155 -36.09 12.27 76.22
N ARG S 156 -34.80 12.12 75.89
CA ARG S 156 -34.01 13.13 75.23
C ARG S 156 -32.81 12.47 74.56
N LYS S 157 -31.95 13.27 73.96
CA LYS S 157 -30.81 12.76 73.21
C LYS S 157 -29.75 12.21 74.16
N ILE S 158 -29.17 11.07 73.79
CA ILE S 158 -28.16 10.38 74.59
C ILE S 158 -26.92 10.16 73.74
N TRP S 159 -25.79 10.70 74.19
CA TRP S 159 -24.49 10.46 73.58
C TRP S 159 -23.78 9.24 74.16
N SER S 160 -24.30 8.67 75.24
CA SER S 160 -23.59 7.69 76.05
C SER S 160 -23.89 6.29 75.54
N ARG S 161 -23.09 5.85 74.57
CA ARG S 161 -23.25 4.50 74.02
C ARG S 161 -22.67 3.42 74.91
N ARG S 162 -21.88 3.79 75.92
CA ARG S 162 -21.21 2.81 76.76
C ARG S 162 -22.04 2.40 77.98
N SER S 163 -23.18 3.03 78.22
CA SER S 163 -24.02 2.67 79.35
C SER S 163 -24.79 1.39 79.07
N THR S 164 -25.18 0.72 80.15
CA THR S 164 -25.97 -0.51 80.07
C THR S 164 -27.44 -0.19 80.26
N ILE S 165 -28.29 -0.86 79.49
CA ILE S 165 -29.73 -0.66 79.59
C ILE S 165 -30.25 -1.47 80.78
N LEU S 166 -30.68 -0.78 81.82
CA LEU S 166 -31.16 -1.37 83.05
C LEU S 166 -32.58 -1.90 82.88
N PRO S 167 -33.01 -2.83 83.75
CA PRO S 167 -34.42 -3.27 83.72
C PRO S 167 -35.42 -2.19 84.08
N GLU S 168 -35.02 -1.09 84.71
CA GLU S 168 -35.93 0.00 85.01
C GLU S 168 -36.08 0.97 83.85
N TYR S 169 -35.38 0.75 82.74
CA TYR S 169 -35.44 1.65 81.59
C TYR S 169 -36.48 1.23 80.58
N VAL S 170 -37.21 0.12 80.83
CA VAL S 170 -38.20 -0.39 79.88
C VAL S 170 -39.36 0.60 79.77
N ASP S 171 -39.97 0.64 78.58
CA ASP S 171 -41.06 1.55 78.21
C ASP S 171 -40.60 3.01 78.25
N SER S 172 -39.49 3.28 77.55
CA SER S 172 -38.99 4.62 77.35
C SER S 172 -38.35 4.68 75.98
N ALA S 173 -38.34 5.88 75.39
CA ALA S 173 -37.81 6.11 74.06
C ALA S 173 -36.56 6.98 74.15
N VAL S 174 -35.46 6.50 73.58
CA VAL S 174 -34.20 7.22 73.60
C VAL S 174 -33.74 7.49 72.18
N ARG S 175 -32.93 8.53 72.04
CA ARG S 175 -32.29 8.87 70.77
C ARG S 175 -30.79 8.76 70.99
N ILE S 176 -30.18 7.75 70.38
CA ILE S 176 -28.79 7.37 70.66
C ILE S 176 -27.90 7.91 69.56
N TYR S 177 -26.88 8.69 69.97
CA TYR S 177 -25.94 9.25 69.01
C TYR S 177 -25.08 8.16 68.40
N ASN S 178 -24.97 8.15 67.08
CA ASN S 178 -24.16 7.18 66.36
C ASN S 178 -22.89 7.79 65.78
N GLY S 179 -22.61 9.05 66.09
CA GLY S 179 -21.50 9.77 65.50
C GLY S 179 -21.95 10.99 64.74
N LYS S 180 -23.07 10.88 64.04
CA LYS S 180 -23.62 11.98 63.25
C LYS S 180 -25.01 12.39 63.69
N THR S 181 -25.92 11.43 63.85
CA THR S 181 -27.30 11.69 64.21
C THR S 181 -27.68 10.88 65.44
N HIS S 182 -28.76 11.29 66.10
CA HIS S 182 -29.31 10.55 67.22
C HIS S 182 -30.34 9.57 66.68
N VAL S 183 -30.02 8.28 66.74
CA VAL S 183 -30.88 7.23 66.21
C VAL S 183 -31.92 6.88 67.25
N ARG S 184 -33.20 6.90 66.84
CA ARG S 184 -34.29 6.64 67.78
C ARG S 184 -34.37 5.16 68.12
N CYS S 185 -34.57 4.86 69.40
CA CYS S 185 -34.68 3.50 69.89
C CYS S 185 -35.74 3.43 70.97
N LYS S 186 -36.57 2.39 70.91
CA LYS S 186 -37.58 2.13 71.93
C LYS S 186 -37.12 0.97 72.81
N ILE S 187 -37.07 1.21 74.12
CA ILE S 187 -36.53 0.22 75.05
C ILE S 187 -37.62 -0.79 75.38
N THR S 188 -37.33 -2.07 75.12
CA THR S 188 -38.22 -3.17 75.40
C THR S 188 -37.59 -4.10 76.43
N GLU S 189 -38.25 -5.24 76.67
CA GLU S 189 -37.73 -6.22 77.63
C GLU S 189 -36.49 -6.91 77.09
N GLY S 190 -36.43 -7.13 75.77
CA GLY S 190 -35.31 -7.82 75.17
C GLY S 190 -34.05 -7.01 75.02
N LYS S 191 -34.09 -5.72 75.34
CA LYS S 191 -32.94 -4.84 75.26
C LYS S 191 -32.25 -4.66 76.61
N VAL S 192 -32.71 -5.34 77.65
CA VAL S 192 -32.13 -5.21 78.98
C VAL S 192 -30.84 -6.00 79.04
N GLY S 193 -29.77 -5.37 79.53
CA GLY S 193 -28.47 -6.00 79.62
C GLY S 193 -27.54 -5.71 78.46
N HIS S 194 -28.03 -5.03 77.43
CA HIS S 194 -27.21 -4.62 76.31
C HIS S 194 -26.69 -3.20 76.52
N LYS S 195 -25.71 -2.83 75.71
CA LYS S 195 -25.24 -1.45 75.67
C LYS S 195 -26.19 -0.62 74.80
N PHE S 196 -26.23 0.68 75.08
CA PHE S 196 -27.05 1.59 74.27
C PHE S 196 -26.54 1.69 72.85
N GLY S 197 -25.23 1.53 72.65
CA GLY S 197 -24.68 1.64 71.32
C GLY S 197 -24.90 0.46 70.40
N GLU S 198 -25.48 -0.62 70.92
CA GLU S 198 -25.79 -1.79 70.09
C GLU S 198 -27.00 -1.57 69.20
N PHE S 199 -27.78 -0.51 69.43
CA PHE S 199 -29.00 -0.25 68.68
C PHE S 199 -28.93 1.03 67.87
N ALA S 200 -27.73 1.61 67.72
CA ALA S 200 -27.51 2.78 66.87
C ALA S 200 -26.23 2.51 66.08
N PHE S 201 -26.38 2.07 64.84
CA PHE S 201 -25.23 1.65 64.05
C PHE S 201 -24.45 2.86 63.57
N THR S 202 -23.13 2.74 63.54
CA THR S 202 -22.24 3.86 63.26
C THR S 202 -21.77 3.91 61.82
N ARG S 203 -21.71 2.78 61.13
CA ARG S 203 -21.33 2.72 59.73
C ARG S 203 -22.54 2.33 58.90
N LYS S 204 -22.71 3.00 57.76
CA LYS S 204 -23.81 2.68 56.87
C LYS S 204 -23.55 1.36 56.17
N VAL S 205 -24.56 0.49 56.15
CA VAL S 205 -24.48 -0.77 55.43
C VAL S 205 -24.35 -0.47 53.94
N LYS S 206 -23.26 -0.95 53.34
CA LYS S 206 -22.77 -0.40 52.09
C LYS S 206 -22.81 -1.43 50.97
N LYS S 207 -22.94 -0.93 49.74
CA LYS S 207 -23.16 -1.75 48.56
C LYS S 207 -22.15 -1.38 47.49
N HIS S 208 -21.77 -2.35 46.67
CA HIS S 208 -20.88 -2.09 45.55
C HIS S 208 -21.67 -2.03 44.25
N ALA S 209 -21.48 -0.98 43.43
CA ALA S 209 -22.06 -0.84 42.09
C ALA S 209 -21.81 -2.04 41.18
N ILE T 26 43.40 -40.70 -4.60
CA ILE T 26 44.64 -41.18 -4.02
C ILE T 26 44.37 -42.47 -3.25
N ARG T 27 45.03 -43.55 -3.67
CA ARG T 27 44.83 -44.87 -3.08
C ARG T 27 46.07 -45.30 -2.30
N VAL T 28 45.86 -45.93 -1.15
CA VAL T 28 46.93 -46.38 -0.25
C VAL T 28 46.70 -47.85 0.06
N LYS T 29 47.74 -48.66 -0.11
CA LYS T 29 47.70 -50.06 0.26
C LYS T 29 47.82 -50.23 1.77
N VAL T 30 47.14 -51.24 2.31
CA VAL T 30 47.27 -51.62 3.71
C VAL T 30 48.26 -52.77 3.79
N PHE T 31 49.28 -52.61 4.63
CA PHE T 31 50.34 -53.59 4.78
C PHE T 31 50.23 -54.21 6.18
N SER T 32 50.18 -55.54 6.23
CA SER T 32 50.14 -56.32 7.48
C SER T 32 48.94 -55.95 8.35
N GLY T 33 47.81 -55.62 7.73
CA GLY T 33 46.60 -55.31 8.45
C GLY T 33 46.64 -54.07 9.30
N ASP T 34 47.60 -53.18 9.08
CA ASP T 34 47.76 -51.99 9.91
C ASP T 34 46.93 -50.87 9.31
N LEU T 35 45.76 -50.63 9.90
CA LEU T 35 44.87 -49.62 9.36
C LEU T 35 45.35 -48.21 9.71
N ASP T 36 45.88 -48.02 10.91
CA ASP T 36 46.24 -46.68 11.36
C ASP T 36 47.42 -46.12 10.58
N LYS T 37 48.39 -46.97 10.24
CA LYS T 37 49.52 -46.52 9.44
C LYS T 37 49.08 -46.13 8.04
N ALA T 38 48.22 -46.93 7.42
CA ALA T 38 47.70 -46.61 6.09
C ALA T 38 46.86 -45.35 6.12
N LEU T 39 46.07 -45.15 7.17
CA LEU T 39 45.27 -43.95 7.28
C LEU T 39 46.12 -42.72 7.50
N THR T 40 47.22 -42.84 8.25
CA THR T 40 48.16 -41.75 8.39
C THR T 40 48.82 -41.40 7.07
N ILE T 41 49.19 -42.42 6.28
CA ILE T 41 49.78 -42.19 4.98
C ILE T 41 48.78 -41.53 4.03
N LEU T 42 47.54 -41.98 4.04
CA LEU T 42 46.51 -41.37 3.20
C LEU T 42 46.25 -39.91 3.60
N GLN T 43 46.24 -39.63 4.91
CA GLN T 43 46.06 -38.25 5.35
C GLN T 43 47.23 -37.37 4.92
N ARG T 44 48.45 -37.89 5.02
CA ARG T 44 49.63 -37.15 4.60
C ARG T 44 49.61 -36.86 3.11
N LYS T 45 49.18 -37.83 2.30
CA LYS T 45 49.10 -37.62 0.86
C LYS T 45 47.92 -36.73 0.46
N MET T 46 46.82 -36.76 1.22
CA MET T 46 45.77 -35.76 1.06
C MET T 46 46.28 -34.35 1.32
N GLN T 47 47.03 -34.16 2.40
CA GLN T 47 47.48 -32.82 2.76
C GLN T 47 48.55 -32.32 1.80
N SER T 48 49.54 -33.14 1.47
CA SER T 48 50.70 -32.64 0.73
C SER T 48 50.44 -32.51 -0.75
N SER T 49 49.37 -33.08 -1.28
CA SER T 49 49.02 -32.91 -2.68
C SER T 49 48.18 -31.67 -2.94
N GLY T 50 47.81 -30.94 -1.89
CA GLY T 50 46.94 -29.79 -2.03
C GLY T 50 45.48 -30.11 -2.18
N MET T 51 45.11 -31.39 -2.19
CA MET T 51 43.72 -31.76 -2.41
C MET T 51 42.87 -31.47 -1.19
N GLU T 52 43.44 -31.60 0.01
CA GLU T 52 42.73 -31.23 1.23
C GLU T 52 42.42 -29.74 1.29
N ARG T 53 43.35 -28.90 0.81
CA ARG T 53 43.10 -27.47 0.81
C ARG T 53 41.98 -27.10 -0.16
N LEU T 54 41.91 -27.79 -1.31
CA LEU T 54 40.86 -27.54 -2.28
C LEU T 54 39.51 -28.08 -1.82
N ILE T 55 39.50 -29.22 -1.13
CA ILE T 55 38.26 -29.75 -0.57
C ILE T 55 37.72 -28.83 0.52
N LYS T 56 38.59 -28.31 1.38
CA LYS T 56 38.14 -27.38 2.41
C LYS T 56 37.64 -26.08 1.82
N ALA T 57 38.18 -25.66 0.68
CA ALA T 57 37.76 -24.42 0.05
C ALA T 57 36.49 -24.56 -0.78
N GLN T 58 35.96 -25.77 -0.93
CA GLN T 58 34.74 -25.99 -1.71
C GLN T 58 33.56 -25.31 -1.05
N GLN T 59 32.78 -24.60 -1.84
CA GLN T 59 31.68 -23.80 -1.33
C GLN T 59 30.34 -24.50 -1.53
N THR T 60 29.38 -24.13 -0.69
CA THR T 60 28.02 -24.66 -0.79
C THR T 60 27.05 -23.67 -1.41
N HIS T 61 27.42 -22.40 -1.49
CA HIS T 61 26.58 -21.39 -2.09
C HIS T 61 27.41 -20.59 -3.08
N HIS T 62 26.72 -19.82 -3.90
CA HIS T 62 27.37 -18.95 -4.86
C HIS T 62 27.98 -17.73 -4.18
N ILE T 63 29.20 -17.41 -4.57
CA ILE T 63 29.88 -16.19 -4.12
C ILE T 63 30.13 -15.32 -5.34
N LYS T 64 29.65 -14.08 -5.30
CA LYS T 64 29.89 -13.11 -6.36
C LYS T 64 31.36 -12.74 -6.42
N ASN T 65 31.77 -12.18 -7.57
CA ASN T 65 33.13 -11.69 -7.69
C ASN T 65 33.40 -10.51 -6.77
N SER T 66 32.37 -9.68 -6.54
CA SER T 66 32.49 -8.56 -5.62
C SER T 66 32.73 -9.01 -4.19
N GLU T 67 32.29 -10.21 -3.82
CA GLU T 67 32.57 -10.73 -2.50
C GLU T 67 33.85 -11.55 -2.45
N LYS T 68 34.23 -12.15 -3.57
CA LYS T 68 35.54 -12.78 -3.69
C LYS T 68 36.67 -11.77 -3.51
N LYS T 69 36.48 -10.55 -4.01
CA LYS T 69 37.50 -9.51 -3.81
C LYS T 69 37.70 -9.18 -2.34
N VAL T 70 36.60 -9.06 -1.59
CA VAL T 70 36.67 -8.76 -0.18
C VAL T 70 37.30 -9.92 0.60
N LEU T 71 36.94 -11.15 0.24
CA LEU T 71 37.54 -12.32 0.89
C LEU T 71 39.03 -12.40 0.63
N ALA T 72 39.46 -12.11 -0.60
CA ALA T 72 40.89 -12.12 -0.92
C ALA T 72 41.64 -11.03 -0.15
N ARG T 73 41.02 -9.86 0.00
CA ARG T 73 41.64 -8.79 0.78
C ARG T 73 41.80 -9.19 2.25
N LYS T 74 40.78 -9.79 2.85
CA LYS T 74 40.88 -10.21 4.24
C LYS T 74 41.88 -11.34 4.43
N ASN T 75 41.94 -12.28 3.47
CA ASN T 75 42.91 -13.35 3.56
C ASN T 75 44.34 -12.84 3.45
N LEU T 76 44.57 -11.85 2.59
CA LEU T 76 45.90 -11.23 2.51
C LEU T 76 46.25 -10.50 3.80
N GLU T 77 45.28 -9.84 4.43
CA GLU T 77 45.56 -9.16 5.70
C GLU T 77 45.94 -10.15 6.80
N ARG T 78 45.24 -11.28 6.89
CA ARG T 78 45.61 -12.24 7.93
C ARG T 78 46.94 -12.93 7.60
N LYS T 79 47.25 -13.07 6.31
CA LYS T 79 48.57 -13.60 5.93
C LYS T 79 49.68 -12.64 6.30
N ILE T 80 49.47 -11.34 6.11
CA ILE T 80 50.46 -10.34 6.51
C ILE T 80 50.71 -10.39 8.01
N LYS T 81 49.62 -10.47 8.80
CA LYS T 81 49.78 -10.52 10.25
C LYS T 81 50.50 -11.78 10.71
N SER T 82 50.18 -12.93 10.10
CA SER T 82 50.86 -14.17 10.48
C SER T 82 52.33 -14.17 10.07
N ILE T 83 52.66 -13.56 8.93
CA ILE T 83 54.06 -13.46 8.53
C ILE T 83 54.85 -12.57 9.49
N ASP T 84 54.25 -11.44 9.90
CA ASP T 84 54.91 -10.57 10.86
C ASP T 84 55.14 -11.26 12.20
N PHE T 85 54.14 -12.02 12.67
CA PHE T 85 54.27 -12.75 13.93
C PHE T 85 55.34 -13.83 13.85
N ALA T 86 55.37 -14.57 12.73
CA ALA T 86 56.40 -15.60 12.55
C ALA T 86 57.79 -14.99 12.45
N ARG T 87 57.92 -13.83 11.83
CA ARG T 87 59.21 -13.15 11.75
C ARG T 87 59.70 -12.72 13.12
N LYS T 88 58.81 -12.19 13.95
CA LYS T 88 59.22 -11.79 15.31
C LYS T 88 59.64 -13.00 16.15
N LEU T 89 58.87 -14.08 16.10
CA LEU T 89 59.24 -15.27 16.87
C LEU T 89 60.54 -15.86 16.36
N GLN T 90 60.74 -15.88 15.04
CA GLN T 90 61.97 -16.44 14.49
C GLN T 90 63.18 -15.59 14.84
N SER T 91 63.04 -14.25 14.82
CA SER T 91 64.15 -13.39 15.19
C SER T 91 64.52 -13.57 16.66
N ILE T 92 63.51 -13.67 17.53
CA ILE T 92 63.78 -13.88 18.95
C ILE T 92 64.46 -15.23 19.19
N LEU T 93 63.95 -16.30 18.57
CA LEU T 93 64.49 -17.64 18.80
C LEU T 93 65.90 -17.79 18.22
N ILE T 94 66.14 -17.25 17.02
CA ILE T 94 67.45 -17.34 16.40
C ILE T 94 68.47 -16.49 17.15
N LYS T 95 68.06 -15.30 17.62
CA LYS T 95 68.98 -14.47 18.39
C LYS T 95 69.28 -15.06 19.77
N LYS T 96 68.32 -15.77 20.36
CA LYS T 96 68.56 -16.39 21.65
C LYS T 96 69.39 -17.66 21.56
N VAL T 97 69.16 -18.48 20.53
CA VAL T 97 69.83 -19.77 20.45
C VAL T 97 71.32 -19.63 20.13
N ARG T 98 71.73 -18.51 19.52
CA ARG T 98 73.09 -18.31 19.09
C ARG T 98 74.02 -17.96 20.26
N GLY T 99 73.46 -17.69 21.43
CA GLY T 99 74.26 -17.38 22.60
C GLY T 99 74.86 -15.99 22.63
N LEU T 100 74.07 -14.99 22.23
CA LEU T 100 74.49 -13.59 22.38
C LEU T 100 73.56 -12.88 23.35
N GLY U 45 -1.51 -29.02 66.05
CA GLY U 45 -2.63 -28.43 66.74
C GLY U 45 -2.25 -27.18 67.51
N ARG U 46 -1.31 -26.41 66.97
CA ARG U 46 -0.86 -25.19 67.61
C ARG U 46 -1.91 -24.08 67.52
N GLY U 47 -2.85 -24.19 66.59
CA GLY U 47 -3.94 -23.24 66.50
C GLY U 47 -5.17 -23.58 67.33
N ASP U 48 -5.16 -24.72 68.00
CA ASP U 48 -6.31 -25.19 68.78
C ASP U 48 -6.17 -24.75 70.23
N SER U 49 -6.98 -23.77 70.63
CA SER U 49 -6.88 -23.21 71.98
C SER U 49 -7.38 -24.14 73.07
N LYS U 50 -8.01 -25.26 72.73
CA LYS U 50 -8.44 -26.23 73.71
C LYS U 50 -7.41 -27.30 74.00
N THR U 51 -6.21 -27.20 73.41
CA THR U 51 -5.14 -28.16 73.61
C THR U 51 -3.96 -27.49 74.31
N LYS U 52 -3.00 -28.31 74.73
CA LYS U 52 -1.82 -27.79 75.41
C LYS U 52 -0.91 -27.01 74.46
N LYS U 53 -0.77 -27.50 73.22
CA LYS U 53 0.06 -26.81 72.23
C LYS U 53 -0.51 -25.44 71.89
N GLY U 54 -1.83 -25.36 71.71
CA GLY U 54 -2.45 -24.08 71.41
C GLY U 54 -2.41 -23.10 72.56
N LYS U 55 -2.55 -23.59 73.79
CA LYS U 55 -2.44 -22.71 74.95
C LYS U 55 -1.01 -22.25 75.15
N ARG U 56 -0.02 -23.08 74.83
CA ARG U 56 1.37 -22.64 74.85
C ARG U 56 1.62 -21.60 73.76
N PHE U 57 0.99 -21.77 72.59
CA PHE U 57 1.07 -20.78 71.53
C PHE U 57 0.47 -19.45 71.96
N LYS U 58 -0.67 -19.49 72.65
CA LYS U 58 -1.31 -18.28 73.14
C LYS U 58 -0.71 -17.77 74.45
N GLY U 59 0.18 -18.54 75.06
CA GLY U 59 0.78 -18.16 76.33
C GLY U 59 -0.21 -18.11 77.48
N SER U 60 -1.14 -19.05 77.52
CA SER U 60 -2.19 -19.07 78.54
C SER U 60 -2.23 -20.45 79.19
N TYR U 61 -3.11 -20.58 80.18
CA TYR U 61 -3.25 -21.81 80.95
C TYR U 61 -4.73 -22.15 81.09
N GLY U 62 -5.00 -23.41 81.39
CA GLY U 62 -6.35 -23.88 81.56
C GLY U 62 -6.41 -25.33 82.00
N ASN U 63 -7.45 -26.05 81.58
CA ASN U 63 -7.55 -27.46 81.91
C ASN U 63 -6.55 -28.28 81.11
N SER U 64 -6.31 -27.91 79.86
CA SER U 64 -5.42 -28.69 79.00
C SER U 64 -3.96 -28.45 79.33
N ARG U 65 -3.59 -27.23 79.71
CA ARG U 65 -2.18 -26.92 80.00
C ARG U 65 -1.87 -27.05 81.48
N GLY U 66 -2.50 -26.23 82.32
CA GLY U 66 -2.29 -26.33 83.75
C GLY U 66 -1.02 -25.64 84.23
N LYS U 67 -1.12 -24.93 85.35
CA LYS U 67 0.04 -24.29 85.94
C LYS U 67 0.86 -25.31 86.72
N LYS U 68 1.91 -24.82 87.40
CA LYS U 68 2.77 -25.71 88.17
C LYS U 68 2.08 -26.22 89.43
N GLN U 69 1.04 -25.53 89.89
CA GLN U 69 0.26 -26.01 91.03
C GLN U 69 -0.42 -27.35 90.73
N LYS U 70 -0.80 -27.57 89.47
CA LYS U 70 -1.38 -28.85 89.09
C LYS U 70 -0.38 -29.98 89.21
N MET U 71 0.87 -29.73 88.79
CA MET U 71 1.94 -30.70 88.98
C MET U 71 2.19 -30.97 90.45
N ILE U 72 2.18 -29.91 91.27
CA ILE U 72 2.41 -30.05 92.71
C ILE U 72 1.30 -30.89 93.35
N GLU U 73 0.05 -30.60 93.00
CA GLU U 73 -1.09 -31.38 93.53
C GLU U 73 -1.04 -32.83 93.07
N ARG U 74 -0.71 -33.06 91.79
CA ARG U 74 -0.67 -34.42 91.27
C ARG U 74 0.43 -35.23 91.92
N ILE U 75 1.61 -34.64 92.13
CA ILE U 75 2.68 -35.38 92.78
C ILE U 75 2.45 -35.53 94.28
N LYS U 76 1.67 -34.64 94.90
CA LYS U 76 1.30 -34.87 96.30
C LYS U 76 0.30 -36.00 96.43
N ASP U 77 -0.65 -36.08 95.49
CA ASP U 77 -1.62 -37.17 95.52
C ASP U 77 -0.98 -38.51 95.13
N LYS U 78 0.03 -38.47 94.27
CA LYS U 78 0.70 -39.69 93.81
C LYS U 78 1.48 -40.36 94.93
N LEU U 79 2.12 -39.56 95.79
CA LEU U 79 2.95 -40.06 96.86
C LEU U 79 2.19 -40.25 98.16
N GLU U 80 0.86 -40.09 98.13
CA GLU U 80 -0.03 -40.32 99.28
C GLU U 80 0.33 -39.44 100.47
N LEU U 81 0.40 -38.13 100.20
CA LEU U 81 0.75 -37.12 101.18
C LEU U 81 -0.38 -36.12 101.32
N PRO U 82 -0.52 -35.47 102.48
CA PRO U 82 -1.50 -34.39 102.60
C PRO U 82 -1.14 -33.20 101.71
N ARG U 83 -2.18 -32.48 101.28
CA ARG U 83 -1.98 -31.35 100.39
C ARG U 83 -1.41 -30.12 101.11
N SER U 84 -1.33 -30.14 102.43
CA SER U 84 -0.70 -29.08 103.20
C SER U 84 0.81 -29.29 103.37
N THR U 85 1.36 -30.33 102.75
CA THR U 85 2.80 -30.56 102.79
C THR U 85 3.51 -29.44 102.04
N PRO U 86 4.54 -28.83 102.63
CA PRO U 86 5.22 -27.72 101.94
C PRO U 86 6.04 -28.22 100.75
N TRP U 87 6.03 -27.41 99.69
CA TRP U 87 6.83 -27.66 98.50
C TRP U 87 8.13 -26.89 98.57
N PRO U 88 9.29 -27.49 98.29
CA PRO U 88 9.53 -28.89 97.90
C PRO U 88 9.38 -29.88 99.05
N LEU U 89 9.08 -31.13 98.72
CA LEU U 89 8.74 -32.12 99.73
C LEU U 89 9.96 -32.51 100.55
N PRO U 90 9.78 -32.78 101.86
CA PRO U 90 10.87 -33.28 102.71
C PRO U 90 11.07 -34.80 102.61
N PHE U 91 11.11 -35.31 101.39
CA PHE U 91 11.26 -36.73 101.13
C PHE U 91 12.25 -36.92 100.00
N LYS U 92 12.88 -38.10 99.98
CA LYS U 92 13.75 -38.49 98.88
C LYS U 92 12.93 -39.27 97.85
N LEU U 93 12.98 -38.82 96.60
CA LEU U 93 12.27 -39.47 95.51
C LEU U 93 13.25 -40.29 94.70
N ILE U 94 12.99 -41.59 94.59
CA ILE U 94 13.84 -42.48 93.82
C ILE U 94 13.00 -43.21 92.77
N SER V 2 59.85 26.29 22.22
CA SER V 2 59.32 27.60 21.93
C SER V 2 59.35 27.86 20.43
N TRP V 3 58.88 29.03 20.03
CA TRP V 3 58.71 29.40 18.63
C TRP V 3 59.92 30.12 18.05
N MET V 4 60.99 30.25 18.80
CA MET V 4 62.17 30.94 18.30
C MET V 4 62.99 30.01 17.43
N LYS V 5 63.59 30.58 16.38
CA LYS V 5 64.35 29.80 15.42
C LYS V 5 65.84 29.90 15.71
N GLY V 6 66.59 28.98 15.12
CA GLY V 6 68.03 28.88 15.33
C GLY V 6 68.40 27.71 16.22
N ASP V 7 69.71 27.50 16.34
CA ASP V 7 70.24 26.44 17.18
C ASP V 7 70.23 26.91 18.63
N LEU V 8 70.83 26.13 19.54
CA LEU V 8 70.80 26.48 20.96
C LEU V 8 71.59 27.76 21.24
N LEU V 9 72.73 27.93 20.57
CA LEU V 9 73.62 29.06 20.85
C LEU V 9 72.99 30.38 20.45
N SER V 10 72.49 30.49 19.21
CA SER V 10 71.96 31.77 18.73
C SER V 10 70.65 32.12 19.41
N LYS V 11 69.80 31.12 19.63
CA LYS V 11 68.56 31.33 20.37
C LYS V 11 68.85 31.80 21.80
N THR V 12 69.83 31.18 22.45
CA THR V 12 70.16 31.59 23.81
C THR V 12 70.81 32.97 23.85
N ARG V 13 71.65 33.31 22.87
CA ARG V 13 72.19 34.66 22.79
C ARG V 13 71.10 35.71 22.63
N ARG V 14 70.13 35.46 21.75
CA ARG V 14 69.05 36.42 21.57
C ARG V 14 68.15 36.52 22.80
N LEU V 15 67.94 35.40 23.51
CA LEU V 15 67.14 35.44 24.72
C LEU V 15 67.85 36.19 25.85
N VAL V 16 69.15 35.97 25.99
CA VAL V 16 69.93 36.63 27.05
C VAL V 16 70.09 38.12 26.75
N GLY V 17 70.34 38.46 25.48
CA GLY V 17 70.51 39.86 25.11
C GLY V 17 69.26 40.69 25.26
N GLY V 18 68.10 40.10 25.00
CA GLY V 18 66.83 40.76 25.18
C GLY V 18 66.31 40.77 26.59
N LEU V 19 67.09 40.24 27.53
CA LEU V 19 66.77 40.18 28.97
C LEU V 19 65.53 39.31 29.20
N ALA V 20 65.41 38.23 28.45
CA ALA V 20 64.31 37.30 28.66
C ALA V 20 64.69 36.18 29.62
N THR V 21 65.89 35.63 29.47
CA THR V 21 66.36 34.59 30.35
C THR V 21 67.70 35.00 30.94
N ARG V 22 67.90 34.65 32.20
CA ARG V 22 69.21 34.86 32.81
C ARG V 22 70.23 33.93 32.18
N GLU V 23 71.47 34.37 32.18
CA GLU V 23 72.49 33.74 31.37
C GLU V 23 72.89 32.40 31.98
N PRO V 24 72.84 31.31 31.22
CA PRO V 24 73.26 30.02 31.76
C PRO V 24 74.78 29.92 31.85
N VAL V 25 75.23 28.97 32.66
CA VAL V 25 76.64 28.79 32.91
C VAL V 25 77.36 28.31 31.64
N TRP V 26 76.71 27.43 30.87
CA TRP V 26 77.34 26.84 29.69
C TRP V 26 77.46 27.79 28.51
N LEU V 27 76.84 28.98 28.58
CA LEU V 27 76.79 29.86 27.41
C LEU V 27 78.17 30.38 27.04
N LYS V 28 78.98 30.72 28.04
CA LYS V 28 80.34 31.16 27.76
C LYS V 28 81.23 30.03 27.27
N ALA V 29 80.99 28.81 27.74
CA ALA V 29 81.77 27.66 27.28
C ALA V 29 81.45 27.32 25.84
N MET V 30 80.19 27.48 25.43
CA MET V 30 79.85 27.26 24.02
C MET V 30 80.41 28.34 23.13
N GLU V 31 80.43 29.58 23.62
CA GLU V 31 80.97 30.68 22.82
C GLU V 31 82.48 30.58 22.69
N ALA V 32 83.15 30.03 23.70
CA ALA V 32 84.59 29.86 23.61
C ALA V 32 84.96 28.73 22.65
N SER V 33 84.17 27.66 22.62
CA SER V 33 84.42 26.53 21.73
C SER V 33 83.13 26.18 20.99
N PRO V 34 82.84 26.87 19.88
CA PRO V 34 81.57 26.66 19.18
C PRO V 34 81.47 25.28 18.57
N PRO V 35 80.24 24.75 18.41
CA PRO V 35 80.08 23.44 17.80
C PRO V 35 80.53 23.42 16.36
N PRO V 36 81.04 22.30 15.87
CA PRO V 36 81.73 22.29 14.58
C PRO V 36 80.76 22.40 13.40
N VAL V 37 81.27 22.97 12.30
CA VAL V 37 80.50 23.22 11.09
C VAL V 37 81.31 22.74 9.90
N PHE V 38 80.66 22.07 8.96
CA PHE V 38 81.27 21.54 7.74
C PHE V 38 80.49 22.02 6.52
N PRO V 39 81.12 22.10 5.35
CA PRO V 39 80.42 22.59 4.15
C PRO V 39 79.34 21.63 3.68
N ARG V 40 78.42 22.16 2.86
CA ARG V 40 77.38 21.34 2.26
C ARG V 40 77.96 20.32 1.30
N SER V 41 77.39 19.12 1.33
CA SER V 41 78.01 17.96 0.72
C SER V 41 77.24 17.40 -0.47
N ASN V 42 76.02 17.89 -0.74
CA ASN V 42 75.17 17.54 -1.87
C ASN V 42 74.69 16.08 -1.80
N GLY V 43 75.05 15.32 -0.77
CA GLY V 43 74.41 14.07 -0.43
C GLY V 43 74.75 12.88 -1.30
N ASN V 44 75.77 12.96 -2.13
CA ASN V 44 76.12 11.89 -3.05
C ASN V 44 77.36 11.19 -2.53
N LEU V 45 77.16 10.11 -1.79
CA LEU V 45 78.24 9.34 -1.20
C LEU V 45 78.83 8.42 -2.26
N LYS V 46 80.15 8.46 -2.41
CA LYS V 46 80.84 7.76 -3.49
C LYS V 46 81.25 6.36 -3.06
N LYS V 47 81.06 5.39 -3.95
CA LYS V 47 81.52 4.03 -3.68
C LYS V 47 83.04 3.97 -3.77
N ILE V 48 83.67 3.61 -2.65
CA ILE V 48 85.12 3.58 -2.56
C ILE V 48 85.65 2.40 -3.36
N VAL V 49 86.28 2.68 -4.50
CA VAL V 49 86.76 1.65 -5.40
C VAL V 49 88.28 1.82 -5.53
N LEU V 50 88.99 0.71 -5.49
CA LEU V 50 90.43 0.72 -5.70
C LEU V 50 90.76 0.18 -7.08
N PRO V 51 91.84 0.68 -7.70
CA PRO V 51 92.25 0.15 -9.02
C PRO V 51 92.61 -1.33 -9.01
N GLU V 52 93.04 -1.87 -7.88
CA GLU V 52 93.40 -3.27 -7.77
C GLU V 52 92.21 -4.17 -7.47
N ASP V 53 91.01 -3.60 -7.26
CA ASP V 53 89.86 -4.39 -6.87
C ASP V 53 89.43 -5.50 -7.83
N PRO V 54 89.41 -5.32 -9.17
CA PRO V 54 89.11 -6.46 -10.04
C PRO V 54 90.08 -7.62 -9.89
N TYR V 55 91.35 -7.36 -9.62
CA TYR V 55 92.32 -8.42 -9.44
C TYR V 55 92.15 -9.11 -8.08
N VAL V 56 91.76 -8.35 -7.06
CA VAL V 56 91.46 -8.93 -5.76
C VAL V 56 90.23 -9.84 -5.87
N ARG V 57 89.21 -9.40 -6.61
CA ARG V 57 88.04 -10.24 -6.83
C ARG V 57 88.31 -11.40 -7.78
N ARG V 58 89.33 -11.29 -8.64
CA ARG V 58 89.74 -12.44 -9.43
C ARG V 58 90.48 -13.45 -8.58
N PHE V 59 91.20 -12.99 -7.55
CA PHE V 59 91.78 -13.91 -6.57
C PHE V 59 90.70 -14.58 -5.73
N ALA V 60 89.50 -14.00 -5.67
CA ALA V 60 88.37 -14.64 -5.04
C ALA V 60 87.71 -15.70 -5.93
N ARG V 61 88.09 -15.76 -7.21
CA ARG V 61 87.65 -16.81 -8.12
C ARG V 61 88.58 -18.01 -8.11
N LYS V 62 89.27 -18.23 -7.00
CA LYS V 62 90.25 -19.30 -6.86
C LYS V 62 90.03 -19.93 -5.49
N HIS V 63 91.03 -20.67 -5.02
CA HIS V 63 91.13 -21.26 -3.70
C HIS V 63 90.79 -20.25 -2.60
N PRO V 64 89.73 -20.50 -1.82
CA PRO V 64 89.30 -19.50 -0.82
C PRO V 64 90.02 -19.62 0.51
N GLU V 65 90.54 -20.80 0.83
CA GLU V 65 91.19 -20.98 2.12
C GLU V 65 92.64 -20.57 2.06
N ALA V 66 92.93 -19.36 2.52
CA ALA V 66 94.28 -18.82 2.44
C ALA V 66 94.84 -18.38 3.79
N LYS V 67 94.08 -17.61 4.57
CA LYS V 67 94.67 -17.00 5.75
C LYS V 67 93.60 -16.76 6.81
N LEU V 68 94.06 -16.68 8.07
CA LEU V 68 93.23 -16.40 9.24
C LEU V 68 93.52 -14.96 9.64
N VAL V 69 93.94 -14.15 8.66
CA VAL V 69 94.31 -12.76 8.94
C VAL V 69 93.10 -11.93 9.35
N GLU V 70 91.92 -12.22 8.78
CA GLU V 70 90.73 -11.44 9.11
C GLU V 70 90.29 -11.62 10.57
N PRO V 71 90.18 -12.86 11.14
CA PRO V 71 89.91 -12.94 12.58
C PRO V 71 91.17 -13.00 13.45
N ASN V 72 92.32 -12.62 12.89
CA ASN V 72 93.52 -12.50 13.71
C ASN V 72 93.39 -11.36 14.70
N LYS V 73 92.82 -10.23 14.26
CA LYS V 73 92.48 -9.06 15.09
C LYS V 73 93.70 -8.51 15.84
N VAL V 74 94.79 -8.34 15.11
CA VAL V 74 96.00 -7.72 15.63
C VAL V 74 96.21 -6.31 15.10
N SER V 75 95.96 -6.10 13.81
CA SER V 75 96.10 -4.79 13.20
C SER V 75 95.23 -4.73 11.96
N ALA V 76 94.86 -3.52 11.57
CA ALA V 76 94.07 -3.27 10.37
C ALA V 76 94.88 -2.61 9.28
N PHE V 77 96.21 -2.70 9.36
CA PHE V 77 97.08 -2.04 8.41
C PHE V 77 98.02 -2.98 7.68
N ILE V 78 97.96 -4.27 7.93
CA ILE V 78 98.71 -5.23 7.12
C ILE V 78 97.83 -5.75 5.99
N PRO V 79 98.30 -5.73 4.75
CA PRO V 79 97.49 -6.30 3.66
C PRO V 79 97.44 -7.82 3.74
N ASP V 80 96.34 -8.37 3.25
CA ASP V 80 96.29 -9.81 3.11
C ASP V 80 96.89 -10.24 1.77
N PRO V 81 96.73 -11.53 1.47
CA PRO V 81 97.31 -12.13 0.28
C PRO V 81 96.63 -11.62 -0.99
N ALA V 82 95.32 -11.40 -0.95
CA ALA V 82 94.60 -11.00 -2.15
C ALA V 82 94.91 -9.57 -2.53
N ARG V 83 95.02 -8.68 -1.54
CA ARG V 83 95.33 -7.28 -1.81
C ARG V 83 96.75 -7.14 -2.36
N VAL V 84 97.72 -7.87 -1.80
CA VAL V 84 99.08 -7.76 -2.30
C VAL V 84 99.20 -8.42 -3.66
N TYR V 85 98.40 -9.46 -3.93
CA TYR V 85 98.32 -10.02 -5.28
C TYR V 85 97.79 -8.98 -6.27
N GLY V 86 96.72 -8.29 -5.90
CA GLY V 86 96.16 -7.28 -6.79
C GLY V 86 97.08 -6.10 -7.01
N CYS V 87 97.81 -5.70 -5.97
CA CYS V 87 98.79 -4.62 -6.12
C CYS V 87 99.96 -5.05 -7.01
N ARG V 88 100.39 -6.31 -6.89
CA ARG V 88 101.44 -6.84 -7.76
C ARG V 88 100.99 -6.83 -9.22
N VAL V 89 99.76 -7.29 -9.48
CA VAL V 89 99.22 -7.26 -10.84
C VAL V 89 99.08 -5.82 -11.35
N LEU V 90 98.65 -4.90 -10.48
CA LEU V 90 98.47 -3.51 -10.89
C LEU V 90 99.79 -2.85 -11.27
N GLU V 91 100.82 -3.03 -10.43
CA GLU V 91 102.11 -2.43 -10.75
C GLU V 91 102.76 -3.11 -11.95
N LEU V 92 102.50 -4.40 -12.17
CA LEU V 92 102.99 -5.05 -13.38
C LEU V 92 102.32 -4.50 -14.62
N THR V 93 101.01 -4.27 -14.56
CA THR V 93 100.29 -3.62 -15.64
C THR V 93 100.81 -2.20 -15.89
N LYS V 94 101.16 -1.50 -14.82
CA LYS V 94 101.73 -0.16 -14.98
C LYS V 94 103.14 -0.22 -15.55
N ASN V 95 103.85 -1.33 -15.37
CA ASN V 95 105.13 -1.51 -16.05
C ASN V 95 104.94 -1.64 -17.56
N GLY V 96 103.84 -2.24 -17.98
CA GLY V 96 103.61 -2.49 -19.40
C GLY V 96 103.64 -3.96 -19.78
N ILE V 97 103.80 -4.87 -18.82
CA ILE V 97 103.73 -6.30 -19.12
C ILE V 97 102.29 -6.67 -19.47
N SER V 98 102.14 -7.83 -20.10
CA SER V 98 100.82 -8.32 -20.49
C SER V 98 100.00 -8.67 -19.27
N GLU V 99 98.68 -8.72 -19.47
CA GLU V 99 97.75 -8.90 -18.35
C GLU V 99 97.75 -10.34 -17.85
N ASP V 100 97.53 -11.29 -18.76
CA ASP V 100 97.51 -12.69 -18.37
C ASP V 100 98.85 -13.18 -17.87
N ASP V 101 99.93 -12.67 -18.45
CA ASP V 101 101.27 -12.96 -17.93
C ASP V 101 101.45 -12.39 -16.52
N ALA V 102 100.84 -11.23 -16.25
CA ALA V 102 100.92 -10.64 -14.91
C ALA V 102 100.20 -11.51 -13.88
N MET V 103 98.99 -11.98 -14.19
CA MET V 103 98.32 -12.89 -13.26
C MET V 103 99.06 -14.20 -13.11
N SER V 104 99.65 -14.72 -14.20
CA SER V 104 100.37 -15.99 -14.13
C SER V 104 101.60 -15.88 -13.23
N VAL V 105 102.40 -14.83 -13.41
CA VAL V 105 103.62 -14.70 -12.61
C VAL V 105 103.28 -14.35 -11.17
N ALA V 106 102.22 -13.56 -10.94
CA ALA V 106 101.85 -13.22 -9.57
C ALA V 106 101.33 -14.44 -8.82
N ASN V 107 100.52 -15.28 -9.49
CA ASN V 107 100.06 -16.52 -8.87
C ASN V 107 101.21 -17.48 -8.63
N MET V 108 102.17 -17.55 -9.56
CA MET V 108 103.29 -18.47 -9.38
C MET V 108 104.17 -18.03 -8.22
N GLU V 109 104.37 -16.71 -8.08
CA GLU V 109 105.12 -16.18 -6.93
C GLU V 109 104.39 -16.44 -5.62
N TYR V 110 103.07 -16.29 -5.61
CA TYR V 110 102.30 -16.59 -4.41
C TYR V 110 102.38 -18.08 -4.04
N LEU V 111 102.26 -18.96 -5.04
CA LEU V 111 102.35 -20.39 -4.79
C LEU V 111 103.74 -20.78 -4.27
N ALA V 112 104.78 -20.16 -4.83
CA ALA V 112 106.14 -20.39 -4.35
C ALA V 112 106.30 -19.93 -2.90
N GLU V 113 105.75 -18.76 -2.55
CA GLU V 113 105.83 -18.28 -1.18
C GLU V 113 105.07 -19.18 -0.22
N ARG V 114 103.90 -19.67 -0.64
CA ARG V 114 103.11 -20.55 0.22
C ARG V 114 103.80 -21.90 0.43
N LYS V 115 104.44 -22.45 -0.62
CA LYS V 115 105.21 -23.68 -0.43
C LYS V 115 106.43 -23.45 0.45
N GLU V 116 107.05 -22.27 0.35
CA GLU V 116 108.21 -21.97 1.20
C GLU V 116 107.81 -21.82 2.66
N LYS V 117 106.67 -21.20 2.94
CA LYS V 117 106.26 -21.15 4.34
C LYS V 117 105.74 -22.50 4.82
N LYS V 118 105.22 -23.34 3.91
CA LYS V 118 104.86 -24.71 4.27
C LYS V 118 106.09 -25.51 4.69
N LYS V 119 107.18 -25.42 3.92
CA LYS V 119 108.38 -26.15 4.29
C LYS V 119 109.08 -25.52 5.50
N ALA V 120 108.91 -24.22 5.71
CA ALA V 120 109.41 -23.60 6.94
C ALA V 120 108.66 -24.12 8.16
N TYR V 121 107.33 -24.20 8.09
CA TYR V 121 106.53 -24.78 9.17
C TYR V 121 106.84 -26.26 9.36
N LYS V 122 107.21 -26.95 8.27
CA LYS V 122 107.67 -28.34 8.38
C LYS V 122 108.98 -28.42 9.16
N ARG V 123 109.88 -27.44 8.96
CA ARG V 123 111.09 -27.38 9.77
C ARG V 123 110.78 -27.08 11.24
N LEU V 124 109.81 -26.21 11.50
CA LEU V 124 109.36 -25.96 12.86
C LEU V 124 108.82 -27.22 13.52
N LYS V 125 108.01 -27.99 12.78
CA LYS V 125 107.45 -29.22 13.33
C LYS V 125 108.53 -30.29 13.52
N GLU V 126 109.55 -30.29 12.67
CA GLU V 126 110.66 -31.22 12.88
C GLU V 126 111.48 -30.84 14.11
N LEU V 127 111.59 -29.53 14.40
CA LEU V 127 112.24 -29.12 15.64
C LEU V 127 111.32 -29.30 16.84
N ALA V 128 110.00 -29.30 16.62
CA ALA V 128 109.05 -29.50 17.71
C ALA V 128 108.93 -30.98 18.05
N THR W 30 56.93 83.81 -17.47
CA THR W 30 57.65 82.62 -17.00
C THR W 30 58.53 82.99 -15.81
N HIS W 31 59.05 84.21 -15.82
CA HIS W 31 59.88 84.71 -14.73
C HIS W 31 59.46 86.13 -14.37
N HIS W 32 59.84 86.54 -13.16
CA HIS W 32 59.50 87.86 -12.64
C HIS W 32 60.15 89.00 -13.42
N ARG W 33 61.40 88.82 -13.89
CA ARG W 33 62.12 89.94 -14.49
C ARG W 33 61.52 90.36 -15.82
N HIS W 34 61.12 89.39 -16.65
CA HIS W 34 60.53 89.70 -17.94
C HIS W 34 59.23 90.48 -17.78
N HIS W 35 58.43 90.12 -16.78
CA HIS W 35 57.17 90.81 -16.55
C HIS W 35 57.39 92.17 -15.93
N GLN W 36 58.34 92.27 -15.00
CA GLN W 36 58.55 93.52 -14.29
C GLN W 36 59.17 94.58 -15.20
N GLU W 37 59.99 94.16 -16.16
CA GLU W 37 60.59 95.11 -17.08
C GLU W 37 59.66 95.48 -18.23
N THR W 38 58.99 94.52 -18.84
CA THR W 38 58.30 94.71 -20.12
C THR W 38 56.79 94.78 -19.97
N HIS W 39 56.31 95.36 -18.87
CA HIS W 39 54.89 95.61 -18.70
C HIS W 39 54.63 97.10 -18.88
N SER W 40 53.65 97.42 -19.72
CA SER W 40 53.29 98.81 -19.98
C SER W 40 52.39 99.29 -18.85
N PHE W 41 52.91 100.18 -18.01
CA PHE W 41 52.22 100.46 -16.76
C PHE W 41 51.16 101.55 -16.84
N LEU W 42 51.17 102.38 -17.89
CA LEU W 42 50.13 103.35 -18.23
C LEU W 42 49.99 104.52 -17.26
N GLU W 43 49.59 105.66 -17.79
CA GLU W 43 49.29 106.86 -17.05
C GLU W 43 47.83 106.86 -16.66
N PRO W 44 47.36 107.84 -15.88
CA PRO W 44 45.91 108.03 -15.77
C PRO W 44 45.27 108.31 -17.11
N GLU W 45 44.08 107.74 -17.30
CA GLU W 45 43.31 107.89 -18.53
C GLU W 45 42.48 109.15 -18.46
N SER W 46 42.68 110.07 -19.40
CA SER W 46 41.93 111.33 -19.39
C SER W 46 40.56 111.20 -20.02
N TYR W 47 40.26 110.07 -20.65
CA TYR W 47 38.94 109.81 -21.20
C TYR W 47 37.89 109.71 -20.09
N ILE W 48 38.31 109.31 -18.89
CA ILE W 48 37.37 109.12 -17.78
C ILE W 48 36.97 110.50 -17.24
N GLY W 49 35.67 110.75 -17.22
CA GLY W 49 35.17 112.04 -16.79
C GLY W 49 35.25 113.14 -17.81
N SER W 50 35.50 112.82 -19.07
CA SER W 50 35.72 113.81 -20.12
C SER W 50 34.44 114.32 -20.74
N TRP W 51 33.28 113.82 -20.34
CA TRP W 51 32.02 114.27 -20.91
C TRP W 51 31.68 115.67 -20.43
N GLU W 52 31.30 116.53 -21.35
CA GLU W 52 30.79 117.85 -21.03
C GLU W 52 29.34 117.92 -21.45
N ALA W 53 28.47 118.28 -20.52
CA ALA W 53 27.03 118.23 -20.77
C ALA W 53 26.61 119.33 -21.74
N PRO W 54 26.03 118.99 -22.88
CA PRO W 54 25.58 120.03 -23.81
C PRO W 54 24.26 120.64 -23.36
N LYS W 55 23.81 121.63 -24.14
CA LYS W 55 22.55 122.31 -23.88
C LYS W 55 21.38 121.72 -24.66
N ASP W 56 21.63 120.76 -25.53
CA ASP W 56 20.60 120.15 -26.35
C ASP W 56 20.65 118.64 -26.15
N PRO W 57 19.54 118.00 -25.79
CA PRO W 57 19.53 116.53 -25.68
C PRO W 57 19.80 115.82 -27.00
N LYS W 58 19.40 116.42 -28.13
CA LYS W 58 19.67 115.83 -29.44
C LYS W 58 21.16 115.78 -29.73
N ASP W 59 21.86 116.88 -29.45
CA ASP W 59 23.31 116.91 -29.59
C ASP W 59 23.99 115.96 -28.63
N ALA W 60 23.44 115.81 -27.42
CA ALA W 60 23.99 114.84 -26.47
C ALA W 60 23.87 113.42 -26.99
N GLU W 61 22.74 113.09 -27.61
CA GLU W 61 22.58 111.76 -28.19
C GLU W 61 23.54 111.54 -29.34
N ARG W 62 23.76 112.56 -30.18
CA ARG W 62 24.75 112.46 -31.24
C ARG W 62 26.16 112.29 -30.70
N MET W 63 26.48 112.98 -29.61
CA MET W 63 27.80 112.88 -28.98
C MET W 63 28.03 111.49 -28.41
N LEU W 64 27.01 110.91 -27.77
CA LEU W 64 27.13 109.55 -27.26
C LEU W 64 27.27 108.54 -28.39
N ALA W 65 26.57 108.77 -29.50
CA ALA W 65 26.71 107.91 -30.67
C ALA W 65 28.11 107.97 -31.25
N GLN W 66 28.70 109.16 -31.31
CA GLN W 66 30.08 109.30 -31.78
C GLN W 66 31.05 108.62 -30.83
N LEU W 67 30.78 108.69 -29.52
CA LEU W 67 31.62 107.98 -28.56
C LEU W 67 31.59 106.47 -28.79
N ARG W 68 30.40 105.93 -29.09
CA ARG W 68 30.29 104.50 -29.39
C ARG W 68 31.05 104.14 -30.67
N ARG W 69 30.99 105.01 -31.69
CA ARG W 69 31.73 104.76 -32.93
C ARG W 69 33.24 104.78 -32.71
N ASP W 70 33.73 105.73 -31.91
CA ASP W 70 35.15 105.78 -31.56
C ASP W 70 35.58 104.55 -30.79
N TYR W 71 34.71 104.04 -29.91
CA TYR W 71 35.05 102.82 -29.19
C TYR W 71 35.17 101.64 -30.14
N ALA W 72 34.29 101.57 -31.14
CA ALA W 72 34.38 100.51 -32.14
C ALA W 72 35.68 100.59 -32.93
N LYS W 73 36.10 101.80 -33.30
CA LYS W 73 37.36 101.96 -34.03
C LYS W 73 38.56 101.55 -33.19
N LYS W 74 38.57 101.92 -31.91
CA LYS W 74 39.68 101.54 -31.04
C LYS W 74 39.73 100.03 -30.84
N VAL W 75 38.57 99.39 -30.69
CA VAL W 75 38.53 97.93 -30.57
C VAL W 75 39.07 97.27 -31.83
N SER W 76 38.75 97.82 -33.01
CA SER W 76 39.27 97.23 -34.26
C SER W 76 40.79 97.35 -34.36
N LEU W 77 41.34 98.49 -33.92
CA LEU W 77 42.79 98.66 -33.90
C LEU W 77 43.46 97.67 -32.95
N TYR W 78 42.84 97.44 -31.78
CA TYR W 78 43.37 96.46 -30.83
C TYR W 78 43.36 95.06 -31.44
N ARG W 79 42.30 94.72 -32.17
CA ARG W 79 42.20 93.41 -32.81
C ARG W 79 43.31 93.21 -33.84
N LYS W 80 43.60 94.25 -34.63
CA LYS W 80 44.70 94.16 -35.60
C LYS W 80 46.06 93.97 -34.92
N ASP W 81 46.29 94.70 -33.81
CA ASP W 81 47.53 94.54 -33.06
C ASP W 81 47.69 93.12 -32.54
N TYR W 82 46.60 92.55 -32.02
CA TYR W 82 46.68 91.20 -31.46
C TYR W 82 46.89 90.15 -32.56
N VAL W 83 46.29 90.37 -33.73
CA VAL W 83 46.51 89.49 -34.87
C VAL W 83 47.99 89.47 -35.26
N HIS W 84 48.62 90.65 -35.31
CA HIS W 84 50.03 90.69 -35.66
C HIS W 84 50.92 90.03 -34.60
N GLU W 85 50.59 90.23 -33.31
CA GLU W 85 51.37 89.60 -32.25
C GLU W 85 51.32 88.08 -32.33
N ILE W 86 50.12 87.53 -32.53
CA ILE W 86 49.97 86.08 -32.61
C ILE W 86 50.69 85.53 -33.84
N GLU W 87 50.64 86.28 -34.95
CA GLU W 87 51.35 85.84 -36.15
C GLU W 87 52.86 85.78 -35.94
N MET W 88 53.43 86.79 -35.29
CA MET W 88 54.88 86.78 -35.06
C MET W 88 55.29 85.66 -34.13
N LEU W 89 54.51 85.41 -33.08
CA LEU W 89 54.80 84.28 -32.19
C LEU W 89 54.71 82.95 -32.91
N ARG W 90 53.73 82.80 -33.81
CA ARG W 90 53.59 81.56 -34.58
C ARG W 90 54.78 81.34 -35.51
N VAL W 91 55.25 82.40 -36.16
CA VAL W 91 56.40 82.29 -37.05
C VAL W 91 57.66 81.88 -36.28
N GLU W 92 57.86 82.48 -35.10
CA GLU W 92 59.01 82.11 -34.27
C GLU W 92 58.94 80.65 -33.83
N LYS W 93 57.76 80.19 -33.40
CA LYS W 93 57.63 78.79 -32.99
C LYS W 93 57.87 77.85 -34.16
N GLN W 94 57.40 78.23 -35.35
CA GLN W 94 57.60 77.41 -36.54
C GLN W 94 59.09 77.26 -36.87
N ARG W 95 59.84 78.36 -36.81
CA ARG W 95 61.26 78.26 -37.17
C ARG W 95 62.05 77.50 -36.10
N LYS W 96 61.67 77.66 -34.83
CA LYS W 96 62.32 76.89 -33.77
C LYS W 96 62.06 75.39 -33.93
N ASP W 97 60.83 75.02 -34.26
CA ASP W 97 60.50 73.61 -34.44
C ASP W 97 61.22 73.02 -35.64
N GLU W 98 61.36 73.80 -36.72
CA GLU W 98 62.10 73.32 -37.89
C GLU W 98 63.59 73.14 -37.58
N ALA W 99 64.17 74.06 -36.79
CA ALA W 99 65.58 73.92 -36.41
C ALA W 99 65.81 72.68 -35.56
N ARG W 100 64.93 72.43 -34.59
CA ARG W 100 65.04 71.23 -33.78
C ARG W 100 64.87 69.97 -34.62
N LEU W 101 63.97 70.03 -35.60
CA LEU W 101 63.74 68.87 -36.47
C LEU W 101 64.96 68.54 -37.31
N VAL W 102 65.63 69.56 -37.86
CA VAL W 102 66.80 69.25 -38.70
C VAL W 102 67.98 68.77 -37.84
N ALA W 103 68.12 69.30 -36.61
CA ALA W 103 69.16 68.80 -35.72
C ALA W 103 68.92 67.35 -35.33
N GLU W 104 67.65 67.01 -35.04
CA GLU W 104 67.28 65.65 -34.70
C GLU W 104 67.52 64.70 -35.88
N ARG W 105 67.20 65.13 -37.10
CA ARG W 105 67.45 64.31 -38.27
C ARG W 105 68.94 64.07 -38.49
N ALA W 106 69.77 65.09 -38.26
CA ALA W 106 71.22 64.91 -38.40
C ALA W 106 71.76 63.88 -37.40
N ALA W 107 71.31 63.98 -36.14
CA ALA W 107 71.75 63.02 -35.13
C ALA W 107 71.31 61.60 -35.46
N ASN W 108 70.08 61.45 -35.95
CA ASN W 108 69.60 60.12 -36.33
C ASN W 108 70.35 59.57 -37.54
N GLU W 109 70.72 60.44 -38.49
CA GLU W 109 71.49 59.98 -39.64
C GLU W 109 72.89 59.52 -39.24
N GLU W 110 73.45 60.10 -38.18
CA GLU W 110 74.74 59.56 -37.71
C GLU W 110 74.57 58.24 -36.96
N ARG W 111 73.54 58.15 -36.10
CA ARG W 111 73.32 56.94 -35.32
C ARG W 111 73.05 55.74 -36.21
N ARG W 112 72.29 55.95 -37.29
CA ARG W 112 71.97 54.88 -38.22
C ARG W 112 73.21 54.34 -38.91
N ARG W 113 74.12 55.22 -39.32
CA ARG W 113 75.32 54.77 -40.01
C ARG W 113 76.27 54.03 -39.06
N LEU W 114 76.38 54.50 -37.81
CA LEU W 114 77.20 53.78 -36.84
C LEU W 114 76.66 52.37 -36.58
N LYS W 115 75.34 52.25 -36.42
CA LYS W 115 74.75 50.94 -36.20
C LYS W 115 74.88 50.05 -37.43
N ALA W 116 74.82 50.64 -38.63
CA ALA W 116 75.01 49.85 -39.84
C ALA W 116 76.42 49.29 -39.93
N GLU W 117 77.42 50.09 -39.54
CA GLU W 117 78.80 49.59 -39.55
C GLU W 117 79.02 48.48 -38.53
N ALA W 118 78.45 48.64 -37.33
CA ALA W 118 78.55 47.57 -36.33
C ALA W 118 77.85 46.30 -36.79
N ALA W 119 76.69 46.44 -37.42
CA ALA W 119 75.97 45.28 -37.93
C ALA W 119 76.75 44.59 -39.05
N LYS W 120 77.41 45.36 -39.90
CA LYS W 120 78.21 44.77 -40.98
C LYS W 120 79.39 43.99 -40.44
N VAL W 121 80.09 44.54 -39.43
CA VAL W 121 81.24 43.79 -38.93
C VAL W 121 80.78 42.56 -38.15
N ARG W 122 79.63 42.63 -37.47
CA ARG W 122 79.13 41.44 -36.79
C ARG W 122 78.69 40.36 -37.78
N ALA W 123 78.03 40.76 -38.89
CA ALA W 123 77.64 39.80 -39.91
C ALA W 123 78.86 39.18 -40.59
N GLU W 124 79.94 39.95 -40.73
CA GLU W 124 81.16 39.37 -41.29
C GLU W 124 81.81 38.41 -40.32
N GLU W 125 81.70 38.68 -39.01
CA GLU W 125 82.22 37.75 -38.02
C GLU W 125 81.38 36.48 -37.96
N ARG W 126 80.09 36.57 -38.30
CA ARG W 126 79.17 35.44 -38.15
C ARG W 126 79.50 34.30 -39.11
N LYS W 127 79.97 34.64 -40.32
CA LYS W 127 80.07 33.66 -41.40
C LYS W 127 81.12 32.59 -41.15
N ILE W 128 82.26 32.96 -40.54
CA ILE W 128 83.30 31.98 -40.25
C ILE W 128 82.81 30.96 -39.22
N PHE W 129 82.13 31.44 -38.18
CA PHE W 129 81.57 30.53 -37.17
C PHE W 129 80.53 29.61 -37.78
N GLN W 130 79.65 30.14 -38.64
CA GLN W 130 78.63 29.29 -39.25
C GLN W 130 79.23 28.27 -40.21
N ASP W 131 80.30 28.63 -40.91
CA ASP W 131 80.96 27.67 -41.80
C ASP W 131 81.64 26.55 -41.03
N GLU W 132 82.31 26.89 -39.92
CA GLU W 132 82.93 25.87 -39.10
C GLU W 132 81.90 24.95 -38.45
N PHE W 133 80.80 25.53 -37.96
CA PHE W 133 79.73 24.76 -37.35
C PHE W 133 79.07 23.83 -38.36
N ARG W 134 78.87 24.31 -39.59
CA ARG W 134 78.31 23.49 -40.65
C ARG W 134 79.23 22.33 -40.99
N LYS W 135 80.55 22.57 -41.01
CA LYS W 135 81.50 21.48 -41.24
C LYS W 135 81.45 20.43 -40.13
N THR W 136 81.34 20.88 -38.87
CA THR W 136 81.21 19.95 -37.74
C THR W 136 79.97 19.07 -37.87
N LEU W 137 78.83 19.67 -38.21
CA LEU W 137 77.59 18.92 -38.33
C LEU W 137 77.63 17.96 -39.52
N MET W 138 78.27 18.37 -40.62
CA MET W 138 78.42 17.49 -41.78
C MET W 138 79.26 16.27 -41.43
N LYS W 139 80.33 16.47 -40.65
CA LYS W 139 81.14 15.35 -40.19
C LYS W 139 80.33 14.40 -39.31
N GLU W 140 79.50 14.94 -38.40
CA GLU W 140 78.69 14.09 -37.54
C GLU W 140 77.68 13.27 -38.33
N ARG W 141 77.03 13.90 -39.32
CA ARG W 141 76.06 13.17 -40.13
C ARG W 141 76.73 12.07 -40.94
N ALA W 142 77.93 12.33 -41.47
CA ALA W 142 78.65 11.30 -42.21
C ALA W 142 79.02 10.12 -41.31
N GLU W 143 79.45 10.40 -40.07
CA GLU W 143 79.77 9.32 -39.13
C GLU W 143 78.55 8.46 -38.82
N LYS W 144 77.40 9.11 -38.61
CA LYS W 144 76.17 8.38 -38.32
C LYS W 144 75.72 7.56 -39.52
N LEU W 145 75.90 8.08 -40.74
CA LEU W 145 75.55 7.32 -41.93
C LEU W 145 76.41 6.08 -42.10
N GLU W 146 77.70 6.18 -41.78
CA GLU W 146 78.53 4.97 -41.81
C GLU W 146 78.12 3.95 -40.76
N PHE W 147 77.74 4.41 -39.57
CA PHE W 147 77.27 3.46 -38.56
C PHE W 147 75.98 2.77 -38.99
N TRP W 148 75.08 3.52 -39.65
CA TRP W 148 73.85 2.93 -40.16
C TRP W 148 74.13 1.90 -41.26
N ARG W 149 75.10 2.20 -42.14
CA ARG W 149 75.46 1.24 -43.18
C ARG W 149 76.05 -0.04 -42.61
N MET W 150 76.87 0.08 -41.56
CA MET W 150 77.43 -1.10 -40.92
C MET W 150 76.33 -1.94 -40.25
N THR W 151 75.38 -1.28 -39.60
CA THR W 151 74.25 -1.98 -38.98
C THR W 151 73.44 -2.74 -40.03
N GLY W 152 73.18 -2.10 -41.17
CA GLY W 152 72.44 -2.76 -42.23
C GLY W 152 73.20 -3.94 -42.83
N LEU W 153 74.53 -3.82 -42.93
CA LEU W 153 75.33 -4.93 -43.43
C LEU W 153 75.31 -6.12 -42.48
N LYS W 154 75.37 -5.86 -41.17
CA LYS W 154 75.28 -6.97 -40.22
C LYS W 154 73.91 -7.65 -40.25
N ARG W 155 72.84 -6.86 -40.37
CA ARG W 155 71.50 -7.43 -40.49
C ARG W 155 71.36 -8.28 -41.75
N GLU W 156 71.89 -7.79 -42.88
CA GLU W 156 71.83 -8.57 -44.12
C GLU W 156 72.68 -9.83 -44.04
N GLU W 157 73.81 -9.76 -43.35
CA GLU W 157 74.65 -10.95 -43.16
C GLU W 157 73.94 -12.01 -42.32
N LYS W 158 73.21 -11.57 -41.28
CA LYS W 158 72.47 -12.52 -40.46
C LYS W 158 71.33 -13.18 -41.25
N LYS W 159 70.64 -12.40 -42.09
CA LYS W 159 69.60 -12.96 -42.95
C LYS W 159 70.18 -13.95 -43.95
N LYS W 160 71.34 -13.63 -44.53
CA LYS W 160 71.99 -14.52 -45.48
C LYS W 160 72.48 -15.80 -44.79
N ALA W 161 72.90 -15.70 -43.53
CA ALA W 161 73.30 -16.88 -42.78
C ALA W 161 72.11 -17.80 -42.53
N ARG W 162 70.95 -17.24 -42.17
CA ARG W 162 69.75 -18.06 -42.00
C ARG W 162 69.34 -18.73 -43.30
N LYS W 163 69.42 -17.98 -44.42
CA LYS W 163 69.10 -18.54 -45.72
C LYS W 163 70.04 -19.67 -46.11
N LYS W 164 71.34 -19.53 -45.82
CA LYS W 164 72.29 -20.59 -46.12
C LYS W 164 72.06 -21.83 -45.26
N LEU W 165 71.72 -21.62 -43.98
CA LEU W 165 71.41 -22.74 -43.10
C LEU W 165 70.18 -23.51 -43.60
N LEU W 166 69.16 -22.78 -44.03
CA LEU W 166 67.96 -23.42 -44.53
C LEU W 166 68.21 -24.10 -45.87
N HIS W 167 69.12 -23.56 -46.68
CA HIS W 167 69.47 -24.21 -47.94
C HIS W 167 70.26 -25.50 -47.71
N GLU W 168 71.03 -25.57 -46.63
CA GLU W 168 71.75 -26.82 -46.36
C GLU W 168 70.81 -27.91 -45.84
N GLN W 169 69.85 -27.54 -44.99
CA GLN W 169 68.94 -28.50 -44.38
C GLN W 169 67.92 -29.06 -45.35
N SER W 170 67.75 -28.44 -46.53
CA SER W 170 66.74 -28.85 -47.48
C SER W 170 67.08 -30.13 -48.21
N SER W 171 68.23 -30.72 -47.95
CA SER W 171 68.56 -32.01 -48.55
C SER W 171 67.77 -33.15 -47.94
N LEU W 172 67.17 -32.94 -46.77
CA LEU W 172 66.36 -33.95 -46.10
C LEU W 172 64.86 -33.66 -46.18
N TRP W 173 64.46 -32.66 -46.98
CA TRP W 173 63.03 -32.42 -47.11
C TRP W 173 62.45 -33.42 -48.11
N ILE W 174 61.13 -33.39 -48.25
CA ILE W 174 60.39 -34.48 -48.88
C ILE W 174 59.81 -33.99 -50.19
N GLU W 175 60.22 -34.58 -51.30
CA GLU W 175 59.51 -34.40 -52.56
C GLU W 175 58.17 -35.14 -52.51
N PRO W 176 57.19 -34.71 -53.31
CA PRO W 176 55.96 -35.50 -53.43
C PRO W 176 56.17 -36.90 -53.99
N LYS W 177 57.20 -37.10 -54.82
CA LYS W 177 57.42 -38.42 -55.40
C LYS W 177 58.00 -39.42 -54.41
N GLU W 178 58.50 -38.98 -53.26
CA GLU W 178 59.07 -39.88 -52.27
C GLU W 178 58.36 -39.72 -50.93
N LEU W 179 57.09 -39.33 -50.95
CA LEU W 179 56.35 -39.05 -49.73
C LEU W 179 56.07 -40.32 -48.94
N GLU W 180 55.42 -41.31 -49.57
CA GLU W 180 55.02 -42.53 -48.87
C GLU W 180 56.22 -43.38 -48.46
N LYS W 181 57.30 -43.35 -49.24
CA LYS W 181 58.53 -44.01 -48.83
C LYS W 181 59.10 -43.41 -47.56
N LYS W 182 59.09 -42.08 -47.46
CA LYS W 182 59.62 -41.44 -46.26
C LYS W 182 58.69 -41.60 -45.07
N ILE W 183 57.38 -41.69 -45.30
CA ILE W 183 56.47 -42.04 -44.20
C ILE W 183 56.76 -43.45 -43.71
N THR W 184 57.02 -44.37 -44.63
CA THR W 184 57.34 -45.74 -44.24
C THR W 184 58.63 -45.79 -43.42
N GLU W 185 59.66 -45.07 -43.86
CA GLU W 185 60.92 -45.06 -43.13
C GLU W 185 60.79 -44.37 -41.78
N ALA W 186 59.95 -43.33 -41.69
CA ALA W 186 59.72 -42.67 -40.41
C ALA W 186 58.95 -43.56 -39.44
N LEU W 187 58.03 -44.37 -39.96
CA LEU W 187 57.32 -45.32 -39.10
C LEU W 187 58.24 -46.45 -38.65
N VAL W 188 59.14 -46.89 -39.52
CA VAL W 188 60.08 -47.96 -39.17
C VAL W 188 61.09 -47.46 -38.13
N ASP W 189 61.56 -46.22 -38.27
CA ASP W 189 62.62 -45.72 -37.38
C ASP W 189 62.17 -45.62 -35.94
N SER W 190 60.94 -45.12 -35.71
CA SER W 190 60.26 -45.13 -34.41
C SER W 190 61.07 -44.38 -33.34
N THR W 191 61.10 -43.06 -33.49
CA THR W 191 61.64 -42.17 -32.47
C THR W 191 60.96 -42.43 -31.12
N THR W 192 61.77 -42.44 -30.07
CA THR W 192 61.34 -42.82 -28.74
C THR W 192 60.34 -41.80 -28.21
N LEU W 193 59.42 -42.28 -27.37
CA LEU W 193 58.37 -41.53 -26.65
C LEU W 193 58.57 -40.02 -26.43
N ASP X 97 11.67 -66.05 54.23
CA ASP X 97 11.78 -66.80 55.48
C ASP X 97 13.07 -67.61 55.52
N ASP X 98 13.88 -67.48 54.47
CA ASP X 98 15.16 -68.16 54.40
C ASP X 98 16.22 -67.54 55.29
N LEU X 99 15.94 -66.35 55.85
CA LEU X 99 16.92 -65.66 56.68
C LEU X 99 17.17 -66.42 57.99
N GLU X 100 16.09 -66.77 58.69
CA GLU X 100 16.22 -67.51 59.95
C GLU X 100 16.48 -68.99 59.73
N ALA X 101 16.22 -69.50 58.51
CA ALA X 101 16.31 -70.93 58.26
C ALA X 101 17.74 -71.45 58.38
N GLY X 102 18.72 -70.69 57.87
CA GLY X 102 20.10 -71.13 57.95
C GLY X 102 20.63 -71.20 59.37
N ARG X 103 20.28 -70.20 60.19
CA ARG X 103 20.65 -70.23 61.59
C ARG X 103 19.93 -71.35 62.33
N ALA X 104 18.68 -71.64 61.95
CA ALA X 104 17.97 -72.76 62.55
C ALA X 104 18.63 -74.09 62.23
N LYS X 105 19.04 -74.28 60.97
CA LYS X 105 19.75 -75.51 60.60
C LYS X 105 21.10 -75.62 61.29
N ARG X 106 21.81 -74.50 61.42
CA ARG X 106 23.11 -74.52 62.11
C ARG X 106 22.94 -74.83 63.59
N LEU X 107 21.89 -74.30 64.22
CA LEU X 107 21.63 -74.61 65.62
C LEU X 107 21.15 -76.04 65.81
N ALA X 108 20.45 -76.59 64.83
CA ALA X 108 20.06 -78.00 64.90
C ALA X 108 21.26 -78.91 64.70
N ASP X 109 22.24 -78.47 63.90
CA ASP X 109 23.46 -79.25 63.73
C ASP X 109 24.44 -79.07 64.90
N ASP X 110 24.29 -78.00 65.67
CA ASP X 110 25.20 -77.78 66.79
C ASP X 110 24.88 -78.69 67.98
N GLU X 111 23.61 -79.03 68.18
CA GLU X 111 23.22 -79.81 69.34
C GLU X 111 23.59 -81.28 69.26
N LYS X 112 23.98 -81.77 68.07
CA LYS X 112 24.45 -83.15 67.95
C LYS X 112 25.84 -83.35 68.53
N THR X 113 26.67 -82.31 68.54
CA THR X 113 28.02 -82.39 69.10
C THR X 113 28.05 -81.69 70.44
N PRO X 114 28.26 -82.42 71.55
CA PRO X 114 28.22 -81.77 72.88
C PRO X 114 29.50 -81.03 73.25
N SER X 115 30.50 -80.98 72.36
CA SER X 115 31.73 -80.28 72.67
C SER X 115 31.65 -78.78 72.39
N LEU X 116 30.60 -78.33 71.71
CA LEU X 116 30.42 -76.91 71.44
C LEU X 116 29.81 -76.16 72.62
N ASP X 117 29.33 -76.89 73.64
CA ASP X 117 28.68 -76.27 74.80
C ASP X 117 29.76 -75.87 75.80
N VAL X 118 30.46 -74.79 75.46
CA VAL X 118 31.59 -74.30 76.23
C VAL X 118 31.32 -72.86 76.65
N GLY X 119 31.91 -72.46 77.78
CA GLY X 119 31.79 -71.11 78.26
C GLY X 119 33.13 -70.41 78.29
N PRO X 120 33.27 -69.42 79.17
CA PRO X 120 34.57 -68.76 79.33
C PRO X 120 35.61 -69.70 79.94
N ASN X 121 36.81 -69.67 79.34
CA ASN X 121 37.98 -70.44 79.79
C ASN X 121 37.72 -71.95 79.84
N GLY X 122 36.88 -72.44 78.92
CA GLY X 122 36.64 -73.87 78.83
C GLY X 122 35.68 -74.46 79.83
N ARG X 123 34.97 -73.63 80.59
CA ARG X 123 33.97 -74.14 81.52
C ARG X 123 32.77 -74.70 80.75
N PRO X 124 32.06 -75.68 81.33
CA PRO X 124 30.80 -76.12 80.71
C PRO X 124 29.76 -75.01 80.78
N LEU X 125 29.10 -74.77 79.64
CA LEU X 125 28.18 -73.65 79.55
C LEU X 125 26.87 -73.92 80.27
N PHE X 126 26.40 -75.17 80.24
CA PHE X 126 25.09 -75.53 80.76
C PHE X 126 25.22 -76.33 82.05
N THR X 127 24.21 -76.23 82.90
CA THR X 127 24.10 -77.11 84.05
C THR X 127 23.84 -78.54 83.59
N PRO X 128 24.26 -79.54 84.37
CA PRO X 128 23.87 -80.92 84.06
C PRO X 128 22.36 -81.10 84.16
N ARG X 129 21.84 -81.99 83.32
CA ARG X 129 20.39 -82.16 83.20
C ARG X 129 19.76 -82.79 84.43
N ASP X 130 20.53 -83.49 85.26
CA ASP X 130 20.01 -84.07 86.48
C ASP X 130 19.76 -83.03 87.57
N VAL X 131 20.30 -81.82 87.43
CA VAL X 131 20.19 -80.79 88.45
C VAL X 131 18.91 -79.99 88.23
N THR X 132 18.13 -79.82 89.28
CA THR X 132 16.94 -79.00 89.26
C THR X 132 17.24 -77.64 89.89
N LEU X 133 16.21 -76.81 90.03
CA LEU X 133 16.41 -75.49 90.61
C LEU X 133 16.66 -75.54 92.12
N SER X 134 16.22 -76.60 92.79
CA SER X 134 16.47 -76.75 94.21
C SER X 134 17.87 -77.28 94.52
N LYS X 135 18.53 -77.89 93.53
CA LYS X 135 19.85 -78.47 93.72
C LYS X 135 20.97 -77.54 93.27
N LEU X 136 20.64 -76.31 92.86
CA LEU X 136 21.66 -75.37 92.41
C LEU X 136 22.47 -74.86 93.58
N SER X 137 23.79 -74.98 93.48
CA SER X 137 24.72 -74.49 94.49
C SER X 137 25.65 -73.45 93.87
N GLN X 138 26.67 -73.06 94.62
CA GLN X 138 27.55 -71.98 94.19
C GLN X 138 28.45 -72.36 93.02
N LYS X 139 28.65 -73.65 92.78
CA LYS X 139 29.43 -74.09 91.62
C LYS X 139 28.66 -73.96 90.31
N ASP X 140 27.36 -73.75 90.36
CA ASP X 140 26.54 -73.55 89.17
C ASP X 140 26.41 -72.09 88.79
N ILE X 141 27.04 -71.18 89.52
CA ILE X 141 26.94 -69.75 89.23
C ILE X 141 27.74 -69.44 87.97
N GLY X 142 27.09 -68.79 87.00
CA GLY X 142 27.68 -68.51 85.73
C GLY X 142 27.32 -69.49 84.64
N SER X 143 26.68 -70.59 84.99
CA SER X 143 26.22 -71.59 84.05
C SER X 143 24.76 -71.35 83.67
N TYR X 144 24.19 -72.29 82.94
CA TYR X 144 22.91 -72.10 82.27
C TYR X 144 21.96 -73.25 82.57
N PHE X 145 20.75 -72.90 83.01
CA PHE X 145 19.72 -73.87 83.33
C PHE X 145 18.78 -74.01 82.14
N ASN X 146 18.89 -75.13 81.42
CA ASN X 146 17.99 -75.42 80.32
C ASN X 146 16.60 -75.73 80.84
N PHE X 147 15.59 -75.28 80.10
CA PHE X 147 14.19 -75.50 80.43
C PHE X 147 13.52 -76.25 79.28
N ASP X 148 12.26 -76.61 79.50
CA ASP X 148 11.35 -77.03 78.44
C ASP X 148 10.19 -76.05 78.43
N GLU X 149 9.92 -75.47 77.26
CA GLU X 149 8.99 -74.34 77.18
C GLU X 149 7.57 -74.76 77.50
N ALA X 150 7.18 -75.97 77.10
CA ALA X 150 5.88 -76.51 77.50
C ALA X 150 5.83 -76.74 79.01
N ALA X 151 6.90 -77.31 79.57
CA ALA X 151 6.96 -77.50 81.01
C ALA X 151 7.04 -76.17 81.75
N LEU X 152 7.77 -75.20 81.20
CA LEU X 152 7.87 -73.88 81.81
C LEU X 152 6.53 -73.18 81.83
N LYS X 153 5.75 -73.30 80.74
CA LYS X 153 4.41 -72.72 80.72
C LYS X 153 3.44 -73.52 81.58
N ALA X 154 3.71 -74.80 81.82
CA ALA X 154 2.88 -75.58 82.74
C ALA X 154 3.11 -75.14 84.19
N VAL X 155 4.36 -74.94 84.58
CA VAL X 155 4.67 -74.46 85.93
C VAL X 155 4.19 -73.02 86.10
N LEU X 156 4.24 -72.20 85.05
CA LEU X 156 3.82 -70.81 85.08
C LEU X 156 2.65 -70.62 84.11
N PRO X 157 1.42 -70.92 84.54
CA PRO X 157 0.27 -70.72 83.66
C PRO X 157 -0.27 -69.31 83.64
N GLU X 158 0.20 -68.44 84.53
CA GLU X 158 -0.24 -67.05 84.53
C GLU X 158 0.40 -66.23 83.42
N GLY X 159 1.35 -66.81 82.69
CA GLY X 159 2.02 -66.10 81.62
C GLY X 159 3.48 -65.87 81.93
N LEU X 160 4.35 -66.14 80.96
CA LEU X 160 5.76 -65.84 81.12
C LEU X 160 5.98 -64.33 81.16
N ALA X 161 7.02 -63.92 81.88
CA ALA X 161 7.39 -62.52 81.92
C ALA X 161 7.89 -62.08 80.55
N SER X 162 7.71 -60.79 80.26
CA SER X 162 8.08 -60.26 78.95
C SER X 162 9.58 -60.31 78.72
N GLY X 163 10.39 -60.20 79.77
CA GLY X 163 11.82 -60.36 79.63
C GLY X 163 12.22 -61.76 79.25
N ILE X 164 11.55 -62.76 79.85
CA ILE X 164 11.79 -64.16 79.50
C ILE X 164 11.42 -64.42 78.05
N GLU X 165 10.27 -63.89 77.62
CA GLU X 165 9.83 -64.08 76.24
C GLU X 165 10.78 -63.40 75.25
N ASP X 166 11.25 -62.20 75.58
CA ASP X 166 12.20 -61.51 74.70
C ASP X 166 13.53 -62.25 74.61
N GLU X 167 14.04 -62.74 75.75
CA GLU X 167 15.30 -63.47 75.75
C GLU X 167 15.17 -64.79 75.01
N PHE X 168 14.01 -65.44 75.11
CA PHE X 168 13.81 -66.71 74.42
C PHE X 168 13.61 -66.49 72.92
N LYS X 169 12.95 -65.41 72.52
CA LYS X 169 12.79 -65.10 71.11
C LYS X 169 14.08 -64.65 70.47
N GLU X 170 15.01 -64.07 71.24
CA GLU X 170 16.30 -63.69 70.68
C GLU X 170 17.35 -64.79 70.72
N SER X 171 17.31 -65.66 71.72
CA SER X 171 18.31 -66.72 71.85
C SER X 171 17.90 -68.01 71.16
N TRP X 172 16.60 -68.18 70.85
CA TRP X 172 16.03 -69.41 70.29
C TRP X 172 16.34 -70.63 71.15
N ARG X 173 16.31 -70.44 72.47
CA ARG X 173 16.62 -71.50 73.41
C ARG X 173 16.00 -71.20 74.76
N PRO X 174 15.30 -72.16 75.37
CA PRO X 174 14.74 -71.95 76.71
C PRO X 174 15.76 -72.18 77.82
N ALA X 175 16.67 -71.23 77.98
CA ALA X 175 17.72 -71.32 78.99
C ALA X 175 17.87 -69.98 79.70
N LEU X 176 18.25 -70.04 80.97
CA LEU X 176 18.42 -68.86 81.80
C LEU X 176 19.74 -68.95 82.57
N LEU X 177 20.26 -67.80 82.95
CA LEU X 177 21.54 -67.73 83.65
C LEU X 177 21.35 -67.90 85.15
N VAL X 178 22.23 -68.71 85.74
CA VAL X 178 22.23 -68.91 87.19
C VAL X 178 23.13 -67.84 87.81
N ARG X 179 22.53 -66.88 88.50
CA ARG X 179 23.23 -65.77 89.09
C ARG X 179 23.28 -65.93 90.61
N LYS X 180 24.18 -65.17 91.23
CA LYS X 180 24.31 -65.22 92.68
C LYS X 180 23.12 -64.58 93.39
N SER X 181 22.51 -63.56 92.78
CA SER X 181 21.38 -62.87 93.40
C SER X 181 20.16 -63.76 93.51
N PHE X 182 19.88 -64.54 92.46
CA PHE X 182 18.76 -65.49 92.51
C PHE X 182 18.99 -66.56 93.56
N LEU X 183 20.22 -67.07 93.65
CA LEU X 183 20.53 -68.06 94.67
C LEU X 183 20.44 -67.48 96.07
N ASP X 184 20.82 -66.21 96.24
CA ASP X 184 20.69 -65.55 97.54
C ASP X 184 19.22 -65.38 97.93
N LEU X 185 18.37 -64.98 96.97
CA LEU X 185 16.94 -64.85 97.25
C LEU X 185 16.31 -66.20 97.57
N ARG X 186 16.68 -67.23 96.82
CA ARG X 186 16.17 -68.58 97.06
C ARG X 186 16.61 -69.11 98.41
N ASP X 187 17.88 -68.87 98.77
CA ASP X 187 18.38 -69.29 100.07
C ASP X 187 17.72 -68.52 101.21
N ASN X 188 17.42 -67.25 100.98
CA ASN X 188 16.70 -66.43 101.97
C ASN X 188 15.33 -67.03 102.26
N PHE X 189 14.55 -67.30 101.21
CA PHE X 189 13.22 -67.84 101.44
C PHE X 189 13.26 -69.29 101.90
N ARG X 190 14.33 -70.02 101.57
CA ARG X 190 14.50 -71.38 102.08
C ARG X 190 14.79 -71.37 103.57
N ARG X 191 15.60 -70.42 104.05
CA ARG X 191 15.85 -70.33 105.48
C ARG X 191 14.63 -69.79 106.23
N ILE X 192 13.79 -68.99 105.56
CA ILE X 192 12.53 -68.60 106.19
C ILE X 192 11.60 -69.81 106.31
N ALA X 193 11.50 -70.62 105.25
CA ALA X 193 10.56 -71.73 105.24
C ALA X 193 10.92 -72.78 106.27
N ASP X 194 12.18 -73.24 106.27
CA ASP X 194 12.66 -74.16 107.29
C ASP X 194 14.04 -73.73 107.79
N PRO X 195 14.19 -73.50 109.10
CA PRO X 195 15.52 -73.22 109.64
C PRO X 195 16.39 -74.45 109.62
N PRO X 196 17.65 -74.33 109.21
CA PRO X 196 18.55 -75.48 109.24
C PRO X 196 18.87 -75.93 110.65
N MET X 197 19.04 -77.24 110.81
CA MET X 197 19.30 -77.82 112.12
C MET X 197 20.74 -77.57 112.56
N GLY X 205 24.73 -64.68 111.54
CA GLY X 205 23.80 -63.73 112.15
C GLY X 205 23.00 -62.94 111.13
N VAL X 206 22.99 -63.41 109.88
CA VAL X 206 22.25 -62.75 108.82
C VAL X 206 20.76 -63.03 109.01
N LYS X 207 20.02 -62.01 109.42
CA LYS X 207 18.59 -62.19 109.68
C LYS X 207 17.83 -62.21 108.37
N PRO X 208 17.09 -63.28 108.07
CA PRO X 208 16.28 -63.30 106.85
C PRO X 208 15.09 -62.35 106.94
N LYS X 209 14.70 -61.84 105.78
CA LYS X 209 13.60 -60.87 105.68
C LYS X 209 12.42 -61.51 104.97
N LYS X 210 11.25 -61.48 105.63
CA LYS X 210 10.05 -62.11 105.07
C LYS X 210 9.52 -61.32 103.88
N GLN X 211 9.59 -59.99 103.94
CA GLN X 211 9.07 -59.14 102.88
C GLN X 211 10.23 -58.44 102.18
N ILE X 212 10.29 -58.58 100.85
CA ILE X 212 11.40 -58.09 100.04
C ILE X 212 10.83 -57.36 98.84
N ILE X 213 11.34 -56.17 98.57
CA ILE X 213 11.05 -55.44 97.34
C ILE X 213 12.30 -55.49 96.46
N LEU X 214 12.18 -56.13 95.30
CA LEU X 214 13.30 -56.24 94.36
C LEU X 214 13.39 -54.95 93.55
N ASP X 215 14.32 -54.08 93.94
CA ASP X 215 14.57 -52.84 93.23
C ASP X 215 15.94 -52.90 92.57
N GLY X 216 16.16 -52.03 91.59
CA GLY X 216 17.42 -51.97 90.91
C GLY X 216 17.36 -51.14 89.64
N PRO X 217 18.43 -51.17 88.86
CA PRO X 217 18.41 -50.51 87.55
C PRO X 217 17.49 -51.23 86.58
N VAL X 218 17.09 -50.51 85.53
CA VAL X 218 16.17 -51.06 84.54
C VAL X 218 16.85 -52.17 83.75
N LYS X 219 16.09 -53.24 83.48
CA LYS X 219 16.55 -54.42 82.74
C LYS X 219 17.77 -55.07 83.40
N SER X 220 17.74 -55.17 84.72
CA SER X 220 18.78 -55.87 85.47
C SER X 220 18.46 -57.34 85.68
N GLY X 221 17.19 -57.73 85.57
CA GLY X 221 16.82 -59.12 85.71
C GLY X 221 15.89 -59.40 86.88
N LYS X 222 15.07 -58.41 87.25
CA LYS X 222 14.17 -58.58 88.38
C LYS X 222 13.02 -59.52 88.05
N SER X 223 12.44 -59.38 86.85
CA SER X 223 11.31 -60.22 86.45
C SER X 223 11.73 -61.67 86.28
N ILE X 224 12.91 -61.90 85.69
CA ILE X 224 13.40 -63.26 85.50
C ILE X 224 13.73 -63.91 86.85
N ALA X 225 14.31 -63.14 87.77
CA ALA X 225 14.58 -63.65 89.11
C ALA X 225 13.28 -63.98 89.84
N LEU X 226 12.26 -63.15 89.70
CA LEU X 226 10.96 -63.43 90.32
C LEU X 226 10.32 -64.68 89.74
N ALA X 227 10.38 -64.84 88.42
CA ALA X 227 9.81 -66.02 87.77
C ALA X 227 10.56 -67.29 88.16
N MET X 228 11.88 -67.21 88.26
CA MET X 228 12.67 -68.37 88.69
C MET X 228 12.40 -68.71 90.16
N LEU X 229 12.17 -67.69 90.99
CA LEU X 229 11.78 -67.92 92.37
C LEU X 229 10.43 -68.61 92.47
N VAL X 230 9.47 -68.19 91.64
CA VAL X 230 8.16 -68.84 91.63
C VAL X 230 8.28 -70.28 91.11
N HIS X 231 9.14 -70.51 90.13
CA HIS X 231 9.38 -71.86 89.63
C HIS X 231 9.98 -72.75 90.71
N TRP X 232 10.94 -72.22 91.49
CA TRP X 232 11.52 -72.99 92.58
C TRP X 232 10.50 -73.25 93.69
N ALA X 233 9.66 -72.25 94.00
CA ALA X 233 8.68 -72.42 95.06
C ALA X 233 7.59 -73.41 94.68
N ARG X 234 7.16 -73.40 93.41
CA ARG X 234 6.19 -74.38 92.94
C ARG X 234 6.81 -75.74 92.68
N ASP X 235 8.15 -75.81 92.55
CA ASP X 235 8.81 -77.11 92.54
C ASP X 235 8.79 -77.75 93.92
N GLU X 236 8.83 -76.93 94.97
CA GLU X 236 8.80 -77.41 96.34
C GLU X 236 7.38 -77.60 96.88
N GLY X 237 6.36 -77.34 96.06
CA GLY X 237 4.99 -77.53 96.47
C GLY X 237 4.48 -76.46 97.42
N TRP X 238 4.56 -75.20 96.99
CA TRP X 238 4.12 -74.07 97.80
C TRP X 238 2.88 -73.44 97.16
N LEU X 239 2.07 -72.82 98.00
CA LEU X 239 0.87 -72.11 97.56
C LEU X 239 1.31 -70.70 97.14
N VAL X 240 1.55 -70.52 95.85
CA VAL X 240 2.11 -69.28 95.32
C VAL X 240 1.05 -68.59 94.46
N LEU X 241 0.74 -67.33 94.80
CA LEU X 241 -0.10 -66.49 93.97
C LEU X 241 0.82 -65.53 93.22
N TYR X 242 0.97 -65.77 91.92
CA TYR X 242 1.94 -65.06 91.09
C TYR X 242 1.19 -64.11 90.17
N ALA X 243 1.59 -62.83 90.18
CA ALA X 243 1.02 -61.80 89.32
C ALA X 243 2.15 -61.21 88.49
N PRO X 244 2.44 -61.76 87.31
CA PRO X 244 3.54 -61.22 86.49
C PRO X 244 3.25 -59.85 85.90
N LYS X 245 2.00 -59.42 85.85
CA LYS X 245 1.62 -58.09 85.36
C LYS X 245 0.77 -57.43 86.44
N GLY X 246 1.42 -56.76 87.38
CA GLY X 246 0.71 -56.03 88.41
C GLY X 246 0.08 -54.73 87.92
N ARG X 247 0.48 -54.25 86.74
CA ARG X 247 -0.18 -53.11 86.11
C ARG X 247 -1.59 -53.46 85.64
N ASP X 248 -1.87 -54.74 85.42
CA ASP X 248 -3.20 -55.15 84.99
C ASP X 248 -4.24 -54.97 86.10
N TRP X 249 -3.81 -54.99 87.37
CA TRP X 249 -4.72 -54.82 88.49
C TRP X 249 -5.32 -53.42 88.55
N THR X 250 -4.65 -52.43 87.95
CA THR X 250 -5.05 -51.04 88.06
C THR X 250 -5.46 -50.41 86.74
N HIS X 251 -5.47 -51.16 85.64
CA HIS X 251 -5.73 -50.60 84.32
C HIS X 251 -6.76 -51.46 83.58
N GLY X 252 -7.75 -50.80 82.99
CA GLY X 252 -8.73 -51.46 82.16
C GLY X 252 -9.92 -51.96 82.96
N GLY X 253 -11.03 -52.14 82.23
CA GLY X 253 -12.22 -52.74 82.82
C GLY X 253 -13.22 -51.75 83.39
N TYR X 254 -13.88 -52.15 84.46
CA TYR X 254 -14.89 -51.34 85.13
C TYR X 254 -14.44 -51.00 86.53
N PHE X 255 -15.02 -49.94 87.08
CA PHE X 255 -14.73 -49.54 88.45
C PHE X 255 -15.99 -48.98 89.09
N TYR X 256 -16.32 -49.50 90.27
CA TYR X 256 -17.50 -49.06 91.01
C TYR X 256 -17.12 -48.84 92.47
N LYS X 257 -17.69 -47.80 93.07
CA LYS X 257 -17.36 -47.45 94.44
C LYS X 257 -18.16 -48.33 95.41
N ASN X 258 -17.46 -48.97 96.34
CA ASN X 258 -18.12 -49.79 97.35
C ASN X 258 -18.94 -48.92 98.30
N GLN X 259 -20.16 -49.37 98.58
CA GLN X 259 -21.05 -48.63 99.47
C GLN X 259 -20.81 -48.93 100.93
N HIS X 260 -19.92 -49.86 101.26
CA HIS X 260 -19.63 -50.23 102.64
C HIS X 260 -18.24 -49.79 103.07
N THR X 261 -17.20 -50.12 102.31
CA THR X 261 -15.84 -49.81 102.69
C THR X 261 -15.31 -48.52 102.10
N GLY X 262 -15.92 -48.02 101.02
CA GLY X 262 -15.46 -46.82 100.36
C GLY X 262 -14.42 -47.03 99.28
N PHE X 263 -13.93 -48.25 99.12
CA PHE X 263 -12.94 -48.55 98.09
C PHE X 263 -13.64 -48.75 96.74
N TRP X 264 -12.83 -49.00 95.72
CA TRP X 264 -13.31 -49.12 94.34
C TRP X 264 -13.15 -50.55 93.86
N ASP X 265 -14.23 -51.13 93.35
CA ASP X 265 -14.28 -52.54 92.98
C ASP X 265 -14.02 -52.72 91.49
N THR X 266 -13.19 -53.71 91.16
CA THR X 266 -12.88 -54.06 89.77
C THR X 266 -13.18 -55.54 89.57
N PRO X 267 -14.35 -55.88 89.03
CA PRO X 267 -14.77 -57.30 89.02
C PRO X 267 -14.05 -58.15 87.97
N LEU X 268 -13.83 -57.63 86.76
CA LEU X 268 -13.18 -58.40 85.72
C LEU X 268 -11.74 -58.74 86.08
N GLN X 269 -11.02 -57.76 86.65
CA GLN X 269 -9.66 -58.01 87.11
C GLN X 269 -9.64 -59.02 88.26
N ALA X 270 -10.64 -58.95 89.13
CA ALA X 270 -10.73 -59.90 90.24
C ALA X 270 -10.94 -61.32 89.73
N GLU X 271 -11.81 -61.50 88.74
CA GLU X 271 -12.04 -62.84 88.20
C GLU X 271 -10.82 -63.32 87.41
N SER X 272 -10.07 -62.40 86.80
CA SER X 272 -8.82 -62.78 86.16
C SER X 272 -7.78 -63.25 87.17
N ILE X 273 -7.72 -62.57 88.32
CA ILE X 273 -6.82 -62.98 89.41
C ILE X 273 -7.18 -64.37 89.90
N LEU X 274 -8.49 -64.62 90.10
CA LEU X 274 -8.94 -65.91 90.58
C LEU X 274 -8.66 -67.03 89.58
N LYS X 275 -8.89 -66.76 88.28
CA LYS X 275 -8.60 -67.76 87.26
C LYS X 275 -7.11 -68.07 87.17
N ASP X 276 -6.27 -67.03 87.26
CA ASP X 276 -4.83 -67.23 87.22
C ASP X 276 -4.34 -68.02 88.42
N PHE X 277 -4.95 -67.80 89.60
CA PHE X 277 -4.62 -68.58 90.78
C PHE X 277 -5.02 -70.05 90.61
N VAL X 278 -6.26 -70.28 90.17
CA VAL X 278 -6.77 -71.65 90.14
C VAL X 278 -6.10 -72.47 89.04
N LYS X 279 -5.58 -71.79 87.99
CA LYS X 279 -4.98 -72.49 86.84
C LYS X 279 -3.80 -73.37 87.23
N PHE X 280 -3.09 -73.03 88.30
CA PHE X 280 -2.08 -73.93 88.85
C PHE X 280 -2.47 -74.51 90.19
N ASN X 281 -3.29 -73.84 90.99
CA ASN X 281 -3.54 -74.30 92.34
C ASN X 281 -4.83 -75.10 92.48
N GLU X 282 -5.40 -75.57 91.36
CA GLU X 282 -6.57 -76.46 91.45
C GLU X 282 -6.35 -77.75 92.24
N PRO X 283 -5.23 -78.50 92.10
CA PRO X 283 -5.07 -79.68 92.97
C PRO X 283 -4.90 -79.35 94.44
N ARG X 284 -4.27 -78.23 94.79
CA ARG X 284 -3.98 -77.92 96.18
C ARG X 284 -5.17 -77.27 96.89
N LEU X 285 -5.90 -76.39 96.21
CA LEU X 285 -7.03 -75.71 96.83
C LEU X 285 -8.20 -76.64 97.12
N ARG X 286 -8.24 -77.81 96.48
CA ARG X 286 -9.28 -78.79 96.81
C ARG X 286 -9.03 -79.43 98.17
N GLU X 287 -7.78 -79.46 98.63
CA GLU X 287 -7.42 -80.12 99.88
C GLU X 287 -7.24 -79.15 101.05
N LEU X 288 -7.54 -77.87 100.86
CA LEU X 288 -7.36 -76.87 101.91
C LEU X 288 -8.71 -76.29 102.29
N ARG X 289 -9.08 -76.40 103.56
CA ARG X 289 -10.37 -75.97 104.06
C ARG X 289 -10.33 -74.49 104.42
N CYS X 290 -11.45 -73.80 104.20
CA CYS X 290 -11.57 -72.40 104.61
C CYS X 290 -11.57 -72.29 106.13
N ASN X 291 -10.91 -71.25 106.64
CA ASN X 291 -10.88 -70.98 108.06
C ASN X 291 -11.76 -69.80 108.47
N VAL X 292 -12.40 -69.14 107.51
CA VAL X 292 -13.33 -68.05 107.79
C VAL X 292 -14.67 -68.44 107.19
N TYR X 293 -15.73 -68.40 108.02
CA TYR X 293 -17.05 -68.85 107.61
C TYR X 293 -18.08 -67.73 107.66
N ASP X 294 -17.64 -66.49 107.61
CA ASP X 294 -18.56 -65.37 107.43
C ASP X 294 -19.11 -65.37 106.00
N PRO X 295 -20.33 -64.89 105.79
CA PRO X 295 -20.88 -64.84 104.44
C PRO X 295 -20.15 -63.82 103.57
N ILE X 296 -20.12 -64.12 102.27
CA ILE X 296 -19.44 -63.28 101.29
C ILE X 296 -20.41 -62.19 100.85
N VAL X 297 -20.05 -60.94 101.10
CA VAL X 297 -20.92 -59.82 100.74
C VAL X 297 -20.86 -59.58 99.25
N LEU X 298 -22.01 -59.53 98.61
CA LEU X 298 -22.07 -59.32 97.16
C LEU X 298 -21.87 -57.85 96.82
N GLY X 299 -21.27 -57.61 95.65
CA GLY X 299 -21.03 -56.26 95.20
C GLY X 299 -21.61 -56.00 93.83
N GLU X 300 -21.27 -54.86 93.24
CA GLU X 300 -21.77 -54.51 91.91
C GLU X 300 -21.09 -55.36 90.85
N GLY X 301 -21.89 -55.93 89.95
CA GLY X 301 -21.35 -56.75 88.89
C GLY X 301 -20.82 -55.92 87.73
N ALA X 302 -20.17 -56.61 86.81
CA ALA X 302 -19.52 -55.97 85.66
C ALA X 302 -20.59 -55.57 84.66
N GLY X 303 -21.09 -54.35 84.81
CA GLY X 303 -22.06 -53.80 83.88
C GLY X 303 -23.49 -54.24 84.11
N VAL X 304 -23.79 -54.93 85.22
CA VAL X 304 -25.12 -55.43 85.49
C VAL X 304 -25.71 -54.89 86.78
N GLY X 305 -24.95 -54.12 87.56
CA GLY X 305 -25.47 -53.58 88.80
C GLY X 305 -25.50 -54.61 89.91
N TYR X 306 -26.27 -54.31 90.95
CA TYR X 306 -26.43 -55.22 92.08
C TYR X 306 -27.32 -56.40 91.69
N LEU X 307 -27.11 -57.51 92.38
CA LEU X 307 -28.00 -58.66 92.27
C LEU X 307 -29.26 -58.40 93.06
N LYS X 308 -30.41 -58.66 92.45
CA LYS X 308 -31.70 -58.37 93.07
C LYS X 308 -32.01 -59.39 94.15
N GLY X 309 -32.29 -58.90 95.36
CA GLY X 309 -32.74 -59.73 96.45
C GLY X 309 -31.67 -60.45 97.23
N GLN X 310 -30.49 -60.67 96.66
CA GLN X 310 -29.41 -61.40 97.32
C GLN X 310 -28.29 -60.44 97.66
N GLU X 311 -27.98 -60.33 98.95
CA GLU X 311 -26.90 -59.47 99.43
C GLU X 311 -25.65 -60.26 99.83
N THR X 312 -25.81 -61.48 100.32
CA THR X 312 -24.68 -62.30 100.76
C THR X 312 -24.78 -63.69 100.16
N MET X 313 -23.61 -64.33 100.05
CA MET X 313 -23.53 -65.75 99.73
C MET X 313 -22.94 -66.48 100.92
N PRO X 314 -23.69 -67.34 101.61
CA PRO X 314 -23.13 -68.07 102.75
C PRO X 314 -22.10 -69.10 102.33
N ILE X 315 -21.19 -69.38 103.24
CA ILE X 315 -20.10 -70.33 103.03
C ILE X 315 -20.56 -71.69 103.55
N PRO X 316 -20.60 -72.72 102.71
CA PRO X 316 -20.92 -74.07 103.20
C PRO X 316 -19.85 -74.59 104.15
N GLU X 317 -20.27 -75.51 105.03
CA GLU X 317 -19.39 -76.01 106.08
C GLU X 317 -18.26 -76.87 105.52
N ASP X 318 -18.56 -77.66 104.48
CA ASP X 318 -17.58 -78.56 103.89
C ASP X 318 -16.79 -77.90 102.76
N SER X 319 -17.00 -76.61 102.52
CA SER X 319 -16.39 -75.93 101.38
C SER X 319 -14.89 -75.76 101.59
N THR X 320 -14.12 -76.01 100.53
CA THR X 320 -12.69 -75.83 100.55
C THR X 320 -12.34 -74.50 99.88
N LEU X 321 -11.04 -74.25 99.72
CA LEU X 321 -10.59 -73.01 99.08
C LEU X 321 -10.89 -73.03 97.59
N TYR X 322 -10.90 -74.22 96.97
CA TYR X 322 -11.31 -74.34 95.58
C TYR X 322 -12.76 -73.94 95.39
N ASP X 323 -13.63 -74.30 96.34
CA ASP X 323 -15.03 -73.93 96.25
C ASP X 323 -15.21 -72.42 96.37
N LEU X 324 -14.44 -71.78 97.25
CA LEU X 324 -14.47 -70.33 97.37
C LEU X 324 -13.99 -69.64 96.10
N VAL X 325 -12.89 -70.14 95.52
CA VAL X 325 -12.34 -69.55 94.30
C VAL X 325 -13.32 -69.73 93.14
N GLN X 326 -13.96 -70.89 93.04
CA GLN X 326 -14.93 -71.12 91.98
C GLN X 326 -16.21 -70.32 92.21
N MET X 327 -16.57 -70.05 93.46
CA MET X 327 -17.67 -69.14 93.75
C MET X 327 -17.36 -67.74 93.26
N GLY X 328 -16.12 -67.29 93.46
CA GLY X 328 -15.73 -66.00 92.92
C GLY X 328 -15.66 -65.96 91.40
N ILE X 329 -15.23 -67.06 90.78
CA ILE X 329 -15.12 -67.10 89.32
C ILE X 329 -16.50 -67.11 88.67
N ASN X 330 -17.41 -67.93 89.21
CA ASN X 330 -18.70 -68.15 88.55
C ASN X 330 -19.63 -66.95 88.68
N SER X 331 -19.52 -66.19 89.77
CA SER X 331 -20.39 -65.05 90.02
C SER X 331 -19.59 -63.77 89.91
N THR X 332 -20.05 -62.85 89.06
CA THR X 332 -19.39 -61.55 88.93
C THR X 332 -19.75 -60.57 90.03
N HIS X 333 -20.75 -60.88 90.85
CA HIS X 333 -21.13 -60.02 91.97
C HIS X 333 -20.33 -60.31 93.22
N ALA X 334 -19.51 -61.36 93.22
CA ALA X 334 -18.76 -61.75 94.41
C ALA X 334 -17.27 -61.87 94.19
N ALA X 335 -16.76 -61.57 92.99
CA ALA X 335 -15.35 -61.83 92.68
C ALA X 335 -14.41 -60.97 93.52
N VAL X 336 -14.76 -59.70 93.74
CA VAL X 336 -13.91 -58.82 94.53
C VAL X 336 -13.87 -59.26 95.99
N SER X 337 -15.05 -59.58 96.55
CA SER X 337 -15.11 -60.07 97.93
C SER X 337 -14.42 -61.42 98.09
N VAL X 338 -14.48 -62.27 97.06
CA VAL X 338 -13.76 -63.54 97.13
C VAL X 338 -12.26 -63.32 97.05
N VAL X 339 -11.81 -62.30 96.30
CA VAL X 339 -10.38 -61.97 96.28
C VAL X 339 -9.93 -61.48 97.67
N VAL X 340 -10.75 -60.66 98.32
CA VAL X 340 -10.43 -60.20 99.68
C VAL X 340 -10.42 -61.36 100.66
N ARG X 341 -11.40 -62.25 100.57
CA ARG X 341 -11.46 -63.42 101.44
C ARG X 341 -10.30 -64.38 101.17
N LEU X 342 -9.86 -64.46 99.91
CA LEU X 342 -8.70 -65.28 99.57
C LEU X 342 -7.43 -64.70 100.15
N ARG X 343 -7.32 -63.36 100.17
CA ARG X 343 -6.19 -62.72 100.85
C ARG X 343 -6.21 -63.01 102.34
N LYS X 344 -7.39 -62.96 102.96
CA LYS X 344 -7.47 -63.29 104.39
C LYS X 344 -7.20 -64.77 104.66
N GLU X 345 -7.58 -65.64 103.72
CA GLU X 345 -7.42 -67.08 103.91
C GLU X 345 -5.99 -67.53 103.65
N LEU X 346 -5.22 -66.76 102.88
CA LEU X 346 -3.84 -67.13 102.61
C LEU X 346 -2.94 -66.92 103.81
N SER X 347 -3.35 -66.06 104.74
CA SER X 347 -2.62 -65.86 105.98
C SER X 347 -2.90 -66.93 107.02
N LEU X 348 -3.92 -67.77 106.79
CA LEU X 348 -4.33 -68.79 107.76
C LEU X 348 -3.98 -70.20 107.31
N VAL X 349 -3.25 -70.35 106.21
CA VAL X 349 -2.86 -71.67 105.72
C VAL X 349 -1.65 -72.13 106.50
N LYS X 350 -1.76 -73.31 107.13
CA LYS X 350 -0.68 -73.84 107.96
C LYS X 350 -0.07 -75.13 107.42
N ASP X 351 -0.59 -75.67 106.32
CA ASP X 351 -0.06 -76.93 105.80
C ASP X 351 1.14 -76.69 104.89
N VAL X 352 1.02 -75.73 103.97
CA VAL X 352 2.07 -75.47 102.99
C VAL X 352 2.55 -74.03 103.15
N PRO X 353 3.79 -73.71 102.77
CA PRO X 353 4.21 -72.30 102.74
C PRO X 353 3.44 -71.52 101.69
N VAL X 354 3.18 -70.25 102.00
CA VAL X 354 2.41 -69.36 101.15
C VAL X 354 3.31 -68.21 100.72
N LEU X 355 3.43 -68.00 99.41
CA LEU X 355 4.25 -66.94 98.85
C LEU X 355 3.40 -66.07 97.95
N ILE X 356 3.52 -64.75 98.13
CA ILE X 356 2.88 -63.78 97.26
C ILE X 356 3.96 -63.10 96.43
N ALA X 357 3.90 -63.27 95.13
CA ALA X 357 4.90 -62.72 94.20
C ALA X 357 4.19 -61.76 93.26
N ILE X 358 4.54 -60.48 93.33
CA ILE X 358 3.90 -59.44 92.53
C ILE X 358 4.98 -58.77 91.69
N ASP X 359 4.90 -58.93 90.38
CA ASP X 359 5.74 -58.19 89.46
C ASP X 359 5.03 -56.90 89.05
N GLN X 360 5.82 -55.92 88.61
CA GLN X 360 5.38 -54.53 88.39
C GLN X 360 4.72 -53.98 89.65
N TYR X 361 5.43 -54.12 90.77
CA TYR X 361 4.83 -53.84 92.08
C TYR X 361 4.73 -52.34 92.33
N ASN X 362 5.51 -51.52 91.63
CA ASN X 362 5.45 -50.08 91.84
C ASN X 362 4.24 -49.42 91.20
N ASN X 363 3.49 -50.15 90.37
CA ASN X 363 2.25 -49.62 89.81
C ASN X 363 1.15 -49.50 90.87
N TRP X 364 1.31 -50.15 92.01
CA TRP X 364 0.33 -50.09 93.09
C TRP X 364 0.53 -48.87 93.98
N PHE X 365 1.59 -48.10 93.75
CA PHE X 365 1.89 -46.91 94.55
C PHE X 365 1.67 -45.63 93.76
N THR X 366 1.14 -45.72 92.55
CA THR X 366 0.86 -44.57 91.70
C THR X 366 -0.62 -44.55 91.36
N PHE X 367 -1.00 -43.66 90.46
CA PHE X 367 -2.40 -43.56 90.03
C PHE X 367 -2.80 -44.75 89.18
N SER X 368 -4.10 -44.99 89.11
CA SER X 368 -4.68 -45.98 88.23
C SER X 368 -5.24 -45.31 86.98
N GLU X 369 -5.81 -46.12 86.09
CA GLU X 369 -6.44 -45.58 84.89
C GLU X 369 -7.75 -44.87 85.19
N PHE X 370 -8.40 -45.18 86.31
CA PHE X 370 -9.77 -44.78 86.54
C PHE X 370 -9.83 -43.38 87.15
N GLU X 371 -10.88 -42.65 86.77
CA GLU X 371 -11.11 -41.30 87.27
C GLU X 371 -12.53 -41.18 87.80
N GLU X 372 -12.68 -40.36 88.85
CA GLU X 372 -13.94 -40.18 89.54
C GLU X 372 -14.49 -38.78 89.30
N PRO X 373 -15.72 -38.65 88.81
CA PRO X 373 -16.33 -37.32 88.71
C PRO X 373 -16.68 -36.75 90.08
N VAL X 374 -15.93 -35.73 90.52
CA VAL X 374 -16.17 -35.10 91.80
C VAL X 374 -16.86 -33.76 91.67
N THR X 375 -17.15 -33.33 90.44
CA THR X 375 -17.65 -32.00 90.10
C THR X 375 -18.25 -32.14 88.72
N PRO X 376 -19.34 -31.43 88.40
CA PRO X 376 -19.89 -31.51 87.03
C PRO X 376 -18.94 -31.05 85.93
N ARG X 377 -17.85 -30.36 86.25
CA ARG X 377 -16.86 -29.95 85.26
C ARG X 377 -15.50 -30.61 85.48
N SER X 378 -15.37 -31.53 86.44
CA SER X 378 -14.04 -32.02 86.80
C SER X 378 -14.08 -33.50 87.11
N CYS X 379 -12.93 -34.15 86.94
CA CYS X 379 -12.74 -35.54 87.31
C CYS X 379 -11.45 -35.66 88.14
N ARG X 380 -11.46 -36.59 89.08
CA ARG X 380 -10.33 -36.81 89.97
C ARG X 380 -9.76 -38.19 89.73
N PRO X 381 -8.44 -38.30 89.50
CA PRO X 381 -7.83 -39.62 89.33
C PRO X 381 -7.90 -40.43 90.62
N ILE X 382 -8.11 -41.73 90.46
CA ILE X 382 -8.22 -42.66 91.59
C ILE X 382 -6.88 -43.36 91.77
N HIS X 383 -6.34 -43.27 92.98
CA HIS X 383 -5.07 -43.92 93.28
C HIS X 383 -5.25 -45.43 93.31
N ALA X 384 -4.13 -46.14 93.10
CA ALA X 384 -4.17 -47.60 93.11
C ALA X 384 -4.45 -48.14 94.51
N ARG X 385 -4.08 -47.40 95.54
CA ARG X 385 -4.32 -47.84 96.91
C ARG X 385 -5.80 -47.83 97.28
N GLU X 386 -6.64 -47.16 96.50
CA GLU X 386 -8.08 -47.15 96.74
C GLU X 386 -8.80 -48.32 96.07
N LEU X 387 -8.10 -49.10 95.25
CA LEU X 387 -8.68 -50.30 94.68
C LEU X 387 -8.72 -51.41 95.73
N THR X 388 -9.85 -52.14 95.76
CA THR X 388 -10.09 -53.11 96.82
C THR X 388 -9.10 -54.26 96.77
N THR X 389 -8.81 -54.78 95.57
CA THR X 389 -7.84 -55.86 95.43
C THR X 389 -6.44 -55.41 95.84
N VAL X 390 -6.03 -54.21 95.39
CA VAL X 390 -4.72 -53.69 95.73
C VAL X 390 -4.62 -53.39 97.22
N ASN X 391 -5.66 -52.77 97.79
CA ASN X 391 -5.66 -52.48 99.22
C ASN X 391 -5.64 -53.75 100.05
N ALA X 392 -6.22 -54.84 99.54
CA ALA X 392 -6.06 -56.13 100.21
C ALA X 392 -4.65 -56.68 100.04
N PHE X 393 -3.98 -56.39 98.92
CA PHE X 393 -2.74 -57.08 98.59
C PHE X 393 -1.47 -56.24 98.66
N ARG X 394 -1.56 -54.90 98.78
CA ARG X 394 -0.35 -54.09 98.68
C ARG X 394 0.50 -54.15 99.94
N SER X 395 -0.14 -54.19 101.11
CA SER X 395 0.57 -54.01 102.37
C SER X 395 1.54 -55.16 102.66
N MET X 396 2.69 -54.82 103.21
CA MET X 396 3.70 -55.79 103.61
C MET X 396 3.87 -55.87 105.12
N MET X 397 3.01 -55.19 105.89
CA MET X 397 3.12 -55.18 107.35
C MET X 397 2.32 -56.35 107.92
N HIS X 398 2.85 -57.56 107.66
CA HIS X 398 2.22 -58.79 108.12
C HIS X 398 3.32 -59.84 108.31
N ASP X 399 2.92 -61.09 108.45
CA ASP X 399 3.85 -62.19 108.64
C ASP X 399 3.84 -63.19 107.50
N ASP X 400 3.34 -62.79 106.33
CA ASP X 400 3.37 -63.66 105.16
C ASP X 400 4.61 -63.39 104.33
N MET X 401 5.06 -64.43 103.61
CA MET X 401 6.25 -64.32 102.76
C MET X 401 5.82 -63.67 101.45
N MET X 402 6.09 -62.38 101.31
CA MET X 402 5.69 -61.61 100.14
C MET X 402 6.91 -60.98 99.49
N VAL X 403 6.98 -61.08 98.16
CA VAL X 403 8.04 -60.44 97.39
C VAL X 403 7.40 -59.64 96.26
N GLY X 404 7.80 -58.37 96.15
CA GLY X 404 7.28 -57.52 95.09
C GLY X 404 8.36 -56.82 94.30
N ALA X 405 8.51 -57.18 93.03
CA ALA X 405 9.57 -56.64 92.19
C ALA X 405 9.08 -55.38 91.46
N PHE X 406 9.89 -54.33 91.52
CA PHE X 406 9.56 -53.12 90.77
C PHE X 406 9.88 -53.29 89.29
N SER X 407 9.34 -52.39 88.48
CA SER X 407 9.64 -52.33 87.06
C SER X 407 9.85 -50.88 86.66
N HIS X 408 10.86 -50.64 85.84
CA HIS X 408 11.15 -49.30 85.35
C HIS X 408 10.88 -49.13 83.87
N SER X 409 10.54 -50.20 83.15
CA SER X 409 10.12 -50.07 81.76
C SER X 409 8.76 -49.41 81.68
N THR X 410 7.86 -49.73 82.59
CA THR X 410 6.61 -49.00 82.72
C THR X 410 6.87 -47.60 83.25
N ALA X 411 6.06 -46.64 82.81
CA ALA X 411 6.27 -45.23 83.15
C ALA X 411 5.58 -44.88 84.47
N VAL X 412 6.03 -45.54 85.54
CA VAL X 412 5.52 -45.23 86.87
C VAL X 412 6.10 -43.92 87.38
N GLY X 413 7.40 -43.74 87.23
CA GLY X 413 8.05 -42.53 87.66
C GLY X 413 8.77 -42.64 88.98
N LYS X 414 8.78 -41.55 89.76
CA LYS X 414 9.53 -41.48 91.00
C LYS X 414 8.60 -41.64 92.19
N LEU X 415 8.95 -42.57 93.08
CA LEU X 415 8.24 -42.80 94.33
C LEU X 415 9.13 -42.42 95.50
N ARG X 416 8.53 -42.39 96.69
CA ARG X 416 9.29 -42.11 97.90
C ARG X 416 10.25 -43.26 98.20
N LYS X 417 11.40 -42.90 98.78
CA LYS X 417 12.32 -43.93 99.26
C LYS X 417 11.75 -44.67 100.45
N ASP X 418 10.99 -43.97 101.30
CA ASP X 418 10.24 -44.59 102.39
C ASP X 418 8.80 -44.86 101.93
N LEU X 419 8.58 -46.06 101.40
CA LEU X 419 7.29 -46.42 100.83
C LEU X 419 6.24 -46.62 101.93
N PRO X 420 4.99 -46.26 101.68
CA PRO X 420 3.94 -46.49 102.69
C PRO X 420 3.57 -47.97 102.78
N ASP X 421 3.21 -48.37 103.99
CA ASP X 421 2.76 -49.74 104.31
C ASP X 421 3.80 -50.79 103.94
N VAL X 422 5.08 -50.41 104.06
CA VAL X 422 6.23 -51.26 103.73
C VAL X 422 7.23 -51.13 104.88
N PRO X 423 7.81 -52.22 105.38
CA PRO X 423 8.93 -52.08 106.32
C PRO X 423 10.12 -51.40 105.68
N ALA X 424 10.86 -50.65 106.51
CA ALA X 424 11.92 -49.79 106.02
C ALA X 424 13.10 -50.55 105.41
N ASP X 425 13.28 -51.82 105.78
CA ASP X 425 14.39 -52.63 105.29
C ASP X 425 13.95 -53.61 104.20
N ALA X 426 12.74 -53.48 103.68
CA ALA X 426 12.25 -54.43 102.70
C ALA X 426 12.91 -54.26 101.34
N ARG X 427 13.31 -53.03 100.99
CA ARG X 427 13.85 -52.77 99.66
C ARG X 427 15.25 -53.35 99.53
N GLN X 428 15.49 -54.07 98.44
CA GLN X 428 16.76 -54.72 98.19
C GLN X 428 17.21 -54.41 96.76
N ASN X 429 18.50 -54.15 96.60
CA ASN X 429 19.06 -53.75 95.31
C ASN X 429 19.40 -54.99 94.50
N PHE X 430 18.74 -55.13 93.34
CA PHE X 430 19.07 -56.20 92.42
C PHE X 430 20.06 -55.66 91.40
N PRO X 431 21.29 -56.14 91.38
CA PRO X 431 22.32 -55.52 90.53
C PRO X 431 22.21 -56.00 89.08
N ARG X 432 22.96 -55.31 88.22
CA ARG X 432 23.05 -55.66 86.81
C ARG X 432 24.12 -56.75 86.63
N TYR X 433 24.51 -56.99 85.38
CA TYR X 433 25.58 -57.93 85.09
C TYR X 433 26.91 -57.41 85.63
N SER X 434 27.72 -58.34 86.14
CA SER X 434 29.11 -58.05 86.45
C SER X 434 29.95 -58.42 85.24
N LEU X 435 31.28 -58.45 85.41
CA LEU X 435 32.15 -58.83 84.30
C LEU X 435 31.99 -60.31 83.94
N ASP X 436 31.94 -61.18 84.97
CA ASP X 436 31.85 -62.62 84.71
C ASP X 436 30.50 -63.00 84.11
N GLU X 437 29.41 -62.40 84.61
CA GLU X 437 28.10 -62.67 84.05
C GLU X 437 28.00 -62.18 82.61
N ALA X 438 28.59 -61.02 82.32
CA ALA X 438 28.62 -60.52 80.94
C ALA X 438 29.43 -61.44 80.03
N GLU X 439 30.55 -61.96 80.54
CA GLU X 439 31.35 -62.89 79.75
C GLU X 439 30.59 -64.18 79.47
N ALA X 440 29.87 -64.69 80.47
CA ALA X 440 29.05 -65.88 80.27
C ALA X 440 27.92 -65.62 79.28
N VAL X 441 27.30 -64.44 79.36
CA VAL X 441 26.22 -64.08 78.44
C VAL X 441 26.73 -63.97 77.00
N CYS X 442 27.89 -63.36 76.82
CA CYS X 442 28.44 -63.21 75.48
C CYS X 442 28.92 -64.54 74.91
N TYR X 443 29.45 -65.43 75.75
CA TYR X 443 29.81 -66.76 75.28
C TYR X 443 28.57 -67.59 74.93
N TYR X 444 27.48 -67.39 75.68
CA TYR X 444 26.20 -68.02 75.35
C TYR X 444 25.68 -67.54 74.00
N TYR X 445 25.76 -66.22 73.76
CA TYR X 445 25.28 -65.68 72.50
C TYR X 445 26.17 -66.12 71.35
N LEU X 446 27.45 -66.34 71.60
CA LEU X 446 28.32 -66.99 70.62
C LEU X 446 27.87 -68.43 70.36
N ARG X 447 27.47 -69.15 71.41
CA ARG X 447 27.03 -70.52 71.25
C ARG X 447 25.71 -70.60 70.48
N GLN X 448 24.79 -69.67 70.76
CA GLN X 448 23.49 -69.63 70.10
C GLN X 448 23.52 -68.92 68.75
N ARG X 449 24.72 -68.56 68.28
CA ARG X 449 24.94 -67.97 66.95
C ARG X 449 24.21 -66.65 66.77
N LEU X 450 24.10 -65.85 67.84
CA LEU X 450 23.68 -64.47 67.69
C LEU X 450 24.77 -63.60 67.08
N VAL X 451 26.03 -64.03 67.16
CA VAL X 451 27.15 -63.32 66.57
C VAL X 451 27.97 -64.34 65.77
N ARG X 452 28.63 -63.84 64.74
CA ARG X 452 29.52 -64.67 63.94
C ARG X 452 30.77 -65.03 64.74
N ARG X 453 31.29 -66.24 64.50
CA ARG X 453 32.46 -66.72 65.22
C ARG X 453 33.72 -65.95 64.86
N GLU X 454 33.79 -65.42 63.63
CA GLU X 454 35.00 -64.76 63.16
C GLU X 454 35.19 -63.35 63.72
N VAL X 455 34.19 -62.80 64.41
CA VAL X 455 34.26 -61.43 64.91
C VAL X 455 34.12 -61.40 66.42
N PHE X 456 34.51 -62.48 67.08
CA PHE X 456 34.42 -62.58 68.54
C PHE X 456 35.81 -62.36 69.14
N SER X 457 35.88 -61.45 70.12
CA SER X 457 37.11 -61.17 70.83
C SER X 457 36.77 -60.67 72.22
N GLU X 458 37.79 -60.63 73.09
CA GLU X 458 37.61 -60.06 74.42
C GLU X 458 37.27 -58.58 74.36
N GLU X 459 37.98 -57.85 73.50
CA GLU X 459 37.78 -56.41 73.38
C GLU X 459 36.38 -56.07 72.89
N ASN X 460 35.83 -56.87 71.97
CA ASN X 460 34.53 -56.57 71.39
C ASN X 460 33.41 -56.74 72.41
N TRP X 461 33.38 -57.86 73.14
CA TRP X 461 32.33 -58.04 74.13
C TRP X 461 32.52 -57.12 75.31
N LYS X 462 33.77 -56.76 75.63
CA LYS X 462 33.99 -55.76 76.68
C LYS X 462 33.49 -54.39 76.25
N LYS X 463 33.64 -54.06 74.96
CA LYS X 463 33.06 -52.83 74.42
C LYS X 463 31.54 -52.83 74.54
N ILE X 464 30.91 -53.96 74.21
CA ILE X 464 29.46 -54.06 74.30
C ILE X 464 28.99 -53.96 75.76
N TYR X 465 29.70 -54.64 76.67
CA TYR X 465 29.36 -54.60 78.08
C TYR X 465 29.50 -53.19 78.67
N TYR X 466 30.58 -52.49 78.32
CA TYR X 466 30.77 -51.16 78.87
C TYR X 466 29.86 -50.12 78.23
N LEU X 467 29.44 -50.35 76.98
CA LEU X 467 28.45 -49.47 76.37
C LEU X 467 27.08 -49.69 77.00
N ALA X 468 26.68 -50.94 77.18
CA ALA X 468 25.37 -51.24 77.76
C ALA X 468 25.30 -50.96 79.25
N ASN X 469 26.45 -50.93 79.93
CA ASN X 469 26.56 -50.77 81.38
C ASN X 469 25.76 -51.84 82.14
N GLY X 470 25.81 -53.07 81.62
CA GLY X 470 25.13 -54.19 82.25
C GLY X 470 23.66 -54.32 81.93
N ASN X 471 23.12 -53.51 81.03
CA ASN X 471 21.73 -53.65 80.61
C ASN X 471 21.60 -54.90 79.75
N GLY X 472 20.78 -55.85 80.21
CA GLY X 472 20.68 -57.13 79.53
C GLY X 472 20.04 -57.04 78.14
N ALA X 473 18.97 -56.25 78.02
CA ALA X 473 18.31 -56.10 76.73
C ALA X 473 19.19 -55.37 75.73
N GLU X 474 19.88 -54.31 76.18
CA GLU X 474 20.79 -53.59 75.30
C GLU X 474 21.98 -54.45 74.92
N MET X 475 22.45 -55.29 75.85
CA MET X 475 23.54 -56.20 75.53
C MET X 475 23.13 -57.23 74.50
N ARG X 476 21.93 -57.80 74.64
CA ARG X 476 21.48 -58.79 73.66
C ARG X 476 21.15 -58.12 72.32
N TRP X 477 20.88 -56.82 72.34
CA TRP X 477 20.65 -56.11 71.09
C TRP X 477 21.96 -55.72 70.40
N LEU X 478 23.05 -55.60 71.18
CA LEU X 478 24.32 -55.14 70.64
C LEU X 478 25.23 -56.26 70.16
N VAL X 479 25.03 -57.49 70.63
CA VAL X 479 25.83 -58.63 70.16
C VAL X 479 25.74 -58.87 68.66
N PRO X 480 24.57 -58.80 68.00
CA PRO X 480 24.59 -58.92 66.52
C PRO X 480 25.35 -57.83 65.79
N PHE X 481 25.58 -56.67 66.40
CA PHE X 481 26.34 -55.59 65.78
C PHE X 481 27.83 -55.65 66.11
N MET X 482 28.34 -56.83 66.44
CA MET X 482 29.74 -56.99 66.84
C MET X 482 30.61 -57.29 65.63
N ARG X 483 31.58 -56.42 65.35
CA ARG X 483 32.62 -56.73 64.38
C ARG X 483 34.00 -56.47 64.96
N ASP Y 293 50.18 57.76 78.86
CA ASP Y 293 49.70 57.08 80.06
C ASP Y 293 49.14 58.08 81.07
N LYS Y 294 49.13 59.36 80.69
CA LYS Y 294 48.69 60.41 81.61
C LYS Y 294 47.18 60.35 81.83
N LYS Y 295 46.42 59.98 80.80
CA LYS Y 295 44.97 60.12 80.84
C LYS Y 295 44.32 59.17 81.84
N GLU Y 296 44.78 57.92 81.90
CA GLU Y 296 44.16 56.95 82.79
C GLU Y 296 44.45 57.26 84.25
N GLU Y 297 45.67 57.69 84.57
CA GLU Y 297 45.98 58.06 85.94
C GLU Y 297 45.29 59.36 86.34
N GLU Y 298 45.17 60.30 85.40
CA GLU Y 298 44.46 61.55 85.68
C GLU Y 298 42.99 61.29 85.96
N ALA Y 299 42.36 60.44 85.14
CA ALA Y 299 40.96 60.10 85.36
C ALA Y 299 40.73 59.32 86.65
N GLU Y 300 41.62 58.37 86.94
CA GLU Y 300 41.50 57.59 88.18
C GLU Y 300 41.70 58.48 89.41
N GLN Y 301 42.65 59.41 89.35
CA GLN Y 301 42.89 60.32 90.45
C GLN Y 301 41.72 61.29 90.65
N GLU Y 302 41.15 61.78 89.55
CA GLU Y 302 40.00 62.68 89.65
C GLU Y 302 38.78 61.95 90.22
N ALA Y 303 38.55 60.72 89.78
CA ALA Y 303 37.44 59.92 90.33
C ALA Y 303 37.66 59.60 91.80
N LEU Y 304 38.89 59.28 92.18
CA LEU Y 304 39.18 58.98 93.59
C LEU Y 304 39.02 60.21 94.47
N SER Y 305 39.44 61.39 93.97
CA SER Y 305 39.25 62.62 94.72
C SER Y 305 37.78 63.02 94.85
N VAL Y 306 36.99 62.86 93.78
CA VAL Y 306 35.58 63.20 93.89
C VAL Y 306 34.83 62.12 94.69
N PHE Y 307 35.42 60.94 94.85
CA PHE Y 307 34.84 59.93 95.73
C PHE Y 307 35.11 60.25 97.18
N VAL Y 308 36.39 60.38 97.56
CA VAL Y 308 36.75 60.54 98.96
C VAL Y 308 36.46 61.93 99.52
N GLY Y 309 36.31 62.93 98.66
CA GLY Y 309 36.07 64.28 99.15
C GLY Y 309 37.35 64.97 99.58
N ASP Y 310 37.20 65.90 100.51
CA ASP Y 310 38.32 66.69 101.03
C ASP Y 310 38.73 66.15 102.40
N ASN Y 311 40.02 65.86 102.56
CA ASN Y 311 40.53 65.15 103.73
C ASN Y 311 40.55 66.00 105.00
N ALA Y 312 40.28 67.30 104.91
CA ALA Y 312 40.32 68.17 106.08
C ALA Y 312 39.23 67.82 107.09
N ASP Y 313 38.06 67.41 106.59
CA ASP Y 313 36.95 67.08 107.47
C ASP Y 313 37.22 65.82 108.29
N GLY Y 314 37.92 64.84 107.71
CA GLY Y 314 38.26 63.65 108.46
C GLY Y 314 39.22 63.92 109.61
N GLU Y 315 40.25 64.72 109.36
CA GLU Y 315 41.18 65.09 110.42
C GLU Y 315 40.52 66.00 111.45
N LYS Y 316 39.56 66.83 111.03
CA LYS Y 316 38.83 67.66 111.98
C LYS Y 316 37.90 66.82 112.84
N PHE Y 317 37.30 65.78 112.27
CA PHE Y 317 36.37 64.94 113.02
C PHE Y 317 37.10 63.97 113.94
N ALA Y 318 38.32 63.55 113.57
CA ALA Y 318 39.04 62.59 114.38
C ALA Y 318 39.54 63.19 115.69
N LYS Y 319 39.68 64.52 115.76
CA LYS Y 319 40.17 65.16 116.97
C LYS Y 319 39.04 65.51 117.93
N LYS Y 320 37.84 65.75 117.42
CA LYS Y 320 36.72 66.15 118.26
C LYS Y 320 36.23 65.00 119.13
N MET Y 321 36.25 63.78 118.59
CA MET Y 321 35.48 62.67 119.12
C MET Y 321 36.23 61.80 120.12
N GLY Y 322 37.54 61.63 119.99
CA GLY Y 322 38.31 60.89 120.97
C GLY Y 322 38.88 59.60 120.40
N ASP Y 323 40.06 59.18 120.90
CA ASP Y 323 40.79 58.10 120.25
C ASP Y 323 40.28 56.69 120.55
N GLU Y 324 39.80 56.43 121.77
CA GLU Y 324 39.31 55.09 122.08
C GLU Y 324 37.95 54.81 121.44
N ILE Y 325 37.10 55.84 121.34
CA ILE Y 325 35.84 55.65 120.62
C ILE Y 325 36.10 55.61 119.11
N MET Y 326 37.16 56.27 118.65
CA MET Y 326 37.64 56.09 117.29
C MET Y 326 38.08 54.65 117.04
N ALA Y 327 38.75 54.04 118.02
CA ALA Y 327 39.14 52.63 117.89
C ALA Y 327 37.93 51.72 117.85
N LYS Y 328 36.92 51.99 118.68
CA LYS Y 328 35.70 51.18 118.66
C LYS Y 328 34.95 51.34 117.34
N LEU Y 329 34.89 52.56 116.80
CA LEU Y 329 34.23 52.76 115.52
C LEU Y 329 35.02 52.14 114.37
N ALA Y 330 36.35 52.10 114.47
CA ALA Y 330 37.15 51.41 113.47
C ALA Y 330 36.92 49.90 113.52
N GLU Y 331 36.80 49.34 114.74
CA GLU Y 331 36.46 47.93 114.88
C GLU Y 331 35.07 47.64 114.33
N GLY Y 332 34.12 48.55 114.57
CA GLY Y 332 32.80 48.40 113.98
C GLY Y 332 32.83 48.45 112.46
N TYR Y 333 33.62 49.38 111.90
CA TYR Y 333 33.72 49.51 110.45
C TYR Y 333 34.34 48.26 109.82
N GLU Y 334 35.39 47.72 110.42
CA GLU Y 334 35.96 46.49 109.87
C GLU Y 334 35.08 45.27 110.14
N ASP Y 335 34.18 45.36 111.13
CA ASP Y 335 33.16 44.32 111.28
C ASP Y 335 32.09 44.44 110.19
N ILE Y 336 31.85 45.66 109.70
CA ILE Y 336 30.91 45.84 108.60
C ILE Y 336 31.50 45.31 107.29
N CYS Y 337 32.77 45.61 107.03
CA CYS Y 337 33.40 45.33 105.74
C CYS Y 337 33.61 43.85 105.48
N GLU Y 338 33.51 42.99 106.50
CA GLU Y 338 33.50 41.56 106.23
C GLU Y 338 32.12 41.05 105.84
N ARG Y 339 31.11 41.91 105.88
CA ARG Y 339 29.76 41.60 105.41
C ARG Y 339 29.34 42.45 104.23
N ALA Y 340 29.50 43.76 104.32
CA ALA Y 340 29.03 44.65 103.26
C ALA Y 340 29.94 44.58 102.04
N LEU Y 341 31.25 44.51 102.25
CA LEU Y 341 32.19 44.41 101.14
C LEU Y 341 32.41 42.94 100.80
N PRO Y 342 32.04 42.49 99.60
CA PRO Y 342 32.14 41.06 99.29
C PRO Y 342 33.58 40.65 98.99
N SER Y 343 33.94 39.46 99.46
CA SER Y 343 35.27 38.90 99.26
C SER Y 343 35.16 37.54 98.60
N THR Y 344 36.12 37.23 97.71
CA THR Y 344 36.13 35.92 97.07
C THR Y 344 36.56 34.82 98.03
N ALA Y 345 37.48 35.14 98.95
CA ALA Y 345 37.89 34.16 99.95
C ALA Y 345 36.76 33.84 100.93
N HIS Y 346 36.01 34.87 101.33
CA HIS Y 346 34.85 34.65 102.19
C HIS Y 346 33.79 33.80 101.51
N ASP Y 347 33.55 34.06 100.22
CA ASP Y 347 32.57 33.27 99.47
C ASP Y 347 33.05 31.84 99.26
N ALA Y 348 34.37 31.64 99.08
CA ALA Y 348 34.91 30.29 98.97
C ALA Y 348 34.76 29.52 100.28
N LEU Y 349 35.01 30.18 101.42
CA LEU Y 349 34.82 29.55 102.72
C LEU Y 349 33.34 29.25 102.97
N VAL Y 350 32.45 30.13 102.50
CA VAL Y 350 31.02 29.91 102.59
C VAL Y 350 30.60 28.69 101.76
N ASP Y 351 31.15 28.56 100.55
CA ASP Y 351 30.84 27.42 99.70
C ASP Y 351 31.36 26.11 100.30
N ALA Y 352 32.56 26.15 100.90
CA ALA Y 352 33.11 24.96 101.53
C ALA Y 352 32.29 24.53 102.74
N TYR Y 353 31.86 25.50 103.57
CA TYR Y 353 30.98 25.20 104.69
C TYR Y 353 29.63 24.69 104.20
N ASP Y 354 29.14 25.23 103.07
CA ASP Y 354 27.90 24.77 102.47
C ASP Y 354 28.00 23.31 102.04
N THR Y 355 29.11 22.94 101.39
CA THR Y 355 29.32 21.56 100.97
C THR Y 355 29.44 20.61 102.15
N ASN Y 356 30.16 21.04 103.20
CA ASN Y 356 30.31 20.22 104.40
C ASN Y 356 28.97 20.00 105.09
N LEU Y 357 28.13 21.04 105.15
CA LEU Y 357 26.83 20.87 105.77
C LEU Y 357 25.84 20.12 104.87
N MET Y 358 26.04 20.15 103.55
CA MET Y 358 25.25 19.30 102.66
C MET Y 358 25.53 17.82 102.91
N ILE Y 359 26.81 17.45 102.93
CA ILE Y 359 27.16 16.04 103.08
C ILE Y 359 26.90 15.57 104.51
N GLU Y 360 27.18 16.41 105.51
CA GLU Y 360 27.06 15.99 106.90
C GLU Y 360 25.61 15.86 107.33
N CYS Y 361 24.77 16.83 106.97
CA CYS Y 361 23.41 16.92 107.50
C CYS Y 361 22.37 16.36 106.53
N GLU Y 362 22.70 15.30 105.80
CA GLU Y 362 21.73 14.64 104.95
C GLU Y 362 21.07 13.50 105.71
N PRO Y 363 19.74 13.50 105.87
CA PRO Y 363 19.09 12.42 106.64
C PRO Y 363 19.12 11.07 105.96
N GLU Y 364 19.44 10.99 104.67
CA GLU Y 364 19.60 9.68 104.04
C GLU Y 364 20.91 9.01 104.41
N TYR Y 365 21.87 9.76 104.95
CA TYR Y 365 23.17 9.23 105.32
C TYR Y 365 23.27 8.90 106.81
N LEU Y 366 22.14 8.80 107.51
CA LEU Y 366 22.14 8.44 108.92
C LEU Y 366 22.68 7.04 109.14
N MET Y 367 23.65 6.93 110.03
CA MET Y 367 23.94 5.68 110.72
C MET Y 367 23.87 5.92 112.22
N PRO Y 368 23.34 4.97 112.97
CA PRO Y 368 23.28 5.17 114.43
C PRO Y 368 24.61 4.84 115.09
N ASP Y 369 24.64 4.84 116.43
CA ASP Y 369 25.80 4.33 117.14
C ASP Y 369 25.95 2.85 116.86
N PHE Y 370 27.13 2.46 116.36
CA PHE Y 370 27.33 1.11 115.84
C PHE Y 370 27.37 0.04 116.93
N GLY Y 371 27.55 0.42 118.18
CA GLY Y 371 27.49 -0.50 119.29
C GLY Y 371 26.21 -0.44 120.11
N SER Y 372 25.16 0.20 119.60
CA SER Y 372 23.93 0.40 120.34
C SER Y 372 22.75 -0.28 119.66
N ASN Y 373 21.82 -0.74 120.47
CA ASN Y 373 20.56 -1.30 120.00
C ASN Y 373 19.57 -0.17 119.71
N PRO Y 374 18.59 -0.40 118.82
CA PRO Y 374 17.60 0.64 118.52
C PRO Y 374 16.74 0.99 119.73
N ASP Y 375 16.29 2.24 119.75
CA ASP Y 375 15.47 2.76 120.85
C ASP Y 375 14.01 2.39 120.57
N ILE Y 376 13.59 1.22 121.08
CA ILE Y 376 12.22 0.76 120.90
C ILE Y 376 11.24 1.64 121.66
N ASP Y 377 11.59 2.01 122.90
CA ASP Y 377 10.69 2.79 123.74
C ASP Y 377 10.51 4.22 123.24
N GLU Y 378 11.45 4.72 122.43
CA GLU Y 378 11.41 6.06 121.85
C GLU Y 378 11.31 7.13 122.93
N LYS Y 379 12.34 7.17 123.77
CA LYS Y 379 12.38 8.14 124.87
C LYS Y 379 12.59 9.55 124.32
N PRO Y 380 11.90 10.53 124.90
CA PRO Y 380 12.21 11.90 124.45
C PRO Y 380 13.65 12.29 124.81
N PRO Y 381 14.30 13.09 123.97
CA PRO Y 381 15.66 13.55 124.27
C PRO Y 381 15.72 14.67 125.36
N MET Y 382 16.84 14.80 126.06
CA MET Y 382 16.97 15.80 127.12
C MET Y 382 17.36 17.08 126.48
N PRO Y 383 17.08 18.22 127.13
CA PRO Y 383 17.33 19.50 126.47
C PRO Y 383 18.81 19.71 126.15
N LEU Y 384 19.12 20.67 125.26
CA LEU Y 384 20.50 20.89 124.82
C LEU Y 384 21.36 21.28 125.98
N ARG Y 385 20.84 22.14 126.83
CA ARG Y 385 21.59 22.57 127.98
C ARG Y 385 22.11 21.39 128.73
N GLU Y 386 21.23 20.47 129.06
CA GLU Y 386 21.65 19.32 129.86
C GLU Y 386 22.66 18.48 129.13
N CYS Y 387 22.49 18.28 127.85
CA CYS Y 387 23.49 17.56 127.04
C CYS Y 387 24.85 18.23 127.13
N LEU Y 388 24.89 19.56 127.15
CA LEU Y 388 26.17 20.26 127.19
C LEU Y 388 26.82 20.17 128.57
N GLU Y 389 26.03 20.23 129.65
CA GLU Y 389 26.62 20.01 130.96
C GLU Y 389 26.87 18.54 131.25
N LYS Y 390 26.29 17.63 130.46
CA LYS Y 390 26.63 16.21 130.59
C LYS Y 390 28.06 15.95 130.15
N VAL Y 391 28.54 16.67 129.14
CA VAL Y 391 29.86 16.45 128.57
C VAL Y 391 30.86 17.50 129.07
N LYS Y 392 30.58 18.12 130.22
CA LYS Y 392 31.41 19.21 130.73
C LYS Y 392 32.87 18.86 131.00
N PRO Y 393 33.23 17.76 131.70
CA PRO Y 393 34.67 17.51 131.92
C PRO Y 393 35.46 17.23 130.65
N PHE Y 394 34.88 16.52 129.69
CA PHE Y 394 35.58 16.24 128.43
C PHE Y 394 35.81 17.53 127.64
N ILE Y 395 34.81 18.40 127.56
CA ILE Y 395 34.95 19.65 126.81
C ILE Y 395 35.94 20.58 127.50
N VAL Y 396 35.93 20.59 128.84
CA VAL Y 396 36.92 21.37 129.59
C VAL Y 396 38.32 20.86 129.32
N ALA Y 397 38.52 19.53 129.36
CA ALA Y 397 39.84 18.97 129.13
C ALA Y 397 40.30 19.14 127.69
N LEU Y 398 39.37 19.19 126.73
CA LEU Y 398 39.70 19.27 125.31
C LEU Y 398 39.89 20.69 124.81
N GLU Y 399 39.18 21.65 125.41
CA GLU Y 399 39.06 23.00 124.86
C GLU Y 399 39.88 24.02 125.63
N GLY Y 400 40.43 23.64 126.79
CA GLY Y 400 41.11 24.61 127.63
C GLY Y 400 40.34 24.91 128.90
N ILE Y 401 39.68 26.07 128.93
CA ILE Y 401 38.75 26.50 129.98
C ILE Y 401 39.44 26.51 131.35
N LYS Y 402 40.02 27.66 131.70
CA LYS Y 402 40.81 27.73 132.94
C LYS Y 402 39.93 27.73 134.18
N ASP Y 403 38.73 28.30 134.12
CA ASP Y 403 37.89 28.44 135.30
C ASP Y 403 36.44 28.19 134.92
N GLN Y 404 35.55 28.38 135.89
CA GLN Y 404 34.13 28.15 135.66
C GLN Y 404 33.50 29.26 134.83
N GLU Y 405 34.04 30.48 134.94
CA GLU Y 405 33.45 31.62 134.23
C GLU Y 405 33.66 31.53 132.72
N GLU Y 406 34.79 30.98 132.29
CA GLU Y 406 35.02 30.73 130.86
C GLU Y 406 34.01 29.72 130.32
N TRP Y 407 33.75 28.66 131.09
CA TRP Y 407 32.74 27.68 130.71
C TRP Y 407 31.36 28.30 130.64
N GLU Y 408 31.03 29.16 131.61
CA GLU Y 408 29.72 29.81 131.62
C GLU Y 408 29.55 30.74 130.42
N GLU Y 409 30.61 31.48 130.07
CA GLU Y 409 30.55 32.33 128.88
C GLU Y 409 30.41 31.51 127.61
N ALA Y 410 31.13 30.38 127.51
CA ALA Y 410 31.04 29.52 126.34
C ALA Y 410 29.64 28.91 126.20
N ILE Y 411 29.05 28.46 127.31
CA ILE Y 411 27.70 27.91 127.27
C ILE Y 411 26.68 28.99 126.91
N GLY Y 412 26.85 30.21 127.44
CA GLY Y 412 25.93 31.30 127.11
C GLY Y 412 26.00 31.65 125.62
N GLU Y 413 27.20 31.73 125.06
CA GLU Y 413 27.29 32.11 123.66
C GLU Y 413 26.87 30.96 122.73
N ALA Y 414 27.09 29.70 123.13
CA ALA Y 414 26.56 28.57 122.37
C ALA Y 414 25.03 28.55 122.42
N MET Y 415 24.44 28.86 123.57
CA MET Y 415 22.99 28.93 123.68
C MET Y 415 22.42 30.06 122.82
N ALA Y 416 23.11 31.21 122.75
CA ALA Y 416 22.63 32.27 121.88
C ALA Y 416 22.84 31.94 120.41
N GLU Y 417 23.85 31.12 120.09
CA GLU Y 417 24.10 30.73 118.72
C GLU Y 417 23.38 29.45 118.32
N ALA Y 418 22.57 28.88 119.21
CA ALA Y 418 21.79 27.69 118.86
C ALA Y 418 20.54 27.97 118.01
N PRO Y 419 19.78 29.08 118.19
CA PRO Y 419 18.61 29.29 117.30
C PRO Y 419 18.88 29.33 115.80
N ARG Y 420 20.02 29.86 115.34
CA ARG Y 420 20.24 29.89 113.89
C ARG Y 420 20.84 28.60 113.36
N MET Y 421 21.56 27.85 114.20
CA MET Y 421 21.91 26.47 113.85
C MET Y 421 20.67 25.60 113.68
N LYS Y 422 19.61 25.87 114.45
CA LYS Y 422 18.33 25.20 114.25
C LYS Y 422 17.77 25.47 112.86
N GLU Y 423 17.83 26.72 112.40
CA GLU Y 423 17.34 27.05 111.06
C GLU Y 423 18.22 26.45 109.97
N ILE Y 424 19.53 26.37 110.21
CA ILE Y 424 20.43 25.75 109.23
C ILE Y 424 20.12 24.26 109.08
N VAL Y 425 19.94 23.56 110.21
CA VAL Y 425 19.60 22.15 110.14
C VAL Y 425 18.18 21.95 109.58
N ASP Y 426 17.27 22.90 109.82
CA ASP Y 426 15.95 22.85 109.18
C ASP Y 426 16.06 22.99 107.67
N HIS Y 427 16.98 23.83 107.19
CA HIS Y 427 17.18 23.99 105.76
C HIS Y 427 17.81 22.75 105.15
N TYR Y 428 18.70 22.09 105.88
CA TYR Y 428 19.46 20.99 105.29
C TYR Y 428 18.71 19.66 105.39
N SER Y 429 18.29 19.28 106.61
CA SER Y 429 17.70 17.97 106.84
C SER Y 429 16.27 17.89 106.30
N GLY Y 430 15.50 18.95 106.47
CA GLY Y 430 14.10 18.92 106.12
C GLY Y 430 13.23 19.30 107.30
N PRO Y 431 11.92 19.14 107.17
CA PRO Y 431 11.00 19.54 108.26
C PRO Y 431 11.15 18.75 109.54
N ASP Y 432 10.94 17.43 109.47
CA ASP Y 432 10.95 16.49 110.60
C ASP Y 432 11.05 15.09 110.03
N ARG Y 433 10.88 14.09 110.90
CA ARG Y 433 10.77 12.70 110.47
C ARG Y 433 9.43 12.07 110.82
N VAL Y 434 9.04 12.14 112.10
CA VAL Y 434 7.88 11.48 112.71
C VAL Y 434 8.00 9.96 112.57
N THR Y 435 8.25 9.30 113.70
CA THR Y 435 8.50 7.86 113.73
C THR Y 435 7.28 7.07 113.26
N ALA Y 436 7.53 5.80 112.92
CA ALA Y 436 6.48 4.93 112.41
C ALA Y 436 5.44 4.62 113.48
N LYS Y 437 5.84 4.57 114.75
CA LYS Y 437 4.91 4.25 115.82
C LYS Y 437 3.84 5.32 115.98
N LYS Y 438 4.26 6.59 116.01
CA LYS Y 438 3.30 7.69 116.13
C LYS Y 438 2.45 7.83 114.87
N GLN Y 439 3.03 7.55 113.69
CA GLN Y 439 2.26 7.56 112.46
C GLN Y 439 1.16 6.50 112.48
N ASN Y 440 1.50 5.30 112.95
CA ASN Y 440 0.51 4.23 113.02
C ASN Y 440 -0.54 4.50 114.07
N GLU Y 441 -0.14 5.12 115.19
CA GLU Y 441 -1.11 5.50 116.22
C GLU Y 441 -2.07 6.57 115.70
N GLU Y 442 -1.55 7.53 114.92
CA GLU Y 442 -2.42 8.54 114.30
C GLU Y 442 -3.38 7.89 113.30
N LEU Y 443 -2.89 6.94 112.51
CA LEU Y 443 -3.74 6.24 111.54
C LEU Y 443 -4.84 5.45 112.23
N ASP Y 444 -4.52 4.78 113.36
CA ASP Y 444 -5.55 4.09 114.12
C ASP Y 444 -6.50 5.08 114.79
N ARG Y 445 -6.09 6.27 115.19
CA ARG Y 445 -7.01 7.14 115.87
C ARG Y 445 -8.01 7.59 114.88
N ILE Y 446 -7.56 8.02 113.72
CA ILE Y 446 -8.48 8.51 112.69
C ILE Y 446 -9.56 7.48 112.35
N ALA Y 447 -9.24 6.20 112.19
CA ALA Y 447 -10.27 5.20 111.96
C ALA Y 447 -11.34 5.20 113.03
N THR Y 448 -10.96 5.15 114.28
CA THR Y 448 -11.90 5.18 115.39
C THR Y 448 -12.86 6.34 115.34
N THR Y 449 -12.69 7.25 114.42
CA THR Y 449 -13.64 8.32 114.27
C THR Y 449 -14.71 8.00 113.23
N VAL Y 450 -14.77 6.78 112.73
CA VAL Y 450 -15.87 6.45 111.83
C VAL Y 450 -17.12 6.73 112.62
N PRO Y 451 -18.09 7.46 112.03
CA PRO Y 451 -19.27 7.85 112.82
C PRO Y 451 -19.91 6.69 113.52
N GLN Y 452 -20.36 6.87 114.74
CA GLN Y 452 -20.92 5.78 115.54
C GLN Y 452 -22.13 5.04 114.99
N SER Y 453 -23.00 5.73 114.27
CA SER Y 453 -24.18 5.10 113.66
C SER Y 453 -23.91 4.17 112.49
N ALA Y 454 -22.72 4.28 111.91
CA ALA Y 454 -22.38 3.48 110.75
C ALA Y 454 -22.28 2.02 111.12
N PRO Y 455 -22.64 1.13 110.21
CA PRO Y 455 -22.67 -0.30 110.48
C PRO Y 455 -21.26 -0.86 110.72
N ASP Y 456 -21.24 -2.12 111.15
CA ASP Y 456 -19.98 -2.78 111.50
C ASP Y 456 -19.10 -3.04 110.28
N SER Y 457 -19.71 -3.20 109.09
CA SER Y 457 -18.93 -3.41 107.88
C SER Y 457 -18.12 -2.17 107.51
N VAL Y 458 -18.68 -0.99 107.74
CA VAL Y 458 -17.95 0.26 107.47
C VAL Y 458 -16.77 0.40 108.43
N LYS Y 459 -16.97 0.06 109.70
CA LYS Y 459 -15.89 0.11 110.68
C LYS Y 459 -14.80 -0.91 110.36
N ARG Y 460 -15.20 -2.11 109.91
CA ARG Y 460 -14.24 -3.11 109.47
C ARG Y 460 -13.45 -2.62 108.26
N PHE Y 461 -14.14 -1.97 107.31
CA PHE Y 461 -13.48 -1.43 106.12
C PHE Y 461 -12.46 -0.37 106.49
N ALA Y 462 -12.82 0.53 107.41
CA ALA Y 462 -11.88 1.58 107.82
C ALA Y 462 -10.69 1.01 108.58
N ASP Y 463 -10.94 0.02 109.44
CA ASP Y 463 -9.84 -0.62 110.18
C ASP Y 463 -8.89 -1.36 109.23
N ARG Y 464 -9.43 -2.05 108.24
CA ARG Y 464 -8.58 -2.77 107.30
C ARG Y 464 -7.86 -1.81 106.35
N VAL Y 465 -8.47 -0.69 106.01
CA VAL Y 465 -7.78 0.34 105.22
C VAL Y 465 -6.62 0.95 106.00
N ALA Y 466 -6.83 1.21 107.30
CA ALA Y 466 -5.74 1.70 108.14
C ALA Y 466 -4.65 0.66 108.27
N LEU Y 467 -5.02 -0.62 108.37
CA LEU Y 467 -4.04 -1.69 108.49
C LEU Y 467 -3.21 -1.83 107.22
N SER Y 468 -3.83 -1.73 106.04
CA SER Y 468 -3.06 -1.87 104.82
C SER Y 468 -2.27 -0.62 104.49
N LEU Y 469 -2.70 0.57 104.95
CA LEU Y 469 -1.87 1.75 104.82
C LEU Y 469 -0.78 1.82 105.87
N LYS Y 470 -0.88 1.00 106.93
CA LYS Y 470 0.09 0.99 108.00
C LYS Y 470 1.44 0.46 107.53
N SER Y 471 1.47 -0.47 106.57
CA SER Y 471 2.69 -1.12 106.14
C SER Y 471 3.11 -0.73 104.73
N ASN Y 472 2.76 0.48 104.30
CA ASN Y 472 3.06 0.92 102.94
C ASN Y 472 4.13 2.00 102.97
N PRO Y 473 5.39 1.69 102.61
CA PRO Y 473 6.40 2.75 102.52
C PRO Y 473 6.27 3.62 101.30
N GLY Y 474 5.55 3.18 100.27
CA GLY Y 474 5.40 3.94 99.04
C GLY Y 474 4.44 5.11 99.12
N TRP Y 475 3.73 5.25 100.22
CA TRP Y 475 2.87 6.40 100.45
C TRP Y 475 3.54 7.36 101.43
N GLY Y 476 3.48 8.65 101.13
CA GLY Y 476 3.82 9.65 102.12
C GLY Y 476 2.81 9.66 103.25
N PHE Y 477 3.28 10.05 104.44
CA PHE Y 477 2.41 10.09 105.61
C PHE Y 477 1.29 11.11 105.45
N ASP Y 478 1.58 12.22 104.75
CA ASP Y 478 0.54 13.21 104.45
C ASP Y 478 -0.56 12.61 103.60
N LYS Y 479 -0.20 11.80 102.60
CA LYS Y 479 -1.18 11.10 101.78
C LYS Y 479 -1.97 10.10 102.60
N LYS Y 480 -1.33 9.43 103.56
CA LYS Y 480 -2.02 8.45 104.40
C LYS Y 480 -3.08 9.10 105.28
N TYR Y 481 -2.72 10.18 105.99
CA TYR Y 481 -3.73 10.77 106.86
C TYR Y 481 -4.76 11.56 106.06
N GLN Y 482 -4.40 12.09 104.88
CA GLN Y 482 -5.41 12.69 104.02
C GLN Y 482 -6.39 11.64 103.51
N PHE Y 483 -5.90 10.44 103.17
CA PHE Y 483 -6.75 9.35 102.73
C PHE Y 483 -7.72 8.94 103.83
N MET Y 484 -7.21 8.80 105.06
CA MET Y 484 -8.07 8.41 106.17
C MET Y 484 -9.09 9.50 106.52
N ASP Y 485 -8.65 10.77 106.47
CA ASP Y 485 -9.57 11.89 106.73
C ASP Y 485 -10.68 11.94 105.68
N LYS Y 486 -10.33 11.75 104.41
CA LYS Y 486 -11.34 11.76 103.36
C LYS Y 486 -12.26 10.55 103.45
N LEU Y 487 -11.75 9.40 103.88
CA LEU Y 487 -12.60 8.23 104.10
C LEU Y 487 -13.63 8.50 105.20
N VAL Y 488 -13.18 9.11 106.31
CA VAL Y 488 -14.09 9.44 107.40
C VAL Y 488 -15.09 10.50 106.96
N LEU Y 489 -14.65 11.45 106.13
CA LEU Y 489 -15.54 12.50 105.64
C LEU Y 489 -16.59 11.94 104.69
N GLU Y 490 -16.21 10.99 103.83
CA GLU Y 490 -17.18 10.36 102.94
C GLU Y 490 -18.16 9.50 103.70
N VAL Y 491 -17.70 8.80 104.74
CA VAL Y 491 -18.60 7.98 105.55
C VAL Y 491 -19.57 8.86 106.33
N SER Y 492 -19.09 9.98 106.87
CA SER Y 492 -19.92 10.87 107.69
C SER Y 492 -20.96 11.64 106.90
N GLN Y 493 -20.91 11.61 105.58
CA GLN Y 493 -21.91 12.32 104.77
C GLN Y 493 -23.28 11.65 104.83
N ASN Y 494 -23.33 10.33 105.10
CA ASN Y 494 -24.57 9.59 105.07
C ASN Y 494 -24.95 8.99 106.42
N TYR Y 495 -24.17 9.22 107.47
CA TYR Y 495 -24.40 8.63 108.78
C TYR Y 495 -24.26 9.69 109.87
N LYS Y 496 -24.96 10.80 109.69
CA LYS Y 496 -24.94 11.91 110.65
C LYS Y 496 -25.53 11.52 111.99
N SER Z 5 -1.30 -40.92 120.34
CA SER Z 5 -0.19 -40.91 121.30
C SER Z 5 -0.01 -39.52 121.89
N LEU Z 6 0.73 -39.45 123.01
CA LEU Z 6 0.97 -38.17 123.66
C LEU Z 6 1.93 -37.30 122.88
N LYS Z 7 2.94 -37.91 122.24
CA LYS Z 7 3.96 -37.14 121.53
C LYS Z 7 3.38 -36.38 120.34
N ASN Z 8 2.49 -37.02 119.58
CA ASN Z 8 1.85 -36.36 118.45
C ASN Z 8 0.97 -35.20 118.92
N LEU Z 9 0.26 -35.39 120.02
CA LEU Z 9 -0.57 -34.32 120.59
C LEU Z 9 0.30 -33.15 121.04
N VAL Z 10 1.45 -33.44 121.66
CA VAL Z 10 2.38 -32.41 122.10
C VAL Z 10 2.92 -31.63 120.90
N THR Z 11 3.35 -32.34 119.86
CA THR Z 11 3.90 -31.68 118.68
C THR Z 11 2.85 -30.92 117.89
N SER Z 12 1.59 -31.34 117.94
CA SER Z 12 0.54 -30.70 117.17
C SER Z 12 -0.06 -29.48 117.87
N ALA Z 13 -0.27 -29.55 119.19
CA ALA Z 13 -0.98 -28.47 119.87
C ALA Z 13 -0.13 -27.22 120.06
N VAL Z 14 1.20 -27.34 119.97
CA VAL Z 14 2.04 -26.17 120.16
C VAL Z 14 2.05 -25.27 118.92
N THR Z 15 1.66 -25.80 117.75
CA THR Z 15 1.67 -25.02 116.53
C THR Z 15 0.30 -24.48 116.14
N VAL Z 16 -0.65 -24.49 117.07
CA VAL Z 16 -1.99 -23.99 116.80
C VAL Z 16 -2.17 -22.61 117.40
N GLY Z 17 -2.98 -21.79 116.75
CA GLY Z 17 -3.17 -20.41 117.15
C GLY Z 17 -2.10 -19.46 116.65
N VAL Z 18 -1.20 -19.92 115.78
CA VAL Z 18 -0.10 -19.10 115.30
C VAL Z 18 -0.47 -18.22 114.11
N THR Z 19 -1.63 -18.43 113.49
CA THR Z 19 -2.03 -17.61 112.35
C THR Z 19 -2.32 -16.18 112.77
N GLU Z 20 -3.15 -16.01 113.81
CA GLU Z 20 -3.47 -14.67 114.30
C GLU Z 20 -2.25 -14.00 114.93
N ALA Z 21 -1.41 -14.78 115.62
CA ALA Z 21 -0.20 -14.23 116.20
C ALA Z 21 0.78 -13.77 115.12
N ARG Z 22 0.92 -14.55 114.05
CA ARG Z 22 1.78 -14.17 112.94
C ARG Z 22 1.26 -12.91 112.25
N ALA Z 23 -0.06 -12.83 112.04
CA ALA Z 23 -0.64 -11.65 111.41
C ALA Z 23 -0.54 -10.42 112.31
N ARG Z 24 -0.56 -10.60 113.63
CA ARG Z 24 -0.39 -9.47 114.53
C ARG Z 24 1.06 -9.01 114.59
N ILE Z 25 2.01 -9.95 114.63
CA ILE Z 25 3.42 -9.59 114.75
C ILE Z 25 3.92 -8.93 113.47
N PHE Z 26 3.62 -9.52 112.32
CA PHE Z 26 4.15 -9.00 111.07
C PHE Z 26 3.23 -7.98 110.41
N GLY Z 27 2.10 -7.66 111.03
CA GLY Z 27 1.16 -6.72 110.43
C GLY Z 27 0.50 -7.19 109.17
N HIS Z 28 0.21 -8.49 109.06
CA HIS Z 28 -0.35 -9.04 107.84
C HIS Z 28 -1.85 -8.75 107.75
N MET Z 29 -2.38 -8.93 106.55
CA MET Z 29 -3.80 -8.82 106.28
C MET Z 29 -4.43 -10.20 106.35
N LEU Z 30 -5.47 -10.35 107.17
CA LEU Z 30 -6.15 -11.62 107.35
C LEU Z 30 -7.46 -11.61 106.57
N ASN Z 31 -7.55 -12.50 105.58
CA ASN Z 31 -8.75 -12.65 104.75
C ASN Z 31 -9.00 -14.15 104.62
N PRO Z 32 -9.68 -14.77 105.61
CA PRO Z 32 -9.82 -16.23 105.59
C PRO Z 32 -10.75 -16.76 104.52
N THR Z 33 -11.82 -16.03 104.20
CA THR Z 33 -12.73 -16.44 103.14
C THR Z 33 -12.23 -16.10 101.74
N GLY Z 34 -11.24 -15.21 101.63
CA GLY Z 34 -10.65 -14.87 100.35
C GLY Z 34 -11.53 -14.11 99.38
N GLN Z 35 -12.37 -13.22 99.88
CA GLN Z 35 -13.15 -12.36 99.00
C GLN Z 35 -12.26 -11.27 98.40
N ARG Z 36 -12.77 -10.65 97.33
CA ARG Z 36 -12.08 -9.52 96.73
C ARG Z 36 -12.01 -8.36 97.72
N SER Z 37 -10.85 -7.69 97.74
CA SER Z 37 -10.52 -6.75 98.79
C SER Z 37 -9.85 -5.52 98.18
N PRO Z 38 -9.97 -4.37 98.82
CA PRO Z 38 -9.17 -3.20 98.41
C PRO Z 38 -7.74 -3.19 98.93
N HIS Z 39 -7.25 -4.32 99.45
CA HIS Z 39 -5.91 -4.36 100.03
C HIS Z 39 -4.83 -4.34 98.95
N LYS Z 40 -5.10 -4.96 97.79
CA LYS Z 40 -4.08 -5.07 96.77
C LYS Z 40 -3.87 -3.75 96.02
N ILE Z 41 -4.86 -2.87 96.01
CA ILE Z 41 -4.68 -1.56 95.40
C ILE Z 41 -4.16 -0.52 96.38
N LEU Z 42 -4.31 -0.76 97.68
CA LEU Z 42 -3.82 0.14 98.71
C LEU Z 42 -2.42 -0.20 99.19
N ARG Z 43 -1.82 -1.26 98.65
CA ARG Z 43 -0.47 -1.66 99.03
C ARG Z 43 0.59 -1.26 98.01
N LYS Z 44 0.19 -0.70 96.87
CA LYS Z 44 1.13 -0.26 95.86
C LYS Z 44 1.41 1.24 95.99
N LYS Z 45 2.51 1.64 95.42
CA LYS Z 45 2.94 3.00 95.53
C LYS Z 45 2.15 3.90 94.71
N LEU Z 46 1.91 5.08 95.21
CA LEU Z 46 1.29 6.09 94.42
C LEU Z 46 2.33 6.53 93.39
N PHE Z 47 1.92 6.85 92.17
CA PHE Z 47 2.83 7.26 91.15
C PHE Z 47 2.46 8.56 90.46
N GLY Z 48 1.50 9.27 90.97
CA GLY Z 48 1.06 10.51 90.38
C GLY Z 48 2.06 11.63 90.26
N ASP Z 49 2.92 11.77 91.25
CA ASP Z 49 3.94 12.80 91.20
C ASP Z 49 5.06 12.39 90.29
N LYS Z 50 5.34 11.12 90.20
CA LYS Z 50 6.33 10.64 89.29
C LYS Z 50 5.94 10.90 87.87
N VAL Z 51 4.66 10.86 87.56
CA VAL Z 51 4.21 11.00 86.19
C VAL Z 51 4.10 12.45 85.85
N ALA Z 52 3.88 13.29 86.83
CA ALA Z 52 3.85 14.71 86.58
C ALA Z 52 5.24 15.30 86.43
N GLU Z 53 6.28 14.54 86.70
CA GLU Z 53 7.64 15.01 86.49
C GLU Z 53 8.20 14.61 85.12
N TRP Z 54 7.33 14.22 84.17
CA TRP Z 54 7.81 13.72 82.89
C TRP Z 54 8.42 14.83 82.04
N TYR Z 55 7.74 15.97 81.94
CA TYR Z 55 8.21 17.07 81.12
C TYR Z 55 9.02 18.02 81.99
N PRO Z 56 10.33 18.13 81.78
CA PRO Z 56 11.18 18.85 82.73
C PRO Z 56 11.35 20.33 82.38
N TYR Z 57 11.91 21.04 83.35
CA TYR Z 57 12.24 22.45 83.18
C TYR Z 57 13.43 22.60 82.24
N ASP Z 58 13.42 23.68 81.46
CA ASP Z 58 14.54 24.01 80.58
C ASP Z 58 15.36 25.11 81.27
N ILE Z 59 16.65 24.87 81.45
CA ILE Z 59 17.48 25.73 82.27
C ILE Z 59 17.81 27.06 81.61
N LYS Z 60 17.54 27.21 80.31
CA LYS Z 60 17.83 28.47 79.62
C LYS Z 60 16.89 29.58 80.03
N ASN Z 61 15.78 29.28 80.70
CA ASN Z 61 14.85 30.30 81.17
C ASN Z 61 15.37 31.06 82.39
N GLU Z 62 16.47 30.61 82.99
CA GLU Z 62 17.11 31.34 84.08
C GLU Z 62 17.97 32.49 83.60
N ASP Z 63 18.28 32.54 82.31
CA ASP Z 63 19.11 33.58 81.73
C ASP Z 63 18.25 34.51 80.89
N PRO Z 64 18.07 35.77 81.29
CA PRO Z 64 17.27 36.69 80.47
C PRO Z 64 17.93 37.09 79.16
N ASN Z 65 19.24 36.89 79.00
CA ASN Z 65 19.91 37.25 77.77
C ASN Z 65 19.48 36.35 76.61
N VAL Z 66 19.37 35.04 76.86
CA VAL Z 66 18.96 34.10 75.82
C VAL Z 66 17.50 34.35 75.42
N LEU Z 67 16.64 34.60 76.41
CA LEU Z 67 15.24 34.90 76.13
C LEU Z 67 15.10 36.21 75.34
N ALA Z 68 15.90 37.22 75.70
CA ALA Z 68 15.88 38.49 74.96
C ALA Z 68 16.37 38.29 73.53
N ARG Z 69 17.39 37.45 73.34
CA ARG Z 69 17.90 37.16 72.00
C ARG Z 69 16.85 36.45 71.14
N GLU Z 70 16.16 35.46 71.72
CA GLU Z 70 15.11 34.76 70.99
C GLU Z 70 13.95 35.69 70.65
N GLU Z 71 13.58 36.55 71.60
CA GLU Z 71 12.50 37.51 71.34
C GLU Z 71 12.91 38.53 70.29
N LYS Z 72 14.19 38.91 70.27
CA LYS Z 72 14.69 39.81 69.24
C LYS Z 72 14.64 39.16 67.86
N GLU Z 73 14.99 37.87 67.78
CA GLU Z 73 14.88 37.15 66.52
C GLU Z 73 13.43 37.08 66.03
N ARG Z 74 12.49 36.78 66.95
CA ARG Z 74 11.08 36.71 66.59
C ARG Z 74 10.55 38.07 66.13
N LEU Z 75 10.92 39.15 66.83
CA LEU Z 75 10.47 40.48 66.47
C LEU Z 75 11.07 40.92 65.14
N SER Z 76 12.33 40.55 64.88
CA SER Z 76 12.96 40.88 63.61
C SER Z 76 12.26 40.17 62.44
N LYS Z 77 11.92 38.89 62.63
CA LYS Z 77 11.17 38.18 61.59
C LYS Z 77 9.78 38.77 61.40
N LEU Z 78 9.14 39.17 62.50
CA LEU Z 78 7.83 39.83 62.42
C LEU Z 78 7.91 41.13 61.64
N GLU Z 79 8.93 41.95 61.90
CA GLU Z 79 9.07 43.22 61.20
C GLU Z 79 9.41 43.01 59.73
N MET Z 80 10.18 41.96 59.43
CA MET Z 80 10.45 41.63 58.04
C MET Z 80 9.18 41.22 57.31
N LEU Z 81 8.26 40.53 58.00
CA LEU Z 81 6.95 40.25 57.40
C LEU Z 81 6.12 41.52 57.25
N LYS Z 82 6.12 42.39 58.26
CA LYS Z 82 5.27 43.59 58.23
C LYS Z 82 5.74 44.64 57.23
N ARG Z 83 7.03 44.65 56.86
CA ARG Z 83 7.48 45.65 55.89
C ARG Z 83 6.91 45.41 54.50
N ARG Z 84 6.68 44.17 54.12
CA ARG Z 84 6.11 43.84 52.81
C ARG Z 84 4.63 43.51 52.88
N ASN Z 85 3.97 43.85 54.00
CA ASN Z 85 2.52 43.70 54.19
C ASN Z 85 2.07 42.25 54.04
N LYS Z 86 2.90 41.31 54.52
CA LYS Z 86 2.54 39.90 54.55
C LYS Z 86 2.36 39.40 55.98
N GLY Z 87 2.19 40.31 56.94
CA GLY Z 87 1.97 39.95 58.31
C GLY Z 87 0.56 39.48 58.57
N PRO Z 88 0.29 39.13 59.83
CA PRO Z 88 -1.05 38.66 60.20
C PRO Z 88 -2.08 39.75 60.05
N PRO Z 89 -3.29 39.41 59.60
CA PRO Z 89 -4.36 40.41 59.52
C PRO Z 89 -4.87 40.78 60.90
N GLN Z 90 -5.71 41.81 60.93
CA GLN Z 90 -6.37 42.21 62.17
C GLN Z 90 -7.37 41.14 62.60
N LYS Z 91 -7.32 40.77 63.88
CA LYS Z 91 -8.21 39.76 64.42
C LYS Z 91 -9.64 40.29 64.41
N GLY Z 92 -10.56 39.53 63.83
CA GLY Z 92 -11.90 39.98 63.56
C GLY Z 92 -12.08 40.57 62.17
N HIS Z 93 -11.00 40.72 61.41
CA HIS Z 93 -11.02 41.28 60.07
C HIS Z 93 -10.21 40.42 59.11
N GLY Z 94 -10.48 39.11 59.13
CA GLY Z 94 -9.83 38.20 58.21
C GLY Z 94 -10.29 38.41 56.78
N ARG Z 95 -9.57 37.77 55.85
CA ARG Z 95 -9.80 38.00 54.42
C ARG Z 95 -11.17 37.52 53.98
N ARG Z 96 -11.55 36.30 54.38
CA ARG Z 96 -12.90 35.81 54.08
C ARG Z 96 -13.95 36.60 54.85
N ALA Z 97 -13.62 37.04 56.07
CA ALA Z 97 -14.52 37.91 56.81
C ALA Z 97 -14.62 39.29 56.17
N ALA Z 98 -13.53 39.78 55.56
CA ALA Z 98 -13.59 41.06 54.86
C ALA Z 98 -14.40 40.96 53.58
N LYS Z 99 -14.33 39.80 52.91
CA LYS Z 99 -15.20 39.59 51.75
C LYS Z 99 -16.65 39.37 52.16
N ARG Z 100 -16.88 38.85 53.37
CA ARG Z 100 -18.24 38.72 53.87
C ARG Z 100 -18.86 40.08 54.14
N ASN Z 101 -18.07 41.03 54.66
CA ASN Z 101 -18.55 42.39 54.89
C ASN Z 101 -18.53 43.25 53.65
N LYS Z 102 -18.01 42.74 52.53
CA LYS Z 102 -17.94 43.49 51.29
C LYS Z 102 -19.31 43.54 50.61
N LYS AA 56 -2.83 117.05 -44.39
CA LYS AA 56 -1.83 116.00 -44.47
C LYS AA 56 -0.64 116.47 -45.30
N LYS AA 57 0.57 116.15 -44.85
CA LYS AA 57 1.78 116.57 -45.56
C LYS AA 57 1.95 115.76 -46.85
N LYS AA 58 2.79 116.28 -47.73
CA LYS AA 58 2.93 115.76 -49.08
C LYS AA 58 4.30 115.14 -49.29
N ASN AA 59 4.34 114.06 -50.07
CA ASN AA 59 5.62 113.46 -50.45
C ASN AA 59 6.13 114.16 -51.70
N LEU AA 60 7.20 113.62 -52.31
CA LEU AA 60 7.81 114.28 -53.46
C LEU AA 60 6.89 114.25 -54.67
N ILE AA 61 6.16 113.16 -54.85
CA ILE AA 61 5.25 113.02 -55.98
C ILE AA 61 4.05 113.95 -55.83
N GLU AA 62 3.51 114.08 -54.62
CA GLU AA 62 2.34 114.91 -54.39
C GLU AA 62 2.68 116.40 -54.41
N VAL AA 63 3.96 116.77 -54.43
CA VAL AA 63 4.36 118.15 -54.63
C VAL AA 63 4.60 118.37 -56.13
N ALA AA 64 5.18 117.37 -56.78
CA ALA AA 64 5.49 117.47 -58.21
C ALA AA 64 4.24 117.43 -59.09
N GLN AA 65 3.06 117.14 -58.54
CA GLN AA 65 1.85 117.22 -59.34
C GLN AA 65 1.42 118.66 -59.57
N PHE AA 66 1.73 119.56 -58.64
CA PHE AA 66 1.43 120.99 -58.84
C PHE AA 66 2.63 121.71 -59.40
N LEU AA 67 3.23 121.16 -60.45
CA LEU AA 67 4.44 121.72 -61.04
C LEU AA 67 4.41 121.51 -62.55
N PRO AA 68 4.74 122.54 -63.33
CA PRO AA 68 4.80 122.36 -64.78
C PRO AA 68 5.93 121.44 -65.19
N ASN AA 69 5.69 120.68 -66.25
CA ASN AA 69 6.63 119.68 -66.79
C ASN AA 69 6.98 118.64 -65.72
N TRP AA 70 6.02 118.34 -64.85
CA TRP AA 70 6.14 117.36 -63.75
C TRP AA 70 7.31 117.67 -62.81
N GLY AA 71 7.75 118.92 -62.74
CA GLY AA 71 8.80 119.29 -61.81
C GLY AA 71 10.22 119.03 -62.26
N ILE AA 72 10.44 118.47 -63.46
CA ILE AA 72 11.79 118.31 -63.97
C ILE AA 72 12.44 119.68 -64.16
N GLY AA 73 13.62 119.85 -63.57
CA GLY AA 73 14.31 121.11 -63.56
C GLY AA 73 14.16 121.92 -62.30
N TYR AA 74 13.46 121.40 -61.29
CA TYR AA 74 13.21 122.13 -60.07
C TYR AA 74 13.96 121.49 -58.90
N HIS AA 75 14.16 122.27 -57.85
CA HIS AA 75 14.92 121.84 -56.69
C HIS AA 75 13.95 121.38 -55.60
N MET AA 76 14.06 120.11 -55.20
CA MET AA 76 13.23 119.51 -54.18
C MET AA 76 14.06 119.23 -52.94
N ALA AA 77 13.49 119.46 -51.77
CA ALA AA 77 14.19 119.21 -50.52
C ALA AA 77 13.21 118.76 -49.46
N LYS AA 78 13.73 118.03 -48.47
CA LYS AA 78 12.95 117.78 -47.28
C LYS AA 78 12.86 119.06 -46.43
N ALA AA 79 11.80 119.14 -45.62
CA ALA AA 79 11.48 120.40 -44.95
C ALA AA 79 12.50 120.75 -43.88
N HIS AA 80 13.09 119.75 -43.23
CA HIS AA 80 14.09 120.00 -42.19
C HIS AA 80 15.51 120.12 -42.75
N TRP AA 81 15.69 119.92 -44.04
CA TRP AA 81 17.00 120.09 -44.65
C TRP AA 81 17.38 121.57 -44.67
N ASN AA 82 18.67 121.83 -44.49
CA ASN AA 82 19.20 123.20 -44.39
C ASN AA 82 20.35 123.32 -45.38
N GLY AA 83 20.03 123.76 -46.59
CA GLY AA 83 21.06 124.00 -47.59
C GLY AA 83 21.37 122.84 -48.50
N VAL AA 84 20.38 122.04 -48.85
CA VAL AA 84 20.59 120.95 -49.81
C VAL AA 84 19.27 120.64 -50.51
N SER AA 85 19.36 120.36 -51.81
CA SER AA 85 18.19 120.06 -52.62
C SER AA 85 18.62 119.22 -53.81
N TYR AA 86 17.63 118.65 -54.49
CA TYR AA 86 17.84 117.77 -55.63
C TYR AA 86 17.18 118.40 -56.85
N GLU AA 87 17.90 118.45 -57.97
CA GLU AA 87 17.36 119.01 -59.20
C GLU AA 87 16.85 117.85 -60.06
N ILE AA 88 15.52 117.81 -60.27
CA ILE AA 88 14.85 116.63 -60.79
C ILE AA 88 15.24 116.36 -62.24
N THR AA 89 15.54 115.09 -62.54
CA THR AA 89 15.84 114.66 -63.90
C THR AA 89 14.89 113.62 -64.46
N LYS AA 90 14.23 112.81 -63.63
CA LYS AA 90 13.27 111.82 -64.10
C LYS AA 90 12.32 111.45 -62.97
N ILE AA 91 11.03 111.33 -63.29
CA ILE AA 91 10.01 110.90 -62.34
C ILE AA 91 9.35 109.65 -62.90
N ASN AA 92 9.35 108.57 -62.12
CA ASN AA 92 8.75 107.29 -62.50
C ASN AA 92 7.43 107.14 -61.77
N LEU AA 93 6.37 107.71 -62.35
CA LEU AA 93 5.07 107.76 -61.70
C LEU AA 93 4.41 106.39 -61.70
N TYR AA 94 3.72 106.09 -60.60
CA TYR AA 94 3.01 104.83 -60.44
C TYR AA 94 1.58 105.00 -60.98
N LYS AA 95 0.69 104.05 -60.69
CA LYS AA 95 -0.66 104.10 -61.25
C LYS AA 95 -1.52 105.17 -60.57
N ASP AA 96 -1.45 105.29 -59.25
CA ASP AA 96 -2.40 106.14 -58.56
C ASP AA 96 -2.11 107.63 -58.73
N GLY AA 97 -0.91 107.98 -59.17
CA GLY AA 97 -0.54 109.37 -59.33
C GLY AA 97 -0.08 110.06 -58.07
N ARG AA 98 0.00 109.35 -56.94
CA ARG AA 98 0.48 109.93 -55.70
C ARG AA 98 1.80 109.34 -55.23
N HIS AA 99 2.31 108.30 -55.87
CA HIS AA 99 3.54 107.65 -55.44
C HIS AA 99 4.40 107.38 -56.66
N GLY AA 100 5.69 107.21 -56.44
CA GLY AA 100 6.60 106.89 -57.52
C GLY AA 100 8.04 107.01 -57.09
N LYS AA 101 8.93 106.95 -58.09
CA LYS AA 101 10.35 107.15 -57.88
C LYS AA 101 10.74 108.55 -58.35
N ALA AA 102 12.03 108.87 -58.20
CA ALA AA 102 12.56 110.16 -58.58
C ALA AA 102 14.08 110.06 -58.74
N TRP AA 103 14.60 110.82 -59.69
CA TRP AA 103 16.03 110.93 -59.94
C TRP AA 103 16.41 112.41 -59.89
N GLY AA 104 17.62 112.70 -59.40
CA GLY AA 104 17.94 114.09 -59.14
C GLY AA 104 19.43 114.35 -59.16
N ILE AA 105 19.76 115.64 -59.13
CA ILE AA 105 21.13 116.12 -59.07
C ILE AA 105 21.30 116.87 -57.76
N VAL AA 106 22.24 116.44 -56.93
CA VAL AA 106 22.41 117.02 -55.60
C VAL AA 106 23.15 118.34 -55.69
N HIS AA 107 22.67 119.33 -54.94
CA HIS AA 107 23.27 120.65 -54.88
C HIS AA 107 23.64 120.95 -53.45
N LYS AA 108 24.93 121.22 -53.20
CA LYS AA 108 25.41 121.61 -51.88
C LYS AA 108 25.54 123.13 -51.85
N ASP AA 109 24.76 123.77 -50.97
CA ASP AA 109 24.75 125.23 -50.77
C ASP AA 109 24.46 125.97 -52.08
N GLY AA 110 23.55 125.42 -52.88
CA GLY AA 110 23.24 125.98 -54.17
C GLY AA 110 24.24 125.69 -55.27
N LEU AA 111 25.29 124.94 -54.97
CA LEU AA 111 26.31 124.58 -55.95
C LEU AA 111 26.24 123.09 -56.23
N ARG AA 112 26.29 122.73 -57.52
CA ARG AA 112 26.23 121.33 -57.93
C ARG AA 112 27.47 120.58 -57.46
N ALA AA 113 27.27 119.38 -56.91
CA ALA AA 113 28.35 118.59 -56.34
C ALA AA 113 28.55 117.23 -56.99
N ALA AA 114 27.67 116.82 -57.90
CA ALA AA 114 27.80 115.53 -58.57
C ALA AA 114 27.57 115.71 -60.06
N GLU AA 115 28.18 114.81 -60.84
CA GLU AA 115 28.08 114.88 -62.29
C GLU AA 115 26.90 114.10 -62.82
N ALA AA 116 26.77 112.83 -62.43
CA ALA AA 116 25.69 111.96 -62.90
C ALA AA 116 24.57 111.92 -61.87
N PRO AA 117 23.32 111.85 -62.30
CA PRO AA 117 22.20 111.81 -61.35
C PRO AA 117 22.13 110.47 -60.64
N LYS AA 118 21.39 110.46 -59.52
CA LYS AA 118 21.20 109.25 -58.74
C LYS AA 118 19.77 109.21 -58.24
N LYS AA 119 19.33 108.01 -57.89
CA LYS AA 119 17.97 107.83 -57.39
C LYS AA 119 17.84 108.42 -55.98
N ILE AA 120 16.72 109.07 -55.72
CA ILE AA 120 16.52 109.81 -54.49
C ILE AA 120 15.92 108.90 -53.43
N SER AA 121 16.51 108.92 -52.24
CA SER AA 121 16.00 108.16 -51.11
C SER AA 121 14.86 108.89 -50.42
N GLY AA 122 13.91 108.11 -49.90
CA GLY AA 122 12.82 108.65 -49.11
C GLY AA 122 11.84 109.52 -49.86
N VAL AA 123 11.44 109.07 -51.06
CA VAL AA 123 10.54 109.85 -51.90
C VAL AA 123 9.14 109.90 -51.31
N HIS AA 124 8.67 108.79 -50.75
CA HIS AA 124 7.31 108.74 -50.21
C HIS AA 124 7.22 109.26 -48.78
N LYS AA 125 8.31 109.72 -48.18
CA LYS AA 125 8.21 110.37 -46.88
C LYS AA 125 7.48 111.69 -47.02
N ARG AA 126 6.55 111.96 -46.11
CA ARG AA 126 5.71 113.15 -46.19
C ARG AA 126 6.39 114.35 -45.53
N CYS AA 127 7.51 114.77 -46.14
CA CYS AA 127 8.24 115.93 -45.64
C CYS AA 127 8.85 116.78 -46.75
N TRP AA 128 8.47 116.56 -48.01
CA TRP AA 128 9.17 117.17 -49.13
C TRP AA 128 8.57 118.54 -49.48
N LYS AA 129 9.39 119.34 -50.17
CA LYS AA 129 8.99 120.67 -50.62
C LYS AA 129 9.89 121.06 -51.79
N TYR AA 130 9.44 122.06 -52.55
CA TYR AA 130 10.26 122.65 -53.59
C TYR AA 130 10.70 124.05 -53.17
N ILE AA 131 11.94 124.38 -53.49
CA ILE AA 131 12.50 125.70 -53.22
C ILE AA 131 12.16 126.60 -54.40
N PRO AA 132 11.39 127.67 -54.20
CA PRO AA 132 11.07 128.56 -55.32
C PRO AA 132 12.23 129.46 -55.74
N ASN AA 133 13.27 129.57 -54.92
CA ASN AA 133 14.37 130.51 -55.18
C ASN AA 133 15.55 129.87 -55.90
N LEU AA 134 15.87 128.62 -55.59
CA LEU AA 134 16.99 127.94 -56.23
C LEU AA 134 16.67 127.48 -57.65
N SER AA 135 15.41 127.18 -57.94
CA SER AA 135 15.04 126.56 -59.21
C SER AA 135 14.93 127.59 -60.33
N VAL BA 82 12.75 64.76 109.22
CA VAL BA 82 12.60 64.38 107.81
C VAL BA 82 11.76 63.12 107.69
N GLY BA 83 10.72 63.18 106.88
CA GLY BA 83 9.83 62.04 106.67
C GLY BA 83 10.40 61.13 105.58
N ASN BA 84 9.65 60.08 105.26
CA ASN BA 84 10.09 59.12 104.25
C ASN BA 84 9.94 59.69 102.84
N LYS BA 85 8.92 60.52 102.62
CA LYS BA 85 8.70 61.10 101.30
C LYS BA 85 9.83 62.06 100.92
N GLU BA 86 10.29 62.87 101.88
CA GLU BA 86 11.42 63.75 101.63
C GLU BA 86 12.72 62.97 101.50
N LEU BA 87 12.84 61.84 102.21
CA LEU BA 87 14.02 61.00 102.11
C LEU BA 87 14.09 60.28 100.77
N LYS BA 88 12.93 59.97 100.17
CA LYS BA 88 12.90 59.33 98.86
C LYS BA 88 13.53 60.21 97.80
N ALA BA 89 13.27 61.52 97.86
CA ALA BA 89 13.89 62.46 96.94
C ALA BA 89 15.40 62.50 97.10
N ARG BA 90 15.89 62.47 98.35
CA ARG BA 90 17.33 62.49 98.60
C ARG BA 90 18.00 61.24 98.06
N ILE BA 91 17.41 60.06 98.32
CA ILE BA 91 17.96 58.80 97.83
C ILE BA 91 17.94 58.76 96.30
N GLU BA 92 16.84 59.22 95.70
CA GLU BA 92 16.71 59.22 94.25
C GLU BA 92 17.72 60.16 93.60
N LYS BA 93 17.88 61.37 94.15
CA LYS BA 93 18.89 62.29 93.64
C LYS BA 93 20.31 61.82 93.91
N TYR BA 94 20.51 60.94 94.89
CA TYR BA 94 21.85 60.39 95.06
C TYR BA 94 22.17 59.29 94.04
N PHE BA 95 21.20 58.42 93.73
CA PHE BA 95 21.50 57.24 92.91
C PHE BA 95 21.91 57.59 91.48
N ASN BA 96 21.10 58.38 90.77
CA ASN BA 96 21.26 58.51 89.32
C ASN BA 96 21.77 59.89 88.89
N GLU BA 97 22.72 60.46 89.63
CA GLU BA 97 23.38 61.69 89.23
C GLU BA 97 24.89 61.55 89.03
N GLY BA 98 25.55 60.69 89.80
CA GLY BA 98 26.96 60.44 89.63
C GLY BA 98 27.88 61.33 90.44
N ASN BA 99 27.35 62.37 91.07
CA ASN BA 99 28.14 63.24 91.92
C ASN BA 99 27.82 62.98 93.39
N GLU BA 100 28.77 63.28 94.27
CA GLU BA 100 28.62 63.00 95.70
C GLU BA 100 28.08 64.26 96.37
N ASP BA 101 26.82 64.54 96.10
CA ASP BA 101 26.17 65.76 96.57
C ASP BA 101 25.04 65.51 97.56
N ALA BA 102 24.22 64.48 97.35
CA ALA BA 102 23.06 64.25 98.20
C ALA BA 102 23.40 63.47 99.46
N LEU BA 103 24.64 62.98 99.59
CA LEU BA 103 25.02 62.24 100.80
C LEU BA 103 24.95 63.05 102.10
N PRO BA 104 25.35 64.33 102.19
CA PRO BA 104 25.06 65.07 103.42
C PRO BA 104 23.58 65.15 103.76
N GLY BA 105 22.72 65.30 102.76
CA GLY BA 105 21.29 65.26 103.01
C GLY BA 105 20.81 63.91 103.50
N ILE BA 106 21.40 62.84 102.94
CA ILE BA 106 21.02 61.48 103.33
C ILE BA 106 21.41 61.20 104.77
N ILE BA 107 22.65 61.52 105.14
CA ILE BA 107 23.10 61.26 106.51
C ILE BA 107 22.36 62.17 107.50
N GLU BA 108 22.04 63.41 107.08
CA GLU BA 108 21.26 64.31 107.93
C GLU BA 108 19.86 63.77 108.18
N ALA BA 109 19.16 63.35 107.12
CA ALA BA 109 17.80 62.84 107.26
C ALA BA 109 17.75 61.56 108.07
N LEU BA 110 18.70 60.64 107.83
CA LEU BA 110 18.66 59.38 108.55
C LEU BA 110 19.13 59.53 110.00
N LEU BA 111 20.06 60.44 110.27
CA LEU BA 111 20.42 60.71 111.66
C LEU BA 111 19.27 61.35 112.41
N GLN BA 112 18.53 62.25 111.75
CA GLN BA 112 17.33 62.83 112.36
C GLN BA 112 16.26 61.76 112.61
N ARG BA 113 16.09 60.83 111.67
CA ARG BA 113 15.11 59.77 111.84
C ARG BA 113 15.49 58.81 112.96
N ARG BA 114 16.79 58.55 113.14
CA ARG BA 114 17.22 57.74 114.27
C ARG BA 114 17.12 58.49 115.59
N LEU BA 115 17.29 59.81 115.58
CA LEU BA 115 17.18 60.58 116.82
C LEU BA 115 15.73 60.69 117.28
N ALA BA 116 14.82 61.00 116.35
CA ALA BA 116 13.40 61.04 116.70
C ALA BA 116 12.88 59.64 117.00
N ASP BA 117 13.36 58.64 116.24
CA ASP BA 117 13.06 57.21 116.44
C ASP BA 117 11.56 56.93 116.35
N LYS BA 118 10.88 57.60 115.43
CA LYS BA 118 9.48 57.31 115.14
C LYS BA 118 9.31 56.34 113.99
N HIS BA 119 10.16 56.43 112.96
CA HIS BA 119 10.15 55.47 111.86
C HIS BA 119 11.13 54.33 112.12
N ALA BA 120 11.00 53.69 113.28
CA ALA BA 120 11.90 52.61 113.67
C ALA BA 120 11.61 51.30 112.96
N ASP BA 121 10.39 51.13 112.43
CA ASP BA 121 10.06 49.93 111.66
C ASP BA 121 10.46 50.04 110.20
N THR BA 122 10.85 51.23 109.75
CA THR BA 122 11.12 51.48 108.33
C THR BA 122 12.58 51.26 107.97
N ASP BA 123 13.51 51.54 108.88
CA ASP BA 123 14.93 51.39 108.57
C ASP BA 123 15.33 49.94 108.32
N ASP BA 124 14.67 49.00 109.00
CA ASP BA 124 14.94 47.58 108.78
C ASP BA 124 14.54 47.15 107.36
N GLU BA 125 13.37 47.59 106.90
CA GLU BA 125 12.96 47.20 105.55
C GLU BA 125 13.76 47.97 104.48
N VAL BA 126 14.25 49.17 104.80
CA VAL BA 126 15.22 49.82 103.91
C VAL BA 126 16.52 49.01 103.81
N MET BA 127 17.01 48.49 104.94
CA MET BA 127 18.20 47.65 104.90
C MET BA 127 17.96 46.37 104.09
N ASP BA 128 16.77 45.77 104.26
CA ASP BA 128 16.43 44.58 103.48
C ASP BA 128 16.32 44.91 101.99
N SER BA 129 15.72 46.05 101.65
CA SER BA 129 15.59 46.45 100.24
C SER BA 129 16.95 46.70 99.61
N LEU BA 130 17.87 47.32 100.35
CA LEU BA 130 19.19 47.56 99.77
C LEU BA 130 19.98 46.27 99.63
N GLN BA 131 19.95 45.42 100.66
CA GLN BA 131 20.81 44.23 100.66
C GLN BA 131 20.30 43.14 99.72
N ASN BA 132 18.99 42.88 99.72
CA ASN BA 132 18.48 41.67 99.07
C ASN BA 132 17.94 41.90 97.66
N GLN BA 133 17.40 43.08 97.36
CA GLN BA 133 16.83 43.32 96.05
C GLN BA 133 17.93 43.45 95.00
N PRO BA 134 17.77 42.80 93.83
CA PRO BA 134 18.80 42.85 92.81
C PRO BA 134 18.91 44.23 92.16
N PHE BA 135 20.06 44.48 91.57
CA PHE BA 135 20.38 45.74 90.89
C PHE BA 135 20.65 45.45 89.41
N LYS BA 136 21.08 46.50 88.70
CA LYS BA 136 21.36 46.39 87.26
C LYS BA 136 22.77 45.85 87.08
N ASP BA 137 22.87 44.51 87.12
CA ASP BA 137 24.14 43.82 86.93
C ASP BA 137 24.28 43.33 85.49
N ASP BA 138 24.33 44.29 84.57
CA ASP BA 138 24.43 44.00 83.14
C ASP BA 138 25.89 44.08 82.73
N VAL BA 139 26.49 42.93 82.41
CA VAL BA 139 27.88 42.86 81.97
C VAL BA 139 27.89 42.88 80.44
N LYS BA 140 28.60 43.85 79.88
CA LYS BA 140 28.71 43.94 78.43
C LYS BA 140 29.65 42.87 77.88
N ASP BA 141 29.51 42.59 76.59
CA ASP BA 141 30.27 41.51 75.96
C ASP BA 141 31.75 41.85 75.85
N GLU BA 142 32.07 43.12 75.61
CA GLU BA 142 33.47 43.54 75.51
C GLU BA 142 34.17 43.44 76.87
N ASP BA 143 33.51 43.88 77.93
CA ASP BA 143 34.06 43.73 79.28
C ASP BA 143 34.18 42.26 79.65
N PHE BA 144 33.19 41.45 79.24
CA PHE BA 144 33.22 40.00 79.47
C PHE BA 144 34.44 39.37 78.81
N GLU BA 145 34.70 39.70 77.55
CA GLU BA 145 35.81 39.07 76.82
C GLU BA 145 37.16 39.55 77.34
N SER BA 146 37.31 40.87 77.56
CA SER BA 146 38.59 41.40 78.06
C SER BA 146 38.88 40.90 79.47
N ASP BA 147 37.86 40.85 80.33
CA ASP BA 147 38.03 40.40 81.69
C ASP BA 147 38.24 38.89 81.79
N PHE BA 148 37.73 38.12 80.82
CA PHE BA 148 38.11 36.71 80.73
C PHE BA 148 39.55 36.56 80.26
N GLU BA 149 39.96 37.35 79.27
CA GLU BA 149 41.29 37.22 78.70
C GLU BA 149 42.39 37.61 79.68
N GLU BA 150 42.14 38.61 80.53
CA GLU BA 150 43.20 39.09 81.41
C GLU BA 150 43.50 38.12 82.54
N ALA BA 151 42.54 37.27 82.91
CA ALA BA 151 42.68 36.44 84.11
C ALA BA 151 43.23 35.05 83.84
N HIS BA 152 43.16 34.55 82.61
CA HIS BA 152 43.54 33.18 82.31
C HIS BA 152 44.79 33.17 81.43
N SER BA 153 45.78 32.39 81.83
CA SER BA 153 46.95 32.15 80.98
C SER BA 153 46.66 30.98 80.06
N THR BA 154 47.19 31.06 78.83
CA THR BA 154 46.91 30.05 77.84
C THR BA 154 47.61 28.73 78.18
N ASP BA 155 46.91 27.63 77.93
CA ASP BA 155 47.50 26.31 78.15
C ASP BA 155 48.52 26.00 77.06
N ASP BA 156 49.56 25.25 77.41
CA ASP BA 156 50.68 25.02 76.50
C ASP BA 156 50.98 23.54 76.27
N GLU BA 157 50.11 22.64 76.75
CA GLU BA 157 50.37 21.21 76.62
C GLU BA 157 49.21 20.44 75.99
N LEU BA 158 48.16 21.12 75.53
CA LEU BA 158 46.97 20.43 75.04
C LEU BA 158 47.08 20.05 73.57
N GLU BA 159 47.20 21.06 72.69
CA GLU BA 159 47.38 20.99 71.25
C GLU BA 159 46.13 20.51 70.49
N ASP BA 160 45.12 20.03 71.22
CA ASP BA 160 43.80 19.69 70.71
C ASP BA 160 42.90 19.44 71.91
N LEU BA 161 41.61 19.32 71.65
CA LEU BA 161 40.62 19.01 72.68
C LEU BA 161 40.11 17.58 72.55
N TYR BA 162 40.84 16.73 71.83
CA TYR BA 162 40.41 15.36 71.62
C TYR BA 162 40.52 14.51 72.88
N ASN BA 163 41.53 14.78 73.70
CA ASN BA 163 41.76 14.06 74.96
C ASN BA 163 41.56 14.96 76.16
N SER BA 164 40.62 15.90 76.06
CA SER BA 164 40.31 16.78 77.19
C SER BA 164 39.80 16.08 78.46
N PRO BA 165 38.91 15.08 78.42
CA PRO BA 165 38.56 14.40 79.69
C PRO BA 165 39.73 13.67 80.33
N GLU BA 166 40.67 13.15 79.54
CA GLU BA 166 41.89 12.60 80.11
C GLU BA 166 42.72 13.68 80.79
N TYR BA 167 42.72 14.90 80.23
CA TYR BA 167 43.43 16.02 80.84
C TYR BA 167 42.82 16.39 82.19
N VAL BA 168 41.48 16.46 82.24
CA VAL BA 168 40.81 16.78 83.50
C VAL BA 168 41.00 15.68 84.54
N LYS BA 169 40.91 14.42 84.11
CA LYS BA 169 41.11 13.30 85.04
C LYS BA 169 42.55 13.23 85.54
N LYS BA 170 43.52 13.55 84.68
CA LYS BA 170 44.91 13.58 85.10
C LYS BA 170 45.19 14.74 86.04
N LYS BA 171 44.50 15.87 85.84
CA LYS BA 171 44.58 16.96 86.81
C LYS BA 171 44.02 16.55 88.15
N MET BA 172 42.95 15.76 88.15
CA MET BA 172 42.43 15.22 89.40
C MET BA 172 43.37 14.17 90.01
N GLN BA 173 44.15 13.48 89.17
CA GLN BA 173 45.11 12.48 89.66
C GLN BA 173 46.21 13.11 90.51
N ASN BA 174 46.71 14.28 90.10
CA ASN BA 174 47.91 14.83 90.71
C ASN BA 174 47.63 15.39 92.10
N ASN BA 175 46.37 15.70 92.40
CA ASN BA 175 45.97 16.13 93.73
C ASN BA 175 46.14 14.96 94.70
N GLU BA 176 47.13 15.07 95.59
CA GLU BA 176 47.39 13.99 96.55
C GLU BA 176 46.27 13.84 97.57
N PHE BA 177 45.70 14.94 98.05
CA PHE BA 177 44.53 14.91 98.89
C PHE BA 177 43.24 15.06 98.08
N PHE BA 178 43.11 14.25 97.01
CA PHE BA 178 41.85 14.21 96.28
C PHE BA 178 40.80 13.45 97.07
N ASN BA 179 41.18 12.33 97.66
CA ASN BA 179 40.34 11.56 98.57
C ASN BA 179 41.06 11.43 99.90
N MET BA 180 40.37 11.77 100.97
CA MET BA 180 40.93 11.73 102.32
C MET BA 180 40.31 10.59 103.11
N ASP BA 181 41.17 9.75 103.71
CA ASP BA 181 40.69 8.69 104.58
C ASP BA 181 41.12 8.94 106.03
N GLU BA 182 40.87 7.97 106.90
CA GLU BA 182 41.25 8.12 108.30
C GLU BA 182 42.77 8.04 108.48
N LYS BA 183 43.46 7.25 107.66
CA LYS BA 183 44.90 7.05 107.86
C LYS BA 183 45.69 8.30 107.51
N LYS BA 184 45.37 8.94 106.37
CA LYS BA 184 46.02 10.20 106.02
C LYS BA 184 45.72 11.28 107.04
N TRP BA 185 44.49 11.30 107.55
CA TRP BA 185 44.11 12.27 108.56
C TRP BA 185 44.90 12.08 109.86
N ASP BA 186 45.03 10.84 110.34
CA ASP BA 186 45.78 10.67 111.57
C ASP BA 186 47.28 10.87 111.35
N VAL BA 187 47.77 10.62 110.12
CA VAL BA 187 49.15 10.93 109.80
C VAL BA 187 49.43 12.43 109.89
N ILE BA 188 48.57 13.25 109.29
CA ILE BA 188 48.80 14.69 109.36
C ILE BA 188 48.52 15.23 110.76
N VAL BA 189 47.61 14.59 111.50
CA VAL BA 189 47.35 14.99 112.88
C VAL BA 189 48.56 14.72 113.77
N ARG BA 190 49.17 13.53 113.65
CA ARG BA 190 50.33 13.24 114.50
C ARG BA 190 51.54 14.05 114.07
N ASP BA 191 51.65 14.41 112.80
CA ASP BA 191 52.76 15.29 112.41
C ASP BA 191 52.52 16.73 112.84
N GLY BA 192 51.26 17.17 112.96
CA GLY BA 192 50.98 18.46 113.58
C GLY BA 192 51.20 18.43 115.07
N ILE BA 193 51.00 17.27 115.70
CA ILE BA 193 51.38 17.09 117.10
C ILE BA 193 52.89 17.22 117.26
N ARG BA 194 53.65 16.61 116.35
CA ARG BA 194 55.11 16.59 116.44
C ARG BA 194 55.74 17.97 116.29
N HIS BA 195 55.02 18.95 115.74
CA HIS BA 195 55.55 20.30 115.56
C HIS BA 195 55.00 21.28 116.58
N GLY BA 196 54.33 20.80 117.62
CA GLY BA 196 53.85 21.65 118.69
C GLY BA 196 52.57 22.39 118.40
N ILE BA 197 52.01 22.27 117.20
CA ILE BA 197 50.76 22.95 116.88
C ILE BA 197 49.56 22.25 117.50
N LEU BA 198 49.66 20.94 117.73
CA LEU BA 198 48.55 20.13 118.19
C LEU BA 198 48.94 19.37 119.46
N LYS BA 199 47.95 19.14 120.31
CA LYS BA 199 48.14 18.35 121.52
C LYS BA 199 47.85 16.88 121.28
N ASP BA 200 48.52 16.03 122.04
CA ASP BA 200 48.13 14.63 122.11
C ASP BA 200 46.81 14.50 122.86
N THR BA 201 45.95 13.60 122.39
CA THR BA 201 44.61 13.44 122.92
C THR BA 201 44.51 12.27 123.90
N LYS BA 202 45.64 11.85 124.49
CA LYS BA 202 45.66 10.71 125.41
C LYS BA 202 44.85 11.01 126.67
N GLU BA 203 44.96 12.24 127.19
CA GLU BA 203 44.16 12.66 128.33
C GLU BA 203 42.66 12.64 127.99
N CYS BA 204 42.32 13.06 126.77
CA CYS BA 204 40.91 13.11 126.38
C CYS BA 204 40.33 11.72 126.21
N GLU BA 205 41.08 10.78 125.62
CA GLU BA 205 40.54 9.43 125.51
C GLU BA 205 40.53 8.73 126.86
N GLU BA 206 41.44 9.10 127.78
CA GLU BA 206 41.38 8.56 129.13
C GLU BA 206 40.12 9.02 129.87
N ILE BA 207 39.83 10.32 129.79
CA ILE BA 207 38.65 10.83 130.49
C ILE BA 207 37.36 10.34 129.80
N LEU BA 208 37.40 10.12 128.48
CA LEU BA 208 36.26 9.52 127.81
C LEU BA 208 36.07 8.06 128.19
N GLU BA 209 37.17 7.32 128.40
CA GLU BA 209 37.09 5.95 128.88
C GLU BA 209 36.48 5.89 130.28
N ASP BA 210 36.87 6.84 131.14
CA ASP BA 210 36.25 6.90 132.46
C ASP BA 210 34.80 7.36 132.40
N MET BA 211 34.46 8.19 131.42
CA MET BA 211 33.09 8.71 131.33
C MET BA 211 32.14 7.65 130.78
N LEU BA 212 32.64 6.75 129.92
CA LEU BA 212 31.82 5.69 129.35
C LEU BA 212 31.73 4.49 130.29
N HIS BA 213 32.87 3.88 130.61
CA HIS BA 213 32.93 2.63 131.36
C HIS BA 213 33.66 2.87 132.68
N TRP BA 214 32.93 3.28 133.72
CA TRP BA 214 33.50 3.46 135.04
C TRP BA 214 33.11 2.36 136.02
N ASP BA 215 31.97 1.70 135.81
CA ASP BA 215 31.53 0.62 136.69
C ASP BA 215 32.28 -0.68 136.45
N LYS BA 216 33.00 -0.80 135.33
CA LYS BA 216 33.87 -1.95 135.10
C LYS BA 216 35.31 -1.70 135.52
N LEU BA 217 35.73 -0.43 135.59
CA LEU BA 217 37.06 -0.07 136.04
C LEU BA 217 37.14 0.19 137.54
N LEU BA 218 36.03 0.00 138.26
CA LEU BA 218 35.97 0.23 139.70
C LEU BA 218 35.78 -1.09 140.43
N PRO BA 219 36.57 -1.38 141.47
CA PRO BA 219 36.36 -2.61 142.23
C PRO BA 219 35.04 -2.59 142.99
N ASP BA 220 34.48 -3.79 143.18
CA ASP BA 220 33.11 -3.91 143.69
C ASP BA 220 33.00 -3.48 145.16
N ASP BA 221 34.02 -3.76 145.97
CA ASP BA 221 33.98 -3.34 147.37
C ASP BA 221 34.04 -1.82 147.50
N LEU BA 222 34.81 -1.17 146.62
CA LEU BA 222 34.94 0.28 146.65
C LEU BA 222 33.63 0.95 146.28
N LYS BA 223 32.81 0.31 145.44
CA LYS BA 223 31.50 0.86 145.08
C LYS BA 223 30.61 1.02 146.31
N LYS BA 224 30.47 -0.05 147.09
CA LYS BA 224 29.64 0.02 148.29
C LYS BA 224 30.32 0.81 149.41
N LYS BA 225 31.65 0.88 149.44
CA LYS BA 225 32.32 1.72 150.43
C LYS BA 225 32.03 3.20 150.17
N VAL BA 226 32.18 3.64 148.91
CA VAL BA 226 31.88 5.03 148.56
C VAL BA 226 30.39 5.31 148.72
N GLU BA 227 29.53 4.34 148.41
CA GLU BA 227 28.10 4.51 148.60
C GLU BA 227 27.73 4.68 150.07
N ALA BA 228 28.35 3.89 150.95
CA ALA BA 228 28.07 4.01 152.38
C ALA BA 228 28.61 5.32 152.94
N LYS BA 229 29.80 5.74 152.50
CA LYS BA 229 30.34 7.02 152.96
C LYS BA 229 29.48 8.19 152.48
N PHE BA 230 29.00 8.14 151.23
CA PHE BA 230 28.11 9.17 150.73
C PHE BA 230 26.76 9.16 151.44
N ASN BA 231 26.27 7.97 151.82
CA ASN BA 231 25.06 7.88 152.62
C ASN BA 231 25.25 8.52 153.99
N GLU BA 232 26.41 8.30 154.61
CA GLU BA 232 26.70 8.94 155.89
C GLU BA 232 26.78 10.46 155.76
N LEU BA 233 27.43 10.93 154.68
CA LEU BA 233 27.54 12.37 154.47
C LEU BA 233 26.19 13.01 154.18
N GLY BA 234 25.34 12.35 153.40
CA GLY BA 234 24.00 12.84 153.18
C GLY BA 234 23.09 12.73 154.39
N ASP BA 235 23.38 11.79 155.29
CA ASP BA 235 22.62 11.71 156.53
C ASP BA 235 22.99 12.85 157.47
N MET BA 236 24.27 13.17 157.59
CA MET BA 236 24.68 14.28 158.44
C MET BA 236 24.44 15.64 157.81
N CYS BA 237 24.28 15.70 156.47
CA CYS BA 237 24.07 16.98 155.81
C CYS BA 237 22.63 17.47 156.00
N GLU BA 238 21.66 16.54 156.05
CA GLU BA 238 20.25 16.91 156.09
C GLU BA 238 19.83 17.46 157.45
N ARG BA 239 20.66 17.36 158.48
CA ARG BA 239 20.29 17.89 159.79
C ARG BA 239 20.23 19.42 159.78
N GLY BA 240 21.17 20.07 159.10
CA GLY BA 240 21.22 21.50 159.02
C GLY BA 240 22.20 22.15 159.97
N GLU BA 241 22.44 21.55 161.14
CA GLU BA 241 23.40 22.07 162.10
C GLU BA 241 24.85 21.76 161.73
N ILE BA 242 25.06 20.83 160.79
CA ILE BA 242 26.41 20.47 160.38
C ILE BA 242 27.09 21.55 159.55
N GLU BA 243 26.31 22.43 158.91
CA GLU BA 243 26.79 23.45 157.96
C GLU BA 243 27.62 22.81 156.86
N PRO BA 244 27.10 21.72 156.29
CA PRO BA 244 27.82 20.88 155.35
C PRO BA 244 27.83 21.43 153.93
N GLU BA 245 28.21 22.70 153.74
CA GLU BA 245 28.41 23.21 152.38
C GLU BA 245 29.86 23.05 151.95
N ALA BA 246 30.78 23.03 152.91
CA ALA BA 246 32.20 22.79 152.65
C ALA BA 246 32.79 21.71 153.54
N ALA BA 247 32.17 21.39 154.68
CA ALA BA 247 32.68 20.32 155.52
C ALA BA 247 32.42 18.95 154.91
N TYR BA 248 31.25 18.77 154.29
CA TYR BA 248 30.95 17.53 153.59
C TYR BA 248 31.86 17.33 152.39
N GLU BA 249 32.18 18.40 151.67
CA GLU BA 249 33.11 18.32 150.55
C GLU BA 249 34.51 17.95 151.03
N LEU BA 250 34.94 18.50 152.17
CA LEU BA 250 36.25 18.15 152.72
C LEU BA 250 36.29 16.71 153.20
N PHE BA 251 35.21 16.23 153.83
CA PHE BA 251 35.15 14.84 154.26
C PHE BA 251 35.16 13.89 153.08
N LYS BA 252 34.41 14.23 152.01
CA LYS BA 252 34.42 13.42 150.80
C LYS BA 252 35.77 13.44 150.11
N GLU BA 253 36.47 14.59 150.14
CA GLU BA 253 37.80 14.66 149.55
C GLU BA 253 38.80 13.82 150.33
N PHE BA 254 38.72 13.83 151.66
CA PHE BA 254 39.58 12.98 152.47
C PHE BA 254 39.29 11.50 152.24
N GLU BA 255 38.01 11.14 152.14
CA GLU BA 255 37.63 9.76 151.86
C GLU BA 255 38.09 9.32 150.47
N ASP BA 256 38.01 10.22 149.48
CA ASP BA 256 38.49 9.89 148.14
C ASP BA 256 40.01 9.78 148.10
N GLU BA 257 40.71 10.59 148.89
CA GLU BA 257 42.17 10.46 148.98
C GLU BA 257 42.56 9.13 149.61
N MET BA 258 41.84 8.72 150.67
CA MET BA 258 42.10 7.43 151.29
C MET BA 258 41.78 6.28 150.33
N VAL BA 259 40.69 6.41 149.56
CA VAL BA 259 40.33 5.39 148.59
C VAL BA 259 41.35 5.29 147.46
N ILE BA 260 41.86 6.44 147.01
CA ILE BA 260 42.89 6.44 145.98
C ILE BA 260 44.22 5.88 146.49
N GLN BA 261 44.53 6.11 147.77
CA GLN BA 261 45.73 5.52 148.35
C GLN BA 261 45.58 4.01 148.50
N TYR BA 262 44.38 3.55 148.89
CA TYR BA 262 44.18 2.12 149.09
C TYR BA 262 44.02 1.35 147.78
N GLY BA 263 43.52 2.00 146.73
CA GLY BA 263 43.17 1.30 145.50
C GLY BA 263 44.28 1.32 144.47
N ASP BA 264 45.01 2.44 144.33
CA ASP BA 264 46.04 2.54 143.32
C ASP BA 264 47.35 1.88 143.74
N GLN BA 265 47.48 1.42 144.97
CA GLN BA 265 48.69 0.77 145.43
C GLN BA 265 48.68 -0.71 145.07
N ASP BA 287 35.74 -9.86 116.13
CA ASP BA 287 35.54 -10.34 117.48
C ASP BA 287 34.07 -10.17 117.89
N ASP BA 288 33.70 -10.82 119.00
CA ASP BA 288 32.34 -10.75 119.50
C ASP BA 288 32.07 -9.39 120.13
N PRO BA 289 30.79 -9.07 120.29
CA PRO BA 289 30.38 -7.80 120.87
C PRO BA 289 30.61 -7.81 122.38
N PRO BA 290 30.49 -6.63 122.97
CA PRO BA 290 30.67 -6.47 124.41
C PRO BA 290 29.41 -6.89 125.15
N GLY BA 291 29.48 -6.83 126.48
CA GLY BA 291 28.42 -7.18 127.45
C GLY BA 291 28.08 -8.67 127.28
N LYS BA 292 26.86 -9.06 127.66
CA LYS BA 292 26.44 -10.45 127.66
C LYS BA 292 25.07 -10.60 127.01
N GLY BA 293 24.83 -11.77 126.44
CA GLY BA 293 23.58 -12.06 125.77
C GLY BA 293 23.80 -12.68 124.41
N PRO BA 294 22.72 -13.07 123.74
CA PRO BA 294 22.86 -13.60 122.38
C PRO BA 294 23.23 -12.52 121.38
N ILE BA 295 24.06 -12.89 120.41
CA ILE BA 295 24.66 -11.92 119.50
C ILE BA 295 23.71 -11.66 118.33
N LEU BA 296 23.37 -10.39 118.14
CA LEU BA 296 22.62 -9.96 116.96
C LEU BA 296 23.60 -9.61 115.84
N ARG BA 297 23.08 -9.63 114.61
CA ARG BA 297 23.88 -9.36 113.42
C ARG BA 297 23.08 -8.49 112.48
N TRP BA 298 23.37 -7.19 112.48
CA TRP BA 298 22.63 -6.23 111.69
C TRP BA 298 23.23 -6.07 110.30
N GLN BA 299 22.40 -5.59 109.37
CA GLN BA 299 22.82 -5.24 108.03
C GLN BA 299 22.16 -3.92 107.64
N SER BA 300 22.94 -3.05 106.99
CA SER BA 300 22.43 -1.75 106.58
C SER BA 300 23.10 -1.33 105.28
N ARG BA 301 22.40 -0.49 104.53
CA ARG BA 301 22.87 -0.02 103.23
C ARG BA 301 22.66 1.47 103.11
N ILE BA 302 23.67 2.16 102.55
CA ILE BA 302 23.55 3.56 102.16
C ILE BA 302 23.91 3.66 100.68
N VAL BA 303 23.07 4.32 99.91
CA VAL BA 303 23.34 4.59 98.50
C VAL BA 303 23.81 6.03 98.39
N PHE BA 304 24.98 6.24 97.77
CA PHE BA 304 25.52 7.57 97.55
C PHE BA 304 25.31 7.92 96.08
N ALA BA 305 24.12 8.39 95.77
CA ALA BA 305 23.82 8.84 94.42
C ALA BA 305 24.36 10.26 94.20
N PRO BA 306 24.91 10.54 93.04
CA PRO BA 306 25.34 11.91 92.75
C PRO BA 306 24.14 12.83 92.49
N GLY BA 307 24.43 14.13 92.55
CA GLY BA 307 23.49 15.12 92.04
C GLY BA 307 22.51 15.70 93.03
N GLY BA 308 22.74 15.57 94.32
CA GLY BA 308 21.94 16.30 95.29
C GLY BA 308 20.57 15.74 95.58
N ASP BA 309 20.20 14.61 94.98
CA ASP BA 309 18.99 13.89 95.34
C ASP BA 309 19.45 12.56 95.93
N ALA BA 310 19.48 12.50 97.26
CA ALA BA 310 20.12 11.39 97.95
C ALA BA 310 19.21 10.21 98.20
N TRP BA 311 17.90 10.36 98.03
CA TRP BA 311 16.99 9.25 98.28
C TRP BA 311 17.16 8.17 97.23
N HIS BA 312 17.15 6.92 97.69
CA HIS BA 312 17.26 5.75 96.85
C HIS BA 312 16.38 4.67 97.45
N PRO BA 313 15.83 3.77 96.62
CA PRO BA 313 14.96 2.72 97.16
C PRO BA 313 15.67 1.69 98.03
N LYS BA 314 17.00 1.60 97.98
CA LYS BA 314 17.73 0.63 98.77
C LYS BA 314 18.11 1.13 100.16
N ASN BA 315 17.75 2.37 100.51
CA ASN BA 315 18.25 2.98 101.73
C ASN BA 315 17.63 2.38 102.99
N ARG BA 316 16.33 2.13 102.97
CA ARG BA 316 15.58 1.90 104.19
C ARG BA 316 15.65 0.46 104.71
N LYS BA 317 16.11 -0.50 103.92
CA LYS BA 317 16.01 -1.90 104.30
C LYS BA 317 17.07 -2.28 105.33
N VAL BA 318 16.61 -2.89 106.43
CA VAL BA 318 17.47 -3.34 107.53
C VAL BA 318 17.18 -4.80 107.78
N LYS BA 319 18.23 -5.62 107.85
CA LYS BA 319 18.10 -7.03 108.18
C LYS BA 319 18.80 -7.31 109.51
N LEU BA 320 18.20 -8.18 110.31
CA LEU BA 320 18.76 -8.60 111.59
C LEU BA 320 18.79 -10.12 111.64
N SER BA 321 19.93 -10.68 112.04
CA SER BA 321 20.13 -12.11 112.11
C SER BA 321 20.49 -12.53 113.53
N VAL BA 322 20.07 -13.74 113.90
CA VAL BA 322 20.33 -14.28 115.23
C VAL BA 322 20.31 -15.80 115.13
N THR BA 323 21.10 -16.44 115.99
CA THR BA 323 21.09 -17.89 116.11
C THR BA 323 20.06 -18.28 117.16
N VAL BA 324 19.16 -19.19 116.78
CA VAL BA 324 18.05 -19.58 117.65
C VAL BA 324 18.52 -20.37 118.87
N LYS BA 325 19.61 -21.14 118.72
CA LYS BA 325 20.15 -21.90 119.85
C LYS BA 325 20.69 -20.99 120.95
N GLU BA 326 21.07 -19.75 120.62
CA GLU BA 326 21.56 -18.80 121.60
C GLU BA 326 20.44 -18.13 122.40
N LEU BA 327 19.18 -18.35 122.01
CA LEU BA 327 18.05 -17.78 122.74
C LEU BA 327 17.63 -18.63 123.93
N GLY BA 328 18.16 -19.84 124.09
CA GLY BA 328 17.84 -20.67 125.22
C GLY BA 328 16.44 -21.25 125.23
N LEU BA 329 15.80 -21.33 124.07
CA LEU BA 329 14.44 -21.85 123.99
C LEU BA 329 14.43 -23.36 124.10
N SER BA 330 13.29 -23.89 124.55
CA SER BA 330 13.08 -25.33 124.59
C SER BA 330 12.73 -25.85 123.21
N LYS BA 331 12.46 -27.16 123.11
CA LYS BA 331 12.11 -27.75 121.82
C LYS BA 331 10.73 -27.31 121.37
N HIS BA 332 9.77 -27.26 122.29
CA HIS BA 332 8.42 -26.82 121.94
C HIS BA 332 8.40 -25.35 121.57
N GLN BA 333 9.15 -24.53 122.30
CA GLN BA 333 9.24 -23.10 121.98
C GLN BA 333 9.93 -22.88 120.64
N ALA BA 334 10.97 -23.68 120.33
CA ALA BA 334 11.62 -23.58 119.04
C ALA BA 334 10.70 -24.02 117.91
N ARG BA 335 9.89 -25.06 118.13
CA ARG BA 335 8.95 -25.49 117.10
C ARG BA 335 7.86 -24.46 116.87
N ARG BA 336 7.38 -23.83 117.94
CA ARG BA 336 6.38 -22.76 117.78
C ARG BA 336 6.99 -21.55 117.08
N LEU BA 337 8.26 -21.24 117.37
CA LEU BA 337 8.95 -20.18 116.66
C LEU BA 337 9.10 -20.51 115.17
N ARG BA 338 9.44 -21.75 114.85
CA ARG BA 338 9.59 -22.17 113.47
C ARG BA 338 8.27 -22.12 112.73
N GLU BA 339 7.16 -22.43 113.42
CA GLU BA 339 5.85 -22.34 112.78
C GLU BA 339 5.42 -20.89 112.57
N LEU BA 340 5.69 -20.03 113.56
CA LEU BA 340 5.40 -18.59 113.42
C LEU BA 340 6.21 -17.94 112.30
N VAL BA 341 7.48 -18.29 112.18
CA VAL BA 341 8.42 -17.66 111.26
C VAL BA 341 8.30 -18.19 109.84
N GLY BA 342 8.32 -19.51 109.69
CA GLY BA 342 8.25 -20.08 108.35
C GLY BA 342 9.61 -20.17 107.71
N LYS BA 343 9.75 -19.56 106.54
CA LYS BA 343 10.97 -19.69 105.75
C LYS BA 343 12.00 -18.60 106.02
N ARG BA 344 11.73 -17.66 106.91
CA ARG BA 344 12.77 -16.72 107.32
C ARG BA 344 13.83 -17.41 108.17
N TYR BA 345 13.50 -18.55 108.77
CA TYR BA 345 14.44 -19.38 109.51
C TYR BA 345 15.14 -20.35 108.57
N ASP BA 346 16.46 -20.43 108.68
CA ASP BA 346 17.26 -21.39 107.91
C ASP BA 346 17.79 -22.44 108.88
N SER BA 347 17.46 -23.70 108.62
CA SER BA 347 17.80 -24.77 109.55
C SER BA 347 19.27 -25.15 109.48
N GLY BA 348 19.88 -25.04 108.30
CA GLY BA 348 21.28 -25.42 108.16
C GLY BA 348 22.22 -24.52 108.94
N LYS BA 349 21.96 -23.22 108.93
CA LYS BA 349 22.76 -22.28 109.69
C LYS BA 349 22.19 -22.02 111.09
N ASP BA 350 21.00 -22.56 111.39
CA ASP BA 350 20.27 -22.31 112.64
C ASP BA 350 20.06 -20.81 112.87
N GLU BA 351 19.75 -20.11 111.78
CA GLU BA 351 19.79 -18.66 111.76
C GLU BA 351 18.40 -18.11 111.48
N LEU BA 352 17.98 -17.15 112.29
CA LEU BA 352 16.71 -16.45 112.14
C LEU BA 352 16.97 -15.06 111.58
N THR BA 353 16.42 -14.78 110.40
CA THR BA 353 16.64 -13.52 109.73
C THR BA 353 15.32 -12.76 109.64
N ILE BA 354 15.32 -11.53 110.16
CA ILE BA 354 14.17 -10.64 110.10
C ILE BA 354 14.59 -9.40 109.32
N THR BA 355 13.98 -9.19 108.16
CA THR BA 355 14.21 -8.00 107.36
C THR BA 355 12.98 -7.11 107.42
N SER BA 356 13.20 -5.81 107.55
CA SER BA 356 12.12 -4.83 107.61
C SER BA 356 12.35 -3.77 106.55
N GLU BA 357 11.32 -3.54 105.73
CA GLU BA 357 11.38 -2.57 104.66
C GLU BA 357 10.09 -1.76 104.57
N ARG BA 358 9.08 -2.09 105.38
CA ARG BA 358 7.76 -1.51 105.27
C ARG BA 358 7.67 -0.10 105.84
N PHE BA 359 8.73 0.40 106.45
CA PHE BA 359 8.76 1.76 106.98
C PHE BA 359 9.68 2.62 106.13
N GLU BA 360 9.46 3.94 106.20
CA GLU BA 360 10.08 4.86 105.24
C GLU BA 360 11.55 5.12 105.53
N HIS BA 361 12.01 4.94 106.76
CA HIS BA 361 13.37 5.30 107.14
C HIS BA 361 14.12 4.10 107.71
N ARG BA 362 15.44 4.20 107.68
CA ARG BA 362 16.32 3.12 108.10
C ARG BA 362 16.20 2.84 109.60
N GLU BA 363 16.11 3.90 110.41
CA GLU BA 363 16.04 3.72 111.86
C GLU BA 363 14.68 3.14 112.28
N GLU BA 364 13.62 3.48 111.56
CA GLU BA 364 12.32 2.87 111.84
C GLU BA 364 12.34 1.37 111.53
N ASN BA 365 13.01 0.96 110.45
CA ASN BA 365 13.12 -0.46 110.15
C ASN BA 365 14.04 -1.16 111.15
N ARG BA 366 15.06 -0.47 111.65
CA ARG BA 366 15.91 -1.04 112.69
C ARG BA 366 15.15 -1.25 113.99
N LYS BA 367 14.27 -0.31 114.33
CA LYS BA 367 13.37 -0.50 115.47
C LYS BA 367 12.40 -1.65 115.23
N ASP BA 368 11.86 -1.74 114.01
CA ASP BA 368 10.84 -2.74 113.68
C ASP BA 368 11.41 -4.16 113.72
N CYS BA 369 12.67 -4.33 113.32
CA CYS BA 369 13.30 -5.65 113.40
C CYS BA 369 13.37 -6.15 114.83
N LEU BA 370 13.78 -5.28 115.77
CA LEU BA 370 13.90 -5.70 117.17
C LEU BA 370 12.53 -5.88 117.81
N ARG BA 371 11.56 -5.03 117.46
CA ARG BA 371 10.20 -5.22 117.96
C ARG BA 371 9.60 -6.53 117.47
N THR BA 372 9.85 -6.87 116.20
CA THR BA 372 9.41 -8.15 115.67
C THR BA 372 10.09 -9.31 116.38
N LEU BA 373 11.38 -9.17 116.69
CA LEU BA 373 12.09 -10.23 117.40
C LEU BA 373 11.52 -10.45 118.81
N TYR BA 374 11.26 -9.37 119.54
CA TYR BA 374 10.60 -9.51 120.84
C TYR BA 374 9.20 -10.10 120.73
N GLY BA 375 8.43 -9.71 119.72
CA GLY BA 375 7.11 -10.31 119.54
C GLY BA 375 7.16 -11.79 119.24
N LEU BA 376 8.10 -12.20 118.38
CA LEU BA 376 8.25 -13.61 118.04
C LEU BA 376 8.74 -14.42 119.24
N ILE BA 377 9.62 -13.86 120.05
CA ILE BA 377 10.10 -14.57 121.23
C ILE BA 377 8.98 -14.67 122.28
N GLU BA 378 8.18 -13.61 122.42
CA GLU BA 378 7.07 -13.63 123.37
C GLU BA 378 6.00 -14.64 122.98
N GLU BA 379 5.68 -14.75 121.68
CA GLU BA 379 4.70 -15.73 121.27
C GLU BA 379 5.24 -17.15 121.30
N ALA BA 380 6.52 -17.35 120.98
CA ALA BA 380 7.10 -18.69 121.01
C ALA BA 380 7.24 -19.24 122.41
N ALA BA 381 7.36 -18.37 123.43
CA ALA BA 381 7.48 -18.82 124.81
C ALA BA 381 6.22 -19.44 125.37
N LYS BA 382 5.07 -19.23 124.73
CA LYS BA 382 3.80 -19.79 125.19
C LYS BA 382 3.68 -21.29 124.97
N ALA BA 383 4.62 -21.91 124.24
CA ALA BA 383 4.51 -23.32 123.91
C ALA BA 383 4.75 -24.23 125.11
N ASN BA 384 5.34 -23.72 126.18
CA ASN BA 384 5.52 -24.54 127.38
C ASN BA 384 4.21 -24.74 128.13
N LYS BA 385 3.42 -23.67 128.26
CA LYS BA 385 2.16 -23.74 128.98
C LYS BA 385 1.14 -24.61 128.24
N ILE BA 386 1.14 -24.55 126.90
CA ILE BA 386 0.26 -25.41 126.11
C ILE BA 386 0.62 -26.87 126.29
N ALA BA 387 1.92 -27.18 126.29
CA ALA BA 387 2.38 -28.55 126.51
C ALA BA 387 2.02 -29.05 127.90
N GLU BA 388 2.19 -28.20 128.92
CA GLU BA 388 1.81 -28.57 130.28
C GLU BA 388 0.30 -28.80 130.40
N ASP BA 389 -0.50 -27.94 129.77
CA ASP BA 389 -1.94 -28.06 129.83
C ASP BA 389 -2.43 -29.35 129.17
N ILE BA 390 -1.92 -29.66 127.98
CA ILE BA 390 -2.39 -30.88 127.35
C ILE BA 390 -1.76 -32.12 127.96
N ARG BA 391 -0.59 -32.00 128.61
CA ARG BA 391 -0.04 -33.14 129.33
C ARG BA 391 -0.87 -33.47 130.56
N THR BA 392 -1.27 -32.45 131.34
CA THR BA 392 -2.10 -32.73 132.49
C THR BA 392 -3.52 -33.13 132.07
N ALA BA 393 -3.98 -32.67 130.90
CA ALA BA 393 -5.25 -33.15 130.37
C ALA BA 393 -5.15 -34.62 129.97
N TYR BA 394 -4.04 -35.03 129.37
CA TYR BA 394 -3.83 -36.43 129.02
C TYR BA 394 -3.76 -37.30 130.26
N VAL BA 395 -3.03 -36.85 131.29
CA VAL BA 395 -2.92 -37.62 132.54
C VAL BA 395 -4.27 -37.73 133.22
N LYS BA 396 -5.03 -36.63 133.28
CA LYS BA 396 -6.34 -36.66 133.92
C LYS BA 396 -7.34 -37.50 133.14
N GLN BA 397 -7.27 -37.48 131.81
CA GLN BA 397 -8.13 -38.33 130.99
C GLN BA 397 -7.78 -39.80 131.16
N ARG BA 398 -6.49 -40.10 131.32
CA ARG BA 398 -6.09 -41.49 131.53
C ARG BA 398 -6.45 -41.98 132.93
N LEU BA 399 -6.42 -41.10 133.93
CA LEU BA 399 -6.78 -41.50 135.29
C LEU BA 399 -8.26 -41.84 135.41
N GLN BA 400 -9.12 -41.20 134.60
CA GLN BA 400 -10.53 -41.57 134.59
C GLN BA 400 -10.78 -42.92 133.92
N ALA BA 401 -9.85 -43.39 133.10
CA ALA BA 401 -9.91 -44.73 132.53
C ALA BA 401 -9.16 -45.73 133.41
N ASN BA 402 -9.48 -45.73 134.70
CA ASN BA 402 -8.85 -46.60 135.68
C ASN BA 402 -9.86 -46.89 136.78
N PRO BA 403 -10.33 -48.14 136.91
CA PRO BA 403 -11.41 -48.42 137.88
C PRO BA 403 -10.97 -48.42 139.33
N ALA BA 404 -9.68 -48.21 139.64
CA ALA BA 404 -9.22 -48.22 141.01
C ALA BA 404 -9.00 -46.83 141.58
N PHE BA 405 -9.06 -45.77 140.76
CA PHE BA 405 -8.76 -44.43 141.22
C PHE BA 405 -10.01 -43.66 141.66
N MET BA 406 -11.16 -43.97 141.04
CA MET BA 406 -12.38 -43.23 141.29
C MET BA 406 -12.92 -43.43 142.70
N GLN BA 407 -12.74 -44.60 143.30
CA GLN BA 407 -13.20 -44.82 144.66
C GLN BA 407 -12.42 -43.97 145.65
N LYS BA 408 -11.09 -43.92 145.51
CA LYS BA 408 -10.28 -43.07 146.38
C LYS BA 408 -10.58 -41.59 146.16
N LEU BA 409 -10.79 -41.19 144.89
CA LEU BA 409 -11.12 -39.79 144.61
C LEU BA 409 -12.48 -39.40 145.20
N GLN BA 410 -13.47 -40.30 145.09
CA GLN BA 410 -14.78 -40.04 145.66
C GLN BA 410 -14.73 -40.01 147.18
N ALA BA 411 -13.92 -40.88 147.78
CA ALA BA 411 -13.75 -40.86 149.24
C ALA BA 411 -13.09 -39.57 149.70
N LYS BA 412 -12.11 -39.07 148.95
CA LYS BA 412 -11.42 -37.84 149.35
C LYS BA 412 -12.29 -36.61 149.13
N ILE BA 413 -13.18 -36.62 148.13
CA ILE BA 413 -14.08 -35.49 147.96
C ILE BA 413 -15.34 -35.58 148.81
N MET BA 414 -15.63 -36.75 149.38
CA MET BA 414 -16.74 -36.89 150.33
C MET BA 414 -16.29 -36.59 151.75
N ARG BA 415 -15.07 -37.00 152.10
CA ARG BA 415 -14.55 -36.82 153.46
C ARG BA 415 -14.39 -35.34 153.82
N SER BA 416 -14.13 -34.48 152.84
CA SER BA 416 -14.02 -33.05 153.08
C SER BA 416 -15.19 -32.25 152.56
N LYS BA 417 -15.97 -32.81 151.62
CA LYS BA 417 -17.12 -32.15 150.98
C LYS BA 417 -16.78 -30.81 150.36
N GLY CA 2 37.29 -8.66 20.66
CA GLY CA 2 38.38 -9.58 20.92
C GLY CA 2 39.44 -8.99 21.83
N ARG CA 3 40.60 -9.64 21.87
CA ARG CA 3 41.72 -9.15 22.67
C ARG CA 3 42.30 -7.87 22.06
N LYS CA 4 42.93 -7.08 22.92
CA LYS CA 4 43.52 -5.82 22.48
C LYS CA 4 44.77 -6.09 21.66
N ALA CA 5 44.88 -5.41 20.53
CA ALA CA 5 46.01 -5.60 19.63
C ALA CA 5 47.28 -5.03 20.23
N GLY CA 6 48.39 -5.75 20.03
CA GLY CA 6 49.68 -5.35 20.54
C GLY CA 6 50.49 -6.58 20.91
N ASN CA 7 51.82 -6.41 20.86
CA ASN CA 7 52.86 -7.40 21.15
C ASN CA 7 52.57 -8.79 20.60
N LEU CA 8 52.94 -9.84 21.34
CA LEU CA 8 52.67 -11.22 20.95
C LEU CA 8 51.83 -11.88 22.02
N TYR CA 9 50.79 -12.60 21.60
CA TYR CA 9 49.87 -13.24 22.52
C TYR CA 9 49.32 -14.49 21.87
N ILE CA 10 49.48 -15.64 22.52
CA ILE CA 10 48.81 -16.87 22.11
C ILE CA 10 47.89 -17.29 23.25
N ASN CA 11 46.76 -17.87 22.89
CA ASN CA 11 45.81 -18.16 23.96
C ASN CA 11 46.19 -19.45 24.68
N PRO CA 12 46.03 -19.49 26.00
CA PRO CA 12 46.24 -20.75 26.73
C PRO CA 12 45.25 -21.84 26.36
N LYS CA 13 44.08 -21.47 25.86
CA LYS CA 13 43.07 -22.43 25.44
C LYS CA 13 43.07 -22.66 23.93
N LYS CA 14 44.07 -22.14 23.22
CA LYS CA 14 44.20 -22.38 21.78
C LYS CA 14 45.08 -23.60 21.51
N LEU CA 15 44.75 -24.69 22.19
CA LEU CA 15 45.45 -25.97 22.06
C LEU CA 15 44.41 -27.06 22.26
N GLY CA 16 44.86 -28.28 22.51
CA GLY CA 16 43.93 -29.31 22.92
C GLY CA 16 43.79 -29.32 24.43
N ASN CA 17 42.82 -28.58 24.94
CA ASN CA 17 42.53 -28.50 26.37
C ASN CA 17 41.07 -28.74 26.70
N LEU CA 18 40.16 -28.28 25.85
CA LEU CA 18 38.72 -28.43 26.08
C LEU CA 18 38.19 -29.73 25.49
N ALA CA 19 38.84 -30.84 25.85
CA ALA CA 19 38.40 -32.19 25.48
C ALA CA 19 38.53 -33.03 26.74
N LYS CA 20 37.47 -33.03 27.55
CA LYS CA 20 37.45 -33.83 28.77
C LYS CA 20 37.39 -35.31 28.42
N PRO CA 21 38.12 -36.17 29.14
CA PRO CA 21 38.27 -37.56 28.69
C PRO CA 21 37.07 -38.44 28.99
N CYS CA 22 37.22 -39.73 28.71
CA CYS CA 22 36.17 -40.76 28.86
C CYS CA 22 34.93 -40.41 28.03
N MET CA 23 35.13 -39.79 26.88
CA MET CA 23 34.03 -39.48 25.97
C MET CA 23 33.75 -40.64 25.02
N LYS CA 24 34.79 -41.13 24.34
CA LYS CA 24 34.63 -42.26 23.43
C LYS CA 24 34.30 -43.54 24.20
N GLU CA 25 34.83 -43.68 25.42
CA GLU CA 25 34.46 -44.82 26.25
C GLU CA 25 32.99 -44.75 26.65
N MET CA 26 32.50 -43.55 26.97
CA MET CA 26 31.09 -43.38 27.31
C MET CA 26 30.19 -43.70 26.13
N VAL CA 27 30.54 -43.21 24.94
CA VAL CA 27 29.67 -43.48 23.80
C VAL CA 27 29.78 -44.94 23.35
N SER CA 28 30.91 -45.60 23.59
CA SER CA 28 31.01 -47.03 23.30
C SER CA 28 30.17 -47.85 24.27
N PHE CA 29 30.16 -47.46 25.55
CA PHE CA 29 29.33 -48.15 26.53
C PHE CA 29 27.84 -47.95 26.24
N LEU CA 30 27.45 -46.73 25.85
CA LEU CA 30 26.08 -46.47 25.43
C LEU CA 30 25.73 -47.22 24.15
N ASN CA 31 26.71 -47.38 23.24
CA ASN CA 31 26.50 -48.20 22.05
C ASN CA 31 26.28 -49.66 22.42
N CYS CA 32 26.97 -50.16 23.45
CA CYS CA 32 26.76 -51.54 23.84
C CYS CA 32 25.40 -51.74 24.51
N MET CA 33 24.92 -50.75 25.27
CA MET CA 33 23.53 -50.83 25.69
C MET CA 33 22.55 -50.75 24.53
N ALA CA 34 22.90 -50.01 23.47
CA ALA CA 34 22.04 -49.98 22.28
C ALA CA 34 21.99 -51.33 21.59
N LEU CA 35 23.14 -52.02 21.51
CA LEU CA 35 23.18 -53.31 20.83
C LEU CA 35 22.63 -54.42 21.72
N ASN CA 36 23.12 -54.55 22.95
CA ASN CA 36 22.75 -55.64 23.84
C ASN CA 36 21.56 -55.28 24.73
N ASN CA 37 20.48 -54.80 24.09
CA ASN CA 37 19.14 -54.46 24.64
C ASN CA 37 19.17 -53.91 26.07
N ILE CA 38 20.09 -52.96 26.30
CA ILE CA 38 20.30 -52.21 27.54
C ILE CA 38 20.49 -53.17 28.72
N LYS CA 39 21.51 -54.02 28.62
CA LYS CA 39 21.97 -54.85 29.72
C LYS CA 39 23.42 -54.51 30.03
N ASP CA 40 23.80 -54.62 31.30
CA ASP CA 40 25.20 -54.50 31.68
C ASP CA 40 25.96 -55.81 31.51
N ASP CA 41 25.26 -56.89 31.18
CA ASP CA 41 25.89 -58.20 31.03
C ASP CA 41 26.66 -58.29 29.73
N LYS CA 42 27.63 -59.21 29.70
CA LYS CA 42 28.39 -59.74 28.57
C LYS CA 42 29.10 -58.70 27.70
N CYS CA 43 29.17 -57.45 28.13
CA CYS CA 43 30.12 -56.50 27.58
C CYS CA 43 30.67 -55.63 28.71
N GLU CA 44 31.00 -56.28 29.83
CA GLU CA 44 31.58 -55.60 30.98
C GLU CA 44 32.99 -55.08 30.71
N LYS CA 45 33.62 -55.47 29.58
CA LYS CA 45 34.90 -54.91 29.21
C LYS CA 45 34.81 -53.41 28.96
N GLN CA 46 33.77 -52.96 28.25
CA GLN CA 46 33.57 -51.53 28.04
C GLN CA 46 33.27 -50.81 29.34
N LYS CA 47 32.54 -51.45 30.25
CA LYS CA 47 32.29 -50.90 31.57
C LYS CA 47 33.60 -50.74 32.35
N GLN CA 48 34.48 -51.75 32.26
CA GLN CA 48 35.76 -51.68 32.95
C GLN CA 48 36.66 -50.60 32.35
N LEU CA 49 36.66 -50.45 31.02
CA LEU CA 49 37.44 -49.38 30.40
C LEU CA 49 36.92 -48.00 30.78
N LEU CA 50 35.60 -47.83 30.85
CA LEU CA 50 35.04 -46.56 31.29
C LEU CA 50 35.39 -46.26 32.75
N SER CA 51 35.32 -47.28 33.61
CA SER CA 51 35.68 -47.09 35.01
C SER CA 51 37.16 -46.76 35.17
N VAL CA 52 38.04 -47.51 34.49
CA VAL CA 52 39.48 -47.27 34.56
C VAL CA 52 39.83 -45.90 33.99
N CYS CA 53 39.10 -45.46 32.96
CA CYS CA 53 39.25 -44.08 32.50
C CYS CA 53 38.85 -43.08 33.57
N MET CA 54 37.83 -43.42 34.36
CA MET CA 54 37.43 -42.51 35.44
C MET CA 54 38.49 -42.44 36.55
N GLN CA 55 39.07 -43.58 36.96
CA GLN CA 55 40.17 -43.49 37.93
C GLN CA 55 41.41 -42.85 37.32
N GLY CA 56 41.59 -42.97 36.00
CA GLY CA 56 42.69 -42.27 35.35
C GLY CA 56 42.51 -40.77 35.35
N GLN CA 57 41.26 -40.31 35.16
CA GLN CA 57 40.93 -38.90 35.33
C GLN CA 57 41.15 -38.48 36.78
N SER CA 58 40.85 -39.37 37.73
CA SER CA 58 41.13 -39.08 39.13
C SER CA 58 42.63 -38.94 39.40
N ASP CA 59 43.45 -39.79 38.76
CA ASP CA 59 44.90 -39.64 38.88
C ASP CA 59 45.41 -38.38 38.19
N HIS CA 60 44.84 -38.05 37.03
CA HIS CA 60 45.21 -36.84 36.33
C HIS CA 60 44.71 -35.61 37.08
N LYS CA 61 45.32 -34.46 36.79
CA LYS CA 61 44.97 -33.22 37.47
C LYS CA 61 44.88 -32.11 36.43
N ASN CA 62 44.33 -30.97 36.86
CA ASN CA 62 44.11 -29.83 35.98
C ASN CA 62 45.41 -29.03 35.89
N LYS CA 63 46.16 -29.26 34.82
CA LYS CA 63 47.40 -28.55 34.56
C LYS CA 63 47.41 -28.01 33.15
N SER CA 64 47.96 -26.81 32.98
CA SER CA 64 48.12 -26.20 31.66
C SER CA 64 49.27 -25.21 31.72
N TRP CA 65 50.16 -25.29 30.73
CA TRP CA 65 51.32 -24.39 30.67
C TRP CA 65 50.88 -23.08 30.04
N GLY CA 66 50.54 -22.11 30.88
CA GLY CA 66 50.08 -20.82 30.40
C GLY CA 66 51.04 -19.69 30.68
N ASN CA 67 52.31 -20.03 30.94
CA ASN CA 67 53.35 -19.04 31.18
C ASN CA 67 54.15 -18.70 29.93
N ILE CA 68 53.67 -19.10 28.75
CA ILE CA 68 54.36 -18.82 27.50
C ILE CA 68 54.33 -17.32 27.19
N ASN CA 69 53.23 -16.64 27.56
CA ASN CA 69 53.09 -15.22 27.23
C ASN CA 69 54.10 -14.36 27.98
N TYR CA 70 54.40 -14.73 29.23
CA TYR CA 70 55.44 -14.01 29.97
C TYR CA 70 56.81 -14.19 29.32
N HIS CA 71 57.11 -15.42 28.85
CA HIS CA 71 58.38 -15.66 28.19
C HIS CA 71 58.49 -14.90 26.88
N LEU CA 72 57.40 -14.82 26.11
CA LEU CA 72 57.40 -14.03 24.89
C LEU CA 72 57.57 -12.54 25.19
N GLN CA 73 56.91 -12.05 26.25
CA GLN CA 73 57.03 -10.65 26.62
C GLN CA 73 58.43 -10.31 27.11
N ARG CA 74 59.09 -11.24 27.81
CA ARG CA 74 60.45 -11.00 28.26
C ARG CA 74 61.47 -11.19 27.16
N LEU CA 75 61.16 -11.98 26.12
CA LEU CA 75 62.04 -12.07 24.97
C LEU CA 75 61.89 -10.86 24.05
N THR CA 76 60.71 -10.24 24.04
CA THR CA 76 60.54 -8.99 23.31
C THR CA 76 61.38 -7.87 23.90
N ARG CA 77 61.44 -7.79 25.23
CA ARG CA 77 62.23 -6.76 25.90
C ARG CA 77 63.73 -6.99 25.77
N GLY CA 78 64.15 -8.21 25.45
CA GLY CA 78 65.56 -8.52 25.31
C GLY CA 78 66.06 -8.37 23.89
N ASP DA 102 29.26 12.12 1.20
CA ASP DA 102 27.85 11.92 1.50
C ASP DA 102 27.70 10.59 2.24
N SER DA 103 27.24 10.63 3.48
CA SER DA 103 27.14 9.43 4.28
C SER DA 103 25.91 8.62 3.90
N VAL DA 104 25.77 7.46 4.53
CA VAL DA 104 24.61 6.62 4.29
C VAL DA 104 23.34 7.29 4.81
N LYS DA 105 23.45 8.01 5.92
CA LYS DA 105 22.30 8.72 6.48
C LYS DA 105 21.79 9.80 5.53
N LYS DA 106 22.68 10.51 4.85
CA LYS DA 106 22.26 11.47 3.82
C LYS DA 106 21.83 10.79 2.53
N LYS DA 107 22.40 9.63 2.23
CA LYS DA 107 21.96 8.85 1.08
C LYS DA 107 20.54 8.33 1.25
N ARG DA 108 20.11 8.11 2.50
CA ARG DA 108 18.80 7.54 2.74
C ARG DA 108 17.68 8.50 2.40
N LYS DA 109 17.89 9.79 2.61
CA LYS DA 109 16.91 10.80 2.25
C LYS DA 109 16.68 10.83 0.73
N LYS DA 110 17.77 10.79 -0.04
CA LYS DA 110 17.65 10.70 -1.48
C LYS DA 110 17.02 9.38 -1.92
N LYS DA 111 17.33 8.30 -1.21
CA LYS DA 111 16.76 7.00 -1.49
C LYS DA 111 15.24 7.02 -1.35
N MET DA 112 14.75 7.64 -0.29
CA MET DA 112 13.31 7.70 -0.07
C MET DA 112 12.63 8.63 -1.06
N ASN DA 113 13.25 9.78 -1.37
CA ASN DA 113 12.71 10.67 -2.40
C ASN DA 113 12.60 9.96 -3.74
N LYS DA 114 13.62 9.19 -4.11
CA LYS DA 114 13.62 8.48 -5.38
C LYS DA 114 12.58 7.37 -5.40
N HIS DA 115 12.43 6.64 -4.29
CA HIS DA 115 11.41 5.58 -4.23
C HIS DA 115 10.01 6.15 -4.36
N LYS DA 116 9.71 7.24 -3.66
CA LYS DA 116 8.39 7.86 -3.76
C LYS DA 116 8.15 8.40 -5.16
N TYR DA 117 9.18 8.98 -5.79
CA TYR DA 117 9.01 9.49 -7.14
C TYR DA 117 8.81 8.38 -8.16
N ARG DA 118 9.54 7.26 -8.04
CA ARG DA 118 9.35 6.12 -8.93
C ARG DA 118 7.96 5.53 -8.77
N LYS DA 119 7.48 5.47 -7.52
CA LYS DA 119 6.12 5.01 -7.24
C LYS DA 119 5.07 5.91 -7.87
N LEU DA 120 5.20 7.22 -7.68
CA LEU DA 120 4.28 8.18 -8.27
C LEU DA 120 4.30 8.16 -9.78
N ARG DA 121 5.48 7.98 -10.38
CA ARG DA 121 5.60 7.96 -11.83
C ARG DA 121 5.03 6.67 -12.42
N LYS DA 122 5.14 5.55 -11.71
CA LYS DA 122 4.50 4.33 -12.19
C LYS DA 122 3.01 4.31 -11.93
N LYS DA 123 2.51 5.13 -10.98
CA LYS DA 123 1.07 5.20 -10.76
C LYS DA 123 0.40 6.19 -11.69
N GLN DA 124 1.03 7.34 -11.93
CA GLN DA 124 0.40 8.39 -12.72
C GLN DA 124 0.59 8.15 -14.22
N GLY DA 125 1.85 7.97 -14.64
CA GLY DA 125 2.16 7.87 -16.05
C GLY DA 125 1.83 6.56 -16.70
N ARG DA 126 1.40 5.56 -15.92
CA ARG DA 126 0.88 4.32 -16.50
C ARG DA 126 -0.47 4.55 -17.18
N LYS DA 127 -1.29 5.43 -16.64
CA LYS DA 127 -2.61 5.70 -17.18
C LYS DA 127 -2.55 6.48 -18.49
N PRO EA 33 11.78 123.91 -26.79
CA PRO EA 33 10.72 122.94 -26.48
C PRO EA 33 10.81 122.39 -25.07
N TYR EA 34 11.88 122.73 -24.35
CA TYR EA 34 12.08 122.25 -22.99
C TYR EA 34 11.84 123.37 -21.99
N ALA EA 35 11.64 122.96 -20.74
CA ALA EA 35 11.39 123.91 -19.66
C ALA EA 35 12.64 124.71 -19.36
N VAL EA 36 12.50 126.02 -19.23
CA VAL EA 36 13.66 126.88 -19.00
C VAL EA 36 14.10 126.79 -17.55
N LYS EA 37 13.16 127.03 -16.63
CA LYS EA 37 13.40 126.92 -15.20
C LYS EA 37 12.83 125.58 -14.72
N VAL EA 38 13.69 124.69 -14.27
CA VAL EA 38 13.32 123.32 -13.94
C VAL EA 38 13.49 123.14 -12.43
N GLY EA 39 12.41 122.76 -11.75
CA GLY EA 39 12.48 122.41 -10.35
C GLY EA 39 12.11 120.97 -10.13
N ILE EA 40 11.83 120.60 -8.87
CA ILE EA 40 11.36 119.24 -8.58
C ILE EA 40 10.02 118.90 -9.26
N PRO EA 41 8.96 119.73 -9.18
CA PRO EA 41 7.71 119.32 -9.82
C PRO EA 41 7.78 119.25 -11.34
N GLU EA 42 8.50 120.16 -11.99
CA GLU EA 42 8.68 120.07 -13.44
C GLU EA 42 9.45 118.81 -13.83
N PHE EA 43 10.47 118.47 -13.05
CA PHE EA 43 11.25 117.25 -13.29
C PHE EA 43 10.39 116.01 -13.19
N LEU EA 44 9.63 115.91 -12.09
CA LEU EA 44 8.82 114.72 -11.86
C LEU EA 44 7.64 114.63 -12.81
N SER EA 45 7.09 115.77 -13.22
CA SER EA 45 6.01 115.76 -14.21
C SER EA 45 6.54 115.46 -15.60
N GLY EA 46 7.80 115.81 -15.88
CA GLY EA 46 8.39 115.42 -17.14
C GLY EA 46 8.72 113.95 -17.21
N ILE EA 47 9.03 113.33 -16.06
CA ILE EA 47 9.22 111.88 -16.05
C ILE EA 47 7.92 111.16 -16.37
N GLY EA 48 6.82 111.60 -15.76
CA GLY EA 48 5.56 110.95 -16.02
C GLY EA 48 5.48 109.57 -15.38
N GLY EA 49 4.53 108.78 -15.88
CA GLY EA 49 4.34 107.43 -15.36
C GLY EA 49 3.88 107.36 -13.92
N GLY EA 50 3.06 108.31 -13.49
CA GLY EA 50 2.53 108.31 -12.15
C GLY EA 50 3.51 108.67 -11.06
N VAL EA 51 4.71 109.13 -11.40
CA VAL EA 51 5.71 109.39 -10.36
C VAL EA 51 5.52 110.78 -9.78
N GLU EA 52 4.65 111.59 -10.39
CA GLU EA 52 4.39 112.95 -9.94
C GLU EA 52 3.50 113.00 -8.72
N THR EA 53 3.09 111.86 -8.17
CA THR EA 53 2.35 111.87 -6.91
C THR EA 53 3.25 112.19 -5.73
N HIS EA 54 4.56 112.02 -5.86
CA HIS EA 54 5.51 112.31 -4.80
C HIS EA 54 6.11 113.70 -4.89
N VAL EA 55 5.41 114.64 -5.53
CA VAL EA 55 5.96 116.00 -5.65
C VAL EA 55 5.95 116.70 -4.29
N ALA EA 56 4.85 116.58 -3.54
CA ALA EA 56 4.75 117.28 -2.26
C ALA EA 56 5.73 116.74 -1.23
N ARG EA 57 5.88 115.42 -1.15
CA ARG EA 57 6.80 114.83 -0.18
C ARG EA 57 8.25 115.17 -0.49
N LEU EA 58 8.61 115.15 -1.77
CA LEU EA 58 9.99 115.44 -2.15
C LEU EA 58 10.30 116.93 -2.04
N GLU EA 59 9.29 117.79 -2.25
CA GLU EA 59 9.45 119.20 -1.93
C GLU EA 59 9.64 119.43 -0.44
N THR EA 60 8.91 118.69 0.39
CA THR EA 60 9.03 118.88 1.83
C THR EA 60 10.38 118.38 2.36
N GLU EA 61 10.84 117.22 1.90
CA GLU EA 61 12.00 116.59 2.52
C GLU EA 61 13.31 116.84 1.80
N LEU EA 62 13.29 116.96 0.47
CA LEU EA 62 14.50 117.26 -0.28
C LEU EA 62 14.60 118.72 -0.69
N GLY EA 63 13.48 119.35 -1.02
CA GLY EA 63 13.43 120.77 -1.30
C GLY EA 63 14.03 121.18 -2.63
N ASP EA 64 15.34 121.03 -2.75
CA ASP EA 64 16.06 121.49 -3.92
C ASP EA 64 16.23 120.38 -4.94
N LEU EA 65 16.13 120.74 -6.22
CA LEU EA 65 16.30 119.75 -7.28
C LEU EA 65 17.73 119.23 -7.34
N SER EA 66 18.71 120.11 -7.06
CA SER EA 66 20.10 119.69 -7.04
C SER EA 66 20.39 118.68 -5.93
N LYS EA 67 19.63 118.72 -4.84
CA LYS EA 67 19.70 117.66 -3.85
C LYS EA 67 19.10 116.36 -4.37
N LEU EA 68 18.02 116.45 -5.14
CA LEU EA 68 17.39 115.26 -5.72
C LEU EA 68 18.28 114.60 -6.77
N LEU EA 69 19.08 115.39 -7.49
CA LEU EA 69 19.93 114.83 -8.54
C LEU EA 69 21.07 113.99 -7.98
N VAL EA 70 21.34 114.08 -6.69
CA VAL EA 70 22.37 113.26 -6.05
C VAL EA 70 21.80 112.40 -4.94
N THR EA 71 20.49 112.34 -4.82
CA THR EA 71 19.84 111.41 -3.90
C THR EA 71 19.93 109.99 -4.44
N ARG EA 72 20.12 109.03 -3.55
CA ARG EA 72 20.23 107.63 -3.90
C ARG EA 72 19.03 106.87 -3.33
N THR EA 73 19.09 105.54 -3.47
CA THR EA 73 17.88 104.73 -3.36
C THR EA 73 17.38 104.58 -1.92
N LEU EA 74 18.28 104.57 -0.93
CA LEU EA 74 17.84 104.34 0.45
C LEU EA 74 17.09 105.54 0.99
N LYS EA 75 17.49 106.75 0.59
CA LYS EA 75 16.79 107.94 1.01
C LYS EA 75 15.40 108.01 0.39
N LEU EA 76 15.27 107.65 -0.89
CA LEU EA 76 13.96 107.64 -1.55
C LEU EA 76 13.07 106.55 -0.98
N LYS EA 77 13.66 105.41 -0.62
CA LYS EA 77 12.90 104.33 0.02
C LYS EA 77 12.38 104.75 1.38
N LYS EA 78 13.17 105.52 2.13
CA LYS EA 78 12.70 106.01 3.43
C LYS EA 78 11.54 106.98 3.27
N PHE EA 79 11.48 107.70 2.14
CA PHE EA 79 10.42 108.67 1.92
C PHE EA 79 9.11 108.05 1.48
N GLY EA 80 9.07 106.75 1.22
CA GLY EA 80 7.85 106.08 0.84
C GLY EA 80 7.59 105.98 -0.64
N ILE EA 81 8.63 105.99 -1.47
CA ILE EA 81 8.49 105.90 -2.92
C ILE EA 81 8.75 104.46 -3.34
N PRO EA 82 7.86 103.83 -4.12
CA PRO EA 82 8.01 102.41 -4.45
C PRO EA 82 9.13 102.11 -5.42
N CYS EA 83 9.32 100.83 -5.72
CA CYS EA 83 10.49 100.32 -6.43
C CYS EA 83 10.61 100.86 -7.84
N LYS EA 84 9.53 100.76 -8.62
CA LYS EA 84 9.57 101.22 -10.00
C LYS EA 84 9.66 102.75 -10.08
N HIS EA 85 8.97 103.46 -9.19
CA HIS EA 85 9.06 104.92 -9.18
C HIS EA 85 10.45 105.38 -8.74
N ARG EA 86 11.06 104.67 -7.80
CA ARG EA 86 12.43 104.94 -7.40
C ARG EA 86 13.39 104.78 -8.57
N LYS EA 87 13.25 103.67 -9.30
CA LYS EA 87 14.14 103.39 -10.42
C LYS EA 87 13.95 104.42 -11.54
N LEU EA 88 12.71 104.85 -11.78
CA LEU EA 88 12.46 105.89 -12.77
C LEU EA 88 13.07 107.23 -12.37
N ILE EA 89 12.93 107.62 -11.10
CA ILE EA 89 13.47 108.89 -10.63
C ILE EA 89 14.98 108.89 -10.75
N LEU EA 90 15.63 107.79 -10.36
CA LEU EA 90 17.08 107.72 -10.43
C LEU EA 90 17.57 107.69 -11.88
N LYS EA 91 16.86 106.98 -12.75
CA LYS EA 91 17.20 106.95 -14.16
C LYS EA 91 17.16 108.33 -14.79
N TYR EA 92 16.08 109.06 -14.56
CA TYR EA 92 15.98 110.36 -15.20
C TYR EA 92 16.81 111.42 -14.49
N SER EA 93 17.20 111.22 -13.23
CA SER EA 93 18.19 112.09 -12.62
C SER EA 93 19.55 111.94 -13.28
N GLN EA 94 19.97 110.71 -13.55
CA GLN EA 94 21.22 110.49 -14.25
C GLN EA 94 21.17 111.03 -15.67
N LYS EA 95 20.03 110.86 -16.34
CA LYS EA 95 19.90 111.40 -17.70
C LYS EA 95 19.92 112.93 -17.70
N TYR EA 96 19.26 113.54 -16.72
CA TYR EA 96 19.18 115.00 -16.66
C TYR EA 96 20.54 115.62 -16.36
N ARG EA 97 21.31 115.02 -15.45
CA ARG EA 97 22.60 115.60 -15.10
C ARG EA 97 23.65 115.45 -16.20
N LEU EA 98 23.43 114.58 -17.18
CA LEU EA 98 24.35 114.41 -18.29
C LEU EA 98 23.94 115.17 -19.53
N GLY EA 99 22.80 115.88 -19.49
CA GLY EA 99 22.28 116.57 -20.65
C GLY EA 99 21.51 115.69 -21.61
N LEU EA 100 21.34 114.41 -21.30
CA LEU EA 100 20.74 113.45 -22.22
C LEU EA 100 19.23 113.60 -22.31
N TRP EA 101 18.60 114.28 -21.35
CA TRP EA 101 17.16 114.43 -21.32
C TRP EA 101 16.81 115.73 -20.59
N LYS EA 102 15.79 116.42 -21.08
CA LYS EA 102 15.21 117.56 -20.38
C LYS EA 102 13.71 117.41 -20.36
N PRO EA 103 13.05 117.89 -19.31
CA PRO EA 103 11.58 117.88 -19.32
C PRO EA 103 11.02 118.86 -20.33
N ARG EA 104 9.93 118.47 -20.98
CA ARG EA 104 9.34 119.30 -22.01
C ARG EA 104 8.54 120.44 -21.39
N ALA EA 105 8.50 121.56 -22.10
CA ALA EA 105 7.77 122.73 -21.64
C ALA EA 105 6.28 122.66 -21.98
N ASP EA 106 5.84 121.65 -22.73
CA ASP EA 106 4.44 121.56 -23.11
C ASP EA 106 3.53 121.18 -21.95
N ALA EA 107 4.09 120.69 -20.85
CA ALA EA 107 3.31 120.35 -19.67
C ALA EA 107 3.21 121.52 -18.69
N ILE EA 108 2.81 122.67 -19.21
CA ILE EA 108 2.71 123.89 -18.42
C ILE EA 108 1.28 124.21 -18.04
N LYS EA 109 0.32 123.99 -18.93
CA LYS EA 109 -1.10 124.14 -18.63
C LYS EA 109 -1.65 122.79 -18.19
N ALA EA 110 -2.06 122.72 -16.92
CA ALA EA 110 -2.47 121.46 -16.32
C ALA EA 110 -3.80 120.95 -16.87
N MET FA 137 107.03 65.52 52.15
CA MET FA 137 106.20 64.46 51.59
C MET FA 137 104.73 64.62 51.97
N ILE FA 138 104.49 64.88 53.27
CA ILE FA 138 103.14 64.94 53.81
C ILE FA 138 102.35 66.11 53.23
N LYS FA 139 103.05 67.13 52.72
CA LYS FA 139 102.37 68.25 52.07
C LYS FA 139 101.67 67.80 50.78
N GLU FA 140 102.24 66.81 50.08
CA GLU FA 140 101.56 66.21 48.92
C GLU FA 140 100.26 65.54 49.34
N ILE FA 141 100.27 64.84 50.48
CA ILE FA 141 99.05 64.23 51.01
C ILE FA 141 98.04 65.30 51.42
N GLU FA 142 98.52 66.42 51.98
CA GLU FA 142 97.62 67.51 52.35
C GLU FA 142 96.97 68.14 51.12
N LYS FA 143 97.73 68.35 50.05
CA LYS FA 143 97.13 68.85 48.81
C LYS FA 143 96.18 67.83 48.19
N ASP FA 144 96.47 66.53 48.33
CA ASP FA 144 95.53 65.50 47.86
C ASP FA 144 94.22 65.55 48.65
N ASN FA 145 94.31 65.74 49.96
CA ASN FA 145 93.10 65.88 50.77
C ASN FA 145 92.36 67.18 50.43
N ARG FA 146 93.07 68.24 50.07
CA ARG FA 146 92.43 69.45 49.60
C ARG FA 146 91.70 69.21 48.28
N HIS FA 147 92.33 68.46 47.37
CA HIS FA 147 91.68 68.08 46.11
C HIS FA 147 90.48 67.17 46.33
N SER FA 148 90.49 66.37 47.38
CA SER FA 148 89.34 65.54 47.68
C SER FA 148 88.21 66.36 48.31
N ARG FA 149 88.54 67.25 49.24
CA ARG FA 149 87.53 68.07 49.90
C ARG FA 149 86.89 69.08 48.97
N VAL FA 150 87.63 69.58 47.96
CA VAL FA 150 87.02 70.52 47.04
C VAL FA 150 85.99 69.84 46.14
N PHE FA 151 86.12 68.54 45.94
CA PHE FA 151 85.11 67.77 45.22
C PHE FA 151 83.96 67.32 46.09
N VAL FA 152 84.24 66.75 47.27
CA VAL FA 152 83.20 66.16 48.09
C VAL FA 152 82.22 67.24 48.58
N ASP FA 153 82.73 68.43 48.85
CA ASP FA 153 81.85 69.51 49.26
C ASP FA 153 81.00 70.02 48.10
N GLY FA 154 81.40 69.74 46.86
CA GLY FA 154 80.70 70.21 45.69
C GLY FA 154 80.04 69.10 44.90
N ILE FA 155 79.70 68.00 45.55
CA ILE FA 155 78.98 66.92 44.89
C ILE FA 155 77.55 67.34 44.60
N LYS FA 156 76.88 68.01 45.56
CA LYS FA 156 75.50 68.43 45.39
C LYS FA 156 75.36 69.43 44.25
N GLN FA 157 76.37 70.28 44.04
CA GLN FA 157 76.37 71.15 42.89
C GLN FA 157 76.37 70.35 41.59
N LYS FA 158 77.29 69.39 41.48
CA LYS FA 158 77.40 68.52 40.31
C LYS FA 158 76.09 67.78 40.05
N MET FA 159 75.38 67.40 41.11
CA MET FA 159 74.07 66.80 40.94
C MET FA 159 73.05 67.82 40.42
N MET FA 160 73.18 69.09 40.80
CA MET FA 160 72.25 70.10 40.27
C MET FA 160 72.46 70.37 38.78
N GLU FA 161 73.71 70.60 38.35
CA GLU FA 161 73.91 70.74 36.90
C GLU FA 161 73.64 69.45 36.14
N MET FA 162 73.82 68.29 36.79
CA MET FA 162 73.44 67.04 36.13
C MET FA 162 71.94 66.92 35.98
N SER FA 163 71.16 67.44 36.93
CA SER FA 163 69.70 67.44 36.79
C SER FA 163 69.26 68.32 35.64
N VAL FA 164 69.90 69.49 35.47
CA VAL FA 164 69.55 70.35 34.33
C VAL FA 164 69.92 69.67 33.01
N LEU FA 165 71.10 69.05 32.96
CA LEU FA 165 71.49 68.33 31.75
C LEU FA 165 70.60 67.14 31.47
N LEU FA 166 70.06 66.51 32.52
CA LEU FA 166 69.12 65.41 32.33
C LEU FA 166 67.80 65.92 31.78
N LYS FA 167 67.37 67.11 32.20
CA LYS FA 167 66.20 67.72 31.59
C LYS FA 167 66.43 67.98 30.11
N GLN FA 168 67.64 68.39 29.74
CA GLN FA 168 67.94 68.61 28.34
C GLN FA 168 68.06 67.30 27.55
N VAL FA 169 68.49 66.23 28.19
CA VAL FA 169 68.68 64.96 27.47
C VAL FA 169 67.35 64.23 27.28
N LYS FA 170 66.54 64.13 28.34
CA LYS FA 170 65.32 63.33 28.26
C LYS FA 170 64.30 63.96 27.32
N GLU FA 171 64.34 65.28 27.16
CA GLU FA 171 63.56 66.00 26.15
C GLU FA 171 64.56 66.79 25.32
N PRO FA 172 65.03 66.28 24.19
CA PRO FA 172 66.13 66.93 23.46
C PRO FA 172 65.76 68.31 22.92
N GLY FA 173 66.47 69.32 23.38
CA GLY FA 173 66.23 70.70 22.99
C GLY FA 173 65.37 71.50 23.93
N ALA FA 174 65.28 71.11 25.21
CA ALA FA 174 64.26 71.66 26.10
C ALA FA 174 64.73 72.78 27.01
N ARG FA 175 65.99 73.20 26.93
CA ARG FA 175 66.58 74.35 27.62
C ARG FA 175 66.66 74.23 29.15
N GLY FA 176 65.87 73.33 29.74
CA GLY FA 176 65.91 72.97 31.15
C GLY FA 176 65.98 74.00 32.26
N SER FA 177 65.64 75.28 32.02
CA SER FA 177 65.98 76.31 33.01
C SER FA 177 64.88 77.29 33.36
N TYR FA 178 63.86 77.49 32.50
CA TYR FA 178 62.81 78.51 32.56
C TYR FA 178 63.37 79.92 32.40
N LEU FA 179 62.86 80.66 31.42
CA LEU FA 179 63.28 82.03 31.16
C LEU FA 179 62.48 83.02 32.00
N LYS FA 180 63.18 83.89 32.71
CA LYS FA 180 62.57 84.80 33.66
C LYS FA 180 62.14 86.10 32.99
N ASP FA 181 61.20 86.79 33.63
CA ASP FA 181 60.68 88.04 33.09
C ASP FA 181 61.74 89.14 33.10
N SER FA 182 62.64 89.13 34.08
CA SER FA 182 63.74 90.08 34.11
C SER FA 182 64.72 89.85 32.96
N GLU FA 183 64.94 88.60 32.56
CA GLU FA 183 65.76 88.32 31.40
C GLU FA 183 65.13 88.82 30.12
N LYS FA 184 63.80 88.78 30.04
CA LYS FA 184 63.08 89.32 28.89
C LYS FA 184 63.13 90.85 28.86
N THR FA 185 63.09 91.47 30.05
CA THR FA 185 63.28 92.92 30.13
C THR FA 185 64.68 93.32 29.70
N GLU FA 186 65.69 92.53 30.08
CA GLU FA 186 67.05 92.78 29.62
C GLU FA 186 67.18 92.59 28.12
N MET FA 187 66.51 91.58 27.56
CA MET FA 187 66.48 91.39 26.10
C MET FA 187 65.89 92.59 25.40
N TYR FA 188 64.79 93.13 25.94
CA TYR FA 188 64.19 94.32 25.36
C TYR FA 188 65.12 95.52 25.42
N ARG FA 189 65.83 95.70 26.54
CA ARG FA 189 66.81 96.79 26.63
C ARG FA 189 67.95 96.65 25.64
N LEU FA 190 68.50 95.44 25.52
CA LEU FA 190 69.59 95.24 24.59
C LEU FA 190 69.16 95.43 23.15
N HIS FA 191 67.91 95.09 22.83
CA HIS FA 191 67.40 95.31 21.48
C HIS FA 191 67.13 96.80 21.23
N LYS FA 192 66.58 97.50 22.22
CA LYS FA 192 66.24 98.90 22.04
C LYS FA 192 67.49 99.77 21.98
N GLU FA 193 68.53 99.39 22.74
CA GLU FA 193 69.80 100.10 22.75
C GLU FA 193 70.54 99.93 21.43
N ASN FA 194 70.93 98.70 21.12
CA ASN FA 194 71.78 98.39 19.98
C ASN FA 194 71.11 97.32 19.14
N PRO FA 195 70.10 97.70 18.33
CA PRO FA 195 69.43 96.69 17.49
C PRO FA 195 70.31 96.10 16.41
N GLU FA 196 71.37 96.79 16.00
CA GLU FA 196 72.22 96.29 14.93
C GLU FA 196 73.11 95.16 15.41
N VAL FA 197 73.51 95.18 16.68
CA VAL FA 197 74.34 94.14 17.27
C VAL FA 197 73.51 93.11 18.00
N TYR FA 198 72.58 93.56 18.84
CA TYR FA 198 71.68 92.68 19.55
C TYR FA 198 70.45 92.40 18.67
N THR FA 199 70.67 91.58 17.66
CA THR FA 199 69.62 91.17 16.74
C THR FA 199 68.83 90.00 17.32
N VAL FA 200 67.84 89.53 16.54
CA VAL FA 200 67.03 88.39 16.97
C VAL FA 200 67.86 87.13 17.02
N GLU FA 201 68.73 86.91 16.05
CA GLU FA 201 69.56 85.71 16.05
C GLU FA 201 70.55 85.71 17.21
N ARG FA 202 71.12 86.88 17.52
CA ARG FA 202 72.05 86.98 18.65
C ARG FA 202 71.35 86.83 19.99
N LEU FA 203 70.19 87.46 20.15
CA LEU FA 203 69.45 87.34 21.40
C LEU FA 203 68.93 85.92 21.60
N ALA FA 204 68.54 85.25 20.52
CA ALA FA 204 68.12 83.86 20.60
C ALA FA 204 69.28 82.95 20.99
N LYS FA 205 70.45 83.18 20.39
CA LYS FA 205 71.63 82.38 20.74
C LYS FA 205 72.04 82.61 22.19
N ASP FA 206 71.96 83.86 22.65
CA ASP FA 206 72.44 84.19 23.99
C ASP FA 206 71.50 83.68 25.08
N TYR FA 207 70.20 83.80 24.86
CA TYR FA 207 69.25 83.37 25.88
C TYR FA 207 68.70 81.96 25.63
N ARG FA 208 69.17 81.29 24.58
CA ARG FA 208 68.93 79.87 24.30
C ARG FA 208 67.44 79.56 24.14
N ILE FA 209 66.75 80.41 23.36
CA ILE FA 209 65.37 80.19 22.98
C ILE FA 209 65.30 80.19 21.46
N MET FA 210 64.09 80.05 20.94
CA MET FA 210 63.88 80.14 19.51
C MET FA 210 63.71 81.58 19.09
N ARG FA 211 64.03 81.86 17.82
CA ARG FA 211 63.87 83.20 17.28
C ARG FA 211 62.42 83.66 17.26
N GLN FA 212 61.48 82.70 17.12
CA GLN FA 212 60.06 83.02 17.17
C GLN FA 212 59.69 83.61 18.51
N ARG FA 213 60.19 83.00 19.59
CA ARG FA 213 59.93 83.49 20.93
C ARG FA 213 60.59 84.84 21.18
N VAL FA 214 61.75 85.09 20.57
CA VAL FA 214 62.40 86.40 20.67
C VAL FA 214 61.51 87.48 20.07
N HIS FA 215 60.99 87.23 18.86
CA HIS FA 215 60.09 88.17 18.22
C HIS FA 215 58.83 88.42 19.07
N ALA FA 216 58.27 87.35 19.62
CA ALA FA 216 57.08 87.48 20.47
C ALA FA 216 57.38 88.28 21.74
N ILE FA 217 58.52 88.03 22.37
CA ILE FA 217 58.89 88.72 23.61
C ILE FA 217 59.10 90.20 23.35
N LEU FA 218 59.77 90.54 22.24
CA LEU FA 218 60.00 91.93 21.90
C LEU FA 218 58.70 92.66 21.62
N PHE FA 219 57.78 92.03 20.88
CA PHE FA 219 56.48 92.63 20.63
C PHE FA 219 55.71 92.87 21.93
N LEU FA 220 55.74 91.90 22.83
CA LEU FA 220 54.99 92.03 24.07
C LEU FA 220 55.60 93.09 25.00
N LYS FA 221 56.92 93.26 24.98
CA LYS FA 221 57.54 94.31 25.79
C LYS FA 221 57.27 95.70 25.21
N GLU FA 222 57.28 95.84 23.87
CA GLU FA 222 56.82 97.08 23.24
C GLU FA 222 55.40 97.44 23.66
N ASP FA 223 54.50 96.45 23.64
CA ASP FA 223 53.13 96.70 24.06
C ASP FA 223 53.05 97.07 25.54
N GLU FA 224 53.89 96.45 26.37
CA GLU FA 224 53.88 96.74 27.79
C GLU FA 224 54.32 98.18 28.07
N GLU FA 225 55.34 98.65 27.36
CA GLU FA 225 55.77 100.04 27.60
C GLU FA 225 54.78 101.03 27.00
N GLU FA 226 54.08 100.67 25.92
CA GLU FA 226 53.03 101.54 25.42
C GLU FA 226 51.86 101.63 26.39
N GLU FA 227 51.49 100.51 27.01
CA GLU FA 227 50.45 100.53 28.04
C GLU FA 227 50.87 101.32 29.27
N GLU FA 228 52.14 101.23 29.67
CA GLU FA 228 52.53 101.97 30.86
C GLU FA 228 52.72 103.46 30.58
N ARG FA 229 53.04 103.83 29.33
CA ARG FA 229 53.03 105.24 28.97
C ARG FA 229 51.62 105.78 28.95
N LYS FA 230 50.66 104.98 28.47
CA LYS FA 230 49.28 105.45 28.45
C LYS FA 230 48.71 105.53 29.87
N LEU FA 231 49.10 104.59 30.74
CA LEU FA 231 48.60 104.62 32.10
C LEU FA 231 49.27 105.71 32.93
N GLY FA 232 50.58 105.88 32.77
CA GLY FA 232 51.35 106.83 33.53
C GLY FA 232 52.14 106.23 34.68
N ARG FA 233 51.79 105.03 35.11
CA ARG FA 233 52.52 104.30 36.13
C ARG FA 233 52.92 102.94 35.57
N PRO FA 234 53.97 102.32 36.11
CA PRO FA 234 54.29 100.94 35.71
C PRO FA 234 53.17 99.99 36.10
N LEU FA 235 52.97 98.98 35.26
CA LEU FA 235 51.90 98.02 35.46
C LEU FA 235 52.22 97.10 36.64
N ASP FA 236 51.17 96.49 37.19
CA ASP FA 236 51.34 95.51 38.24
C ASP FA 236 51.96 94.23 37.68
N ASP FA 237 52.87 93.63 38.43
CA ASP FA 237 53.63 92.50 37.94
C ASP FA 237 53.82 91.42 39.00
N SER FA 238 52.82 91.26 39.87
CA SER FA 238 52.93 90.31 40.99
C SER FA 238 53.08 88.87 40.51
N VAL FA 239 52.33 88.50 39.47
CA VAL FA 239 52.39 87.15 38.93
C VAL FA 239 53.77 86.89 38.33
N GLU FA 240 54.33 87.88 37.63
CA GLU FA 240 55.63 87.72 36.99
C GLU FA 240 56.73 87.47 38.00
N ARG FA 241 56.74 88.21 39.11
CA ARG FA 241 57.80 88.01 40.08
C ARG FA 241 57.56 86.76 40.92
N LEU FA 242 56.31 86.34 41.11
CA LEU FA 242 56.08 85.02 41.70
C LEU FA 242 56.63 83.92 40.82
N LEU FA 243 56.49 84.06 39.50
CA LEU FA 243 57.07 83.06 38.60
C LEU FA 243 58.59 83.16 38.53
N ASP FA 244 59.14 84.36 38.65
CA ASP FA 244 60.59 84.53 38.57
C ASP FA 244 61.29 83.99 39.82
N GLU FA 245 60.73 84.28 41.00
CA GLU FA 245 61.41 83.97 42.25
C GLU FA 245 61.25 82.52 42.65
N TYR FA 246 60.12 81.90 42.31
CA TYR FA 246 59.86 80.50 42.67
C TYR FA 246 59.49 79.72 41.42
N PRO FA 247 60.48 79.39 40.57
CA PRO FA 247 60.18 78.51 39.44
C PRO FA 247 59.96 77.06 39.84
N GLU FA 248 60.34 76.68 41.05
CA GLU FA 248 60.18 75.31 41.52
C GLU FA 248 58.76 75.02 41.96
N PHE FA 249 57.90 76.02 42.05
CA PHE FA 249 56.49 75.76 42.34
C PHE FA 249 55.71 75.43 41.08
N PHE FA 250 56.36 75.47 39.92
CA PHE FA 250 55.69 75.38 38.64
C PHE FA 250 56.47 74.43 37.74
N VAL FA 251 55.82 74.03 36.65
CA VAL FA 251 56.46 73.23 35.61
C VAL FA 251 56.49 74.08 34.35
N SER FA 252 57.67 74.22 33.76
CA SER FA 252 57.85 74.94 32.50
C SER FA 252 58.47 74.01 31.48
N HIS FA 253 58.28 74.32 30.20
CA HIS FA 253 58.76 73.45 29.13
C HIS FA 253 59.43 74.21 28.00
N ASP FA 254 60.03 75.36 28.29
CA ASP FA 254 60.42 76.27 27.22
C ASP FA 254 61.62 75.75 26.44
N ARG FA 255 61.51 75.76 25.13
CA ARG FA 255 62.40 75.04 24.22
C ARG FA 255 63.55 75.90 23.72
N GLU FA 256 64.70 75.28 23.50
CA GLU FA 256 65.87 75.94 22.92
C GLU FA 256 65.95 75.80 21.40
N PHE FA 257 65.97 74.58 20.86
CA PHE FA 257 65.96 74.38 19.42
C PHE FA 257 64.92 73.34 19.03
N HIS FA 258 64.58 73.33 17.73
CA HIS FA 258 63.55 72.47 17.19
C HIS FA 258 64.10 71.11 16.80
N VAL FA 259 63.44 70.04 17.25
CA VAL FA 259 63.78 68.67 16.89
C VAL FA 259 62.62 68.11 16.08
N ALA FA 260 62.91 67.64 14.88
CA ALA FA 260 61.87 67.14 13.98
C ALA FA 260 61.35 65.78 14.44
N SER FA 261 60.05 65.57 14.25
CA SER FA 261 59.38 64.30 14.56
C SER FA 261 59.44 63.41 13.33
N LEU FA 262 60.17 62.30 13.42
CA LEU FA 262 60.40 61.44 12.28
C LEU FA 262 59.37 60.32 12.20
N SER FA 263 58.85 60.10 11.00
CA SER FA 263 58.03 58.92 10.74
C SER FA 263 58.98 57.76 10.54
N TYR FA 264 59.22 56.98 11.58
CA TYR FA 264 60.25 55.95 11.56
C TYR FA 264 59.79 54.72 10.76
N LYS FA 265 59.49 54.96 9.50
CA LYS FA 265 58.98 53.93 8.62
C LYS FA 265 60.12 53.04 8.17
N PRO FA 266 60.00 51.72 8.31
CA PRO FA 266 61.08 50.83 7.87
C PRO FA 266 61.16 50.77 6.35
N ASP FA 267 62.33 51.11 5.81
CA ASP FA 267 62.59 51.11 4.38
C ASP FA 267 64.09 50.97 4.20
N PHE FA 268 64.53 49.85 3.65
CA PHE FA 268 65.94 49.50 3.67
C PHE FA 268 66.45 49.24 2.25
N LYS FA 269 67.76 49.41 2.09
CA LYS FA 269 68.46 49.09 0.87
C LYS FA 269 69.65 48.21 1.21
N VAL FA 270 69.87 47.17 0.43
CA VAL FA 270 71.05 46.32 0.57
C VAL FA 270 72.12 46.85 -0.36
N MET FA 271 73.29 47.16 0.18
CA MET FA 271 74.40 47.65 -0.60
C MET FA 271 75.04 46.51 -1.40
N PRO FA 272 75.83 46.83 -2.44
CA PRO FA 272 76.60 45.78 -3.11
C PRO FA 272 77.63 45.14 -2.19
N GLU FA 273 78.10 43.97 -2.59
CA GLU FA 273 79.04 43.23 -1.77
C GLU FA 273 80.39 43.92 -1.66
N GLY FA 274 80.86 44.52 -2.76
CA GLY FA 274 82.12 45.22 -2.72
C GLY FA 274 82.00 46.70 -2.41
N TRP FA 275 81.00 47.07 -1.63
CA TRP FA 275 80.74 48.48 -1.36
C TRP FA 275 81.74 48.98 -0.33
N ASP FA 276 82.60 49.91 -0.73
CA ASP FA 276 83.34 50.72 0.22
C ASP FA 276 82.63 52.06 0.31
N GLY FA 277 82.43 52.52 1.52
CA GLY FA 277 81.59 53.66 1.75
C GLY FA 277 81.15 53.69 3.19
N THR FA 278 80.76 54.88 3.61
CA THR FA 278 80.42 55.11 5.01
C THR FA 278 78.94 55.42 5.09
N ILE FA 279 78.24 54.73 5.98
CA ILE FA 279 76.86 55.06 6.26
C ILE FA 279 76.81 56.40 6.99
N LYS FA 280 75.75 57.15 6.76
CA LYS FA 280 75.57 58.41 7.46
C LYS FA 280 75.08 58.15 8.89
N ASP FA 281 75.47 59.04 9.78
CA ASP FA 281 74.96 59.01 11.15
C ASP FA 281 73.51 59.46 11.16
N MET FA 282 72.65 58.71 11.87
CA MET FA 282 71.23 59.04 11.88
C MET FA 282 70.96 60.31 12.66
N ASP FA 283 71.82 60.64 13.63
CA ASP FA 283 71.73 61.92 14.32
C ASP FA 283 72.11 63.09 13.42
N GLU FA 284 73.06 62.89 12.51
CA GLU FA 284 73.40 63.92 11.53
C GLU FA 284 72.24 64.20 10.58
N VAL FA 285 71.62 63.14 10.07
CA VAL FA 285 70.47 63.30 9.17
C VAL FA 285 69.29 63.90 9.92
N HIS FA 286 69.10 63.51 11.17
CA HIS FA 286 68.08 64.12 12.01
C HIS FA 286 68.36 65.60 12.24
N TYR FA 287 69.63 65.97 12.41
CA TYR FA 287 69.97 67.38 12.55
C TYR FA 287 69.63 68.16 11.29
N GLU FA 288 69.95 67.60 10.12
CA GLU FA 288 69.67 68.30 8.87
C GLU FA 288 68.18 68.47 8.62
N ILE FA 289 67.40 67.43 8.92
CA ILE FA 289 65.94 67.52 8.81
C ILE FA 289 65.39 68.57 9.76
N SER FA 290 65.88 68.56 11.01
CA SER FA 290 65.40 69.49 12.01
C SER FA 290 65.75 70.92 11.64
N LYS FA 291 66.92 71.15 11.06
CA LYS FA 291 67.33 72.50 10.69
C LYS FA 291 66.55 73.00 9.49
N LYS FA 292 66.27 72.13 8.52
CA LYS FA 292 65.39 72.52 7.40
C LYS FA 292 63.99 72.89 7.89
N GLU FA 293 63.42 72.06 8.77
CA GLU FA 293 62.10 72.35 9.32
C GLU FA 293 62.12 73.62 10.15
N ASP FA 294 63.22 73.88 10.85
CA ASP FA 294 63.36 75.10 11.63
C ASP FA 294 63.36 76.34 10.73
N ASP FA 295 64.09 76.30 9.62
CA ASP FA 295 64.11 77.43 8.69
C ASP FA 295 62.73 77.69 8.11
N ILE FA 296 62.02 76.62 7.71
CA ILE FA 296 60.67 76.74 7.17
C ILE FA 296 59.74 77.35 8.21
N LEU FA 297 59.77 76.81 9.43
CA LEU FA 297 58.87 77.27 10.48
C LEU FA 297 59.14 78.71 10.84
N TYR FA 298 60.41 79.11 10.83
CA TYR FA 298 60.76 80.50 11.12
C TYR FA 298 60.21 81.45 10.07
N GLU FA 299 60.38 81.13 8.78
CA GLU FA 299 59.88 82.08 7.79
C GLU FA 299 58.36 82.11 7.73
N GLU FA 300 57.69 80.98 7.99
CA GLU FA 300 56.23 81.00 8.04
C GLU FA 300 55.73 81.80 9.23
N PHE FA 301 56.40 81.65 10.38
CA PHE FA 301 56.09 82.47 11.54
C PHE FA 301 56.29 83.95 11.24
N LEU FA 302 57.39 84.29 10.56
CA LEU FA 302 57.67 85.68 10.25
C LEU FA 302 56.57 86.29 9.41
N ARG FA 303 56.16 85.59 8.34
CA ARG FA 303 55.13 86.14 7.47
C ARG FA 303 53.81 86.33 8.21
N ARG FA 304 53.38 85.30 8.96
CA ARG FA 304 52.10 85.42 9.67
C ARG FA 304 52.16 86.48 10.75
N PHE FA 305 53.30 86.59 11.45
CA PHE FA 305 53.44 87.53 12.55
C PHE FA 305 53.53 88.96 12.08
N GLU FA 306 54.23 89.23 10.96
CA GLU FA 306 54.26 90.59 10.44
C GLU FA 306 52.88 91.02 9.95
N PHE FA 307 52.16 90.10 9.29
CA PHE FA 307 50.80 90.43 8.87
C PHE FA 307 49.89 90.70 10.06
N ASN FA 308 50.01 89.89 11.12
CA ASN FA 308 49.20 90.14 12.31
C ASN FA 308 49.63 91.40 13.04
N LYS FA 309 50.89 91.79 12.93
CA LYS FA 309 51.35 93.02 13.57
C LYS FA 309 50.77 94.25 12.89
N LEU FA 310 50.78 94.28 11.57
CA LEU FA 310 50.15 95.43 10.93
C LEU FA 310 48.65 95.28 10.75
N LYS FA 311 48.10 94.15 11.16
CA LYS FA 311 46.68 94.08 11.47
C LYS FA 311 46.39 94.69 12.84
N TRP FA 312 47.32 94.49 13.78
CA TRP FA 312 47.23 95.08 15.11
C TRP FA 312 47.35 96.59 15.06
N LYS FA 313 48.23 97.11 14.19
CA LYS FA 313 48.36 98.56 14.04
C LYS FA 313 47.16 99.17 13.33
N GLY FA 314 46.59 98.49 12.35
CA GLY FA 314 45.36 98.96 11.73
C GLY FA 314 45.44 99.18 10.23
N GLU FA 315 46.34 98.48 9.55
CA GLU FA 315 46.48 98.60 8.10
C GLU FA 315 45.78 97.49 7.32
N VAL FA 316 45.06 96.60 8.00
CA VAL FA 316 44.28 95.54 7.35
C VAL FA 316 42.83 95.75 7.71
N LYS FA 317 41.94 95.54 6.74
CA LYS FA 317 40.52 95.82 6.97
C LYS FA 317 39.86 94.81 7.91
N CYS FA 318 39.72 93.55 7.50
CA CYS FA 318 39.25 92.43 8.33
C CYS FA 318 37.82 92.54 8.85
N HIS FA 319 37.15 93.66 8.66
CA HIS FA 319 35.75 93.83 9.00
C HIS FA 319 35.06 94.28 7.73
N LYS FA 320 33.96 93.61 7.38
CA LYS FA 320 33.34 93.80 6.08
C LYS FA 320 32.76 95.20 5.91
N TYR FA 321 32.42 95.87 7.00
CA TYR FA 321 31.86 97.20 6.93
C TYR FA 321 32.91 98.29 6.98
N SER FA 322 34.18 97.92 7.06
CA SER FA 322 35.27 98.87 6.88
C SER FA 322 35.80 98.87 5.46
N ARG FA 323 35.41 97.90 4.64
CA ARG FA 323 35.80 97.86 3.23
C ARG FA 323 34.84 98.73 2.45
N ARG FA 324 35.29 99.94 2.13
CA ARG FA 324 34.47 100.93 1.46
C ARG FA 324 35.14 101.36 0.17
N ARG FA 325 34.32 101.75 -0.80
CA ARG FA 325 34.80 102.25 -2.06
C ARG FA 325 35.52 103.59 -1.87
N SER FA 326 36.52 103.83 -2.72
CA SER FA 326 37.12 105.14 -2.79
C SER FA 326 36.22 106.07 -3.59
N SER FA 327 36.63 107.33 -3.72
CA SER FA 327 35.85 108.27 -4.51
C SER FA 327 35.89 107.95 -6.01
N ASP FA 328 36.90 107.21 -6.45
CA ASP FA 328 37.01 106.81 -7.85
C ASP FA 328 36.57 105.37 -8.11
N GLY FA 329 36.29 104.60 -7.07
CA GLY FA 329 35.98 103.20 -7.26
C GLY FA 329 36.87 102.26 -6.48
N TRP FA 330 37.05 101.06 -7.00
CA TRP FA 330 37.84 100.03 -6.35
C TRP FA 330 39.15 99.87 -7.11
N LYS FA 331 40.24 99.72 -6.38
CA LYS FA 331 41.43 99.19 -7.03
C LYS FA 331 41.25 97.69 -7.22
N ILE FA 332 41.92 97.15 -8.23
CA ILE FA 332 41.84 95.72 -8.47
C ILE FA 332 43.27 95.23 -8.24
N THR FA 333 43.52 93.94 -8.37
CA THR FA 333 44.87 93.39 -8.34
C THR FA 333 44.83 92.30 -9.40
N VAL FA 334 45.47 92.55 -10.52
CA VAL FA 334 45.30 91.76 -11.72
C VAL FA 334 46.45 90.78 -11.83
N GLU FA 335 46.14 89.48 -11.84
CA GLU FA 335 47.13 88.43 -11.97
C GLU FA 335 47.16 87.90 -13.39
N LYS FA 336 48.36 87.61 -13.88
CA LYS FA 336 48.56 87.03 -15.20
C LYS FA 336 48.61 85.51 -15.08
N LEU FA 337 47.66 84.84 -15.73
CA LEU FA 337 47.54 83.39 -15.63
C LEU FA 337 48.14 82.72 -16.85
N GLY FA 338 48.29 81.40 -16.76
CA GLY FA 338 48.90 80.64 -17.82
C GLY FA 338 50.40 80.52 -17.62
N PRO FA 339 51.05 79.71 -18.45
CA PRO FA 339 52.51 79.56 -18.33
C PRO FA 339 53.29 80.80 -18.72
N GLN FA 340 52.72 81.71 -19.50
CA GLN FA 340 53.44 82.89 -19.93
C GLN FA 340 53.27 84.08 -18.99
N GLY FA 341 52.40 83.97 -17.99
CA GLY FA 341 52.24 85.02 -17.00
C GLY FA 341 52.86 84.73 -15.65
N LYS FA 342 53.64 83.67 -15.51
CA LYS FA 342 54.12 83.23 -14.21
C LYS FA 342 55.26 84.09 -13.72
N ARG FA 343 55.21 84.42 -12.43
CA ARG FA 343 56.30 85.10 -11.74
C ARG FA 343 57.35 84.12 -11.23
N GLY FA 344 57.13 82.84 -11.42
CA GLY FA 344 57.90 81.76 -10.85
C GLY FA 344 56.97 80.75 -10.27
N ASN FA 345 57.55 79.74 -9.62
CA ASN FA 345 56.78 78.71 -8.93
C ASN FA 345 56.04 79.34 -7.78
N GLY FA 346 54.72 79.47 -7.89
CA GLY FA 346 53.97 80.13 -6.85
C GLY FA 346 52.75 80.87 -7.35
N GLY FA 347 52.73 81.18 -8.63
CA GLY FA 347 51.59 81.85 -9.22
C GLY FA 347 52.04 82.74 -10.35
N GLY FA 348 51.14 83.62 -10.75
CA GLY FA 348 51.40 84.57 -11.82
C GLY FA 348 51.78 85.94 -11.31
N TRP FA 349 52.33 86.73 -12.23
CA TRP FA 349 52.74 88.09 -11.95
C TRP FA 349 51.54 89.00 -11.77
N LYS FA 350 51.66 89.97 -10.87
CA LYS FA 350 50.55 90.82 -10.47
C LYS FA 350 50.88 92.30 -10.61
N PHE FA 351 49.86 93.09 -10.96
CA PHE FA 351 49.91 94.54 -10.95
C PHE FA 351 48.57 95.04 -10.43
N VAL FA 352 48.41 96.36 -10.29
CA VAL FA 352 47.36 96.92 -9.45
C VAL FA 352 46.19 97.49 -10.24
N SER FA 353 46.43 98.42 -11.16
CA SER FA 353 45.36 99.02 -11.99
C SER FA 353 44.33 99.78 -11.15
N LEU FA 354 44.75 100.96 -10.74
CA LEU FA 354 44.01 102.00 -10.02
C LEU FA 354 42.71 102.41 -10.73
N PRO FA 355 41.72 102.95 -10.01
CA PRO FA 355 40.46 103.34 -10.67
C PRO FA 355 40.56 104.53 -11.63
N ASP FA 356 41.66 105.28 -11.63
CA ASP FA 356 41.71 106.42 -12.54
C ASP FA 356 42.15 106.04 -13.94
N GLY FA 357 42.48 104.77 -14.17
CA GLY FA 357 42.97 104.32 -15.45
C GLY FA 357 44.44 103.96 -15.47
N SER FA 358 45.16 104.21 -14.39
CA SER FA 358 46.58 103.93 -14.31
C SER FA 358 46.84 102.60 -13.61
N SER FA 359 47.96 101.98 -13.95
CA SER FA 359 48.40 100.77 -13.27
C SER FA 359 49.81 100.97 -12.71
N ARG FA 360 50.11 100.25 -11.64
CA ARG FA 360 51.36 100.43 -10.92
C ARG FA 360 51.82 99.07 -10.43
N PRO FA 361 53.10 98.92 -10.12
CA PRO FA 361 53.56 97.68 -9.47
C PRO FA 361 53.07 97.59 -8.03
N LEU FA 362 53.33 96.44 -7.43
CA LEU FA 362 52.82 96.16 -6.10
C LEU FA 362 53.58 96.93 -5.02
N ASN FA 363 52.86 97.23 -3.93
CA ASN FA 363 53.38 97.80 -2.71
C ASN FA 363 54.09 96.74 -1.87
N GLU FA 364 54.49 97.12 -0.66
CA GLU FA 364 55.03 96.12 0.27
C GLU FA 364 53.92 95.31 0.92
N VAL FA 365 52.81 95.97 1.28
CA VAL FA 365 51.66 95.25 1.82
C VAL FA 365 51.09 94.29 0.78
N GLU FA 366 50.97 94.74 -0.46
CA GLU FA 366 50.49 93.90 -1.53
C GLU FA 366 51.46 92.75 -1.81
N LYS FA 367 52.76 92.99 -1.64
CA LYS FA 367 53.73 91.92 -1.77
C LYS FA 367 53.58 90.87 -0.67
N MET FA 368 53.24 91.31 0.54
CA MET FA 368 52.97 90.34 1.60
C MET FA 368 51.73 89.52 1.29
N TYR FA 369 50.71 90.17 0.73
CA TYR FA 369 49.50 89.47 0.31
C TYR FA 369 49.81 88.42 -0.76
N VAL FA 370 50.70 88.77 -1.71
CA VAL FA 370 51.12 87.82 -2.73
C VAL FA 370 51.85 86.63 -2.09
N LYS FA 371 52.71 86.91 -1.12
CA LYS FA 371 53.53 85.85 -0.54
C LYS FA 371 52.71 84.91 0.35
N ARG FA 372 51.69 85.43 1.02
CA ARG FA 372 50.97 84.59 1.98
C ARG FA 372 49.94 83.67 1.30
N GLU FA 373 49.57 83.94 0.06
CA GLU FA 373 48.55 83.18 -0.64
C GLU FA 373 49.15 82.15 -1.59
N ALA FA 374 50.44 81.99 -1.63
CA ALA FA 374 51.01 81.02 -2.53
C ALA FA 374 50.82 79.61 -1.98
N PRO FA 375 50.73 78.60 -2.83
CA PRO FA 375 50.74 77.23 -2.32
C PRO FA 375 52.12 76.82 -1.85
N ARG FA 376 52.14 75.96 -0.84
CA ARG FA 376 53.37 75.53 -0.18
C ARG FA 376 53.61 74.07 -0.52
N ARG FA 377 54.84 73.76 -0.91
CA ARG FA 377 55.19 72.45 -1.43
C ARG FA 377 55.71 71.52 -0.32
N ARG FA 378 54.89 71.38 0.72
CA ARG FA 378 55.21 70.56 1.88
C ARG FA 378 53.92 70.21 2.60
N ARG FA 379 53.98 69.17 3.43
CA ARG FA 379 52.89 68.90 4.35
C ARG FA 379 52.93 69.90 5.50
N LYS FA 380 51.85 69.96 6.26
CA LYS FA 380 51.77 70.86 7.40
C LYS FA 380 52.70 70.38 8.51
N ILE FA 381 53.76 71.13 8.76
CA ILE FA 381 54.53 70.99 9.99
C ILE FA 381 53.77 71.70 11.09
N LEU FA 382 53.78 71.11 12.29
CA LEU FA 382 53.07 71.56 13.51
C LEU FA 382 51.66 72.11 13.26
N SER GA 34 81.92 55.74 -11.20
CA SER GA 34 82.07 55.70 -12.65
C SER GA 34 82.00 54.27 -13.17
N ALA GA 35 82.35 54.09 -14.45
CA ALA GA 35 82.38 52.77 -15.07
C ALA GA 35 83.79 52.27 -15.35
N SER GA 36 84.80 53.15 -15.30
CA SER GA 36 86.18 52.76 -15.55
C SER GA 36 86.79 51.97 -14.38
N ASP GA 37 86.20 52.05 -13.19
CA ASP GA 37 86.68 51.32 -12.03
C ASP GA 37 86.08 49.94 -11.92
N ALA GA 38 85.40 49.45 -12.96
CA ALA GA 38 84.88 48.09 -12.95
C ALA GA 38 85.99 47.05 -13.02
N ASP GA 39 87.14 47.42 -13.59
CA ASP GA 39 88.27 46.50 -13.60
C ASP GA 39 88.96 46.42 -12.24
N VAL GA 40 89.01 47.54 -11.51
CA VAL GA 40 89.65 47.51 -10.20
C VAL GA 40 88.80 46.74 -9.20
N GLN GA 41 87.47 46.87 -9.29
CA GLN GA 41 86.58 46.11 -8.43
C GLN GA 41 86.63 44.62 -8.75
N ASP GA 42 86.95 44.27 -9.99
CA ASP GA 42 87.22 42.88 -10.33
C ASP GA 42 88.59 42.43 -9.84
N GLN GA 43 89.56 43.35 -9.77
CA GLN GA 43 90.91 42.98 -9.33
C GLN GA 43 90.96 42.76 -7.82
N VAL GA 44 90.19 43.52 -7.05
CA VAL GA 44 90.06 43.32 -5.61
C VAL GA 44 88.60 43.04 -5.32
N SER GA 45 88.25 41.75 -5.23
CA SER GA 45 86.89 41.34 -4.92
C SER GA 45 86.64 41.41 -3.42
N VAL GA 46 85.36 41.40 -3.05
CA VAL GA 46 84.95 41.30 -1.65
C VAL GA 46 83.99 40.12 -1.53
N GLU GA 47 84.26 39.23 -0.58
CA GLU GA 47 83.29 38.22 -0.17
C GLU GA 47 82.87 38.52 1.26
N GLY GA 48 81.57 38.52 1.50
CA GLY GA 48 81.02 38.85 2.80
C GLY GA 48 80.48 37.61 3.49
N LYS GA 49 80.70 37.54 4.78
CA LYS GA 49 80.12 36.48 5.60
C LYS GA 49 79.32 37.14 6.71
N ALA GA 50 78.93 36.38 7.73
CA ALA GA 50 77.99 36.86 8.73
C ALA GA 50 78.53 38.08 9.47
N LYS GA 51 79.78 38.03 9.91
CA LYS GA 51 80.39 39.14 10.62
C LYS GA 51 81.82 39.35 10.15
N SER GA 52 82.10 39.10 8.89
CA SER GA 52 83.48 39.12 8.42
C SER GA 52 83.50 39.42 6.92
N ARG GA 53 84.61 40.00 6.50
CA ARG GA 53 84.81 40.35 5.10
C ARG GA 53 86.15 39.82 4.63
N ALA GA 54 86.21 39.41 3.37
CA ALA GA 54 87.42 38.87 2.77
C ALA GA 54 87.76 39.67 1.53
N ALA GA 55 89.01 40.09 1.43
CA ALA GA 55 89.52 40.73 0.24
C ALA GA 55 90.26 39.71 -0.59
N ILE GA 56 89.94 39.63 -1.88
CA ILE GA 56 90.50 38.63 -2.77
C ILE GA 56 91.25 39.33 -3.87
N LEU GA 57 92.50 38.93 -4.08
CA LEU GA 57 93.31 39.42 -5.19
C LEU GA 57 93.08 38.54 -6.41
N ASP GA 58 92.70 39.17 -7.52
CA ASP GA 58 92.27 38.49 -8.72
C ASP GA 58 92.87 39.12 -9.96
N ARG GA 59 94.19 39.31 -9.96
CA ARG GA 59 94.86 39.78 -11.15
C ARG GA 59 95.71 38.65 -11.73
N PRO GA 60 95.11 37.72 -12.49
CA PRO GA 60 95.84 36.52 -12.91
C PRO GA 60 96.86 36.77 -14.00
N SER GA 61 96.77 37.90 -14.70
CA SER GA 61 97.77 38.23 -15.72
C SER GA 61 99.12 38.52 -15.09
N SER GA 62 99.13 39.24 -13.98
CA SER GA 62 100.35 39.64 -13.30
C SER GA 62 100.65 38.77 -12.09
N LEU GA 63 99.98 37.63 -11.95
CA LEU GA 63 100.06 36.76 -10.79
C LEU GA 63 99.75 37.52 -9.51
N ASN GA 64 98.63 38.25 -9.54
CA ASN GA 64 98.13 39.05 -8.41
C ASN GA 64 99.15 40.09 -7.94
N ALA GA 65 99.82 40.74 -8.88
CA ALA GA 65 100.77 41.79 -8.52
C ALA GA 65 100.03 43.08 -8.21
N LEU GA 66 100.51 43.78 -7.19
CA LEU GA 66 99.81 44.96 -6.69
C LEU GA 66 100.12 46.17 -7.55
N SER GA 67 99.07 46.83 -8.02
CA SER GA 67 99.15 48.10 -8.70
C SER GA 67 98.68 49.21 -7.76
N ALA GA 68 98.81 50.45 -8.20
CA ALA GA 68 98.34 51.57 -7.39
C ALA GA 68 96.82 51.58 -7.16
N PRO GA 69 95.94 51.35 -8.16
CA PRO GA 69 94.51 51.30 -7.83
C PRO GA 69 94.12 50.14 -6.95
N MET GA 70 94.80 49.00 -7.05
CA MET GA 70 94.54 47.88 -6.14
C MET GA 70 94.87 48.24 -4.71
N VAL GA 71 95.98 48.93 -4.49
CA VAL GA 71 96.34 49.36 -3.13
C VAL GA 71 95.37 50.42 -2.63
N GLY GA 72 94.93 51.32 -3.50
CA GLY GA 72 93.95 52.32 -3.10
C GLY GA 72 92.61 51.72 -2.71
N ARG GA 73 92.13 50.74 -3.50
CA ARG GA 73 90.90 50.03 -3.18
C ARG GA 73 91.05 49.23 -1.89
N LEU GA 74 92.18 48.55 -1.71
CA LEU GA 74 92.40 47.76 -0.50
C LEU GA 74 92.42 48.64 0.74
N LYS GA 75 93.06 49.80 0.64
CA LYS GA 75 93.09 50.73 1.75
C LYS GA 75 91.70 51.27 2.08
N ARG GA 76 90.91 51.61 1.05
CA ARG GA 76 89.54 52.07 1.28
C ARG GA 76 88.68 51.00 1.94
N LEU GA 77 88.80 49.75 1.45
CA LEU GA 77 88.01 48.65 2.00
C LEU GA 77 88.36 48.40 3.46
N TYR GA 78 89.66 48.35 3.79
CA TYR GA 78 90.04 48.03 5.15
C TYR GA 78 89.72 49.15 6.11
N GLU GA 79 89.81 50.41 5.66
CA GLU GA 79 89.40 51.51 6.52
C GLU GA 79 87.90 51.47 6.82
N SER GA 80 87.09 51.22 5.79
CA SER GA 80 85.65 51.12 6.02
C SER GA 80 85.30 49.94 6.91
N TRP GA 81 85.98 48.80 6.74
CA TRP GA 81 85.67 47.63 7.56
C TRP GA 81 86.11 47.82 9.01
N GLU GA 82 87.21 48.53 9.25
CA GLU GA 82 87.59 48.85 10.62
C GLU GA 82 86.59 49.79 11.27
N GLU GA 83 86.09 50.75 10.50
CA GLU GA 83 85.11 51.68 11.05
C GLU GA 83 83.77 50.99 11.35
N ASN GA 84 83.45 49.92 10.64
CA ASN GA 84 82.15 49.27 10.77
C ASN GA 84 82.08 48.43 12.05
N PRO GA 85 81.18 48.74 12.98
CA PRO GA 85 81.06 47.90 14.18
C PRO GA 85 80.26 46.62 13.98
N ALA GA 86 79.75 46.38 12.78
CA ALA GA 86 79.05 45.14 12.46
C ALA GA 86 79.98 44.09 11.87
N ILE GA 87 81.26 44.40 11.72
CA ILE GA 87 82.24 43.47 11.18
C ILE GA 87 83.21 43.08 12.30
N SER GA 88 83.37 41.78 12.51
CA SER GA 88 84.18 41.29 13.62
C SER GA 88 85.65 41.12 13.27
N PHE GA 89 85.94 40.63 12.08
CA PHE GA 89 87.32 40.38 11.67
C PHE GA 89 87.34 40.39 10.15
N VAL GA 90 88.54 40.48 9.59
CA VAL GA 90 88.70 40.60 8.15
C VAL GA 90 89.66 39.53 7.65
N LEU GA 91 89.65 39.32 6.34
CA LEU GA 91 90.45 38.28 5.69
C LEU GA 91 91.14 38.85 4.47
N MET GA 92 92.19 38.16 4.03
CA MET GA 92 92.84 38.44 2.77
C MET GA 92 93.19 37.13 2.10
N LYS GA 93 92.65 36.90 0.92
CA LYS GA 93 92.89 35.70 0.15
C LYS GA 93 93.44 36.07 -1.20
N GLY GA 94 93.86 35.05 -1.95
CA GLY GA 94 94.27 35.22 -3.33
C GLY GA 94 93.65 34.14 -4.18
N SER GA 95 93.29 34.49 -5.42
CA SER GA 95 92.75 33.53 -6.36
C SER GA 95 93.84 33.04 -7.29
N GLY GA 96 93.81 31.75 -7.59
CA GLY GA 96 94.79 31.14 -8.45
C GLY GA 96 95.81 30.31 -7.67
N LYS GA 97 96.95 30.10 -8.32
CA LYS GA 97 98.07 29.40 -7.71
C LYS GA 97 99.05 30.34 -7.03
N THR GA 98 98.79 31.63 -7.09
CA THR GA 98 99.67 32.64 -6.51
C THR GA 98 98.87 33.44 -5.50
N PHE GA 99 99.43 33.62 -4.31
CA PHE GA 99 98.82 34.54 -3.36
C PHE GA 99 99.06 35.98 -3.79
N CYS GA 100 100.32 36.39 -3.83
CA CYS GA 100 100.69 37.73 -4.30
C CYS GA 100 102.16 37.71 -4.69
N SER GA 101 102.45 38.07 -5.93
CA SER GA 101 103.81 38.06 -6.44
C SER GA 101 104.57 39.35 -6.17
N GLY GA 102 104.04 40.21 -5.31
CA GLY GA 102 104.69 41.47 -5.00
C GLY GA 102 104.06 42.65 -5.69
N ALA GA 103 104.83 43.71 -5.88
CA ALA GA 103 104.36 44.93 -6.50
C ALA GA 103 104.53 44.85 -8.01
N ASP GA 104 103.66 45.56 -8.72
CA ASP GA 104 103.72 45.62 -10.18
C ASP GA 104 104.71 46.71 -10.56
N VAL GA 105 105.95 46.30 -10.84
CA VAL GA 105 107.03 47.26 -11.06
C VAL GA 105 107.14 47.75 -12.49
N LEU GA 106 106.46 47.11 -13.45
CA LEU GA 106 106.57 47.53 -14.84
C LEU GA 106 105.98 48.92 -15.07
N PRO GA 107 104.86 49.21 -14.42
CA PRO GA 107 104.27 50.55 -14.52
C PRO GA 107 105.20 51.60 -13.94
N LEU GA 108 105.84 51.29 -12.81
CA LEU GA 108 106.79 52.23 -12.22
C LEU GA 108 108.01 52.42 -13.11
N TYR GA 109 108.47 51.35 -13.76
CA TYR GA 109 109.60 51.43 -14.67
C TYR GA 109 109.28 52.32 -15.86
N HIS GA 110 108.09 52.16 -16.44
CA HIS GA 110 107.71 53.00 -17.57
C HIS GA 110 107.48 54.44 -17.14
N SER GA 111 107.04 54.65 -15.90
CA SER GA 111 106.89 56.01 -15.39
C SER GA 111 108.24 56.68 -15.18
N ILE GA 112 109.22 55.95 -14.65
CA ILE GA 112 110.56 56.49 -14.44
C ILE GA 112 111.23 56.77 -15.78
N ASN GA 113 110.95 55.94 -16.79
CA ASN GA 113 111.49 56.20 -18.12
C ASN GA 113 110.97 57.49 -18.74
N GLU GA 114 109.77 57.93 -18.34
CA GLU GA 114 109.17 59.14 -18.89
C GLU GA 114 109.56 60.38 -18.10
N GLY GA 115 110.59 60.30 -17.27
CA GLY GA 115 111.09 61.48 -16.57
C GLY GA 115 110.54 61.69 -15.18
N ASN GA 116 109.22 61.84 -15.07
CA ASN GA 116 108.59 62.14 -13.79
C ASN GA 116 108.67 60.95 -12.85
N THR GA 117 108.95 61.23 -11.58
CA THR GA 117 109.07 60.21 -10.56
C THR GA 117 107.89 60.19 -9.60
N GLU GA 118 106.83 60.95 -9.90
CA GLU GA 118 105.73 61.12 -8.96
C GLU GA 118 104.87 59.86 -8.81
N GLU GA 119 104.67 59.12 -9.90
CA GLU GA 119 103.83 57.94 -9.85
C GLU GA 119 104.43 56.85 -8.95
N CYS GA 120 105.76 56.67 -9.04
CA CYS GA 120 106.44 55.76 -8.14
C CYS GA 120 106.32 56.19 -6.69
N LYS GA 121 106.45 57.49 -6.43
CA LYS GA 121 106.32 58.02 -5.09
C LYS GA 121 104.97 57.68 -4.51
N HIS GA 122 103.89 58.04 -5.24
CA HIS GA 122 102.52 57.83 -4.76
C HIS GA 122 102.22 56.37 -4.52
N PHE GA 123 102.69 55.49 -5.43
CA PHE GA 123 102.55 54.06 -5.21
C PHE GA 123 103.24 53.64 -3.93
N PHE GA 124 104.41 54.20 -3.64
CA PHE GA 124 105.15 53.74 -2.48
C PHE GA 124 104.54 54.23 -1.17
N GLY GA 125 104.07 55.50 -1.08
CA GLY GA 125 103.49 55.84 0.21
C GLY GA 125 102.12 55.21 0.38
N SER GA 126 101.40 54.92 -0.72
CA SER GA 126 100.16 54.16 -0.59
C SER GA 126 100.42 52.74 -0.09
N LEU GA 127 101.44 52.07 -0.63
CA LEU GA 127 101.74 50.71 -0.20
C LEU GA 127 102.22 50.66 1.24
N TYR GA 128 103.08 51.60 1.64
CA TYR GA 128 103.57 51.58 3.01
C TYR GA 128 102.49 52.01 3.99
N ASN GA 129 101.57 52.87 3.55
CA ASN GA 129 100.42 53.21 4.37
C ASN GA 129 99.52 52.00 4.59
N PHE GA 130 99.32 51.19 3.56
CA PHE GA 130 98.55 49.96 3.72
C PHE GA 130 99.25 48.97 4.65
N VAL GA 131 100.57 48.85 4.54
CA VAL GA 131 101.32 47.95 5.42
C VAL GA 131 101.23 48.44 6.87
N TYR GA 132 101.31 49.75 7.08
CA TYR GA 132 101.17 50.30 8.42
C TYR GA 132 99.77 50.08 8.97
N LEU GA 133 98.74 50.20 8.12
CA LEU GA 133 97.38 49.88 8.52
C LEU GA 133 97.25 48.42 8.92
N GLN GA 134 97.90 47.53 8.17
CA GLN GA 134 97.86 46.11 8.50
C GLN GA 134 98.55 45.82 9.83
N GLY GA 135 99.63 46.54 10.13
CA GLY GA 135 100.34 46.31 11.37
C GLY GA 135 99.65 46.84 12.60
N THR GA 136 98.78 47.82 12.46
CA THR GA 136 98.15 48.49 13.59
C THR GA 136 96.63 48.31 13.60
N TYR GA 137 96.14 47.22 13.05
CA TYR GA 137 94.71 47.11 12.75
C TYR GA 137 93.95 46.71 14.00
N LEU GA 138 92.81 47.36 14.25
CA LEU GA 138 92.10 47.20 15.50
C LEU GA 138 91.32 45.91 15.63
N LYS GA 139 90.87 45.31 14.54
CA LYS GA 139 90.18 44.04 14.55
C LYS GA 139 91.14 42.93 14.15
N PRO GA 140 90.79 41.67 14.45
CA PRO GA 140 91.61 40.56 13.92
C PRO GA 140 91.62 40.53 12.41
N ASN GA 141 92.79 40.23 11.85
CA ASN GA 141 92.95 40.03 10.43
C ASN GA 141 93.70 38.74 10.16
N ILE GA 142 93.21 37.98 9.18
CA ILE GA 142 93.74 36.67 8.84
C ILE GA 142 94.12 36.69 7.37
N ALA GA 143 95.29 36.16 7.06
CA ALA GA 143 95.74 36.04 5.68
C ALA GA 143 95.84 34.57 5.32
N ILE GA 144 95.24 34.20 4.20
CA ILE GA 144 95.36 32.85 3.66
C ILE GA 144 96.41 32.92 2.56
N MET GA 145 97.54 32.24 2.77
CA MET GA 145 98.68 32.28 1.86
C MET GA 145 98.70 30.97 1.09
N ASP GA 146 97.95 30.94 0.00
CA ASP GA 146 97.73 29.72 -0.77
C ASP GA 146 98.54 29.69 -2.06
N GLY GA 147 99.79 30.11 -2.00
CA GLY GA 147 100.64 30.03 -3.18
C GLY GA 147 101.92 30.80 -2.98
N VAL GA 148 102.47 31.25 -4.10
CA VAL GA 148 103.73 31.98 -4.09
C VAL GA 148 103.51 33.35 -3.47
N THR GA 149 104.33 33.69 -2.49
CA THR GA 149 104.30 35.00 -1.85
C THR GA 149 105.69 35.61 -1.98
N MET GA 150 105.77 36.77 -2.62
CA MET GA 150 107.03 37.45 -2.84
C MET GA 150 106.90 38.92 -2.50
N GLY GA 151 108.00 39.50 -2.01
CA GLY GA 151 108.10 40.96 -1.94
C GLY GA 151 107.15 41.56 -0.93
N CYS GA 152 106.34 42.52 -1.41
CA CYS GA 152 105.36 43.17 -0.56
C CYS GA 152 104.12 42.30 -0.34
N GLY GA 153 104.04 41.15 -1.01
CA GLY GA 153 102.98 40.20 -0.70
C GLY GA 153 103.07 39.70 0.73
N GLY GA 154 104.29 39.46 1.21
CA GLY GA 154 104.48 39.20 2.62
C GLY GA 154 104.28 40.45 3.47
N GLY GA 155 104.53 41.63 2.90
CA GLY GA 155 104.42 42.86 3.66
C GLY GA 155 103.00 43.25 4.01
N ILE GA 156 102.01 42.80 3.23
CA ILE GA 156 100.62 43.11 3.52
C ILE GA 156 99.97 42.06 4.40
N SER GA 157 100.64 40.97 4.68
CA SER GA 157 100.03 39.86 5.39
C SER GA 157 100.75 39.50 6.67
N ILE GA 158 102.07 39.52 6.69
CA ILE GA 158 102.84 39.13 7.86
C ILE GA 158 102.74 40.08 9.04
N PRO GA 159 102.52 41.40 8.88
CA PRO GA 159 102.17 42.21 10.05
C PRO GA 159 100.81 41.90 10.67
N GLY GA 160 99.99 41.05 10.07
CA GLY GA 160 98.67 40.78 10.58
C GLY GA 160 98.67 39.89 11.82
N MET GA 161 97.47 39.69 12.37
CA MET GA 161 97.36 38.98 13.64
C MET GA 161 97.42 37.47 13.43
N PHE GA 162 96.75 36.95 12.40
CA PHE GA 162 96.76 35.54 12.08
C PHE GA 162 97.21 35.34 10.65
N ARG GA 163 97.98 34.28 10.41
CA ARG GA 163 98.53 33.97 9.10
C ARG GA 163 98.45 32.47 8.88
N VAL GA 164 97.83 32.05 7.77
CA VAL GA 164 97.60 30.64 7.47
C VAL GA 164 98.47 30.27 6.28
N ALA GA 165 99.31 29.27 6.45
CA ALA GA 165 100.20 28.78 5.40
C ALA GA 165 99.73 27.41 4.95
N THR GA 166 99.89 27.12 3.67
CA THR GA 166 99.48 25.85 3.11
C THR GA 166 100.69 25.11 2.55
N ASP GA 167 100.43 23.95 1.95
CA ASP GA 167 101.46 23.15 1.32
C ASP GA 167 101.87 23.66 -0.04
N LYS GA 168 101.16 24.67 -0.56
CA LYS GA 168 101.55 25.36 -1.78
C LYS GA 168 102.21 26.70 -1.50
N THR GA 169 102.42 27.05 -0.23
CA THR GA 169 102.95 28.36 0.12
C THR GA 169 104.46 28.36 -0.03
N VAL GA 170 104.99 29.28 -0.83
CA VAL GA 170 106.41 29.46 -1.02
C VAL GA 170 106.73 30.94 -0.83
N LEU GA 171 107.58 31.25 0.12
CA LEU GA 171 107.94 32.62 0.45
C LEU GA 171 109.39 32.88 0.08
N ALA GA 172 109.61 33.91 -0.73
CA ALA GA 172 110.95 34.31 -1.14
C ALA GA 172 111.02 35.83 -1.15
N HIS GA 173 112.25 36.34 -1.04
CA HIS GA 173 112.51 37.79 -1.08
C HIS GA 173 113.64 38.08 -2.07
N PRO GA 174 113.34 38.05 -3.38
CA PRO GA 174 114.39 38.28 -4.40
C PRO GA 174 114.46 39.74 -4.85
N GLU GA 175 114.56 40.66 -3.89
CA GLU GA 175 114.64 42.07 -4.23
C GLU GA 175 116.06 42.51 -4.55
N VAL GA 176 117.07 41.86 -3.97
CA VAL GA 176 118.45 42.21 -4.28
C VAL GA 176 118.81 41.78 -5.70
N GLN GA 177 118.19 40.73 -6.21
CA GLN GA 177 118.47 40.24 -7.55
C GLN GA 177 117.72 41.00 -8.63
N ILE GA 178 116.89 41.97 -8.25
CA ILE GA 178 116.24 42.86 -9.20
C ILE GA 178 116.83 44.27 -9.14
N GLY GA 179 117.66 44.56 -8.15
CA GLY GA 179 118.20 45.90 -7.97
C GLY GA 179 117.46 46.76 -6.98
N PHE GA 180 116.82 46.17 -5.99
CA PHE GA 180 115.94 46.92 -5.08
C PHE GA 180 116.13 46.31 -3.70
N HIS GA 181 115.36 46.71 -2.71
CA HIS GA 181 115.56 46.27 -1.34
C HIS GA 181 114.26 45.70 -0.79
N PRO GA 182 114.35 44.79 0.19
CA PRO GA 182 113.13 44.23 0.79
C PRO GA 182 112.37 45.26 1.62
N ASP GA 183 111.53 46.04 0.96
CA ASP GA 183 110.76 47.07 1.62
C ASP GA 183 109.42 46.52 2.11
N ALA GA 184 108.48 47.43 2.36
CA ALA GA 184 107.12 47.15 2.79
C ALA GA 184 107.10 46.38 4.11
N GLY GA 185 107.96 46.80 5.03
CA GLY GA 185 108.04 46.19 6.33
C GLY GA 185 108.79 44.88 6.36
N ALA GA 186 109.43 44.48 5.27
CA ALA GA 186 110.21 43.25 5.30
C ALA GA 186 111.49 43.40 6.10
N SER GA 187 111.93 44.63 6.35
CA SER GA 187 113.04 44.84 7.28
C SER GA 187 112.57 44.83 8.73
N TYR GA 188 111.27 44.76 8.96
CA TYR GA 188 110.75 44.63 10.32
C TYR GA 188 110.66 43.17 10.75
N TYR GA 189 110.07 42.31 9.93
CA TYR GA 189 109.85 40.94 10.39
C TYR GA 189 111.02 40.02 10.08
N LEU GA 190 111.83 40.31 9.06
CA LEU GA 190 113.01 39.51 8.84
C LEU GA 190 114.06 39.77 9.91
N SER GA 191 114.18 41.02 10.35
CA SER GA 191 115.14 41.37 11.38
C SER GA 191 114.80 40.77 12.73
N ARG GA 192 113.56 40.36 12.95
CA ARG GA 192 113.14 39.79 14.22
C ARG GA 192 113.09 38.27 14.20
N LEU GA 193 113.55 37.64 13.13
CA LEU GA 193 113.69 36.19 13.13
C LEU GA 193 114.84 35.78 14.04
N PRO GA 194 114.82 34.54 14.56
CA PRO GA 194 115.92 34.08 15.42
C PRO GA 194 117.25 34.00 14.67
N GLY GA 195 118.32 34.37 15.38
CA GLY GA 195 119.65 34.32 14.79
C GLY GA 195 119.86 35.41 13.77
N TYR GA 196 120.54 35.06 12.68
CA TYR GA 196 120.79 35.96 11.57
C TYR GA 196 120.13 35.46 10.29
N LEU GA 197 119.02 34.72 10.45
CA LEU GA 197 118.29 34.16 9.32
C LEU GA 197 117.66 35.25 8.45
N GLY GA 198 117.32 36.39 9.05
CA GLY GA 198 116.80 37.50 8.26
C GLY GA 198 117.79 38.00 7.23
N GLU GA 199 119.07 38.07 7.61
CA GLU GA 199 120.12 38.48 6.68
C GLU GA 199 120.29 37.48 5.55
N TYR GA 200 120.25 36.18 5.89
CA TYR GA 200 120.40 35.14 4.88
C TYR GA 200 119.25 35.17 3.88
N LEU GA 201 118.03 35.38 4.38
CA LEU GA 201 116.86 35.44 3.50
C LEU GA 201 116.88 36.70 2.65
N ALA GA 202 117.26 37.84 3.23
CA ALA GA 202 117.26 39.08 2.49
C ALA GA 202 118.42 39.20 1.51
N LEU GA 203 119.51 38.46 1.72
CA LEU GA 203 120.63 38.51 0.79
C LEU GA 203 120.60 37.42 -0.27
N THR GA 204 120.12 36.23 0.05
CA THR GA 204 120.15 35.15 -0.93
C THR GA 204 118.85 35.01 -1.69
N GLY GA 205 117.75 35.55 -1.18
CA GLY GA 205 116.44 35.31 -1.78
C GLY GA 205 116.00 33.87 -1.69
N GLN GA 206 116.16 33.26 -0.51
CA GLN GA 206 115.92 31.83 -0.34
C GLN GA 206 114.44 31.54 -0.10
N LYS GA 207 113.95 30.48 -0.74
CA LYS GA 207 112.55 30.07 -0.60
C LYS GA 207 112.30 29.45 0.77
N LEU GA 208 111.19 29.84 1.40
CA LEU GA 208 110.69 29.22 2.61
C LEU GA 208 109.39 28.50 2.31
N ASP GA 209 109.23 27.30 2.87
CA ASP GA 209 107.97 26.58 2.79
C ASP GA 209 107.08 26.89 3.97
N GLY GA 210 105.85 26.37 3.93
CA GLY GA 210 104.88 26.68 4.96
C GLY GA 210 105.22 26.08 6.31
N VAL GA 211 105.74 24.85 6.31
CA VAL GA 211 106.17 24.22 7.56
C VAL GA 211 107.34 24.99 8.16
N GLU GA 212 108.31 25.37 7.32
CA GLU GA 212 109.42 26.19 7.75
C GLU GA 212 108.97 27.58 8.18
N MET GA 213 107.90 28.10 7.56
CA MET GA 213 107.37 29.39 7.94
C MET GA 213 106.65 29.33 9.28
N ILE GA 214 106.05 28.19 9.61
CA ILE GA 214 105.53 27.94 10.95
C ILE GA 214 106.69 27.89 11.95
N ALA GA 215 107.76 27.18 11.59
CA ALA GA 215 108.91 27.06 12.47
C ALA GA 215 109.60 28.40 12.74
N CYS GA 216 109.69 29.26 11.73
CA CYS GA 216 110.27 30.59 11.90
C CYS GA 216 109.35 31.57 12.60
N GLY GA 217 108.10 31.20 12.85
CA GLY GA 217 107.17 32.09 13.51
C GLY GA 217 106.50 33.09 12.60
N LEU GA 218 106.80 33.06 11.30
CA LEU GA 218 106.17 33.96 10.36
C LEU GA 218 104.74 33.55 10.00
N ALA GA 219 104.37 32.29 10.18
CA ALA GA 219 103.01 31.83 9.96
C ALA GA 219 102.46 31.29 11.27
N THR GA 220 101.19 31.57 11.54
CA THR GA 220 100.59 31.16 12.80
C THR GA 220 99.95 29.77 12.72
N HIS GA 221 99.36 29.42 11.59
CA HIS GA 221 98.62 28.19 11.45
C HIS GA 221 98.94 27.54 10.12
N PHE GA 222 98.72 26.24 10.03
CA PHE GA 222 99.04 25.46 8.84
C PHE GA 222 97.89 24.52 8.51
N CYS GA 223 97.54 24.44 7.24
CA CYS GA 223 96.55 23.47 6.77
C CYS GA 223 96.87 23.12 5.33
N LEU GA 224 96.40 21.96 4.90
CA LEU GA 224 96.62 21.54 3.53
C LEU GA 224 95.76 22.38 2.58
N HIS GA 225 96.14 22.36 1.30
CA HIS GA 225 95.36 23.07 0.30
C HIS GA 225 93.97 22.45 0.14
N SER GA 226 93.90 21.12 0.14
CA SER GA 226 92.62 20.43 -0.04
C SER GA 226 91.67 20.63 1.14
N ARG GA 227 92.18 21.04 2.30
CA ARG GA 227 91.37 21.25 3.49
C ARG GA 227 90.96 22.69 3.71
N LEU GA 228 91.30 23.58 2.78
CA LEU GA 228 90.95 24.99 2.96
C LEU GA 228 89.46 25.33 2.90
N GLY GA 229 88.60 24.68 2.11
CA GLY GA 229 87.17 24.96 2.27
C GLY GA 229 86.64 24.69 3.66
N MET GA 230 87.22 23.72 4.37
CA MET GA 230 86.77 23.37 5.71
C MET GA 230 87.06 24.50 6.70
N VAL GA 231 88.30 24.97 6.74
CA VAL GA 231 88.68 26.15 7.54
C VAL GA 231 87.96 27.41 7.08
N GLU GA 232 87.74 27.59 5.78
CA GLU GA 232 87.12 28.82 5.32
C GLU GA 232 85.65 28.88 5.68
N GLU GA 233 84.94 27.75 5.57
CA GLU GA 233 83.56 27.67 6.05
C GLU GA 233 83.48 27.83 7.56
N ARG GA 234 84.43 27.25 8.30
CA ARG GA 234 84.43 27.43 9.75
C ARG GA 234 84.64 28.89 10.15
N ILE GA 235 85.62 29.55 9.53
CA ILE GA 235 85.96 30.92 9.89
C ILE GA 235 84.86 31.87 9.45
N GLY GA 236 84.19 31.58 8.34
CA GLY GA 236 83.20 32.49 7.80
C GLY GA 236 82.01 32.71 8.71
N LYS GA 237 81.53 31.66 9.36
CA LYS GA 237 80.34 31.78 10.19
C LYS GA 237 80.64 31.71 11.68
N LEU GA 238 81.80 32.21 12.09
CA LEU GA 238 82.03 32.56 13.49
C LEU GA 238 81.41 33.92 13.76
N LEU GA 239 80.78 34.06 14.92
CA LEU GA 239 80.16 35.33 15.30
C LEU GA 239 80.84 35.93 16.53
N THR GA 240 82.17 35.88 16.55
CA THR GA 240 82.93 36.28 17.72
C THR GA 240 83.89 37.41 17.36
N ASP GA 241 84.12 38.29 18.33
CA ASP GA 241 85.16 39.30 18.23
C ASP GA 241 86.47 38.85 18.84
N ASP GA 242 86.43 37.83 19.67
CA ASP GA 242 87.55 37.44 20.51
C ASP GA 242 88.64 36.77 19.68
N PRO GA 243 89.87 37.29 19.72
CA PRO GA 243 90.96 36.61 19.00
C PRO GA 243 91.30 35.23 19.54
N THR GA 244 91.02 34.96 20.81
CA THR GA 244 91.26 33.64 21.36
C THR GA 244 90.35 32.59 20.73
N VAL GA 245 89.09 32.95 20.49
CA VAL GA 245 88.16 32.01 19.85
C VAL GA 245 88.59 31.72 18.42
N ILE GA 246 89.01 32.76 17.69
CA ILE GA 246 89.49 32.57 16.32
C ILE GA 246 90.76 31.73 16.30
N GLU GA 247 91.67 31.96 17.24
CA GLU GA 247 92.89 31.18 17.32
C GLU GA 247 92.60 29.72 17.62
N ALA GA 248 91.68 29.47 18.55
CA ALA GA 248 91.30 28.10 18.89
C ALA GA 248 90.63 27.40 17.71
N SER GA 249 89.77 28.12 16.97
CA SER GA 249 89.12 27.54 15.81
C SER GA 249 90.11 27.22 14.70
N LEU GA 250 91.06 28.13 14.45
CA LEU GA 250 92.08 27.90 13.44
C LEU GA 250 92.98 26.72 13.82
N ALA GA 251 93.32 26.60 15.10
CA ALA GA 251 94.14 25.48 15.52
C ALA GA 251 93.37 24.16 15.44
N GLN GA 252 92.08 24.19 15.80
CA GLN GA 252 91.26 22.99 15.80
C GLN GA 252 91.07 22.46 14.38
N TYR GA 253 90.87 23.36 13.41
CA TYR GA 253 90.71 22.92 12.04
C TYR GA 253 92.02 22.87 11.25
N SER GA 254 93.15 23.26 11.85
CA SER GA 254 94.42 23.26 11.17
C SER GA 254 95.06 21.88 11.14
N ASP GA 255 96.29 21.84 10.62
CA ASP GA 255 97.05 20.59 10.53
C ASP GA 255 98.31 20.67 11.36
N LEU GA 256 98.72 19.51 11.87
CA LEU GA 256 99.90 19.39 12.72
C LEU GA 256 101.09 18.98 11.87
N VAL GA 257 102.11 19.83 11.83
CA VAL GA 257 103.29 19.59 11.01
C VAL GA 257 104.53 19.85 11.84
N TYR GA 258 105.61 19.14 11.50
CA TYR GA 258 106.93 19.31 12.09
C TYR GA 258 107.95 19.43 10.96
N PRO GA 259 108.94 20.31 11.09
CA PRO GA 259 109.91 20.52 10.01
C PRO GA 259 110.74 19.29 9.72
N ASP GA 260 111.07 19.11 8.45
CA ASP GA 260 111.82 17.95 8.01
C ASP GA 260 113.30 18.10 8.37
N ASN GA 261 114.05 17.01 8.21
CA ASN GA 261 115.47 17.03 8.52
C ASN GA 261 116.25 17.91 7.56
N THR GA 262 115.82 18.00 6.31
CA THR GA 262 116.51 18.79 5.30
C THR GA 262 116.06 20.25 5.28
N SER GA 263 115.46 20.72 6.36
CA SER GA 263 114.96 22.08 6.43
C SER GA 263 116.10 23.08 6.57
N VAL GA 264 115.78 24.34 6.28
CA VAL GA 264 116.75 25.42 6.43
C VAL GA 264 117.12 25.61 7.90
N LEU GA 265 116.16 25.42 8.81
CA LEU GA 265 116.38 25.72 10.22
C LEU GA 265 117.30 24.72 10.90
N HIS GA 266 117.58 23.57 10.28
CA HIS GA 266 118.58 22.66 10.83
C HIS GA 266 119.99 23.09 10.46
N LYS GA 267 120.14 24.12 9.62
CA LYS GA 267 121.42 24.72 9.30
C LYS GA 267 121.51 26.16 9.82
N ILE GA 268 120.85 26.44 10.95
CA ILE GA 268 120.83 27.79 11.48
C ILE GA 268 122.19 28.20 12.02
N GLU GA 269 122.97 27.24 12.53
CA GLU GA 269 124.27 27.57 13.09
C GLU GA 269 125.25 28.05 12.01
N MET GA 270 125.10 27.56 10.78
CA MET GA 270 125.88 28.10 9.67
C MET GA 270 125.50 29.54 9.39
N ILE GA 271 124.21 29.86 9.48
CA ILE GA 271 123.74 31.21 9.27
C ILE GA 271 124.32 32.14 10.32
N ASP GA 272 124.33 31.71 11.58
CA ASP GA 272 124.86 32.57 12.64
C ASP GA 272 126.38 32.65 12.58
N ARG GA 273 127.04 31.62 12.04
CA ARG GA 273 128.49 31.66 11.90
C ARG GA 273 128.92 32.58 10.77
N TYR GA 274 128.24 32.54 9.63
CA TYR GA 274 128.72 33.23 8.44
C TYR GA 274 128.02 34.55 8.18
N PHE GA 275 126.69 34.57 8.28
CA PHE GA 275 125.93 35.79 8.01
C PHE GA 275 125.88 36.73 9.19
N GLY GA 276 126.55 36.39 10.30
CA GLY GA 276 126.68 37.29 11.41
C GLY GA 276 127.84 38.24 11.37
N LEU GA 277 128.63 38.21 10.30
CA LEU GA 277 129.81 39.06 10.17
C LEU GA 277 129.40 40.51 9.91
N ASP GA 278 130.38 41.41 10.05
CA ASP GA 278 130.08 42.83 10.11
C ASP GA 278 129.70 43.40 8.76
N THR GA 279 130.39 42.99 7.69
CA THR GA 279 130.14 43.51 6.36
C THR GA 279 129.87 42.38 5.38
N VAL GA 280 129.38 42.75 4.19
CA VAL GA 280 129.00 41.76 3.19
C VAL GA 280 130.21 41.03 2.65
N GLU GA 281 131.30 41.77 2.40
CA GLU GA 281 132.51 41.17 1.84
C GLU GA 281 133.15 40.20 2.81
N GLU GA 282 133.01 40.46 4.12
CA GLU GA 282 133.49 39.51 5.11
C GLU GA 282 132.74 38.19 5.02
N ILE GA 283 131.40 38.25 4.84
CA ILE GA 283 130.60 37.04 4.69
C ILE GA 283 131.00 36.28 3.43
N ILE GA 284 131.15 37.01 2.31
CA ILE GA 284 131.51 36.38 1.04
C ILE GA 284 132.89 35.73 1.13
N GLU GA 285 133.85 36.43 1.76
CA GLU GA 285 135.20 35.91 1.89
C GLU GA 285 135.25 34.69 2.80
N ALA GA 286 134.51 34.71 3.92
CA ALA GA 286 134.49 33.55 4.81
C ALA GA 286 133.86 32.34 4.15
N MET GA 287 132.76 32.55 3.43
CA MET GA 287 132.10 31.46 2.72
C MET GA 287 132.98 30.92 1.60
N GLU GA 288 133.70 31.81 0.91
CA GLU GA 288 134.64 31.38 -0.12
C GLU GA 288 135.79 30.56 0.47
N ASN GA 289 136.28 30.98 1.65
CA ASN GA 289 137.35 30.25 2.30
C ASN GA 289 136.89 28.86 2.72
N GLU GA 290 135.66 28.75 3.22
CA GLU GA 290 135.15 27.42 3.56
C GLU GA 290 134.88 26.58 2.32
N VAL GA 291 134.45 27.21 1.23
CA VAL GA 291 134.28 26.47 -0.01
C VAL GA 291 135.61 25.99 -0.57
N ALA GA 292 136.69 26.73 -0.33
CA ALA GA 292 138.02 26.26 -0.73
C ALA GA 292 138.51 25.16 0.20
N ASP GA 293 138.22 25.27 1.49
CA ASP GA 293 138.71 24.29 2.45
C ASP GA 293 137.78 23.08 2.55
N SER GA 294 136.52 23.32 2.92
CA SER GA 294 135.60 22.24 3.25
C SER GA 294 134.81 21.74 2.05
N GLY GA 295 134.70 22.53 0.98
CA GLY GA 295 133.92 22.22 -0.23
C GLY GA 295 132.46 21.93 0.12
N ASN GA 296 131.87 22.80 0.94
CA ASN GA 296 130.49 22.62 1.36
C ASN GA 296 129.55 22.96 0.22
N GLU GA 297 128.66 22.01 -0.12
CA GLU GA 297 127.74 22.20 -1.24
C GLU GA 297 126.72 23.28 -0.93
N TRP GA 298 126.32 23.40 0.34
CA TRP GA 298 125.46 24.50 0.75
C TRP GA 298 126.17 25.83 0.57
N CYS GA 299 127.49 25.87 0.84
CA CYS GA 299 128.26 27.09 0.63
C CYS GA 299 128.35 27.46 -0.84
N LYS GA 300 128.53 26.46 -1.72
CA LYS GA 300 128.56 26.73 -3.15
C LYS GA 300 127.22 27.26 -3.64
N LYS GA 301 126.12 26.65 -3.17
CA LYS GA 301 124.79 27.10 -3.57
C LYS GA 301 124.49 28.50 -3.05
N THR GA 302 124.95 28.81 -1.83
CA THR GA 302 124.76 30.15 -1.29
C THR GA 302 125.60 31.18 -2.03
N LEU GA 303 126.80 30.80 -2.48
CA LEU GA 303 127.60 31.70 -3.32
C LEU GA 303 126.91 31.98 -4.66
N LYS GA 304 126.38 30.93 -5.30
CA LYS GA 304 125.64 31.14 -6.54
C LYS GA 304 124.37 31.97 -6.31
N GLN GA 305 123.82 31.94 -5.11
CA GLN GA 305 122.73 32.83 -4.77
C GLN GA 305 123.21 34.27 -4.62
N VAL GA 306 124.35 34.48 -3.95
CA VAL GA 306 124.82 35.83 -3.65
C VAL GA 306 125.30 36.55 -4.90
N LYS GA 307 126.03 35.84 -5.78
CA LYS GA 307 126.68 36.47 -6.93
C LYS GA 307 125.72 37.00 -7.98
N GLU GA 308 124.43 36.66 -7.88
CA GLU GA 308 123.43 37.12 -8.84
C GLU GA 308 122.75 38.43 -8.43
N ALA GA 309 123.22 39.09 -7.38
CA ALA GA 309 122.58 40.30 -6.88
C ALA GA 309 123.44 41.54 -7.18
N SER GA 310 122.80 42.70 -7.11
CA SER GA 310 123.52 43.94 -7.32
C SER GA 310 124.35 44.26 -6.08
N PRO GA 311 125.62 44.66 -6.26
CA PRO GA 311 126.48 44.94 -5.10
C PRO GA 311 125.99 46.07 -4.22
N LEU GA 312 125.35 47.09 -4.80
CA LEU GA 312 124.85 48.21 -4.01
C LEU GA 312 123.71 47.78 -3.10
N SER GA 313 122.70 47.10 -3.65
CA SER GA 313 121.54 46.74 -2.87
C SER GA 313 121.85 45.66 -1.84
N LEU GA 314 122.89 44.86 -2.04
CA LEU GA 314 123.31 43.94 -0.99
C LEU GA 314 123.75 44.69 0.26
N LYS GA 315 124.53 45.76 0.07
CA LYS GA 315 124.98 46.55 1.21
C LYS GA 315 123.84 47.34 1.83
N ILE GA 316 122.97 47.95 1.01
CA ILE GA 316 121.81 48.67 1.53
C ILE GA 316 120.88 47.72 2.28
N THR GA 317 120.73 46.50 1.76
CA THR GA 317 119.89 45.49 2.39
C THR GA 317 120.45 45.06 3.73
N LEU GA 318 121.76 44.81 3.82
CA LEU GA 318 122.35 44.40 5.08
C LEU GA 318 122.25 45.51 6.12
N GLN GA 319 122.48 46.75 5.70
CA GLN GA 319 122.37 47.89 6.62
C GLN GA 319 120.94 48.07 7.11
N SER GA 320 119.95 47.92 6.23
CA SER GA 320 118.57 48.14 6.63
C SER GA 320 118.03 46.97 7.46
N ILE GA 321 118.50 45.76 7.19
CA ILE GA 321 118.10 44.61 8.00
C ILE GA 321 118.64 44.75 9.42
N ARG GA 322 119.92 45.13 9.54
CA ARG GA 322 120.49 45.27 10.87
C ARG GA 322 120.04 46.54 11.59
N GLU GA 323 119.61 47.57 10.85
CA GLU GA 323 119.10 48.76 11.52
C GLU GA 323 117.67 48.54 12.02
N GLY GA 324 116.88 47.74 11.30
CA GLY GA 324 115.49 47.55 11.68
C GLY GA 324 115.26 46.64 12.86
N ARG GA 325 116.31 46.02 13.40
CA ARG GA 325 116.14 45.13 14.54
C ARG GA 325 115.76 45.86 15.81
N PHE GA 326 116.14 47.12 15.95
CA PHE GA 326 115.99 47.85 17.22
C PHE GA 326 115.11 49.09 17.06
N GLN GA 327 114.08 49.00 16.22
CA GLN GA 327 113.18 50.12 16.01
C GLN GA 327 111.80 49.62 15.60
N THR GA 328 110.81 50.51 15.72
CA THR GA 328 109.42 50.14 15.56
C THR GA 328 109.03 50.13 14.08
N LEU GA 329 107.76 49.88 13.80
CA LEU GA 329 107.30 49.69 12.43
C LEU GA 329 107.20 50.99 11.65
N ASP GA 330 106.75 52.06 12.30
CA ASP GA 330 106.67 53.36 11.63
C ASP GA 330 108.05 53.86 11.22
N GLN GA 331 109.06 53.67 12.07
CA GLN GA 331 110.44 54.02 11.72
C GLN GA 331 110.99 53.17 10.58
N CYS GA 332 110.71 51.86 10.61
CA CYS GA 332 111.20 50.97 9.56
C CYS GA 332 110.60 51.34 8.21
N LEU GA 333 109.28 51.57 8.18
CA LEU GA 333 108.64 52.01 6.96
C LEU GA 333 109.13 53.38 6.51
N THR GA 334 109.50 54.25 7.46
CA THR GA 334 110.07 55.54 7.10
C THR GA 334 111.40 55.41 6.36
N ARG GA 335 112.35 54.64 6.91
CA ARG GA 335 113.63 54.66 6.17
C ARG GA 335 113.54 53.74 4.95
N GLU GA 336 112.62 52.76 4.95
CA GLU GA 336 112.37 52.00 3.73
C GLU GA 336 111.82 52.88 2.62
N TYR GA 337 110.96 53.84 2.98
CA TYR GA 337 110.49 54.83 2.02
C TYR GA 337 111.64 55.69 1.51
N ARG GA 338 112.55 56.09 2.39
CA ARG GA 338 113.69 56.89 1.95
C ARG GA 338 114.59 56.11 0.99
N ILE GA 339 114.82 54.83 1.28
CA ILE GA 339 115.61 53.97 0.39
C ILE GA 339 114.91 53.81 -0.96
N SER GA 340 113.58 53.60 -0.94
CA SER GA 340 112.83 53.44 -2.18
C SER GA 340 112.84 54.70 -3.01
N LEU GA 341 112.65 55.86 -2.37
CA LEU GA 341 112.60 57.12 -3.08
C LEU GA 341 113.98 57.55 -3.57
N CYS GA 342 115.05 57.08 -2.93
CA CYS GA 342 116.38 57.28 -3.48
C CYS GA 342 116.65 56.33 -4.63
N GLY GA 343 116.16 55.09 -4.56
CA GLY GA 343 116.42 54.13 -5.62
C GLY GA 343 115.62 54.38 -6.87
N VAL GA 344 114.50 55.11 -6.78
CA VAL GA 344 113.76 55.43 -7.98
C VAL GA 344 114.18 56.75 -8.62
N SER GA 345 114.87 57.62 -7.89
CA SER GA 345 115.36 58.86 -8.47
C SER GA 345 116.64 58.66 -9.29
N LYS GA 346 117.23 57.47 -9.24
CA LYS GA 346 118.51 57.15 -9.89
C LYS GA 346 119.61 58.12 -9.47
N THR GA 347 119.68 58.36 -8.16
CA THR GA 347 120.63 59.35 -7.63
C THR GA 347 122.07 58.86 -7.79
N VAL GA 348 122.33 57.63 -7.37
CA VAL GA 348 123.69 57.09 -7.45
C VAL GA 348 123.79 55.89 -8.39
N SER GA 349 122.67 55.30 -8.79
CA SER GA 349 122.71 54.09 -9.61
C SER GA 349 121.39 53.94 -10.36
N GLY GA 350 121.44 53.16 -11.42
CA GLY GA 350 120.24 52.82 -12.16
C GLY GA 350 119.99 51.33 -12.14
N ASP GA 351 120.37 50.69 -11.03
CA ASP GA 351 120.23 49.24 -10.93
C ASP GA 351 118.78 48.80 -10.85
N PHE GA 352 117.89 49.67 -10.36
CA PHE GA 352 116.47 49.33 -10.35
C PHE GA 352 115.94 49.17 -11.78
N CYS GA 353 116.15 50.19 -12.62
CA CYS GA 353 115.67 50.13 -13.99
C CYS GA 353 116.38 49.05 -14.78
N GLU GA 354 117.68 48.86 -14.53
CA GLU GA 354 118.43 47.84 -15.25
C GLU GA 354 117.98 46.44 -14.87
N GLY GA 355 117.77 46.18 -13.57
CA GLY GA 355 117.26 44.88 -13.16
C GLY GA 355 115.86 44.60 -13.65
N ILE GA 356 114.98 45.61 -13.59
CA ILE GA 356 113.62 45.47 -14.08
C ILE GA 356 113.62 45.18 -15.58
N ARG GA 357 114.43 45.93 -16.33
CA ARG GA 357 114.52 45.75 -17.78
C ARG GA 357 115.09 44.37 -18.12
N ALA GA 358 116.16 43.96 -17.45
CA ALA GA 358 116.83 42.71 -17.77
C ALA GA 358 115.99 41.50 -17.41
N ARG GA 359 115.24 41.54 -16.31
CA ARG GA 359 114.51 40.38 -15.85
C ARG GA 359 113.02 40.43 -16.14
N LEU GA 360 112.51 41.51 -16.73
CA LEU GA 360 111.09 41.58 -17.02
C LEU GA 360 110.81 42.03 -18.46
N VAL GA 361 111.70 42.83 -19.05
CA VAL GA 361 111.40 43.39 -20.35
C VAL GA 361 112.18 42.64 -21.42
N ASP GA 362 113.50 42.74 -21.38
CA ASP GA 362 114.32 42.09 -22.40
C ASP GA 362 114.41 40.59 -22.16
N LYS GA 363 114.35 40.16 -20.90
CA LYS GA 363 114.31 38.76 -20.49
C LYS GA 363 115.52 37.97 -20.95
N ASP GA 364 116.67 38.65 -21.11
CA ASP GA 364 117.92 37.95 -21.31
C ASP GA 364 118.55 37.54 -19.98
N PHE GA 365 118.07 38.12 -18.87
CA PHE GA 365 118.37 37.68 -17.50
C PHE GA 365 119.87 37.78 -17.18
N ALA GA 366 120.55 38.73 -17.82
CA ALA GA 366 121.96 38.99 -17.56
C ALA GA 366 122.13 40.48 -17.35
N PRO GA 367 121.84 40.97 -16.16
CA PRO GA 367 121.97 42.40 -15.89
C PRO GA 367 123.42 42.82 -15.67
N LYS GA 368 123.67 44.10 -15.94
CA LYS GA 368 124.96 44.72 -15.67
C LYS GA 368 124.72 45.90 -14.73
N TRP GA 369 125.20 45.76 -13.50
CA TRP GA 369 124.99 46.75 -12.46
C TRP GA 369 125.90 47.95 -12.66
N ASP GA 370 125.65 49.00 -11.87
CA ASP GA 370 126.40 50.23 -12.06
C ASP GA 370 127.76 50.11 -11.34
N PRO GA 371 127.86 49.57 -10.13
CA PRO GA 371 129.11 48.93 -9.74
C PRO GA 371 129.09 47.45 -10.12
N PRO GA 372 129.98 47.02 -11.01
CA PRO GA 372 130.11 45.56 -11.23
C PRO GA 372 130.56 44.80 -10.00
N ARG GA 373 131.36 45.40 -9.14
CA ARG GA 373 131.99 44.69 -8.03
C ARG GA 373 131.48 45.24 -6.71
N LEU GA 374 131.71 44.46 -5.65
CA LEU GA 374 131.31 44.88 -4.31
C LEU GA 374 132.20 46.00 -3.78
N GLU GA 375 133.47 46.01 -4.16
CA GLU GA 375 134.44 46.93 -3.59
C GLU GA 375 134.26 48.34 -4.12
N ASP GA 376 133.61 48.49 -5.27
CA ASP GA 376 133.32 49.80 -5.84
C ASP GA 376 132.29 50.57 -5.02
N VAL GA 377 131.49 49.87 -4.23
CA VAL GA 377 130.43 50.52 -3.45
C VAL GA 377 131.06 51.15 -2.21
N SER GA 378 130.84 52.45 -2.05
CA SER GA 378 131.44 53.22 -0.97
C SER GA 378 130.46 53.39 0.18
N LYS GA 379 130.97 53.90 1.30
CA LYS GA 379 130.13 54.22 2.44
C LYS GA 379 129.26 55.44 2.18
N ASP GA 380 129.77 56.41 1.42
CA ASP GA 380 129.00 57.61 1.14
C ASP GA 380 127.84 57.32 0.20
N MET GA 381 128.01 56.36 -0.72
CA MET GA 381 126.91 56.00 -1.62
C MET GA 381 125.78 55.33 -0.86
N VAL GA 382 126.10 54.40 0.03
CA VAL GA 382 125.05 53.73 0.79
C VAL GA 382 124.49 54.61 1.91
N ASP GA 383 125.21 55.66 2.31
CA ASP GA 383 124.60 56.61 3.23
C ASP GA 383 123.70 57.62 2.55
N CYS GA 384 123.70 57.70 1.22
CA CYS GA 384 122.77 58.57 0.52
C CYS GA 384 121.35 58.03 0.57
N TYR GA 385 121.19 56.73 0.74
CA TYR GA 385 119.88 56.12 0.82
C TYR GA 385 119.22 56.31 2.17
N PHE GA 386 120.04 56.44 3.22
CA PHE GA 386 119.57 56.55 4.59
C PHE GA 386 119.58 57.99 5.09
N SER GA 387 119.78 58.96 4.20
CA SER GA 387 119.92 60.34 4.63
C SER GA 387 118.56 60.94 4.99
N PRO GA 388 118.53 61.92 5.87
CA PRO GA 388 117.26 62.63 6.11
C PRO GA 388 116.94 63.58 4.99
N ALA GA 389 116.25 63.08 3.94
CA ALA GA 389 115.84 63.91 2.82
C ALA GA 389 114.87 65.02 3.22
N THR GA 390 114.24 64.90 4.39
CA THR GA 390 113.42 65.99 4.92
C THR GA 390 114.23 67.22 5.25
N ASP GA 391 115.55 67.09 5.43
CA ASP GA 391 116.44 68.21 5.71
C ASP GA 391 116.82 68.99 4.45
N ALA GA 392 116.38 68.55 3.28
CA ALA GA 392 116.70 69.23 2.02
C ALA GA 392 115.61 70.23 1.61
N ASP GA 393 114.90 70.82 2.59
CA ASP GA 393 113.82 71.79 2.36
C ASP GA 393 112.73 71.22 1.46
N ASP GA 394 112.35 69.96 1.68
CA ASP GA 394 111.32 69.31 0.89
C ASP GA 394 110.42 68.55 1.83
N SER GA 395 109.15 68.38 1.46
CA SER GA 395 108.16 67.78 2.34
C SER GA 395 107.67 66.41 1.89
N GLU GA 396 107.41 66.23 0.59
CA GLU GA 396 106.86 64.97 0.10
C GLU GA 396 107.91 63.88 -0.07
N SER GA 397 109.17 64.17 0.22
CA SER GA 397 110.23 63.16 0.27
C SER GA 397 110.20 62.35 1.55
N GLU GA 398 109.36 62.74 2.51
CA GLU GA 398 109.17 62.02 3.75
C GLU GA 398 107.88 61.20 3.69
N LEU GA 399 107.85 60.09 4.42
CA LEU GA 399 106.67 59.25 4.52
C LEU GA 399 105.74 59.81 5.59
N LYS GA 400 104.52 60.13 5.20
CA LYS GA 400 103.50 60.54 6.16
C LYS GA 400 102.88 59.29 6.77
N LEU GA 401 102.61 59.32 8.07
CA LEU GA 401 101.94 58.22 8.75
C LEU GA 401 101.04 58.80 9.84
N PRO GA 402 99.81 58.29 9.97
CA PRO GA 402 98.90 58.81 11.02
C PRO GA 402 99.20 58.20 12.38
N THR GA 403 100.39 58.50 12.92
CA THR GA 403 100.77 57.94 14.21
C THR GA 403 100.00 58.52 15.37
N ALA GA 404 99.50 59.76 15.24
CA ALA GA 404 98.69 60.35 16.29
C ALA GA 404 97.30 59.74 16.36
N GLN GA 405 96.66 59.55 15.20
CA GLN GA 405 95.33 58.98 15.18
C GLN GA 405 95.35 57.48 15.46
N ARG GA 406 96.29 56.75 14.85
CA ARG GA 406 96.32 55.31 15.04
C ARG GA 406 96.88 54.94 16.41
N GLU GA 407 97.80 55.74 16.96
CA GLU GA 407 98.39 55.60 18.30
C GLU GA 407 99.01 54.22 18.42
N PRO GA 408 100.16 54.00 17.77
CA PRO GA 408 100.60 52.62 17.46
C PRO GA 408 100.89 51.80 18.71
N TYR GA 409 100.67 50.51 18.56
CA TYR GA 409 100.72 49.57 19.67
C TYR GA 409 101.33 48.22 19.29
N PHE GA 410 101.92 48.10 18.10
CA PHE GA 410 102.54 46.85 17.66
C PHE GA 410 104.04 46.98 17.52
N ALA HA 86 133.95 -51.80 200.92
CA ALA HA 86 132.65 -51.40 201.45
C ALA HA 86 131.99 -50.37 200.54
N GLU HA 87 132.79 -49.75 199.66
CA GLU HA 87 132.25 -48.77 198.73
C GLU HA 87 131.43 -49.43 197.63
N ALA HA 88 131.85 -50.62 197.19
CA ALA HA 88 131.14 -51.32 196.13
C ALA HA 88 129.76 -51.78 196.59
N THR HA 89 129.61 -52.08 197.89
CA THR HA 89 128.30 -52.43 198.43
C THR HA 89 127.34 -51.24 198.34
N VAL HA 90 127.82 -50.04 198.68
CA VAL HA 90 127.01 -48.83 198.57
C VAL HA 90 126.70 -48.53 197.10
N ILE HA 91 127.67 -48.79 196.22
CA ILE HA 91 127.46 -48.61 194.77
C ILE HA 91 126.36 -49.53 194.27
N ASP HA 92 126.38 -50.80 194.69
CA ASP HA 92 125.35 -51.74 194.26
C ASP HA 92 124.00 -51.41 194.88
N ILE HA 93 123.99 -50.89 196.11
CA ILE HA 93 122.75 -50.46 196.76
C ILE HA 93 122.11 -49.32 195.98
N PHE HA 94 122.91 -48.31 195.62
CA PHE HA 94 122.37 -47.20 194.85
C PHE HA 94 122.13 -47.54 193.39
N SER HA 95 122.70 -48.64 192.89
CA SER HA 95 122.37 -49.13 191.56
C SER HA 95 121.12 -50.00 191.55
N ARG HA 96 120.72 -50.54 192.70
CA ARG HA 96 119.51 -51.34 192.78
C ARG HA 96 118.31 -50.59 193.35
N LEU HA 97 118.54 -49.63 194.25
CA LEU HA 97 117.48 -48.89 194.90
C LEU HA 97 117.51 -47.42 194.47
N SER HA 98 116.32 -46.83 194.31
CA SER HA 98 116.22 -45.44 193.89
C SER HA 98 115.38 -44.57 194.81
N GLY HA 99 114.49 -45.14 195.61
CA GLY HA 99 113.70 -44.35 196.55
C GLY HA 99 114.45 -44.07 197.83
N GLU HA 100 114.20 -42.89 198.42
CA GLU HA 100 114.94 -42.41 199.58
C GLU HA 100 114.72 -43.27 200.82
N ASP HA 101 113.49 -43.80 200.99
CA ASP HA 101 113.17 -44.54 202.19
C ASP HA 101 113.88 -45.88 202.26
N GLU HA 102 113.84 -46.67 201.18
CA GLU HA 102 114.41 -48.01 201.23
C GLU HA 102 115.94 -47.96 201.19
N ILE HA 103 116.50 -46.88 200.62
CA ILE HA 103 117.94 -46.64 200.66
C ILE HA 103 118.36 -46.42 202.11
N ARG HA 104 117.58 -45.61 202.84
CA ARG HA 104 117.86 -45.36 204.25
C ARG HA 104 117.72 -46.64 205.08
N LYS HA 105 116.69 -47.44 204.77
CA LYS HA 105 116.50 -48.72 205.48
C LYS HA 105 117.65 -49.68 205.22
N GLU HA 106 118.11 -49.76 203.96
CA GLU HA 106 119.22 -50.64 203.63
C GLU HA 106 120.53 -50.17 204.26
N LEU HA 107 120.73 -48.85 204.33
CA LEU HA 107 121.94 -48.32 204.98
C LEU HA 107 121.90 -48.57 206.49
N GLU HA 108 120.71 -48.48 207.10
CA GLU HA 108 120.61 -48.79 208.52
C GLU HA 108 120.82 -50.27 208.79
N SER HA 109 120.30 -51.13 207.90
CA SER HA 109 120.42 -52.57 208.12
C SER HA 109 121.83 -53.09 207.84
N SER HA 110 122.51 -52.52 206.85
CA SER HA 110 123.83 -53.00 206.44
C SER HA 110 124.95 -52.53 207.35
N GLY HA 111 124.70 -51.54 208.21
CA GLY HA 111 125.73 -51.04 209.11
C GLY HA 111 126.70 -50.05 208.50
N VAL HA 112 126.49 -49.65 207.25
CA VAL HA 112 127.36 -48.69 206.58
C VAL HA 112 126.62 -47.37 206.50
N VAL HA 113 127.18 -46.34 207.12
CA VAL HA 113 126.58 -45.00 207.14
C VAL HA 113 127.43 -44.09 206.27
N ILE HA 114 126.77 -43.38 205.35
CA ILE HA 114 127.47 -42.52 204.40
C ILE HA 114 127.85 -41.22 205.06
N SER HA 115 129.16 -40.99 205.23
CA SER HA 115 129.70 -39.72 205.68
C SER HA 115 130.15 -38.90 204.47
N GLN HA 116 130.82 -37.79 204.75
CA GLN HA 116 131.37 -36.96 203.67
C GLN HA 116 132.48 -37.67 202.93
N ASP HA 117 133.42 -38.27 203.67
CA ASP HA 117 134.54 -38.99 203.06
C ASP HA 117 134.07 -40.23 202.31
N LEU HA 118 133.10 -40.96 202.87
CA LEU HA 118 132.58 -42.14 202.19
C LEU HA 118 131.83 -41.75 200.92
N ALA HA 119 131.07 -40.65 200.96
CA ALA HA 119 130.39 -40.16 199.76
C ALA HA 119 131.39 -39.74 198.68
N LEU HA 120 132.48 -39.07 199.09
CA LEU HA 120 133.50 -38.68 198.14
C LEU HA 120 134.19 -39.90 197.52
N LYS HA 121 134.48 -40.92 198.33
CA LYS HA 121 135.15 -42.12 197.82
C LYS HA 121 134.23 -42.92 196.90
N VAL HA 122 132.92 -42.96 197.19
CA VAL HA 122 132.00 -43.65 196.31
C VAL HA 122 131.82 -42.86 195.01
N LEU HA 123 131.74 -41.54 195.10
CA LEU HA 123 131.61 -40.70 193.89
C LEU HA 123 132.87 -40.75 193.03
N ARG HA 124 134.02 -41.03 193.64
CA ARG HA 124 135.24 -41.23 192.85
C ARG HA 124 135.14 -42.47 191.97
N LYS HA 125 134.54 -43.55 192.49
CA LYS HA 125 134.38 -44.76 191.70
C LYS HA 125 133.21 -44.68 190.72
N LEU HA 126 132.31 -43.72 190.91
CA LEU HA 126 131.13 -43.61 190.05
C LEU HA 126 131.35 -42.72 188.82
N GLU HA 127 132.59 -42.58 188.36
CA GLU HA 127 132.84 -41.74 187.19
C GLU HA 127 132.34 -42.40 185.91
N SER HA 128 132.33 -43.73 185.86
CA SER HA 128 131.92 -44.46 184.67
C SER HA 128 130.43 -44.77 184.64
N ASN HA 129 129.69 -44.48 185.71
CA ASN HA 129 128.25 -44.72 185.79
C ASN HA 129 127.56 -43.37 185.98
N PRO HA 130 127.02 -42.78 184.91
CA PRO HA 130 126.44 -41.43 185.03
C PRO HA 130 125.12 -41.40 185.79
N ASP HA 131 124.20 -42.33 185.52
CA ASP HA 131 122.88 -42.28 186.15
C ASP HA 131 122.96 -42.64 187.62
N VAL HA 132 123.81 -43.60 187.97
CA VAL HA 132 123.99 -44.00 189.37
C VAL HA 132 124.62 -42.87 190.16
N ALA HA 133 125.61 -42.18 189.59
CA ALA HA 133 126.21 -41.04 190.26
C ALA HA 133 125.23 -39.89 190.39
N LYS HA 134 124.38 -39.68 189.38
CA LYS HA 134 123.35 -38.65 189.46
C LYS HA 134 122.36 -38.94 190.59
N SER HA 135 121.91 -40.19 190.70
CA SER HA 135 120.99 -40.57 191.77
C SER HA 135 121.66 -40.45 193.14
N PHE HA 136 122.94 -40.84 193.22
CA PHE HA 136 123.68 -40.73 194.47
C PHE HA 136 123.84 -39.28 194.91
N PHE HA 137 124.19 -38.39 193.97
CA PHE HA 137 124.33 -36.99 194.31
C PHE HA 137 122.99 -36.35 194.66
N GLN HA 138 121.92 -36.77 193.99
CA GLN HA 138 120.59 -36.25 194.34
C GLN HA 138 120.19 -36.69 195.74
N TRP HA 139 120.48 -37.94 196.09
CA TRP HA 139 120.16 -38.43 197.43
C TRP HA 139 120.97 -37.70 198.50
N ILE HA 140 122.25 -37.42 198.22
CA ILE HA 140 123.04 -36.65 199.18
C ILE HA 140 122.57 -35.21 199.28
N LYS HA 141 122.18 -34.61 198.15
CA LYS HA 141 121.77 -33.22 198.13
C LYS HA 141 120.45 -33.00 198.87
N GLU HA 142 119.44 -33.81 198.58
CA GLU HA 142 118.16 -33.68 199.28
C GLU HA 142 118.17 -34.26 200.69
N ALA HA 143 118.98 -35.31 200.96
CA ALA HA 143 119.00 -35.89 202.29
C ALA HA 143 119.96 -35.19 203.24
N SER HA 144 121.04 -34.59 202.74
CA SER HA 144 122.04 -33.94 203.58
C SER HA 144 122.29 -32.53 203.09
N PRO HA 145 121.46 -31.56 203.52
CA PRO HA 145 121.66 -30.18 203.06
C PRO HA 145 122.92 -29.52 203.61
N GLU HA 146 123.12 -29.58 204.92
CA GLU HA 146 124.25 -28.89 205.55
C GLU HA 146 125.52 -29.72 205.62
N GLU HA 147 125.44 -31.01 205.30
CA GLU HA 147 126.62 -31.88 205.28
C GLU HA 147 127.41 -31.75 203.98
N LEU HA 148 126.84 -31.08 202.98
CA LEU HA 148 127.48 -30.94 201.67
C LEU HA 148 128.67 -30.00 201.76
N SER HA 149 129.86 -30.55 201.58
CA SER HA 149 131.07 -29.73 201.47
C SER HA 149 131.28 -29.30 200.03
N SER HA 150 132.19 -28.34 199.85
CA SER HA 150 132.49 -27.82 198.52
C SER HA 150 133.24 -28.84 197.67
N LYS HA 151 134.01 -29.73 198.29
CA LYS HA 151 134.78 -30.71 197.52
C LYS HA 151 133.91 -31.78 196.88
N ASN HA 152 132.84 -32.20 197.57
CA ASN HA 152 131.88 -33.12 196.96
C ASN HA 152 131.14 -32.46 195.81
N TYR HA 153 130.81 -31.17 195.97
CA TYR HA 153 130.22 -30.39 194.87
C TYR HA 153 131.15 -30.34 193.67
N ASN HA 154 132.45 -30.10 193.91
CA ASN HA 154 133.39 -30.01 192.80
C ASN HA 154 133.64 -31.36 192.16
N MET HA 155 133.59 -32.44 192.96
CA MET HA 155 133.70 -33.79 192.41
C MET HA 155 132.52 -34.11 191.50
N MET HA 156 131.31 -33.72 191.93
CA MET HA 156 130.14 -33.92 191.07
C MET HA 156 130.20 -33.05 189.82
N LEU HA 157 130.75 -31.83 189.95
CA LEU HA 157 130.94 -30.97 188.78
C LEU HA 157 131.91 -31.58 187.79
N ARG HA 158 133.00 -32.19 188.29
CA ARG HA 158 133.95 -32.90 187.42
C ARG HA 158 133.28 -34.09 186.74
N ILE HA 159 132.44 -34.82 187.46
CA ILE HA 159 131.69 -35.93 186.89
C ILE HA 159 130.76 -35.45 185.79
N LEU HA 160 130.05 -34.34 186.02
CA LEU HA 160 129.14 -33.78 185.02
C LEU HA 160 129.90 -33.30 183.79
N GLY HA 161 131.06 -32.68 183.99
CA GLY HA 161 131.89 -32.27 182.87
C GLY HA 161 132.47 -33.42 182.08
N GLY HA 162 132.87 -34.50 182.76
CA GLY HA 162 133.37 -35.68 182.08
C GLY HA 162 132.31 -36.43 181.29
N ASN HA 163 131.09 -36.49 181.83
CA ASN HA 163 130.02 -37.25 181.21
C ASN HA 163 129.18 -36.42 180.24
N GLY HA 164 129.51 -35.14 180.05
CA GLY HA 164 128.85 -34.33 179.05
C GLY HA 164 127.54 -33.70 179.45
N LEU HA 165 127.17 -33.77 180.73
CA LEU HA 165 125.93 -33.13 181.20
C LEU HA 165 126.20 -31.65 181.47
N VAL HA 166 126.18 -30.89 180.38
CA VAL HA 166 126.64 -29.50 180.40
C VAL HA 166 125.62 -28.60 181.10
N ASP HA 167 124.34 -28.76 180.76
CA ASP HA 167 123.31 -27.89 181.32
C ASP HA 167 123.14 -28.10 182.81
N GLU HA 168 123.23 -29.35 183.27
CA GLU HA 168 123.21 -29.63 184.70
C GLU HA 168 124.45 -29.07 185.39
N PHE HA 169 125.59 -29.09 184.69
CA PHE HA 169 126.81 -28.49 185.23
C PHE HA 169 126.64 -27.00 185.45
N TRP HA 170 126.08 -26.29 184.47
CA TRP HA 170 125.89 -24.85 184.62
C TRP HA 170 124.78 -24.53 185.63
N GLY HA 171 123.77 -25.38 185.73
CA GLY HA 171 122.76 -25.20 186.76
C GLY HA 171 123.33 -25.36 188.15
N LEU HA 172 124.19 -26.36 188.35
CA LEU HA 172 124.87 -26.52 189.64
C LEU HA 172 125.83 -25.38 189.92
N VAL HA 173 126.48 -24.83 188.89
CA VAL HA 173 127.32 -23.65 189.06
C VAL HA 173 126.50 -22.45 189.52
N ASP HA 174 125.32 -22.25 188.92
CA ASP HA 174 124.45 -21.16 189.34
C ASP HA 174 123.93 -21.34 190.76
N VAL HA 175 123.59 -22.58 191.13
CA VAL HA 175 123.16 -22.87 192.50
C VAL HA 175 124.29 -22.60 193.49
N MET HA 176 125.52 -23.02 193.16
CA MET HA 176 126.65 -22.77 194.04
C MET HA 176 127.00 -21.29 194.12
N LYS HA 177 126.72 -20.53 193.04
CA LYS HA 177 126.81 -19.08 193.12
C LYS HA 177 125.77 -18.52 194.09
N LYS HA 178 124.55 -19.05 194.06
CA LYS HA 178 123.53 -18.61 195.01
C LYS HA 178 123.83 -19.11 196.42
N LYS HA 179 124.55 -20.22 196.55
CA LYS HA 179 124.90 -20.79 197.85
C LYS HA 179 126.27 -20.32 198.34
N GLY HA 180 127.00 -19.53 197.55
CA GLY HA 180 128.29 -19.04 197.98
C GLY HA 180 129.41 -20.04 197.98
N HIS HA 181 129.35 -21.05 197.12
CA HIS HA 181 130.35 -22.10 197.08
C HIS HA 181 131.33 -21.87 195.92
N GLY HA 182 132.61 -22.12 196.17
CA GLY HA 182 133.64 -21.98 195.17
C GLY HA 182 134.07 -23.31 194.59
N LEU HA 183 135.03 -23.27 193.67
CA LEU HA 183 135.48 -24.43 192.93
C LEU HA 183 136.98 -24.64 193.10
N SER HA 184 137.45 -25.83 192.70
CA SER HA 184 138.84 -26.22 192.91
C SER HA 184 139.60 -26.31 191.59
N ALA HA 185 140.93 -26.37 191.70
CA ALA HA 185 141.80 -26.27 190.52
C ALA HA 185 141.86 -27.56 189.72
N ASN HA 186 141.86 -28.72 190.38
CA ASN HA 186 141.95 -30.00 189.67
C ASN HA 186 140.71 -30.25 188.83
N VAL HA 187 139.54 -29.89 189.34
CA VAL HA 187 138.30 -29.96 188.57
C VAL HA 187 138.39 -29.04 187.37
N ARG HA 188 138.99 -27.85 187.54
CA ARG HA 188 139.21 -26.95 186.42
C ARG HA 188 140.08 -27.58 185.35
N ASP HA 189 141.16 -28.25 185.76
CA ASP HA 189 142.06 -28.88 184.80
C ASP HA 189 141.36 -30.00 184.02
N LYS HA 190 140.66 -30.89 184.73
CA LYS HA 190 140.01 -32.01 184.05
C LYS HA 190 138.86 -31.56 183.16
N VAL HA 191 137.99 -30.68 183.67
CA VAL HA 191 136.86 -30.21 182.87
C VAL HA 191 137.32 -29.35 181.70
N GLY HA 192 138.36 -28.53 181.87
CA GLY HA 192 138.89 -27.77 180.75
C GLY HA 192 139.52 -28.63 179.69
N ASP HA 193 140.25 -29.68 180.11
CA ASP HA 193 140.82 -30.62 179.14
C ASP HA 193 139.74 -31.35 178.37
N LYS HA 194 138.67 -31.78 179.06
CA LYS HA 194 137.57 -32.46 178.39
C LYS HA 194 136.83 -31.52 177.44
N PHE HA 195 136.66 -30.26 177.84
CA PHE HA 195 135.96 -29.30 177.00
C PHE HA 195 136.78 -28.93 175.77
N GLN HA 196 138.10 -28.80 175.93
CA GLN HA 196 138.95 -28.49 174.79
C GLN HA 196 139.06 -29.69 173.85
N LYS HA 197 139.00 -30.91 174.39
CA LYS HA 197 138.94 -32.09 173.54
C LYS HA 197 137.63 -32.18 172.79
N ASP HA 198 136.52 -31.85 173.44
CA ASP HA 198 135.20 -31.87 172.81
C ASP HA 198 134.93 -30.66 171.93
N GLY HA 199 135.74 -29.61 172.04
CA GLY HA 199 135.54 -28.42 171.23
C GLY HA 199 134.58 -27.41 171.81
N LEU HA 200 134.11 -27.60 173.04
CA LEU HA 200 133.18 -26.66 173.66
C LEU HA 200 133.90 -25.40 174.10
N GLU HA 201 134.01 -24.43 173.18
CA GLU HA 201 134.77 -23.21 173.48
C GLU HA 201 133.99 -22.26 174.36
N SER HA 202 132.66 -22.22 174.25
CA SER HA 202 131.87 -21.34 175.11
C SER HA 202 131.83 -21.84 176.55
N ASP HA 203 131.87 -23.15 176.73
CA ASP HA 203 131.84 -23.68 178.08
C ASP HA 203 133.18 -23.50 178.79
N LEU HA 204 134.30 -23.71 178.10
CA LEU HA 204 135.61 -23.43 178.70
C LEU HA 204 135.80 -21.93 178.87
N LEU HA 205 135.27 -21.13 177.93
CA LEU HA 205 135.15 -19.68 178.07
C LEU HA 205 134.58 -19.30 179.42
N ARG HA 206 133.35 -19.72 179.70
CA ARG HA 206 132.69 -19.34 180.94
C ARG HA 206 133.35 -20.00 182.15
N LEU HA 207 133.87 -21.22 181.99
CA LEU HA 207 134.50 -21.94 183.09
C LEU HA 207 135.74 -21.22 183.59
N ARG HA 208 136.67 -20.89 182.70
CA ARG HA 208 137.87 -20.21 183.17
C ARG HA 208 137.67 -18.70 183.25
N LYS HA 209 136.50 -18.21 182.84
CA LYS HA 209 136.08 -16.88 183.28
C LYS HA 209 135.71 -16.89 184.76
N LEU HA 210 135.14 -18.02 185.23
CA LEU HA 210 134.89 -18.15 186.67
C LEU HA 210 136.19 -18.26 187.46
N PHE HA 211 137.18 -19.00 186.93
CA PHE HA 211 138.46 -19.21 187.61
C PHE HA 211 139.36 -18.00 187.38
N THR HA 212 139.43 -17.17 188.41
CA THR HA 212 140.24 -15.95 188.39
C THR HA 212 141.69 -16.24 188.71
N SER HA 213 142.46 -15.17 188.98
CA SER HA 213 143.86 -15.22 189.42
C SER HA 213 144.80 -15.79 188.34
N ASP HA 214 144.35 -15.79 187.08
CA ASP HA 214 145.16 -15.99 185.88
C ASP HA 214 145.78 -17.38 185.80
N CYS HA 215 146.50 -17.67 184.71
CA CYS HA 215 147.23 -18.92 184.55
C CYS HA 215 148.43 -18.69 183.63
N LEU HA 216 149.20 -19.73 183.34
CA LEU HA 216 150.41 -19.60 182.53
C LEU HA 216 150.45 -20.67 181.46
N ASP HA 217 149.98 -20.32 180.26
CA ASP HA 217 150.04 -21.19 179.08
C ASP HA 217 149.83 -20.33 177.83
N ASN HA 218 150.33 -20.79 176.68
CA ASN HA 218 150.31 -19.97 175.47
C ASN HA 218 149.59 -20.62 174.30
N SER HA 219 148.51 -21.36 174.54
CA SER HA 219 147.69 -21.83 173.43
C SER HA 219 146.74 -20.72 172.99
N ALA HA 220 145.99 -20.99 171.91
CA ALA HA 220 145.04 -19.99 171.41
C ALA HA 220 143.89 -19.78 172.40
N GLU HA 221 143.37 -20.87 172.97
CA GLU HA 221 142.24 -20.77 173.90
C GLU HA 221 142.66 -20.07 175.20
N ASN HA 222 143.85 -20.40 175.71
CA ASN HA 222 144.34 -19.81 176.95
C ASN HA 222 144.63 -18.32 176.79
N VAL HA 223 145.27 -17.93 175.68
CA VAL HA 223 145.51 -16.52 175.39
C VAL HA 223 144.19 -15.79 175.17
N CYS HA 224 143.21 -16.48 174.56
CA CYS HA 224 141.88 -15.91 174.36
C CYS HA 224 141.22 -15.59 175.69
N ASP HA 225 141.27 -16.54 176.65
CA ASP HA 225 140.72 -16.30 177.97
C ASP HA 225 141.47 -15.22 178.73
N ARG HA 226 142.80 -15.16 178.58
CA ARG HA 226 143.58 -14.10 179.25
C ARG HA 226 143.21 -12.72 178.74
N VAL HA 227 143.10 -12.58 177.41
CA VAL HA 227 142.72 -11.31 176.81
C VAL HA 227 141.30 -10.92 177.22
N CYS HA 228 140.37 -11.88 177.21
CA CYS HA 228 138.99 -11.55 177.54
C CYS HA 228 138.80 -11.29 179.02
N LYS HA 229 139.69 -11.82 179.86
CA LYS HA 229 139.69 -11.43 181.27
C LYS HA 229 140.21 -10.01 181.45
N ILE HA 230 141.25 -9.63 180.70
CA ILE HA 230 141.80 -8.29 180.83
C ILE HA 230 140.84 -7.25 180.26
N VAL HA 231 140.17 -7.57 179.15
CA VAL HA 231 139.25 -6.63 178.50
C VAL HA 231 138.03 -6.35 179.38
N MET HA 232 137.47 -7.39 180.00
CA MET HA 232 136.23 -7.22 180.77
C MET HA 232 136.46 -6.59 182.15
N LYS HA 233 137.72 -6.34 182.54
CA LYS HA 233 138.00 -5.89 183.89
C LYS HA 233 137.57 -4.45 184.13
N GLU HA 234 137.90 -3.53 183.23
CA GLU HA 234 137.63 -2.12 183.43
C GLU HA 234 136.95 -1.52 182.21
N GLU HA 235 136.59 -0.24 182.33
CA GLU HA 235 136.06 0.50 181.19
C GLU HA 235 137.12 0.67 180.12
N TRP HA 236 136.67 0.75 178.86
CA TRP HA 236 137.58 0.83 177.73
C TRP HA 236 138.30 2.17 177.71
N GLY HA 237 139.59 2.14 177.41
CA GLY HA 237 140.39 3.35 177.38
C GLY HA 237 141.79 3.04 176.88
N ASP HA 238 142.55 4.12 176.68
CA ASP HA 238 143.89 4.05 176.13
C ASP HA 238 144.84 3.25 177.00
N ASP HA 239 144.68 3.33 178.32
CA ASP HA 239 145.47 2.49 179.23
C ASP HA 239 145.14 1.02 179.07
N VAL HA 240 143.85 0.69 178.91
CA VAL HA 240 143.45 -0.69 178.69
C VAL HA 240 143.94 -1.17 177.33
N GLU HA 241 143.90 -0.29 176.32
CA GLU HA 241 144.41 -0.64 175.00
C GLU HA 241 145.92 -0.85 175.00
N LYS HA 242 146.64 -0.10 175.83
CA LYS HA 242 148.08 -0.31 175.96
C LYS HA 242 148.37 -1.59 176.73
N ARG HA 243 147.50 -1.94 177.68
CA ARG HA 243 147.59 -3.25 178.34
C ARG HA 243 147.35 -4.38 177.36
N VAL HA 244 146.44 -4.18 176.39
CA VAL HA 244 146.33 -5.12 175.28
C VAL HA 244 147.62 -5.12 174.45
N ARG HA 245 148.21 -3.94 174.22
CA ARG HA 245 149.49 -3.87 173.54
C ARG HA 245 150.62 -4.52 174.35
N ASP HA 246 150.52 -4.48 175.67
CA ASP HA 246 151.51 -5.11 176.53
C ASP HA 246 151.43 -6.64 176.50
N LEU HA 247 150.31 -7.20 176.04
CA LEU HA 247 150.14 -8.64 176.01
C LEU HA 247 151.00 -9.31 174.95
N ASN HA 248 151.37 -8.59 173.89
CA ASN HA 248 152.16 -9.11 172.76
C ASN HA 248 151.51 -10.33 172.12
N VAL HA 249 150.21 -10.22 171.86
CA VAL HA 249 149.44 -11.31 171.28
C VAL HA 249 149.51 -11.23 169.76
N GLU HA 250 149.99 -12.31 169.14
CA GLU HA 250 150.03 -12.41 167.68
C GLU HA 250 148.65 -12.87 167.23
N PHE HA 251 147.81 -11.91 166.84
CA PHE HA 251 146.38 -12.11 166.68
C PHE HA 251 146.07 -12.92 165.42
N LYS HA 252 144.83 -13.39 165.35
CA LYS HA 252 144.30 -14.14 164.21
C LYS HA 252 142.87 -13.68 163.94
N SER HA 253 142.39 -13.97 162.72
CA SER HA 253 141.02 -13.63 162.37
C SER HA 253 140.02 -14.46 163.17
N ASP HA 254 140.21 -15.78 163.21
CA ASP HA 254 139.34 -16.65 164.00
C ASP HA 254 139.48 -16.36 165.49
N LEU HA 255 140.67 -15.96 165.93
CA LEU HA 255 140.87 -15.57 167.32
C LEU HA 255 140.12 -14.28 167.66
N VAL HA 256 140.09 -13.30 166.75
CA VAL HA 256 139.32 -12.09 166.99
C VAL HA 256 137.82 -12.38 166.97
N LYS HA 257 137.38 -13.26 166.05
CA LYS HA 257 135.99 -13.70 166.03
C LYS HA 257 135.60 -14.39 167.34
N MET HA 258 136.49 -15.26 167.86
CA MET HA 258 136.24 -15.92 169.12
C MET HA 258 136.18 -14.91 170.27
N ILE HA 259 137.11 -13.95 170.30
CA ILE HA 259 137.14 -12.93 171.34
C ILE HA 259 135.86 -12.10 171.34
N VAL HA 260 135.36 -11.77 170.14
CA VAL HA 260 134.06 -11.10 170.02
C VAL HA 260 132.95 -11.98 170.57
N GLU HA 261 133.03 -13.30 170.32
CA GLU HA 261 132.03 -14.20 170.90
C GLU HA 261 132.10 -14.26 172.43
N ARG HA 262 133.29 -14.09 173.02
CA ARG HA 262 133.40 -14.15 174.47
C ARG HA 262 132.86 -12.91 175.17
N LEU HA 263 132.75 -11.79 174.45
CA LEU HA 263 132.29 -10.53 175.03
C LEU HA 263 130.79 -10.32 174.85
N ASP HA 264 130.01 -11.41 174.82
CA ASP HA 264 128.57 -11.30 174.62
C ASP HA 264 127.86 -10.68 175.82
N VAL HA 265 128.48 -10.72 177.01
CA VAL HA 265 127.86 -10.18 178.21
C VAL HA 265 127.73 -8.66 178.13
N GLU HA 266 128.80 -7.98 177.68
CA GLU HA 266 128.78 -6.54 177.49
C GLU HA 266 129.02 -6.24 176.02
N PRO HA 267 127.96 -5.99 175.25
CA PRO HA 267 128.14 -5.70 173.82
C PRO HA 267 128.87 -4.39 173.54
N ARG HA 268 128.82 -3.44 174.48
CA ARG HA 268 129.55 -2.18 174.31
C ARG HA 268 131.06 -2.41 174.28
N LYS HA 269 131.56 -3.28 175.17
CA LYS HA 269 132.98 -3.59 175.19
C LYS HA 269 133.40 -4.32 173.91
N ALA HA 270 132.56 -5.22 173.41
CA ALA HA 270 132.84 -5.88 172.14
C ALA HA 270 132.86 -4.90 170.98
N LEU HA 271 131.92 -3.95 170.96
CA LEU HA 271 131.90 -2.92 169.92
C LEU HA 271 133.14 -2.04 169.98
N LEU HA 272 133.54 -1.65 171.19
CA LEU HA 272 134.72 -0.79 171.33
C LEU HA 272 136.00 -1.53 170.97
N PHE HA 273 136.08 -2.82 171.30
CA PHE HA 273 137.22 -3.63 170.90
C PHE HA 273 137.27 -3.79 169.38
N PHE HA 274 136.11 -4.01 168.75
CA PHE HA 274 136.04 -4.13 167.30
C PHE HA 274 136.47 -2.85 166.60
N ARG HA 275 135.98 -1.70 167.08
CA ARG HA 275 136.35 -0.43 166.47
C ARG HA 275 137.81 -0.06 166.75
N TRP HA 276 138.36 -0.47 167.89
CA TRP HA 276 139.76 -0.17 168.17
C TRP HA 276 140.69 -1.05 167.35
N ILE HA 277 140.36 -2.33 167.17
CA ILE HA 277 141.18 -3.20 166.33
C ILE HA 277 140.98 -2.87 164.85
N ASP HA 278 139.89 -2.20 164.50
CA ASP HA 278 139.78 -1.63 163.17
C ASP HA 278 140.59 -0.34 163.04
N GLU HA 279 140.74 0.39 164.15
CA GLU HA 279 141.40 1.70 164.13
C GLU HA 279 142.89 1.62 164.46
N SER HA 280 143.29 0.80 165.45
CA SER HA 280 144.70 0.76 165.82
C SER HA 280 145.54 -0.13 164.89
N ASP HA 281 144.93 -0.66 163.82
CA ASP HA 281 145.63 -1.36 162.73
C ASP HA 281 146.35 -2.61 163.20
N LEU HA 282 145.75 -3.36 164.12
CA LEU HA 282 146.27 -4.68 164.45
C LEU HA 282 145.93 -5.71 163.40
N PHE HA 283 144.69 -5.70 162.90
CA PHE HA 283 144.25 -6.68 161.91
C PHE HA 283 142.99 -6.12 161.25
N LYS HA 284 142.76 -6.50 159.99
CA LYS HA 284 141.61 -6.06 159.25
C LYS HA 284 140.67 -7.23 158.98
N HIS HA 285 139.37 -6.96 159.08
CA HIS HA 285 138.39 -8.00 159.34
C HIS HA 285 138.00 -8.75 158.06
N ASP HA 286 137.54 -9.99 158.26
CA ASP HA 286 137.01 -10.88 157.22
C ASP HA 286 135.57 -11.26 157.54
N GLU HA 287 135.07 -12.28 156.82
CA GLU HA 287 133.68 -12.71 156.91
C GLU HA 287 133.29 -13.17 158.31
N LYS HA 288 134.12 -14.01 158.94
CA LYS HA 288 133.71 -14.68 160.18
C LYS HA 288 133.65 -13.71 161.36
N THR HA 289 134.56 -12.74 161.40
CA THR HA 289 134.49 -11.69 162.43
C THR HA 289 133.25 -10.83 162.27
N TYR HA 290 132.86 -10.47 161.04
CA TYR HA 290 131.61 -9.74 160.82
C TYR HA 290 130.39 -10.56 161.21
N ASN HA 291 130.42 -11.87 160.95
CA ASN HA 291 129.33 -12.73 161.39
C ASN HA 291 129.22 -12.81 162.91
N ALA HA 292 130.35 -12.93 163.60
CA ALA HA 292 130.32 -12.95 165.06
C ALA HA 292 129.90 -11.61 165.63
N MET HA 293 130.32 -10.51 164.99
CA MET HA 293 129.91 -9.18 165.43
C MET HA 293 128.41 -8.97 165.26
N ALA HA 294 127.84 -9.49 164.17
CA ALA HA 294 126.40 -9.43 163.99
C ALA HA 294 125.67 -10.34 164.97
N ARG HA 295 126.29 -11.49 165.33
CA ARG HA 295 125.72 -12.35 166.38
C ARG HA 295 125.65 -11.64 167.72
N VAL HA 296 126.72 -10.93 168.09
CA VAL HA 296 126.74 -10.20 169.36
C VAL HA 296 125.79 -9.01 169.32
N LEU HA 297 125.80 -8.23 168.24
CA LEU HA 297 125.06 -6.99 168.18
C LEU HA 297 123.56 -7.17 167.93
N GLY HA 298 123.09 -8.39 167.66
CA GLY HA 298 121.70 -8.59 167.33
C GLY HA 298 120.76 -8.49 168.52
N LYS HA 299 120.65 -7.30 169.10
CA LYS HA 299 119.77 -7.06 170.24
C LYS HA 299 118.99 -5.77 170.02
N GLU HA 300 117.95 -5.59 170.84
CA GLU HA 300 117.07 -4.44 170.74
C GLU HA 300 117.78 -3.14 171.13
N LYS HA 301 118.72 -3.23 172.08
CA LYS HA 301 119.38 -2.06 172.62
C LYS HA 301 120.46 -1.50 171.69
N PHE HA 302 120.80 -2.19 170.60
CA PHE HA 302 121.88 -1.77 169.71
C PHE HA 302 121.47 -1.84 168.25
N LEU HA 303 120.31 -1.29 167.89
CA LEU HA 303 119.78 -1.45 166.54
C LEU HA 303 120.56 -0.63 165.51
N ASP HA 304 120.88 0.63 165.84
CA ASP HA 304 121.51 1.52 164.87
C ASP HA 304 122.92 1.07 164.54
N ARG HA 305 123.68 0.65 165.55
CA ARG HA 305 125.04 0.16 165.32
C ARG HA 305 125.02 -1.16 164.55
N PHE HA 306 124.04 -2.02 164.82
CA PHE HA 306 123.91 -3.26 164.06
C PHE HA 306 123.58 -2.96 162.60
N GLN HA 307 122.72 -1.97 162.35
CA GLN HA 307 122.41 -1.55 160.99
C GLN HA 307 123.64 -0.99 160.29
N ASN HA 308 124.47 -0.23 161.02
CA ASN HA 308 125.71 0.29 160.45
C ASN HA 308 126.67 -0.83 160.07
N ILE HA 309 126.77 -1.86 160.94
CA ILE HA 309 127.63 -3.00 160.64
C ILE HA 309 127.11 -3.78 159.43
N VAL HA 310 125.79 -3.94 159.33
CA VAL HA 310 125.21 -4.63 158.17
C VAL HA 310 125.43 -3.83 156.89
N VAL HA 311 125.31 -2.50 156.96
CA VAL HA 311 125.54 -1.65 155.79
C VAL HA 311 127.00 -1.74 155.35
N GLU HA 312 127.94 -1.70 156.30
CA GLU HA 312 129.35 -1.83 155.96
C GLU HA 312 129.68 -3.22 155.44
N MET HA 313 128.97 -4.24 155.93
CA MET HA 313 129.16 -5.60 155.44
C MET HA 313 128.67 -5.75 154.01
N ARG HA 314 127.53 -5.15 153.68
CA ARG HA 314 127.01 -5.21 152.33
C ARG HA 314 127.81 -4.35 151.37
N SER HA 315 128.43 -3.28 151.88
CA SER HA 315 129.29 -2.45 151.05
C SER HA 315 130.55 -3.19 150.61
N ALA HA 316 131.03 -4.14 151.43
CA ALA HA 316 132.21 -4.92 151.10
C ALA HA 316 131.89 -6.18 150.31
N GLY HA 317 130.61 -6.45 150.04
CA GLY HA 317 130.24 -7.64 149.33
C GLY HA 317 130.22 -8.91 150.14
N TYR HA 318 129.92 -8.83 151.43
CA TYR HA 318 129.94 -9.99 152.32
C TYR HA 318 128.52 -10.38 152.72
N GLU HA 319 128.38 -11.63 153.14
CA GLU HA 319 127.10 -12.27 153.34
C GLU HA 319 126.73 -12.35 154.83
N VAL HA 320 125.53 -12.86 155.09
CA VAL HA 320 125.10 -13.18 156.44
C VAL HA 320 124.88 -14.69 156.53
N GLU HA 321 125.56 -15.34 157.48
CA GLU HA 321 125.44 -16.78 157.63
C GLU HA 321 124.09 -17.16 158.24
N ILE HA 322 123.73 -18.43 158.05
CA ILE HA 322 122.47 -18.95 158.57
C ILE HA 322 122.50 -19.00 160.10
N GLU HA 323 123.65 -19.36 160.68
CA GLU HA 323 123.76 -19.48 162.14
C GLU HA 323 123.67 -18.12 162.82
N THR HA 324 124.19 -17.08 162.16
CA THR HA 324 124.00 -15.72 162.67
C THR HA 324 122.56 -15.27 162.53
N TYR HA 325 121.97 -15.51 161.35
CA TYR HA 325 120.66 -14.95 161.02
C TYR HA 325 119.57 -15.58 161.87
N VAL HA 326 119.70 -16.87 162.21
CA VAL HA 326 118.70 -17.54 163.04
C VAL HA 326 118.63 -16.90 164.43
N ARG HA 327 119.79 -16.70 165.07
CA ARG HA 327 119.81 -16.11 166.40
C ARG HA 327 119.36 -14.66 166.39
N VAL HA 328 119.80 -13.88 165.39
CA VAL HA 328 119.44 -12.47 165.36
C VAL HA 328 117.96 -12.29 165.03
N SER HA 329 117.41 -13.10 164.12
CA SER HA 329 115.99 -13.04 163.81
C SER HA 329 115.15 -13.53 164.98
N THR HA 330 115.64 -14.51 165.74
CA THR HA 330 114.93 -14.96 166.93
C THR HA 330 114.86 -13.85 167.98
N ARG HA 331 116.00 -13.17 168.22
CA ARG HA 331 116.00 -12.08 169.19
C ARG HA 331 115.21 -10.88 168.69
N PHE HA 332 115.09 -10.72 167.37
CA PHE HA 332 114.26 -9.66 166.82
C PHE HA 332 112.77 -9.98 166.98
N CYS HA 333 112.39 -11.23 166.74
CA CYS HA 333 110.99 -11.63 166.86
C CYS HA 333 110.54 -11.62 168.32
N GLN HA 334 111.41 -12.02 169.24
CA GLN HA 334 111.07 -11.95 170.66
C GLN HA 334 110.94 -10.52 171.16
N THR HA 335 111.55 -9.55 170.48
CA THR HA 335 111.46 -8.14 170.84
C THR HA 335 110.54 -7.36 169.90
N LYS HA 336 109.71 -8.06 169.13
CA LYS HA 336 108.71 -7.47 168.22
C LYS HA 336 109.34 -6.56 167.16
N LEU HA 337 110.54 -6.90 166.70
CA LEU HA 337 111.18 -6.16 165.61
C LEU HA 337 110.94 -6.88 164.28
N ILE HA 338 109.69 -6.80 163.83
CA ILE HA 338 109.28 -7.50 162.61
C ILE HA 338 109.91 -6.86 161.37
N LYS HA 339 109.96 -5.53 161.33
CA LYS HA 339 110.47 -4.84 160.14
C LYS HA 339 111.97 -5.08 159.96
N GLU HA 340 112.73 -5.03 161.06
CA GLU HA 340 114.15 -5.34 161.01
C GLU HA 340 114.40 -6.79 160.63
N ALA HA 341 113.58 -7.72 161.11
CA ALA HA 341 113.69 -9.13 160.71
C ALA HA 341 113.40 -9.31 159.22
N VAL HA 342 112.41 -8.59 158.70
CA VAL HA 342 112.09 -8.66 157.27
C VAL HA 342 113.26 -8.11 156.43
N ASP HA 343 113.84 -6.99 156.86
CA ASP HA 343 114.99 -6.42 156.15
C ASP HA 343 116.20 -7.36 156.19
N LEU HA 344 116.45 -7.97 157.35
CA LEU HA 344 117.54 -8.92 157.47
C LEU HA 344 117.30 -10.18 156.64
N PHE HA 345 116.06 -10.63 156.53
CA PHE HA 345 115.74 -11.76 155.67
C PHE HA 345 115.95 -11.43 154.19
N GLU HA 346 115.58 -10.21 153.80
CA GLU HA 346 115.82 -9.74 152.44
C GLU HA 346 117.32 -9.68 152.14
N ILE HA 347 118.11 -9.23 153.11
CA ILE HA 347 119.57 -9.20 152.95
C ILE HA 347 120.13 -10.62 152.88
N ALA HA 348 119.65 -11.52 153.74
CA ALA HA 348 120.19 -12.87 153.82
C ALA HA 348 119.87 -13.70 152.58
N MET HA 349 118.68 -13.52 152.01
CA MET HA 349 118.35 -14.20 150.75
C MET HA 349 119.10 -13.62 149.55
N ALA HA 350 119.71 -12.44 149.69
CA ALA HA 350 120.51 -11.86 148.62
C ALA HA 350 121.93 -12.41 148.59
N GLY HA 351 122.29 -13.28 149.53
CA GLY HA 351 123.60 -13.88 149.52
C GLY HA 351 123.75 -14.90 148.39
N SER HA 352 125.01 -15.24 148.09
CA SER HA 352 125.31 -16.13 146.98
C SER HA 352 125.53 -17.57 147.40
N SER HA 353 125.92 -17.81 148.65
CA SER HA 353 126.20 -19.17 149.11
C SER HA 353 124.89 -19.86 149.45
N SER HA 354 124.69 -21.06 148.88
CA SER HA 354 123.49 -21.84 149.17
C SER HA 354 123.48 -22.37 150.60
N SER HA 355 124.66 -22.62 151.19
CA SER HA 355 124.73 -23.10 152.56
C SER HA 355 124.32 -22.03 153.56
N ASN HA 356 124.55 -20.76 153.23
CA ASN HA 356 124.17 -19.65 154.11
C ASN HA 356 122.78 -19.11 153.79
N ASN HA 357 122.06 -19.73 152.86
CA ASN HA 357 120.70 -19.30 152.57
C ASN HA 357 119.79 -19.67 153.74
N PRO HA 358 118.82 -18.83 154.09
CA PRO HA 358 117.92 -19.15 155.22
C PRO HA 358 117.08 -20.39 154.96
N THR HA 359 116.83 -21.14 156.02
CA THR HA 359 116.10 -22.39 155.91
C THR HA 359 114.60 -22.13 155.74
N PRO HA 360 113.84 -23.12 155.25
CA PRO HA 360 112.38 -23.03 155.33
C PRO HA 360 111.85 -22.94 156.76
N HIS HA 361 112.59 -23.46 157.74
CA HIS HA 361 112.17 -23.39 159.14
C HIS HA 361 112.07 -21.95 159.64
N CYS HA 362 113.14 -21.17 159.46
CA CYS HA 362 113.10 -19.77 159.86
C CYS HA 362 112.21 -18.95 158.94
N PHE HA 363 112.05 -19.37 157.68
CA PHE HA 363 111.10 -18.69 156.80
C PHE HA 363 109.67 -18.83 157.29
N CYS HA 364 109.28 -20.05 157.66
CA CYS HA 364 107.93 -20.29 158.19
C CYS HA 364 107.74 -19.57 159.53
N LEU HA 365 108.79 -19.55 160.36
CA LEU HA 365 108.72 -18.82 161.63
C LEU HA 365 108.55 -17.31 161.41
N LEU HA 366 109.27 -16.76 160.41
CA LEU HA 366 109.14 -15.33 160.11
C LEU HA 366 107.75 -15.00 159.58
N LEU HA 367 107.21 -15.86 158.70
CA LEU HA 367 105.85 -15.64 158.22
C LEU HA 367 104.82 -15.75 159.34
N LYS HA 368 105.04 -16.68 160.28
CA LYS HA 368 104.15 -16.81 161.43
C LYS HA 368 104.20 -15.57 162.31
N LYS HA 369 105.39 -15.02 162.52
CA LYS HA 369 105.50 -13.80 163.32
C LYS HA 369 104.94 -12.59 162.59
N ILE HA 370 104.99 -12.60 161.25
CA ILE HA 370 104.39 -11.53 160.46
C ILE HA 370 102.87 -11.56 160.56
N VAL HA 371 102.27 -12.74 160.40
CA VAL HA 371 100.81 -12.81 160.39
C VAL HA 371 100.20 -12.66 161.78
N THR HA 372 101.00 -12.83 162.84
CA THR HA 372 100.51 -12.63 164.19
C THR HA 372 100.75 -11.22 164.72
N ALA HA 373 101.28 -10.32 163.90
CA ALA HA 373 101.38 -8.93 164.27
C ALA HA 373 99.99 -8.31 164.38
N LYS HA 374 99.84 -7.29 165.24
CA LYS HA 374 98.55 -6.72 165.59
C LYS HA 374 97.81 -6.15 164.38
N ILE HA 375 98.54 -5.55 163.44
CA ILE HA 375 97.98 -5.14 162.16
C ILE HA 375 98.74 -5.87 161.07
N LEU HA 376 98.01 -6.69 160.30
CA LEU HA 376 98.61 -7.48 159.24
C LEU HA 376 98.91 -6.58 158.05
N ASP HA 377 100.19 -6.45 157.71
CA ASP HA 377 100.63 -5.61 156.61
C ASP HA 377 101.02 -6.52 155.44
N MET HA 378 100.42 -6.27 154.27
CA MET HA 378 100.63 -7.17 153.14
C MET HA 378 101.96 -6.90 152.45
N ASP HA 379 102.57 -5.73 152.71
CA ASP HA 379 103.82 -5.38 152.05
C ASP HA 379 104.98 -6.24 152.54
N LEU HA 380 105.05 -6.47 153.86
CA LEU HA 380 106.12 -7.28 154.42
C LEU HA 380 106.01 -8.74 154.00
N PHE HA 381 104.78 -9.28 154.05
CA PHE HA 381 104.54 -10.65 153.61
C PHE HA 381 104.83 -10.81 152.12
N SER HA 382 104.44 -9.79 151.32
CA SER HA 382 104.73 -9.80 149.89
C SER HA 382 106.23 -9.80 149.63
N ARG HA 383 106.97 -8.96 150.36
CA ARG HA 383 108.42 -8.90 150.20
C ARG HA 383 109.06 -10.23 150.57
N ALA HA 384 108.65 -10.81 151.70
CA ALA HA 384 109.23 -12.08 152.15
C ALA HA 384 108.97 -13.21 151.17
N VAL HA 385 107.73 -13.32 150.69
CA VAL HA 385 107.37 -14.41 149.78
C VAL HA 385 108.05 -14.22 148.41
N LYS HA 386 108.03 -12.98 147.90
CA LYS HA 386 108.63 -12.73 146.58
C LYS HA 386 110.14 -12.91 146.60
N VAL HA 387 110.80 -12.46 147.66
CA VAL HA 387 112.24 -12.64 147.78
C VAL HA 387 112.61 -14.10 148.02
N TYR HA 388 111.80 -14.85 148.78
CA TYR HA 388 112.06 -16.28 148.95
C TYR HA 388 111.88 -17.04 147.64
N THR HA 389 110.86 -16.70 146.86
CA THR HA 389 110.63 -17.41 145.61
C THR HA 389 111.46 -16.85 144.46
N LYS HA 390 112.17 -15.75 144.69
CA LYS HA 390 112.98 -15.12 143.65
C LYS HA 390 114.15 -16.00 143.22
N ASN HA 391 114.74 -16.76 144.14
CA ASN HA 391 115.89 -17.60 143.83
C ASN HA 391 115.50 -18.97 143.28
N GLY HA 392 114.21 -19.23 143.11
CA GLY HA 392 113.77 -20.49 142.54
C GLY HA 392 113.24 -21.51 143.53
N ASN HA 393 112.96 -21.11 144.77
CA ASN HA 393 112.42 -22.04 145.75
C ASN HA 393 110.91 -22.14 145.59
N ALA HA 394 110.38 -23.34 145.83
CA ALA HA 394 108.95 -23.59 145.69
C ALA HA 394 108.29 -23.61 147.06
N LEU HA 395 107.10 -23.01 147.13
CA LEU HA 395 106.35 -22.96 148.39
C LEU HA 395 105.59 -24.26 148.60
N THR HA 396 105.56 -24.72 149.85
CA THR HA 396 104.95 -25.99 150.21
C THR HA 396 103.55 -25.78 150.78
N ASP HA 397 102.76 -26.85 150.76
CA ASP HA 397 101.41 -26.79 151.32
C ASP HA 397 101.42 -26.65 152.82
N SER HA 398 102.44 -27.21 153.49
CA SER HA 398 102.54 -27.13 154.94
C SER HA 398 102.78 -25.71 155.42
N LEU HA 399 103.43 -24.88 154.57
CA LEU HA 399 103.60 -23.47 154.89
C LEU HA 399 102.26 -22.74 154.97
N LEU HA 400 101.38 -22.95 153.96
CA LEU HA 400 100.06 -22.33 154.02
C LEU HA 400 99.21 -22.93 155.13
N LYS HA 401 99.41 -24.23 155.42
CA LYS HA 401 98.78 -24.86 156.56
C LYS HA 401 99.13 -24.13 157.85
N SER HA 402 100.42 -23.86 158.06
CA SER HA 402 100.85 -23.20 159.30
C SER HA 402 100.44 -21.74 159.33
N VAL HA 403 100.39 -21.08 158.17
CA VAL HA 403 99.97 -19.68 158.11
C VAL HA 403 98.50 -19.53 158.47
N LEU HA 404 97.64 -20.38 157.91
CA LEU HA 404 96.22 -20.31 158.25
C LEU HA 404 95.94 -20.87 159.64
N LYS HA 405 96.80 -21.75 160.15
CA LYS HA 405 96.67 -22.21 161.53
C LYS HA 405 97.00 -21.07 162.51
N SER HA 406 98.01 -20.27 162.19
CA SER HA 406 98.30 -19.07 162.99
C SER HA 406 97.21 -18.03 162.85
N LEU HA 407 96.68 -17.82 161.63
CA LEU HA 407 95.62 -16.85 161.43
C LEU HA 407 94.31 -17.27 162.07
N ARG HA 408 94.10 -18.59 162.20
CA ARG HA 408 92.87 -19.12 162.78
C ARG HA 408 92.81 -18.83 164.28
N SER HA 409 93.96 -18.91 164.96
CA SER HA 409 94.02 -18.76 166.41
C SER HA 409 94.00 -17.31 166.88
N VAL HA 410 94.11 -16.35 165.97
CA VAL HA 410 94.15 -14.94 166.36
C VAL HA 410 92.86 -14.21 165.99
N ASP HA 411 91.85 -14.96 165.53
CA ASP HA 411 90.53 -14.46 165.13
C ASP HA 411 90.63 -13.38 164.07
N ARG HA 412 91.60 -13.52 163.15
CA ARG HA 412 91.82 -12.57 162.07
C ARG HA 412 91.63 -13.23 160.71
N VAL HA 413 90.60 -14.07 160.59
CA VAL HA 413 90.32 -14.81 159.37
C VAL HA 413 89.78 -13.90 158.26
N GLU HA 414 89.47 -12.64 158.61
CA GLU HA 414 88.88 -11.68 157.67
C GLU HA 414 89.80 -11.41 156.48
N GLN HA 415 91.12 -11.50 156.67
CA GLN HA 415 92.09 -11.22 155.62
C GLN HA 415 92.71 -12.49 155.04
N SER HA 416 91.94 -13.58 154.99
CA SER HA 416 92.44 -14.81 154.38
C SER HA 416 92.59 -14.66 152.87
N ASN HA 417 91.64 -13.96 152.23
CA ASN HA 417 91.71 -13.74 150.80
C ASN HA 417 92.91 -12.89 150.43
N GLU HA 418 93.23 -11.89 151.26
CA GLU HA 418 94.39 -11.04 151.00
C GLU HA 418 95.69 -11.85 151.07
N LEU HA 419 95.82 -12.72 152.08
CA LEU HA 419 97.01 -13.56 152.17
C LEU HA 419 97.08 -14.57 151.04
N LEU HA 420 95.93 -15.09 150.59
CA LEU HA 420 95.93 -15.99 149.44
C LEU HA 420 96.36 -15.25 148.16
N LYS HA 421 95.93 -14.00 148.01
CA LYS HA 421 96.41 -13.18 146.89
C LYS HA 421 97.91 -12.93 146.98
N GLU HA 422 98.41 -12.69 148.19
CA GLU HA 422 99.84 -12.47 148.37
C GLU HA 422 100.65 -13.72 148.03
N MET HA 423 100.14 -14.89 148.42
CA MET HA 423 100.81 -16.14 148.07
C MET HA 423 100.72 -16.44 146.57
N LYS HA 424 99.61 -16.07 145.94
CA LYS HA 424 99.50 -16.22 144.48
C LYS HA 424 100.46 -15.29 143.76
N ARG HA 425 100.69 -14.08 144.29
CA ARG HA 425 101.66 -13.18 143.69
C ARG HA 425 103.08 -13.73 143.80
N GLY HA 426 103.33 -14.59 144.79
CA GLY HA 426 104.57 -15.33 144.87
C GLY HA 426 104.61 -16.58 144.02
N GLY HA 427 103.51 -16.94 143.37
CA GLY HA 427 103.46 -18.09 142.49
C GLY HA 427 102.89 -19.36 143.08
N TYR HA 428 102.14 -19.28 144.18
CA TYR HA 428 101.63 -20.45 144.87
C TYR HA 428 100.14 -20.66 144.58
N VAL HA 429 99.75 -21.92 144.43
CA VAL HA 429 98.36 -22.32 144.26
C VAL HA 429 97.92 -23.05 145.52
N PRO HA 430 96.84 -22.62 146.18
CA PRO HA 430 96.43 -23.26 147.44
C PRO HA 430 95.86 -24.66 147.21
N SER HA 431 96.23 -25.59 148.09
CA SER HA 431 95.76 -26.96 148.00
C SER HA 431 94.29 -27.05 148.38
N GLY HA 432 93.64 -28.12 147.90
CA GLY HA 432 92.20 -28.27 148.10
C GLY HA 432 91.80 -28.49 149.54
N ASP HA 433 92.67 -29.12 150.34
CA ASP HA 433 92.37 -29.32 151.75
C ASP HA 433 92.34 -28.00 152.51
N MET HA 434 93.31 -27.12 152.24
CA MET HA 434 93.29 -25.80 152.87
C MET HA 434 92.19 -24.93 152.29
N GLN HA 435 91.82 -25.14 151.02
CA GLN HA 435 90.64 -24.47 150.49
C GLN HA 435 89.38 -24.87 151.25
N SER HA 436 89.25 -26.17 151.56
CA SER HA 436 88.12 -26.65 152.34
C SER HA 436 88.14 -26.09 153.76
N MET HA 437 89.34 -26.03 154.36
CA MET HA 437 89.46 -25.51 155.72
C MET HA 437 89.11 -24.02 155.77
N ILE HA 438 89.59 -23.23 154.81
CA ILE HA 438 89.27 -21.81 154.74
C ILE HA 438 87.78 -21.62 154.48
N ALA HA 439 87.20 -22.43 153.60
CA ALA HA 439 85.78 -22.33 153.31
C ALA HA 439 84.92 -22.65 154.52
N SER HA 440 85.32 -23.67 155.29
CA SER HA 440 84.60 -24.01 156.51
C SER HA 440 84.75 -22.93 157.57
N SER HA 441 85.94 -22.32 157.66
CA SER HA 441 86.14 -21.23 158.61
C SER HA 441 85.32 -19.99 158.24
N LEU HA 442 85.23 -19.67 156.95
CA LEU HA 442 84.48 -18.50 156.51
C LEU HA 442 82.98 -18.71 156.61
N SER HA 443 82.50 -19.89 156.20
CA SER HA 443 81.06 -20.10 156.07
C SER HA 443 80.39 -20.27 157.42
N ARG HA 444 81.11 -20.80 158.41
CA ARG HA 444 80.52 -21.03 159.73
C ARG HA 444 80.28 -19.74 160.49
N LYS HA 445 80.92 -18.64 160.09
CA LYS HA 445 80.74 -17.35 160.75
C LYS HA 445 79.93 -16.36 159.93
N GLY HA 446 79.23 -16.82 158.90
CA GLY HA 446 78.39 -15.96 158.08
C GLY HA 446 79.13 -14.90 157.27
N LYS HA 447 80.24 -15.30 156.63
CA LYS HA 447 81.05 -14.36 155.86
C LYS HA 447 80.74 -14.52 154.37
N LYS HA 448 79.65 -13.86 153.95
CA LYS HA 448 79.19 -13.96 152.58
C LYS HA 448 80.14 -13.24 151.62
N ASP HA 449 80.51 -12.00 151.95
CA ASP HA 449 81.34 -11.19 151.06
C ASP HA 449 82.74 -11.77 150.93
N GLU HA 450 83.30 -12.28 152.04
CA GLU HA 450 84.60 -12.92 152.01
C GLU HA 450 84.61 -14.21 151.19
N ALA HA 451 83.55 -15.03 151.31
CA ALA HA 451 83.46 -16.23 150.48
C ALA HA 451 83.30 -15.88 149.01
N ASP HA 452 82.52 -14.84 148.70
CA ASP HA 452 82.38 -14.40 147.32
C ASP HA 452 83.70 -13.87 146.76
N GLU HA 453 84.45 -13.13 147.56
CA GLU HA 453 85.76 -12.66 147.15
C GLU HA 453 86.73 -13.82 146.94
N PHE HA 454 86.66 -14.84 147.79
CA PHE HA 454 87.49 -16.03 147.61
C PHE HA 454 87.14 -16.76 146.31
N VAL HA 455 85.84 -16.88 146.01
CA VAL HA 455 85.41 -17.53 144.78
C VAL HA 455 85.86 -16.75 143.56
N ASP HA 456 85.72 -15.42 143.59
CA ASP HA 456 86.17 -14.59 142.47
C ASP HA 456 87.68 -14.59 142.34
N PHE HA 457 88.40 -14.74 143.46
CA PHE HA 457 89.85 -14.80 143.41
C PHE HA 457 90.34 -16.10 142.79
N MET HA 458 89.72 -17.22 143.17
CA MET HA 458 90.11 -18.51 142.58
C MET HA 458 89.67 -18.61 141.13
N GLU HA 459 88.53 -18.00 140.78
CA GLU HA 459 88.05 -18.05 139.41
C GLU HA 459 88.94 -17.22 138.47
N SER HA 460 89.65 -16.23 139.02
CA SER HA 460 90.59 -15.46 138.23
C SER HA 460 91.81 -16.28 137.82
N SER HA 461 92.10 -17.36 138.53
CA SER HA 461 93.20 -18.25 138.18
C SER HA 461 92.81 -19.31 137.16
N GLY HA 462 91.55 -19.32 136.73
CA GLY HA 462 91.08 -20.27 135.74
C GLY HA 462 90.66 -21.61 136.29
N ASN HA 463 90.71 -21.81 137.59
CA ASN HA 463 90.29 -23.06 138.22
C ASN HA 463 89.25 -22.79 139.29
N ASN HA 464 88.12 -23.46 139.20
CA ASN HA 464 87.05 -23.30 140.17
C ASN HA 464 87.39 -23.99 141.48
N LEU HA 465 86.56 -23.74 142.49
CA LEU HA 465 86.70 -24.43 143.77
C LEU HA 465 86.40 -25.91 143.60
N ASP HA 466 87.21 -26.75 144.25
CA ASP HA 466 86.97 -28.18 144.21
C ASP HA 466 85.74 -28.54 145.05
N ASP HA 467 85.28 -29.78 144.87
CA ASP HA 467 84.00 -30.21 145.42
C ASP HA 467 84.00 -30.23 146.95
N LYS HA 468 85.14 -30.57 147.55
CA LYS HA 468 85.23 -30.66 149.00
C LYS HA 468 85.08 -29.28 149.65
N ALA HA 469 85.67 -28.24 149.06
CA ALA HA 469 85.52 -26.89 149.58
C ALA HA 469 84.09 -26.37 149.46
N MET HA 470 83.41 -26.68 148.35
CA MET HA 470 82.02 -26.27 148.22
C MET HA 470 81.12 -27.05 149.18
N ALA HA 471 81.44 -28.32 149.43
CA ALA HA 471 80.72 -29.08 150.44
C ALA HA 471 80.93 -28.49 151.83
N SER HA 472 82.15 -28.05 152.13
CA SER HA 472 82.41 -27.37 153.39
C SER HA 472 81.68 -26.04 153.48
N LEU HA 473 81.56 -25.33 152.35
CA LEU HA 473 80.76 -24.10 152.31
C LEU HA 473 79.30 -24.38 152.61
N VAL HA 474 78.75 -25.45 152.03
CA VAL HA 474 77.36 -25.82 152.27
C VAL HA 474 77.15 -26.19 153.73
N GLU HA 475 78.07 -26.98 154.30
CA GLU HA 475 77.97 -27.36 155.71
C GLU HA 475 78.08 -26.16 156.63
N GLY HA 476 79.00 -25.24 156.34
CA GLY HA 476 79.15 -24.05 157.17
C GLY HA 476 77.95 -23.13 157.09
N TYR HA 477 77.38 -22.96 155.89
CA TYR HA 477 76.19 -22.13 155.75
C TYR HA 477 74.96 -22.78 156.38
N CYS HA 478 74.90 -24.11 156.38
CA CYS HA 478 73.84 -24.81 157.11
C CYS HA 478 74.01 -24.62 158.62
N ASP HA 479 75.24 -24.69 159.11
CA ASP HA 479 75.48 -24.53 160.54
C ASP HA 479 75.25 -23.10 161.01
N SER HA 480 75.52 -22.12 160.15
CA SER HA 480 75.35 -20.72 160.51
C SER HA 480 73.91 -20.24 160.45
N GLY HA 481 73.00 -21.04 159.88
CA GLY HA 481 71.60 -20.67 159.79
C GLY HA 481 71.22 -19.93 158.53
N ASN HA 482 72.18 -19.58 157.68
CA ASN HA 482 71.88 -18.90 156.43
C ASN HA 482 71.50 -19.91 155.35
N LEU HA 483 70.24 -20.33 155.34
CA LEU HA 483 69.79 -21.37 154.42
C LEU HA 483 69.70 -20.87 152.97
N ASP HA 484 69.39 -19.58 152.77
CA ASP HA 484 69.35 -19.03 151.41
C ASP HA 484 70.75 -19.04 150.79
N GLU HA 485 71.76 -18.68 151.57
CA GLU HA 485 73.13 -18.70 151.06
C GLU HA 485 73.59 -20.14 150.80
N ALA HA 486 73.16 -21.09 151.62
CA ALA HA 486 73.45 -22.50 151.38
C ALA HA 486 72.80 -22.99 150.09
N LEU HA 487 71.55 -22.57 149.85
CA LEU HA 487 70.89 -22.90 148.59
C LEU HA 487 71.60 -22.28 147.39
N VAL HA 488 72.06 -21.03 147.53
CA VAL HA 488 72.78 -20.36 146.46
C VAL HA 488 74.10 -21.09 146.16
N CYS HA 489 74.83 -21.48 147.20
CA CYS HA 489 76.08 -22.20 147.02
C CYS HA 489 75.85 -23.58 146.43
N PHE HA 490 74.77 -24.27 146.83
CA PHE HA 490 74.45 -25.55 146.23
C PHE HA 490 74.11 -25.42 144.76
N GLU HA 491 73.32 -24.39 144.40
CA GLU HA 491 72.97 -24.17 143.00
C GLU HA 491 74.19 -23.79 142.17
N LYS HA 492 75.14 -23.07 142.78
CA LYS HA 492 76.40 -22.79 142.12
C LYS HA 492 77.21 -24.06 141.91
N MET HA 493 77.21 -24.97 142.90
CA MET HA 493 77.99 -26.20 142.78
C MET HA 493 77.43 -27.13 141.72
N VAL HA 494 76.11 -27.33 141.72
CA VAL HA 494 75.49 -28.26 140.76
C VAL HA 494 75.61 -27.76 139.33
N GLY HA 495 75.60 -26.44 139.12
CA GLY HA 495 75.70 -25.88 137.78
C GLY HA 495 76.98 -26.20 137.03
N ASN HA 496 78.05 -26.51 137.75
CA ASN HA 496 79.29 -26.96 137.14
C ASN HA 496 79.15 -28.43 136.73
N THR HA 497 79.69 -28.77 135.56
CA THR HA 497 79.63 -30.14 135.08
C THR HA 497 80.80 -30.96 135.63
N GLY HA 498 80.49 -32.08 136.25
CA GLY HA 498 81.49 -32.97 136.80
C GLY HA 498 81.58 -33.02 138.32
N VAL HA 499 80.45 -32.93 139.02
CA VAL HA 499 80.47 -32.91 140.49
C VAL HA 499 80.17 -34.32 141.00
N SER HA 500 81.00 -34.81 141.92
CA SER HA 500 80.86 -36.15 142.46
C SER HA 500 80.44 -36.17 143.93
N TYR HA 501 80.52 -35.05 144.64
CA TYR HA 501 80.23 -35.00 146.06
C TYR HA 501 79.11 -34.03 146.41
N ALA HA 502 78.17 -33.79 145.50
CA ALA HA 502 77.06 -32.88 145.79
C ALA HA 502 75.99 -33.55 146.64
N ASP HA 503 75.96 -34.88 146.67
CA ASP HA 503 74.91 -35.59 147.38
C ASP HA 503 75.02 -35.41 148.89
N TYR HA 504 76.25 -35.38 149.42
CA TYR HA 504 76.45 -35.16 150.85
C TYR HA 504 76.04 -33.74 151.24
N SER HA 505 76.35 -32.76 150.39
CA SER HA 505 75.90 -31.39 150.62
C SER HA 505 74.39 -31.28 150.58
N PHE HA 506 73.75 -31.99 149.64
CA PHE HA 506 72.29 -31.98 149.60
C PHE HA 506 71.68 -32.66 150.83
N GLU HA 507 72.34 -33.71 151.32
CA GLU HA 507 71.90 -34.37 152.55
C GLU HA 507 71.98 -33.42 153.74
N LYS HA 508 73.08 -32.67 153.84
CA LYS HA 508 73.22 -31.70 154.93
C LYS HA 508 72.21 -30.56 154.79
N LEU HA 509 71.93 -30.13 153.56
CA LEU HA 509 70.92 -29.09 153.34
C LEU HA 509 69.53 -29.56 153.72
N VAL HA 510 69.19 -30.81 153.38
CA VAL HA 510 67.90 -31.38 153.74
C VAL HA 510 67.78 -31.51 155.26
N LEU HA 511 68.86 -31.96 155.92
CA LEU HA 511 68.83 -32.05 157.38
C LEU HA 511 68.71 -30.67 158.03
N ALA HA 512 69.35 -29.65 157.46
CA ALA HA 512 69.24 -28.30 158.00
C ALA HA 512 67.82 -27.75 157.83
N TYR HA 513 67.20 -28.01 156.68
CA TYR HA 513 65.82 -27.57 156.47
C TYR HA 513 64.84 -28.33 157.38
N CYS HA 514 65.07 -29.61 157.61
CA CYS HA 514 64.21 -30.38 158.51
C CYS HA 514 64.39 -29.91 159.95
N ASN HA 515 65.59 -29.52 160.32
CA ASN HA 515 65.85 -29.03 161.67
C ASN HA 515 65.28 -27.64 161.90
N LYS HA 516 64.97 -26.90 160.84
CA LYS HA 516 64.43 -25.55 160.94
C LYS HA 516 62.92 -25.50 160.70
N ASN HA 517 62.22 -26.61 160.93
CA ASN HA 517 60.77 -26.76 160.79
C ASN HA 517 60.28 -26.40 159.39
N GLN HA 518 61.04 -26.73 158.35
CA GLN HA 518 60.65 -26.43 156.98
C GLN HA 518 60.66 -27.69 156.12
N VAL HA 519 60.05 -28.76 156.62
CA VAL HA 519 60.01 -30.03 155.89
C VAL HA 519 59.14 -29.89 154.64
N ARG HA 520 58.07 -29.12 154.74
CA ARG HA 520 57.20 -28.86 153.58
C ARG HA 520 57.95 -28.11 152.49
N ASP HA 521 58.78 -27.14 152.86
CA ASP HA 521 59.64 -26.48 151.89
C ASP HA 521 60.76 -27.40 151.43
N ALA HA 522 61.22 -28.29 152.31
CA ALA HA 522 62.28 -29.23 151.96
C ALA HA 522 61.86 -30.20 150.87
N TYR HA 523 60.61 -30.68 150.92
CA TYR HA 523 60.11 -31.56 149.86
C TYR HA 523 60.04 -30.84 148.52
N LYS HA 524 59.58 -29.58 148.52
CA LYS HA 524 59.50 -28.81 147.29
C LYS HA 524 60.90 -28.54 146.73
N LEU HA 525 61.87 -28.25 147.61
CA LEU HA 525 63.24 -28.03 147.17
C LEU HA 525 63.84 -29.31 146.59
N LEU HA 526 63.59 -30.46 147.22
CA LEU HA 526 64.11 -31.72 146.73
C LEU HA 526 63.48 -32.09 145.38
N SER HA 527 62.18 -31.85 145.24
CA SER HA 527 61.50 -32.12 143.97
C SER HA 527 62.02 -31.22 142.86
N ALA HA 528 62.25 -29.94 143.17
CA ALA HA 528 62.79 -29.02 142.19
C ALA HA 528 64.21 -29.39 141.79
N GLN HA 529 65.02 -29.84 142.76
CA GLN HA 529 66.40 -30.23 142.45
C GLN HA 529 66.45 -31.52 141.64
N VAL HA 530 65.55 -32.46 141.91
CA VAL HA 530 65.52 -33.70 141.12
C VAL HA 530 65.02 -33.43 139.70
N THR HA 531 63.96 -32.63 139.57
CA THR HA 531 63.36 -32.37 138.26
C THR HA 531 64.23 -31.47 137.40
N LYS HA 532 64.83 -30.44 137.99
CA LYS HA 532 65.58 -29.45 137.24
C LYS HA 532 67.07 -29.80 137.11
N ASN HA 533 67.72 -30.04 138.25
CA ASN HA 533 69.18 -30.16 138.28
C ASN HA 533 69.68 -31.59 138.33
N GLN HA 534 68.78 -32.59 138.36
CA GLN HA 534 69.10 -34.02 138.22
C GLN HA 534 70.05 -34.51 139.31
N LEU HA 535 69.73 -34.20 140.56
CA LEU HA 535 70.48 -34.76 141.68
C LEU HA 535 70.06 -36.20 141.95
N LYS HA 536 70.98 -36.97 142.53
CA LYS HA 536 70.70 -38.34 142.93
C LYS HA 536 71.08 -38.48 144.41
N PRO HA 537 70.18 -38.15 145.33
CA PRO HA 537 70.55 -38.16 146.75
C PRO HA 537 70.74 -39.56 147.29
N ARG HA 538 71.44 -39.65 148.42
CA ARG HA 538 71.67 -40.94 149.05
C ARG HA 538 70.42 -41.43 149.76
N HIS HA 539 70.45 -42.72 150.15
CA HIS HA 539 69.30 -43.36 150.77
C HIS HA 539 68.97 -42.78 152.14
N SER HA 540 69.99 -42.27 152.84
CA SER HA 540 69.77 -41.70 154.16
C SER HA 540 68.95 -40.41 154.08
N THR HA 541 69.14 -39.63 153.01
CA THR HA 541 68.34 -38.42 152.82
C THR HA 541 66.88 -38.76 152.59
N TYR HA 542 66.61 -39.78 151.77
CA TYR HA 542 65.24 -40.22 151.54
C TYR HA 542 64.63 -40.79 152.81
N LYS HA 543 65.42 -41.52 153.59
CA LYS HA 543 64.96 -42.02 154.89
C LYS HA 543 64.58 -40.89 155.84
N SER HA 544 65.43 -39.86 155.91
CA SER HA 544 65.15 -38.72 156.79
C SER HA 544 63.91 -37.96 156.34
N LEU HA 545 63.73 -37.77 155.02
CA LEU HA 545 62.56 -37.08 154.51
C LEU HA 545 61.28 -37.87 154.75
N VAL HA 546 61.32 -39.20 154.53
CA VAL HA 546 60.15 -40.04 154.74
C VAL HA 546 59.79 -40.07 156.23
N THR HA 547 60.80 -40.19 157.10
CA THR HA 547 60.54 -40.20 158.54
C THR HA 547 60.00 -38.85 159.02
N ASN HA 548 60.52 -37.74 158.51
CA ASN HA 548 60.06 -36.43 158.97
C ASN HA 548 58.70 -36.05 158.41
N LEU HA 549 58.36 -36.48 157.20
CA LEU HA 549 57.08 -36.11 156.62
C LEU HA 549 55.92 -36.87 157.29
N LEU HA 550 56.20 -38.01 157.90
CA LEU HA 550 55.16 -38.84 158.49
C LEU HA 550 54.89 -38.50 159.95
N THR HA 551 55.37 -37.37 160.44
CA THR HA 551 55.02 -36.93 161.78
C THR HA 551 53.58 -36.45 161.82
N LYS HA 552 53.02 -36.39 163.02
CA LYS HA 552 51.59 -36.14 163.24
C LYS HA 552 51.12 -34.79 162.70
N LYS HA 553 51.87 -33.72 162.98
CA LYS HA 553 51.42 -32.39 162.56
C LYS HA 553 51.58 -32.20 161.06
N ILE HA 554 52.66 -32.71 160.48
CA ILE HA 554 52.89 -32.54 159.04
C ILE HA 554 51.91 -33.38 158.23
N ALA HA 555 51.61 -34.60 158.67
CA ALA HA 555 50.74 -35.49 157.90
C ALA HA 555 49.31 -34.98 157.84
N ARG HA 556 48.84 -34.36 158.92
CA ARG HA 556 47.49 -33.79 158.93
C ARG HA 556 47.37 -32.55 158.05
N ASP HA 557 48.48 -31.95 157.64
CA ASP HA 557 48.48 -30.80 156.74
C ASP HA 557 48.80 -31.19 155.31
N GLY HA 558 48.40 -32.40 154.90
CA GLY HA 558 48.61 -32.85 153.54
C GLY HA 558 49.99 -33.36 153.22
N GLY HA 559 50.81 -33.65 154.22
CA GLY HA 559 52.15 -34.14 153.97
C GLY HA 559 52.20 -35.59 153.53
N PHE HA 560 51.12 -36.32 153.78
CA PHE HA 560 51.07 -37.74 153.40
C PHE HA 560 51.09 -37.92 151.89
N GLU HA 561 50.48 -36.99 151.14
CA GLU HA 561 50.53 -37.08 149.69
C GLU HA 561 51.95 -36.90 149.17
N GLU HA 562 52.70 -35.97 149.75
CA GLU HA 562 54.10 -35.80 149.37
C GLU HA 562 54.95 -37.01 149.75
N ALA HA 563 54.74 -37.55 150.95
CA ALA HA 563 55.50 -38.73 151.37
C ALA HA 563 55.13 -39.96 150.54
N LEU HA 564 53.90 -40.01 150.01
CA LEU HA 564 53.52 -41.08 149.10
C LEU HA 564 54.10 -40.87 147.71
N SER HA 565 54.17 -39.62 147.25
CA SER HA 565 54.73 -39.33 145.94
C SER HA 565 56.25 -39.43 145.93
N LEU HA 566 56.88 -39.47 147.11
CA LEU HA 566 58.31 -39.76 147.17
C LEU HA 566 58.66 -41.14 146.63
N LEU HA 567 57.83 -42.16 146.93
CA LEU HA 567 58.08 -43.55 146.56
C LEU HA 567 58.20 -43.80 145.05
N PRO HA 568 57.40 -43.20 144.16
CA PRO HA 568 57.74 -43.32 142.73
C PRO HA 568 59.01 -42.59 142.33
N ILE HA 569 59.24 -41.39 142.90
CA ILE HA 569 60.46 -40.64 142.59
C ILE HA 569 61.69 -41.37 143.12
N MET HA 570 61.60 -41.89 144.34
CA MET HA 570 62.69 -42.69 144.91
C MET HA 570 62.87 -44.00 144.17
N LYS HA 571 61.78 -44.59 143.68
CA LYS HA 571 61.86 -45.81 142.89
C LYS HA 571 62.51 -45.58 141.52
N ASP HA 572 62.37 -44.36 140.98
CA ASP HA 572 62.92 -44.07 139.65
C ASP HA 572 64.44 -44.15 139.65
N HIS HA 573 65.09 -43.77 140.73
CA HIS HA 573 66.54 -43.82 140.84
C HIS HA 573 67.07 -45.23 141.03
N GLY HA 574 66.21 -46.20 141.37
CA GLY HA 574 66.64 -47.56 141.60
C GLY HA 574 66.57 -48.02 143.04
N PHE HA 575 66.28 -47.12 143.99
CA PHE HA 575 66.19 -47.40 145.42
C PHE HA 575 65.04 -48.37 145.72
N PRO HA 576 65.14 -49.15 146.79
CA PRO HA 576 63.99 -49.92 147.24
C PRO HA 576 62.97 -49.02 147.92
N PRO HA 577 61.67 -49.29 147.76
CA PRO HA 577 60.67 -48.47 148.44
C PRO HA 577 60.61 -48.79 149.93
N PHE HA 578 60.50 -47.74 150.74
CA PHE HA 578 60.39 -47.90 152.18
C PHE HA 578 59.01 -48.46 152.55
N ILE HA 579 59.00 -49.44 153.45
CA ILE HA 579 57.78 -50.08 153.92
C ILE HA 579 57.63 -49.76 155.40
N ASP HA 580 58.75 -49.71 156.12
CA ASP HA 580 58.73 -49.54 157.56
C ASP HA 580 58.13 -48.22 158.08
N PRO HA 581 58.49 -47.03 157.59
CA PRO HA 581 57.97 -45.80 158.24
C PRO HA 581 56.47 -45.59 158.09
N PHE HA 582 55.84 -46.14 157.05
CA PHE HA 582 54.40 -45.94 156.88
C PHE HA 582 53.61 -46.80 157.85
N MET HA 583 54.19 -47.90 158.33
CA MET HA 583 53.50 -48.76 159.29
C MET HA 583 53.24 -48.04 160.60
N SER HA 584 54.20 -47.24 161.08
CA SER HA 584 54.00 -46.50 162.33
C SER HA 584 52.93 -45.43 162.18
N TYR HA 585 52.79 -44.84 160.99
CA TYR HA 585 51.73 -43.88 160.77
C TYR HA 585 50.37 -44.56 160.67
N PHE HA 586 50.31 -45.72 160.01
CA PHE HA 586 49.05 -46.44 159.89
C PHE HA 586 48.60 -47.05 161.22
N SER HA 587 49.55 -47.35 162.11
CA SER HA 587 49.18 -47.91 163.40
C SER HA 587 48.51 -46.90 164.32
N SER HA 588 48.60 -45.61 164.02
CA SER HA 588 48.06 -44.59 164.91
C SER HA 588 46.88 -43.83 164.34
N THR HA 589 47.04 -43.17 163.19
CA THR HA 589 45.95 -42.39 162.61
C THR HA 589 45.73 -42.62 161.14
N GLY HA 590 46.21 -43.71 160.55
CA GLY HA 590 46.03 -43.94 159.13
C GLY HA 590 44.59 -44.24 158.78
N LYS HA 591 44.17 -43.76 157.61
CA LYS HA 591 42.84 -44.03 157.11
C LYS HA 591 42.89 -45.02 155.96
N SER HA 592 41.75 -45.67 155.72
CA SER HA 592 41.66 -46.68 154.67
C SER HA 592 41.79 -46.08 153.28
N THR HA 593 41.27 -44.87 153.05
CA THR HA 593 41.44 -44.22 151.75
C THR HA 593 42.89 -43.91 151.46
N GLU HA 594 43.64 -43.48 152.49
CA GLU HA 594 45.07 -43.30 152.33
C GLU HA 594 45.80 -44.63 152.27
N ALA HA 595 45.25 -45.67 152.92
CA ALA HA 595 45.91 -46.98 152.92
C ALA HA 595 45.87 -47.62 151.54
N LEU HA 596 44.73 -47.52 150.85
CA LEU HA 596 44.65 -48.10 149.52
C LEU HA 596 45.49 -47.32 148.52
N GLY HA 597 45.57 -46.00 148.69
CA GLY HA 597 46.47 -45.21 147.86
C GLY HA 597 47.92 -45.55 148.10
N PHE HA 598 48.30 -45.80 149.35
CA PHE HA 598 49.65 -46.27 149.67
C PHE HA 598 49.92 -47.62 149.03
N LEU HA 599 48.98 -48.56 149.17
CA LEU HA 599 49.20 -49.90 148.64
C LEU HA 599 49.16 -49.95 147.12
N LYS HA 600 48.58 -48.95 146.47
CA LYS HA 600 48.57 -48.92 145.02
C LYS HA 600 49.67 -48.04 144.44
N ALA HA 601 50.23 -47.13 145.24
CA ALA HA 601 51.25 -46.23 144.71
C ALA HA 601 52.64 -46.85 144.78
N MET HA 602 52.79 -47.98 145.47
CA MET HA 602 54.10 -48.62 145.54
C MET HA 602 54.50 -49.30 144.24
N THR HA 603 53.57 -49.95 143.54
CA THR HA 603 53.90 -50.62 142.29
C THR HA 603 52.76 -50.42 141.30
N SER HA 604 52.90 -51.05 140.13
CA SER HA 604 51.98 -50.81 139.02
C SER HA 604 51.00 -51.94 138.79
N ASN HA 605 51.25 -53.14 139.34
CA ASN HA 605 50.37 -54.28 139.10
C ASN HA 605 49.31 -54.36 140.21
N ASN HA 606 48.67 -53.22 140.44
CA ASN HA 606 47.48 -53.00 141.26
C ASN HA 606 47.64 -53.26 142.76
N PHE HA 607 48.75 -53.89 143.15
CA PHE HA 607 49.10 -54.30 144.50
C PHE HA 607 50.49 -54.92 144.48
N PRO HA 608 51.21 -54.86 145.60
CA PRO HA 608 52.39 -55.71 145.76
C PRO HA 608 52.01 -57.15 146.06
N TYR HA 609 52.99 -57.99 146.40
CA TYR HA 609 52.69 -59.36 146.79
C TYR HA 609 51.95 -59.40 148.12
N ILE HA 610 51.51 -60.61 148.48
CA ILE HA 610 50.57 -60.83 149.57
C ILE HA 610 51.21 -60.48 150.93
N SER HA 611 52.54 -60.53 151.00
CA SER HA 611 53.24 -60.28 152.26
C SER HA 611 53.15 -58.82 152.68
N VAL HA 612 53.18 -57.87 151.75
CA VAL HA 612 53.08 -56.46 152.12
C VAL HA 612 51.69 -56.13 152.66
N VAL HA 613 50.63 -56.61 152.00
CA VAL HA 613 49.27 -56.38 152.48
C VAL HA 613 49.06 -57.10 153.80
N LEU HA 614 49.64 -58.29 153.96
CA LEU HA 614 49.58 -59.00 155.24
C LEU HA 614 50.28 -58.23 156.35
N ARG HA 615 51.41 -57.60 156.05
CA ARG HA 615 52.10 -56.78 157.02
C ARG HA 615 51.28 -55.53 157.39
N VAL HA 616 50.60 -54.93 156.41
CA VAL HA 616 49.73 -53.79 156.69
C VAL HA 616 48.58 -54.21 157.61
N PHE HA 617 47.94 -55.35 157.32
CA PHE HA 617 46.85 -55.83 158.15
C PHE HA 617 47.32 -56.17 159.56
N GLU HA 618 48.51 -56.80 159.68
CA GLU HA 618 49.03 -57.15 160.99
C GLU HA 618 49.38 -55.91 161.80
N THR HA 619 49.98 -54.91 161.16
CA THR HA 619 50.32 -53.67 161.85
C THR HA 619 49.08 -52.90 162.29
N MET HA 620 48.02 -52.88 161.47
CA MET HA 620 46.80 -52.21 161.89
C MET HA 620 45.99 -53.05 162.87
N MET HA 621 46.28 -54.34 162.99
CA MET HA 621 45.60 -55.15 164.00
C MET HA 621 46.30 -55.07 165.35
N LYS HA 622 47.63 -54.89 165.35
CA LYS HA 622 48.38 -54.89 166.60
C LYS HA 622 48.15 -53.64 167.45
N SER HA 623 47.46 -52.63 166.91
CA SER HA 623 47.13 -51.42 167.66
C SER HA 623 45.65 -51.34 168.01
N ALA HA 624 44.98 -52.50 168.10
CA ALA HA 624 43.57 -52.65 168.46
C ALA HA 624 42.62 -51.90 167.53
N ARG HA 625 42.99 -51.75 166.26
CA ARG HA 625 42.14 -51.09 165.27
C ARG HA 625 41.58 -52.08 164.27
N HIS HA 626 40.45 -52.70 164.61
CA HIS HA 626 39.85 -53.68 163.72
C HIS HA 626 38.81 -53.08 162.78
N SER HA 627 38.54 -51.78 162.90
CA SER HA 627 37.58 -51.13 162.03
C SER HA 627 38.16 -50.79 160.67
N GLU HA 628 39.19 -49.94 160.63
CA GLU HA 628 39.78 -49.52 159.37
C GLU HA 628 40.57 -50.63 158.71
N ALA HA 629 41.13 -51.54 159.51
CA ALA HA 629 41.86 -52.68 158.99
C ALA HA 629 40.93 -53.64 158.23
N GLN HA 630 39.74 -53.87 158.77
CA GLN HA 630 38.75 -54.67 158.05
C GLN HA 630 38.10 -53.91 156.90
N ASP HA 631 37.89 -52.59 157.02
CA ASP HA 631 37.31 -51.82 155.94
C ASP HA 631 38.28 -51.66 154.77
N LEU HA 632 39.58 -51.78 155.03
CA LEU HA 632 40.56 -51.77 153.96
C LEU HA 632 40.51 -53.06 153.15
N LEU HA 633 39.98 -54.14 153.75
CA LEU HA 633 39.78 -55.38 153.01
C LEU HA 633 38.60 -55.26 152.05
N SER HA 634 37.72 -54.29 152.28
CA SER HA 634 36.61 -54.07 151.36
C SER HA 634 37.08 -53.44 150.05
N LEU HA 635 38.23 -52.77 150.07
CA LEU HA 635 38.74 -52.06 148.91
C LEU HA 635 39.77 -52.86 148.11
N CYS HA 636 39.92 -54.15 148.39
CA CYS HA 636 40.88 -54.94 147.65
C CYS HA 636 40.20 -56.10 146.93
N PRO HA 637 40.73 -56.53 145.78
CA PRO HA 637 40.08 -57.61 145.02
C PRO HA 637 40.16 -58.97 145.72
N ASN HA 638 39.67 -59.98 145.00
CA ASN HA 638 39.34 -61.25 145.63
C ASN HA 638 40.59 -62.05 146.02
N TYR HA 639 41.70 -61.88 145.29
CA TYR HA 639 42.86 -62.73 145.51
C TYR HA 639 43.54 -62.44 146.85
N ILE HA 640 43.33 -61.26 147.42
CA ILE HA 640 43.71 -60.98 148.79
C ILE HA 640 42.60 -61.39 149.77
N ARG HA 641 41.35 -61.14 149.39
CA ARG HA 641 40.21 -61.43 150.26
C ARG HA 641 40.01 -62.92 150.49
N ASN HA 642 40.19 -63.73 149.45
CA ASN HA 642 39.98 -65.17 149.55
C ASN HA 642 41.27 -65.94 149.83
N ASN HA 643 42.38 -65.25 150.02
CA ASN HA 643 43.63 -65.91 150.35
C ASN HA 643 43.56 -66.48 151.76
N PRO HA 644 43.99 -67.74 151.96
CA PRO HA 644 43.91 -68.34 153.31
C PRO HA 644 44.75 -67.63 154.37
N ASP HA 645 45.90 -67.05 153.99
CA ASP HA 645 46.73 -66.37 154.98
C ASP HA 645 46.07 -65.11 155.52
N VAL HA 646 45.39 -64.34 154.66
CA VAL HA 646 44.73 -63.13 155.12
C VAL HA 646 43.53 -63.45 156.04
N LEU HA 647 42.74 -64.47 155.67
CA LEU HA 647 41.62 -64.87 156.52
C LEU HA 647 42.13 -65.46 157.84
N GLU HA 648 43.26 -66.18 157.80
CA GLU HA 648 43.86 -66.69 159.02
C GLU HA 648 44.35 -65.56 159.92
N LEU HA 649 45.00 -64.54 159.35
CA LEU HA 649 45.47 -63.41 160.13
C LEU HA 649 44.31 -62.61 160.73
N PHE HA 650 43.22 -62.46 159.98
CA PHE HA 650 42.02 -61.82 160.52
C PHE HA 650 41.26 -62.72 161.48
N ASN HA 651 41.56 -64.02 161.50
CA ASN HA 651 40.95 -64.92 162.46
C ASN HA 651 41.77 -65.09 163.74
N THR HA 652 43.06 -64.76 163.71
CA THR HA 652 43.90 -64.85 164.91
C THR HA 652 43.81 -63.59 165.77
N MET HA 653 44.12 -62.43 165.19
CA MET HA 653 44.05 -61.16 165.91
C MET HA 653 42.64 -60.57 165.82
N LYS HA 654 41.68 -61.36 166.28
CA LYS HA 654 40.28 -60.97 166.27
C LYS HA 654 40.02 -59.85 167.30
N PRO HA 655 38.95 -59.07 167.12
CA PRO HA 655 38.63 -58.03 168.13
C PRO HA 655 38.07 -58.59 169.42
N ASN HA 656 37.81 -59.89 169.48
CA ASN HA 656 37.35 -60.55 170.68
C ASN HA 656 38.45 -60.72 171.73
N ASP IA 75 -26.75 117.36 -64.96
CA ASP IA 75 -26.19 118.62 -65.45
C ASP IA 75 -25.37 118.54 -66.76
N PRO IA 76 -24.64 117.45 -66.99
CA PRO IA 76 -23.77 117.40 -68.19
C PRO IA 76 -24.44 117.20 -69.55
N THR IA 77 -23.91 117.81 -70.60
CA THR IA 77 -24.42 117.57 -71.93
C THR IA 77 -24.09 116.12 -72.23
N GLU IA 78 -24.85 115.46 -73.07
CA GLU IA 78 -24.59 114.02 -73.23
C GLU IA 78 -23.43 113.67 -74.15
N ALA IA 79 -23.06 114.55 -75.07
CA ALA IA 79 -21.87 114.30 -75.84
C ALA IA 79 -20.71 114.29 -74.87
N VAL IA 80 -20.70 115.24 -73.95
CA VAL IA 80 -19.61 115.36 -73.02
C VAL IA 80 -19.58 114.23 -71.98
N LYS IA 81 -20.68 113.74 -71.47
CA LYS IA 81 -20.62 112.64 -70.53
C LYS IA 81 -20.12 111.39 -71.17
N GLU IA 82 -20.48 111.20 -72.42
CA GLU IA 82 -20.04 110.02 -73.13
C GLU IA 82 -18.60 110.10 -73.51
N LEU IA 83 -18.17 111.28 -73.92
CA LEU IA 83 -16.78 111.50 -74.30
C LEU IA 83 -15.84 111.41 -73.10
N HIS IA 84 -16.28 111.94 -71.97
CA HIS IA 84 -15.49 111.89 -70.79
C HIS IA 84 -15.28 110.47 -70.42
N GLY IA 85 -16.35 109.69 -70.33
CA GLY IA 85 -16.25 108.30 -70.02
C GLY IA 85 -15.42 107.46 -70.93
N LYS IA 86 -15.48 107.68 -72.22
CA LYS IA 86 -14.76 106.84 -73.15
C LYS IA 86 -13.30 107.01 -72.87
N ILE IA 87 -12.93 108.18 -72.38
CA ILE IA 87 -11.57 108.50 -72.01
C ILE IA 87 -11.18 107.96 -70.67
N LEU IA 88 -12.02 108.16 -69.68
CA LEU IA 88 -11.64 107.77 -68.36
C LEU IA 88 -11.78 106.33 -68.33
N ASP IA 89 -12.29 105.75 -69.39
CA ASP IA 89 -12.35 104.31 -69.48
C ASP IA 89 -11.18 103.76 -70.23
N SER IA 90 -10.66 104.46 -71.20
CA SER IA 90 -9.46 104.00 -71.87
C SER IA 90 -8.31 104.12 -70.93
N VAL IA 91 -8.21 105.28 -70.28
CA VAL IA 91 -7.11 105.51 -69.36
C VAL IA 91 -7.12 104.51 -68.21
N ASN IA 92 -8.29 104.26 -67.63
CA ASN IA 92 -8.37 103.53 -66.37
C ASN IA 92 -8.57 102.04 -66.55
N VAL IA 93 -9.41 101.62 -67.49
CA VAL IA 93 -9.74 100.21 -67.62
C VAL IA 93 -8.88 99.51 -68.65
N LYS IA 94 -8.81 100.05 -69.87
CA LYS IA 94 -7.96 99.43 -70.89
C LYS IA 94 -6.48 99.69 -70.67
N ARG IA 95 -6.14 100.76 -69.94
CA ARG IA 95 -4.76 101.20 -69.71
C ARG IA 95 -4.01 101.41 -71.03
N SER IA 96 -4.67 102.11 -71.94
CA SER IA 96 -4.11 102.45 -73.23
C SER IA 96 -4.49 103.89 -73.53
N MET IA 97 -3.67 104.55 -74.33
CA MET IA 97 -3.91 105.95 -74.62
C MET IA 97 -5.04 106.09 -75.63
N PRO IA 98 -6.06 106.90 -75.34
CA PRO IA 98 -7.12 107.15 -76.32
C PRO IA 98 -6.58 107.99 -77.47
N PRO IA 99 -7.29 108.03 -78.59
CA PRO IA 99 -6.90 108.97 -79.65
C PRO IA 99 -7.06 110.41 -79.20
N ASN IA 100 -6.27 111.29 -79.82
CA ASN IA 100 -6.36 112.71 -79.50
C ASN IA 100 -7.70 113.30 -79.94
N ALA IA 101 -8.36 112.66 -80.92
CA ALA IA 101 -9.63 113.17 -81.43
C ALA IA 101 -10.71 113.18 -80.38
N LEU IA 102 -10.70 112.21 -79.47
CA LEU IA 102 -11.71 112.18 -78.42
C LEU IA 102 -11.55 113.35 -77.45
N LEU IA 103 -10.30 113.69 -77.11
CA LEU IA 103 -10.06 114.88 -76.30
C LEU IA 103 -10.47 116.14 -77.04
N TRP IA 104 -10.20 116.20 -78.34
CA TRP IA 104 -10.51 117.42 -79.07
C TRP IA 104 -12.00 117.58 -79.32
N SER IA 105 -12.73 116.48 -79.41
CA SER IA 105 -14.18 116.54 -79.55
C SER IA 105 -14.86 116.76 -78.20
N LEU IA 106 -14.23 116.38 -77.10
CA LEU IA 106 -14.73 116.82 -75.80
C LEU IA 106 -14.59 118.32 -75.64
N ILE IA 107 -13.57 118.91 -76.26
CA ILE IA 107 -13.42 120.36 -76.29
C ILE IA 107 -14.49 121.00 -77.17
N GLU IA 108 -14.73 120.45 -78.36
CA GLU IA 108 -15.62 121.08 -79.32
C GLU IA 108 -17.08 120.97 -78.93
N ASN IA 109 -17.45 119.99 -78.11
CA ASN IA 109 -18.84 119.76 -77.76
C ASN IA 109 -19.23 120.24 -76.37
N CYS IA 110 -18.38 121.03 -75.71
CA CYS IA 110 -18.80 121.66 -74.45
C CYS IA 110 -19.84 122.74 -74.72
N ARG IA 111 -20.92 122.74 -73.94
CA ARG IA 111 -22.03 123.65 -74.18
C ARG IA 111 -22.42 124.47 -72.98
N LYS IA 112 -22.41 123.90 -71.77
CA LYS IA 112 -22.78 124.61 -70.56
C LYS IA 112 -21.58 124.66 -69.61
N GLU IA 113 -21.70 125.47 -68.56
CA GLU IA 113 -20.60 125.68 -67.63
C GLU IA 113 -20.17 124.42 -66.90
N ASP IA 114 -21.12 123.58 -66.51
CA ASP IA 114 -20.83 122.42 -65.68
C ASP IA 114 -20.06 121.33 -66.40
N ASP IA 115 -19.94 121.40 -67.73
CA ASP IA 115 -19.33 120.29 -68.45
C ASP IA 115 -17.84 120.45 -68.67
N ILE IA 116 -17.26 121.57 -68.23
CA ILE IA 116 -15.82 121.75 -68.36
C ILE IA 116 -15.06 121.34 -67.11
N SER IA 117 -15.76 121.13 -65.99
CA SER IA 117 -15.15 120.36 -64.91
C SER IA 117 -14.88 118.93 -65.36
N PHE IA 118 -15.75 118.41 -66.22
CA PHE IA 118 -15.53 117.10 -66.83
C PHE IA 118 -14.28 117.14 -67.72
N LEU IA 119 -14.11 118.24 -68.46
CA LEU IA 119 -12.94 118.41 -69.32
C LEU IA 119 -11.65 118.53 -68.51
N PHE IA 120 -11.71 119.22 -67.38
CA PHE IA 120 -10.52 119.35 -66.54
C PHE IA 120 -10.18 118.03 -65.85
N ASP IA 121 -11.19 117.25 -65.45
CA ASP IA 121 -10.95 115.91 -64.94
C ASP IA 121 -10.30 115.03 -66.00
N ALA IA 122 -10.73 115.19 -67.26
CA ALA IA 122 -10.12 114.47 -68.38
C ALA IA 122 -8.67 114.87 -68.56
N LEU IA 123 -8.37 116.17 -68.50
CA LEU IA 123 -6.99 116.65 -68.66
C LEU IA 123 -6.09 116.14 -67.55
N GLN IA 124 -6.57 116.14 -66.31
CA GLN IA 124 -5.79 115.61 -65.21
C GLN IA 124 -5.53 114.11 -65.37
N ASN IA 125 -6.55 113.36 -65.79
CA ASN IA 125 -6.36 111.93 -65.98
C ASN IA 125 -5.43 111.61 -67.14
N LEU IA 126 -5.47 112.42 -68.20
CA LEU IA 126 -4.59 112.20 -69.35
C LEU IA 126 -3.15 112.57 -69.02
N ARG IA 127 -2.95 113.61 -68.20
CA ARG IA 127 -1.61 113.93 -67.73
C ARG IA 127 -1.03 112.83 -66.86
N ARG IA 128 -1.84 112.32 -65.92
CA ARG IA 128 -1.40 111.21 -65.08
C ARG IA 128 -1.05 109.98 -65.92
N PHE IA 129 -1.87 109.68 -66.93
CA PHE IA 129 -1.59 108.54 -67.78
C PHE IA 129 -0.34 108.76 -68.64
N ARG IA 130 -0.16 109.98 -69.16
CA ARG IA 130 0.98 110.28 -70.00
C ARG IA 130 2.29 110.11 -69.24
N LEU IA 131 2.34 110.58 -68.00
CA LEU IA 131 3.57 110.32 -67.25
C LEU IA 131 3.67 108.86 -66.80
N SER IA 132 2.55 108.28 -66.35
CA SER IA 132 2.58 106.98 -65.69
C SER IA 132 2.83 105.84 -66.66
N ASN IA 133 2.20 105.87 -67.83
CA ASN IA 133 2.32 104.78 -68.79
C ASN IA 133 3.18 105.12 -70.00
N LEU IA 134 3.05 106.32 -70.55
CA LEU IA 134 3.76 106.70 -71.76
C LEU IA 134 5.14 107.28 -71.47
N ARG IA 135 5.42 107.61 -70.20
CA ARG IA 135 6.66 108.24 -69.73
C ARG IA 135 6.88 109.62 -70.34
N ILE IA 136 5.82 110.40 -70.40
CA ILE IA 136 5.86 111.75 -70.98
C ILE IA 136 5.74 112.75 -69.85
N HIS IA 137 6.81 113.51 -69.62
CA HIS IA 137 6.79 114.53 -68.57
C HIS IA 137 6.16 115.82 -69.05
N ASP IA 138 6.19 116.07 -70.36
CA ASP IA 138 5.89 117.38 -70.92
C ASP IA 138 4.43 117.77 -70.68
N ASN IA 139 4.22 119.07 -70.59
CA ASN IA 139 2.87 119.61 -70.49
C ASN IA 139 2.15 119.46 -71.82
N PHE IA 140 0.85 119.72 -71.80
CA PHE IA 140 0.08 119.77 -73.03
C PHE IA 140 0.56 120.94 -73.87
N ASN IA 141 0.57 120.75 -75.19
CA ASN IA 141 1.20 121.72 -76.07
C ASN IA 141 0.36 122.99 -76.21
N CYS IA 142 0.91 123.94 -76.98
CA CYS IA 142 0.45 125.33 -76.91
C CYS IA 142 -0.96 125.51 -77.45
N ASN IA 143 -1.25 124.93 -78.63
CA ASN IA 143 -2.57 125.10 -79.23
C ASN IA 143 -3.67 124.45 -78.40
N LEU IA 144 -3.35 123.31 -77.78
CA LEU IA 144 -4.31 122.67 -76.89
C LEU IA 144 -4.66 123.56 -75.71
N CYS IA 145 -3.67 124.28 -75.16
CA CYS IA 145 -3.95 125.20 -74.06
C CYS IA 145 -4.74 126.41 -74.53
N ARG IA 146 -4.41 126.95 -75.71
CA ARG IA 146 -5.21 128.00 -76.34
C ARG IA 146 -6.67 127.59 -76.48
N GLN IA 147 -6.90 126.38 -76.97
CA GLN IA 147 -8.26 125.94 -77.27
C GLN IA 147 -9.04 125.58 -76.02
N VAL IA 148 -8.40 125.00 -75.00
CA VAL IA 148 -9.12 124.75 -73.76
C VAL IA 148 -9.47 126.07 -73.08
N ALA IA 149 -8.60 127.09 -73.17
CA ALA IA 149 -8.96 128.39 -72.62
C ALA IA 149 -10.10 129.04 -73.40
N LYS IA 150 -10.04 128.99 -74.73
CA LYS IA 150 -11.08 129.65 -75.51
C LYS IA 150 -12.41 128.92 -75.40
N THR IA 151 -12.40 127.60 -75.19
CA THR IA 151 -13.63 126.86 -74.95
C THR IA 151 -14.17 127.14 -73.56
N CYS IA 152 -13.29 127.27 -72.57
CA CYS IA 152 -13.73 127.63 -71.22
C CYS IA 152 -14.34 129.02 -71.19
N VAL IA 153 -13.95 129.90 -72.10
CA VAL IA 153 -14.52 131.24 -72.08
C VAL IA 153 -15.64 131.43 -73.11
N ARG IA 154 -15.66 130.65 -74.19
CA ARG IA 154 -16.78 130.68 -75.15
C ARG IA 154 -18.09 130.26 -74.52
N VAL IA 155 -18.08 129.25 -73.66
CA VAL IA 155 -19.25 128.87 -72.91
C VAL IA 155 -19.54 129.96 -71.90
N GLY IA 156 -18.51 130.43 -71.22
CA GLY IA 156 -18.62 131.53 -70.29
C GLY IA 156 -18.21 131.26 -68.86
N ALA IA 157 -17.34 130.28 -68.62
CA ALA IA 157 -16.84 129.99 -67.27
C ALA IA 157 -15.45 130.61 -67.15
N ILE IA 158 -15.39 131.74 -66.47
CA ILE IA 158 -14.18 132.55 -66.48
C ILE IA 158 -13.17 132.09 -65.42
N ASN IA 159 -13.64 131.56 -64.30
CA ASN IA 159 -12.72 131.08 -63.27
C ASN IA 159 -11.89 129.91 -63.77
N HIS IA 160 -12.54 128.89 -64.31
CA HIS IA 160 -11.79 127.82 -64.96
C HIS IA 160 -11.18 128.28 -66.27
N GLY IA 161 -11.72 129.35 -66.86
CA GLY IA 161 -11.05 129.96 -68.00
C GLY IA 161 -9.72 130.58 -67.61
N LYS IA 162 -9.69 131.31 -66.51
CA LYS IA 162 -8.46 131.94 -66.06
C LYS IA 162 -7.54 130.98 -65.32
N ARG IA 163 -8.00 129.78 -64.96
CA ARG IA 163 -7.11 128.73 -64.47
C ARG IA 163 -6.13 128.23 -65.52
N ALA IA 164 -6.35 128.54 -66.81
CA ALA IA 164 -5.39 128.19 -67.84
C ALA IA 164 -4.19 129.12 -67.85
N LEU IA 165 -4.27 130.24 -67.15
CA LEU IA 165 -3.16 131.16 -66.99
C LEU IA 165 -2.30 130.86 -65.77
N TRP IA 166 -2.65 129.85 -64.98
CA TRP IA 166 -1.90 129.52 -63.77
C TRP IA 166 -0.60 128.82 -64.13
N LYS IA 167 0.50 129.26 -63.52
CA LYS IA 167 1.79 128.63 -63.77
C LYS IA 167 1.89 127.26 -63.11
N HIS IA 168 1.24 127.08 -61.97
CA HIS IA 168 1.29 125.83 -61.21
C HIS IA 168 -0.12 125.24 -61.21
N ASN IA 169 -0.30 124.12 -61.92
CA ASN IA 169 -1.59 123.48 -61.99
C ASN IA 169 -1.40 122.00 -62.25
N VAL IA 170 -2.43 121.22 -61.93
CA VAL IA 170 -2.36 119.77 -62.06
C VAL IA 170 -2.93 119.32 -63.40
N HIS IA 171 -3.18 120.26 -64.30
CA HIS IA 171 -3.79 119.95 -65.58
C HIS IA 171 -2.83 120.00 -66.74
N GLY IA 172 -1.55 120.27 -66.51
CA GLY IA 172 -0.58 120.35 -67.58
C GLY IA 172 -0.77 121.53 -68.51
N LEU IA 173 -1.41 122.59 -68.03
CA LEU IA 173 -1.67 123.76 -68.85
C LEU IA 173 -0.50 124.73 -68.72
N THR IA 174 0.10 125.08 -69.85
CA THR IA 174 1.13 126.09 -69.87
C THR IA 174 0.50 127.44 -70.14
N PRO IA 175 0.67 128.42 -69.25
CA PRO IA 175 0.10 129.75 -69.50
C PRO IA 175 0.78 130.44 -70.68
N SER IA 176 -0.04 131.06 -71.52
CA SER IA 176 0.44 131.70 -72.73
C SER IA 176 -0.21 133.06 -72.88
N VAL IA 177 0.31 133.84 -73.83
CA VAL IA 177 -0.28 135.14 -74.14
C VAL IA 177 -1.64 134.97 -74.81
N ALA IA 178 -1.81 133.90 -75.59
CA ALA IA 178 -3.04 133.68 -76.35
C ALA IA 178 -4.24 133.43 -75.45
N SER IA 179 -4.06 132.68 -74.37
CA SER IA 179 -5.16 132.43 -73.44
C SER IA 179 -5.62 133.72 -72.76
N ALA IA 180 -4.66 134.58 -72.37
CA ALA IA 180 -5.00 135.89 -71.84
C ALA IA 180 -5.68 136.76 -72.90
N HIS IA 181 -5.28 136.60 -74.16
CA HIS IA 181 -5.93 137.34 -75.24
C HIS IA 181 -7.38 136.92 -75.41
N HIS IA 182 -7.66 135.62 -75.25
CA HIS IA 182 -9.05 135.16 -75.27
C HIS IA 182 -9.84 135.72 -74.10
N LEU IA 183 -9.25 135.72 -72.90
CA LEU IA 183 -9.94 136.27 -71.73
C LEU IA 183 -10.21 137.76 -71.89
N LEU IA 184 -9.25 138.50 -72.43
CA LEU IA 184 -9.44 139.94 -72.64
C LEU IA 184 -10.35 140.24 -73.83
N SER IA 185 -10.42 139.36 -74.84
CA SER IA 185 -11.40 139.51 -75.90
C SER IA 185 -12.81 139.35 -75.36
N TYR IA 186 -13.02 138.37 -74.48
CA TYR IA 186 -14.31 138.26 -73.79
C TYR IA 186 -14.58 139.49 -72.95
N ALA IA 187 -13.58 139.98 -72.22
CA ALA IA 187 -13.78 141.13 -71.36
C ALA IA 187 -14.14 142.39 -72.16
N LEU IA 188 -13.57 142.52 -73.37
CA LEU IA 188 -13.97 143.58 -74.27
C LEU IA 188 -15.40 143.40 -74.75
N GLU IA 189 -15.73 142.19 -75.22
CA GLU IA 189 -17.04 141.93 -75.80
C GLU IA 189 -18.17 141.89 -74.78
N HIS IA 190 -17.86 141.80 -73.48
CA HIS IA 190 -18.86 141.75 -72.44
C HIS IA 190 -18.79 142.93 -71.49
N LYS IA 191 -17.87 143.88 -71.73
CA LYS IA 191 -17.72 145.10 -70.96
C LYS IA 191 -17.46 144.81 -69.48
N ASN IA 192 -16.33 144.16 -69.24
CA ASN IA 192 -15.94 143.75 -67.89
C ASN IA 192 -14.63 144.42 -67.50
N SER IA 193 -14.73 145.36 -66.56
CA SER IA 193 -13.62 146.23 -66.19
C SER IA 193 -12.66 145.57 -65.21
N ASN IA 194 -13.17 144.90 -64.19
CA ASN IA 194 -12.29 144.22 -63.25
C ASN IA 194 -11.59 143.02 -63.87
N LEU IA 195 -12.20 142.39 -64.88
CA LEU IA 195 -11.59 141.21 -65.52
C LEU IA 195 -10.26 141.56 -66.17
N MET IA 196 -10.08 142.82 -66.60
CA MET IA 196 -8.74 143.35 -66.84
C MET IA 196 -7.82 143.13 -65.65
N ASP IA 197 -8.27 143.49 -64.45
CA ASP IA 197 -7.37 143.48 -63.31
C ASP IA 197 -6.98 142.06 -62.93
N GLU IA 198 -7.93 141.12 -62.96
CA GLU IA 198 -7.53 139.73 -62.72
C GLU IA 198 -6.66 139.16 -63.84
N VAL IA 199 -6.96 139.45 -65.12
CA VAL IA 199 -6.18 138.84 -66.19
C VAL IA 199 -4.75 139.40 -66.21
N MET IA 200 -4.60 140.71 -66.01
CA MET IA 200 -3.28 141.31 -65.94
C MET IA 200 -2.51 140.92 -64.69
N LYS IA 201 -3.16 140.79 -63.53
CA LYS IA 201 -2.48 140.27 -62.36
C LYS IA 201 -2.08 138.82 -62.53
N LEU IA 202 -2.85 138.05 -63.30
CA LEU IA 202 -2.45 136.69 -63.64
C LEU IA 202 -1.26 136.68 -64.60
N LEU IA 203 -1.19 137.65 -65.51
CA LEU IA 203 -0.03 137.75 -66.39
C LEU IA 203 1.24 138.09 -65.60
N LYS IA 204 1.13 139.03 -64.67
CA LYS IA 204 2.29 139.41 -63.85
C LYS IA 204 2.68 138.30 -62.89
N ALA IA 205 1.68 137.65 -62.27
CA ALA IA 205 1.94 136.61 -61.27
C ALA IA 205 2.61 135.40 -61.90
N ASN IA 206 2.13 134.97 -63.07
CA ASN IA 206 2.61 133.79 -63.75
C ASN IA 206 3.63 134.12 -64.82
N ASP IA 207 4.42 135.18 -64.58
CA ASP IA 207 5.65 135.58 -65.29
C ASP IA 207 5.54 135.54 -66.83
N LEU IA 208 4.38 135.89 -67.37
CA LEU IA 208 4.33 135.96 -68.83
C LEU IA 208 4.73 137.36 -69.31
N PRO IA 209 5.42 137.46 -70.44
CA PRO IA 209 5.84 138.78 -70.92
C PRO IA 209 4.69 139.60 -71.46
N LEU IA 210 4.91 140.92 -71.47
CA LEU IA 210 3.95 141.89 -71.98
C LEU IA 210 4.20 142.14 -73.45
N GLN IA 211 3.14 142.14 -74.24
CA GLN IA 211 3.22 142.07 -75.69
C GLN IA 211 2.36 143.17 -76.30
N PRO IA 212 2.65 143.59 -77.54
CA PRO IA 212 1.85 144.65 -78.18
C PRO IA 212 0.38 144.32 -78.37
N GLY IA 213 0.02 143.06 -78.63
CA GLY IA 213 -1.39 142.72 -78.77
C GLY IA 213 -2.14 142.77 -77.45
N THR IA 214 -1.46 142.41 -76.36
CA THR IA 214 -2.02 142.57 -75.04
C THR IA 214 -2.27 144.04 -74.74
N ALA IA 215 -1.32 144.90 -75.12
CA ALA IA 215 -1.49 146.35 -74.95
C ALA IA 215 -2.64 146.87 -75.80
N ASP IA 216 -2.77 146.35 -77.02
CA ASP IA 216 -3.88 146.70 -77.91
C ASP IA 216 -5.22 146.40 -77.24
N LEU IA 217 -5.38 145.17 -76.76
CA LEU IA 217 -6.65 144.78 -76.14
C LEU IA 217 -6.92 145.54 -74.85
N VAL IA 218 -5.87 145.76 -74.04
CA VAL IA 218 -6.02 146.46 -72.77
C VAL IA 218 -6.44 147.92 -72.99
N PHE IA 219 -5.79 148.61 -73.93
CA PHE IA 219 -6.17 150.00 -74.21
C PHE IA 219 -7.57 150.07 -74.81
N ARG IA 220 -7.92 149.09 -75.65
CA ARG IA 220 -9.26 149.06 -76.24
C ARG IA 220 -10.35 148.88 -75.18
N ILE IA 221 -10.13 147.98 -74.21
CA ILE IA 221 -11.15 147.80 -73.17
C ILE IA 221 -11.19 148.98 -72.21
N CYS IA 222 -10.04 149.53 -71.81
CA CYS IA 222 -10.12 150.65 -70.88
C CYS IA 222 -10.54 151.95 -71.56
N HIS IA 223 -10.58 151.98 -72.89
CA HIS IA 223 -11.38 152.98 -73.59
C HIS IA 223 -12.85 152.85 -73.22
N GLU IA 224 -13.39 151.64 -73.31
CA GLU IA 224 -14.83 151.43 -73.26
C GLU IA 224 -15.39 151.36 -71.84
N THR IA 225 -14.55 151.43 -70.81
CA THR IA 225 -15.00 151.23 -69.45
C THR IA 225 -14.85 152.46 -68.56
N ASP IA 226 -14.39 153.58 -69.11
CA ASP IA 226 -14.17 154.84 -68.38
C ASP IA 226 -13.25 154.64 -67.18
N SER IA 227 -12.03 154.19 -67.49
CA SER IA 227 -11.06 153.86 -66.44
C SER IA 227 -9.71 154.53 -66.76
N TRP IA 228 -9.56 155.77 -66.29
CA TRP IA 228 -8.32 156.50 -66.53
C TRP IA 228 -7.20 155.99 -65.64
N ASP IA 229 -7.54 155.49 -64.46
CA ASP IA 229 -6.54 154.94 -63.56
C ASP IA 229 -5.87 153.72 -64.17
N LEU IA 230 -6.66 152.87 -64.82
CA LEU IA 230 -6.12 151.71 -65.52
C LEU IA 230 -5.25 152.15 -66.69
N LEU IA 231 -5.68 153.19 -67.42
CA LEU IA 231 -4.85 153.78 -68.47
C LEU IA 231 -3.49 154.21 -67.96
N ALA IA 232 -3.47 155.00 -66.88
CA ALA IA 232 -2.21 155.52 -66.37
C ALA IA 232 -1.32 154.41 -65.85
N LYS IA 233 -1.88 153.50 -65.05
CA LYS IA 233 -1.11 152.42 -64.44
C LYS IA 233 -0.54 151.48 -65.51
N TYR IA 234 -1.38 150.97 -66.40
CA TYR IA 234 -0.91 150.00 -67.35
C TYR IA 234 -0.14 150.62 -68.50
N SER IA 235 -0.38 151.90 -68.83
CA SER IA 235 0.49 152.58 -69.78
C SER IA 235 1.88 152.78 -69.22
N LYS IA 236 1.98 153.10 -67.92
CA LYS IA 236 3.28 153.16 -67.27
C LYS IA 236 3.95 151.79 -67.28
N LYS IA 237 3.19 150.73 -67.00
CA LYS IA 237 3.74 149.37 -66.99
C LYS IA 237 4.23 148.96 -68.37
N PHE IA 238 3.45 149.26 -69.42
CA PHE IA 238 3.84 148.87 -70.77
C PHE IA 238 5.02 149.69 -71.27
N CYS IA 239 5.07 150.98 -70.92
CA CYS IA 239 6.18 151.81 -71.36
C CYS IA 239 7.46 151.49 -70.59
N LYS IA 240 7.32 151.04 -69.33
CA LYS IA 240 8.49 150.57 -68.59
C LYS IA 240 8.96 149.23 -69.13
N ALA IA 241 8.04 148.37 -69.56
CA ALA IA 241 8.38 147.09 -70.14
C ALA IA 241 9.10 147.21 -71.49
N GLY IA 242 8.96 148.34 -72.17
CA GLY IA 242 9.71 148.57 -73.39
C GLY IA 242 9.05 148.01 -74.64
N VAL IA 243 7.74 147.79 -74.58
CA VAL IA 243 7.01 147.26 -75.73
C VAL IA 243 6.87 148.34 -76.79
N LYS IA 244 6.60 147.92 -78.02
CA LYS IA 244 6.43 148.83 -79.15
C LYS IA 244 4.94 148.90 -79.46
N LEU IA 245 4.32 150.02 -79.07
CA LEU IA 245 2.88 150.18 -79.22
C LEU IA 245 2.54 150.36 -80.69
N ARG IA 246 1.50 149.67 -81.17
CA ARG IA 246 1.12 149.82 -82.56
C ARG IA 246 0.41 151.15 -82.79
N LYS IA 247 0.08 151.40 -84.05
CA LYS IA 247 -0.62 152.64 -84.40
C LYS IA 247 -2.04 152.66 -83.83
N THR IA 248 -2.71 151.50 -83.85
CA THR IA 248 -4.12 151.45 -83.47
C THR IA 248 -4.33 151.74 -81.99
N THR IA 249 -3.44 151.23 -81.13
CA THR IA 249 -3.57 151.51 -79.71
C THR IA 249 -3.23 152.96 -79.39
N PHE IA 250 -2.34 153.57 -80.19
CA PHE IA 250 -2.10 155.01 -80.09
C PHE IA 250 -3.34 155.80 -80.47
N ASP IA 251 -4.03 155.36 -81.54
CA ASP IA 251 -5.29 156.00 -81.94
C ASP IA 251 -6.34 155.89 -80.84
N VAL IA 252 -6.45 154.71 -80.21
CA VAL IA 252 -7.40 154.49 -79.12
C VAL IA 252 -7.06 155.39 -77.93
N TRP IA 253 -5.77 155.48 -77.59
CA TRP IA 253 -5.33 156.32 -76.47
C TRP IA 253 -5.66 157.79 -76.72
N MET IA 254 -5.32 158.28 -77.92
CA MET IA 254 -5.55 159.69 -78.24
C MET IA 254 -7.03 160.01 -78.33
N GLU IA 255 -7.83 159.10 -78.89
CA GLU IA 255 -9.26 159.36 -78.96
C GLU IA 255 -9.93 159.29 -77.59
N PHE IA 256 -9.45 158.44 -76.68
CA PHE IA 256 -10.06 158.41 -75.36
C PHE IA 256 -9.63 159.59 -74.51
N ALA IA 257 -8.37 160.03 -74.64
CA ALA IA 257 -7.98 161.29 -74.00
C ALA IA 257 -8.67 162.49 -74.61
N ALA IA 258 -9.12 162.39 -75.87
CA ALA IA 258 -10.00 163.40 -76.43
C ALA IA 258 -11.39 163.32 -75.82
N LYS IA 259 -11.89 162.10 -75.56
CA LYS IA 259 -13.18 161.95 -74.91
C LYS IA 259 -13.15 162.52 -73.50
N ARG IA 260 -12.02 162.40 -72.80
CA ARG IA 260 -11.97 162.87 -71.43
C ARG IA 260 -11.50 164.32 -71.35
N GLY IA 261 -10.60 164.73 -72.23
CA GLY IA 261 -10.18 166.11 -72.29
C GLY IA 261 -8.83 166.43 -71.67
N ASP IA 262 -8.02 165.42 -71.36
CA ASP IA 262 -6.68 165.65 -70.82
C ASP IA 262 -5.78 166.15 -71.95
N THR IA 263 -5.62 167.47 -72.04
CA THR IA 263 -4.84 168.06 -73.13
C THR IA 263 -3.36 167.77 -72.97
N GLU IA 264 -2.84 167.91 -71.74
CA GLU IA 264 -1.42 167.67 -71.50
C GLU IA 264 -1.06 166.21 -71.79
N SER IA 265 -1.91 165.27 -71.39
CA SER IA 265 -1.69 163.87 -71.72
C SER IA 265 -1.83 163.63 -73.22
N LEU IA 266 -2.70 164.40 -73.89
CA LEU IA 266 -2.86 164.26 -75.33
C LEU IA 266 -1.58 164.66 -76.07
N TRP IA 267 -1.02 165.81 -75.72
CA TRP IA 267 0.24 166.20 -76.37
C TRP IA 267 1.40 165.33 -75.90
N LYS IA 268 1.32 164.77 -74.70
CA LYS IA 268 2.32 163.82 -74.24
C LYS IA 268 2.35 162.57 -75.11
N VAL IA 269 1.18 161.96 -75.34
CA VAL IA 269 1.14 160.74 -76.13
C VAL IA 269 1.37 161.05 -77.61
N ASP IA 270 1.05 162.28 -78.06
CA ASP IA 270 1.43 162.69 -79.41
C ASP IA 270 2.94 162.77 -79.55
N LYS IA 271 3.62 163.31 -78.52
CA LYS IA 271 5.08 163.36 -78.55
C LYS IA 271 5.68 161.97 -78.51
N LEU IA 272 5.11 161.07 -77.70
CA LEU IA 272 5.59 159.69 -77.63
C LEU IA 272 5.42 158.96 -78.96
N ARG IA 273 4.30 159.18 -79.65
CA ARG IA 273 4.12 158.51 -80.93
C ARG IA 273 4.99 159.13 -82.00
N SER IA 274 5.24 160.45 -81.91
CA SER IA 274 6.19 161.07 -82.83
C SER IA 274 7.60 160.54 -82.62
N GLU IA 275 7.94 160.19 -81.38
CA GLU IA 275 9.14 159.40 -81.14
C GLU IA 275 9.03 158.03 -81.79
N THR IA 276 7.86 157.41 -81.73
CA THR IA 276 7.69 156.06 -82.28
C THR IA 276 7.61 156.08 -83.80
N TYR IA 277 6.58 156.73 -84.36
CA TYR IA 277 6.39 156.79 -85.80
C TYR IA 277 6.48 158.25 -86.26
N THR IA 278 6.46 158.46 -87.58
CA THR IA 278 6.61 159.81 -88.12
C THR IA 278 5.28 160.42 -88.54
N GLN IA 279 4.59 159.79 -89.49
CA GLN IA 279 3.44 160.39 -90.16
C GLN IA 279 2.15 160.07 -89.42
N HIS IA 280 1.32 161.09 -89.25
CA HIS IA 280 0.02 160.92 -88.61
C HIS IA 280 -0.91 160.10 -89.50
N THR IA 281 -1.92 159.52 -88.86
CA THR IA 281 -3.03 158.86 -89.53
C THR IA 281 -4.30 159.67 -89.33
N LEU IA 282 -5.42 159.11 -89.77
CA LEU IA 282 -6.72 159.80 -89.73
C LEU IA 282 -7.14 160.10 -88.30
N SER IA 283 -7.26 159.06 -87.46
CA SER IA 283 -7.88 159.23 -86.15
C SER IA 283 -6.97 159.99 -85.20
N ALA IA 284 -5.66 159.94 -85.40
CA ALA IA 284 -4.80 160.68 -84.47
C ALA IA 284 -4.68 162.16 -84.85
N ALA IA 285 -4.65 162.51 -86.13
CA ALA IA 285 -4.75 163.91 -86.53
C ALA IA 285 -6.11 164.47 -86.16
N PHE IA 286 -7.14 163.64 -86.31
CA PHE IA 286 -8.48 163.89 -85.79
C PHE IA 286 -8.47 164.24 -84.30
N SER IA 287 -7.78 163.45 -83.48
CA SER IA 287 -7.72 163.71 -82.05
C SER IA 287 -6.87 164.95 -81.73
N CYS IA 288 -5.83 165.20 -82.54
CA CYS IA 288 -5.05 166.43 -82.41
C CYS IA 288 -5.92 167.66 -82.68
N ALA IA 289 -6.79 167.57 -83.68
CA ALA IA 289 -7.75 168.63 -83.95
C ALA IA 289 -8.73 168.78 -82.80
N LYS IA 290 -9.11 167.66 -82.16
CA LYS IA 290 -9.98 167.73 -80.99
C LYS IA 290 -9.29 168.49 -79.84
N GLY IA 291 -8.01 168.19 -79.62
CA GLY IA 291 -7.27 168.87 -78.56
C GLY IA 291 -7.06 170.35 -78.83
N PHE IA 292 -6.81 170.70 -80.09
CA PHE IA 292 -6.70 172.12 -80.45
C PHE IA 292 -8.05 172.83 -80.34
N LEU IA 293 -9.15 172.14 -80.67
CA LEU IA 293 -10.47 172.75 -80.54
C LEU IA 293 -10.85 172.92 -79.08
N LEU IA 294 -10.31 172.07 -78.20
CA LEU IA 294 -10.52 172.28 -76.77
C LEU IA 294 -9.77 173.52 -76.27
N GLU IA 295 -8.78 174.01 -77.01
CA GLU IA 295 -8.12 175.26 -76.72
C GLU IA 295 -8.73 176.44 -77.47
N HIS IA 296 -9.79 176.20 -78.25
CA HIS IA 296 -10.45 177.21 -79.09
C HIS IA 296 -9.47 177.87 -80.05
N LYS IA 297 -8.64 177.06 -80.70
CA LYS IA 297 -7.70 177.51 -81.73
C LYS IA 297 -7.95 176.69 -82.98
N PRO IA 298 -8.98 177.03 -83.76
CA PRO IA 298 -9.35 176.19 -84.91
C PRO IA 298 -8.39 176.25 -86.09
N GLU IA 299 -7.47 177.22 -86.11
CA GLU IA 299 -6.54 177.36 -87.23
C GLU IA 299 -5.57 176.18 -87.32
N GLU IA 300 -4.91 175.83 -86.21
CA GLU IA 300 -3.97 174.72 -86.22
C GLU IA 300 -4.68 173.40 -86.43
N ALA IA 301 -5.86 173.24 -85.83
CA ALA IA 301 -6.68 172.05 -86.06
C ALA IA 301 -7.07 171.91 -87.52
N ALA IA 302 -7.46 173.01 -88.15
CA ALA IA 302 -7.84 172.99 -89.55
C ALA IA 302 -6.64 172.65 -90.44
N ALA IA 303 -5.46 173.19 -90.10
CA ALA IA 303 -4.26 172.85 -90.87
C ALA IA 303 -3.87 171.39 -90.71
N VAL IA 304 -4.04 170.84 -89.50
CA VAL IA 304 -3.71 169.44 -89.26
C VAL IA 304 -4.62 168.51 -90.05
N ILE IA 305 -5.94 168.76 -90.00
CA ILE IA 305 -6.84 167.89 -90.75
C ILE IA 305 -6.73 168.18 -92.25
N GLN IA 306 -6.29 169.38 -92.63
CA GLN IA 306 -5.99 169.68 -94.03
C GLN IA 306 -4.85 168.82 -94.54
N ILE IA 307 -3.76 168.73 -93.78
CA ILE IA 307 -2.62 167.95 -94.21
C ILE IA 307 -2.88 166.46 -94.10
N ILE IA 308 -3.83 166.02 -93.27
CA ILE IA 308 -4.17 164.61 -93.26
C ILE IA 308 -5.20 164.27 -94.34
N CYS IA 309 -5.97 165.25 -94.81
CA CYS IA 309 -6.91 165.01 -95.91
C CYS IA 309 -6.20 165.04 -97.25
N GLN IA 310 -5.18 165.88 -97.40
CA GLN IA 310 -4.44 165.94 -98.66
C GLN IA 310 -3.66 164.65 -98.93
N ALA IA 311 -3.16 164.00 -97.88
CA ALA IA 311 -2.27 162.85 -98.02
C ALA IA 311 -3.01 161.53 -98.15
N TYR IA 312 -4.29 161.54 -98.47
CA TYR IA 312 -5.13 160.38 -98.68
C TYR IA 312 -5.75 160.42 -100.06
N PRO IA 313 -6.11 159.26 -100.65
CA PRO IA 313 -7.02 159.26 -101.79
C PRO IA 313 -8.47 159.28 -101.33
N ASP IA 314 -9.40 159.11 -102.28
CA ASP IA 314 -10.82 159.21 -101.99
C ASP IA 314 -11.47 157.89 -101.59
N GLU IA 315 -10.71 156.98 -100.95
CA GLU IA 315 -11.28 155.71 -100.53
C GLU IA 315 -12.16 155.83 -99.29
N LYS IA 316 -11.80 156.69 -98.35
CA LYS IA 316 -12.50 156.81 -97.08
C LYS IA 316 -13.29 158.11 -97.01
N LYS IA 317 -13.93 158.48 -98.13
CA LYS IA 317 -14.77 159.67 -98.15
C LYS IA 317 -16.00 159.52 -97.27
N SER IA 318 -16.53 158.29 -97.18
CA SER IA 318 -17.61 158.05 -96.23
C SER IA 318 -17.11 158.00 -94.79
N ALA IA 319 -15.89 157.52 -94.58
CA ALA IA 319 -15.36 157.42 -93.23
C ALA IA 319 -15.05 158.80 -92.62
N LEU IA 320 -14.48 159.71 -93.43
CA LEU IA 320 -14.20 161.04 -92.90
C LEU IA 320 -15.49 161.80 -92.63
N GLU IA 321 -16.51 161.61 -93.48
CA GLU IA 321 -17.82 162.20 -93.20
C GLU IA 321 -18.44 161.59 -91.96
N ALA IA 322 -18.26 160.28 -91.75
CA ALA IA 322 -18.74 159.64 -90.52
C ALA IA 322 -18.06 160.21 -89.29
N GLU IA 323 -16.76 160.50 -89.38
CA GLU IA 323 -16.07 161.09 -88.25
C GLU IA 323 -16.48 162.55 -88.02
N PHE IA 324 -16.84 163.27 -89.08
CA PHE IA 324 -17.36 164.62 -88.87
C PHE IA 324 -18.76 164.58 -88.28
N LYS IA 325 -19.53 163.54 -88.62
CA LYS IA 325 -20.77 163.26 -87.88
C LYS IA 325 -20.48 162.92 -86.43
N LYS IA 326 -19.34 162.27 -86.16
CA LYS IA 326 -18.96 162.02 -84.78
C LYS IA 326 -18.70 163.32 -84.02
N LEU IA 327 -18.03 164.29 -84.69
CA LEU IA 327 -17.91 165.64 -84.12
C LEU IA 327 -19.28 166.23 -83.79
N VAL IA 328 -20.20 166.23 -84.76
CA VAL IA 328 -21.45 166.95 -84.55
C VAL IA 328 -22.48 166.16 -83.75
N ASN IA 329 -22.21 164.90 -83.40
CA ASN IA 329 -23.14 164.13 -82.58
C ASN IA 329 -22.57 163.75 -81.21
N GLU IA 330 -21.44 163.05 -81.15
CA GLU IA 330 -21.09 162.33 -79.93
C GLU IA 330 -19.94 162.96 -79.14
N TRP IA 331 -19.07 163.72 -79.80
CA TRP IA 331 -17.91 164.30 -79.12
C TRP IA 331 -18.25 165.29 -78.00
N PRO IA 332 -19.16 166.29 -78.18
CA PRO IA 332 -19.41 167.22 -77.06
C PRO IA 332 -20.00 166.56 -75.81
N VAL IA 333 -20.88 165.58 -75.97
CA VAL IA 333 -21.44 164.87 -74.82
C VAL IA 333 -20.34 164.19 -74.04
N ASP IA 334 -19.47 163.47 -74.75
CA ASP IA 334 -18.39 162.73 -74.11
C ASP IA 334 -17.40 163.67 -73.43
N VAL IA 335 -17.10 164.82 -74.04
CA VAL IA 335 -16.15 165.73 -73.40
C VAL IA 335 -16.75 166.56 -72.28
N LEU IA 336 -18.08 166.64 -72.16
CA LEU IA 336 -18.65 167.38 -71.04
C LEU IA 336 -19.29 166.50 -69.97
N LYS IA 337 -19.26 165.17 -70.12
CA LYS IA 337 -19.63 164.36 -68.96
C LYS IA 337 -18.64 164.45 -67.82
N HIS IA 338 -17.38 164.74 -68.10
CA HIS IA 338 -16.31 164.65 -67.11
C HIS IA 338 -15.92 166.02 -66.53
N GLN IA 339 -16.72 167.05 -66.79
CA GLN IA 339 -16.42 168.40 -66.32
C GLN IA 339 -17.34 168.76 -65.16
N ASN IA 340 -17.10 169.94 -64.59
CA ASN IA 340 -18.00 170.54 -63.62
C ASN IA 340 -18.98 171.46 -64.33
N GLU IA 341 -20.04 171.85 -63.60
CA GLU IA 341 -21.21 172.49 -64.22
C GLU IA 341 -20.87 173.85 -64.81
N GLU IA 342 -20.06 174.64 -64.12
CA GLU IA 342 -19.63 175.91 -64.70
C GLU IA 342 -18.68 175.66 -65.88
N ASP IA 343 -17.86 174.62 -65.79
CA ASP IA 343 -17.04 174.23 -66.94
C ASP IA 343 -17.88 173.64 -68.05
N LYS IA 344 -19.01 173.02 -67.71
CA LYS IA 344 -19.96 172.58 -68.74
C LYS IA 344 -20.53 173.78 -69.48
N LYS IA 345 -20.91 174.84 -68.76
CA LYS IA 345 -21.40 176.05 -69.41
C LYS IA 345 -20.31 176.69 -70.27
N ALA IA 346 -19.09 176.77 -69.75
CA ALA IA 346 -17.98 177.39 -70.47
C ALA IA 346 -17.64 176.62 -71.75
N VAL IA 347 -17.60 175.29 -71.66
CA VAL IA 347 -17.30 174.48 -72.84
C VAL IA 347 -18.45 174.46 -73.83
N ALA IA 348 -19.70 174.49 -73.35
CA ALA IA 348 -20.84 174.59 -74.27
C ALA IA 348 -20.79 175.89 -75.06
N ALA IA 349 -20.52 177.01 -74.38
CA ALA IA 349 -20.41 178.30 -75.06
C ALA IA 349 -19.21 178.33 -76.00
N SER IA 350 -18.08 177.76 -75.58
CA SER IA 350 -16.87 177.78 -76.40
C SER IA 350 -17.04 176.94 -77.66
N LEU IA 351 -17.62 175.74 -77.53
CA LEU IA 351 -17.88 174.92 -78.72
C LEU IA 351 -18.94 175.55 -79.61
N LYS IA 352 -19.96 176.19 -79.01
CA LYS IA 352 -20.98 176.87 -79.81
C LYS IA 352 -20.39 178.07 -80.56
N SER IA 353 -19.29 178.63 -80.06
CA SER IA 353 -18.63 179.71 -80.78
C SER IA 353 -17.61 179.18 -81.80
N ASP IA 354 -17.02 178.02 -81.54
CA ASP IA 354 -15.90 177.55 -82.36
C ASP IA 354 -16.36 176.63 -83.50
N ILE IA 355 -17.17 175.62 -83.22
CA ILE IA 355 -17.49 174.61 -84.23
C ILE IA 355 -18.32 175.13 -85.42
N PRO IA 356 -19.19 176.16 -85.33
CA PRO IA 356 -19.72 176.71 -86.59
C PRO IA 356 -18.66 177.43 -87.40
N ALA IA 357 -17.76 178.15 -86.73
CA ALA IA 357 -16.60 178.74 -87.41
C ALA IA 357 -15.69 177.66 -87.97
N MET IA 358 -15.60 176.51 -87.31
CA MET IA 358 -14.79 175.40 -87.83
C MET IA 358 -15.41 174.82 -89.10
N VAL IA 359 -16.73 174.64 -89.12
CA VAL IA 359 -17.41 174.15 -90.31
C VAL IA 359 -17.28 175.16 -91.45
N ASN IA 360 -17.44 176.45 -91.16
CA ASN IA 360 -17.28 177.47 -92.18
C ASN IA 360 -15.83 177.58 -92.67
N ALA IA 361 -14.87 177.34 -91.79
CA ALA IA 361 -13.46 177.32 -92.20
C ALA IA 361 -13.19 176.14 -93.13
N LEU IA 362 -13.74 174.96 -92.80
CA LEU IA 362 -13.54 173.78 -93.63
C LEU IA 362 -14.21 173.93 -94.99
N VAL IA 363 -15.40 174.54 -95.02
CA VAL IA 363 -16.04 174.82 -96.30
C VAL IA 363 -15.30 175.91 -97.08
N ASN IA 364 -14.66 176.85 -96.37
CA ASN IA 364 -13.91 177.90 -97.03
C ASN IA 364 -12.60 177.36 -97.62
N SER IA 365 -11.96 176.43 -96.91
CA SER IA 365 -10.71 175.85 -97.36
C SER IA 365 -10.87 174.92 -98.55
N GLY IA 366 -12.10 174.53 -98.90
CA GLY IA 366 -12.36 173.71 -100.05
C GLY IA 366 -12.89 172.32 -99.77
N LEU IA 367 -13.08 171.96 -98.50
CA LEU IA 367 -13.56 170.62 -98.16
C LEU IA 367 -15.07 170.58 -98.28
N ARG IA 368 -15.57 169.59 -99.03
CA ARG IA 368 -17.00 169.39 -99.18
C ARG IA 368 -17.45 168.33 -98.17
N VAL IA 369 -17.85 168.78 -96.97
CA VAL IA 369 -18.18 167.90 -95.87
C VAL IA 369 -19.64 168.12 -95.49
N SER IA 370 -20.40 167.02 -95.44
CA SER IA 370 -21.82 167.07 -95.09
C SER IA 370 -21.92 166.92 -93.57
N VAL IA 371 -22.39 167.98 -92.90
CA VAL IA 371 -22.54 167.99 -91.46
C VAL IA 371 -23.97 168.40 -91.13
N ASP IA 372 -24.38 168.13 -89.89
CA ASP IA 372 -25.67 168.52 -89.38
C ASP IA 372 -25.43 169.48 -88.21
N LEU IA 373 -25.58 170.78 -88.49
CA LEU IA 373 -25.39 171.79 -87.45
C LEU IA 373 -26.57 171.89 -86.49
N ASP IA 374 -27.72 171.32 -86.84
CA ASP IA 374 -28.85 171.28 -85.92
C ASP IA 374 -28.64 170.32 -84.76
N GLU IA 375 -27.81 169.29 -84.94
CA GLU IA 375 -27.49 168.34 -83.87
C GLU IA 375 -26.65 168.96 -82.76
N LEU IA 376 -26.09 170.14 -82.99
CA LEU IA 376 -25.48 170.94 -81.92
C LEU IA 376 -26.50 171.24 -80.83
N ASN IA 377 -27.68 171.69 -81.22
CA ASN IA 377 -28.75 171.97 -80.27
C ASN IA 377 -29.69 170.78 -80.04
N LYS IA 378 -29.52 169.69 -80.79
CA LYS IA 378 -30.34 168.50 -80.57
C LYS IA 378 -29.78 167.60 -79.48
N ASN IA 379 -28.53 167.81 -79.07
CA ASN IA 379 -27.96 167.04 -77.98
C ASN IA 379 -28.56 167.50 -76.66
N GLU IA 380 -28.94 166.54 -75.81
CA GLU IA 380 -29.50 166.89 -74.50
C GLU IA 380 -28.43 167.24 -73.49
N ALA IA 381 -27.15 167.01 -73.81
CA ALA IA 381 -26.08 167.38 -72.89
C ALA IA 381 -25.67 168.83 -73.03
N LEU IA 382 -25.81 169.40 -74.24
CA LEU IA 382 -25.25 170.71 -74.56
C LEU IA 382 -26.13 171.88 -74.15
N LEU IA 383 -27.04 171.70 -73.20
CA LEU IA 383 -27.79 172.79 -72.61
C LEU IA 383 -27.44 173.01 -71.14
N SER IA 384 -26.30 172.50 -70.69
CA SER IA 384 -25.88 172.60 -69.29
C SER IA 384 -25.42 174.01 -68.94
N GLU JA 93 115.50 37.55 33.21
CA GLU JA 93 116.24 38.79 33.36
C GLU JA 93 117.35 38.92 32.33
N ASP JA 94 117.72 37.78 31.74
CA ASP JA 94 118.80 37.79 30.75
C ASP JA 94 118.35 38.43 29.44
N GLY JA 95 117.06 38.32 29.11
CA GLY JA 95 116.57 38.90 27.87
C GLY JA 95 116.64 40.41 27.84
N THR JA 96 116.22 41.06 28.93
CA THR JA 96 116.21 42.51 28.98
C THR JA 96 117.63 43.08 28.95
N THR JA 97 118.53 42.52 29.75
CA THR JA 97 119.91 42.97 29.74
C THR JA 97 120.60 42.66 28.42
N ASN JA 98 120.28 41.51 27.81
CA ASN JA 98 120.87 41.17 26.51
C ASN JA 98 120.38 42.10 25.40
N GLU JA 99 119.10 42.49 25.43
CA GLU JA 99 118.62 43.48 24.47
C GLU JA 99 119.26 44.83 24.72
N PHE JA 100 119.48 45.20 25.99
CA PHE JA 100 120.17 46.45 26.29
C PHE JA 100 121.59 46.43 25.75
N LEU JA 101 122.30 45.32 25.93
CA LEU JA 101 123.65 45.21 25.41
C LEU JA 101 123.66 45.24 23.88
N SER JA 102 122.69 44.60 23.24
CA SER JA 102 122.66 44.59 21.78
C SER JA 102 122.39 45.98 21.21
N ARG JA 103 121.41 46.70 21.77
CA ARG JA 103 121.15 48.06 21.34
C ARG JA 103 122.33 48.98 21.63
N PHE JA 104 122.95 48.83 22.80
CA PHE JA 104 124.05 49.69 23.19
C PHE JA 104 125.27 49.47 22.31
N VAL JA 105 125.59 48.21 22.00
CA VAL JA 105 126.69 47.92 21.09
C VAL JA 105 126.39 48.43 19.69
N TRP JA 106 125.15 48.25 19.21
CA TRP JA 106 124.81 48.72 17.87
C TRP JA 106 124.91 50.24 17.74
N ILE JA 107 124.58 50.99 18.79
CA ILE JA 107 124.72 52.44 18.69
C ILE JA 107 126.18 52.86 18.89
N MET JA 108 126.82 52.37 19.96
CA MET JA 108 128.15 52.84 20.29
C MET JA 108 129.22 52.39 19.31
N ARG JA 109 128.97 51.34 18.51
CA ARG JA 109 129.93 50.99 17.47
C ARG JA 109 130.02 52.10 16.43
N GLY JA 110 128.87 52.59 15.96
CA GLY JA 110 128.85 53.72 15.06
C GLY JA 110 129.38 54.99 15.72
N LYS JA 111 129.06 55.18 17.01
CA LYS JA 111 129.57 56.36 17.72
C LYS JA 111 131.10 56.35 17.83
N VAL JA 112 131.68 55.18 18.11
CA VAL JA 112 133.14 55.08 18.22
C VAL JA 112 133.80 55.20 16.85
N SER JA 113 133.20 54.58 15.82
CA SER JA 113 133.75 54.70 14.46
C SER JA 113 133.68 56.13 13.93
N GLU JA 114 132.66 56.89 14.33
CA GLU JA 114 132.62 58.30 13.99
C GLU JA 114 133.60 59.10 14.84
N ALA JA 115 133.78 58.71 16.11
CA ALA JA 115 134.60 59.49 17.03
C ALA JA 115 136.08 59.39 16.67
N TYR JA 116 136.59 58.17 16.53
CA TYR JA 116 137.99 57.93 16.15
C TYR JA 116 137.97 57.26 14.80
N PRO JA 117 138.01 58.03 13.71
CA PRO JA 117 137.83 57.45 12.38
C PRO JA 117 139.09 56.79 11.84
N ASP JA 118 140.26 57.31 12.21
CA ASP JA 118 141.51 56.81 11.65
C ASP JA 118 141.90 55.45 12.20
N CYS JA 119 141.41 55.09 13.38
CA CYS JA 119 141.75 53.82 13.98
C CYS JA 119 141.05 52.68 13.26
N ASP JA 120 141.66 51.51 13.30
CA ASP JA 120 141.12 50.33 12.65
C ASP JA 120 139.99 49.74 13.49
N LYS JA 121 139.37 48.67 12.97
CA LYS JA 121 138.20 48.11 13.62
C LYS JA 121 138.53 47.38 14.92
N LYS JA 122 139.76 46.88 15.05
CA LYS JA 122 140.13 46.13 16.26
C LYS JA 122 140.20 47.05 17.48
N MET JA 123 140.65 48.29 17.27
CA MET JA 123 140.61 49.29 18.34
C MET JA 123 139.16 49.59 18.73
N ILE JA 124 138.27 49.65 17.74
CA ILE JA 124 136.85 49.85 18.00
C ILE JA 124 136.27 48.70 18.81
N ASP JA 125 136.67 47.47 18.47
CA ASP JA 125 136.22 46.28 19.21
C ASP JA 125 136.70 46.32 20.64
N GLY JA 126 137.97 46.68 20.86
CA GLY JA 126 138.49 46.78 22.22
C GLY JA 126 137.83 47.87 23.04
N MET JA 127 137.59 49.03 22.41
CA MET JA 127 136.95 50.12 23.15
C MET JA 127 135.49 49.82 23.43
N LEU JA 128 134.81 49.11 22.51
CA LEU JA 128 133.45 48.67 22.79
C LEU JA 128 133.40 47.66 23.92
N LEU JA 129 134.40 46.77 23.98
CA LEU JA 129 134.49 45.84 25.09
C LEU JA 129 134.72 46.57 26.42
N LEU JA 130 135.60 47.58 26.42
CA LEU JA 130 135.84 48.34 27.63
C LEU JA 130 134.59 49.12 28.06
N ILE JA 131 133.90 49.72 27.08
CA ILE JA 131 132.70 50.50 27.36
C ILE JA 131 131.60 49.61 27.93
N VAL JA 132 131.39 48.43 27.34
CA VAL JA 132 130.34 47.55 27.83
C VAL JA 132 130.73 46.94 29.18
N GLU JA 133 132.03 46.74 29.42
CA GLU JA 133 132.46 46.28 30.74
C GLU JA 133 132.18 47.33 31.81
N LYS JA 134 132.44 48.61 31.50
CA LYS JA 134 132.16 49.67 32.45
C LYS JA 134 130.67 49.84 32.67
N VAL JA 135 129.86 49.67 31.61
CA VAL JA 135 128.42 49.82 31.74
C VAL JA 135 127.83 48.67 32.56
N VAL JA 136 128.28 47.43 32.35
CA VAL JA 136 127.77 46.33 33.16
C VAL JA 136 128.31 46.42 34.59
N GLU JA 137 129.48 47.03 34.80
CA GLU JA 137 129.93 47.32 36.15
C GLU JA 137 129.02 48.33 36.84
N GLU JA 138 128.56 49.34 36.09
CA GLU JA 138 127.59 50.30 36.61
C GLU JA 138 126.27 49.62 36.98
N ILE JA 139 125.80 48.73 36.10
CA ILE JA 139 124.56 47.99 36.32
C ILE JA 139 124.67 47.09 37.54
N GLU JA 140 125.79 46.37 37.67
CA GLU JA 140 126.01 45.52 38.83
C GLU JA 140 126.26 46.32 40.10
N ARG JA 141 126.65 47.58 39.98
CA ARG JA 141 126.71 48.45 41.16
C ARG JA 141 125.30 48.83 41.62
N GLY JA 142 124.53 49.47 40.75
CA GLY JA 142 123.25 49.96 41.22
C GLY JA 142 122.08 49.93 40.26
N GLY JA 143 122.06 48.96 39.34
CA GLY JA 143 120.92 48.75 38.48
C GLY JA 143 120.83 49.76 37.35
N PHE JA 144 119.72 49.68 36.62
CA PHE JA 144 119.48 50.58 35.50
C PHE JA 144 119.07 51.98 35.95
N ASN JA 145 118.75 52.15 37.24
CA ASN JA 145 118.25 53.44 37.72
C ASN JA 145 119.33 54.50 37.72
N LYS JA 146 120.51 54.16 38.24
CA LYS JA 146 121.61 55.12 38.32
C LYS JA 146 122.24 55.40 36.96
N VAL JA 147 121.90 54.61 35.93
CA VAL JA 147 122.35 54.88 34.57
C VAL JA 147 121.46 55.91 33.90
N GLY JA 148 120.31 56.23 34.48
CA GLY JA 148 119.42 57.21 33.89
C GLY JA 148 118.97 58.35 34.79
N SER JA 149 119.36 58.34 36.06
CA SER JA 149 118.85 59.31 37.03
C SER JA 149 119.79 60.49 37.25
N ALA JA 150 121.03 60.23 37.67
CA ALA JA 150 121.99 61.30 38.00
C ALA JA 150 123.40 60.86 37.60
N PRO JA 151 124.16 61.72 36.92
CA PRO JA 151 125.47 61.31 36.41
C PRO JA 151 126.50 61.19 37.51
N PRO JA 152 127.21 60.06 37.57
CA PRO JA 152 128.30 59.93 38.55
C PRO JA 152 129.59 60.56 38.06
N SER JA 153 130.68 60.32 38.78
CA SER JA 153 131.99 60.75 38.30
C SER JA 153 132.42 59.89 37.11
N PRO JA 154 133.03 60.50 36.08
CA PRO JA 154 133.54 59.71 34.96
C PRO JA 154 134.80 58.94 35.34
N SER JA 155 135.00 57.82 34.65
CA SER JA 155 136.24 57.08 34.81
C SER JA 155 137.37 57.78 34.05
N SER JA 156 138.59 57.64 34.56
CA SER JA 156 139.75 58.26 33.91
C SER JA 156 140.18 57.52 32.66
N GLU JA 157 139.68 56.30 32.42
CA GLU JA 157 140.00 55.57 31.20
C GLU JA 157 139.37 56.23 29.98
N PHE JA 158 138.20 56.82 30.13
CA PHE JA 158 137.52 57.50 29.03
C PHE JA 158 137.52 59.00 29.30
N SER JA 159 137.20 59.77 28.27
CA SER JA 159 137.12 61.22 28.40
C SER JA 159 135.77 61.61 28.99
N ASP JA 160 135.57 62.92 29.18
CA ASP JA 160 134.29 63.39 29.70
C ASP JA 160 133.23 63.41 28.61
N ASP JA 161 133.61 63.78 27.39
CA ASP JA 161 132.66 63.75 26.28
C ASP JA 161 132.25 62.32 25.93
N LEU JA 162 133.17 61.37 26.07
CA LEU JA 162 132.83 59.97 25.84
C LEU JA 162 131.84 59.46 26.87
N TRP JA 163 132.05 59.80 28.15
CA TRP JA 163 131.10 59.37 29.18
C TRP JA 163 129.76 60.07 29.02
N ALA JA 164 129.76 61.34 28.58
CA ALA JA 164 128.51 62.04 28.32
C ALA JA 164 127.73 61.39 27.17
N THR JA 165 128.42 61.02 26.09
CA THR JA 165 127.75 60.36 24.98
C THR JA 165 127.25 58.97 25.38
N ILE JA 166 128.01 58.25 26.21
CA ILE JA 166 127.57 56.95 26.70
C ILE JA 166 126.32 57.12 27.57
N TRP JA 167 126.30 58.16 28.39
CA TRP JA 167 125.14 58.45 29.23
C TRP JA 167 123.90 58.76 28.39
N GLU JA 168 124.07 59.56 27.33
CA GLU JA 168 122.92 59.91 26.49
C GLU JA 168 122.44 58.71 25.68
N VAL JA 169 123.36 57.87 25.21
CA VAL JA 169 122.97 56.68 24.47
C VAL JA 169 122.23 55.70 25.37
N SER JA 170 122.67 55.56 26.63
CA SER JA 170 121.95 54.72 27.59
C SER JA 170 120.56 55.27 27.87
N ASN JA 171 120.43 56.60 28.01
CA ASN JA 171 119.11 57.19 28.19
C ASN JA 171 118.21 56.93 26.99
N THR JA 172 118.75 57.07 25.77
CA THR JA 172 117.96 56.83 24.57
C THR JA 172 117.51 55.37 24.47
N VAL JA 173 118.40 54.44 24.83
CA VAL JA 173 118.06 53.02 24.76
C VAL JA 173 116.97 52.67 25.78
N LEU JA 174 117.10 53.18 27.01
CA LEU JA 174 116.07 52.90 28.01
C LEU JA 174 114.73 53.57 27.67
N LYS JA 175 114.77 54.74 27.04
CA LYS JA 175 113.51 55.36 26.59
C LYS JA 175 112.86 54.55 25.47
N ASP JA 176 113.68 54.00 24.57
CA ASP JA 176 113.14 53.14 23.51
C ASP JA 176 112.51 51.89 24.08
N MET JA 177 113.14 51.30 25.10
CA MET JA 177 112.55 50.15 25.79
C MET JA 177 111.25 50.51 26.50
N GLU JA 178 111.20 51.68 27.14
CA GLU JA 178 109.98 52.11 27.82
C GLU JA 178 108.83 52.29 26.84
N LYS JA 179 109.09 52.94 25.71
CA LYS JA 179 108.08 53.11 24.67
C LYS JA 179 107.63 51.77 24.09
N GLU JA 180 108.58 50.85 23.85
CA GLU JA 180 108.23 49.56 23.26
C GLU JA 180 107.39 48.72 24.23
N ARG JA 181 107.73 48.72 25.52
CA ARG JA 181 106.95 47.97 26.48
C ARG JA 181 105.57 48.60 26.71
N LYS JA 182 105.49 49.94 26.65
CA LYS JA 182 104.19 50.60 26.73
C LYS JA 182 103.29 50.21 25.56
N LYS JA 183 103.85 50.17 24.34
CA LYS JA 183 103.05 49.75 23.18
C LYS JA 183 102.65 48.28 23.27
N GLU JA 184 103.54 47.42 23.77
CA GLU JA 184 103.17 46.02 23.94
C GLU JA 184 102.10 45.83 25.00
N LYS JA 185 102.03 46.72 25.99
CA LYS JA 185 100.91 46.63 26.93
C LYS JA 185 99.63 47.19 26.35
N MET JA 186 99.71 48.27 25.54
CA MET JA 186 98.53 48.76 24.82
C MET JA 186 97.95 47.73 23.88
N LYS JA 187 98.79 46.85 23.33
CA LYS JA 187 98.32 45.77 22.47
C LYS JA 187 97.27 44.89 23.15
N GLN JA 188 97.47 44.59 24.44
CA GLN JA 188 96.52 43.77 25.16
C GLN JA 188 95.55 44.59 26.02
N TYR JA 189 95.79 45.88 26.21
CA TYR JA 189 94.83 46.69 26.94
C TYR JA 189 93.73 47.24 26.04
N VAL JA 190 94.02 47.43 24.75
CA VAL JA 190 92.97 47.82 23.81
C VAL JA 190 91.95 46.70 23.67
N GLN JA 191 92.42 45.45 23.66
CA GLN JA 191 91.58 44.29 23.43
C GLN JA 191 91.07 43.67 24.73
N SER JA 192 91.22 44.36 25.86
CA SER JA 192 90.76 43.83 27.13
C SER JA 192 89.23 43.86 27.19
N PRO JA 193 88.61 42.87 27.85
CA PRO JA 193 87.14 42.72 27.77
C PRO JA 193 86.33 43.87 28.34
N GLU JA 194 86.84 44.60 29.34
CA GLU JA 194 86.12 45.78 29.82
C GLU JA 194 86.09 46.87 28.76
N VAL JA 195 87.22 47.14 28.12
CA VAL JA 195 87.25 48.10 27.02
C VAL JA 195 86.40 47.59 25.85
N MET JA 196 86.40 46.28 25.62
CA MET JA 196 85.61 45.73 24.53
C MET JA 196 84.12 45.90 24.76
N GLU JA 197 83.66 45.70 26.00
CA GLU JA 197 82.23 45.88 26.25
C GLU JA 197 81.82 47.35 26.28
N MET JA 198 82.71 48.23 26.76
CA MET JA 198 82.40 49.67 26.67
C MET JA 198 82.34 50.12 25.22
N CYS JA 199 83.24 49.62 24.38
CA CYS JA 199 83.20 49.95 22.96
C CYS JA 199 81.99 49.35 22.27
N ARG JA 200 81.55 48.17 22.71
CA ARG JA 200 80.34 47.58 22.16
C ARG JA 200 79.12 48.42 22.48
N PHE JA 201 79.01 48.90 23.71
CA PHE JA 201 77.90 49.77 24.07
C PHE JA 201 77.97 51.10 23.34
N ALA JA 202 79.18 51.67 23.20
CA ALA JA 202 79.33 52.94 22.51
C ALA JA 202 78.95 52.83 21.04
N GLY JA 203 79.36 51.75 20.38
CA GLY JA 203 78.98 51.57 18.99
C GLY JA 203 77.51 51.25 18.82
N GLU JA 204 76.91 50.61 19.82
CA GLU JA 204 75.47 50.38 19.79
C GLU JA 204 74.68 51.66 20.03
N ILE JA 205 75.27 52.65 20.70
CA ILE JA 205 74.64 53.96 20.82
C ILE JA 205 74.69 54.71 19.48
N GLY JA 206 75.79 54.59 18.76
CA GLY JA 206 75.93 55.26 17.49
C GLY JA 206 77.26 55.98 17.37
N ILE JA 207 78.11 55.83 18.37
CA ILE JA 207 79.43 56.46 18.38
C ILE JA 207 80.33 55.63 17.48
N ARG JA 208 80.77 56.20 16.37
CA ARG JA 208 81.63 55.53 15.42
C ARG JA 208 82.80 56.44 15.06
N GLY JA 209 83.63 55.96 14.14
CA GLY JA 209 84.69 56.76 13.57
C GLY JA 209 85.81 57.12 14.52
N ASP JA 210 86.18 58.39 14.56
CA ASP JA 210 87.31 58.84 15.36
C ASP JA 210 86.97 58.96 16.83
N LEU JA 211 85.73 59.32 17.17
CA LEU JA 211 85.33 59.46 18.57
C LEU JA 211 85.38 58.11 19.28
N LEU JA 212 84.94 57.05 18.61
CA LEU JA 212 85.00 55.70 19.18
C LEU JA 212 86.43 55.26 19.40
N ARG JA 213 87.31 55.52 18.43
CA ARG JA 213 88.71 55.14 18.55
C ARG JA 213 89.39 55.90 19.68
N GLU JA 214 89.08 57.20 19.80
CA GLU JA 214 89.60 58.02 20.89
C GLU JA 214 89.16 57.48 22.25
N LEU JA 215 87.87 57.16 22.39
CA LEU JA 215 87.36 56.65 23.66
C LEU JA 215 87.95 55.28 23.99
N ARG JA 216 88.17 54.45 22.98
CA ARG JA 216 88.82 53.15 23.17
C ARG JA 216 90.23 53.33 23.74
N PHE JA 217 91.02 54.22 23.14
CA PHE JA 217 92.37 54.45 23.62
C PHE JA 217 92.38 55.06 25.01
N LYS JA 218 91.42 55.95 25.31
CA LYS JA 218 91.32 56.50 26.66
C LYS JA 218 91.07 55.40 27.68
N TRP JA 219 90.02 54.58 27.47
CA TRP JA 219 89.65 53.58 28.45
C TRP JA 219 90.75 52.54 28.65
N ALA JA 220 91.47 52.20 27.58
CA ALA JA 220 92.67 51.40 27.72
C ALA JA 220 93.74 52.12 28.56
N ARG JA 221 93.82 53.46 28.45
CA ARG JA 221 94.83 54.18 29.22
C ARG JA 221 94.49 54.23 30.71
N GLU JA 222 93.21 54.41 31.09
CA GLU JA 222 92.92 54.31 32.53
C GLU JA 222 93.06 52.88 33.03
N LYS JA 223 92.78 51.86 32.21
CA LYS JA 223 93.06 50.50 32.68
C LYS JA 223 94.56 50.26 32.88
N MET JA 224 95.40 50.80 32.00
CA MET JA 224 96.85 50.71 32.16
C MET JA 224 97.30 51.40 33.44
N ASP JA 225 96.74 52.59 33.72
CA ASP JA 225 97.10 53.30 34.94
C ASP JA 225 96.68 52.53 36.19
N ASP JA 226 95.50 51.92 36.17
CA ASP JA 226 95.04 51.15 37.32
C ASP JA 226 95.94 49.94 37.56
N ALA JA 227 96.29 49.23 36.50
CA ALA JA 227 97.12 48.04 36.68
C ALA JA 227 98.55 48.38 37.07
N GLU JA 228 99.09 49.51 36.59
CA GLU JA 228 100.43 49.86 37.02
C GLU JA 228 100.45 50.38 38.45
N PHE JA 229 99.38 51.05 38.91
CA PHE JA 229 99.29 51.39 40.32
C PHE JA 229 99.21 50.14 41.18
N TYR JA 230 98.45 49.14 40.74
CA TYR JA 230 98.38 47.86 41.42
C TYR JA 230 99.74 47.18 41.46
N GLU JA 231 100.48 47.22 40.36
CA GLU JA 231 101.80 46.60 40.32
C GLU JA 231 102.79 47.35 41.20
N SER JA 232 102.68 48.67 41.28
CA SER JA 232 103.56 49.43 42.16
C SER JA 232 103.27 49.11 43.62
N LEU JA 233 101.98 48.93 43.96
CA LEU JA 233 101.64 48.50 45.32
C LEU JA 233 102.17 47.11 45.61
N GLU JA 234 102.11 46.21 44.63
CA GLU JA 234 102.67 44.87 44.80
C GLU JA 234 104.18 44.89 45.00
N GLN JA 235 104.89 45.71 44.20
CA GLN JA 235 106.35 45.81 44.34
C GLN JA 235 106.73 46.44 45.66
N GLN JA 236 105.98 47.44 46.12
CA GLN JA 236 106.25 48.03 47.42
C GLN JA 236 106.00 47.03 48.54
N ARG JA 237 104.95 46.21 48.41
CA ARG JA 237 104.70 45.16 49.38
C ARG JA 237 105.86 44.17 49.42
N ASP JA 238 106.37 43.79 48.25
CA ASP JA 238 107.48 42.85 48.19
C ASP JA 238 108.75 43.42 48.83
N LEU JA 239 109.07 44.68 48.51
CA LEU JA 239 110.28 45.30 49.06
C LEU JA 239 110.18 45.50 50.56
N ASP JA 240 109.01 45.95 51.05
CA ASP JA 240 108.86 46.13 52.49
C ASP JA 240 108.84 44.80 53.23
N ASN JA 241 108.27 43.76 52.59
CA ASN JA 241 108.32 42.42 53.14
C ASN JA 241 109.76 41.92 53.26
N SER JA 242 110.57 42.14 52.22
CA SER JA 242 111.95 41.66 52.25
C SER JA 242 112.77 42.42 53.27
N ILE JA 243 112.61 43.76 53.34
CA ILE JA 243 113.42 44.52 54.29
C ILE JA 243 112.98 44.24 55.73
N ARG JA 244 111.68 44.05 55.98
CA ARG JA 244 111.25 43.71 57.34
C ARG JA 244 111.65 42.29 57.72
N GLU JA 245 111.67 41.37 56.75
CA GLU JA 245 112.19 40.03 57.00
C GLU JA 245 113.68 40.07 57.35
N SER JA 246 114.47 40.84 56.59
CA SER JA 246 115.90 40.94 56.86
C SER JA 246 116.18 41.61 58.19
N GLU JA 247 115.35 42.60 58.57
CA GLU JA 247 115.51 43.26 59.85
C GLU JA 247 115.03 42.40 61.01
N THR JA 248 114.09 41.48 60.77
CA THR JA 248 113.62 40.60 61.84
C THR JA 248 114.42 39.31 61.96
N VAL JA 249 115.27 38.98 60.98
CA VAL JA 249 116.21 37.87 61.20
C VAL JA 249 117.18 38.19 62.32
N ASP JA 250 117.61 39.45 62.42
CA ASP JA 250 118.49 39.88 63.51
C ASP JA 250 117.81 39.79 64.88
N GLY JA 251 116.49 39.76 64.91
CA GLY JA 251 115.76 39.55 66.15
C GLY JA 251 115.40 38.09 66.41
N GLU JA 252 115.19 37.34 65.34
CA GLU JA 252 114.87 35.91 65.44
C GLU JA 252 116.10 35.05 65.67
N VAL JA 253 117.30 35.65 65.71
CA VAL JA 253 118.54 34.97 66.02
C VAL JA 253 119.07 35.53 67.33
N GLU JA 254 119.35 34.63 68.29
CA GLU JA 254 119.83 34.95 69.64
C GLU JA 254 118.93 35.92 70.38
N LYS JA 273 118.84 33.43 25.49
CA LYS JA 273 119.25 33.82 24.14
C LYS JA 273 120.51 33.06 23.75
N ARG JA 274 120.41 32.27 22.67
CA ARG JA 274 121.53 31.48 22.18
C ARG JA 274 122.01 31.92 20.81
N LYS JA 275 121.41 32.98 20.24
CA LYS JA 275 121.71 33.50 18.91
C LYS JA 275 121.49 32.42 17.85
N GLY JA 276 120.21 32.06 17.68
CA GLY JA 276 119.82 31.14 16.63
C GLY JA 276 119.60 29.68 17.01
N LYS JA 277 118.80 29.44 18.04
CA LYS JA 277 118.36 28.09 18.40
C LYS JA 277 116.86 27.96 18.12
N LEU JA 278 116.47 26.84 17.49
CA LEU JA 278 115.05 26.59 17.23
C LEU JA 278 114.39 25.99 18.46
N LYS JA 279 113.18 26.43 18.74
CA LYS JA 279 112.36 25.84 19.79
C LYS JA 279 110.93 25.75 19.24
N TYR JA 280 110.60 24.61 18.65
CA TYR JA 280 109.39 24.48 17.85
C TYR JA 280 108.15 24.45 18.72
N LYS JA 281 107.19 25.32 18.39
CA LYS JA 281 105.92 25.42 19.09
C LYS JA 281 104.85 25.69 18.04
N ILE JA 282 103.81 24.86 18.02
CA ILE JA 282 102.71 25.03 17.08
C ILE JA 282 101.39 24.87 17.84
N TYR JA 283 100.49 25.85 17.64
CA TYR JA 283 99.15 25.88 18.25
C TYR JA 283 99.21 25.84 19.77
N GLY JA 284 100.22 26.49 20.33
CA GLY JA 284 100.42 26.48 21.77
C GLY JA 284 100.82 25.13 22.33
N LEU JA 285 101.63 24.38 21.60
CA LEU JA 285 102.07 23.05 22.01
C LEU JA 285 103.57 22.96 21.78
N GLU JA 286 104.34 23.00 22.87
CA GLU JA 286 105.80 23.00 22.76
C GLU JA 286 106.31 21.62 22.41
N LEU JA 287 106.97 21.51 21.27
CA LEU JA 287 107.48 20.23 20.78
C LEU JA 287 109.00 20.27 20.62
N SER JA 288 109.68 20.84 21.61
CA SER JA 288 111.13 21.02 21.55
C SER JA 288 111.91 19.82 22.05
N ASP JA 289 111.25 18.83 22.63
CA ASP JA 289 111.94 17.66 23.15
C ASP JA 289 112.52 16.84 22.01
N PRO JA 290 113.66 16.18 22.23
CA PRO JA 290 114.26 15.35 21.16
C PRO JA 290 113.39 14.18 20.74
N LYS JA 291 112.46 13.75 21.61
CA LYS JA 291 111.51 12.73 21.21
C LYS JA 291 110.62 13.21 20.06
N TRP JA 292 110.19 14.47 20.07
CA TRP JA 292 109.34 14.97 19.00
C TRP JA 292 110.08 15.02 17.66
N VAL JA 293 111.34 15.45 17.67
CA VAL JA 293 112.15 15.46 16.47
C VAL JA 293 112.35 14.04 15.95
N GLU JA 294 112.63 13.10 16.85
CA GLU JA 294 112.77 11.70 16.45
C GLU JA 294 111.50 11.15 15.85
N MET JA 295 110.34 11.50 16.42
CA MET JA 295 109.08 11.01 15.89
C MET JA 295 108.80 11.59 14.52
N ALA JA 296 109.07 12.88 14.35
CA ALA JA 296 108.88 13.50 13.04
C ALA JA 296 109.77 12.88 11.98
N ASP JA 297 111.03 12.59 12.32
CA ASP JA 297 111.94 11.98 11.36
C ASP JA 297 111.50 10.56 10.99
N LYS JA 298 111.10 9.76 11.98
CA LYS JA 298 110.63 8.40 11.68
C LYS JA 298 109.35 8.43 10.88
N ILE JA 299 108.46 9.39 11.16
CA ILE JA 299 107.22 9.52 10.41
C ILE JA 299 107.51 9.90 8.97
N HIS JA 300 108.45 10.83 8.76
CA HIS JA 300 108.81 11.24 7.40
C HIS JA 300 109.44 10.09 6.62
N GLU JA 301 110.28 9.29 7.29
CA GLU JA 301 110.84 8.09 6.65
C GLU JA 301 109.74 7.12 6.26
N ALA JA 302 108.76 6.92 7.14
CA ALA JA 302 107.66 6.00 6.85
C ALA JA 302 106.79 6.52 5.71
N GLU JA 303 106.58 7.84 5.64
CA GLU JA 303 105.78 8.41 4.57
C GLU JA 303 106.49 8.31 3.23
N GLU JA 304 107.80 8.54 3.21
CA GLU JA 304 108.53 8.43 1.95
C GLU JA 304 108.65 6.98 1.51
N GLU JA 305 108.72 6.04 2.46
CA GLU JA 305 108.76 4.63 2.10
C GLU JA 305 107.44 4.11 1.57
N ALA JA 306 106.33 4.77 1.87
CA ALA JA 306 105.02 4.34 1.42
C ALA JA 306 104.54 5.11 0.18
N ASP JA 307 105.41 5.95 -0.38
CA ASP JA 307 105.09 6.82 -1.53
C ASP JA 307 103.88 7.70 -1.26
N TRP JA 308 103.86 8.32 -0.08
CA TRP JA 308 102.78 9.20 0.33
C TRP JA 308 103.13 10.68 0.20
N ARG JA 309 104.25 11.00 -0.42
CA ARG JA 309 104.68 12.39 -0.56
C ARG JA 309 104.11 13.01 -1.82
N GLU JA 310 104.04 14.33 -1.82
CA GLU JA 310 103.63 15.09 -2.98
C GLU JA 310 104.81 15.85 -3.57
N PRO JA 311 104.83 16.07 -4.89
CA PRO JA 311 105.90 16.86 -5.48
C PRO JA 311 105.84 18.32 -5.05
N LYS JA 312 107.01 18.95 -4.99
CA LYS JA 312 107.11 20.34 -4.56
C LYS JA 312 106.50 21.25 -5.63
N PRO JA 313 106.00 22.42 -5.21
CA PRO JA 313 105.49 23.39 -6.20
C PRO JA 313 106.57 23.87 -7.15
N VAL JA 314 106.17 24.10 -8.39
CA VAL JA 314 107.08 24.46 -9.47
C VAL JA 314 106.86 25.94 -9.76
N THR JA 315 107.75 26.79 -9.26
CA THR JA 315 107.56 28.24 -9.29
C THR JA 315 108.67 28.90 -10.11
N GLY JA 316 108.28 29.86 -10.93
CA GLY JA 316 109.22 30.72 -11.62
C GLY JA 316 110.05 30.06 -12.71
N LYS JA 317 111.37 29.97 -12.47
CA LYS JA 317 112.29 29.49 -13.50
C LYS JA 317 112.08 28.01 -13.79
N CYS JA 318 111.68 27.22 -12.78
CA CYS JA 318 111.54 25.77 -12.95
C CYS JA 318 110.43 25.42 -13.94
N LYS JA 319 109.39 26.26 -14.05
CA LYS JA 319 108.37 26.05 -15.08
C LYS JA 319 108.96 26.19 -16.48
N LEU JA 320 109.80 27.21 -16.70
CA LEU JA 320 110.47 27.36 -17.98
C LEU JA 320 111.47 26.24 -18.22
N VAL JA 321 112.09 25.74 -17.15
CA VAL JA 321 113.03 24.62 -17.28
C VAL JA 321 112.30 23.37 -17.71
N MET JA 322 111.14 23.10 -17.12
CA MET JA 322 110.31 21.98 -17.56
C MET JA 322 109.81 22.17 -18.99
N GLU JA 323 109.45 23.42 -19.35
CA GLU JA 323 108.97 23.70 -20.70
C GLU JA 323 110.06 23.47 -21.74
N LYS JA 324 111.31 23.85 -21.43
CA LYS JA 324 112.41 23.59 -22.35
C LYS JA 324 112.90 22.14 -22.30
N LEU JA 325 112.65 21.43 -21.20
CA LEU JA 325 112.99 20.01 -21.15
C LEU JA 325 112.00 19.16 -21.92
N GLU JA 326 110.74 19.58 -21.98
CA GLU JA 326 109.74 18.88 -22.77
C GLU JA 326 110.02 18.98 -24.26
N SER JA 327 110.53 20.13 -24.72
CA SER JA 327 110.79 20.36 -26.13
C SER JA 327 112.19 19.92 -26.56
N LEU JA 328 112.78 18.98 -25.83
CA LEU JA 328 114.14 18.54 -26.14
C LEU JA 328 114.13 17.61 -27.35
N GLN JA 329 115.10 17.80 -28.24
CA GLN JA 329 115.17 17.05 -29.49
C GLN JA 329 115.99 15.78 -29.28
N GLU JA 330 116.27 15.06 -30.36
CA GLU JA 330 116.96 13.78 -30.27
C GLU JA 330 118.47 13.99 -30.19
N GLY JA 331 119.09 13.38 -29.20
CA GLY JA 331 120.51 13.47 -28.99
C GLY JA 331 120.99 14.61 -28.13
N ASP JA 332 120.10 15.52 -27.71
CA ASP JA 332 120.50 16.61 -26.82
C ASP JA 332 120.84 16.09 -25.44
N ASP JA 333 121.91 16.63 -24.87
CA ASP JA 333 122.41 16.18 -23.58
C ASP JA 333 121.76 17.02 -22.49
N PRO JA 334 120.93 16.43 -21.61
CA PRO JA 334 120.25 17.24 -20.59
C PRO JA 334 121.04 17.38 -19.30
N SER JA 335 122.34 17.05 -19.33
CA SER JA 335 123.13 16.96 -18.10
C SER JA 335 123.22 18.31 -17.39
N GLY JA 336 123.48 19.37 -18.14
CA GLY JA 336 123.46 20.70 -17.56
C GLY JA 336 122.08 21.11 -17.09
N LEU JA 337 121.05 20.78 -17.88
CA LEU JA 337 119.68 21.12 -17.49
C LEU JA 337 119.22 20.32 -16.27
N LEU JA 338 119.60 19.04 -16.18
CA LEU JA 338 119.19 18.27 -15.00
C LEU JA 338 119.97 18.69 -13.76
N ALA JA 339 121.25 19.07 -13.94
CA ALA JA 339 122.00 19.63 -12.81
C ALA JA 339 121.41 20.97 -12.37
N GLU JA 340 120.96 21.78 -13.31
CA GLU JA 340 120.35 23.07 -13.00
C GLU JA 340 119.00 22.89 -12.29
N TRP JA 341 118.22 21.89 -12.74
CA TRP JA 341 116.97 21.55 -12.08
C TRP JA 341 117.20 21.04 -10.67
N ALA JA 342 118.24 20.22 -10.48
CA ALA JA 342 118.57 19.75 -9.13
C ALA JA 342 119.07 20.89 -8.25
N GLU JA 343 119.80 21.85 -8.83
CA GLU JA 343 120.29 22.98 -8.08
C GLU JA 343 119.16 23.90 -7.65
N LEU JA 344 118.14 24.06 -8.49
CA LEU JA 344 117.01 24.91 -8.11
C LEU JA 344 116.02 24.20 -7.19
N LEU JA 345 115.41 23.11 -7.65
CA LEU JA 345 114.28 22.52 -6.95
C LEU JA 345 114.68 21.79 -5.67
N GLU JA 346 115.87 21.20 -5.63
CA GLU JA 346 116.31 20.20 -4.64
C GLU JA 346 115.29 19.07 -4.61
N PRO JA 347 115.23 18.25 -5.67
CA PRO JA 347 114.13 17.29 -5.78
C PRO JA 347 114.36 16.03 -4.97
N ASN JA 348 113.25 15.48 -4.50
CA ASN JA 348 113.20 14.19 -3.85
C ASN JA 348 112.69 13.17 -4.86
N ARG JA 349 112.41 11.94 -4.39
CA ARG JA 349 111.99 10.87 -5.28
C ARG JA 349 110.63 11.15 -5.93
N VAL JA 350 109.70 11.74 -5.17
CA VAL JA 350 108.38 12.04 -5.71
C VAL JA 350 108.46 13.13 -6.78
N ASP JA 351 109.36 14.10 -6.60
CA ASP JA 351 109.57 15.11 -7.64
C ASP JA 351 110.16 14.47 -8.89
N TRP JA 352 111.04 13.49 -8.70
CA TRP JA 352 111.61 12.78 -9.84
C TRP JA 352 110.56 12.00 -10.60
N ILE JA 353 109.68 11.28 -9.90
CA ILE JA 353 108.66 10.51 -10.61
C ILE JA 353 107.62 11.44 -11.25
N ALA JA 354 107.34 12.58 -10.64
CA ALA JA 354 106.42 13.55 -11.26
C ALA JA 354 107.03 14.14 -12.53
N LEU JA 355 108.32 14.49 -12.48
CA LEU JA 355 109.00 15.02 -13.67
C LEU JA 355 109.09 13.96 -14.76
N ILE JA 356 109.36 12.71 -14.39
CA ILE JA 356 109.50 11.67 -15.40
C ILE JA 356 108.15 11.30 -15.99
N ASN JA 357 107.06 11.47 -15.23
CA ASN JA 357 105.73 11.25 -15.81
C ASN JA 357 105.32 12.40 -16.70
N GLN JA 358 105.70 13.63 -16.33
CA GLN JA 358 105.48 14.78 -17.19
C GLN JA 358 106.24 14.63 -18.51
N LEU JA 359 107.47 14.11 -18.44
CA LEU JA 359 108.24 13.89 -19.66
C LEU JA 359 107.68 12.72 -20.47
N ARG JA 360 107.17 11.68 -19.80
CA ARG JA 360 106.52 10.57 -20.50
C ARG JA 360 105.29 11.04 -21.25
N GLU JA 361 104.52 11.95 -20.65
CA GLU JA 361 103.36 12.52 -21.32
C GLU JA 361 103.71 13.71 -22.20
N GLY JA 362 104.97 14.15 -22.23
CA GLY JA 362 105.35 15.29 -23.02
C GLY JA 362 106.20 14.99 -24.25
N ASN JA 363 107.11 14.03 -24.14
CA ASN JA 363 108.03 13.74 -25.24
C ASN JA 363 108.54 12.32 -25.06
N THR JA 364 108.30 11.46 -26.04
CA THR JA 364 108.61 10.03 -25.89
C THR JA 364 110.12 9.78 -25.94
N HIS JA 365 110.82 10.36 -26.91
CA HIS JA 365 112.26 10.09 -27.03
C HIS JA 365 113.06 10.80 -25.94
N ALA JA 366 112.59 11.97 -25.50
CA ALA JA 366 113.20 12.59 -24.33
C ALA JA 366 112.95 11.77 -23.08
N TYR JA 367 111.79 11.12 -22.98
CA TYR JA 367 111.53 10.22 -21.87
C TYR JA 367 112.46 9.01 -21.91
N LEU JA 368 112.79 8.53 -23.10
CA LEU JA 368 113.77 7.44 -23.22
C LEU JA 368 115.17 7.93 -22.89
N LYS JA 369 115.49 9.19 -23.21
CA LYS JA 369 116.85 9.69 -23.05
C LYS JA 369 117.15 10.07 -21.59
N VAL JA 370 116.31 10.90 -20.99
CA VAL JA 370 116.58 11.34 -19.62
C VAL JA 370 116.59 10.18 -18.63
N ALA JA 371 115.76 9.18 -18.89
CA ALA JA 371 115.66 8.03 -17.99
C ALA JA 371 116.94 7.22 -17.94
N GLU JA 372 117.54 6.95 -19.09
CA GLU JA 372 118.76 6.15 -19.15
C GLU JA 372 119.88 6.84 -18.40
N GLY JA 373 119.58 7.97 -17.79
CA GLY JA 373 120.57 8.69 -17.02
C GLY JA 373 120.15 8.85 -15.57
N VAL JA 374 118.89 9.22 -15.33
CA VAL JA 374 118.47 9.48 -13.94
C VAL JA 374 118.37 8.22 -13.07
N LEU JA 375 119.20 7.21 -13.34
CA LEU JA 375 119.01 5.96 -12.61
C LEU JA 375 120.22 5.62 -11.77
N ASP JA 376 121.41 6.05 -12.20
CA ASP JA 376 122.62 5.82 -11.42
C ASP JA 376 122.68 6.69 -10.16
N GLU JA 377 121.94 7.81 -10.16
CA GLU JA 377 121.92 8.70 -9.01
C GLU JA 377 121.21 8.05 -7.83
N LYS JA 378 121.83 8.14 -6.66
CA LYS JA 378 121.33 7.49 -5.46
C LYS JA 378 120.05 8.11 -4.92
N SER JA 379 119.78 9.37 -5.25
CA SER JA 379 118.57 10.04 -4.75
C SER JA 379 117.30 9.54 -5.39
N PHE JA 380 117.39 8.91 -6.56
CA PHE JA 380 116.20 8.36 -7.21
C PHE JA 380 115.70 7.11 -6.49
N ASN JA 381 116.61 6.34 -5.89
CA ASN JA 381 116.35 5.03 -5.28
C ASN JA 381 115.73 4.07 -6.30
N ALA JA 382 116.54 3.73 -7.30
CA ALA JA 382 116.09 2.96 -8.45
C ALA JA 382 115.95 1.49 -8.08
N SER JA 383 114.74 1.07 -7.71
CA SER JA 383 114.47 -0.33 -7.48
C SER JA 383 114.30 -1.04 -8.82
N ILE JA 384 114.13 -2.37 -8.74
CA ILE JA 384 114.04 -3.22 -9.92
C ILE JA 384 112.78 -2.98 -10.75
N SER JA 385 111.80 -2.27 -10.19
CA SER JA 385 110.59 -1.93 -10.94
C SER JA 385 110.90 -1.04 -12.13
N ASP JA 386 111.74 -0.02 -11.93
CA ASP JA 386 112.10 0.87 -13.03
C ASP JA 386 112.97 0.15 -14.06
N TYR JA 387 113.82 -0.77 -13.62
CA TYR JA 387 114.62 -1.55 -14.54
C TYR JA 387 113.76 -2.47 -15.39
N SER JA 388 112.74 -3.09 -14.79
CA SER JA 388 111.81 -3.90 -15.55
C SER JA 388 110.98 -3.05 -16.51
N LYS JA 389 110.63 -1.82 -16.09
CA LYS JA 389 109.96 -0.88 -16.98
C LYS JA 389 110.82 -0.55 -18.19
N LEU JA 390 112.11 -0.31 -17.97
CA LEU JA 390 113.04 -0.03 -19.06
C LEU JA 390 113.15 -1.21 -19.99
N ILE JA 391 113.27 -2.43 -19.43
CA ILE JA 391 113.38 -3.64 -20.22
C ILE JA 391 112.14 -3.84 -21.09
N HIS JA 392 110.96 -3.64 -20.49
CA HIS JA 392 109.72 -3.86 -21.23
C HIS JA 392 109.48 -2.77 -22.28
N ILE JA 393 109.86 -1.52 -21.99
CA ILE JA 393 109.68 -0.46 -22.98
C ILE JA 393 110.63 -0.68 -24.16
N HIS JA 394 111.90 -0.98 -23.89
CA HIS JA 394 112.84 -1.21 -24.97
C HIS JA 394 112.64 -2.56 -25.65
N ALA JA 395 111.87 -3.47 -25.04
CA ALA JA 395 111.39 -4.66 -25.73
C ALA JA 395 110.14 -4.40 -26.54
N LYS JA 396 109.38 -3.36 -26.19
CA LYS JA 396 108.25 -2.94 -27.03
C LYS JA 396 108.74 -2.41 -28.37
N GLU JA 397 109.79 -1.59 -28.35
CA GLU JA 397 110.40 -1.11 -29.58
C GLU JA 397 111.55 -1.98 -30.06
N ASN JA 398 111.81 -3.11 -29.38
CA ASN JA 398 112.77 -4.14 -29.79
C ASN JA 398 114.18 -3.55 -29.90
N HIS JA 399 114.68 -3.02 -28.80
CA HIS JA 399 116.05 -2.52 -28.70
C HIS JA 399 116.81 -3.43 -27.74
N ILE JA 400 117.50 -4.43 -28.29
CA ILE JA 400 118.18 -5.41 -27.46
C ILE JA 400 119.42 -4.81 -26.80
N GLU JA 401 120.16 -3.97 -27.53
CA GLU JA 401 121.38 -3.39 -26.97
C GLU JA 401 121.07 -2.40 -25.84
N ASP JA 402 119.93 -1.71 -25.92
CA ASP JA 402 119.50 -0.88 -24.80
C ASP JA 402 119.17 -1.72 -23.58
N VAL JA 403 118.54 -2.88 -23.77
CA VAL JA 403 118.24 -3.76 -22.65
C VAL JA 403 119.53 -4.32 -22.06
N GLU JA 404 120.52 -4.62 -22.91
CA GLU JA 404 121.80 -5.12 -22.42
C GLU JA 404 122.57 -4.06 -21.62
N ARG JA 405 122.56 -2.81 -22.10
CA ARG JA 405 123.27 -1.76 -21.35
C ARG JA 405 122.51 -1.35 -20.09
N ILE JA 406 121.18 -1.47 -20.09
CA ILE JA 406 120.42 -1.25 -18.87
C ILE JA 406 120.68 -2.35 -17.85
N LEU JA 407 120.84 -3.59 -18.32
CA LEU JA 407 121.22 -4.68 -17.43
C LEU JA 407 122.64 -4.51 -16.91
N LYS JA 408 123.54 -3.95 -17.72
CA LYS JA 408 124.88 -3.66 -17.26
C LYS JA 408 124.89 -2.58 -16.17
N LYS JA 409 124.17 -1.49 -16.42
CA LYS JA 409 124.06 -0.46 -15.39
C LYS JA 409 123.21 -0.93 -14.22
N MET JA 410 122.26 -1.82 -14.46
CA MET JA 410 121.42 -2.35 -13.40
C MET JA 410 122.22 -3.26 -12.47
N SER JA 411 123.07 -4.11 -13.06
CA SER JA 411 123.86 -5.04 -12.26
C SER JA 411 124.99 -4.36 -11.50
N GLN JA 412 125.34 -3.14 -11.89
CA GLN JA 412 126.38 -2.40 -11.18
C GLN JA 412 125.86 -1.68 -9.93
N ASN JA 413 124.53 -1.62 -9.77
CA ASN JA 413 123.95 -0.95 -8.61
C ASN JA 413 123.82 -1.85 -7.39
N GLY JA 414 124.23 -3.11 -7.51
CA GLY JA 414 124.14 -4.05 -6.40
C GLY JA 414 122.81 -4.77 -6.27
N ILE JA 415 121.94 -4.61 -7.27
CA ILE JA 415 120.64 -5.27 -7.27
C ILE JA 415 120.55 -6.14 -8.52
N PHE JA 416 119.68 -7.15 -8.51
CA PHE JA 416 119.62 -8.08 -9.65
C PHE JA 416 118.21 -8.61 -9.95
N PRO JA 417 118.00 -9.05 -11.21
CA PRO JA 417 116.66 -9.25 -11.80
C PRO JA 417 115.77 -10.19 -11.02
N ASP JA 418 114.47 -9.90 -10.97
CA ASP JA 418 113.53 -10.76 -10.28
C ASP JA 418 112.90 -11.75 -11.25
N ILE JA 419 112.21 -12.76 -10.73
CA ILE JA 419 111.53 -13.71 -11.59
C ILE JA 419 110.81 -12.96 -12.70
N LEU JA 420 109.90 -12.07 -12.32
CA LEU JA 420 109.16 -11.29 -13.31
C LEU JA 420 110.12 -10.56 -14.26
N THR JA 421 111.26 -10.10 -13.74
CA THR JA 421 112.25 -9.46 -14.60
C THR JA 421 112.87 -10.46 -15.57
N ALA JA 422 113.16 -11.68 -15.08
CA ALA JA 422 113.65 -12.73 -15.96
C ALA JA 422 112.59 -13.12 -16.97
N THR JA 423 111.32 -13.13 -16.56
CA THR JA 423 110.21 -13.43 -17.49
C THR JA 423 110.12 -12.37 -18.58
N ALA JA 424 110.29 -11.10 -18.21
CA ALA JA 424 110.32 -10.01 -19.19
C ALA JA 424 111.50 -10.17 -20.14
N LEU JA 425 112.65 -10.58 -19.62
CA LEU JA 425 113.82 -10.83 -20.48
C LEU JA 425 113.57 -11.99 -21.44
N VAL JA 426 112.95 -13.06 -20.94
CA VAL JA 426 112.57 -14.22 -21.76
C VAL JA 426 111.66 -13.80 -22.91
N HIS JA 427 110.58 -13.07 -22.59
CA HIS JA 427 109.61 -12.72 -23.62
C HIS JA 427 110.17 -11.67 -24.57
N MET JA 428 111.04 -10.78 -24.07
CA MET JA 428 111.63 -9.76 -24.91
C MET JA 428 112.64 -10.36 -25.89
N TYR JA 429 113.43 -11.33 -25.42
CA TYR JA 429 114.37 -11.98 -26.33
C TYR JA 429 113.64 -12.90 -27.30
N SER JA 430 112.49 -13.45 -26.90
CA SER JA 430 111.66 -14.18 -27.83
C SER JA 430 111.09 -13.27 -28.91
N LYS JA 431 110.65 -12.07 -28.52
CA LYS JA 431 110.10 -11.12 -29.48
C LYS JA 431 111.16 -10.56 -30.42
N SER JA 432 112.35 -10.29 -29.90
CA SER JA 432 113.42 -9.69 -30.69
C SER JA 432 114.20 -10.73 -31.51
N GLY JA 433 113.93 -12.02 -31.31
CA GLY JA 433 114.63 -13.06 -32.03
C GLY JA 433 115.96 -13.46 -31.44
N ASN JA 434 116.39 -12.85 -30.33
CA ASN JA 434 117.65 -13.19 -29.67
C ASN JA 434 117.47 -14.52 -28.94
N PHE JA 435 117.60 -15.61 -29.71
CA PHE JA 435 117.25 -16.92 -29.19
C PHE JA 435 118.29 -17.47 -28.23
N GLU JA 436 119.57 -17.09 -28.37
CA GLU JA 436 120.59 -17.64 -27.48
C GLU JA 436 120.52 -17.01 -26.09
N ARG JA 437 120.27 -15.69 -26.01
CA ARG JA 437 120.05 -15.06 -24.72
C ARG JA 437 118.75 -15.55 -24.09
N ALA JA 438 117.73 -15.83 -24.91
CA ALA JA 438 116.49 -16.41 -24.42
C ALA JA 438 116.73 -17.80 -23.86
N THR JA 439 117.57 -18.60 -24.52
CA THR JA 439 117.89 -19.94 -24.03
C THR JA 439 118.68 -19.87 -22.72
N GLU JA 440 119.60 -18.91 -22.63
CA GLU JA 440 120.36 -18.71 -21.39
C GLU JA 440 119.42 -18.33 -20.25
N ALA JA 441 118.48 -17.41 -20.52
CA ALA JA 441 117.52 -17.00 -19.50
C ALA JA 441 116.59 -18.14 -19.11
N PHE JA 442 116.22 -18.99 -20.08
CA PHE JA 442 115.33 -20.11 -19.78
C PHE JA 442 116.03 -21.18 -18.96
N GLU JA 443 117.32 -21.42 -19.25
CA GLU JA 443 118.09 -22.35 -18.43
C GLU JA 443 118.33 -21.78 -17.03
N ASN JA 444 118.48 -20.46 -16.92
CA ASN JA 444 118.58 -19.83 -15.60
C ASN JA 444 117.27 -19.97 -14.83
N LEU JA 445 116.14 -19.85 -15.53
CA LEU JA 445 114.84 -20.06 -14.90
C LEU JA 445 114.67 -21.50 -14.44
N LYS JA 446 115.14 -22.45 -15.26
CA LYS JA 446 115.08 -23.86 -14.88
C LYS JA 446 116.00 -24.16 -13.69
N SER JA 447 117.11 -23.43 -13.59
CA SER JA 447 118.02 -23.64 -12.46
C SER JA 447 117.47 -23.07 -11.16
N TYR JA 448 116.51 -22.15 -11.24
CA TYR JA 448 115.95 -21.50 -10.07
C TYR JA 448 114.86 -22.34 -9.38
N GLY JA 449 114.39 -23.40 -10.02
CA GLY JA 449 113.32 -24.20 -9.44
C GLY JA 449 111.92 -23.73 -9.78
N LEU JA 450 111.73 -23.13 -10.96
CA LEU JA 450 110.42 -22.63 -11.38
C LEU JA 450 109.90 -23.45 -12.55
N ARG JA 451 108.59 -23.64 -12.59
CA ARG JA 451 107.93 -24.31 -13.70
C ARG JA 451 107.34 -23.28 -14.64
N PRO JA 452 107.84 -23.16 -15.88
CA PRO JA 452 107.35 -22.10 -16.76
C PRO JA 452 105.92 -22.35 -17.21
N ASP JA 453 105.21 -21.25 -17.49
CA ASP JA 453 103.81 -21.30 -17.85
C ASP JA 453 103.66 -21.56 -19.35
N GLU JA 454 102.42 -21.39 -19.84
CA GLU JA 454 102.15 -21.56 -21.27
C GLU JA 454 102.89 -20.52 -22.10
N LYS JA 455 102.92 -19.27 -21.62
CA LYS JA 455 103.48 -18.18 -22.41
C LYS JA 455 104.98 -18.32 -22.62
N ILE JA 456 105.71 -18.73 -21.58
CA ILE JA 456 107.16 -18.87 -21.69
C ILE JA 456 107.52 -20.01 -22.65
N TYR JA 457 106.82 -21.14 -22.53
CA TYR JA 457 107.09 -22.27 -23.43
C TYR JA 457 106.71 -21.93 -24.87
N GLU JA 458 105.59 -21.22 -25.05
CA GLU JA 458 105.20 -20.75 -26.38
C GLU JA 458 106.25 -19.83 -26.96
N ALA JA 459 106.76 -18.90 -26.14
CA ALA JA 459 107.77 -17.96 -26.59
C ALA JA 459 109.07 -18.67 -26.98
N MET JA 460 109.49 -19.65 -26.18
CA MET JA 460 110.68 -20.44 -26.51
C MET JA 460 110.51 -21.23 -27.81
N ILE JA 461 109.37 -21.90 -28.00
CA ILE JA 461 109.20 -22.71 -29.21
C ILE JA 461 109.08 -21.82 -30.45
N LEU JA 462 108.39 -20.68 -30.33
CA LEU JA 462 108.32 -19.73 -31.43
C LEU JA 462 109.71 -19.17 -31.77
N GLY JA 463 110.52 -18.89 -30.75
CA GLY JA 463 111.89 -18.44 -31.00
C GLY JA 463 112.74 -19.52 -31.63
N TYR JA 464 112.52 -20.78 -31.25
CA TYR JA 464 113.26 -21.89 -31.83
C TYR JA 464 112.90 -22.10 -33.29
N VAL JA 465 111.64 -21.84 -33.64
CA VAL JA 465 111.25 -21.73 -35.04
C VAL JA 465 111.99 -20.57 -35.69
N ASN JA 466 112.08 -19.44 -35.00
CA ASN JA 466 112.83 -18.30 -35.52
C ASN JA 466 114.33 -18.55 -35.50
N ALA JA 467 114.80 -19.48 -34.67
CA ALA JA 467 116.22 -19.80 -34.57
C ALA JA 467 116.72 -20.67 -35.69
N GLY JA 468 115.82 -21.21 -36.53
CA GLY JA 468 116.23 -22.17 -37.52
C GLY JA 468 116.51 -23.55 -36.97
N LYS JA 469 116.06 -23.82 -35.74
CA LYS JA 469 116.24 -25.12 -35.09
C LYS JA 469 114.90 -25.62 -34.56
N PRO JA 470 114.09 -26.23 -35.43
CA PRO JA 470 112.76 -26.67 -35.00
C PRO JA 470 112.77 -27.89 -34.09
N LYS JA 471 113.87 -28.66 -34.10
CA LYS JA 471 113.98 -29.82 -33.23
C LYS JA 471 113.97 -29.42 -31.76
N LEU JA 472 114.58 -28.28 -31.44
CA LEU JA 472 114.53 -27.73 -30.09
C LEU JA 472 113.10 -27.36 -29.71
N GLY JA 473 112.35 -26.76 -30.64
CA GLY JA 473 110.96 -26.43 -30.37
C GLY JA 473 110.10 -27.66 -30.16
N GLU JA 474 110.32 -28.71 -30.96
CA GLU JA 474 109.58 -29.95 -30.80
C GLU JA 474 109.92 -30.64 -29.48
N ARG JA 475 111.20 -30.63 -29.09
CA ARG JA 475 111.60 -31.26 -27.84
C ARG JA 475 111.05 -30.51 -26.64
N LEU JA 476 111.02 -29.18 -26.70
CA LEU JA 476 110.44 -28.42 -25.60
C LEU JA 476 108.91 -28.52 -25.60
N MET JA 477 108.31 -28.74 -26.77
CA MET JA 477 106.90 -29.10 -26.84
C MET JA 477 106.64 -30.42 -26.12
N LYS JA 478 107.49 -31.40 -26.36
CA LYS JA 478 107.38 -32.68 -25.66
C LYS JA 478 107.55 -32.50 -24.15
N GLU JA 479 108.49 -31.63 -23.74
CA GLU JA 479 108.73 -31.45 -22.32
C GLU JA 479 107.61 -30.68 -21.64
N MET JA 480 106.99 -29.71 -22.34
CA MET JA 480 105.88 -29.00 -21.73
C MET JA 480 104.65 -29.89 -21.62
N GLN JA 481 104.45 -30.78 -22.61
CA GLN JA 481 103.36 -31.75 -22.48
C GLN JA 481 103.67 -32.80 -21.43
N ALA JA 482 104.96 -33.02 -21.16
CA ALA JA 482 105.33 -33.80 -19.98
C ALA JA 482 105.06 -33.03 -18.69
N LYS JA 483 105.02 -31.70 -18.75
CA LYS JA 483 104.62 -30.88 -17.61
C LYS JA 483 103.12 -30.58 -17.59
N GLU JA 484 102.34 -31.25 -18.45
CA GLU JA 484 100.87 -31.27 -18.43
C GLU JA 484 100.25 -29.89 -18.69
N LEU JA 485 100.64 -29.22 -19.77
CA LEU JA 485 100.07 -27.92 -20.11
C LEU JA 485 99.43 -27.97 -21.49
N LYS JA 486 98.18 -27.54 -21.60
CA LYS JA 486 97.59 -27.26 -22.91
C LYS JA 486 98.12 -25.92 -23.41
N ALA JA 487 98.68 -25.94 -24.62
CA ALA JA 487 99.08 -24.71 -25.27
C ALA JA 487 98.11 -24.37 -26.38
N SER JA 488 98.21 -23.15 -26.89
CA SER JA 488 97.42 -22.75 -28.04
C SER JA 488 97.90 -23.51 -29.28
N GLU JA 489 96.99 -23.66 -30.25
CA GLU JA 489 97.33 -24.41 -31.47
C GLU JA 489 98.26 -23.60 -32.36
N GLU JA 490 98.45 -22.31 -32.02
CA GLU JA 490 99.40 -21.43 -32.69
C GLU JA 490 100.78 -22.07 -32.78
N VAL JA 491 101.25 -22.62 -31.67
CA VAL JA 491 102.53 -23.32 -31.65
C VAL JA 491 102.46 -24.57 -32.52
N TYR JA 492 101.30 -25.25 -32.53
CA TYR JA 492 101.18 -26.48 -33.32
C TYR JA 492 101.36 -26.22 -34.81
N MET JA 493 100.62 -25.27 -35.37
CA MET JA 493 100.83 -25.10 -36.81
C MET JA 493 102.08 -24.28 -37.10
N ALA JA 494 102.63 -23.58 -36.10
CA ALA JA 494 103.92 -22.93 -36.29
C ALA JA 494 105.04 -23.96 -36.46
N LEU JA 495 105.11 -24.92 -35.52
CA LEU JA 495 106.06 -26.03 -35.64
C LEU JA 495 105.78 -26.86 -36.88
N LEU JA 496 104.51 -26.98 -37.26
CA LEU JA 496 104.17 -27.79 -38.41
C LEU JA 496 104.59 -27.10 -39.71
N ARG JA 497 104.49 -25.76 -39.76
CA ARG JA 497 105.03 -25.01 -40.89
C ARG JA 497 106.54 -25.17 -40.97
N ALA JA 498 107.23 -25.08 -39.82
CA ALA JA 498 108.69 -25.23 -39.80
C ALA JA 498 109.11 -26.62 -40.29
N TYR JA 499 108.44 -27.66 -39.77
CA TYR JA 499 108.70 -29.02 -40.24
C TYR JA 499 108.16 -29.23 -41.65
N ALA JA 500 107.40 -28.26 -42.18
CA ALA JA 500 107.01 -28.34 -43.58
C ALA JA 500 108.13 -27.86 -44.49
N GLN JA 501 108.76 -26.69 -44.22
CA GLN JA 501 109.78 -26.29 -45.20
C GLN JA 501 111.06 -27.09 -44.97
N MET JA 502 111.33 -27.50 -43.72
CA MET JA 502 112.44 -28.44 -43.54
C MET JA 502 112.04 -29.89 -43.81
N GLY JA 503 110.75 -30.19 -43.92
CA GLY JA 503 110.31 -31.44 -44.49
C GLY JA 503 110.54 -32.68 -43.64
N ASP JA 504 110.64 -32.53 -42.33
CA ASP JA 504 110.94 -33.66 -41.44
C ASP JA 504 109.64 -34.36 -41.07
N ALA JA 505 109.65 -35.70 -41.18
CA ALA JA 505 108.44 -36.48 -40.93
C ALA JA 505 108.30 -36.87 -39.46
N ASN JA 506 109.42 -36.98 -38.73
CA ASN JA 506 109.36 -37.39 -37.33
C ASN JA 506 108.69 -36.31 -36.48
N GLY JA 507 109.04 -35.05 -36.70
CA GLY JA 507 108.36 -33.97 -36.01
C GLY JA 507 106.91 -33.85 -36.41
N ALA JA 508 106.60 -34.15 -37.67
CA ALA JA 508 105.22 -34.18 -38.12
C ALA JA 508 104.42 -35.26 -37.40
N ALA JA 509 105.02 -36.44 -37.21
CA ALA JA 509 104.36 -37.51 -36.46
C ALA JA 509 104.19 -37.13 -35.00
N GLY JA 510 105.17 -36.41 -34.43
CA GLY JA 510 105.03 -35.93 -33.06
C GLY JA 510 103.90 -34.94 -32.90
N ILE JA 511 103.79 -33.98 -33.84
CA ILE JA 511 102.68 -33.04 -33.83
C ILE JA 511 101.35 -33.76 -34.03
N SER JA 512 101.33 -34.77 -34.90
CA SER JA 512 100.12 -35.55 -35.14
C SER JA 512 99.67 -36.28 -33.89
N SER JA 513 100.60 -36.92 -33.18
CA SER JA 513 100.26 -37.59 -31.92
C SER JA 513 99.81 -36.59 -30.86
N SER JA 514 100.48 -35.44 -30.80
CA SER JA 514 100.11 -34.41 -29.83
C SER JA 514 98.71 -33.87 -30.10
N MET JA 515 98.35 -33.71 -31.36
CA MET JA 515 97.01 -33.22 -31.70
C MET JA 515 95.97 -34.33 -31.52
N GLN JA 516 96.36 -35.58 -31.76
CA GLN JA 516 95.47 -36.71 -31.50
C GLN JA 516 95.14 -36.79 -30.01
N TYR JA 517 96.13 -36.55 -29.17
CA TYR JA 517 95.93 -36.69 -27.74
C TYR JA 517 95.67 -35.35 -27.05
N ALA JA 518 95.52 -34.27 -27.82
CA ALA JA 518 95.34 -32.94 -27.27
C ALA JA 518 94.12 -32.21 -27.81
N SER JA 519 93.83 -32.30 -29.11
CA SER JA 519 92.72 -31.60 -29.71
C SER JA 519 91.43 -32.33 -29.34
N ASP JA 520 90.46 -31.57 -28.83
CA ASP JA 520 89.24 -32.13 -28.28
C ASP JA 520 88.10 -32.19 -29.28
N GLY JA 521 88.33 -31.85 -30.55
CA GLY JA 521 87.29 -31.88 -31.54
C GLY JA 521 87.78 -32.26 -32.92
N PRO JA 522 87.07 -31.82 -33.95
CA PRO JA 522 87.51 -32.08 -35.33
C PRO JA 522 88.79 -31.32 -35.65
N LEU JA 523 89.54 -31.84 -36.62
CA LEU JA 523 90.85 -31.30 -36.92
C LEU JA 523 90.77 -30.31 -38.09
N SER JA 524 91.92 -29.75 -38.45
CA SER JA 524 91.97 -28.72 -39.48
C SER JA 524 92.52 -29.26 -40.79
N PHE JA 525 92.36 -28.46 -41.86
CA PHE JA 525 92.74 -28.89 -43.20
C PHE JA 525 94.15 -28.45 -43.57
N GLU JA 526 94.55 -27.25 -43.12
CA GLU JA 526 95.90 -26.75 -43.41
C GLU JA 526 96.96 -27.63 -42.76
N ALA JA 527 96.65 -28.19 -41.59
CA ALA JA 527 97.55 -29.14 -40.94
C ALA JA 527 97.75 -30.39 -41.78
N TYR JA 528 96.67 -30.87 -42.40
CA TYR JA 528 96.77 -32.02 -43.30
C TYR JA 528 97.60 -31.68 -44.53
N SER JA 529 97.43 -30.47 -45.06
CA SER JA 529 98.22 -30.03 -46.21
C SER JA 529 99.71 -29.95 -45.86
N LEU JA 530 100.03 -29.47 -44.66
CA LEU JA 530 101.43 -29.41 -44.23
C LEU JA 530 102.00 -30.80 -43.96
N PHE JA 531 101.16 -31.73 -43.46
CA PHE JA 531 101.56 -33.14 -43.41
C PHE JA 531 101.96 -33.66 -44.78
N VAL JA 532 101.11 -33.45 -45.78
CA VAL JA 532 101.41 -33.98 -47.12
C VAL JA 532 102.62 -33.26 -47.72
N GLU JA 533 102.80 -31.98 -47.41
CA GLU JA 533 103.97 -31.25 -47.89
C GLU JA 533 105.26 -31.81 -47.30
N ALA JA 534 105.28 -32.06 -46.00
CA ALA JA 534 106.46 -32.61 -45.35
C ALA JA 534 106.72 -34.04 -45.82
N TYR JA 535 105.65 -34.78 -46.11
CA TYR JA 535 105.83 -36.16 -46.59
C TYR JA 535 106.31 -36.18 -48.03
N GLY JA 536 105.87 -35.22 -48.85
CA GLY JA 536 106.28 -35.20 -50.24
C GLY JA 536 107.68 -34.69 -50.43
N LYS JA 537 108.12 -33.77 -49.56
CA LYS JA 537 109.51 -33.32 -49.64
C LYS JA 537 110.48 -34.42 -49.23
N ALA JA 538 110.10 -35.28 -48.29
CA ALA JA 538 110.95 -36.40 -47.90
C ALA JA 538 110.56 -37.71 -48.58
N GLY JA 539 109.43 -37.76 -49.29
CA GLY JA 539 109.10 -38.91 -50.10
C GLY JA 539 108.17 -39.94 -49.48
N GLN JA 540 107.48 -39.62 -48.38
CA GLN JA 540 106.56 -40.57 -47.75
C GLN JA 540 105.27 -40.62 -48.55
N VAL JA 541 104.91 -41.85 -48.97
CA VAL JA 541 103.83 -42.02 -49.93
C VAL JA 541 102.53 -42.42 -49.24
N ASP JA 542 102.56 -43.54 -48.49
CA ASP JA 542 101.33 -44.16 -48.01
C ASP JA 542 100.65 -43.30 -46.95
N LYS JA 543 101.44 -42.68 -46.07
CA LYS JA 543 100.84 -41.87 -45.02
C LYS JA 543 100.22 -40.60 -45.60
N ALA JA 544 100.88 -40.00 -46.60
CA ALA JA 544 100.31 -38.83 -47.27
C ALA JA 544 99.05 -39.20 -48.05
N LYS JA 545 99.04 -40.40 -48.64
CA LYS JA 545 97.82 -40.90 -49.29
C LYS JA 545 96.70 -41.10 -48.26
N SER JA 546 97.05 -41.57 -47.07
CA SER JA 546 96.07 -41.70 -46.00
C SER JA 546 95.51 -40.35 -45.59
N ASN JA 547 96.37 -39.33 -45.50
CA ASN JA 547 95.89 -37.99 -45.19
C ASN JA 547 95.01 -37.43 -46.32
N PHE JA 548 95.35 -37.74 -47.57
CA PHE JA 548 94.52 -37.29 -48.69
C PHE JA 548 93.15 -37.94 -48.67
N ASP JA 549 93.10 -39.25 -48.39
CA ASP JA 549 91.82 -39.94 -48.24
C ASP JA 549 91.05 -39.41 -47.04
N GLU JA 550 91.76 -38.98 -45.99
CA GLU JA 550 91.10 -38.40 -44.83
C GLU JA 550 90.50 -37.04 -45.15
N MET JA 551 91.17 -36.26 -46.01
CA MET JA 551 90.57 -35.01 -46.48
C MET JA 551 89.33 -35.29 -47.32
N ARG JA 552 89.39 -36.30 -48.18
CA ARG JA 552 88.25 -36.62 -49.03
C ARG JA 552 87.08 -37.17 -48.21
N LYS JA 553 87.37 -37.85 -47.10
CA LYS JA 553 86.29 -38.33 -46.24
C LYS JA 553 85.68 -37.21 -45.41
N LEU JA 554 86.48 -36.22 -45.01
CA LEU JA 554 85.96 -35.09 -44.24
C LEU JA 554 85.36 -34.01 -45.12
N GLY JA 555 85.48 -34.11 -46.44
CA GLY JA 555 84.86 -33.17 -47.34
C GLY JA 555 85.68 -31.94 -47.68
N HIS JA 556 86.85 -31.78 -47.08
CA HIS JA 556 87.72 -30.66 -47.40
C HIS JA 556 88.28 -30.79 -48.80
N LYS JA 557 88.20 -29.72 -49.57
CA LYS JA 557 88.75 -29.71 -50.93
C LYS JA 557 90.24 -29.42 -50.87
N PRO JA 558 91.09 -30.34 -51.33
CA PRO JA 558 92.55 -30.10 -51.26
C PRO JA 558 92.99 -28.98 -52.19
N ASP JA 559 94.03 -28.27 -51.78
CA ASP JA 559 94.62 -27.24 -52.61
C ASP JA 559 95.60 -27.85 -53.61
N ASP JA 560 96.10 -26.99 -54.50
CA ASP JA 560 97.03 -27.45 -55.53
C ASP JA 560 98.38 -27.86 -54.95
N LYS JA 561 98.83 -27.17 -53.89
CA LYS JA 561 100.14 -27.44 -53.31
C LYS JA 561 100.18 -28.80 -52.63
N CYS JA 562 99.09 -29.18 -51.95
CA CYS JA 562 99.01 -30.49 -51.31
C CYS JA 562 99.04 -31.61 -52.35
N ILE JA 563 98.31 -31.43 -53.45
CA ILE JA 563 98.30 -32.44 -54.53
C ILE JA 563 99.68 -32.51 -55.18
N ALA JA 564 100.34 -31.37 -55.36
CA ALA JA 564 101.67 -31.35 -55.95
C ALA JA 564 102.69 -32.06 -55.05
N ASN JA 565 102.58 -31.86 -53.73
CA ASN JA 565 103.48 -32.55 -52.82
C ASN JA 565 103.20 -34.05 -52.77
N LEU JA 566 101.93 -34.44 -52.90
CA LEU JA 566 101.61 -35.86 -52.98
C LEU JA 566 102.14 -36.48 -54.27
N VAL JA 567 102.10 -35.73 -55.37
CA VAL JA 567 102.67 -36.20 -56.63
C VAL JA 567 104.18 -36.30 -56.53
N ARG JA 568 104.80 -35.37 -55.79
CA ARG JA 568 106.23 -35.48 -55.50
C ARG JA 568 106.55 -36.73 -54.68
N ALA JA 569 105.68 -37.05 -53.71
CA ALA JA 569 105.85 -38.27 -52.92
C ALA JA 569 105.75 -39.51 -53.81
N TYR JA 570 104.76 -39.54 -54.70
CA TYR JA 570 104.64 -40.64 -55.66
C TYR JA 570 105.84 -40.71 -56.60
N LYS JA 571 106.42 -39.56 -56.94
CA LYS JA 571 107.67 -39.53 -57.70
C LYS JA 571 108.80 -40.14 -56.89
N GLY JA 572 108.75 -40.00 -55.57
CA GLY JA 572 109.71 -40.69 -54.71
C GLY JA 572 109.58 -42.20 -54.80
N GLU JA 573 108.36 -42.70 -55.00
CA GLU JA 573 108.12 -44.12 -55.16
C GLU JA 573 108.17 -44.59 -56.61
N ASN JA 574 108.28 -43.66 -57.56
CA ASN JA 574 108.22 -43.93 -59.01
C ASN JA 574 106.94 -44.67 -59.40
N SER JA 575 105.81 -44.25 -58.83
CA SER JA 575 104.52 -44.88 -59.12
C SER JA 575 103.67 -43.95 -59.99
N LEU JA 576 103.87 -44.09 -61.31
CA LEU JA 576 103.19 -43.22 -62.26
C LEU JA 576 101.71 -43.60 -62.40
N ASP JA 577 101.41 -44.90 -62.40
CA ASP JA 577 100.04 -45.36 -62.59
C ASP JA 577 99.16 -44.99 -61.39
N LYS JA 578 99.72 -45.09 -60.18
CA LYS JA 578 98.99 -44.69 -58.98
C LYS JA 578 98.67 -43.20 -59.02
N ALA JA 579 99.63 -42.38 -59.46
CA ALA JA 579 99.39 -40.95 -59.63
C ALA JA 579 98.32 -40.69 -60.67
N LEU JA 580 98.33 -41.45 -61.77
CA LEU JA 580 97.34 -41.25 -62.83
C LEU JA 580 95.93 -41.62 -62.36
N ARG JA 581 95.78 -42.74 -61.65
CA ARG JA 581 94.46 -43.12 -61.18
C ARG JA 581 93.98 -42.17 -60.08
N LEU JA 582 94.90 -41.67 -59.26
CA LEU JA 582 94.55 -40.68 -58.25
C LEU JA 582 94.09 -39.38 -58.91
N LEU JA 583 94.77 -38.95 -59.96
CA LEU JA 583 94.39 -37.73 -60.67
C LEU JA 583 93.03 -37.87 -61.34
N LEU JA 584 92.76 -39.03 -61.95
CA LEU JA 584 91.44 -39.20 -62.58
C LEU JA 584 90.34 -39.35 -61.53
N GLN JA 585 90.66 -39.96 -60.39
CA GLN JA 585 89.69 -40.09 -59.32
C GLN JA 585 89.34 -38.75 -58.69
N LEU JA 586 90.32 -37.84 -58.59
CA LEU JA 586 90.00 -36.51 -58.07
C LEU JA 586 89.34 -35.66 -59.15
N GLU JA 587 89.67 -35.88 -60.43
CA GLU JA 587 89.10 -35.08 -61.50
C GLU JA 587 87.63 -35.43 -61.73
N LYS JA 588 87.27 -36.71 -61.57
CA LYS JA 588 85.88 -37.11 -61.78
C LYS JA 588 84.96 -36.57 -60.69
N ASP JA 589 85.51 -36.11 -59.58
CA ASP JA 589 84.72 -35.49 -58.51
C ASP JA 589 84.56 -33.98 -58.70
N GLY JA 590 85.06 -33.42 -59.80
CA GLY JA 590 84.92 -32.00 -60.04
C GLY JA 590 86.02 -31.14 -59.49
N ILE JA 591 87.14 -31.72 -59.10
CA ILE JA 591 88.27 -30.97 -58.55
C ILE JA 591 89.16 -30.50 -59.70
N GLU JA 592 89.36 -29.19 -59.80
CA GLU JA 592 90.20 -28.63 -60.85
C GLU JA 592 91.67 -28.75 -60.47
N ILE JA 593 92.50 -29.10 -61.44
CA ILE JA 593 93.93 -29.32 -61.21
C ILE JA 593 94.69 -28.04 -61.53
N GLY JA 594 95.59 -27.63 -60.63
CA GLY JA 594 96.38 -26.45 -60.83
C GLY JA 594 97.60 -26.69 -61.72
N VAL JA 595 98.39 -25.63 -61.91
CA VAL JA 595 99.48 -25.67 -62.88
C VAL JA 595 100.72 -26.30 -62.28
N ILE JA 596 100.91 -26.18 -60.96
CA ILE JA 596 102.13 -26.67 -60.31
C ILE JA 596 102.19 -28.19 -60.36
N THR JA 597 101.03 -28.84 -60.18
CA THR JA 597 100.95 -30.29 -60.29
C THR JA 597 101.32 -30.75 -61.70
N TYR JA 598 100.85 -30.03 -62.72
CA TYR JA 598 101.21 -30.36 -64.10
C TYR JA 598 102.70 -30.15 -64.35
N THR JA 599 103.30 -29.11 -63.75
CA THR JA 599 104.74 -28.91 -63.92
C THR JA 599 105.53 -30.04 -63.28
N VAL JA 600 105.11 -30.50 -62.09
CA VAL JA 600 105.78 -31.62 -61.44
C VAL JA 600 105.64 -32.89 -62.28
N LEU JA 601 104.44 -33.11 -62.84
CA LEU JA 601 104.21 -34.27 -63.70
C LEU JA 601 105.08 -34.23 -64.96
N VAL JA 602 105.20 -33.06 -65.58
CA VAL JA 602 106.01 -32.93 -66.80
C VAL JA 602 107.49 -33.09 -66.47
N ASP JA 603 107.94 -32.59 -65.32
CA ASP JA 603 109.32 -32.81 -64.90
C ASP JA 603 109.61 -34.29 -64.66
N TRP JA 604 108.66 -35.00 -64.04
CA TRP JA 604 108.78 -36.45 -63.84
C TRP JA 604 108.83 -37.20 -65.16
N MET JA 605 107.97 -36.81 -66.11
CA MET JA 605 107.92 -37.52 -67.38
C MET JA 605 109.03 -37.06 -68.32
N ALA JA 606 109.75 -36.00 -67.95
CA ALA JA 606 110.97 -35.62 -68.65
C ALA JA 606 112.15 -36.40 -68.12
N ASN JA 607 112.19 -36.63 -66.80
CA ASN JA 607 113.16 -37.54 -66.24
C ASN JA 607 112.95 -38.98 -66.74
N LEU JA 608 111.70 -39.36 -67.03
CA LEU JA 608 111.42 -40.65 -67.67
C LEU JA 608 111.39 -40.59 -69.19
N GLY JA 609 111.10 -39.44 -69.79
CA GLY JA 609 111.32 -39.26 -71.22
C GLY JA 609 110.17 -39.56 -72.15
N LEU JA 610 108.91 -39.35 -71.73
CA LEU JA 610 107.77 -39.55 -72.63
C LEU JA 610 107.38 -38.21 -73.23
N ILE JA 611 107.37 -38.16 -74.57
CA ILE JA 611 107.47 -36.87 -75.27
C ILE JA 611 106.10 -36.35 -75.66
N GLU JA 612 105.26 -37.22 -76.25
CA GLU JA 612 103.99 -36.78 -76.79
C GLU JA 612 103.03 -36.32 -75.70
N GLU JA 613 102.99 -37.04 -74.57
CA GLU JA 613 102.14 -36.63 -73.46
C GLU JA 613 102.64 -35.33 -72.83
N ALA JA 614 103.96 -35.13 -72.80
CA ALA JA 614 104.50 -33.87 -72.32
C ALA JA 614 104.12 -32.71 -73.24
N GLU JA 615 104.17 -32.94 -74.55
CA GLU JA 615 103.74 -31.91 -75.50
C GLU JA 615 102.26 -31.60 -75.36
N GLN JA 616 101.43 -32.62 -75.15
CA GLN JA 616 100.01 -32.40 -74.95
C GLN JA 616 99.74 -31.62 -73.65
N LEU JA 617 100.49 -31.92 -72.60
CA LEU JA 617 100.35 -31.17 -71.35
C LEU JA 617 100.80 -29.72 -71.52
N LEU JA 618 101.87 -29.50 -72.31
CA LEU JA 618 102.30 -28.12 -72.59
C LEU JA 618 101.24 -27.36 -73.39
N VAL JA 619 100.61 -28.04 -74.35
CA VAL JA 619 99.52 -27.43 -75.13
C VAL JA 619 98.35 -27.06 -74.22
N LYS JA 620 98.00 -27.96 -73.30
CA LYS JA 620 96.91 -27.67 -72.35
C LYS JA 620 97.26 -26.52 -71.42
N ILE JA 621 98.53 -26.46 -70.98
CA ILE JA 621 98.98 -25.36 -70.11
C ILE JA 621 98.88 -24.02 -70.85
N SER JA 622 99.29 -23.99 -72.13
CA SER JA 622 99.11 -22.78 -72.93
C SER JA 622 97.64 -22.49 -73.18
N GLN JA 623 96.80 -23.52 -73.26
CA GLN JA 623 95.36 -23.33 -73.43
C GLN JA 623 94.72 -22.65 -72.23
N LEU JA 624 95.09 -23.03 -71.01
CA LEU JA 624 94.56 -22.35 -69.83
C LEU JA 624 95.02 -20.90 -69.69
N GLY JA 625 96.03 -20.49 -70.44
CA GLY JA 625 96.41 -19.10 -70.50
C GLY JA 625 97.61 -18.70 -69.67
N GLU JA 626 98.17 -19.60 -68.87
CA GLU JA 626 99.30 -19.30 -68.00
C GLU JA 626 100.60 -19.82 -68.59
N ALA JA 627 101.64 -19.01 -68.51
CA ALA JA 627 102.97 -19.45 -68.91
C ALA JA 627 103.57 -20.36 -67.83
N PRO JA 628 104.32 -21.38 -68.22
CA PRO JA 628 104.92 -22.29 -67.23
C PRO JA 628 106.00 -21.62 -66.41
N PRO JA 629 106.22 -22.07 -65.17
CA PRO JA 629 107.33 -21.53 -64.37
C PRO JA 629 108.70 -21.98 -64.88
N PHE JA 630 109.71 -21.60 -64.10
CA PHE JA 630 111.09 -21.65 -64.57
C PHE JA 630 111.67 -23.07 -64.56
N GLU JA 631 111.17 -23.94 -63.67
CA GLU JA 631 111.69 -25.30 -63.61
C GLU JA 631 111.28 -26.12 -64.83
N LEU JA 632 110.14 -25.77 -65.44
CA LEU JA 632 109.63 -26.57 -66.54
C LEU JA 632 110.49 -26.41 -67.80
N GLN JA 633 111.09 -25.24 -67.98
CA GLN JA 633 112.03 -25.05 -69.09
C GLN JA 633 113.26 -25.94 -68.92
N VAL JA 634 113.75 -26.06 -67.68
CA VAL JA 634 114.88 -26.95 -67.39
C VAL JA 634 114.50 -28.40 -67.69
N SER JA 635 113.30 -28.80 -67.25
CA SER JA 635 112.84 -30.17 -67.49
C SER JA 635 112.66 -30.46 -68.98
N LEU JA 636 112.09 -29.50 -69.72
CA LEU JA 636 111.91 -29.69 -71.16
C LEU JA 636 113.24 -29.73 -71.90
N CYS JA 637 114.20 -28.88 -71.49
CA CYS JA 637 115.52 -28.91 -72.11
C CYS JA 637 116.23 -30.23 -71.84
N CYS JA 638 116.02 -30.79 -70.64
CA CYS JA 638 116.56 -32.12 -70.33
C CYS JA 638 115.96 -33.18 -71.25
N MET JA 639 114.63 -33.13 -71.45
CA MET JA 639 113.98 -34.05 -72.39
C MET JA 639 114.54 -33.90 -73.80
N TYR JA 640 114.68 -32.66 -74.27
CA TYR JA 640 114.99 -32.45 -75.68
C TYR JA 640 116.47 -32.69 -75.96
N SER JA 641 117.33 -32.56 -74.96
CA SER JA 641 118.70 -33.00 -75.13
C SER JA 641 118.81 -34.51 -75.06
N GLY JA 642 118.00 -35.14 -74.19
CA GLY JA 642 118.05 -36.60 -74.09
C GLY JA 642 117.56 -37.29 -75.36
N VAL JA 643 116.56 -36.72 -76.02
CA VAL JA 643 116.06 -37.26 -77.28
C VAL JA 643 116.87 -36.77 -78.47
N ARG JA 644 117.73 -35.75 -78.26
CA ARG JA 644 118.54 -35.10 -79.29
C ARG JA 644 117.68 -34.50 -80.41
N ASN JA 645 116.52 -33.97 -80.07
CA ASN JA 645 115.71 -33.18 -80.99
C ASN JA 645 116.28 -31.77 -80.97
N GLU JA 646 117.03 -31.43 -82.02
CA GLU JA 646 117.90 -30.25 -81.99
C GLU JA 646 117.11 -28.95 -81.96
N LYS JA 647 116.01 -28.89 -82.72
CA LYS JA 647 115.25 -27.64 -82.82
C LYS JA 647 114.58 -27.28 -81.51
N LYS JA 648 113.92 -28.26 -80.87
CA LYS JA 648 113.27 -28.00 -79.60
C LYS JA 648 114.29 -27.77 -78.48
N THR JA 649 115.44 -28.45 -78.56
CA THR JA 649 116.53 -28.20 -77.61
C THR JA 649 117.03 -26.77 -77.73
N LEU JA 650 117.20 -26.28 -78.96
CA LEU JA 650 117.66 -24.91 -79.15
C LEU JA 650 116.60 -23.89 -78.74
N GLN JA 651 115.31 -24.22 -78.95
CA GLN JA 651 114.24 -23.35 -78.48
C GLN JA 651 114.25 -23.21 -76.96
N ALA JA 652 114.30 -24.34 -76.26
CA ALA JA 652 114.35 -24.32 -74.80
C ALA JA 652 115.62 -23.65 -74.29
N LEU JA 653 116.73 -23.84 -75.00
CA LEU JA 653 117.99 -23.26 -74.57
C LEU JA 653 118.02 -21.76 -74.80
N GLY JA 654 117.39 -21.29 -75.89
CA GLY JA 654 117.27 -19.86 -76.10
C GLY JA 654 116.36 -19.19 -75.08
N VAL JA 655 115.26 -19.86 -74.72
CA VAL JA 655 114.40 -19.34 -73.66
C VAL JA 655 115.15 -19.32 -72.32
N LEU JA 656 115.98 -20.34 -72.08
CA LEU JA 656 116.84 -20.34 -70.89
C LEU JA 656 117.85 -19.20 -70.92
N GLU JA 657 118.45 -18.95 -72.09
CA GLU JA 657 119.44 -17.88 -72.20
C GLU JA 657 118.80 -16.51 -72.03
N ALA JA 658 117.52 -16.38 -72.38
CA ALA JA 658 116.81 -15.14 -72.11
C ALA JA 658 116.55 -14.94 -70.61
N LYS JA 659 116.35 -16.02 -69.87
CA LYS JA 659 116.09 -15.96 -68.43
C LYS JA 659 117.14 -16.71 -67.62
N ARG JA 660 118.42 -16.52 -67.93
CA ARG JA 660 119.50 -17.26 -67.27
C ARG JA 660 119.72 -16.82 -65.81
N ASP JA 661 119.13 -15.70 -65.39
CA ASP JA 661 119.42 -15.16 -64.07
C ASP JA 661 118.72 -15.91 -62.94
N GLN JA 662 117.54 -16.49 -63.21
CA GLN JA 662 116.74 -17.10 -62.16
C GLN JA 662 117.05 -18.57 -61.94
N MET JA 663 118.03 -19.12 -62.64
CA MET JA 663 118.30 -20.56 -62.58
C MET JA 663 119.06 -20.91 -61.30
N GLY JA 664 118.61 -21.96 -60.63
CA GLY JA 664 119.33 -22.49 -59.50
C GLY JA 664 120.52 -23.32 -59.92
N PRO JA 665 121.51 -23.47 -59.03
CA PRO JA 665 122.71 -24.23 -59.40
C PRO JA 665 122.46 -25.69 -59.72
N ASN JA 666 121.47 -26.31 -59.05
CA ASN JA 666 121.08 -27.67 -59.42
C ASN JA 666 120.43 -27.69 -60.81
N GLU JA 667 119.70 -26.64 -61.18
CA GLU JA 667 119.16 -26.55 -62.53
C GLU JA 667 120.28 -26.39 -63.56
N PHE JA 668 121.32 -25.62 -63.23
CA PHE JA 668 122.49 -25.55 -64.09
C PHE JA 668 123.15 -26.91 -64.25
N ASP JA 669 123.30 -27.64 -63.14
CA ASP JA 669 123.92 -28.97 -63.21
C ASP JA 669 123.09 -29.91 -64.08
N LYS JA 670 121.76 -29.87 -63.92
CA LYS JA 670 120.87 -30.70 -64.71
C LYS JA 670 120.98 -30.37 -66.20
N VAL JA 671 120.94 -29.07 -66.55
CA VAL JA 671 120.93 -28.70 -67.95
C VAL JA 671 122.29 -28.97 -68.60
N ILE JA 672 123.39 -28.75 -67.87
CA ILE JA 672 124.71 -28.98 -68.43
C ILE JA 672 124.98 -30.48 -68.60
N SER JA 673 124.59 -31.29 -67.61
CA SER JA 673 124.75 -32.73 -67.74
C SER JA 673 123.88 -33.28 -68.86
N ALA JA 674 122.65 -32.77 -69.00
CA ALA JA 674 121.76 -33.23 -70.07
C ALA JA 674 122.29 -32.82 -71.44
N LEU JA 675 122.84 -31.61 -71.57
CA LEU JA 675 123.39 -31.17 -72.84
C LEU JA 675 124.64 -31.95 -73.21
N LYS JA 676 125.47 -32.30 -72.22
CA LYS JA 676 126.64 -33.12 -72.50
C LYS JA 676 126.25 -34.54 -72.90
N ARG JA 677 125.20 -35.09 -72.26
CA ARG JA 677 124.71 -36.41 -72.64
C ARG JA 677 124.07 -36.38 -74.02
N GLY JA 678 123.47 -35.26 -74.41
CA GLY JA 678 122.85 -35.14 -75.72
C GLY JA 678 123.79 -34.81 -76.86
N GLY JA 679 125.07 -34.61 -76.58
CA GLY JA 679 126.03 -34.28 -77.61
C GLY JA 679 126.21 -32.80 -77.88
N PHE JA 680 125.48 -31.94 -77.18
CA PHE JA 680 125.64 -30.49 -77.34
C PHE JA 680 126.79 -30.00 -76.45
N GLU JA 681 128.01 -30.31 -76.89
CA GLU JA 681 129.20 -30.01 -76.10
C GLU JA 681 129.50 -28.53 -76.08
N LYS JA 682 129.29 -27.82 -77.19
CA LYS JA 682 129.56 -26.39 -77.24
C LYS JA 682 128.61 -25.60 -76.35
N ASP JA 683 127.33 -25.97 -76.33
CA ASP JA 683 126.39 -25.37 -75.40
C ASP JA 683 126.74 -25.74 -73.96
N ALA JA 684 127.23 -26.96 -73.75
CA ALA JA 684 127.64 -27.38 -72.41
C ALA JA 684 128.80 -26.55 -71.88
N ARG JA 685 129.81 -26.30 -72.72
CA ARG JA 685 130.92 -25.46 -72.27
C ARG JA 685 130.53 -23.99 -72.22
N ARG JA 686 129.51 -23.58 -72.99
CA ARG JA 686 128.99 -22.22 -72.85
C ARG JA 686 128.36 -22.00 -71.47
N MET JA 687 127.50 -22.93 -71.05
CA MET JA 687 126.93 -22.81 -69.70
C MET JA 687 127.94 -23.15 -68.62
N TYR JA 688 129.02 -23.85 -68.96
CA TYR JA 688 130.10 -24.03 -68.01
C TYR JA 688 130.90 -22.75 -67.82
N LYS JA 689 131.09 -21.98 -68.89
CA LYS JA 689 131.65 -20.64 -68.77
C LYS JA 689 130.70 -19.73 -67.98
N TYR JA 690 129.39 -19.97 -68.12
CA TYR JA 690 128.43 -19.25 -67.29
C TYR JA 690 128.54 -19.64 -65.82
N MET JA 691 128.82 -20.91 -65.53
CA MET JA 691 129.20 -21.35 -64.18
C MET JA 691 130.43 -20.59 -63.68
N GLU JA 692 131.47 -20.50 -64.53
CA GLU JA 692 132.69 -19.82 -64.10
C GLU JA 692 132.49 -18.31 -64.00
N ALA JA 693 131.39 -17.79 -64.56
CA ALA JA 693 131.06 -16.38 -64.41
C ALA JA 693 130.20 -16.13 -63.18
N ARG JA 694 129.22 -17.00 -62.93
CA ARG JA 694 128.26 -16.82 -61.84
C ARG JA 694 128.81 -17.24 -60.49
N LYS JA 695 130.00 -17.83 -60.45
CA LYS JA 695 130.70 -18.26 -59.22
C LYS JA 695 129.90 -19.30 -58.42
N PHE JA 696 128.98 -20.02 -59.06
CA PHE JA 696 128.31 -21.13 -58.41
C PHE JA 696 129.24 -22.33 -58.32
N LEU JA 697 129.16 -23.05 -57.22
CA LEU JA 697 130.01 -24.22 -57.02
C LEU JA 697 129.46 -25.38 -57.83
N PRO JA 698 130.20 -25.92 -58.80
CA PRO JA 698 129.70 -27.07 -59.56
C PRO JA 698 129.88 -28.37 -58.80
N SER JA 699 129.06 -29.36 -59.16
CA SER JA 699 129.20 -30.69 -58.59
C SER JA 699 130.49 -31.34 -59.07
N GLN JA 700 131.00 -32.27 -58.25
CA GLN JA 700 132.25 -32.95 -58.58
C GLN JA 700 132.08 -33.87 -59.79
N ARG JA 701 130.89 -34.46 -59.94
CA ARG JA 701 130.62 -35.31 -61.10
C ARG JA 701 130.71 -34.51 -62.40
N LEU JA 702 130.09 -33.32 -62.44
CA LEU JA 702 130.13 -32.49 -63.63
C LEU JA 702 131.53 -31.95 -63.88
N GLN JA 703 132.25 -31.62 -62.81
CA GLN JA 703 133.64 -31.15 -62.93
C GLN JA 703 134.54 -32.24 -63.51
N MET JA 704 134.28 -33.50 -63.14
CA MET JA 704 135.03 -34.61 -63.74
C MET JA 704 134.55 -34.86 -65.16
N ASP JA 705 133.28 -34.58 -65.45
CA ASP JA 705 132.73 -34.83 -66.77
C ASP JA 705 133.33 -33.88 -67.82
N MET JA 706 133.39 -32.58 -67.51
CA MET JA 706 133.96 -31.65 -68.47
C MET JA 706 135.48 -31.73 -68.55
N VAL JA 707 136.15 -32.08 -67.47
CA VAL JA 707 137.59 -32.28 -67.50
C VAL JA 707 137.90 -33.69 -68.00
N SER KA 28 8.74 122.01 1.08
CA SER KA 28 8.96 122.96 2.16
C SER KA 28 9.01 124.38 1.62
N ALA KA 29 9.63 124.55 0.45
CA ALA KA 29 9.72 125.87 -0.17
C ALA KA 29 8.36 126.36 -0.62
N SER KA 30 7.49 125.44 -1.05
CA SER KA 30 6.12 125.81 -1.39
C SER KA 30 5.35 126.28 -0.15
N SER KA 31 5.63 125.66 1.01
CA SER KA 31 5.00 126.10 2.24
C SER KA 31 5.57 127.42 2.71
N ILE KA 32 6.85 127.68 2.44
CA ILE KA 32 7.45 128.98 2.76
C ILE KA 32 6.81 130.07 1.90
N LEU KA 33 6.64 129.81 0.60
CA LEU KA 33 6.07 130.81 -0.29
C LEU KA 33 4.56 130.95 -0.10
N SER KA 34 3.82 129.85 -0.22
CA SER KA 34 2.35 129.87 -0.08
C SER KA 34 1.93 128.81 0.93
N PRO KA 35 1.85 129.17 2.21
CA PRO KA 35 1.50 128.17 3.23
C PRO KA 35 0.04 127.76 3.23
N ASP KA 36 -0.86 128.61 2.75
CA ASP KA 36 -2.31 128.35 2.83
C ASP KA 36 -2.84 127.66 1.59
N SER KA 37 -2.01 126.86 0.94
CA SER KA 37 -2.41 126.03 -0.19
C SER KA 37 -2.23 124.56 0.18
N LYS KA 38 -2.41 123.69 -0.81
CA LYS KA 38 -2.28 122.25 -0.59
C LYS KA 38 -1.41 121.55 -1.62
N THR KA 39 -1.15 122.13 -2.78
CA THR KA 39 -0.46 121.49 -3.88
C THR KA 39 0.88 122.17 -4.14
N PRO KA 40 1.88 121.45 -4.65
CA PRO KA 40 3.14 122.09 -5.05
C PRO KA 40 2.92 123.03 -6.21
N LEU KA 41 3.76 124.07 -6.27
CA LEU KA 41 3.47 125.26 -7.07
C LEU KA 41 4.31 125.34 -8.35
N THR KA 42 4.83 124.21 -8.82
CA THR KA 42 5.66 124.09 -10.04
C THR KA 42 6.83 125.08 -9.92
N SER KA 43 7.07 125.94 -10.91
CA SER KA 43 8.01 127.03 -10.76
C SER KA 43 7.53 128.36 -11.32
N LYS KA 44 6.48 128.38 -12.14
CA LYS KA 44 6.01 129.63 -12.72
C LYS KA 44 5.18 130.43 -11.71
N GLN KA 45 4.15 129.80 -11.16
CA GLN KA 45 3.35 130.49 -10.15
C GLN KA 45 4.08 130.59 -8.82
N LYS KA 46 5.16 129.82 -8.62
CA LYS KA 46 6.08 130.10 -7.52
C LYS KA 46 6.71 131.48 -7.69
N SER KA 47 7.18 131.80 -8.89
CA SER KA 47 7.73 133.13 -9.15
C SER KA 47 6.65 134.19 -9.09
N LYS KA 48 5.42 133.86 -9.51
CA LYS KA 48 4.31 134.81 -9.41
C LYS KA 48 3.98 135.13 -7.95
N THR KA 49 3.95 134.11 -7.09
CA THR KA 49 3.69 134.33 -5.68
C THR KA 49 4.84 135.08 -5.01
N ALA KA 50 6.08 134.77 -5.40
CA ALA KA 50 7.23 135.51 -4.88
C ALA KA 50 7.17 136.97 -5.29
N LEU KA 51 6.76 137.24 -6.53
CA LEU KA 51 6.61 138.62 -6.98
C LEU KA 51 5.51 139.34 -6.23
N THR KA 52 4.39 138.67 -5.99
CA THR KA 52 3.30 139.30 -5.25
C THR KA 52 3.63 139.50 -3.78
N LEU KA 53 4.53 138.70 -3.21
CA LEU KA 53 4.88 138.85 -1.81
C LEU KA 53 6.02 139.83 -1.57
N LEU KA 54 7.03 139.86 -2.44
CA LEU KA 54 8.17 140.75 -2.25
C LEU KA 54 7.81 142.22 -2.44
N LYS KA 55 6.63 142.52 -3.00
CA LYS KA 55 6.18 143.88 -3.21
C LYS KA 55 5.48 144.46 -1.98
N THR KA 56 4.90 143.62 -1.13
CA THR KA 56 4.18 144.13 0.04
C THR KA 56 4.73 143.57 1.35
N GLU KA 57 6.04 143.37 1.47
CA GLU KA 57 6.64 142.86 2.69
C GLU KA 57 7.89 143.66 3.04
N ARG KA 58 8.09 143.88 4.34
CA ARG KA 58 9.22 144.68 4.82
C ARG KA 58 10.14 143.95 5.79
N ASP KA 59 9.74 142.79 6.31
CA ASP KA 59 10.59 142.05 7.24
C ASP KA 59 11.74 141.41 6.47
N PRO KA 60 13.01 141.76 6.78
CA PRO KA 60 14.12 141.27 5.94
C PRO KA 60 14.34 139.77 5.98
N ASP KA 61 14.11 139.11 7.12
CA ASP KA 61 14.29 137.65 7.16
C ASP KA 61 13.24 136.94 6.32
N ARG KA 62 12.02 137.49 6.27
CA ARG KA 62 11.01 137.01 5.34
C ARG KA 62 11.47 137.19 3.90
N ILE KA 63 12.10 138.33 3.59
CA ILE KA 63 12.58 138.59 2.24
C ILE KA 63 13.66 137.59 1.83
N LEU KA 64 14.60 137.32 2.75
CA LEU KA 64 15.64 136.31 2.53
C LEU KA 64 15.06 134.93 2.30
N GLU KA 65 14.07 134.52 3.14
CA GLU KA 65 13.55 133.17 2.98
C GLU KA 65 12.69 133.04 1.73
N ILE KA 66 11.97 134.11 1.34
CA ILE KA 66 11.19 134.07 0.12
C ILE KA 66 12.10 133.97 -1.10
N CYS KA 67 13.19 134.75 -1.11
CA CYS KA 67 14.08 134.75 -2.26
C CYS KA 67 14.90 133.47 -2.36
N ARG KA 68 15.18 132.83 -1.21
CA ARG KA 68 15.83 131.52 -1.29
C ARG KA 68 14.84 130.43 -1.68
N ALA KA 69 13.57 130.54 -1.27
CA ALA KA 69 12.59 129.52 -1.60
C ALA KA 69 12.16 129.59 -3.05
N ALA KA 70 12.24 130.77 -3.68
CA ALA KA 70 11.72 130.91 -5.03
C ALA KA 70 12.65 130.32 -6.09
N SER KA 71 13.91 130.03 -5.75
CA SER KA 71 14.91 129.42 -6.65
C SER KA 71 15.09 130.25 -7.92
N LEU KA 72 15.45 131.52 -7.72
CA LEU KA 72 15.40 132.50 -8.80
C LEU KA 72 16.60 132.33 -9.74
N THR KA 73 16.48 132.96 -10.93
CA THR KA 73 17.36 132.75 -12.07
C THR KA 73 17.39 134.03 -12.89
N PRO KA 74 18.57 134.47 -13.35
CA PRO KA 74 18.62 135.71 -14.13
C PRO KA 74 18.11 135.60 -15.57
N ASP KA 75 17.56 134.45 -15.97
CA ASP KA 75 17.14 134.29 -17.36
C ASP KA 75 15.70 134.73 -17.56
N CYS KA 76 14.81 134.34 -16.65
CA CYS KA 76 13.39 134.65 -16.79
C CYS KA 76 13.08 136.06 -16.30
N HIS KA 77 12.10 136.68 -16.96
CA HIS KA 77 11.76 138.08 -16.67
C HIS KA 77 11.17 138.24 -15.28
N ILE KA 78 10.29 137.32 -14.87
CA ILE KA 78 9.59 137.45 -13.59
C ILE KA 78 10.57 137.30 -12.43
N ASP KA 79 11.57 136.43 -12.58
CA ASP KA 79 12.56 136.24 -11.52
C ASP KA 79 13.45 137.47 -11.32
N ARG KA 80 13.87 138.11 -12.42
CA ARG KA 80 14.67 139.32 -12.25
C ARG KA 80 13.83 140.51 -11.82
N LEU KA 81 12.54 140.54 -12.18
CA LEU KA 81 11.64 141.55 -11.62
C LEU KA 81 11.48 141.32 -10.11
N ALA KA 82 11.46 140.06 -9.69
CA ALA KA 82 11.41 139.75 -8.26
C ALA KA 82 12.69 140.16 -7.54
N PHE KA 83 13.85 139.95 -8.17
CA PHE KA 83 15.10 140.54 -7.69
C PHE KA 83 14.99 142.05 -7.49
N SER KA 84 14.48 142.76 -8.51
CA SER KA 84 14.41 144.22 -8.43
C SER KA 84 13.47 144.67 -7.32
N ALA KA 85 12.31 144.03 -7.20
CA ALA KA 85 11.36 144.38 -6.15
C ALA KA 85 11.92 144.06 -4.77
N ALA KA 86 12.64 142.94 -4.64
CA ALA KA 86 13.23 142.57 -3.35
C ALA KA 86 14.28 143.58 -2.92
N VAL KA 87 15.20 143.95 -3.82
CA VAL KA 87 16.23 144.90 -3.42
C VAL KA 87 15.66 146.30 -3.25
N GLN KA 88 14.56 146.62 -3.95
CA GLN KA 88 13.93 147.91 -3.75
C GLN KA 88 13.27 148.01 -2.38
N ASN KA 89 12.54 146.96 -1.97
CA ASN KA 89 11.93 146.98 -0.65
C ASN KA 89 12.94 146.76 0.46
N LEU KA 90 14.13 146.25 0.15
CA LEU KA 90 15.16 146.13 1.17
C LEU KA 90 15.97 147.41 1.34
N THR KA 91 16.30 148.09 0.24
CA THR KA 91 16.98 149.38 0.31
C THR KA 91 16.05 150.52 0.70
N GLU KA 92 14.73 150.30 0.65
CA GLU KA 92 13.79 151.29 1.16
C GLU KA 92 13.99 151.53 2.65
N ASN KA 93 14.19 150.46 3.43
CA ASN KA 93 14.37 150.57 4.87
C ASN KA 93 15.83 150.45 5.28
N LYS KA 94 16.76 150.74 4.36
CA LYS KA 94 18.20 150.87 4.64
C LYS KA 94 18.82 149.58 5.18
N HIS KA 95 18.30 148.42 4.74
CA HIS KA 95 18.86 147.14 5.17
C HIS KA 95 19.92 146.68 4.15
N PHE KA 96 21.09 147.32 4.24
CA PHE KA 96 22.18 147.04 3.30
C PHE KA 96 22.80 145.69 3.57
N SER KA 97 22.91 145.29 4.85
CA SER KA 97 23.45 143.99 5.19
C SER KA 97 22.56 142.86 4.68
N ALA KA 98 21.25 143.10 4.62
CA ALA KA 98 20.32 142.13 4.06
C ALA KA 98 20.56 141.91 2.57
N VAL KA 99 20.79 142.99 1.82
CA VAL KA 99 21.06 142.87 0.39
C VAL KA 99 22.41 142.18 0.15
N THR KA 100 23.41 142.50 0.99
CA THR KA 100 24.69 141.83 0.88
C THR KA 100 24.57 140.34 1.16
N ASN KA 101 23.77 139.97 2.18
CA ASN KA 101 23.56 138.56 2.50
C ASN KA 101 22.83 137.85 1.36
N LEU KA 102 21.83 138.53 0.77
CA LEU KA 102 21.08 137.98 -0.37
C LEU KA 102 22.00 137.65 -1.54
N LEU KA 103 22.81 138.63 -1.96
CA LEU KA 103 23.66 138.41 -3.13
C LEU KA 103 24.78 137.42 -2.83
N ASP KA 104 25.32 137.45 -1.60
CA ASP KA 104 26.35 136.50 -1.24
C ASP KA 104 25.82 135.07 -1.22
N GLY KA 105 24.60 134.89 -0.70
CA GLY KA 105 23.96 133.60 -0.77
C GLY KA 105 23.56 133.18 -2.16
N LEU KA 106 23.37 134.14 -3.07
CA LEU KA 106 23.00 133.77 -4.43
C LEU KA 106 24.19 133.32 -5.26
N LEU KA 107 25.34 134.00 -5.19
CA LEU KA 107 26.53 133.48 -5.87
C LEU KA 107 27.11 132.27 -5.14
N GLU KA 108 27.39 132.39 -3.84
CA GLU KA 108 28.19 131.37 -3.17
C GLU KA 108 27.44 130.05 -2.99
N ASN KA 109 26.22 130.09 -2.51
CA ASN KA 109 25.55 128.88 -2.03
C ASN KA 109 24.78 128.11 -3.10
N ARG KA 110 24.66 128.65 -4.32
CA ARG KA 110 24.05 127.92 -5.42
C ARG KA 110 25.12 127.60 -6.46
N PRO KA 111 25.58 126.35 -6.56
CA PRO KA 111 26.63 126.00 -7.53
C PRO KA 111 26.17 126.04 -8.98
N ASP KA 112 24.88 126.17 -9.25
CA ASP KA 112 24.37 126.23 -10.61
C ASP KA 112 24.21 127.65 -11.13
N LEU KA 113 24.79 128.64 -10.44
CA LEU KA 113 24.77 130.02 -10.92
C LEU KA 113 26.15 130.67 -10.93
N LYS KA 114 27.22 129.89 -10.97
CA LYS KA 114 28.55 130.44 -11.15
C LYS KA 114 28.75 130.72 -12.63
N THR KA 115 28.23 131.86 -13.09
CA THR KA 115 28.30 132.19 -14.51
C THR KA 115 28.47 133.70 -14.65
N GLU KA 116 29.05 134.09 -15.79
CA GLU KA 116 29.21 135.50 -16.12
C GLU KA 116 27.87 136.20 -16.26
N ARG KA 117 26.86 135.46 -16.73
CA ARG KA 117 25.48 135.93 -16.80
C ARG KA 117 24.99 136.43 -15.44
N PHE KA 118 24.97 135.54 -14.46
CA PHE KA 118 24.49 135.93 -13.13
C PHE KA 118 25.49 136.86 -12.45
N ALA KA 119 26.77 136.80 -12.82
CA ALA KA 119 27.73 137.75 -12.28
C ALA KA 119 27.38 139.18 -12.66
N ALA KA 120 27.08 139.43 -13.94
CA ALA KA 120 26.71 140.77 -14.37
C ALA KA 120 25.36 141.17 -13.81
N HIS KA 121 24.41 140.23 -13.78
CA HIS KA 121 23.09 140.53 -13.21
C HIS KA 121 23.20 140.88 -11.73
N ALA KA 122 24.03 140.15 -10.99
CA ALA KA 122 24.28 140.43 -9.59
C ALA KA 122 24.98 141.76 -9.39
N ILE KA 123 25.87 142.13 -10.33
CA ILE KA 123 26.53 143.44 -10.26
C ILE KA 123 25.49 144.56 -10.34
N VAL KA 124 24.60 144.49 -11.32
CA VAL KA 124 23.60 145.54 -11.48
C VAL KA 124 22.63 145.55 -10.29
N LEU KA 125 22.16 144.35 -9.89
CA LEU KA 125 21.25 144.21 -8.76
C LEU KA 125 21.86 144.71 -7.46
N TYR KA 126 23.14 144.45 -7.26
CA TYR KA 126 23.81 144.86 -6.04
C TYR KA 126 24.27 146.31 -6.17
N ALA KA 127 24.07 146.90 -7.35
CA ALA KA 127 24.30 148.32 -7.56
C ALA KA 127 23.06 149.19 -7.37
N GLN KA 128 21.83 148.66 -7.50
CA GLN KA 128 20.69 149.53 -7.14
C GLN KA 128 20.59 149.74 -5.63
N ALA KA 129 21.38 149.01 -4.84
CA ALA KA 129 21.40 149.18 -3.39
C ALA KA 129 22.31 150.33 -2.93
N ASN KA 130 22.63 151.26 -3.85
CA ASN KA 130 23.61 152.33 -3.62
C ASN KA 130 24.96 151.77 -3.18
N MET KA 131 25.33 150.62 -3.75
CA MET KA 131 26.49 149.86 -3.31
C MET KA 131 27.46 149.63 -4.46
N LEU KA 132 27.81 150.72 -5.15
CA LEU KA 132 28.74 150.65 -6.28
C LEU KA 132 30.13 150.19 -5.85
N ASP KA 133 30.55 150.56 -4.64
CA ASP KA 133 31.87 150.17 -4.14
C ASP KA 133 31.96 148.66 -3.97
N HIS KA 134 30.97 148.05 -3.34
CA HIS KA 134 31.01 146.60 -3.23
C HIS KA 134 30.64 145.89 -4.53
N SER KA 135 30.00 146.59 -5.47
CA SER KA 135 29.88 146.07 -6.83
C SER KA 135 31.26 145.97 -7.48
N LEU KA 136 32.10 146.98 -7.28
CA LEU KA 136 33.47 146.87 -7.77
C LEU KA 136 34.28 145.86 -6.94
N ARG KA 137 33.91 145.65 -5.68
CA ARG KA 137 34.55 144.59 -4.89
C ARG KA 137 34.25 143.21 -5.47
N VAL KA 138 32.99 142.94 -5.84
CA VAL KA 138 32.69 141.65 -6.44
C VAL KA 138 33.22 141.57 -7.88
N PHE KA 139 33.40 142.72 -8.54
CA PHE KA 139 34.17 142.73 -9.79
C PHE KA 139 35.61 142.28 -9.54
N SER KA 140 36.22 142.77 -8.46
CA SER KA 140 37.57 142.33 -8.09
C SER KA 140 37.58 140.88 -7.61
N ASP KA 141 36.43 140.37 -7.19
CA ASP KA 141 36.29 138.98 -6.75
C ASP KA 141 35.81 138.05 -7.86
N LEU KA 142 35.61 138.57 -9.07
CA LEU KA 142 35.21 137.73 -10.20
C LEU KA 142 36.24 136.64 -10.52
N GLU KA 143 37.53 136.93 -10.39
CA GLU KA 143 38.53 135.93 -10.78
C GLU KA 143 38.72 134.86 -9.73
N LYS KA 144 38.27 135.08 -8.50
CA LYS KA 144 38.28 134.02 -7.49
C LYS KA 144 36.96 133.26 -7.42
N LEU KA 145 36.02 133.58 -8.32
CA LEU KA 145 34.80 132.80 -8.50
C LEU KA 145 34.88 131.87 -9.70
N GLU KA 146 36.06 131.73 -10.31
CA GLU KA 146 36.31 130.91 -11.51
C GLU KA 146 35.41 131.31 -12.67
N ILE KA 147 35.20 132.61 -12.84
CA ILE KA 147 34.39 133.15 -13.92
C ILE KA 147 35.30 133.93 -14.85
N GLN KA 148 35.20 133.67 -16.15
CA GLN KA 148 36.10 134.26 -17.13
C GLN KA 148 35.89 135.76 -17.23
N ARG KA 149 36.99 136.51 -17.40
CA ARG KA 149 36.96 137.96 -17.48
C ARG KA 149 36.62 138.36 -18.91
N THR KA 150 35.32 138.44 -19.19
CA THR KA 150 34.82 138.73 -20.52
C THR KA 150 34.32 140.17 -20.59
N VAL KA 151 33.78 140.56 -21.74
CA VAL KA 151 33.32 141.93 -21.93
C VAL KA 151 31.98 142.16 -21.22
N LYS KA 152 31.22 141.08 -20.96
CA LYS KA 152 29.94 141.29 -20.30
C LYS KA 152 30.05 141.40 -18.80
N SER KA 153 31.02 142.17 -18.31
CA SER KA 153 31.11 142.60 -16.93
C SER KA 153 31.16 144.12 -16.87
N LEU KA 154 32.13 144.72 -17.57
CA LEU KA 154 32.11 146.18 -17.73
C LEU KA 154 30.93 146.60 -18.58
N ASN KA 155 30.54 145.76 -19.54
CA ASN KA 155 29.16 145.77 -20.01
C ASN KA 155 28.25 145.54 -18.82
N ALA KA 156 27.44 146.56 -18.52
CA ALA KA 156 26.53 146.73 -17.39
C ALA KA 156 27.23 147.09 -16.08
N LEU KA 157 28.56 147.10 -16.00
CA LEU KA 157 29.17 147.99 -15.01
C LEU KA 157 28.89 149.43 -15.34
N LEU KA 158 28.92 149.78 -16.63
CA LEU KA 158 28.54 151.13 -17.03
C LEU KA 158 27.08 151.44 -16.68
N PHE KA 159 26.18 150.47 -16.91
CA PHE KA 159 24.80 150.63 -16.51
C PHE KA 159 24.65 150.73 -14.99
N ALA KA 160 25.40 149.89 -14.25
CA ALA KA 160 25.37 149.90 -12.80
C ALA KA 160 25.85 151.23 -12.24
N CYS KA 161 26.83 151.85 -12.90
CA CYS KA 161 27.22 153.21 -12.54
C CYS KA 161 26.11 154.20 -12.82
N LEU KA 162 25.45 154.09 -13.98
CA LEU KA 162 24.47 155.13 -14.31
C LEU KA 162 23.09 154.90 -13.69
N VAL KA 163 22.90 153.81 -12.94
CA VAL KA 163 21.64 153.65 -12.20
C VAL KA 163 21.55 154.67 -11.06
N ALA KA 164 22.61 154.77 -10.25
CA ALA KA 164 22.61 155.64 -9.08
C ALA KA 164 23.03 157.07 -9.39
N LYS KA 165 22.90 157.49 -10.65
CA LYS KA 165 23.27 158.82 -11.14
C LYS KA 165 24.72 159.16 -10.82
N ASP KA 166 25.60 158.17 -10.97
CA ASP KA 166 27.04 158.36 -10.86
C ASP KA 166 27.66 158.21 -12.24
N TYR KA 167 28.20 159.30 -12.76
CA TYR KA 167 28.76 159.34 -14.11
C TYR KA 167 30.28 159.29 -14.10
N LYS KA 168 30.93 159.96 -13.15
CA LYS KA 168 32.38 159.96 -13.06
C LYS KA 168 32.92 158.58 -12.70
N GLU KA 169 32.13 157.78 -11.98
CA GLU KA 169 32.50 156.38 -11.77
C GLU KA 169 32.53 155.62 -13.08
N ALA KA 170 31.57 155.89 -13.97
CA ALA KA 170 31.54 155.27 -15.28
C ALA KA 170 32.72 155.72 -16.14
N LYS KA 171 33.05 157.02 -16.09
CA LYS KA 171 34.23 157.51 -16.80
C LYS KA 171 35.50 156.86 -16.26
N ARG KA 172 35.60 156.71 -14.94
CA ARG KA 172 36.75 156.08 -14.31
C ARG KA 172 36.92 154.63 -14.75
N VAL KA 173 35.84 153.85 -14.73
CA VAL KA 173 35.98 152.44 -15.10
C VAL KA 173 36.24 152.29 -16.61
N TYR KA 174 35.63 153.16 -17.44
CA TYR KA 174 35.84 153.07 -18.88
C TYR KA 174 37.25 153.46 -19.27
N ILE KA 175 37.85 154.46 -18.59
CA ILE KA 175 39.25 154.76 -18.84
C ILE KA 175 40.18 153.68 -18.30
N GLU KA 176 39.96 153.19 -17.07
CA GLU KA 176 40.94 152.35 -16.40
C GLU KA 176 40.85 150.88 -16.74
N ILE KA 177 39.66 150.24 -16.58
CA ILE KA 177 39.46 148.80 -16.69
C ILE KA 177 39.87 148.12 -18.00
N PRO KA 178 39.43 148.58 -19.20
CA PRO KA 178 39.75 147.82 -20.43
C PRO KA 178 41.21 147.85 -20.82
N LYS KA 179 41.99 148.80 -20.30
CA LYS KA 179 43.41 148.86 -20.62
C LYS KA 179 44.29 148.11 -19.63
N MET KA 180 43.82 147.94 -18.39
CA MET KA 180 44.59 147.23 -17.37
C MET KA 180 44.17 145.78 -17.21
N TYR KA 181 42.99 145.40 -17.70
CA TYR KA 181 42.61 144.00 -17.81
C TYR KA 181 42.61 143.49 -19.25
N LYS KA 182 42.73 144.38 -20.23
CA LYS KA 182 42.90 143.97 -21.62
C LYS KA 182 41.73 143.24 -22.24
N ILE KA 183 40.52 143.74 -22.05
CA ILE KA 183 39.32 143.13 -22.62
C ILE KA 183 38.89 143.99 -23.81
N GLU KA 184 38.60 143.34 -24.93
CA GLU KA 184 38.25 144.04 -26.16
C GLU KA 184 36.92 144.75 -26.03
N PRO KA 185 36.81 146.02 -26.42
CA PRO KA 185 35.51 146.70 -26.39
C PRO KA 185 34.59 146.23 -27.50
N ASP KA 186 33.30 146.21 -27.21
CA ASP KA 186 32.26 145.87 -28.17
C ASP KA 186 31.37 147.08 -28.41
N LEU KA 187 30.29 146.85 -29.16
CA LEU KA 187 29.32 147.92 -29.38
C LEU KA 187 28.55 148.24 -28.10
N GLU KA 188 28.36 147.23 -27.24
CA GLU KA 188 27.52 147.39 -26.05
C GLU KA 188 28.10 148.40 -25.07
N THR KA 189 29.41 148.35 -24.84
CA THR KA 189 30.04 149.29 -23.91
C THR KA 189 29.99 150.71 -24.45
N TYR KA 190 29.99 150.89 -25.77
CA TYR KA 190 29.94 152.25 -26.30
C TYR KA 190 28.51 152.78 -26.32
N ASP KA 191 27.52 151.88 -26.48
CA ASP KA 191 26.14 152.28 -26.25
C ASP KA 191 25.90 152.69 -24.81
N ARG KA 192 26.45 151.94 -23.85
CA ARG KA 192 26.28 152.32 -22.45
C ARG KA 192 27.06 153.60 -22.12
N MET KA 193 28.18 153.83 -22.81
CA MET KA 193 28.92 155.06 -22.58
C MET KA 193 28.20 156.27 -23.17
N ILE KA 194 27.57 156.12 -24.34
CA ILE KA 194 26.81 157.27 -24.84
C ILE KA 194 25.55 157.47 -24.00
N LYS KA 195 25.02 156.40 -23.38
CA LYS KA 195 23.94 156.57 -22.42
C LYS KA 195 24.38 157.37 -21.20
N VAL KA 196 25.55 157.02 -20.63
CA VAL KA 196 25.99 157.74 -19.43
C VAL KA 196 26.48 159.15 -19.76
N PHE KA 197 26.93 159.39 -21.01
CA PHE KA 197 27.29 160.74 -21.39
C PHE KA 197 26.05 161.61 -21.60
N CYS KA 198 25.02 161.06 -22.25
CA CYS KA 198 23.80 161.82 -22.47
C CYS KA 198 23.02 162.03 -21.18
N GLU KA 199 23.14 161.10 -20.22
CA GLU KA 199 22.48 161.30 -18.92
C GLU KA 199 23.13 162.40 -18.11
N SER KA 200 24.40 162.71 -18.36
CA SER KA 200 25.12 163.76 -17.63
C SER KA 200 24.82 165.15 -18.14
N GLY KA 201 24.05 165.27 -19.22
CA GLY KA 201 23.87 166.56 -19.87
C GLY KA 201 25.04 166.96 -20.73
N SER KA 202 25.98 166.05 -20.96
CA SER KA 202 27.17 166.29 -21.75
C SER KA 202 27.21 165.34 -22.94
N ALA KA 203 26.54 165.71 -24.02
CA ALA KA 203 26.51 164.90 -25.22
C ALA KA 203 27.29 165.51 -26.38
N SER KA 204 28.01 166.61 -26.15
CA SER KA 204 28.80 167.22 -27.22
C SER KA 204 30.00 166.37 -27.60
N SER KA 205 30.41 165.46 -26.73
CA SER KA 205 31.48 164.51 -27.01
C SER KA 205 30.96 163.15 -27.45
N SER KA 206 29.67 163.04 -27.79
CA SER KA 206 29.19 161.83 -28.44
C SER KA 206 29.84 161.64 -29.80
N TYR KA 207 30.24 162.74 -30.43
CA TYR KA 207 31.07 162.68 -31.63
C TYR KA 207 32.41 162.02 -31.34
N SER KA 208 33.01 162.30 -30.18
CA SER KA 208 34.22 161.58 -29.79
C SER KA 208 33.93 160.11 -29.50
N ILE KA 209 32.80 159.84 -28.84
CA ILE KA 209 32.40 158.47 -28.51
C ILE KA 209 32.27 157.63 -29.77
N VAL KA 210 31.70 158.20 -30.84
CA VAL KA 210 31.65 157.50 -32.11
C VAL KA 210 32.96 157.61 -32.90
N ALA KA 211 33.82 158.58 -32.56
CA ALA KA 211 35.15 158.63 -33.18
C ALA KA 211 36.01 157.44 -32.79
N GLU KA 212 36.06 157.11 -31.49
CA GLU KA 212 36.72 155.84 -31.16
C GLU KA 212 35.80 154.63 -31.29
N MET KA 213 34.52 154.81 -31.67
CA MET KA 213 33.75 153.66 -32.14
C MET KA 213 34.21 153.24 -33.53
N GLU KA 214 34.40 154.21 -34.42
CA GLU KA 214 34.85 153.91 -35.77
C GLU KA 214 36.37 153.93 -35.90
N ARG KA 215 37.10 154.20 -34.82
CA ARG KA 215 38.55 154.02 -34.82
C ARG KA 215 38.93 152.59 -34.51
N LYS KA 216 38.08 151.87 -33.76
CA LYS KA 216 38.29 150.45 -33.52
C LYS KA 216 37.75 149.58 -34.65
N GLY KA 217 36.91 150.13 -35.52
CA GLY KA 217 36.46 149.40 -36.70
C GLY KA 217 35.22 148.56 -36.52
N VAL KA 218 34.25 149.02 -35.73
CA VAL KA 218 33.01 148.28 -35.49
C VAL KA 218 31.84 149.09 -36.05
N LYS KA 219 30.98 148.43 -36.82
CA LYS KA 219 29.83 149.07 -37.43
C LYS KA 219 28.77 149.41 -36.37
N PRO KA 220 28.16 150.59 -36.46
CA PRO KA 220 27.14 150.98 -35.47
C PRO KA 220 25.76 150.48 -35.85
N THR KA 221 24.90 150.41 -34.84
CA THR KA 221 23.49 150.12 -35.01
C THR KA 221 22.70 151.41 -34.83
N SER KA 222 21.36 151.31 -34.93
CA SER KA 222 20.51 152.49 -34.79
C SER KA 222 20.22 152.84 -33.34
N SER KA 223 20.58 151.97 -32.39
CA SER KA 223 20.39 152.27 -30.98
C SER KA 223 21.24 153.45 -30.55
N THR KA 224 22.49 153.50 -31.01
CA THR KA 224 23.37 154.62 -30.68
C THR KA 224 22.86 155.92 -31.26
N PHE KA 225 22.27 155.89 -32.46
CA PHE KA 225 21.74 157.11 -33.05
C PHE KA 225 20.47 157.57 -32.34
N GLY KA 226 19.64 156.62 -31.90
CA GLY KA 226 18.50 156.97 -31.08
C GLY KA 226 18.92 157.60 -29.75
N LEU KA 227 20.00 157.08 -29.16
CA LEU KA 227 20.53 157.68 -27.94
C LEU KA 227 21.15 159.05 -28.21
N MET KA 228 21.73 159.25 -29.40
CA MET KA 228 22.17 160.58 -29.80
C MET KA 228 21.02 161.57 -29.79
N ILE KA 229 19.92 161.22 -30.44
CA ILE KA 229 18.78 162.13 -30.51
C ILE KA 229 18.18 162.35 -29.13
N ALA KA 230 18.17 161.31 -28.30
CA ALA KA 230 17.70 161.44 -26.92
C ALA KA 230 18.52 162.44 -26.14
N GLY KA 231 19.85 162.32 -26.19
CA GLY KA 231 20.70 163.23 -25.45
C GLY KA 231 20.71 164.64 -26.01
N PHE KA 232 20.52 164.78 -27.33
CA PHE KA 232 20.57 166.10 -27.93
C PHE KA 232 19.25 166.86 -27.79
N TYR KA 233 18.11 166.17 -27.78
CA TYR KA 233 16.88 166.80 -27.33
C TYR KA 233 16.86 167.00 -25.83
N ARG KA 234 17.65 166.23 -25.07
CA ARG KA 234 17.81 166.51 -23.66
C ARG KA 234 18.56 167.82 -23.39
N GLU KA 235 19.34 168.30 -24.37
CA GLU KA 235 20.07 169.55 -24.24
C GLU KA 235 19.69 170.58 -25.29
N ASP KA 236 18.75 170.24 -26.18
CA ASP KA 236 18.08 171.18 -27.10
C ASP KA 236 19.09 171.86 -28.04
N LYS KA 237 19.71 171.03 -28.90
CA LYS KA 237 20.67 171.49 -29.91
C LYS KA 237 20.15 171.06 -31.28
N LYS KA 238 19.28 171.87 -31.88
CA LYS KA 238 18.55 171.46 -33.08
C LYS KA 238 19.46 171.37 -34.29
N GLU KA 239 20.39 172.32 -34.44
CA GLU KA 239 21.36 172.24 -35.54
C GLU KA 239 22.30 171.05 -35.36
N ASP KA 240 22.65 170.74 -34.12
CA ASP KA 240 23.44 169.54 -33.87
C ASP KA 240 22.61 168.26 -34.03
N VAL KA 241 21.30 168.35 -33.81
CA VAL KA 241 20.41 167.24 -34.14
C VAL KA 241 20.40 166.99 -35.65
N GLY KA 242 20.36 168.06 -36.45
CA GLY KA 242 20.51 167.90 -37.89
C GLY KA 242 21.87 167.36 -38.27
N LYS KA 243 22.92 167.76 -37.53
CA LYS KA 243 24.26 167.24 -37.75
C LYS KA 243 24.32 165.72 -37.54
N VAL KA 244 23.82 165.24 -36.41
CA VAL KA 244 23.85 163.80 -36.17
C VAL KA 244 22.84 163.04 -37.04
N LEU KA 245 21.78 163.70 -37.51
CA LEU KA 245 20.88 163.07 -38.47
C LEU KA 245 21.58 162.85 -39.80
N ALA KA 246 22.31 163.85 -40.29
CA ALA KA 246 23.10 163.67 -41.50
C ALA KA 246 24.23 162.65 -41.28
N MET KA 247 24.78 162.64 -40.06
CA MET KA 247 25.82 161.67 -39.70
C MET KA 247 25.30 160.25 -39.77
N MET KA 248 24.07 160.01 -39.32
CA MET KA 248 23.45 158.70 -39.47
C MET KA 248 23.11 158.41 -40.92
N LYS KA 249 22.61 159.42 -41.65
CA LYS KA 249 22.15 159.22 -43.03
C LYS KA 249 23.28 158.90 -43.99
N GLU KA 250 24.49 159.41 -43.75
CA GLU KA 250 25.57 159.26 -44.73
C GLU KA 250 26.13 157.85 -44.81
N ARG KA 251 25.80 156.98 -43.86
CA ARG KA 251 26.42 155.66 -43.78
C ARG KA 251 25.60 154.56 -44.44
N GLY KA 252 24.40 154.87 -44.93
CA GLY KA 252 23.54 153.87 -45.53
C GLY KA 252 22.78 153.02 -44.55
N VAL KA 253 22.97 153.21 -43.25
CA VAL KA 253 22.19 152.50 -42.25
C VAL KA 253 20.76 152.99 -42.29
N SER KA 254 19.81 152.06 -42.29
CA SER KA 254 18.40 152.37 -42.47
C SER KA 254 17.87 153.23 -41.32
N ILE KA 255 17.09 154.24 -41.70
CA ILE KA 255 16.39 155.08 -40.74
C ILE KA 255 15.11 154.37 -40.28
N GLY KA 256 15.20 153.70 -39.13
CA GLY KA 256 14.14 152.85 -38.66
C GLY KA 256 13.04 153.61 -37.96
N VAL KA 257 12.09 152.84 -37.42
CA VAL KA 257 10.96 153.45 -36.74
C VAL KA 257 11.34 153.90 -35.34
N SER KA 258 12.32 153.24 -34.71
CA SER KA 258 12.67 153.51 -33.32
C SER KA 258 13.22 154.92 -33.12
N THR KA 259 13.91 155.45 -34.15
CA THR KA 259 14.33 156.84 -34.13
C THR KA 259 13.13 157.77 -34.03
N HIS KA 260 12.10 157.51 -34.85
CA HIS KA 260 10.89 158.35 -34.81
C HIS KA 260 10.14 158.18 -33.50
N ASN KA 261 10.16 156.97 -32.93
CA ASN KA 261 9.57 156.74 -31.61
C ASN KA 261 10.24 157.61 -30.57
N ILE KA 262 11.57 157.69 -30.60
CA ILE KA 262 12.23 158.51 -29.58
C ILE KA 262 12.09 160.00 -29.90
N ARG KA 263 11.86 160.36 -31.17
CA ARG KA 263 11.48 161.75 -31.47
C ARG KA 263 10.18 162.12 -30.77
N ILE KA 264 9.17 161.27 -30.91
CA ILE KA 264 7.87 161.58 -30.29
C ILE KA 264 7.99 161.56 -28.77
N GLN KA 265 8.73 160.58 -28.23
CA GLN KA 265 8.89 160.45 -26.78
C GLN KA 265 9.62 161.65 -26.18
N SER KA 266 10.67 162.13 -26.83
CA SER KA 266 11.42 163.27 -26.30
C SER KA 266 10.69 164.58 -26.54
N LEU KA 267 10.06 164.74 -27.71
CA LEU KA 267 9.43 166.00 -28.04
C LEU KA 267 8.09 166.20 -27.34
N CYS KA 268 7.48 165.11 -26.88
CA CYS KA 268 6.24 165.24 -26.10
C CYS KA 268 6.50 165.75 -24.69
N LYS KA 269 7.76 165.71 -24.23
CA LYS KA 269 8.07 166.21 -22.90
C LYS KA 269 8.13 167.72 -22.86
N ARG KA 270 8.43 168.36 -23.99
CA ARG KA 270 8.58 169.81 -24.06
C ARG KA 270 7.38 170.50 -24.70
N LYS KA 271 6.20 169.90 -24.57
CA LYS KA 271 4.91 170.49 -24.99
C LYS KA 271 4.90 170.86 -26.48
N ARG KA 272 5.51 170.01 -27.31
CA ARG KA 272 5.58 170.21 -28.75
C ARG KA 272 4.90 169.06 -29.47
N SER KA 273 3.69 168.72 -29.00
CA SER KA 273 2.96 167.58 -29.55
C SER KA 273 2.46 167.82 -30.97
N GLY KA 274 2.29 169.08 -31.38
CA GLY KA 274 1.82 169.36 -32.73
C GLY KA 274 2.90 169.06 -33.77
N GLU KA 275 4.15 169.38 -33.46
CA GLU KA 275 5.26 168.99 -34.32
C GLU KA 275 5.40 167.48 -34.38
N ALA KA 276 5.15 166.79 -33.26
CA ALA KA 276 5.16 165.34 -33.25
C ALA KA 276 4.06 164.75 -34.13
N LYS KA 277 2.85 165.35 -34.08
CA LYS KA 277 1.76 164.90 -34.95
C LYS KA 277 2.08 165.17 -36.41
N ALA KA 278 2.72 166.31 -36.71
CA ALA KA 278 3.12 166.59 -38.09
C ALA KA 278 4.17 165.61 -38.58
N LEU KA 279 5.12 165.23 -37.72
CA LEU KA 279 6.11 164.23 -38.08
C LEU KA 279 5.48 162.87 -38.32
N LEU KA 280 4.50 162.49 -37.48
CA LEU KA 280 3.83 161.21 -37.69
C LEU KA 280 2.96 161.23 -38.94
N ASP KA 281 2.37 162.38 -39.28
CA ASP KA 281 1.64 162.49 -40.53
C ASP KA 281 2.57 162.36 -41.73
N GLY KA 282 3.73 163.01 -41.68
CA GLY KA 282 4.71 162.90 -42.75
C GLY KA 282 5.28 161.51 -42.89
N MET KA 283 5.38 160.77 -41.78
CA MET KA 283 5.89 159.41 -41.84
C MET KA 283 4.80 158.39 -42.16
N LEU KA 284 3.53 158.70 -41.88
CA LEU KA 284 2.42 157.88 -42.35
C LEU KA 284 2.21 158.06 -43.84
N SER KA 285 2.59 159.23 -44.38
CA SER KA 285 2.60 159.40 -45.83
C SER KA 285 3.70 158.61 -46.51
N SER KA 286 4.65 158.05 -45.77
CA SER KA 286 5.69 157.20 -46.32
C SER KA 286 5.34 155.72 -46.30
N GLY KA 287 4.14 155.36 -45.85
CA GLY KA 287 3.74 153.97 -45.77
C GLY KA 287 4.09 153.26 -44.49
N MET KA 288 4.55 153.98 -43.47
CA MET KA 288 4.92 153.37 -42.20
C MET KA 288 3.69 152.97 -41.40
N LYS KA 289 3.91 152.13 -40.39
CA LYS KA 289 2.83 151.64 -39.55
C LYS KA 289 3.08 152.07 -38.11
N PRO KA 290 2.42 153.10 -37.60
CA PRO KA 290 2.61 153.50 -36.20
C PRO KA 290 2.05 152.47 -35.24
N ASN KA 291 2.90 152.05 -34.31
CA ASN KA 291 2.60 150.95 -33.40
C ASN KA 291 1.90 151.49 -32.14
N ALA KA 292 1.84 150.64 -31.12
CA ALA KA 292 1.34 151.05 -29.81
C ALA KA 292 2.21 152.14 -29.21
N VAL KA 293 3.52 152.07 -29.45
CA VAL KA 293 4.48 152.91 -28.74
C VAL KA 293 4.33 154.38 -29.16
N THR KA 294 4.25 154.63 -30.48
CA THR KA 294 4.11 156.00 -30.99
C THR KA 294 2.81 156.63 -30.53
N TYR KA 295 1.71 155.86 -30.61
CA TYR KA 295 0.41 156.40 -30.24
C TYR KA 295 0.31 156.63 -28.74
N GLY KA 296 0.93 155.76 -27.93
CA GLY KA 296 0.99 155.99 -26.49
C GLY KA 296 1.79 157.25 -26.17
N HIS KA 297 2.90 157.47 -26.88
CA HIS KA 297 3.67 158.69 -26.68
C HIS KA 297 2.87 159.93 -27.06
N LEU KA 298 2.13 159.87 -28.17
CA LEU KA 298 1.33 161.02 -28.58
C LEU KA 298 0.17 161.27 -27.63
N ILE KA 299 -0.45 160.21 -27.11
CA ILE KA 299 -1.51 160.36 -26.12
C ILE KA 299 -0.97 161.02 -24.86
N HIS KA 300 0.20 160.54 -24.39
CA HIS KA 300 0.84 161.11 -23.21
C HIS KA 300 1.19 162.58 -23.40
N GLY KA 301 1.71 162.92 -24.59
CA GLY KA 301 2.05 164.30 -24.87
C GLY KA 301 0.84 165.21 -24.98
N PHE KA 302 -0.21 164.75 -25.66
CA PHE KA 302 -1.38 165.60 -25.88
C PHE KA 302 -2.24 165.75 -24.64
N CYS KA 303 -2.26 164.76 -23.75
CA CYS KA 303 -2.91 164.97 -22.47
C CYS KA 303 -2.01 165.59 -21.43
N ASN KA 304 -0.69 165.62 -21.69
CA ASN KA 304 0.19 166.53 -20.98
C ASN KA 304 0.04 167.95 -21.49
N GLU KA 305 -0.36 168.10 -22.75
CA GLU KA 305 -0.72 169.36 -23.37
C GLU KA 305 -2.12 169.81 -22.99
N GLY KA 306 -2.93 168.89 -22.44
CA GLY KA 306 -4.33 169.08 -22.06
C GLY KA 306 -5.21 169.48 -23.25
N GLU KA 307 -4.79 169.13 -24.47
CA GLU KA 307 -5.68 169.12 -25.63
C GLU KA 307 -6.36 167.76 -25.66
N PHE KA 308 -7.38 167.62 -24.81
CA PHE KA 308 -7.90 166.31 -24.47
C PHE KA 308 -8.71 165.69 -25.60
N ASP KA 309 -9.40 166.50 -26.40
CA ASP KA 309 -10.14 165.97 -27.54
C ASP KA 309 -9.19 165.44 -28.62
N GLU KA 310 -8.03 166.09 -28.79
CA GLU KA 310 -7.07 165.62 -29.77
C GLU KA 310 -6.46 164.29 -29.37
N ALA KA 311 -6.10 164.15 -28.08
CA ALA KA 311 -5.65 162.85 -27.57
C ALA KA 311 -6.77 161.82 -27.63
N LYS KA 312 -8.02 162.24 -27.45
CA LYS KA 312 -9.14 161.32 -27.51
C LYS KA 312 -9.31 160.75 -28.92
N LYS KA 313 -9.30 161.62 -29.94
CA LYS KA 313 -9.42 161.12 -31.31
C LYS KA 313 -8.16 160.39 -31.78
N LEU KA 314 -6.99 160.72 -31.21
CA LEU KA 314 -5.81 159.91 -31.47
C LEU KA 314 -5.96 158.51 -30.88
N PHE KA 315 -6.58 158.40 -29.70
CA PHE KA 315 -6.92 157.09 -29.15
C PHE KA 315 -7.93 156.36 -30.01
N LYS KA 316 -8.90 157.10 -30.57
CA LYS KA 316 -9.90 156.48 -31.44
C LYS KA 316 -9.25 155.91 -32.71
N ALA KA 317 -8.33 156.64 -33.32
CA ALA KA 317 -7.64 156.07 -34.49
C ALA KA 317 -6.59 155.04 -34.07
N MET KA 318 -6.14 155.06 -32.81
CA MET KA 318 -5.27 154.00 -32.30
C MET KA 318 -5.99 152.67 -32.22
N VAL KA 319 -7.17 152.66 -31.57
CA VAL KA 319 -7.95 151.43 -31.47
C VAL KA 319 -8.53 151.06 -32.82
N ASN KA 320 -8.80 152.08 -33.67
CA ASN KA 320 -9.36 151.84 -34.99
C ASN KA 320 -8.43 151.03 -35.87
N ARG KA 321 -7.14 151.37 -35.87
CA ARG KA 321 -6.18 150.60 -36.66
C ARG KA 321 -5.85 149.26 -36.02
N GLY KA 322 -6.13 149.09 -34.74
CA GLY KA 322 -6.14 147.77 -34.12
C GLY KA 322 -4.90 147.38 -33.34
N CYS KA 323 -3.95 148.29 -33.14
CA CYS KA 323 -2.84 147.98 -32.25
C CYS KA 323 -3.35 147.94 -30.81
N LYS KA 324 -2.90 146.94 -30.07
CA LYS KA 324 -3.46 146.71 -28.75
C LYS KA 324 -2.83 147.67 -27.74
N PRO KA 325 -3.60 148.50 -27.06
CA PRO KA 325 -3.03 149.41 -26.08
C PRO KA 325 -2.64 148.71 -24.81
N ASP KA 326 -1.56 149.20 -24.20
CA ASP KA 326 -1.12 148.69 -22.91
C ASP KA 326 -1.87 149.41 -21.79
N SER KA 327 -1.54 149.04 -20.55
CA SER KA 327 -2.26 149.59 -19.40
C SER KA 327 -1.83 151.02 -19.11
N GLU KA 328 -0.62 151.39 -19.50
CA GLU KA 328 -0.05 152.69 -19.12
C GLU KA 328 -0.76 153.84 -19.84
N CYS KA 329 -0.97 153.70 -21.16
CA CYS KA 329 -1.67 154.74 -21.90
C CYS KA 329 -3.13 154.83 -21.46
N TYR KA 330 -3.74 153.67 -21.18
CA TYR KA 330 -5.08 153.61 -20.60
C TYR KA 330 -5.15 154.44 -19.31
N PHE KA 331 -4.23 154.20 -18.39
CA PHE KA 331 -4.30 154.83 -17.07
C PHE KA 331 -3.93 156.31 -17.13
N THR KA 332 -2.98 156.67 -18.00
CA THR KA 332 -2.63 158.08 -18.18
C THR KA 332 -3.80 158.85 -18.78
N LEU KA 333 -4.47 158.26 -19.79
CA LEU KA 333 -5.64 158.88 -20.38
C LEU KA 333 -6.77 159.05 -19.37
N VAL KA 334 -7.03 158.00 -18.57
CA VAL KA 334 -8.10 158.08 -17.56
C VAL KA 334 -7.77 159.11 -16.50
N TYR KA 335 -6.51 159.16 -16.06
CA TYR KA 335 -6.08 160.11 -15.04
C TYR KA 335 -6.25 161.55 -15.51
N TYR KA 336 -5.69 161.89 -16.68
CA TYR KA 336 -5.80 163.28 -17.10
C TYR KA 336 -7.18 163.64 -17.66
N LEU KA 337 -7.98 162.66 -18.08
CA LEU KA 337 -9.35 162.95 -18.47
C LEU KA 337 -10.23 163.22 -17.25
N CYS KA 338 -9.95 162.54 -16.13
CA CYS KA 338 -10.66 162.88 -14.90
C CYS KA 338 -10.09 164.14 -14.27
N LYS KA 339 -8.85 164.49 -14.60
CA LYS KA 339 -8.31 165.80 -14.21
C LYS KA 339 -8.99 166.91 -15.00
N GLY KA 340 -9.31 166.66 -16.27
CA GLY KA 340 -9.91 167.68 -17.11
C GLY KA 340 -11.39 167.91 -16.90
N GLY KA 341 -12.13 166.88 -16.48
CA GLY KA 341 -13.54 167.02 -16.19
C GLY KA 341 -14.46 166.18 -17.06
N ASP KA 342 -13.94 165.47 -18.05
CA ASP KA 342 -14.74 164.56 -18.87
C ASP KA 342 -14.77 163.20 -18.19
N PHE KA 343 -15.96 162.69 -17.87
CA PHE KA 343 -16.06 161.53 -17.01
C PHE KA 343 -16.89 160.37 -17.57
N GLU KA 344 -17.79 160.61 -18.52
CA GLU KA 344 -18.48 159.47 -19.13
C GLU KA 344 -17.59 158.74 -20.12
N ALA KA 345 -16.75 159.48 -20.86
CA ALA KA 345 -15.74 158.83 -21.69
C ALA KA 345 -14.67 158.16 -20.84
N ALA KA 346 -14.34 158.75 -19.68
CA ALA KA 346 -13.43 158.09 -18.75
C ALA KA 346 -14.06 156.84 -18.14
N LEU KA 347 -15.38 156.86 -17.94
CA LEU KA 347 -16.09 155.66 -17.52
C LEU KA 347 -16.01 154.57 -18.58
N SER KA 348 -16.17 154.93 -19.85
CA SER KA 348 -16.02 153.97 -20.94
C SER KA 348 -14.60 153.42 -21.00
N LEU KA 349 -13.60 154.29 -20.83
CA LEU KA 349 -12.20 153.88 -20.86
C LEU KA 349 -11.87 152.95 -19.70
N CYS KA 350 -12.32 153.27 -18.49
CA CYS KA 350 -12.00 152.41 -17.35
C CYS KA 350 -12.76 151.09 -17.42
N LYS KA 351 -13.98 151.11 -17.97
CA LYS KA 351 -14.72 149.86 -18.16
C LYS KA 351 -14.02 148.95 -19.17
N GLU KA 352 -13.58 149.51 -20.30
CA GLU KA 352 -12.88 148.67 -21.27
C GLU KA 352 -11.48 148.29 -20.81
N SER KA 353 -10.89 149.02 -19.86
CA SER KA 353 -9.64 148.59 -19.26
C SER KA 353 -9.84 147.48 -18.25
N MET KA 354 -10.93 147.50 -17.48
CA MET KA 354 -11.26 146.36 -16.62
C MET KA 354 -11.68 145.15 -17.43
N GLU KA 355 -12.18 145.36 -18.65
CA GLU KA 355 -12.43 144.25 -19.57
C GLU KA 355 -11.13 143.50 -19.89
N LYS KA 356 -10.03 144.23 -20.06
CA LYS KA 356 -8.71 143.65 -20.20
C LYS KA 356 -7.95 143.64 -18.87
N ASN KA 357 -8.68 143.44 -17.76
CA ASN KA 357 -8.30 143.33 -16.35
C ASN KA 357 -7.17 144.27 -15.92
N TRP KA 358 -7.21 145.51 -16.40
CA TRP KA 358 -6.28 146.54 -15.96
C TRP KA 358 -6.98 147.37 -14.88
N VAL KA 359 -6.50 147.26 -13.65
CA VAL KA 359 -7.15 147.89 -12.50
C VAL KA 359 -6.43 149.19 -12.17
N PRO KA 360 -7.08 150.34 -12.26
CA PRO KA 360 -6.44 151.60 -11.89
C PRO KA 360 -6.13 151.64 -10.40
N SER KA 361 -5.12 152.43 -10.05
CA SER KA 361 -4.60 152.45 -8.69
C SER KA 361 -5.61 153.10 -7.74
N PHE KA 362 -5.27 153.05 -6.45
CA PHE KA 362 -6.24 153.41 -5.41
C PHE KA 362 -6.52 154.92 -5.43
N SER KA 363 -5.49 155.73 -5.66
CA SER KA 363 -5.70 157.17 -5.79
C SER KA 363 -6.50 157.49 -7.06
N ILE KA 364 -6.18 156.81 -8.17
CA ILE KA 364 -6.92 156.99 -9.41
C ILE KA 364 -8.38 156.56 -9.23
N MET KA 365 -8.59 155.42 -8.56
CA MET KA 365 -9.95 154.93 -8.33
C MET KA 365 -10.76 155.83 -7.39
N LYS KA 366 -10.12 156.40 -6.35
CA LYS KA 366 -10.90 157.30 -5.50
C LYS KA 366 -11.16 158.63 -6.21
N SER KA 367 -10.25 159.05 -7.10
CA SER KA 367 -10.56 160.17 -7.97
C SER KA 367 -11.74 159.86 -8.89
N LEU KA 368 -11.79 158.65 -9.42
CA LEU KA 368 -12.92 158.22 -10.25
C LEU KA 368 -14.23 158.26 -9.47
N VAL KA 369 -14.23 157.72 -8.25
CA VAL KA 369 -15.50 157.65 -7.51
C VAL KA 369 -15.92 159.02 -6.99
N ASN KA 370 -14.98 159.90 -6.58
CA ASN KA 370 -15.40 161.20 -6.11
C ASN KA 370 -15.82 162.12 -7.26
N GLY KA 371 -15.20 161.93 -8.44
CA GLY KA 371 -15.67 162.63 -9.62
C GLY KA 371 -17.03 162.18 -10.09
N LEU KA 372 -17.31 160.87 -10.02
CA LEU KA 372 -18.64 160.39 -10.39
C LEU KA 372 -19.69 160.82 -9.38
N ALA KA 373 -19.34 160.86 -8.09
CA ALA KA 373 -20.29 161.33 -7.09
C ALA KA 373 -20.54 162.83 -7.22
N LYS KA 374 -19.49 163.61 -7.54
CA LYS KA 374 -19.66 165.06 -7.65
C LYS KA 374 -20.41 165.43 -8.92
N ASP KA 375 -20.34 164.59 -9.96
CA ASP KA 375 -21.09 164.80 -11.20
C ASP KA 375 -22.47 164.17 -11.16
N SER KA 376 -22.97 163.83 -9.97
CA SER KA 376 -24.28 163.22 -9.73
C SER KA 376 -24.46 161.88 -10.44
N LYS KA 377 -23.36 161.18 -10.72
CA LYS KA 377 -23.42 159.81 -11.24
C LYS KA 377 -23.28 158.81 -10.10
N VAL KA 378 -24.21 158.94 -9.15
CA VAL KA 378 -24.17 158.14 -7.93
C VAL KA 378 -24.38 156.66 -8.24
N GLU KA 379 -25.31 156.35 -9.15
CA GLU KA 379 -25.52 154.98 -9.58
C GLU KA 379 -24.29 154.42 -10.28
N GLU KA 380 -23.66 155.23 -11.14
CA GLU KA 380 -22.45 154.80 -11.84
C GLU KA 380 -21.30 154.57 -10.88
N ALA KA 381 -21.15 155.44 -9.88
CA ALA KA 381 -20.10 155.27 -8.88
C ALA KA 381 -20.37 154.04 -8.02
N LYS KA 382 -21.63 153.77 -7.71
CA LYS KA 382 -21.98 152.59 -6.92
C LYS KA 382 -21.71 151.30 -7.69
N GLU KA 383 -22.04 151.25 -8.98
CA GLU KA 383 -21.72 150.03 -9.73
C GLU KA 383 -20.23 149.92 -10.02
N LEU KA 384 -19.52 151.06 -10.14
CA LEU KA 384 -18.08 151.01 -10.25
C LEU KA 384 -17.44 150.44 -8.99
N ILE KA 385 -17.85 150.89 -7.81
CA ILE KA 385 -17.27 150.34 -6.58
C ILE KA 385 -17.73 148.90 -6.36
N ALA KA 386 -18.91 148.54 -6.89
CA ALA KA 386 -19.33 147.15 -6.84
C ALA KA 386 -18.45 146.22 -7.65
N GLN KA 387 -18.11 146.62 -8.88
CA GLN KA 387 -17.23 145.79 -9.69
C GLN KA 387 -15.78 145.86 -9.19
N VAL KA 388 -15.38 146.95 -8.52
CA VAL KA 388 -14.06 146.97 -7.89
C VAL KA 388 -14.00 145.98 -6.73
N LYS KA 389 -15.00 145.98 -5.85
CA LYS KA 389 -15.04 144.98 -4.77
C LYS KA 389 -15.25 143.57 -5.28
N GLU KA 390 -15.84 143.41 -6.47
CA GLU KA 390 -15.82 142.11 -7.12
C GLU KA 390 -14.40 141.74 -7.55
N LYS KA 391 -13.63 142.71 -8.02
CA LYS KA 391 -12.30 142.44 -8.54
C LYS KA 391 -11.18 142.87 -7.61
N PHE KA 392 -11.46 143.13 -6.33
CA PHE KA 392 -10.45 143.53 -5.36
C PHE KA 392 -10.97 143.29 -3.95
N THR KA 393 -10.17 142.63 -3.12
CA THR KA 393 -10.57 142.27 -1.77
C THR KA 393 -9.52 142.63 -0.71
N ARG KA 394 -8.51 143.42 -1.05
CA ARG KA 394 -7.42 143.69 -0.13
C ARG KA 394 -7.50 145.07 0.54
N ASN KA 395 -8.46 145.91 0.16
CA ASN KA 395 -8.69 147.22 0.77
C ASN KA 395 -10.17 147.41 1.07
N VAL KA 396 -10.75 146.43 1.75
CA VAL KA 396 -12.17 146.46 2.08
C VAL KA 396 -12.49 147.60 3.03
N GLU KA 397 -11.67 147.81 4.06
CA GLU KA 397 -11.95 148.86 5.03
C GLU KA 397 -11.73 150.26 4.44
N LEU KA 398 -10.75 150.41 3.53
CA LEU KA 398 -10.47 151.70 2.92
C LEU KA 398 -11.64 152.12 2.02
N TRP KA 399 -12.09 151.22 1.15
CA TRP KA 399 -13.22 151.54 0.30
C TRP KA 399 -14.53 151.57 1.06
N ASN KA 400 -14.63 150.89 2.20
CA ASN KA 400 -15.79 151.06 3.08
C ASN KA 400 -15.83 152.48 3.64
N GLU KA 401 -14.69 153.00 4.08
CA GLU KA 401 -14.63 154.38 4.54
C GLU KA 401 -14.94 155.36 3.42
N VAL KA 402 -14.42 155.10 2.21
CA VAL KA 402 -14.69 155.97 1.06
C VAL KA 402 -16.16 155.94 0.69
N GLU KA 403 -16.77 154.74 0.69
CA GLU KA 403 -18.19 154.60 0.38
C GLU KA 403 -19.07 155.28 1.41
N ALA KA 404 -18.67 155.21 2.69
CA ALA KA 404 -19.38 155.97 3.73
C ALA KA 404 -19.21 157.47 3.52
N ALA KA 405 -18.05 157.90 3.04
CA ALA KA 405 -17.76 159.31 2.83
C ALA KA 405 -18.29 159.84 1.50
N LEU KA 406 -18.92 159.01 0.68
CA LEU KA 406 -19.48 159.48 -0.58
C LEU KA 406 -20.76 160.28 -0.33
N PRO KA 407 -21.04 161.28 -1.16
CA PRO KA 407 -22.35 161.94 -1.09
C PRO KA 407 -23.44 161.02 -1.63
N GLN KA 408 -24.67 161.27 -1.18
CA GLN KA 408 -25.80 160.45 -1.60
C GLN KA 408 -26.77 161.24 -2.49
N MET LA 1 89.16 14.25 0.18
CA MET LA 1 89.46 13.93 1.56
C MET LA 1 90.81 13.24 1.62
N HIS LA 2 91.82 14.02 2.00
CA HIS LA 2 93.21 13.67 1.77
C HIS LA 2 93.66 12.48 2.62
N TYR LA 3 93.37 12.52 3.92
CA TYR LA 3 93.93 11.52 4.82
C TYR LA 3 93.27 10.16 4.62
N MET LA 4 91.95 10.14 4.44
CA MET LA 4 91.25 8.89 4.15
C MET LA 4 91.70 8.30 2.82
N GLY LA 5 91.97 9.17 1.84
CA GLY LA 5 92.48 8.71 0.57
C GLY LA 5 93.88 8.12 0.68
N LEU LA 6 94.73 8.72 1.50
CA LEU LA 6 96.06 8.15 1.72
C LEU LA 6 95.98 6.82 2.44
N PHE LA 7 95.19 6.74 3.50
CA PHE LA 7 95.10 5.53 4.28
C PHE LA 7 94.29 4.43 3.60
N SER LA 8 93.56 4.75 2.54
CA SER LA 8 92.94 3.72 1.72
C SER LA 8 93.91 3.07 0.74
N LYS LA 9 95.08 3.67 0.50
CA LYS LA 9 96.16 3.05 -0.26
C LYS LA 9 97.11 2.32 0.69
N ALA LA 10 96.56 1.29 1.32
CA ALA LA 10 97.21 0.60 2.43
C ALA LA 10 96.76 -0.86 2.43
N GLY LA 11 96.76 -1.49 3.60
CA GLY LA 11 96.17 -2.81 3.70
C GLY LA 11 94.66 -2.74 3.72
N ASN LA 12 94.03 -3.44 4.65
CA ASN LA 12 92.57 -3.50 4.71
C ASN LA 12 92.07 -2.73 5.94
N ILE LA 13 91.82 -1.43 5.76
CA ILE LA 13 91.10 -0.69 6.79
C ILE LA 13 89.59 -0.84 6.64
N PHE LA 14 89.13 -1.42 5.54
CA PHE LA 14 87.71 -1.67 5.32
C PHE LA 14 87.35 -3.11 5.67
N ARG LA 15 87.65 -3.49 6.91
CA ARG LA 15 87.33 -4.82 7.42
C ARG LA 15 86.17 -4.70 8.40
N GLN LA 16 85.14 -5.51 8.20
CA GLN LA 16 83.96 -5.42 9.03
C GLN LA 16 84.28 -5.88 10.45
N PRO LA 17 83.70 -5.24 11.47
CA PRO LA 17 83.91 -5.71 12.84
C PRO LA 17 83.21 -7.04 13.09
N ARG LA 18 83.53 -7.61 14.26
CA ARG LA 18 83.04 -8.95 14.61
C ARG LA 18 81.53 -8.98 14.79
N ALA LA 19 80.94 -7.88 15.27
CA ALA LA 19 79.49 -7.86 15.49
C ALA LA 19 78.73 -7.82 14.17
N MET LA 20 79.26 -7.10 13.18
CA MET LA 20 78.59 -7.02 11.90
C MET LA 20 78.66 -8.33 11.14
N GLN LA 21 79.82 -8.99 11.18
CA GLN LA 21 79.94 -10.32 10.58
C GLN LA 21 79.08 -11.33 11.33
N ALA LA 22 78.96 -11.19 12.65
CA ALA LA 22 78.08 -12.05 13.43
C ALA LA 22 76.62 -11.87 13.02
N ALA LA 23 76.17 -10.62 12.84
CA ALA LA 23 74.78 -10.39 12.43
C ALA LA 23 74.55 -10.84 11.00
N ASN LA 24 75.54 -10.71 10.13
CA ASN LA 24 75.39 -11.18 8.76
C ASN LA 24 75.33 -12.70 8.69
N ALA LA 25 76.10 -13.38 9.56
CA ALA LA 25 75.93 -14.83 9.70
C ALA LA 25 74.59 -15.18 10.33
N MET LA 26 74.06 -14.30 11.19
CA MET LA 26 72.76 -14.53 11.81
C MET LA 26 71.63 -14.44 10.80
N LEU LA 27 71.71 -13.49 9.88
CA LEU LA 27 70.60 -13.24 8.95
C LEU LA 27 70.51 -14.31 7.87
N GLN LA 28 71.60 -15.03 7.60
CA GLN LA 28 71.59 -16.06 6.57
C GLN LA 28 71.61 -17.46 7.19
N ASP MA 127 72.84 -97.84 91.66
CA ASP MA 127 72.71 -96.68 92.54
C ASP MA 127 72.74 -95.39 91.74
N GLU MA 128 73.06 -95.50 90.45
CA GLU MA 128 72.93 -94.36 89.54
C GLU MA 128 71.47 -93.96 89.40
N LYS MA 129 70.59 -94.94 89.23
CA LYS MA 129 69.16 -94.66 89.17
C LYS MA 129 68.62 -94.17 90.51
N LEU MA 130 69.26 -94.57 91.62
CA LEU MA 130 68.88 -94.06 92.93
C LEU MA 130 69.09 -92.55 93.02
N GLU MA 131 70.28 -92.08 92.60
CA GLU MA 131 70.55 -90.65 92.60
C GLU MA 131 69.70 -89.93 91.57
N SER MA 132 69.42 -90.58 90.45
CA SER MA 132 68.54 -89.97 89.44
C SER MA 132 67.12 -89.77 89.96
N VAL MA 133 66.58 -90.77 90.67
CA VAL MA 133 65.24 -90.66 91.23
C VAL MA 133 65.22 -89.63 92.36
N LEU MA 134 66.29 -89.57 93.16
CA LEU MA 134 66.36 -88.55 94.21
C LEU MA 134 66.41 -87.13 93.64
N SER MA 135 67.17 -86.94 92.55
CA SER MA 135 67.23 -85.63 91.90
C SER MA 135 65.90 -85.30 91.22
N LEU MA 136 65.20 -86.32 90.71
CA LEU MA 136 63.87 -86.10 90.15
C LEU MA 136 62.87 -85.70 91.24
N LEU MA 137 62.97 -86.32 92.41
CA LEU MA 137 62.08 -86.01 93.52
C LEU MA 137 62.36 -84.62 94.08
N ARG MA 138 63.62 -84.20 94.12
CA ARG MA 138 63.96 -82.86 94.58
C ARG MA 138 63.71 -81.79 93.54
N SER MA 139 63.37 -82.16 92.30
CA SER MA 139 63.13 -81.20 91.23
C SER MA 139 61.69 -80.70 91.18
N ASP MA 140 60.78 -81.31 91.95
CA ASP MA 140 59.36 -80.93 92.04
C ASP MA 140 58.69 -80.95 90.66
N GLU MA 141 59.01 -81.95 89.86
CA GLU MA 141 58.44 -82.06 88.52
C GLU MA 141 57.00 -82.53 88.59
N GLU MA 142 56.15 -82.00 87.69
CA GLU MA 142 54.75 -82.40 87.66
C GLU MA 142 54.58 -83.81 87.13
N SER MA 143 55.45 -84.23 86.20
CA SER MA 143 55.39 -85.59 85.67
C SER MA 143 56.37 -86.50 86.40
N LEU MA 144 56.10 -86.79 87.68
CA LEU MA 144 57.02 -87.61 88.46
C LEU MA 144 56.95 -89.07 88.03
N GLU MA 145 55.74 -89.59 87.84
CA GLU MA 145 55.58 -90.98 87.42
C GLU MA 145 56.09 -91.21 86.00
N PHE MA 146 55.92 -90.22 85.13
CA PHE MA 146 56.46 -90.34 83.77
C PHE MA 146 57.99 -90.38 83.79
N GLY MA 147 58.61 -89.55 84.62
CA GLY MA 147 60.06 -89.60 84.77
C GLY MA 147 60.55 -90.90 85.41
N LEU MA 148 59.77 -91.43 86.35
CA LEU MA 148 60.11 -92.73 86.95
C LEU MA 148 60.02 -93.85 85.92
N ASN MA 149 58.99 -93.81 85.07
CA ASN MA 149 58.84 -94.83 84.04
C ASN MA 149 59.89 -94.69 82.94
N ALA MA 150 60.38 -93.47 82.69
CA ALA MA 150 61.37 -93.27 81.65
C ALA MA 150 62.77 -93.67 82.08
N LEU MA 151 63.00 -93.91 83.37
CA LEU MA 151 64.35 -94.19 83.86
C LEU MA 151 64.73 -95.67 83.83
N ASN MA 152 63.75 -96.56 83.65
CA ASN MA 152 63.95 -98.02 83.59
C ASN MA 152 64.65 -98.53 84.85
N VAL MA 153 63.96 -98.36 85.99
CA VAL MA 153 64.54 -98.63 87.30
C VAL MA 153 64.34 -100.09 87.66
N ASP MA 154 65.42 -100.73 88.10
CA ASP MA 154 65.33 -102.05 88.72
C ASP MA 154 64.82 -101.86 90.14
N LEU MA 155 63.64 -102.41 90.44
CA LEU MA 155 62.90 -102.09 91.65
C LEU MA 155 63.04 -103.21 92.67
N HIS MA 156 63.40 -102.84 93.89
CA HIS MA 156 63.43 -103.74 95.04
C HIS MA 156 62.88 -103.02 96.27
N LEU MA 157 62.56 -103.80 97.30
CA LEU MA 157 62.04 -103.23 98.54
C LEU MA 157 63.08 -102.34 99.23
N ASP MA 158 64.34 -102.78 99.24
CA ASP MA 158 65.40 -102.00 99.87
C ASP MA 158 65.67 -100.71 99.11
N PHE MA 159 65.44 -100.71 97.79
CA PHE MA 159 65.55 -99.47 97.01
C PHE MA 159 64.53 -98.44 97.48
N VAL MA 160 63.28 -98.87 97.69
CA VAL MA 160 62.25 -97.97 98.18
C VAL MA 160 62.56 -97.52 99.61
N VAL MA 161 63.15 -98.41 100.41
CA VAL MA 161 63.58 -98.06 101.76
C VAL MA 161 64.64 -96.95 101.73
N ARG MA 162 65.63 -97.08 100.84
CA ARG MA 162 66.69 -96.08 100.75
C ARG MA 162 66.17 -94.77 100.17
N VAL MA 163 65.17 -94.84 99.29
CA VAL MA 163 64.54 -93.61 98.80
C VAL MA 163 63.79 -92.90 99.94
N PHE MA 164 63.06 -93.67 100.75
CA PHE MA 164 62.30 -93.08 101.85
C PHE MA 164 63.20 -92.51 102.94
N GLU MA 165 64.35 -93.16 103.19
CA GLU MA 165 65.27 -92.67 104.22
C GLU MA 165 65.99 -91.39 103.81
N SER MA 166 66.04 -91.07 102.52
CA SER MA 166 66.75 -89.89 102.07
C SER MA 166 65.92 -88.64 102.33
N PRO MA 167 66.44 -87.66 103.06
CA PRO MA 167 65.68 -86.43 103.31
C PRO MA 167 65.73 -85.49 102.11
N GLY MA 168 64.99 -84.40 102.24
CA GLY MA 168 64.91 -83.38 101.21
C GLY MA 168 63.82 -83.59 100.18
N ILE MA 169 62.85 -84.45 100.44
CA ILE MA 169 61.78 -84.75 99.50
C ILE MA 169 60.47 -84.20 100.05
N SER MA 170 59.70 -83.54 99.19
CA SER MA 170 58.40 -83.00 99.59
C SER MA 170 57.40 -84.13 99.81
N GLY MA 171 56.31 -83.78 100.52
CA GLY MA 171 55.31 -84.79 100.84
C GLY MA 171 54.54 -85.29 99.62
N LYS MA 172 54.19 -84.37 98.71
CA LYS MA 172 53.46 -84.75 97.50
C LYS MA 172 54.28 -85.68 96.61
N ASN MA 173 55.57 -85.39 96.46
CA ASN MA 173 56.45 -86.23 95.66
C ASN MA 173 56.63 -87.61 96.31
N LEU MA 174 56.71 -87.65 97.64
CA LEU MA 174 56.82 -88.93 98.35
C LEU MA 174 55.55 -89.77 98.18
N ILE MA 175 54.38 -89.14 98.28
CA ILE MA 175 53.13 -89.86 98.12
C ILE MA 175 52.97 -90.36 96.68
N ARG MA 176 53.37 -89.54 95.71
CA ARG MA 176 53.30 -89.95 94.31
C ARG MA 176 54.28 -91.09 94.02
N PHE MA 177 55.46 -91.06 94.65
CA PHE MA 177 56.41 -92.15 94.51
C PHE MA 177 55.87 -93.44 95.09
N LEU MA 178 55.17 -93.34 96.24
CA LEU MA 178 54.58 -94.54 96.82
C LEU MA 178 53.43 -95.05 95.96
N LYS MA 179 52.69 -94.15 95.31
CA LYS MA 179 51.68 -94.58 94.34
C LYS MA 179 52.32 -95.37 93.20
N TRP MA 180 53.39 -94.83 92.61
CA TRP MA 180 54.08 -95.48 91.51
C TRP MA 180 54.69 -96.81 91.96
N ALA MA 181 55.07 -96.90 93.24
CA ALA MA 181 55.51 -98.18 93.79
C ALA MA 181 54.34 -99.16 93.90
N THR MA 182 53.15 -98.67 94.28
CA THR MA 182 52.01 -99.56 94.47
C THR MA 182 51.40 -100.06 93.17
N GLN MA 183 51.56 -99.33 92.05
CA GLN MA 183 51.19 -99.99 90.79
C GLN MA 183 52.14 -101.11 90.41
N ASN MA 184 53.38 -101.08 90.91
CA ASN MA 184 54.35 -102.14 90.65
C ASN MA 184 54.21 -103.17 91.76
N GLU MA 185 53.40 -104.19 91.52
CA GLU MA 185 53.06 -105.20 92.53
C GLU MA 185 54.18 -106.20 92.82
N GLU MA 186 55.36 -106.09 92.21
CA GLU MA 186 56.47 -106.96 92.58
C GLU MA 186 57.05 -106.59 93.94
N ILE MA 187 56.76 -105.39 94.44
CA ILE MA 187 57.25 -104.93 95.74
C ILE MA 187 56.07 -104.94 96.71
N THR MA 188 56.22 -105.69 97.79
CA THR MA 188 55.20 -105.72 98.83
C THR MA 188 55.44 -104.60 99.83
N VAL MA 189 54.45 -103.74 99.98
CA VAL MA 189 54.56 -102.60 100.90
C VAL MA 189 54.43 -103.11 102.33
N THR MA 190 55.49 -102.97 103.10
CA THR MA 190 55.54 -103.47 104.46
C THR MA 190 55.04 -102.43 105.45
N THR MA 191 55.00 -102.82 106.73
CA THR MA 191 54.61 -101.90 107.79
C THR MA 191 55.67 -100.81 107.97
N SER MA 192 56.95 -101.17 107.80
CA SER MA 192 58.04 -100.24 108.04
C SER MA 192 58.04 -99.09 107.03
N LEU MA 193 57.70 -99.40 105.76
CA LEU MA 193 57.63 -98.36 104.74
C LEU MA 193 56.53 -97.34 105.06
N VAL MA 194 55.35 -97.84 105.44
CA VAL MA 194 54.23 -96.96 105.78
C VAL MA 194 54.56 -96.14 107.02
N GLU MA 195 55.20 -96.76 108.02
CA GLU MA 195 55.57 -96.03 109.24
C GLU MA 195 56.61 -94.96 108.95
N SER MA 196 57.59 -95.26 108.10
CA SER MA 196 58.62 -94.28 107.76
C SER MA 196 58.04 -93.10 106.99
N LEU MA 197 57.15 -93.39 106.02
CA LEU MA 197 56.50 -92.31 105.28
C LEU MA 197 55.60 -91.48 106.19
N LEU MA 198 54.89 -92.15 107.11
CA LEU MA 198 54.01 -91.46 108.04
C LEU MA 198 54.79 -90.56 108.99
N VAL MA 199 55.96 -91.02 109.45
CA VAL MA 199 56.83 -90.18 110.27
C VAL MA 199 57.34 -88.99 109.48
N ALA MA 200 57.74 -89.22 108.22
CA ALA MA 200 58.29 -88.15 107.38
C ALA MA 200 57.25 -87.08 107.08
N ILE MA 201 56.00 -87.48 106.89
CA ILE MA 201 54.97 -86.49 106.59
C ILE MA 201 54.39 -85.90 107.87
N ALA MA 202 54.45 -86.62 108.99
CA ALA MA 202 54.08 -86.04 110.27
C ALA MA 202 55.05 -84.95 110.69
N SER MA 203 56.34 -85.11 110.34
CA SER MA 203 57.28 -84.02 110.51
C SER MA 203 57.03 -82.88 109.53
N ASP MA 204 56.44 -83.19 108.36
CA ASP MA 204 56.19 -82.18 107.33
C ASP MA 204 54.72 -81.78 107.37
N THR MA 205 54.40 -80.88 108.30
CA THR MA 205 53.02 -80.46 108.53
C THR MA 205 52.54 -79.52 107.44
N ARG MA 206 52.11 -80.08 106.30
CA ARG MA 206 51.60 -79.28 105.19
C ARG MA 206 50.12 -79.55 104.97
N ARG MA 207 49.48 -78.69 104.18
CA ARG MA 207 48.03 -78.73 104.03
C ARG MA 207 47.61 -79.84 103.06
N MET MA 208 48.06 -79.75 101.81
CA MET MA 208 47.60 -80.68 100.77
C MET MA 208 48.20 -82.07 100.97
N ASP MA 209 49.39 -82.14 101.59
CA ASP MA 209 50.01 -83.43 101.85
C ASP MA 209 49.21 -84.26 102.84
N ALA MA 210 48.48 -83.62 103.75
CA ALA MA 210 47.61 -84.37 104.67
C ALA MA 210 46.49 -85.06 103.92
N TYR MA 211 45.83 -84.35 103.00
CA TYR MA 211 44.77 -84.95 102.18
C TYR MA 211 45.32 -86.06 101.30
N GLY MA 212 46.49 -85.84 100.69
CA GLY MA 212 47.08 -86.88 99.84
C GLY MA 212 47.48 -88.12 100.63
N LEU MA 213 48.07 -87.92 101.80
CA LEU MA 213 48.47 -89.04 102.65
C LEU MA 213 47.27 -89.80 103.16
N TRP MA 214 46.20 -89.11 103.56
CA TRP MA 214 45.02 -89.82 104.04
C TRP MA 214 44.32 -90.57 102.91
N ASP MA 215 44.31 -89.99 101.70
CA ASP MA 215 43.77 -90.71 100.55
C ASP MA 215 44.57 -91.97 100.25
N LEU MA 216 45.91 -91.87 100.29
CA LEU MA 216 46.76 -93.03 100.03
C LEU MA 216 46.58 -94.10 101.11
N VAL MA 217 46.54 -93.69 102.38
CA VAL MA 217 46.40 -94.64 103.47
C VAL MA 217 45.03 -95.30 103.46
N LYS MA 218 43.98 -94.54 103.15
CA LYS MA 218 42.65 -95.11 103.03
C LYS MA 218 42.55 -96.08 101.86
N GLU MA 219 43.23 -95.75 100.75
CA GLU MA 219 43.27 -96.66 99.60
C GLU MA 219 44.00 -97.95 99.94
N ILE MA 220 45.07 -97.85 100.73
CA ILE MA 220 45.80 -99.05 101.16
C ILE MA 220 44.94 -99.88 102.12
N GLY MA 221 44.32 -99.24 103.10
CA GLY MA 221 43.57 -99.98 104.11
C GLY MA 221 42.27 -100.55 103.58
N GLU MA 222 41.71 -99.96 102.53
CA GLU MA 222 40.51 -100.51 101.92
C GLU MA 222 40.82 -101.61 100.91
N LYS MA 223 42.10 -101.94 100.72
CA LYS MA 223 42.50 -103.04 99.85
C LYS MA 223 42.65 -104.33 100.66
N GLU MA 224 41.97 -104.41 101.80
CA GLU MA 224 42.00 -105.54 102.73
C GLU MA 224 43.41 -105.85 103.22
N SER MA 225 44.22 -104.80 103.43
CA SER MA 225 45.59 -104.96 103.94
C SER MA 225 45.55 -104.96 105.47
N CYS MA 226 45.10 -106.09 106.02
CA CYS MA 226 44.98 -106.23 107.46
C CYS MA 226 46.32 -106.42 108.14
N GLY MA 227 47.31 -106.99 107.45
CA GLY MA 227 48.62 -107.21 108.02
C GLY MA 227 49.61 -106.09 107.84
N VAL MA 228 49.25 -105.04 107.11
CA VAL MA 228 50.17 -103.94 106.86
C VAL MA 228 50.02 -102.84 107.90
N LEU MA 229 48.81 -102.35 108.11
CA LEU MA 229 48.56 -101.29 109.08
C LEU MA 229 48.44 -101.86 110.49
N ASN MA 230 48.72 -101.01 111.46
CA ASN MA 230 48.57 -101.37 112.87
C ASN MA 230 47.92 -100.22 113.62
N LEU MA 231 47.95 -100.32 114.96
CA LEU MA 231 47.33 -99.29 115.79
C LEU MA 231 48.14 -98.01 115.81
N GLU MA 232 49.47 -98.12 115.77
CA GLU MA 232 50.32 -96.93 115.92
C GLU MA 232 50.25 -96.03 114.68
N ILE MA 233 50.05 -96.62 113.51
CA ILE MA 233 49.88 -95.84 112.29
C ILE MA 233 48.63 -94.97 112.37
N LEU MA 234 47.52 -95.56 112.81
CA LEU MA 234 46.29 -94.79 112.99
C LEU MA 234 46.42 -93.78 114.13
N ASN MA 235 47.22 -94.12 115.15
CA ASN MA 235 47.48 -93.18 116.24
C ASN MA 235 48.20 -91.93 115.72
N GLU MA 236 49.24 -92.12 114.90
CA GLU MA 236 49.96 -90.98 114.35
C GLU MA 236 49.12 -90.23 113.33
N LEU MA 237 48.22 -90.92 112.62
CA LEU MA 237 47.29 -90.25 111.72
C LEU MA 237 46.34 -89.32 112.47
N ILE MA 238 45.78 -89.82 113.58
CA ILE MA 238 44.89 -89.00 114.40
C ILE MA 238 45.67 -87.84 115.03
N ALA MA 239 46.91 -88.09 115.43
CA ALA MA 239 47.75 -87.03 115.99
C ALA MA 239 48.04 -85.94 114.95
N LEU MA 240 48.33 -86.34 113.70
CA LEU MA 240 48.61 -85.37 112.65
C LEU MA 240 47.36 -84.57 112.29
N PHE MA 241 46.20 -85.23 112.27
CA PHE MA 241 44.95 -84.52 112.01
C PHE MA 241 44.59 -83.58 113.15
N GLY MA 242 44.92 -83.95 114.39
CA GLY MA 242 44.74 -83.03 115.50
C GLY MA 242 45.68 -81.85 115.43
N LYS MA 243 46.90 -82.07 114.93
CA LYS MA 243 47.83 -80.98 114.71
C LYS MA 243 47.31 -80.02 113.63
N LEU MA 244 46.75 -80.57 112.56
CA LEU MA 244 46.24 -79.74 111.47
C LEU MA 244 44.76 -79.39 111.62
N GLY MA 245 44.09 -79.85 112.67
CA GLY MA 245 42.75 -79.39 112.99
C GLY MA 245 41.64 -79.96 112.15
N LYS MA 246 41.85 -81.12 111.53
CA LYS MA 246 40.80 -81.79 110.76
C LYS MA 246 40.09 -82.80 111.67
N SER MA 247 39.12 -82.28 112.43
CA SER MA 247 38.41 -83.11 113.39
C SER MA 247 37.48 -84.10 112.72
N LYS MA 248 36.83 -83.70 111.62
CA LYS MA 248 36.00 -84.63 110.87
C LYS MA 248 36.84 -85.75 110.25
N ALA MA 249 38.00 -85.39 109.69
CA ALA MA 249 38.90 -86.40 109.15
C ALA MA 249 39.44 -87.31 110.25
N ALA MA 250 39.77 -86.75 111.42
CA ALA MA 250 40.26 -87.56 112.53
C ALA MA 250 39.19 -88.51 113.04
N PHE MA 251 37.93 -88.06 113.10
CA PHE MA 251 36.84 -88.93 113.48
C PHE MA 251 36.60 -90.02 112.44
N ASP MA 252 36.78 -89.70 111.16
CA ASP MA 252 36.69 -90.73 110.12
C ASP MA 252 37.81 -91.76 110.25
N VAL MA 253 39.01 -91.31 110.61
CA VAL MA 253 40.14 -92.22 110.85
C VAL MA 253 39.83 -93.14 112.04
N PHE MA 254 39.28 -92.58 113.11
CA PHE MA 254 38.94 -93.39 114.27
C PHE MA 254 37.81 -94.37 113.97
N SER MA 255 36.84 -93.94 113.17
CA SER MA 255 35.76 -94.83 112.75
C SER MA 255 36.27 -95.97 111.89
N LYS MA 256 37.23 -95.68 110.99
CA LYS MA 256 37.88 -96.74 110.23
C LYS MA 256 38.75 -97.63 111.11
N THR MA 257 39.35 -97.07 112.15
CA THR MA 257 40.14 -97.86 113.10
C THR MA 257 39.27 -98.89 113.81
N GLU MA 258 38.07 -98.46 114.24
CA GLU MA 258 37.12 -99.43 114.79
C GLU MA 258 36.52 -100.32 113.71
N GLU MA 259 36.54 -99.87 112.45
CA GLU MA 259 36.04 -100.69 111.36
C GLU MA 259 37.03 -101.77 110.96
N PHE MA 260 38.32 -101.49 111.10
CA PHE MA 260 39.37 -102.44 110.72
C PHE MA 260 39.62 -103.50 111.79
N GLY MA 261 38.87 -103.48 112.89
CA GLY MA 261 39.01 -104.47 113.93
C GLY MA 261 40.08 -104.19 114.97
N PHE MA 262 40.76 -103.06 114.88
CA PHE MA 262 41.77 -102.70 115.86
C PHE MA 262 41.10 -102.15 117.12
N THR MA 263 41.55 -102.65 118.27
CA THR MA 263 41.07 -102.14 119.55
C THR MA 263 41.88 -100.91 119.93
N PRO MA 264 41.26 -99.74 120.06
CA PRO MA 264 42.03 -98.53 120.38
C PRO MA 264 42.59 -98.57 121.79
N ASN MA 265 43.75 -97.93 121.97
CA ASN MA 265 44.38 -97.81 123.27
C ASN MA 265 44.06 -96.43 123.86
N ALA MA 266 44.70 -96.14 124.99
CA ALA MA 266 44.47 -94.87 125.68
C ALA MA 266 45.00 -93.70 124.86
N LYS MA 267 46.10 -93.91 124.13
CA LYS MA 267 46.64 -92.86 123.26
C LYS MA 267 45.66 -92.51 122.14
N THR MA 268 45.01 -93.54 121.57
CA THR MA 268 44.02 -93.31 120.52
C THR MA 268 42.84 -92.48 121.04
N TYR MA 269 42.32 -92.85 122.21
CA TYR MA 269 41.19 -92.12 122.78
C TYR MA 269 41.57 -90.70 123.15
N TYR MA 270 42.78 -90.51 123.71
CA TYR MA 270 43.23 -89.17 124.07
C TYR MA 270 43.41 -88.29 122.84
N LEU MA 271 44.01 -88.83 121.78
CA LEU MA 271 44.22 -88.04 120.56
C LEU MA 271 42.90 -87.75 119.86
N THR MA 272 41.98 -88.71 119.87
CA THR MA 272 40.66 -88.48 119.27
C THR MA 272 39.89 -87.41 120.03
N LEU MA 273 39.93 -87.45 121.35
CA LEU MA 273 39.24 -86.44 122.15
C LEU MA 273 39.92 -85.08 122.04
N GLU MA 274 41.24 -85.07 121.85
CA GLU MA 274 41.93 -83.80 121.62
C GLU MA 274 41.55 -83.20 120.28
N ALA MA 275 41.44 -84.04 119.24
CA ALA MA 275 41.07 -83.54 117.92
C ALA MA 275 39.62 -83.08 117.87
N LEU MA 276 38.71 -83.80 118.54
CA LEU MA 276 37.29 -83.46 118.46
C LEU MA 276 36.95 -82.24 119.32
N CYS MA 277 37.57 -82.11 120.49
CA CYS MA 277 37.23 -80.99 121.38
C CYS MA 277 37.87 -79.68 120.93
N LYS MA 278 38.87 -79.75 120.04
CA LYS MA 278 39.51 -78.53 119.55
C LYS MA 278 38.61 -77.73 118.63
N ARG MA 279 37.67 -78.38 117.94
CA ARG MA 279 36.73 -77.69 117.07
C ARG MA 279 35.29 -77.87 117.54
N SER MA 280 35.10 -78.20 118.82
CA SER MA 280 33.79 -78.29 119.48
C SER MA 280 32.86 -79.30 118.82
N PHE MA 281 33.40 -80.44 118.38
CA PHE MA 281 32.58 -81.55 117.89
C PHE MA 281 32.20 -82.47 119.04
N MET MA 282 31.27 -81.97 119.87
CA MET MA 282 31.01 -82.60 121.16
C MET MA 282 30.14 -83.85 121.05
N ASP MA 283 29.39 -84.03 119.95
CA ASP MA 283 28.62 -85.26 119.80
C ASP MA 283 29.54 -86.45 119.56
N TRP MA 284 30.48 -86.31 118.62
CA TRP MA 284 31.48 -87.35 118.38
C TRP MA 284 32.40 -87.52 119.58
N ALA MA 285 32.72 -86.41 120.27
CA ALA MA 285 33.52 -86.49 121.48
C ALA MA 285 32.82 -87.29 122.58
N CYS MA 286 31.51 -87.07 122.73
CA CYS MA 286 30.75 -87.82 123.72
C CYS MA 286 30.63 -89.28 123.34
N SER MA 287 30.49 -89.57 122.04
CA SER MA 287 30.45 -90.97 121.59
C SER MA 287 31.78 -91.68 121.86
N VAL MA 288 32.90 -91.03 121.54
CA VAL MA 288 34.22 -91.61 121.78
C VAL MA 288 34.47 -91.76 123.28
N CYS MA 289 34.02 -90.79 124.08
CA CYS MA 289 34.17 -90.86 125.53
C CYS MA 289 33.38 -92.02 126.11
N GLU MA 290 32.14 -92.21 125.64
CA GLU MA 290 31.33 -93.32 126.12
C GLU MA 290 31.91 -94.66 125.72
N LYS MA 291 32.44 -94.75 124.49
CA LYS MA 291 33.11 -95.98 124.05
C LYS MA 291 34.36 -96.25 124.88
N MET MA 292 35.12 -95.21 125.23
CA MET MA 292 36.30 -95.37 126.06
C MET MA 292 35.93 -95.80 127.48
N LEU MA 293 34.86 -95.23 128.02
CA LEU MA 293 34.39 -95.61 129.35
C LEU MA 293 33.92 -97.06 129.37
N LYS MA 294 33.23 -97.50 128.31
CA LYS MA 294 32.81 -98.89 128.23
C LYS MA 294 34.00 -99.83 128.03
N SER MA 295 35.02 -99.37 127.31
CA SER MA 295 36.22 -100.17 127.10
C SER MA 295 37.05 -100.31 128.37
N GLY MA 296 37.10 -99.29 129.20
CA GLY MA 296 37.87 -99.33 130.44
C GLY MA 296 39.32 -98.93 130.31
N VAL MA 297 39.80 -98.63 129.10
CA VAL MA 297 41.18 -98.20 128.91
C VAL MA 297 41.27 -96.72 129.23
N LEU MA 298 42.20 -96.34 130.11
CA LEU MA 298 42.33 -94.97 130.58
C LEU MA 298 43.76 -94.49 130.38
N SER MA 299 43.89 -93.18 130.17
CA SER MA 299 45.18 -92.54 129.94
C SER MA 299 45.84 -92.21 131.28
N GLU MA 300 46.89 -91.39 131.23
CA GLU MA 300 47.57 -90.97 132.46
C GLU MA 300 46.75 -89.89 133.17
N GLY MA 301 47.26 -89.46 134.32
CA GLY MA 301 46.55 -88.48 135.12
C GLY MA 301 46.46 -87.11 134.47
N GLU MA 302 47.56 -86.63 133.89
CA GLU MA 302 47.54 -85.33 133.23
C GLU MA 302 46.68 -85.36 131.98
N GLN MA 303 46.75 -86.45 131.21
CA GLN MA 303 45.94 -86.59 130.01
C GLN MA 303 44.45 -86.67 130.34
N MET MA 304 44.09 -87.43 131.37
CA MET MA 304 42.69 -87.51 131.78
C MET MA 304 42.20 -86.19 132.37
N GLY MA 305 43.06 -85.47 133.07
CA GLY MA 305 42.69 -84.14 133.53
C GLY MA 305 42.48 -83.17 132.39
N ASN MA 306 43.28 -83.29 131.32
CA ASN MA 306 43.07 -82.50 130.12
C ASN MA 306 41.74 -82.84 129.47
N ILE MA 307 41.39 -84.13 129.43
CA ILE MA 307 40.10 -84.55 128.89
C ILE MA 307 38.95 -83.98 129.71
N ILE MA 308 39.10 -84.00 131.04
CA ILE MA 308 38.10 -83.44 131.94
C ILE MA 308 37.95 -81.95 131.72
N THR MA 309 39.07 -81.24 131.53
CA THR MA 309 39.02 -79.80 131.26
C THR MA 309 38.34 -79.50 129.93
N TRP MA 310 38.62 -80.31 128.90
CA TRP MA 310 37.99 -80.12 127.59
C TRP MA 310 36.49 -80.35 127.66
N PHE MA 311 36.07 -81.34 128.44
CA PHE MA 311 34.63 -81.59 128.59
C PHE MA 311 33.97 -80.54 129.45
N CYS MA 312 34.69 -79.98 130.42
CA CYS MA 312 34.11 -78.97 131.29
C CYS MA 312 34.03 -77.61 130.59
N LYS MA 313 34.89 -77.38 129.61
CA LYS MA 313 34.83 -76.13 128.85
C LYS MA 313 33.57 -76.06 128.01
N GLU MA 314 33.11 -77.19 127.49
CA GLU MA 314 31.96 -77.25 126.59
C GLU MA 314 30.66 -77.55 127.31
N GLY MA 315 30.67 -77.64 128.64
CA GLY MA 315 29.46 -77.85 129.40
C GLY MA 315 29.02 -79.28 129.56
N LYS MA 316 29.85 -80.25 129.16
CA LYS MA 316 29.53 -81.66 129.34
C LYS MA 316 30.09 -82.18 130.67
N ALA MA 317 29.47 -81.71 131.75
CA ALA MA 317 29.98 -81.99 133.09
C ALA MA 317 29.68 -83.42 133.54
N GLU MA 318 28.57 -84.00 133.10
CA GLU MA 318 28.20 -85.35 133.54
C GLU MA 318 29.15 -86.40 133.00
N GLU MA 319 29.56 -86.27 131.73
CA GLU MA 319 30.52 -87.20 131.15
C GLU MA 319 31.88 -87.08 131.81
N ALA MA 320 32.30 -85.86 132.14
CA ALA MA 320 33.55 -85.67 132.87
C ALA MA 320 33.46 -86.24 134.29
N TYR MA 321 32.28 -86.15 134.93
CA TYR MA 321 32.09 -86.78 136.22
C TYR MA 321 32.17 -88.31 136.12
N SER MA 322 31.63 -88.87 135.04
CA SER MA 322 31.73 -90.31 134.82
C SER MA 322 33.18 -90.74 134.61
N VAL MA 323 33.94 -89.93 133.86
CA VAL MA 323 35.36 -90.20 133.65
C VAL MA 323 36.12 -90.14 134.97
N TYR MA 324 35.83 -89.13 135.79
CA TYR MA 324 36.46 -89.01 137.11
C TYR MA 324 36.10 -90.18 138.02
N GLU MA 325 34.86 -90.65 137.96
CA GLU MA 325 34.45 -91.78 138.78
C GLU MA 325 35.14 -93.07 138.32
N LEU MA 326 35.30 -93.25 137.01
CA LEU MA 326 36.03 -94.42 136.53
C LEU MA 326 37.51 -94.33 136.90
N ALA MA 327 38.06 -93.12 136.92
CA ALA MA 327 39.43 -92.94 137.41
C ALA MA 327 39.55 -93.26 138.88
N LYS MA 328 38.52 -92.90 139.67
CA LYS MA 328 38.52 -93.20 141.09
C LYS MA 328 38.43 -94.71 141.33
N THR MA 329 37.63 -95.41 140.53
CA THR MA 329 37.57 -96.87 140.66
C THR MA 329 38.85 -97.53 140.18
N LYS MA 330 39.49 -96.98 139.14
CA LYS MA 330 40.73 -97.52 138.61
C LYS MA 330 41.97 -96.86 139.20
N GLU MA 331 41.84 -96.26 140.40
CA GLU MA 331 42.90 -95.66 141.23
C GLU MA 331 43.80 -94.67 140.49
N LYS MA 332 43.38 -94.16 139.33
CA LYS MA 332 44.15 -93.18 138.59
C LYS MA 332 43.91 -91.80 139.18
N SER MA 333 44.88 -91.30 139.94
CA SER MA 333 44.74 -90.03 140.62
C SER MA 333 44.83 -88.87 139.63
N LEU MA 334 44.22 -87.75 139.98
CA LEU MA 334 44.20 -86.57 139.13
C LEU MA 334 44.67 -85.33 139.91
N PRO MA 335 45.29 -84.37 139.22
CA PRO MA 335 45.69 -83.15 139.91
C PRO MA 335 44.47 -82.35 140.34
N PRO MA 336 44.58 -81.60 141.44
CA PRO MA 336 43.39 -80.95 142.03
C PRO MA 336 42.80 -79.81 141.20
N ARG MA 337 43.55 -79.24 140.26
CA ARG MA 337 43.01 -78.17 139.43
C ARG MA 337 41.87 -78.67 138.56
N PHE MA 338 42.04 -79.85 137.96
CA PHE MA 338 41.00 -80.45 137.14
C PHE MA 338 39.79 -80.87 137.98
N VAL MA 339 40.03 -81.33 139.21
CA VAL MA 339 38.95 -81.65 140.12
C VAL MA 339 38.15 -80.40 140.47
N ALA MA 340 38.84 -79.28 140.73
CA ALA MA 340 38.17 -78.02 141.01
C ALA MA 340 37.39 -77.53 139.80
N THR MA 341 37.94 -77.71 138.60
CA THR MA 341 37.23 -77.33 137.38
C THR MA 341 35.96 -78.17 137.21
N LEU MA 342 36.04 -79.47 137.50
CA LEU MA 342 34.86 -80.33 137.41
C LEU MA 342 33.82 -79.95 138.47
N ILE MA 343 34.26 -79.60 139.68
CA ILE MA 343 33.33 -79.18 140.72
C ILE MA 343 32.64 -77.88 140.33
N THR MA 344 33.40 -76.96 139.72
CA THR MA 344 32.81 -75.72 139.20
C THR MA 344 31.80 -76.00 138.09
N ALA MA 345 32.12 -76.93 137.19
CA ALA MA 345 31.26 -77.18 136.03
C ALA MA 345 29.98 -77.91 136.41
N LEU MA 346 30.01 -78.69 137.49
CA LEU MA 346 28.81 -79.42 137.91
C LEU MA 346 27.78 -78.50 138.56
N CYS MA 347 28.18 -77.29 138.95
CA CYS MA 347 27.28 -76.36 139.62
C CYS MA 347 26.39 -75.60 138.66
N LYS MA 348 26.69 -75.62 137.36
CA LYS MA 348 25.86 -74.90 136.39
C LYS MA 348 24.52 -75.60 136.17
N ASN MA 349 24.46 -76.90 136.44
CA ASN MA 349 23.24 -77.68 136.29
C ASN MA 349 22.70 -78.05 137.66
N ASP MA 350 21.40 -77.85 137.86
CA ASP MA 350 20.78 -78.12 139.15
C ASP MA 350 20.65 -79.61 139.43
N GLY MA 351 20.72 -80.46 138.40
CA GLY MA 351 20.58 -81.89 138.59
C GLY MA 351 21.86 -82.60 139.00
N THR MA 352 22.96 -81.87 139.14
CA THR MA 352 24.25 -82.44 139.49
C THR MA 352 24.83 -81.87 140.78
N ILE MA 353 24.01 -81.29 141.64
CA ILE MA 353 24.51 -80.67 142.87
C ILE MA 353 24.96 -81.73 143.87
N THR MA 354 24.32 -82.90 143.88
CA THR MA 354 24.72 -83.96 144.80
C THR MA 354 26.10 -84.50 144.46
N PHE MA 355 26.40 -84.58 143.16
CA PHE MA 355 27.75 -84.99 142.74
C PHE MA 355 28.79 -83.95 143.15
N ALA MA 356 28.44 -82.67 143.10
CA ALA MA 356 29.34 -81.63 143.58
C ALA MA 356 29.58 -81.72 145.09
N GLN MA 357 28.52 -82.00 145.87
CA GLN MA 357 28.67 -82.16 147.31
C GLN MA 357 29.51 -83.38 147.64
N GLU MA 358 29.36 -84.46 146.86
CA GLU MA 358 30.18 -85.64 147.05
C GLU MA 358 31.64 -85.37 146.68
N MET MA 359 31.87 -84.61 145.61
CA MET MA 359 33.22 -84.33 145.16
C MET MA 359 33.93 -83.30 146.02
N LEU MA 360 33.19 -82.50 146.80
CA LEU MA 360 33.82 -81.51 147.66
C LEU MA 360 34.66 -82.14 148.75
N GLY MA 361 34.31 -83.36 149.19
CA GLY MA 361 35.12 -84.04 150.19
C GLY MA 361 36.43 -84.58 149.66
N ASP MA 362 36.54 -84.70 148.34
CA ASP MA 362 37.76 -85.22 147.73
C ASP MA 362 38.91 -84.22 147.77
N LEU MA 363 38.62 -82.92 147.83
CA LEU MA 363 39.66 -81.92 147.93
C LEU MA 363 40.26 -81.95 149.34
N SER MA 364 41.58 -82.12 149.42
CA SER MA 364 42.26 -82.28 150.70
C SER MA 364 43.56 -81.49 150.71
N GLY MA 365 43.98 -81.12 151.92
CA GLY MA 365 45.29 -80.50 152.09
C GLY MA 365 45.29 -79.05 151.64
N GLU MA 366 46.43 -78.65 151.05
CA GLU MA 366 46.59 -77.28 150.58
C GLU MA 366 45.66 -76.96 149.42
N ALA MA 367 45.26 -77.97 148.65
CA ALA MA 367 44.25 -77.77 147.62
C ALA MA 367 42.90 -77.40 148.24
N ARG MA 368 42.55 -78.04 149.36
CA ARG MA 368 41.34 -77.68 150.07
C ARG MA 368 41.45 -76.31 150.72
N ARG MA 369 42.65 -75.98 151.24
CA ARG MA 369 42.86 -74.68 151.86
C ARG MA 369 42.78 -73.53 150.86
N ARG MA 370 43.35 -73.71 149.67
CA ARG MA 370 43.38 -72.67 148.66
C ARG MA 370 42.09 -72.58 147.85
N GLY MA 371 41.23 -73.59 147.91
CA GLY MA 371 40.06 -73.65 147.06
C GLY MA 371 38.80 -73.01 147.62
N ILE MA 372 38.77 -71.68 147.71
CA ILE MA 372 37.53 -71.02 148.09
C ILE MA 372 36.60 -70.92 146.88
N LYS MA 373 37.15 -70.97 145.66
CA LYS MA 373 36.33 -70.88 144.46
C LYS MA 373 35.38 -72.08 144.27
N PRO MA 374 35.81 -73.36 144.36
CA PRO MA 374 34.82 -74.45 144.18
C PRO MA 374 33.77 -74.51 145.27
N PHE MA 375 34.16 -74.28 146.52
CA PHE MA 375 33.19 -74.26 147.62
C PHE MA 375 32.21 -73.12 147.48
N SER MA 376 32.69 -71.94 147.04
CA SER MA 376 31.80 -70.83 146.77
C SER MA 376 30.84 -71.13 145.62
N ASP MA 377 31.31 -71.84 144.59
CA ASP MA 377 30.43 -72.24 143.50
C ASP MA 377 29.36 -73.21 143.97
N VAL MA 378 29.73 -74.19 144.81
CA VAL MA 378 28.75 -75.15 145.32
C VAL MA 378 27.73 -74.46 146.21
N ILE MA 379 28.19 -73.52 147.05
CA ILE MA 379 27.27 -72.81 147.95
C ILE MA 379 26.35 -71.88 147.14
N HIS MA 380 26.87 -71.26 146.08
CA HIS MA 380 26.04 -70.44 145.21
C HIS MA 380 24.97 -71.28 144.50
N SER MA 381 25.35 -72.46 144.02
CA SER MA 381 24.37 -73.32 143.34
C SER MA 381 23.36 -73.89 144.33
N LEU MA 382 23.78 -74.16 145.57
CA LEU MA 382 22.83 -74.60 146.59
C LEU MA 382 21.86 -73.49 146.97
N CYS MA 383 22.34 -72.25 147.02
CA CYS MA 383 21.47 -71.12 147.31
C CYS MA 383 20.56 -70.81 146.12
N ARG MA 384 20.97 -71.20 144.92
CA ARG MA 384 20.09 -71.08 143.75
C ARG MA 384 18.88 -72.01 143.88
N MET MA 385 19.08 -73.21 144.41
CA MET MA 385 18.03 -74.21 144.53
C MET MA 385 17.24 -74.08 145.83
N ARG MA 386 17.38 -72.96 146.55
CA ARG MA 386 16.70 -72.66 147.81
C ARG MA 386 16.97 -73.70 148.90
N ASN MA 387 18.15 -74.31 148.88
CA ASN MA 387 18.54 -75.28 149.91
C ASN MA 387 19.40 -74.55 150.95
N VAL MA 388 18.72 -73.82 151.82
CA VAL MA 388 19.38 -72.95 152.79
C VAL MA 388 20.09 -73.77 153.88
N LYS MA 389 19.44 -74.84 154.37
CA LYS MA 389 20.01 -75.62 155.46
C LYS MA 389 21.29 -76.33 155.04
N ASP MA 390 21.30 -76.90 153.83
CA ASP MA 390 22.52 -77.56 153.34
C ASP MA 390 23.62 -76.55 153.07
N ALA MA 391 23.27 -75.36 152.58
CA ALA MA 391 24.27 -74.32 152.36
C ALA MA 391 24.90 -73.86 153.68
N LYS MA 392 24.08 -73.71 154.72
CA LYS MA 392 24.62 -73.30 156.02
C LYS MA 392 25.45 -74.43 156.65
N ALA MA 393 25.04 -75.69 156.45
CA ALA MA 393 25.84 -76.81 156.94
C ALA MA 393 27.19 -76.87 156.24
N LEU MA 394 27.21 -76.62 154.93
CA LEU MA 394 28.47 -76.57 154.19
C LEU MA 394 29.31 -75.38 154.61
N LEU MA 395 28.68 -74.25 154.93
CA LEU MA 395 29.41 -73.09 155.45
C LEU MA 395 30.07 -73.41 156.79
N LEU MA 396 29.35 -74.09 157.68
CA LEU MA 396 29.94 -74.50 158.95
C LEU MA 396 31.04 -75.55 158.76
N ASP MA 397 30.89 -76.42 157.77
CA ASP MA 397 31.95 -77.36 157.43
C ASP MA 397 33.20 -76.64 156.92
N MET MA 398 33.00 -75.58 156.13
CA MET MA 398 34.12 -74.73 155.70
C MET MA 398 34.76 -74.02 156.87
N ILE MA 399 33.96 -73.59 157.85
CA ILE MA 399 34.48 -72.96 159.05
C ILE MA 399 35.33 -73.95 159.86
N SER MA 400 34.86 -75.19 160.00
CA SER MA 400 35.56 -76.21 160.77
C SER MA 400 36.82 -76.74 160.09
N LYS MA 401 36.77 -77.03 158.79
CA LYS MA 401 37.85 -77.73 158.12
C LYS MA 401 38.64 -76.89 157.12
N GLY MA 402 38.10 -75.76 156.67
CA GLY MA 402 38.74 -75.00 155.63
C GLY MA 402 38.08 -75.22 154.29
N PRO MA 403 38.19 -74.25 153.37
CA PRO MA 403 38.88 -72.96 153.46
C PRO MA 403 38.10 -71.92 154.27
N ALA MA 404 38.75 -70.85 154.70
CA ALA MA 404 38.07 -69.83 155.49
C ALA MA 404 37.16 -69.01 154.59
N PRO MA 405 35.85 -68.98 154.86
CA PRO MA 405 34.92 -68.30 153.94
C PRO MA 405 35.00 -66.78 154.10
N GLY MA 406 34.96 -66.08 152.96
CA GLY MA 406 35.01 -64.63 152.95
C GLY MA 406 33.63 -64.00 153.08
N ASN MA 407 33.56 -62.73 152.67
CA ASN MA 407 32.30 -62.00 152.76
C ASN MA 407 31.30 -62.46 151.72
N ALA MA 408 31.78 -62.97 150.59
CA ALA MA 408 30.89 -63.34 149.49
C ALA MA 408 30.03 -64.53 149.84
N VAL MA 409 30.60 -65.51 150.55
CA VAL MA 409 29.85 -66.72 150.91
C VAL MA 409 28.74 -66.39 151.91
N PHE MA 410 29.06 -65.60 152.93
CA PHE MA 410 28.06 -65.18 153.90
C PHE MA 410 27.01 -64.28 153.24
N ASN MA 411 27.42 -63.49 152.25
CA ASN MA 411 26.45 -62.67 151.51
C ASN MA 411 25.48 -63.54 150.72
N LEU MA 412 25.98 -64.60 150.07
CA LEU MA 412 25.11 -65.52 149.35
C LEU MA 412 24.14 -66.23 150.29
N VAL MA 413 24.63 -66.67 151.46
CA VAL MA 413 23.77 -67.35 152.42
C VAL MA 413 22.71 -66.40 152.98
N VAL MA 414 23.11 -65.15 153.28
CA VAL MA 414 22.15 -64.16 153.79
C VAL MA 414 21.10 -63.83 152.75
N HIS MA 415 21.50 -63.72 151.48
CA HIS MA 415 20.55 -63.45 150.41
C HIS MA 415 19.56 -64.61 150.24
N ALA MA 416 20.05 -65.85 150.36
CA ALA MA 416 19.16 -67.00 150.28
C ALA MA 416 18.16 -67.03 151.44
N CYS MA 417 18.64 -66.75 152.66
CA CYS MA 417 17.75 -66.70 153.82
C CYS MA 417 16.71 -65.60 153.69
N SER MA 418 17.11 -64.43 153.19
CA SER MA 418 16.18 -63.32 153.05
C SER MA 418 15.18 -63.55 151.93
N LYS MA 419 15.60 -64.18 150.83
CA LYS MA 419 14.67 -64.50 149.76
C LYS MA 419 13.72 -65.63 150.11
N THR MA 420 14.13 -66.56 150.99
CA THR MA 420 13.21 -67.59 151.46
C THR MA 420 12.30 -67.13 152.59
N GLY MA 421 12.52 -65.92 153.12
CA GLY MA 421 11.69 -65.37 154.18
C GLY MA 421 12.16 -65.68 155.58
N ASP MA 422 13.16 -66.55 155.74
CA ASP MA 422 13.68 -66.89 157.07
C ASP MA 422 14.71 -65.84 157.50
N LEU MA 423 14.17 -64.70 157.94
CA LEU MA 423 15.03 -63.57 158.29
C LEU MA 423 15.75 -63.76 159.62
N ASP MA 424 15.20 -64.59 160.51
CA ASP MA 424 15.92 -64.93 161.73
C ASP MA 424 17.17 -65.76 161.43
N GLU MA 425 17.08 -66.66 160.44
CA GLU MA 425 18.25 -67.40 160.01
C GLU MA 425 19.27 -66.47 159.35
N ALA MA 426 18.80 -65.45 158.62
CA ALA MA 426 19.69 -64.44 158.07
C ALA MA 426 20.41 -63.67 159.17
N LYS MA 427 19.69 -63.34 160.24
CA LYS MA 427 20.30 -62.67 161.38
C LYS MA 427 21.30 -63.55 162.10
N GLU MA 428 21.03 -64.85 162.21
CA GLU MA 428 21.99 -65.78 162.80
C GLU MA 428 23.25 -65.92 161.94
N VAL MA 429 23.10 -65.95 160.61
CA VAL MA 429 24.26 -65.96 159.73
C VAL MA 429 25.03 -64.64 159.83
N LEU MA 430 24.31 -63.53 160.01
CA LEU MA 430 24.96 -62.24 160.25
C LEU MA 430 25.79 -62.26 161.53
N LYS MA 431 25.27 -62.87 162.59
CA LYS MA 431 26.04 -63.00 163.83
C LYS MA 431 27.21 -63.97 163.67
N LEU MA 432 27.04 -65.01 162.84
CA LEU MA 432 28.13 -65.93 162.58
C LEU MA 432 29.24 -65.28 161.77
N MET MA 433 28.87 -64.34 160.90
CA MET MA 433 29.84 -63.62 160.09
C MET MA 433 30.78 -62.78 160.95
N GLU MA 434 30.25 -62.16 162.01
CA GLU MA 434 31.08 -61.34 162.87
C GLU MA 434 31.93 -62.18 163.80
N SER MA 435 31.58 -63.46 163.97
CA SER MA 435 32.35 -64.34 164.84
C SER MA 435 33.70 -64.71 164.25
N ARG MA 436 33.86 -64.60 162.93
CA ARG MA 436 35.14 -64.83 162.26
C ARG MA 436 35.87 -63.52 161.94
N GLY MA 437 35.51 -62.44 162.62
CA GLY MA 437 36.20 -61.17 162.49
C GLY MA 437 35.84 -60.35 161.27
N LEU MA 438 35.02 -60.88 160.36
CA LEU MA 438 34.64 -60.14 159.18
C LEU MA 438 33.61 -59.06 159.53
N LYS MA 439 33.52 -58.07 158.65
CA LYS MA 439 32.59 -56.96 158.84
C LYS MA 439 31.45 -57.08 157.84
N PRO MA 440 30.20 -57.10 158.30
CA PRO MA 440 29.07 -57.16 157.36
C PRO MA 440 28.98 -55.89 156.52
N ASP MA 441 29.11 -56.07 155.21
CA ASP MA 441 29.13 -54.98 154.25
C ASP MA 441 27.72 -54.41 154.06
N VAL MA 442 27.63 -53.37 153.24
CA VAL MA 442 26.37 -52.67 153.02
C VAL MA 442 25.37 -53.55 152.27
N TYR MA 443 25.87 -54.48 151.45
CA TYR MA 443 24.99 -55.40 150.73
C TYR MA 443 24.23 -56.30 151.68
N THR MA 444 24.86 -56.76 152.76
CA THR MA 444 24.20 -57.68 153.68
C THR MA 444 23.05 -56.99 154.41
N TYR MA 445 23.29 -55.79 154.94
CA TYR MA 445 22.22 -55.05 155.59
C TYR MA 445 21.15 -54.61 154.60
N THR MA 446 21.55 -54.29 153.37
CA THR MA 446 20.57 -53.92 152.34
C THR MA 446 19.64 -55.09 152.02
N VAL MA 447 20.20 -56.31 151.91
CA VAL MA 447 19.39 -57.49 151.61
C VAL MA 447 18.49 -57.83 152.79
N ILE MA 448 18.99 -57.71 154.02
CA ILE MA 448 18.17 -58.00 155.20
C ILE MA 448 17.02 -57.00 155.33
N ILE MA 449 17.29 -55.71 155.13
CA ILE MA 449 16.24 -54.69 155.18
C ILE MA 449 15.25 -54.89 154.04
N SER MA 450 15.73 -55.28 152.86
CA SER MA 450 14.83 -55.56 151.75
C SER MA 450 13.87 -56.71 152.04
N GLY MA 451 14.38 -57.78 152.63
CA GLY MA 451 13.52 -58.89 153.01
C GLY MA 451 12.53 -58.53 154.10
N TYR MA 452 12.98 -57.77 155.10
CA TYR MA 452 12.09 -57.34 156.18
C TYR MA 452 11.00 -56.40 155.66
N ALA MA 453 11.35 -55.53 154.71
CA ALA MA 453 10.37 -54.58 154.18
C ALA MA 453 9.40 -55.25 153.22
N LYS MA 454 9.87 -56.20 152.41
CA LYS MA 454 8.96 -56.93 151.53
C LYS MA 454 8.15 -57.97 152.30
N GLY MA 455 8.55 -58.28 153.53
CA GLY MA 455 7.67 -59.00 154.43
C GLY MA 455 6.70 -58.14 155.20
N GLY MA 456 6.86 -56.81 155.12
CA GLY MA 456 5.99 -55.88 155.81
C GLY MA 456 6.41 -55.50 157.22
N MET MA 457 7.50 -56.08 157.74
CA MET MA 457 7.96 -55.80 159.09
C MET MA 457 8.99 -54.66 159.02
N MET MA 458 8.58 -53.47 159.50
CA MET MA 458 9.42 -52.31 159.28
C MET MA 458 10.20 -51.89 160.52
N ASP MA 459 9.72 -52.24 161.71
CA ASP MA 459 10.47 -51.93 162.93
C ASP MA 459 11.78 -52.71 163.00
N GLU MA 460 11.76 -53.98 162.57
CA GLU MA 460 12.99 -54.76 162.51
C GLU MA 460 13.92 -54.23 161.43
N ALA MA 461 13.36 -53.68 160.35
CA ALA MA 461 14.18 -53.01 159.34
C ALA MA 461 14.83 -51.77 159.91
N GLN MA 462 14.11 -51.02 160.76
CA GLN MA 462 14.73 -49.89 161.45
C GLN MA 462 15.84 -50.34 162.38
N GLU MA 463 15.66 -51.48 163.06
CA GLU MA 463 16.70 -51.99 163.95
C GLU MA 463 17.94 -52.42 163.18
N ILE MA 464 17.75 -53.09 162.04
CA ILE MA 464 18.88 -53.47 161.18
C ILE MA 464 19.57 -52.23 160.60
N LEU MA 465 18.78 -51.20 160.24
CA LEU MA 465 19.37 -49.95 159.76
C LEU MA 465 20.17 -49.25 160.84
N ALA MA 466 19.68 -49.27 162.08
CA ALA MA 466 20.43 -48.70 163.19
C ALA MA 466 21.73 -49.45 163.46
N GLU MA 467 21.72 -50.78 163.28
CA GLU MA 467 22.97 -51.53 163.39
C GLU MA 467 23.93 -51.20 162.25
N ALA MA 468 23.40 -51.03 161.04
CA ALA MA 468 24.25 -50.71 159.89
C ALA MA 468 24.85 -49.31 160.01
N LYS MA 469 24.12 -48.39 160.62
CA LYS MA 469 24.66 -47.07 160.91
C LYS MA 469 25.83 -47.13 161.89
N LYS MA 470 25.78 -48.04 162.86
CA LYS MA 470 26.87 -48.23 163.80
C LYS MA 470 28.08 -48.90 163.17
N LYS MA 471 27.87 -49.89 162.30
CA LYS MA 471 28.99 -50.63 161.73
C LYS MA 471 29.41 -50.13 160.34
N HIS MA 472 28.85 -49.03 159.85
CA HIS MA 472 29.28 -48.43 158.59
C HIS MA 472 29.21 -46.91 158.67
N LYS MA 473 30.23 -46.25 158.14
CA LYS MA 473 30.21 -44.80 158.00
C LYS MA 473 29.54 -44.35 156.71
N LYS MA 474 29.36 -45.27 155.75
CA LYS MA 474 28.81 -44.94 154.44
C LYS MA 474 27.76 -45.98 154.07
N LEU MA 475 26.56 -45.51 153.73
CA LEU MA 475 25.48 -46.37 153.30
C LEU MA 475 25.16 -46.14 151.83
N SER MA 476 24.83 -47.23 151.14
CA SER MA 476 24.40 -47.15 149.76
C SER MA 476 22.99 -46.55 149.68
N PRO MA 477 22.66 -45.86 148.60
CA PRO MA 477 21.29 -45.33 148.45
C PRO MA 477 20.23 -46.42 148.32
N VAL MA 478 20.63 -47.65 147.97
CA VAL MA 478 19.69 -48.75 147.80
C VAL MA 478 19.01 -49.09 149.12
N THR MA 479 19.73 -49.00 150.24
CA THR MA 479 19.17 -49.28 151.55
C THR MA 479 18.05 -48.30 151.91
N TYR MA 480 18.33 -47.00 151.76
CA TYR MA 480 17.32 -45.99 152.04
C TYR MA 480 16.15 -46.06 151.05
N HIS MA 481 16.43 -46.42 149.80
CA HIS MA 481 15.36 -46.57 148.82
C HIS MA 481 14.45 -47.74 149.17
N ALA MA 482 15.02 -48.85 149.65
CA ALA MA 482 14.21 -49.99 150.09
C ALA MA 482 13.39 -49.64 151.33
N LEU MA 483 13.96 -48.87 152.26
CA LEU MA 483 13.21 -48.42 153.43
C LEU MA 483 12.05 -47.51 153.04
N ILE MA 484 12.30 -46.59 152.10
CA ILE MA 484 11.26 -45.66 151.66
C ILE MA 484 10.16 -46.42 150.92
N ARG MA 485 10.54 -47.36 150.17
CA ARG MA 485 9.51 -48.02 149.57
C ARG MA 485 8.76 -48.91 150.59
N GLY MA 486 9.37 -49.58 151.55
CA GLY MA 486 8.62 -50.32 152.56
C GLY MA 486 7.62 -49.46 153.30
N TYR MA 487 8.01 -48.22 153.61
CA TYR MA 487 7.04 -47.28 154.16
C TYR MA 487 5.95 -46.89 153.17
N CYS MA 488 6.28 -46.72 151.90
CA CYS MA 488 5.27 -46.28 150.95
C CYS MA 488 4.31 -47.40 150.56
N LYS MA 489 4.71 -48.64 150.77
CA LYS MA 489 3.80 -49.75 150.50
C LYS MA 489 2.68 -49.85 151.54
N ILE MA 490 3.00 -49.57 152.81
CA ILE MA 490 2.03 -49.71 153.89
C ILE MA 490 1.43 -48.36 154.23
N GLU MA 491 1.59 -47.39 153.34
CA GLU MA 491 1.01 -46.05 153.41
C GLU MA 491 1.41 -45.27 154.66
N GLU MA 492 2.63 -45.48 155.16
CA GLU MA 492 3.20 -44.64 156.20
C GLU MA 492 4.22 -43.68 155.57
N TYR MA 493 3.69 -42.58 155.02
CA TYR MA 493 4.54 -41.68 154.24
C TYR MA 493 5.29 -40.70 155.12
N ASP MA 494 4.84 -40.48 156.36
CA ASP MA 494 5.51 -39.54 157.25
C ASP MA 494 6.91 -40.02 157.62
N GLU MA 495 7.03 -41.30 157.99
CA GLU MA 495 8.33 -41.88 158.30
C GLU MA 495 9.23 -41.95 157.06
N ALA MA 496 8.62 -42.14 155.88
CA ALA MA 496 9.40 -42.07 154.64
C ALA MA 496 9.96 -40.67 154.40
N LEU MA 497 9.18 -39.63 154.69
CA LEU MA 497 9.68 -38.27 154.58
C LEU MA 497 10.79 -38.00 155.61
N LYS MA 498 10.65 -38.56 156.81
CA LYS MA 498 11.70 -38.41 157.82
C LYS MA 498 12.99 -39.10 157.37
N LEU MA 499 12.88 -40.29 156.76
CA LEU MA 499 14.09 -40.95 156.26
C LEU MA 499 14.67 -40.21 155.07
N LEU MA 500 13.82 -39.61 154.24
CA LEU MA 500 14.32 -38.81 153.13
C LEU MA 500 15.06 -37.57 153.63
N ASN MA 501 14.60 -37.00 154.75
CA ASN MA 501 15.33 -35.91 155.37
C ASN MA 501 16.61 -36.39 156.04
N GLU MA 502 16.66 -37.65 156.46
CA GLU MA 502 17.83 -38.15 157.19
C GLU MA 502 19.02 -38.43 156.26
N MET MA 503 18.77 -38.56 154.95
CA MET MA 503 19.81 -39.04 154.04
C MET MA 503 20.95 -38.03 153.88
N ASP MA 504 20.63 -36.73 153.90
CA ASP MA 504 21.65 -35.71 153.65
C ASP MA 504 22.64 -35.62 154.80
N ARG MA 505 22.19 -35.82 156.03
CA ARG MA 505 23.07 -35.61 157.18
C ARG MA 505 24.04 -36.77 157.39
N PHE MA 506 23.81 -37.90 156.73
CA PHE MA 506 24.70 -39.05 156.84
C PHE MA 506 25.58 -39.17 155.59
N GLY MA 507 25.38 -38.28 154.63
CA GLY MA 507 26.23 -38.26 153.46
C GLY MA 507 25.74 -39.02 152.25
N VAL MA 508 24.44 -39.29 152.16
CA VAL MA 508 23.84 -39.94 151.01
C VAL MA 508 22.96 -38.92 150.30
N GLN MA 509 23.31 -38.61 149.05
CA GLN MA 509 22.57 -37.59 148.31
C GLN MA 509 21.26 -38.18 147.79
N PRO MA 510 20.12 -37.58 148.13
CA PRO MA 510 18.84 -38.06 147.58
C PRO MA 510 18.72 -37.68 146.12
N ASN MA 511 18.67 -38.70 145.26
CA ASN MA 511 18.59 -38.48 143.83
C ASN MA 511 17.14 -38.27 143.40
N ALA MA 512 16.95 -38.18 142.08
CA ALA MA 512 15.62 -37.86 141.56
C ALA MA 512 14.64 -39.02 141.67
N ASP MA 513 15.14 -40.26 141.75
CA ASP MA 513 14.25 -41.42 141.69
C ASP MA 513 13.40 -41.57 142.95
N GLU MA 514 13.98 -41.28 144.12
CA GLU MA 514 13.22 -41.35 145.36
C GLU MA 514 12.09 -40.33 145.37
N TYR MA 515 12.39 -39.11 144.93
CA TYR MA 515 11.36 -38.07 144.86
C TYR MA 515 10.32 -38.41 143.80
N ASN MA 516 10.74 -39.00 142.68
CA ASN MA 516 9.81 -39.42 141.63
C ASN MA 516 8.81 -40.44 142.15
N LYS MA 517 9.31 -41.51 142.78
CA LYS MA 517 8.40 -42.55 143.25
C LYS MA 517 7.60 -42.10 144.47
N LEU MA 518 8.15 -41.20 145.28
CA LEU MA 518 7.38 -40.60 146.37
C LEU MA 518 6.22 -39.77 145.84
N ILE MA 519 6.46 -38.97 144.80
CA ILE MA 519 5.40 -38.14 144.24
C ILE MA 519 4.36 -39.01 143.55
N GLN MA 520 4.81 -40.08 142.87
CA GLN MA 520 3.88 -41.04 142.29
C GLN MA 520 3.01 -41.73 143.34
N SER MA 521 3.59 -42.10 144.48
CA SER MA 521 2.81 -42.72 145.54
C SER MA 521 1.82 -41.74 146.14
N PHE MA 522 2.28 -40.51 146.44
CA PHE MA 522 1.42 -39.47 146.99
C PHE MA 522 0.27 -39.13 146.04
N CYS MA 523 0.49 -39.25 144.74
CA CYS MA 523 -0.58 -39.05 143.78
C CYS MA 523 -1.55 -40.24 143.74
N LEU MA 524 -1.04 -41.41 143.44
CA LEU MA 524 -1.90 -42.53 143.06
C LEU MA 524 -2.49 -43.29 144.24
N LYS MA 525 -1.94 -43.19 145.45
CA LYS MA 525 -2.43 -43.99 146.56
C LYS MA 525 -3.06 -43.15 147.66
N ALA MA 526 -2.32 -42.19 148.21
CA ALA MA 526 -2.84 -41.39 149.30
C ALA MA 526 -3.80 -40.31 148.84
N LEU MA 527 -3.72 -39.91 147.57
CA LEU MA 527 -4.37 -38.72 147.03
C LEU MA 527 -4.05 -37.49 147.88
N ASP MA 528 -2.78 -37.33 148.21
CA ASP MA 528 -2.32 -36.20 149.02
C ASP MA 528 -1.62 -35.24 148.06
N TRP MA 529 -2.01 -33.97 148.13
CA TRP MA 529 -1.62 -33.00 147.11
C TRP MA 529 -0.67 -31.95 147.65
N GLU MA 530 -0.93 -31.45 148.87
CA GLU MA 530 -0.08 -30.42 149.45
C GLU MA 530 1.30 -30.96 149.77
N LYS MA 531 1.39 -32.19 150.28
CA LYS MA 531 2.68 -32.80 150.55
C LYS MA 531 3.45 -33.10 149.27
N ALA MA 532 2.75 -33.51 148.21
CA ALA MA 532 3.40 -33.70 146.92
C ALA MA 532 3.92 -32.40 146.35
N GLU MA 533 3.17 -31.31 146.49
CA GLU MA 533 3.66 -30.01 146.02
C GLU MA 533 4.83 -29.51 146.85
N VAL MA 534 4.83 -29.77 148.16
CA VAL MA 534 5.95 -29.43 149.02
C VAL MA 534 7.20 -30.23 148.62
N LEU MA 535 7.01 -31.52 148.30
CA LEU MA 535 8.11 -32.33 147.79
C LEU MA 535 8.63 -31.82 146.45
N PHE MA 536 7.73 -31.33 145.59
CA PHE MA 536 8.16 -30.74 144.32
C PHE MA 536 8.98 -29.47 144.56
N GLU MA 537 8.56 -28.64 145.52
CA GLU MA 537 9.32 -27.43 145.84
C GLU MA 537 10.68 -27.76 146.42
N GLU MA 538 10.75 -28.78 147.28
CA GLU MA 538 12.04 -29.22 147.83
C GLU MA 538 12.91 -29.83 146.75
N MET MA 539 12.29 -30.51 145.78
CA MET MA 539 13.03 -31.05 144.63
C MET MA 539 13.61 -29.92 143.78
N LYS MA 540 12.85 -28.83 143.61
CA LYS MA 540 13.37 -27.67 142.91
C LYS MA 540 14.51 -27.00 143.68
N GLN MA 541 14.39 -26.93 145.01
CA GLN MA 541 15.41 -26.26 145.81
C GLN MA 541 16.72 -27.05 145.84
N LYS MA 542 16.65 -28.37 145.68
CA LYS MA 542 17.85 -29.21 145.67
C LYS MA 542 18.45 -29.37 144.29
N GLY MA 543 17.89 -28.72 143.28
CA GLY MA 543 18.44 -28.80 141.94
C GLY MA 543 18.09 -30.06 141.19
N LEU MA 544 16.97 -30.70 141.52
CA LEU MA 544 16.52 -31.90 140.82
C LEU MA 544 15.24 -31.59 140.04
N HIS MA 545 15.00 -32.39 139.01
CA HIS MA 545 13.93 -32.13 138.05
C HIS MA 545 12.93 -33.28 138.05
N LEU MA 546 11.65 -32.95 138.21
CA LEU MA 546 10.59 -33.86 137.81
C LEU MA 546 10.50 -33.92 136.29
N ASN MA 547 10.21 -35.10 135.76
CA ASN MA 547 9.81 -35.19 134.37
C ASN MA 547 8.41 -34.60 134.19
N ALA MA 548 8.06 -34.32 132.93
CA ALA MA 548 6.82 -33.60 132.65
C ALA MA 548 5.58 -34.44 132.97
N ILE MA 549 5.71 -35.78 132.91
CA ILE MA 549 4.56 -36.65 133.16
C ILE MA 549 4.15 -36.60 134.63
N SER MA 550 5.12 -36.52 135.54
CA SER MA 550 4.78 -36.43 136.97
C SER MA 550 4.15 -35.08 137.32
N GLN MA 551 4.64 -33.99 136.74
CA GLN MA 551 4.00 -32.69 136.94
C GLN MA 551 2.61 -32.67 136.33
N GLY MA 552 2.43 -33.38 135.22
CA GLY MA 552 1.09 -33.55 134.66
C GLY MA 552 0.18 -34.34 135.57
N LEU MA 553 0.73 -35.34 136.27
CA LEU MA 553 -0.05 -36.08 137.26
C LEU MA 553 -0.49 -35.16 138.40
N ILE MA 554 0.44 -34.32 138.90
CA ILE MA 554 0.12 -33.33 139.92
C ILE MA 554 -1.00 -32.41 139.46
N ARG MA 555 -0.87 -31.87 138.24
CA ARG MA 555 -1.86 -30.97 137.67
C ARG MA 555 -3.20 -31.68 137.53
N ALA MA 556 -3.19 -32.93 137.08
CA ALA MA 556 -4.43 -33.67 136.85
C ALA MA 556 -5.19 -33.91 138.15
N VAL MA 557 -4.51 -34.38 139.19
CA VAL MA 557 -5.25 -34.70 140.42
C VAL MA 557 -5.64 -33.42 141.15
N LYS MA 558 -4.82 -32.36 141.05
CA LYS MA 558 -5.19 -31.10 141.70
C LYS MA 558 -6.38 -30.43 141.01
N GLU MA 559 -6.40 -30.45 139.67
CA GLU MA 559 -7.55 -29.90 138.96
C GLU MA 559 -8.78 -30.78 139.15
N MET MA 560 -8.57 -32.09 139.35
CA MET MA 560 -9.70 -32.98 139.62
C MET MA 560 -10.34 -32.66 140.97
N GLU MA 561 -9.53 -32.48 142.03
CA GLU MA 561 -10.12 -32.11 143.31
C GLU MA 561 -10.71 -30.70 143.27
N SER MA 562 -10.12 -29.80 142.49
CA SER MA 562 -10.66 -28.45 142.39
C SER MA 562 -12.03 -28.45 141.72
N GLU MA 563 -12.17 -29.17 140.61
CA GLU MA 563 -13.45 -29.25 139.91
C GLU MA 563 -14.49 -30.00 140.74
N ALA MA 564 -14.09 -31.08 141.42
CA ALA MA 564 -15.04 -31.83 142.24
C ALA MA 564 -15.49 -31.02 143.47
N LYS MA 565 -14.60 -30.21 144.03
CA LYS MA 565 -14.97 -29.41 145.20
C LYS MA 565 -15.80 -28.20 144.80
N VAL MA 566 -15.50 -27.60 143.64
CA VAL MA 566 -16.28 -26.46 143.17
C VAL MA 566 -17.68 -26.90 142.74
N THR MA 567 -17.78 -28.04 142.04
CA THR MA 567 -19.07 -28.55 141.59
C THR MA 567 -19.97 -28.94 142.77
N GLU MA 568 -19.40 -29.57 143.80
CA GLU MA 568 -20.16 -29.92 144.98
C GLU MA 568 -20.53 -28.68 145.80
N GLN NA 41 37.65 -28.75 -70.79
CA GLN NA 41 36.39 -28.14 -70.40
C GLN NA 41 35.67 -28.92 -69.28
N ASN NA 42 35.44 -30.22 -69.48
CA ASN NA 42 34.80 -31.03 -68.45
C ASN NA 42 35.84 -31.76 -67.62
N LYS NA 43 36.94 -32.18 -68.24
CA LYS NA 43 37.98 -32.91 -67.53
C LYS NA 43 38.72 -32.00 -66.55
N THR NA 44 38.90 -30.73 -66.90
CA THR NA 44 39.45 -29.76 -65.96
C THR NA 44 38.53 -29.59 -64.76
N LEU NA 45 37.22 -29.66 -64.96
CA LEU NA 45 36.28 -29.54 -63.85
C LEU NA 45 36.25 -30.79 -62.99
N VAL NA 46 36.36 -31.97 -63.59
CA VAL NA 46 36.39 -33.19 -62.78
C VAL NA 46 37.73 -33.39 -62.11
N ALA NA 47 38.79 -32.71 -62.57
CA ALA NA 47 40.09 -32.76 -61.91
C ALA NA 47 40.26 -31.67 -60.86
N GLU NA 48 39.59 -30.53 -61.03
CA GLU NA 48 39.70 -29.46 -60.03
C GLU NA 48 39.06 -29.85 -58.70
N MET NA 49 37.99 -30.65 -58.76
CA MET NA 49 37.36 -31.10 -57.53
C MET NA 49 38.01 -32.35 -56.96
N GLU NA 50 38.83 -33.07 -57.74
CA GLU NA 50 39.57 -34.19 -57.18
C GLU NA 50 40.67 -33.73 -56.23
N GLU NA 51 41.23 -32.55 -56.48
CA GLU NA 51 42.12 -31.91 -55.53
C GLU NA 51 41.36 -31.22 -54.41
N LYS NA 52 40.06 -31.04 -54.57
CA LYS NA 52 39.17 -30.61 -53.49
C LYS NA 52 38.64 -31.78 -52.68
N MET NA 53 38.42 -32.94 -53.30
CA MET NA 53 37.76 -34.06 -52.64
C MET NA 53 38.63 -34.69 -51.55
N LEU NA 54 39.93 -34.82 -51.79
CA LEU NA 54 40.81 -35.49 -50.85
C LEU NA 54 41.08 -34.67 -49.59
N HIS NA 55 40.70 -33.39 -49.58
CA HIS NA 55 40.74 -32.56 -48.39
C HIS NA 55 39.33 -32.07 -48.02
N MET NA 56 38.35 -32.96 -48.14
CA MET NA 56 36.95 -32.62 -47.89
C MET NA 56 36.19 -33.90 -47.58
N ASP NA 57 35.08 -33.77 -46.87
CA ASP NA 57 34.27 -34.90 -46.45
C ASP NA 57 32.80 -34.52 -46.63
N ILE NA 58 31.92 -35.30 -45.98
CA ILE NA 58 30.48 -35.24 -46.23
C ILE NA 58 29.90 -33.88 -45.86
N ASN NA 59 30.33 -33.32 -44.73
CA ASN NA 59 29.66 -32.17 -44.11
C ASN NA 59 29.82 -30.86 -44.89
N SER NA 60 30.51 -30.85 -46.03
CA SER NA 60 30.55 -29.66 -46.86
C SER NA 60 30.41 -29.99 -48.34
N MET NA 61 29.85 -31.15 -48.68
CA MET NA 61 29.36 -31.41 -50.02
C MET NA 61 27.91 -30.94 -50.15
N ILE NA 62 27.73 -29.64 -49.99
CA ILE NA 62 26.40 -29.05 -49.93
C ILE NA 62 25.75 -29.14 -51.30
N GLY NA 63 24.52 -29.65 -51.34
CA GLY NA 63 23.81 -29.88 -52.57
C GLY NA 63 23.95 -31.27 -53.15
N SER NA 64 24.78 -32.12 -52.55
CA SER NA 64 24.99 -33.47 -53.04
C SER NA 64 24.11 -34.46 -52.28
N SER NA 65 23.70 -35.51 -52.98
CA SER NA 65 22.80 -36.51 -52.44
C SER NA 65 23.47 -37.89 -52.44
N MET NA 66 23.32 -38.59 -51.32
CA MET NA 66 23.78 -39.97 -51.19
C MET NA 66 22.85 -40.66 -50.19
N PRO NA 67 22.88 -41.99 -50.12
CA PRO NA 67 22.07 -42.70 -49.11
C PRO NA 67 22.47 -42.32 -47.69
N LEU NA 68 21.48 -42.42 -46.78
CA LEU NA 68 21.67 -42.06 -45.38
C LEU NA 68 22.71 -42.94 -44.68
N GLY NA 69 22.86 -44.19 -45.11
CA GLY NA 69 23.84 -45.07 -44.50
C GLY NA 69 25.27 -44.72 -44.83
N MET NA 70 25.49 -43.86 -45.82
CA MET NA 70 26.81 -43.37 -46.17
C MET NA 70 27.19 -42.11 -45.40
N MET NA 71 26.32 -41.64 -44.51
CA MET NA 71 26.51 -40.38 -43.82
C MET NA 71 26.96 -40.63 -42.38
N ARG NA 72 27.23 -39.56 -41.67
CA ARG NA 72 27.75 -39.61 -40.31
C ARG NA 72 26.71 -39.08 -39.34
N ILE NA 73 27.07 -39.15 -38.04
CA ILE NA 73 26.20 -38.65 -37.00
C ILE NA 73 26.25 -37.14 -36.98
N GLY NA 74 25.09 -36.51 -36.80
CA GLY NA 74 25.04 -35.07 -36.73
C GLY NA 74 25.05 -34.36 -38.07
N THR NA 75 25.00 -35.11 -39.17
CA THR NA 75 24.95 -34.49 -40.49
C THR NA 75 23.62 -33.77 -40.69
N ILE NA 76 23.68 -32.52 -41.13
CA ILE NA 76 22.50 -31.73 -41.40
C ILE NA 76 22.06 -32.01 -42.83
N ILE NA 77 20.80 -32.42 -43.00
CA ILE NA 77 20.31 -32.96 -44.25
C ILE NA 77 18.92 -32.42 -44.57
N HIS NA 78 18.50 -32.65 -45.80
CA HIS NA 78 17.15 -32.36 -46.25
C HIS NA 78 16.85 -33.25 -47.46
N ASN NA 79 15.61 -33.15 -47.94
CA ASN NA 79 15.12 -33.91 -49.11
C ASN NA 79 15.27 -35.42 -48.91
N ILE NA 80 14.66 -35.93 -47.84
CA ILE NA 80 14.78 -37.33 -47.46
C ILE NA 80 13.68 -38.14 -48.11
N GLU NA 81 14.04 -39.27 -48.69
CA GLU NA 81 13.06 -40.24 -49.18
C GLU NA 81 12.45 -41.02 -48.03
N MET NA 82 11.20 -41.45 -48.22
CA MET NA 82 10.57 -42.44 -47.36
C MET NA 82 10.80 -43.86 -47.85
N ASN NA 83 10.68 -44.09 -49.16
CA ASN NA 83 10.98 -45.35 -49.79
C ASN NA 83 12.16 -45.18 -50.74
N PRO NA 84 13.06 -46.16 -50.83
CA PRO NA 84 14.26 -46.00 -51.65
C PRO NA 84 13.92 -45.97 -53.14
N GLY NA 85 14.29 -44.87 -53.79
CA GLY NA 85 14.03 -44.70 -55.20
C GLY NA 85 12.74 -44.00 -55.54
N GLN NA 86 11.89 -43.72 -54.55
CA GLN NA 86 10.61 -43.07 -54.84
C GLN NA 86 10.76 -41.57 -55.05
N GLY NA 87 11.71 -40.93 -54.38
CA GLY NA 87 11.87 -39.50 -54.47
C GLY NA 87 11.82 -38.85 -53.11
N ALA NA 88 12.28 -37.60 -53.03
CA ALA NA 88 12.36 -36.90 -51.76
C ALA NA 88 10.98 -36.50 -51.27
N LYS NA 89 10.75 -36.67 -49.99
CA LYS NA 89 9.44 -36.38 -49.43
C LYS NA 89 9.49 -35.53 -48.18
N LEU NA 90 10.49 -35.71 -47.31
CA LEU NA 90 10.34 -35.26 -45.93
C LEU NA 90 10.79 -33.83 -45.68
N VAL NA 91 12.04 -33.48 -45.97
CA VAL NA 91 12.47 -32.15 -45.55
C VAL NA 91 12.67 -31.26 -46.77
N ARG NA 92 11.64 -30.49 -47.13
CA ARG NA 92 11.58 -29.89 -48.45
C ARG NA 92 11.29 -28.39 -48.44
N ALA NA 93 10.57 -27.90 -47.45
CA ALA NA 93 10.19 -26.49 -47.42
C ALA NA 93 11.41 -25.62 -47.13
N ALA NA 94 11.28 -24.34 -47.47
CA ALA NA 94 12.40 -23.40 -47.44
C ALA NA 94 12.96 -23.23 -46.03
N GLY NA 95 14.28 -23.34 -45.92
CA GLY NA 95 14.97 -23.18 -44.66
C GLY NA 95 15.02 -24.39 -43.76
N THR NA 96 14.25 -25.44 -44.06
CA THR NA 96 14.13 -26.57 -43.16
C THR NA 96 15.35 -27.49 -43.26
N ASN NA 97 15.59 -28.24 -42.20
CA ASN NA 97 16.66 -29.23 -42.18
C ASN NA 97 16.36 -30.30 -41.16
N ALA NA 98 17.00 -31.46 -41.34
CA ALA NA 98 16.94 -32.58 -40.42
C ALA NA 98 18.35 -32.91 -39.93
N LYS NA 99 18.42 -33.74 -38.90
CA LYS NA 99 19.69 -34.11 -38.28
C LYS NA 99 19.72 -35.60 -38.05
N ILE NA 100 20.84 -36.22 -38.38
CA ILE NA 100 21.04 -37.65 -38.14
C ILE NA 100 21.49 -37.86 -36.70
N LEU NA 101 20.76 -38.70 -35.97
CA LEU NA 101 21.05 -38.93 -34.57
C LEU NA 101 21.79 -40.23 -34.31
N LYS NA 102 21.54 -41.29 -35.07
CA LYS NA 102 22.16 -42.58 -34.84
C LYS NA 102 22.68 -43.18 -36.14
N GLU NA 103 23.69 -44.03 -36.00
CA GLU NA 103 24.23 -44.80 -37.12
C GLU NA 103 23.20 -45.84 -37.57
N PRO NA 104 23.27 -46.29 -38.84
CA PRO NA 104 22.44 -47.42 -39.29
C PRO NA 104 22.51 -48.65 -38.39
N ALA NA 105 21.38 -48.92 -37.73
CA ALA NA 105 21.21 -50.09 -36.89
C ALA NA 105 20.03 -50.89 -37.43
N SER NA 106 20.28 -52.16 -37.77
CA SER NA 106 19.33 -53.04 -38.45
C SER NA 106 18.87 -52.44 -39.77
N GLY NA 107 19.76 -51.71 -40.43
CA GLY NA 107 19.46 -51.12 -41.72
C GLY NA 107 18.62 -49.86 -41.70
N LYS NA 108 18.50 -49.20 -40.55
CA LYS NA 108 17.69 -48.00 -40.44
C LYS NA 108 18.43 -46.95 -39.63
N CYS NA 109 18.19 -45.68 -39.95
CA CYS NA 109 18.81 -44.54 -39.30
C CYS NA 109 17.77 -43.71 -38.57
N LEU NA 110 18.18 -43.12 -37.45
CA LEU NA 110 17.31 -42.27 -36.65
C LEU NA 110 17.57 -40.81 -36.98
N ILE NA 111 16.50 -40.07 -37.27
CA ILE NA 111 16.57 -38.74 -37.86
C ILE NA 111 15.61 -37.82 -37.13
N LYS NA 112 16.09 -36.64 -36.75
CA LYS NA 112 15.25 -35.63 -36.11
C LYS NA 112 14.67 -34.69 -37.17
N LEU NA 113 13.35 -34.69 -37.29
CA LEU NA 113 12.63 -33.93 -38.31
C LEU NA 113 12.40 -32.49 -37.87
N PRO NA 114 12.03 -31.59 -38.80
CA PRO NA 114 11.74 -30.20 -38.39
C PRO NA 114 10.60 -30.04 -37.40
N SER NA 115 9.68 -31.00 -37.32
CA SER NA 115 8.60 -30.91 -36.35
C SER NA 115 9.04 -31.19 -34.92
N GLY NA 116 10.25 -31.73 -34.73
CA GLY NA 116 10.69 -32.19 -33.44
C GLY NA 116 10.50 -33.67 -33.22
N ASP NA 117 9.72 -34.33 -34.07
CA ASP NA 117 9.60 -35.77 -34.03
C ASP NA 117 10.90 -36.42 -34.49
N THR NA 118 11.11 -37.65 -34.02
CA THR NA 118 12.20 -38.48 -34.52
C THR NA 118 11.60 -39.71 -35.20
N ARG NA 119 12.19 -40.12 -36.30
CA ARG NA 119 11.70 -41.24 -37.09
C ARG NA 119 12.87 -42.12 -37.48
N TRP NA 120 12.62 -43.43 -37.52
CA TRP NA 120 13.57 -44.38 -38.06
C TRP NA 120 13.31 -44.50 -39.56
N ILE NA 121 14.30 -44.13 -40.36
CA ILE NA 121 14.20 -44.13 -41.81
C ILE NA 121 15.16 -45.18 -42.35
N ASN NA 122 14.72 -45.90 -43.39
CA ASN NA 122 15.56 -46.89 -44.05
C ASN NA 122 16.88 -46.27 -44.52
N ALA NA 123 17.97 -46.98 -44.23
CA ALA NA 123 19.32 -46.47 -44.51
C ALA NA 123 19.59 -46.31 -46.00
N ARG NA 124 18.89 -47.06 -46.86
CA ARG NA 124 19.07 -46.96 -48.29
C ARG NA 124 18.36 -45.76 -48.90
N CYS NA 125 17.52 -45.06 -48.13
CA CYS NA 125 16.87 -43.86 -48.63
C CYS NA 125 17.88 -42.72 -48.77
N ARG NA 126 17.69 -41.89 -49.78
CA ARG NA 126 18.61 -40.81 -50.08
C ARG NA 126 18.21 -39.53 -49.37
N ALA NA 127 19.19 -38.63 -49.22
CA ALA NA 127 18.96 -37.29 -48.68
C ALA NA 127 20.05 -36.38 -49.21
N THR NA 128 19.78 -35.08 -49.17
CA THR NA 128 20.70 -34.08 -49.68
C THR NA 128 21.38 -33.36 -48.52
N ILE NA 129 22.70 -33.18 -48.63
CA ILE NA 129 23.49 -32.55 -47.59
C ILE NA 129 23.15 -31.06 -47.52
N GLY NA 130 22.88 -30.57 -46.31
CA GLY NA 130 22.71 -29.16 -46.06
C GLY NA 130 21.30 -28.82 -45.63
N THR NA 131 20.96 -27.55 -45.78
CA THR NA 131 19.63 -27.04 -45.49
C THR NA 131 18.97 -26.60 -46.79
N VAL NA 132 17.65 -26.48 -46.76
CA VAL NA 132 16.93 -25.99 -47.92
C VAL NA 132 17.14 -24.48 -48.05
N SER NA 133 17.21 -24.01 -49.30
CA SER NA 133 17.48 -22.61 -49.59
C SER NA 133 16.31 -21.72 -49.18
N ASN NA 134 16.53 -20.42 -49.34
CA ASN NA 134 15.59 -19.36 -48.93
C ASN NA 134 15.17 -19.44 -47.45
N PRO NA 135 16.12 -19.34 -46.51
CA PRO NA 135 15.75 -19.53 -45.10
C PRO NA 135 15.03 -18.34 -44.49
N SER NA 136 15.04 -17.18 -45.14
CA SER NA 136 14.29 -16.02 -44.67
C SER NA 136 12.86 -16.00 -45.20
N HIS NA 137 12.39 -17.12 -45.75
CA HIS NA 137 11.02 -17.18 -46.26
C HIS NA 137 10.00 -17.06 -45.15
N GLY NA 138 10.28 -17.62 -43.98
CA GLY NA 138 9.30 -17.64 -42.91
C GLY NA 138 9.13 -16.34 -42.15
N VAL NA 139 9.99 -15.35 -42.37
CA VAL NA 139 9.90 -14.08 -41.65
C VAL NA 139 9.39 -12.94 -42.52
N LYS NA 140 9.24 -13.14 -43.83
CA LYS NA 140 8.68 -12.09 -44.66
C LYS NA 140 7.18 -11.96 -44.40
N LYS NA 141 6.68 -10.74 -44.42
CA LYS NA 141 5.31 -10.46 -44.04
C LYS NA 141 4.64 -9.60 -45.10
N LEU NA 142 3.35 -9.83 -45.31
CA LEU NA 142 2.57 -9.03 -46.23
C LEU NA 142 2.10 -7.76 -45.55
N TYR NA 143 1.57 -6.82 -46.34
CA TYR NA 143 1.07 -5.58 -45.79
C TYR NA 143 -0.38 -5.27 -46.15
N LYS NA 144 -0.98 -5.99 -47.10
CA LYS NA 144 -2.33 -5.67 -47.53
C LYS NA 144 -3.04 -6.95 -47.95
N ALA NA 145 -4.38 -6.86 -48.02
CA ALA NA 145 -5.22 -8.01 -48.36
C ALA NA 145 -4.98 -8.50 -49.78
N GLY NA 146 -4.62 -7.60 -50.69
CA GLY NA 146 -4.44 -7.97 -52.08
C GLY NA 146 -3.33 -8.96 -52.31
N GLN NA 147 -2.26 -8.90 -51.50
CA GLN NA 147 -1.16 -9.85 -51.61
C GLN NA 147 -1.61 -11.28 -51.33
N SER NA 148 -2.55 -11.46 -50.40
CA SER NA 148 -3.12 -12.79 -50.16
C SER NA 148 -3.92 -13.27 -51.37
N ARG NA 149 -4.67 -12.37 -52.01
CA ARG NA 149 -5.45 -12.73 -53.18
C ARG NA 149 -4.55 -13.07 -54.36
N TRP NA 150 -3.36 -12.45 -54.45
CA TRP NA 150 -2.41 -12.80 -55.50
C TRP NA 150 -1.93 -14.24 -55.36
N LEU NA 151 -1.80 -14.73 -54.13
CA LEU NA 151 -1.38 -16.10 -53.88
C LEU NA 151 -2.49 -17.11 -54.08
N GLY NA 152 -3.72 -16.65 -54.28
CA GLY NA 152 -4.85 -17.54 -54.43
C GLY NA 152 -5.58 -17.88 -53.16
N ILE NA 153 -5.50 -17.03 -52.15
CA ILE NA 153 -6.19 -17.23 -50.88
C ILE NA 153 -7.41 -16.32 -50.86
N ARG NA 154 -8.57 -16.91 -50.67
CA ARG NA 154 -9.82 -16.19 -50.62
C ARG NA 154 -10.21 -15.95 -49.16
N PRO NA 155 -11.03 -14.92 -48.88
CA PRO NA 155 -11.30 -14.54 -47.48
C PRO NA 155 -11.98 -15.63 -46.67
N LYS NA 156 -11.68 -15.64 -45.38
CA LYS NA 156 -12.21 -16.63 -44.44
C LYS NA 156 -13.17 -15.97 -43.48
N VAL NA 157 -14.38 -16.50 -43.40
CA VAL NA 157 -15.41 -15.99 -42.50
C VAL NA 157 -15.39 -16.81 -41.22
N ARG NA 158 -15.35 -16.12 -40.09
CA ARG NA 158 -15.36 -16.77 -38.79
C ARG NA 158 -16.70 -17.47 -38.54
N GLY NA 159 -16.64 -18.58 -37.80
CA GLY NA 159 -17.84 -19.35 -37.50
C GLY NA 159 -18.82 -18.62 -36.61
N VAL NA 160 -18.33 -17.79 -35.69
CA VAL NA 160 -19.23 -17.01 -34.83
C VAL NA 160 -19.98 -15.93 -35.59
N ALA NA 161 -19.49 -15.53 -36.76
CA ALA NA 161 -20.19 -14.54 -37.58
C ALA NA 161 -21.36 -15.10 -38.36
N MET NA 162 -21.54 -16.43 -38.37
CA MET NA 162 -22.56 -17.06 -39.18
C MET NA 162 -23.84 -17.30 -38.37
N ASN NA 163 -24.76 -18.05 -38.95
CA ASN NA 163 -26.02 -18.50 -38.40
C ASN NA 163 -25.92 -19.94 -37.92
N PRO NA 164 -26.85 -20.43 -37.08
CA PRO NA 164 -26.79 -21.84 -36.66
C PRO NA 164 -26.88 -22.85 -37.78
N CYS NA 165 -27.55 -22.51 -38.89
CA CYS NA 165 -27.60 -23.42 -40.04
C CYS NA 165 -26.25 -23.56 -40.74
N ASP NA 166 -25.32 -22.63 -40.52
CA ASP NA 166 -24.04 -22.60 -41.22
C ASP NA 166 -22.91 -23.23 -40.42
N HIS NA 167 -22.81 -22.93 -39.13
CA HIS NA 167 -21.70 -23.31 -38.28
C HIS NA 167 -22.24 -23.67 -36.90
N PRO NA 168 -21.58 -24.57 -36.18
CA PRO NA 168 -21.92 -24.78 -34.76
C PRO NA 168 -21.71 -23.55 -33.89
N HIS NA 169 -20.82 -22.63 -34.27
CA HIS NA 169 -20.61 -21.39 -33.54
C HIS NA 169 -21.60 -20.29 -33.92
N GLY NA 170 -22.50 -20.55 -34.87
CA GLY NA 170 -23.40 -19.50 -35.31
C GLY NA 170 -24.56 -19.27 -34.36
N GLY NA 171 -25.13 -18.08 -34.45
CA GLY NA 171 -26.33 -17.74 -33.69
C GLY NA 171 -26.06 -16.65 -32.68
N GLY NA 172 -27.09 -16.38 -31.89
CA GLY NA 172 -27.01 -15.42 -30.82
C GLY NA 172 -27.26 -13.99 -31.28
N GLU NA 173 -27.74 -13.19 -30.35
CA GLU NA 173 -27.99 -11.78 -30.60
C GLU NA 173 -26.79 -10.97 -30.10
N GLY NA 174 -26.28 -10.09 -30.95
CA GLY NA 174 -25.04 -9.42 -30.66
C GLY NA 174 -23.88 -10.37 -30.82
N LYS NA 175 -22.71 -9.93 -30.36
CA LYS NA 175 -21.53 -10.78 -30.36
C LYS NA 175 -21.73 -11.91 -29.36
N SER NA 176 -21.48 -13.13 -29.80
CA SER NA 176 -21.70 -14.29 -28.95
C SER NA 176 -20.90 -15.46 -29.49
N LYS NA 177 -20.26 -16.19 -28.59
CA LYS NA 177 -19.76 -17.52 -28.91
C LYS NA 177 -20.88 -18.47 -28.52
N SER NA 178 -21.38 -19.24 -29.48
CA SER NA 178 -22.68 -19.88 -29.33
C SER NA 178 -22.59 -21.19 -28.53
N SER NA 179 -22.13 -21.03 -27.30
CA SER NA 179 -22.02 -22.05 -26.27
C SER NA 179 -21.91 -21.30 -24.96
N GLY NA 180 -21.69 -21.99 -23.88
CA GLY NA 180 -21.63 -21.34 -22.58
C GLY NA 180 -20.98 -22.20 -21.55
N SER NA 181 -21.45 -22.06 -20.31
CA SER NA 181 -20.89 -22.79 -19.19
C SER NA 181 -21.18 -24.29 -19.28
N ARG NA 182 -22.15 -24.71 -20.09
CA ARG NA 182 -22.43 -26.11 -20.35
C ARG NA 182 -22.43 -26.38 -21.84
N GLY NA 183 -21.43 -25.85 -22.53
CA GLY NA 183 -21.26 -26.12 -23.94
C GLY NA 183 -20.09 -27.05 -24.21
N ARG NA 184 -19.27 -26.71 -25.19
CA ARG NA 184 -18.12 -27.52 -25.54
C ARG NA 184 -16.99 -26.58 -25.94
N THR NA 185 -15.87 -27.16 -26.37
CA THR NA 185 -14.76 -26.37 -26.90
C THR NA 185 -15.12 -25.77 -28.25
N SER NA 186 -14.23 -24.90 -28.72
CA SER NA 186 -14.33 -24.39 -30.09
C SER NA 186 -14.19 -25.53 -31.09
N VAL NA 187 -15.07 -25.53 -32.09
CA VAL NA 187 -15.19 -26.65 -33.01
C VAL NA 187 -15.12 -26.16 -34.46
N SER NA 188 -14.91 -27.13 -35.34
CA SER NA 188 -14.85 -26.93 -36.78
C SER NA 188 -16.26 -26.66 -37.32
N PRO NA 189 -16.41 -26.34 -38.62
CA PRO NA 189 -17.78 -26.30 -39.18
C PRO NA 189 -18.48 -27.65 -39.17
N TRP NA 190 -17.74 -28.73 -39.02
CA TRP NA 190 -18.29 -30.09 -39.02
C TRP NA 190 -18.42 -30.67 -37.63
N GLY NA 191 -18.23 -29.85 -36.59
CA GLY NA 191 -18.51 -30.26 -35.23
C GLY NA 191 -17.37 -30.88 -34.46
N LYS NA 192 -16.21 -31.05 -35.08
CA LYS NA 192 -15.08 -31.67 -34.39
C LYS NA 192 -14.29 -30.60 -33.65
N PRO NA 193 -13.81 -30.91 -32.45
CA PRO NA 193 -13.06 -29.91 -31.66
C PRO NA 193 -11.74 -29.57 -32.33
N CYS NA 194 -11.25 -28.37 -32.02
CA CYS NA 194 -9.98 -27.93 -32.58
C CYS NA 194 -9.12 -27.23 -31.53
N LYS NA 195 -9.34 -27.50 -30.25
CA LYS NA 195 -8.52 -27.02 -29.15
C LYS NA 195 -8.25 -28.17 -28.19
N GLY NA 196 -7.35 -27.94 -27.25
CA GLY NA 196 -7.11 -28.88 -26.17
C GLY NA 196 -6.44 -30.18 -26.58
N GLY NA 197 -5.72 -30.18 -27.70
CA GLY NA 197 -5.05 -31.39 -28.11
C GLY NA 197 -5.92 -32.47 -28.71
N TYR NA 198 -7.11 -32.13 -29.20
CA TYR NA 198 -7.99 -33.14 -29.79
C TYR NA 198 -7.38 -33.68 -31.07
N LYS NA 199 -7.54 -34.99 -31.27
CA LYS NA 199 -7.40 -35.60 -32.58
C LYS NA 199 -8.32 -36.80 -32.62
N SER NA 200 -8.64 -37.25 -33.83
CA SER NA 200 -9.55 -38.37 -33.98
C SER NA 200 -8.91 -39.66 -33.45
N ALA NA 201 -9.79 -40.59 -33.05
CA ALA NA 201 -9.33 -41.85 -32.50
C ALA NA 201 -8.58 -42.69 -33.52
N SER NA 202 -8.88 -42.52 -34.81
CA SER NA 202 -8.10 -43.18 -35.87
C SER NA 202 -6.66 -42.69 -35.86
N VAL NA 203 -6.47 -41.39 -35.71
CA VAL NA 203 -5.13 -40.81 -35.68
C VAL NA 203 -4.37 -41.28 -34.43
N LYS NA 204 -5.05 -41.33 -33.29
CA LYS NA 204 -4.44 -41.84 -32.06
C LYS NA 204 -4.01 -43.28 -32.21
N LYS NA 205 -4.86 -44.11 -32.81
CA LYS NA 205 -4.54 -45.52 -33.01
C LYS NA 205 -3.34 -45.70 -33.94
N LYS NA 206 -3.31 -44.95 -35.05
CA LYS NA 206 -2.19 -45.05 -35.99
C LYS NA 206 -0.88 -44.56 -35.38
N LYS NA 207 -0.91 -43.45 -34.66
CA LYS NA 207 0.30 -42.93 -34.04
C LYS NA 207 0.79 -43.83 -32.91
N LYS NA 208 -0.11 -44.44 -32.15
CA LYS NA 208 0.29 -45.38 -31.12
C LYS NA 208 0.92 -46.63 -31.72
N ARG NA 209 0.37 -47.10 -32.84
CA ARG NA 209 0.96 -48.24 -33.53
C ARG NA 209 2.36 -47.92 -34.03
N LEU NA 210 2.54 -46.73 -34.61
CA LEU NA 210 3.86 -46.31 -35.09
C LEU NA 210 4.86 -46.19 -33.95
N ALA NA 211 4.44 -45.59 -32.83
CA ALA NA 211 5.33 -45.43 -31.69
C ALA NA 211 5.71 -46.78 -31.08
N ALA NA 212 4.76 -47.72 -31.01
CA ALA NA 212 5.05 -49.04 -30.46
C ALA NA 212 5.98 -49.83 -31.38
N ARG NA 213 5.83 -49.69 -32.70
CA ARG NA 213 6.76 -50.35 -33.59
C ARG NA 213 8.15 -49.72 -33.55
N GLU NA 214 8.23 -48.41 -33.34
CA GLU NA 214 9.52 -47.76 -33.28
C GLU NA 214 10.20 -47.90 -31.93
N ALA NA 215 9.47 -48.29 -30.88
CA ALA NA 215 10.10 -48.51 -29.59
C ALA NA 215 10.96 -49.77 -29.59
N LYS NA 216 10.61 -50.75 -30.41
CA LYS NA 216 11.37 -52.00 -30.52
C LYS NA 216 12.52 -51.91 -31.49
N MET NA 217 13.00 -50.70 -31.78
CA MET NA 217 13.96 -50.50 -32.85
C MET NA 217 15.15 -49.66 -32.39
N GLY OA 4 8.11 -12.04 -69.28
CA GLY OA 4 9.02 -12.61 -68.30
C GLY OA 4 10.47 -12.42 -68.66
N LYS OA 5 11.28 -12.03 -67.68
CA LYS OA 5 12.71 -11.84 -67.93
C LYS OA 5 13.41 -13.19 -68.12
N ALA OA 6 13.36 -14.04 -67.11
CA ALA OA 6 13.97 -15.37 -67.16
C ALA OA 6 12.85 -16.40 -67.28
N ARG OA 7 12.55 -16.77 -68.51
CA ARG OA 7 11.63 -17.87 -68.76
C ARG OA 7 12.26 -19.18 -68.32
N ALA OA 8 11.47 -20.06 -67.71
CA ALA OA 8 11.98 -21.33 -67.26
C ALA OA 8 12.35 -22.22 -68.45
N LEU OA 9 13.15 -23.24 -68.19
CA LEU OA 9 13.68 -24.08 -69.26
C LEU OA 9 12.55 -24.83 -69.95
N ARG OA 10 12.59 -24.83 -71.28
CA ARG OA 10 11.49 -25.26 -72.12
C ARG OA 10 11.10 -26.71 -71.91
N GLN OA 11 12.08 -27.59 -71.74
CA GLN OA 11 11.82 -29.02 -71.66
C GLN OA 11 11.28 -29.47 -70.33
N PHE OA 12 11.23 -28.59 -69.33
CA PHE OA 12 10.77 -28.94 -67.99
C PHE OA 12 9.52 -28.19 -67.57
N THR OA 13 8.87 -27.45 -68.46
CA THR OA 13 7.75 -26.59 -68.12
C THR OA 13 6.44 -27.28 -68.49
N LEU OA 14 5.53 -27.38 -67.52
CA LEU OA 14 4.21 -27.95 -67.71
C LEU OA 14 3.15 -26.92 -67.34
N SER OA 15 1.97 -27.10 -67.91
CA SER OA 15 0.82 -26.23 -67.61
C SER OA 15 -0.29 -27.11 -67.04
N THR OA 16 -0.48 -27.02 -65.73
CA THR OA 16 -1.57 -27.73 -65.05
C THR OA 16 -2.49 -26.70 -64.42
N GLY OA 17 -3.79 -26.87 -64.63
CA GLY OA 17 -4.75 -25.86 -64.22
C GLY OA 17 -4.99 -25.85 -62.72
N LYS OA 18 -5.73 -24.83 -62.29
CA LYS OA 18 -6.03 -24.63 -60.88
C LYS OA 18 -7.31 -25.35 -60.50
N SER OA 19 -7.26 -26.09 -59.39
CA SER OA 19 -8.47 -26.71 -58.85
C SER OA 19 -9.34 -25.72 -58.10
N ALA OA 20 -8.73 -24.72 -57.47
CA ALA OA 20 -9.40 -23.78 -56.55
C ALA OA 20 -10.14 -24.52 -55.44
N GLY OA 21 -9.54 -25.62 -54.97
CA GLY OA 21 -10.10 -26.39 -53.88
C GLY OA 21 -11.30 -27.24 -54.24
N ARG OA 22 -11.53 -27.53 -55.51
CA ARG OA 22 -12.67 -28.33 -55.96
C ARG OA 22 -12.21 -29.69 -56.43
N ASN OA 23 -12.93 -30.73 -56.04
CA ASN OA 23 -12.56 -32.09 -56.35
C ASN OA 23 -13.21 -32.53 -57.67
N SER OA 24 -13.18 -33.83 -57.96
CA SER OA 24 -13.68 -34.35 -59.23
C SER OA 24 -15.19 -34.20 -59.39
N SER OA 25 -15.93 -34.11 -58.30
CA SER OA 25 -17.37 -33.85 -58.37
C SER OA 25 -17.70 -32.39 -58.61
N GLY OA 26 -16.70 -31.51 -58.64
CA GLY OA 26 -16.91 -30.09 -58.87
C GLY OA 26 -17.28 -29.28 -57.65
N ARG OA 27 -17.40 -29.90 -56.48
CA ARG OA 27 -17.76 -29.23 -55.25
C ARG OA 27 -16.51 -28.86 -54.46
N ILE OA 28 -16.62 -27.82 -53.65
CA ILE OA 28 -15.49 -27.35 -52.86
C ILE OA 28 -15.23 -28.34 -51.72
N THR OA 29 -14.05 -28.95 -51.73
CA THR OA 29 -13.61 -29.80 -50.64
C THR OA 29 -12.52 -29.17 -49.77
N VAL OA 30 -11.76 -28.22 -50.32
CA VAL OA 30 -10.82 -27.41 -49.56
C VAL OA 30 -11.24 -25.96 -49.75
N PHE OA 31 -11.48 -25.27 -48.65
CA PHE OA 31 -12.07 -23.95 -48.73
C PHE OA 31 -11.01 -22.87 -48.86
N HIS OA 32 -11.49 -21.68 -49.25
CA HIS OA 32 -10.78 -20.40 -49.21
C HIS OA 32 -9.68 -20.33 -50.27
N ARG OA 33 -9.90 -20.93 -51.43
CA ARG OA 33 -8.88 -21.00 -52.47
C ARG OA 33 -9.45 -20.57 -53.81
N GLY OA 34 -8.58 -20.00 -54.64
CA GLY OA 34 -8.94 -19.59 -55.99
C GLY OA 34 -8.51 -18.18 -56.33
N GLY OA 35 -8.44 -17.88 -57.63
CA GLY OA 35 -8.26 -16.53 -58.08
C GLY OA 35 -6.85 -15.96 -57.96
N GLY OA 36 -5.83 -16.81 -57.98
CA GLY OA 36 -4.46 -16.36 -57.88
C GLY OA 36 -3.86 -15.96 -59.22
N SER OA 37 -2.54 -16.02 -59.27
CA SER OA 37 -1.79 -15.74 -60.49
C SER OA 37 -1.57 -17.02 -61.27
N LYS OA 38 -1.47 -16.88 -62.59
CA LYS OA 38 -1.18 -18.01 -63.45
C LYS OA 38 0.25 -18.51 -63.20
N ARG OA 39 0.40 -19.83 -63.15
CA ARG OA 39 1.67 -20.46 -62.85
C ARG OA 39 1.90 -21.63 -63.79
N LEU OA 40 3.13 -21.76 -64.28
CA LEU OA 40 3.55 -22.97 -64.97
C LEU OA 40 4.28 -23.87 -63.99
N LEU OA 41 4.24 -25.16 -64.27
CA LEU OA 41 4.81 -26.18 -63.40
C LEU OA 41 6.19 -26.56 -63.91
N ARG OA 42 7.17 -26.60 -63.01
CA ARG OA 42 8.54 -26.97 -63.35
C ARG OA 42 8.77 -28.42 -62.97
N ARG OA 43 9.32 -29.20 -63.90
CA ARG OA 43 9.62 -30.60 -63.63
C ARG OA 43 10.94 -30.70 -62.89
N ILE OA 44 10.89 -31.13 -61.62
CA ILE OA 44 12.04 -31.19 -60.75
C ILE OA 44 12.47 -32.64 -60.61
N ASP OA 45 13.77 -32.89 -60.70
CA ASP OA 45 14.34 -34.21 -60.42
C ASP OA 45 14.44 -34.38 -58.92
N LEU OA 46 13.46 -35.06 -58.32
CA LEU OA 46 13.43 -35.27 -56.89
C LEU OA 46 13.97 -36.62 -56.47
N LYS OA 47 14.16 -37.54 -57.41
CA LYS OA 47 14.71 -38.85 -57.07
C LYS OA 47 16.21 -38.80 -56.92
N ARG OA 48 16.90 -38.21 -57.90
CA ARG OA 48 18.36 -38.03 -57.92
C ARG OA 48 19.10 -39.36 -57.76
N SER OA 49 18.57 -40.41 -58.38
CA SER OA 49 19.06 -41.76 -58.16
C SER OA 49 20.14 -42.18 -59.15
N THR OA 50 20.25 -41.53 -60.30
CA THR OA 50 21.32 -41.84 -61.24
C THR OA 50 22.61 -41.23 -60.75
N SER OA 51 23.66 -42.06 -60.63
CA SER OA 51 24.95 -41.59 -60.18
C SER OA 51 25.56 -40.67 -61.23
N SER OA 52 25.97 -39.48 -60.80
CA SER OA 52 26.36 -38.42 -61.72
C SER OA 52 27.10 -37.34 -60.93
N MET OA 53 27.69 -36.41 -61.68
CA MET OA 53 28.32 -35.23 -61.09
C MET OA 53 28.15 -34.07 -62.06
N GLY OA 54 27.87 -32.88 -61.55
CA GLY OA 54 27.49 -31.80 -62.44
C GLY OA 54 27.83 -30.43 -61.91
N ILE OA 55 27.47 -29.42 -62.70
CA ILE OA 55 27.81 -28.03 -62.47
C ILE OA 55 26.53 -27.24 -62.30
N VAL OA 56 26.47 -26.39 -61.29
CA VAL OA 56 25.28 -25.56 -61.09
C VAL OA 56 25.32 -24.39 -62.06
N GLU OA 57 24.28 -24.26 -62.88
CA GLU OA 57 24.21 -23.19 -63.88
C GLU OA 57 23.54 -21.95 -63.34
N SER OA 58 22.39 -22.08 -62.69
CA SER OA 58 21.68 -20.91 -62.18
C SER OA 58 20.74 -21.34 -61.05
N ILE OA 59 20.42 -20.37 -60.20
CA ILE OA 59 19.44 -20.52 -59.14
C ILE OA 59 18.21 -19.72 -59.56
N GLU OA 60 17.05 -20.37 -59.56
CA GLU OA 60 15.86 -19.81 -60.17
C GLU OA 60 14.69 -19.76 -59.20
N TYR OA 61 13.76 -18.85 -59.49
CA TYR OA 61 12.51 -18.73 -58.75
C TYR OA 61 11.51 -19.77 -59.24
N ASP OA 62 10.83 -20.41 -58.30
CA ASP OA 62 9.76 -21.36 -58.60
C ASP OA 62 8.49 -20.90 -57.92
N PRO OA 63 7.44 -20.54 -58.66
CA PRO OA 63 6.18 -20.11 -58.03
C PRO OA 63 5.44 -21.22 -57.30
N ASN OA 64 5.75 -22.49 -57.57
CA ASN OA 64 5.01 -23.61 -57.01
C ASN OA 64 5.56 -24.11 -55.69
N ARG OA 65 6.67 -23.56 -55.21
CA ARG OA 65 7.24 -24.00 -53.94
C ARG OA 65 7.99 -22.85 -53.28
N SER OA 66 8.20 -22.97 -51.98
CA SER OA 66 8.84 -21.90 -51.23
C SER OA 66 10.34 -21.84 -51.45
N SER OA 67 10.97 -22.95 -51.78
CA SER OA 67 12.40 -23.00 -52.02
C SER OA 67 12.74 -22.67 -53.47
N GLN OA 68 13.98 -22.26 -53.68
CA GLN OA 68 14.49 -22.04 -55.02
C GLN OA 68 14.89 -23.37 -55.66
N ILE OA 69 15.00 -23.35 -56.98
CA ILE OA 69 15.46 -24.51 -57.73
C ILE OA 69 16.74 -24.14 -58.45
N ALA OA 70 17.52 -25.17 -58.79
CA ALA OA 70 18.82 -24.99 -59.40
C ALA OA 70 18.91 -25.82 -60.67
N LEU OA 71 19.37 -25.21 -61.75
CA LEU OA 71 19.61 -25.93 -62.99
C LEU OA 71 21.06 -26.43 -63.00
N VAL OA 72 21.23 -27.73 -63.20
CA VAL OA 72 22.54 -28.37 -63.13
C VAL OA 72 22.79 -29.08 -64.45
N ARG OA 73 23.94 -28.81 -65.08
CA ARG OA 73 24.37 -29.58 -66.24
C ARG OA 73 25.36 -30.64 -65.77
N TRP OA 74 25.07 -31.90 -66.10
CA TRP OA 74 25.81 -33.03 -65.59
C TRP OA 74 26.92 -33.42 -66.56
N ILE OA 75 28.14 -33.52 -66.05
CA ILE OA 75 29.31 -33.72 -66.90
C ILE OA 75 29.77 -35.18 -66.86
N LYS OA 76 29.37 -35.91 -65.82
CA LYS OA 76 29.58 -37.35 -65.75
C LYS OA 76 28.26 -38.03 -65.45
N GLY OA 77 28.08 -39.23 -65.99
CA GLY OA 77 26.88 -40.00 -65.77
C GLY OA 77 25.77 -39.74 -66.78
N LYS OA 94 26.19 -79.84 -83.16
CA LYS OA 94 26.27 -81.24 -83.57
C LYS OA 94 27.07 -82.06 -82.58
N ILE OA 95 26.42 -82.46 -81.48
CA ILE OA 95 27.06 -83.26 -80.45
C ILE OA 95 26.19 -84.46 -80.16
N LEU OA 96 26.81 -85.50 -79.62
CA LEU OA 96 26.13 -86.77 -79.33
C LEU OA 96 25.34 -86.60 -78.05
N GLU OA 97 24.08 -86.21 -78.18
CA GLU OA 97 23.20 -86.11 -77.03
C GLU OA 97 22.92 -87.51 -76.46
N PRO OA 98 22.78 -87.64 -75.15
CA PRO OA 98 22.59 -88.97 -74.55
C PRO OA 98 21.22 -89.55 -74.85
N THR OA 99 21.11 -90.19 -76.02
CA THR OA 99 19.87 -90.85 -76.43
C THR OA 99 19.62 -92.02 -75.50
N THR OA 100 18.67 -91.86 -74.58
CA THR OA 100 18.28 -92.94 -73.69
C THR OA 100 17.59 -94.05 -74.49
N ASN OA 101 17.81 -95.28 -74.05
CA ASN OA 101 17.27 -96.44 -74.75
C ASN OA 101 16.39 -97.31 -73.88
N THR OA 102 16.24 -97.00 -72.60
CA THR OA 102 15.39 -97.75 -71.70
C THR OA 102 14.57 -96.79 -70.84
N ILE OA 103 13.39 -97.26 -70.45
CA ILE OA 103 12.48 -96.49 -69.62
C ILE OA 103 12.25 -97.30 -68.34
N SER OA 104 12.49 -96.67 -67.19
CA SER OA 104 12.33 -97.33 -65.91
C SER OA 104 10.93 -97.20 -65.35
N GLY OA 105 10.01 -96.60 -66.09
CA GLY OA 105 8.63 -96.48 -65.68
C GLY OA 105 7.95 -95.26 -66.27
N LEU OA 106 6.72 -95.42 -66.74
CA LEU OA 106 5.95 -94.30 -67.26
C LEU OA 106 4.61 -94.20 -66.56
N PHE OA 107 4.25 -92.99 -66.16
CA PHE OA 107 3.02 -92.71 -65.44
C PHE OA 107 2.03 -92.05 -66.38
N SER OA 108 0.80 -92.57 -66.41
CA SER OA 108 -0.25 -92.06 -67.27
C SER OA 108 -1.12 -91.08 -66.49
N PHE OA 109 -1.31 -89.88 -67.04
CA PHE OA 109 -2.28 -88.94 -66.51
C PHE OA 109 -3.61 -89.27 -67.16
N SER OA 110 -4.43 -90.02 -66.46
CA SER OA 110 -5.76 -90.35 -66.95
C SER OA 110 -6.85 -90.20 -65.90
N PHE OA 111 -6.50 -90.27 -64.61
CA PHE OA 111 -7.45 -90.07 -63.53
C PHE OA 111 -7.39 -88.66 -62.96
N LEU OA 112 -6.54 -87.80 -63.51
CA LEU OA 112 -6.45 -86.41 -63.11
C LEU OA 112 -7.64 -85.54 -63.53
N PRO OA 113 -8.32 -85.77 -64.66
CA PRO OA 113 -9.61 -85.08 -64.86
C PRO OA 113 -10.69 -85.47 -63.88
N GLY OA 114 -10.56 -86.61 -63.19
CA GLY OA 114 -11.59 -87.08 -62.30
C GLY OA 114 -12.69 -87.89 -62.97
N LYS OA 115 -12.65 -88.01 -64.30
CA LYS OA 115 -13.64 -88.79 -65.02
C LYS OA 115 -12.97 -89.31 -66.29
N VAL OA 116 -12.84 -90.63 -66.39
CA VAL OA 116 -12.18 -91.26 -67.53
C VAL OA 116 -13.09 -91.16 -68.74
N ASP OA 117 -12.55 -90.64 -69.84
CA ASP OA 117 -13.34 -90.43 -71.05
C ASP OA 117 -12.45 -90.55 -72.26
N GLN OA 118 -13.09 -90.58 -73.43
CA GLN OA 118 -12.40 -90.74 -74.70
C GLN OA 118 -12.01 -89.40 -75.30
N ARG OA 119 -11.07 -89.44 -76.24
CA ARG OA 119 -10.61 -88.26 -76.94
C ARG OA 119 -11.52 -87.95 -78.13
N LYS OA 120 -11.38 -86.74 -78.66
CA LYS OA 120 -12.16 -86.28 -79.79
C LYS OA 120 -11.53 -86.78 -81.09
N VAL OA 121 -12.01 -86.27 -82.22
CA VAL OA 121 -11.45 -86.62 -83.53
C VAL OA 121 -10.20 -85.80 -83.79
N THR OA 159 -21.30 -89.31 -84.30
CA THR OA 159 -21.05 -88.52 -83.09
C THR OA 159 -22.06 -87.39 -82.96
N LYS OA 160 -22.48 -87.14 -81.72
CA LYS OA 160 -23.37 -86.02 -81.44
C LYS OA 160 -22.55 -84.81 -80.95
N THR OA 161 -23.19 -83.64 -80.99
CA THR OA 161 -22.58 -82.43 -80.46
C THR OA 161 -22.89 -82.35 -78.97
N LEU OA 162 -21.86 -82.15 -78.15
CA LEU OA 162 -22.04 -82.18 -76.72
C LEU OA 162 -22.24 -80.78 -76.15
N VAL OA 163 -22.65 -80.72 -74.89
CA VAL OA 163 -22.79 -79.46 -74.18
C VAL OA 163 -21.44 -78.80 -73.98
N LYS OA 164 -20.40 -79.61 -73.70
CA LYS OA 164 -19.05 -79.08 -73.56
C LYS OA 164 -18.54 -78.50 -74.87
N ASP OA 165 -19.01 -79.01 -76.02
CA ASP OA 165 -18.62 -78.44 -77.30
C ASP OA 165 -19.25 -77.09 -77.52
N ILE OA 166 -20.51 -76.92 -77.12
CA ILE OA 166 -21.19 -75.64 -77.22
C ILE OA 166 -20.52 -74.61 -76.31
N PHE OA 167 -20.21 -75.01 -75.07
CA PHE OA 167 -19.52 -74.10 -74.16
C PHE OA 167 -18.10 -73.81 -74.62
N PHE OA 168 -17.45 -74.76 -75.29
CA PHE OA 168 -16.11 -74.52 -75.84
C PHE OA 168 -16.16 -73.52 -76.98
N SER OA 169 -17.12 -73.68 -77.89
CA SER OA 169 -17.23 -72.76 -79.02
C SER OA 169 -17.77 -71.40 -78.60
N ALA OA 170 -18.45 -71.31 -77.46
CA ALA OA 170 -18.93 -70.01 -76.99
C ALA OA 170 -17.80 -69.19 -76.38
N PHE OA 171 -16.76 -69.84 -75.87
CA PHE OA 171 -15.64 -69.17 -75.20
C PHE OA 171 -14.32 -69.37 -75.92
N SER OA 172 -14.35 -69.68 -77.22
CA SER OA 172 -13.16 -70.14 -77.92
C SER OA 172 -12.29 -68.96 -78.35
N SER OA 173 -11.26 -69.27 -79.14
CA SER OA 173 -10.34 -68.28 -79.67
C SER OA 173 -11.04 -67.39 -80.69
N PRO OA 174 -10.47 -66.18 -80.97
CA PRO OA 174 -11.05 -65.33 -82.03
C PRO OA 174 -11.11 -66.02 -83.39
N LYS OA 175 -9.97 -66.51 -83.86
CA LYS OA 175 -9.90 -67.29 -85.09
C LYS OA 175 -9.26 -68.64 -84.83
N LEU OA 183 1.39 -80.65 -76.87
CA LEU OA 183 0.98 -79.64 -77.84
C LEU OA 183 0.78 -78.28 -77.20
N ALA OA 184 -0.40 -78.08 -76.60
CA ALA OA 184 -0.76 -76.79 -76.04
C ALA OA 184 -0.20 -76.56 -74.64
N PHE OA 185 0.50 -77.53 -74.08
CA PHE OA 185 1.14 -77.36 -72.77
C PHE OA 185 2.59 -76.89 -72.91
N ALA OA 186 2.74 -75.76 -73.60
CA ALA OA 186 4.03 -75.17 -73.89
C ALA OA 186 3.81 -73.71 -74.23
N SER OA 187 4.91 -72.96 -74.37
CA SER OA 187 4.94 -71.57 -74.81
C SER OA 187 4.17 -70.65 -73.86
N SER OA 188 2.85 -70.81 -73.80
CA SER OA 188 2.03 -69.95 -72.94
C SER OA 188 2.28 -70.23 -71.47
N PHE OA 189 2.02 -71.45 -71.01
CA PHE OA 189 2.16 -71.80 -69.61
C PHE OA 189 3.05 -73.01 -69.35
N ASP OA 190 3.25 -73.89 -70.32
CA ASP OA 190 4.14 -75.01 -70.13
C ASP OA 190 3.49 -76.18 -69.42
N PHE OA 191 4.34 -77.07 -68.95
CA PHE OA 191 3.98 -78.30 -68.26
C PHE OA 191 3.91 -78.06 -66.76
N PRO OA 192 2.81 -78.45 -66.10
CA PRO OA 192 2.66 -78.12 -64.68
C PRO OA 192 3.49 -79.02 -63.78
N ARG OA 193 3.89 -78.54 -62.62
CA ARG OA 193 4.68 -79.33 -61.70
C ARG OA 193 3.94 -80.43 -60.96
N ILE OA 194 2.62 -80.34 -60.87
CA ILE OA 194 1.84 -81.33 -60.17
C ILE OA 194 1.91 -82.67 -60.87
N PRO OA 195 2.17 -82.68 -62.18
CA PRO OA 195 2.34 -83.95 -62.89
C PRO OA 195 3.52 -84.80 -62.42
N VAL OA 196 4.57 -84.20 -61.91
CA VAL OA 196 5.75 -84.93 -61.45
C VAL OA 196 5.89 -84.52 -60.03
N ALA OA 197 4.96 -84.92 -59.18
CA ALA OA 197 4.88 -84.43 -57.82
C ALA OA 197 5.37 -85.42 -56.78
N GLY OA 198 5.22 -86.71 -57.01
CA GLY OA 198 5.78 -87.66 -56.08
C GLY OA 198 7.27 -87.69 -56.25
N VAL OA 199 7.77 -87.39 -57.44
CA VAL OA 199 9.18 -87.49 -57.74
C VAL OA 199 9.66 -86.13 -58.10
N SER OA 200 9.72 -85.25 -57.11
CA SER OA 200 10.08 -83.84 -57.34
C SER OA 200 11.30 -83.50 -58.19
N THR OA 201 12.47 -84.06 -57.89
CA THR OA 201 13.70 -83.65 -58.59
C THR OA 201 14.20 -84.65 -59.59
N ALA OA 202 13.39 -84.99 -60.56
CA ALA OA 202 13.82 -86.05 -61.43
C ALA OA 202 13.80 -85.70 -62.90
N PHE OA 203 14.32 -86.59 -63.74
CA PHE OA 203 14.22 -86.35 -65.17
C PHE OA 203 12.96 -87.01 -65.69
N PHE OA 204 12.19 -86.27 -66.48
CA PHE OA 204 10.93 -86.79 -67.01
C PHE OA 204 10.77 -86.32 -68.45
N ALA OA 205 10.00 -87.08 -69.21
CA ALA OA 205 9.76 -86.80 -70.63
C ALA OA 205 8.26 -86.79 -70.90
N PRO OA 206 7.64 -85.62 -70.98
CA PRO OA 206 6.21 -85.57 -71.28
C PRO OA 206 5.94 -85.77 -72.76
N ARG OA 207 4.89 -86.54 -73.04
CA ARG OA 207 4.51 -86.83 -74.42
C ARG OA 207 3.05 -87.27 -74.45
N MET OA 208 2.45 -87.16 -75.64
CA MET OA 208 1.09 -87.66 -75.84
C MET OA 208 1.06 -89.18 -75.74
N ARG OA 209 -0.05 -89.70 -75.22
CA ARG OA 209 -0.24 -91.14 -75.17
C ARG OA 209 -0.92 -91.60 -76.45
N GLN OA 210 -0.23 -92.43 -77.23
CA GLN OA 210 -0.75 -92.88 -78.51
C GLN OA 210 -1.48 -94.21 -78.35
N LYS OA 211 -2.33 -94.51 -79.34
CA LYS OA 211 -3.09 -95.76 -79.33
C LYS OA 211 -2.17 -96.98 -79.41
N VAL OA 212 -1.14 -96.90 -80.24
CA VAL OA 212 -0.18 -97.98 -80.40
C VAL OA 212 1.05 -97.67 -79.55
N ARG OA 213 1.64 -98.72 -78.97
CA ARG OA 213 2.82 -98.56 -78.14
C ARG OA 213 3.99 -97.99 -78.95
N GLY OA 214 4.72 -97.05 -78.35
CA GLY OA 214 5.74 -96.31 -79.07
C GLY OA 214 7.15 -96.73 -78.70
N LYS OA 215 8.09 -95.84 -79.01
CA LYS OA 215 9.50 -96.06 -78.72
C LYS OA 215 9.83 -95.63 -77.30
N SER OA 216 11.11 -95.80 -76.94
CA SER OA 216 11.61 -95.37 -75.64
C SER OA 216 12.83 -94.48 -75.77
N THR OA 217 13.04 -93.87 -76.94
CA THR OA 217 14.25 -93.10 -77.22
C THR OA 217 14.00 -91.62 -76.95
N PHE OA 218 14.87 -91.02 -76.14
CA PHE OA 218 14.74 -89.62 -75.77
C PHE OA 218 16.11 -88.95 -75.81
N SER OA 219 16.17 -87.78 -76.43
CA SER OA 219 17.38 -86.97 -76.49
C SER OA 219 17.34 -85.92 -75.38
N LEU OA 220 18.29 -84.98 -75.43
CA LEU OA 220 18.31 -83.90 -74.44
C LEU OA 220 17.16 -82.92 -74.67
N TYR OA 221 16.70 -82.77 -75.90
CA TYR OA 221 15.61 -81.84 -76.18
C TYR OA 221 14.26 -82.35 -75.71
N GLU OA 222 14.13 -83.67 -75.48
CA GLU OA 222 12.87 -84.26 -75.07
C GLU OA 222 12.83 -84.58 -73.58
N VAL OA 223 13.79 -84.09 -72.79
CA VAL OA 223 13.90 -84.42 -71.38
C VAL OA 223 14.03 -83.13 -70.58
N ARG OA 224 13.22 -82.99 -69.54
CA ARG OA 224 13.25 -81.82 -68.67
C ARG OA 224 13.45 -82.24 -67.22
N LYS OA 225 13.85 -81.28 -66.39
CA LYS OA 225 14.04 -81.51 -64.96
C LYS OA 225 13.83 -80.16 -64.30
N TRP OA 226 13.38 -80.15 -63.06
CA TRP OA 226 13.14 -78.90 -62.33
C TRP OA 226 14.32 -78.61 -61.46
N ARG OA 227 15.13 -77.63 -61.83
CA ARG OA 227 16.38 -77.38 -61.13
C ARG OA 227 16.27 -77.01 -59.67
N THR OA 228 16.36 -75.71 -59.40
CA THR OA 228 16.35 -75.25 -58.02
C THR OA 228 15.52 -73.98 -57.82
N TYR OA 229 15.35 -73.16 -58.87
CA TYR OA 229 14.48 -71.99 -58.76
C TYR OA 229 13.02 -72.41 -58.65
N SER OA 230 12.69 -73.58 -59.18
CA SER OA 230 11.37 -74.16 -59.01
C SER OA 230 11.42 -75.24 -57.93
N ILE OA 231 10.24 -75.61 -57.43
CA ILE OA 231 10.18 -76.67 -56.42
C ILE OA 231 9.22 -77.75 -56.91
N LYS OA 240 6.98 -66.61 -61.00
CA LYS OA 240 5.77 -66.87 -61.78
C LYS OA 240 4.76 -65.73 -61.65
N ALA OA 241 4.09 -65.41 -62.74
CA ALA OA 241 3.12 -64.32 -62.77
C ALA OA 241 1.77 -64.84 -62.26
N GLY OA 242 0.73 -64.03 -62.41
CA GLY OA 242 -0.58 -64.42 -61.93
C GLY OA 242 -1.72 -64.01 -62.84
N LEU OA 243 -2.57 -64.97 -63.18
CA LEU OA 243 -3.75 -64.68 -63.98
C LEU OA 243 -4.79 -63.94 -63.13
N SER OA 244 -5.67 -63.22 -63.81
CA SER OA 244 -6.76 -62.50 -63.17
C SER OA 244 -8.08 -63.13 -63.58
N TRP OA 245 -8.94 -63.36 -62.58
CA TRP OA 245 -10.26 -63.92 -62.83
C TRP OA 245 -11.08 -63.04 -63.75
N LYS OA 246 -10.91 -61.73 -63.64
CA LYS OA 246 -11.78 -60.77 -64.28
C LYS OA 246 -11.34 -60.42 -65.70
N SER OA 247 -10.04 -60.50 -66.01
CA SER OA 247 -9.52 -59.96 -67.26
C SER OA 247 -8.77 -60.95 -68.12
N PHE OA 248 -8.66 -62.22 -67.73
CA PHE OA 248 -7.90 -63.16 -68.54
C PHE OA 248 -8.63 -63.54 -69.82
N ARG OA 249 -9.95 -63.47 -69.82
CA ARG OA 249 -10.74 -63.81 -71.00
C ARG OA 249 -10.48 -62.83 -72.14
N ARG OA 250 -10.36 -61.54 -71.82
CA ARG OA 250 -10.00 -60.55 -72.83
C ARG OA 250 -8.56 -60.75 -73.31
N GLN OA 251 -7.65 -61.08 -72.40
CA GLN OA 251 -6.25 -61.22 -72.75
C GLN OA 251 -5.99 -62.47 -73.60
N ASP OA 252 -6.84 -63.50 -73.47
CA ASP OA 252 -6.73 -64.64 -74.38
C ASP OA 252 -7.10 -64.25 -75.81
N THR OA 253 -8.09 -63.37 -75.98
CA THR OA 253 -8.55 -62.95 -77.30
C THR OA 253 -7.62 -61.86 -77.85
N LEU OA 254 -6.39 -62.28 -78.14
CA LEU OA 254 -5.36 -61.51 -78.85
C LEU OA 254 -4.93 -60.25 -78.11
N GLY OA 255 -5.45 -60.00 -76.91
CA GLY OA 255 -5.33 -58.72 -76.25
C GLY OA 255 -6.46 -57.76 -76.56
N LEU OA 256 -7.26 -58.06 -77.59
CA LEU OA 256 -8.41 -57.27 -78.04
C LEU OA 256 -8.10 -55.79 -78.26
N ALA OA 257 28.07 -40.81 -73.60
CA ALA OA 257 28.49 -39.46 -73.97
C ALA OA 257 27.96 -39.09 -75.34
N CYS OA 258 27.04 -38.13 -75.39
CA CYS OA 258 26.41 -37.69 -76.62
C CYS OA 258 27.24 -36.59 -77.27
N LYS OA 259 26.65 -35.91 -78.26
CA LYS OA 259 27.36 -34.98 -79.12
C LYS OA 259 27.81 -33.73 -78.35
N VAL OA 260 28.75 -33.01 -78.97
CA VAL OA 260 29.49 -31.95 -78.29
C VAL OA 260 28.62 -30.73 -78.01
N ASP OA 261 27.61 -30.46 -78.84
CA ASP OA 261 26.82 -29.24 -78.70
C ASP OA 261 25.61 -29.42 -77.79
N ARG OA 262 25.47 -30.56 -77.13
CA ARG OA 262 24.37 -30.81 -76.21
C ARG OA 262 24.91 -31.09 -74.81
N ALA OA 263 24.07 -30.81 -73.81
CA ALA OA 263 24.42 -31.04 -72.43
C ALA OA 263 23.19 -31.59 -71.70
N PRO OA 264 23.34 -32.64 -70.91
CA PRO OA 264 22.21 -33.10 -70.07
C PRO OA 264 22.02 -32.19 -68.87
N VAL OA 265 20.77 -31.75 -68.66
CA VAL OA 265 20.44 -30.83 -67.58
C VAL OA 265 19.22 -31.35 -66.84
N THR OA 266 19.13 -30.97 -65.56
CA THR OA 266 17.94 -31.21 -64.72
C THR OA 266 17.74 -30.01 -63.82
N TYR OA 267 16.54 -29.93 -63.26
CA TYR OA 267 16.24 -29.02 -62.16
C TYR OA 267 16.30 -29.81 -60.86
N ILE OA 268 16.93 -29.24 -59.82
CA ILE OA 268 16.93 -29.85 -58.51
C ILE OA 268 16.53 -28.79 -57.49
N ILE OA 269 16.11 -29.26 -56.31
CA ILE OA 269 15.86 -28.36 -55.19
C ILE OA 269 17.19 -27.79 -54.72
N ALA OA 270 17.32 -26.47 -54.80
CA ALA OA 270 18.56 -25.81 -54.41
C ALA OA 270 18.74 -25.81 -52.90
N SER OA 271 19.93 -26.15 -52.45
CA SER OA 271 20.31 -26.03 -51.06
C SER OA 271 20.77 -24.61 -50.76
N HIS OA 272 20.79 -24.28 -49.48
CA HIS OA 272 21.39 -23.03 -49.02
C HIS OA 272 22.89 -23.07 -49.25
N GLN OA 273 23.46 -21.90 -49.53
CA GLN OA 273 24.88 -21.71 -49.89
C GLN OA 273 25.26 -22.49 -51.14
N LEU OA 274 24.32 -22.66 -52.06
CA LEU OA 274 24.59 -23.21 -53.38
C LEU OA 274 24.38 -22.10 -54.40
N GLU OA 275 25.40 -21.83 -55.20
CA GLU OA 275 25.32 -20.81 -56.23
C GLU OA 275 25.88 -21.37 -57.53
N ALA OA 276 25.85 -20.55 -58.58
CA ALA OA 276 26.33 -20.98 -59.88
C ALA OA 276 27.83 -21.23 -59.86
N GLY OA 277 28.26 -22.33 -60.47
CA GLY OA 277 29.64 -22.70 -60.54
C GLY OA 277 30.04 -23.83 -59.61
N LYS OA 278 29.26 -24.11 -58.58
CA LYS OA 278 29.61 -25.12 -57.59
C LYS OA 278 29.37 -26.53 -58.15
N MET OA 279 29.99 -27.50 -57.50
CA MET OA 279 29.93 -28.90 -57.91
C MET OA 279 28.83 -29.62 -57.13
N VAL OA 280 28.17 -30.57 -57.78
CA VAL OA 280 27.08 -31.34 -57.21
C VAL OA 280 27.27 -32.80 -57.62
N MET OA 281 27.14 -33.72 -56.67
CA MET OA 281 27.24 -35.15 -56.92
C MET OA 281 25.97 -35.89 -56.53
N ASN OA 282 25.67 -36.94 -57.28
CA ASN OA 282 24.75 -37.98 -56.86
C ASN OA 282 25.57 -39.24 -56.65
N CYS OA 283 25.61 -39.75 -55.41
CA CYS OA 283 26.43 -40.88 -55.05
C CYS OA 283 25.55 -42.10 -54.78
N ASP OA 284 26.12 -43.28 -54.99
CA ASP OA 284 25.42 -44.55 -54.83
C ASP OA 284 26.12 -45.38 -53.76
N TRP OA 285 25.50 -46.51 -53.42
CA TRP OA 285 26.05 -47.40 -52.40
C TRP OA 285 27.37 -48.01 -52.83
N SER OA 286 28.30 -48.10 -51.89
CA SER OA 286 29.63 -48.63 -52.16
C SER OA 286 30.09 -49.56 -51.04
N THR PA 55 -101.85 65.95 -56.44
CA THR PA 55 -100.76 64.98 -56.45
C THR PA 55 -99.52 65.55 -55.78
N ARG PA 56 -98.49 64.71 -55.66
CA ARG PA 56 -97.26 65.11 -54.99
C ARG PA 56 -96.47 66.10 -55.84
N ILE PA 57 -96.05 67.19 -55.22
CA ILE PA 57 -95.21 68.20 -55.87
C ILE PA 57 -93.82 68.12 -55.25
N ILE PA 58 -92.80 67.95 -56.09
CA ILE PA 58 -91.42 67.94 -55.66
C ILE PA 58 -90.72 69.12 -56.31
N ASP PA 59 -90.32 70.10 -55.50
CA ASP PA 59 -89.66 71.30 -55.98
C ASP PA 59 -88.16 71.24 -55.70
N ALA PA 60 -87.40 71.91 -56.57
CA ALA PA 60 -85.96 72.01 -56.42
C ALA PA 60 -85.63 73.34 -55.76
N LYS PA 61 -85.84 73.39 -54.46
CA LYS PA 61 -85.51 74.55 -53.66
C LYS PA 61 -84.69 74.11 -52.45
N PRO PA 62 -83.80 74.95 -51.95
CA PRO PA 62 -83.01 74.57 -50.77
C PRO PA 62 -83.89 74.48 -49.52
N GLY PA 63 -83.53 73.54 -48.66
CA GLY PA 63 -84.23 73.35 -47.40
C GLY PA 63 -83.25 73.18 -46.27
N GLU PA 64 -83.74 72.81 -45.09
CA GLU PA 64 -82.89 72.60 -43.93
C GLU PA 64 -82.90 71.12 -43.57
N MET PA 65 -81.70 70.55 -43.46
CA MET PA 65 -81.57 69.14 -43.14
C MET PA 65 -81.94 68.89 -41.68
N SER PA 66 -82.56 67.76 -41.42
CA SER PA 66 -82.94 67.29 -40.11
C SER PA 66 -81.98 66.21 -39.64
N PRO PA 67 -81.91 65.93 -38.33
CA PRO PA 67 -81.10 64.80 -37.88
C PRO PA 67 -81.55 63.45 -38.43
N GLY PA 68 -82.84 63.29 -38.73
CA GLY PA 68 -83.32 62.07 -39.33
C GLY PA 68 -83.28 62.02 -40.85
N SER PA 69 -82.87 63.11 -41.49
CA SER PA 69 -82.89 63.17 -42.96
C SER PA 69 -81.78 62.31 -43.56
N LYS PA 70 -82.08 61.74 -44.71
CA LYS PA 70 -81.10 60.99 -45.49
C LYS PA 70 -81.20 61.45 -46.93
N ARG PA 71 -80.15 62.04 -47.47
CA ARG PA 71 -80.20 62.58 -48.81
C ARG PA 71 -79.55 61.60 -49.80
N THR PA 72 -79.60 61.95 -51.08
CA THR PA 72 -79.26 61.02 -52.13
C THR PA 72 -77.75 60.83 -52.25
N GLY PA 73 -77.37 59.75 -52.91
CA GLY PA 73 -75.99 59.49 -53.24
C GLY PA 73 -75.64 60.01 -54.63
N ILE PA 74 -74.42 59.69 -55.05
CA ILE PA 74 -73.81 60.23 -56.27
C ILE PA 74 -73.06 59.10 -56.96
N ILE PA 75 -73.17 59.02 -58.29
CA ILE PA 75 -72.40 58.06 -59.07
C ILE PA 75 -71.20 58.77 -59.68
N ALA PA 76 -70.03 58.16 -59.57
CA ALA PA 76 -68.81 58.70 -60.15
C ALA PA 76 -68.04 57.62 -60.88
N VAL PA 77 -67.15 58.04 -61.78
CA VAL PA 77 -66.23 57.15 -62.46
C VAL PA 77 -64.89 57.22 -61.74
N LYS PA 78 -64.38 56.07 -61.33
CA LYS PA 78 -63.04 56.01 -60.73
C LYS PA 78 -62.00 56.26 -61.81
N CYS PA 79 -61.28 57.37 -61.70
CA CYS PA 79 -60.30 57.72 -62.72
C CYS PA 79 -58.94 57.11 -62.47
N GLY PA 80 -58.57 56.89 -61.21
CA GLY PA 80 -57.27 56.37 -60.88
C GLY PA 80 -56.68 57.09 -59.70
N MET PA 81 -55.46 56.72 -59.32
CA MET PA 81 -54.81 57.28 -58.16
C MET PA 81 -53.72 58.26 -58.57
N THR PA 82 -53.48 59.23 -57.70
CA THR PA 82 -52.30 60.09 -57.76
C THR PA 82 -51.99 60.53 -56.34
N ALA PA 83 -51.16 61.56 -56.19
CA ALA PA 83 -50.83 62.06 -54.86
C ALA PA 83 -50.45 63.53 -54.95
N LEU PA 84 -50.52 64.18 -53.79
CA LEU PA 84 -50.21 65.60 -53.67
C LEU PA 84 -49.76 65.88 -52.25
N TRP PA 85 -49.43 67.14 -51.98
CA TRP PA 85 -48.94 67.56 -50.68
C TRP PA 85 -49.90 68.55 -50.04
N ASP PA 86 -50.04 68.43 -48.72
CA ASP PA 86 -50.81 69.34 -47.90
C ASP PA 86 -50.16 70.71 -47.80
N LYS PA 87 -50.87 71.65 -47.19
CA LYS PA 87 -50.27 72.93 -46.81
C LYS PA 87 -49.20 72.77 -45.75
N TRP PA 88 -49.29 71.72 -44.92
CA TRP PA 88 -48.26 71.44 -43.93
C TRP PA 88 -47.13 70.58 -44.47
N GLY PA 89 -47.19 70.17 -45.73
CA GLY PA 89 -46.12 69.41 -46.33
C GLY PA 89 -46.23 67.90 -46.19
N ALA PA 90 -47.39 67.39 -45.81
CA ALA PA 90 -47.60 65.94 -45.75
C ALA PA 90 -48.12 65.44 -47.09
N ARG PA 91 -47.61 64.28 -47.50
CA ARG PA 91 -48.06 63.65 -48.74
C ARG PA 91 -49.43 63.01 -48.53
N VAL PA 92 -50.34 63.28 -49.46
CA VAL PA 92 -51.68 62.70 -49.41
C VAL PA 92 -51.94 61.90 -50.69
N PRO PA 93 -51.99 60.58 -50.62
CA PRO PA 93 -52.43 59.80 -51.79
C PRO PA 93 -53.93 59.95 -51.97
N VAL PA 94 -54.36 60.19 -53.21
CA VAL PA 94 -55.75 60.50 -53.51
C VAL PA 94 -56.22 59.62 -54.66
N SER PA 95 -57.51 59.28 -54.65
CA SER PA 95 -58.20 58.78 -55.83
C SER PA 95 -59.08 59.90 -56.38
N ILE PA 96 -59.13 60.00 -57.71
CA ILE PA 96 -59.91 61.03 -58.39
C ILE PA 96 -61.16 60.37 -58.94
N LEU PA 97 -62.32 60.94 -58.61
CA LEU PA 97 -63.60 60.43 -59.06
C LEU PA 97 -64.28 61.48 -59.93
N TRP PA 98 -64.78 61.06 -61.08
CA TRP PA 98 -65.40 61.94 -62.05
C TRP PA 98 -66.91 61.74 -61.99
N VAL PA 99 -67.63 62.76 -61.52
CA VAL PA 99 -69.09 62.69 -61.42
C VAL PA 99 -69.61 63.18 -62.77
N ASP PA 100 -69.73 62.25 -63.72
CA ASP PA 100 -70.01 62.62 -65.11
C ASP PA 100 -71.51 62.69 -65.31
N ASP PA 101 -72.06 63.89 -65.16
CA ASP PA 101 -73.44 64.26 -65.54
C ASP PA 101 -74.48 63.39 -64.84
N ASN PA 102 -74.54 63.55 -63.52
CA ASN PA 102 -75.56 62.88 -62.74
C ASN PA 102 -76.90 63.59 -62.89
N ILE PA 103 -77.95 62.81 -63.16
CA ILE PA 103 -79.31 63.33 -63.30
C ILE PA 103 -80.25 62.38 -62.58
N VAL PA 104 -81.23 62.93 -61.86
CA VAL PA 104 -82.31 62.12 -61.30
C VAL PA 104 -83.14 61.56 -62.45
N SER PA 105 -83.14 60.23 -62.59
CA SER PA 105 -83.86 59.60 -63.69
C SER PA 105 -85.21 59.01 -63.29
N GLN PA 106 -85.45 58.74 -62.01
CA GLN PA 106 -86.76 58.28 -61.57
C GLN PA 106 -86.93 58.62 -60.09
N VAL PA 107 -88.17 58.94 -59.71
CA VAL PA 107 -88.54 59.20 -58.33
C VAL PA 107 -89.50 58.12 -57.88
N LYS PA 108 -89.17 57.46 -56.77
CA LYS PA 108 -90.01 56.43 -56.18
C LYS PA 108 -90.55 56.94 -54.85
N THR PA 109 -91.86 56.88 -54.68
CA THR PA 109 -92.55 57.41 -53.52
C THR PA 109 -93.36 56.31 -52.83
N ILE PA 110 -93.80 56.60 -51.60
CA ILE PA 110 -94.45 55.61 -50.76
C ILE PA 110 -95.84 55.23 -51.29
N GLU PA 111 -96.49 56.12 -52.03
CA GLU PA 111 -97.84 55.83 -52.52
C GLU PA 111 -97.84 54.85 -53.67
N LYS PA 112 -96.74 54.76 -54.41
CA LYS PA 112 -96.65 53.94 -55.61
C LYS PA 112 -95.69 52.77 -55.47
N GLU PA 113 -94.61 52.93 -54.70
CA GLU PA 113 -93.63 51.88 -54.51
C GLU PA 113 -93.45 51.46 -53.06
N GLY PA 114 -94.02 52.20 -52.11
CA GLY PA 114 -93.89 51.87 -50.71
C GLY PA 114 -92.60 52.32 -50.06
N ILE PA 115 -91.70 52.96 -50.81
CA ILE PA 115 -90.42 53.45 -50.31
C ILE PA 115 -90.14 54.81 -50.96
N PHE PA 116 -89.28 55.58 -50.32
CA PHE PA 116 -88.78 56.82 -50.88
C PHE PA 116 -87.37 56.58 -51.41
N ALA PA 117 -87.17 56.82 -52.71
CA ALA PA 117 -85.86 56.62 -53.31
C ALA PA 117 -85.75 57.46 -54.57
N LEU PA 118 -84.52 57.65 -55.01
CA LEU PA 118 -84.22 58.34 -56.26
C LEU PA 118 -83.33 57.45 -57.11
N GLN PA 119 -83.71 57.23 -58.36
CA GLN PA 119 -82.83 56.56 -59.30
C GLN PA 119 -82.02 57.62 -60.04
N ILE PA 120 -80.72 57.37 -60.15
CA ILE PA 120 -79.78 58.35 -60.68
C ILE PA 120 -79.01 57.71 -61.84
N GLY PA 121 -78.82 58.48 -62.90
CA GLY PA 121 -78.04 58.04 -64.04
C GLY PA 121 -76.74 58.80 -64.16
N CYS PA 122 -75.71 58.13 -64.68
CA CYS PA 122 -74.40 58.72 -64.90
C CYS PA 122 -73.89 58.30 -66.29
N GLY PA 123 -73.10 59.18 -66.90
CA GLY PA 123 -72.50 58.88 -68.18
C GLY PA 123 -73.46 59.03 -69.34
N HIS PA 124 -72.95 58.75 -70.54
CA HIS PA 124 -73.71 58.91 -71.77
C HIS PA 124 -73.71 57.63 -72.57
N LYS PA 125 -74.88 57.28 -73.11
CA LYS PA 125 -75.01 56.17 -74.04
C LYS PA 125 -75.79 56.65 -75.26
N LYS PA 126 -75.48 56.06 -76.41
CA LYS PA 126 -76.24 56.22 -77.63
C LYS PA 126 -77.49 55.34 -77.57
N PRO PA 127 -78.50 55.63 -78.41
CA PRO PA 127 -79.64 54.71 -78.50
C PRO PA 127 -79.27 53.30 -78.92
N LYS PA 128 -78.28 53.13 -79.80
CA LYS PA 128 -77.82 51.80 -80.19
C LYS PA 128 -77.08 51.08 -79.07
N HIS PA 129 -76.57 51.81 -78.07
CA HIS PA 129 -75.89 51.19 -76.95
C HIS PA 129 -76.85 50.57 -75.95
N LEU PA 130 -78.14 50.90 -76.02
CA LEU PA 130 -79.13 50.46 -75.07
C LEU PA 130 -80.04 49.41 -75.70
N THR PA 131 -80.58 48.53 -74.87
CA THR PA 131 -81.71 47.74 -75.30
C THR PA 131 -82.95 48.63 -75.40
N MET PA 132 -83.87 48.22 -76.26
CA MET PA 132 -85.13 48.96 -76.41
C MET PA 132 -85.94 49.15 -75.14
N PRO PA 133 -86.07 48.18 -74.21
CA PRO PA 133 -86.75 48.50 -72.93
C PRO PA 133 -86.07 49.60 -72.11
N GLU PA 134 -84.73 49.59 -72.02
CA GLU PA 134 -84.03 50.64 -71.28
C GLU PA 134 -84.17 51.99 -71.96
N LEU PA 135 -84.09 52.00 -73.30
CA LEU PA 135 -84.29 53.22 -74.07
C LEU PA 135 -85.70 53.77 -73.88
N GLY PA 136 -86.70 52.89 -73.86
CA GLY PA 136 -88.06 53.32 -73.59
C GLY PA 136 -88.26 53.84 -72.19
N HIS PA 137 -87.55 53.28 -71.21
CA HIS PA 137 -87.61 53.80 -69.84
C HIS PA 137 -87.07 55.22 -69.78
N PHE PA 138 -85.92 55.46 -70.42
CA PHE PA 138 -85.36 56.81 -70.47
C PHE PA 138 -86.30 57.76 -71.24
N ARG PA 139 -86.92 57.28 -72.31
CA ARG PA 139 -87.81 58.11 -73.11
C ARG PA 139 -89.06 58.50 -72.33
N ALA PA 140 -89.65 57.57 -71.60
CA ALA PA 140 -90.86 57.87 -70.84
C ALA PA 140 -90.60 58.67 -69.58
N GLN PA 141 -89.39 58.59 -69.01
CA GLN PA 141 -89.06 59.50 -67.93
C GLN PA 141 -88.69 60.90 -68.42
N GLY PA 142 -88.42 61.05 -69.71
CA GLY PA 142 -88.01 62.34 -70.27
C GLY PA 142 -86.64 62.81 -69.85
N VAL PA 143 -85.69 61.90 -69.73
CA VAL PA 143 -84.33 62.23 -69.30
C VAL PA 143 -83.36 61.84 -70.40
N PRO PA 144 -82.18 62.43 -70.48
CA PRO PA 144 -81.19 61.99 -71.46
C PRO PA 144 -80.67 60.59 -71.16
N LEU PA 145 -80.15 59.95 -72.20
CA LEU PA 145 -79.72 58.56 -72.09
C LEU PA 145 -78.45 58.44 -71.25
N LYS PA 146 -78.46 57.51 -70.31
CA LYS PA 146 -77.40 57.35 -69.32
C LYS PA 146 -76.71 56.00 -69.47
N ARG PA 147 -75.53 55.89 -68.89
CA ARG PA 147 -74.70 54.70 -69.00
C ARG PA 147 -74.86 53.76 -67.80
N LYS PA 148 -75.02 54.32 -66.60
CA LYS PA 148 -75.14 53.55 -65.37
C LYS PA 148 -76.30 54.08 -64.55
N LEU PA 149 -77.12 53.18 -64.01
CA LEU PA 149 -78.22 53.57 -63.14
C LEU PA 149 -78.01 52.99 -61.75
N ARG PA 150 -78.38 53.76 -60.74
CA ARG PA 150 -78.27 53.33 -59.35
C ARG PA 150 -79.36 54.02 -58.53
N GLU PA 151 -80.00 53.27 -57.66
CA GLU PA 151 -81.07 53.79 -56.83
C GLU PA 151 -80.57 54.03 -55.40
N PHE PA 152 -80.91 55.19 -54.85
CA PHE PA 152 -80.50 55.57 -53.51
C PHE PA 152 -81.73 55.79 -52.64
N PRO PA 153 -81.86 55.12 -51.50
CA PRO PA 153 -82.96 55.44 -50.58
C PRO PA 153 -82.75 56.80 -49.92
N VAL PA 154 -83.83 57.58 -49.86
CA VAL PA 154 -83.82 58.91 -49.28
C VAL PA 154 -84.99 59.04 -48.33
N THR PA 155 -84.95 60.08 -47.51
CA THR PA 155 -86.15 60.46 -46.77
C THR PA 155 -87.03 61.33 -47.65
N GLU PA 156 -88.25 61.58 -47.18
CA GLU PA 156 -89.26 62.25 -48.00
C GLU PA 156 -88.88 63.68 -48.32
N ASP PA 157 -88.28 64.39 -47.36
CA ASP PA 157 -87.85 65.76 -47.57
C ASP PA 157 -86.64 65.88 -48.49
N ALA PA 158 -85.96 64.77 -48.78
CA ALA PA 158 -84.77 64.77 -49.62
C ALA PA 158 -85.07 64.45 -51.08
N LEU PA 159 -86.35 64.31 -51.45
CA LEU PA 159 -86.70 64.01 -52.83
C LEU PA 159 -86.42 65.19 -53.75
N LEU PA 160 -86.02 64.88 -54.98
CA LEU PA 160 -85.75 65.84 -56.04
C LEU PA 160 -86.53 65.44 -57.28
N PRO PA 161 -86.98 66.39 -58.09
CA PRO PA 161 -87.75 66.05 -59.29
C PRO PA 161 -86.91 65.35 -60.34
N VAL PA 162 -87.60 64.64 -61.23
CA VAL PA 162 -86.96 63.99 -62.37
C VAL PA 162 -86.33 65.04 -63.27
N GLY PA 163 -85.07 64.83 -63.62
CA GLY PA 163 -84.34 65.76 -64.46
C GLY PA 163 -83.43 66.71 -63.73
N THR PA 164 -83.37 66.62 -62.40
CA THR PA 164 -82.46 67.48 -61.64
C THR PA 164 -81.02 67.02 -61.84
N GLU PA 165 -80.15 67.96 -62.19
CA GLU PA 165 -78.74 67.65 -62.36
C GLU PA 165 -78.03 67.75 -61.02
N LEU PA 166 -77.20 66.77 -60.71
CA LEU PA 166 -76.43 66.74 -59.47
C LEU PA 166 -74.96 66.85 -59.81
N GLY PA 167 -74.28 67.81 -59.17
CA GLY PA 167 -72.87 68.01 -59.36
C GLY PA 167 -72.07 67.61 -58.14
N VAL PA 168 -70.77 67.88 -58.22
CA VAL PA 168 -69.85 67.50 -57.16
C VAL PA 168 -69.99 68.40 -55.94
N ARG PA 169 -70.66 69.55 -56.08
CA ARG PA 169 -70.94 70.43 -54.95
C ARG PA 169 -72.04 69.89 -54.03
N HIS PA 170 -72.55 68.69 -54.30
CA HIS PA 170 -73.35 67.96 -53.33
C HIS PA 170 -72.57 67.75 -52.03
N PHE PA 171 -71.28 67.47 -52.15
CA PHE PA 171 -70.42 67.24 -51.00
C PHE PA 171 -69.62 68.48 -50.66
N VAL PA 172 -69.25 68.58 -49.40
CA VAL PA 172 -68.46 69.71 -48.88
C VAL PA 172 -67.04 69.21 -48.64
N PRO PA 173 -66.01 69.93 -49.08
CA PRO PA 173 -64.63 69.50 -48.77
C PRO PA 173 -64.38 69.52 -47.27
N GLY PA 174 -63.73 68.46 -46.79
CA GLY PA 174 -63.54 68.22 -45.39
C GLY PA 174 -64.47 67.19 -44.78
N GLN PA 175 -65.60 66.91 -45.41
CA GLN PA 175 -66.52 65.90 -44.90
C GLN PA 175 -66.02 64.50 -45.27
N TYR PA 176 -66.63 63.50 -44.64
CA TYR PA 176 -66.33 62.11 -44.91
C TYR PA 176 -67.47 61.48 -45.68
N VAL PA 177 -67.12 60.55 -46.56
CA VAL PA 177 -68.09 59.87 -47.41
C VAL PA 177 -67.86 58.37 -47.32
N ASP PA 178 -68.88 57.61 -47.73
CA ASP PA 178 -68.80 56.18 -47.92
C ASP PA 178 -68.81 55.89 -49.42
N VAL PA 179 -67.86 55.08 -49.89
CA VAL PA 179 -67.72 54.80 -51.31
C VAL PA 179 -67.91 53.30 -51.53
N THR PA 180 -68.79 52.97 -52.47
CA THR PA 180 -69.15 51.59 -52.78
C THR PA 180 -68.80 51.29 -54.23
N GLY PA 181 -68.15 50.15 -54.46
CA GLY PA 181 -67.84 49.74 -55.82
C GLY PA 181 -67.61 48.25 -55.89
N ILE PA 182 -67.40 47.78 -57.11
CA ILE PA 182 -67.12 46.37 -57.37
C ILE PA 182 -65.61 46.19 -57.41
N THR PA 183 -65.08 45.34 -56.54
CA THR PA 183 -63.64 45.25 -56.35
C THR PA 183 -62.96 44.61 -57.55
N ARG PA 184 -61.63 44.62 -57.52
CA ARG PA 184 -60.83 44.02 -58.59
C ARG PA 184 -61.05 42.51 -58.64
N GLY PA 185 -61.23 41.99 -59.84
CA GLY PA 185 -61.42 40.56 -60.00
C GLY PA 185 -60.09 39.80 -59.93
N LYS PA 186 -60.13 38.65 -59.29
CA LYS PA 186 -58.96 37.80 -59.13
C LYS PA 186 -59.15 36.39 -59.67
N GLY PA 187 -60.32 36.07 -60.21
CA GLY PA 187 -60.55 34.74 -60.75
C GLY PA 187 -60.66 33.69 -59.66
N PHE PA 188 -60.44 32.44 -60.08
CA PHE PA 188 -60.46 31.31 -59.16
C PHE PA 188 -59.17 31.35 -58.34
N GLN PA 189 -59.29 31.34 -57.01
CA GLN PA 189 -58.12 31.50 -56.16
C GLN PA 189 -58.06 30.43 -55.07
N GLY PA 190 -56.84 30.11 -54.65
CA GLY PA 190 -56.63 29.11 -53.61
C GLY PA 190 -56.73 29.69 -52.21
N VAL PA 191 -56.58 28.81 -51.23
CA VAL PA 191 -56.79 29.20 -49.84
C VAL PA 191 -55.73 30.17 -49.36
N MET PA 192 -54.50 30.10 -49.89
CA MET PA 192 -53.44 30.98 -49.44
C MET PA 192 -53.72 32.43 -49.83
N LYS PA 193 -54.12 32.68 -51.08
CA LYS PA 193 -54.45 34.04 -51.47
C LYS PA 193 -55.80 34.47 -50.90
N ARG PA 194 -56.81 33.59 -50.94
CA ARG PA 194 -58.16 34.00 -50.56
C ARG PA 194 -58.33 34.21 -49.07
N TRP PA 195 -57.64 33.41 -48.24
CA TRP PA 195 -57.92 33.40 -46.81
C TRP PA 195 -56.69 33.56 -45.94
N LYS PA 196 -55.53 33.83 -46.54
CA LYS PA 196 -54.24 33.98 -45.86
C LYS PA 196 -53.87 32.73 -45.06
N PHE PA 197 -54.20 31.56 -45.62
CA PHE PA 197 -53.81 30.30 -45.00
C PHE PA 197 -52.31 30.12 -45.15
N LYS PA 198 -51.72 29.36 -44.22
CA LYS PA 198 -50.26 29.31 -44.13
C LYS PA 198 -49.65 28.29 -45.09
N GLY PA 199 -50.40 27.29 -45.51
CA GLY PA 199 -49.87 26.29 -46.42
C GLY PA 199 -48.93 25.32 -45.71
N GLY PA 200 -48.09 24.67 -46.50
CA GLY PA 200 -47.17 23.70 -45.98
C GLY PA 200 -45.72 24.08 -46.17
N PRO PA 201 -44.81 23.30 -45.59
CA PRO PA 201 -43.38 23.56 -45.77
C PRO PA 201 -42.92 23.32 -47.20
N ALA PA 202 -41.90 24.08 -47.61
CA ALA PA 202 -41.33 23.95 -48.94
C ALA PA 202 -40.35 22.79 -49.05
N SER PA 203 -39.91 22.23 -47.93
CA SER PA 203 -38.95 21.13 -47.90
C SER PA 203 -39.30 20.28 -46.69
N HIS PA 204 -38.33 19.50 -46.19
CA HIS PA 204 -38.50 18.58 -45.07
C HIS PA 204 -39.56 17.51 -45.38
N GLY PA 205 -39.49 16.97 -46.59
CA GLY PA 205 -40.27 15.82 -46.95
C GLY PA 205 -41.66 16.09 -47.48
N CYS PA 206 -42.11 17.35 -47.47
CA CYS PA 206 -43.49 17.69 -47.81
C CYS PA 206 -43.84 17.25 -49.23
N SER PA 207 -44.98 16.57 -49.36
CA SER PA 207 -45.33 15.85 -50.57
C SER PA 207 -46.60 16.44 -51.17
N LYS PA 208 -46.42 17.34 -52.15
CA LYS PA 208 -47.49 17.85 -53.02
C LYS PA 208 -48.62 18.51 -52.24
N ALA PA 209 -48.28 19.18 -51.14
CA ALA PA 209 -49.27 19.84 -50.30
C ALA PA 209 -48.75 21.19 -49.85
N HIS PA 210 -48.15 21.95 -50.77
CA HIS PA 210 -47.47 23.19 -50.42
C HIS PA 210 -48.44 24.35 -50.25
N ARG PA 211 -49.52 24.40 -51.05
CA ARG PA 211 -50.47 25.49 -50.99
C ARG PA 211 -51.89 25.03 -50.64
N LYS PA 212 -52.04 23.84 -50.06
CA LYS PA 212 -53.35 23.30 -49.78
C LYS PA 212 -53.83 23.68 -48.39
N GLY PA 213 -55.13 23.49 -48.15
CA GLY PA 213 -55.76 23.93 -46.92
C GLY PA 213 -55.56 23.04 -45.71
N GLY PA 214 -55.04 21.83 -45.90
CA GLY PA 214 -54.90 20.90 -44.80
C GLY PA 214 -56.20 20.21 -44.43
N SER PA 215 -56.44 20.03 -43.14
CA SER PA 215 -57.64 19.36 -42.67
C SER PA 215 -58.87 20.23 -42.88
N THR PA 216 -59.98 19.60 -43.27
CA THR PA 216 -61.23 20.30 -43.48
C THR PA 216 -62.30 19.91 -42.47
N GLY PA 217 -61.93 19.22 -41.40
CA GLY PA 217 -62.90 18.92 -40.37
C GLY PA 217 -62.36 17.90 -39.39
N GLN PA 218 -63.29 17.35 -38.60
CA GLN PA 218 -63.01 16.32 -37.62
C GLN PA 218 -63.68 15.02 -38.06
N ARG PA 219 -63.30 13.93 -37.42
CA ARG PA 219 -63.64 12.59 -37.87
C ARG PA 219 -64.86 12.08 -37.10
N ASP PA 220 -66.00 11.96 -37.78
CA ASP PA 220 -67.09 11.10 -37.31
C ASP PA 220 -67.64 11.47 -35.93
N ASP PA 221 -68.50 12.52 -35.83
CA ASP PA 221 -68.54 13.66 -34.89
C ASP PA 221 -67.56 14.74 -35.33
N PRO PA 222 -67.95 15.54 -36.33
CA PRO PA 222 -69.31 15.64 -36.88
C PRO PA 222 -69.60 14.73 -38.06
N GLY PA 223 -68.58 14.14 -38.69
CA GLY PA 223 -68.80 13.33 -39.87
C GLY PA 223 -69.25 14.10 -41.08
N LYS PA 224 -68.95 15.39 -41.14
CA LYS PA 224 -69.35 16.28 -42.22
C LYS PA 224 -68.47 17.51 -42.17
N VAL PA 225 -68.57 18.33 -43.21
CA VAL PA 225 -67.89 19.62 -43.26
C VAL PA 225 -68.91 20.70 -42.92
N PHE PA 226 -68.54 21.60 -42.03
CA PHE PA 226 -69.45 22.66 -41.61
C PHE PA 226 -69.60 23.70 -42.72
N LYS PA 227 -70.73 24.41 -42.69
CA LYS PA 227 -70.94 25.51 -43.62
C LYS PA 227 -69.96 26.63 -43.36
N GLY PA 228 -69.56 27.32 -44.44
CA GLY PA 228 -68.62 28.41 -44.32
C GLY PA 228 -67.17 28.00 -44.22
N ARG PA 229 -66.86 26.73 -44.44
CA ARG PA 229 -65.48 26.26 -44.43
C ARG PA 229 -64.69 26.93 -45.54
N LYS PA 230 -63.56 27.54 -45.19
CA LYS PA 230 -62.78 28.34 -46.13
C LYS PA 230 -62.06 27.42 -47.10
N MET PA 231 -62.41 27.53 -48.37
CA MET PA 231 -61.99 26.64 -49.44
C MET PA 231 -61.66 27.49 -50.65
N PRO PA 232 -61.04 26.91 -51.69
CA PRO PA 232 -60.81 27.68 -52.93
C PRO PA 232 -62.11 28.07 -53.62
N GLY PA 233 -62.02 29.11 -54.44
CA GLY PA 233 -63.18 29.60 -55.15
C GLY PA 233 -62.90 30.98 -55.71
N HIS PA 234 -63.95 31.59 -56.26
CA HIS PA 234 -63.82 32.88 -56.92
C HIS PA 234 -63.58 33.98 -55.90
N MET PA 235 -62.69 34.90 -56.25
CA MET PA 235 -62.23 35.96 -55.38
C MET PA 235 -62.33 37.29 -56.11
N GLY PA 236 -62.80 38.31 -55.42
CA GLY PA 236 -62.90 39.62 -56.01
C GLY PA 236 -64.10 39.74 -56.92
N ALA PA 237 -64.17 40.89 -57.61
CA ALA PA 237 -65.31 41.30 -58.44
C ALA PA 237 -66.60 41.26 -57.64
N ALA PA 238 -66.54 41.78 -56.41
CA ALA PA 238 -67.67 41.80 -55.50
C ALA PA 238 -67.84 43.20 -54.96
N GLN PA 239 -69.06 43.50 -54.51
CA GLN PA 239 -69.34 44.83 -53.99
C GLN PA 239 -68.78 44.96 -52.58
N ARG PA 240 -68.03 46.04 -52.34
CA ARG PA 240 -67.50 46.36 -51.03
C ARG PA 240 -67.60 47.86 -50.81
N THR PA 241 -67.64 48.25 -49.54
CA THR PA 241 -67.75 49.64 -49.15
C THR PA 241 -66.54 50.02 -48.29
N VAL PA 242 -66.00 51.22 -48.51
CA VAL PA 242 -64.97 51.78 -47.66
C VAL PA 242 -65.59 52.92 -46.87
N LYS PA 243 -65.51 52.83 -45.55
CA LYS PA 243 -66.12 53.81 -44.66
C LYS PA 243 -65.17 54.95 -44.33
N ASN PA 244 -65.75 56.13 -44.10
CA ASN PA 244 -65.04 57.33 -43.62
C ASN PA 244 -63.93 57.75 -44.56
N VAL PA 245 -64.28 57.91 -45.83
CA VAL PA 245 -63.30 58.29 -46.84
C VAL PA 245 -63.30 59.82 -46.90
N TRP PA 246 -62.12 60.41 -46.75
CA TRP PA 246 -62.02 61.85 -46.50
C TRP PA 246 -61.96 62.63 -47.81
N VAL PA 247 -62.85 63.61 -47.97
CA VAL PA 247 -62.94 64.43 -49.17
C VAL PA 247 -61.90 65.54 -49.05
N TYR PA 248 -60.89 65.53 -49.92
CA TYR PA 248 -59.85 66.53 -49.87
C TYR PA 248 -60.20 67.77 -50.68
N LYS PA 249 -60.57 67.58 -51.94
CA LYS PA 249 -60.74 68.70 -52.85
C LYS PA 249 -61.97 68.48 -53.75
N ILE PA 250 -62.69 69.56 -54.01
CA ILE PA 250 -63.83 69.57 -54.91
C ILE PA 250 -63.47 70.46 -56.09
N ASP PA 251 -63.64 69.94 -57.31
CA ASP PA 251 -63.42 70.74 -58.51
C ASP PA 251 -64.75 70.89 -59.25
N PRO PA 252 -65.50 71.97 -59.04
CA PRO PA 252 -66.85 72.06 -59.61
C PRO PA 252 -66.88 72.33 -61.10
N ALA PA 253 -65.78 72.81 -61.70
CA ALA PA 253 -65.78 73.05 -63.14
C ALA PA 253 -65.77 71.73 -63.92
N ARG PA 254 -65.01 70.76 -63.44
CA ARG PA 254 -64.86 69.49 -64.12
C ARG PA 254 -65.62 68.36 -63.45
N ASN PA 255 -66.36 68.65 -62.38
CA ASN PA 255 -67.07 67.66 -61.56
C ASN PA 255 -66.12 66.56 -61.07
N LEU PA 256 -64.96 66.97 -60.58
CA LEU PA 256 -63.99 66.05 -60.02
C LEU PA 256 -63.93 66.22 -58.51
N ILE PA 257 -63.84 65.10 -57.80
CA ILE PA 257 -63.62 65.07 -56.36
C ILE PA 257 -62.33 64.34 -56.06
N TRP PA 258 -61.42 65.01 -55.37
CA TRP PA 258 -60.21 64.40 -54.83
C TRP PA 258 -60.54 63.85 -53.46
N VAL PA 259 -60.25 62.59 -53.23
CA VAL PA 259 -60.65 61.96 -52.00
C VAL PA 259 -59.48 61.09 -51.53
N ARG PA 260 -59.18 61.10 -50.23
CA ARG PA 260 -57.91 60.55 -49.74
C ARG PA 260 -57.94 59.03 -49.69
N GLY PA 261 -56.90 58.41 -50.24
CA GLY PA 261 -56.70 56.99 -50.11
C GLY PA 261 -57.33 56.18 -51.23
N GLN PA 262 -57.52 54.90 -50.94
CA GLN PA 262 -58.00 53.94 -51.93
C GLN PA 262 -59.52 53.92 -52.00
N VAL PA 263 -60.01 53.52 -53.17
CA VAL PA 263 -61.42 53.33 -53.49
C VAL PA 263 -61.51 51.98 -54.19
N PRO PA 264 -62.50 51.13 -53.88
CA PRO PA 264 -62.57 49.83 -54.56
C PRO PA 264 -62.90 49.98 -56.04
N GLY PA 265 -62.34 49.07 -56.83
CA GLY PA 265 -62.73 48.96 -58.21
C GLY PA 265 -61.60 49.27 -59.18
N ALA PA 266 -61.86 48.91 -60.44
CA ALA PA 266 -60.98 49.20 -61.54
C ALA PA 266 -61.14 50.65 -61.99
N GLU PA 267 -60.16 51.11 -62.75
CA GLU PA 267 -60.24 52.40 -63.42
C GLU PA 267 -61.31 52.36 -64.51
N GLY PA 268 -62.11 53.41 -64.57
CA GLY PA 268 -63.18 53.49 -65.54
C GLY PA 268 -64.47 52.81 -65.14
N ASN PA 269 -64.51 52.15 -63.98
CA ASN PA 269 -65.74 51.57 -63.47
C ASN PA 269 -66.42 52.54 -62.52
N PHE PA 270 -67.69 52.28 -62.25
CA PHE PA 270 -68.54 53.21 -61.49
C PHE PA 270 -68.50 52.91 -59.99
N VAL PA 271 -68.45 53.98 -59.20
CA VAL PA 271 -68.52 53.91 -57.76
C VAL PA 271 -69.64 54.83 -57.29
N PHE PA 272 -70.17 54.54 -56.11
CA PHE PA 272 -71.32 55.25 -55.57
C PHE PA 272 -70.94 55.86 -54.22
N ILE PA 273 -71.27 57.14 -54.05
CA ILE PA 273 -70.77 57.94 -52.94
C ILE PA 273 -71.95 58.43 -52.12
N ASN PA 274 -71.96 58.12 -50.84
CA ASN PA 274 -72.98 58.53 -49.88
C ASN PA 274 -72.32 59.29 -48.74
N ASP PA 275 -73.14 59.88 -47.87
CA ASP PA 275 -72.64 60.43 -46.62
C ASP PA 275 -72.09 59.30 -45.74
N ALA PA 276 -71.05 59.62 -44.98
CA ALA PA 276 -70.47 58.64 -44.08
C ALA PA 276 -71.40 58.37 -42.91
N CYS PA 277 -71.66 57.10 -42.65
CA CYS PA 277 -72.49 56.71 -41.51
C CYS PA 277 -71.73 56.83 -40.19
N TYR PA 278 -70.46 56.41 -40.16
CA TYR PA 278 -69.72 56.37 -38.91
C TYR PA 278 -69.34 57.77 -38.46
N LYS PA 279 -68.64 58.53 -39.31
CA LYS PA 279 -68.35 59.93 -39.04
C LYS PA 279 -69.37 60.78 -39.79
N LYS PA 280 -70.52 61.00 -39.16
CA LYS PA 280 -71.63 61.69 -39.79
C LYS PA 280 -71.29 63.16 -40.02
N PRO PA 281 -71.52 63.70 -41.21
CA PRO PA 281 -71.21 65.10 -41.47
C PRO PA 281 -72.14 66.03 -40.72
N ASP PA 282 -71.68 67.27 -40.56
CA ASP PA 282 -72.46 68.30 -39.90
C ASP PA 282 -73.73 68.59 -40.70
N ILE PA 283 -74.87 68.54 -40.00
CA ILE PA 283 -76.17 68.69 -40.65
C ILE PA 283 -76.33 70.10 -41.21
N SER PA 284 -75.89 71.11 -40.46
CA SER PA 284 -76.10 72.50 -40.85
C SER PA 284 -75.22 72.94 -42.01
N LYS PA 285 -74.24 72.14 -42.43
CA LYS PA 285 -73.35 72.53 -43.51
C LYS PA 285 -73.66 71.87 -44.85
N LEU PA 286 -74.38 70.76 -44.87
CA LEU PA 286 -74.64 70.07 -46.12
C LEU PA 286 -75.69 70.81 -46.93
N PRO PA 287 -75.52 70.91 -48.26
CA PRO PA 287 -76.59 71.46 -49.10
C PRO PA 287 -77.74 70.48 -49.19
N PHE PA 288 -78.92 70.91 -48.74
CA PHE PA 288 -80.07 70.02 -48.65
C PHE PA 288 -81.20 70.54 -49.53
N PRO PA 289 -81.85 69.68 -50.32
CA PRO PA 289 -81.59 68.24 -50.49
C PRO PA 289 -80.42 67.97 -51.43
N THR PA 290 -79.96 68.99 -52.14
CA THR PA 290 -78.75 68.94 -52.94
C THR PA 290 -78.32 70.37 -53.20
N TYR PA 291 -77.13 70.52 -53.79
CA TYR PA 291 -76.70 71.84 -54.23
C TYR PA 291 -77.42 72.20 -55.52
N LEU PA 292 -78.14 73.31 -55.51
CA LEU PA 292 -78.93 73.74 -56.66
C LEU PA 292 -78.25 74.98 -57.24
N ALA PA 293 -77.47 74.78 -58.29
CA ALA PA 293 -76.78 75.87 -58.96
C ALA PA 293 -77.74 76.66 -59.85
N PRO PA 294 -77.53 77.96 -59.98
CA PRO PA 294 -78.28 78.73 -60.98
C PRO PA 294 -77.80 78.40 -62.40
N GLU PA 295 -78.71 78.58 -63.36
CA GLU PA 295 -78.35 78.35 -64.75
C GLU PA 295 -77.44 79.45 -65.29
N ASP PA 296 -77.48 80.64 -64.70
CA ASP PA 296 -76.55 81.71 -65.06
C ASP PA 296 -75.26 81.54 -64.25
N GLU PA 297 -74.50 80.52 -64.65
CA GLU PA 297 -73.27 80.16 -63.99
C GLU PA 297 -72.32 79.59 -65.04
N ASP PA 298 -71.08 80.10 -65.05
CA ASP PA 298 -70.14 79.71 -66.10
C ASP PA 298 -69.30 78.52 -65.63
N PRO PA 299 -69.07 77.52 -66.48
CA PRO PA 299 -68.12 76.46 -66.12
C PRO PA 299 -66.71 76.96 -65.90
N SER PA 300 -66.28 77.97 -66.64
CA SER PA 300 -64.91 78.49 -66.51
C SER PA 300 -64.68 79.25 -65.21
N GLU PA 301 -65.73 79.81 -64.60
CA GLU PA 301 -65.57 80.74 -63.49
C GLU PA 301 -65.46 80.06 -62.13
N LEU PA 302 -65.67 78.76 -62.03
CA LEU PA 302 -65.64 78.07 -60.75
C LEU PA 302 -64.22 77.61 -60.43
N GLU PA 303 -63.76 77.92 -59.24
CA GLU PA 303 -62.44 77.54 -58.79
C GLU PA 303 -62.52 76.34 -57.85
N PRO PA 304 -61.52 75.47 -57.85
CA PRO PA 304 -61.56 74.30 -56.97
C PRO PA 304 -61.49 74.68 -55.50
N LEU PA 305 -62.18 73.90 -54.68
CA LEU PA 305 -62.28 74.13 -53.25
C LEU PA 305 -61.54 73.03 -52.51
N VAL PA 306 -60.61 73.41 -51.63
CA VAL PA 306 -59.81 72.49 -50.85
C VAL PA 306 -60.32 72.48 -49.42
N ALA PA 307 -60.24 71.32 -48.78
CA ALA PA 307 -60.62 71.17 -47.38
C ALA PA 307 -59.76 72.05 -46.49
N ASP PA 308 -60.41 72.76 -45.58
CA ASP PA 308 -59.71 73.63 -44.65
C ASP PA 308 -59.08 72.79 -43.55
N LEU PA 309 -57.75 72.85 -43.45
CA LEU PA 309 -57.00 72.05 -42.49
C LEU PA 309 -56.76 72.78 -41.17
N GLY PA 310 -57.11 74.06 -41.09
CA GLY PA 310 -56.85 74.84 -39.90
C GLY PA 310 -55.53 75.58 -39.97
N GLU PA 311 -55.26 76.33 -38.91
CA GLU PA 311 -54.04 77.11 -38.80
C GLU PA 311 -53.11 76.58 -37.72
N VAL PA 312 -53.34 75.36 -37.23
CA VAL PA 312 -52.51 74.76 -36.19
C VAL PA 312 -51.61 73.71 -36.85
N ASP PA 313 -50.31 73.94 -36.80
CA ASP PA 313 -49.35 73.05 -37.43
C ASP PA 313 -49.29 71.73 -36.66
N PRO PA 314 -49.57 70.58 -37.30
CA PRO PA 314 -49.50 69.30 -36.59
C PRO PA 314 -48.10 68.82 -36.33
N PHE PA 315 -47.09 69.41 -36.96
CA PHE PA 315 -45.71 69.01 -36.79
C PHE PA 315 -44.93 69.91 -35.85
N MET PA 316 -45.57 70.90 -35.23
CA MET PA 316 -44.87 71.90 -34.45
C MET PA 316 -45.33 72.04 -33.01
N LEU PA 317 -46.36 71.31 -32.60
CA LEU PA 317 -46.79 71.30 -31.21
C LEU PA 317 -46.32 70.06 -30.46
N ALA PA 318 -45.79 69.07 -31.17
CA ALA PA 318 -45.41 67.80 -30.57
C ALA PA 318 -44.16 67.93 -29.70
N ASP QA 76 -119.83 -66.04 -65.43
CA ASP QA 76 -118.58 -66.47 -66.05
C ASP QA 76 -117.92 -67.56 -65.23
N ARG QA 77 -116.85 -67.21 -64.53
CA ARG QA 77 -116.15 -68.14 -63.65
C ARG QA 77 -115.36 -67.34 -62.63
N THR QA 78 -115.10 -67.96 -61.48
CA THR QA 78 -114.32 -67.34 -60.42
C THR QA 78 -112.87 -67.79 -60.54
N ILE QA 79 -112.01 -66.86 -60.92
CA ILE QA 79 -110.58 -67.14 -61.12
C ILE QA 79 -109.90 -67.18 -59.76
N GLY QA 80 -109.03 -68.16 -59.56
CA GLY QA 80 -108.29 -68.29 -58.32
C GLY QA 80 -108.73 -69.42 -57.42
N GLN QA 81 -109.54 -70.36 -57.91
CA GLN QA 81 -110.05 -71.46 -57.11
C GLN QA 81 -109.21 -72.72 -57.23
N TYR QA 82 -108.10 -72.67 -57.99
CA TYR QA 82 -107.20 -73.81 -58.25
C TYR QA 82 -107.94 -75.00 -58.84
N GLN QA 83 -108.85 -74.73 -59.77
CA GLN QA 83 -109.62 -75.79 -60.42
C GLN QA 83 -109.06 -76.07 -61.80
N ASP QA 84 -109.00 -77.36 -62.16
CA ASP QA 84 -108.52 -77.77 -63.46
C ASP QA 84 -109.46 -77.31 -64.56
N LEU QA 85 -108.90 -76.94 -65.71
CA LEU QA 85 -109.65 -76.40 -66.82
C LEU QA 85 -109.56 -77.34 -68.02
N VAL QA 86 -110.57 -77.29 -68.87
CA VAL QA 86 -110.60 -78.06 -70.11
C VAL QA 86 -110.53 -77.09 -71.27
N ILE QA 87 -109.55 -77.28 -72.15
CA ILE QA 87 -109.29 -76.35 -73.23
C ILE QA 87 -109.30 -77.12 -74.55
N PRO QA 88 -109.82 -76.55 -75.63
CA PRO QA 88 -109.73 -77.23 -76.94
C PRO QA 88 -108.31 -77.19 -77.49
N VAL QA 89 -108.01 -78.18 -78.33
CA VAL QA 89 -106.71 -78.32 -78.97
C VAL QA 89 -106.90 -78.24 -80.47
N THR QA 90 -106.05 -77.46 -81.13
CA THR QA 90 -106.15 -77.21 -82.56
C THR QA 90 -104.73 -77.27 -83.13
N ASN QA 91 -104.54 -76.74 -84.33
CA ASN QA 91 -103.21 -76.55 -84.88
C ASN QA 91 -103.24 -75.32 -85.80
N PHE QA 92 -102.20 -75.17 -86.62
CA PHE QA 92 -102.13 -74.05 -87.55
C PHE QA 92 -103.14 -74.19 -88.68
N GLN QA 93 -103.68 -75.39 -88.91
CA GLN QA 93 -104.62 -75.66 -89.98
C GLN QA 93 -106.07 -75.51 -89.53
N ASN QA 94 -106.30 -74.99 -88.31
CA ASN QA 94 -107.62 -74.75 -87.73
C ASN QA 94 -108.42 -76.04 -87.56
N GLU QA 95 -107.73 -77.16 -87.37
CA GLU QA 95 -108.41 -78.44 -87.22
C GLU QA 95 -108.86 -78.65 -85.77
N ASP QA 96 -109.58 -79.75 -85.55
CA ASP QA 96 -110.02 -80.16 -84.23
C ASP QA 96 -109.13 -81.33 -83.79
N LYS QA 97 -108.38 -81.13 -82.72
CA LYS QA 97 -107.45 -82.14 -82.23
C LYS QA 97 -107.80 -82.61 -80.82
N GLY QA 98 -109.05 -82.50 -80.43
CA GLY QA 98 -109.48 -83.00 -79.14
C GLY QA 98 -109.49 -81.96 -78.04
N PHE QA 99 -109.16 -82.38 -76.83
CA PHE QA 99 -109.17 -81.50 -75.67
C PHE QA 99 -107.96 -81.79 -74.80
N MET QA 100 -107.62 -80.83 -73.95
CA MET QA 100 -106.54 -80.97 -72.99
C MET QA 100 -107.01 -80.42 -71.65
N VAL QA 101 -106.55 -81.05 -70.57
CA VAL QA 101 -106.82 -80.57 -69.23
C VAL QA 101 -105.62 -79.78 -68.76
N LEU QA 102 -105.84 -78.52 -68.38
CA LEU QA 102 -104.80 -77.67 -67.82
C LEU QA 102 -104.86 -77.77 -66.31
N ALA QA 103 -103.70 -78.02 -65.68
CA ALA QA 103 -103.63 -78.20 -64.24
C ALA QA 103 -104.03 -76.92 -63.52
N GLY QA 104 -104.91 -77.06 -62.52
CA GLY QA 104 -105.48 -75.91 -61.84
C GLY QA 104 -104.52 -75.19 -60.92
N ASP QA 105 -103.46 -75.87 -60.48
CA ASP QA 105 -102.47 -75.22 -59.65
C ASP QA 105 -101.45 -74.43 -60.47
N VAL QA 106 -101.57 -74.45 -61.80
CA VAL QA 106 -100.75 -73.64 -62.68
C VAL QA 106 -101.59 -72.60 -63.41
N PHE QA 107 -102.74 -73.01 -63.94
CA PHE QA 107 -103.55 -72.15 -64.79
C PHE QA 107 -104.77 -71.56 -64.08
N ASP QA 108 -104.89 -71.74 -62.76
CA ASP QA 108 -106.05 -71.19 -62.05
C ASP QA 108 -105.67 -70.60 -60.70
N VAL QA 109 -104.48 -70.02 -60.58
CA VAL QA 109 -104.02 -69.41 -59.34
C VAL QA 109 -104.71 -68.06 -59.17
N PRO QA 110 -104.76 -67.48 -57.97
CA PRO QA 110 -105.30 -66.12 -57.85
C PRO QA 110 -104.43 -65.10 -58.57
N VAL QA 111 -105.08 -64.10 -59.17
CA VAL QA 111 -104.40 -63.13 -60.01
C VAL QA 111 -104.00 -61.94 -59.16
N ARG QA 112 -102.70 -61.70 -59.05
CA ARG QA 112 -102.15 -60.67 -58.17
C ARG QA 112 -101.25 -59.76 -58.99
N LYS QA 113 -101.53 -58.46 -58.95
CA LYS QA 113 -100.76 -57.51 -59.73
C LYS QA 113 -99.41 -57.19 -59.09
N ASP QA 114 -99.31 -57.30 -57.77
CA ASP QA 114 -98.08 -56.90 -57.07
C ASP QA 114 -96.93 -57.87 -57.35
N ILE QA 115 -97.23 -59.17 -57.40
CA ILE QA 115 -96.21 -60.16 -57.70
C ILE QA 115 -95.73 -60.00 -59.14
N ILE QA 116 -96.65 -59.72 -60.06
CA ILE QA 116 -96.28 -59.47 -61.45
C ILE QA 116 -95.42 -58.22 -61.57
N HIS QA 117 -95.77 -57.19 -60.79
CA HIS QA 117 -94.99 -55.95 -60.74
C HIS QA 117 -93.56 -56.23 -60.31
N HIS QA 118 -93.38 -57.04 -59.27
CA HIS QA 118 -92.03 -57.34 -58.80
C HIS QA 118 -91.26 -58.23 -59.75
N VAL QA 119 -91.92 -59.20 -60.38
CA VAL QA 119 -91.23 -60.09 -61.33
C VAL QA 119 -90.79 -59.31 -62.57
N VAL QA 120 -91.65 -58.41 -63.06
CA VAL QA 120 -91.29 -57.59 -64.21
C VAL QA 120 -90.13 -56.66 -63.87
N ARG QA 121 -90.16 -56.07 -62.67
CA ARG QA 121 -89.05 -55.22 -62.25
C ARG QA 121 -87.74 -56.01 -62.12
N TRP QA 122 -87.82 -57.25 -61.62
CA TRP QA 122 -86.64 -58.11 -61.52
C TRP QA 122 -86.06 -58.43 -62.90
N GLN QA 123 -86.94 -58.74 -63.87
CA GLN QA 123 -86.49 -59.05 -65.23
C GLN QA 123 -85.82 -57.85 -65.89
N LEU QA 124 -86.44 -56.67 -65.76
CA LEU QA 124 -85.86 -55.49 -66.40
C LEU QA 124 -84.60 -55.01 -65.69
N ALA QA 125 -84.49 -55.22 -64.38
CA ALA QA 125 -83.27 -54.88 -63.67
C ALA QA 125 -82.12 -55.80 -64.08
N LYS QA 126 -82.41 -57.09 -64.23
CA LYS QA 126 -81.41 -58.03 -64.74
C LYS QA 126 -80.99 -57.69 -66.16
N ARG QA 127 -81.89 -57.09 -66.94
CA ARG QA 127 -81.61 -56.77 -68.33
C ARG QA 127 -80.66 -55.59 -68.52
N GLN QA 128 -80.61 -54.66 -67.57
CA GLN QA 128 -79.92 -53.39 -67.76
C GLN QA 128 -78.41 -53.59 -67.89
N GLN QA 129 -77.82 -52.98 -68.92
CA GLN QA 129 -76.41 -53.22 -69.23
C GLN QA 129 -75.49 -52.56 -68.21
N GLY QA 130 -75.76 -51.31 -67.86
CA GLY QA 130 -74.98 -50.63 -66.85
C GLY QA 130 -73.63 -50.14 -67.31
N THR QA 131 -73.43 -49.96 -68.62
CA THR QA 131 -72.18 -49.44 -69.16
C THR QA 131 -72.26 -47.92 -69.31
N HIS QA 132 -72.41 -47.28 -68.16
CA HIS QA 132 -72.50 -45.83 -68.03
C HIS QA 132 -71.41 -45.34 -67.10
N SER QA 133 -70.69 -44.29 -67.52
CA SER QA 133 -69.49 -43.91 -66.80
C SER QA 133 -69.23 -42.41 -66.90
N THR QA 134 -68.60 -41.88 -65.86
CA THR QA 134 -68.11 -40.51 -65.82
C THR QA 134 -66.72 -40.53 -65.19
N LYS QA 135 -66.05 -39.39 -65.23
CA LYS QA 135 -64.68 -39.28 -64.75
C LYS QA 135 -64.65 -38.56 -63.40
N THR QA 136 -63.95 -39.15 -62.45
CA THR QA 136 -63.59 -38.48 -61.21
C THR QA 136 -62.37 -37.59 -61.45
N ILE QA 137 -61.97 -36.83 -60.44
CA ILE QA 137 -60.81 -35.95 -60.58
C ILE QA 137 -59.51 -36.74 -60.77
N SER QA 138 -59.47 -38.00 -60.36
CA SER QA 138 -58.30 -38.83 -60.62
C SER QA 138 -58.18 -39.22 -62.09
N GLU QA 139 -59.26 -39.07 -62.87
CA GLU QA 139 -59.27 -39.51 -64.26
C GLU QA 139 -59.41 -38.38 -65.26
N VAL QA 140 -59.91 -37.21 -64.85
CA VAL QA 140 -59.94 -36.04 -65.72
C VAL QA 140 -58.51 -35.61 -65.99
N SER QA 141 -58.21 -35.35 -67.27
CA SER QA 141 -56.92 -34.78 -67.64
C SER QA 141 -56.75 -33.41 -66.98
N GLY QA 142 -55.58 -33.18 -66.41
CA GLY QA 142 -55.31 -31.94 -65.71
C GLY QA 142 -54.26 -32.14 -64.62
N THR QA 143 -53.56 -31.07 -64.31
CA THR QA 143 -52.50 -31.12 -63.32
C THR QA 143 -53.06 -31.05 -61.91
N GLY QA 144 -52.35 -31.67 -60.98
CA GLY QA 144 -52.66 -31.56 -59.56
C GLY QA 144 -52.09 -30.34 -58.89
N ARG QA 145 -51.38 -29.51 -59.64
CA ARG QA 145 -50.79 -28.29 -59.13
C ARG QA 145 -51.87 -27.30 -58.67
N LYS QA 146 -51.62 -26.65 -57.53
CA LYS QA 146 -52.45 -25.54 -57.11
C LYS QA 146 -52.34 -24.40 -58.12
N PRO QA 147 -53.47 -23.82 -58.57
CA PRO QA 147 -53.39 -22.88 -59.70
C PRO QA 147 -52.77 -21.54 -59.36
N TRP QA 148 -53.00 -21.03 -58.16
CA TRP QA 148 -52.33 -19.83 -57.68
C TRP QA 148 -52.18 -19.95 -56.18
N ASN QA 149 -51.62 -18.91 -55.57
CA ASN QA 149 -51.42 -18.91 -54.12
C ASN QA 149 -52.74 -18.92 -53.38
N GLN QA 150 -52.73 -19.58 -52.22
CA GLN QA 150 -53.90 -19.62 -51.34
C GLN QA 150 -54.34 -18.22 -50.94
N LYS QA 151 -53.38 -17.33 -50.69
CA LYS QA 151 -53.64 -15.98 -50.22
C LYS QA 151 -53.04 -14.95 -51.17
N GLY QA 152 -53.66 -13.78 -51.22
CA GLY QA 152 -53.04 -12.58 -51.75
C GLY QA 152 -53.56 -12.10 -53.09
N THR QA 153 -54.19 -12.98 -53.89
CA THR QA 153 -54.62 -12.60 -55.23
C THR QA 153 -56.03 -12.05 -55.29
N GLY QA 154 -56.79 -12.13 -54.21
CA GLY QA 154 -58.17 -11.65 -54.23
C GLY QA 154 -59.17 -12.59 -54.89
N ARG QA 155 -58.76 -13.78 -55.26
CA ARG QA 155 -59.61 -14.76 -55.93
C ARG QA 155 -60.00 -15.87 -54.97
N ALA QA 156 -60.99 -16.65 -55.38
CA ALA QA 156 -61.40 -17.81 -54.59
C ALA QA 156 -60.30 -18.88 -54.61
N ARG QA 157 -60.17 -19.58 -53.48
CA ARG QA 157 -59.13 -20.58 -53.33
C ARG QA 157 -59.54 -21.87 -54.03
N HIS QA 158 -58.63 -22.44 -54.80
CA HIS QA 158 -58.86 -23.70 -55.49
C HIS QA 158 -57.63 -24.57 -55.38
N GLY QA 159 -57.84 -25.88 -55.43
CA GLY QA 159 -56.74 -26.83 -55.39
C GLY QA 159 -56.32 -27.27 -56.76
N THR QA 160 -57.29 -27.42 -57.66
CA THR QA 160 -57.07 -27.70 -59.07
C THR QA 160 -57.98 -26.79 -59.88
N LEU QA 161 -57.91 -26.92 -61.20
CA LEU QA 161 -58.88 -26.33 -62.10
C LEU QA 161 -59.85 -27.36 -62.65
N ARG QA 162 -59.95 -28.52 -62.00
CA ARG QA 162 -60.76 -29.64 -62.47
C ARG QA 162 -61.77 -30.07 -61.41
N GLY QA 163 -62.13 -29.17 -60.50
CA GLY QA 163 -63.07 -29.48 -59.45
C GLY QA 163 -64.49 -29.65 -59.95
N PRO QA 164 -65.38 -30.16 -59.09
CA PRO QA 164 -66.75 -30.47 -59.54
C PRO QA 164 -67.56 -29.25 -59.95
N GLN QA 165 -67.27 -28.08 -59.43
CA GLN QA 165 -67.96 -26.86 -59.84
C GLN QA 165 -67.33 -26.19 -61.05
N PHE QA 166 -66.27 -26.75 -61.60
CA PHE QA 166 -65.56 -26.17 -62.73
C PHE QA 166 -66.10 -26.70 -64.05
N ARG QA 167 -66.15 -25.81 -65.05
CA ARG QA 167 -66.41 -26.25 -66.41
C ARG QA 167 -65.22 -27.08 -66.90
N GLY QA 168 -65.51 -28.26 -67.44
CA GLY QA 168 -64.46 -29.18 -67.80
C GLY QA 168 -63.92 -30.00 -66.66
N GLY QA 169 -64.47 -29.87 -65.46
CA GLY QA 169 -63.99 -30.59 -64.30
C GLY QA 169 -64.65 -31.95 -64.14
N CYS QA 170 -64.40 -32.56 -62.98
CA CYS QA 170 -64.87 -33.90 -62.66
C CYS QA 170 -66.38 -33.89 -62.37
N VAL QA 171 -66.96 -35.09 -62.36
CA VAL QA 171 -68.37 -35.28 -62.06
C VAL QA 171 -68.47 -35.89 -60.67
N MET QA 172 -68.90 -35.09 -59.70
CA MET QA 172 -69.05 -35.58 -58.35
C MET QA 172 -70.32 -36.40 -58.22
N HIS QA 173 -70.20 -37.60 -57.64
CA HIS QA 173 -71.29 -38.58 -57.51
C HIS QA 173 -71.87 -38.97 -58.86
N GLY QA 174 -71.06 -38.91 -59.90
CA GLY QA 174 -71.48 -39.32 -61.21
C GLY QA 174 -71.54 -40.83 -61.33
N PRO QA 175 -72.21 -41.30 -62.37
CA PRO QA 175 -72.36 -42.74 -62.56
C PRO QA 175 -71.04 -43.42 -62.89
N ARG QA 176 -70.91 -44.66 -62.42
CA ARG QA 176 -69.81 -45.57 -62.69
C ARG QA 176 -70.40 -46.88 -63.17
N PRO QA 177 -69.66 -47.65 -63.99
CA PRO QA 177 -70.21 -48.90 -64.53
C PRO QA 177 -70.47 -49.92 -63.42
N ARG QA 178 -71.69 -50.43 -63.37
CA ARG QA 178 -72.12 -51.35 -62.34
C ARG QA 178 -73.30 -52.16 -62.83
N SER QA 179 -73.54 -53.28 -62.16
CA SER QA 179 -74.69 -54.13 -62.44
C SER QA 179 -75.90 -53.61 -61.70
N HIS QA 180 -77.06 -53.63 -62.38
CA HIS QA 180 -78.31 -53.19 -61.80
C HIS QA 180 -79.17 -54.34 -61.28
N ALA QA 181 -78.65 -55.57 -61.31
CA ALA QA 181 -79.46 -56.74 -61.01
C ALA QA 181 -79.82 -56.82 -59.54
N ILE QA 182 -81.07 -57.19 -59.28
CA ILE QA 182 -81.55 -57.43 -57.92
C ILE QA 182 -81.83 -58.92 -57.77
N LYS QA 183 -82.16 -59.33 -56.54
CA LYS QA 183 -82.43 -60.72 -56.25
C LYS QA 183 -83.93 -60.94 -56.08
N MET QA 184 -84.36 -62.16 -56.38
CA MET QA 184 -85.75 -62.56 -56.18
C MET QA 184 -85.76 -64.06 -55.91
N ASN QA 185 -86.59 -64.49 -54.97
CA ASN QA 185 -86.76 -65.91 -54.67
C ASN QA 185 -87.29 -66.65 -55.91
N LYS QA 186 -86.88 -67.92 -56.03
CA LYS QA 186 -87.31 -68.75 -57.14
C LYS QA 186 -88.82 -69.00 -57.12
N GLN QA 187 -89.38 -69.19 -55.91
CA GLN QA 187 -90.80 -69.48 -55.80
C GLN QA 187 -91.66 -68.28 -56.20
N VAL QA 188 -91.16 -67.06 -56.00
CA VAL QA 188 -91.87 -65.87 -56.45
C VAL QA 188 -91.89 -65.82 -57.98
N ARG QA 189 -90.78 -66.18 -58.62
CA ARG QA 189 -90.75 -66.26 -60.08
C ARG QA 189 -91.72 -67.30 -60.62
N ARG QA 190 -91.77 -68.47 -59.96
CA ARG QA 190 -92.71 -69.51 -60.37
C ARG QA 190 -94.15 -69.05 -60.20
N LEU QA 191 -94.46 -68.38 -59.09
CA LEU QA 191 -95.78 -67.84 -58.86
C LEU QA 191 -96.14 -66.77 -59.89
N GLY QA 192 -95.17 -65.95 -60.29
CA GLY QA 192 -95.43 -64.96 -61.32
C GLY QA 192 -95.74 -65.59 -62.66
N LEU QA 193 -95.01 -66.64 -63.04
CA LEU QA 193 -95.31 -67.37 -64.26
C LEU QA 193 -96.70 -68.01 -64.19
N LYS QA 194 -97.07 -68.54 -63.03
CA LYS QA 194 -98.40 -69.12 -62.84
C LYS QA 194 -99.49 -68.06 -63.01
N ILE QA 195 -99.29 -66.87 -62.42
CA ILE QA 195 -100.27 -65.79 -62.53
C ILE QA 195 -100.41 -65.33 -63.97
N ALA QA 196 -99.30 -65.24 -64.70
CA ALA QA 196 -99.37 -64.82 -66.11
C ALA QA 196 -100.13 -65.84 -66.96
N LEU QA 197 -99.83 -67.12 -66.78
CA LEU QA 197 -100.54 -68.16 -67.53
C LEU QA 197 -102.02 -68.21 -67.15
N THR QA 198 -102.32 -68.01 -65.88
CA THR QA 198 -103.71 -67.98 -65.41
C THR QA 198 -104.47 -66.81 -66.03
N ALA QA 199 -103.85 -65.63 -66.10
CA ALA QA 199 -104.51 -64.48 -66.70
C ALA QA 199 -104.76 -64.70 -68.19
N ARG QA 200 -103.79 -65.30 -68.89
CA ARG QA 200 -104.00 -65.60 -70.31
C ARG QA 200 -105.13 -66.61 -70.51
N ALA QA 201 -105.21 -67.63 -69.65
CA ALA QA 201 -106.29 -68.61 -69.76
C ALA QA 201 -107.64 -68.01 -69.37
N ALA QA 202 -107.66 -67.09 -68.41
CA ALA QA 202 -108.88 -66.47 -67.93
C ALA QA 202 -109.47 -65.49 -68.94
N GLU QA 203 -108.61 -64.73 -69.63
CA GLU QA 203 -109.11 -63.81 -70.63
C GLU QA 203 -109.64 -64.50 -71.87
N GLY QA 204 -109.38 -65.80 -72.03
CA GLY QA 204 -109.70 -66.49 -73.26
C GLY QA 204 -108.69 -66.31 -74.35
N LYS QA 205 -107.47 -65.89 -74.02
CA LYS QA 205 -106.43 -65.59 -75.00
C LYS QA 205 -105.32 -66.64 -75.01
N LEU QA 206 -105.60 -67.84 -74.51
CA LEU QA 206 -104.66 -68.95 -74.54
C LEU QA 206 -105.16 -69.98 -75.54
N LEU QA 207 -104.32 -70.29 -76.53
CA LEU QA 207 -104.63 -71.29 -77.54
C LEU QA 207 -103.62 -72.42 -77.42
N VAL QA 208 -104.11 -73.65 -77.43
CA VAL QA 208 -103.27 -74.83 -77.31
C VAL QA 208 -103.23 -75.52 -78.66
N PHE QA 209 -102.02 -75.82 -79.13
CA PHE QA 209 -101.81 -76.48 -80.41
C PHE QA 209 -101.33 -77.90 -80.14
N ASP QA 210 -101.75 -78.84 -81.01
CA ASP QA 210 -101.26 -80.20 -80.89
C ASP QA 210 -99.77 -80.27 -81.22
N ASP QA 211 -99.34 -79.55 -82.25
CA ASP QA 211 -97.94 -79.30 -82.52
C ASP QA 211 -97.83 -77.97 -83.23
N LEU QA 212 -96.60 -77.58 -83.57
CA LEU QA 212 -96.36 -76.31 -84.25
C LEU QA 212 -95.68 -76.54 -85.60
N ALA QA 213 -95.96 -77.67 -86.23
CA ALA QA 213 -95.33 -78.01 -87.50
C ALA QA 213 -95.91 -77.18 -88.63
N LEU QA 214 -95.03 -76.65 -89.47
CA LEU QA 214 -95.39 -75.91 -90.66
C LEU QA 214 -94.97 -76.68 -91.91
N PRO QA 215 -95.76 -76.59 -92.99
CA PRO QA 215 -95.33 -77.21 -94.25
C PRO QA 215 -94.06 -76.61 -94.83
N THR QA 216 -93.85 -75.31 -94.67
CA THR QA 216 -92.70 -74.62 -95.26
C THR QA 216 -92.13 -73.63 -94.26
N HIS QA 217 -90.96 -73.10 -94.61
CA HIS QA 217 -90.31 -72.04 -93.84
C HIS QA 217 -90.78 -70.65 -94.26
N LYS QA 218 -91.70 -70.54 -95.21
CA LYS QA 218 -92.12 -69.25 -95.72
C LYS QA 218 -92.94 -68.48 -94.70
N THR QA 219 -92.73 -67.16 -94.62
CA THR QA 219 -93.43 -66.34 -93.65
C THR QA 219 -94.89 -66.11 -94.02
N LYS QA 220 -95.28 -66.41 -95.27
CA LYS QA 220 -96.64 -66.17 -95.72
C LYS QA 220 -97.63 -67.08 -95.03
N ASN QA 221 -97.23 -68.30 -94.66
CA ASN QA 221 -98.11 -69.18 -93.90
C ASN QA 221 -98.46 -68.57 -92.54
N ILE QA 222 -97.45 -68.05 -91.84
CA ILE QA 222 -97.68 -67.43 -90.54
C ILE QA 222 -98.50 -66.16 -90.70
N VAL QA 223 -98.26 -65.39 -91.76
CA VAL QA 223 -99.03 -64.16 -91.98
C VAL QA 223 -100.49 -64.49 -92.29
N ASN QA 224 -100.73 -65.55 -93.07
CA ASN QA 224 -102.10 -65.96 -93.36
C ASN QA 224 -102.83 -66.43 -92.10
N TYR QA 225 -102.15 -67.21 -91.24
CA TYR QA 225 -102.78 -67.62 -90.00
C TYR QA 225 -103.04 -66.44 -89.07
N TYR QA 226 -102.11 -65.48 -89.02
CA TYR QA 226 -102.29 -64.30 -88.18
C TYR QA 226 -103.46 -63.45 -88.67
N ASN QA 227 -103.61 -63.30 -89.98
CA ASN QA 227 -104.75 -62.57 -90.52
C ASN QA 227 -106.04 -63.32 -90.28
N GLN QA 228 -105.98 -64.65 -90.23
CA GLN QA 228 -107.17 -65.45 -89.97
C GLN QA 228 -107.64 -65.30 -88.52
N MET QA 229 -106.73 -65.00 -87.60
CA MET QA 229 -107.04 -64.98 -86.18
C MET QA 229 -107.97 -63.82 -85.82
N GLU QA 230 -108.49 -63.86 -84.60
CA GLU QA 230 -109.59 -63.01 -84.18
C GLU QA 230 -109.15 -62.10 -83.03
N THR QA 231 -109.24 -60.79 -83.26
CA THR QA 231 -108.99 -59.74 -82.25
C THR QA 231 -107.63 -59.89 -81.59
N THR QA 232 -106.60 -60.13 -82.39
CA THR QA 232 -105.25 -60.26 -81.89
C THR QA 232 -104.37 -59.17 -82.50
N LYS QA 233 -103.35 -58.77 -81.74
CA LYS QA 233 -102.32 -57.88 -82.21
C LYS QA 233 -100.94 -58.52 -82.19
N LYS QA 234 -100.52 -59.06 -81.05
CA LYS QA 234 -99.21 -59.65 -80.89
C LYS QA 234 -99.35 -61.05 -80.30
N VAL QA 235 -98.74 -62.03 -80.94
CA VAL QA 235 -98.86 -63.43 -80.54
C VAL QA 235 -97.49 -63.94 -80.10
N LEU QA 236 -97.47 -64.69 -79.00
CA LEU QA 236 -96.29 -65.38 -78.52
C LEU QA 236 -96.50 -66.88 -78.65
N VAL QA 237 -95.58 -67.55 -79.33
CA VAL QA 237 -95.71 -68.97 -79.65
C VAL QA 237 -94.68 -69.74 -78.83
N VAL QA 238 -95.13 -70.67 -78.02
CA VAL QA 238 -94.27 -71.41 -77.11
C VAL QA 238 -94.18 -72.86 -77.54
N GLU QA 239 -92.96 -73.33 -77.75
CA GLU QA 239 -92.66 -74.72 -78.10
C GLU QA 239 -92.09 -75.43 -76.89
N GLY QA 240 -92.43 -76.71 -76.75
CA GLY QA 240 -91.89 -77.52 -75.68
C GLY QA 240 -90.38 -77.66 -75.68
N GLY QA 241 -89.84 -78.29 -76.72
CA GLY QA 241 -88.42 -78.44 -76.85
C GLY QA 241 -87.81 -77.30 -77.64
N PRO QA 242 -86.65 -77.54 -78.25
CA PRO QA 242 -86.07 -76.52 -79.12
C PRO QA 242 -86.91 -76.28 -80.36
N ILE QA 243 -86.88 -75.05 -80.84
CA ILE QA 243 -87.76 -74.61 -81.93
C ILE QA 243 -87.26 -75.18 -83.24
N ASP QA 244 -88.19 -75.71 -84.04
CA ASP QA 244 -87.87 -76.20 -85.38
C ASP QA 244 -87.42 -75.05 -86.27
N GLU QA 245 -86.54 -75.38 -87.22
CA GLU QA 245 -85.97 -74.38 -88.12
C GLU QA 245 -87.01 -73.70 -88.98
N LYS QA 246 -88.09 -74.40 -89.34
CA LYS QA 246 -89.09 -73.81 -90.22
C LYS QA 246 -89.85 -72.68 -89.53
N LEU QA 247 -90.28 -72.90 -88.28
CA LEU QA 247 -90.97 -71.86 -87.53
C LEU QA 247 -90.04 -70.68 -87.24
N LYS QA 248 -88.77 -70.98 -86.95
CA LYS QA 248 -87.76 -69.97 -86.71
C LYS QA 248 -87.59 -69.07 -87.93
N LEU QA 249 -87.46 -69.66 -89.11
CA LEU QA 249 -87.31 -68.87 -90.33
C LEU QA 249 -88.59 -68.15 -90.69
N ALA QA 250 -89.74 -68.79 -90.44
CA ALA QA 250 -91.02 -68.20 -90.85
C ALA QA 250 -91.43 -67.03 -89.98
N THR QA 251 -90.97 -66.96 -88.74
CA THR QA 251 -91.45 -65.90 -87.85
C THR QA 251 -90.45 -64.77 -87.60
N GLN QA 252 -89.22 -64.85 -88.10
CA GLN QA 252 -88.22 -63.88 -87.67
C GLN QA 252 -88.40 -62.50 -88.31
N ASN QA 253 -89.06 -62.39 -89.46
CA ASN QA 253 -89.30 -61.08 -90.05
C ASN QA 253 -90.57 -60.41 -89.54
N LEU QA 254 -91.29 -61.03 -88.61
CA LEU QA 254 -92.53 -60.47 -88.09
C LEU QA 254 -92.27 -59.93 -86.69
N HIS QA 255 -92.57 -58.66 -86.48
CA HIS QA 255 -92.44 -58.08 -85.16
C HIS QA 255 -93.60 -58.40 -84.24
N TYR QA 256 -94.72 -58.89 -84.77
CA TYR QA 256 -95.91 -59.15 -83.99
C TYR QA 256 -96.12 -60.63 -83.69
N VAL QA 257 -95.25 -61.51 -84.16
CA VAL QA 257 -95.29 -62.93 -83.80
C VAL QA 257 -93.90 -63.30 -83.32
N ASN QA 258 -93.78 -63.70 -82.06
CA ASN QA 258 -92.50 -64.03 -81.49
C ASN QA 258 -92.57 -65.41 -80.86
N ILE QA 259 -91.44 -66.11 -80.86
CA ILE QA 259 -91.38 -67.50 -80.45
C ILE QA 259 -90.44 -67.65 -79.27
N LEU QA 260 -90.64 -68.72 -78.51
CA LEU QA 260 -89.83 -69.06 -77.35
C LEU QA 260 -89.92 -70.55 -77.11
N PRO QA 261 -88.83 -71.21 -76.73
CA PRO QA 261 -88.95 -72.53 -76.12
C PRO QA 261 -89.52 -72.40 -74.71
N SER QA 262 -90.02 -73.51 -74.20
CA SER QA 262 -90.63 -73.51 -72.86
C SER QA 262 -89.62 -73.24 -71.76
N ILE QA 263 -88.34 -73.53 -72.00
CA ILE QA 263 -87.30 -73.21 -71.03
C ILE QA 263 -87.10 -71.70 -70.90
N GLY QA 264 -87.46 -70.92 -71.91
CA GLY QA 264 -87.33 -69.49 -71.88
C GLY QA 264 -88.61 -68.72 -71.64
N LEU QA 265 -89.68 -69.37 -71.22
CA LEU QA 265 -90.94 -68.69 -70.98
C LEU QA 265 -90.83 -67.82 -69.73
N ASN QA 266 -91.25 -66.57 -69.84
CA ASN QA 266 -91.07 -65.59 -68.78
C ASN QA 266 -92.25 -64.62 -68.79
N VAL QA 267 -92.42 -63.93 -67.67
CA VAL QA 267 -93.61 -63.11 -67.46
C VAL QA 267 -93.63 -61.90 -68.39
N TYR QA 268 -92.48 -61.26 -68.58
CA TYR QA 268 -92.42 -60.06 -69.41
C TYR QA 268 -92.72 -60.37 -70.87
N SER QA 269 -92.24 -61.51 -71.37
CA SER QA 269 -92.56 -61.92 -72.74
C SER QA 269 -94.05 -62.23 -72.89
N ILE QA 270 -94.66 -62.82 -71.87
CA ILE QA 270 -96.10 -63.10 -71.94
C ILE QA 270 -96.89 -61.80 -71.97
N LEU QA 271 -96.54 -60.84 -71.11
CA LEU QA 271 -97.33 -59.61 -71.04
C LEU QA 271 -97.11 -58.69 -72.24
N LEU QA 272 -96.10 -58.92 -73.05
CA LEU QA 272 -95.91 -58.12 -74.25
C LEU QA 272 -96.80 -58.55 -75.41
N HIS QA 273 -97.46 -59.70 -75.29
CA HIS QA 273 -98.31 -60.24 -76.35
C HIS QA 273 -99.68 -60.54 -75.78
N ASP QA 274 -100.74 -60.06 -76.46
CA ASP QA 274 -102.07 -60.23 -75.88
C ASP QA 274 -102.62 -61.64 -76.11
N THR QA 275 -102.02 -62.41 -77.01
CA THR QA 275 -102.43 -63.79 -77.27
C THR QA 275 -101.25 -64.72 -77.04
N LEU QA 276 -101.51 -65.86 -76.39
CA LEU QA 276 -100.49 -66.84 -76.06
C LEU QA 276 -100.83 -68.17 -76.72
N VAL QA 277 -99.90 -68.68 -77.53
CA VAL QA 277 -100.08 -69.96 -78.21
C VAL QA 277 -99.03 -70.92 -77.68
N MET QA 278 -99.48 -72.03 -77.11
CA MET QA 278 -98.59 -73.03 -76.54
C MET QA 278 -98.91 -74.39 -77.15
N SER QA 279 -97.87 -75.18 -77.41
CA SER QA 279 -98.10 -76.54 -77.82
C SER QA 279 -98.40 -77.41 -76.60
N ARG QA 280 -98.85 -78.65 -76.86
CA ARG QA 280 -99.09 -79.59 -75.76
C ARG QA 280 -97.81 -79.92 -75.01
N ASP QA 281 -96.69 -80.04 -75.72
CA ASP QA 281 -95.42 -80.31 -75.08
C ASP QA 281 -94.99 -79.16 -74.17
N ALA QA 282 -95.24 -77.92 -74.59
CA ALA QA 282 -94.90 -76.76 -73.76
C ALA QA 282 -95.72 -76.74 -72.47
N VAL QA 283 -97.03 -77.01 -72.58
CA VAL QA 283 -97.89 -77.06 -71.41
C VAL QA 283 -97.47 -78.18 -70.48
N ASN QA 284 -97.16 -79.35 -71.04
CA ASN QA 284 -96.74 -80.48 -70.21
C ASN QA 284 -95.41 -80.21 -69.52
N LYS QA 285 -94.48 -79.56 -70.22
CA LYS QA 285 -93.18 -79.25 -69.61
C LYS QA 285 -93.31 -78.18 -68.53
N ILE QA 286 -94.16 -77.17 -68.74
CA ILE QA 286 -94.36 -76.15 -67.71
C ILE QA 286 -95.04 -76.75 -66.47
N VAL QA 287 -96.06 -77.58 -66.67
CA VAL QA 287 -96.75 -78.20 -65.53
C VAL QA 287 -95.82 -79.19 -64.81
N GLU QA 288 -95.00 -79.92 -65.57
CA GLU QA 288 -94.02 -80.81 -64.96
C GLU QA 288 -92.98 -80.04 -64.15
N ARG QA 289 -92.57 -78.87 -64.65
CA ARG QA 289 -91.63 -78.03 -63.91
C ARG QA 289 -92.26 -77.50 -62.63
N MET QA 290 -93.51 -77.05 -62.70
CA MET QA 290 -94.17 -76.51 -61.51
C MET QA 290 -94.52 -77.60 -60.51
N HIS QA 291 -94.67 -78.84 -60.95
CA HIS QA 291 -94.96 -79.94 -60.04
C HIS QA 291 -93.72 -80.56 -59.44
N THR QA 292 -92.53 -80.17 -59.89
CA THR QA 292 -91.29 -80.61 -59.28
C THR QA 292 -90.83 -79.58 -58.25
N PRO QA 293 -90.65 -79.97 -56.99
CA PRO QA 293 -90.18 -79.00 -55.99
C PRO QA 293 -88.72 -78.63 -56.22
N ILE QA 294 -88.36 -77.47 -55.67
CA ILE QA 294 -87.01 -76.94 -55.83
C ILE QA 294 -86.04 -77.81 -55.05
N ASN QA 295 -85.02 -78.32 -55.73
CA ASN QA 295 -84.02 -79.16 -55.09
C ASN QA 295 -83.12 -78.32 -54.20
N ARG QA 296 -82.93 -78.77 -52.97
CA ARG QA 296 -82.18 -77.99 -52.00
C ARG QA 296 -81.34 -78.85 -51.08
N MET RA 1 -66.13 -52.72 74.14
CA MET RA 1 -64.92 -53.44 74.54
C MET RA 1 -63.69 -52.55 74.53
N PHE RA 2 -63.34 -52.07 73.35
CA PHE RA 2 -62.15 -51.24 73.20
C PHE RA 2 -62.40 -49.86 73.80
N PRO RA 3 -61.38 -49.28 74.47
CA PRO RA 3 -61.63 -48.10 75.32
C PRO RA 3 -62.12 -46.86 74.60
N LEU RA 4 -61.70 -46.64 73.35
CA LEU RA 4 -62.08 -45.42 72.65
C LEU RA 4 -63.57 -45.41 72.29
N ASN RA 5 -64.05 -46.50 71.68
CA ASN RA 5 -65.45 -46.61 71.31
C ASN RA 5 -66.35 -46.66 72.53
N PHE RA 6 -65.90 -47.36 73.59
CA PHE RA 6 -66.68 -47.40 74.82
C PHE RA 6 -66.74 -46.02 75.47
N HIS RA 7 -65.64 -45.27 75.43
CA HIS RA 7 -65.64 -43.91 75.98
C HIS RA 7 -66.60 -43.02 75.21
N TYR RA 8 -66.62 -43.14 73.88
CA TYR RA 8 -67.56 -42.37 73.07
C TYR RA 8 -69.01 -42.72 73.39
N GLU RA 9 -69.32 -44.02 73.48
CA GLU RA 9 -70.71 -44.43 73.68
C GLU RA 9 -71.19 -44.19 75.10
N ASP RA 10 -70.31 -44.32 76.10
CA ASP RA 10 -70.71 -44.29 77.50
C ASP RA 10 -70.53 -42.93 78.16
N VAL RA 11 -69.65 -42.07 77.64
CA VAL RA 11 -69.39 -40.80 78.31
C VAL RA 11 -69.77 -39.64 77.39
N SER RA 12 -69.21 -39.62 76.18
CA SER RA 12 -69.26 -38.42 75.35
C SER RA 12 -70.63 -38.18 74.76
N ARG RA 13 -71.36 -39.25 74.41
CA ARG RA 13 -72.64 -39.08 73.72
C ARG RA 13 -73.70 -38.47 74.62
N GLN RA 14 -73.80 -38.96 75.87
CA GLN RA 14 -74.78 -38.42 76.80
C GLN RA 14 -74.44 -36.99 77.19
N ASP RA 15 -73.16 -36.68 77.35
CA ASP RA 15 -72.75 -35.31 77.68
C ASP RA 15 -73.02 -34.37 76.52
N LEU RA 16 -72.80 -34.81 75.28
CA LEU RA 16 -73.12 -33.98 74.13
C LEU RA 16 -74.62 -33.79 73.96
N LEU RA 17 -75.41 -34.81 74.30
CA LEU RA 17 -76.86 -34.67 74.27
C LEU RA 17 -77.33 -33.66 75.32
N LEU RA 18 -76.73 -33.69 76.51
CA LEU RA 18 -77.15 -32.76 77.56
C LEU RA 18 -76.64 -31.34 77.30
N LYS RA 19 -75.50 -31.21 76.63
CA LYS RA 19 -74.87 -29.90 76.44
C LYS RA 19 -75.43 -29.12 75.26
N LEU RA 20 -75.81 -29.78 74.17
CA LEU RA 20 -76.24 -29.11 72.96
C LEU RA 20 -77.70 -29.46 72.66
N ASN RA 21 -78.34 -28.58 71.90
CA ASN RA 21 -79.75 -28.76 71.55
C ASN RA 21 -79.85 -29.66 70.33
N TYR RA 22 -80.36 -30.87 70.53
CA TYR RA 22 -80.50 -31.86 69.48
C TYR RA 22 -81.95 -32.30 69.37
N ALA RA 23 -82.41 -32.47 68.13
CA ALA RA 23 -83.76 -32.97 67.91
C ALA RA 23 -83.89 -34.46 68.21
N ASN RA 24 -82.88 -35.24 67.84
CA ASN RA 24 -82.89 -36.68 68.08
C ASN RA 24 -81.46 -37.14 68.31
N VAL RA 25 -81.33 -38.38 68.80
CA VAL RA 25 -80.01 -38.90 69.18
C VAL RA 25 -79.13 -39.24 67.99
N MET RA 26 -79.68 -39.30 66.78
CA MET RA 26 -78.87 -39.55 65.59
C MET RA 26 -78.25 -38.28 65.03
N GLU RA 27 -78.52 -37.13 65.63
CA GLU RA 27 -77.84 -35.89 65.27
C GLU RA 27 -76.53 -35.71 66.03
N VAL RA 28 -76.24 -36.56 67.01
CA VAL RA 28 -75.00 -36.47 67.77
C VAL RA 28 -73.84 -36.92 66.88
N PRO RA 29 -72.79 -36.13 66.74
CA PRO RA 29 -71.69 -36.51 65.84
C PRO RA 29 -70.81 -37.58 66.44
N GLY RA 30 -70.01 -38.20 65.57
CA GLY RA 30 -69.06 -39.21 65.97
C GLY RA 30 -67.80 -39.16 65.13
N LEU RA 31 -67.19 -40.31 64.88
CA LEU RA 31 -65.99 -40.40 64.05
C LEU RA 31 -66.31 -41.22 62.82
N CYS RA 32 -65.95 -40.70 61.64
CA CYS RA 32 -66.24 -41.38 60.39
C CYS RA 32 -65.03 -42.13 59.83
N GLU RA 33 -63.94 -41.43 59.56
CA GLU RA 33 -62.75 -42.07 59.03
C GLU RA 33 -61.52 -41.24 59.39
N ILE RA 34 -60.35 -41.86 59.23
CA ILE RA 34 -59.07 -41.19 59.41
C ILE RA 34 -58.31 -41.28 58.10
N ARG RA 35 -57.88 -40.13 57.59
CA ARG RA 35 -57.13 -40.05 56.34
C ARG RA 35 -55.68 -39.70 56.65
N VAL RA 36 -54.76 -40.50 56.11
CA VAL RA 36 -53.33 -40.30 56.30
C VAL RA 36 -52.69 -40.08 54.94
N VAL RA 37 -52.09 -38.91 54.74
CA VAL RA 37 -51.35 -38.60 53.52
C VAL RA 37 -49.97 -38.09 53.90
N PRO RA 38 -48.93 -38.43 53.14
CA PRO RA 38 -47.59 -37.91 53.45
C PRO RA 38 -47.47 -36.43 53.10
N LYS RA 39 -46.56 -35.76 53.82
CA LYS RA 39 -46.29 -34.36 53.56
C LYS RA 39 -45.57 -34.19 52.22
N ALA RA 40 -45.83 -33.05 51.58
CA ALA RA 40 -45.79 -32.92 50.12
C ALA RA 40 -44.50 -33.35 49.42
N PRO RA 41 -43.27 -32.92 49.83
CA PRO RA 41 -42.09 -33.43 49.12
C PRO RA 41 -41.58 -34.75 49.68
N TYR RA 42 -41.62 -35.81 48.86
CA TYR RA 42 -41.08 -37.10 49.26
C TYR RA 42 -40.66 -37.87 48.02
N ASN RA 43 -39.89 -38.94 48.25
CA ASN RA 43 -39.05 -39.51 47.19
C ASN RA 43 -39.85 -40.35 46.19
N PHE RA 44 -40.93 -41.01 46.64
CA PHE RA 44 -41.81 -41.91 45.87
C PHE RA 44 -41.14 -43.22 45.44
N ILE RA 45 -39.85 -43.37 45.69
CA ILE RA 45 -39.09 -44.47 45.08
C ILE RA 45 -38.58 -45.43 46.15
N ILE RA 46 -38.08 -44.87 47.25
CA ILE RA 46 -37.45 -45.67 48.30
C ILE RA 46 -38.49 -46.54 49.00
N LYS RA 47 -38.11 -47.79 49.28
CA LYS RA 47 -38.96 -48.69 50.05
C LYS RA 47 -39.11 -48.22 51.49
N ASN RA 48 -38.17 -47.39 51.95
CA ASN RA 48 -38.22 -46.82 53.30
C ASN RA 48 -39.47 -45.99 53.52
N GLY RA 49 -39.81 -45.13 52.55
CA GLY RA 49 -40.98 -44.29 52.68
C GLY RA 49 -42.28 -45.06 52.61
N LYS RA 50 -42.30 -46.17 51.85
CA LYS RA 50 -43.49 -47.01 51.79
C LYS RA 50 -43.69 -47.77 53.08
N LEU RA 51 -42.62 -48.35 53.63
CA LEU RA 51 -42.72 -49.05 54.90
C LEU RA 51 -42.94 -48.11 56.07
N ALA RA 52 -42.60 -46.83 55.93
CA ALA RA 52 -42.86 -45.85 56.97
C ALA RA 52 -44.32 -45.40 57.00
N MET RA 53 -45.11 -45.71 55.96
CA MET RA 53 -46.53 -45.45 55.96
C MET RA 53 -47.34 -46.71 56.26
N GLU RA 54 -46.87 -47.87 55.79
CA GLU RA 54 -47.58 -49.13 56.02
C GLU RA 54 -47.60 -49.50 57.50
N ILE RA 55 -46.50 -49.28 58.21
CA ILE RA 55 -46.40 -49.74 59.60
C ILE RA 55 -47.33 -48.98 60.55
N PRO RA 56 -47.34 -47.64 60.60
CA PRO RA 56 -48.26 -46.99 61.57
C PRO RA 56 -49.72 -47.07 61.17
N CYS RA 57 -50.03 -47.15 59.87
CA CYS RA 57 -51.42 -47.24 59.45
C CYS RA 57 -52.00 -48.62 59.73
N GLY RA 58 -51.20 -49.67 59.53
CA GLY RA 58 -51.67 -51.03 59.68
C GLY RA 58 -52.38 -51.60 58.46
N GLN RA 59 -52.53 -50.82 57.39
CA GLN RA 59 -53.14 -51.29 56.16
C GLN RA 59 -52.42 -50.65 54.99
N LYS RA 60 -52.52 -51.30 53.84
CA LYS RA 60 -51.80 -50.85 52.65
C LYS RA 60 -52.41 -49.56 52.09
N PHE RA 61 -51.56 -48.63 51.68
CA PHE RA 61 -51.99 -47.40 51.06
C PHE RA 61 -52.33 -47.64 49.58
N ILE RA 62 -53.01 -46.67 48.98
CA ILE RA 62 -53.25 -46.65 47.55
C ILE RA 62 -52.26 -45.68 46.91
N GLN RA 63 -51.62 -46.13 45.83
CA GLN RA 63 -50.69 -45.30 45.07
C GLN RA 63 -51.26 -45.12 43.67
N THR RA 64 -51.77 -43.92 43.38
CA THR RA 64 -52.39 -43.64 42.11
C THR RA 64 -51.35 -43.08 41.14
N GLN RA 65 -51.81 -42.57 40.00
CA GLN RA 65 -50.92 -42.01 38.99
C GLN RA 65 -51.09 -40.50 38.87
N ASP RA 90 -47.52 -41.97 39.77
CA ASP RA 90 -46.98 -41.96 41.13
C ASP RA 90 -46.93 -40.55 41.69
N LEU RA 91 -48.10 -39.91 41.78
CA LEU RA 91 -48.19 -38.54 42.27
C LEU RA 91 -48.95 -38.41 43.59
N ALA RA 92 -49.73 -39.41 43.98
CA ALA RA 92 -50.54 -39.33 45.19
C ALA RA 92 -50.47 -40.64 45.96
N ARG RA 93 -50.48 -40.51 47.29
CA ARG RA 93 -50.55 -41.65 48.20
C ARG RA 93 -51.52 -41.31 49.32
N GLN RA 94 -52.31 -42.30 49.72
CA GLN RA 94 -53.36 -42.08 50.69
C GLN RA 94 -53.69 -43.39 51.42
N SER RA 95 -54.03 -43.28 52.69
CA SER RA 95 -54.53 -44.41 53.47
C SER RA 95 -55.78 -43.94 54.20
N THR RA 96 -56.88 -44.67 54.04
CA THR RA 96 -58.15 -44.36 54.68
C THR RA 96 -58.47 -45.45 55.69
N LEU RA 97 -58.63 -45.08 56.96
CA LEU RA 97 -58.85 -46.02 58.04
C LEU RA 97 -60.28 -45.86 58.56
N ARG RA 98 -60.99 -46.98 58.69
CA ARG RA 98 -62.37 -46.97 59.15
C ARG RA 98 -62.55 -48.10 60.15
N GLY RA 99 -63.62 -48.00 60.93
CA GLY RA 99 -63.99 -49.06 61.85
C GLY RA 99 -63.04 -49.24 63.02
N HIS RA 100 -62.68 -50.48 63.32
CA HIS RA 100 -61.81 -50.76 64.45
C HIS RA 100 -60.36 -50.37 64.16
N GLY RA 101 -59.95 -50.37 62.89
CA GLY RA 101 -58.63 -49.86 62.56
C GLY RA 101 -58.49 -48.38 62.82
N MET RA 102 -59.54 -47.61 62.53
CA MET RA 102 -59.57 -46.19 62.86
C MET RA 102 -59.47 -45.96 64.35
N SER RA 103 -60.23 -46.73 65.14
CA SER RA 103 -60.22 -46.58 66.59
C SER RA 103 -58.89 -46.97 67.19
N ASN RA 104 -58.29 -48.05 66.68
CA ASN RA 104 -56.97 -48.48 67.14
C ASN RA 104 -55.91 -47.44 66.85
N PHE RA 105 -55.88 -46.94 65.61
CA PHE RA 105 -54.92 -45.91 65.23
C PHE RA 105 -55.14 -44.65 66.05
N LEU RA 106 -56.40 -44.26 66.27
CA LEU RA 106 -56.69 -43.03 67.01
C LEU RA 106 -56.30 -43.13 68.47
N VAL RA 107 -56.53 -44.29 69.11
CA VAL RA 107 -56.12 -44.40 70.50
C VAL RA 107 -54.59 -44.46 70.61
N ARG RA 108 -53.91 -45.03 69.60
CA ARG RA 108 -52.45 -44.96 69.57
C ARG RA 108 -51.95 -43.53 69.41
N ILE RA 109 -52.62 -42.74 68.57
CA ILE RA 109 -52.26 -41.33 68.42
C ILE RA 109 -52.51 -40.56 69.72
N LEU RA 110 -53.67 -40.79 70.34
CA LEU RA 110 -54.08 -40.00 71.50
C LEU RA 110 -53.24 -40.34 72.73
N THR RA 111 -52.70 -41.56 72.81
CA THR RA 111 -51.85 -41.88 73.96
C THR RA 111 -50.50 -41.17 73.87
N VAL RA 112 -49.91 -41.11 72.68
CA VAL RA 112 -48.63 -40.42 72.50
C VAL RA 112 -48.78 -38.91 72.66
N MET RA 113 -49.98 -38.38 72.39
CA MET RA 113 -50.24 -36.95 72.58
C MET RA 113 -50.18 -36.52 74.04
N SER RA 114 -50.22 -37.47 74.98
CA SER RA 114 -49.99 -37.16 76.39
C SER RA 114 -48.51 -36.89 76.68
N LEU RA 115 -47.61 -37.23 75.76
CA LEU RA 115 -46.18 -37.03 75.99
C LEU RA 115 -45.69 -35.66 75.53
N LEU RA 116 -46.43 -34.93 74.71
CA LEU RA 116 -45.99 -33.61 74.28
C LEU RA 116 -47.20 -32.69 74.18
N ASP RA 117 -46.98 -31.55 73.51
CA ASP RA 117 -47.98 -30.53 73.28
C ASP RA 117 -48.19 -30.35 71.78
N PHE RA 118 -48.40 -31.46 71.07
CA PHE RA 118 -48.56 -31.43 69.61
C PHE RA 118 -49.75 -30.55 69.23
N PRO RA 119 -49.58 -29.64 68.27
CA PRO RA 119 -50.69 -28.76 67.89
C PRO RA 119 -51.59 -29.42 66.85
N VAL RA 120 -52.89 -29.18 66.99
CA VAL RA 120 -53.89 -29.62 66.03
C VAL RA 120 -54.74 -28.43 65.65
N GLU RA 121 -55.31 -28.48 64.45
CA GLU RA 121 -56.18 -27.43 63.96
C GLU RA 121 -57.57 -28.02 63.70
N ILE RA 122 -58.60 -27.28 64.10
CA ILE RA 122 -59.97 -27.75 64.05
C ILE RA 122 -60.67 -27.09 62.87
N ARG RA 123 -61.10 -27.91 61.91
CA ARG RA 123 -61.84 -27.43 60.75
C ARG RA 123 -63.32 -27.38 61.09
N LYS RA 124 -64.17 -27.22 60.06
CA LYS RA 124 -65.62 -27.23 60.29
C LYS RA 124 -66.10 -28.59 60.78
N ASN RA 125 -65.58 -29.67 60.19
CA ASN RA 125 -65.95 -31.01 60.61
C ASN RA 125 -64.73 -31.93 60.72
N SER RA 126 -63.52 -31.39 60.68
CA SER RA 126 -62.31 -32.19 60.59
C SER RA 126 -61.28 -31.74 61.60
N ILE RA 127 -60.40 -32.66 61.97
CA ILE RA 127 -59.29 -32.40 62.88
C ILE RA 127 -58.01 -32.79 62.15
N GLN RA 128 -57.26 -31.78 61.72
CA GLN RA 128 -56.03 -31.98 60.97
C GLN RA 128 -54.84 -31.99 61.91
N PHE RA 129 -53.96 -32.97 61.73
CA PHE RA 129 -52.84 -33.20 62.65
C PHE RA 129 -51.62 -33.60 61.84
N SER RA 130 -50.48 -33.03 62.20
CA SER RA 130 -49.22 -33.31 61.50
C SER RA 130 -48.43 -34.35 62.28
N MET RA 131 -48.20 -35.50 61.65
CA MET RA 131 -47.45 -36.59 62.26
C MET RA 131 -45.99 -36.50 61.80
N GLU RA 132 -45.23 -35.67 62.50
CA GLU RA 132 -43.83 -35.45 62.19
C GLU RA 132 -42.98 -36.65 62.61
N THR RA 133 -41.68 -36.60 62.29
CA THR RA 133 -40.77 -37.61 62.80
C THR RA 133 -40.55 -37.48 64.30
N GLU RA 134 -40.83 -36.31 64.88
CA GLU RA 134 -40.79 -36.15 66.33
C GLU RA 134 -41.89 -36.97 67.00
N PHE RA 135 -43.06 -37.06 66.37
CA PHE RA 135 -44.13 -37.92 66.90
C PHE RA 135 -43.72 -39.39 66.87
N CYS RA 136 -43.10 -39.83 65.78
CA CYS RA 136 -42.61 -41.21 65.71
C CYS RA 136 -41.45 -41.45 66.64
N GLU RA 137 -40.72 -40.40 67.02
CA GLU RA 137 -39.63 -40.53 67.98
C GLU RA 137 -40.13 -40.80 69.39
N PHE RA 138 -41.34 -40.35 69.72
CA PHE RA 138 -41.91 -40.54 71.04
C PHE RA 138 -42.91 -41.69 71.11
N SER RA 139 -43.07 -42.46 70.03
CA SER RA 139 -43.90 -43.65 70.08
C SER RA 139 -43.08 -44.78 70.70
N PRO RA 140 -43.51 -45.35 71.83
CA PRO RA 140 -42.71 -46.41 72.46
C PRO RA 140 -42.59 -47.67 71.62
N GLU RA 141 -43.59 -47.98 70.80
CA GLU RA 141 -43.47 -49.14 69.92
C GLU RA 141 -42.60 -48.85 68.71
N LEU RA 142 -42.34 -47.58 68.41
CA LEU RA 142 -41.49 -47.19 67.30
C LEU RA 142 -40.17 -46.58 67.75
N GLU RA 143 -39.80 -46.76 69.03
CA GLU RA 143 -38.45 -46.40 69.46
C GLU RA 143 -37.41 -47.21 68.71
N ASP RA 144 -37.65 -48.51 68.59
CA ASP RA 144 -36.87 -49.35 67.70
C ASP RA 144 -37.50 -49.31 66.32
N HIS RA 145 -36.73 -49.79 65.33
CA HIS RA 145 -37.01 -49.58 63.89
C HIS RA 145 -37.15 -48.10 63.55
N PHE RA 146 -36.39 -47.25 64.27
CA PHE RA 146 -36.45 -45.82 63.99
C PHE RA 146 -35.66 -45.43 62.76
N GLU RA 147 -34.78 -46.31 62.27
CA GLU RA 147 -34.11 -46.08 61.00
C GLU RA 147 -35.09 -46.10 59.83
N ILE RA 148 -36.27 -46.69 60.02
CA ILE RA 148 -37.34 -46.57 59.03
C ILE RA 148 -37.81 -45.12 58.92
N PHE RA 149 -38.02 -44.47 60.06
CA PHE RA 149 -38.69 -43.18 60.10
C PHE RA 149 -37.72 -42.01 60.06
N GLU RA 150 -36.41 -42.26 59.98
CA GLU RA 150 -35.44 -41.20 59.78
C GLU RA 150 -35.44 -40.76 58.33
N HIS RA 151 -35.14 -39.47 58.13
CA HIS RA 151 -35.13 -38.80 56.82
C HIS RA 151 -36.49 -38.88 56.12
N ILE RA 152 -37.55 -38.89 56.91
CA ILE RA 152 -38.92 -38.87 56.42
C ILE RA 152 -39.58 -37.61 56.96
N ARG RA 153 -40.20 -36.83 56.08
CA ARG RA 153 -40.81 -35.58 56.50
C ARG RA 153 -42.01 -35.80 57.41
N GLY RA 154 -42.77 -36.87 57.16
CA GLY RA 154 -43.87 -37.20 58.03
C GLY RA 154 -45.16 -37.34 57.24
N PHE RA 155 -46.28 -37.26 57.95
CA PHE RA 155 -47.59 -37.52 57.37
C PHE RA 155 -48.59 -36.50 57.89
N ASN RA 156 -49.61 -36.24 57.08
CA ASN RA 156 -50.74 -35.42 57.48
C ASN RA 156 -51.90 -36.34 57.84
N VAL RA 157 -52.40 -36.21 59.06
CA VAL RA 157 -53.47 -37.06 59.57
C VAL RA 157 -54.73 -36.22 59.67
N THR RA 158 -55.77 -36.63 58.96
CA THR RA 158 -57.05 -35.93 58.93
C THR RA 158 -58.09 -36.81 59.62
N ILE RA 159 -58.73 -36.29 60.65
CA ILE RA 159 -59.75 -37.01 61.41
C ILE RA 159 -61.09 -36.37 61.08
N VAL RA 160 -61.95 -37.13 60.41
CA VAL RA 160 -63.24 -36.63 59.92
C VAL RA 160 -64.32 -37.00 60.90
N THR RA 161 -65.10 -36.00 61.33
CA THR RA 161 -66.23 -36.19 62.20
C THR RA 161 -67.52 -35.89 61.45
N SER RA 162 -68.63 -36.40 61.98
CA SER RA 162 -69.95 -36.13 61.42
C SER RA 162 -70.62 -34.94 62.10
N ALA RA 163 -69.91 -33.82 62.18
CA ALA RA 163 -70.38 -32.64 62.87
C ALA RA 163 -70.71 -31.53 61.88
N ASN RA 164 -71.83 -30.85 62.10
CA ASN RA 164 -72.23 -29.74 61.24
C ASN RA 164 -71.67 -28.40 61.70
N THR RA 165 -71.01 -28.35 62.86
CA THR RA 165 -70.51 -27.11 63.42
C THR RA 165 -69.09 -27.33 63.90
N GLN RA 166 -68.28 -26.27 63.83
CA GLN RA 166 -66.91 -26.32 64.35
C GLN RA 166 -66.88 -26.49 65.86
N ASP RA 167 -67.88 -25.93 66.56
CA ASP RA 167 -67.95 -26.07 68.01
C ASP RA 167 -68.19 -27.52 68.43
N GLU RA 168 -68.99 -28.26 67.65
CA GLU RA 168 -69.20 -29.68 67.92
C GLU RA 168 -67.92 -30.47 67.74
N THR RA 169 -67.14 -30.14 66.70
CA THR RA 169 -65.86 -30.81 66.46
C THR RA 169 -64.88 -30.52 67.59
N LEU RA 170 -64.85 -29.26 68.05
CA LEU RA 170 -63.97 -28.89 69.15
C LEU RA 170 -64.35 -29.60 70.45
N LEU RA 171 -65.66 -29.70 70.72
CA LEU RA 171 -66.13 -30.43 71.90
C LEU RA 171 -65.78 -31.91 71.82
N LEU RA 172 -65.95 -32.52 70.64
CA LEU RA 172 -65.62 -33.93 70.47
C LEU RA 172 -64.12 -34.17 70.65
N TRP RA 173 -63.28 -33.29 70.10
CA TRP RA 173 -61.84 -33.45 70.27
C TRP RA 173 -61.41 -33.23 71.71
N SER RA 174 -62.04 -32.29 72.41
CA SER RA 174 -61.74 -32.10 73.83
C SER RA 174 -62.20 -33.28 74.66
N GLY RA 175 -63.27 -33.95 74.25
CA GLY RA 175 -63.72 -35.14 74.94
C GLY RA 175 -62.81 -36.33 74.72
N PHE RA 176 -62.27 -36.48 73.51
CA PHE RA 176 -61.42 -37.63 73.22
C PHE RA 176 -60.02 -37.49 73.78
N LEU RA 177 -59.51 -36.26 73.91
CA LEU RA 177 -58.15 -36.02 74.35
C LEU RA 177 -58.14 -35.93 75.88
N GLN RA 178 -57.89 -37.06 76.54
CA GLN RA 178 -57.89 -37.15 77.99
C GLN RA 178 -56.53 -37.62 78.48
N LYS RA 179 -56.07 -37.02 79.57
CA LYS RA 179 -54.77 -37.35 80.16
C LYS RA 179 -54.91 -37.44 81.67
N ASP RA 180 -54.03 -38.23 82.28
CA ASP RA 180 -54.08 -38.45 83.71
C ASP RA 180 -53.39 -37.36 84.51
N GLU RA 181 -52.67 -36.46 83.86
CA GLU RA 181 -52.02 -35.33 84.53
C GLU RA 181 -52.81 -34.05 84.27
N GLY RA 182 -53.16 -33.36 85.35
CA GLY RA 182 -53.92 -32.13 85.23
C GLY RA 182 -54.30 -31.52 86.56
N GLU SA 2 -100.65 69.94 -6.20
CA GLU SA 2 -99.87 70.37 -5.05
C GLU SA 2 -98.96 69.27 -4.52
N ALA SA 3 -97.66 69.56 -4.46
CA ALA SA 3 -96.66 68.57 -4.09
C ALA SA 3 -96.78 68.23 -2.61
N LYS SA 4 -97.16 66.98 -2.33
CA LYS SA 4 -97.32 66.49 -0.97
C LYS SA 4 -96.09 65.78 -0.44
N PHE SA 5 -95.32 65.14 -1.32
CA PHE SA 5 -94.25 64.23 -0.92
C PHE SA 5 -92.90 64.90 -1.05
N PHE SA 6 -92.05 64.71 -0.04
CA PHE SA 6 -90.74 65.33 0.02
C PHE SA 6 -89.71 64.32 0.49
N ARG SA 7 -88.49 64.42 -0.04
CA ARG SA 7 -87.36 63.60 0.37
C ARG SA 7 -86.10 64.41 0.18
N PHE SA 8 -85.24 64.41 1.19
CA PHE SA 8 -84.11 65.34 1.27
C PHE SA 8 -82.80 64.58 1.24
N LEU SA 9 -81.90 65.01 0.36
CA LEU SA 9 -80.60 64.37 0.18
C LEU SA 9 -79.51 65.30 0.69
N LYS SA 10 -78.42 64.71 1.16
CA LYS SA 10 -77.28 65.43 1.69
C LYS SA 10 -76.04 65.10 0.88
N ILE SA 11 -75.28 66.12 0.51
CA ILE SA 11 -74.04 65.95 -0.23
C ILE SA 11 -72.88 66.19 0.73
N VAL SA 12 -72.08 65.15 0.95
CA VAL SA 12 -70.92 65.23 1.84
C VAL SA 12 -69.68 64.95 1.00
N GLY SA 13 -68.69 65.83 1.09
CA GLY SA 13 -67.44 65.65 0.40
C GLY SA 13 -66.85 66.98 -0.01
N VAL SA 14 -65.52 67.05 0.03
CA VAL SA 14 -64.80 68.27 -0.33
C VAL SA 14 -64.88 68.46 -1.84
N GLY SA 15 -65.38 69.61 -2.26
CA GLY SA 15 -65.55 69.89 -3.67
C GLY SA 15 -66.81 69.33 -4.29
N TYR SA 16 -67.64 68.62 -3.53
CA TYR SA 16 -68.86 68.05 -4.07
C TYR SA 16 -69.97 69.09 -4.03
N LYS SA 17 -70.71 69.22 -5.13
CA LYS SA 17 -71.73 70.26 -5.26
C LYS SA 17 -72.94 69.71 -6.00
N ALA SA 18 -74.08 70.35 -5.77
CA ALA SA 18 -75.32 70.05 -6.46
C ALA SA 18 -75.96 71.35 -6.93
N ARG SA 19 -76.57 71.33 -8.11
CA ARG SA 19 -77.09 72.55 -8.70
C ARG SA 19 -78.29 72.24 -9.59
N ALA SA 20 -79.41 72.90 -9.31
CA ALA SA 20 -80.62 72.82 -10.12
C ALA SA 20 -80.63 73.95 -11.14
N GLU SA 21 -81.22 73.69 -12.30
CA GLU SA 21 -81.03 74.55 -13.46
C GLU SA 21 -82.29 75.27 -13.93
N GLU SA 22 -83.34 74.54 -14.27
CA GLU SA 22 -84.45 75.11 -15.05
C GLU SA 22 -85.76 74.75 -14.36
N ALA SA 23 -86.16 75.57 -13.39
CA ALA SA 23 -87.40 75.44 -12.61
C ALA SA 23 -87.53 74.07 -11.96
N GLY SA 24 -86.42 73.43 -11.59
CA GLY SA 24 -86.44 72.11 -11.00
C GLY SA 24 -86.53 70.95 -11.97
N ARG SA 25 -86.43 71.20 -13.27
CA ARG SA 25 -86.54 70.13 -14.26
C ARG SA 25 -85.20 69.49 -14.59
N PHE SA 26 -84.10 69.98 -14.03
CA PHE SA 26 -82.79 69.39 -14.29
C PHE SA 26 -81.91 69.54 -13.06
N LEU SA 27 -81.13 68.50 -12.78
CA LEU SA 27 -80.22 68.45 -11.65
C LEU SA 27 -78.81 68.21 -12.16
N TYR SA 28 -77.84 68.92 -11.58
CA TYR SA 28 -76.44 68.78 -11.95
C TYR SA 28 -75.62 68.55 -10.70
N LEU SA 29 -74.79 67.51 -10.72
CA LEU SA 29 -73.97 67.14 -9.58
C LEU SA 29 -72.50 67.22 -9.97
N LYS SA 30 -71.67 67.59 -9.00
CA LYS SA 30 -70.22 67.56 -9.15
C LYS SA 30 -69.70 66.55 -8.13
N LEU SA 31 -69.19 65.42 -8.60
CA LEU SA 31 -68.85 64.30 -7.74
C LEU SA 31 -67.40 63.90 -7.91
N GLY SA 32 -66.51 64.88 -8.06
CA GLY SA 32 -65.10 64.63 -8.16
C GLY SA 32 -64.60 64.19 -9.52
N TYR SA 33 -65.48 64.09 -10.51
CA TYR SA 33 -65.10 63.62 -11.84
C TYR SA 33 -64.56 64.79 -12.66
N SER SA 34 -64.30 64.51 -13.95
CA SER SA 34 -63.91 65.55 -14.89
C SER SA 34 -65.10 66.31 -15.47
N HIS SA 35 -66.31 65.81 -15.25
CA HIS SA 35 -67.52 66.39 -15.79
C HIS SA 35 -68.55 66.57 -14.69
N GLU SA 36 -69.72 67.07 -15.07
CA GLU SA 36 -70.88 67.14 -14.19
C GLU SA 36 -71.83 66.01 -14.55
N VAL SA 37 -72.54 65.50 -13.55
CA VAL SA 37 -73.53 64.45 -13.77
C VAL SA 37 -74.90 65.10 -13.85
N GLU SA 38 -75.57 64.94 -14.98
CA GLU SA 38 -76.85 65.57 -15.26
C GLU SA 38 -77.97 64.55 -15.16
N LEU SA 39 -79.01 64.88 -14.39
CA LEU SA 39 -80.18 64.04 -14.24
C LEU SA 39 -81.40 64.82 -14.70
N ALA SA 40 -82.17 64.23 -15.60
CA ALA SA 40 -83.42 64.82 -16.06
C ALA SA 40 -84.51 64.44 -15.08
N VAL SA 41 -85.09 65.43 -14.41
CA VAL SA 41 -86.12 65.19 -13.40
C VAL SA 41 -87.41 64.77 -14.11
N PRO SA 42 -88.04 63.66 -13.71
CA PRO SA 42 -89.22 63.16 -14.42
C PRO SA 42 -90.43 64.05 -14.22
N PRO SA 43 -91.51 63.86 -14.99
CA PRO SA 43 -92.73 64.63 -14.76
C PRO SA 43 -93.32 64.40 -13.38
N ALA SA 44 -93.98 65.44 -12.87
CA ALA SA 44 -94.57 65.52 -11.53
C ALA SA 44 -93.53 65.39 -10.42
N VAL SA 45 -92.26 65.64 -10.73
CA VAL SA 45 -91.19 65.71 -9.74
C VAL SA 45 -90.41 67.00 -10.02
N ARG SA 46 -90.01 67.71 -8.94
CA ARG SA 46 -89.17 68.90 -9.05
C ARG SA 46 -88.03 68.82 -8.05
N VAL SA 47 -86.96 69.55 -8.33
CA VAL SA 47 -85.74 69.46 -7.54
C VAL SA 47 -85.29 70.86 -7.13
N PHE SA 48 -84.68 70.95 -5.94
CA PHE SA 48 -84.16 72.21 -5.42
C PHE SA 48 -82.86 71.94 -4.66
N CYS SA 49 -82.01 72.97 -4.59
CA CYS SA 49 -80.76 72.92 -3.85
C CYS SA 49 -80.65 74.13 -2.93
N PHE SA 50 -80.07 73.93 -1.75
CA PHE SA 50 -80.10 74.93 -0.68
C PHE SA 50 -78.68 75.17 -0.14
N LYS SA 51 -78.59 76.05 0.85
CA LYS SA 51 -77.31 76.48 1.41
C LYS SA 51 -76.92 75.60 2.60
N ASN SA 52 -77.02 74.28 2.37
CA ASN SA 52 -76.44 73.31 3.28
C ASN SA 52 -75.83 72.14 2.50
N ASN SA 53 -75.63 72.30 1.19
CA ASN SA 53 -75.33 71.22 0.25
C ASN SA 53 -76.40 70.13 0.33
N VAL SA 54 -77.67 70.57 0.24
CA VAL SA 54 -78.83 69.72 0.43
C VAL SA 54 -79.68 69.74 -0.84
N VAL SA 55 -80.00 68.56 -1.35
CA VAL SA 55 -80.91 68.39 -2.48
C VAL SA 55 -82.29 68.08 -1.92
N CYS SA 56 -83.32 68.62 -2.57
CA CYS SA 56 -84.71 68.39 -2.19
C CYS SA 56 -85.48 67.87 -3.40
N CYS SA 57 -86.29 66.85 -3.18
CA CYS SA 57 -87.12 66.26 -4.23
C CYS SA 57 -88.58 66.35 -3.82
N THR SA 58 -89.37 67.09 -4.61
CA THR SA 58 -90.79 67.29 -4.34
C THR SA 58 -91.62 66.66 -5.45
N GLY SA 59 -92.92 66.59 -5.22
CA GLY SA 59 -93.83 66.16 -6.26
C GLY SA 59 -95.11 65.59 -5.68
N ILE SA 60 -95.98 65.18 -6.61
CA ILE SA 60 -97.30 64.66 -6.25
C ILE SA 60 -97.40 63.14 -6.30
N ASP SA 61 -96.49 62.47 -7.00
CA ASP SA 61 -96.46 61.02 -7.02
C ASP SA 61 -95.40 60.54 -6.03
N LYS SA 62 -95.81 59.72 -5.06
CA LYS SA 62 -94.88 59.24 -4.05
C LYS SA 62 -93.86 58.28 -4.66
N ASP SA 63 -94.32 57.43 -5.58
CA ASP SA 63 -93.44 56.47 -6.26
C ASP SA 63 -92.34 57.19 -7.03
N ARG SA 64 -92.70 58.19 -7.82
CA ARG SA 64 -91.72 58.87 -8.67
C ARG SA 64 -90.74 59.70 -7.84
N VAL SA 65 -91.22 60.34 -6.78
CA VAL SA 65 -90.34 61.17 -5.94
C VAL SA 65 -89.35 60.29 -5.19
N HIS SA 66 -89.85 59.21 -4.59
CA HIS SA 66 -88.97 58.29 -3.87
C HIS SA 66 -87.97 57.62 -4.80
N GLN SA 67 -88.42 57.22 -6.00
CA GLN SA 67 -87.53 56.60 -6.97
C GLN SA 67 -86.46 57.56 -7.47
N PHE SA 68 -86.83 58.83 -7.71
CA PHE SA 68 -85.87 59.81 -8.19
C PHE SA 68 -84.83 60.12 -7.11
N ALA SA 69 -85.27 60.17 -5.85
CA ALA SA 69 -84.32 60.35 -4.75
C ALA SA 69 -83.37 59.16 -4.65
N ALA SA 70 -83.90 57.95 -4.86
CA ALA SA 70 -83.05 56.76 -4.90
C ALA SA 70 -82.05 56.82 -6.04
N THR SA 71 -82.47 57.32 -7.20
CA THR SA 71 -81.56 57.46 -8.34
C THR SA 71 -80.44 58.45 -8.05
N VAL SA 72 -80.79 59.60 -7.46
CA VAL SA 72 -79.80 60.61 -7.12
C VAL SA 72 -78.81 60.07 -6.09
N ARG SA 73 -79.30 59.32 -5.09
CA ARG SA 73 -78.38 58.68 -4.15
C ARG SA 73 -77.52 57.63 -4.83
N SER SA 74 -78.07 56.90 -5.80
CA SER SA 74 -77.30 55.88 -6.52
C SER SA 74 -76.26 56.47 -7.47
N CYS SA 75 -76.35 57.78 -7.76
CA CYS SA 75 -75.29 58.42 -8.52
C CYS SA 75 -73.96 58.38 -7.78
N LYS SA 76 -73.98 58.60 -6.47
CA LYS SA 76 -72.79 58.52 -5.63
C LYS SA 76 -73.21 58.06 -4.24
N PRO SA 77 -73.34 56.75 -4.04
CA PRO SA 77 -73.71 56.24 -2.72
C PRO SA 77 -72.57 56.47 -1.73
N PRO SA 78 -72.88 56.60 -0.43
CA PRO SA 78 -71.85 56.98 0.53
C PRO SA 78 -70.82 55.88 0.73
N GLU SA 79 -69.56 56.29 0.85
CA GLU SA 79 -68.49 55.35 1.10
C GLU SA 79 -68.21 55.25 2.59
N VAL SA 80 -67.70 54.09 3.00
CA VAL SA 80 -67.75 53.72 4.41
C VAL SA 80 -66.62 54.34 5.23
N TYR SA 81 -65.58 54.85 4.59
CA TYR SA 81 -64.39 55.25 5.33
C TYR SA 81 -64.40 56.70 5.81
N LYS SA 82 -64.99 57.62 5.06
CA LYS SA 82 -65.12 59.00 5.51
C LYS SA 82 -66.52 59.56 5.38
N GLY SA 83 -67.48 58.78 4.88
CA GLY SA 83 -68.85 59.25 4.80
C GLY SA 83 -69.13 60.18 3.64
N LYS SA 84 -68.23 60.27 2.67
CA LYS SA 84 -68.44 61.15 1.53
C LYS SA 84 -69.40 60.52 0.53
N GLY SA 85 -70.15 61.38 -0.15
CA GLY SA 85 -71.08 60.94 -1.17
C GLY SA 85 -72.43 61.61 -0.98
N ILE SA 86 -73.47 60.97 -1.51
CA ILE SA 86 -74.83 61.45 -1.42
C ILE SA 86 -75.59 60.52 -0.50
N MET SA 87 -76.30 61.07 0.49
CA MET SA 87 -77.02 60.26 1.44
C MET SA 87 -78.32 60.95 1.82
N TYR SA 88 -79.25 60.16 2.37
CA TYR SA 88 -80.43 60.75 2.98
C TYR SA 88 -80.04 61.50 4.25
N VAL SA 89 -80.84 62.52 4.57
CA VAL SA 89 -80.54 63.39 5.72
C VAL SA 89 -80.61 62.59 7.02
N ASP SA 90 -81.62 61.74 7.17
CA ASP SA 90 -81.79 60.94 8.38
C ASP SA 90 -81.08 59.59 8.30
N GLU SA 91 -80.30 59.35 7.26
CA GLU SA 91 -79.61 58.07 7.09
C GLU SA 91 -78.36 58.05 7.97
N VAL SA 92 -78.15 56.92 8.64
CA VAL SA 92 -76.98 56.72 9.51
C VAL SA 92 -75.97 55.87 8.75
N VAL SA 93 -74.76 56.41 8.60
CA VAL SA 93 -73.65 55.70 7.97
C VAL SA 93 -72.72 55.25 9.08
N LYS SA 94 -72.37 53.96 9.07
CA LYS SA 94 -71.47 53.39 10.07
C LYS SA 94 -70.08 53.28 9.47
N LYS SA 95 -69.13 53.99 10.05
CA LYS SA 95 -67.78 54.08 9.52
C LYS SA 95 -66.90 52.96 10.06
N LYS SA 96 -65.78 52.74 9.38
CA LYS SA 96 -64.78 51.78 9.83
C LYS SA 96 -63.40 52.40 9.64
N VAL SA 97 -62.43 51.86 10.37
CA VAL SA 97 -61.11 52.47 10.46
C VAL SA 97 -60.32 52.12 9.20
N GLY SA 98 -60.00 53.14 8.41
CA GLY SA 98 -59.07 52.96 7.31
C GLY SA 98 -57.64 52.97 7.81
N LYS SA 99 -56.98 51.82 7.71
CA LYS SA 99 -55.66 51.62 8.31
C LYS SA 99 -54.59 52.52 7.70
N ARG TA 42 -10.49 -76.24 -37.43
CA ARG TA 42 -10.54 -76.94 -38.71
C ARG TA 42 -9.13 -77.27 -39.19
N LYS TA 43 -8.96 -78.46 -39.76
CA LYS TA 43 -7.72 -78.89 -40.36
C LYS TA 43 -8.01 -79.52 -41.72
N LEU TA 44 -6.99 -79.50 -42.59
CA LEU TA 44 -7.05 -80.18 -43.87
C LEU TA 44 -6.09 -81.36 -43.87
N GLU TA 45 -6.55 -82.50 -44.36
CA GLU TA 45 -5.66 -83.63 -44.59
C GLU TA 45 -4.92 -83.42 -45.90
N VAL TA 46 -3.59 -83.50 -45.86
CA VAL TA 46 -2.76 -83.33 -47.04
C VAL TA 46 -1.72 -84.45 -47.06
N ILE TA 47 -1.23 -84.76 -48.26
CA ILE TA 47 -0.20 -85.77 -48.46
C ILE TA 47 1.10 -85.06 -48.80
N LEU TA 48 2.14 -85.31 -48.00
CA LEU TA 48 3.41 -84.63 -48.19
C LEU TA 48 4.15 -85.18 -49.40
N THR TA 49 4.78 -84.29 -50.16
CA THR TA 49 5.62 -84.70 -51.28
C THR TA 49 7.09 -84.79 -50.94
N THR TA 50 7.55 -84.02 -49.95
CA THR TA 50 8.90 -84.14 -49.43
C THR TA 50 8.86 -84.34 -47.92
N GLY TA 51 10.01 -84.28 -47.27
CA GLY TA 51 10.10 -84.39 -45.84
C GLY TA 51 10.12 -83.02 -45.20
N ILE TA 52 9.20 -82.81 -44.27
CA ILE TA 52 9.12 -81.57 -43.52
C ILE TA 52 9.44 -81.88 -42.08
N GLU TA 53 10.19 -80.99 -41.43
CA GLU TA 53 10.89 -81.28 -40.17
C GLU TA 53 9.94 -81.71 -39.06
N LYS TA 54 8.90 -80.92 -38.80
CA LYS TA 54 7.97 -81.21 -37.72
C LYS TA 54 6.68 -81.88 -38.18
N LEU TA 55 6.54 -82.17 -39.47
CA LEU TA 55 5.30 -82.73 -40.00
C LEU TA 55 5.37 -84.24 -40.21
N GLY TA 56 6.30 -84.69 -41.03
CA GLY TA 56 6.38 -86.10 -41.37
C GLY TA 56 7.24 -86.29 -42.60
N LYS TA 57 7.25 -87.54 -43.06
CA LYS TA 57 8.05 -87.90 -44.23
C LYS TA 57 7.21 -87.79 -45.50
N GLY TA 58 7.87 -88.00 -46.64
CA GLY TA 58 7.20 -87.85 -47.92
C GLY TA 58 6.25 -89.01 -48.18
N GLY TA 59 5.10 -88.69 -48.78
CA GLY TA 59 4.07 -89.68 -49.05
C GLY TA 59 3.12 -89.94 -47.90
N GLU TA 60 3.38 -89.37 -46.73
CA GLU TA 60 2.57 -89.60 -45.55
C GLU TA 60 1.50 -88.52 -45.43
N THR TA 61 0.31 -88.93 -45.00
CA THR TA 61 -0.78 -87.97 -44.83
C THR TA 61 -0.71 -87.33 -43.45
N VAL TA 62 -0.92 -86.00 -43.42
CA VAL TA 62 -0.83 -85.21 -42.19
C VAL TA 62 -2.00 -84.25 -42.14
N LYS TA 63 -2.16 -83.60 -41.00
CA LYS TA 63 -3.20 -82.59 -40.80
C LYS TA 63 -2.54 -81.26 -40.49
N VAL TA 64 -2.92 -80.23 -41.25
CA VAL TA 64 -2.32 -78.91 -41.13
C VAL TA 64 -3.43 -77.87 -41.04
N ALA TA 65 -3.05 -76.67 -40.60
CA ALA TA 65 -3.95 -75.53 -40.66
C ALA TA 65 -4.26 -75.21 -42.13
N PRO TA 66 -5.49 -74.79 -42.43
CA PRO TA 66 -5.83 -74.51 -43.85
C PRO TA 66 -5.02 -73.39 -44.46
N GLY TA 67 -4.69 -72.36 -43.68
CA GLY TA 67 -3.86 -71.30 -44.19
C GLY TA 67 -2.45 -71.75 -44.48
N TYR TA 68 -1.92 -72.65 -43.64
CA TYR TA 68 -0.58 -73.19 -43.82
C TYR TA 68 -0.44 -73.89 -45.16
N PHE TA 69 -1.34 -74.84 -45.45
CA PHE TA 69 -1.32 -75.54 -46.73
C PHE TA 69 -1.56 -74.57 -47.88
N ARG TA 70 -2.64 -73.79 -47.79
CA ARG TA 70 -3.12 -72.94 -48.89
C ARG TA 70 -2.11 -71.86 -49.29
N ASN TA 71 -1.39 -71.29 -48.33
CA ASN TA 71 -0.49 -70.20 -48.62
C ASN TA 71 0.98 -70.59 -48.66
N HIS TA 72 1.35 -71.76 -48.11
CA HIS TA 72 2.75 -72.17 -48.16
C HIS TA 72 2.96 -73.49 -48.90
N LEU TA 73 2.23 -74.54 -48.52
CA LEU TA 73 2.61 -75.87 -49.01
C LEU TA 73 2.07 -76.12 -50.42
N MET TA 74 0.88 -75.57 -50.72
CA MET TA 74 0.32 -75.73 -52.06
C MET TA 74 1.15 -75.06 -53.16
N PRO TA 75 1.53 -73.76 -53.07
CA PRO TA 75 2.27 -73.17 -54.20
C PRO TA 75 3.70 -73.68 -54.34
N LYS TA 76 4.29 -74.19 -53.28
CA LYS TA 76 5.66 -74.69 -53.32
C LYS TA 76 5.72 -76.19 -53.60
N LEU TA 77 4.56 -76.83 -53.81
CA LEU TA 77 4.44 -78.26 -54.09
C LEU TA 77 5.09 -79.12 -53.00
N LEU TA 78 4.96 -78.70 -51.75
CA LEU TA 78 5.40 -79.50 -50.62
C LEU TA 78 4.34 -80.48 -50.15
N ALA TA 79 3.09 -80.28 -50.54
CA ALA TA 79 1.99 -81.15 -50.15
C ALA TA 79 0.86 -81.00 -51.15
N VAL TA 80 0.14 -82.09 -51.37
CA VAL TA 80 -1.03 -82.10 -52.25
C VAL TA 80 -2.27 -82.36 -51.39
N PRO TA 81 -3.46 -81.95 -51.82
CA PRO TA 81 -4.66 -82.30 -51.07
C PRO TA 81 -4.93 -83.80 -51.08
N ASN TA 82 -5.54 -84.28 -50.00
CA ASN TA 82 -5.82 -85.70 -49.83
C ASN TA 82 -7.12 -86.03 -50.52
N ILE TA 83 -7.06 -86.12 -51.85
CA ILE TA 83 -8.12 -86.67 -52.67
C ILE TA 83 -7.53 -87.83 -53.46
N ASP TA 84 -8.40 -88.61 -54.09
CA ASP TA 84 -8.00 -89.91 -54.62
C ASP TA 84 -7.05 -89.77 -55.81
N LYS TA 85 -7.26 -88.77 -56.67
CA LYS TA 85 -6.39 -88.60 -57.83
C LYS TA 85 -4.96 -88.24 -57.43
N TYR TA 86 -4.80 -87.33 -56.48
CA TYR TA 86 -3.47 -86.94 -56.05
C TYR TA 86 -2.82 -87.98 -55.16
N ALA TA 87 -3.62 -88.69 -54.35
CA ALA TA 87 -3.10 -89.81 -53.58
C ALA TA 87 -2.56 -90.90 -54.51
N HIS TA 88 -3.31 -91.21 -55.58
CA HIS TA 88 -2.85 -92.17 -56.58
C HIS TA 88 -1.58 -91.70 -57.27
N LEU TA 89 -1.53 -90.41 -57.64
CA LEU TA 89 -0.36 -89.87 -58.32
C LEU TA 89 0.88 -89.96 -57.46
N ILE TA 90 0.78 -89.50 -56.20
CA ILE TA 90 1.93 -89.52 -55.30
C ILE TA 90 2.36 -90.95 -55.01
N ARG TA 91 1.39 -91.84 -54.76
CA ARG TA 91 1.71 -93.23 -54.45
C ARG TA 91 2.42 -93.93 -55.60
N GLU TA 92 1.93 -93.78 -56.83
CA GLU TA 92 2.54 -94.48 -57.95
C GLU TA 92 3.89 -93.88 -58.34
N GLN TA 93 4.00 -92.54 -58.34
CA GLN TA 93 5.27 -91.92 -58.70
C GLN TA 93 6.34 -92.20 -57.65
N ARG TA 94 5.97 -92.19 -56.37
CA ARG TA 94 6.90 -92.58 -55.32
C ARG TA 94 7.26 -94.05 -55.42
N LYS TA 95 6.32 -94.90 -55.83
CA LYS TA 95 6.64 -96.31 -56.06
C LYS TA 95 7.69 -96.47 -57.14
N MET TA 96 7.53 -95.76 -58.26
CA MET TA 96 8.51 -95.86 -59.35
C MET TA 96 9.88 -95.32 -58.93
N ARG TA 97 9.92 -94.13 -58.33
CA ARG TA 97 11.20 -93.51 -57.98
C ARG TA 97 11.90 -94.28 -56.86
N ASN TA 98 11.16 -94.67 -55.81
CA ASN TA 98 11.74 -95.44 -54.73
C ASN TA 98 12.16 -96.82 -55.20
N TYR TA 99 11.46 -97.41 -56.16
CA TYR TA 99 11.88 -98.69 -56.72
C TYR TA 99 13.19 -98.56 -57.48
N GLU TA 100 13.34 -97.47 -58.25
CA GLU TA 100 14.61 -97.22 -58.92
C GLU TA 100 15.74 -97.02 -57.92
N GLU TA 101 15.48 -96.27 -56.85
CA GLU TA 101 16.49 -96.04 -55.82
C GLU TA 101 16.85 -97.34 -55.09
N LYS TA 102 15.87 -98.19 -54.79
CA LYS TA 102 16.14 -99.47 -54.13
C LYS TA 102 16.95 -100.38 -55.04
N GLU TA 103 16.59 -100.47 -56.32
CA GLU TA 103 17.33 -101.30 -57.25
C GLU TA 103 18.76 -100.80 -57.46
N GLU TA 104 18.97 -99.49 -57.40
CA GLU TA 104 20.33 -98.97 -57.45
C GLU TA 104 21.09 -99.26 -56.15
N VAL TA 105 20.39 -99.19 -55.01
CA VAL TA 105 21.05 -99.31 -53.71
C VAL TA 105 21.43 -100.75 -53.37
N LYS TA 106 20.65 -101.74 -53.83
CA LYS TA 106 20.90 -103.13 -53.45
C LYS TA 106 22.20 -103.65 -54.07
N VAL TA 107 22.38 -103.41 -55.37
CA VAL TA 107 23.51 -103.97 -56.13
C VAL TA 107 24.86 -103.42 -55.68
N ARG UA 5 -100.30 34.27 38.63
CA ARG UA 5 -99.57 34.14 39.89
C ARG UA 5 -99.05 35.49 40.36
N ARG UA 6 -98.61 36.31 39.42
CA ARG UA 6 -98.20 37.67 39.79
C ARG UA 6 -99.40 38.54 40.14
N ALA UA 7 -100.59 38.17 39.67
CA ALA UA 7 -101.81 38.82 40.11
C ALA UA 7 -102.25 38.36 41.50
N LEU UA 8 -101.88 37.14 41.90
CA LEU UA 8 -102.14 36.70 43.27
C LEU UA 8 -101.38 37.55 44.28
N LEU UA 9 -100.16 37.97 43.91
CA LEU UA 9 -99.39 38.91 44.72
C LEU UA 9 -100.14 40.21 44.92
N VAL UA 10 -100.67 40.78 43.84
CA VAL UA 10 -101.31 42.08 43.94
C VAL UA 10 -102.62 41.97 44.69
N ALA UA 11 -103.34 40.86 44.50
CA ALA UA 11 -104.54 40.60 45.27
C ALA UA 11 -104.24 40.50 46.76
N GLY UA 12 -103.18 39.76 47.12
CA GLY UA 12 -102.79 39.67 48.52
C GLY UA 12 -102.28 40.98 49.09
N LYS UA 13 -101.48 41.71 48.31
CA LYS UA 13 -100.92 42.97 48.77
C LYS UA 13 -102.00 43.99 49.03
N THR UA 14 -102.99 44.08 48.13
CA THR UA 14 -104.07 45.01 48.38
C THR UA 14 -105.05 44.47 49.42
N LYS UA 15 -105.14 43.15 49.61
CA LYS UA 15 -105.98 42.63 50.68
C LYS UA 15 -105.42 42.99 52.04
N ILE UA 16 -104.10 42.87 52.22
CA ILE UA 16 -103.47 43.37 53.43
C ILE UA 16 -103.54 44.89 53.48
N ASN UA 17 -103.52 45.55 52.32
CA ASN UA 17 -103.52 47.00 52.29
C ASN UA 17 -104.88 47.58 52.64
N LEU UA 18 -105.97 46.84 52.40
CA LEU UA 18 -107.31 47.35 52.66
C LEU UA 18 -107.87 46.92 54.01
N GLN UA 19 -107.08 46.22 54.83
CA GLN UA 19 -107.59 45.73 56.10
C GLN UA 19 -107.85 46.87 57.08
N ASN UA 20 -107.05 47.94 57.02
CA ASN UA 20 -107.26 49.09 57.88
C ASN UA 20 -107.32 50.38 57.06
N CYS UA 21 -107.57 50.26 55.77
CA CYS UA 21 -107.52 51.40 54.87
C CYS UA 21 -108.73 52.30 55.06
N HIS UA 22 -108.47 53.61 55.04
CA HIS UA 22 -109.53 54.61 55.07
C HIS UA 22 -109.52 55.50 53.84
N PHE UA 23 -108.56 55.31 52.93
CA PHE UA 23 -108.24 56.32 51.94
C PHE UA 23 -107.34 55.70 50.88
N ILE UA 24 -107.75 55.78 49.63
CA ILE UA 24 -106.96 55.33 48.49
C ILE UA 24 -106.80 56.54 47.59
N THR UA 25 -105.58 56.77 47.11
CA THR UA 25 -105.38 57.78 46.08
C THR UA 25 -104.34 57.27 45.07
N GLY UA 26 -103.92 58.16 44.18
CA GLY UA 26 -102.92 57.82 43.20
C GLY UA 26 -101.88 58.92 43.09
N ILE UA 27 -100.68 58.52 42.67
CA ILE UA 27 -99.60 59.45 42.35
C ILE UA 27 -99.09 59.08 40.97
N ASN UA 28 -99.01 60.08 40.10
CA ASN UA 28 -98.39 59.98 38.79
C ASN UA 28 -96.88 59.89 38.96
N TYR UA 29 -96.31 58.69 38.79
CA TYR UA 29 -94.87 58.53 38.98
C TYR UA 29 -94.11 58.59 37.65
N ASN UA 30 -94.34 59.65 36.90
CA ASN UA 30 -93.50 59.93 35.74
C ASN UA 30 -92.28 60.72 36.17
N GLY UA 31 -91.10 60.22 35.80
CA GLY UA 31 -89.86 60.93 35.97
C GLY UA 31 -89.17 60.70 37.29
N LEU UA 32 -89.83 60.06 38.24
CA LEU UA 32 -89.22 59.83 39.54
C LEU UA 32 -88.12 58.78 39.43
N THR UA 33 -86.97 59.09 40.01
CA THR UA 33 -85.89 58.12 40.06
C THR UA 33 -86.22 57.05 41.08
N VAL UA 34 -85.44 55.96 41.04
CA VAL UA 34 -85.65 54.87 41.99
C VAL UA 34 -85.33 55.32 43.40
N LYS UA 35 -84.28 56.13 43.56
CA LYS UA 35 -83.93 56.64 44.88
C LYS UA 35 -85.01 57.58 45.41
N GLN UA 36 -85.55 58.45 44.55
CA GLN UA 36 -86.65 59.32 44.94
C GLN UA 36 -87.90 58.53 45.29
N LEU UA 37 -88.19 57.48 44.52
CA LEU UA 37 -89.38 56.67 44.74
C LEU UA 37 -89.29 55.90 46.06
N GLN UA 38 -88.14 55.27 46.32
CA GLN UA 38 -87.94 54.58 47.59
C GLN UA 38 -87.94 55.56 48.75
N GLU UA 39 -87.42 56.77 48.55
CA GLU UA 39 -87.44 57.76 49.61
C GLU UA 39 -88.86 58.21 49.95
N LEU UA 40 -89.70 58.39 48.93
CA LEU UA 40 -91.10 58.74 49.20
C LEU UA 40 -91.85 57.60 49.89
N ARG UA 41 -91.60 56.35 49.44
CA ARG UA 41 -92.21 55.20 50.09
C ARG UA 41 -91.78 55.07 51.54
N GLY UA 42 -90.52 55.35 51.84
CA GLY UA 42 -90.05 55.32 53.22
C GLY UA 42 -90.54 56.47 54.06
N ILE UA 43 -90.69 57.66 53.48
CA ILE UA 43 -91.26 58.79 54.20
C ILE UA 43 -92.70 58.51 54.59
N LEU UA 44 -93.46 57.94 53.66
CA LEU UA 44 -94.87 57.63 53.91
C LEU UA 44 -95.09 56.52 54.94
N ARG UA 45 -94.07 55.75 55.28
CA ARG UA 45 -94.26 54.59 56.13
C ARG UA 45 -93.89 54.83 57.58
N GLU UA 46 -92.99 55.77 57.85
CA GLU UA 46 -92.60 56.09 59.21
C GLU UA 46 -93.16 57.41 59.71
N ASN UA 47 -93.15 58.47 58.89
CA ASN UA 47 -93.77 59.72 59.32
C ASN UA 47 -95.28 59.61 59.30
N SER UA 48 -95.83 58.75 58.45
CA SER UA 48 -97.25 58.41 58.43
C SER UA 48 -97.37 56.89 58.55
N ASN UA 49 -98.58 56.39 58.33
CA ASN UA 49 -98.83 54.95 58.41
C ASN UA 49 -99.29 54.37 57.08
N THR UA 50 -98.93 55.01 55.96
CA THR UA 50 -99.52 54.70 54.68
C THR UA 50 -98.58 53.85 53.84
N LYS UA 51 -99.12 52.81 53.22
CA LYS UA 51 -98.34 51.95 52.35
C LYS UA 51 -98.54 52.36 50.91
N LEU UA 52 -97.43 52.49 50.18
CA LEU UA 52 -97.45 52.81 48.76
C LEU UA 52 -97.22 51.53 47.97
N LEU UA 53 -97.91 51.40 46.84
CA LEU UA 53 -97.83 50.20 46.02
C LEU UA 53 -98.01 50.57 44.57
N VAL UA 54 -97.03 50.23 43.74
CA VAL UA 54 -97.15 50.34 42.30
C VAL UA 54 -97.72 49.03 41.80
N ALA UA 55 -98.78 49.09 41.01
CA ALA UA 55 -99.39 47.88 40.50
C ALA UA 55 -100.05 48.19 39.18
N LYS UA 56 -100.58 47.15 38.55
CA LYS UA 56 -101.42 47.33 37.39
C LYS UA 56 -102.70 48.06 37.78
N ASN UA 57 -103.24 48.83 36.85
CA ASN UA 57 -104.54 49.43 37.05
C ASN UA 57 -105.63 48.36 37.06
N THR UA 58 -105.51 47.36 36.19
CA THR UA 58 -106.56 46.34 36.08
C THR UA 58 -106.55 45.36 37.25
N LEU UA 59 -105.48 45.20 37.99
CA LEU UA 59 -105.50 44.33 39.12
C LEU UA 59 -106.02 45.04 40.32
N VAL UA 60 -105.42 46.12 40.74
CA VAL UA 60 -105.97 46.87 41.85
C VAL UA 60 -107.50 46.91 41.77
N PHE UA 61 -108.10 47.48 40.72
CA PHE UA 61 -109.55 47.43 40.63
C PHE UA 61 -109.94 46.07 40.11
N LYS UA 62 -110.27 45.19 41.00
CA LYS UA 62 -110.68 43.88 40.65
C LYS UA 62 -110.45 43.40 42.03
N ALA UA 63 -109.79 44.21 42.83
CA ALA UA 63 -109.59 43.88 44.21
C ALA UA 63 -110.16 45.04 44.92
N LEU UA 64 -110.95 45.78 44.19
CA LEU UA 64 -111.60 46.88 44.79
C LEU UA 64 -112.98 46.83 44.20
N GLU UA 65 -113.26 45.72 43.51
CA GLU UA 65 -114.57 45.56 42.93
C GLU UA 65 -115.48 44.94 43.94
N GLY UA 66 -116.80 45.01 43.77
CA GLY UA 66 -117.75 44.60 44.78
C GLY UA 66 -117.32 44.93 46.19
N THR UA 67 -116.64 46.05 46.38
CA THR UA 67 -116.11 46.43 47.67
C THR UA 67 -116.64 47.82 48.04
N LYS UA 68 -116.17 48.31 49.18
CA LYS UA 68 -116.42 49.70 49.54
C LYS UA 68 -115.77 50.65 48.54
N TRP UA 69 -114.60 50.29 48.05
CA TRP UA 69 -113.80 51.14 47.18
C TRP UA 69 -114.13 50.85 45.73
N GLU UA 70 -115.40 51.07 45.38
CA GLU UA 70 -115.93 50.53 44.14
C GLU UA 70 -115.97 51.54 43.01
N SER UA 71 -116.23 52.81 43.31
CA SER UA 71 -116.48 53.76 42.23
C SER UA 71 -115.23 54.47 41.75
N LEU UA 72 -114.04 54.10 42.25
CA LEU UA 72 -112.78 54.74 41.83
C LEU UA 72 -112.42 54.46 40.37
N LYS UA 73 -113.15 53.56 39.72
CA LYS UA 73 -112.81 52.99 38.43
C LYS UA 73 -112.45 54.01 37.34
N PRO UA 74 -113.10 55.19 37.23
CA PRO UA 74 -112.58 56.19 36.26
C PRO UA 74 -111.16 56.66 36.51
N CYS UA 75 -110.75 56.84 37.77
CA CYS UA 75 -109.42 57.40 38.05
C CYS UA 75 -108.34 56.33 38.10
N MET UA 76 -108.29 55.47 37.09
CA MET UA 76 -107.34 54.36 37.06
C MET UA 76 -106.66 54.30 35.70
N LYS UA 77 -106.16 55.45 35.26
CA LYS UA 77 -105.40 55.58 34.02
C LYS UA 77 -104.10 56.30 34.31
N GLY UA 78 -103.07 55.97 33.54
CA GLY UA 78 -101.77 56.59 33.68
C GLY UA 78 -100.87 55.88 34.68
N MET UA 79 -99.60 56.26 34.67
CA MET UA 79 -98.61 55.62 35.54
C MET UA 79 -98.92 55.97 36.98
N ASN UA 80 -99.42 55.01 37.74
CA ASN UA 80 -100.04 55.28 39.03
C ASN UA 80 -99.34 54.51 40.15
N ALA UA 81 -99.16 55.20 41.27
CA ALA UA 81 -98.76 54.58 42.52
C ALA UA 81 -99.90 54.75 43.51
N TRP UA 82 -100.33 53.65 44.11
CA TRP UA 82 -101.52 53.63 44.95
C TRP UA 82 -101.13 53.82 46.41
N ILE UA 83 -101.72 54.83 47.04
CA ILE UA 83 -101.34 55.22 48.40
C ILE UA 83 -102.46 54.83 49.36
N PHE UA 84 -102.39 53.60 49.87
CA PHE UA 84 -103.38 53.09 50.80
C PHE UA 84 -103.07 53.67 52.17
N VAL UA 85 -103.79 54.70 52.58
CA VAL UA 85 -103.64 55.22 53.93
C VAL UA 85 -104.36 54.29 54.89
N GLN UA 86 -103.59 53.57 55.70
CA GLN UA 86 -104.11 52.57 56.63
C GLN UA 86 -104.40 53.14 58.00
N THR UA 87 -104.21 54.44 58.20
CA THR UA 87 -104.50 55.09 59.46
C THR UA 87 -105.78 55.90 59.34
N GLU UA 88 -106.06 56.68 60.38
CA GLU UA 88 -107.12 57.67 60.33
C GLU UA 88 -106.57 59.06 60.04
N ASP UA 89 -105.30 59.30 60.33
CA ASP UA 89 -104.70 60.62 60.24
C ASP UA 89 -104.37 60.94 58.78
N ILE UA 90 -105.43 61.18 58.02
CA ILE UA 90 -105.37 61.72 56.66
C ILE UA 90 -104.62 63.04 56.57
N PRO UA 91 -104.81 64.06 57.50
CA PRO UA 91 -104.08 65.33 57.33
C PRO UA 91 -102.57 65.23 57.30
N ALA UA 92 -101.96 64.43 58.18
CA ALA UA 92 -100.51 64.27 58.13
C ALA UA 92 -100.07 63.51 56.89
N ALA UA 93 -100.88 62.53 56.46
CA ALA UA 93 -100.56 61.77 55.26
C ALA UA 93 -100.59 62.63 54.01
N LEU UA 94 -101.46 63.63 53.96
CA LEU UA 94 -101.45 64.54 52.84
C LEU UA 94 -100.43 65.66 52.99
N LYS UA 95 -100.11 66.05 54.22
CA LYS UA 95 -99.11 67.08 54.44
C LYS UA 95 -97.70 66.61 54.14
N THR UA 96 -97.40 65.33 54.36
CA THR UA 96 -96.03 64.87 54.11
C THR UA 96 -95.68 64.85 52.63
N PHE UA 97 -96.67 64.63 51.74
CA PHE UA 97 -96.36 64.69 50.31
C PHE UA 97 -96.27 66.12 49.81
N VAL UA 98 -97.00 67.05 50.43
CA VAL UA 98 -96.82 68.47 50.14
C VAL UA 98 -95.42 68.92 50.55
N SER UA 99 -94.97 68.47 51.73
CA SER UA 99 -93.59 68.72 52.15
C SER UA 99 -92.60 68.07 51.20
N PHE UA 100 -92.95 66.91 50.65
CA PHE UA 100 -92.09 66.23 49.69
C PHE UA 100 -91.95 67.02 48.39
N GLN UA 101 -93.07 67.54 47.86
CA GLN UA 101 -92.99 68.37 46.65
C GLN UA 101 -92.25 69.68 46.91
N LYS UA 102 -92.45 70.28 48.08
CA LYS UA 102 -91.77 71.53 48.38
C LYS UA 102 -90.26 71.32 48.52
N GLU UA 103 -89.86 70.28 49.23
CA GLU UA 103 -88.43 70.08 49.49
C GLU UA 103 -87.67 69.54 48.27
N LYS UA 104 -88.23 68.56 47.57
CA LYS UA 104 -87.50 67.88 46.51
C LYS UA 104 -87.79 68.47 45.13
N LYS UA 105 -88.76 69.38 45.02
CA LYS UA 105 -89.11 70.12 43.79
C LYS UA 105 -89.53 69.18 42.66
N LEU UA 106 -90.61 68.44 42.91
CA LEU UA 106 -91.18 67.50 41.95
C LEU UA 106 -92.65 67.89 41.75
N PHE UA 107 -92.88 68.79 40.80
CA PHE UA 107 -94.21 69.32 40.58
C PHE UA 107 -94.93 68.66 39.40
N ASP UA 108 -94.30 67.68 38.78
CA ASP UA 108 -94.96 66.91 37.73
C ASP UA 108 -95.64 65.66 38.27
N ASN UA 109 -95.42 65.34 39.54
CA ASN UA 109 -95.99 64.15 40.16
C ASN UA 109 -97.03 64.61 41.17
N ASN UA 110 -98.29 64.42 40.82
CA ASN UA 110 -99.40 64.99 41.56
C ASN UA 110 -100.31 63.89 42.10
N LEU UA 111 -101.14 64.27 43.06
CA LEU UA 111 -102.15 63.38 43.63
C LEU UA 111 -103.38 63.43 42.75
N GLY UA 112 -103.68 62.34 42.05
CA GLY UA 112 -104.83 62.33 41.16
C GLY UA 112 -105.96 61.44 41.60
N GLY UA 113 -107.05 62.05 42.08
CA GLY UA 113 -108.22 61.30 42.52
C GLY UA 113 -108.05 60.63 43.86
N ALA UA 114 -109.15 60.46 44.59
CA ALA UA 114 -109.11 59.75 45.87
C ALA UA 114 -110.50 59.24 46.19
N VAL UA 115 -110.57 58.22 47.05
CA VAL UA 115 -111.83 57.69 47.54
C VAL UA 115 -111.83 57.76 49.06
N PHE UA 116 -112.75 58.52 49.63
CA PHE UA 116 -112.99 58.57 51.06
C PHE UA 116 -114.49 58.53 51.28
N GLU UA 117 -114.92 57.72 52.26
CA GLU UA 117 -116.33 57.38 52.57
C GLU UA 117 -117.17 57.17 51.31
N LYS UA 118 -116.60 56.39 50.38
CA LYS UA 118 -117.19 56.07 49.08
C LYS UA 118 -117.55 57.32 48.28
N LYS UA 119 -116.64 58.29 48.30
CA LYS UA 119 -116.82 59.51 47.52
C LYS UA 119 -115.52 59.84 46.79
N LEU UA 120 -115.59 59.93 45.47
CA LEU UA 120 -114.44 60.33 44.66
C LEU UA 120 -114.30 61.83 44.70
N TYR UA 121 -113.37 62.33 45.50
CA TYR UA 121 -113.14 63.75 45.57
C TYR UA 121 -112.07 64.13 44.55
N GLY UA 122 -112.25 65.29 43.94
CA GLY UA 122 -111.23 65.85 43.07
C GLY UA 122 -110.04 66.32 43.89
N PRO UA 123 -108.88 66.46 43.27
CA PRO UA 123 -107.75 67.13 43.96
C PRO UA 123 -108.06 68.56 44.38
N GLN UA 124 -109.02 69.22 43.73
CA GLN UA 124 -109.59 70.44 44.29
C GLN UA 124 -110.29 70.16 45.62
N ASP UA 125 -110.95 69.01 45.75
CA ASP UA 125 -111.82 68.72 46.88
C ASP UA 125 -111.09 68.19 48.11
N TYR UA 126 -110.11 67.29 47.96
CA TYR UA 126 -109.44 66.78 49.16
C TYR UA 126 -108.20 67.61 49.52
N LYS UA 127 -108.37 68.92 49.52
CA LYS UA 127 -107.34 69.84 50.00
C LYS UA 127 -107.72 70.50 51.31
N VAL UA 128 -109.00 70.84 51.48
CA VAL UA 128 -109.48 71.30 52.76
C VAL UA 128 -109.47 70.16 53.78
N ILE UA 129 -109.54 68.91 53.32
CA ILE UA 129 -109.41 67.78 54.24
C ILE UA 129 -107.97 67.62 54.71
N GLU UA 130 -107.00 68.15 53.96
CA GLU UA 130 -105.65 68.28 54.47
C GLU UA 130 -105.53 69.49 55.38
N THR UA 131 -106.29 70.56 55.07
CA THR UA 131 -106.27 71.75 55.91
C THR UA 131 -106.84 71.49 57.31
N MET UA 132 -107.97 70.78 57.39
CA MET UA 132 -108.53 70.49 58.71
C MET UA 132 -107.67 69.43 59.41
N PRO UA 133 -107.55 69.50 60.74
CA PRO UA 133 -106.73 68.51 61.46
C PRO UA 133 -107.56 67.42 62.11
N SER UA 134 -107.70 67.48 63.43
CA SER UA 134 -108.53 66.54 64.17
C SER UA 134 -109.02 67.17 65.47
N THR VA 10 -79.69 69.56 38.72
CA THR VA 10 -80.84 70.46 38.61
C THR VA 10 -81.46 70.31 37.23
N ARG VA 11 -80.67 70.62 36.20
CA ARG VA 11 -81.09 70.42 34.81
C ARG VA 11 -80.02 69.77 33.96
N ARG VA 12 -78.86 69.49 34.51
CA ARG VA 12 -77.72 69.05 33.71
C ARG VA 12 -77.88 67.59 33.28
N ALA VA 13 -77.74 67.29 31.99
CA ALA VA 13 -77.65 65.88 31.57
C ALA VA 13 -76.32 65.27 31.97
N VAL VA 14 -76.40 64.24 32.83
CA VAL VA 14 -75.24 63.63 33.48
C VAL VA 14 -74.27 63.06 32.46
N ALA VA 15 -73.07 63.64 32.39
CA ALA VA 15 -72.10 63.21 31.40
C ALA VA 15 -71.54 61.85 31.76
N GLY VA 16 -71.20 61.64 33.03
CA GLY VA 16 -70.62 60.39 33.48
C GLY VA 16 -70.87 60.26 34.98
N THR VA 17 -70.61 59.07 35.49
CA THR VA 17 -70.61 58.85 36.94
C THR VA 17 -69.52 57.82 37.23
N ILE VA 18 -68.53 58.22 38.03
CA ILE VA 18 -67.37 57.39 38.29
C ILE VA 18 -67.29 57.11 39.79
N LYS VA 19 -66.98 55.86 40.14
CA LYS VA 19 -66.72 55.49 41.51
C LYS VA 19 -65.21 55.54 41.76
N LEU VA 20 -64.83 55.74 43.02
CA LEU VA 20 -63.45 56.07 43.33
C LEU VA 20 -63.14 55.72 44.77
N THR VA 21 -61.97 55.11 45.00
CA THR VA 21 -61.55 54.65 46.31
C THR VA 21 -60.34 55.46 46.77
N VAL VA 22 -60.47 56.13 47.91
CA VAL VA 22 -59.41 56.94 48.48
C VAL VA 22 -59.39 56.74 49.99
N LEU VA 23 -58.23 56.51 50.60
CA LEU VA 23 -58.15 56.43 52.06
C LEU VA 23 -58.50 57.76 52.72
N ALA VA 24 -59.01 57.65 53.94
CA ALA VA 24 -59.69 58.77 54.60
C ALA VA 24 -58.74 59.92 54.90
N GLY VA 25 -59.03 61.08 54.31
CA GLY VA 25 -58.33 62.30 54.60
C GLY VA 25 -57.05 62.51 53.84
N LYS VA 26 -56.50 61.48 53.20
CA LYS VA 26 -55.21 61.59 52.54
C LYS VA 26 -55.32 61.81 51.05
N ALA VA 27 -56.33 62.56 50.63
CA ALA VA 27 -56.61 62.77 49.21
C ALA VA 27 -55.60 63.77 48.63
N SER VA 28 -54.43 63.26 48.28
CA SER VA 28 -53.46 64.04 47.54
C SER VA 28 -53.67 63.72 46.06
N PRO VA 29 -54.23 64.63 45.27
CA PRO VA 29 -54.71 64.25 43.94
C PRO VA 29 -53.64 63.97 42.91
N GLY VA 30 -53.00 62.80 42.99
CA GLY VA 30 -52.22 62.33 41.85
C GLY VA 30 -52.29 60.79 41.68
N PRO VA 31 -51.98 59.95 42.67
CA PRO VA 31 -52.05 58.49 42.39
C PRO VA 31 -53.46 57.96 42.22
N PRO VA 32 -54.47 58.18 43.17
CA PRO VA 32 -55.81 57.66 42.85
C PRO VA 32 -56.72 58.67 42.16
N VAL VA 33 -56.45 59.96 42.33
CA VAL VA 33 -57.32 61.03 41.85
C VAL VA 33 -56.65 61.72 40.65
N SER VA 34 -55.87 60.97 39.89
CA SER VA 34 -55.09 61.52 38.81
C SER VA 34 -55.81 61.34 37.49
N PRO VA 35 -55.47 60.27 36.77
CA PRO VA 35 -56.15 60.01 35.49
C PRO VA 35 -57.65 59.77 35.62
N ALA VA 36 -58.10 59.37 36.81
CA ALA VA 36 -59.53 59.11 37.03
C ALA VA 36 -60.37 60.37 36.83
N LEU VA 37 -59.88 61.51 37.31
CA LEU VA 37 -60.57 62.75 37.04
C LEU VA 37 -60.01 63.49 35.84
N GLY VA 38 -58.78 63.19 35.44
CA GLY VA 38 -58.22 63.80 34.24
C GLY VA 38 -58.78 63.26 32.94
N PRO VA 39 -59.43 62.09 32.98
CA PRO VA 39 -60.01 61.54 31.76
C PRO VA 39 -61.27 62.30 31.36
N TYR VA 40 -61.96 62.91 32.32
CA TYR VA 40 -63.25 63.53 32.06
C TYR VA 40 -63.26 65.01 32.40
N ARG VA 41 -62.12 65.70 32.24
CA ARG VA 41 -61.95 67.15 32.36
C ARG VA 41 -62.12 67.64 33.80
N LEU VA 42 -62.33 66.73 34.74
CA LEU VA 42 -62.76 67.07 36.10
C LEU VA 42 -61.68 67.78 36.89
N ASN VA 43 -62.12 68.77 37.69
CA ASN VA 43 -61.26 69.57 38.55
C ASN VA 43 -60.86 68.76 39.78
N MET VA 44 -59.73 69.13 40.38
CA MET VA 44 -59.14 68.36 41.48
C MET VA 44 -59.15 69.11 42.80
N MET VA 45 -58.94 70.43 42.78
CA MET VA 45 -58.66 71.17 44.01
C MET VA 45 -59.90 71.27 44.90
N ALA VA 46 -61.01 71.76 44.34
CA ALA VA 46 -62.23 71.92 45.11
C ALA VA 46 -62.79 70.57 45.56
N PHE VA 47 -62.68 69.56 44.70
CA PHE VA 47 -63.10 68.21 45.07
C PHE VA 47 -62.29 67.70 46.24
N CYS VA 48 -60.97 67.88 46.22
CA CYS VA 48 -60.15 67.35 47.31
C CYS VA 48 -60.38 68.10 48.60
N LYS VA 49 -60.56 69.43 48.52
CA LYS VA 49 -60.79 70.18 49.76
C LYS VA 49 -62.16 69.87 50.35
N ASP VA 50 -63.17 69.62 49.50
CA ASP VA 50 -64.47 69.25 50.03
C ASP VA 50 -64.48 67.81 50.55
N PHE VA 51 -63.71 66.92 49.93
CA PHE VA 51 -63.64 65.54 50.42
C PHE VA 51 -62.91 65.46 51.75
N ASN VA 52 -61.74 66.09 51.85
CA ASN VA 52 -60.99 66.07 53.09
C ASN VA 52 -61.64 66.95 54.16
N ALA VA 53 -62.54 67.85 53.77
CA ALA VA 53 -63.38 68.55 54.72
C ALA VA 53 -64.55 67.69 55.21
N ARG VA 54 -64.76 66.51 54.64
CA ARG VA 54 -65.78 65.58 55.08
C ARG VA 54 -65.20 64.43 55.89
N THR VA 55 -64.22 63.72 55.35
CA THR VA 55 -63.66 62.54 56.02
C THR VA 55 -62.46 62.91 56.90
N GLN VA 56 -62.66 63.95 57.70
CA GLN VA 56 -61.68 64.36 58.70
C GLN VA 56 -62.03 63.82 60.08
N LYS VA 57 -63.31 63.54 60.33
CA LYS VA 57 -63.81 62.98 61.58
C LYS VA 57 -63.36 61.53 61.81
N TYR VA 58 -62.81 60.87 60.81
CA TYR VA 58 -62.52 59.45 60.89
C TYR VA 58 -61.03 59.21 61.04
N LYS VA 59 -60.66 57.98 61.40
CA LYS VA 59 -59.25 57.60 61.37
C LYS VA 59 -58.71 57.67 59.95
N PRO VA 60 -57.48 58.12 59.77
CA PRO VA 60 -56.83 57.99 58.45
C PRO VA 60 -56.65 56.54 58.03
N ASP VA 61 -56.34 56.34 56.75
CA ASP VA 61 -56.17 55.02 56.13
C ASP VA 61 -57.43 54.16 56.27
N THR VA 62 -58.58 54.77 56.00
CA THR VA 62 -59.84 54.05 55.91
C THR VA 62 -60.26 54.02 54.45
N PRO VA 63 -60.27 52.86 53.78
CA PRO VA 63 -60.46 52.84 52.32
C PRO VA 63 -61.86 53.23 51.88
N MET VA 64 -62.16 54.52 51.99
CA MET VA 64 -63.48 55.06 51.77
C MET VA 64 -63.75 55.22 50.27
N ALA VA 65 -65.00 54.96 49.89
CA ALA VA 65 -65.41 54.92 48.48
C ALA VA 65 -66.25 56.14 48.14
N VAL VA 66 -65.95 56.75 47.01
CA VAL VA 66 -66.63 57.97 46.55
C VAL VA 66 -67.17 57.72 45.16
N LYS VA 67 -68.42 58.13 44.92
CA LYS VA 67 -69.04 58.10 43.60
C LYS VA 67 -69.17 59.55 43.11
N ILE VA 68 -68.42 59.89 42.08
CA ILE VA 68 -68.45 61.24 41.51
C ILE VA 68 -69.45 61.24 40.37
N THR VA 69 -70.42 62.16 40.43
CA THR VA 69 -71.35 62.37 39.32
C THR VA 69 -70.78 63.49 38.44
N ALA VA 70 -70.03 63.09 37.42
CA ALA VA 70 -69.44 64.04 36.49
C ALA VA 70 -70.50 64.68 35.61
N TYR VA 71 -70.24 65.90 35.17
CA TYR VA 71 -71.20 66.69 34.41
C TYR VA 71 -70.51 67.31 33.21
N MET VA 72 -71.22 68.21 32.54
CA MET VA 72 -70.69 68.89 31.36
C MET VA 72 -70.18 70.29 31.64
N ASP VA 73 -70.65 70.93 32.71
CA ASP VA 73 -70.16 72.24 33.13
C ASP VA 73 -69.03 72.14 34.14
N HIS VA 74 -68.37 70.97 34.20
CA HIS VA 74 -67.29 70.67 35.15
C HIS VA 74 -67.72 70.91 36.60
N SER VA 75 -68.95 70.51 36.91
CA SER VA 75 -69.49 70.63 38.26
C SER VA 75 -69.55 69.27 38.92
N PHE VA 76 -69.58 69.27 40.24
CA PHE VA 76 -69.50 68.05 41.03
C PHE VA 76 -70.64 68.00 42.04
N GLU VA 77 -71.35 66.86 42.07
CA GLU VA 77 -72.23 66.51 43.17
C GLU VA 77 -71.92 65.05 43.49
N PHE VA 78 -70.92 64.82 44.33
CA PHE VA 78 -70.49 63.47 44.64
C PHE VA 78 -71.02 63.02 46.00
N THR VA 79 -71.17 61.71 46.14
CA THR VA 79 -71.62 61.08 47.37
C THR VA 79 -70.50 60.20 47.89
N PHE VA 80 -70.18 60.35 49.18
CA PHE VA 80 -69.12 59.58 49.82
C PHE VA 80 -69.78 58.46 50.61
N LYS VA 81 -69.28 57.25 50.43
CA LYS VA 81 -69.83 56.05 51.03
C LYS VA 81 -68.80 55.42 51.94
N SER VA 82 -69.27 54.91 53.10
CA SER VA 82 -68.41 54.15 54.00
C SER VA 82 -67.90 52.89 53.30
N PRO VA 83 -66.73 52.39 53.68
CA PRO VA 83 -66.06 51.32 52.91
C PRO VA 83 -66.88 50.03 52.80
N SER VA 84 -66.42 49.17 51.89
CA SER VA 84 -67.13 47.96 51.52
C SER VA 84 -67.25 47.02 52.70
N VAL VA 85 -68.26 46.16 52.64
CA VAL VA 85 -68.44 45.13 53.65
C VAL VA 85 -67.38 44.05 53.52
N SER VA 86 -66.71 43.96 52.37
CA SER VA 86 -65.58 43.03 52.21
C SER VA 86 -64.43 43.41 53.14
N TRP VA 87 -64.06 44.68 53.16
CA TRP VA 87 -63.03 45.15 54.05
C TRP VA 87 -63.46 45.04 55.50
N TYR VA 88 -64.72 45.37 55.79
CA TYR VA 88 -65.27 45.23 57.13
C TYR VA 88 -65.30 43.80 57.63
N ILE VA 89 -65.42 42.81 56.75
CA ILE VA 89 -65.50 41.43 57.19
C ILE VA 89 -64.11 40.78 57.25
N LYS VA 90 -63.20 41.12 56.34
CA LYS VA 90 -61.88 40.54 56.43
C LYS VA 90 -60.94 41.36 57.31
N LYS VA 91 -61.41 42.46 57.88
CA LYS VA 91 -60.72 43.09 58.99
C LYS VA 91 -61.26 42.65 60.35
N ALA VA 92 -62.57 42.45 60.47
CA ALA VA 92 -63.16 42.02 61.73
C ALA VA 92 -63.20 40.51 61.88
N ALA VA 93 -62.75 39.75 60.89
CA ALA VA 93 -62.71 38.30 61.01
C ALA VA 93 -61.30 37.73 61.07
N GLY VA 94 -60.40 38.15 60.20
CA GLY VA 94 -59.12 37.48 60.08
C GLY VA 94 -58.25 37.96 58.95
N VAL VA 95 -57.79 37.02 58.11
CA VAL VA 95 -56.76 37.34 57.13
C VAL VA 95 -57.35 38.20 56.02
N ASP VA 96 -56.48 38.95 55.35
CA ASP VA 96 -56.87 39.87 54.28
C ASP VA 96 -56.81 39.20 52.92
N LYS VA 97 -57.02 37.89 52.88
CA LYS VA 97 -56.95 37.14 51.62
C LYS VA 97 -58.19 36.25 51.55
N GLY VA 98 -59.09 36.56 50.65
CA GLY VA 98 -60.24 35.71 50.44
C GLY VA 98 -59.88 34.41 49.76
N SER VA 99 -60.87 33.53 49.67
CA SER VA 99 -60.63 32.18 49.18
C SER VA 99 -60.29 32.17 47.70
N THR VA 100 -59.50 31.18 47.30
CA THR VA 100 -59.26 30.94 45.88
C THR VA 100 -60.48 30.30 45.23
N ARG VA 101 -61.11 29.36 45.93
CA ARG VA 101 -62.35 28.73 45.48
C ARG VA 101 -63.36 28.84 46.60
N PRO VA 102 -64.04 29.99 46.74
CA PRO VA 102 -65.01 30.17 47.82
C PRO VA 102 -66.19 29.23 47.71
N GLY VA 103 -66.69 28.82 48.87
CA GLY VA 103 -67.65 27.75 48.95
C GLY VA 103 -67.06 26.37 48.87
N HIS VA 104 -65.74 26.26 48.71
CA HIS VA 104 -65.03 24.98 48.70
C HIS VA 104 -63.90 25.00 49.71
N LEU VA 105 -63.27 26.16 49.89
CA LEU VA 105 -62.11 26.34 50.75
C LEU VA 105 -62.42 27.46 51.73
N THR VA 106 -62.95 27.11 52.90
CA THR VA 106 -63.27 28.12 53.90
C THR VA 106 -61.99 28.71 54.48
N VAL VA 107 -62.02 30.02 54.71
CA VAL VA 107 -60.84 30.74 55.16
C VAL VA 107 -60.95 31.21 56.62
N THR VA 108 -62.00 31.93 56.97
CA THR VA 108 -62.16 32.43 58.32
C THR VA 108 -63.65 32.28 58.66
N THR VA 109 -63.96 32.20 59.95
CA THR VA 109 -65.32 31.98 60.40
C THR VA 109 -65.73 33.13 61.32
N LEU VA 110 -66.98 33.56 61.21
CA LEU VA 110 -67.54 34.70 61.94
C LEU VA 110 -68.95 34.36 62.38
N SER VA 111 -69.36 34.77 63.58
CA SER VA 111 -70.62 34.19 64.01
C SER VA 111 -71.87 34.93 63.57
N VAL VA 112 -72.38 35.88 64.34
CA VAL VA 112 -73.52 36.70 63.92
C VAL VA 112 -73.35 38.12 64.41
N ARG VA 113 -72.49 38.30 65.41
CA ARG VA 113 -72.48 39.55 66.16
C ARG VA 113 -71.67 40.61 65.45
N HIS VA 114 -70.56 40.20 64.83
CA HIS VA 114 -69.82 41.07 63.95
C HIS VA 114 -70.68 41.48 62.76
N VAL VA 115 -71.50 40.55 62.27
CA VAL VA 115 -72.46 40.84 61.21
C VAL VA 115 -73.46 41.89 61.67
N TYR VA 116 -73.95 41.77 62.91
CA TYR VA 116 -74.89 42.74 63.45
C TYR VA 116 -74.26 44.12 63.59
N GLU VA 117 -73.00 44.17 64.03
CA GLU VA 117 -72.34 45.47 64.18
C GLU VA 117 -72.05 46.12 62.83
N ILE VA 118 -71.67 45.33 61.84
CA ILE VA 118 -71.45 45.89 60.51
C ILE VA 118 -72.77 46.36 59.91
N ALA VA 119 -73.86 45.62 60.18
CA ALA VA 119 -75.18 46.04 59.72
C ALA VA 119 -75.62 47.33 60.41
N LYS VA 120 -75.21 47.53 61.66
CA LYS VA 120 -75.40 48.83 62.29
C LYS VA 120 -74.57 49.91 61.59
N VAL VA 121 -73.35 49.58 61.16
CA VAL VA 121 -72.53 50.53 60.41
C VAL VA 121 -73.10 50.76 59.02
N LYS VA 122 -73.48 49.70 58.32
CA LYS VA 122 -73.94 49.80 56.93
C LYS VA 122 -75.36 50.37 56.80
N GLN VA 123 -76.01 50.74 57.90
CA GLN VA 123 -77.26 51.48 57.84
C GLN VA 123 -77.01 52.98 57.84
N THR VA 124 -75.88 53.43 58.35
CA THR VA 124 -75.50 54.84 58.40
C THR VA 124 -75.14 55.43 57.04
N ASP VA 125 -75.27 54.71 55.93
CA ASP VA 125 -75.05 55.30 54.63
C ASP VA 125 -76.13 56.34 54.31
N PRO VA 126 -75.83 57.31 53.45
CA PRO VA 126 -76.80 58.40 53.19
C PRO VA 126 -78.12 57.97 52.56
N PHE VA 127 -78.21 56.79 51.95
CA PHE VA 127 -79.43 56.35 51.28
C PHE VA 127 -79.93 55.00 51.80
N CYS VA 128 -79.85 54.78 53.11
CA CYS VA 128 -80.31 53.52 53.68
C CYS VA 128 -81.12 53.73 54.95
N GLN VA 129 -81.80 54.87 55.05
CA GLN VA 129 -82.51 55.22 56.28
C GLN VA 129 -83.72 54.34 56.50
N TYR VA 130 -84.30 53.78 55.43
CA TYR VA 130 -85.54 53.05 55.51
C TYR VA 130 -85.35 51.55 55.25
N MET VA 131 -84.12 51.14 55.02
CA MET VA 131 -83.76 49.73 54.99
C MET VA 131 -83.73 49.19 56.41
N PRO VA 132 -84.30 48.02 56.67
CA PRO VA 132 -84.23 47.42 58.01
C PRO VA 132 -82.98 46.58 58.19
N LEU VA 133 -82.67 46.30 59.46
CA LEU VA 133 -81.39 45.65 59.80
C LEU VA 133 -81.37 44.18 59.41
N GLU VA 134 -82.52 43.50 59.41
CA GLU VA 134 -82.55 42.10 59.02
C GLU VA 134 -82.15 41.94 57.56
N SER VA 135 -82.58 42.89 56.73
CA SER VA 135 -82.27 42.90 55.31
C SER VA 135 -80.77 43.02 55.09
N ILE VA 136 -80.15 43.98 55.75
CA ILE VA 136 -78.71 44.18 55.65
C ILE VA 136 -77.96 42.98 56.22
N CYS VA 137 -78.51 42.35 57.27
CA CYS VA 137 -77.86 41.19 57.87
C CYS VA 137 -77.82 40.01 56.90
N LYS VA 138 -78.94 39.73 56.24
CA LYS VA 138 -78.94 38.67 55.23
C LYS VA 138 -78.05 39.01 54.05
N SER VA 139 -77.99 40.30 53.68
CA SER VA 139 -77.07 40.72 52.63
C SER VA 139 -75.62 40.46 53.03
N ILE VA 140 -75.28 40.72 54.29
CA ILE VA 140 -73.92 40.51 54.78
C ILE VA 140 -73.59 39.02 54.80
N ILE VA 141 -74.57 38.17 55.13
CA ILE VA 141 -74.35 36.73 55.02
C ILE VA 141 -74.07 36.34 53.57
N GLY VA 142 -74.76 36.99 52.63
CA GLY VA 142 -74.48 36.73 51.21
C GLY VA 142 -73.09 37.15 50.78
N THR VA 143 -72.64 38.33 51.24
CA THR VA 143 -71.29 38.78 50.93
C THR VA 143 -70.24 37.87 51.55
N ALA VA 144 -70.49 37.40 52.78
CA ALA VA 144 -69.59 36.46 53.42
C ALA VA 144 -69.49 35.15 52.65
N ASN VA 145 -70.63 34.62 52.21
CA ASN VA 145 -70.63 33.40 51.41
C ASN VA 145 -69.95 33.61 50.07
N SER VA 146 -69.90 34.85 49.58
CA SER VA 146 -69.21 35.10 48.32
C SER VA 146 -67.69 34.94 48.44
N MET VA 147 -67.14 35.03 49.65
CA MET VA 147 -65.70 35.11 49.85
C MET VA 147 -65.10 33.85 50.42
N GLY VA 148 -65.90 32.83 50.72
CA GLY VA 148 -65.42 31.67 51.43
C GLY VA 148 -65.47 31.81 52.94
N ILE VA 149 -65.77 33.00 53.46
CA ILE VA 149 -65.92 33.17 54.89
C ILE VA 149 -67.12 32.39 55.39
N LYS VA 150 -66.92 31.62 56.44
CA LYS VA 150 -67.95 30.76 56.99
C LYS VA 150 -68.73 31.52 58.06
N ILE VA 151 -70.00 31.17 58.23
CA ILE VA 151 -70.88 31.88 59.14
C ILE VA 151 -71.47 30.86 60.11
N VAL VA 152 -71.51 31.20 61.40
CA VAL VA 152 -71.96 30.29 62.44
C VAL VA 152 -72.86 31.04 63.42
N GLN VA 153 -73.19 30.38 64.53
CA GLN VA 153 -74.04 31.00 65.54
C GLN VA 153 -73.20 31.72 66.61
N ASP VA 154 -72.22 31.01 67.19
CA ASP VA 154 -71.28 31.63 68.12
C ASP VA 154 -70.00 30.83 68.11
N LEU VA 155 -68.87 31.53 68.03
CA LEU VA 155 -67.56 30.89 68.12
C LEU VA 155 -67.03 30.96 69.54
N GLU VA 156 -66.44 29.86 69.99
CA GLU VA 156 -65.85 29.80 71.33
C GLU VA 156 -64.45 29.22 71.27
N SER WA 9 -114.37 46.66 -43.57
CA SER WA 9 -113.39 47.53 -44.22
C SER WA 9 -111.97 47.08 -43.89
N PHE WA 10 -111.07 47.22 -44.88
CA PHE WA 10 -109.68 46.81 -44.74
C PHE WA 10 -108.77 47.96 -45.14
N ASN WA 11 -107.76 48.23 -44.32
CA ASN WA 11 -106.83 49.32 -44.55
C ASN WA 11 -105.40 48.88 -44.82
N GLY WA 12 -105.09 47.60 -44.60
CA GLY WA 12 -103.74 47.10 -44.83
C GLY WA 12 -103.47 46.90 -46.31
N ASN WA 13 -102.35 46.23 -46.56
CA ASN WA 13 -101.99 45.85 -47.93
C ASN WA 13 -102.97 44.78 -48.40
N LEU WA 14 -103.78 45.12 -49.41
CA LEU WA 14 -104.76 44.18 -49.93
C LEU WA 14 -104.09 43.00 -50.63
N LYS WA 15 -103.05 43.27 -51.42
CA LYS WA 15 -102.40 42.22 -52.19
C LYS WA 15 -101.70 41.22 -51.27
N LYS WA 16 -101.13 41.70 -50.17
CA LYS WA 16 -100.48 40.81 -49.22
C LYS WA 16 -101.50 40.01 -48.43
N ALA WA 17 -102.68 40.58 -48.18
CA ALA WA 17 -103.67 39.90 -47.35
C ALA WA 17 -104.38 38.76 -48.07
N VAL WA 18 -104.49 38.83 -49.40
CA VAL WA 18 -105.20 37.82 -50.17
C VAL WA 18 -104.26 36.93 -50.95
N ALA WA 19 -102.97 36.96 -50.65
CA ALA WA 19 -101.99 36.21 -51.43
C ALA WA 19 -102.12 34.72 -51.18
N GLY WA 20 -102.13 33.94 -52.26
CA GLY WA 20 -102.27 32.51 -52.18
C GLY WA 20 -103.70 32.01 -52.13
N ILE WA 21 -104.68 32.91 -52.05
CA ILE WA 21 -106.08 32.49 -52.06
C ILE WA 21 -106.46 31.91 -53.42
N LYS WA 22 -105.85 32.39 -54.50
CA LYS WA 22 -106.11 31.85 -55.83
C LYS WA 22 -105.54 30.45 -56.02
N ARG WA 23 -104.68 29.98 -55.13
CA ARG WA 23 -104.23 28.59 -55.19
C ARG WA 23 -105.22 27.61 -54.56
N ILE WA 24 -106.27 28.11 -53.90
CA ILE WA 24 -107.21 27.27 -53.16
C ILE WA 24 -108.46 27.05 -54.01
N ASN WA 25 -108.88 25.80 -54.14
CA ASN WA 25 -110.22 25.51 -54.63
C ASN WA 25 -111.24 25.84 -53.56
N LEU WA 26 -112.11 26.82 -53.83
CA LEU WA 26 -113.06 27.31 -52.85
C LEU WA 26 -114.43 26.65 -52.96
N ASP WA 27 -114.56 25.61 -53.78
CA ASP WA 27 -115.86 24.97 -54.00
C ASP WA 27 -116.32 24.26 -52.75
N GLY WA 28 -117.51 24.62 -52.27
CA GLY WA 28 -118.08 23.99 -51.10
C GLY WA 28 -117.32 24.21 -49.81
N LEU WA 29 -116.66 25.35 -49.65
CA LEU WA 29 -115.87 25.66 -48.47
C LEU WA 29 -116.57 26.74 -47.66
N ARG WA 30 -116.63 26.54 -46.35
CA ARG WA 30 -117.09 27.59 -45.46
C ARG WA 30 -115.93 28.50 -45.09
N TRP WA 31 -116.27 29.71 -44.64
CA TRP WA 31 -115.30 30.71 -44.23
C TRP WA 31 -115.49 30.94 -42.73
N ARG WA 32 -114.79 30.15 -41.93
CA ARG WA 32 -114.95 30.23 -40.48
C ARG WA 32 -114.12 31.37 -39.92
N VAL WA 33 -114.72 32.13 -38.99
CA VAL WA 33 -114.09 33.27 -38.37
C VAL WA 33 -113.85 32.95 -36.90
N PHE WA 34 -112.59 32.96 -36.50
CA PHE WA 34 -112.18 32.68 -35.13
C PHE WA 34 -111.79 33.98 -34.46
N ASP WA 35 -112.32 34.22 -33.27
CA ASP WA 35 -111.92 35.38 -32.47
C ASP WA 35 -110.95 34.91 -31.39
N ALA WA 36 -109.73 35.42 -31.44
CA ALA WA 36 -108.71 35.04 -30.47
C ALA WA 36 -108.81 35.80 -29.16
N LYS WA 37 -109.67 36.82 -29.08
CA LYS WA 37 -109.79 37.62 -27.87
C LYS WA 37 -110.50 36.80 -26.79
N GLY WA 38 -109.81 36.55 -25.68
CA GLY WA 38 -110.36 35.78 -24.59
C GLY WA 38 -110.18 34.28 -24.71
N GLN WA 39 -109.38 33.80 -25.65
CA GLN WA 39 -109.14 32.38 -25.82
C GLN WA 39 -107.68 32.05 -25.52
N VAL WA 40 -107.47 30.86 -24.99
CA VAL WA 40 -106.13 30.35 -24.74
C VAL WA 40 -105.51 29.91 -26.08
N LEU WA 41 -104.20 30.12 -26.21
CA LEU WA 41 -103.49 29.89 -27.46
C LEU WA 41 -103.59 28.44 -27.92
N GLY WA 42 -103.25 27.49 -27.05
CA GLY WA 42 -103.21 26.09 -27.46
C GLY WA 42 -104.57 25.48 -27.69
N ARG WA 43 -105.57 25.90 -26.90
CA ARG WA 43 -106.92 25.37 -27.05
C ARG WA 43 -107.56 25.85 -28.35
N LEU WA 44 -107.40 27.14 -28.65
CA LEU WA 44 -107.84 27.67 -29.93
C LEU WA 44 -107.09 27.01 -31.09
N ALA WA 45 -105.78 26.82 -30.93
CA ALA WA 45 -105.00 26.19 -31.99
C ALA WA 45 -105.41 24.75 -32.23
N SER WA 46 -105.79 24.02 -31.18
CA SER WA 46 -106.27 22.65 -31.33
C SER WA 46 -107.59 22.61 -32.10
N GLN WA 47 -108.51 23.52 -31.77
CA GLN WA 47 -109.75 23.60 -32.53
C GLN WA 47 -109.52 23.99 -33.99
N ILE WA 48 -108.60 24.91 -34.23
CA ILE WA 48 -108.26 25.32 -35.60
C ILE WA 48 -107.68 24.14 -36.37
N SER WA 49 -106.85 23.33 -35.70
CA SER WA 49 -106.29 22.13 -36.32
C SER WA 49 -107.39 21.14 -36.71
N THR WA 50 -108.41 21.02 -35.86
CA THR WA 50 -109.56 20.18 -36.21
C THR WA 50 -110.28 20.70 -37.45
N VAL WA 51 -110.48 22.02 -37.54
CA VAL WA 51 -111.24 22.58 -38.66
C VAL WA 51 -110.45 22.51 -39.97
N LEU WA 52 -109.14 22.76 -39.92
CA LEU WA 52 -108.32 22.78 -41.13
C LEU WA 52 -108.21 21.42 -41.79
N GLN WA 53 -108.35 20.34 -41.03
CA GLN WA 53 -108.26 19.00 -41.56
C GLN WA 53 -109.57 18.49 -42.12
N ALA WA 54 -110.64 19.28 -42.04
CA ALA WA 54 -112.02 18.89 -42.41
C ALA WA 54 -112.46 17.64 -41.65
N LYS WA 55 -112.01 17.52 -40.40
CA LYS WA 55 -112.39 16.39 -39.56
C LYS WA 55 -113.70 16.63 -38.83
N ASP WA 56 -114.33 17.78 -39.05
CA ASP WA 56 -115.68 18.05 -38.60
C ASP WA 56 -116.70 17.87 -39.72
N LYS WA 57 -116.27 17.39 -40.86
CA LYS WA 57 -117.19 17.11 -41.96
C LYS WA 57 -117.45 15.63 -42.06
N PRO WA 58 -118.71 15.20 -42.16
CA PRO WA 58 -118.99 13.76 -42.34
C PRO WA 58 -118.44 13.16 -43.62
N THR WA 59 -118.09 13.98 -44.61
CA THR WA 59 -117.49 13.52 -45.84
C THR WA 59 -115.96 13.48 -45.78
N TYR WA 60 -115.40 13.36 -44.59
CA TYR WA 60 -113.95 13.53 -44.39
C TYR WA 60 -113.16 12.41 -45.07
N CYS WA 61 -112.10 12.81 -45.77
CA CYS WA 61 -111.15 11.89 -46.38
C CYS WA 61 -109.75 12.33 -46.00
N PRO WA 62 -108.89 11.42 -45.51
CA PRO WA 62 -107.55 11.83 -45.08
C PRO WA 62 -106.61 12.19 -46.21
N ASN WA 63 -106.85 11.72 -47.43
CA ASN WA 63 -105.96 12.01 -48.54
C ASN WA 63 -106.35 13.29 -49.28
N ARG WA 64 -107.36 14.01 -48.82
CA ARG WA 64 -107.90 15.17 -49.50
C ARG WA 64 -107.72 16.39 -48.62
N ASP WA 65 -107.41 17.53 -49.24
CA ASP WA 65 -107.39 18.81 -48.55
C ASP WA 65 -108.75 19.48 -48.79
N ASP WA 66 -109.66 19.33 -47.83
CA ASP WA 66 -111.01 19.85 -47.96
C ASP WA 66 -111.43 20.67 -46.75
N GLY WA 67 -110.46 21.14 -45.96
CA GLY WA 67 -110.78 21.93 -44.79
C GLY WA 67 -111.34 23.29 -45.14
N ASP WA 68 -112.12 23.84 -44.21
CA ASP WA 68 -112.65 25.18 -44.37
C ASP WA 68 -111.53 26.21 -44.19
N ILE WA 69 -111.81 27.43 -44.62
CA ILE WA 69 -110.89 28.54 -44.46
C ILE WA 69 -111.09 29.14 -43.08
N CYS WA 70 -110.00 29.25 -42.32
CA CYS WA 70 -110.05 29.75 -40.95
C CYS WA 70 -109.47 31.16 -40.92
N ILE WA 71 -110.32 32.13 -40.61
CA ILE WA 71 -109.90 33.51 -40.39
C ILE WA 71 -109.79 33.74 -38.90
N VAL WA 72 -108.60 34.08 -38.43
CA VAL WA 72 -108.34 34.30 -37.01
C VAL WA 72 -108.12 35.79 -36.81
N LEU WA 73 -108.98 36.41 -36.02
CA LEU WA 73 -108.90 37.84 -35.74
C LEU WA 73 -108.34 38.07 -34.35
N ASN WA 74 -107.76 39.26 -34.17
CA ASN WA 74 -107.26 39.76 -32.88
C ASN WA 74 -106.20 38.85 -32.28
N ALA WA 75 -105.17 38.55 -33.09
CA ALA WA 75 -104.12 37.64 -32.65
C ALA WA 75 -103.28 38.23 -31.53
N LYS WA 76 -103.20 39.55 -31.44
CA LYS WA 76 -102.45 40.20 -30.37
C LYS WA 76 -103.14 40.07 -29.01
N ASP WA 77 -104.40 39.65 -28.97
CA ASP WA 77 -105.15 39.51 -27.72
C ASP WA 77 -105.34 38.06 -27.31
N ILE WA 78 -104.50 37.16 -27.83
CA ILE WA 78 -104.58 35.75 -27.45
C ILE WA 78 -104.19 35.60 -25.98
N GLY WA 79 -104.81 34.62 -25.31
CA GLY WA 79 -104.57 34.40 -23.90
C GLY WA 79 -103.41 33.47 -23.66
N ILE WA 80 -102.50 33.89 -22.79
CA ILE WA 80 -101.30 33.13 -22.44
C ILE WA 80 -101.20 33.11 -20.92
N THR WA 81 -101.16 31.91 -20.35
CA THR WA 81 -101.15 31.74 -18.90
C THR WA 81 -99.72 31.54 -18.40
N GLY WA 82 -99.58 31.46 -17.07
CA GLY WA 82 -98.31 31.19 -16.44
C GLY WA 82 -97.27 32.29 -16.66
N ARG WA 83 -96.01 31.87 -16.71
CA ARG WA 83 -94.89 32.77 -16.98
C ARG WA 83 -94.36 32.61 -18.40
N LYS WA 84 -95.22 32.21 -19.33
CA LYS WA 84 -94.78 31.82 -20.66
C LYS WA 84 -94.27 32.99 -21.49
N LEU WA 85 -94.64 34.22 -21.15
CA LEU WA 85 -94.15 35.38 -21.90
C LEU WA 85 -92.63 35.49 -21.80
N THR WA 86 -92.07 35.25 -20.63
CA THR WA 86 -90.64 35.34 -20.43
C THR WA 86 -89.93 33.99 -20.41
N ASP WA 87 -90.65 32.89 -20.24
CA ASP WA 87 -90.01 31.58 -20.08
C ASP WA 87 -90.10 30.69 -21.31
N LYS WA 88 -91.11 30.86 -22.16
CA LYS WA 88 -91.25 30.06 -23.36
C LYS WA 88 -90.41 30.65 -24.48
N PHE WA 89 -89.56 29.83 -25.08
CA PHE WA 89 -88.65 30.28 -26.14
C PHE WA 89 -88.91 29.49 -27.42
N TYR WA 90 -88.79 30.17 -28.56
CA TYR WA 90 -88.70 29.53 -29.86
C TYR WA 90 -87.24 29.47 -30.25
N ARG WA 91 -86.75 28.29 -30.59
CA ARG WA 91 -85.35 28.08 -30.91
C ARG WA 91 -85.20 27.41 -32.27
N TRP WA 92 -84.20 27.83 -33.03
CA TRP WA 92 -83.96 27.29 -34.36
C TRP WA 92 -82.49 27.44 -34.73
N HIS WA 93 -82.04 26.58 -35.62
CA HIS WA 93 -80.65 26.50 -36.04
C HIS WA 93 -80.53 26.93 -37.50
N THR WA 94 -79.62 27.87 -37.78
CA THR WA 94 -79.46 28.40 -39.12
C THR WA 94 -78.67 27.50 -40.05
N GLY WA 95 -78.08 26.42 -39.55
CA GLY WA 95 -77.24 25.56 -40.35
C GLY WA 95 -75.76 25.87 -40.28
N TYR WA 96 -75.38 26.95 -39.61
CA TYR WA 96 -73.99 27.27 -39.32
C TYR WA 96 -73.71 26.89 -37.88
N VAL WA 97 -72.56 26.24 -37.64
CA VAL WA 97 -72.26 25.68 -36.33
C VAL WA 97 -72.10 26.80 -35.31
N GLY WA 98 -72.72 26.61 -34.14
CA GLY WA 98 -72.70 27.62 -33.10
C GLY WA 98 -73.75 28.70 -33.24
N HIS WA 99 -74.69 28.56 -34.18
CA HIS WA 99 -75.62 29.65 -34.47
C HIS WA 99 -77.05 29.26 -34.12
N LEU WA 100 -77.26 28.68 -32.95
CA LEU WA 100 -78.62 28.46 -32.46
C LEU WA 100 -79.22 29.79 -32.03
N LYS WA 101 -80.24 30.23 -32.74
CA LYS WA 101 -80.97 31.44 -32.43
C LYS WA 101 -82.16 31.11 -31.53
N GLU WA 102 -82.49 32.05 -30.65
CA GLU WA 102 -83.67 31.88 -29.81
C GLU WA 102 -84.39 33.22 -29.66
N ARG WA 103 -85.71 33.12 -29.46
CA ARG WA 103 -86.55 34.29 -29.26
C ARG WA 103 -87.62 33.94 -28.25
N SER WA 104 -87.86 34.83 -27.29
CA SER WA 104 -88.88 34.59 -26.30
C SER WA 104 -90.27 34.85 -26.89
N LEU WA 105 -91.29 34.36 -26.17
CA LEU WA 105 -92.67 34.59 -26.57
C LEU WA 105 -93.03 36.07 -26.51
N LYS WA 106 -92.48 36.79 -25.54
CA LYS WA 106 -92.73 38.23 -25.42
C LYS WA 106 -92.19 39.00 -26.62
N ASP WA 107 -90.95 38.68 -27.04
CA ASP WA 107 -90.37 39.35 -28.18
C ASP WA 107 -91.06 38.96 -29.48
N GLN WA 108 -91.49 37.70 -29.60
CA GLN WA 108 -92.24 37.29 -30.78
C GLN WA 108 -93.60 37.98 -30.85
N MET WA 109 -94.27 38.14 -29.70
CA MET WA 109 -95.54 38.85 -29.66
C MET WA 109 -95.36 40.32 -30.02
N ALA WA 110 -94.26 40.93 -29.55
CA ALA WA 110 -93.95 42.31 -29.95
C ALA WA 110 -93.63 42.40 -31.44
N LYS WA 111 -92.96 41.38 -31.98
CA LYS WA 111 -92.54 41.41 -33.38
C LYS WA 111 -93.72 41.16 -34.31
N ASP WA 112 -94.33 39.98 -34.20
CA ASP WA 112 -95.45 39.59 -35.08
C ASP WA 112 -96.29 38.57 -34.33
N PRO WA 113 -97.41 38.98 -33.75
CA PRO WA 113 -98.21 38.05 -32.95
C PRO WA 113 -98.95 37.01 -33.77
N THR WA 114 -99.10 37.19 -35.08
CA THR WA 114 -99.76 36.18 -35.91
C THR WA 114 -98.92 34.91 -36.03
N GLU WA 115 -97.59 35.06 -35.99
CA GLU WA 115 -96.68 33.92 -36.04
C GLU WA 115 -96.82 32.99 -34.85
N VAL WA 116 -97.22 33.51 -33.69
CA VAL WA 116 -97.45 32.67 -32.52
C VAL WA 116 -98.56 31.66 -32.78
N ILE WA 117 -99.69 32.14 -33.30
CA ILE WA 117 -100.79 31.26 -33.65
C ILE WA 117 -100.42 30.33 -34.79
N ARG WA 118 -99.72 30.86 -35.81
CA ARG WA 118 -99.33 30.03 -36.95
C ARG WA 118 -98.39 28.91 -36.53
N LYS WA 119 -97.47 29.17 -35.60
CA LYS WA 119 -96.55 28.14 -35.16
C LYS WA 119 -97.23 27.14 -34.22
N ALA WA 120 -98.18 27.59 -33.41
CA ALA WA 120 -98.95 26.65 -32.59
C ALA WA 120 -99.78 25.71 -33.44
N VAL WA 121 -100.42 26.22 -34.49
CA VAL WA 121 -101.24 25.37 -35.36
C VAL WA 121 -100.37 24.43 -36.19
N TRP WA 122 -99.22 24.92 -36.67
CA TRP WA 122 -98.41 24.19 -37.64
C TRP WA 122 -97.92 22.85 -37.10
N ARG WA 123 -97.48 22.81 -35.86
CA ARG WA 123 -96.96 21.58 -35.28
C ARG WA 123 -98.04 20.73 -34.65
N MET WA 124 -99.30 21.17 -34.73
CA MET WA 124 -100.45 20.35 -34.38
C MET WA 124 -101.05 19.63 -35.57
N LEU WA 125 -100.65 19.98 -36.80
CA LEU WA 125 -101.09 19.36 -38.04
C LEU WA 125 -100.23 18.14 -38.36
N PRO WA 126 -100.79 17.14 -39.04
CA PRO WA 126 -99.97 16.00 -39.46
C PRO WA 126 -98.88 16.40 -40.44
N THR WA 127 -97.71 15.79 -40.30
CA THR WA 127 -96.59 16.06 -41.18
C THR WA 127 -96.74 15.24 -42.46
N ASN WA 128 -97.31 15.85 -43.48
CA ASN WA 128 -97.43 15.25 -44.79
C ASN WA 128 -97.47 16.38 -45.82
N ASN WA 129 -97.64 16.02 -47.10
CA ASN WA 129 -97.63 17.03 -48.15
C ASN WA 129 -98.88 17.90 -48.17
N LEU WA 130 -99.92 17.55 -47.42
CA LEU WA 130 -101.11 18.39 -47.30
C LEU WA 130 -100.97 19.49 -46.28
N ARG WA 131 -99.88 19.50 -45.51
CA ARG WA 131 -99.71 20.43 -44.41
C ARG WA 131 -99.59 21.88 -44.88
N ASP WA 132 -98.81 22.13 -45.93
CA ASP WA 132 -98.65 23.51 -46.41
C ASP WA 132 -99.90 24.00 -47.13
N ASP WA 133 -100.65 23.10 -47.74
CA ASP WA 133 -101.95 23.46 -48.32
C ASP WA 133 -102.95 23.87 -47.24
N ARG WA 134 -102.88 23.23 -46.08
CA ARG WA 134 -103.72 23.62 -44.95
C ARG WA 134 -103.23 24.90 -44.30
N ASP WA 135 -101.92 25.12 -44.27
CA ASP WA 135 -101.38 26.39 -43.78
C ASP WA 135 -101.74 27.55 -44.70
N ARG WA 136 -101.94 27.27 -45.99
CA ARG WA 136 -102.41 28.30 -46.91
C ARG WA 136 -103.81 28.80 -46.55
N LYS WA 137 -104.65 27.94 -45.99
CA LYS WA 137 -106.01 28.30 -45.60
C LYS WA 137 -106.09 29.02 -44.26
N LEU WA 138 -105.00 29.09 -43.50
CA LEU WA 138 -105.00 29.74 -42.20
C LEU WA 138 -104.63 31.21 -42.38
N ARG WA 139 -105.64 32.08 -42.27
CA ARG WA 139 -105.46 33.52 -42.49
C ARG WA 139 -105.58 34.23 -41.16
N ILE WA 140 -104.45 34.72 -40.63
CA ILE WA 140 -104.38 35.27 -39.29
C ILE WA 140 -104.17 36.77 -39.39
N PHE WA 141 -104.87 37.52 -38.53
CA PHE WA 141 -104.80 38.97 -38.51
C PHE WA 141 -104.61 39.44 -37.08
N GLU WA 142 -103.78 40.48 -36.91
CA GLU WA 142 -103.48 40.98 -35.57
C GLU WA 142 -104.62 41.82 -35.01
N GLY WA 143 -105.47 42.36 -35.86
CA GLY WA 143 -106.56 43.19 -35.39
C GLY WA 143 -107.92 42.67 -35.78
N ASN WA 144 -108.90 43.57 -35.89
CA ASN WA 144 -110.27 43.21 -36.19
C ASN WA 144 -110.60 43.31 -37.68
N GLU WA 145 -109.65 43.69 -38.52
CA GLU WA 145 -109.93 44.02 -39.91
C GLU WA 145 -109.31 42.99 -40.84
N HIS WA 146 -110.07 42.57 -41.85
CA HIS WA 146 -109.65 41.55 -42.79
C HIS WA 146 -110.31 41.84 -44.13
N PRO WA 147 -109.72 41.40 -45.24
CA PRO WA 147 -110.27 41.73 -46.56
C PRO WA 147 -111.38 40.80 -47.06
N PHE WA 148 -111.88 39.87 -46.26
CA PHE WA 148 -112.83 38.89 -46.75
C PHE WA 148 -114.26 39.20 -46.33
N GLY WA 149 -114.61 40.49 -46.28
CA GLY WA 149 -115.94 40.87 -45.87
C GLY WA 149 -117.04 40.59 -46.88
N ASP WA 150 -116.67 40.34 -48.13
CA ASP WA 150 -117.64 39.98 -49.16
C ASP WA 150 -117.90 38.48 -49.22
N LYS WA 151 -117.17 37.69 -48.44
CA LYS WA 151 -117.33 36.24 -48.38
C LYS WA 151 -118.42 35.85 -47.40
N PRO WA 152 -119.01 34.65 -47.54
CA PRO WA 152 -120.00 34.20 -46.55
C PRO WA 152 -119.39 33.75 -45.24
N LEU WA 153 -119.12 34.71 -44.35
CA LEU WA 153 -118.46 34.42 -43.09
C LEU WA 153 -119.41 33.75 -42.12
N GLU WA 154 -118.95 32.68 -41.49
CA GLU WA 154 -119.67 32.01 -40.41
C GLU WA 154 -118.76 32.04 -39.18
N PRO WA 155 -119.11 32.77 -38.12
CA PRO WA 155 -118.26 32.75 -36.92
C PRO WA 155 -118.20 31.37 -36.29
N PHE WA 156 -117.01 31.02 -35.79
CA PHE WA 156 -116.83 29.76 -35.11
C PHE WA 156 -117.29 29.88 -33.67
N VAL WA 157 -118.13 28.96 -33.24
CA VAL WA 157 -118.53 28.85 -31.85
C VAL WA 157 -117.71 27.74 -31.23
N MET WA 158 -116.88 28.09 -30.26
CA MET WA 158 -116.06 27.08 -29.63
C MET WA 158 -116.94 26.23 -28.71
N PRO WA 159 -116.68 24.92 -28.61
CA PRO WA 159 -117.55 24.07 -27.81
C PRO WA 159 -117.48 24.44 -26.34
N PRO WA 160 -118.53 24.19 -25.58
CA PRO WA 160 -118.56 24.66 -24.19
C PRO WA 160 -117.52 23.94 -23.32
N ARG WA 161 -116.98 24.70 -22.37
CA ARG WA 161 -115.98 24.22 -21.44
C ARG WA 161 -116.28 24.82 -20.08
N THR WA 162 -116.28 23.99 -19.05
CA THR WA 162 -116.40 24.48 -17.68
C THR WA 162 -115.05 25.00 -17.24
N VAL WA 163 -114.93 26.31 -17.10
CA VAL WA 163 -113.71 26.92 -16.62
C VAL WA 163 -113.81 27.08 -15.11
N ARG WA 164 -112.79 26.60 -14.40
CA ARG WA 164 -112.71 26.83 -12.96
C ARG WA 164 -112.59 28.32 -12.69
N GLU WA 165 -113.56 28.87 -11.96
CA GLU WA 165 -113.66 30.32 -11.83
C GLU WA 165 -112.58 30.89 -10.90
N MET WA 166 -112.07 30.08 -9.97
CA MET WA 166 -111.21 30.61 -8.93
C MET WA 166 -110.19 29.56 -8.55
N ARG WA 167 -108.96 30.02 -8.33
CA ARG WA 167 -107.90 29.14 -7.89
C ARG WA 167 -108.15 28.70 -6.45
N PRO WA 168 -107.65 27.52 -6.05
CA PRO WA 168 -107.91 27.03 -4.68
C PRO WA 168 -107.43 27.94 -3.57
N ARG WA 169 -106.27 28.59 -3.74
CA ARG WA 169 -105.77 29.52 -2.73
C ARG WA 169 -106.67 30.74 -2.60
N ALA WA 170 -107.12 31.29 -3.72
CA ALA WA 170 -108.04 32.43 -3.70
C ALA WA 170 -109.40 32.04 -3.13
N ARG WA 171 -109.89 30.84 -3.45
CA ARG WA 171 -111.15 30.37 -2.88
C ARG WA 171 -111.04 30.18 -1.38
N ARG WA 172 -109.91 29.66 -0.90
CA ARG WA 172 -109.72 29.50 0.54
C ARG WA 172 -109.63 30.86 1.22
N ALA WA 173 -108.97 31.83 0.59
CA ALA WA 173 -108.92 33.18 1.15
C ALA WA 173 -110.29 33.83 1.22
N MET WA 174 -111.11 33.65 0.17
CA MET WA 174 -112.45 34.20 0.16
C MET WA 174 -113.35 33.52 1.20
N ILE WA 175 -113.21 32.21 1.36
CA ILE WA 175 -113.97 31.49 2.37
C ILE WA 175 -113.55 31.92 3.77
N ARG WA 176 -112.26 32.14 3.99
CA ARG WA 176 -111.78 32.63 5.28
C ARG WA 176 -112.30 34.03 5.58
N ALA WA 177 -112.33 34.90 4.57
CA ALA WA 177 -112.91 36.22 4.74
C ALA WA 177 -114.40 36.14 5.06
N GLN WA 178 -115.11 35.26 4.36
CA GLN WA 178 -116.53 35.06 4.61
C GLN WA 178 -116.79 34.54 6.02
N LYS WA 179 -115.97 33.59 6.48
CA LYS WA 179 -116.17 33.03 7.82
C LYS WA 179 -115.79 34.02 8.91
N LYS WA 180 -114.76 34.85 8.66
CA LYS WA 180 -114.42 35.89 9.63
C LYS WA 180 -115.53 36.93 9.75
N ALA WA 181 -116.07 37.37 8.61
CA ALA WA 181 -117.19 38.32 8.64
C ALA WA 181 -118.43 37.70 9.26
N GLU WA 182 -118.70 36.42 8.96
CA GLU WA 182 -119.87 35.75 9.51
C GLU WA 182 -119.73 35.52 11.00
N LEU WA 183 -118.54 35.17 11.48
CA LEU WA 183 -118.32 35.02 12.91
C LEU WA 183 -118.47 36.36 13.63
N ALA WA 184 -117.93 37.44 13.05
CA ALA WA 184 -118.08 38.75 13.64
C ALA WA 184 -119.55 39.18 13.69
N GLU WA 185 -120.29 38.93 12.62
CA GLU WA 185 -121.71 39.31 12.59
C GLU WA 185 -122.55 38.42 13.49
N ASN WA 186 -122.20 37.14 13.62
CA ASN WA 186 -122.91 36.26 14.53
C ASN WA 186 -122.69 36.67 15.99
N GLY WA 187 -121.44 37.01 16.33
CA GLY WA 187 -121.17 37.54 17.66
C GLY WA 187 -121.89 38.85 17.92
N GLY WA 188 -121.93 39.73 16.91
CA GLY WA 188 -122.66 40.98 17.05
C GLY WA 188 -124.15 40.79 17.22
N THR WA 189 -124.75 39.86 16.48
CA THR WA 189 -126.17 39.61 16.62
C THR WA 189 -126.49 38.90 17.93
N GLU WA 190 -125.59 38.05 18.43
CA GLU WA 190 -125.77 37.48 19.76
C GLU WA 190 -125.70 38.56 20.84
N VAL WA 191 -124.77 39.52 20.69
CA VAL WA 191 -124.69 40.66 21.61
C VAL WA 191 -125.96 41.48 21.56
N LYS WA 192 -126.48 41.72 20.35
CA LYS WA 192 -127.68 42.55 20.18
C LYS WA 192 -128.92 41.83 20.70
N LYS WA 193 -128.99 40.51 20.56
CA LYS WA 193 -130.13 39.76 21.07
C LYS WA 193 -130.00 39.43 22.56
N GLY WA 194 -128.81 39.64 23.14
CA GLY WA 194 -128.67 39.53 24.58
C GLY WA 194 -128.79 40.84 25.33
N LYS WA 195 -128.59 41.96 24.62
CA LYS WA 195 -128.67 43.27 25.26
C LYS WA 195 -130.04 43.92 25.14
N LYS WA 196 -130.78 43.65 24.05
CA LYS WA 196 -132.07 44.28 23.82
C LYS WA 196 -133.12 43.90 24.85
N ARG WA 197 -133.02 42.71 25.44
CA ARG WA 197 -133.95 42.27 26.47
C ARG WA 197 -133.83 43.11 27.74
N PHE XA 50 -36.02 43.45 -41.78
CA PHE XA 50 -36.48 43.56 -40.41
C PHE XA 50 -35.45 43.00 -39.43
N ILE XA 51 -35.17 43.76 -38.39
CA ILE XA 51 -34.33 43.28 -37.29
C ILE XA 51 -35.15 42.30 -36.47
N GLN XA 52 -34.68 41.06 -36.37
CA GLN XA 52 -35.43 40.01 -35.72
C GLN XA 52 -34.48 39.13 -34.93
N MET XA 53 -34.98 38.02 -34.43
CA MET XA 53 -34.16 37.08 -33.67
C MET XA 53 -33.06 36.51 -34.53
N GLY XA 54 -31.81 36.67 -34.08
CA GLY XA 54 -30.66 36.25 -34.83
C GLY XA 54 -29.90 37.36 -35.54
N THR XA 55 -30.50 38.53 -35.70
CA THR XA 55 -29.84 39.64 -36.38
C THR XA 55 -28.66 40.14 -35.55
N VAL XA 56 -27.50 40.28 -36.19
CA VAL XA 56 -26.30 40.79 -35.55
C VAL XA 56 -26.18 42.27 -35.87
N LEU XA 57 -26.03 43.09 -34.84
CA LEU XA 57 -26.01 44.53 -34.98
C LEU XA 57 -24.73 45.12 -34.40
N LYS XA 58 -24.29 46.21 -35.02
CA LYS XA 58 -23.16 46.99 -34.51
C LYS XA 58 -23.63 47.88 -33.37
N VAL XA 59 -22.74 48.13 -32.42
CA VAL XA 59 -23.04 48.97 -31.27
C VAL XA 59 -22.26 50.27 -31.45
N VAL XA 60 -22.98 51.39 -31.53
CA VAL XA 60 -22.37 52.66 -31.95
C VAL XA 60 -22.42 53.70 -30.84
N ASP XA 61 -22.36 53.27 -29.59
CA ASP XA 61 -22.08 54.15 -28.48
C ASP XA 61 -20.82 53.66 -27.77
N ASN XA 62 -20.48 54.31 -26.66
CA ASN XA 62 -19.28 53.96 -25.89
C ASN XA 62 -19.63 53.19 -24.62
N SER XA 63 -20.68 52.37 -24.67
CA SER XA 63 -21.07 51.57 -23.52
C SER XA 63 -20.12 50.41 -23.26
N GLY XA 64 -19.27 50.06 -24.23
CA GLY XA 64 -18.31 49.00 -24.08
C GLY XA 64 -18.59 47.78 -24.91
N ALA XA 65 -19.83 47.57 -25.32
CA ALA XA 65 -20.18 46.48 -26.22
C ALA XA 65 -19.87 46.86 -27.66
N LYS XA 66 -19.51 45.86 -28.46
CA LYS XA 66 -19.22 46.07 -29.87
C LYS XA 66 -20.23 45.45 -30.81
N LYS XA 67 -20.75 44.27 -30.49
CA LYS XA 67 -21.74 43.59 -31.33
C LYS XA 67 -22.78 42.93 -30.44
N VAL XA 68 -24.04 43.01 -30.85
CA VAL XA 68 -25.14 42.34 -30.17
C VAL XA 68 -25.88 41.46 -31.17
N MET XA 69 -26.60 40.49 -30.65
CA MET XA 69 -27.55 39.71 -31.44
C MET XA 69 -28.95 39.94 -30.87
N CYS XA 70 -29.86 40.36 -31.74
CA CYS XA 70 -31.21 40.68 -31.31
C CYS XA 70 -31.94 39.44 -30.82
N ILE XA 71 -32.66 39.59 -29.71
CA ILE XA 71 -33.53 38.54 -29.20
C ILE XA 71 -34.94 38.69 -29.74
N GLN XA 72 -35.49 39.90 -29.64
CA GLN XA 72 -36.80 40.20 -30.18
C GLN XA 72 -36.90 41.69 -30.41
N ALA XA 73 -37.84 42.07 -31.28
CA ALA XA 73 -38.36 43.42 -31.28
C ALA XA 73 -39.35 43.56 -30.13
N LEU XA 74 -39.34 44.71 -29.47
CA LEU XA 74 -40.29 44.92 -28.38
C LEU XA 74 -41.71 45.10 -28.90
N LYS XA 75 -41.87 45.58 -30.13
CA LYS XA 75 -43.16 45.75 -30.77
C LYS XA 75 -43.05 45.29 -32.21
N GLY XA 76 -44.11 44.65 -32.71
CA GLY XA 76 -44.15 44.26 -34.11
C GLY XA 76 -43.91 42.78 -34.33
N LYS XA 77 -44.81 42.15 -35.10
CA LYS XA 77 -44.67 40.72 -35.34
C LYS XA 77 -43.50 40.43 -36.28
N LYS XA 78 -43.30 41.25 -37.30
CA LYS XA 78 -42.28 40.97 -38.31
C LYS XA 78 -40.88 41.37 -37.88
N GLY XA 79 -40.74 42.18 -36.85
CA GLY XA 79 -39.46 42.62 -36.39
C GLY XA 79 -39.42 44.12 -36.28
N ALA XA 80 -38.20 44.65 -36.20
CA ALA XA 80 -37.98 46.06 -35.88
C ALA XA 80 -37.48 46.82 -37.09
N ARG XA 81 -38.03 48.01 -37.30
CA ARG XA 81 -37.54 48.94 -38.29
C ARG XA 81 -36.68 50.00 -37.60
N LEU XA 82 -36.30 51.02 -38.38
CA LEU XA 82 -35.54 52.15 -37.86
C LEU XA 82 -36.29 52.87 -36.75
N GLY XA 83 -35.59 53.14 -35.64
CA GLY XA 83 -36.16 53.83 -34.50
C GLY XA 83 -36.79 52.95 -33.45
N ASP XA 84 -36.92 51.65 -33.70
CA ASP XA 84 -37.53 50.74 -32.75
C ASP XA 84 -36.53 50.30 -31.67
N THR XA 85 -37.07 49.73 -30.60
CA THR XA 85 -36.28 49.20 -29.49
C THR XA 85 -36.28 47.68 -29.54
N ILE XA 86 -35.12 47.07 -29.35
CA ILE XA 86 -34.98 45.62 -29.38
C ILE XA 86 -34.39 45.14 -28.06
N VAL XA 87 -34.64 43.87 -27.76
CA VAL XA 87 -33.92 43.14 -26.73
C VAL XA 87 -32.80 42.38 -27.41
N ALA XA 88 -31.61 42.40 -26.82
CA ALA XA 88 -30.46 41.78 -27.46
C ALA XA 88 -29.54 41.18 -26.41
N SER XA 89 -28.62 40.34 -26.87
CA SER XA 89 -27.58 39.77 -26.03
C SER XA 89 -26.21 40.15 -26.59
N VAL XA 90 -25.27 40.44 -25.70
CA VAL XA 90 -23.99 40.98 -26.11
C VAL XA 90 -23.06 39.86 -26.53
N LYS XA 91 -22.55 39.95 -27.76
CA LYS XA 91 -21.68 38.93 -28.33
C LYS XA 91 -20.20 39.31 -28.27
N GLU XA 92 -19.87 40.58 -28.50
CA GLU XA 92 -18.50 41.08 -28.41
C GLU XA 92 -18.49 42.33 -27.55
N ALA XA 93 -17.56 42.41 -26.61
CA ALA XA 93 -17.43 43.59 -25.77
C ALA XA 93 -15.97 43.92 -25.54
N MET XA 94 -15.71 45.20 -25.32
CA MET XA 94 -14.37 45.66 -24.96
C MET XA 94 -14.02 45.19 -23.55
N PRO XA 95 -12.73 44.98 -23.26
CA PRO XA 95 -12.34 44.48 -21.92
C PRO XA 95 -12.71 45.39 -20.77
N ASN XA 96 -12.74 46.70 -20.97
CA ASN XA 96 -13.07 47.66 -19.93
C ASN XA 96 -14.24 48.51 -20.41
N GLY XA 97 -15.44 48.15 -19.97
CA GLY XA 97 -16.63 48.88 -20.35
C GLY XA 97 -17.75 48.57 -19.39
N LYS XA 98 -18.83 49.35 -19.51
CA LYS XA 98 -19.99 49.19 -18.64
C LYS XA 98 -20.74 47.89 -18.90
N VAL XA 99 -20.65 47.34 -20.11
CA VAL XA 99 -21.49 46.24 -20.55
C VAL XA 99 -20.60 45.07 -20.93
N LYS XA 100 -20.90 43.89 -20.38
CA LYS XA 100 -20.10 42.70 -20.55
C LYS XA 100 -20.73 41.74 -21.55
N LYS XA 101 -19.90 40.85 -22.08
CA LYS XA 101 -20.35 39.83 -23.02
C LYS XA 101 -21.31 38.86 -22.36
N GLY XA 102 -22.40 38.55 -23.05
CA GLY XA 102 -23.43 37.67 -22.53
C GLY XA 102 -24.55 38.36 -21.78
N ALA XA 103 -24.49 39.67 -21.61
CA ALA XA 103 -25.53 40.38 -20.90
C ALA XA 103 -26.74 40.60 -21.81
N VAL XA 104 -27.92 40.63 -21.19
CA VAL XA 104 -29.16 40.95 -21.89
C VAL XA 104 -29.39 42.44 -21.79
N VAL XA 105 -29.50 43.12 -22.94
CA VAL XA 105 -29.55 44.57 -23.01
C VAL XA 105 -30.71 45.00 -23.89
N TYR XA 106 -31.07 46.28 -23.77
CA TYR XA 106 -32.00 46.93 -24.68
C TYR XA 106 -31.24 47.88 -25.59
N GLY XA 107 -31.63 47.93 -26.85
CA GLY XA 107 -30.99 48.83 -27.79
C GLY XA 107 -31.96 49.48 -28.76
N VAL XA 108 -31.70 50.74 -29.12
CA VAL XA 108 -32.53 51.49 -30.04
C VAL XA 108 -31.86 51.48 -31.40
N VAL XA 109 -32.59 51.03 -32.43
CA VAL XA 109 -32.05 50.96 -33.78
C VAL XA 109 -31.90 52.36 -34.33
N VAL XA 110 -30.66 52.75 -34.64
CA VAL XA 110 -30.39 54.07 -35.20
C VAL XA 110 -29.92 54.01 -36.64
N ARG XA 111 -29.43 52.87 -37.11
CA ARG XA 111 -29.15 52.67 -38.52
C ARG XA 111 -29.77 51.34 -38.94
N ALA XA 112 -30.44 51.34 -40.08
CA ALA XA 112 -31.07 50.13 -40.58
C ALA XA 112 -30.86 50.02 -42.07
N ALA XA 113 -30.60 48.80 -42.54
CA ALA XA 113 -30.40 48.54 -43.97
C ALA XA 113 -31.70 48.51 -44.74
N MET XA 114 -32.84 48.40 -44.06
CA MET XA 114 -34.14 48.42 -44.72
C MET XA 114 -34.65 49.85 -44.81
N GLN XA 115 -35.11 50.24 -46.00
CA GLN XA 115 -35.56 51.59 -46.24
C GLN XA 115 -36.81 51.91 -45.43
N ARG XA 116 -36.90 53.16 -44.97
CA ARG XA 116 -38.01 53.63 -44.16
C ARG XA 116 -38.59 54.89 -44.79
N GLY XA 117 -39.89 54.86 -45.09
CA GLY XA 117 -40.53 56.00 -45.68
C GLY XA 117 -40.80 57.10 -44.67
N ARG XA 118 -40.97 58.32 -45.18
CA ARG XA 118 -41.25 59.50 -44.36
C ARG XA 118 -42.57 60.12 -44.80
N VAL XA 119 -43.01 61.15 -44.07
CA VAL XA 119 -44.39 61.64 -44.18
C VAL XA 119 -44.63 62.36 -45.50
N ASP XA 120 -43.59 62.85 -46.17
CA ASP XA 120 -43.74 63.55 -47.43
C ASP XA 120 -43.35 62.70 -48.63
N GLY XA 121 -43.18 61.40 -48.44
CA GLY XA 121 -42.82 60.50 -49.53
C GLY XA 121 -41.36 60.20 -49.66
N SER XA 122 -40.50 60.78 -48.83
CA SER XA 122 -39.07 60.52 -48.88
C SER XA 122 -38.75 59.17 -48.24
N GLU XA 123 -37.57 58.66 -48.56
CA GLU XA 123 -37.06 57.42 -47.98
C GLU XA 123 -35.62 57.63 -47.55
N VAL XA 124 -35.19 56.84 -46.56
CA VAL XA 124 -33.82 56.84 -46.08
C VAL XA 124 -33.37 55.39 -45.92
N ARG XA 125 -32.11 55.13 -46.22
CA ARG XA 125 -31.57 53.78 -46.13
C ARG XA 125 -30.10 53.87 -45.75
N PHE XA 126 -29.68 53.03 -44.81
CA PHE XA 126 -28.30 52.96 -44.37
C PHE XA 126 -27.65 51.67 -44.86
N ASP XA 127 -26.33 51.61 -44.75
CA ASP XA 127 -25.61 50.43 -45.24
C ASP XA 127 -25.68 49.25 -44.27
N ASP XA 128 -25.75 49.51 -42.97
CA ASP XA 128 -25.66 48.43 -41.98
C ASP XA 128 -26.76 48.62 -40.94
N ASN XA 129 -26.70 47.80 -39.89
CA ASN XA 129 -27.65 47.83 -38.79
C ASN XA 129 -26.89 48.14 -37.50
N ALA XA 130 -27.36 49.15 -36.77
CA ALA XA 130 -26.64 49.64 -35.60
C ALA XA 130 -27.62 50.02 -34.49
N VAL XA 131 -27.17 49.84 -33.24
CA VAL XA 131 -27.99 50.14 -32.08
C VAL XA 131 -27.23 51.05 -31.11
N VAL XA 132 -28.00 51.73 -30.27
CA VAL XA 132 -27.49 52.46 -29.11
C VAL XA 132 -28.13 51.84 -27.89
N LEU XA 133 -27.31 51.40 -26.94
CA LEU XA 133 -27.81 50.68 -25.78
C LEU XA 133 -28.45 51.62 -24.78
N VAL XA 134 -29.59 51.19 -24.23
CA VAL XA 134 -30.35 51.97 -23.27
C VAL XA 134 -30.65 51.11 -22.05
N ASP XA 135 -31.04 51.77 -20.96
CA ASP XA 135 -31.24 51.10 -19.69
C ASP XA 135 -32.45 50.17 -19.72
N ASN XA 136 -32.28 48.98 -19.15
CA ASN XA 136 -33.36 48.01 -19.06
C ASN XA 136 -33.55 47.45 -17.65
N LYS XA 137 -32.88 48.01 -16.64
CA LYS XA 137 -33.07 47.53 -15.29
C LYS XA 137 -34.39 48.01 -14.69
N ASP XA 138 -34.83 49.21 -15.03
CA ASP XA 138 -36.13 49.72 -14.64
C ASP XA 138 -37.10 49.46 -15.79
N LYS XA 139 -37.99 48.49 -15.60
CA LYS XA 139 -38.86 48.06 -16.68
C LYS XA 139 -40.24 48.70 -16.63
N LYS XA 140 -40.47 49.61 -15.69
CA LYS XA 140 -41.73 50.34 -15.64
C LYS XA 140 -41.67 51.66 -16.40
N THR XA 141 -40.48 52.15 -16.74
CA THR XA 141 -40.32 53.31 -17.61
C THR XA 141 -40.30 52.81 -19.06
N LYS XA 142 -41.50 52.70 -19.63
CA LYS XA 142 -41.70 52.27 -21.01
C LYS XA 142 -41.72 53.43 -21.99
N THR XA 143 -41.01 54.50 -21.66
CA THR XA 143 -40.95 55.73 -22.44
C THR XA 143 -39.48 55.98 -22.73
N ASP XA 144 -39.12 57.22 -23.07
CA ASP XA 144 -37.74 57.63 -23.37
C ASP XA 144 -36.73 57.12 -22.34
N ARG XA 145 -35.85 56.22 -22.78
CA ARG XA 145 -34.97 55.48 -21.89
C ARG XA 145 -33.58 56.10 -21.85
N GLN XA 146 -32.90 55.90 -20.72
CA GLN XA 146 -31.59 56.49 -20.51
C GLN XA 146 -30.54 55.72 -21.30
N PRO XA 147 -29.80 56.37 -22.19
CA PRO XA 147 -28.67 55.70 -22.84
C PRO XA 147 -27.60 55.30 -21.83
N ILE XA 148 -27.00 54.14 -22.06
CA ILE XA 148 -25.96 53.65 -21.16
C ILE XA 148 -24.68 54.45 -21.31
N GLY XA 149 -24.29 54.73 -22.55
CA GLY XA 149 -23.08 55.49 -22.81
C GLY XA 149 -23.29 56.98 -22.74
N THR XA 150 -22.27 57.72 -23.17
CA THR XA 150 -22.32 59.17 -23.19
C THR XA 150 -22.07 59.77 -24.57
N ARG XA 151 -21.65 58.98 -25.55
CA ARG XA 151 -21.41 59.45 -26.90
C ARG XA 151 -22.12 58.53 -27.89
N VAL XA 152 -22.51 59.10 -29.02
CA VAL XA 152 -23.13 58.34 -30.10
C VAL XA 152 -22.36 58.63 -31.38
N PHE XA 153 -21.86 57.58 -32.02
CA PHE XA 153 -21.06 57.72 -33.24
C PHE XA 153 -21.93 57.46 -34.46
N GLY XA 154 -21.67 58.21 -35.53
CA GLY XA 154 -22.35 58.00 -36.79
C GLY XA 154 -23.67 58.73 -36.92
N PRO XA 155 -24.32 58.58 -38.08
CA PRO XA 155 -25.60 59.26 -38.30
C PRO XA 155 -26.73 58.62 -37.51
N VAL XA 156 -27.76 59.44 -37.29
CA VAL XA 156 -28.88 59.17 -36.39
C VAL XA 156 -30.15 59.61 -37.09
N PRO XA 157 -31.23 58.83 -37.11
CA PRO XA 157 -32.38 59.18 -37.94
C PRO XA 157 -33.24 60.26 -37.31
N HIS XA 158 -33.96 60.97 -38.17
CA HIS XA 158 -34.96 61.94 -37.73
C HIS XA 158 -36.12 61.28 -37.00
N GLU XA 159 -36.33 59.98 -37.18
CA GLU XA 159 -37.43 59.24 -36.62
C GLU XA 159 -37.43 59.19 -35.09
N LEU XA 160 -36.31 59.49 -34.44
CA LEU XA 160 -36.21 59.35 -33.00
C LEU XA 160 -37.06 60.35 -32.23
N ARG XA 161 -37.41 61.49 -32.83
CA ARG XA 161 -38.23 62.47 -32.12
C ARG XA 161 -39.67 62.00 -31.99
N LYS XA 162 -40.28 61.52 -33.08
CA LYS XA 162 -41.65 61.04 -33.01
C LYS XA 162 -41.76 59.78 -32.17
N LYS XA 163 -40.74 58.92 -32.19
CA LYS XA 163 -40.69 57.76 -31.32
C LYS XA 163 -40.16 58.10 -29.92
N LYS XA 164 -39.85 59.38 -29.68
CA LYS XA 164 -39.50 59.92 -28.37
C LYS XA 164 -38.23 59.30 -27.80
N HIS XA 165 -37.22 59.14 -28.65
CA HIS XA 165 -35.87 58.82 -28.19
C HIS XA 165 -35.04 60.10 -28.10
N LEU XA 166 -35.46 60.99 -27.19
CA LEU XA 166 -34.95 62.35 -27.17
C LEU XA 166 -33.53 62.43 -26.61
N LYS XA 167 -33.16 61.56 -25.68
CA LYS XA 167 -31.81 61.60 -25.12
C LYS XA 167 -30.77 61.19 -26.16
N ILE XA 168 -31.08 60.17 -26.97
CA ILE XA 168 -30.18 59.75 -28.03
C ILE XA 168 -30.07 60.85 -29.10
N LEU XA 169 -31.18 61.53 -29.39
CA LEU XA 169 -31.16 62.64 -30.33
C LEU XA 169 -30.36 63.81 -29.79
N ALA XA 170 -30.41 64.04 -28.48
CA ALA XA 170 -29.57 65.08 -27.86
C ALA XA 170 -28.10 64.72 -27.94
N LEU XA 171 -27.77 63.43 -27.79
CA LEU XA 171 -26.37 63.01 -27.79
C LEU XA 171 -25.77 62.89 -29.18
N ALA XA 172 -26.56 63.05 -30.24
CA ALA XA 172 -26.08 62.75 -31.58
C ALA XA 172 -25.42 63.97 -32.23
N GLN XA 173 -24.37 63.70 -33.01
CA GLN XA 173 -23.67 64.72 -33.79
C GLN XA 173 -24.19 64.88 -35.21
N HIS XA 174 -24.53 63.78 -35.87
CA HIS XA 174 -24.97 63.82 -37.27
C HIS XA 174 -26.35 63.21 -37.38
N ILE XA 175 -27.24 63.89 -38.11
CA ILE XA 175 -28.62 63.46 -38.25
C ILE XA 175 -28.91 63.27 -39.73
N ALA XA 176 -29.40 62.09 -40.10
CA ALA XA 176 -29.69 61.79 -41.50
C ALA XA 176 -31.12 61.25 -41.67
N ALA YA 60 -111.10 -55.23 -67.81
CA ALA YA 60 -110.39 -55.15 -66.53
C ALA YA 60 -110.35 -56.50 -65.84
N TYR YA 61 -111.26 -57.39 -66.26
CA TYR YA 61 -111.37 -58.72 -65.66
C TYR YA 61 -110.14 -59.54 -66.03
N SER YA 62 -109.31 -59.85 -65.03
CA SER YA 62 -108.09 -60.65 -65.14
C SER YA 62 -107.09 -60.06 -66.12
N LEU YA 63 -107.15 -58.74 -66.35
CA LEU YA 63 -106.17 -58.09 -67.19
C LEU YA 63 -104.84 -57.96 -66.46
N LEU YA 64 -103.76 -58.19 -67.18
CA LEU YA 64 -102.41 -57.89 -66.71
C LEU YA 64 -101.73 -57.07 -67.80
N SER YA 65 -101.96 -55.77 -67.76
CA SER YA 65 -101.27 -54.86 -68.64
C SER YA 65 -100.07 -54.27 -67.93
N LEU YA 66 -98.97 -54.13 -68.67
CA LEU YA 66 -97.82 -53.39 -68.17
C LEU YA 66 -98.18 -51.94 -67.87
N ASN YA 67 -99.17 -51.43 -68.60
CA ASN YA 67 -99.91 -50.20 -68.32
C ASN YA 67 -100.42 -50.14 -66.87
N ASP YA 68 -100.77 -51.25 -66.24
CA ASP YA 68 -101.54 -51.18 -65.00
C ASP YA 68 -101.01 -52.12 -63.92
N LEU YA 69 -99.71 -52.05 -63.63
CA LEU YA 69 -99.09 -52.81 -62.55
C LEU YA 69 -98.63 -51.88 -61.44
N ARG YA 70 -98.80 -52.33 -60.20
CA ARG YA 70 -98.30 -51.57 -59.05
C ARG YA 70 -98.16 -52.51 -57.86
N ASP YA 71 -97.47 -52.02 -56.83
CA ASP YA 71 -97.27 -52.72 -55.57
C ASP YA 71 -98.49 -52.56 -54.67
N ASN YA 72 -98.45 -53.19 -53.50
CA ASN YA 72 -99.54 -53.07 -52.54
C ASN YA 72 -99.58 -51.68 -51.93
N VAL YA 73 -98.43 -51.20 -51.45
CA VAL YA 73 -98.32 -49.87 -50.86
C VAL YA 73 -97.55 -49.01 -51.86
N PRO YA 74 -97.73 -47.68 -51.86
CA PRO YA 74 -96.92 -46.83 -52.74
C PRO YA 74 -95.45 -46.88 -52.33
N ARG YA 75 -94.59 -46.72 -53.33
CA ARG YA 75 -93.16 -46.80 -53.09
C ARG YA 75 -92.69 -45.60 -52.27
N LYS YA 76 -91.92 -45.89 -51.22
CA LYS YA 76 -91.21 -44.84 -50.51
C LYS YA 76 -89.97 -44.45 -51.32
N LEU YA 77 -89.80 -43.15 -51.54
CA LEU YA 77 -88.68 -42.65 -52.30
C LEU YA 77 -87.54 -42.26 -51.38
N LYS YA 78 -86.37 -42.05 -51.97
CA LYS YA 78 -85.21 -41.64 -51.18
C LYS YA 78 -85.38 -40.21 -50.68
N THR YA 79 -84.87 -39.95 -49.49
CA THR YA 79 -84.82 -38.59 -48.95
C THR YA 79 -83.63 -37.89 -49.59
N ARG YA 80 -83.91 -36.87 -50.40
CA ARG YA 80 -82.87 -36.14 -51.10
C ARG YA 80 -82.61 -34.86 -50.33
N LYS YA 81 -81.56 -34.87 -49.52
CA LYS YA 81 -81.17 -33.72 -48.73
C LYS YA 81 -80.50 -32.67 -49.61
N GLY YA 82 -80.40 -31.46 -49.06
CA GLY YA 82 -79.74 -30.37 -49.76
C GLY YA 82 -80.52 -29.79 -50.92
N ARG YA 83 -81.83 -30.00 -50.94
CA ARG YA 83 -82.74 -29.32 -51.85
C ARG YA 83 -83.44 -28.24 -51.04
N GLY YA 84 -84.49 -27.63 -51.57
CA GLY YA 84 -84.98 -26.38 -50.98
C GLY YA 84 -85.53 -26.35 -49.57
N ILE YA 85 -86.04 -25.17 -49.18
CA ILE YA 85 -86.55 -24.94 -47.83
C ILE YA 85 -87.78 -25.79 -47.54
N GLY YA 86 -88.69 -25.90 -48.51
CA GLY YA 86 -89.95 -26.61 -48.32
C GLY YA 86 -89.79 -28.09 -48.09
N SER YA 87 -88.69 -28.69 -48.54
CA SER YA 87 -88.46 -30.10 -48.30
C SER YA 87 -88.21 -30.41 -46.84
N GLY YA 88 -87.76 -29.42 -46.06
CA GLY YA 88 -87.50 -29.60 -44.65
C GLY YA 88 -86.15 -30.19 -44.32
N LYS YA 89 -85.36 -30.57 -45.32
CA LYS YA 89 -84.03 -31.13 -45.13
C LYS YA 89 -83.00 -30.40 -45.98
N GLY YA 90 -83.21 -29.11 -46.24
CA GLY YA 90 -82.22 -28.31 -46.93
C GLY YA 90 -81.41 -27.48 -45.97
N LYS YA 91 -80.27 -27.00 -46.47
CA LYS YA 91 -79.40 -26.07 -45.73
C LYS YA 91 -78.94 -26.67 -44.39
N THR YA 92 -77.86 -27.45 -44.49
CA THR YA 92 -77.18 -28.28 -43.48
C THR YA 92 -77.81 -29.65 -43.40
N ALA YA 93 -78.79 -29.92 -44.27
CA ALA YA 93 -79.46 -31.21 -44.41
C ALA YA 93 -80.09 -31.53 -43.05
N GLY YA 94 -79.71 -32.61 -42.39
CA GLY YA 94 -80.12 -32.81 -41.01
C GLY YA 94 -78.96 -32.87 -40.06
N ARG YA 95 -77.89 -32.11 -40.34
CA ARG YA 95 -76.63 -32.22 -39.63
C ARG YA 95 -76.43 -31.17 -38.55
N GLY YA 96 -77.28 -30.16 -38.48
CA GLY YA 96 -77.05 -29.09 -37.53
C GLY YA 96 -75.88 -28.22 -37.96
N HIS YA 97 -75.23 -27.57 -36.99
CA HIS YA 97 -74.19 -26.58 -37.27
C HIS YA 97 -72.85 -27.02 -36.69
N LYS YA 98 -71.86 -27.19 -37.57
CA LYS YA 98 -70.44 -27.35 -37.26
C LYS YA 98 -70.12 -28.61 -36.45
N GLY YA 99 -68.87 -28.75 -35.99
CA GLY YA 99 -68.41 -29.94 -35.32
C GLY YA 99 -68.00 -31.04 -36.28
N GLN YA 100 -67.48 -32.14 -35.72
CA GLN YA 100 -67.09 -33.30 -36.53
C GLN YA 100 -68.29 -33.95 -37.22
N LYS YA 101 -69.45 -33.92 -36.58
CA LYS YA 101 -70.59 -34.66 -37.11
C LYS YA 101 -71.20 -33.97 -38.33
N ALA YA 102 -71.17 -32.64 -38.37
CA ALA YA 102 -71.63 -31.94 -39.56
C ALA YA 102 -70.65 -32.12 -40.72
N ARG YA 103 -69.36 -32.22 -40.41
CA ARG YA 103 -68.34 -32.39 -41.42
C ARG YA 103 -68.00 -33.86 -41.67
N GLY YA 104 -68.71 -34.78 -41.02
CA GLY YA 104 -68.63 -36.20 -41.33
C GLY YA 104 -67.31 -36.89 -41.03
N THR YA 105 -66.64 -36.49 -39.97
CA THR YA 105 -65.33 -37.05 -39.61
C THR YA 105 -65.37 -37.73 -38.26
N MET YA 106 -66.50 -38.34 -37.93
CA MET YA 106 -66.72 -38.95 -36.63
C MET YA 106 -66.92 -40.46 -36.79
N LYS YA 107 -66.20 -41.23 -35.98
CA LYS YA 107 -66.28 -42.69 -36.02
C LYS YA 107 -67.24 -43.18 -34.94
N PHE YA 108 -68.18 -44.04 -35.34
CA PHE YA 108 -69.18 -44.56 -34.41
C PHE YA 108 -68.52 -45.44 -33.36
N GLY YA 109 -68.90 -45.22 -32.10
CA GLY YA 109 -68.33 -45.96 -30.98
C GLY YA 109 -67.24 -45.23 -30.23
N PHE YA 110 -66.77 -44.10 -30.74
CA PHE YA 110 -65.82 -43.28 -30.00
C PHE YA 110 -66.52 -42.62 -28.82
N GLU YA 111 -65.83 -42.52 -27.70
CA GLU YA 111 -66.47 -42.12 -26.45
C GLU YA 111 -65.91 -40.84 -25.86
N GLY YA 112 -65.11 -40.09 -26.60
CA GLY YA 112 -64.72 -38.77 -26.15
C GLY YA 112 -63.41 -38.66 -25.40
N GLY YA 113 -62.61 -39.72 -25.35
CA GLY YA 113 -61.32 -39.69 -24.71
C GLY YA 113 -61.27 -40.32 -23.34
N GLN YA 114 -62.42 -40.46 -22.69
CA GLN YA 114 -62.57 -41.37 -21.56
C GLN YA 114 -62.13 -42.77 -21.97
N THR YA 115 -61.53 -43.50 -21.04
CA THR YA 115 -61.18 -44.89 -21.31
C THR YA 115 -62.47 -45.67 -21.54
N PRO YA 116 -62.67 -46.27 -22.70
CA PRO YA 116 -63.97 -46.86 -23.03
C PRO YA 116 -64.19 -48.15 -22.27
N LEU YA 117 -65.47 -48.53 -22.19
CA LEU YA 117 -65.87 -49.74 -21.49
C LEU YA 117 -65.25 -51.00 -22.11
N ARG YA 118 -64.97 -50.97 -23.41
CA ARG YA 118 -64.30 -52.09 -24.07
C ARG YA 118 -62.83 -52.21 -23.69
N ARG YA 119 -62.27 -51.24 -22.97
CA ARG YA 119 -60.90 -51.34 -22.48
C ARG YA 119 -60.80 -51.22 -20.97
N ARG YA 120 -61.91 -51.14 -20.25
CA ARG YA 120 -61.86 -51.03 -18.81
C ARG YA 120 -62.23 -52.31 -18.09
N LEU YA 121 -62.84 -53.20 -18.74
CA LEU YA 121 -63.25 -54.50 -18.24
C LEU YA 121 -62.20 -55.56 -18.54
N PRO YA 122 -62.04 -56.55 -17.68
CA PRO YA 122 -61.00 -57.57 -17.90
C PRO YA 122 -61.39 -58.53 -19.00
N LYS YA 123 -60.36 -59.11 -19.63
CA LYS YA 123 -60.56 -60.27 -20.48
C LYS YA 123 -60.81 -61.50 -19.61
N ARG YA 124 -61.45 -62.50 -20.19
CA ARG YA 124 -61.84 -63.67 -19.44
C ARG YA 124 -61.56 -64.95 -20.21
N GLY YA 125 -60.86 -65.88 -19.56
CA GLY YA 125 -60.83 -67.24 -20.02
C GLY YA 125 -60.00 -67.49 -21.27
N PHE YA 126 -60.27 -68.64 -21.89
CA PHE YA 126 -59.62 -69.07 -23.11
C PHE YA 126 -60.65 -69.77 -23.98
N LYS YA 127 -60.25 -70.07 -25.21
CA LYS YA 127 -61.08 -70.81 -26.15
C LYS YA 127 -60.51 -72.20 -26.34
N ASN YA 128 -61.32 -73.22 -26.04
CA ASN YA 128 -60.93 -74.60 -26.30
C ASN YA 128 -61.15 -74.88 -27.78
N LYS YA 129 -60.07 -75.08 -28.52
CA LYS YA 129 -60.15 -75.33 -29.95
C LYS YA 129 -60.80 -76.67 -30.28
N PHE YA 130 -60.82 -77.60 -29.34
CA PHE YA 130 -61.30 -78.95 -29.57
C PHE YA 130 -62.63 -79.22 -28.87
N LYS YA 131 -63.43 -78.17 -28.68
CA LYS YA 131 -64.74 -78.33 -28.06
C LYS YA 131 -65.66 -79.10 -29.00
N LEU YA 132 -66.39 -80.06 -28.46
CA LEU YA 132 -67.31 -80.88 -29.23
C LEU YA 132 -68.73 -80.31 -29.10
N HIS YA 133 -69.41 -80.17 -30.22
CA HIS YA 133 -70.76 -79.63 -30.26
C HIS YA 133 -71.73 -80.74 -30.68
N PHE YA 134 -72.70 -81.02 -29.82
CA PHE YA 134 -73.69 -82.05 -30.06
C PHE YA 134 -75.06 -81.40 -30.18
N GLN YA 135 -75.88 -81.94 -31.08
CA GLN YA 135 -77.21 -81.39 -31.32
C GLN YA 135 -78.19 -81.91 -30.29
N PRO YA 136 -78.90 -81.04 -29.56
CA PRO YA 136 -79.89 -81.52 -28.59
C PRO YA 136 -81.20 -81.91 -29.24
N VAL YA 137 -81.73 -83.08 -28.84
CA VAL YA 137 -83.07 -83.51 -29.22
C VAL YA 137 -83.80 -83.94 -27.98
N GLY YA 138 -84.96 -83.34 -27.74
CA GLY YA 138 -85.82 -83.81 -26.66
C GLY YA 138 -86.54 -85.08 -27.04
N LEU YA 139 -86.90 -85.86 -26.01
CA LEU YA 139 -87.69 -87.05 -26.21
C LEU YA 139 -89.09 -86.73 -26.71
N GLY YA 140 -89.61 -85.53 -26.42
CA GLY YA 140 -90.94 -85.17 -26.88
C GLY YA 140 -91.03 -84.99 -28.38
N LYS YA 141 -89.99 -84.43 -29.00
CA LYS YA 141 -89.93 -84.32 -30.46
C LYS YA 141 -89.91 -85.71 -31.10
N ILE YA 142 -89.15 -86.63 -30.52
CA ILE YA 142 -89.07 -87.99 -31.02
C ILE YA 142 -90.41 -88.70 -30.85
N ALA YA 143 -91.11 -88.46 -29.74
CA ALA YA 143 -92.44 -89.04 -29.55
C ALA YA 143 -93.44 -88.48 -30.57
N LYS YA 144 -93.40 -87.16 -30.82
CA LYS YA 144 -94.28 -86.55 -31.79
C LYS YA 144 -94.02 -87.08 -33.20
N LEU YA 145 -92.76 -87.38 -33.53
CA LEU YA 145 -92.47 -87.96 -34.83
C LEU YA 145 -92.72 -89.47 -34.87
N ILE YA 146 -92.73 -90.14 -33.72
CA ILE YA 146 -93.10 -91.56 -33.67
C ILE YA 146 -94.58 -91.74 -33.93
N ASN YA 147 -95.41 -90.88 -33.32
CA ASN YA 147 -96.85 -90.98 -33.50
C ASN YA 147 -97.30 -90.61 -34.91
N ALA YA 148 -96.49 -89.86 -35.65
CA ALA YA 148 -96.81 -89.45 -37.01
C ALA YA 148 -96.31 -90.43 -38.06
N GLY YA 149 -95.72 -91.55 -37.65
CA GLY YA 149 -95.25 -92.55 -38.59
C GLY YA 149 -93.92 -92.24 -39.24
N GLN YA 150 -93.27 -91.12 -38.89
CA GLN YA 150 -91.98 -90.80 -39.47
C GLN YA 150 -90.87 -91.71 -38.93
N ILE YA 151 -90.99 -92.14 -37.68
CA ILE YA 151 -89.97 -92.95 -37.02
C ILE YA 151 -90.57 -94.31 -36.69
N ASP YA 152 -89.88 -95.38 -37.06
CA ASP YA 152 -90.30 -96.73 -36.73
C ASP YA 152 -89.77 -97.07 -35.35
N SER YA 153 -90.67 -97.12 -34.36
CA SER YA 153 -90.26 -97.30 -32.96
C SER YA 153 -89.78 -98.70 -32.64
N HIS YA 154 -90.01 -99.67 -33.53
CA HIS YA 154 -89.53 -101.02 -33.31
C HIS YA 154 -88.09 -101.21 -33.74
N GLU YA 155 -87.59 -100.39 -34.65
CA GLU YA 155 -86.21 -100.48 -35.09
C GLU YA 155 -85.34 -99.52 -34.30
N LEU YA 156 -84.03 -99.64 -34.48
CA LEU YA 156 -83.07 -98.79 -33.78
C LEU YA 156 -83.19 -97.35 -34.26
N ILE YA 157 -83.13 -96.42 -33.32
CA ILE YA 157 -83.16 -94.99 -33.61
C ILE YA 157 -81.72 -94.50 -33.57
N THR YA 158 -81.12 -94.32 -34.74
CA THR YA 158 -79.76 -93.82 -34.85
C THR YA 158 -79.79 -92.33 -35.21
N MET YA 159 -78.61 -91.75 -35.39
CA MET YA 159 -78.54 -90.34 -35.77
C MET YA 159 -78.92 -90.14 -37.23
N LYS YA 160 -78.79 -91.19 -38.05
CA LYS YA 160 -79.29 -91.11 -39.42
C LYS YA 160 -80.82 -91.04 -39.43
N THR YA 161 -81.47 -91.79 -38.55
CA THR YA 161 -82.93 -91.74 -38.44
C THR YA 161 -83.41 -90.35 -38.03
N LEU YA 162 -82.75 -89.75 -37.04
CA LEU YA 162 -83.13 -88.40 -36.62
C LEU YA 162 -82.78 -87.36 -37.67
N LYS YA 163 -81.70 -87.57 -38.40
CA LYS YA 163 -81.29 -86.60 -39.42
C LYS YA 163 -82.25 -86.61 -40.61
N ASP YA 164 -82.73 -87.80 -40.99
CA ASP YA 164 -83.58 -87.91 -42.18
C ASP YA 164 -84.96 -87.32 -41.94
N VAL YA 165 -85.51 -87.50 -40.73
CA VAL YA 165 -86.84 -86.96 -40.43
C VAL YA 165 -86.80 -85.50 -40.00
N GLY YA 166 -85.62 -84.89 -39.94
CA GLY YA 166 -85.54 -83.49 -39.60
C GLY YA 166 -85.59 -83.17 -38.12
N ALA YA 167 -85.49 -84.19 -37.25
CA ALA YA 167 -85.33 -83.91 -35.82
C ALA YA 167 -84.00 -83.25 -35.54
N ILE YA 168 -82.98 -83.54 -36.34
CA ILE YA 168 -81.73 -82.80 -36.39
C ILE YA 168 -81.86 -81.75 -37.49
N GLY YA 169 -81.29 -80.57 -37.25
CA GLY YA 169 -81.17 -79.57 -38.30
C GLY YA 169 -80.20 -79.93 -39.40
N LYS YA 170 -79.76 -78.92 -40.16
CA LYS YA 170 -79.00 -79.19 -41.38
C LYS YA 170 -77.60 -79.70 -41.08
N GLN YA 171 -76.91 -79.10 -40.13
CA GLN YA 171 -75.52 -79.46 -39.84
C GLN YA 171 -75.44 -80.22 -38.53
N ILE YA 172 -75.14 -81.52 -38.62
CA ILE YA 172 -74.59 -82.20 -37.47
C ILE YA 172 -73.16 -81.72 -37.30
N GLU YA 173 -72.69 -81.63 -36.06
CA GLU YA 173 -71.32 -81.18 -35.86
C GLU YA 173 -70.44 -82.28 -35.29
N ASP YA 174 -70.78 -82.81 -34.12
CA ASP YA 174 -70.02 -83.91 -33.54
C ASP YA 174 -70.91 -85.06 -33.10
N GLY YA 175 -72.22 -84.89 -33.16
CA GLY YA 175 -73.13 -85.95 -32.81
C GLY YA 175 -74.42 -85.38 -32.26
N VAL YA 176 -75.10 -86.20 -31.47
CA VAL YA 176 -76.44 -85.88 -30.95
C VAL YA 176 -76.44 -86.12 -29.45
N ARG YA 177 -77.01 -85.17 -28.70
CA ARG YA 177 -77.27 -85.35 -27.28
C ARG YA 177 -78.77 -85.54 -27.06
N LEU YA 178 -79.15 -86.68 -26.51
CA LEU YA 178 -80.55 -86.96 -26.22
C LEU YA 178 -80.95 -86.29 -24.91
N MET YA 179 -82.03 -85.51 -24.95
CA MET YA 179 -82.45 -84.72 -23.81
C MET YA 179 -83.77 -85.23 -23.25
N GLY YA 180 -84.15 -84.70 -22.09
CA GLY YA 180 -85.32 -85.17 -21.37
C GLY YA 180 -86.55 -84.28 -21.48
N ARG YA 181 -86.58 -83.37 -22.45
CA ARG YA 181 -87.74 -82.51 -22.63
C ARG YA 181 -88.90 -83.32 -23.21
N GLY YA 182 -90.06 -83.22 -22.57
CA GLY YA 182 -91.23 -83.96 -23.02
C GLY YA 182 -91.10 -85.46 -22.87
N ALA YA 183 -90.46 -85.92 -21.79
CA ALA YA 183 -90.23 -87.33 -21.58
C ALA YA 183 -91.47 -88.09 -21.11
N ASP YA 184 -92.52 -87.38 -20.69
CA ASP YA 184 -93.77 -88.04 -20.32
C ASP YA 184 -94.48 -88.67 -21.50
N GLU YA 185 -94.13 -88.28 -22.72
CA GLU YA 185 -94.75 -88.80 -23.93
C GLU YA 185 -94.10 -90.08 -24.43
N ILE YA 186 -93.13 -90.62 -23.71
CA ILE YA 186 -92.50 -91.88 -24.07
C ILE YA 186 -93.27 -92.98 -23.36
N LYS YA 187 -93.83 -93.91 -24.15
CA LYS YA 187 -94.73 -94.92 -23.63
C LYS YA 187 -94.37 -96.33 -24.11
N TRP YA 188 -93.25 -96.48 -24.80
CA TRP YA 188 -92.87 -97.72 -25.47
C TRP YA 188 -91.41 -97.99 -25.20
N PRO YA 189 -90.96 -99.24 -25.36
CA PRO YA 189 -89.52 -99.52 -25.29
C PRO YA 189 -88.82 -99.03 -26.56
N LEU YA 190 -87.93 -98.05 -26.40
CA LEU YA 190 -87.20 -97.46 -27.52
C LEU YA 190 -85.71 -97.67 -27.31
N HIS YA 191 -85.01 -98.03 -28.37
CA HIS YA 191 -83.58 -98.23 -28.34
C HIS YA 191 -82.90 -97.15 -29.17
N PHE YA 192 -81.93 -96.47 -28.57
CA PHE YA 192 -81.24 -95.35 -29.19
C PHE YA 192 -79.76 -95.65 -29.33
N GLU YA 193 -79.14 -95.06 -30.35
CA GLU YA 193 -77.69 -95.03 -30.50
C GLU YA 193 -77.30 -93.59 -30.81
N VAL YA 194 -77.01 -92.82 -29.78
CA VAL YA 194 -76.67 -91.41 -29.91
C VAL YA 194 -75.26 -91.18 -29.41
N SER YA 195 -74.78 -89.94 -29.51
CA SER YA 195 -73.44 -89.62 -29.02
C SER YA 195 -73.44 -89.39 -27.51
N ARG YA 196 -74.37 -88.57 -27.02
CA ARG YA 196 -74.49 -88.26 -25.61
C ARG YA 196 -75.95 -88.39 -25.20
N VAL YA 197 -76.18 -88.51 -23.90
CA VAL YA 197 -77.54 -88.60 -23.35
C VAL YA 197 -77.51 -88.07 -21.92
N THR YA 198 -78.54 -87.30 -21.56
CA THR YA 198 -78.66 -86.80 -20.20
C THR YA 198 -79.10 -87.92 -19.26
N VAL YA 199 -79.02 -87.63 -17.96
CA VAL YA 199 -79.35 -88.64 -16.95
C VAL YA 199 -80.84 -88.93 -16.93
N ARG YA 200 -81.66 -87.88 -17.00
CA ARG YA 200 -83.12 -88.05 -16.98
C ARG YA 200 -83.62 -88.79 -18.22
N ALA YA 201 -83.05 -88.49 -19.39
CA ALA YA 201 -83.50 -89.15 -20.62
C ALA YA 201 -83.20 -90.63 -20.60
N LYS YA 202 -82.01 -91.02 -20.13
CA LYS YA 202 -81.68 -92.42 -19.97
C LYS YA 202 -82.55 -93.08 -18.91
N GLU YA 203 -82.84 -92.36 -17.83
CA GLU YA 203 -83.70 -92.90 -16.78
C GLU YA 203 -85.12 -93.16 -17.29
N VAL YA 204 -85.65 -92.25 -18.11
CA VAL YA 204 -87.00 -92.38 -18.63
C VAL YA 204 -87.06 -93.50 -19.66
N VAL YA 205 -86.06 -93.58 -20.55
CA VAL YA 205 -86.07 -94.58 -21.62
C VAL YA 205 -85.97 -95.99 -21.05
N GLU YA 206 -85.11 -96.18 -20.05
CA GLU YA 206 -85.02 -97.49 -19.40
C GLU YA 206 -86.24 -97.80 -18.54
N ALA YA 207 -86.94 -96.79 -18.03
CA ALA YA 207 -88.16 -97.04 -17.29
C ALA YA 207 -89.27 -97.59 -18.19
N ALA YA 208 -89.23 -97.27 -19.48
CA ALA YA 208 -90.19 -97.79 -20.44
C ALA YA 208 -89.72 -99.09 -21.09
N GLY YA 209 -88.62 -99.65 -20.63
CA GLY YA 209 -88.13 -100.92 -21.14
C GLY YA 209 -87.15 -100.83 -22.28
N GLY YA 210 -86.66 -99.64 -22.60
CA GLY YA 210 -85.70 -99.46 -23.67
C GLY YA 210 -84.29 -99.28 -23.17
N SER YA 211 -83.42 -98.77 -24.04
CA SER YA 211 -82.03 -98.51 -23.69
C SER YA 211 -81.49 -97.39 -24.55
N VAL YA 212 -80.41 -96.78 -24.07
CA VAL YA 212 -79.67 -95.76 -24.81
C VAL YA 212 -78.21 -96.17 -24.83
N ARG YA 213 -77.61 -96.23 -26.02
CA ARG YA 213 -76.21 -96.58 -26.18
C ARG YA 213 -75.45 -95.34 -26.66
N ARG YA 214 -74.53 -94.86 -25.83
CA ARG YA 214 -73.62 -93.81 -26.27
C ARG YA 214 -72.59 -94.40 -27.22
N VAL YA 215 -72.48 -93.82 -28.41
CA VAL YA 215 -71.72 -94.42 -29.48
C VAL YA 215 -70.84 -93.36 -30.12
N TYR YA 216 -69.69 -93.79 -30.66
CA TYR YA 216 -68.64 -92.86 -31.07
C TYR YA 216 -68.49 -92.81 -32.58
N TYR YA 217 -68.40 -91.59 -33.11
CA TYR YA 217 -68.00 -91.33 -34.49
C TYR YA 217 -67.10 -90.09 -34.52
N ASN YA 218 -66.16 -90.09 -35.46
CA ASN YA 218 -65.40 -88.88 -35.74
C ASN YA 218 -66.03 -88.19 -36.97
N LYS YA 219 -65.34 -87.17 -37.50
CA LYS YA 219 -65.90 -86.37 -38.58
C LYS YA 219 -66.11 -87.18 -39.86
N LEU YA 220 -65.10 -87.94 -40.26
CA LEU YA 220 -65.22 -88.78 -41.46
C LEU YA 220 -66.22 -89.89 -41.25
N GLY YA 221 -66.25 -90.47 -40.05
CA GLY YA 221 -67.26 -91.47 -39.74
C GLY YA 221 -68.67 -90.91 -39.71
N LEU YA 222 -68.81 -89.66 -39.25
CA LEU YA 222 -70.13 -89.03 -39.28
C LEU YA 222 -70.59 -88.79 -40.72
N ARG YA 223 -69.68 -88.35 -41.59
CA ARG YA 223 -70.03 -88.20 -43.00
C ARG YA 223 -70.37 -89.53 -43.64
N ALA YA 224 -69.65 -90.59 -43.27
CA ALA YA 224 -69.95 -91.92 -43.80
C ALA YA 224 -71.29 -92.45 -43.29
N LEU YA 225 -71.65 -92.11 -42.06
CA LEU YA 225 -72.93 -92.56 -41.51
C LEU YA 225 -74.09 -91.79 -42.12
N LEU YA 226 -73.92 -90.49 -42.34
CA LEU YA 226 -75.06 -89.69 -42.77
C LEU YA 226 -75.18 -89.58 -44.29
N LYS YA 227 -74.06 -89.54 -45.01
CA LYS YA 227 -74.06 -89.42 -46.46
C LYS YA 227 -73.18 -90.49 -47.09
N PRO YA 228 -73.60 -91.77 -47.04
CA PRO YA 228 -72.82 -92.81 -47.72
C PRO YA 228 -72.75 -92.66 -49.22
N GLU YA 229 -73.76 -92.02 -49.84
CA GLU YA 229 -73.75 -91.83 -51.29
C GLU YA 229 -72.73 -90.80 -51.74
N TRP YA 230 -72.30 -89.92 -50.83
CA TRP YA 230 -71.25 -88.96 -51.17
C TRP YA 230 -69.93 -89.66 -51.46
N PHE YA 231 -69.66 -90.76 -50.74
CA PHE YA 231 -68.43 -91.51 -51.00
C PHE YA 231 -68.50 -92.28 -52.30
N GLU YA 232 -69.70 -92.75 -52.67
CA GLU YA 232 -69.88 -93.40 -53.97
C GLU YA 232 -69.72 -92.40 -55.10
N LYS YA 233 -70.22 -91.18 -54.91
CA LYS YA 233 -70.07 -90.15 -55.93
C LYS YA 233 -68.61 -89.75 -56.14
N LYS YA 234 -67.83 -89.64 -55.07
CA LYS YA 234 -66.44 -89.24 -55.17
C LYS YA 234 -65.52 -90.38 -55.59
N GLY YA 235 -66.05 -91.59 -55.83
CA GLY YA 235 -65.21 -92.71 -56.17
C GLY YA 235 -64.46 -93.30 -55.01
N ARG YA 236 -64.91 -93.09 -53.78
CA ARG YA 236 -64.23 -93.59 -52.60
C ARG YA 236 -64.95 -94.79 -52.02
N LEU YA 237 -64.18 -95.70 -51.43
CA LEU YA 237 -64.76 -96.73 -50.61
C LEU YA 237 -65.25 -96.13 -49.30
N LEU YA 238 -66.25 -96.77 -48.71
CA LEU YA 238 -66.72 -96.35 -47.40
C LEU YA 238 -65.62 -96.60 -46.38
N PRO YA 239 -65.27 -95.62 -45.55
CA PRO YA 239 -64.17 -95.81 -44.59
C PRO YA 239 -64.51 -96.76 -43.46
N LYS YA 240 -63.54 -96.99 -42.59
CA LYS YA 240 -63.71 -97.78 -41.38
C LYS YA 240 -63.97 -96.85 -40.20
N ALA YA 241 -64.83 -97.28 -39.28
CA ALA YA 241 -65.14 -96.48 -38.10
C ALA YA 241 -63.94 -96.43 -37.17
N ALA YA 242 -63.45 -95.22 -36.91
CA ALA YA 242 -62.26 -95.02 -36.10
C ALA YA 242 -62.54 -95.30 -34.63
N ARG YA 243 -61.52 -95.80 -33.95
CA ARG YA 243 -61.58 -95.97 -32.51
C ARG YA 243 -61.49 -94.60 -31.82
N PRO YA 244 -62.01 -94.47 -30.60
CA PRO YA 244 -61.94 -93.17 -29.93
C PRO YA 244 -60.54 -92.90 -29.42
N PRO YA 245 -60.17 -91.63 -29.25
CA PRO YA 245 -58.95 -91.29 -28.51
C PRO YA 245 -59.12 -91.61 -27.04
N PRO YA 246 -58.02 -91.69 -26.28
CA PRO YA 246 -58.14 -92.02 -24.83
C PRO YA 246 -58.99 -91.05 -24.02
N LYS YA 247 -59.04 -89.78 -24.41
CA LYS YA 247 -59.87 -88.82 -23.69
C LYS YA 247 -61.35 -88.94 -24.00
N GLN YA 248 -61.71 -89.58 -25.10
CA GLN YA 248 -63.10 -89.81 -25.47
C GLN YA 248 -63.57 -91.22 -25.18
N LEU YA 249 -62.68 -92.08 -24.68
CA LEU YA 249 -63.04 -93.49 -24.52
C LEU YA 249 -63.95 -93.71 -23.33
N ASP YA 250 -63.87 -92.84 -22.32
CA ASP YA 250 -64.73 -92.94 -21.15
C ASP YA 250 -66.11 -92.36 -21.36
N ARG YA 251 -66.31 -91.56 -22.40
CA ARG YA 251 -67.58 -90.90 -22.64
C ARG YA 251 -68.53 -91.69 -23.53
N VAL YA 252 -68.12 -92.87 -24.00
CA VAL YA 252 -68.92 -93.68 -24.91
C VAL YA 252 -68.94 -95.12 -24.42
N ASP YA 253 -69.75 -95.94 -25.08
CA ASP YA 253 -69.84 -97.36 -24.81
C ASP YA 253 -69.12 -98.21 -25.85
N SER YA 254 -69.29 -97.91 -27.14
CA SER YA 254 -68.69 -98.71 -28.20
C SER YA 254 -68.48 -97.84 -29.43
N ILE YA 255 -67.72 -98.38 -30.37
CA ILE YA 255 -67.49 -97.74 -31.65
C ILE YA 255 -68.76 -97.86 -32.52
N GLY YA 256 -69.08 -96.80 -33.25
CA GLY YA 256 -70.21 -96.84 -34.15
C GLY YA 256 -70.01 -97.80 -35.31
N ARG YA 257 -71.14 -98.27 -35.86
CA ARG YA 257 -71.13 -99.08 -37.06
C ARG YA 257 -71.50 -98.20 -38.24
N LEU YA 258 -70.63 -98.13 -39.24
CA LEU YA 258 -70.78 -97.11 -40.29
C LEU YA 258 -71.92 -97.36 -41.28
N PRO YA 259 -72.24 -98.59 -41.69
CA PRO YA 259 -73.59 -98.81 -42.19
C PRO YA 259 -74.55 -98.62 -41.03
N ALA YA 260 -75.52 -97.73 -41.22
CA ALA YA 260 -76.43 -97.35 -40.14
C ALA YA 260 -77.21 -98.56 -39.67
N PRO YA 261 -77.01 -99.02 -38.44
CA PRO YA 261 -77.59 -100.29 -38.02
C PRO YA 261 -79.08 -100.17 -37.74
N LYS YA 262 -79.73 -101.34 -37.72
CA LYS YA 262 -81.16 -101.43 -37.50
C LYS YA 262 -81.54 -102.20 -36.26
N LYS YA 263 -80.68 -103.08 -35.76
CA LYS YA 263 -80.97 -103.87 -34.57
C LYS YA 263 -80.02 -103.49 -33.45
N PRO YA 264 -80.53 -103.17 -32.27
CA PRO YA 264 -79.64 -102.77 -31.16
C PRO YA 264 -78.82 -103.94 -30.63
N ILE YA 265 -77.66 -103.60 -30.08
CA ILE YA 265 -76.82 -104.56 -29.37
C ILE YA 265 -77.20 -104.49 -27.89
N PRO YA 266 -77.65 -105.60 -27.29
CA PRO YA 266 -77.96 -105.57 -25.85
C PRO YA 266 -76.70 -105.38 -25.02
N PHE YA 267 -76.87 -104.75 -23.85
CA PHE YA 267 -75.72 -104.36 -23.04
C PHE YA 267 -75.16 -105.53 -22.26
N TYR YA 268 -75.93 -106.08 -21.33
CA TYR YA 268 -75.44 -107.15 -20.46
C TYR YA 268 -75.53 -108.52 -21.14
N ALA YA 269 -76.28 -108.63 -22.23
CA ALA YA 269 -76.36 -109.87 -22.98
C ALA YA 269 -75.25 -109.92 -24.02
N LYS ZA 32 -62.12 -1.78 22.38
CA LYS ZA 32 -61.68 -0.52 22.97
C LYS ZA 32 -60.75 0.21 22.00
N LYS ZA 33 -59.43 0.08 22.22
CA LYS ZA 33 -58.37 0.73 21.45
C LYS ZA 33 -58.54 2.25 21.43
N GLY ZA 34 -58.97 2.82 22.55
CA GLY ZA 34 -59.16 4.25 22.65
C GLY ZA 34 -60.28 4.79 21.78
N ASP ZA 35 -59.92 5.56 20.76
CA ASP ZA 35 -60.93 6.17 19.90
C ASP ZA 35 -61.55 5.17 18.94
N VAL ZA 36 -60.74 4.55 18.07
CA VAL ZA 36 -61.29 3.71 17.01
C VAL ZA 36 -61.77 2.39 17.60
N LEU ZA 37 -63.00 2.03 17.29
CA LEU ZA 37 -63.65 0.88 17.90
C LEU ZA 37 -63.84 -0.22 16.85
N TYR ZA 38 -63.14 -1.33 17.04
CA TYR ZA 38 -63.33 -2.56 16.27
C TYR ZA 38 -62.79 -3.71 17.10
N PRO ZA 39 -63.16 -4.96 16.77
CA PRO ZA 39 -62.67 -6.09 17.58
C PRO ZA 39 -61.16 -6.25 17.57
N LYS ZA 40 -60.63 -6.68 18.72
CA LYS ZA 40 -59.22 -7.04 18.80
C LYS ZA 40 -58.88 -8.21 17.90
N ARG ZA 41 -59.78 -9.19 17.85
CA ARG ZA 41 -59.63 -10.33 16.96
C ARG ZA 41 -61.00 -10.78 16.51
N THR ZA 42 -61.03 -11.54 15.42
CA THR ZA 42 -62.26 -12.14 14.92
C THR ZA 42 -62.01 -13.61 14.64
N LYS ZA 43 -63.10 -14.38 14.67
CA LYS ZA 43 -63.00 -15.80 14.35
C LYS ZA 43 -62.57 -16.02 12.91
N TYR ZA 44 -63.07 -15.20 11.99
CA TYR ZA 44 -62.70 -15.25 10.58
C TYR ZA 44 -62.29 -13.86 10.12
N SER ZA 45 -61.42 -13.82 9.12
CA SER ZA 45 -60.88 -12.55 8.64
C SER ZA 45 -61.82 -11.87 7.63
N LYS ZA 46 -62.46 -12.64 6.76
CA LYS ZA 46 -63.22 -12.10 5.64
C LYS ZA 46 -64.69 -12.50 5.77
N TYR ZA 47 -65.58 -11.54 5.66
CA TYR ZA 47 -67.00 -11.72 5.92
C TYR ZA 47 -67.81 -11.57 4.64
N ARG ZA 48 -69.08 -12.00 4.70
CA ARG ZA 48 -70.02 -11.70 3.63
C ARG ZA 48 -70.29 -10.22 3.52
N LYS ZA 49 -70.75 -9.83 2.33
CA LYS ZA 49 -71.32 -8.50 2.17
C LYS ZA 49 -72.57 -8.34 3.02
N GLY ZA 50 -73.48 -9.30 2.93
CA GLY ZA 50 -74.74 -9.22 3.65
C GLY ZA 50 -75.67 -8.20 3.03
N ARG ZA 51 -76.85 -8.07 3.63
CA ARG ZA 51 -77.82 -7.07 3.25
C ARG ZA 51 -78.13 -6.20 4.46
N CYS ZA 52 -78.18 -4.88 4.26
CA CYS ZA 52 -78.34 -3.95 5.36
C CYS ZA 52 -79.47 -2.96 5.19
N SER ZA 53 -80.14 -2.92 4.04
CA SER ZA 53 -81.14 -1.91 3.78
C SER ZA 53 -82.45 -2.14 4.52
N ARG ZA 54 -82.61 -3.29 5.17
CA ARG ZA 54 -83.81 -3.62 5.91
C ARG ZA 54 -83.45 -3.88 7.37
N GLY ZA 55 -84.48 -4.09 8.18
CA GLY ZA 55 -84.27 -4.37 9.58
C GLY ZA 55 -84.71 -3.24 10.46
N CYS ZA 56 -85.51 -3.55 11.47
CA CYS ZA 56 -85.98 -2.56 12.42
C CYS ZA 56 -85.92 -3.18 13.81
N LYS ZA 57 -86.51 -2.50 14.78
CA LYS ZA 57 -86.71 -3.05 16.10
C LYS ZA 57 -88.19 -3.35 16.26
N PRO ZA 58 -88.60 -4.62 16.23
CA PRO ZA 58 -90.03 -4.95 16.11
C PRO ZA 58 -90.85 -4.67 17.36
N ASP ZA 59 -90.22 -4.40 18.50
CA ASP ZA 59 -90.95 -4.15 19.74
C ASP ZA 59 -90.90 -2.71 20.20
N GLY ZA 60 -90.22 -1.84 19.46
CA GLY ZA 60 -89.97 -0.48 19.92
C GLY ZA 60 -88.64 -0.37 20.63
N THR ZA 61 -88.24 0.88 20.89
CA THR ZA 61 -86.93 1.15 21.47
C THR ZA 61 -87.08 2.04 22.69
N LYS ZA 62 -86.31 1.72 23.73
CA LYS ZA 62 -86.21 2.54 24.93
C LYS ZA 62 -84.73 2.66 25.32
N LEU ZA 63 -84.39 3.78 25.95
CA LEU ZA 63 -83.02 4.00 26.40
C LEU ZA 63 -82.65 3.04 27.52
N GLY ZA 64 -81.43 2.53 27.46
CA GLY ZA 64 -80.99 1.55 28.43
C GLY ZA 64 -80.16 2.11 29.56
N PHE ZA 65 -79.46 3.21 29.32
CA PHE ZA 65 -78.55 3.71 30.35
C PHE ZA 65 -78.75 5.19 30.70
N GLY ZA 66 -79.04 6.03 29.71
CA GLY ZA 66 -79.08 7.47 29.92
C GLY ZA 66 -80.49 8.03 29.89
N ARG ZA 67 -80.55 9.36 30.02
CA ARG ZA 67 -81.81 10.08 29.91
C ARG ZA 67 -82.07 10.61 28.51
N TYR ZA 68 -81.02 10.84 27.73
CA TYR ZA 68 -81.14 11.34 26.37
C TYR ZA 68 -80.38 10.42 25.43
N GLY ZA 69 -80.77 10.43 24.17
CA GLY ZA 69 -80.11 9.54 23.24
C GLY ZA 69 -80.32 9.92 21.79
N ILE ZA 70 -79.58 9.25 20.94
CA ILE ZA 70 -79.70 9.37 19.49
C ILE ZA 70 -79.99 7.99 18.93
N LYS ZA 71 -81.08 7.87 18.18
CA LYS ZA 71 -81.41 6.64 17.51
C LYS ZA 71 -81.45 6.88 16.01
N SER ZA 72 -81.30 5.80 15.24
CA SER ZA 72 -81.37 5.93 13.80
C SER ZA 72 -82.81 5.81 13.33
N CYS ZA 73 -83.11 6.50 12.23
CA CYS ZA 73 -84.42 6.37 11.60
C CYS ZA 73 -84.43 5.43 10.42
N LYS ZA 74 -83.29 5.23 9.78
CA LYS ZA 74 -83.16 4.37 8.61
C LYS ZA 74 -82.27 3.18 8.96
N ALA ZA 75 -82.14 2.25 8.02
CA ALA ZA 75 -81.25 1.12 8.15
C ALA ZA 75 -80.09 1.28 7.19
N GLY ZA 76 -78.88 1.01 7.67
CA GLY ZA 76 -77.72 1.19 6.81
C GLY ZA 76 -76.43 0.82 7.52
N ARG ZA 77 -75.34 1.29 6.94
CA ARG ZA 77 -73.99 0.97 7.34
C ARG ZA 77 -73.29 2.22 7.84
N LEU ZA 78 -72.63 2.11 8.99
CA LEU ZA 78 -71.82 3.20 9.54
C LEU ZA 78 -70.39 2.72 9.74
N SER ZA 79 -69.43 3.48 9.23
CA SER ZA 79 -68.03 3.14 9.47
C SER ZA 79 -67.64 3.51 10.89
N TYR ZA 80 -66.58 2.86 11.38
CA TYR ZA 80 -66.12 3.13 12.74
C TYR ZA 80 -65.55 4.53 12.87
N ARG ZA 81 -64.97 5.06 11.77
CA ARG ZA 81 -64.47 6.43 11.79
C ARG ZA 81 -65.61 7.44 11.96
N ALA ZA 82 -66.77 7.18 11.33
CA ALA ZA 82 -67.91 8.07 11.49
C ALA ZA 82 -68.49 7.99 12.90
N ILE ZA 83 -68.53 6.79 13.48
CA ILE ZA 83 -68.99 6.62 14.86
C ILE ZA 83 -68.08 7.37 15.81
N GLU ZA 84 -66.76 7.26 15.61
CA GLU ZA 84 -65.83 7.96 16.48
C GLU ZA 84 -65.86 9.47 16.26
N ALA ZA 85 -66.11 9.93 15.04
CA ALA ZA 85 -66.27 11.35 14.79
C ALA ZA 85 -67.50 11.90 15.52
N ALA ZA 86 -68.61 11.18 15.49
CA ALA ZA 86 -69.80 11.61 16.22
C ALA ZA 86 -69.57 11.60 17.73
N ARG ZA 87 -68.88 10.58 18.23
CA ARG ZA 87 -68.56 10.53 19.66
C ARG ZA 87 -67.65 11.68 20.07
N ARG ZA 88 -66.65 12.00 19.23
CA ARG ZA 88 -65.76 13.12 19.51
C ARG ZA 88 -66.52 14.44 19.49
N ALA ZA 89 -67.49 14.59 18.59
CA ALA ZA 89 -68.28 15.80 18.56
C ALA ZA 89 -69.10 15.98 19.83
N ILE ZA 90 -69.72 14.89 20.30
CA ILE ZA 90 -70.49 14.95 21.56
C ILE ZA 90 -69.57 15.27 22.74
N ILE ZA 91 -68.42 14.59 22.81
CA ILE ZA 91 -67.47 14.80 23.90
C ILE ZA 91 -66.94 16.24 23.90
N GLY ZA 92 -66.59 16.76 22.72
CA GLY ZA 92 -66.07 18.12 22.65
C GLY ZA 92 -67.12 19.16 22.99
N HIS ZA 93 -68.37 18.93 22.58
CA HIS ZA 93 -69.43 19.87 22.94
C HIS ZA 93 -69.70 19.86 24.44
N PHE ZA 94 -69.66 18.69 25.07
CA PHE ZA 94 -69.82 18.63 26.53
C PHE ZA 94 -68.62 19.23 27.24
N HIS ZA 95 -67.43 19.11 26.66
CA HIS ZA 95 -66.22 19.67 27.25
C HIS ZA 95 -66.21 21.19 27.17
N ARG ZA 96 -66.79 21.75 26.10
CA ARG ZA 96 -66.78 23.19 25.90
C ARG ZA 96 -67.97 23.88 26.57
N ALA ZA 97 -69.18 23.36 26.40
CA ALA ZA 97 -70.37 24.03 26.89
C ALA ZA 97 -70.46 24.02 28.41
N MET ZA 98 -69.80 23.06 29.06
CA MET ZA 98 -69.79 22.96 30.51
C MET ZA 98 -68.35 23.13 31.00
N SER ZA 99 -68.21 23.74 32.17
CA SER ZA 99 -66.91 24.06 32.71
C SER ZA 99 -66.88 23.74 34.21
N GLY ZA 100 -65.67 23.56 34.74
CA GLY ZA 100 -65.50 23.32 36.15
C GLY ZA 100 -65.79 21.90 36.57
N GLN ZA 101 -66.78 21.71 37.44
CA GLN ZA 101 -67.12 20.42 37.99
C GLN ZA 101 -68.18 19.67 37.19
N PHE ZA 102 -69.01 20.39 36.44
CA PHE ZA 102 -70.03 19.78 35.60
C PHE ZA 102 -69.54 19.51 34.19
N ARG ZA 103 -68.30 19.91 33.86
CA ARG ZA 103 -67.71 19.56 32.58
C ARG ZA 103 -67.51 18.06 32.45
N ARG ZA 104 -67.04 17.42 33.51
CA ARG ZA 104 -66.77 15.99 33.53
C ARG ZA 104 -67.99 15.18 33.93
N ASN ZA 105 -69.08 15.82 34.36
CA ASN ZA 105 -70.24 15.09 34.82
C ASN ZA 105 -71.12 14.60 33.68
N GLY ZA 106 -70.86 15.05 32.44
CA GLY ZA 106 -71.57 14.50 31.29
C GLY ZA 106 -70.98 13.16 30.90
N LYS ZA 107 -71.85 12.16 30.76
CA LYS ZA 107 -71.43 10.81 30.43
C LYS ZA 107 -72.06 10.37 29.11
N ILE ZA 108 -71.30 9.64 28.30
CA ILE ZA 108 -71.78 9.14 27.02
C ILE ZA 108 -71.67 7.61 27.02
N TRP ZA 109 -72.68 6.97 26.45
CA TRP ZA 109 -72.65 5.55 26.12
C TRP ZA 109 -72.71 5.38 24.62
N VAL ZA 110 -71.87 4.51 24.08
CA VAL ZA 110 -71.86 4.20 22.66
C VAL ZA 110 -72.48 2.82 22.50
N ARG ZA 111 -73.69 2.78 21.97
CA ARG ZA 111 -74.45 1.54 21.85
C ARG ZA 111 -74.21 0.82 20.53
N VAL ZA 112 -73.52 1.45 19.58
CA VAL ZA 112 -73.25 0.86 18.27
C VAL ZA 112 -71.76 0.54 18.18
N PHE ZA 113 -71.45 -0.64 17.66
CA PHE ZA 113 -70.08 -1.14 17.61
C PHE ZA 113 -69.80 -1.72 16.23
N ALA ZA 114 -68.75 -1.23 15.59
CA ALA ZA 114 -68.36 -1.70 14.26
C ALA ZA 114 -67.58 -3.00 14.39
N ASP ZA 115 -68.26 -4.13 14.19
CA ASP ZA 115 -67.61 -5.43 14.33
C ASP ZA 115 -67.58 -6.21 13.01
N LEU ZA 116 -67.93 -5.58 11.90
CA LEU ZA 116 -67.94 -6.27 10.61
C LEU ZA 116 -66.82 -5.73 9.73
N PRO ZA 117 -65.83 -6.53 9.37
CA PRO ZA 117 -64.75 -6.04 8.51
C PRO ZA 117 -65.19 -5.96 7.05
N ILE ZA 118 -64.71 -4.92 6.37
CA ILE ZA 118 -64.91 -4.78 4.94
C ILE ZA 118 -63.57 -4.92 4.24
N THR ZA 119 -63.60 -5.41 3.01
CA THR ZA 119 -62.41 -5.62 2.20
C THR ZA 119 -62.47 -4.79 0.95
N GLY ZA 120 -61.35 -4.73 0.23
CA GLY ZA 120 -61.28 -4.00 -1.01
C GLY ZA 120 -60.10 -4.45 -1.83
N LYS ZA 121 -60.13 -4.10 -3.10
CA LYS ZA 121 -59.05 -4.46 -3.99
C LYS ZA 121 -58.39 -3.21 -4.57
N PRO ZA 122 -57.09 -3.25 -4.83
CA PRO ZA 122 -56.41 -2.08 -5.40
C PRO ZA 122 -56.73 -1.88 -6.87
N THR ZA 123 -56.28 -0.75 -7.39
CA THR ZA 123 -56.41 -0.41 -8.80
C THR ZA 123 -55.46 -1.29 -9.62
N GLU ZA 124 -55.74 -1.40 -10.92
CA GLU ZA 124 -55.00 -2.23 -11.89
C GLU ZA 124 -55.04 -3.71 -11.51
N VAL ZA 125 -56.11 -4.16 -10.88
CA VAL ZA 125 -56.29 -5.55 -10.49
C VAL ZA 125 -57.57 -6.07 -11.12
N ARG ZA 126 -57.46 -7.17 -11.86
CA ARG ZA 126 -58.62 -7.78 -12.51
C ARG ZA 126 -59.42 -8.60 -11.51
N MET ZA 127 -60.57 -9.10 -11.98
CA MET ZA 127 -61.71 -9.31 -11.08
C MET ZA 127 -61.52 -10.49 -10.13
N GLY ZA 128 -61.14 -11.65 -10.62
CA GLY ZA 128 -61.13 -12.75 -9.68
C GLY ZA 128 -59.83 -13.49 -9.47
N ARG ZA 129 -59.22 -13.27 -8.31
CA ARG ZA 129 -58.17 -14.14 -7.80
C ARG ZA 129 -58.31 -14.29 -6.29
N GLY ZA 130 -59.55 -14.45 -5.82
CA GLY ZA 130 -59.83 -14.51 -4.41
C GLY ZA 130 -60.22 -13.16 -3.83
N LYS ZA 131 -60.69 -13.20 -2.59
CA LYS ZA 131 -61.17 -12.00 -1.91
C LYS ZA 131 -60.02 -11.06 -1.60
N GLY ZA 132 -60.33 -9.77 -1.52
CA GLY ZA 132 -59.33 -8.76 -1.26
C GLY ZA 132 -58.98 -8.62 0.21
N ASN ZA 133 -57.99 -7.76 0.46
CA ASN ZA 133 -57.52 -7.53 1.82
C ASN ZA 133 -58.50 -6.64 2.59
N PRO ZA 134 -58.63 -6.86 3.90
CA PRO ZA 134 -59.54 -6.00 4.70
C PRO ZA 134 -59.05 -4.55 4.75
N THR ZA 135 -60.01 -3.64 4.63
CA THR ZA 135 -59.72 -2.21 4.55
C THR ZA 135 -60.35 -1.38 5.66
N GLY ZA 136 -61.33 -1.91 6.40
CA GLY ZA 136 -61.97 -1.14 7.44
C GLY ZA 136 -63.00 -1.98 8.17
N TRP ZA 137 -63.77 -1.28 9.02
CA TRP ZA 137 -64.80 -1.89 9.84
C TRP ZA 137 -66.08 -1.08 9.75
N ILE ZA 138 -67.21 -1.79 9.71
CA ILE ZA 138 -68.52 -1.16 9.63
C ILE ZA 138 -69.42 -1.73 10.71
N ALA ZA 139 -70.49 -1.00 10.99
CA ALA ZA 139 -71.57 -1.44 11.87
C ALA ZA 139 -72.88 -1.43 11.09
N ARG ZA 140 -73.64 -2.52 11.19
CA ARG ZA 140 -74.96 -2.59 10.59
C ARG ZA 140 -75.99 -2.02 11.55
N VAL ZA 141 -76.78 -1.06 11.07
CA VAL ZA 141 -77.73 -0.32 11.88
C VAL ZA 141 -79.12 -0.61 11.35
N SER ZA 142 -80.06 -0.86 12.26
CA SER ZA 142 -81.46 -1.06 11.90
C SER ZA 142 -82.27 0.18 12.24
N THR ZA 143 -83.52 0.19 11.76
CA THR ZA 143 -84.41 1.31 12.02
C THR ZA 143 -84.80 1.31 13.49
N GLY ZA 144 -84.58 2.44 14.16
CA GLY ZA 144 -84.89 2.59 15.56
C GLY ZA 144 -83.72 2.34 16.49
N GLN ZA 145 -82.65 1.72 15.99
CA GLN ZA 145 -81.53 1.32 16.84
C GLN ZA 145 -80.86 2.53 17.48
N ILE ZA 146 -80.67 2.45 18.79
CA ILE ZA 146 -80.06 3.53 19.57
C ILE ZA 146 -78.56 3.54 19.31
N LEU ZA 147 -78.03 4.72 19.00
CA LEU ZA 147 -76.60 4.86 18.68
C LEU ZA 147 -75.80 5.41 19.84
N PHE ZA 148 -76.28 6.46 20.50
CA PHE ZA 148 -75.60 7.09 21.61
C PHE ZA 148 -76.60 7.31 22.74
N GLU ZA 149 -76.09 7.37 23.96
CA GLU ZA 149 -76.90 7.74 25.11
C GLU ZA 149 -76.13 8.75 25.94
N MET ZA 150 -76.86 9.68 26.54
CA MET ZA 150 -76.26 10.78 27.27
C MET ZA 150 -76.95 10.95 28.62
N ASP ZA 151 -76.16 11.32 29.62
CA ASP ZA 151 -76.69 11.63 30.94
C ASP ZA 151 -75.78 12.64 31.62
N GLY ZA 152 -76.30 13.26 32.67
CA GLY ZA 152 -75.52 14.24 33.40
C GLY ZA 152 -75.34 15.56 32.70
N VAL ZA 153 -76.26 15.93 31.81
CA VAL ZA 153 -76.23 17.19 31.09
C VAL ZA 153 -77.64 17.75 31.04
N SER ZA 154 -77.77 18.96 30.52
CA SER ZA 154 -79.09 19.55 30.35
C SER ZA 154 -79.73 19.04 29.07
N LEU ZA 155 -81.03 19.31 28.93
CA LEU ZA 155 -81.76 18.89 27.74
C LEU ZA 155 -81.29 19.65 26.51
N ALA ZA 156 -81.04 20.96 26.65
CA ALA ZA 156 -80.58 21.77 25.54
C ALA ZA 156 -79.21 21.34 25.04
N ASN ZA 157 -78.30 21.03 25.97
CA ASN ZA 157 -76.98 20.55 25.56
C ASN ZA 157 -77.06 19.18 24.92
N ALA ZA 158 -77.98 18.33 25.40
CA ALA ZA 158 -78.19 17.03 24.78
C ALA ZA 158 -78.71 17.18 23.34
N ARG ZA 159 -79.66 18.09 23.13
CA ARG ZA 159 -80.18 18.35 21.79
C ARG ZA 159 -79.10 18.91 20.88
N GLN ZA 160 -78.27 19.81 21.39
CA GLN ZA 160 -77.23 20.42 20.57
C GLN ZA 160 -76.14 19.40 20.23
N ALA ZA 161 -75.79 18.53 21.18
CA ALA ZA 161 -74.84 17.46 20.89
C ALA ZA 161 -75.40 16.44 19.93
N ALA ZA 162 -76.71 16.18 19.99
CA ALA ZA 162 -77.34 15.30 19.01
C ALA ZA 162 -77.34 15.91 17.61
N THR ZA 163 -77.58 17.22 17.53
CA THR ZA 163 -77.50 17.91 16.24
C THR ZA 163 -76.08 17.90 15.69
N LEU ZA 164 -75.10 18.12 16.56
CA LEU ZA 164 -73.70 18.13 16.13
C LEU ZA 164 -73.25 16.74 15.68
N ALA ZA 165 -73.70 15.69 16.37
CA ALA ZA 165 -73.30 14.34 16.01
C ALA ZA 165 -73.97 13.84 14.73
N ALA ZA 166 -75.15 14.35 14.40
CA ALA ZA 166 -75.88 13.86 13.23
C ALA ZA 166 -75.20 14.24 11.94
N HIS ZA 167 -74.43 15.33 11.93
CA HIS ZA 167 -73.75 15.76 10.71
C HIS ZA 167 -72.56 14.87 10.36
N LYS ZA 168 -72.09 14.04 11.28
CA LYS ZA 168 -71.02 13.10 10.97
C LYS ZA 168 -71.54 11.77 10.46
N LEU ZA 169 -72.86 11.56 10.46
CA LEU ZA 169 -73.44 10.26 10.14
C LEU ZA 169 -74.18 10.32 8.82
N CYS ZA 170 -74.08 9.24 8.04
CA CYS ZA 170 -74.72 9.14 6.74
C CYS ZA 170 -76.16 8.65 6.81
N LEU ZA 171 -76.67 8.39 8.01
CA LEU ZA 171 -78.04 7.91 8.19
C LEU ZA 171 -78.86 8.95 8.92
N SER ZA 172 -80.15 8.95 8.67
CA SER ZA 172 -81.06 9.87 9.34
C SER ZA 172 -81.26 9.46 10.80
N THR ZA 173 -81.15 10.42 11.70
CA THR ZA 173 -81.22 10.17 13.13
C THR ZA 173 -82.31 11.02 13.77
N LYS ZA 174 -82.65 10.68 15.02
CA LYS ZA 174 -83.63 11.41 15.79
C LYS ZA 174 -83.18 11.51 17.24
N PHE ZA 175 -83.52 12.63 17.88
CA PHE ZA 175 -83.22 12.84 19.28
C PHE ZA 175 -84.25 12.11 20.13
N VAL ZA 176 -83.78 11.37 21.14
CA VAL ZA 176 -84.62 10.56 22.00
C VAL ZA 176 -84.52 11.08 23.42
N GLN ZA 177 -85.67 11.18 24.08
CA GLN ZA 177 -85.76 11.58 25.49
C GLN ZA 177 -86.44 10.47 26.28
N TRP ZA 178 -85.93 10.19 27.47
CA TRP ZA 178 -86.58 9.24 28.36
C TRP ZA 178 -87.89 9.83 28.87
N SER ZA 179 -88.93 9.00 28.90
CA SER ZA 179 -90.23 9.44 29.38
C SER ZA 179 -91.01 8.27 29.98
N THR AB 2 -50.90 45.23 -76.03
CA THR AB 2 -51.33 44.15 -76.91
C THR AB 2 -51.14 42.80 -76.23
N LYS AB 3 -52.13 41.92 -76.34
CA LYS AB 3 -52.02 40.56 -75.85
C LYS AB 3 -51.14 39.77 -76.80
N LEU AB 4 -49.95 39.37 -76.34
CA LEU AB 4 -49.02 38.57 -77.12
C LEU AB 4 -49.21 37.11 -76.74
N ARG AB 5 -49.68 36.30 -77.68
CA ARG AB 5 -50.06 34.93 -77.39
C ARG AB 5 -48.83 34.02 -77.31
N LYS AB 6 -48.94 33.00 -76.46
CA LYS AB 6 -47.83 32.06 -76.27
C LYS AB 6 -47.82 30.95 -77.31
N LEU AB 7 -48.98 30.59 -77.86
CA LEU AB 7 -49.14 29.59 -78.91
C LEU AB 7 -48.62 28.21 -78.52
N GLY AB 8 -48.55 27.91 -77.23
CA GLY AB 8 -48.06 26.62 -76.76
C GLY AB 8 -46.62 26.32 -77.08
N ARG AB 9 -45.80 27.34 -77.31
CA ARG AB 9 -44.40 27.16 -77.71
C ARG AB 9 -43.51 28.01 -76.83
N HIS AB 10 -42.31 27.52 -76.56
CA HIS AB 10 -41.32 28.35 -75.89
C HIS AB 10 -40.83 29.43 -76.85
N THR AB 11 -40.19 30.46 -76.28
CA THR AB 11 -39.94 31.73 -76.96
C THR AB 11 -39.15 31.56 -78.26
N GLY AB 12 -38.08 30.76 -78.24
CA GLY AB 12 -37.30 30.53 -79.44
C GLY AB 12 -38.10 29.88 -80.57
N HIS AB 13 -38.85 28.83 -80.22
CA HIS AB 13 -39.71 28.17 -81.21
C HIS AB 13 -40.80 29.10 -81.70
N ARG AB 14 -41.40 29.88 -80.80
CA ARG AB 14 -42.50 30.77 -81.16
C ARG AB 14 -42.04 31.85 -82.13
N MET AB 15 -40.89 32.49 -81.84
CA MET AB 15 -40.42 33.55 -82.70
C MET AB 15 -39.88 33.02 -84.02
N SER AB 16 -39.25 31.83 -84.00
CA SER AB 16 -38.82 31.20 -85.25
C SER AB 16 -40.01 30.87 -86.14
N MET AB 17 -41.09 30.34 -85.55
CA MET AB 17 -42.29 30.03 -86.32
C MET AB 17 -42.93 31.30 -86.89
N LEU AB 18 -42.98 32.37 -86.10
CA LEU AB 18 -43.58 33.61 -86.59
C LEU AB 18 -42.75 34.23 -87.73
N ARG AB 19 -41.42 34.17 -87.62
CA ARG AB 19 -40.57 34.65 -88.71
C ARG AB 19 -40.74 33.83 -89.98
N THR AB 20 -40.80 32.50 -89.85
CA THR AB 20 -41.04 31.64 -91.01
C THR AB 20 -42.40 31.92 -91.64
N LEU AB 21 -43.43 32.12 -90.81
CA LEU AB 21 -44.78 32.39 -91.31
C LEU AB 21 -44.85 33.71 -92.06
N VAL AB 22 -44.20 34.76 -91.53
CA VAL AB 22 -44.19 36.04 -92.23
C VAL AB 22 -43.43 35.93 -93.54
N SER AB 23 -42.33 35.19 -93.57
CA SER AB 23 -41.57 35.00 -94.80
C SER AB 23 -42.39 34.24 -95.86
N GLN AB 24 -43.12 33.21 -95.44
CA GLN AB 24 -43.98 32.47 -96.36
C GLN AB 24 -45.14 33.33 -96.85
N LEU AB 25 -45.67 34.19 -95.99
CA LEU AB 25 -46.74 35.09 -96.39
C LEU AB 25 -46.26 36.11 -97.42
N VAL AB 26 -45.03 36.62 -97.25
CA VAL AB 26 -44.48 37.53 -98.25
C VAL AB 26 -44.22 36.81 -99.57
N LYS AB 27 -43.74 35.56 -99.49
CA LYS AB 27 -43.42 34.82 -100.71
C LYS AB 27 -44.67 34.44 -101.50
N HIS AB 28 -45.73 33.99 -100.82
CA HIS AB 28 -46.89 33.44 -101.53
C HIS AB 28 -48.03 34.43 -101.71
N GLU AB 29 -48.03 35.54 -100.96
CA GLU AB 29 -49.02 36.64 -100.93
C GLU AB 29 -50.32 36.26 -100.25
N ARG AB 30 -50.53 34.97 -99.98
CA ARG AB 30 -51.70 34.48 -99.25
C ARG AB 30 -51.44 33.05 -98.79
N ILE AB 31 -51.63 32.79 -97.50
CA ILE AB 31 -51.46 31.47 -96.93
C ILE AB 31 -52.69 31.18 -96.07
N GLU AB 32 -52.88 29.90 -95.76
CA GLU AB 32 -53.93 29.47 -94.85
C GLU AB 32 -53.30 28.88 -93.60
N THR AB 33 -53.76 29.35 -92.44
CA THR AB 33 -53.25 28.88 -91.16
C THR AB 33 -54.39 29.00 -90.15
N THR AB 34 -54.10 28.69 -88.88
CA THR AB 34 -55.12 28.85 -87.86
C THR AB 34 -55.40 30.34 -87.62
N ILE AB 35 -56.59 30.61 -87.10
CA ILE AB 35 -57.05 31.98 -86.86
C ILE AB 35 -56.15 32.69 -85.85
N THR AB 36 -55.65 31.96 -84.85
CA THR AB 36 -54.83 32.52 -83.80
C THR AB 36 -53.45 32.90 -84.31
N LYS AB 37 -52.84 32.00 -85.08
CA LYS AB 37 -51.54 32.27 -85.69
C LYS AB 37 -51.62 33.45 -86.64
N ALA AB 38 -52.74 33.58 -87.38
CA ALA AB 38 -52.88 34.71 -88.30
C ALA AB 38 -53.07 36.02 -87.54
N LYS AB 39 -53.80 35.99 -86.43
CA LYS AB 39 -53.91 37.17 -85.57
C LYS AB 39 -52.56 37.58 -84.98
N GLU AB 40 -51.63 36.62 -84.83
CA GLU AB 40 -50.27 37.01 -84.48
C GLU AB 40 -49.44 37.49 -85.68
N VAL AB 41 -49.61 36.87 -86.84
CA VAL AB 41 -48.77 37.14 -88.02
C VAL AB 41 -49.06 38.50 -88.64
N ARG AB 42 -50.31 38.99 -88.52
CA ARG AB 42 -50.70 40.25 -89.18
C ARG AB 42 -49.89 41.44 -88.69
N ARG AB 43 -49.62 41.52 -87.38
CA ARG AB 43 -48.88 42.66 -86.84
C ARG AB 43 -47.45 42.69 -87.34
N LEU AB 44 -46.78 41.54 -87.33
CA LEU AB 44 -45.40 41.46 -87.79
C LEU AB 44 -45.28 41.68 -89.29
N ALA AB 45 -46.26 41.21 -90.07
CA ALA AB 45 -46.25 41.48 -91.51
C ALA AB 45 -46.41 42.97 -91.80
N ASP AB 46 -47.27 43.64 -91.03
CA ASP AB 46 -47.41 45.09 -91.16
C ASP AB 46 -46.11 45.81 -90.79
N ASN AB 47 -45.43 45.32 -89.74
CA ASN AB 47 -44.14 45.90 -89.35
C ASN AB 47 -43.09 45.73 -90.45
N MET AB 48 -43.07 44.57 -91.10
CA MET AB 48 -42.14 44.36 -92.20
C MET AB 48 -42.43 45.28 -93.38
N VAL AB 49 -43.70 45.47 -93.71
CA VAL AB 49 -44.06 46.40 -94.79
C VAL AB 49 -43.64 47.83 -94.43
N GLN AB 50 -43.81 48.21 -93.17
CA GLN AB 50 -43.45 49.58 -92.77
C GLN AB 50 -41.94 49.77 -92.79
N LEU AB 51 -41.18 48.71 -92.47
CA LEU AB 51 -39.72 48.76 -92.62
C LEU AB 51 -39.32 48.93 -94.08
N GLY AB 52 -39.99 48.22 -94.98
CA GLY AB 52 -39.75 48.42 -96.40
C GLY AB 52 -40.10 49.82 -96.88
N LYS AB 53 -41.14 50.40 -96.29
CA LYS AB 53 -41.53 51.77 -96.66
C LYS AB 53 -40.52 52.80 -96.15
N GLU AB 54 -39.90 52.55 -94.98
CA GLU AB 54 -38.86 53.46 -94.51
C GLU AB 54 -37.65 53.45 -95.43
N GLY AB 55 -37.22 52.27 -95.88
CA GLY AB 55 -36.33 52.16 -97.01
C GLY AB 55 -34.85 52.36 -96.75
N SER AB 56 -34.46 52.67 -95.51
CA SER AB 56 -33.08 53.03 -95.24
C SER AB 56 -32.22 51.79 -95.02
N LEU AB 57 -30.92 52.01 -94.82
CA LEU AB 57 -30.00 50.92 -94.52
C LEU AB 57 -30.28 50.32 -93.15
N ASP AB 58 -30.65 51.16 -92.18
CA ASP AB 58 -31.03 50.67 -90.86
C ASP AB 58 -32.29 49.82 -90.93
N ALA AB 59 -33.28 50.27 -91.72
CA ALA AB 59 -34.49 49.48 -91.91
C ALA AB 59 -34.20 48.16 -92.60
N ALA AB 60 -33.27 48.18 -93.57
CA ALA AB 60 -32.88 46.95 -94.26
C ALA AB 60 -32.19 45.96 -93.33
N ARG AB 61 -31.34 46.47 -92.44
CA ARG AB 61 -30.64 45.60 -91.51
C ARG AB 61 -31.59 45.04 -90.46
N ARG AB 62 -32.55 45.85 -89.99
CA ARG AB 62 -33.56 45.36 -89.06
C ARG AB 62 -34.45 44.31 -89.71
N ALA AB 63 -34.85 44.54 -90.97
CA ALA AB 63 -35.71 43.58 -91.63
C ALA AB 63 -34.97 42.30 -92.00
N ALA AB 64 -33.68 42.38 -92.31
CA ALA AB 64 -32.90 41.18 -92.60
C ALA AB 64 -32.67 40.32 -91.37
N GLY AB 65 -32.85 40.89 -90.18
CA GLY AB 65 -32.81 40.10 -88.96
C GLY AB 65 -34.11 39.43 -88.58
N PHE AB 66 -35.19 39.65 -89.34
CA PHE AB 66 -36.45 38.99 -89.06
C PHE AB 66 -36.86 38.02 -90.17
N VAL AB 67 -37.00 38.46 -91.40
CA VAL AB 67 -37.51 37.61 -92.45
C VAL AB 67 -36.37 36.80 -93.05
N ARG AB 68 -36.72 35.69 -93.68
CA ARG AB 68 -35.74 34.76 -94.23
C ARG AB 68 -35.87 34.73 -95.75
N GLY AB 69 -34.75 34.84 -96.44
CA GLY AB 69 -34.71 34.76 -97.89
C GLY AB 69 -34.39 36.09 -98.53
N ASP AB 70 -33.54 36.06 -99.57
CA ASP AB 70 -33.22 37.26 -100.31
C ASP AB 70 -34.39 37.74 -101.17
N ASP AB 71 -35.18 36.81 -101.70
CA ASP AB 71 -36.35 37.19 -102.47
C ASP AB 71 -37.39 37.88 -101.62
N VAL AB 72 -37.54 37.45 -100.37
CA VAL AB 72 -38.53 38.04 -99.47
C VAL AB 72 -38.15 39.47 -99.12
N ILE AB 73 -36.88 39.70 -98.75
CA ILE AB 73 -36.44 41.05 -98.41
C ILE AB 73 -36.46 41.96 -99.65
N HIS AB 74 -36.15 41.43 -100.83
CA HIS AB 74 -36.22 42.24 -102.04
C HIS AB 74 -37.66 42.62 -102.38
N LYS AB 75 -38.58 41.66 -102.26
CA LYS AB 75 -40.00 41.93 -102.50
C LYS AB 75 -40.52 42.99 -101.55
N ILE AB 76 -40.15 42.89 -100.27
CA ILE AB 76 -40.57 43.85 -99.26
C ILE AB 76 -40.05 45.25 -99.60
N PHE AB 77 -38.78 45.35 -99.98
CA PHE AB 77 -38.22 46.67 -100.16
C PHE AB 77 -38.44 47.26 -101.55
N THR AB 78 -38.98 46.51 -102.51
CA THR AB 78 -39.31 47.10 -103.81
C THR AB 78 -40.81 47.08 -104.10
N GLU AB 79 -41.41 45.90 -104.19
CA GLU AB 79 -42.78 45.79 -104.67
C GLU AB 79 -43.78 46.25 -103.62
N PHE AB 80 -43.59 45.82 -102.37
CA PHE AB 80 -44.46 46.24 -101.27
C PHE AB 80 -44.26 47.72 -100.98
N ALA AB 81 -43.02 48.20 -101.11
CA ALA AB 81 -42.73 49.60 -100.86
C ALA AB 81 -43.44 50.50 -101.87
N TYR AB 82 -43.46 50.11 -103.14
CA TYR AB 82 -44.21 50.90 -104.12
C TYR AB 82 -45.71 50.75 -103.93
N ARG AB 83 -46.18 49.52 -103.67
CA ARG AB 83 -47.62 49.24 -103.63
C ARG AB 83 -48.30 49.92 -102.46
N TYR AB 84 -47.71 49.84 -101.27
CA TYR AB 84 -48.29 50.39 -100.05
C TYR AB 84 -47.76 51.77 -99.72
N LYS AB 85 -47.34 52.52 -100.74
CA LYS AB 85 -46.65 53.79 -100.55
C LYS AB 85 -47.54 54.83 -99.89
N ASP AB 86 -48.81 54.89 -100.28
CA ASP AB 86 -49.74 55.88 -99.74
C ASP AB 86 -50.72 55.29 -98.74
N ARG AB 87 -50.68 53.98 -98.50
CA ARG AB 87 -51.53 53.36 -97.51
C ARG AB 87 -50.88 53.50 -96.14
N THR AB 88 -51.65 54.02 -95.17
CA THR AB 88 -51.07 54.32 -93.87
C THR AB 88 -50.73 53.04 -93.11
N GLY AB 89 -51.73 52.25 -92.78
CA GLY AB 89 -51.49 50.95 -92.20
C GLY AB 89 -52.42 49.94 -92.83
N GLY AB 90 -52.58 48.79 -92.18
CA GLY AB 90 -53.52 47.79 -92.64
C GLY AB 90 -53.20 47.21 -93.99
N TYR AB 91 -52.02 46.63 -94.13
CA TYR AB 91 -51.58 46.03 -95.38
C TYR AB 91 -52.01 44.57 -95.51
N THR AB 92 -52.68 44.02 -94.50
CA THR AB 92 -53.07 42.62 -94.51
C THR AB 92 -54.55 42.48 -94.21
N ARG AB 93 -55.13 41.40 -94.73
CA ARG AB 93 -56.52 41.02 -94.47
C ARG AB 93 -56.55 39.57 -94.04
N MET AB 94 -57.32 39.26 -93.00
CA MET AB 94 -57.49 37.88 -92.57
C MET AB 94 -58.98 37.56 -92.45
N LEU AB 95 -59.36 36.38 -92.95
CA LEU AB 95 -60.77 35.99 -93.02
C LEU AB 95 -60.91 34.52 -92.66
N ARG AB 96 -61.81 34.22 -91.72
CA ARG AB 96 -62.09 32.85 -91.33
C ARG AB 96 -62.73 32.07 -92.49
N THR AB 97 -62.24 30.86 -92.72
CA THR AB 97 -62.66 30.09 -93.89
C THR AB 97 -63.39 28.81 -93.55
N ARG AB 98 -62.84 27.97 -92.69
CA ARG AB 98 -63.34 26.62 -92.53
C ARG AB 98 -62.88 26.07 -91.18
N ILE AB 99 -63.42 24.91 -90.83
CA ILE AB 99 -62.98 24.16 -89.66
C ILE AB 99 -62.14 23.00 -90.16
N ARG AB 100 -60.92 22.92 -89.65
CA ARG AB 100 -59.98 21.89 -90.09
C ARG AB 100 -60.41 20.51 -89.58
N VAL AB 101 -60.41 19.52 -90.46
CA VAL AB 101 -60.57 18.15 -90.00
C VAL AB 101 -59.32 17.74 -89.23
N GLY AB 102 -59.48 16.91 -88.21
CA GLY AB 102 -58.31 16.39 -87.54
C GLY AB 102 -58.09 16.94 -86.15
N ASP AB 103 -58.28 18.25 -85.97
CA ASP AB 103 -58.25 18.83 -84.64
C ASP AB 103 -59.29 19.92 -84.44
N ALA AB 104 -60.20 20.11 -85.40
CA ALA AB 104 -61.26 21.12 -85.37
C ALA AB 104 -60.70 22.53 -85.18
N ALA AB 105 -59.53 22.78 -85.73
CA ALA AB 105 -58.95 24.11 -85.67
C ALA AB 105 -59.68 25.03 -86.63
N PRO AB 106 -60.10 26.22 -86.19
CA PRO AB 106 -60.62 27.21 -87.15
C PRO AB 106 -59.49 27.77 -87.98
N MET AB 107 -59.70 27.82 -89.29
CA MET AB 107 -58.70 28.22 -90.25
C MET AB 107 -59.02 29.60 -90.81
N ALA AB 108 -57.99 30.27 -91.31
CA ALA AB 108 -58.17 31.58 -91.91
C ALA AB 108 -57.17 31.80 -93.04
N TYR AB 109 -57.63 32.41 -94.12
CA TYR AB 109 -56.69 33.02 -95.05
C TYR AB 109 -56.11 34.27 -94.41
N ILE AB 110 -54.83 34.52 -94.65
CA ILE AB 110 -54.24 35.83 -94.42
C ILE AB 110 -53.49 36.22 -95.69
N GLU AB 111 -53.71 37.44 -96.16
CA GLU AB 111 -53.15 37.88 -97.44
C GLU AB 111 -52.74 39.34 -97.33
N PHE AB 112 -51.79 39.71 -98.18
CA PHE AB 112 -51.53 41.10 -98.48
C PHE AB 112 -52.61 41.63 -99.42
N ILE AB 113 -52.94 42.91 -99.27
CA ILE AB 113 -54.07 43.49 -99.99
C ILE AB 113 -53.60 44.36 -101.14
N ASP AB 114 -54.57 44.87 -101.92
CA ASP AB 114 -54.35 45.85 -102.99
C ASP AB 114 -53.50 45.26 -104.10
N ARG AB 115 -53.81 44.04 -104.49
CA ARG AB 115 -53.12 43.31 -105.52
C ARG AB 115 -54.17 42.56 -106.33
N GLU AB 116 -53.74 41.97 -107.45
CA GLU AB 116 -54.63 41.16 -108.24
C GLU AB 116 -54.99 39.89 -107.48
N ASN AB 117 -56.25 39.47 -107.60
CA ASN AB 117 -56.80 38.28 -106.94
C ASN AB 117 -56.71 38.36 -105.41
N GLU AB 118 -57.01 39.53 -104.87
CA GLU AB 118 -57.28 39.66 -103.45
C GLU AB 118 -58.71 39.24 -103.15
N LEU AB 119 -58.97 38.88 -101.89
CA LEU AB 119 -60.24 38.27 -101.53
C LEU AB 119 -61.40 39.24 -101.61
N ARG AB 120 -61.19 40.48 -101.17
CA ARG AB 120 -62.19 41.54 -101.28
C ARG AB 120 -61.52 42.76 -101.87
N GLN AB 121 -62.32 43.67 -102.43
CA GLN AB 121 -61.78 44.92 -102.92
C GLN AB 121 -61.51 45.86 -101.75
N SER AB 122 -60.25 46.28 -101.62
CA SER AB 122 -59.83 47.18 -100.55
C SER AB 122 -60.30 48.60 -100.83
N ASN AB 123 -60.39 49.38 -99.76
CA ASN AB 123 -60.60 50.81 -99.87
C ASN AB 123 -59.38 51.47 -100.52
N PRO AB 124 -59.55 52.61 -101.18
CA PRO AB 124 -58.40 53.29 -101.77
C PRO AB 124 -57.42 53.72 -100.70
N PRO AB 125 -56.12 53.75 -101.02
CA PRO AB 125 -55.14 54.21 -100.05
C PRO AB 125 -55.32 55.69 -99.73
N THR AB 126 -55.83 55.96 -98.54
CA THR AB 126 -56.17 57.30 -98.11
C THR AB 126 -55.10 57.79 -97.15
N PRO AB 127 -54.41 58.88 -97.44
CA PRO AB 127 -53.49 59.45 -96.46
C PRO AB 127 -54.23 59.97 -95.25
N GLN AB 128 -53.59 59.88 -94.10
CA GLN AB 128 -54.22 60.31 -92.86
C GLN AB 128 -54.27 61.83 -92.82
N PRO AB 129 -55.35 62.40 -92.31
CA PRO AB 129 -55.41 63.84 -92.08
C PRO AB 129 -54.44 64.24 -90.98
N PRO AB 130 -54.03 65.52 -90.92
CA PRO AB 130 -53.07 65.94 -89.89
C PRO AB 130 -53.64 65.80 -88.49
N GLN AB 131 -52.74 65.67 -87.52
CA GLN AB 131 -53.10 65.35 -86.14
C GLN AB 131 -54.02 66.41 -85.55
N ARG AB 132 -55.19 65.97 -85.08
CA ARG AB 132 -56.16 66.86 -84.46
C ARG AB 132 -55.87 66.95 -82.96
N VAL AB 133 -55.97 68.16 -82.43
CA VAL AB 133 -55.90 68.35 -80.98
C VAL AB 133 -57.27 67.98 -80.42
N PRO AB 134 -57.35 66.99 -79.53
CA PRO AB 134 -58.66 66.56 -79.03
C PRO AB 134 -59.28 67.56 -78.07
N LEU AB 135 -60.59 67.53 -77.98
CA LEU AB 135 -61.31 68.29 -76.97
C LEU AB 135 -61.08 67.67 -75.58
N ASP AB 136 -61.37 68.46 -74.56
CA ASP AB 136 -61.34 67.97 -73.20
C ASP AB 136 -62.45 66.92 -73.00
N PRO AB 137 -62.24 65.96 -72.10
CA PRO AB 137 -63.33 65.03 -71.77
C PRO AB 137 -64.55 65.71 -71.19
N TRP AB 138 -64.40 66.89 -70.58
CA TRP AB 138 -65.55 67.60 -70.05
C TRP AB 138 -66.31 68.33 -71.14
N ALA AB 139 -65.61 68.94 -72.10
CA ALA AB 139 -66.28 69.52 -73.27
C ALA AB 139 -66.93 68.44 -74.12
N ARG AB 140 -66.26 67.30 -74.28
CA ARG AB 140 -66.84 66.18 -75.02
C ARG AB 140 -68.08 65.63 -74.32
N SER AB 141 -68.01 65.48 -72.99
CA SER AB 141 -69.17 65.03 -72.23
C SER AB 141 -70.31 66.04 -72.29
N ARG AB 142 -69.98 67.33 -72.38
CA ARG AB 142 -71.00 68.34 -72.58
C ARG AB 142 -71.67 68.20 -73.95
N LEU AB 143 -70.90 67.80 -74.96
CA LEU AB 143 -71.47 67.59 -76.28
C LEU AB 143 -72.11 66.22 -76.48
N MET AB 144 -71.88 65.26 -75.58
CA MET AB 144 -72.38 63.90 -75.77
C MET AB 144 -73.79 63.69 -75.24
N ARG AB 145 -74.35 64.67 -74.54
CA ARG AB 145 -75.68 64.50 -73.94
C ARG AB 145 -76.75 64.48 -75.02
N GLN AB 146 -77.58 63.45 -75.04
CA GLN AB 146 -78.63 63.35 -76.04
C GLN AB 146 -79.82 62.59 -75.46
N TYR AB 147 -80.98 62.79 -76.09
CA TYR AB 147 -82.23 62.19 -75.66
C TYR AB 147 -82.60 61.02 -76.56
N ALA AB 148 -83.60 60.27 -76.14
CA ALA AB 148 -84.12 59.17 -76.93
C ALA AB 148 -84.81 59.71 -78.18
N PRO AB 149 -84.62 59.08 -79.34
CA PRO AB 149 -85.35 59.52 -80.53
C PRO AB 149 -86.82 59.20 -80.41
N PRO AB 150 -87.70 60.02 -81.00
CA PRO AB 150 -89.13 59.69 -80.97
C PRO AB 150 -89.44 58.51 -81.87
N LYS AB 151 -89.67 57.35 -81.23
CA LYS AB 151 -90.00 56.11 -81.93
C LYS AB 151 -91.17 55.45 -81.24
N GLU AB 152 -92.01 56.23 -80.57
CA GLU AB 152 -93.15 55.71 -79.85
C GLU AB 152 -94.34 56.66 -79.98
N VAL BB 2 -73.46 -36.61 36.45
CA VAL BB 2 -74.24 -36.49 35.22
C VAL BB 2 -75.71 -36.77 35.49
N ILE BB 3 -76.58 -36.22 34.65
CA ILE BB 3 -78.01 -36.51 34.77
C ILE BB 3 -78.28 -37.93 34.30
N PRO BB 4 -78.92 -38.78 35.10
CA PRO BB 4 -79.17 -40.17 34.68
C PRO BB 4 -80.21 -40.22 33.58
N PRO BB 5 -79.96 -40.99 32.52
CA PRO BB 5 -80.96 -41.13 31.46
C PRO BB 5 -82.15 -41.95 31.93
N ALA BB 6 -83.30 -41.70 31.32
CA ALA BB 6 -84.50 -42.46 31.62
C ALA BB 6 -84.35 -43.88 31.09
N VAL BB 7 -84.66 -44.86 31.95
CA VAL BB 7 -84.47 -46.25 31.58
C VAL BB 7 -85.58 -46.69 30.62
N ARG BB 8 -85.18 -47.24 29.48
CA ARG BB 8 -86.14 -47.71 28.49
C ARG BB 8 -86.16 -49.23 28.45
N PRO BB 9 -87.31 -49.83 28.16
CA PRO BB 9 -87.33 -51.25 27.85
C PRO BB 9 -86.58 -51.51 26.54
N PRO BB 10 -86.03 -52.72 26.36
CA PRO BB 10 -85.31 -53.02 25.11
C PRO BB 10 -86.23 -52.95 23.90
N ARG BB 11 -85.66 -52.52 22.78
CA ARG BB 11 -86.49 -52.36 21.61
C ARG BB 11 -86.83 -53.69 20.99
N LEU BB 12 -88.04 -53.76 20.47
CA LEU BB 12 -88.49 -54.95 19.74
C LEU BB 12 -87.66 -55.13 18.48
N PHE BB 13 -87.24 -56.37 18.23
CA PHE BB 13 -86.44 -56.70 17.06
C PHE BB 13 -87.20 -57.62 16.11
N ASP BB 14 -87.61 -58.77 16.58
CA ASP BB 14 -88.33 -59.74 15.75
C ASP BB 14 -89.57 -60.33 16.42
N TYR BB 15 -89.57 -60.48 17.75
CA TYR BB 15 -90.69 -61.06 18.47
C TYR BB 15 -91.02 -60.20 19.69
N LEU BB 16 -92.17 -60.49 20.29
CA LEU BB 16 -92.70 -59.61 21.34
C LEU BB 16 -92.05 -59.87 22.69
N LYS BB 17 -92.04 -61.13 23.15
CA LYS BB 17 -91.61 -61.57 24.49
C LYS BB 17 -92.34 -60.79 25.58
N PRO BB 18 -93.62 -61.09 25.84
CA PRO BB 18 -94.44 -60.22 26.68
C PRO BB 18 -94.32 -60.46 28.18
N TYR BB 19 -93.52 -61.41 28.63
CA TYR BB 19 -93.43 -61.75 30.05
C TYR BB 19 -92.06 -61.32 30.58
N VAL BB 20 -92.07 -60.43 31.57
CA VAL BB 20 -90.85 -59.83 32.10
C VAL BB 20 -90.78 -60.11 33.60
N LEU BB 21 -89.67 -60.67 34.05
CA LEU BB 21 -89.45 -60.94 35.46
C LEU BB 21 -88.72 -59.77 36.12
N LYS BB 22 -89.29 -59.26 37.20
CA LYS BB 22 -88.69 -58.18 37.98
C LYS BB 22 -88.61 -58.61 39.44
N MET BB 23 -87.48 -58.33 40.07
CA MET BB 23 -87.21 -58.74 41.45
C MET BB 23 -87.04 -57.52 42.34
N HIS BB 24 -87.46 -57.67 43.60
CA HIS BB 24 -87.33 -56.62 44.59
C HIS BB 24 -87.00 -57.26 45.93
N PHE BB 25 -86.09 -56.63 46.66
CA PHE BB 25 -85.64 -57.13 47.96
C PHE BB 25 -85.63 -55.99 48.96
N THR BB 26 -86.19 -56.24 50.14
CA THR BB 26 -86.20 -55.28 51.24
C THR BB 26 -85.39 -55.87 52.40
N ASN BB 27 -85.43 -55.17 53.54
CA ASN BB 27 -84.77 -55.66 54.73
C ASN BB 27 -85.45 -56.90 55.32
N LYS BB 28 -86.73 -57.11 55.02
CA LYS BB 28 -87.49 -58.21 55.60
C LYS BB 28 -87.94 -59.27 54.60
N PHE BB 29 -88.25 -58.90 53.36
CA PHE BB 29 -88.92 -59.81 52.43
C PHE BB 29 -88.25 -59.76 51.06
N VAL BB 30 -88.43 -60.84 50.32
CA VAL BB 30 -87.97 -60.94 48.93
C VAL BB 30 -89.20 -61.05 48.03
N HIS BB 31 -89.12 -60.44 46.85
CA HIS BB 31 -90.24 -60.39 45.93
C HIS BB 31 -89.80 -60.75 44.52
N ALA BB 32 -90.74 -61.28 43.73
CA ALA BB 32 -90.49 -61.61 42.34
C ALA BB 32 -91.80 -61.56 41.58
N GLN BB 33 -91.94 -60.59 40.68
CA GLN BB 33 -93.15 -60.38 39.90
C GLN BB 33 -92.86 -60.64 38.42
N VAL BB 34 -93.74 -61.42 37.78
CA VAL BB 34 -93.72 -61.59 36.34
C VAL BB 34 -94.81 -60.71 35.75
N ILE BB 35 -94.44 -59.81 34.86
CA ILE BB 35 -95.32 -58.76 34.36
C ILE BB 35 -95.68 -59.07 32.91
N HIS BB 36 -96.97 -58.97 32.58
CA HIS BB 36 -97.42 -59.00 31.19
C HIS BB 36 -97.36 -57.58 30.65
N SER BB 37 -96.34 -57.32 29.84
CA SER BB 37 -96.09 -55.96 29.35
C SER BB 37 -97.20 -55.33 28.51
N PRO BB 38 -97.85 -56.01 27.55
CA PRO BB 38 -98.92 -55.32 26.78
C PRO BB 38 -100.12 -54.87 27.62
N THR BB 39 -100.45 -55.58 28.69
CA THR BB 39 -101.59 -55.19 29.52
C THR BB 39 -101.19 -54.54 30.84
N ALA BB 40 -99.89 -54.50 31.15
CA ALA BB 40 -99.34 -53.97 32.41
C ALA BB 40 -99.99 -54.64 33.63
N THR BB 41 -100.18 -55.95 33.53
CA THR BB 41 -100.78 -56.74 34.59
C THR BB 41 -99.79 -57.79 35.07
N VAL BB 42 -99.93 -58.18 36.33
CA VAL BB 42 -99.05 -59.18 36.93
C VAL BB 42 -99.53 -60.56 36.50
N ALA BB 43 -98.75 -61.23 35.66
CA ALA BB 43 -99.11 -62.57 35.23
C ALA BB 43 -98.92 -63.59 36.35
N CYS BB 44 -97.86 -63.42 37.14
CA CYS BB 44 -97.53 -64.35 38.22
C CYS BB 44 -96.60 -63.64 39.18
N ALA BB 45 -96.77 -63.91 40.48
CA ALA BB 45 -95.94 -63.28 41.49
C ALA BB 45 -95.72 -64.23 42.65
N ALA BB 46 -94.56 -64.12 43.28
CA ALA BB 46 -94.22 -64.90 44.46
C ALA BB 46 -93.40 -64.03 45.39
N SER BB 47 -93.77 -64.01 46.67
CA SER BB 47 -93.02 -63.25 47.65
C SER BB 47 -93.10 -63.94 49.00
N SER BB 48 -92.10 -63.69 49.83
CA SER BB 48 -92.07 -64.22 51.18
C SER BB 48 -92.95 -63.42 52.14
N GLN BB 49 -93.55 -62.33 51.68
CA GLN BB 49 -94.50 -61.56 52.46
C GLN BB 49 -95.92 -62.12 52.39
N GLU BB 50 -96.17 -63.11 51.53
CA GLU BB 50 -97.50 -63.68 51.40
C GLU BB 50 -97.90 -64.42 52.67
N LYS BB 51 -99.22 -64.47 52.91
CA LYS BB 51 -99.74 -65.13 54.10
C LYS BB 51 -99.45 -66.63 54.09
N ALA BB 52 -99.50 -67.25 52.92
CA ALA BB 52 -99.25 -68.69 52.82
C ALA BB 52 -97.77 -69.03 52.80
N LEU BB 53 -96.88 -68.03 52.68
CA LEU BB 53 -95.45 -68.31 52.58
C LEU BB 53 -94.62 -67.72 53.72
N ARG BB 54 -95.13 -66.72 54.45
CA ARG BB 54 -94.33 -66.09 55.49
C ARG BB 54 -94.17 -66.97 56.74
N GLU BB 55 -94.89 -68.08 56.83
CA GLU BB 55 -94.75 -69.00 57.93
C GLU BB 55 -94.16 -70.36 57.54
N THR BB 56 -94.15 -70.69 56.26
CA THR BB 56 -93.59 -71.97 55.80
C THR BB 56 -92.08 -71.93 55.69
N MET BB 57 -91.46 -70.77 55.84
CA MET BB 57 -90.01 -70.64 55.84
C MET BB 57 -89.58 -69.84 57.05
N GLY BB 58 -88.40 -70.15 57.57
CA GLY BB 58 -87.88 -69.46 58.74
C GLY BB 58 -87.46 -68.04 58.45
N VAL BB 59 -86.39 -67.88 57.67
CA VAL BB 59 -85.87 -66.58 57.30
C VAL BB 59 -86.49 -66.18 55.96
N THR BB 60 -87.10 -64.99 55.92
CA THR BB 60 -87.80 -64.51 54.74
C THR BB 60 -87.04 -63.43 53.99
N ARG BB 61 -85.77 -63.21 54.32
CA ARG BB 61 -85.02 -62.09 53.78
C ARG BB 61 -83.69 -62.46 53.13
N ASP BB 62 -83.21 -63.69 53.29
CA ASP BB 62 -81.84 -64.02 52.92
C ASP BB 62 -81.78 -64.62 51.52
N VAL BB 63 -80.61 -65.17 51.17
CA VAL BB 63 -80.40 -65.78 49.86
C VAL BB 63 -81.22 -67.06 49.73
N ALA BB 64 -81.34 -67.82 50.83
CA ALA BB 64 -82.12 -69.05 50.81
C ALA BB 64 -83.61 -68.76 50.58
N ALA BB 65 -84.12 -67.68 51.17
CA ALA BB 65 -85.50 -67.27 50.91
C ALA BB 65 -85.69 -66.88 49.45
N ALA BB 66 -84.69 -66.20 48.87
CA ALA BB 66 -84.76 -65.84 47.45
C ALA BB 66 -84.77 -67.08 46.57
N SER BB 67 -84.00 -68.10 46.93
CA SER BB 67 -84.00 -69.36 46.19
C SER BB 67 -85.35 -70.08 46.30
N LYS BB 68 -85.92 -70.10 47.50
CA LYS BB 68 -87.24 -70.74 47.68
C LYS BB 68 -88.32 -70.01 46.89
N ILE BB 69 -88.30 -68.67 46.93
CA ILE BB 69 -89.30 -67.88 46.22
C ILE BB 69 -89.13 -68.04 44.71
N GLY BB 70 -87.88 -68.16 44.23
CA GLY BB 70 -87.66 -68.44 42.83
C GLY BB 70 -88.18 -69.79 42.39
N LYS BB 71 -87.99 -70.82 43.22
CA LYS BB 71 -88.51 -72.15 42.90
C LYS BB 71 -90.04 -72.14 42.88
N ILE BB 72 -90.66 -71.46 43.86
CA ILE BB 72 -92.11 -71.36 43.93
C ILE BB 72 -92.65 -70.62 42.72
N LEU BB 73 -92.00 -69.53 42.33
CA LEU BB 73 -92.42 -68.77 41.15
C LEU BB 73 -92.27 -69.58 39.88
N GLY BB 74 -91.21 -70.37 39.75
CA GLY BB 74 -91.06 -71.21 38.57
C GLY BB 74 -92.12 -72.28 38.48
N GLU BB 75 -92.47 -72.91 39.62
CA GLU BB 75 -93.54 -73.89 39.62
C GLU BB 75 -94.89 -73.26 39.29
N ARG BB 76 -95.16 -72.06 39.83
CA ARG BB 76 -96.40 -71.35 39.54
C ARG BB 76 -96.46 -70.92 38.08
N LEU BB 77 -95.33 -70.53 37.49
CA LEU BB 77 -95.29 -70.15 36.08
C LEU BB 77 -95.55 -71.34 35.18
N LEU BB 78 -94.99 -72.51 35.52
CA LEU BB 78 -95.29 -73.71 34.75
C LEU BB 78 -96.73 -74.15 34.95
N MET BB 79 -97.32 -73.85 36.11
CA MET BB 79 -98.74 -74.15 36.33
C MET BB 79 -99.65 -73.28 35.47
N LYS BB 80 -99.26 -72.03 35.21
CA LYS BB 80 -100.03 -71.12 34.37
C LYS BB 80 -99.69 -71.25 32.89
N ASP BB 81 -98.95 -72.29 32.50
CA ASP BB 81 -98.55 -72.56 31.12
C ASP BB 81 -97.77 -71.40 30.51
N ILE BB 82 -96.89 -70.80 31.30
CA ILE BB 82 -95.97 -69.78 30.81
C ILE BB 82 -94.59 -70.43 30.72
N PRO BB 83 -94.12 -70.75 29.51
CA PRO BB 83 -92.90 -71.56 29.40
C PRO BB 83 -91.61 -70.79 29.59
N ALA BB 84 -91.62 -69.48 29.32
CA ALA BB 84 -90.39 -68.70 29.34
C ALA BB 84 -90.69 -67.28 29.79
N VAL BB 85 -89.69 -66.64 30.40
CA VAL BB 85 -89.76 -65.26 30.83
C VAL BB 85 -88.50 -64.53 30.39
N ALA BB 86 -88.56 -63.21 30.45
CA ALA BB 86 -87.40 -62.35 30.19
C ALA BB 86 -86.98 -61.67 31.48
N ILE BB 87 -85.68 -61.62 31.72
CA ILE BB 87 -85.14 -61.08 32.97
C ILE BB 87 -84.90 -59.59 32.80
N HIS BB 88 -85.37 -58.80 33.77
CA HIS BB 88 -85.06 -57.38 33.85
C HIS BB 88 -84.36 -57.10 35.16
N MET BB 89 -83.14 -56.57 35.07
CA MET BB 89 -82.40 -56.12 36.24
C MET BB 89 -82.49 -54.61 36.35
N LYS BB 90 -82.55 -54.11 37.58
CA LYS BB 90 -82.59 -52.68 37.82
C LYS BB 90 -81.18 -52.10 37.76
N LYS BB 91 -81.03 -50.85 38.17
CA LYS BB 91 -79.73 -50.17 38.10
C LYS BB 91 -78.70 -50.83 39.03
N GLU BB 92 -79.09 -51.17 40.24
CA GLU BB 92 -78.17 -51.69 41.24
C GLU BB 92 -78.03 -53.22 41.19
N GLN BB 93 -78.82 -53.90 40.38
CA GLN BB 93 -78.89 -55.36 40.42
C GLN BB 93 -77.88 -55.98 39.47
N ARG BB 94 -77.09 -56.92 40.00
CA ARG BB 94 -76.15 -57.72 39.22
C ARG BB 94 -76.52 -59.18 39.36
N TYR BB 95 -75.86 -60.03 38.56
CA TYR BB 95 -76.06 -61.48 38.66
C TYR BB 95 -75.21 -62.00 39.82
N HIS BB 96 -75.71 -61.76 41.03
CA HIS BB 96 -74.99 -62.08 42.25
C HIS BB 96 -75.99 -62.11 43.40
N GLY BB 97 -75.77 -63.01 44.35
CA GLY BB 97 -76.52 -63.03 45.59
C GLY BB 97 -77.98 -63.42 45.44
N LYS BB 98 -78.88 -62.55 45.89
CA LYS BB 98 -80.31 -62.87 45.87
C LYS BB 98 -80.87 -62.86 44.45
N VAL BB 99 -80.40 -61.93 43.61
CA VAL BB 99 -80.81 -61.89 42.20
C VAL BB 99 -80.41 -63.18 41.50
N LYS BB 100 -79.16 -63.60 41.72
CA LYS BB 100 -78.67 -64.86 41.17
C LYS BB 100 -79.45 -66.05 41.70
N ALA BB 101 -79.81 -66.02 42.99
CA ALA BB 101 -80.58 -67.11 43.58
C ALA BB 101 -81.96 -67.23 42.94
N VAL BB 102 -82.65 -66.10 42.74
CA VAL BB 102 -83.97 -66.11 42.12
C VAL BB 102 -83.89 -66.58 40.68
N ILE BB 103 -82.91 -66.06 39.92
CA ILE BB 103 -82.77 -66.44 38.51
C ILE BB 103 -82.42 -67.91 38.37
N ASP BB 104 -81.50 -68.41 39.19
CA ASP BB 104 -81.10 -69.81 39.13
C ASP BB 104 -82.23 -70.73 39.55
N SER BB 105 -83.04 -70.34 40.54
CA SER BB 105 -84.15 -71.19 40.95
C SER BB 105 -85.25 -71.20 39.90
N VAL BB 106 -85.52 -70.07 39.24
CA VAL BB 106 -86.50 -70.03 38.18
C VAL BB 106 -86.05 -70.89 37.00
N ARG BB 107 -84.76 -70.81 36.63
CA ARG BB 107 -84.24 -71.63 35.54
C ARG BB 107 -84.22 -73.12 35.92
N GLU BB 108 -83.91 -73.42 37.18
CA GLU BB 108 -83.89 -74.81 37.63
C GLU BB 108 -85.28 -75.42 37.71
N ALA BB 109 -86.30 -74.59 37.98
CA ALA BB 109 -87.67 -75.09 38.02
C ALA BB 109 -88.16 -75.54 36.65
N GLY BB 110 -87.57 -75.05 35.57
CA GLY BB 110 -87.92 -75.51 34.24
C GLY BB 110 -88.41 -74.40 33.32
N VAL BB 111 -88.17 -73.15 33.70
CA VAL BB 111 -88.59 -72.00 32.92
C VAL BB 111 -87.40 -71.49 32.14
N LYS BB 112 -87.57 -71.35 30.82
CA LYS BB 112 -86.52 -70.81 29.97
C LYS BB 112 -86.38 -69.31 30.20
N LEU BB 113 -85.16 -68.81 30.03
CA LEU BB 113 -84.87 -67.39 30.15
C LEU BB 113 -84.66 -66.81 28.77
N LEU BB 114 -85.34 -65.71 28.49
CA LEU BB 114 -85.25 -65.05 27.19
C LEU BB 114 -84.61 -63.67 27.31
N ALA CB 107 -70.24 73.71 -88.27
CA ALA CB 107 -70.78 72.58 -87.53
C ALA CB 107 -69.69 71.53 -87.28
N PRO CB 108 -69.49 71.15 -86.02
CA PRO CB 108 -68.50 70.11 -85.70
C PRO CB 108 -68.94 68.75 -86.21
N PRO CB 109 -67.98 67.87 -86.53
CA PRO CB 109 -68.35 66.51 -86.95
C PRO CB 109 -68.91 65.69 -85.80
N ARG CB 110 -69.51 64.54 -86.11
CA ARG CB 110 -70.11 63.69 -85.09
C ARG CB 110 -69.06 63.17 -84.13
N ILE CB 111 -69.42 63.12 -82.85
CA ILE CB 111 -68.46 62.91 -81.78
C ILE CB 111 -68.24 61.42 -81.57
N LYS CB 112 -66.98 61.03 -81.38
CA LYS CB 112 -66.64 59.65 -81.14
C LYS CB 112 -66.70 59.34 -79.65
N PHE CB 113 -67.23 58.18 -79.30
CA PHE CB 113 -67.27 57.76 -77.92
C PHE CB 113 -65.96 57.04 -77.59
N LYS CB 114 -65.76 56.69 -76.33
CA LYS CB 114 -64.57 55.94 -75.96
C LYS CB 114 -64.86 55.13 -74.72
N ARG CB 115 -64.13 54.02 -74.56
CA ARG CB 115 -64.27 53.21 -73.36
C ARG CB 115 -63.69 53.96 -72.18
N LEU CB 116 -64.36 53.83 -71.03
CA LEU CB 116 -64.15 54.72 -69.90
C LEU CB 116 -62.78 54.58 -69.24
N ASP CB 117 -62.10 53.44 -69.38
CA ASP CB 117 -60.78 53.30 -68.80
C ASP CB 117 -59.76 54.20 -69.50
N LYS CB 118 -59.87 54.32 -70.83
CA LYS CB 118 -59.01 55.22 -71.59
C LYS CB 118 -59.22 56.67 -71.18
N THR CB 119 -60.49 57.09 -71.07
CA THR CB 119 -60.80 58.44 -70.63
C THR CB 119 -60.35 58.70 -69.21
N ALA CB 120 -60.42 57.68 -68.35
CA ALA CB 120 -59.95 57.81 -66.97
C ALA CB 120 -58.45 58.09 -66.93
N LYS CB 121 -57.67 57.33 -67.71
CA LYS CB 121 -56.24 57.57 -67.77
C LYS CB 121 -55.91 58.92 -68.41
N HIS CB 122 -56.69 59.33 -69.41
CA HIS CB 122 -56.52 60.64 -70.04
C HIS CB 122 -56.76 61.77 -69.04
N ILE CB 123 -57.78 61.62 -68.19
CA ILE CB 123 -58.06 62.61 -67.14
C ILE CB 123 -56.91 62.67 -66.14
N MET CB 124 -56.37 61.51 -65.75
CA MET CB 124 -55.22 61.48 -64.86
C MET CB 124 -54.02 62.20 -65.46
N GLN CB 125 -53.78 62.01 -66.76
CA GLN CB 125 -52.67 62.67 -67.43
C GLN CB 125 -52.87 64.18 -67.49
N ILE CB 126 -54.09 64.64 -67.78
CA ILE CB 126 -54.38 66.07 -67.84
C ILE CB 126 -54.15 66.73 -66.48
N VAL CB 127 -54.68 66.10 -65.43
CA VAL CB 127 -54.55 66.66 -64.08
C VAL CB 127 -53.10 66.67 -63.63
N ASP CB 128 -52.34 65.62 -63.96
CA ASP CB 128 -50.92 65.59 -63.62
C ASP CB 128 -50.14 66.67 -64.35
N LYS CB 129 -50.43 66.87 -65.64
CA LYS CB 129 -49.74 67.90 -66.42
C LYS CB 129 -50.01 69.29 -65.86
N GLU CB 130 -51.26 69.58 -65.49
CA GLU CB 130 -51.59 70.87 -64.89
C GLU CB 130 -50.93 71.03 -63.51
N ALA CB 131 -50.87 69.96 -62.72
CA ALA CB 131 -50.21 70.03 -61.42
C ALA CB 131 -48.72 70.30 -61.54
N VAL CB 132 -48.07 69.68 -62.53
CA VAL CB 132 -46.64 69.92 -62.74
C VAL CB 132 -46.41 71.36 -63.20
N GLU CB 133 -47.24 71.86 -64.11
CA GLU CB 133 -47.06 73.26 -64.54
C GLU CB 133 -47.41 74.26 -63.46
N GLU CB 134 -48.25 73.89 -62.49
CA GLU CB 134 -48.51 74.79 -61.37
C GLU CB 134 -47.28 74.96 -60.49
N VAL CB 135 -46.55 73.86 -60.24
CA VAL CB 135 -45.40 73.92 -59.35
C VAL CB 135 -44.24 74.68 -60.02
N ARG CB 136 -44.01 74.40 -61.31
CA ARG CB 136 -42.85 74.96 -62.00
C ARG CB 136 -42.96 76.47 -62.26
N THR CB 137 -44.14 77.06 -62.06
CA THR CB 137 -44.27 78.52 -62.17
C THR CB 137 -44.09 79.23 -60.84
N ARG CB 138 -43.96 78.50 -59.74
CA ARG CB 138 -43.68 79.09 -58.44
C ARG CB 138 -42.28 78.83 -57.94
N ARG CB 139 -41.69 77.68 -58.29
CA ARG CB 139 -40.36 77.30 -57.83
C ARG CB 139 -39.52 76.91 -59.03
N GLU CB 140 -38.20 77.03 -58.86
CA GLU CB 140 -37.25 76.70 -59.90
C GLU CB 140 -36.64 75.33 -59.58
N ILE CB 141 -36.89 74.36 -60.45
CA ILE CB 141 -36.39 73.00 -60.25
C ILE CB 141 -35.49 72.64 -61.42
N PRO CB 142 -34.19 72.46 -61.21
CA PRO CB 142 -33.29 72.16 -62.33
C PRO CB 142 -33.42 70.72 -62.80
N GLU CB 143 -32.86 70.48 -63.99
CA GLU CB 143 -32.88 69.13 -64.55
C GLU CB 143 -31.84 68.27 -63.85
N ILE CB 144 -32.28 67.13 -63.35
CA ILE CB 144 -31.45 66.25 -62.53
C ILE CB 144 -31.25 64.95 -63.28
N ARG CB 145 -30.01 64.57 -63.51
CA ARG CB 145 -29.64 63.37 -64.23
C ARG CB 145 -28.82 62.46 -63.32
N PRO CB 146 -28.77 61.16 -63.63
CA PRO CB 146 -27.83 60.28 -62.92
C PRO CB 146 -26.39 60.73 -63.10
N GLY CB 147 -25.61 60.62 -62.03
CA GLY CB 147 -24.24 61.08 -62.02
C GLY CB 147 -24.04 62.52 -61.65
N TYR CB 148 -25.12 63.30 -61.48
CA TYR CB 148 -25.00 64.68 -61.08
C TYR CB 148 -24.70 64.77 -59.58
N ILE CB 149 -23.79 65.66 -59.21
CA ILE CB 149 -23.56 66.00 -57.82
C ILE CB 149 -24.49 67.15 -57.48
N VAL CB 150 -25.51 66.89 -56.69
CA VAL CB 150 -26.47 67.93 -56.33
C VAL CB 150 -26.37 68.20 -54.84
N GLN CB 151 -26.64 69.44 -54.48
CA GLN CB 151 -26.76 69.85 -53.09
C GLN CB 151 -28.14 70.45 -52.91
N LEU CB 152 -28.83 70.06 -51.83
CA LEU CB 152 -30.17 70.54 -51.61
C LEU CB 152 -30.41 70.72 -50.12
N LYS CB 153 -31.35 71.63 -49.81
CA LYS CB 153 -31.78 71.88 -48.45
C LYS CB 153 -33.11 71.16 -48.23
N VAL CB 154 -33.16 70.31 -47.22
CA VAL CB 154 -34.31 69.46 -46.96
C VAL CB 154 -34.90 69.84 -45.61
N GLU CB 155 -36.21 70.13 -45.60
CA GLU CB 155 -36.96 70.32 -44.37
C GLU CB 155 -37.63 68.99 -44.01
N VAL CB 156 -37.41 68.52 -42.80
CA VAL CB 156 -38.02 67.28 -42.33
C VAL CB 156 -39.11 67.62 -41.32
N PRO CB 157 -40.38 67.58 -41.72
CA PRO CB 157 -41.46 67.96 -40.78
C PRO CB 157 -41.62 67.02 -39.60
N GLU CB 158 -41.14 65.78 -39.67
CA GLU CB 158 -41.18 64.91 -38.50
C GLU CB 158 -40.32 65.44 -37.36
N ASN CB 159 -39.16 65.99 -37.68
CA ASN CB 159 -38.21 66.49 -36.68
C ASN CB 159 -38.35 68.00 -36.47
N LYS CB 160 -39.56 68.46 -36.13
CA LYS CB 160 -39.86 69.88 -35.85
C LYS CB 160 -39.44 70.80 -36.98
N ARG CB 161 -39.65 70.35 -38.23
CA ARG CB 161 -39.33 71.11 -39.45
C ARG CB 161 -37.87 71.53 -39.50
N ARG CB 162 -36.98 70.63 -39.08
CA ARG CB 162 -35.55 70.90 -39.10
C ARG CB 162 -35.02 70.92 -40.52
N VAL CB 163 -34.28 71.96 -40.87
CA VAL CB 163 -33.72 72.14 -42.20
C VAL CB 163 -32.25 71.74 -42.17
N SER CB 164 -31.86 70.86 -43.08
CA SER CB 164 -30.48 70.43 -43.19
C SER CB 164 -30.07 70.45 -44.66
N ILE CB 165 -28.77 70.62 -44.90
CA ILE CB 165 -28.22 70.62 -46.24
C ILE CB 165 -27.77 69.20 -46.57
N VAL CB 166 -28.20 68.69 -47.73
CA VAL CB 166 -27.90 67.33 -48.16
C VAL CB 166 -27.15 67.42 -49.48
N LYS CB 167 -26.01 66.72 -49.55
CA LYS CB 167 -25.16 66.73 -50.74
C LYS CB 167 -24.77 65.31 -51.08
N GLY CB 168 -24.90 64.95 -52.36
CA GLY CB 168 -24.57 63.59 -52.78
C GLY CB 168 -24.68 63.47 -54.28
N ILE CB 169 -24.45 62.25 -54.77
CA ILE CB 169 -24.49 61.95 -56.19
C ILE CB 169 -25.82 61.29 -56.52
N VAL CB 170 -26.44 61.72 -57.62
CA VAL CB 170 -27.70 61.13 -58.06
C VAL CB 170 -27.41 59.75 -58.65
N ILE CB 171 -27.99 58.72 -58.05
CA ILE CB 171 -27.76 57.35 -58.51
C ILE CB 171 -28.95 56.76 -59.23
N ALA CB 172 -30.14 57.35 -59.11
CA ALA CB 172 -31.34 56.84 -59.76
C ALA CB 172 -32.33 57.97 -59.92
N ARG CB 173 -33.19 57.84 -60.93
CA ARG CB 173 -34.22 58.82 -61.24
C ARG CB 173 -35.39 58.11 -61.88
N ARG CB 174 -36.61 58.57 -61.59
CA ARG CB 174 -37.80 58.06 -62.25
C ARG CB 174 -38.71 59.22 -62.61
N ASN CB 175 -39.11 59.29 -63.87
CA ASN CB 175 -40.00 60.34 -64.36
C ASN CB 175 -41.44 59.87 -64.22
N ALA CB 176 -42.17 60.44 -63.27
CA ALA CB 176 -43.55 60.05 -63.02
C ALA CB 176 -44.43 61.27 -62.78
N GLY CB 177 -44.21 62.32 -63.56
CA GLY CB 177 -45.04 63.51 -63.44
C GLY CB 177 -44.73 64.27 -62.16
N LEU CB 178 -45.79 64.63 -61.43
CA LEU CB 178 -45.63 65.33 -60.15
C LEU CB 178 -45.00 64.44 -59.09
N ASN CB 179 -45.10 63.12 -59.26
CA ASN CB 179 -44.53 62.18 -58.29
C ASN CB 179 -43.20 61.60 -58.77
N SER CB 180 -42.45 62.38 -59.54
CA SER CB 180 -41.11 61.98 -59.95
C SER CB 180 -40.19 61.90 -58.73
N THR CB 181 -39.29 60.93 -58.73
CA THR CB 181 -38.38 60.70 -57.62
C THR CB 181 -36.94 60.67 -58.12
N PHE CB 182 -36.00 60.88 -57.19
CA PHE CB 182 -34.60 60.66 -57.46
C PHE CB 182 -33.92 60.23 -56.17
N ARG CB 183 -32.78 59.57 -56.30
CA ARG CB 183 -32.05 58.97 -55.19
C ARG CB 183 -30.64 59.54 -55.10
N ILE CB 184 -30.19 59.73 -53.85
CA ILE CB 184 -28.92 60.37 -53.54
C ILE CB 184 -28.14 59.43 -52.65
N ARG CB 185 -26.87 59.19 -53.01
CA ARG CB 185 -25.97 58.40 -52.17
C ARG CB 185 -24.86 59.31 -51.67
N ARG CB 186 -24.56 59.23 -50.38
CA ARG CB 186 -23.50 60.03 -49.77
C ARG CB 186 -22.93 59.28 -48.58
N LEU CB 187 -21.83 59.82 -48.06
CA LEU CB 187 -21.25 59.38 -46.80
C LEU CB 187 -21.53 60.41 -45.73
N VAL CB 188 -22.04 59.96 -44.58
CA VAL CB 188 -22.25 60.81 -43.42
C VAL CB 188 -21.51 60.16 -42.27
N ALA CB 189 -20.43 60.82 -41.81
CA ALA CB 189 -19.56 60.33 -40.73
C ALA CB 189 -19.03 58.93 -41.00
N GLY CB 190 -18.68 58.66 -42.26
CA GLY CB 190 -18.12 57.40 -42.65
C GLY CB 190 -19.12 56.32 -43.00
N VAL CB 191 -20.41 56.56 -42.82
CA VAL CB 191 -21.45 55.58 -43.07
C VAL CB 191 -22.23 56.01 -44.30
N GLY CB 192 -22.38 55.10 -45.26
CA GLY CB 192 -23.13 55.39 -46.46
C GLY CB 192 -24.61 55.55 -46.17
N VAL CB 193 -25.20 56.65 -46.63
CA VAL CB 193 -26.61 56.95 -46.42
C VAL CB 193 -27.22 57.23 -47.77
N GLU CB 194 -28.28 56.50 -48.10
CA GLU CB 194 -29.01 56.70 -49.34
C GLU CB 194 -30.35 57.34 -49.02
N SER CB 195 -30.71 58.38 -49.77
CA SER CB 195 -31.95 59.10 -49.55
C SER CB 195 -32.69 59.28 -50.87
N MET CB 196 -33.97 58.93 -50.86
CA MET CB 196 -34.85 59.12 -52.00
C MET CB 196 -35.76 60.32 -51.72
N PHE CB 197 -35.89 61.19 -52.71
CA PHE CB 197 -36.72 62.38 -52.56
C PHE CB 197 -37.73 62.46 -53.69
N PRO CB 198 -38.96 62.90 -53.40
CA PRO CB 198 -39.85 63.32 -54.50
C PRO CB 198 -39.38 64.64 -55.05
N LEU CB 199 -39.30 64.72 -56.38
CA LEU CB 199 -38.69 65.87 -57.05
C LEU CB 199 -39.48 67.15 -56.82
N TYR CB 200 -40.81 67.07 -56.83
CA TYR CB 200 -41.66 68.24 -56.66
C TYR CB 200 -42.17 68.40 -55.24
N SER CB 201 -41.49 67.80 -54.26
CA SER CB 201 -41.88 67.95 -52.87
C SER CB 201 -41.65 69.39 -52.41
N PRO CB 202 -42.61 69.98 -51.69
CA PRO CB 202 -42.43 71.35 -51.20
C PRO CB 202 -41.43 71.46 -50.05
N ASN CB 203 -40.99 70.35 -49.48
CA ASN CB 203 -39.98 70.38 -48.43
C ASN CB 203 -38.56 70.42 -48.98
N LEU CB 204 -38.38 70.43 -50.29
CA LEU CB 204 -37.09 70.72 -50.92
C LEU CB 204 -37.05 72.22 -51.21
N ARG CB 205 -36.32 72.95 -50.38
CA ARG CB 205 -36.32 74.41 -50.48
C ARG CB 205 -35.50 74.90 -51.66
N GLU CB 206 -34.35 74.27 -51.92
CA GLU CB 206 -33.43 74.75 -52.93
C GLU CB 206 -32.65 73.58 -53.47
N ILE CB 207 -32.50 73.49 -54.79
CA ILE CB 207 -31.72 72.44 -55.42
C ILE CB 207 -30.69 73.10 -56.33
N LYS CB 208 -29.42 72.74 -56.14
CA LYS CB 208 -28.33 73.21 -56.99
C LYS CB 208 -27.58 72.00 -57.54
N VAL CB 209 -27.15 72.11 -58.80
CA VAL CB 209 -26.29 71.11 -59.41
C VAL CB 209 -24.86 71.61 -59.32
N LEU CB 210 -24.01 70.83 -58.67
CA LEU CB 210 -22.62 71.24 -58.43
C LEU CB 210 -21.65 70.68 -59.44
N ASP CB 211 -21.79 69.41 -59.81
CA ASP CB 211 -20.87 68.78 -60.76
C ASP CB 211 -21.58 67.63 -61.44
N LYS CB 212 -21.04 67.23 -62.60
CA LYS CB 212 -21.60 66.17 -63.41
C LYS CB 212 -20.51 65.15 -63.71
N LYS CB 213 -20.69 63.93 -63.20
CA LYS CB 213 -19.80 62.82 -63.48
C LYS CB 213 -20.27 62.09 -64.74
N ARG CB 214 -19.30 61.71 -65.57
CA ARG CB 214 -19.60 60.89 -66.74
C ARG CB 214 -19.97 59.49 -66.31
N VAL CB 215 -21.15 59.05 -66.69
CA VAL CB 215 -21.62 57.70 -66.41
C VAL CB 215 -22.14 57.11 -67.71
N ARG CB 216 -22.26 55.78 -67.72
CA ARG CB 216 -22.75 55.08 -68.90
C ARG CB 216 -24.17 54.57 -68.74
N ARG CB 217 -24.80 54.72 -67.58
CA ARG CB 217 -26.10 54.11 -67.32
C ARG CB 217 -27.03 55.08 -66.60
N ALA CB 218 -28.27 54.63 -66.43
CA ALA CB 218 -29.30 55.41 -65.75
C ALA CB 218 -29.40 55.08 -64.27
N LYS CB 219 -28.93 53.90 -63.84
CA LYS CB 219 -28.95 53.52 -62.43
C LYS CB 219 -27.54 53.14 -62.02
N LEU CB 220 -27.09 53.68 -60.90
CA LEU CB 220 -25.71 53.51 -60.47
C LEU CB 220 -25.64 52.71 -59.18
N TYR CB 221 -26.39 51.60 -59.11
CA TYR CB 221 -26.43 50.78 -57.92
C TYR CB 221 -25.11 50.05 -57.64
N TYR CB 222 -24.19 50.01 -58.62
CA TYR CB 222 -22.86 49.47 -58.37
C TYR CB 222 -22.04 50.34 -57.42
N LEU CB 223 -22.46 51.58 -57.20
CA LEU CB 223 -21.75 52.45 -56.26
C LEU CB 223 -21.92 51.99 -54.82
N ARG CB 224 -22.95 51.20 -54.52
CA ARG CB 224 -23.09 50.64 -53.18
C ARG CB 224 -21.99 49.61 -52.90
N ASP CB 225 -21.62 48.83 -53.93
CA ASP CB 225 -20.54 47.85 -53.78
C ASP CB 225 -19.16 48.46 -53.91
N LYS CB 226 -19.07 49.72 -54.35
CA LYS CB 226 -17.80 50.41 -54.43
C LYS CB 226 -17.21 50.61 -53.05
N MET CB 227 -15.88 50.53 -52.96
CA MET CB 227 -15.20 50.75 -51.69
C MET CB 227 -15.33 52.19 -51.21
N ASN CB 228 -15.30 53.16 -52.13
CA ASN CB 228 -15.40 54.56 -51.76
C ASN CB 228 -16.70 55.18 -52.27
N MET DB 1 -91.99 -20.58 -55.55
CA MET DB 1 -92.48 -19.71 -56.60
C MET DB 1 -91.50 -19.67 -57.77
N ASN DB 2 -92.02 -19.80 -58.98
CA ASN DB 2 -91.20 -19.90 -60.18
C ASN DB 2 -90.65 -18.52 -60.56
N LYS DB 3 -89.66 -18.52 -61.45
CA LYS DB 3 -89.06 -17.27 -61.92
C LYS DB 3 -90.05 -16.45 -62.74
N LYS DB 4 -90.89 -17.11 -63.54
CA LYS DB 4 -91.89 -16.40 -64.32
C LYS DB 4 -92.97 -15.80 -63.44
N GLU DB 5 -93.40 -16.51 -62.39
CA GLU DB 5 -94.38 -15.95 -61.47
C GLU DB 5 -93.82 -14.73 -60.73
N ILE DB 6 -92.55 -14.78 -60.36
CA ILE DB 6 -91.88 -13.65 -59.73
C ILE DB 6 -91.81 -12.46 -60.68
N PHE DB 7 -91.48 -12.71 -61.95
CA PHE DB 7 -91.47 -11.60 -62.90
C PHE DB 7 -92.86 -11.04 -63.16
N LYS DB 8 -93.90 -11.89 -63.08
CA LYS DB 8 -95.26 -11.39 -63.15
C LYS DB 8 -95.59 -10.50 -61.95
N LEU DB 9 -95.20 -10.90 -60.75
CA LEU DB 9 -95.47 -10.11 -59.56
C LEU DB 9 -94.61 -8.85 -59.46
N ALA DB 10 -93.48 -8.79 -60.18
CA ALA DB 10 -92.58 -7.66 -60.16
C ALA DB 10 -92.89 -6.64 -61.25
N LYS DB 11 -94.03 -6.78 -61.91
CA LYS DB 11 -94.41 -5.87 -62.98
C LYS DB 11 -94.70 -4.49 -62.41
N GLY DB 12 -94.08 -3.47 -62.98
CA GLY DB 12 -94.22 -2.12 -62.45
C GLY DB 12 -93.20 -1.73 -61.41
N PHE DB 13 -92.30 -2.63 -61.03
CA PHE DB 13 -91.24 -2.30 -60.07
C PHE DB 13 -90.20 -1.43 -60.75
N ARG DB 14 -89.58 -0.55 -59.97
CA ARG DB 14 -88.63 0.41 -60.53
C ARG DB 14 -87.24 -0.19 -60.61
N GLY DB 15 -86.53 0.12 -61.70
CA GLY DB 15 -85.13 -0.26 -61.79
C GLY DB 15 -84.94 -1.72 -62.16
N ARG DB 16 -83.84 -2.28 -61.68
CA ARG DB 16 -83.47 -3.66 -62.00
C ARG DB 16 -84.28 -4.68 -61.21
N ALA DB 17 -85.13 -4.24 -60.28
CA ALA DB 17 -85.96 -5.11 -59.47
C ALA DB 17 -87.15 -5.69 -60.22
N LYS DB 18 -87.46 -5.22 -61.41
CA LYS DB 18 -88.47 -5.86 -62.24
C LYS DB 18 -87.88 -6.87 -63.20
N ASN DB 19 -86.55 -6.96 -63.25
CA ASN DB 19 -85.90 -7.47 -64.44
C ASN DB 19 -84.92 -8.59 -64.12
N CYS DB 20 -84.25 -8.52 -62.98
CA CYS DB 20 -83.18 -9.43 -62.63
C CYS DB 20 -83.62 -10.27 -61.43
N ILE DB 21 -83.45 -11.58 -61.53
CA ILE DB 21 -84.14 -12.52 -60.64
C ILE DB 21 -83.61 -12.41 -59.20
N ARG DB 22 -82.29 -12.20 -59.04
CA ARG DB 22 -81.72 -11.99 -57.71
C ARG DB 22 -82.30 -10.77 -57.03
N ILE DB 23 -82.50 -9.69 -57.78
CA ILE DB 23 -83.04 -8.47 -57.19
C ILE DB 23 -84.55 -8.54 -57.07
N ALA DB 24 -85.21 -9.17 -58.06
CA ALA DB 24 -86.67 -9.23 -58.07
C ALA DB 24 -87.23 -10.11 -56.97
N ARG DB 25 -86.53 -11.20 -56.63
CA ARG DB 25 -87.07 -12.15 -55.66
C ARG DB 25 -87.22 -11.53 -54.28
N GLU DB 26 -86.21 -10.75 -53.85
CA GLU DB 26 -86.29 -10.05 -52.56
C GLU DB 26 -87.45 -9.07 -52.51
N ARG DB 27 -87.59 -8.25 -53.55
CA ARG DB 27 -88.59 -7.20 -53.54
C ARG DB 27 -89.99 -7.78 -53.65
N VAL DB 28 -90.16 -8.86 -54.42
CA VAL DB 28 -91.46 -9.53 -54.52
C VAL DB 28 -91.84 -10.17 -53.19
N GLU DB 29 -90.88 -10.83 -52.52
CA GLU DB 29 -91.17 -11.45 -51.23
C GLU DB 29 -91.54 -10.39 -50.19
N LYS DB 30 -90.84 -9.25 -50.20
CA LYS DB 30 -91.19 -8.15 -49.32
C LYS DB 30 -92.57 -7.58 -49.62
N ALA DB 31 -92.92 -7.49 -50.91
CA ALA DB 31 -94.25 -7.03 -51.33
C ALA DB 31 -95.34 -7.98 -50.83
N LEU DB 32 -95.08 -9.28 -50.89
CA LEU DB 32 -96.07 -10.26 -50.43
C LEU DB 32 -96.22 -10.24 -48.91
N GLN DB 33 -95.12 -10.02 -48.18
CA GLN DB 33 -95.21 -9.81 -46.74
C GLN DB 33 -96.06 -8.58 -46.41
N TYR DB 34 -95.86 -7.48 -47.16
CA TYR DB 34 -96.67 -6.28 -46.96
C TYR DB 34 -98.15 -6.55 -47.23
N SER DB 35 -98.43 -7.35 -48.26
CA SER DB 35 -99.82 -7.66 -48.61
C SER DB 35 -100.49 -8.47 -47.50
N TYR DB 36 -99.78 -9.46 -46.96
CA TYR DB 36 -100.29 -10.23 -45.82
C TYR DB 36 -100.58 -9.33 -44.63
N ARG DB 37 -99.64 -8.44 -44.28
CA ARG DB 37 -99.84 -7.53 -43.15
C ARG DB 37 -101.01 -6.57 -43.40
N ASP DB 38 -101.12 -6.06 -44.62
CA ASP DB 38 -102.09 -5.02 -44.88
C ASP DB 38 -103.51 -5.55 -45.04
N ARG DB 39 -103.69 -6.85 -45.29
CA ARG DB 39 -105.02 -7.43 -45.17
C ARG DB 39 -105.54 -7.33 -43.74
N ARG DB 40 -104.64 -7.47 -42.75
CA ARG DB 40 -105.03 -7.25 -41.35
C ARG DB 40 -105.23 -5.77 -41.07
N ASN DB 41 -104.28 -4.94 -41.52
CA ASN DB 41 -104.28 -3.52 -41.14
C ASN DB 41 -105.39 -2.72 -41.79
N LYS DB 42 -105.92 -3.18 -42.93
CA LYS DB 42 -106.99 -2.47 -43.63
C LYS DB 42 -108.25 -2.37 -42.77
N LYS DB 43 -108.55 -3.43 -42.01
CA LYS DB 43 -109.73 -3.44 -41.17
C LYS DB 43 -109.63 -2.42 -40.04
N ARG DB 44 -108.45 -2.30 -39.43
CA ARG DB 44 -108.22 -1.26 -38.43
C ARG DB 44 -108.38 0.13 -39.03
N GLU DB 45 -107.78 0.35 -40.22
CA GLU DB 45 -107.85 1.67 -40.85
C GLU DB 45 -109.28 2.04 -41.24
N MET DB 46 -110.05 1.07 -41.74
CA MET DB 46 -111.41 1.35 -42.18
C MET DB 46 -112.35 1.57 -41.01
N ARG DB 47 -112.16 0.83 -39.90
CA ARG DB 47 -112.95 1.12 -38.70
C ARG DB 47 -112.62 2.50 -38.16
N GLY DB 48 -111.35 2.90 -38.21
CA GLY DB 48 -111.00 4.26 -37.82
C GLY DB 48 -111.67 5.32 -38.68
N LEU DB 49 -111.75 5.06 -39.99
CA LEU DB 49 -112.41 6.00 -40.90
C LEU DB 49 -113.92 6.10 -40.62
N TRP DB 50 -114.58 4.95 -40.41
CA TRP DB 50 -116.01 4.99 -40.07
C TRP DB 50 -116.26 5.75 -38.78
N ILE DB 51 -115.41 5.54 -37.77
CA ILE DB 51 -115.61 6.19 -36.48
C ILE DB 51 -115.37 7.70 -36.61
N GLU DB 52 -114.39 8.11 -37.42
CA GLU DB 52 -114.19 9.54 -37.68
C GLU DB 52 -115.39 10.17 -38.36
N ARG DB 53 -115.97 9.50 -39.35
CA ARG DB 53 -117.13 10.05 -40.05
C ARG DB 53 -118.36 10.11 -39.16
N ILE DB 54 -118.57 9.10 -38.31
CA ILE DB 54 -119.68 9.13 -37.35
C ILE DB 54 -119.48 10.25 -36.33
N ASN DB 55 -118.25 10.43 -35.85
CA ASN DB 55 -117.97 11.46 -34.86
C ASN DB 55 -118.17 12.85 -35.45
N ALA DB 56 -117.78 13.06 -36.71
CA ALA DB 56 -118.07 14.32 -37.37
C ALA DB 56 -119.56 14.53 -37.56
N GLY DB 57 -120.29 13.46 -37.91
CA GLY DB 57 -121.72 13.60 -38.12
C GLY DB 57 -122.50 13.91 -36.86
N SER DB 58 -122.14 13.27 -35.75
CA SER DB 58 -122.92 13.46 -34.52
C SER DB 58 -122.53 14.73 -33.78
N ARG DB 59 -121.29 15.23 -33.95
CA ARG DB 59 -120.89 16.44 -33.25
C ARG DB 59 -121.50 17.68 -33.88
N GLN DB 60 -122.00 17.59 -35.12
CA GLN DB 60 -122.75 18.67 -35.72
C GLN DB 60 -124.04 18.94 -34.97
N HIS DB 61 -124.60 17.92 -34.32
CA HIS DB 61 -125.80 18.06 -33.52
C HIS DB 61 -125.51 18.08 -32.03
N GLY DB 62 -124.25 18.24 -31.63
CA GLY DB 62 -123.90 18.40 -30.24
C GLY DB 62 -123.71 17.13 -29.45
N VAL DB 63 -123.48 16.00 -30.10
CA VAL DB 63 -123.35 14.70 -29.44
C VAL DB 63 -121.99 14.12 -29.78
N ASN DB 64 -121.26 13.70 -28.76
CA ASN DB 64 -119.98 13.03 -28.99
C ASN DB 64 -120.21 11.60 -29.48
N TYR DB 65 -119.15 11.02 -30.06
CA TYR DB 65 -119.27 9.67 -30.63
C TYR DB 65 -119.60 8.63 -29.58
N GLY DB 66 -118.92 8.68 -28.42
CA GLY DB 66 -119.07 7.63 -27.43
C GLY DB 66 -120.45 7.59 -26.83
N ASN DB 67 -121.01 8.77 -26.52
CA ASN DB 67 -122.38 8.85 -26.03
C ASN DB 67 -123.37 8.39 -27.08
N PHE DB 68 -123.14 8.75 -28.34
CA PHE DB 68 -124.02 8.35 -29.43
C PHE DB 68 -124.05 6.83 -29.61
N ILE DB 69 -122.87 6.22 -29.64
CA ILE DB 69 -122.80 4.79 -29.92
C ILE DB 69 -123.33 4.01 -28.71
N HIS DB 70 -123.14 4.52 -27.49
CA HIS DB 70 -123.69 3.83 -26.33
C HIS DB 70 -125.20 4.01 -26.22
N GLY DB 71 -125.72 5.18 -26.60
CA GLY DB 71 -127.17 5.35 -26.66
C GLY DB 71 -127.83 4.45 -27.69
N LEU DB 72 -127.14 4.21 -28.81
CA LEU DB 72 -127.65 3.25 -29.77
C LEU DB 72 -127.62 1.82 -29.22
N MET DB 73 -126.55 1.45 -28.49
CA MET DB 73 -126.50 0.13 -27.87
C MET DB 73 -127.60 -0.05 -26.83
N LYS DB 74 -127.87 0.99 -26.05
CA LYS DB 74 -128.85 0.91 -24.97
C LYS DB 74 -130.27 0.69 -25.50
N GLU DB 75 -130.56 1.15 -26.72
CA GLU DB 75 -131.88 1.00 -27.31
C GLU DB 75 -132.03 -0.27 -28.15
N ASN DB 76 -131.04 -1.17 -28.11
CA ASN DB 76 -130.98 -2.39 -28.92
C ASN DB 76 -131.01 -2.09 -30.42
N ILE DB 77 -130.42 -0.96 -30.81
CA ILE DB 77 -130.20 -0.65 -32.22
C ILE DB 77 -128.84 -1.21 -32.59
N GLN DB 78 -128.82 -2.19 -33.50
CA GLN DB 78 -127.63 -2.97 -33.77
C GLN DB 78 -126.99 -2.65 -35.12
N LEU DB 79 -127.17 -1.43 -35.60
CA LEU DB 79 -126.46 -0.97 -36.79
C LEU DB 79 -124.98 -0.86 -36.51
N ASN DB 80 -124.15 -1.35 -37.43
CA ASN DB 80 -122.71 -1.33 -37.20
C ASN DB 80 -122.12 -0.01 -37.68
N ARG DB 81 -120.81 0.15 -37.47
CA ARG DB 81 -120.17 1.45 -37.70
C ARG DB 81 -120.04 1.78 -39.18
N LYS DB 82 -119.86 0.77 -40.04
CA LYS DB 82 -119.72 1.03 -41.47
C LYS DB 82 -121.01 1.62 -42.04
N VAL DB 83 -122.14 1.01 -41.71
CA VAL DB 83 -123.43 1.48 -42.18
C VAL DB 83 -123.79 2.80 -41.52
N LEU DB 84 -123.41 2.99 -40.26
CA LEU DB 84 -123.66 4.26 -39.58
C LEU DB 84 -122.87 5.40 -40.23
N SER DB 85 -121.64 5.14 -40.66
CA SER DB 85 -120.88 6.18 -41.35
C SER DB 85 -121.43 6.46 -42.74
N GLU DB 86 -121.91 5.42 -43.44
CA GLU DB 86 -122.57 5.63 -44.72
C GLU DB 86 -123.87 6.44 -44.55
N LEU DB 87 -124.57 6.25 -43.44
CA LEU DB 87 -125.75 7.06 -43.15
C LEU DB 87 -125.37 8.50 -42.83
N SER DB 88 -124.31 8.69 -42.03
CA SER DB 88 -123.84 10.03 -41.70
C SER DB 88 -123.40 10.80 -42.95
N MET DB 89 -122.86 10.11 -43.95
CA MET DB 89 -122.46 10.79 -45.17
C MET DB 89 -123.62 11.00 -46.14
N HIS DB 90 -124.46 9.98 -46.35
CA HIS DB 90 -125.39 10.00 -47.47
C HIS DB 90 -126.85 10.18 -47.09
N GLU DB 91 -127.24 9.90 -45.85
CA GLU DB 91 -128.61 10.11 -45.38
C GLU DB 91 -128.57 10.92 -44.09
N PRO DB 92 -128.31 12.23 -44.17
CA PRO DB 92 -128.07 13.01 -42.95
C PRO DB 92 -129.31 13.20 -42.08
N TYR DB 93 -130.51 13.16 -42.65
CA TYR DB 93 -131.71 13.34 -41.84
C TYR DB 93 -132.04 12.09 -41.03
N SER DB 94 -131.85 10.92 -41.63
CA SER DB 94 -131.97 9.67 -40.89
C SER DB 94 -130.92 9.58 -39.79
N PHE DB 95 -129.70 10.03 -40.08
CA PHE DB 95 -128.65 10.05 -39.08
C PHE DB 95 -128.99 11.03 -37.96
N LYS DB 96 -129.60 12.16 -38.28
CA LYS DB 96 -130.03 13.10 -37.25
C LYS DB 96 -131.13 12.49 -36.37
N ALA DB 97 -132.03 11.73 -36.98
CA ALA DB 97 -133.03 10.99 -36.20
C ALA DB 97 -132.38 9.99 -35.25
N LEU DB 98 -131.35 9.29 -35.72
CA LEU DB 98 -130.63 8.36 -34.85
C LEU DB 98 -129.89 9.10 -33.73
N VAL DB 99 -129.36 10.28 -34.02
CA VAL DB 99 -128.68 11.09 -33.02
C VAL DB 99 -129.66 11.54 -31.93
N ASP DB 100 -130.86 11.95 -32.33
CA ASP DB 100 -131.89 12.32 -31.37
C ASP DB 100 -132.31 11.13 -30.51
N VAL DB 101 -132.45 9.96 -31.13
CA VAL DB 101 -132.82 8.75 -30.39
C VAL DB 101 -131.74 8.40 -29.37
N SER DB 102 -130.48 8.43 -29.78
CA SER DB 102 -129.38 8.09 -28.87
C SER DB 102 -129.22 9.13 -27.77
N ARG DB 103 -129.48 10.40 -28.05
CA ARG DB 103 -129.40 11.43 -27.03
C ARG DB 103 -130.51 11.28 -26.00
N ASN DB 104 -131.70 10.84 -26.43
CA ASN DB 104 -132.72 10.51 -25.44
C ASN DB 104 -132.39 9.25 -24.66
N SER DB 105 -131.70 8.30 -25.30
CA SER DB 105 -131.32 7.08 -24.60
C SER DB 105 -130.25 7.33 -23.54
N PHE DB 106 -129.19 8.03 -23.91
CA PHE DB 106 -128.01 8.16 -23.05
C PHE DB 106 -127.37 9.52 -23.29
N PRO DB 107 -127.77 10.54 -22.52
CA PRO DB 107 -127.14 11.86 -22.68
C PRO DB 107 -125.69 11.91 -22.22
N GLY DB 108 -125.25 10.99 -21.36
CA GLY DB 108 -123.92 11.08 -20.79
C GLY DB 108 -123.87 12.10 -19.68
N ASN DB 109 -122.65 12.34 -19.18
CA ASN DB 109 -122.46 13.42 -18.23
C ASN DB 109 -122.39 14.75 -18.99
N LYS DB 110 -122.03 15.83 -18.31
CA LYS DB 110 -122.23 17.22 -18.76
C LYS DB 110 -123.71 17.47 -19.05
N PRO EB 109 -135.43 -30.36 -45.14
CA PRO EB 109 -135.94 -29.19 -45.86
C PRO EB 109 -136.29 -28.04 -44.93
N ALA EB 110 -136.98 -28.34 -43.82
CA ALA EB 110 -137.29 -27.31 -42.85
C ALA EB 110 -136.05 -26.85 -42.10
N GLU EB 111 -135.07 -27.73 -41.94
CA GLU EB 111 -133.82 -27.37 -41.29
C GLU EB 111 -133.03 -26.36 -42.12
N LYS EB 112 -133.03 -26.53 -43.44
CA LYS EB 112 -132.37 -25.58 -44.32
C LYS EB 112 -133.08 -24.23 -44.28
N VAL EB 113 -134.41 -24.24 -44.20
CA VAL EB 113 -135.18 -23.01 -44.10
C VAL EB 113 -134.88 -22.30 -42.79
N GLU EB 114 -134.77 -23.05 -41.70
CA GLU EB 114 -134.46 -22.47 -40.39
C GLU EB 114 -133.04 -21.89 -40.37
N GLU EB 115 -132.08 -22.59 -40.97
CA GLU EB 115 -130.71 -22.08 -41.02
C GLU EB 115 -130.60 -20.85 -41.90
N ALA EB 116 -131.28 -20.84 -43.05
CA ALA EB 116 -131.30 -19.66 -43.90
C ALA EB 116 -131.95 -18.48 -43.21
N GLU EB 117 -132.98 -18.74 -42.40
CA GLU EB 117 -133.60 -17.70 -41.59
C GLU EB 117 -132.63 -17.16 -40.54
N GLU EB 118 -131.79 -18.04 -39.98
CA GLU EB 118 -130.75 -17.58 -39.06
C GLU EB 118 -129.77 -16.65 -39.77
N ILE EB 119 -129.40 -16.99 -41.01
CA ILE EB 119 -128.55 -16.09 -41.78
C ILE EB 119 -129.30 -14.82 -42.15
N GLY EB 120 -130.58 -14.94 -42.50
CA GLY EB 120 -131.37 -13.75 -42.75
C GLY EB 120 -132.04 -13.69 -44.11
N TYR EB 121 -132.30 -14.84 -44.72
CA TYR EB 121 -132.94 -14.87 -46.02
C TYR EB 121 -133.93 -16.04 -46.09
N LYS EB 122 -134.90 -15.89 -46.99
CA LYS EB 122 -135.91 -16.92 -47.25
C LYS EB 122 -136.03 -17.09 -48.76
N VAL EB 123 -136.01 -18.33 -49.22
CA VAL EB 123 -136.12 -18.63 -50.64
C VAL EB 123 -137.59 -18.70 -51.02
N MET EB 124 -137.97 -17.94 -52.05
CA MET EB 124 -139.34 -17.89 -52.53
C MET EB 124 -139.57 -18.66 -53.82
N GLY EB 125 -138.54 -19.26 -54.40
CA GLY EB 125 -138.68 -20.01 -55.61
C GLY EB 125 -138.04 -19.34 -56.80
N PRO EB 126 -137.98 -20.04 -57.93
CA PRO EB 126 -137.26 -19.52 -59.09
C PRO EB 126 -137.96 -18.33 -59.73
N LEU EB 127 -137.17 -17.51 -60.41
CA LEU EB 127 -137.69 -16.37 -61.13
C LEU EB 127 -138.28 -16.82 -62.45
N LYS EB 128 -139.53 -16.43 -62.70
CA LYS EB 128 -140.19 -16.77 -63.95
C LYS EB 128 -139.83 -15.73 -65.01
N PRO EB 129 -139.76 -16.15 -66.29
CA PRO EB 129 -139.50 -15.17 -67.36
C PRO EB 129 -140.64 -14.19 -67.58
N SER EB 130 -141.84 -14.48 -67.09
CA SER EB 130 -142.95 -13.53 -67.21
C SER EB 130 -142.81 -12.35 -66.27
N GLU EB 131 -142.11 -12.53 -65.14
CA GLU EB 131 -142.02 -11.47 -64.16
C GLU EB 131 -141.08 -10.37 -64.61
N ARG EB 132 -141.45 -9.13 -64.33
CA ARG EB 132 -140.59 -7.97 -64.56
C ARG EB 132 -140.34 -7.33 -63.21
N LEU EB 133 -139.35 -7.83 -62.49
CA LEU EB 133 -139.07 -7.36 -61.14
C LEU EB 133 -138.04 -6.22 -61.11
N PHE EB 134 -137.36 -5.96 -62.22
CA PHE EB 134 -136.27 -4.99 -62.25
C PHE EB 134 -136.82 -3.65 -62.73
N LYS EB 135 -137.59 -3.01 -61.86
CA LYS EB 135 -138.24 -1.74 -62.12
C LYS EB 135 -137.24 -0.60 -61.96
N PRO EB 136 -137.57 0.60 -62.44
CA PRO EB 136 -136.69 1.76 -62.22
C PRO EB 136 -136.57 2.13 -60.75
N TYR EB 137 -135.61 3.01 -60.49
CA TYR EB 137 -135.16 3.32 -59.14
C TYR EB 137 -136.21 4.12 -58.38
N GLU EB 138 -136.43 3.73 -57.13
CA GLU EB 138 -137.34 4.40 -56.22
C GLU EB 138 -136.55 4.95 -55.04
N PRO EB 139 -136.80 6.19 -54.62
CA PRO EB 139 -135.98 6.80 -53.56
C PRO EB 139 -136.41 6.38 -52.15
N VAL EB 140 -136.25 5.10 -51.85
CA VAL EB 140 -136.28 4.59 -50.49
C VAL EB 140 -135.05 3.70 -50.33
N PHE EB 141 -134.60 3.57 -49.09
CA PHE EB 141 -133.48 2.68 -48.78
C PHE EB 141 -133.83 1.81 -47.59
N ALA EB 142 -133.09 0.70 -47.49
CA ALA EB 142 -133.21 -0.20 -46.36
C ALA EB 142 -131.81 -0.60 -45.93
N ILE EB 143 -131.69 -1.01 -44.68
CA ILE EB 143 -130.47 -1.61 -44.16
C ILE EB 143 -130.80 -3.03 -43.76
N VAL EB 144 -130.09 -3.98 -44.35
CA VAL EB 144 -130.38 -5.39 -44.16
C VAL EB 144 -129.13 -6.08 -43.63
N GLN EB 145 -129.34 -7.14 -42.87
CA GLN EB 145 -128.25 -7.90 -42.27
C GLN EB 145 -128.25 -9.31 -42.83
N ILE EB 146 -127.16 -9.69 -43.49
CA ILE EB 146 -126.99 -11.02 -44.05
C ILE EB 146 -125.71 -11.59 -43.47
N GLY EB 147 -125.85 -12.52 -42.53
CA GLY EB 147 -124.68 -13.00 -41.81
C GLY EB 147 -124.19 -11.94 -40.85
N SER EB 148 -122.88 -11.72 -40.83
CA SER EB 148 -122.30 -10.68 -40.00
C SER EB 148 -122.40 -9.30 -40.61
N HIS EB 149 -122.60 -9.21 -41.92
CA HIS EB 149 -122.44 -7.96 -42.65
C HIS EB 149 -123.78 -7.25 -42.81
N GLN EB 150 -123.72 -5.93 -42.78
CA GLN EB 150 -124.89 -5.09 -42.99
C GLN EB 150 -124.68 -4.26 -44.26
N PHE EB 151 -125.75 -4.10 -45.02
CA PHE EB 151 -125.72 -3.39 -46.29
C PHE EB 151 -126.84 -2.36 -46.32
N LYS EB 152 -126.55 -1.19 -46.83
CA LYS EB 152 -127.55 -0.14 -47.01
C LYS EB 152 -127.88 -0.06 -48.48
N VAL EB 153 -129.08 -0.53 -48.86
CA VAL EB 153 -129.39 -0.77 -50.26
C VAL EB 153 -130.65 -0.01 -50.68
N SER EB 154 -130.71 0.30 -51.96
CA SER EB 154 -131.92 0.72 -52.67
C SER EB 154 -132.17 -0.29 -53.79
N ASN EB 155 -133.31 -0.19 -54.45
CA ASN EB 155 -133.63 -1.15 -55.50
C ASN EB 155 -132.76 -0.90 -56.73
N GLY EB 156 -132.34 -1.98 -57.37
CA GLY EB 156 -131.35 -1.92 -58.42
C GLY EB 156 -129.91 -2.06 -57.95
N ASP EB 157 -129.67 -2.04 -56.64
CA ASP EB 157 -128.34 -2.24 -56.10
C ASP EB 157 -127.90 -3.69 -56.27
N SER EB 158 -126.60 -3.90 -56.10
CA SER EB 158 -126.01 -5.22 -56.10
C SER EB 158 -125.08 -5.34 -54.90
N ILE EB 159 -125.14 -6.48 -54.21
CA ILE EB 159 -124.29 -6.71 -53.05
C ILE EB 159 -123.64 -8.09 -53.18
N PHE EB 160 -122.39 -8.18 -52.72
CA PHE EB 160 -121.67 -9.43 -52.65
C PHE EB 160 -121.61 -9.84 -51.18
N THR EB 161 -122.21 -10.97 -50.85
CA THR EB 161 -122.24 -11.49 -49.50
C THR EB 161 -121.36 -12.72 -49.40
N GLU EB 162 -121.10 -13.15 -48.17
CA GLU EB 162 -120.53 -14.47 -47.96
C GLU EB 162 -121.51 -15.53 -48.45
N LYS EB 163 -120.96 -16.67 -48.87
CA LYS EB 163 -121.68 -17.67 -49.65
C LYS EB 163 -122.95 -18.16 -48.96
N LEU EB 164 -124.08 -18.00 -49.63
CA LEU EB 164 -125.36 -18.49 -49.15
C LEU EB 164 -125.53 -19.93 -49.59
N LYS EB 165 -125.69 -20.84 -48.63
CA LYS EB 165 -125.62 -22.26 -48.89
C LYS EB 165 -126.92 -22.87 -49.41
N PHE EB 166 -128.04 -22.18 -49.28
CA PHE EB 166 -129.35 -22.79 -49.51
C PHE EB 166 -130.17 -22.03 -50.53
N CYS EB 167 -129.53 -21.55 -51.59
CA CYS EB 167 -130.25 -20.94 -52.71
C CYS EB 167 -129.46 -21.20 -53.99
N ASP EB 168 -130.17 -21.16 -55.11
CA ASP EB 168 -129.58 -21.35 -56.43
C ASP EB 168 -129.70 -20.07 -57.25
N ILE EB 169 -129.12 -20.10 -58.45
CA ILE EB 169 -129.20 -18.96 -59.36
C ILE EB 169 -130.65 -18.72 -59.78
N ASN EB 170 -131.00 -17.43 -59.88
CA ASN EB 170 -132.33 -16.94 -60.25
C ASN EB 170 -133.41 -17.35 -59.25
N ASP EB 171 -133.03 -17.58 -58.01
CA ASP EB 171 -133.99 -17.76 -56.93
C ASP EB 171 -134.38 -16.40 -56.36
N LYS EB 172 -135.68 -16.19 -56.17
CA LYS EB 172 -136.15 -14.98 -55.52
C LYS EB 172 -135.99 -15.13 -54.02
N LEU EB 173 -135.43 -14.11 -53.38
CA LEU EB 173 -135.16 -14.14 -51.96
C LEU EB 173 -135.96 -13.07 -51.25
N VAL EB 174 -136.30 -13.34 -50.00
CA VAL EB 174 -136.81 -12.33 -49.09
C VAL EB 174 -135.80 -12.20 -47.96
N LEU EB 175 -135.29 -10.99 -47.76
CA LEU EB 175 -134.32 -10.73 -46.70
C LEU EB 175 -135.07 -10.41 -45.41
N THR EB 176 -134.85 -11.22 -44.39
CA THR EB 176 -135.72 -11.22 -43.20
C THR EB 176 -135.22 -10.34 -42.08
N LYS EB 177 -134.02 -9.78 -42.17
CA LYS EB 177 -133.44 -8.96 -41.11
C LYS EB 177 -133.26 -7.55 -41.64
N VAL EB 178 -134.29 -6.73 -41.50
CA VAL EB 178 -134.26 -5.35 -41.95
C VAL EB 178 -134.12 -4.46 -40.72
N LEU EB 179 -133.01 -3.72 -40.64
CA LEU EB 179 -132.69 -2.96 -39.44
C LEU EB 179 -133.21 -1.53 -39.49
N LEU EB 180 -133.33 -0.95 -40.67
CA LEU EB 180 -133.72 0.45 -40.79
C LEU EB 180 -134.41 0.63 -42.13
N LEU EB 181 -135.36 1.56 -42.18
CA LEU EB 181 -135.98 2.01 -43.41
C LEU EB 181 -135.95 3.52 -43.45
N GLY EB 182 -135.78 4.08 -44.63
CA GLY EB 182 -135.71 5.52 -44.77
C GLY EB 182 -136.16 5.97 -46.13
N SER EB 183 -136.56 7.24 -46.18
CA SER EB 183 -136.98 7.89 -47.41
C SER EB 183 -136.70 9.38 -47.23
N ALA EB 184 -137.24 10.20 -48.14
CA ALA EB 184 -137.05 11.63 -48.05
C ALA EB 184 -137.77 12.25 -46.86
N SER EB 185 -138.76 11.57 -46.28
CA SER EB 185 -139.59 12.18 -45.26
C SER EB 185 -139.55 11.50 -43.90
N GLN EB 186 -139.25 10.21 -43.82
CA GLN EB 186 -139.33 9.54 -42.53
C GLN EB 186 -138.30 8.42 -42.43
N THR EB 187 -138.04 8.01 -41.19
CA THR EB 187 -137.10 6.95 -40.87
C THR EB 187 -137.75 6.01 -39.87
N ILE EB 188 -137.73 4.71 -40.16
CA ILE EB 188 -138.28 3.69 -39.28
C ILE EB 188 -137.12 2.87 -38.72
N ILE EB 189 -136.96 2.89 -37.40
CA ILE EB 189 -135.79 2.34 -36.72
C ILE EB 189 -136.19 1.04 -36.04
N GLY EB 190 -135.49 -0.05 -36.39
CA GLY EB 190 -135.76 -1.34 -35.79
C GLY EB 190 -134.89 -1.58 -34.57
N ARG EB 191 -135.48 -2.21 -33.55
CA ARG EB 191 -134.79 -2.50 -32.29
C ARG EB 191 -134.94 -3.98 -31.97
N PRO EB 192 -134.18 -4.85 -32.65
CA PRO EB 192 -133.17 -4.59 -33.70
C PRO EB 192 -133.72 -4.67 -35.13
N ILE EB 193 -134.77 -5.43 -35.42
CA ILE EB 193 -135.23 -5.63 -36.78
C ILE EB 193 -136.65 -5.12 -36.91
N LEU EB 194 -137.08 -4.96 -38.17
CA LEU EB 194 -138.45 -4.61 -38.50
C LEU EB 194 -139.14 -5.83 -39.08
N PRO EB 195 -140.02 -6.50 -38.33
CA PRO EB 195 -140.68 -7.70 -38.86
C PRO EB 195 -141.64 -7.43 -40.01
N ASP EB 196 -142.26 -6.24 -40.06
CA ASP EB 196 -143.21 -5.94 -41.11
C ASP EB 196 -142.57 -5.52 -42.42
N ALA EB 197 -141.27 -5.22 -42.43
CA ALA EB 197 -140.59 -4.79 -43.64
C ALA EB 197 -140.00 -6.00 -44.37
N THR EB 198 -140.06 -5.97 -45.70
CA THR EB 198 -139.47 -6.99 -46.53
C THR EB 198 -138.64 -6.35 -47.62
N VAL EB 199 -137.48 -6.92 -47.90
CA VAL EB 199 -136.64 -6.55 -49.03
C VAL EB 199 -136.52 -7.77 -49.92
N HIS EB 200 -136.84 -7.61 -51.19
CA HIS EB 200 -136.80 -8.71 -52.15
C HIS EB 200 -135.50 -8.68 -52.93
N ALA EB 201 -135.01 -9.85 -53.31
CA ALA EB 201 -133.74 -9.96 -54.01
C ALA EB 201 -133.76 -11.18 -54.92
N VAL EB 202 -132.79 -11.20 -55.85
CA VAL EB 202 -132.60 -12.29 -56.79
C VAL EB 202 -131.13 -12.71 -56.72
N VAL EB 203 -130.89 -14.01 -56.60
CA VAL EB 203 -129.52 -14.52 -56.63
C VAL EB 203 -129.00 -14.44 -58.06
N GLU EB 204 -127.85 -13.79 -58.23
CA GLU EB 204 -127.26 -13.64 -59.56
C GLU EB 204 -126.12 -14.61 -59.82
N GLU EB 205 -125.17 -14.77 -58.88
CA GLU EB 205 -124.08 -15.71 -59.12
C GLU EB 205 -123.47 -16.18 -57.80
N HIS EB 206 -122.86 -17.37 -57.86
CA HIS EB 206 -121.92 -17.88 -56.87
C HIS EB 206 -120.57 -18.02 -57.57
N ALA EB 207 -119.60 -17.21 -57.20
CA ALA EB 207 -118.31 -17.25 -57.88
C ALA EB 207 -117.18 -17.08 -56.87
N LEU EB 208 -116.02 -17.61 -57.25
CA LEU EB 208 -114.81 -17.40 -56.47
C LEU EB 208 -114.20 -16.05 -56.78
N ASP EB 209 -113.67 -15.40 -55.76
CA ASP EB 209 -112.95 -14.13 -55.93
C ASP EB 209 -111.55 -14.42 -56.47
N GLU EB 210 -110.82 -13.35 -56.79
CA GLU EB 210 -109.43 -13.49 -57.20
C GLU EB 210 -108.59 -14.05 -56.06
N LYS EB 211 -107.66 -14.93 -56.42
CA LYS EB 211 -106.77 -15.55 -55.45
C LYS EB 211 -105.92 -14.52 -54.72
N VAL EB 212 -105.82 -14.67 -53.41
CA VAL EB 212 -104.87 -13.91 -52.61
C VAL EB 212 -103.74 -14.85 -52.22
N LEU EB 213 -102.51 -14.35 -52.30
CA LEU EB 213 -101.35 -15.12 -51.87
C LEU EB 213 -101.12 -14.90 -50.38
N ILE EB 214 -100.90 -15.98 -49.66
CA ILE EB 214 -100.53 -15.93 -48.26
C ILE EB 214 -99.06 -16.30 -48.19
N PHE EB 215 -98.23 -15.34 -47.86
CA PHE EB 215 -96.78 -15.52 -47.83
C PHE EB 215 -96.28 -15.23 -46.43
N LYS EB 216 -95.49 -16.15 -45.90
CA LYS EB 216 -94.86 -15.98 -44.61
C LYS EB 216 -93.38 -16.24 -44.75
N LYS EB 217 -92.56 -15.44 -44.07
CA LYS EB 217 -91.12 -15.62 -44.12
C LYS EB 217 -90.53 -15.06 -42.83
N LYS EB 218 -89.57 -15.79 -42.28
CA LYS EB 218 -88.80 -15.33 -41.12
C LYS EB 218 -87.35 -15.24 -41.57
N ARG EB 219 -86.85 -14.00 -41.63
CA ARG EB 219 -85.52 -13.76 -42.19
C ARG EB 219 -84.44 -14.37 -41.31
N ARG EB 220 -83.39 -14.85 -41.98
CA ARG EB 220 -82.21 -15.50 -41.37
C ARG EB 220 -82.56 -16.77 -40.61
N LYS EB 221 -83.76 -17.32 -40.82
CA LYS EB 221 -84.22 -18.49 -40.09
C LYS EB 221 -84.54 -19.67 -40.99
N ASN EB 222 -84.33 -19.54 -42.31
CA ASN EB 222 -84.54 -20.60 -43.30
C ASN EB 222 -85.99 -21.10 -43.28
N TYR EB 223 -86.94 -20.20 -43.07
CA TYR EB 223 -88.36 -20.54 -43.05
C TYR EB 223 -89.12 -19.65 -44.01
N ARG EB 224 -89.89 -20.26 -44.90
CA ARG EB 224 -90.89 -19.54 -45.66
C ARG EB 224 -92.00 -20.48 -46.12
N ARG EB 225 -93.18 -19.90 -46.34
CA ARG EB 225 -94.37 -20.61 -46.77
C ARG EB 225 -95.15 -19.74 -47.75
N THR EB 226 -95.65 -20.34 -48.81
CA THR EB 226 -96.52 -19.65 -49.76
C THR EB 226 -97.73 -20.52 -50.07
N THR EB 227 -98.92 -19.94 -49.92
CA THR EB 227 -100.15 -20.65 -50.21
C THR EB 227 -101.18 -19.66 -50.76
N GLY EB 228 -102.19 -20.20 -51.43
CA GLY EB 228 -103.26 -19.40 -52.01
C GLY EB 228 -104.59 -19.63 -51.33
N HIS EB 229 -105.53 -18.73 -51.61
CA HIS EB 229 -106.88 -18.84 -51.08
C HIS EB 229 -107.85 -18.11 -52.00
N ARG EB 230 -109.00 -18.72 -52.24
CA ARG EB 230 -110.08 -18.11 -53.00
C ARG EB 230 -111.36 -18.20 -52.19
N GLN EB 231 -111.98 -17.05 -51.93
CA GLN EB 231 -113.21 -16.96 -51.17
C GLN EB 231 -114.40 -16.95 -52.13
N GLU EB 232 -115.41 -17.75 -51.82
CA GLU EB 232 -116.62 -17.82 -52.63
C GLU EB 232 -117.65 -16.82 -52.11
N LEU EB 233 -118.21 -16.05 -53.02
CA LEU EB 233 -119.17 -15.01 -52.67
C LEU EB 233 -120.45 -15.20 -53.48
N THR EB 234 -121.55 -14.69 -52.92
CA THR EB 234 -122.86 -14.73 -53.57
C THR EB 234 -123.27 -13.30 -53.92
N LYS EB 235 -123.66 -13.10 -55.18
CA LYS EB 235 -124.09 -11.79 -55.65
C LYS EB 235 -125.62 -11.73 -55.68
N LEU EB 236 -126.18 -10.73 -55.02
CA LEU EB 236 -127.62 -10.52 -54.98
C LEU EB 236 -127.98 -9.19 -55.64
N ARG EB 237 -129.08 -9.18 -56.38
CA ARG EB 237 -129.63 -7.97 -56.98
C ARG EB 237 -130.85 -7.56 -56.18
N ILE EB 238 -130.82 -6.37 -55.60
CA ILE EB 238 -131.95 -5.86 -54.83
C ILE EB 238 -133.02 -5.39 -55.80
N THR EB 239 -134.23 -5.92 -55.65
CA THR EB 239 -135.31 -5.61 -56.58
C THR EB 239 -136.44 -4.79 -55.99
N ASP EB 240 -136.68 -4.84 -54.68
CA ASP EB 240 -137.87 -4.21 -54.12
C ASP EB 240 -137.70 -4.07 -52.61
N ILE EB 241 -138.13 -2.92 -52.09
CA ILE EB 241 -138.12 -2.63 -50.66
C ILE EB 241 -139.56 -2.34 -50.24
N GLN EB 242 -140.02 -3.00 -49.17
CA GLN EB 242 -141.38 -2.81 -48.68
C GLN EB 242 -141.36 -2.46 -47.20
N GLY EB 243 -142.38 -1.71 -46.79
CA GLY EB 243 -142.56 -1.31 -45.41
C GLY EB 243 -142.53 0.18 -45.18
N ILE EB 244 -142.16 0.96 -46.19
CA ILE EB 244 -142.12 2.41 -46.11
C ILE EB 244 -142.79 2.96 -47.35
N GLU EB 245 -143.51 4.07 -47.20
CA GLU EB 245 -144.30 4.61 -48.31
C GLU EB 245 -143.40 5.27 -49.34
N LYS EB 246 -143.50 4.81 -50.58
CA LYS EB 246 -142.77 5.36 -51.71
C LYS EB 246 -143.46 6.61 -52.24
N PRO EB 247 -142.74 7.53 -52.88
CA PRO EB 247 -143.38 8.73 -53.41
C PRO EB 247 -144.30 8.41 -54.57
N GLU EB 248 -145.32 9.25 -54.73
CA GLU EB 248 -146.28 9.07 -55.80
C GLU EB 248 -145.65 9.39 -57.15
N PRO EB 249 -146.20 8.84 -58.23
CA PRO EB 249 -145.79 9.32 -59.57
C PRO EB 249 -146.21 10.77 -59.79
N LYS EB 250 -145.24 11.67 -59.84
CA LYS EB 250 -145.49 13.08 -60.14
C LYS EB 250 -145.33 13.25 -61.65
N ILE EB 251 -146.44 13.13 -62.38
CA ILE EB 251 -146.41 13.18 -63.84
C ILE EB 251 -146.32 14.65 -64.24
N VAL EB 252 -145.11 15.15 -64.39
CA VAL EB 252 -144.86 16.56 -64.66
C VAL EB 252 -145.08 16.78 -66.15
N HIS EB 253 -146.27 17.26 -66.51
CA HIS EB 253 -146.61 17.49 -67.92
C HIS EB 253 -145.99 18.79 -68.42
N LYS FB 97 -98.32 4.85 -101.14
CA LYS FB 97 -98.98 3.79 -100.39
C LYS FB 97 -98.21 3.43 -99.13
N ARG FB 98 -96.89 3.31 -99.26
CA ARG FB 98 -96.03 3.02 -98.12
C ARG FB 98 -95.82 4.30 -97.31
N LYS FB 99 -95.86 4.16 -95.98
CA LYS FB 99 -95.77 5.32 -95.11
C LYS FB 99 -94.38 5.55 -94.53
N LYS FB 100 -93.61 4.50 -94.28
CA LYS FB 100 -92.30 4.63 -93.64
C LYS FB 100 -91.24 3.97 -94.51
N VAL FB 101 -90.15 4.70 -94.75
CA VAL FB 101 -89.01 4.23 -95.51
C VAL FB 101 -87.78 4.36 -94.63
N GLN FB 102 -86.96 3.32 -94.58
CA GLN FB 102 -85.77 3.35 -93.73
C GLN FB 102 -84.50 3.11 -94.54
N ALA FB 103 -83.39 3.55 -93.97
CA ALA FB 103 -82.05 3.19 -94.43
C ALA FB 103 -81.24 2.76 -93.22
N VAL FB 104 -80.46 1.70 -93.37
CA VAL FB 104 -79.63 1.17 -92.31
C VAL FB 104 -78.18 1.15 -92.78
N LEU FB 105 -77.27 1.67 -91.97
CA LEU FB 105 -75.84 1.59 -92.22
C LEU FB 105 -75.20 0.77 -91.12
N LYS FB 106 -74.76 -0.44 -91.45
CA LYS FB 106 -74.12 -1.32 -90.48
C LYS FB 106 -72.61 -1.12 -90.50
N ALA FB 107 -71.98 -1.63 -89.43
CA ALA FB 107 -70.51 -1.70 -89.30
C ALA FB 107 -69.84 -0.33 -89.36
N ILE FB 108 -70.51 0.69 -88.83
CA ILE FB 108 -69.86 1.97 -88.61
C ILE FB 108 -68.81 1.81 -87.52
N LYS FB 109 -67.57 2.17 -87.83
CA LYS FB 109 -66.46 1.97 -86.90
C LYS FB 109 -66.34 3.10 -85.87
N GLN FB 110 -67.45 3.41 -85.19
CA GLN FB 110 -67.47 4.43 -84.17
C GLN FB 110 -68.25 3.93 -82.96
N SER FB 111 -68.14 4.67 -81.87
CA SER FB 111 -68.90 4.38 -80.66
C SER FB 111 -70.39 4.62 -80.89
N PRO FB 112 -71.24 3.71 -80.41
CA PRO FB 112 -72.70 3.99 -80.46
C PRO FB 112 -73.12 5.23 -79.70
N LYS FB 113 -72.47 5.54 -78.57
CA LYS FB 113 -72.81 6.75 -77.81
C LYS FB 113 -72.52 8.00 -78.62
N LYS FB 114 -71.38 8.03 -79.31
CA LYS FB 114 -70.98 9.22 -80.06
C LYS FB 114 -71.84 9.41 -81.29
N VAL FB 115 -72.23 8.31 -81.95
CA VAL FB 115 -73.15 8.41 -83.08
C VAL FB 115 -74.54 8.85 -82.62
N ASN FB 116 -75.01 8.32 -81.50
CA ASN FB 116 -76.34 8.70 -80.99
C ASN FB 116 -76.37 10.15 -80.52
N LEU FB 117 -75.23 10.70 -80.09
CA LEU FB 117 -75.18 12.11 -79.71
C LEU FB 117 -75.54 13.02 -80.88
N VAL FB 118 -75.16 12.64 -82.09
CA VAL FB 118 -75.50 13.42 -83.28
C VAL FB 118 -76.89 13.02 -83.80
N ALA FB 119 -77.22 11.73 -83.73
CA ALA FB 119 -78.50 11.24 -84.23
C ALA FB 119 -79.68 11.79 -83.43
N ALA FB 120 -79.49 12.05 -82.14
CA ALA FB 120 -80.56 12.61 -81.33
C ALA FB 120 -80.87 14.06 -81.69
N LEU FB 121 -79.94 14.74 -82.35
CA LEU FB 121 -80.17 16.14 -82.72
C LEU FB 121 -81.16 16.25 -83.88
N VAL FB 122 -81.13 15.31 -84.82
CA VAL FB 122 -81.92 15.44 -86.05
C VAL FB 122 -83.30 14.81 -85.95
N ARG FB 123 -83.65 14.22 -84.81
CA ARG FB 123 -84.97 13.59 -84.66
C ARG FB 123 -86.06 14.65 -84.65
N GLY FB 124 -87.10 14.42 -85.44
CA GLY FB 124 -88.19 15.36 -85.55
C GLY FB 124 -87.97 16.51 -86.50
N MET FB 125 -86.84 16.54 -87.19
CA MET FB 125 -86.54 17.59 -88.16
C MET FB 125 -86.95 17.16 -89.56
N ARG FB 126 -87.26 18.16 -90.39
CA ARG FB 126 -87.37 17.92 -91.81
C ARG FB 126 -86.02 17.54 -92.38
N VAL FB 127 -86.04 16.77 -93.47
CA VAL FB 127 -84.82 16.16 -94.00
C VAL FB 127 -83.84 17.22 -94.48
N GLU FB 128 -84.33 18.26 -95.18
CA GLU FB 128 -83.44 19.31 -95.66
C GLU FB 128 -82.89 20.14 -94.51
N ASP FB 129 -83.71 20.42 -93.48
CA ASP FB 129 -83.24 21.15 -92.31
C ASP FB 129 -82.18 20.36 -91.56
N ALA FB 130 -82.38 19.04 -91.42
CA ALA FB 130 -81.41 18.20 -90.74
C ALA FB 130 -80.11 18.10 -91.54
N LEU FB 131 -80.20 18.00 -92.87
CA LEU FB 131 -79.01 17.95 -93.70
C LEU FB 131 -78.22 19.25 -93.61
N MET FB 132 -78.91 20.39 -93.53
CA MET FB 132 -78.20 21.65 -93.32
C MET FB 132 -77.58 21.73 -91.94
N GLN FB 133 -78.28 21.26 -90.91
CA GLN FB 133 -77.75 21.30 -89.55
C GLN FB 133 -76.52 20.42 -89.39
N LEU FB 134 -76.46 19.31 -90.11
CA LEU FB 134 -75.32 18.40 -89.97
C LEU FB 134 -74.06 18.97 -90.60
N GLN FB 135 -74.18 19.80 -91.62
CA GLN FB 135 -73.01 20.39 -92.27
C GLN FB 135 -72.33 21.46 -91.42
N VAL FB 136 -72.98 21.97 -90.38
CA VAL FB 136 -72.36 22.94 -89.48
C VAL FB 136 -72.04 22.35 -88.12
N THR FB 137 -72.40 21.10 -87.87
CA THR FB 137 -72.08 20.45 -86.60
C THR FB 137 -70.71 19.78 -86.74
N VAL FB 138 -69.77 20.20 -85.89
CA VAL FB 138 -68.36 19.77 -86.02
C VAL FB 138 -68.23 18.49 -85.20
N LYS FB 139 -68.56 17.37 -85.82
CA LYS FB 139 -68.41 16.06 -85.23
C LYS FB 139 -68.00 15.07 -86.31
N ARG FB 140 -67.29 14.02 -85.91
CA ARG FB 140 -66.98 12.94 -86.85
C ARG FB 140 -68.25 12.24 -87.31
N ALA FB 141 -69.20 12.02 -86.40
CA ALA FB 141 -70.42 11.29 -86.70
C ALA FB 141 -71.39 12.06 -87.58
N SER FB 142 -71.19 13.36 -87.77
CA SER FB 142 -72.09 14.18 -88.59
C SER FB 142 -72.14 13.69 -90.02
N HIS FB 143 -70.98 13.35 -90.60
CA HIS FB 143 -70.95 12.85 -91.98
C HIS FB 143 -71.66 11.52 -92.11
N THR FB 144 -71.56 10.66 -91.09
CA THR FB 144 -72.22 9.36 -91.13
C THR FB 144 -73.74 9.51 -91.06
N VAL FB 145 -74.22 10.35 -90.15
CA VAL FB 145 -75.67 10.59 -90.05
C VAL FB 145 -76.18 11.25 -91.32
N TYR FB 146 -75.38 12.15 -91.91
CA TYR FB 146 -75.71 12.76 -93.19
C TYR FB 146 -75.88 11.71 -94.28
N ARG FB 147 -74.96 10.74 -94.36
CA ARG FB 147 -75.04 9.71 -95.37
C ARG FB 147 -76.29 8.85 -95.20
N VAL FB 148 -76.64 8.51 -93.96
CA VAL FB 148 -77.81 7.67 -93.74
C VAL FB 148 -79.10 8.43 -94.06
N ILE FB 149 -79.19 9.71 -93.69
CA ILE FB 149 -80.37 10.52 -94.02
C ILE FB 149 -80.51 10.69 -95.53
N HIS FB 150 -79.40 10.95 -96.21
CA HIS FB 150 -79.39 11.07 -97.67
C HIS FB 150 -79.85 9.79 -98.35
N ALA FB 151 -79.34 8.64 -97.87
CA ALA FB 151 -79.76 7.35 -98.41
C ALA FB 151 -81.23 7.09 -98.18
N ALA FB 152 -81.75 7.46 -97.00
CA ALA FB 152 -83.17 7.26 -96.70
C ALA FB 152 -84.07 8.10 -97.59
N ARG FB 153 -83.69 9.37 -97.82
CA ARG FB 153 -84.47 10.21 -98.73
C ARG FB 153 -84.45 9.66 -100.14
N ALA FB 154 -83.29 9.20 -100.60
CA ALA FB 154 -83.19 8.60 -101.92
C ALA FB 154 -84.03 7.33 -102.04
N ASN FB 155 -84.02 6.49 -101.00
CA ASN FB 155 -84.84 5.27 -100.99
C ASN FB 155 -86.31 5.61 -101.07
N ALA FB 156 -86.74 6.62 -100.31
CA ALA FB 156 -88.14 7.02 -100.31
C ALA FB 156 -88.57 7.56 -101.67
N SER FB 157 -87.70 8.34 -102.32
CA SER FB 157 -88.08 8.90 -103.62
C SER FB 157 -88.02 7.86 -104.74
N HIS FB 158 -87.05 6.96 -104.70
CA HIS FB 158 -86.80 6.07 -105.83
C HIS FB 158 -87.54 4.74 -105.75
N ASN FB 159 -87.67 4.15 -104.56
CA ASN FB 159 -88.26 2.82 -104.46
C ASN FB 159 -89.72 2.84 -104.07
N HIS FB 160 -90.21 3.92 -103.46
CA HIS FB 160 -91.52 3.89 -102.82
C HIS FB 160 -92.42 5.04 -103.22
N GLY FB 161 -92.03 5.87 -104.18
CA GLY FB 161 -92.88 6.93 -104.68
C GLY FB 161 -93.26 8.01 -103.69
N LEU FB 162 -92.36 8.37 -102.80
CA LEU FB 162 -92.60 9.45 -101.84
C LEU FB 162 -91.96 10.74 -102.36
N ASP FB 163 -92.50 11.86 -101.91
CA ASP FB 163 -91.97 13.16 -102.32
C ASP FB 163 -90.78 13.53 -101.45
N PRO FB 164 -89.58 13.67 -102.02
CA PRO FB 164 -88.40 13.97 -101.18
C PRO FB 164 -88.43 15.34 -100.50
N ASP FB 165 -89.24 16.29 -101.00
CA ASP FB 165 -89.28 17.62 -100.42
C ASP FB 165 -90.25 17.73 -99.24
N ARG FB 166 -90.98 16.66 -98.92
CA ARG FB 166 -91.95 16.69 -97.82
C ARG FB 166 -91.62 15.66 -96.74
N LEU FB 167 -90.37 15.22 -96.65
CA LEU FB 167 -89.98 14.19 -95.72
C LEU FB 167 -89.57 14.78 -94.38
N ILE FB 168 -90.00 14.13 -93.30
CA ILE FB 168 -89.53 14.43 -91.96
C ILE FB 168 -88.88 13.17 -91.40
N ILE FB 169 -87.92 13.34 -90.50
CA ILE FB 169 -87.25 12.21 -89.86
C ILE FB 169 -88.10 11.76 -88.69
N ALA FB 170 -88.68 10.57 -88.80
CA ALA FB 170 -89.48 10.01 -87.71
C ALA FB 170 -88.59 9.39 -86.65
N GLU FB 171 -87.62 8.58 -87.07
CA GLU FB 171 -86.73 7.86 -86.16
C GLU FB 171 -85.29 8.00 -86.61
N ALA FB 172 -84.39 8.04 -85.62
CA ALA FB 172 -82.96 7.89 -85.86
C ALA FB 172 -82.38 7.27 -84.59
N PHE FB 173 -82.03 6.00 -84.64
CA PHE FB 173 -81.57 5.29 -83.45
C PHE FB 173 -80.35 4.45 -83.81
N VAL FB 174 -79.63 4.03 -82.78
CA VAL FB 174 -78.36 3.34 -82.91
C VAL FB 174 -78.48 1.97 -82.26
N GLY FB 175 -77.93 0.96 -82.92
CA GLY FB 175 -77.74 -0.33 -82.31
C GLY FB 175 -76.27 -0.70 -82.29
N LYS FB 176 -75.87 -1.59 -81.38
CA LYS FB 176 -74.49 -2.04 -81.33
C LYS FB 176 -74.15 -2.90 -82.54
N GLY FB 177 -72.86 -2.94 -82.85
CA GLY FB 177 -72.33 -3.85 -83.85
C GLY FB 177 -71.43 -4.88 -83.21
N LEU FB 178 -70.50 -5.45 -83.98
CA LEU FB 178 -69.55 -6.42 -83.43
C LEU FB 178 -68.40 -5.68 -82.77
N PHE FB 179 -68.35 -5.73 -81.44
CA PHE FB 179 -67.26 -5.11 -80.68
C PHE FB 179 -66.02 -5.98 -80.78
N LYS FB 180 -64.86 -5.35 -80.88
CA LYS FB 180 -63.59 -6.03 -80.98
C LYS FB 180 -62.79 -5.83 -79.71
N LYS FB 181 -62.37 -6.92 -79.09
CA LYS FB 181 -61.76 -6.90 -77.76
C LYS FB 181 -60.25 -7.04 -77.85
N ARG FB 182 -59.54 -6.12 -77.20
CA ARG FB 182 -58.09 -6.17 -77.10
C ARG FB 182 -57.69 -6.05 -75.64
N ILE FB 183 -56.49 -6.53 -75.32
CA ILE FB 183 -55.92 -6.35 -73.99
C ILE FB 183 -55.36 -4.94 -73.91
N SER FB 184 -55.58 -4.26 -72.78
CA SER FB 184 -55.02 -2.95 -72.53
C SER FB 184 -54.00 -3.09 -71.41
N ILE FB 185 -52.73 -2.90 -71.74
CA ILE FB 185 -51.64 -3.15 -70.82
C ILE FB 185 -51.43 -1.93 -69.93
N HIS FB 186 -51.36 -2.17 -68.62
CA HIS FB 186 -51.06 -1.14 -67.63
C HIS FB 186 -49.66 -1.38 -67.08
N GLY FB 187 -49.20 -0.46 -66.23
CA GLY FB 187 -47.98 -0.67 -65.49
C GLY FB 187 -48.13 -1.72 -64.41
N LYS FB 188 -46.98 -2.16 -63.88
CA LYS FB 188 -46.86 -3.14 -62.80
C LYS FB 188 -47.45 -4.50 -63.18
N GLY FB 189 -47.47 -4.81 -64.46
CA GLY FB 189 -47.92 -6.11 -64.91
C GLY FB 189 -49.41 -6.34 -64.91
N LYS FB 190 -50.21 -5.30 -64.72
CA LYS FB 190 -51.66 -5.41 -64.71
C LYS FB 190 -52.22 -5.07 -66.09
N CYS FB 191 -53.44 -5.53 -66.35
CA CYS FB 191 -54.06 -5.28 -67.65
C CYS FB 191 -55.57 -5.16 -67.49
N GLY FB 192 -56.17 -4.44 -68.43
CA GLY FB 192 -57.61 -4.36 -68.55
C GLY FB 192 -58.07 -4.84 -69.91
N LEU FB 193 -59.28 -4.45 -70.33
CA LEU FB 193 -59.82 -4.84 -71.61
C LEU FB 193 -60.21 -3.61 -72.41
N MET FB 194 -59.71 -3.50 -73.63
CA MET FB 194 -60.01 -2.39 -74.51
C MET FB 194 -60.93 -2.87 -75.63
N ILE FB 195 -61.92 -2.05 -75.98
CA ILE FB 195 -62.89 -2.39 -76.99
C ILE FB 195 -62.80 -1.39 -78.13
N ARG FB 196 -62.67 -1.90 -79.35
CA ARG FB 196 -62.85 -1.07 -80.53
C ARG FB 196 -64.29 -1.23 -81.01
N PRO FB 197 -65.17 -0.28 -80.74
CA PRO FB 197 -66.60 -0.52 -80.92
C PRO FB 197 -67.06 -0.38 -82.37
N GLU FB 198 -68.26 -0.89 -82.60
CA GLU FB 198 -68.95 -0.78 -83.87
C GLU FB 198 -70.41 -0.46 -83.59
N CYS FB 199 -71.09 0.13 -84.58
CA CYS FB 199 -72.48 0.47 -84.39
C CYS FB 199 -73.21 0.42 -85.72
N ARG FB 200 -74.53 0.37 -85.63
CA ARG FB 200 -75.40 0.52 -86.78
C ARG FB 200 -76.30 1.73 -86.56
N LEU FB 201 -76.70 2.37 -87.64
CA LEU FB 201 -77.56 3.55 -87.57
C LEU FB 201 -78.75 3.33 -88.49
N THR FB 202 -79.95 3.55 -87.96
CA THR FB 202 -81.19 3.41 -88.71
C THR FB 202 -81.92 4.73 -88.69
N VAL FB 203 -82.28 5.23 -89.87
CA VAL FB 203 -83.05 6.46 -90.01
C VAL FB 203 -84.32 6.13 -90.76
N ILE FB 204 -85.47 6.49 -90.20
CA ILE FB 204 -86.77 6.26 -90.80
C ILE FB 204 -87.38 7.61 -91.14
N VAL FB 205 -87.85 7.75 -92.39
CA VAL FB 205 -88.46 8.98 -92.85
C VAL FB 205 -89.91 8.71 -93.20
N ARG FB 206 -90.70 9.78 -93.22
CA ARG FB 206 -92.09 9.72 -93.62
C ARG FB 206 -92.50 11.10 -94.13
N GLU FB 207 -93.59 11.15 -94.89
CA GLU FB 207 -94.10 12.41 -95.40
C GLU FB 207 -94.83 13.17 -94.31
N THR FB 208 -94.66 14.49 -94.30
CA THR FB 208 -95.37 15.33 -93.35
C THR FB 208 -96.86 15.38 -93.68
N THR FB 209 -97.69 15.26 -92.65
CA THR FB 209 -99.13 15.36 -92.82
C THR FB 209 -99.52 16.82 -93.07
N PRO FB 210 -100.68 17.07 -93.71
CA PRO FB 210 -101.10 18.46 -93.94
C PRO FB 210 -101.34 19.28 -92.68
N GLU FB 211 -101.78 18.64 -91.59
CA GLU FB 211 -101.88 19.34 -90.31
C GLU FB 211 -100.50 19.77 -89.83
N GLU FB 212 -99.50 18.94 -90.06
CA GLU FB 212 -98.15 19.24 -89.64
C GLU FB 212 -97.53 20.33 -90.51
N GLU FB 213 -97.92 20.38 -91.79
CA GLU FB 213 -97.52 21.49 -92.64
C GLU FB 213 -98.16 22.79 -92.21
N ALA FB 214 -99.44 22.73 -91.80
CA ALA FB 214 -100.11 23.92 -91.28
C ALA FB 214 -99.44 24.41 -89.99
N GLU FB 215 -99.03 23.48 -89.13
CA GLU FB 215 -98.31 23.87 -87.91
C GLU FB 215 -96.94 24.46 -88.24
N ILE FB 216 -96.25 23.91 -89.24
CA ILE FB 216 -94.97 24.44 -89.66
C ILE FB 216 -95.12 25.87 -90.19
N ALA FB 217 -96.17 26.13 -90.97
CA ALA FB 217 -96.45 27.49 -91.43
C ALA FB 217 -96.80 28.41 -90.26
N ARG FB 218 -97.54 27.91 -89.28
CA ARG FB 218 -97.88 28.71 -88.11
C ARG FB 218 -96.65 29.00 -87.25
N LEU FB 219 -95.64 28.13 -87.28
CA LEU FB 219 -94.45 28.36 -86.47
C LEU FB 219 -93.53 29.41 -87.07
N LYS FB 220 -93.64 29.67 -88.36
CA LYS FB 220 -92.76 30.62 -89.02
C LYS FB 220 -93.24 32.08 -88.95
N VAL FB 221 -94.43 32.33 -88.38
CA VAL FB 221 -94.85 33.72 -88.21
C VAL FB 221 -94.25 34.26 -86.92
N HIS FB 222 -94.20 35.59 -86.82
CA HIS FB 222 -93.39 36.26 -85.83
C HIS FB 222 -94.14 36.41 -84.51
N ASN FB 223 -93.59 35.83 -83.45
CA ASN FB 223 -94.10 35.99 -82.09
C ASN FB 223 -92.96 35.65 -81.13
N PHE FB 224 -93.18 35.93 -79.84
CA PHE FB 224 -92.14 35.74 -78.85
C PHE FB 224 -92.34 34.46 -78.03
N LYS FB 225 -93.22 33.57 -78.48
CA LYS FB 225 -93.62 32.42 -77.68
C LYS FB 225 -92.48 31.42 -77.51
N LYS FB 226 -92.46 30.75 -76.36
CA LYS FB 226 -91.57 29.64 -76.14
C LYS FB 226 -91.95 28.47 -77.04
N LEU FB 227 -90.96 27.84 -77.64
CA LEU FB 227 -91.18 26.64 -78.43
C LEU FB 227 -90.85 25.41 -77.59
N THR FB 228 -91.68 24.39 -77.71
CA THR FB 228 -91.34 23.08 -77.17
C THR FB 228 -90.21 22.46 -77.99
N LYS FB 229 -89.71 21.32 -77.51
CA LYS FB 229 -88.62 20.64 -78.20
C LYS FB 229 -89.04 20.19 -79.59
N ARG FB 230 -90.25 19.63 -79.72
CA ARG FB 230 -90.73 19.18 -81.01
C ARG FB 230 -90.95 20.34 -81.98
N GLU FB 231 -91.54 21.42 -81.49
CA GLU FB 231 -91.75 22.61 -82.31
C GLU FB 231 -90.42 23.25 -82.71
N ARG FB 232 -89.42 23.20 -81.81
CA ARG FB 232 -88.09 23.68 -82.16
C ARG FB 232 -87.46 22.82 -83.25
N ARG FB 233 -87.63 21.50 -83.16
CA ARG FB 233 -87.12 20.62 -84.21
C ARG FB 233 -87.83 20.84 -85.54
N LEU FB 234 -89.08 21.31 -85.53
CA LEU FB 234 -89.76 21.62 -86.79
C LEU FB 234 -89.18 22.86 -87.45
N ASN FB 235 -88.76 23.86 -86.68
CA ASN FB 235 -88.18 25.09 -87.22
C ASN FB 235 -86.84 25.33 -86.53
N PRO FB 236 -85.80 24.59 -86.91
CA PRO FB 236 -84.56 24.60 -86.13
C PRO FB 236 -83.68 25.82 -86.30
N HIS FB 237 -83.73 26.47 -87.46
CA HIS FB 237 -82.82 27.58 -87.73
C HIS FB 237 -83.46 28.57 -88.70
N LYS FB 238 -82.85 29.73 -88.80
CA LYS FB 238 -83.14 30.69 -89.87
C LYS FB 238 -82.16 30.44 -91.00
N LEU FB 239 -82.68 30.20 -92.20
CA LEU FB 239 -81.84 30.03 -93.38
C LEU FB 239 -81.68 31.38 -94.07
N ILE FB 240 -80.44 31.79 -94.27
CA ILE FB 240 -80.13 33.05 -94.92
C ILE FB 240 -79.37 32.73 -96.19
N GLU FB 241 -79.86 33.24 -97.32
CA GLU FB 241 -79.23 33.03 -98.60
C GLU FB 241 -78.50 34.31 -98.99
N THR FB 242 -77.19 34.20 -99.20
CA THR FB 242 -76.36 35.35 -99.52
C THR FB 242 -75.67 35.13 -100.86
N THR FB 243 -75.48 36.22 -101.58
CA THR FB 243 -74.77 36.24 -102.85
C THR FB 243 -73.42 36.90 -102.66
N PRO FB 244 -72.34 36.35 -103.22
CA PRO FB 244 -71.06 37.05 -103.18
C PRO FB 244 -71.10 38.29 -104.06
N ILE FB 245 -70.73 39.42 -103.49
CA ILE FB 245 -70.70 40.70 -104.20
C ILE FB 245 -69.28 41.23 -104.16
N TRP FB 246 -68.67 41.36 -105.33
CA TRP FB 246 -67.38 42.02 -105.43
C TRP FB 246 -67.58 43.53 -105.45
N ASN FB 247 -66.72 44.23 -104.70
CA ASN FB 247 -66.71 45.69 -104.61
C ASN FB 247 -68.06 46.23 -104.16
N ARG FB 248 -68.67 45.56 -103.19
CA ARG FB 248 -69.67 46.22 -102.36
C ARG FB 248 -68.96 47.38 -101.67
N ARG FB 249 -69.31 48.61 -102.07
CA ARG FB 249 -68.39 49.75 -101.89
C ARG FB 249 -68.33 50.15 -100.41
N GLY FB 250 -67.61 49.33 -99.65
CA GLY FB 250 -67.49 49.59 -98.23
C GLY FB 250 -66.41 48.74 -97.61
N THR FB 251 -66.42 48.71 -96.28
CA THR FB 251 -65.46 47.93 -95.52
C THR FB 251 -65.98 47.64 -94.11
N GLY GB 2 -17.95 -48.83 -119.72
CA GLY GB 2 -18.17 -49.31 -118.37
C GLY GB 2 -17.61 -48.39 -117.32
N SER GB 3 -17.04 -48.97 -116.27
CA SER GB 3 -16.45 -48.19 -115.19
C SER GB 3 -14.97 -47.91 -115.41
N ARG GB 4 -14.42 -48.30 -116.54
CA ARG GB 4 -13.06 -47.88 -116.90
C ARG GB 4 -12.99 -46.38 -117.16
N LEU GB 5 -14.10 -45.77 -117.56
CA LEU GB 5 -14.07 -44.37 -117.99
C LEU GB 5 -13.96 -43.41 -116.82
N GLY GB 6 -14.64 -43.70 -115.72
CA GLY GB 6 -14.60 -42.80 -114.57
C GLY GB 6 -15.43 -43.35 -113.43
N ARG GB 7 -15.34 -42.67 -112.30
CA ARG GB 7 -16.07 -43.09 -111.11
C ARG GB 7 -17.51 -42.60 -111.13
N ARG GB 8 -17.75 -41.39 -111.61
CA ARG GB 8 -19.07 -40.77 -111.60
C ARG GB 8 -19.44 -40.40 -113.03
N VAL GB 9 -20.03 -41.35 -113.75
CA VAL GB 9 -20.43 -41.16 -115.14
C VAL GB 9 -21.96 -41.21 -115.19
N VAL GB 10 -22.56 -40.19 -115.76
CA VAL GB 10 -24.01 -40.02 -115.76
C VAL GB 10 -24.50 -40.09 -117.20
N HIS GB 11 -25.35 -41.07 -117.49
CA HIS GB 11 -25.94 -41.22 -118.81
C HIS GB 11 -27.33 -40.60 -118.91
N PHE GB 12 -28.06 -40.49 -117.80
CA PHE GB 12 -29.41 -39.93 -117.80
C PHE GB 12 -29.49 -38.87 -116.71
N ALA GB 13 -29.09 -37.66 -117.06
CA ALA GB 13 -29.12 -36.54 -116.12
C ALA GB 13 -30.54 -36.06 -115.91
N ASN GB 14 -30.83 -35.59 -114.68
CA ASN GB 14 -32.16 -35.13 -114.36
C ASN GB 14 -32.14 -33.79 -113.64
N LEU GB 15 -31.10 -32.99 -113.84
CA LEU GB 15 -30.96 -31.74 -113.12
C LEU GB 15 -31.91 -30.69 -113.70
N PRO GB 16 -32.85 -30.16 -112.91
CA PRO GB 16 -33.81 -29.20 -113.47
C PRO GB 16 -33.22 -27.80 -113.55
N ILE GB 17 -33.40 -27.15 -114.69
CA ILE GB 17 -32.87 -25.82 -114.95
C ILE GB 17 -34.03 -24.94 -115.37
N LYS GB 18 -34.33 -23.93 -114.57
CA LYS GB 18 -35.43 -23.02 -114.83
C LYS GB 18 -34.87 -21.62 -114.99
N LEU GB 19 -34.81 -21.15 -116.24
CA LEU GB 19 -34.19 -19.87 -116.53
C LEU GB 19 -35.03 -18.71 -116.02
N LEU GB 20 -34.36 -17.73 -115.42
CA LEU GB 20 -34.99 -16.48 -115.03
C LEU GB 20 -34.85 -15.48 -116.18
N MET GB 21 -35.91 -14.74 -116.44
CA MET GB 21 -35.94 -13.83 -117.57
C MET GB 21 -35.04 -12.63 -117.32
N PRO GB 22 -34.04 -12.36 -118.16
CA PRO GB 22 -33.17 -11.21 -117.93
C PRO GB 22 -33.88 -9.89 -118.20
N THR GB 23 -33.22 -8.80 -117.77
CA THR GB 23 -33.77 -7.47 -117.97
C THR GB 23 -33.56 -6.96 -119.39
N LYS GB 24 -32.46 -7.34 -120.02
CA LYS GB 24 -32.13 -6.89 -121.36
C LYS GB 24 -32.17 -8.07 -122.31
N LEU GB 25 -32.50 -7.78 -123.58
CA LEU GB 25 -32.59 -8.82 -124.59
C LEU GB 25 -31.33 -8.96 -125.43
N THR GB 26 -30.41 -8.02 -125.37
CA THR GB 26 -29.16 -8.09 -126.12
C THR GB 26 -27.98 -7.89 -125.19
N ASN GB 27 -26.82 -8.38 -125.63
CA ASN GB 27 -25.54 -8.27 -124.92
C ASN GB 27 -25.63 -8.90 -123.53
N ILE GB 28 -26.04 -10.17 -123.52
CA ILE GB 28 -26.25 -10.90 -122.30
C ILE GB 28 -24.95 -11.62 -121.97
N HIS GB 29 -24.21 -11.08 -121.00
CA HIS GB 29 -22.98 -11.72 -120.54
C HIS GB 29 -23.20 -12.64 -119.36
N GLU GB 30 -24.28 -12.46 -118.61
CA GLU GB 30 -24.63 -13.34 -117.51
C GLU GB 30 -26.14 -13.52 -117.46
N PHE GB 31 -26.56 -14.65 -116.92
CA PHE GB 31 -27.98 -14.93 -116.73
C PHE GB 31 -28.14 -15.79 -115.49
N ALA GB 32 -29.36 -15.84 -114.97
CA ALA GB 32 -29.65 -16.52 -113.71
C ALA GB 32 -30.66 -17.64 -113.94
N LEU GB 33 -30.55 -18.67 -113.13
CA LEU GB 33 -31.44 -19.82 -113.22
C LEU GB 33 -31.72 -20.34 -111.82
N ARG GB 34 -32.81 -21.09 -111.68
CA ARG GB 34 -33.16 -21.76 -110.43
C ARG GB 34 -33.00 -23.26 -110.58
N THR GB 35 -32.57 -23.91 -109.51
CA THR GB 35 -32.39 -25.36 -109.49
C THR GB 35 -32.55 -25.85 -108.06
N ILE GB 36 -32.33 -27.15 -107.86
CA ILE GB 36 -32.53 -27.79 -106.56
C ILE GB 36 -31.32 -27.51 -105.66
N PRO GB 37 -31.51 -27.45 -104.34
CA PRO GB 37 -30.40 -27.05 -103.46
C PRO GB 37 -29.23 -28.04 -103.38
N SER GB 38 -29.38 -29.28 -103.84
CA SER GB 38 -28.27 -30.22 -103.79
C SER GB 38 -27.39 -30.18 -105.04
N ALA GB 39 -27.56 -29.17 -105.88
CA ALA GB 39 -26.71 -29.03 -107.06
C ALA GB 39 -25.44 -28.25 -106.72
N THR GB 40 -24.34 -28.64 -107.33
CA THR GB 40 -23.06 -27.97 -107.14
C THR GB 40 -22.70 -27.16 -108.36
N LYS GB 41 -21.67 -26.31 -108.21
CA LYS GB 41 -21.23 -25.45 -109.30
C LYS GB 41 -20.71 -26.26 -110.48
N ILE GB 42 -19.98 -27.33 -110.20
CA ILE GB 42 -19.44 -28.14 -111.29
C ILE GB 42 -20.54 -28.91 -112.02
N GLU GB 43 -21.58 -29.35 -111.30
CA GLU GB 43 -22.69 -30.04 -111.93
C GLU GB 43 -23.45 -29.11 -112.86
N ILE GB 44 -23.73 -27.88 -112.39
CA ILE GB 44 -24.44 -26.90 -113.21
C ILE GB 44 -23.61 -26.55 -114.45
N LYS GB 45 -22.31 -26.35 -114.26
CA LYS GB 45 -21.44 -25.99 -115.38
C LYS GB 45 -21.37 -27.10 -116.42
N ARG GB 46 -21.18 -28.35 -115.98
CA ARG GB 46 -21.00 -29.43 -116.93
C ARG GB 46 -22.31 -29.84 -117.59
N VAL GB 47 -23.45 -29.71 -116.89
CA VAL GB 47 -24.73 -29.95 -117.53
C VAL GB 47 -25.01 -28.86 -118.56
N LEU GB 48 -24.70 -27.60 -118.23
CA LEU GB 48 -25.01 -26.51 -119.14
C LEU GB 48 -24.10 -26.52 -120.36
N GLU GB 49 -22.90 -27.07 -120.24
CA GLU GB 49 -22.03 -27.09 -121.41
C GLU GB 49 -22.17 -28.39 -122.19
N SER GB 50 -22.59 -29.49 -121.55
CA SER GB 50 -22.73 -30.74 -122.28
C SER GB 50 -24.08 -30.85 -122.98
N LEU GB 51 -25.16 -30.45 -122.30
CA LEU GB 51 -26.50 -30.61 -122.83
C LEU GB 51 -26.91 -29.46 -123.74
N TYR GB 52 -26.51 -28.23 -123.41
CA TYR GB 52 -26.96 -27.06 -124.15
C TYR GB 52 -25.86 -26.37 -124.96
N GLY GB 53 -24.60 -26.68 -124.70
CA GLY GB 53 -23.52 -26.06 -125.45
C GLY GB 53 -23.20 -24.63 -125.07
N PHE GB 54 -23.46 -24.23 -123.83
CA PHE GB 54 -23.10 -22.89 -123.37
C PHE GB 54 -21.58 -22.77 -123.27
N GLU GB 55 -21.10 -21.54 -123.42
CA GLU GB 55 -19.69 -21.22 -123.19
C GLU GB 55 -19.57 -20.60 -121.79
N VAL GB 56 -19.53 -21.46 -120.79
CA VAL GB 56 -19.61 -21.03 -119.40
C VAL GB 56 -18.23 -20.58 -118.93
N GLU GB 57 -18.15 -19.35 -118.45
CA GLU GB 57 -16.93 -18.84 -117.82
C GLU GB 57 -16.88 -19.20 -116.34
N LYS GB 58 -17.93 -18.88 -115.58
CA LYS GB 58 -17.94 -19.12 -114.14
C LYS GB 58 -19.38 -19.25 -113.66
N VAL GB 59 -19.56 -20.02 -112.59
CA VAL GB 59 -20.87 -20.27 -111.98
C VAL GB 59 -20.81 -19.81 -110.52
N ASN GB 60 -21.73 -18.93 -110.14
CA ASN GB 60 -21.92 -18.53 -108.76
C ASN GB 60 -23.27 -19.08 -108.28
N THR GB 61 -23.35 -19.44 -107.00
CA THR GB 61 -24.56 -20.04 -106.47
C THR GB 61 -24.97 -19.37 -105.16
N LEU GB 62 -26.26 -19.47 -104.85
CA LEU GB 62 -26.79 -19.02 -103.57
C LEU GB 62 -28.04 -19.81 -103.23
N ASN GB 63 -28.24 -20.03 -101.94
CA ASN GB 63 -29.38 -20.79 -101.44
C ASN GB 63 -30.48 -19.83 -100.98
N MET GB 64 -31.72 -20.19 -101.29
CA MET GB 64 -32.89 -19.43 -100.85
C MET GB 64 -33.89 -20.37 -100.17
N ASP GB 65 -34.46 -19.91 -99.07
CA ASP GB 65 -35.57 -20.62 -98.46
C ASP GB 65 -36.83 -20.43 -99.29
N GLY GB 66 -37.69 -21.45 -99.29
CA GLY GB 66 -38.97 -21.32 -99.94
C GLY GB 66 -39.89 -20.36 -99.22
N LYS GB 67 -40.83 -19.79 -99.98
CA LYS GB 67 -41.80 -18.87 -99.42
C LYS GB 67 -42.72 -19.59 -98.45
N LYS GB 68 -43.00 -18.97 -97.31
CA LYS GB 68 -43.81 -19.56 -96.27
C LYS GB 68 -44.94 -18.63 -95.88
N LYS GB 69 -46.09 -19.20 -95.55
CA LYS GB 69 -47.22 -18.46 -95.00
C LYS GB 69 -47.73 -19.18 -93.76
N LYS GB 70 -47.89 -18.45 -92.66
CA LYS GB 70 -48.24 -19.05 -91.38
C LYS GB 70 -49.40 -18.29 -90.76
N ARG GB 71 -50.36 -19.04 -90.22
CA ARG GB 71 -51.53 -18.47 -89.54
C ARG GB 71 -51.78 -19.20 -88.21
N GLY GB 72 -50.73 -19.37 -87.42
CA GLY GB 72 -50.86 -19.90 -86.08
C GLY GB 72 -51.24 -21.37 -86.00
N GLY GB 73 -50.31 -22.24 -86.39
CA GLY GB 73 -50.60 -23.66 -86.41
C GLY GB 73 -50.65 -24.21 -87.82
N LEU GB 74 -51.27 -23.46 -88.73
CA LEU GB 74 -51.27 -23.81 -90.14
C LEU GB 74 -50.10 -23.10 -90.81
N LEU GB 75 -49.19 -23.89 -91.39
CA LEU GB 75 -48.05 -23.36 -92.13
C LEU GB 75 -48.01 -24.02 -93.49
N ILE GB 76 -47.99 -23.23 -94.55
CA ILE GB 76 -47.81 -23.72 -95.90
C ILE GB 76 -46.53 -23.12 -96.44
N ALA GB 77 -45.83 -23.91 -97.26
CA ALA GB 77 -44.51 -23.50 -97.70
C ALA GB 77 -44.24 -24.03 -99.09
N LYS GB 78 -43.28 -23.41 -99.75
CA LYS GB 78 -42.70 -23.92 -100.98
C LYS GB 78 -41.29 -24.43 -100.69
N ALA GB 79 -40.76 -25.20 -101.63
CA ALA GB 79 -39.46 -25.82 -101.43
C ALA GB 79 -38.34 -24.80 -101.47
N ASP GB 80 -37.30 -25.05 -100.68
CA ASP GB 80 -36.03 -24.35 -100.83
C ASP GB 80 -35.46 -24.63 -102.22
N TYR GB 81 -34.77 -23.64 -102.78
CA TYR GB 81 -34.17 -23.79 -104.10
C TYR GB 81 -32.80 -23.16 -104.09
N LYS GB 82 -32.08 -23.37 -105.20
CA LYS GB 82 -30.76 -22.81 -105.40
C LYS GB 82 -30.78 -21.93 -106.64
N LYS GB 83 -30.27 -20.72 -106.53
CA LYS GB 83 -30.17 -19.79 -107.65
C LYS GB 83 -28.72 -19.75 -108.13
N ALA GB 84 -28.53 -19.87 -109.44
CA ALA GB 84 -27.21 -19.93 -110.04
C ALA GB 84 -27.02 -18.81 -111.04
N TYR GB 85 -25.91 -18.10 -110.93
CA TYR GB 85 -25.53 -17.07 -111.89
C TYR GB 85 -24.46 -17.65 -112.80
N VAL GB 86 -24.71 -17.64 -114.11
CA VAL GB 86 -23.80 -18.22 -115.09
C VAL GB 86 -23.24 -17.10 -115.94
N THR GB 87 -21.93 -16.92 -115.90
CA THR GB 87 -21.25 -15.93 -116.71
C THR GB 87 -20.74 -16.60 -117.99
N LEU GB 88 -20.97 -15.95 -119.13
CA LEU GB 88 -20.65 -16.51 -120.43
C LEU GB 88 -19.35 -15.92 -120.98
N LYS GB 89 -18.63 -16.75 -121.74
CA LYS GB 89 -17.41 -16.29 -122.37
C LYS GB 89 -17.67 -15.27 -123.48
N ASN GB 90 -18.83 -15.37 -124.14
CA ASN GB 90 -19.22 -14.45 -125.19
C ASN GB 90 -20.68 -14.06 -124.99
N PRO GB 91 -21.05 -12.82 -125.32
CA PRO GB 91 -22.43 -12.38 -125.08
C PRO GB 91 -23.43 -13.03 -126.02
N LEU GB 92 -24.65 -13.18 -125.52
CA LEU GB 92 -25.75 -13.77 -126.26
C LEU GB 92 -26.91 -12.77 -126.31
N SER GB 93 -28.03 -13.22 -126.86
CA SER GB 93 -29.20 -12.37 -127.01
C SER GB 93 -30.45 -13.24 -127.09
N ILE GB 94 -31.60 -12.63 -126.82
CA ILE GB 94 -32.88 -13.31 -126.83
C ILE GB 94 -33.80 -12.59 -127.82
N SER GB 95 -34.42 -13.35 -128.71
CA SER GB 95 -35.29 -12.79 -129.74
C SER GB 95 -36.56 -12.20 -129.11
N GLY GB 96 -37.02 -11.11 -129.71
CA GLY GB 96 -38.16 -10.37 -129.16
C GLY GB 96 -39.47 -11.13 -129.32
N ASP GB 97 -39.62 -11.89 -130.40
CA ASP GB 97 -40.91 -12.51 -130.71
C ASP GB 97 -41.16 -13.82 -129.99
N LEU GB 98 -40.19 -14.32 -129.21
CA LEU GB 98 -40.38 -15.56 -128.49
C LEU GB 98 -41.37 -15.39 -127.35
N PHE GB 99 -42.20 -16.38 -127.15
CA PHE GB 99 -43.16 -16.40 -126.05
C PHE GB 99 -42.45 -16.75 -124.74
N PRO GB 100 -42.75 -16.04 -123.64
CA PRO GB 100 -43.64 -14.88 -123.49
C PRO GB 100 -42.89 -13.58 -123.24
N VAL GB 101 -41.85 -13.26 -124.03
CA VAL GB 101 -40.96 -12.15 -123.75
C VAL GB 101 -41.69 -10.81 -123.78
N LYS GB 102 -42.60 -10.64 -124.76
CA LYS GB 102 -43.33 -9.39 -124.89
C LYS GB 102 -44.25 -9.14 -123.69
N PHE GB 103 -44.95 -10.18 -123.22
CA PHE GB 103 -45.82 -10.04 -122.06
C PHE GB 103 -45.03 -9.71 -120.80
N ILE GB 104 -43.89 -10.38 -120.61
CA ILE GB 104 -43.06 -10.16 -119.43
C ILE GB 104 -42.50 -8.75 -119.42
N GLU GB 105 -42.01 -8.27 -120.56
CA GLU GB 105 -41.50 -6.91 -120.65
C GLU GB 105 -42.59 -5.88 -120.43
N GLU GB 106 -43.79 -6.11 -120.98
CA GLU GB 106 -44.88 -5.17 -120.79
C GLU GB 106 -45.31 -5.10 -119.32
N ASP GB 107 -45.41 -6.25 -118.65
CA ASP GB 107 -45.78 -6.27 -117.24
C ASP GB 107 -44.71 -5.60 -116.37
N ARG GB 108 -43.43 -5.86 -116.68
CA ARG GB 108 -42.33 -5.25 -115.94
C ARG GB 108 -42.32 -3.74 -116.12
N LYS GB 109 -42.53 -3.26 -117.34
CA LYS GB 109 -42.63 -1.82 -117.55
C LYS GB 109 -43.88 -1.22 -116.92
N SER GB 110 -44.95 -2.01 -116.78
CA SER GB 110 -46.13 -1.52 -116.08
C SER GB 110 -45.88 -1.36 -114.59
N LYS GB 111 -45.01 -2.18 -114.01
CA LYS GB 111 -44.73 -2.03 -112.58
C LYS GB 111 -43.69 -0.97 -112.26
N VAL GB 112 -42.98 -0.42 -113.25
CA VAL GB 112 -41.94 0.57 -113.01
C VAL GB 112 -42.42 1.98 -113.42
N LYS GB 113 -43.67 2.10 -113.87
CA LYS GB 113 -44.25 3.42 -114.12
C LYS GB 113 -44.37 4.24 -112.84
N GLY GB 114 -44.66 3.58 -111.72
CA GLY GB 114 -44.76 4.26 -110.45
C GLY GB 114 -46.19 4.46 -109.97
N LYS GB 124 -24.91 11.18 -126.20
CA LYS GB 124 -24.55 12.32 -127.03
C LYS GB 124 -23.19 12.90 -126.66
N LYS GB 125 -22.96 13.05 -125.35
CA LYS GB 125 -21.70 13.61 -124.85
C LYS GB 125 -20.62 12.53 -124.72
N SER GB 126 -20.39 11.79 -125.79
CA SER GB 126 -19.38 10.76 -125.83
C SER GB 126 -18.05 11.35 -126.28
N HIS GB 127 -16.97 10.73 -125.81
CA HIS GB 127 -15.62 11.20 -126.09
C HIS GB 127 -14.85 10.16 -126.89
N TRP GB 128 -13.60 10.48 -127.18
CA TRP GB 128 -12.74 9.58 -127.92
C TRP GB 128 -12.38 8.35 -127.08
N LEU GB 129 -12.30 7.20 -127.75
CA LEU GB 129 -11.88 5.93 -127.15
C LEU GB 129 -12.78 5.52 -125.99
N ASP GB 130 -14.08 5.74 -126.16
CA ASP GB 130 -15.08 5.40 -125.15
C ASP GB 130 -15.76 4.10 -125.56
N GLN GB 131 -15.72 3.11 -124.68
CA GLN GB 131 -16.32 1.81 -124.95
C GLN GB 131 -17.84 1.92 -125.02
N LYS GB 132 -18.44 1.07 -125.85
CA LYS GB 132 -19.87 1.13 -126.12
C LYS GB 132 -20.64 -0.04 -125.54
N GLU GB 133 -20.14 -1.27 -125.70
CA GLU GB 133 -20.77 -2.46 -125.12
C GLU GB 133 -19.73 -3.15 -124.25
N ARG GB 134 -19.70 -2.79 -122.97
CA ARG GB 134 -18.79 -3.40 -122.02
C ARG GB 134 -19.50 -4.48 -121.21
N ARG GB 135 -18.70 -5.33 -120.57
CA ARG GB 135 -19.25 -6.36 -119.70
C ARG GB 135 -19.83 -5.74 -118.44
N GLU GB 136 -20.98 -6.26 -118.01
CA GLU GB 136 -21.66 -5.80 -116.79
C GLU GB 136 -21.96 -7.04 -115.96
N VAL GB 137 -21.03 -7.36 -115.05
CA VAL GB 137 -21.11 -8.58 -114.25
C VAL GB 137 -21.16 -8.17 -112.79
N GLY GB 138 -22.11 -8.75 -112.05
CA GLY GB 138 -22.25 -8.51 -110.62
C GLY GB 138 -21.53 -9.57 -109.81
N GLY GB 139 -21.83 -9.55 -108.51
CA GLY GB 139 -21.26 -10.50 -107.60
C GLY GB 139 -19.83 -10.15 -107.22
N TYR GB 140 -19.22 -11.06 -106.46
CA TYR GB 140 -17.82 -10.94 -106.09
C TYR GB 140 -16.96 -11.57 -107.19
N GLY HB 2 -75.66 -27.06 -96.18
CA GLY HB 2 -76.18 -27.96 -95.17
C GLY HB 2 -76.39 -29.38 -95.65
N TRP HB 3 -75.32 -30.02 -96.10
CA TRP HB 3 -75.36 -31.42 -96.53
C TRP HB 3 -75.23 -32.30 -95.29
N LYS HB 4 -76.34 -32.42 -94.57
CA LYS HB 4 -76.30 -32.90 -93.20
C LYS HB 4 -76.48 -34.40 -93.07
N ALA HB 5 -76.92 -35.09 -94.11
CA ALA HB 5 -77.12 -36.52 -94.04
C ALA HB 5 -75.79 -37.25 -94.12
N ALA HB 6 -75.75 -38.43 -93.48
CA ALA HB 6 -74.60 -39.34 -93.62
C ALA HB 6 -74.83 -40.27 -94.79
N GLU HB 7 -74.84 -39.67 -95.98
CA GLU HB 7 -75.20 -40.38 -97.21
C GLU HB 7 -73.97 -41.05 -97.80
N LYS HB 8 -74.08 -42.35 -98.06
CA LYS HB 8 -73.01 -43.10 -98.70
C LYS HB 8 -73.10 -42.97 -100.22
N LEU HB 9 -71.95 -43.08 -100.87
CA LEU HB 9 -71.89 -43.03 -102.32
C LEU HB 9 -72.53 -44.26 -102.95
N ILE HB 10 -73.16 -44.06 -104.10
CA ILE HB 10 -73.59 -45.18 -104.93
C ILE HB 10 -72.39 -45.69 -105.70
N ARG HB 11 -72.04 -46.96 -105.50
CA ARG HB 11 -70.80 -47.49 -106.03
C ARG HB 11 -70.94 -48.04 -107.44
N HIS HB 12 -72.02 -48.74 -107.74
CA HIS HB 12 -72.28 -49.28 -109.07
C HIS HB 12 -73.59 -48.71 -109.56
N TRP HB 13 -73.51 -47.83 -110.55
CA TRP HB 13 -74.68 -47.07 -111.01
C TRP HB 13 -75.46 -47.88 -112.03
N LYS HB 14 -76.75 -48.01 -111.78
CA LYS HB 14 -77.70 -48.53 -112.75
C LYS HB 14 -78.35 -47.43 -113.57
N ILE HB 15 -77.88 -46.20 -113.41
CA ILE HB 15 -78.38 -45.03 -114.10
C ILE HB 15 -77.19 -44.40 -114.82
N LEU HB 16 -77.27 -44.31 -116.14
CA LEU HB 16 -76.12 -43.96 -116.96
C LEU HB 16 -76.39 -42.70 -117.78
N ARG HB 17 -75.31 -42.04 -118.17
CA ARG HB 17 -75.39 -40.94 -119.11
C ARG HB 17 -75.99 -41.40 -120.42
N GLY HB 18 -76.94 -40.63 -120.93
CA GLY HB 18 -77.65 -40.98 -122.15
C GLY HB 18 -78.90 -41.81 -121.98
N ASP HB 19 -79.21 -42.25 -120.77
CA ASP HB 19 -80.40 -43.04 -120.53
C ASP HB 19 -81.66 -42.21 -120.69
N ASN HB 20 -82.72 -42.85 -121.17
CA ASN HB 20 -84.05 -42.26 -121.18
C ASN HB 20 -84.73 -42.58 -119.86
N VAL HB 21 -85.13 -41.54 -119.14
CA VAL HB 21 -85.66 -41.69 -117.78
C VAL HB 21 -86.94 -40.87 -117.64
N MET HB 22 -87.63 -41.11 -116.54
CA MET HB 22 -88.74 -40.26 -116.11
C MET HB 22 -88.47 -39.79 -114.69
N ILE HB 23 -88.65 -38.50 -114.45
CA ILE HB 23 -88.56 -37.96 -113.10
C ILE HB 23 -89.79 -38.40 -112.32
N ILE HB 24 -89.57 -39.05 -111.18
CA ILE HB 24 -90.64 -39.61 -110.37
C ILE HB 24 -90.80 -38.91 -109.03
N ARG HB 25 -90.07 -37.82 -108.81
CA ARG HB 25 -90.15 -37.12 -107.53
C ARG HB 25 -89.75 -35.66 -107.74
N GLY HB 26 -90.52 -34.75 -107.16
CA GLY HB 26 -90.13 -33.36 -107.12
C GLY HB 26 -91.03 -32.42 -107.91
N LYS HB 27 -90.49 -31.24 -108.19
CA LYS HB 27 -91.21 -30.21 -108.93
C LYS HB 27 -91.53 -30.65 -110.35
N ASP HB 28 -90.61 -31.37 -110.99
CA ASP HB 28 -90.79 -31.84 -112.36
C ASP HB 28 -91.22 -33.30 -112.41
N LYS HB 29 -92.04 -33.72 -111.45
CA LYS HB 29 -92.50 -35.10 -111.38
C LYS HB 29 -93.40 -35.44 -112.56
N GLY HB 30 -93.18 -36.61 -113.15
CA GLY HB 30 -93.97 -37.05 -114.28
C GLY HB 30 -93.43 -36.66 -115.64
N GLU HB 31 -92.20 -36.16 -115.71
CA GLU HB 31 -91.63 -35.68 -116.95
C GLU HB 31 -90.45 -36.57 -117.37
N THR HB 32 -90.32 -36.75 -118.68
CA THR HB 32 -89.28 -37.60 -119.24
C THR HB 32 -88.13 -36.76 -119.80
N GLY HB 33 -87.00 -37.41 -120.02
CA GLY HB 33 -85.84 -36.72 -120.55
C GLY HB 33 -84.67 -37.66 -120.69
N THR HB 34 -83.56 -37.10 -121.13
CA THR HB 34 -82.32 -37.84 -121.31
C THR HB 34 -81.29 -37.33 -120.30
N VAL HB 35 -80.49 -38.24 -119.76
CA VAL HB 35 -79.49 -37.89 -118.77
C VAL HB 35 -78.30 -37.24 -119.49
N LYS HB 36 -78.18 -35.93 -119.35
CA LYS HB 36 -77.03 -35.23 -119.89
C LYS HB 36 -75.74 -35.61 -119.17
N ARG HB 37 -75.78 -35.65 -117.84
CA ARG HB 37 -74.57 -35.77 -117.06
C ARG HB 37 -74.89 -36.41 -115.73
N VAL HB 38 -73.93 -37.16 -115.19
CA VAL HB 38 -74.03 -37.80 -113.89
C VAL HB 38 -72.98 -37.18 -112.98
N ILE HB 39 -73.40 -36.71 -111.80
CA ILE HB 39 -72.49 -36.16 -110.81
C ILE HB 39 -72.32 -37.22 -109.73
N ARG HB 40 -71.26 -38.02 -109.85
CA ARG HB 40 -71.11 -39.19 -109.00
C ARG HB 40 -70.78 -38.83 -107.56
N SER HB 41 -70.05 -37.74 -107.34
CA SER HB 41 -69.66 -37.37 -105.99
C SER HB 41 -70.82 -36.89 -105.13
N GLN HB 42 -71.97 -36.59 -105.74
CA GLN HB 42 -73.14 -36.12 -105.01
C GLN HB 42 -74.34 -37.06 -105.09
N ASN HB 43 -74.18 -38.24 -105.72
CA ASN HB 43 -75.28 -39.17 -106.03
C ASN HB 43 -76.41 -38.47 -106.79
N ARG HB 44 -76.04 -37.62 -107.74
CA ARG HB 44 -77.00 -36.81 -108.46
C ARG HB 44 -76.76 -36.88 -109.97
N VAL HB 45 -77.80 -36.56 -110.72
CA VAL HB 45 -77.78 -36.56 -112.18
C VAL HB 45 -78.37 -35.26 -112.67
N ILE HB 46 -78.11 -34.95 -113.93
CA ILE HB 46 -78.72 -33.80 -114.61
C ILE HB 46 -79.49 -34.31 -115.82
N VAL HB 47 -80.79 -34.06 -115.84
CA VAL HB 47 -81.66 -34.40 -116.95
C VAL HB 47 -81.80 -33.17 -117.83
N GLU HB 48 -81.62 -33.35 -119.13
CA GLU HB 48 -81.59 -32.23 -120.08
C GLU HB 48 -82.93 -31.51 -120.13
N GLY HB 49 -82.89 -30.20 -119.89
CA GLY HB 49 -84.06 -29.34 -119.97
C GLY HB 49 -84.96 -29.37 -118.76
N LYS HB 50 -84.61 -30.10 -117.71
CA LYS HB 50 -85.47 -30.28 -116.56
C LYS HB 50 -84.79 -29.76 -115.30
N ASN HB 51 -85.63 -29.50 -114.28
CA ASN HB 51 -85.19 -29.01 -112.97
C ASN HB 51 -84.43 -27.69 -113.09
N LEU HB 52 -85.07 -26.72 -113.73
CA LEU HB 52 -84.39 -25.49 -114.11
C LEU HB 52 -84.31 -24.51 -112.94
N ILE HB 53 -83.15 -23.87 -112.80
CA ILE HB 53 -82.93 -22.82 -111.81
C ILE HB 53 -82.58 -21.54 -112.56
N LYS HB 54 -82.49 -20.44 -111.82
CA LYS HB 54 -82.16 -19.14 -112.38
C LYS HB 54 -80.97 -18.56 -111.65
N LYS HB 55 -79.87 -18.35 -112.37
CA LYS HB 55 -78.61 -17.89 -111.80
C LYS HB 55 -78.38 -16.43 -112.13
N HIS HB 56 -78.11 -15.64 -111.10
CA HIS HB 56 -77.83 -14.21 -111.25
C HIS HB 56 -76.32 -14.05 -111.36
N ILE HB 57 -75.81 -14.07 -112.58
CA ILE HB 57 -74.38 -14.05 -112.85
C ILE HB 57 -73.96 -12.63 -113.18
N LYS HB 58 -73.00 -12.10 -112.45
CA LYS HB 58 -72.47 -10.76 -112.68
C LYS HB 58 -71.41 -10.82 -113.76
N GLY HB 59 -71.58 -10.02 -114.81
CA GLY HB 59 -70.69 -10.09 -115.96
C GLY HB 59 -69.37 -9.43 -115.66
N GLY HB 60 -68.28 -10.19 -115.79
CA GLY HB 60 -66.95 -9.66 -115.64
C GLY HB 60 -66.40 -9.23 -116.98
N PRO HB 61 -65.08 -9.06 -117.06
CA PRO HB 61 -64.46 -8.77 -118.36
C PRO HB 61 -64.54 -9.93 -119.34
N ASP HB 62 -64.74 -11.16 -118.86
CA ASP HB 62 -64.68 -12.36 -119.71
C ASP HB 62 -66.05 -12.92 -120.06
N HIS HB 63 -66.90 -13.20 -119.07
CA HIS HB 63 -68.24 -13.73 -119.33
C HIS HB 63 -69.26 -12.60 -119.37
N GLU HB 64 -70.51 -12.97 -119.57
CA GLU HB 64 -71.59 -12.02 -119.76
C GLU HB 64 -72.59 -12.12 -118.61
N GLY HB 65 -73.12 -10.96 -118.21
CA GLY HB 65 -74.07 -10.90 -117.13
C GLY HB 65 -75.48 -11.21 -117.57
N GLY HB 66 -76.37 -11.25 -116.60
CA GLY HB 66 -77.77 -11.53 -116.82
C GLY HB 66 -78.25 -12.63 -115.91
N ILE HB 67 -79.54 -12.93 -116.04
CA ILE HB 67 -80.17 -14.02 -115.31
C ILE HB 67 -80.33 -15.18 -116.28
N PHE HB 68 -79.65 -16.28 -116.00
CA PHE HB 68 -79.57 -17.42 -116.91
C PHE HB 68 -80.35 -18.60 -116.34
N THR HB 69 -80.97 -19.36 -117.23
CA THR HB 69 -81.72 -20.56 -116.85
C THR HB 69 -80.91 -21.79 -117.25
N VAL HB 70 -80.59 -22.63 -116.26
CA VAL HB 70 -79.82 -23.85 -116.46
C VAL HB 70 -80.44 -24.97 -115.64
N GLU HB 71 -80.02 -26.20 -115.93
CA GLU HB 71 -80.50 -27.36 -115.17
C GLU HB 71 -79.84 -27.44 -113.81
N ALA HB 72 -80.60 -27.82 -112.83
CA ALA HB 72 -80.05 -28.14 -111.54
C ALA HB 72 -80.03 -29.65 -111.35
N PRO HB 73 -79.10 -30.19 -110.55
CA PRO HB 73 -79.04 -31.65 -110.40
C PRO HB 73 -80.22 -32.21 -109.62
N LEU HB 74 -80.62 -33.42 -110.00
CA LEU HB 74 -81.63 -34.21 -109.32
C LEU HB 74 -80.97 -35.41 -108.68
N HIS HB 75 -81.48 -35.82 -107.52
CA HIS HB 75 -80.97 -37.02 -106.88
C HIS HB 75 -81.22 -38.25 -107.74
N ALA HB 76 -80.26 -39.17 -107.74
CA ALA HB 76 -80.31 -40.32 -108.62
C ALA HB 76 -81.46 -41.27 -108.29
N SER HB 77 -82.01 -41.21 -107.08
CA SER HB 77 -83.18 -41.98 -106.74
C SER HB 77 -84.48 -41.31 -107.15
N ASN HB 78 -84.43 -40.09 -107.68
CA ASN HB 78 -85.60 -39.38 -108.16
C ASN HB 78 -85.92 -39.64 -109.62
N VAL HB 79 -85.06 -40.35 -110.34
CA VAL HB 79 -85.31 -40.67 -111.74
C VAL HB 79 -85.35 -42.18 -111.89
N GLN HB 80 -86.01 -42.63 -112.95
CA GLN HB 80 -86.21 -44.06 -113.17
C GLN HB 80 -86.17 -44.34 -114.67
N VAL HB 81 -85.45 -45.39 -115.04
CA VAL HB 81 -85.29 -45.77 -116.45
C VAL HB 81 -86.64 -46.21 -117.02
N VAL HB 82 -86.98 -45.67 -118.19
CA VAL HB 82 -88.22 -46.03 -118.87
C VAL HB 82 -88.12 -47.43 -119.44
N ASP HB 83 -89.15 -48.24 -119.20
CA ASP HB 83 -89.29 -49.55 -119.84
C ASP HB 83 -89.39 -49.35 -121.35
N PRO HB 84 -88.52 -49.97 -122.16
CA PRO HB 84 -88.55 -49.71 -123.61
C PRO HB 84 -89.80 -50.23 -124.30
N VAL HB 85 -90.53 -51.17 -123.71
CA VAL HB 85 -91.75 -51.69 -124.34
C VAL HB 85 -92.95 -50.87 -123.88
N THR HB 86 -93.21 -50.86 -122.57
CA THR HB 86 -94.42 -50.23 -122.05
C THR HB 86 -94.33 -48.72 -121.95
N GLY HB 87 -93.12 -48.16 -121.91
CA GLY HB 87 -92.95 -46.73 -121.78
C GLY HB 87 -93.04 -46.20 -120.36
N ARG HB 88 -93.20 -47.06 -119.37
CA ARG HB 88 -93.38 -46.65 -117.98
C ARG HB 88 -92.07 -46.78 -117.21
N PRO HB 89 -91.88 -46.02 -116.13
CA PRO HB 89 -90.70 -46.20 -115.29
C PRO HB 89 -90.64 -47.57 -114.66
N CYS HB 90 -89.44 -48.12 -114.56
CA CYS HB 90 -89.25 -49.49 -114.10
C CYS HB 90 -87.93 -49.59 -113.35
N LYS HB 91 -87.84 -50.61 -112.51
CA LYS HB 91 -86.57 -50.92 -111.86
C LYS HB 91 -85.65 -51.65 -112.84
N VAL HB 92 -84.39 -51.78 -112.45
CA VAL HB 92 -83.35 -52.35 -113.30
C VAL HB 92 -82.81 -53.60 -112.63
N GLY HB 93 -82.78 -54.71 -113.37
CA GLY HB 93 -82.21 -55.94 -112.91
C GLY HB 93 -80.93 -56.28 -113.67
N VAL HB 94 -80.25 -57.30 -113.19
CA VAL HB 94 -78.96 -57.73 -113.75
C VAL HB 94 -79.14 -59.13 -114.32
N LYS HB 95 -78.87 -59.26 -115.61
CA LYS HB 95 -78.95 -60.55 -116.29
C LYS HB 95 -77.60 -60.81 -116.95
N TYR HB 96 -77.12 -62.05 -116.84
CA TYR HB 96 -75.88 -62.44 -117.49
C TYR HB 96 -76.21 -63.11 -118.82
N LEU HB 97 -75.52 -62.69 -119.87
CA LEU HB 97 -75.84 -63.12 -121.22
C LEU HB 97 -75.23 -64.49 -121.49
N GLU HB 98 -75.27 -64.92 -122.75
CA GLU HB 98 -74.75 -66.23 -123.13
C GLU HB 98 -73.23 -66.25 -123.08
N ASP HB 99 -72.59 -65.13 -123.43
CA ASP HB 99 -71.15 -65.03 -123.27
C ASP HB 99 -70.74 -64.79 -121.81
N GLY HB 100 -71.58 -64.11 -121.04
CA GLY HB 100 -71.27 -63.82 -119.65
C GLY HB 100 -71.09 -62.35 -119.37
N THR HB 101 -71.82 -61.50 -120.12
CA THR HB 101 -71.70 -60.06 -120.02
C THR HB 101 -72.90 -59.49 -119.28
N LYS HB 102 -72.63 -58.61 -118.33
CA LYS HB 102 -73.69 -57.94 -117.57
C LYS HB 102 -74.51 -57.04 -118.48
N VAL HB 103 -75.84 -57.23 -118.46
CA VAL HB 103 -76.76 -56.34 -119.14
C VAL HB 103 -77.83 -55.92 -118.15
N ARG HB 104 -78.51 -54.82 -118.46
CA ARG HB 104 -79.61 -54.32 -117.65
C ARG HB 104 -80.93 -54.76 -118.26
N VAL HB 105 -81.82 -55.29 -117.42
CA VAL HB 105 -83.14 -55.71 -117.87
C VAL HB 105 -84.18 -55.02 -116.99
N ALA HB 106 -85.37 -54.82 -117.56
CA ALA HB 106 -86.47 -54.26 -116.80
C ALA HB 106 -86.92 -55.23 -115.73
N ARG HB 107 -87.23 -54.71 -114.55
CA ARG HB 107 -87.58 -55.52 -113.39
C ARG HB 107 -88.80 -54.94 -112.71
N GLY HB 108 -89.67 -55.82 -112.21
CA GLY HB 108 -90.83 -55.39 -111.47
C GLY HB 108 -92.11 -55.96 -112.04
N THR HB 109 -93.14 -56.06 -111.22
CA THR HB 109 -94.44 -56.51 -111.70
C THR HB 109 -95.04 -55.46 -112.62
N GLY HB 110 -95.46 -55.89 -113.81
CA GLY HB 110 -95.93 -54.98 -114.82
C GLY HB 110 -94.90 -54.56 -115.84
N THR HB 111 -93.75 -55.24 -115.92
CA THR HB 111 -92.69 -54.91 -116.85
C THR HB 111 -92.48 -56.05 -117.83
N SER HB 112 -91.94 -55.71 -119.00
CA SER HB 112 -91.71 -56.70 -120.04
C SER HB 112 -90.46 -57.54 -119.81
N GLY HB 113 -89.55 -57.09 -118.94
CA GLY HB 113 -88.30 -57.79 -118.77
C GLY HB 113 -87.35 -57.62 -119.93
N SER HB 114 -87.56 -56.62 -120.78
CA SER HB 114 -86.73 -56.43 -121.95
C SER HB 114 -85.39 -55.82 -121.56
N ILE HB 115 -84.39 -56.04 -122.42
CA ILE HB 115 -83.05 -55.53 -122.18
C ILE HB 115 -83.05 -54.01 -122.35
N ILE HB 116 -82.55 -53.31 -121.34
CA ILE HB 116 -82.40 -51.85 -121.40
C ILE HB 116 -81.03 -51.57 -122.00
N PRO HB 117 -80.95 -51.06 -123.23
CA PRO HB 117 -79.66 -51.00 -123.92
C PRO HB 117 -78.75 -49.93 -123.36
N ARG HB 118 -77.46 -50.22 -123.40
CA ARG HB 118 -76.46 -49.23 -123.03
C ARG HB 118 -76.47 -48.09 -124.05
N PRO HB 119 -76.50 -46.82 -123.59
CA PRO HB 119 -76.63 -45.70 -124.52
C PRO HB 119 -75.44 -45.58 -125.48
N GLU HB 120 -75.76 -45.23 -126.73
CA GLU HB 120 -74.75 -45.11 -127.76
C GLU HB 120 -73.88 -43.86 -127.60
N ILE HB 121 -74.34 -42.87 -126.85
CA ILE HB 121 -73.57 -41.65 -126.63
C ILE HB 121 -72.31 -41.90 -125.82
N LEU HB 122 -72.26 -43.00 -125.05
CA LEU HB 122 -71.14 -43.26 -124.15
C LEU HB 122 -69.86 -43.55 -124.92
N LYS HB 123 -69.95 -44.12 -126.11
CA LYS HB 123 -68.76 -44.45 -126.87
C LYS HB 123 -68.13 -43.25 -127.58
N ILE HB 124 -68.79 -42.10 -127.57
CA ILE HB 124 -68.28 -40.90 -128.23
C ILE HB 124 -67.39 -40.14 -127.25
N ARG HB 125 -66.27 -39.62 -127.73
CA ARG HB 125 -65.34 -38.89 -126.89
C ARG HB 125 -65.83 -37.51 -126.65
N THR HB 126 -65.73 -37.03 -125.42
CA THR HB 126 -66.11 -35.68 -125.13
C THR HB 126 -65.07 -34.72 -125.64
N THR HB 127 -63.79 -35.07 -125.50
CA THR HB 127 -62.75 -34.26 -126.07
C THR HB 127 -62.32 -34.94 -127.34
N PRO HB 128 -62.77 -34.47 -128.50
CA PRO HB 128 -62.40 -35.21 -129.71
C PRO HB 128 -60.91 -35.14 -129.99
N ARG HB 129 -60.44 -36.13 -130.76
CA ARG HB 129 -59.03 -36.18 -131.13
C ARG HB 129 -58.71 -35.03 -132.08
N PRO HB 130 -57.50 -34.47 -132.01
CA PRO HB 130 -57.16 -33.35 -132.89
C PRO HB 130 -57.02 -33.79 -134.34
N THR HB 131 -57.37 -32.88 -135.25
CA THR HB 131 -57.24 -33.17 -136.67
C THR HB 131 -55.77 -33.09 -137.12
N THR HB 132 -55.06 -32.07 -136.67
CA THR HB 132 -53.67 -31.83 -137.08
C THR HB 132 -52.74 -31.99 -135.89
N ALA HB 133 -51.66 -32.73 -136.09
CA ALA HB 133 -50.66 -32.90 -135.05
C ALA HB 133 -49.91 -31.60 -134.81
N GLY HB 134 -49.50 -31.38 -133.56
CA GLY HB 134 -48.74 -30.22 -133.19
C GLY HB 134 -47.30 -30.34 -133.59
N PRO HB 135 -46.56 -29.23 -133.44
CA PRO HB 135 -45.14 -29.22 -133.85
C PRO HB 135 -44.24 -30.10 -133.01
N LYS HB 136 -44.67 -30.54 -131.82
CA LYS HB 136 -43.89 -31.44 -130.99
C LYS HB 136 -44.49 -32.83 -130.88
N ASP HB 137 -45.44 -33.15 -131.77
CA ASP HB 137 -46.08 -34.46 -131.77
C ASP HB 137 -45.37 -35.38 -132.77
N THR HB 138 -44.93 -36.53 -132.30
CA THR HB 138 -44.29 -37.51 -133.17
C THR HB 138 -45.33 -38.19 -134.04
N PRO HB 139 -45.14 -38.26 -135.36
CA PRO HB 139 -46.05 -39.03 -136.21
C PRO HB 139 -45.98 -40.50 -135.86
N MET HB 140 -47.12 -41.18 -136.03
CA MET HB 140 -47.24 -42.57 -135.60
C MET HB 140 -46.34 -43.52 -136.40
N GLU HB 141 -45.97 -43.17 -137.62
CA GLU HB 141 -45.08 -44.04 -138.37
C GLU HB 141 -43.66 -44.01 -137.80
N PHE HB 142 -43.28 -42.90 -137.18
CA PHE HB 142 -41.99 -42.84 -136.51
C PHE HB 142 -42.02 -43.55 -135.16
N VAL HB 143 -43.18 -43.54 -134.50
CA VAL HB 143 -43.34 -44.23 -133.21
C VAL HB 143 -43.16 -45.73 -133.38
N TRP HB 144 -43.67 -46.29 -134.49
CA TRP HB 144 -43.67 -47.73 -134.67
C TRP HB 144 -42.36 -48.29 -135.22
N GLU HB 145 -41.38 -47.44 -135.52
CA GLU HB 145 -40.11 -47.91 -136.10
C GLU HB 145 -39.33 -48.69 -135.05
N GLN HB 146 -39.22 -50.01 -135.24
CA GLN HB 146 -38.58 -50.88 -134.27
C GLN HB 146 -37.07 -50.84 -134.49
N THR HB 147 -36.35 -50.26 -133.53
CA THR HB 147 -34.89 -50.23 -133.58
C THR HB 147 -34.24 -51.13 -132.54
N TYR HB 148 -35.03 -51.92 -131.80
CA TYR HB 148 -34.51 -52.82 -130.80
C TYR HB 148 -34.96 -54.24 -131.10
N ASP HB 149 -34.05 -55.20 -130.94
CA ASP HB 149 -34.36 -56.61 -131.10
C ASP HB 149 -33.48 -57.39 -130.13
N ALA HB 150 -34.12 -58.10 -129.20
CA ALA HB 150 -33.38 -58.83 -128.18
C ALA HB 150 -32.72 -60.09 -128.72
N LYS HB 151 -33.33 -60.74 -129.71
CA LYS HB 151 -32.80 -62.00 -130.23
C LYS HB 151 -31.48 -61.79 -130.96
N THR HB 152 -31.43 -60.84 -131.87
CA THR HB 152 -30.23 -60.57 -132.66
C THR HB 152 -29.32 -59.51 -132.03
N GLY HB 153 -29.70 -58.99 -130.87
CA GLY HB 153 -28.88 -57.99 -130.19
C GLY HB 153 -28.78 -56.68 -130.94
N LYS HB 154 -29.83 -56.26 -131.63
CA LYS HB 154 -29.84 -55.00 -132.33
C LYS HB 154 -30.33 -53.91 -131.37
N GLY HB 155 -29.54 -52.86 -131.21
CA GLY HB 155 -29.89 -51.80 -130.30
C GLY HB 155 -29.37 -51.95 -128.90
N MET HB 156 -28.25 -52.65 -128.71
CA MET HB 156 -27.66 -52.81 -127.40
C MET HB 156 -26.97 -51.52 -126.96
N PRO HB 157 -26.78 -51.32 -125.64
CA PRO HB 157 -26.03 -50.14 -125.19
C PRO HB 157 -24.54 -50.22 -125.50
N ASP HB 158 -23.78 -49.24 -125.00
CA ASP HB 158 -22.36 -49.10 -125.33
C ASP HB 158 -21.45 -49.78 -124.33
N LEU HB 159 -21.88 -50.90 -123.78
CA LEU HB 159 -20.99 -51.76 -123.00
C LEU HB 159 -20.02 -52.50 -123.92
N HIS IB 30 67.43 29.25 -142.54
CA HIS IB 30 66.38 29.98 -143.23
C HIS IB 30 66.41 31.45 -142.83
N GLN IB 31 66.04 32.32 -143.78
CA GLN IB 31 66.23 33.76 -143.60
C GLN IB 31 65.12 34.39 -142.78
N TYR IB 32 63.88 34.32 -143.27
CA TYR IB 32 62.75 35.02 -142.68
C TYR IB 32 61.79 34.02 -142.05
N GLU IB 33 60.83 34.57 -141.30
CA GLU IB 33 59.78 33.78 -140.67
C GLU IB 33 58.46 34.04 -141.39
N THR IB 34 57.57 33.06 -141.35
CA THR IB 34 56.26 33.17 -141.98
C THR IB 34 55.18 33.27 -140.91
N ILE IB 35 54.36 34.31 -141.01
CA ILE IB 35 53.25 34.53 -140.10
C ILE IB 35 51.97 34.05 -140.76
N GLN IB 36 51.22 33.19 -140.07
CA GLN IB 36 49.96 32.66 -140.58
C GLN IB 36 48.81 33.48 -140.02
N ALA IB 37 48.01 34.06 -140.90
CA ALA IB 37 46.90 34.91 -140.52
C ALA IB 37 45.60 34.37 -141.08
N ILE IB 38 44.50 34.87 -140.53
CA ILE IB 38 43.15 34.41 -140.83
C ILE IB 38 42.24 35.62 -140.85
N PRO IB 39 41.28 35.73 -141.78
CA PRO IB 39 40.42 36.91 -141.85
C PRO IB 39 39.58 37.09 -140.61
N ARG IB 40 39.34 38.35 -140.26
CA ARG IB 40 38.55 38.74 -139.10
C ARG IB 40 37.31 39.48 -139.58
N GLU IB 41 36.15 39.08 -139.06
CA GLU IB 41 34.88 39.67 -139.48
C GLU IB 41 34.20 40.49 -138.40
N ALA IB 42 34.51 40.24 -137.13
CA ALA IB 42 33.96 41.00 -136.02
C ALA IB 42 35.09 41.77 -135.34
N THR IB 43 34.82 43.03 -135.00
CA THR IB 43 35.79 43.90 -134.36
C THR IB 43 35.15 44.58 -133.16
N GLY IB 44 35.95 44.80 -132.13
CA GLY IB 44 35.47 45.46 -130.94
C GLY IB 44 36.29 45.04 -129.76
N ARG IB 45 35.91 45.50 -128.58
CA ARG IB 45 36.62 45.13 -127.38
C ARG IB 45 36.06 43.87 -126.83
N ARG IB 46 34.75 43.73 -126.86
CA ARG IB 46 34.10 42.55 -126.36
C ARG IB 46 34.47 41.37 -127.25
N VAL IB 47 34.45 41.57 -128.56
CA VAL IB 47 34.85 40.54 -129.48
C VAL IB 47 36.31 40.19 -129.34
N SER IB 48 37.16 41.18 -129.06
CA SER IB 48 38.60 40.95 -128.96
C SER IB 48 38.94 40.21 -127.71
N ALA IB 49 38.20 40.45 -126.65
CA ALA IB 49 38.41 39.70 -125.44
C ALA IB 49 38.23 38.22 -125.70
N ARG IB 50 37.13 37.85 -126.36
CA ARG IB 50 36.79 36.47 -126.68
C ARG IB 50 37.85 35.83 -127.56
N ASP IB 51 38.41 36.58 -128.51
CA ASP IB 51 39.47 36.05 -129.37
C ASP IB 51 40.73 35.72 -128.59
N ARG IB 52 41.11 36.57 -127.64
CA ARG IB 52 42.28 36.28 -126.82
C ARG IB 52 42.01 35.14 -125.84
N THR IB 53 40.76 34.96 -125.41
CA THR IB 53 40.40 33.76 -124.66
C THR IB 53 40.54 32.52 -125.52
N ILE IB 54 40.13 32.61 -126.79
CA ILE IB 54 40.28 31.51 -127.75
C ILE IB 54 41.76 31.20 -127.98
N GLY IB 55 42.58 32.23 -128.14
CA GLY IB 55 43.99 32.06 -128.41
C GLY IB 55 44.41 32.69 -129.72
N ARG IB 56 43.62 33.66 -130.18
CA ARG IB 56 43.88 34.34 -131.45
C ARG IB 56 44.10 35.81 -131.19
N ILE IB 57 45.23 36.33 -131.68
CA ILE IB 57 45.59 37.74 -131.50
C ILE IB 57 45.03 38.53 -132.69
N PRO IB 58 44.23 39.55 -132.47
CA PRO IB 58 43.72 40.36 -133.59
C PRO IB 58 44.84 41.14 -134.27
N ALA IB 59 44.67 41.36 -135.57
CA ALA IB 59 45.70 41.99 -136.39
C ALA IB 59 45.05 42.75 -137.54
N VAL IB 60 45.86 43.52 -138.26
CA VAL IB 60 45.40 44.32 -139.39
C VAL IB 60 46.59 44.58 -140.30
N VAL IB 61 46.34 44.66 -141.60
CA VAL IB 61 47.37 44.91 -142.60
C VAL IB 61 46.82 45.89 -143.64
N PHE IB 62 47.72 46.72 -144.17
CA PHE IB 62 47.38 47.77 -145.12
C PHE IB 62 48.67 48.26 -145.77
N THR IB 63 48.60 48.89 -146.94
CA THR IB 63 49.77 49.57 -147.48
C THR IB 63 49.95 50.95 -146.86
N GLN IB 64 51.08 51.57 -147.18
CA GLN IB 64 51.43 52.85 -146.57
C GLN IB 64 50.61 54.03 -147.08
N SER IB 65 49.86 53.84 -148.17
CA SER IB 65 49.03 54.93 -148.71
C SER IB 65 47.85 55.23 -147.81
N LEU IB 66 47.40 54.28 -147.00
CA LEU IB 66 46.27 54.51 -146.10
C LEU IB 66 46.62 55.49 -144.99
N LEU IB 67 47.89 55.54 -144.59
CA LEU IB 67 48.32 56.39 -143.49
C LEU IB 67 48.58 57.83 -143.91
N GLU IB 68 48.43 58.16 -145.18
CA GLU IB 68 48.62 59.53 -145.64
C GLU IB 68 47.45 60.40 -145.19
N THR IB 69 47.77 61.64 -144.78
CA THR IB 69 46.74 62.56 -144.33
C THR IB 69 45.85 63.01 -145.48
N ASP IB 70 46.44 63.29 -146.64
CA ASP IB 70 45.66 63.72 -147.80
C ASP IB 70 44.86 62.56 -148.36
N ALA IB 71 43.60 62.84 -148.71
CA ALA IB 71 42.71 61.79 -149.23
C ALA IB 71 43.09 61.41 -150.65
N SER IB 72 43.59 62.37 -151.44
CA SER IB 72 43.96 62.09 -152.82
C SER IB 72 45.19 61.20 -152.88
N LYS IB 73 46.15 61.38 -151.98
CA LYS IB 73 47.30 60.49 -151.90
C LYS IB 73 46.95 59.13 -151.33
N ARG IB 74 45.81 59.03 -150.64
CA ARG IB 74 45.34 57.76 -150.08
C ARG IB 74 44.76 56.94 -151.22
N GLY IB 75 45.60 56.13 -151.86
CA GLY IB 75 45.20 55.36 -153.01
C GLY IB 75 44.42 54.10 -152.68
N VAL IB 76 44.58 53.07 -153.51
CA VAL IB 76 43.87 51.81 -153.31
C VAL IB 76 44.52 51.06 -152.16
N SER IB 77 43.86 51.05 -151.00
CA SER IB 77 44.38 50.41 -149.80
C SER IB 77 43.80 49.01 -149.70
N ARG IB 78 44.68 48.01 -149.51
CA ARG IB 78 44.28 46.63 -149.31
C ARG IB 78 44.14 46.34 -147.82
N LYS IB 79 43.23 47.07 -147.18
CA LYS IB 79 43.03 46.95 -145.74
C LYS IB 79 42.26 45.66 -145.44
N GLN IB 80 42.92 44.72 -144.78
CA GLN IB 80 42.35 43.42 -144.46
C GLN IB 80 42.44 43.18 -142.96
N LEU IB 81 41.29 43.08 -142.31
CA LEU IB 81 41.26 42.70 -140.90
C LEU IB 81 41.69 41.25 -140.76
N LEU IB 82 42.52 40.99 -139.74
CA LEU IB 82 43.16 39.69 -139.61
C LEU IB 82 43.10 39.22 -138.16
N THR IB 83 43.53 37.99 -137.95
CA THR IB 83 43.80 37.47 -136.62
C THR IB 83 45.01 36.54 -136.72
N ALA IB 84 45.74 36.41 -135.62
CA ALA IB 84 46.98 35.66 -135.61
C ALA IB 84 47.01 34.70 -134.44
N ASP IB 85 47.67 33.57 -134.63
CA ASP IB 85 47.75 32.55 -133.59
C ASP IB 85 48.71 32.98 -132.49
N ARG IB 86 48.33 32.68 -131.25
CA ARG IB 86 49.13 33.11 -130.09
C ARG IB 86 50.45 32.34 -130.01
N LYS IB 87 50.42 31.05 -130.32
CA LYS IB 87 51.61 30.20 -130.20
C LYS IB 87 52.69 30.61 -131.19
N GLN IB 88 52.30 30.87 -132.45
CA GLN IB 88 53.28 31.23 -133.46
C GLN IB 88 53.87 32.62 -133.20
N ILE IB 89 53.04 33.56 -132.74
CA ILE IB 89 53.51 34.90 -132.43
C ILE IB 89 54.46 34.86 -131.22
N LYS IB 90 54.13 34.04 -130.21
CA LYS IB 90 55.01 33.87 -129.07
C LYS IB 90 56.36 33.26 -129.47
N SER IB 91 56.33 32.25 -130.34
CA SER IB 91 57.56 31.63 -130.82
C SER IB 91 58.39 32.61 -131.65
N ILE IB 92 57.74 33.42 -132.47
CA ILE IB 92 58.45 34.40 -133.29
C ILE IB 92 59.09 35.48 -132.41
N VAL IB 93 58.36 35.93 -131.38
CA VAL IB 93 58.91 36.90 -130.43
C VAL IB 93 60.10 36.32 -129.69
N ASP IB 94 60.01 35.06 -129.25
CA ASP IB 94 61.13 34.42 -128.58
C ASP IB 94 62.30 34.18 -129.53
N SER IB 95 62.05 34.03 -130.82
CA SER IB 95 63.13 33.77 -131.76
C SER IB 95 63.87 35.04 -132.17
N VAL IB 96 63.13 36.08 -132.59
CA VAL IB 96 63.77 37.28 -133.11
C VAL IB 96 63.96 38.37 -132.06
N GLY IB 97 63.37 38.23 -130.88
CA GLY IB 97 63.56 39.24 -129.85
C GLY IB 97 62.47 40.29 -129.88
N LEU IB 98 62.14 40.80 -128.67
CA LEU IB 98 61.10 41.81 -128.55
C LEU IB 98 61.45 43.15 -129.21
N PRO IB 99 62.60 43.79 -128.94
CA PRO IB 99 62.84 45.10 -129.57
C PRO IB 99 63.25 45.03 -131.03
N PHE IB 100 63.54 43.83 -131.55
CA PHE IB 100 63.91 43.66 -132.94
C PHE IB 100 62.73 43.25 -133.81
N PHE IB 101 61.52 43.20 -133.24
CA PHE IB 101 60.36 42.71 -133.98
C PHE IB 101 59.87 43.72 -135.00
N CYS IB 102 59.92 45.01 -134.66
CA CYS IB 102 59.36 46.04 -135.52
C CYS IB 102 60.30 46.48 -136.63
N SER IB 103 61.54 45.96 -136.68
CA SER IB 103 62.47 46.31 -137.74
C SER IB 103 62.61 45.21 -138.78
N THR IB 104 62.35 43.96 -138.43
CA THR IB 104 62.48 42.85 -139.36
C THR IB 104 61.21 42.71 -140.20
N THR IB 105 61.31 41.93 -141.26
CA THR IB 105 60.19 41.67 -142.16
C THR IB 105 59.83 40.18 -142.13
N PHE IB 106 58.54 39.92 -142.33
CA PHE IB 106 58.01 38.56 -142.36
C PHE IB 106 57.21 38.34 -143.63
N LYS IB 107 57.07 37.09 -144.03
CA LYS IB 107 56.14 36.70 -145.07
C LYS IB 107 54.79 36.44 -144.42
N LEU IB 108 53.76 37.17 -144.85
CA LEU IB 108 52.42 37.03 -144.30
C LEU IB 108 51.58 36.20 -145.25
N GLN IB 109 51.08 35.06 -144.77
CA GLN IB 109 50.21 34.19 -145.54
C GLN IB 109 48.85 34.19 -144.87
N VAL IB 110 47.81 34.53 -145.62
CA VAL IB 110 46.44 34.57 -145.11
C VAL IB 110 45.65 33.47 -145.80
N ARG IB 111 45.19 32.50 -145.01
CA ARG IB 111 44.40 31.39 -145.50
C ARG IB 111 42.97 31.51 -145.00
N ALA IB 112 42.08 30.71 -145.59
CA ALA IB 112 40.66 30.81 -145.28
C ALA IB 112 40.34 30.40 -143.84
N GLY IB 113 41.10 29.46 -143.29
CA GLY IB 113 40.92 29.05 -141.92
C GLY IB 113 42.18 28.49 -141.32
N GLN IB 114 42.08 27.87 -140.15
CA GLN IB 114 43.24 27.31 -139.47
C GLN IB 114 43.77 26.12 -140.27
N GLY IB 115 44.95 26.30 -140.88
CA GLY IB 115 45.55 25.25 -141.68
C GLY IB 115 44.94 25.01 -143.02
N SER IB 116 44.08 25.92 -143.50
CA SER IB 116 43.40 25.72 -144.77
C SER IB 116 44.37 25.80 -145.94
N SER IB 117 44.14 24.96 -146.94
CA SER IB 117 45.03 24.89 -148.10
C SER IB 117 44.73 25.94 -149.15
N SER IB 118 43.71 26.77 -148.94
CA SER IB 118 43.39 27.86 -149.86
C SER IB 118 43.93 29.16 -149.30
N LEU IB 119 44.83 29.80 -150.05
CA LEU IB 119 45.42 31.07 -149.64
C LEU IB 119 44.62 32.23 -150.21
N VAL IB 120 44.35 33.22 -149.37
CA VAL IB 120 43.62 34.40 -149.82
C VAL IB 120 44.57 35.38 -150.50
N GLU IB 121 45.61 35.80 -149.79
CA GLU IB 121 46.76 36.45 -150.42
C GLU IB 121 48.00 36.18 -149.59
N SER IB 122 49.16 36.32 -150.23
CA SER IB 122 50.44 36.15 -149.56
C SER IB 122 51.37 37.27 -149.98
N GLY IB 123 52.34 37.57 -149.12
CA GLY IB 123 53.28 38.63 -149.40
C GLY IB 123 54.13 38.92 -148.18
N ARG IB 124 54.99 39.93 -148.34
CA ARG IB 124 55.93 40.33 -147.29
C ARG IB 124 55.39 41.56 -146.57
N VAL IB 125 55.50 41.55 -145.23
CA VAL IB 125 55.00 42.64 -144.41
C VAL IB 125 56.11 43.11 -143.48
N LEU IB 126 55.93 44.34 -142.99
CA LEU IB 126 56.82 44.92 -141.98
C LEU IB 126 55.98 45.32 -140.77
N PRO IB 127 56.10 44.63 -139.65
CA PRO IB 127 55.37 45.06 -138.45
C PRO IB 127 55.95 46.34 -137.88
N LEU IB 128 55.09 47.15 -137.30
CA LEU IB 128 55.55 48.36 -136.63
C LEU IB 128 54.86 48.65 -135.30
N LYS IB 129 53.91 47.82 -134.86
CA LYS IB 129 53.33 47.98 -133.53
C LYS IB 129 52.89 46.61 -133.04
N ILE IB 130 53.55 46.12 -131.99
CA ILE IB 130 53.07 44.97 -131.23
C ILE IB 130 52.61 45.50 -129.87
N HIS IB 131 51.41 45.08 -129.46
CA HIS IB 131 50.78 45.62 -128.25
C HIS IB 131 50.80 44.55 -127.17
N ARG IB 132 51.49 44.85 -126.07
CA ARG IB 132 51.51 43.99 -124.90
C ARG IB 132 51.10 44.80 -123.68
N ASP IB 133 50.31 44.20 -122.79
CA ASP IB 133 49.98 44.86 -121.54
C ASP IB 133 51.18 44.87 -120.60
N GLU IB 134 51.20 45.86 -119.71
CA GLU IB 134 52.36 46.04 -118.83
C GLU IB 134 52.39 45.02 -117.70
N GLU IB 135 51.26 44.38 -117.41
CA GLU IB 135 51.18 43.49 -116.26
C GLU IB 135 51.80 42.12 -116.56
N SER IB 136 51.24 41.40 -117.53
CA SER IB 136 51.69 40.05 -117.84
C SER IB 136 52.36 39.91 -119.20
N GLY IB 137 52.31 40.94 -120.04
CA GLY IB 137 53.01 40.89 -121.31
C GLY IB 137 52.35 40.08 -122.40
N LYS IB 138 51.08 39.73 -122.26
CA LYS IB 138 50.40 39.02 -123.32
C LYS IB 138 50.09 39.96 -124.47
N ILE IB 139 50.10 39.40 -125.69
CA ILE IB 139 49.95 40.21 -126.89
C ILE IB 139 48.49 40.63 -127.05
N LEU IB 140 48.28 41.92 -127.30
CA LEU IB 140 46.95 42.46 -127.49
C LEU IB 140 46.61 42.81 -128.93
N ASN IB 141 47.59 43.27 -129.70
CA ASN IB 141 47.34 43.67 -131.07
C ASN IB 141 48.62 43.57 -131.88
N LEU IB 142 48.47 43.37 -133.19
CA LEU IB 142 49.57 43.41 -134.14
C LEU IB 142 49.17 44.28 -135.32
N VAL IB 143 50.09 45.13 -135.76
CA VAL IB 143 49.88 46.01 -136.90
C VAL IB 143 50.94 45.71 -137.93
N PHE IB 144 50.53 45.51 -139.18
CA PHE IB 144 51.43 45.17 -140.27
C PHE IB 144 51.23 46.13 -141.43
N VAL IB 145 52.29 46.34 -142.20
CA VAL IB 145 52.27 47.17 -143.39
C VAL IB 145 52.79 46.34 -144.55
N TRP IB 146 52.05 46.32 -145.66
CA TRP IB 146 52.43 45.55 -146.84
C TRP IB 146 53.74 46.07 -147.41
N ALA IB 147 54.73 45.19 -147.49
CA ALA IB 147 56.06 45.53 -147.98
C ALA IB 147 56.37 44.69 -149.21
N ASN IB 148 55.93 45.17 -150.36
CA ASN IB 148 56.21 44.50 -151.62
C ASN IB 148 57.47 45.09 -152.25
N ASP IB 149 57.86 44.56 -153.40
CA ASP IB 149 59.07 45.02 -154.07
C ASP IB 149 58.87 46.42 -154.63
N GLY IB 150 59.86 47.29 -154.42
CA GLY IB 150 59.77 48.67 -154.82
C GLY IB 150 59.08 49.59 -153.83
N GLU IB 151 58.59 49.06 -152.72
CA GLU IB 151 57.93 49.89 -151.71
C GLU IB 151 58.98 50.60 -150.85
N LEU IB 152 58.76 51.89 -150.62
CA LEU IB 152 59.64 52.69 -149.80
C LEU IB 152 59.06 52.83 -148.40
N LEU IB 153 59.77 52.33 -147.40
CA LEU IB 153 59.31 52.33 -146.02
C LEU IB 153 60.31 53.05 -145.14
N LYS IB 154 59.79 53.86 -144.22
CA LYS IB 154 60.61 54.50 -143.19
C LYS IB 154 60.54 53.64 -141.93
N VAL IB 155 61.69 53.42 -141.29
CA VAL IB 155 61.78 52.58 -140.12
C VAL IB 155 62.95 53.04 -139.26
N ASP IB 156 62.75 53.04 -137.94
CA ASP IB 156 63.79 53.35 -136.98
C ASP IB 156 64.52 52.08 -136.53
N VAL IB 157 65.55 51.72 -137.30
CA VAL IB 157 66.32 50.50 -137.05
C VAL IB 157 67.20 50.69 -135.81
N PRO IB 158 67.06 49.83 -134.80
CA PRO IB 158 67.92 49.92 -133.62
C PRO IB 158 69.36 49.53 -133.94
N LEU IB 159 70.28 50.07 -133.15
CA LEU IB 159 71.70 49.83 -133.34
C LEU IB 159 72.18 48.84 -132.29
N VAL IB 160 73.26 48.13 -132.63
CA VAL IB 160 73.85 47.12 -131.76
C VAL IB 160 75.35 47.39 -131.67
N PHE IB 161 75.86 47.53 -130.45
CA PHE IB 161 77.28 47.71 -130.22
C PHE IB 161 77.95 46.34 -130.13
N LYS IB 162 78.95 46.12 -130.98
CA LYS IB 162 79.66 44.85 -131.03
C LYS IB 162 81.14 45.09 -130.72
N GLY IB 163 81.67 44.32 -129.78
CA GLY IB 163 83.05 44.47 -129.35
C GLY IB 163 83.24 45.18 -128.03
N LEU IB 164 82.35 44.95 -127.05
CA LEU IB 164 82.49 45.62 -125.76
C LEU IB 164 83.66 45.07 -124.96
N ASP IB 165 83.86 43.76 -124.98
CA ASP IB 165 84.93 43.16 -124.20
C ASP IB 165 86.30 43.43 -124.79
N ASP IB 166 86.38 43.65 -126.10
CA ASP IB 166 87.63 43.86 -126.80
C ASP IB 166 87.96 45.33 -127.04
N CYS IB 167 87.17 46.23 -126.46
CA CYS IB 167 87.42 47.66 -126.64
C CYS IB 167 88.55 48.10 -125.72
N PRO IB 168 89.63 48.68 -126.25
CA PRO IB 168 90.73 49.16 -125.38
C PRO IB 168 90.34 50.35 -124.51
N GLY IB 169 89.38 51.17 -124.95
CA GLY IB 169 88.93 52.27 -124.12
C GLY IB 169 88.19 51.81 -122.88
N LEU IB 170 87.39 50.75 -123.02
CA LEU IB 170 86.65 50.22 -121.88
C LEU IB 170 87.54 49.45 -120.91
N LYS IB 171 88.60 48.81 -121.41
CA LYS IB 171 89.48 48.04 -120.53
C LYS IB 171 90.36 48.93 -119.68
N LYS IB 172 90.70 50.12 -120.18
CA LYS IB 172 91.58 51.03 -119.43
C LYS IB 172 90.85 51.78 -118.33
N GLY IB 173 89.52 51.74 -118.30
CA GLY IB 173 88.78 52.42 -117.25
C GLY IB 173 87.65 53.28 -117.77
N GLY IB 174 87.62 53.51 -119.07
CA GLY IB 174 86.59 54.34 -119.66
C GLY IB 174 85.24 53.66 -119.71
N ASN IB 175 84.21 54.46 -119.93
CA ASN IB 175 82.83 53.99 -120.02
C ASN IB 175 82.24 54.37 -121.37
N LEU IB 176 81.38 53.50 -121.89
CA LEU IB 176 80.74 53.71 -123.18
C LEU IB 176 79.32 54.23 -122.94
N ARG IB 177 79.04 55.41 -123.49
CA ARG IB 177 77.75 56.07 -123.28
C ARG IB 177 76.85 55.81 -124.48
N SER IB 178 75.62 55.35 -124.20
CA SER IB 178 74.63 55.12 -125.24
C SER IB 178 74.01 56.45 -125.63
N MET IB 179 74.34 56.94 -126.82
CA MET IB 179 73.89 58.25 -127.27
C MET IB 179 72.58 58.10 -128.04
N ARG IB 180 72.57 57.24 -129.05
CA ARG IB 180 71.41 57.03 -129.90
C ARG IB 180 71.06 55.55 -129.93
N SER IB 181 69.76 55.26 -129.99
CA SER IB 181 69.28 53.88 -130.04
C SER IB 181 68.80 53.47 -131.42
N THR IB 182 67.87 54.22 -132.01
CA THR IB 182 67.29 53.89 -133.30
C THR IB 182 67.57 55.00 -134.30
N LEU IB 183 67.89 54.61 -135.53
CA LEU IB 183 68.16 55.55 -136.62
C LEU IB 183 67.13 55.36 -137.72
N LYS IB 184 66.55 56.48 -138.17
CA LYS IB 184 65.52 56.43 -139.20
C LYS IB 184 66.16 56.15 -140.56
N LEU IB 185 65.65 55.13 -141.24
CA LEU IB 185 66.17 54.72 -142.55
C LEU IB 185 65.02 54.63 -143.54
N LEU IB 186 65.25 55.10 -144.76
CA LEU IB 186 64.25 55.06 -145.83
C LEU IB 186 64.87 54.39 -147.05
N GLY IB 187 64.12 53.47 -147.67
CA GLY IB 187 64.58 52.80 -148.86
C GLY IB 187 63.68 51.64 -149.25
N PRO IB 188 64.15 50.81 -150.17
CA PRO IB 188 63.36 49.63 -150.58
C PRO IB 188 63.23 48.62 -149.45
N ALA IB 189 62.10 47.90 -149.45
CA ALA IB 189 61.77 46.99 -148.36
C ALA IB 189 62.66 45.76 -148.34
N GLU IB 190 63.20 45.34 -149.49
CA GLU IB 190 63.98 44.11 -149.53
C GLU IB 190 65.39 44.31 -148.96
N HIS IB 191 65.84 45.56 -148.84
CA HIS IB 191 67.18 45.85 -148.32
C HIS IB 191 67.16 46.46 -146.92
N ILE IB 192 66.00 46.48 -146.26
CA ILE IB 192 65.96 47.01 -144.89
C ILE IB 192 66.55 45.97 -143.94
N PRO IB 193 67.55 46.33 -143.13
CA PRO IB 193 68.15 45.37 -142.21
C PRO IB 193 67.36 45.24 -140.91
N SER IB 194 67.52 44.08 -140.27
CA SER IB 194 66.86 43.84 -138.98
C SER IB 194 67.54 44.61 -137.86
N LYS IB 195 68.87 44.76 -137.93
CA LYS IB 195 69.61 45.47 -136.90
C LYS IB 195 70.83 46.14 -137.53
N ILE IB 196 71.34 47.14 -136.84
CA ILE IB 196 72.51 47.90 -137.27
C ILE IB 196 73.66 47.55 -136.33
N GLU IB 197 74.78 47.12 -136.90
CA GLU IB 197 75.94 46.72 -136.12
C GLU IB 197 77.05 47.75 -136.30
N VAL IB 198 77.79 48.01 -135.23
CA VAL IB 198 78.94 48.92 -135.25
C VAL IB 198 80.12 48.20 -134.61
N ASP IB 199 81.31 48.72 -134.90
CA ASP IB 199 82.56 48.17 -134.38
C ASP IB 199 83.17 49.19 -133.41
N VAL IB 200 83.41 48.76 -132.18
CA VAL IB 200 84.02 49.59 -131.15
C VAL IB 200 85.31 49.00 -130.62
N SER IB 201 85.88 48.02 -131.32
CA SER IB 201 87.09 47.35 -130.87
C SER IB 201 88.36 48.11 -131.23
N LYS IB 202 88.25 49.18 -132.01
CA LYS IB 202 89.40 49.98 -132.41
C LYS IB 202 89.34 51.40 -131.85
N LEU IB 203 88.60 51.61 -130.77
CA LEU IB 203 88.37 52.93 -130.20
C LEU IB 203 89.02 53.03 -128.82
N ASP IB 204 89.81 54.08 -128.61
CA ASP IB 204 90.45 54.33 -127.33
C ASP IB 204 89.52 55.21 -126.49
N ILE IB 205 90.05 55.75 -125.38
CA ILE IB 205 89.26 56.63 -124.53
C ILE IB 205 89.05 57.97 -125.25
N ALA IB 206 87.85 58.54 -125.09
CA ALA IB 206 87.40 59.75 -125.77
C ALA IB 206 87.48 59.61 -127.29
N ASP IB 207 87.08 58.43 -127.80
CA ASP IB 207 86.95 58.18 -129.22
C ASP IB 207 85.49 57.87 -129.55
N LYS IB 208 85.08 58.26 -130.76
CA LYS IB 208 83.68 58.15 -131.15
C LYS IB 208 83.58 57.69 -132.60
N VAL IB 209 82.43 57.11 -132.93
CA VAL IB 209 82.08 56.77 -134.30
C VAL IB 209 80.85 57.59 -134.66
N LEU IB 210 80.97 58.39 -135.72
CA LEU IB 210 79.92 59.32 -136.10
C LEU IB 210 78.81 58.59 -136.86
N MET IB 211 77.77 59.34 -137.22
CA MET IB 211 76.64 58.76 -137.94
C MET IB 211 77.00 58.43 -139.39
N GLN IB 212 77.93 59.18 -139.98
CA GLN IB 212 78.35 58.92 -141.35
C GLN IB 212 79.31 57.74 -141.45
N GLU IB 213 79.86 57.27 -140.34
CA GLU IB 213 80.75 56.11 -140.32
C GLU IB 213 80.02 54.81 -140.07
N VAL IB 214 78.70 54.85 -139.91
CA VAL IB 214 77.91 53.65 -139.68
C VAL IB 214 77.74 52.93 -141.02
N GLU IB 215 78.15 51.67 -141.08
CA GLU IB 215 78.09 50.90 -142.31
C GLU IB 215 76.68 50.37 -142.49
N PHE IB 216 76.08 50.64 -143.65
CA PHE IB 216 74.74 50.17 -143.98
C PHE IB 216 74.61 50.12 -145.49
N HIS IB 217 73.44 49.70 -145.95
CA HIS IB 217 73.24 49.44 -147.38
C HIS IB 217 73.22 50.75 -148.17
N PRO IB 218 73.87 50.79 -149.34
CA PRO IB 218 73.88 52.03 -150.13
C PRO IB 218 72.55 52.37 -150.78
N SER IB 219 71.62 51.42 -150.86
CA SER IB 219 70.31 51.69 -151.45
C SER IB 219 69.38 52.45 -150.52
N LEU IB 220 69.78 52.64 -149.26
CA LEU IB 220 68.96 53.29 -148.25
C LEU IB 220 69.49 54.70 -148.00
N LYS IB 221 68.58 55.65 -147.79
CA LYS IB 221 68.95 57.01 -147.44
C LYS IB 221 68.16 57.45 -146.21
N LEU IB 222 68.76 58.37 -145.46
CA LEU IB 222 68.46 58.49 -144.03
C LEU IB 222 67.12 59.19 -143.75
N LEU IB 223 67.02 60.46 -144.17
CA LEU IB 223 66.01 61.41 -143.66
C LEU IB 223 66.05 61.47 -142.13
N SER IB 224 67.26 61.51 -141.58
CA SER IB 224 67.48 61.69 -140.16
C SER IB 224 68.41 62.89 -139.96
N LYS IB 225 68.04 63.77 -139.04
CA LYS IB 225 68.82 64.97 -138.77
C LYS IB 225 70.07 64.57 -137.98
N ASN IB 226 71.18 64.40 -138.71
CA ASN IB 226 72.38 63.82 -138.12
C ASN IB 226 73.20 64.84 -137.33
N ASP IB 227 73.70 65.87 -138.03
CA ASP IB 227 74.73 66.82 -137.61
C ASP IB 227 75.81 66.21 -136.73
N THR IB 228 76.32 66.95 -135.75
CA THR IB 228 77.47 66.52 -134.95
C THR IB 228 77.00 65.73 -133.73
N LEU IB 229 76.57 64.49 -133.99
CA LEU IB 229 76.26 63.55 -132.93
C LEU IB 229 76.77 62.17 -133.33
N PRO IB 230 77.49 61.50 -132.44
CA PRO IB 230 77.93 60.13 -132.72
C PRO IB 230 76.95 59.09 -132.17
N VAL IB 231 77.13 57.85 -132.63
CA VAL IB 231 76.33 56.74 -132.09
C VAL IB 231 76.89 56.19 -130.80
N CYS IB 232 78.16 56.45 -130.50
CA CYS IB 232 78.79 55.97 -129.29
C CYS IB 232 79.99 56.85 -128.98
N LYS IB 233 80.31 56.97 -127.70
CA LYS IB 233 81.42 57.81 -127.26
C LYS IB 233 81.97 57.26 -125.95
N ILE IB 234 83.29 57.19 -125.87
CA ILE IB 234 83.95 56.70 -124.65
C ILE IB 234 84.53 57.88 -123.87
N GLN JB 36 -109.10 -0.35 54.50
CA GLN JB 36 -107.96 0.54 54.26
C GLN JB 36 -107.40 0.26 52.87
N LEU JB 37 -108.02 0.89 51.87
CA LEU JB 37 -107.61 0.79 50.48
C LEU JB 37 -107.59 2.16 49.82
N GLU JB 38 -106.97 3.13 50.50
CA GLU JB 38 -106.89 4.50 50.02
C GLU JB 38 -105.44 4.96 50.06
N TYR JB 39 -105.10 5.87 49.16
CA TYR JB 39 -103.77 6.49 49.15
C TYR JB 39 -103.52 7.19 50.48
N LEU JB 40 -102.35 6.93 51.06
CA LEU JB 40 -102.00 7.50 52.35
C LEU JB 40 -101.73 8.99 52.21
N PRO JB 41 -101.89 9.76 53.30
CA PRO JB 41 -101.50 11.17 53.27
C PRO JB 41 -100.01 11.34 53.07
N GLY JB 42 -99.65 12.38 52.32
CA GLY JB 42 -98.27 12.65 52.00
C GLY JB 42 -97.71 11.87 50.84
N PHE JB 43 -98.52 11.04 50.18
CA PHE JB 43 -98.11 10.24 49.03
C PHE JB 43 -98.74 10.78 47.75
N PRO JB 44 -98.03 10.65 46.63
CA PRO JB 44 -98.59 11.12 45.34
C PRO JB 44 -99.84 10.35 44.94
N ARG JB 45 -100.80 11.07 44.38
CA ARG JB 45 -102.04 10.55 43.83
C ARG JB 45 -102.07 10.85 42.34
N PRO JB 46 -102.84 10.08 41.56
CA PRO JB 46 -103.00 10.41 40.14
C PRO JB 46 -103.63 11.78 39.94
N ASP JB 47 -103.05 12.53 39.00
CA ASP JB 47 -103.45 13.91 38.78
C ASP JB 47 -104.81 13.99 38.11
N ALA JB 48 -105.57 15.04 38.45
CA ALA JB 48 -106.89 15.26 37.88
C ALA JB 48 -106.84 15.76 36.44
N LYS JB 49 -105.74 16.41 36.05
CA LYS JB 49 -105.62 16.96 34.70
C LYS JB 49 -105.60 15.86 33.63
N HIS JB 50 -104.94 14.74 33.92
CA HIS JB 50 -104.82 13.64 32.96
C HIS JB 50 -105.87 12.56 33.16
N ALA JB 51 -106.98 12.88 33.83
CA ALA JB 51 -108.02 11.89 34.10
C ALA JB 51 -109.11 11.94 33.03
N GLU JB 52 -108.69 11.66 31.80
CA GLU JB 52 -109.62 11.62 30.68
C GLU JB 52 -110.20 10.22 30.51
N THR JB 53 -111.34 10.16 29.83
CA THR JB 53 -111.96 8.88 29.49
C THR JB 53 -111.46 8.47 28.12
N ILE JB 54 -110.92 7.27 28.02
CA ILE JB 54 -110.45 6.74 26.75
C ILE JB 54 -111.63 6.14 26.01
N LEU JB 55 -111.88 6.64 24.81
CA LEU JB 55 -113.04 6.24 24.01
C LEU JB 55 -112.64 5.16 23.02
N ALA JB 56 -113.42 4.09 22.97
CA ALA JB 56 -113.12 2.95 22.12
C ALA JB 56 -114.36 2.52 21.35
N VAL JB 57 -114.14 1.94 20.17
CA VAL JB 57 -115.20 1.33 19.36
C VAL JB 57 -114.78 -0.11 19.13
N PRO JB 58 -115.69 -1.05 18.90
CA PRO JB 58 -115.28 -2.45 18.73
C PRO JB 58 -114.55 -2.69 17.43
N ARG JB 59 -113.80 -3.80 17.41
CA ARG JB 59 -112.98 -4.18 16.28
C ARG JB 59 -113.31 -5.62 15.91
N SER JB 60 -113.57 -5.87 14.64
CA SER JB 60 -114.17 -7.12 14.21
C SER JB 60 -113.16 -8.24 13.98
N ASP JB 61 -111.86 -7.96 13.93
CA ASP JB 61 -110.88 -8.95 13.55
C ASP JB 61 -109.52 -8.57 14.10
N SER JB 62 -108.55 -9.46 13.89
CA SER JB 62 -107.17 -9.25 14.30
C SER JB 62 -106.25 -9.61 13.14
N GLY JB 63 -105.05 -9.03 13.16
CA GLY JB 63 -104.07 -9.23 12.12
C GLY JB 63 -103.53 -7.92 11.59
N LYS JB 64 -102.51 -8.05 10.74
CA LYS JB 64 -101.84 -6.86 10.20
C LYS JB 64 -102.73 -6.11 9.22
N ASN JB 65 -103.66 -6.81 8.57
CA ASN JB 65 -104.50 -6.21 7.54
C ASN JB 65 -105.48 -5.21 8.16
N ILE JB 66 -106.28 -5.67 9.13
CA ILE JB 66 -107.23 -4.78 9.78
C ILE JB 66 -106.51 -3.74 10.63
N SER JB 67 -105.33 -4.06 11.16
CA SER JB 67 -104.57 -3.07 11.93
C SER JB 67 -104.09 -1.94 11.04
N ALA JB 68 -103.60 -2.26 9.85
CA ALA JB 68 -103.20 -1.23 8.90
C ALA JB 68 -104.41 -0.43 8.44
N LYS JB 69 -105.55 -1.08 8.22
CA LYS JB 69 -106.74 -0.33 7.80
C LYS JB 69 -107.26 0.57 8.91
N GLU JB 70 -107.10 0.17 10.17
CA GLU JB 70 -107.50 1.02 11.29
C GLU JB 70 -106.55 2.20 11.45
N ARG JB 71 -105.24 1.97 11.29
CA ARG JB 71 -104.28 3.07 11.39
C ARG JB 71 -104.41 4.03 10.22
N LYS JB 72 -104.88 3.55 9.07
CA LYS JB 72 -105.18 4.46 7.96
C LYS JB 72 -106.40 5.30 8.25
N ALA JB 73 -107.32 4.79 9.07
CA ALA JB 73 -108.52 5.51 9.48
C ALA JB 73 -108.30 6.37 10.71
N GLY JB 74 -107.08 6.43 11.24
CA GLY JB 74 -106.80 7.23 12.41
C GLY JB 74 -107.07 6.58 13.74
N ARG JB 75 -107.08 5.24 13.80
CA ARG JB 75 -107.33 4.52 15.03
C ARG JB 75 -106.15 3.61 15.37
N VAL JB 76 -106.00 3.32 16.66
CA VAL JB 76 -104.98 2.41 17.15
C VAL JB 76 -105.68 1.10 17.54
N PRO JB 77 -105.29 -0.04 16.97
CA PRO JB 77 -105.88 -1.31 17.39
C PRO JB 77 -105.56 -1.61 18.85
N SER JB 78 -106.51 -2.23 19.54
CA SER JB 78 -106.38 -2.42 20.98
C SER JB 78 -107.08 -3.70 21.38
N ILE JB 79 -107.05 -3.97 22.69
CA ILE JB 79 -107.69 -5.14 23.28
C ILE JB 79 -107.94 -4.82 24.75
N ILE JB 80 -109.08 -5.27 25.25
CA ILE JB 80 -109.41 -5.21 26.67
C ILE JB 80 -109.57 -6.62 27.17
N PHE JB 81 -108.81 -6.99 28.20
CA PHE JB 81 -108.85 -8.34 28.74
C PHE JB 81 -108.65 -8.27 30.24
N GLU JB 82 -108.69 -9.42 30.90
CA GLU JB 82 -108.53 -9.51 32.34
C GLU JB 82 -107.57 -10.63 32.69
N GLN JB 83 -107.21 -10.68 33.97
CA GLN JB 83 -106.20 -11.62 34.45
C GLN JB 83 -106.70 -13.06 34.52
N GLU JB 84 -108.01 -13.26 34.71
CA GLU JB 84 -108.50 -14.46 35.39
C GLU JB 84 -108.25 -15.73 34.58
N ASP JB 85 -108.83 -15.82 33.39
CA ASP JB 85 -108.60 -16.98 32.52
C ASP JB 85 -107.59 -16.57 31.46
N GLY JB 86 -106.31 -16.63 31.82
CA GLY JB 86 -105.26 -16.27 30.88
C GLY JB 86 -105.22 -17.20 29.68
N GLN JB 87 -105.31 -18.50 29.93
CA GLN JB 87 -105.70 -19.42 28.88
C GLN JB 87 -107.14 -19.14 28.48
N HIS JB 88 -107.44 -19.31 27.19
CA HIS JB 88 -108.71 -18.96 26.55
C HIS JB 88 -108.96 -17.45 26.53
N GLY JB 89 -107.89 -16.64 26.62
CA GLY JB 89 -107.98 -15.26 26.18
C GLY JB 89 -108.05 -14.16 27.22
N GLY JB 90 -108.67 -14.40 28.37
CA GLY JB 90 -108.87 -13.36 29.35
C GLY JB 90 -110.16 -12.61 29.22
N ASN JB 91 -111.21 -13.23 28.67
CA ASN JB 91 -112.50 -12.58 28.38
C ASN JB 91 -112.28 -11.34 27.51
N LYS JB 92 -111.54 -11.53 26.42
CA LYS JB 92 -111.01 -10.40 25.67
C LYS JB 92 -112.08 -9.73 24.82
N ARG JB 93 -111.94 -8.41 24.69
CA ARG JB 93 -112.74 -7.62 23.77
C ARG JB 93 -111.80 -6.82 22.90
N LEU JB 94 -111.92 -6.99 21.58
CA LEU JB 94 -111.10 -6.25 20.65
C LEU JB 94 -111.71 -4.89 20.37
N VAL JB 95 -110.93 -3.83 20.56
CA VAL JB 95 -111.41 -2.47 20.39
C VAL JB 95 -110.38 -1.67 19.59
N SER JB 96 -110.77 -0.47 19.20
CA SER JB 96 -109.88 0.50 18.58
C SER JB 96 -110.05 1.84 19.26
N VAL JB 97 -108.94 2.52 19.53
CA VAL JB 97 -108.94 3.82 20.19
C VAL JB 97 -108.39 4.85 19.21
N GLN JB 98 -108.66 6.12 19.50
CA GLN JB 98 -108.24 7.19 18.61
C GLN JB 98 -106.74 7.42 18.72
N THR JB 99 -106.10 7.66 17.57
CA THR JB 99 -104.65 7.91 17.54
C THR JB 99 -104.31 9.22 18.22
N ASN JB 100 -105.15 10.24 18.03
CA ASN JB 100 -104.89 11.57 18.59
C ASN JB 100 -104.90 11.54 20.12
N GLN JB 101 -105.90 10.86 20.70
CA GLN JB 101 -106.00 10.80 22.16
C GLN JB 101 -104.84 10.02 22.77
N ILE JB 102 -104.48 8.88 22.17
CA ILE JB 102 -103.37 8.07 22.67
C ILE JB 102 -102.05 8.82 22.55
N ARG JB 103 -101.83 9.47 21.40
CA ARG JB 103 -100.60 10.24 21.20
C ARG JB 103 -100.50 11.40 22.18
N LYS JB 104 -101.62 12.09 22.41
CA LYS JB 104 -101.64 13.20 23.36
C LYS JB 104 -101.40 12.75 24.79
N LEU JB 105 -102.00 11.61 25.19
CA LEU JB 105 -101.79 11.09 26.53
C LEU JB 105 -100.36 10.62 26.75
N VAL JB 106 -99.77 9.94 25.75
CA VAL JB 106 -98.41 9.46 25.89
C VAL JB 106 -97.42 10.63 25.90
N THR JB 107 -97.67 11.65 25.10
CA THR JB 107 -96.81 12.82 25.10
C THR JB 107 -96.91 13.60 26.41
N HIS JB 108 -98.14 13.83 26.90
CA HIS JB 108 -98.33 14.64 28.10
C HIS JB 108 -97.84 13.93 29.35
N LEU JB 109 -98.23 12.67 29.53
CA LEU JB 109 -97.85 11.95 30.74
C LEU JB 109 -96.40 11.49 30.69
N GLY JB 110 -95.95 11.04 29.53
CA GLY JB 110 -94.73 10.25 29.43
C GLY JB 110 -95.06 8.77 29.25
N TYR JB 111 -94.06 8.04 28.74
CA TYR JB 111 -94.27 6.62 28.46
C TYR JB 111 -94.48 5.82 29.74
N SER JB 112 -93.58 5.98 30.71
CA SER JB 112 -93.67 5.19 31.94
C SER JB 112 -94.82 5.65 32.82
N PHE JB 113 -95.16 6.92 32.78
CA PHE JB 113 -96.27 7.43 33.59
C PHE JB 113 -97.61 7.03 33.02
N PHE JB 114 -97.68 6.83 31.70
CA PHE JB 114 -98.89 6.29 31.09
C PHE JB 114 -99.15 4.85 31.51
N LEU JB 115 -98.09 4.05 31.63
CA LEU JB 115 -98.22 2.63 31.94
C LEU JB 115 -98.34 2.34 33.43
N SER JB 116 -98.32 3.35 34.29
CA SER JB 116 -98.46 3.15 35.72
C SER JB 116 -99.57 4.01 36.29
N ARG JB 117 -100.72 4.03 35.61
CA ARG JB 117 -101.83 4.87 36.02
C ARG JB 117 -103.12 4.31 35.44
N LEU JB 118 -104.15 4.19 36.28
CA LEU JB 118 -105.43 3.63 35.84
C LEU JB 118 -106.22 4.65 35.03
N PHE JB 119 -107.03 4.13 34.11
CA PHE JB 119 -107.83 4.96 33.21
C PHE JB 119 -109.25 4.41 33.11
N ASP JB 120 -110.18 5.32 32.82
CA ASP JB 120 -111.55 4.95 32.50
C ASP JB 120 -111.65 4.73 30.99
N VAL JB 121 -112.09 3.54 30.60
CA VAL JB 121 -112.25 3.18 29.19
C VAL JB 121 -113.74 3.00 28.91
N GLU JB 122 -114.25 3.74 27.93
CA GLU JB 122 -115.64 3.67 27.52
C GLU JB 122 -115.71 3.12 26.10
N VAL JB 123 -116.53 2.09 25.91
CA VAL JB 123 -116.68 1.45 24.61
C VAL JB 123 -118.08 1.75 24.09
N ARG JB 124 -118.15 2.38 22.93
CA ARG JB 124 -119.40 2.75 22.29
C ARG JB 124 -119.52 2.07 20.94
N SER JB 125 -120.75 2.03 20.41
CA SER JB 125 -121.00 1.35 19.14
C SER JB 125 -120.30 2.04 17.98
N GLU JB 126 -120.24 3.37 18.00
CA GLU JB 126 -119.43 4.13 17.06
C GLU JB 126 -119.04 5.44 17.73
N ILE JB 127 -118.30 6.27 16.99
CA ILE JB 127 -117.73 7.48 17.56
C ILE JB 127 -118.83 8.54 17.66
N GLY JB 128 -119.22 8.86 18.89
CA GLY JB 128 -120.27 9.83 19.13
C GLY JB 128 -121.65 9.23 19.34
N SER JB 129 -121.75 7.91 19.49
CA SER JB 129 -123.03 7.26 19.68
C SER JB 129 -123.39 7.21 21.17
N ASP JB 130 -124.41 6.43 21.50
CA ASP JB 130 -124.88 6.30 22.87
C ASP JB 130 -124.97 4.86 23.36
N GLU JB 131 -124.76 3.87 22.49
CA GLU JB 131 -124.84 2.47 22.89
C GLU JB 131 -123.55 2.08 23.57
N VAL JB 132 -123.47 2.30 24.87
CA VAL JB 132 -122.30 1.96 25.66
C VAL JB 132 -122.24 0.44 25.80
N ILE JB 133 -121.15 -0.15 25.32
CA ILE JB 133 -120.97 -1.60 25.36
C ILE JB 133 -120.23 -2.03 26.61
N GLU JB 134 -119.25 -1.24 27.04
CA GLU JB 134 -118.49 -1.55 28.24
C GLU JB 134 -117.93 -0.25 28.80
N LYS JB 135 -118.01 -0.08 30.11
CA LYS JB 135 -117.40 1.04 30.82
C LYS JB 135 -116.59 0.48 31.96
N VAL JB 136 -115.27 0.51 31.83
CA VAL JB 136 -114.39 -0.24 32.71
C VAL JB 136 -113.24 0.65 33.16
N ARG JB 137 -112.68 0.33 34.33
CA ARG JB 137 -111.50 0.99 34.86
C ARG JB 137 -110.31 0.07 34.64
N ALA JB 138 -109.45 0.42 33.68
CA ALA JB 138 -108.41 -0.49 33.21
C ALA JB 138 -107.04 0.18 33.28
N LEU JB 139 -106.03 -0.65 33.48
CA LEU JB 139 -104.64 -0.22 33.41
C LEU JB 139 -104.10 -0.44 31.99
N PRO JB 140 -103.39 0.53 31.41
CA PRO JB 140 -102.71 0.27 30.14
C PRO JB 140 -101.53 -0.65 30.34
N ARG JB 141 -101.67 -1.91 29.94
CA ARG JB 141 -100.66 -2.91 30.25
C ARG JB 141 -99.41 -2.70 29.39
N SER JB 142 -99.59 -2.35 28.12
CA SER JB 142 -98.47 -2.10 27.23
C SER JB 142 -98.92 -1.17 26.12
N ILE JB 143 -97.96 -0.46 25.54
CA ILE JB 143 -98.20 0.32 24.34
C ILE JB 143 -97.01 0.14 23.41
N HIS JB 144 -97.28 -0.13 22.13
CA HIS JB 144 -96.24 -0.29 21.13
C HIS JB 144 -96.16 0.99 20.31
N LEU JB 145 -95.03 1.69 20.41
CA LEU JB 145 -94.70 2.81 19.55
C LEU JB 145 -93.70 2.34 18.50
N HIS JB 146 -93.87 2.87 17.28
CA HIS JB 146 -93.00 2.50 16.16
C HIS JB 146 -91.55 2.89 16.46
N SER JB 147 -90.63 2.00 16.10
CA SER JB 147 -89.24 2.17 16.54
C SER JB 147 -88.57 3.39 15.91
N GLY JB 148 -89.02 3.81 14.74
CA GLY JB 148 -88.45 4.97 14.09
C GLY JB 148 -89.27 6.24 14.21
N THR JB 149 -90.58 6.14 14.04
CA THR JB 149 -91.44 7.32 14.02
C THR JB 149 -92.18 7.59 15.32
N ASP JB 150 -92.18 6.63 16.25
CA ASP JB 150 -92.84 6.72 17.56
C ASP JB 150 -94.34 6.93 17.47
N ALA JB 151 -94.95 6.57 16.34
CA ALA JB 151 -96.39 6.55 16.22
C ALA JB 151 -96.95 5.35 16.97
N PRO JB 152 -98.13 5.49 17.57
CA PRO JB 152 -98.73 4.35 18.30
C PRO JB 152 -99.23 3.28 17.35
N LEU JB 153 -98.88 2.03 17.62
CA LEU JB 153 -99.31 0.90 16.82
C LEU JB 153 -100.24 -0.04 17.54
N ASN JB 154 -100.22 -0.06 18.87
CA ASN JB 154 -101.00 -1.00 19.67
C ASN JB 154 -101.03 -0.50 21.10
N VAL JB 155 -102.21 -0.52 21.71
CA VAL JB 155 -102.38 -0.22 23.13
C VAL JB 155 -103.13 -1.38 23.77
N THR JB 156 -102.66 -1.84 24.92
CA THR JB 156 -103.24 -3.00 25.60
C THR JB 156 -103.76 -2.58 26.96
N PHE JB 157 -105.03 -2.87 27.22
CA PHE JB 157 -105.69 -2.52 28.48
C PHE JB 157 -106.10 -3.78 29.21
N ILE JB 158 -105.75 -3.86 30.49
CA ILE JB 158 -106.11 -4.99 31.35
C ILE JB 158 -107.13 -4.51 32.37
N ARG JB 159 -108.25 -5.25 32.49
CA ARG JB 159 -109.32 -4.86 33.39
C ARG JB 159 -108.85 -4.92 34.84
N ALA JB 160 -109.02 -3.81 35.55
CA ALA JB 160 -108.64 -3.73 36.95
C ALA JB 160 -109.81 -3.20 37.79
N PRO JB 161 -110.76 -4.05 38.15
CA PRO JB 161 -111.72 -3.69 39.19
C PRO JB 161 -111.03 -3.63 40.55
N PRO JB 162 -111.66 -3.05 41.57
CA PRO JB 162 -111.04 -3.03 42.89
C PRO JB 162 -110.81 -4.42 43.46
N GLY JB 163 -109.65 -4.59 44.09
CA GLY JB 163 -109.23 -5.89 44.56
C GLY JB 163 -108.44 -6.73 43.57
N THR JB 164 -107.90 -6.12 42.51
CA THR JB 164 -107.05 -6.82 41.55
C THR JB 164 -105.61 -6.39 41.76
N LEU JB 165 -104.70 -7.37 41.77
CA LEU JB 165 -103.28 -7.12 42.03
C LEU JB 165 -102.52 -7.24 40.73
N LEU JB 166 -101.86 -6.15 40.33
CA LEU JB 166 -101.16 -6.06 39.06
C LEU JB 166 -99.68 -5.82 39.30
N LYS JB 167 -98.85 -6.36 38.42
CA LYS JB 167 -97.42 -6.06 38.43
C LYS JB 167 -97.20 -4.80 37.60
N VAL JB 168 -96.78 -3.72 38.25
CA VAL JB 168 -96.69 -2.40 37.63
C VAL JB 168 -95.27 -1.89 37.79
N ASP JB 169 -94.71 -1.34 36.71
CA ASP JB 169 -93.43 -0.65 36.75
C ASP JB 169 -93.69 0.81 37.06
N ILE JB 170 -93.37 1.23 38.28
CA ILE JB 170 -93.60 2.61 38.73
C ILE JB 170 -92.35 3.42 38.42
N PRO JB 171 -92.46 4.53 37.71
CA PRO JB 171 -91.29 5.38 37.47
C PRO JB 171 -90.87 6.12 38.72
N LEU JB 172 -89.60 6.49 38.76
CA LEU JB 172 -89.00 7.17 39.91
C LEU JB 172 -88.78 8.63 39.58
N VAL JB 173 -89.15 9.51 40.51
CA VAL JB 173 -88.87 10.94 40.41
C VAL JB 173 -87.85 11.26 41.50
N PHE JB 174 -86.71 11.81 41.08
CA PHE JB 174 -85.62 12.12 41.99
C PHE JB 174 -85.67 13.61 42.35
N ILE JB 175 -85.85 13.90 43.64
CA ILE JB 175 -85.89 15.27 44.13
C ILE JB 175 -84.78 15.44 45.16
N GLY JB 176 -84.46 16.70 45.44
CA GLY JB 176 -83.47 17.02 46.45
C GLY JB 176 -82.04 16.93 45.98
N ASP JB 177 -81.80 16.90 44.67
CA ASP JB 177 -80.43 16.86 44.18
C ASP JB 177 -79.72 18.21 44.31
N ASP JB 178 -80.48 19.30 44.40
CA ASP JB 178 -79.89 20.61 44.63
C ASP JB 178 -79.59 20.86 46.11
N VAL JB 179 -80.01 19.97 46.99
CA VAL JB 179 -79.78 20.08 48.43
C VAL JB 179 -78.73 19.09 48.91
N SER JB 180 -78.47 18.03 48.13
CA SER JB 180 -77.60 16.94 48.55
C SER JB 180 -76.16 17.40 48.71
N PRO JB 181 -75.47 16.97 49.78
CA PRO JB 181 -74.05 17.35 49.93
C PRO JB 181 -73.13 16.69 48.91
N GLY JB 182 -73.50 15.51 48.39
CA GLY JB 182 -72.64 14.84 47.43
C GLY JB 182 -72.55 15.57 46.10
N LEU JB 183 -73.68 16.13 45.64
CA LEU JB 183 -73.67 16.85 44.37
C LEU JB 183 -73.25 18.30 44.52
N LYS JB 184 -73.24 18.84 45.74
CA LYS JB 184 -72.67 20.17 45.95
C LYS JB 184 -71.15 20.15 45.83
N LYS JB 185 -70.53 19.00 46.09
CA LYS JB 185 -69.08 18.88 46.05
C LYS JB 185 -68.53 18.62 44.66
N GLY JB 186 -69.40 18.50 43.65
CA GLY JB 186 -68.97 18.25 42.29
C GLY JB 186 -69.04 16.81 41.83
N ALA JB 187 -69.54 15.91 42.67
CA ALA JB 187 -69.71 14.53 42.27
C ALA JB 187 -70.91 14.38 41.34
N SER JB 188 -70.99 13.26 40.66
CA SER JB 188 -72.02 13.00 39.67
C SER JB 188 -73.00 11.94 40.17
N LEU JB 189 -74.18 11.93 39.57
CA LEU JB 189 -75.25 11.02 39.94
C LEU JB 189 -75.29 9.84 38.98
N ASN JB 190 -75.22 8.64 39.51
CA ASN JB 190 -75.40 7.41 38.73
C ASN JB 190 -76.82 6.93 39.02
N THR JB 191 -77.74 7.23 38.11
CA THR JB 191 -79.11 6.76 38.22
C THR JB 191 -79.17 5.36 37.62
N ILE JB 192 -79.22 4.35 38.50
CA ILE JB 192 -79.12 2.98 38.04
C ILE JB 192 -80.47 2.45 37.58
N LYS JB 193 -81.55 2.82 38.28
CA LYS JB 193 -82.89 2.38 37.91
C LYS JB 193 -83.80 3.60 37.78
N ARG JB 194 -84.61 3.60 36.71
CA ARG JB 194 -85.61 4.64 36.49
C ARG JB 194 -87.02 4.17 36.79
N THR JB 195 -87.26 2.86 36.77
CA THR JB 195 -88.52 2.26 37.17
C THR JB 195 -88.23 1.11 38.11
N VAL JB 196 -89.16 0.84 39.03
CA VAL JB 196 -89.07 -0.28 39.96
C VAL JB 196 -90.37 -1.07 39.86
N LYS JB 197 -90.26 -2.40 39.78
CA LYS JB 197 -91.43 -3.25 39.63
C LYS JB 197 -92.04 -3.57 40.99
N PHE JB 198 -93.35 -3.37 41.11
CA PHE JB 198 -94.08 -3.63 42.35
C PHE JB 198 -95.36 -4.39 42.03
N LEU JB 199 -95.74 -5.29 42.92
CA LEU JB 199 -97.06 -5.91 42.87
C LEU JB 199 -98.02 -5.00 43.63
N CYS JB 200 -99.03 -4.48 42.92
CA CYS JB 200 -99.84 -3.41 43.46
C CYS JB 200 -101.32 -3.77 43.40
N PRO JB 201 -102.06 -3.58 44.49
CA PRO JB 201 -103.52 -3.51 44.37
C PRO JB 201 -103.91 -2.32 43.50
N ALA JB 202 -104.99 -2.48 42.75
CA ALA JB 202 -105.32 -1.52 41.69
C ALA JB 202 -105.78 -0.19 42.25
N GLU JB 203 -106.24 -0.14 43.50
CA GLU JB 203 -106.73 1.09 44.09
C GLU JB 203 -105.62 2.09 44.34
N ILE JB 204 -104.44 1.61 44.73
CA ILE JB 204 -103.40 2.47 45.28
C ILE JB 204 -102.11 2.37 44.48
N VAL JB 205 -102.22 2.17 43.17
CA VAL JB 205 -101.05 2.18 42.30
C VAL JB 205 -100.51 3.61 42.28
N PRO JB 206 -99.27 3.84 42.71
CA PRO JB 206 -98.74 5.20 42.70
C PRO JB 206 -98.37 5.61 41.28
N PRO JB 207 -98.70 6.85 40.89
CA PRO JB 207 -98.26 7.34 39.58
C PRO JB 207 -96.74 7.43 39.47
N TYR JB 208 -96.06 7.73 40.57
CA TYR JB 208 -94.62 7.75 40.62
C TYR JB 208 -94.21 7.61 42.08
N ILE JB 209 -92.93 7.34 42.30
CA ILE JB 209 -92.35 7.28 43.64
C ILE JB 209 -91.28 8.35 43.72
N GLU JB 210 -91.44 9.28 44.66
CA GLU JB 210 -90.46 10.34 44.85
C GLU JB 210 -89.29 9.80 45.65
N VAL JB 211 -88.07 9.94 45.11
CA VAL JB 211 -86.85 9.52 45.78
C VAL JB 211 -86.09 10.77 46.18
N ASP JB 212 -85.98 11.00 47.50
CA ASP JB 212 -85.31 12.17 48.03
C ASP JB 212 -83.83 11.86 48.20
N LEU JB 213 -82.98 12.66 47.55
CA LEU JB 213 -81.54 12.45 47.55
C LEU JB 213 -80.81 13.37 48.52
N SER JB 214 -81.55 14.08 49.39
CA SER JB 214 -80.97 15.20 50.13
C SER JB 214 -79.98 14.78 51.20
N LEU JB 215 -80.05 13.55 51.69
CA LEU JB 215 -79.15 13.07 52.74
C LEU JB 215 -78.06 12.17 52.17
N LEU JB 216 -77.64 12.45 50.95
CA LEU JB 216 -76.67 11.63 50.23
C LEU JB 216 -75.42 12.44 49.96
N ASP JB 217 -74.33 12.11 50.67
CA ASP JB 217 -73.02 12.62 50.31
C ASP JB 217 -72.30 11.58 49.45
N VAL JB 218 -71.02 11.82 49.18
CA VAL JB 218 -70.30 11.07 48.16
C VAL JB 218 -70.05 9.65 48.63
N GLY JB 219 -70.39 8.67 47.78
CA GLY JB 219 -70.01 7.30 48.02
C GLY JB 219 -71.14 6.33 48.26
N GLN JB 220 -72.12 6.71 49.08
CA GLN JB 220 -73.11 5.72 49.47
C GLN JB 220 -74.36 5.81 48.58
N LYS JB 221 -75.15 4.74 48.63
CA LYS JB 221 -76.17 4.46 47.62
C LYS JB 221 -77.49 4.13 48.28
N LEU JB 222 -78.56 4.26 47.49
CA LEU JB 222 -79.90 3.86 47.90
C LEU JB 222 -80.27 2.56 47.20
N VAL JB 223 -80.98 1.69 47.92
CA VAL JB 223 -81.45 0.43 47.36
C VAL JB 223 -82.97 0.46 47.26
N ALA JB 224 -83.56 -0.61 46.72
CA ALA JB 224 -85.00 -0.64 46.49
C ALA JB 224 -85.80 -0.68 47.78
N GLY JB 225 -85.22 -1.19 48.87
CA GLY JB 225 -85.89 -1.17 50.16
C GLY JB 225 -86.03 0.21 50.77
N ASP JB 226 -85.27 1.19 50.29
CA ASP JB 226 -85.31 2.54 50.81
C ASP JB 226 -86.44 3.38 50.24
N LEU JB 227 -87.24 2.83 49.33
CA LEU JB 227 -88.33 3.58 48.71
C LEU JB 227 -89.54 3.58 49.62
N LYS JB 228 -90.11 4.76 49.85
CA LYS JB 228 -91.28 4.90 50.70
C LYS JB 228 -92.54 4.57 49.89
N VAL JB 229 -93.21 3.48 50.26
CA VAL JB 229 -94.39 3.02 49.55
C VAL JB 229 -95.50 2.73 50.56
N HIS JB 230 -96.68 2.47 50.04
CA HIS JB 230 -97.77 1.92 50.83
C HIS JB 230 -97.39 0.53 51.33
N PRO JB 231 -97.81 0.16 52.55
CA PRO JB 231 -97.50 -1.19 53.06
C PRO JB 231 -98.14 -2.32 52.27
N ALA JB 232 -99.16 -2.05 51.47
CA ALA JB 232 -99.81 -3.07 50.66
C ALA JB 232 -99.11 -3.30 49.32
N LEU JB 233 -97.99 -2.63 49.07
CA LEU JB 233 -97.19 -2.85 47.88
C LEU JB 233 -95.99 -3.74 48.21
N LYS JB 234 -95.74 -4.73 47.36
CA LYS JB 234 -94.66 -5.69 47.55
C LYS JB 234 -93.62 -5.53 46.46
N LEU JB 235 -92.36 -5.46 46.85
CA LEU JB 235 -91.27 -5.51 45.88
C LEU JB 235 -91.21 -6.90 45.23
N ILE JB 236 -91.06 -6.91 43.92
CA ILE JB 236 -90.95 -8.17 43.19
C ILE JB 236 -89.51 -8.63 43.10
N ARG JB 237 -88.60 -7.71 42.81
CA ARG JB 237 -87.18 -7.97 42.80
C ARG JB 237 -86.62 -7.88 44.22
N PRO JB 238 -85.41 -8.41 44.47
CA PRO JB 238 -84.86 -8.35 45.83
C PRO JB 238 -84.64 -6.93 46.33
N LYS JB 239 -84.73 -6.77 47.66
CA LYS JB 239 -84.56 -5.47 48.29
C LYS JB 239 -83.14 -4.93 48.17
N ASP JB 240 -82.16 -5.81 47.93
CA ASP JB 240 -80.78 -5.39 47.74
C ASP JB 240 -80.46 -5.11 46.28
N GLU JB 241 -81.27 -4.27 45.64
CA GLU JB 241 -81.01 -3.83 44.27
C GLU JB 241 -80.74 -2.34 44.29
N PRO JB 242 -79.56 -1.88 43.88
CA PRO JB 242 -79.24 -0.45 43.98
C PRO JB 242 -80.07 0.39 43.02
N ILE JB 243 -80.64 1.46 43.57
CA ILE JB 243 -81.45 2.40 42.80
C ILE JB 243 -80.59 3.52 42.23
N VAL JB 244 -79.80 4.17 43.07
CA VAL JB 244 -79.02 5.34 42.68
C VAL JB 244 -77.76 5.35 43.53
N LYS JB 245 -76.70 5.98 43.02
CA LYS JB 245 -75.44 6.05 43.75
C LYS JB 245 -74.70 7.31 43.33
N ILE JB 246 -74.28 8.10 44.30
CA ILE JB 246 -73.42 9.24 44.05
C ILE JB 246 -71.98 8.72 43.98
N ALA JB 247 -71.39 8.77 42.79
CA ALA JB 247 -70.05 8.26 42.57
C ALA JB 247 -69.03 9.38 42.71
N GLY JB 248 -67.82 9.01 43.09
CA GLY JB 248 -66.76 9.96 43.42
C GLY JB 248 -66.34 10.89 42.29
N GLY JB 249 -66.49 12.20 42.52
CA GLY JB 249 -66.08 13.17 41.53
C GLY JB 249 -64.57 13.19 41.34
N ARG JB 250 -64.16 13.53 40.13
CA ARG JB 250 -62.75 13.45 39.75
C ARG JB 250 -62.01 14.67 40.30
N VAL JB 251 -61.14 14.43 41.27
CA VAL JB 251 -60.27 15.47 41.81
C VAL JB 251 -59.23 15.89 40.78
N ALA KB 52 -48.32 -11.70 -7.57
CA ALA KB 52 -49.52 -12.25 -8.18
C ALA KB 52 -50.38 -12.98 -7.15
N GLY KB 53 -51.68 -12.73 -7.19
CA GLY KB 53 -52.57 -13.32 -6.22
C GLY KB 53 -52.89 -14.77 -6.52
N SER KB 54 -53.14 -15.53 -5.46
CA SER KB 54 -53.52 -16.94 -5.58
C SER KB 54 -54.34 -17.31 -4.36
N THR KB 55 -55.51 -17.87 -4.57
CA THR KB 55 -56.30 -18.40 -3.46
C THR KB 55 -55.80 -19.78 -3.06
N LYS KB 56 -55.83 -20.04 -1.76
CA LYS KB 56 -55.53 -21.35 -1.22
C LYS KB 56 -56.78 -22.15 -0.89
N ASN KB 57 -57.96 -21.61 -1.24
CA ASN KB 57 -59.25 -22.26 -1.03
C ASN KB 57 -59.82 -22.65 -2.38
N GLY KB 58 -59.86 -23.94 -2.68
CA GLY KB 58 -60.55 -24.39 -3.87
C GLY KB 58 -61.23 -25.73 -3.71
N ARG KB 59 -61.29 -26.24 -2.49
CA ARG KB 59 -61.71 -27.61 -2.23
C ARG KB 59 -63.10 -27.67 -1.63
N ASP KB 60 -63.82 -28.72 -2.00
CA ASP KB 60 -64.98 -29.21 -1.28
C ASP KB 60 -65.05 -30.71 -1.55
N SER KB 61 -65.87 -31.41 -0.80
CA SER KB 61 -66.01 -32.84 -1.01
C SER KB 61 -67.27 -33.14 -1.80
N LYS KB 62 -67.32 -34.35 -2.34
CA LYS KB 62 -68.49 -34.83 -3.06
C LYS KB 62 -69.69 -34.92 -2.12
N PRO KB 63 -70.90 -34.68 -2.62
CA PRO KB 63 -72.08 -34.73 -1.76
C PRO KB 63 -72.37 -36.14 -1.27
N LYS KB 64 -72.99 -36.22 -0.09
CA LYS KB 64 -73.21 -37.49 0.58
C LYS KB 64 -74.66 -37.94 0.59
N ASN KB 65 -75.61 -37.05 0.30
CA ASN KB 65 -77.04 -37.34 0.22
C ASN KB 65 -77.57 -37.94 1.52
N LEU KB 66 -77.32 -37.25 2.62
CA LEU KB 66 -77.78 -37.69 3.93
C LEU KB 66 -79.17 -37.16 4.20
N GLY KB 67 -79.86 -37.78 5.14
CA GLY KB 67 -81.15 -37.30 5.57
C GLY KB 67 -82.19 -38.39 5.55
N VAL KB 68 -83.43 -37.98 5.78
CA VAL KB 68 -84.54 -38.91 5.95
C VAL KB 68 -85.02 -39.37 4.58
N LYS KB 69 -85.10 -40.68 4.39
CA LYS KB 69 -85.64 -41.26 3.17
C LYS KB 69 -87.09 -41.68 3.30
N LYS KB 70 -87.55 -42.02 4.50
CA LYS KB 70 -88.92 -42.42 4.75
C LYS KB 70 -89.46 -41.57 5.89
N PHE KB 71 -90.41 -40.69 5.59
CA PHE KB 71 -90.99 -39.81 6.59
C PHE KB 71 -92.07 -40.53 7.37
N GLY KB 72 -92.62 -39.84 8.38
CA GLY KB 72 -93.63 -40.45 9.23
C GLY KB 72 -94.90 -40.78 8.47
N GLY KB 73 -95.34 -42.03 8.58
CA GLY KB 73 -96.50 -42.53 7.91
C GLY KB 73 -96.22 -43.33 6.66
N GLU KB 74 -95.03 -43.22 6.10
CA GLU KB 74 -94.70 -43.94 4.88
C GLU KB 74 -94.55 -45.43 5.16
N ASN KB 75 -94.97 -46.23 4.19
CA ASN KB 75 -94.87 -47.68 4.30
C ASN KB 75 -93.46 -48.15 3.96
N VAL KB 76 -92.98 -49.13 4.73
CA VAL KB 76 -91.67 -49.72 4.50
C VAL KB 76 -91.79 -51.23 4.46
N ILE KB 77 -90.89 -51.85 3.73
CA ILE KB 77 -90.71 -53.30 3.74
C ILE KB 77 -89.34 -53.57 4.33
N PRO KB 78 -89.08 -54.78 4.83
CA PRO KB 78 -87.78 -55.07 5.47
C PRO KB 78 -86.59 -54.81 4.56
N GLY KB 79 -85.62 -54.06 5.07
CA GLY KB 79 -84.45 -53.66 4.33
C GLY KB 79 -84.47 -52.23 3.85
N ASN KB 80 -85.61 -51.55 3.91
CA ASN KB 80 -85.70 -50.17 3.44
C ASN KB 80 -84.95 -49.24 4.37
N ILE KB 81 -84.14 -48.36 3.81
CA ILE KB 81 -83.38 -47.41 4.59
C ILE KB 81 -84.28 -46.24 4.97
N ILE KB 82 -84.36 -45.94 6.25
CA ILE KB 82 -85.20 -44.85 6.73
C ILE KB 82 -84.41 -43.55 6.83
N VAL KB 83 -83.26 -43.55 7.49
CA VAL KB 83 -82.45 -42.36 7.66
C VAL KB 83 -80.99 -42.70 7.37
N ARG KB 84 -80.34 -41.86 6.58
CA ARG KB 84 -78.89 -41.89 6.40
C ARG KB 84 -78.31 -40.70 7.16
N GLN KB 85 -77.44 -40.97 8.13
CA GLN KB 85 -77.05 -39.93 9.08
C GLN KB 85 -75.60 -40.12 9.54
N ARG KB 86 -75.06 -39.04 10.11
CA ARG KB 86 -73.77 -39.07 10.81
C ARG KB 86 -74.05 -39.04 12.31
N GLY KB 87 -73.74 -40.14 13.00
CA GLY KB 87 -74.15 -40.28 14.38
C GLY KB 87 -75.62 -40.62 14.47
N THR KB 88 -76.11 -40.68 15.71
CA THR KB 88 -77.53 -40.96 15.95
C THR KB 88 -78.28 -39.64 16.13
N ARG KB 89 -78.54 -38.98 15.01
CA ARG KB 89 -79.54 -37.90 15.01
C ARG KB 89 -80.90 -38.45 15.37
N PHE KB 90 -81.24 -39.63 14.86
CA PHE KB 90 -82.39 -40.40 15.28
C PHE KB 90 -81.91 -41.74 15.82
N HIS KB 91 -82.52 -42.17 16.89
CA HIS KB 91 -82.15 -43.45 17.48
C HIS KB 91 -83.07 -44.56 16.98
N PRO KB 92 -82.62 -45.80 16.94
CA PRO KB 92 -83.53 -46.88 16.51
C PRO KB 92 -84.59 -47.19 17.56
N GLY KB 93 -85.80 -47.44 17.09
CA GLY KB 93 -86.88 -47.84 17.96
C GLY KB 93 -87.28 -49.28 17.71
N ASP KB 94 -88.56 -49.59 17.85
CA ASP KB 94 -89.04 -50.96 17.64
C ASP KB 94 -88.98 -51.32 16.17
N TYR KB 95 -88.47 -52.52 15.89
CA TYR KB 95 -88.36 -53.09 14.54
C TYR KB 95 -87.55 -52.20 13.59
N VAL KB 96 -86.55 -51.51 14.12
CA VAL KB 96 -85.64 -50.69 13.32
C VAL KB 96 -84.21 -51.11 13.69
N GLY KB 97 -83.44 -51.50 12.68
CA GLY KB 97 -82.04 -51.79 12.90
C GLY KB 97 -81.18 -50.56 12.70
N ILE KB 98 -79.93 -50.67 13.14
CA ILE KB 98 -78.97 -49.60 12.96
C ILE KB 98 -77.69 -50.19 12.37
N GLY KB 99 -77.14 -49.54 11.35
CA GLY KB 99 -75.94 -50.00 10.71
C GLY KB 99 -74.69 -49.39 11.32
N LYS KB 100 -73.54 -49.82 10.81
CA LYS KB 100 -72.27 -49.37 11.35
C LYS KB 100 -72.00 -47.89 11.08
N ASP KB 101 -72.64 -47.30 10.07
CA ASP KB 101 -72.60 -45.86 9.86
C ASP KB 101 -73.87 -45.18 10.35
N HIS KB 102 -74.54 -45.80 11.34
CA HIS KB 102 -75.74 -45.30 12.01
C HIS KB 102 -76.93 -45.18 11.07
N THR KB 103 -76.91 -45.88 9.94
CA THR KB 103 -78.06 -45.94 9.05
C THR KB 103 -79.19 -46.71 9.71
N LEU KB 104 -80.39 -46.15 9.69
CA LEU KB 104 -81.57 -46.80 10.25
C LEU KB 104 -82.33 -47.50 9.13
N PHE KB 105 -82.64 -48.77 9.33
CA PHE KB 105 -83.34 -49.56 8.33
C PHE KB 105 -84.46 -50.37 8.98
N ALA KB 106 -85.53 -50.57 8.23
CA ALA KB 106 -86.70 -51.29 8.73
C ALA KB 106 -86.44 -52.79 8.79
N LEU KB 107 -86.87 -53.42 9.88
CA LEU KB 107 -86.77 -54.85 10.06
C LEU KB 107 -88.06 -55.59 9.74
N LYS KB 108 -89.19 -54.90 9.74
CA LYS KB 108 -90.49 -55.49 9.47
C LYS KB 108 -91.23 -54.63 8.46
N GLU KB 109 -92.19 -55.25 7.79
CA GLU KB 109 -93.09 -54.51 6.93
C GLU KB 109 -94.09 -53.73 7.78
N GLY KB 110 -94.24 -52.44 7.50
CA GLY KB 110 -95.11 -51.60 8.30
C GLY KB 110 -94.97 -50.14 7.95
N ARG KB 111 -95.27 -49.29 8.92
CA ARG KB 111 -95.27 -47.84 8.71
C ARG KB 111 -94.31 -47.15 9.67
N VAL KB 112 -93.62 -46.14 9.16
CA VAL KB 112 -92.65 -45.37 9.94
C VAL KB 112 -93.39 -44.45 10.92
N ARG KB 113 -92.98 -44.48 12.18
CA ARG KB 113 -93.50 -43.58 13.20
C ARG KB 113 -92.35 -42.96 13.98
N PHE KB 114 -92.39 -41.64 14.15
CA PHE KB 114 -91.37 -40.91 14.88
C PHE KB 114 -91.83 -40.67 16.31
N GLU KB 115 -90.88 -40.74 17.24
CA GLU KB 115 -91.11 -40.46 18.66
C GLU KB 115 -90.12 -39.42 19.11
N LYS KB 116 -90.56 -38.48 19.94
CA LYS KB 116 -89.68 -37.47 20.52
C LYS KB 116 -89.84 -37.46 22.03
N ASN KB 117 -88.72 -37.51 22.73
CA ASN KB 117 -88.72 -37.42 24.18
C ASN KB 117 -88.91 -35.96 24.60
N LYS KB 118 -89.97 -35.69 25.37
CA LYS KB 118 -90.31 -34.32 25.72
C LYS KB 118 -89.32 -33.68 26.67
N ILE KB 119 -88.59 -34.47 27.44
CA ILE KB 119 -87.69 -33.93 28.45
C ILE KB 119 -86.29 -33.68 27.90
N THR KB 120 -85.73 -34.65 27.17
CA THR KB 120 -84.37 -34.54 26.70
C THR KB 120 -84.24 -34.11 25.24
N GLY KB 121 -85.29 -34.29 24.44
CA GLY KB 121 -85.23 -33.97 23.03
C GLY KB 121 -84.74 -35.08 22.14
N ARG KB 122 -84.41 -36.25 22.71
CA ARG KB 122 -83.98 -37.38 21.91
C ARG KB 122 -85.12 -37.91 21.06
N LYS KB 123 -84.80 -38.34 19.84
CA LYS KB 123 -85.80 -38.80 18.89
C LYS KB 123 -85.55 -40.24 18.49
N TRP KB 124 -86.62 -41.03 18.43
CA TRP KB 124 -86.58 -42.42 18.00
C TRP KB 124 -87.46 -42.59 16.77
N ILE KB 125 -87.16 -43.61 15.98
CA ILE KB 125 -87.96 -44.00 14.83
C ILE KB 125 -88.40 -45.44 15.00
N HIS KB 126 -89.70 -45.68 14.91
CA HIS KB 126 -90.27 -47.00 15.05
C HIS KB 126 -90.94 -47.42 13.75
N VAL KB 127 -91.03 -48.72 13.56
CA VAL KB 127 -91.89 -49.31 12.54
C VAL KB 127 -93.05 -49.97 13.25
N ASP KB 128 -94.27 -49.54 12.94
CA ASP KB 128 -95.46 -50.20 13.46
C ASP KB 128 -95.79 -51.33 12.49
N PRO KB 129 -95.68 -52.60 12.90
CA PRO KB 129 -95.83 -53.70 11.96
C PRO KB 129 -97.25 -53.84 11.41
N LYS KB 130 -97.33 -54.32 10.17
CA LYS KB 130 -98.59 -54.40 9.46
C LYS KB 130 -99.54 -55.39 10.12
N GLY KB 131 -99.08 -56.61 10.38
CA GLY KB 131 -99.92 -57.61 11.00
C GLY KB 131 -99.87 -57.61 12.52
N GLY KB 132 -99.37 -56.53 13.09
CA GLY KB 132 -99.22 -56.46 14.53
C GLY KB 132 -97.99 -57.21 15.02
N HIS KB 133 -97.90 -57.30 16.34
CA HIS KB 133 -96.79 -58.02 16.96
C HIS KB 133 -96.94 -59.52 16.80
N VAL KB 134 -95.80 -60.20 16.67
CA VAL KB 134 -95.75 -61.65 16.59
C VAL KB 134 -95.11 -62.15 17.88
N LEU KB 135 -95.79 -63.05 18.58
CA LEU KB 135 -95.25 -63.63 19.80
C LEU KB 135 -94.05 -64.51 19.48
N HIS KB 136 -93.19 -64.67 20.49
CA HIS KB 136 -92.03 -65.54 20.36
C HIS KB 136 -92.50 -66.98 20.14
N PRO KB 137 -91.79 -67.76 19.30
CA PRO KB 137 -92.27 -69.12 18.96
C PRO KB 137 -92.44 -70.06 20.15
N ILE KB 138 -91.70 -69.84 21.25
CA ILE KB 138 -91.90 -70.64 22.44
C ILE KB 138 -93.26 -70.39 23.07
N TYR KB 139 -93.85 -69.21 22.86
CA TYR KB 139 -95.20 -68.95 23.34
C TYR KB 139 -96.26 -69.49 22.39
N THR KB 140 -95.99 -69.44 21.08
CA THR KB 140 -96.94 -69.97 20.11
C THR KB 140 -97.00 -71.49 20.16
N ARG KB 141 -95.88 -72.15 20.48
CA ARG KB 141 -95.87 -73.60 20.53
C ARG KB 141 -96.60 -74.14 21.74
N ALA KB 142 -96.44 -73.50 22.90
CA ALA KB 142 -96.98 -74.01 24.15
C ALA KB 142 -98.12 -73.18 24.71
N ALA KB 143 -97.90 -71.87 24.92
CA ALA KB 143 -98.92 -71.02 25.52
C ALA KB 143 -100.12 -70.84 24.60
N ALA KB 144 -99.88 -70.71 23.29
CA ALA KB 144 -100.99 -70.52 22.36
C ALA KB 144 -101.79 -71.80 22.17
N THR KB 145 -101.15 -72.96 22.21
CA THR KB 145 -101.89 -74.22 22.13
C THR KB 145 -102.77 -74.41 23.37
N LYS KB 146 -102.23 -74.09 24.54
CA LYS KB 146 -103.05 -74.11 25.75
C LYS KB 146 -104.10 -73.00 25.72
N SER KB 147 -103.81 -71.88 25.04
CA SER KB 147 -104.83 -70.85 24.86
C SER KB 147 -105.97 -71.34 23.99
N THR KB 148 -105.67 -72.11 22.94
CA THR KB 148 -106.71 -72.72 22.12
C THR KB 148 -107.50 -73.76 22.89
N GLN KB 149 -106.82 -74.51 23.76
CA GLN KB 149 -107.54 -75.45 24.64
C GLN KB 149 -108.48 -74.72 25.58
N MET KB 150 -108.02 -73.62 26.18
CA MET KB 150 -108.87 -72.84 27.08
C MET KB 150 -110.00 -72.15 26.33
N GLU KB 151 -109.80 -71.82 25.05
CA GLU KB 151 -110.88 -71.23 24.25
C GLU KB 151 -111.91 -72.28 23.86
N THR KB 152 -111.46 -73.47 23.45
CA THR KB 152 -112.39 -74.51 23.01
C THR KB 152 -113.03 -75.25 24.18
N ALA KB 153 -112.51 -75.08 25.40
CA ALA KB 153 -113.24 -75.50 26.59
C ALA KB 153 -114.23 -74.44 27.06
N SER KB 154 -114.17 -73.24 26.49
CA SER KB 154 -115.14 -72.18 26.78
C SER KB 154 -115.96 -71.87 25.53
N ALA LB 2 -33.58 -62.19 -62.23
CA ALA LB 2 -34.83 -62.54 -62.90
C ALA LB 2 -34.59 -63.00 -64.34
N PHE LB 3 -34.87 -64.30 -64.58
CA PHE LB 3 -34.70 -64.94 -65.88
C PHE LB 3 -33.28 -64.82 -66.40
N ARG LB 4 -32.30 -64.99 -65.51
CA ARG LB 4 -30.91 -64.90 -65.92
C ARG LB 4 -30.52 -66.05 -66.83
N GLY LB 5 -31.15 -67.21 -66.64
CA GLY LB 5 -30.92 -68.33 -67.53
C GLY LB 5 -31.35 -68.06 -68.95
N LYS LB 6 -32.50 -67.39 -69.12
CA LYS LB 6 -32.99 -67.09 -70.46
C LYS LB 6 -32.13 -66.04 -71.16
N GLU LB 7 -31.72 -64.98 -70.45
CA GLU LB 7 -30.89 -63.97 -71.10
C GLU LB 7 -29.48 -64.49 -71.39
N MET LB 8 -28.97 -65.40 -70.55
CA MET LB 8 -27.66 -65.98 -70.83
C MET LB 8 -27.75 -67.00 -71.96
N MET LB 9 -28.88 -67.71 -72.05
CA MET LB 9 -29.13 -68.62 -73.16
C MET LB 9 -29.24 -67.87 -74.47
N LYS LB 10 -29.82 -66.67 -74.45
CA LYS LB 10 -29.90 -65.88 -75.69
C LYS LB 10 -28.51 -65.49 -76.19
N LYS LB 11 -27.61 -65.08 -75.28
CA LYS LB 11 -26.23 -64.79 -75.66
C LYS LB 11 -25.52 -66.03 -76.17
N LEU LB 12 -25.72 -67.17 -75.51
CA LEU LB 12 -25.07 -68.42 -75.92
C LEU LB 12 -25.53 -68.87 -77.30
N VAL LB 13 -26.85 -68.79 -77.55
CA VAL LB 13 -27.41 -69.16 -78.85
C VAL LB 13 -26.91 -68.22 -79.93
N LYS LB 14 -26.90 -66.91 -79.66
CA LYS LB 14 -26.41 -65.93 -80.62
C LYS LB 14 -24.93 -66.11 -80.94
N LYS LB 15 -24.10 -66.42 -79.93
CA LYS LB 15 -22.68 -66.62 -80.18
C LYS LB 15 -22.40 -67.91 -80.95
N VAL LB 16 -23.01 -69.01 -80.51
CA VAL LB 16 -22.73 -70.31 -81.14
C VAL LB 16 -23.38 -70.39 -82.52
N GLY LB 17 -24.66 -70.00 -82.60
CA GLY LB 17 -25.41 -70.19 -83.82
C GLY LB 17 -26.56 -71.16 -83.59
N ALA LB 18 -27.79 -70.70 -83.85
CA ALA LB 18 -28.96 -71.49 -83.53
C ALA LB 18 -29.12 -72.72 -84.42
N GLU LB 19 -28.50 -72.71 -85.61
CA GLU LB 19 -28.58 -73.86 -86.50
C GLU LB 19 -27.77 -75.05 -86.00
N THR LB 20 -26.80 -74.81 -85.12
CA THR LB 20 -25.92 -75.86 -84.61
C THR LB 20 -26.56 -76.72 -83.53
N LEU LB 21 -27.77 -76.38 -83.08
CA LEU LB 21 -28.33 -76.92 -81.84
C LEU LB 21 -29.56 -77.76 -82.17
N THR LB 22 -29.54 -79.03 -81.76
CA THR LB 22 -30.70 -79.89 -81.83
C THR LB 22 -31.66 -79.57 -80.68
N PRO LB 23 -32.94 -79.99 -80.79
CA PRO LB 23 -33.86 -79.79 -79.65
C PRO LB 23 -33.42 -80.43 -78.35
N GLU LB 24 -32.84 -81.64 -78.41
CA GLU LB 24 -32.39 -82.29 -77.19
C GLU LB 24 -31.17 -81.57 -76.60
N LEU LB 25 -30.28 -81.07 -77.47
CA LEU LB 25 -29.17 -80.25 -76.99
C LEU LB 25 -29.65 -78.94 -76.40
N LYS LB 26 -30.73 -78.37 -76.94
CA LYS LB 26 -31.31 -77.17 -76.34
C LYS LB 26 -31.87 -77.46 -74.95
N GLY LB 27 -32.54 -78.61 -74.80
CA GLY LB 27 -33.04 -79.03 -73.50
C GLY LB 27 -31.90 -79.24 -72.50
N LYS LB 28 -30.81 -79.87 -72.96
CA LYS LB 28 -29.65 -80.07 -72.09
C LYS LB 28 -29.01 -78.75 -71.70
N LEU LB 29 -28.88 -77.83 -72.66
CA LEU LB 29 -28.23 -76.55 -72.40
C LEU LB 29 -29.05 -75.68 -71.46
N LYS LB 30 -30.38 -75.80 -71.48
CA LYS LB 30 -31.20 -75.09 -70.50
C LYS LB 30 -30.90 -75.59 -69.08
N ALA LB 31 -30.62 -76.89 -68.94
CA ALA LB 31 -30.28 -77.46 -67.64
C ALA LB 31 -28.88 -77.09 -67.15
N CYS LB 32 -28.04 -76.50 -68.00
CA CYS LB 32 -26.69 -76.16 -67.61
C CYS LB 32 -26.47 -74.68 -67.36
N VAL LB 33 -27.22 -73.81 -68.02
CA VAL LB 33 -26.99 -72.37 -67.88
C VAL LB 33 -27.49 -71.92 -66.51
N PRO LB 34 -26.67 -71.21 -65.74
CA PRO LB 34 -27.11 -70.77 -64.40
C PRO LB 34 -28.26 -69.78 -64.47
N ASP LB 35 -29.10 -69.83 -63.44
CA ASP LB 35 -30.26 -68.96 -63.35
C ASP LB 35 -30.51 -68.46 -61.94
N SER LB 36 -29.47 -68.45 -61.10
CA SER LB 36 -29.60 -67.97 -59.74
C SER LB 36 -29.81 -66.45 -59.73
N LYS LB 37 -30.46 -65.97 -58.66
CA LYS LB 37 -30.80 -64.56 -58.52
C LYS LB 37 -29.54 -63.79 -58.14
N VAL LB 38 -28.82 -63.32 -59.15
CA VAL LB 38 -27.63 -62.50 -58.98
C VAL LB 38 -27.97 -61.11 -59.51
N VAL LB 39 -28.01 -60.13 -58.61
CA VAL LB 39 -28.36 -58.75 -58.97
C VAL LB 39 -27.14 -57.84 -58.88
N MET LB 40 -26.37 -57.94 -57.80
CA MET LB 40 -25.26 -57.03 -57.56
C MET LB 40 -24.14 -57.25 -58.60
N GLY LB 41 -23.58 -56.14 -59.08
CA GLY LB 41 -22.63 -56.20 -60.16
C GLY LB 41 -21.30 -56.85 -59.83
N ARG LB 42 -20.82 -56.65 -58.59
CA ARG LB 42 -19.52 -57.21 -58.24
C ARG LB 42 -19.55 -58.71 -58.05
N ALA LB 43 -20.72 -59.32 -57.83
CA ALA LB 43 -20.79 -60.78 -57.73
C ALA LB 43 -20.65 -61.44 -59.10
N LYS LB 44 -21.04 -60.75 -60.17
CA LYS LB 44 -20.81 -61.27 -61.51
C LYS LB 44 -19.35 -61.21 -61.92
N ARG LB 45 -18.50 -60.56 -61.14
CA ARG LB 45 -17.08 -60.48 -61.42
C ARG LB 45 -16.24 -61.27 -60.43
N GLY LB 46 -16.86 -61.95 -59.48
CA GLY LB 46 -16.10 -62.72 -58.51
C GLY LB 46 -16.54 -64.16 -58.42
N LEU LB 47 -16.09 -64.85 -57.38
CA LEU LB 47 -16.50 -66.22 -57.08
C LEU LB 47 -17.12 -66.21 -55.69
N TYR LB 48 -18.41 -65.94 -55.62
CA TYR LB 48 -19.10 -65.75 -54.36
C TYR LB 48 -19.76 -67.01 -53.82
N ALA LB 49 -19.91 -68.04 -54.66
CA ALA LB 49 -20.57 -69.31 -54.32
C ALA LB 49 -21.99 -69.10 -53.79
N GLY LB 50 -22.72 -68.19 -54.40
CA GLY LB 50 -24.12 -67.98 -54.09
C GLY LB 50 -24.42 -66.97 -53.01
N ARG LB 51 -23.41 -66.37 -52.39
CA ARG LB 51 -23.64 -65.32 -51.41
C ARG LB 51 -24.02 -64.01 -52.11
N HIS LB 52 -24.98 -63.30 -51.53
CA HIS LB 52 -25.52 -62.09 -52.14
C HIS LB 52 -25.91 -61.12 -51.04
N ILE LB 53 -25.81 -59.82 -51.33
CA ILE LB 53 -26.11 -58.80 -50.32
C ILE LB 53 -27.58 -58.86 -49.93
N GLN LB 54 -27.85 -58.71 -48.64
CA GLN LB 54 -29.19 -58.72 -48.08
C GLN LB 54 -29.52 -57.34 -47.53
N TYR LB 55 -30.77 -56.92 -47.72
CA TYR LB 55 -31.26 -55.67 -47.15
C TYR LB 55 -32.36 -55.98 -46.16
N GLY LB 56 -32.33 -55.30 -45.03
CA GLY LB 56 -33.29 -55.55 -43.98
C GLY LB 56 -33.40 -54.41 -43.01
N ASN LB 57 -33.78 -54.72 -41.79
CA ASN LB 57 -34.06 -53.73 -40.77
C ASN LB 57 -33.00 -53.77 -39.68
N ARG LB 58 -32.59 -52.58 -39.24
CA ARG LB 58 -31.84 -52.43 -38.00
C ARG LB 58 -32.83 -51.95 -36.94
N VAL LB 59 -32.94 -52.69 -35.85
CA VAL LB 59 -33.98 -52.47 -34.85
C VAL LB 59 -33.34 -51.97 -33.57
N SER LB 60 -33.78 -50.80 -33.12
CA SER LB 60 -33.29 -50.24 -31.87
C SER LB 60 -33.81 -51.05 -30.69
N GLU LB 61 -33.14 -50.87 -29.55
CA GLU LB 61 -33.32 -51.78 -28.41
C GLU LB 61 -34.54 -51.41 -27.58
N ASP LB 62 -34.62 -50.17 -27.12
CA ASP LB 62 -35.77 -49.78 -26.29
C ASP LB 62 -36.99 -49.49 -27.13
N GLY LB 63 -36.88 -48.53 -28.06
CA GLY LB 63 -38.03 -48.10 -28.83
C GLY LB 63 -38.46 -49.06 -29.91
N GLY LB 64 -37.56 -49.94 -30.36
CA GLY LB 64 -37.89 -50.82 -31.46
C GLY LB 64 -38.02 -50.14 -32.79
N ASN LB 65 -37.38 -48.98 -32.96
CA ASN LB 65 -37.43 -48.27 -34.23
C ASN LB 65 -36.64 -49.02 -35.30
N LYS LB 66 -37.17 -49.02 -36.51
CA LYS LB 66 -36.59 -49.78 -37.60
C LYS LB 66 -36.06 -48.83 -38.66
N SER LB 67 -34.81 -49.04 -39.07
CA SER LB 67 -34.21 -48.32 -40.18
C SER LB 67 -33.53 -49.33 -41.09
N ARG LB 68 -33.45 -48.98 -42.37
CA ARG LB 68 -32.91 -49.90 -43.35
C ARG LB 68 -31.39 -50.02 -43.22
N ARG LB 69 -30.91 -51.26 -43.30
CA ARG LB 69 -29.48 -51.54 -43.32
C ARG LB 69 -29.23 -52.61 -44.38
N CYS LB 70 -27.98 -53.05 -44.46
CA CYS LB 70 -27.63 -54.12 -45.38
C CYS LB 70 -26.65 -55.07 -44.72
N TRP LB 71 -26.66 -56.33 -45.18
CA TRP LB 71 -25.71 -57.34 -44.77
C TRP LB 71 -24.82 -57.67 -45.97
N LYS LB 72 -23.56 -57.45 -45.84
CA LYS LB 72 -22.67 -57.67 -46.96
C LYS LB 72 -21.97 -59.02 -46.83
N PRO LB 73 -21.67 -59.68 -47.94
CA PRO LB 73 -20.89 -60.92 -47.86
C PRO LB 73 -19.43 -60.63 -47.50
N ASN LB 74 -18.79 -61.63 -46.90
CA ASN LB 74 -17.41 -61.51 -46.44
C ASN LB 74 -16.48 -61.79 -47.63
N VAL LB 75 -16.29 -60.76 -48.45
CA VAL LB 75 -15.51 -60.87 -49.67
C VAL LB 75 -14.07 -60.47 -49.40
N GLN LB 76 -13.13 -61.28 -49.89
CA GLN LB 76 -11.71 -60.99 -49.82
C GLN LB 76 -11.09 -61.18 -51.20
N GLU LB 77 -10.19 -60.27 -51.58
CA GLU LB 77 -9.43 -60.46 -52.81
C GLU LB 77 -8.22 -61.33 -52.50
N LYS LB 78 -8.16 -62.51 -53.10
CA LYS LB 78 -7.16 -63.51 -52.77
C LYS LB 78 -6.50 -64.03 -54.04
N ARG LB 79 -5.27 -64.51 -53.87
CA ARG LB 79 -4.54 -65.23 -54.92
C ARG LB 79 -4.64 -66.72 -54.60
N LEU LB 80 -5.33 -67.46 -55.46
CA LEU LB 80 -5.54 -68.89 -55.27
C LEU LB 80 -4.69 -69.66 -56.27
N PHE LB 81 -3.93 -70.63 -55.77
CA PHE LB 81 -3.01 -71.36 -56.62
C PHE LB 81 -3.75 -72.41 -57.44
N SER LB 82 -3.42 -72.49 -58.72
CA SER LB 82 -4.01 -73.43 -59.66
C SER LB 82 -2.94 -74.41 -60.11
N TYR LB 83 -3.23 -75.71 -60.01
CA TYR LB 83 -2.26 -76.72 -60.41
C TYR LB 83 -2.11 -76.76 -61.92
N ILE LB 84 -3.22 -76.68 -62.66
CA ILE LB 84 -3.16 -76.84 -64.12
C ILE LB 84 -2.61 -75.61 -64.82
N PHE LB 85 -2.60 -74.45 -64.17
CA PHE LB 85 -1.98 -73.29 -64.78
C PHE LB 85 -0.67 -73.02 -64.08
N ASP LB 86 -0.41 -73.70 -62.97
CA ASP LB 86 0.84 -73.54 -62.22
C ASP LB 86 1.13 -72.11 -61.81
N ARG LB 87 0.10 -71.31 -61.62
CA ARG LB 87 0.26 -69.93 -61.26
C ARG LB 87 -0.88 -69.58 -60.33
N HIS LB 88 -0.82 -68.41 -59.71
CA HIS LB 88 -1.93 -67.97 -58.91
C HIS LB 88 -2.99 -67.27 -59.72
N ILE LB 89 -4.22 -67.44 -59.33
CA ILE LB 89 -5.33 -66.73 -59.95
C ILE LB 89 -5.89 -65.77 -58.90
N LYS LB 90 -5.98 -64.49 -59.25
CA LYS LB 90 -6.43 -63.46 -58.32
C LYS LB 90 -7.94 -63.28 -58.50
N VAL LB 91 -8.71 -63.69 -57.49
CA VAL LB 91 -10.16 -63.75 -57.56
C VAL LB 91 -10.71 -63.03 -56.33
N LYS LB 92 -11.81 -62.32 -56.50
CA LYS LB 92 -12.60 -61.85 -55.37
C LYS LB 92 -13.50 -62.98 -54.91
N VAL LB 93 -13.20 -63.55 -53.76
CA VAL LB 93 -13.94 -64.69 -53.23
C VAL LB 93 -14.58 -64.32 -51.91
N THR LB 94 -15.70 -64.97 -51.61
CA THR LB 94 -16.18 -64.95 -50.25
C THR LB 94 -15.44 -66.02 -49.45
N THR LB 95 -15.45 -65.88 -48.12
CA THR LB 95 -14.83 -66.89 -47.28
C THR LB 95 -15.60 -68.20 -47.30
N HIS LB 96 -16.91 -68.15 -47.59
CA HIS LB 96 -17.66 -69.38 -47.80
C HIS LB 96 -17.20 -70.12 -49.05
N ALA LB 97 -16.93 -69.39 -50.12
CA ALA LB 97 -16.34 -69.99 -51.32
C ALA LB 97 -14.94 -70.51 -51.05
N LEU LB 98 -14.17 -69.80 -50.21
CA LEU LB 98 -12.85 -70.27 -49.81
C LEU LB 98 -12.94 -71.58 -49.06
N ARG LB 99 -13.92 -71.72 -48.17
CA ARG LB 99 -14.12 -72.96 -47.44
C ARG LB 99 -14.56 -74.09 -48.37
N CYS LB 100 -15.40 -73.78 -49.36
CA CYS LB 100 -15.80 -74.77 -50.35
C CYS LB 100 -14.62 -75.22 -51.21
N ILE LB 101 -13.74 -74.28 -51.56
CA ILE LB 101 -12.54 -74.61 -52.33
C ILE LB 101 -11.57 -75.46 -51.50
N ASP LB 102 -11.48 -75.17 -50.19
CA ASP LB 102 -10.68 -76.00 -49.29
C ASP LB 102 -11.20 -77.42 -49.22
N LYS LB 103 -12.53 -77.58 -49.17
CA LYS LB 103 -13.11 -78.91 -49.18
C LYS LB 103 -12.88 -79.62 -50.52
N ALA LB 104 -12.98 -78.88 -51.62
CA ALA LB 104 -12.82 -79.47 -52.94
C ALA LB 104 -11.38 -79.88 -53.22
N GLY LB 105 -10.41 -79.17 -52.65
CA GLY LB 105 -9.01 -79.48 -52.89
C GLY LB 105 -8.36 -78.59 -53.92
N GLY LB 106 -8.61 -77.30 -53.85
CA GLY LB 106 -8.04 -76.33 -54.76
C GLY LB 106 -9.09 -75.71 -55.67
N ILE LB 107 -8.66 -74.62 -56.33
CA ILE LB 107 -9.54 -73.93 -57.28
C ILE LB 107 -9.82 -74.80 -58.50
N ASP LB 108 -8.81 -75.58 -58.94
CA ASP LB 108 -8.99 -76.46 -60.09
C ASP LB 108 -10.05 -77.52 -59.82
N GLU LB 109 -9.96 -78.17 -58.66
CA GLU LB 109 -10.93 -79.20 -58.32
C GLU LB 109 -12.31 -78.63 -58.05
N TYR LB 110 -12.38 -77.41 -57.50
CA TYR LB 110 -13.67 -76.75 -57.35
C TYR LB 110 -14.31 -76.49 -58.69
N LEU LB 111 -13.53 -76.02 -59.68
CA LEU LB 111 -14.08 -75.78 -61.00
C LEU LB 111 -14.47 -77.09 -61.70
N LEU LB 112 -13.71 -78.16 -61.47
CA LEU LB 112 -14.03 -79.44 -62.10
C LEU LB 112 -15.29 -80.05 -61.51
N LYS LB 113 -15.47 -79.98 -60.19
CA LYS LB 113 -16.56 -80.71 -59.55
C LYS LB 113 -17.86 -79.93 -59.48
N THR LB 114 -17.81 -78.61 -59.54
CA THR LB 114 -19.03 -77.82 -59.49
C THR LB 114 -19.75 -77.93 -60.83
N PRO LB 115 -21.05 -78.22 -60.84
CA PRO LB 115 -21.80 -78.27 -62.10
C PRO LB 115 -21.95 -76.89 -62.72
N TYR LB 116 -22.29 -76.88 -64.01
CA TYR LB 116 -22.35 -75.65 -64.79
C TYR LB 116 -23.38 -74.68 -64.24
N GLN LB 117 -24.50 -75.20 -63.73
CA GLN LB 117 -25.55 -74.32 -63.23
C GLN LB 117 -25.18 -73.64 -61.93
N LYS LB 118 -24.30 -74.24 -61.14
CA LYS LB 118 -23.92 -73.65 -59.85
C LYS LB 118 -22.79 -72.64 -59.96
N MET LB 119 -22.26 -72.40 -61.16
CA MET LB 119 -21.22 -71.40 -61.32
C MET LB 119 -21.74 -69.96 -61.27
N ASP LB 120 -23.04 -69.77 -61.48
CA ASP LB 120 -23.82 -68.54 -61.23
C ASP LB 120 -23.52 -67.41 -62.21
N THR LB 121 -22.52 -67.56 -63.07
CA THR LB 121 -21.91 -66.43 -63.74
C THR LB 121 -21.34 -66.88 -65.07
N GLU LB 122 -21.42 -65.99 -66.08
CA GLU LB 122 -20.79 -66.26 -67.37
C GLU LB 122 -19.27 -66.42 -67.23
N MET LB 123 -18.63 -65.58 -66.41
CA MET LB 123 -17.20 -65.72 -66.19
C MET LB 123 -16.84 -67.01 -65.45
N GLY LB 124 -17.69 -67.44 -64.52
CA GLY LB 124 -17.50 -68.74 -63.89
C GLY LB 124 -17.63 -69.88 -64.88
N LEU LB 125 -18.59 -69.77 -65.82
CA LEU LB 125 -18.70 -70.74 -66.89
C LEU LB 125 -17.45 -70.77 -67.76
N PHE LB 126 -16.90 -69.59 -68.06
CA PHE LB 126 -15.67 -69.51 -68.85
C PHE LB 126 -14.51 -70.19 -68.15
N TRP LB 127 -14.34 -69.92 -66.85
CA TRP LB 127 -13.22 -70.50 -66.11
C TRP LB 127 -13.38 -72.00 -65.94
N LYS LB 128 -14.60 -72.47 -65.69
CA LYS LB 128 -14.84 -73.90 -65.59
C LYS LB 128 -14.56 -74.60 -66.92
N THR LB 129 -15.00 -74.00 -68.04
CA THR LB 129 -14.74 -74.57 -69.35
C THR LB 129 -13.24 -74.62 -69.66
N LYS LB 130 -12.51 -73.55 -69.34
CA LYS LB 130 -11.07 -73.52 -69.59
C LYS LB 130 -10.32 -74.57 -68.78
N VAL LB 131 -10.66 -74.70 -67.49
CA VAL LB 131 -9.99 -75.68 -66.65
C VAL LB 131 -10.36 -77.10 -67.07
N GLU LB 132 -11.60 -77.33 -67.48
CA GLU LB 132 -12.00 -78.64 -67.97
C GLU LB 132 -11.25 -79.01 -69.25
N GLN LB 133 -11.10 -78.06 -70.17
CA GLN LB 133 -10.35 -78.32 -71.40
C GLN LB 133 -8.88 -78.59 -71.12
N ARG LB 134 -8.27 -77.83 -70.20
CA ARG LB 134 -6.88 -78.05 -69.85
C ARG LB 134 -6.67 -79.41 -69.18
N TYR LB 135 -7.60 -79.82 -68.31
CA TYR LB 135 -7.47 -81.15 -67.70
C TYR LB 135 -7.73 -82.25 -68.70
N ALA LB 136 -8.58 -82.01 -69.70
CA ALA LB 136 -8.78 -83.00 -70.76
C ALA LB 136 -7.54 -83.14 -71.63
N GLU LB 137 -6.83 -82.04 -71.85
CA GLU LB 137 -5.55 -82.12 -72.58
C GLU LB 137 -4.50 -82.91 -71.81
N LEU LB 138 -4.42 -82.68 -70.48
CA LEU LB 138 -3.49 -83.45 -69.66
C LEU LB 138 -3.92 -84.91 -69.52
N GLY LB 139 -5.20 -85.21 -69.68
CA GLY LB 139 -5.70 -86.55 -69.58
C GLY LB 139 -5.27 -87.48 -70.70
N GLN LB 140 -4.68 -86.95 -71.77
CA GLN LB 140 -4.19 -87.77 -72.87
C GLN LB 140 -2.67 -87.82 -72.94
N MET LB 141 -1.99 -87.62 -71.82
CA MET LB 141 -0.54 -87.51 -71.80
C MET LB 141 0.07 -88.52 -70.83
N GLU LB 142 1.40 -88.60 -70.87
CA GLU LB 142 2.16 -89.40 -69.92
C GLU LB 142 3.55 -88.82 -69.82
N VAL LB 143 4.25 -89.17 -68.73
CA VAL LB 143 5.66 -88.86 -68.57
C VAL LB 143 6.43 -90.16 -68.36
N ALA LB 144 7.60 -90.23 -68.97
CA ALA LB 144 8.51 -91.36 -68.80
C ALA LB 144 9.61 -90.98 -67.82
N PHE LB 145 10.01 -91.95 -66.99
CA PHE LB 145 11.09 -91.77 -66.04
C PHE LB 145 12.32 -92.52 -66.51
N PHE LB 146 13.45 -92.28 -65.83
CA PHE LB 146 14.75 -92.71 -66.33
C PHE LB 146 15.57 -93.35 -65.22
N ASN LB 147 16.46 -94.24 -65.65
CA ASN LB 147 17.38 -94.91 -64.74
C ASN LB 147 18.42 -93.91 -64.23
N ALA LB 148 19.00 -94.16 -63.05
CA ALA LB 148 20.03 -93.24 -62.52
C ALA LB 148 21.26 -93.10 -63.41
N GLU LB 149 21.66 -94.12 -64.16
CA GLU LB 149 22.75 -93.95 -65.10
C GLU LB 149 22.33 -93.08 -66.29
N ASP LB 150 21.07 -93.23 -66.74
CA ASP LB 150 20.51 -92.31 -67.71
C ASP LB 150 20.38 -90.90 -67.14
N GLU LB 151 20.07 -90.79 -65.85
CA GLU LB 151 20.01 -89.49 -65.19
C GLU LB 151 21.37 -88.81 -65.16
N ALA LB 152 22.42 -89.59 -64.88
CA ALA LB 152 23.78 -89.06 -64.91
C ALA LB 152 24.18 -88.62 -66.31
N LYS LB 153 23.82 -89.42 -67.32
CA LYS LB 153 24.13 -89.05 -68.70
C LYS LB 153 23.40 -87.77 -69.10
N PHE LB 154 22.14 -87.62 -68.68
CA PHE LB 154 21.40 -86.42 -69.01
C PHE LB 154 21.94 -85.20 -68.26
N GLU LB 155 22.36 -85.39 -67.00
CA GLU LB 155 23.00 -84.29 -66.26
C GLU LB 155 24.27 -83.82 -66.96
N GLN LB 156 25.11 -84.78 -67.39
CA GLN LB 156 26.32 -84.44 -68.13
C GLN LB 156 26.01 -83.79 -69.47
N GLY LB 157 24.92 -84.23 -70.12
CA GLY LB 157 24.53 -83.60 -71.38
C GLY LB 157 24.12 -82.15 -71.22
N PHE LB 158 23.29 -81.86 -70.21
CA PHE LB 158 22.96 -80.47 -69.91
C PHE LB 158 24.19 -79.67 -69.50
N LYS LB 159 25.11 -80.29 -68.77
CA LYS LB 159 26.35 -79.59 -68.40
C LYS LB 159 27.17 -79.21 -69.62
N ASP LB 160 27.28 -80.14 -70.58
CA ASP LB 160 28.02 -79.85 -71.81
C ASP LB 160 27.31 -78.79 -72.65
N LEU LB 161 25.98 -78.81 -72.68
CA LEU LB 161 25.23 -77.76 -73.37
C LEU LB 161 25.47 -76.39 -72.73
N ASN LB 162 25.45 -76.34 -71.40
CA ASN LB 162 25.67 -75.07 -70.70
C ASN LB 162 27.10 -74.56 -70.90
N ILE LB 163 28.09 -75.46 -70.88
CA ILE LB 163 29.47 -75.04 -71.11
C ILE LB 163 29.66 -74.56 -72.55
N ALA LB 164 29.03 -75.24 -73.51
CA ALA LB 164 29.09 -74.78 -74.90
C ALA LB 164 28.43 -73.41 -75.07
N LYS LB 165 27.30 -73.20 -74.40
CA LYS LB 165 26.62 -71.91 -74.47
C LYS LB 165 27.45 -70.80 -73.83
N LYS LB 166 28.10 -71.09 -72.70
CA LYS LB 166 28.89 -70.08 -72.02
C LYS LB 166 30.17 -69.75 -72.78
N ASP LB 167 30.83 -70.77 -73.34
CA ASP LB 167 32.01 -70.52 -74.18
C ASP LB 167 31.64 -69.80 -75.47
N ALA LB 168 30.47 -70.10 -76.04
CA ALA LB 168 30.00 -69.38 -77.22
C ALA LB 168 29.72 -67.92 -76.88
N ARG LB 169 29.16 -67.66 -75.69
CA ARG LB 169 28.93 -66.30 -75.25
C ARG LB 169 30.24 -65.55 -75.03
N ARG LB 170 31.23 -66.21 -74.43
CA ARG LB 170 32.54 -65.58 -74.23
C ARG LB 170 33.23 -65.29 -75.55
N GLU LB 171 33.16 -66.21 -76.51
CA GLU LB 171 33.73 -65.97 -77.83
C GLU LB 171 32.98 -64.89 -78.59
N ALA LB 172 31.65 -64.81 -78.40
CA ALA LB 172 30.87 -63.72 -78.99
C ALA LB 172 31.27 -62.37 -78.41
N ARG LB 173 31.52 -62.31 -77.10
CA ARG LB 173 31.98 -61.08 -76.47
C ARG LB 173 33.35 -60.68 -77.00
N LYS LB 174 34.25 -61.66 -77.16
CA LYS LB 174 35.58 -61.39 -77.71
C LYS LB 174 35.51 -60.90 -79.16
N GLU LB 175 34.64 -61.51 -79.97
CA GLU LB 175 34.56 -61.13 -81.38
C GLU LB 175 33.88 -59.78 -81.56
N ALA LB 176 32.87 -59.47 -80.74
CA ALA LB 176 32.28 -58.14 -80.80
C ALA LB 176 33.23 -57.09 -80.27
N ARG LB 177 34.09 -57.47 -79.32
CA ARG LB 177 35.19 -56.58 -78.93
C ARG LB 177 36.22 -56.46 -80.05
N ARG LB 178 36.49 -57.56 -80.75
CA ARG LB 178 37.40 -57.54 -81.90
C ARG LB 178 36.65 -57.13 -83.17
N VAL MB 31 -37.79 -17.92 -133.02
CA VAL MB 31 -38.42 -18.08 -134.32
C VAL MB 31 -38.54 -19.56 -134.61
N LYS MB 32 -38.36 -19.96 -135.87
CA LYS MB 32 -38.39 -21.36 -136.19
C LYS MB 32 -37.37 -22.11 -135.37
N ILE MB 33 -36.12 -21.71 -135.43
CA ILE MB 33 -35.08 -22.42 -134.72
C ILE MB 33 -34.42 -21.52 -133.69
N ALA MB 34 -34.00 -22.09 -132.58
CA ALA MB 34 -33.38 -21.29 -131.54
C ALA MB 34 -32.02 -20.87 -132.03
N LYS MB 35 -31.72 -19.59 -131.94
CA LYS MB 35 -30.47 -19.10 -132.45
C LYS MB 35 -29.28 -19.28 -131.52
N ASN MB 36 -29.54 -19.52 -130.26
CA ASN MB 36 -28.47 -19.67 -129.29
C ASN MB 36 -29.00 -20.62 -128.26
N PRO MB 37 -28.14 -21.06 -127.35
CA PRO MB 37 -28.58 -21.99 -126.30
C PRO MB 37 -29.56 -21.39 -125.31
N LEU MB 38 -29.59 -20.05 -125.18
CA LEU MB 38 -30.58 -19.41 -124.31
C LEU MB 38 -31.99 -19.58 -124.84
N GLU MB 39 -32.17 -19.55 -126.15
CA GLU MB 39 -33.50 -19.62 -126.74
C GLU MB 39 -34.07 -21.03 -126.74
N GLU MB 40 -33.30 -22.04 -126.33
CA GLU MB 40 -33.83 -23.38 -126.15
C GLU MB 40 -34.64 -23.51 -124.87
N PHE MB 41 -34.62 -22.51 -124.00
CA PHE MB 41 -35.48 -22.44 -122.83
C PHE MB 41 -36.82 -21.79 -123.14
N PHE MB 42 -37.08 -21.45 -124.40
CA PHE MB 42 -38.31 -20.81 -124.83
C PHE MB 42 -39.02 -21.70 -125.83
N GLU MB 43 -40.35 -21.59 -125.85
CA GLU MB 43 -41.18 -22.33 -126.80
C GLU MB 43 -41.21 -21.57 -128.11
N PHE MB 44 -40.32 -21.93 -129.03
CA PHE MB 44 -40.24 -21.23 -130.32
C PHE MB 44 -41.34 -21.66 -131.28
N ASP MB 45 -42.03 -22.75 -131.01
CA ASP MB 45 -43.05 -23.29 -131.89
C ASP MB 45 -44.46 -22.81 -131.54
N ARG MB 46 -44.59 -21.97 -130.53
CA ARG MB 46 -45.91 -21.54 -130.07
C ARG MB 46 -46.43 -20.43 -130.96
N SER MB 47 -47.52 -20.71 -131.68
CA SER MB 47 -48.19 -19.70 -132.51
C SER MB 47 -48.87 -18.65 -131.65
N LYS MB 52 -55.71 -19.68 -133.35
CA LYS MB 52 -55.00 -20.92 -133.62
C LYS MB 52 -54.38 -21.51 -132.35
N PRO MB 53 -55.15 -22.32 -131.63
CA PRO MB 53 -54.61 -22.95 -130.42
C PRO MB 53 -53.66 -24.10 -130.78
N VAL MB 54 -52.44 -24.03 -130.28
CA VAL MB 54 -51.46 -25.08 -130.49
C VAL MB 54 -51.89 -26.33 -129.71
N VAL MB 55 -51.70 -27.50 -130.32
CA VAL MB 55 -52.07 -28.76 -129.71
C VAL MB 55 -50.81 -29.52 -129.33
N TYR MB 56 -50.96 -30.39 -128.34
CA TYR MB 56 -49.86 -31.23 -127.86
C TYR MB 56 -50.36 -32.65 -127.72
N GLY MB 57 -49.54 -33.61 -128.14
CA GLY MB 57 -49.92 -35.00 -128.11
C GLY MB 57 -49.87 -35.58 -126.72
N ARG MB 58 -49.97 -36.91 -126.67
CA ARG MB 58 -49.95 -37.61 -125.41
C ARG MB 58 -48.52 -38.07 -125.08
N GLY MB 59 -48.38 -38.66 -123.89
CA GLY MB 59 -47.10 -39.21 -123.51
C GLY MB 59 -46.79 -40.52 -124.20
N TRP MB 60 -45.52 -40.88 -124.21
CA TRP MB 60 -45.09 -42.15 -124.77
C TRP MB 60 -45.58 -43.30 -123.91
N LYS MB 61 -46.00 -44.39 -124.56
CA LYS MB 61 -46.38 -45.61 -123.86
C LYS MB 61 -45.17 -46.53 -123.74
N ALA MB 62 -45.24 -47.43 -122.75
CA ALA MB 62 -44.14 -48.35 -122.50
C ALA MB 62 -43.98 -49.36 -123.62
N SER MB 63 -45.09 -49.78 -124.23
CA SER MB 63 -45.02 -50.72 -125.35
C SER MB 63 -44.40 -50.08 -126.59
N GLU MB 64 -44.57 -48.78 -126.76
CA GLU MB 64 -43.92 -48.07 -127.86
C GLU MB 64 -42.44 -47.83 -127.58
N LEU MB 65 -42.07 -47.65 -126.32
CA LEU MB 65 -40.67 -47.46 -125.96
C LEU MB 65 -39.90 -48.77 -125.98
N ARG MB 66 -40.58 -49.91 -125.88
CA ARG MB 66 -39.93 -51.22 -125.94
C ARG MB 66 -39.47 -51.58 -127.34
N LEU MB 67 -39.87 -50.81 -128.36
CA LEU MB 67 -39.40 -50.99 -129.71
C LEU MB 67 -38.11 -50.23 -130.00
N LYS MB 68 -37.73 -49.30 -129.13
CA LYS MB 68 -36.62 -48.40 -129.38
C LYS MB 68 -35.32 -48.94 -128.80
N SER MB 69 -34.21 -48.61 -129.48
CA SER MB 69 -32.88 -49.01 -129.03
C SER MB 69 -32.46 -48.19 -127.81
N TRP MB 70 -31.34 -48.60 -127.21
CA TRP MB 70 -30.77 -47.86 -126.08
C TRP MB 70 -30.35 -46.46 -126.50
N ASP MB 71 -29.74 -46.32 -127.68
CA ASP MB 71 -29.32 -45.02 -128.17
C ASP MB 71 -30.53 -44.11 -128.43
N ASP MB 72 -31.58 -44.65 -129.05
CA ASP MB 72 -32.80 -43.87 -129.29
C ASP MB 72 -33.47 -43.50 -127.99
N LEU MB 73 -33.47 -44.40 -127.01
CA LEU MB 73 -34.09 -44.10 -125.71
C LEU MB 73 -33.31 -43.04 -124.95
N GLN MB 74 -31.98 -43.05 -125.04
CA GLN MB 74 -31.19 -42.00 -124.40
C GLN MB 74 -31.40 -40.64 -125.07
N LYS MB 75 -31.47 -40.64 -126.41
CA LYS MB 75 -31.75 -39.41 -127.13
C LYS MB 75 -33.14 -38.87 -126.80
N LEU MB 76 -34.13 -39.77 -126.71
CA LEU MB 76 -35.48 -39.36 -126.31
C LEU MB 76 -35.52 -38.86 -124.88
N TRP MB 77 -34.71 -39.45 -123.99
CA TRP MB 77 -34.59 -38.94 -122.63
C TRP MB 77 -34.09 -37.50 -122.61
N TYR MB 78 -33.08 -37.19 -123.42
CA TYR MB 78 -32.58 -35.82 -123.38
C TYR MB 78 -33.51 -34.85 -124.11
N VAL MB 79 -34.24 -35.31 -125.12
CA VAL MB 79 -35.28 -34.48 -125.74
C VAL MB 79 -36.37 -34.14 -124.72
N LEU MB 80 -36.81 -35.14 -123.96
CA LEU MB 80 -37.80 -34.92 -122.90
C LEU MB 80 -37.25 -34.03 -121.79
N LEU MB 81 -35.98 -34.19 -121.44
CA LEU MB 81 -35.37 -33.34 -120.42
C LEU MB 81 -35.33 -31.88 -120.84
N LYS MB 82 -34.96 -31.60 -122.09
CA LYS MB 82 -34.94 -30.23 -122.56
C LYS MB 82 -36.34 -29.65 -122.65
N GLU MB 83 -37.32 -30.48 -123.05
CA GLU MB 83 -38.71 -30.02 -123.05
C GLU MB 83 -39.20 -29.71 -121.64
N LYS MB 84 -38.85 -30.55 -120.67
CA LYS MB 84 -39.25 -30.33 -119.28
C LYS MB 84 -38.62 -29.06 -118.72
N ASN MB 85 -37.35 -28.81 -119.04
CA ASN MB 85 -36.69 -27.59 -118.61
C ASN MB 85 -37.37 -26.37 -119.22
N MET MB 86 -37.73 -26.43 -120.50
CA MET MB 86 -38.44 -25.33 -121.15
C MET MB 86 -39.80 -25.09 -120.52
N LEU MB 87 -40.52 -26.17 -120.19
CA LEU MB 87 -41.86 -26.04 -119.61
C LEU MB 87 -41.81 -25.42 -118.22
N MET MB 88 -40.88 -25.88 -117.37
CA MET MB 88 -40.75 -25.30 -116.05
C MET MB 88 -40.25 -23.86 -116.11
N THR MB 89 -39.40 -23.54 -117.10
CA THR MB 89 -38.99 -22.16 -117.32
C THR MB 89 -40.17 -21.27 -117.70
N GLN MB 90 -41.04 -21.77 -118.59
CA GLN MB 90 -42.20 -20.99 -119.00
C GLN MB 90 -43.18 -20.78 -117.85
N ARG MB 91 -43.42 -21.83 -117.05
CA ARG MB 91 -44.28 -21.70 -115.88
C ARG MB 91 -43.70 -20.73 -114.85
N GLN MB 92 -42.38 -20.76 -114.67
CA GLN MB 92 -41.74 -19.87 -113.70
C GLN MB 92 -41.76 -18.42 -114.19
N MET MB 93 -41.55 -18.20 -115.48
CA MET MB 93 -41.58 -16.85 -116.04
C MET MB 93 -42.98 -16.25 -115.98
N LEU MB 94 -44.00 -17.06 -116.30
CA LEU MB 94 -45.36 -16.52 -116.34
C LEU MB 94 -45.89 -16.25 -114.94
N GLN MB 95 -45.60 -17.14 -113.98
CA GLN MB 95 -46.09 -16.93 -112.63
C GLN MB 95 -45.33 -15.84 -111.89
N ALA MB 96 -44.14 -15.48 -112.34
CA ALA MB 96 -43.45 -14.32 -111.79
C ALA MB 96 -44.11 -13.01 -112.17
N GLN MB 97 -44.89 -13.00 -113.26
CA GLN MB 97 -45.64 -11.83 -113.67
C GLN MB 97 -47.14 -11.99 -113.44
N ASN MB 98 -47.52 -12.92 -112.56
CA ASN MB 98 -48.91 -13.19 -112.18
C ASN MB 98 -49.79 -13.52 -113.39
N MET MB 99 -49.25 -14.34 -114.30
CA MET MB 99 -49.98 -14.82 -115.45
C MET MB 99 -50.14 -16.33 -115.34
N MET MB 100 -51.21 -16.84 -115.94
CA MET MB 100 -51.48 -18.28 -115.89
C MET MB 100 -50.58 -19.03 -116.85
N PHE MB 101 -50.19 -20.24 -116.44
CA PHE MB 101 -49.35 -21.10 -117.26
C PHE MB 101 -50.24 -21.97 -118.12
N PRO MB 102 -50.24 -21.81 -119.43
CA PRO MB 102 -51.20 -22.54 -120.27
C PRO MB 102 -50.80 -23.99 -120.48
N ASN MB 103 -51.82 -24.83 -120.64
CA ASN MB 103 -51.74 -26.28 -120.81
C ASN MB 103 -50.83 -26.90 -119.76
N PRO MB 104 -51.18 -26.84 -118.47
CA PRO MB 104 -50.25 -27.32 -117.43
C PRO MB 104 -50.03 -28.82 -117.43
N GLU MB 105 -50.87 -29.58 -118.15
CA GLU MB 105 -50.74 -31.02 -118.26
C GLU MB 105 -49.57 -31.46 -119.13
N ARG MB 106 -48.86 -30.53 -119.79
CA ARG MB 106 -47.70 -30.90 -120.58
C ARG MB 106 -46.57 -31.43 -119.71
N ILE MB 107 -46.41 -30.88 -118.51
CA ILE MB 107 -45.34 -31.28 -117.59
C ILE MB 107 -45.52 -32.73 -117.11
N PRO MB 108 -46.69 -33.18 -116.61
CA PRO MB 108 -46.79 -34.60 -116.23
C PRO MB 108 -46.69 -35.56 -117.39
N LYS MB 109 -47.06 -35.15 -118.61
CA LYS MB 109 -46.87 -36.02 -119.78
C LYS MB 109 -45.40 -36.36 -119.98
N VAL MB 110 -44.55 -35.33 -119.98
CA VAL MB 110 -43.11 -35.51 -120.12
C VAL MB 110 -42.54 -36.30 -118.95
N ARG MB 111 -43.00 -35.99 -117.72
CA ARG MB 111 -42.51 -36.66 -116.53
C ARG MB 111 -42.80 -38.17 -116.57
N ARG MB 112 -44.03 -38.54 -116.94
CA ARG MB 112 -44.41 -39.93 -117.00
C ARG MB 112 -43.71 -40.65 -118.15
N SER MB 113 -43.46 -39.97 -119.28
CA SER MB 113 -42.69 -40.58 -120.37
C SER MB 113 -41.27 -40.90 -119.94
N MET MB 114 -40.64 -39.99 -119.19
CA MET MB 114 -39.29 -40.24 -118.69
C MET MB 114 -39.26 -41.41 -117.70
N CYS MB 115 -40.28 -41.49 -116.83
CA CYS MB 115 -40.38 -42.62 -115.91
C CYS MB 115 -40.53 -43.94 -116.64
N ARG MB 116 -41.33 -43.96 -117.71
CA ARG MB 116 -41.48 -45.18 -118.50
C ARG MB 116 -40.19 -45.57 -119.23
N ILE MB 117 -39.43 -44.58 -119.70
CA ILE MB 117 -38.14 -44.86 -120.33
C ILE MB 117 -37.20 -45.57 -119.35
N LYS MB 118 -37.12 -45.04 -118.12
CA LYS MB 118 -36.25 -45.68 -117.13
C LYS MB 118 -36.76 -47.06 -116.73
N HIS MB 119 -38.08 -47.26 -116.70
CA HIS MB 119 -38.61 -48.60 -116.41
C HIS MB 119 -38.26 -49.60 -117.51
N VAL MB 120 -38.36 -49.19 -118.77
CA VAL MB 120 -38.06 -50.09 -119.89
C VAL MB 120 -36.58 -50.46 -119.89
N LEU MB 121 -35.71 -49.48 -119.62
CA LEU MB 121 -34.27 -49.77 -119.57
C LEU MB 121 -33.91 -50.68 -118.40
N THR MB 122 -34.58 -50.50 -117.25
CA THR MB 122 -34.35 -51.41 -116.13
C THR MB 122 -34.86 -52.82 -116.42
N GLU MB 123 -35.99 -52.94 -117.16
CA GLU MB 123 -36.45 -54.25 -117.63
C GLU MB 123 -35.38 -54.92 -118.48
N ARG MB 124 -34.78 -54.18 -119.40
CA ARG MB 124 -33.72 -54.75 -120.23
C ARG MB 124 -32.49 -55.11 -119.40
N ALA MB 125 -32.20 -54.34 -118.35
CA ALA MB 125 -31.09 -54.68 -117.47
C ALA MB 125 -31.33 -55.96 -116.70
N ILE MB 126 -32.57 -56.20 -116.27
CA ILE MB 126 -32.88 -57.39 -115.47
C ILE MB 126 -32.79 -58.65 -116.33
N GLU MB 127 -33.24 -58.58 -117.58
CA GLU MB 127 -33.24 -59.75 -118.45
C GLU MB 127 -31.87 -60.08 -119.04
N GLU MB 128 -30.85 -59.26 -118.78
CA GLU MB 128 -29.51 -59.56 -119.27
C GLU MB 128 -28.95 -60.79 -118.55
N PRO MB 129 -28.49 -61.81 -119.29
CA PRO MB 129 -28.00 -63.03 -118.63
C PRO MB 129 -26.63 -62.86 -118.01
N ASP MB 130 -25.80 -61.97 -118.56
CA ASP MB 130 -24.48 -61.73 -117.98
C ASP MB 130 -24.59 -60.83 -116.76
N PRO MB 131 -23.98 -61.26 -115.66
CA PRO MB 131 -24.09 -60.52 -114.41
C PRO MB 131 -23.38 -59.17 -114.48
N ARG MB 132 -22.19 -59.15 -115.09
CA ARG MB 132 -21.43 -57.90 -115.20
C ARG MB 132 -22.16 -56.89 -116.08
N ARG MB 133 -22.70 -57.36 -117.21
CA ARG MB 133 -23.43 -56.46 -118.10
C ARG MB 133 -24.72 -55.97 -117.47
N SER MB 134 -25.40 -56.83 -116.70
CA SER MB 134 -26.61 -56.43 -115.99
C SER MB 134 -26.31 -55.36 -114.95
N ALA MB 135 -25.24 -55.54 -114.19
CA ALA MB 135 -24.86 -54.54 -113.19
C ALA MB 135 -24.45 -53.22 -113.84
N GLU MB 136 -23.72 -53.29 -114.96
CA GLU MB 136 -23.33 -52.06 -115.66
C GLU MB 136 -24.53 -51.33 -116.25
N MET MB 137 -25.50 -52.07 -116.79
CA MET MB 137 -26.70 -51.44 -117.32
C MET MB 137 -27.52 -50.78 -116.21
N LYS MB 138 -27.63 -51.44 -115.04
CA LYS MB 138 -28.32 -50.84 -113.91
C LYS MB 138 -27.61 -49.57 -113.43
N ARG MB 139 -26.27 -49.60 -113.40
CA ARG MB 139 -25.49 -48.44 -113.00
C ARG MB 139 -25.66 -47.29 -114.00
N MET MB 140 -25.70 -47.61 -115.30
CA MET MB 140 -25.92 -46.58 -116.31
C MET MB 140 -27.29 -45.94 -116.15
N VAL MB 141 -28.31 -46.74 -115.86
CA VAL MB 141 -29.66 -46.19 -115.71
C VAL MB 141 -29.75 -45.30 -114.47
N ASN MB 142 -29.25 -45.80 -113.33
CA ASN MB 142 -29.52 -45.13 -112.07
C ASN MB 142 -28.47 -44.11 -111.66
N GLY MB 143 -27.44 -43.87 -112.46
CA GLY MB 143 -26.34 -43.02 -112.05
C GLY MB 143 -26.71 -41.54 -112.03
N MET MB 144 -26.21 -40.83 -111.02
CA MET MB 144 -26.45 -39.41 -110.88
C MET MB 144 -25.19 -38.68 -110.42
N SER NB 2 -115.30 -1.13 -19.34
CA SER NB 2 -114.34 -2.23 -19.28
C SER NB 2 -115.01 -3.55 -19.58
N GLY NB 3 -114.20 -4.61 -19.61
CA GLY NB 3 -114.73 -5.93 -19.89
C GLY NB 3 -115.32 -6.65 -18.69
N PHE NB 4 -114.90 -6.28 -17.47
CA PHE NB 4 -115.46 -6.90 -16.28
C PHE NB 4 -116.89 -6.43 -16.01
N ARG NB 5 -117.31 -5.31 -16.62
CA ARG NB 5 -118.66 -4.78 -16.43
C ARG NB 5 -119.73 -5.78 -16.84
N ALA NB 6 -119.45 -6.63 -17.83
CA ALA NB 6 -120.38 -7.67 -18.21
C ALA NB 6 -120.52 -8.74 -17.13
N PHE NB 7 -119.48 -8.94 -16.31
CA PHE NB 7 -119.46 -10.00 -15.33
C PHE NB 7 -119.80 -9.57 -13.92
N LYS NB 8 -120.17 -8.29 -13.72
CA LYS NB 8 -120.57 -7.83 -12.39
C LYS NB 8 -121.86 -8.51 -11.95
N ALA NB 9 -121.90 -8.87 -10.66
CA ALA NB 9 -123.01 -9.64 -10.12
C ALA NB 9 -124.30 -8.82 -10.11
N GLN NB 10 -125.35 -9.40 -10.71
CA GLN NB 10 -126.70 -8.84 -10.67
C GLN NB 10 -127.55 -9.48 -9.60
N VAL NB 11 -126.98 -10.43 -8.84
CA VAL NB 11 -127.65 -11.21 -7.80
C VAL NB 11 -126.75 -11.25 -6.59
N PRO NB 12 -127.33 -11.24 -5.38
CA PRO NB 12 -126.52 -11.47 -4.18
C PRO NB 12 -125.75 -12.78 -4.23
N ILE NB 13 -124.50 -12.72 -3.77
CA ILE NB 13 -123.57 -13.84 -3.87
C ILE NB 13 -123.72 -14.71 -2.63
N GLN NB 14 -124.12 -15.96 -2.84
CA GLN NB 14 -124.41 -16.88 -1.75
C GLN NB 14 -123.78 -18.22 -2.06
N TRP NB 15 -124.00 -19.20 -1.18
CA TRP NB 15 -123.54 -20.55 -1.43
C TRP NB 15 -124.26 -21.15 -2.63
N SER NB 16 -123.52 -21.91 -3.43
CA SER NB 16 -124.07 -22.45 -4.67
C SER NB 16 -123.76 -23.93 -4.77
N GLU NB 17 -124.61 -24.62 -5.52
CA GLU NB 17 -124.39 -26.02 -5.84
C GLU NB 17 -123.29 -26.18 -6.88
N SER NB 18 -123.21 -25.27 -7.85
CA SER NB 18 -122.28 -25.36 -8.96
C SER NB 18 -121.56 -24.03 -9.16
N LEU NB 19 -120.43 -24.08 -9.84
CA LEU NB 19 -119.61 -22.92 -10.14
C LEU NB 19 -119.29 -22.87 -11.61
N TYR NB 20 -119.36 -21.67 -12.19
CA TYR NB 20 -118.97 -21.42 -13.57
C TYR NB 20 -117.69 -20.60 -13.55
N ILE NB 21 -116.67 -21.05 -14.27
CA ILE NB 21 -115.37 -20.40 -14.28
C ILE NB 21 -115.04 -20.00 -15.72
N THR NB 22 -114.74 -18.72 -15.92
CA THR NB 22 -114.45 -18.18 -17.24
C THR NB 22 -113.04 -17.60 -17.23
N LEU NB 23 -112.19 -18.10 -18.11
CA LEU NB 23 -110.83 -17.57 -18.24
C LEU NB 23 -110.87 -16.22 -18.94
N VAL NB 24 -110.34 -15.18 -18.31
CA VAL NB 24 -110.33 -13.83 -18.86
C VAL NB 24 -108.93 -13.26 -19.02
N ARG NB 25 -107.88 -14.03 -18.77
CA ARG NB 25 -106.52 -13.58 -18.98
C ARG NB 25 -105.82 -14.53 -19.93
N GLY NB 26 -104.77 -14.02 -20.58
CA GLY NB 26 -103.99 -14.84 -21.48
C GLY NB 26 -103.01 -15.75 -20.76
N LEU NB 27 -102.57 -16.77 -21.47
CA LEU NB 27 -101.61 -17.76 -21.00
C LEU NB 27 -100.13 -17.36 -21.01
N PRO NB 28 -99.55 -16.72 -22.04
CA PRO NB 28 -98.11 -16.42 -21.97
C PRO NB 28 -97.76 -15.42 -20.89
N GLY NB 29 -96.56 -15.60 -20.34
CA GLY NB 29 -96.09 -14.77 -19.25
C GLY NB 29 -96.53 -15.19 -17.87
N THR NB 30 -97.30 -16.27 -17.75
CA THR NB 30 -97.73 -16.78 -16.46
C THR NB 30 -96.96 -18.06 -16.12
N ARG NB 31 -97.00 -18.39 -14.83
CA ARG NB 31 -96.31 -19.58 -14.32
C ARG NB 31 -96.86 -20.84 -14.98
N LYS NB 32 -95.97 -21.78 -15.26
CA LYS NB 32 -96.40 -23.04 -15.88
C LYS NB 32 -97.27 -23.86 -14.94
N LEU NB 33 -97.07 -23.70 -13.62
CA LEU NB 33 -97.93 -24.36 -12.65
C LEU NB 33 -99.37 -23.88 -12.75
N HIS NB 34 -99.58 -22.58 -12.88
CA HIS NB 34 -100.92 -22.03 -13.01
C HIS NB 34 -101.55 -22.44 -14.35
N ARG NB 35 -100.75 -22.52 -15.40
CA ARG NB 35 -101.26 -22.99 -16.69
C ARG NB 35 -101.67 -24.46 -16.62
N ARG NB 36 -100.90 -25.28 -15.88
CA ARG NB 36 -101.28 -26.67 -15.70
C ARG NB 36 -102.53 -26.80 -14.83
N THR NB 37 -102.68 -25.92 -13.84
CA THR NB 37 -103.90 -25.93 -13.03
C THR NB 37 -105.12 -25.55 -13.88
N LEU NB 38 -104.99 -24.52 -14.72
CA LEU NB 38 -106.06 -24.15 -15.63
C LEU NB 38 -106.37 -25.26 -16.63
N GLU NB 39 -105.36 -26.00 -17.07
CA GLU NB 39 -105.59 -27.18 -17.90
C GLU NB 39 -106.34 -28.26 -17.13
N ALA NB 40 -106.09 -28.39 -15.83
CA ALA NB 40 -106.80 -29.38 -15.03
C ALA NB 40 -108.26 -28.96 -14.79
N MET NB 41 -108.55 -27.67 -14.83
CA MET NB 41 -109.93 -27.21 -14.78
C MET NB 41 -110.64 -27.32 -16.12
N GLY NB 42 -109.93 -27.65 -17.19
CA GLY NB 42 -110.51 -27.71 -18.52
C GLY NB 42 -110.48 -26.41 -19.30
N LEU NB 43 -109.65 -25.45 -18.89
CA LEU NB 43 -109.59 -24.14 -19.52
C LEU NB 43 -108.27 -24.02 -20.30
N ARG NB 44 -108.37 -24.03 -21.63
CA ARG NB 44 -107.19 -23.93 -22.48
C ARG NB 44 -107.14 -22.65 -23.30
N ARG NB 45 -108.26 -22.00 -23.55
CA ARG NB 45 -108.33 -20.83 -24.40
C ARG NB 45 -109.04 -19.71 -23.64
N CYS NB 46 -108.65 -18.46 -23.94
CA CYS NB 46 -109.25 -17.31 -23.30
C CYS NB 46 -110.71 -17.15 -23.70
N HIS NB 47 -111.50 -16.55 -22.80
CA HIS NB 47 -112.94 -16.36 -22.93
C HIS NB 47 -113.70 -17.67 -23.10
N ARG NB 48 -113.26 -18.71 -22.39
CA ARG NB 48 -113.95 -19.99 -22.37
C ARG NB 48 -114.49 -20.25 -20.97
N THR NB 49 -115.60 -20.97 -20.89
CA THR NB 49 -116.31 -21.21 -19.64
C THR NB 49 -116.42 -22.71 -19.39
N VAL NB 50 -116.10 -23.14 -18.17
CA VAL NB 50 -116.33 -24.51 -17.74
C VAL NB 50 -117.25 -24.48 -16.53
N LEU NB 51 -117.92 -25.60 -16.30
CA LEU NB 51 -118.87 -25.75 -15.20
C LEU NB 51 -118.38 -26.85 -14.27
N HIS NB 52 -118.36 -26.58 -12.97
CA HIS NB 52 -117.80 -27.49 -11.99
C HIS NB 52 -118.70 -27.53 -10.75
N SER NB 53 -118.64 -28.65 -10.05
CA SER NB 53 -119.32 -28.79 -8.77
C SER NB 53 -118.57 -28.03 -7.68
N ASN NB 54 -119.31 -27.54 -6.69
CA ASN NB 54 -118.75 -26.69 -5.65
C ASN NB 54 -118.22 -27.55 -4.51
N THR NB 55 -116.94 -27.88 -4.55
CA THR NB 55 -116.27 -28.53 -3.44
C THR NB 55 -114.87 -27.95 -3.28
N SER NB 56 -114.18 -28.40 -2.22
CA SER NB 56 -112.91 -27.78 -1.83
C SER NB 56 -111.80 -28.09 -2.83
N SER NB 57 -111.87 -29.23 -3.53
CA SER NB 57 -110.87 -29.55 -4.54
C SER NB 57 -110.92 -28.57 -5.71
N ILE NB 58 -112.12 -28.20 -6.13
CA ILE NB 58 -112.27 -27.20 -7.18
C ILE NB 58 -111.93 -25.82 -6.65
N ARG NB 59 -112.31 -25.54 -5.40
CA ARG NB 59 -112.13 -24.21 -4.83
C ARG NB 59 -110.65 -23.88 -4.64
N GLY NB 60 -109.82 -24.87 -4.28
CA GLY NB 60 -108.39 -24.63 -4.19
C GLY NB 60 -107.75 -24.32 -5.54
N MET NB 61 -108.21 -25.01 -6.59
CA MET NB 61 -107.73 -24.71 -7.94
C MET NB 61 -108.13 -23.30 -8.36
N ILE NB 62 -109.37 -22.89 -8.05
CA ILE NB 62 -109.80 -21.53 -8.38
C ILE NB 62 -109.01 -20.51 -7.57
N GLN NB 63 -108.72 -20.83 -6.30
CA GLN NB 63 -107.95 -19.95 -5.44
C GLN NB 63 -106.53 -19.74 -5.96
N GLN NB 64 -105.96 -20.76 -6.62
CA GLN NB 64 -104.63 -20.60 -7.20
C GLN NB 64 -104.62 -19.62 -8.37
N VAL NB 65 -105.66 -19.62 -9.20
CA VAL NB 65 -105.65 -18.84 -10.44
C VAL NB 65 -106.72 -17.76 -10.43
N LYS NB 66 -107.03 -17.22 -9.25
CA LYS NB 66 -108.19 -16.34 -9.10
C LYS NB 66 -108.00 -14.97 -9.76
N ARG NB 67 -106.78 -14.60 -10.12
CA ARG NB 67 -106.56 -13.35 -10.83
C ARG NB 67 -106.65 -13.51 -12.34
N MET NB 68 -106.84 -14.73 -12.83
CA MET NB 68 -106.96 -14.99 -14.25
C MET NB 68 -108.37 -15.28 -14.71
N VAL NB 69 -109.32 -15.47 -13.78
CA VAL NB 69 -110.62 -16.02 -14.10
C VAL NB 69 -111.71 -15.09 -13.57
N VAL NB 70 -112.93 -15.37 -14.01
CA VAL NB 70 -114.14 -14.91 -13.34
C VAL NB 70 -114.88 -16.15 -12.88
N VAL NB 71 -115.13 -16.26 -11.58
CA VAL NB 71 -115.88 -17.38 -11.03
C VAL NB 71 -117.28 -16.90 -10.69
N GLU NB 72 -118.28 -17.66 -11.13
CA GLU NB 72 -119.67 -17.30 -10.93
C GLU NB 72 -120.42 -18.46 -10.33
N THR NB 73 -121.37 -18.15 -9.46
CA THR NB 73 -122.31 -19.14 -9.00
C THR NB 73 -123.30 -19.46 -10.11
N GLU NB 74 -124.13 -20.48 -9.89
CA GLU NB 74 -125.14 -20.85 -10.87
C GLU NB 74 -126.18 -19.75 -11.03
N GLU NB 75 -126.51 -19.07 -9.92
CA GLU NB 75 -127.50 -18.02 -9.96
C GLU NB 75 -126.98 -16.77 -10.66
N MET NB 76 -125.74 -16.37 -10.37
CA MET NB 76 -125.14 -15.23 -11.05
C MET NB 76 -124.98 -15.47 -12.55
N PHE NB 77 -124.57 -16.68 -12.92
CA PHE NB 77 -124.42 -17.02 -14.33
C PHE NB 77 -125.77 -17.02 -15.04
N LYS NB 78 -126.79 -17.62 -14.41
CA LYS NB 78 -128.12 -17.65 -15.01
C LYS NB 78 -128.69 -16.24 -15.16
N ALA NB 79 -128.48 -15.39 -14.15
CA ALA NB 79 -128.97 -14.01 -14.23
C ALA NB 79 -128.25 -13.21 -15.31
N ARG NB 80 -126.94 -13.41 -15.45
CA ARG NB 80 -126.19 -12.71 -16.49
C ARG NB 80 -126.67 -13.11 -17.88
N LYS NB 81 -126.85 -14.42 -18.11
CA LYS NB 81 -127.34 -14.90 -19.40
C LYS NB 81 -128.76 -14.41 -19.65
N GLU NB 82 -129.60 -14.37 -18.61
CA GLU NB 82 -130.98 -13.91 -18.77
C GLU NB 82 -131.04 -12.43 -19.10
N ALA NB 83 -130.23 -11.60 -18.43
CA ALA NB 83 -130.22 -10.18 -18.73
C ALA NB 83 -129.66 -9.90 -20.12
N GLU NB 84 -128.66 -10.69 -20.54
CA GLU NB 84 -128.13 -10.56 -21.89
C GLU NB 84 -129.16 -10.94 -22.95
N ALA NB 85 -129.95 -11.99 -22.69
CA ALA NB 85 -131.00 -12.37 -23.63
C ALA NB 85 -132.13 -11.34 -23.63
N ASN NB 86 -132.47 -10.78 -22.47
CA ASN NB 86 -133.52 -9.77 -22.40
C ASN NB 86 -133.10 -8.47 -23.05
N HIS NB 87 -131.79 -8.19 -23.11
CA HIS NB 87 -131.36 -6.95 -23.75
C HIS NB 87 -131.48 -7.04 -25.27
N LYS NB 88 -131.20 -8.21 -25.84
CA LYS NB 88 -131.23 -8.39 -27.29
C LYS NB 88 -132.61 -8.76 -27.82
N ALA NB 89 -133.62 -8.84 -26.96
CA ALA NB 89 -134.96 -9.20 -27.39
C ALA NB 89 -135.59 -8.08 -28.20
N LEU NB 90 -136.56 -8.45 -29.05
CA LEU NB 90 -137.20 -7.51 -29.95
C LEU NB 90 -138.04 -6.49 -29.18
N ARG NB 91 -137.91 -5.23 -29.56
CA ARG NB 91 -138.69 -4.12 -29.07
C ARG NB 91 -139.46 -3.52 -30.25
N PRO NB 92 -140.55 -2.79 -29.99
CA PRO NB 92 -141.31 -2.20 -31.09
C PRO NB 92 -140.51 -1.13 -31.82
N PRO NB 93 -140.76 -0.91 -33.10
CA PRO NB 93 -139.99 0.06 -33.87
C PRO NB 93 -140.29 1.50 -33.49
N LEU NB 94 -139.34 2.37 -33.82
CA LEU NB 94 -139.50 3.81 -33.67
C LEU NB 94 -139.66 4.44 -35.04
N VAL NB 95 -140.65 5.32 -35.18
CA VAL NB 95 -140.91 6.03 -36.42
C VAL NB 95 -140.66 7.51 -36.17
N VAL NB 96 -139.75 8.09 -36.94
CA VAL NB 96 -139.40 9.50 -36.84
C VAL NB 96 -139.63 10.15 -38.19
N SER NB 97 -140.43 11.21 -38.21
CA SER NB 97 -140.73 11.96 -39.42
C SER NB 97 -139.96 13.27 -39.37
N HIS NB 98 -138.89 13.36 -40.16
CA HIS NB 98 -138.09 14.58 -40.17
C HIS NB 98 -138.66 15.66 -41.08
N SER NB 99 -138.66 15.42 -42.40
CA SER NB 99 -139.27 16.28 -43.43
C SER NB 99 -138.86 17.76 -43.35
N SER NB 100 -139.67 18.61 -44.00
CA SER NB 100 -139.74 20.08 -43.94
C SER NB 100 -138.42 20.81 -43.75
N PRO NB 101 -137.51 20.81 -44.73
CA PRO NB 101 -136.26 21.55 -44.54
C PRO NB 101 -136.38 23.03 -44.91
N MET OB 60 -61.89 -55.78 53.70
CA MET OB 60 -60.44 -55.97 53.66
C MET OB 60 -60.05 -57.06 52.66
N LYS OB 61 -59.27 -56.67 51.66
CA LYS OB 61 -58.75 -57.64 50.71
C LYS OB 61 -57.77 -58.58 51.39
N LYS OB 62 -57.83 -59.84 51.00
CA LYS OB 62 -56.95 -60.87 51.55
C LYS OB 62 -55.62 -60.89 50.81
N GLY OB 63 -54.56 -61.23 51.52
CA GLY OB 63 -53.24 -61.32 50.92
C GLY OB 63 -52.62 -60.00 50.56
N VAL OB 64 -53.02 -58.91 51.22
CA VAL OB 64 -52.66 -57.57 50.80
C VAL OB 64 -52.18 -56.66 51.92
N HIS OB 65 -52.55 -56.92 53.16
CA HIS OB 65 -52.25 -56.09 54.32
C HIS OB 65 -51.24 -56.80 55.22
N PRO OB 66 -50.49 -56.06 56.04
CA PRO OB 66 -49.52 -56.70 56.93
C PRO OB 66 -50.19 -57.37 58.12
N GLN OB 67 -49.48 -58.34 58.70
CA GLN OB 67 -49.95 -59.02 59.89
C GLN OB 67 -49.93 -58.07 61.09
N MET OB 68 -50.83 -58.32 62.04
CA MET OB 68 -51.00 -57.46 63.20
C MET OB 68 -50.50 -58.15 64.46
N GLN OB 69 -50.27 -57.35 65.50
CA GLN OB 69 -49.77 -57.84 66.77
C GLN OB 69 -50.40 -57.08 67.92
N TRP OB 70 -50.73 -57.80 68.99
CA TRP OB 70 -51.27 -57.20 70.20
C TRP OB 70 -50.14 -56.76 71.11
N ILE OB 71 -50.15 -55.47 71.49
CA ILE OB 71 -49.22 -54.93 72.45
C ILE OB 71 -50.01 -54.29 73.58
N SER OB 72 -49.30 -53.90 74.64
CA SER OB 72 -49.92 -53.34 75.83
C SER OB 72 -49.37 -51.95 76.11
N TYR OB 73 -50.27 -51.05 76.50
CA TYR OB 73 -49.93 -49.69 76.89
C TYR OB 73 -50.24 -49.49 78.37
N VAL OB 74 -49.31 -48.87 79.09
CA VAL OB 74 -49.51 -48.49 80.48
C VAL OB 74 -49.38 -46.98 80.58
N THR OB 75 -50.43 -46.33 81.07
CA THR OB 75 -50.46 -44.87 81.14
C THR OB 75 -49.73 -44.41 82.40
N GLN OB 76 -49.77 -43.10 82.66
CA GLN OB 76 -49.05 -42.52 83.78
C GLN OB 76 -49.65 -42.87 85.13
N SER OB 77 -50.91 -43.32 85.15
CA SER OB 77 -51.54 -43.76 86.39
C SER OB 77 -51.43 -45.26 86.62
N GLY OB 78 -50.95 -46.02 85.64
CA GLY OB 78 -50.86 -47.46 85.76
C GLY OB 78 -51.96 -48.24 85.07
N ARG OB 79 -52.83 -47.57 84.32
CA ARG OB 79 -53.92 -48.24 83.62
C ARG OB 79 -53.38 -49.08 82.47
N LEU OB 80 -53.85 -50.31 82.35
CA LEU OB 80 -53.37 -51.22 81.31
C LEU OB 80 -54.35 -51.27 80.14
N MET OB 81 -53.82 -51.00 78.95
CA MET OB 81 -54.61 -50.94 77.72
C MET OB 81 -54.01 -51.88 76.68
N HIS OB 82 -54.86 -52.62 75.98
CA HIS OB 82 -54.42 -53.44 74.84
C HIS OB 82 -54.78 -52.73 73.54
N VAL OB 83 -53.79 -52.56 72.66
CA VAL OB 83 -54.00 -52.02 71.34
C VAL OB 83 -53.32 -52.95 70.34
N MET OB 84 -53.70 -52.81 69.08
CA MET OB 84 -53.07 -53.55 67.99
C MET OB 84 -52.00 -52.71 67.30
N MET OB 85 -51.13 -53.42 66.60
CA MET OB 85 -49.94 -52.83 65.99
C MET OB 85 -49.55 -53.71 64.82
N THR OB 86 -48.96 -53.09 63.79
CA THR OB 86 -48.32 -53.86 62.72
C THR OB 86 -47.20 -54.70 63.31
N ARG OB 87 -47.16 -55.97 62.95
CA ARG OB 87 -46.26 -56.94 63.57
C ARG OB 87 -44.81 -56.71 63.17
N ILE OB 88 -44.06 -55.96 63.98
CA ILE OB 88 -42.66 -55.69 63.74
C ILE OB 88 -41.76 -56.29 64.80
N HIS OB 89 -42.32 -56.99 65.78
CA HIS OB 89 -41.55 -57.71 66.79
C HIS OB 89 -41.94 -59.18 66.76
N HIS OB 90 -41.14 -60.01 67.44
CA HIS OB 90 -41.47 -61.43 67.55
C HIS OB 90 -42.67 -61.64 68.45
N VAL OB 91 -42.69 -60.99 69.60
CA VAL OB 91 -43.82 -61.07 70.53
C VAL OB 91 -44.24 -59.65 70.89
N GLY OB 92 -45.48 -59.52 71.34
CA GLY OB 92 -45.96 -58.24 71.82
C GLY OB 92 -45.35 -57.90 73.16
N LYS OB 93 -45.12 -56.61 73.38
CA LYS OB 93 -44.47 -56.12 74.58
C LYS OB 93 -45.32 -55.07 75.27
N VAL OB 94 -45.04 -54.86 76.55
CA VAL OB 94 -45.71 -53.86 77.37
C VAL OB 94 -44.89 -52.58 77.34
N TYR OB 95 -45.53 -51.47 77.03
CA TYR OB 95 -44.87 -50.18 76.93
C TYR OB 95 -45.44 -49.23 77.98
N HIS OB 96 -44.56 -48.60 78.75
CA HIS OB 96 -44.95 -47.71 79.82
C HIS OB 96 -44.78 -46.25 79.38
N PHE OB 97 -45.75 -45.42 79.72
CA PHE OB 97 -45.77 -44.01 79.35
C PHE OB 97 -45.45 -43.17 80.57
N GLY OB 98 -44.39 -42.37 80.48
CA GLY OB 98 -44.00 -41.49 81.56
C GLY OB 98 -44.63 -40.12 81.44
N ALA OB 99 -44.24 -39.24 82.37
CA ALA OB 99 -44.72 -37.86 82.39
C ALA OB 99 -43.81 -36.92 81.63
N LYS OB 100 -43.02 -37.43 80.69
CA LYS OB 100 -41.98 -36.64 80.02
C LYS OB 100 -42.62 -35.68 79.01
N ARG OB 101 -43.30 -34.67 79.55
CA ARG OB 101 -43.99 -33.70 78.71
C ARG OB 101 -42.98 -32.75 78.05
N GLN OB 102 -41.83 -32.55 78.71
CA GLN OB 102 -40.66 -31.86 78.15
C GLN OB 102 -40.98 -30.42 77.76
N LEU OB 103 -41.40 -29.64 78.76
CA LEU OB 103 -41.62 -28.21 78.55
C LEU OB 103 -40.30 -27.47 78.57
N ALA OB 104 -40.18 -26.48 77.70
CA ALA OB 104 -38.95 -25.71 77.53
C ALA OB 104 -39.15 -24.30 78.04
N GLN OB 105 -38.24 -23.83 78.87
CA GLN OB 105 -38.27 -22.49 79.42
C GLN OB 105 -37.00 -21.74 79.03
N SER OB 106 -37.16 -20.48 78.64
CA SER OB 106 -36.04 -19.60 78.32
C SER OB 106 -36.03 -18.44 79.30
N ILE OB 107 -34.85 -18.16 79.87
CA ILE OB 107 -34.72 -17.07 80.82
C ILE OB 107 -34.77 -15.74 80.07
N GLY OB 108 -35.61 -14.83 80.54
CA GLY OB 108 -35.79 -13.55 79.89
C GLY OB 108 -34.64 -12.60 80.16
N GLN OB 109 -34.68 -11.46 79.46
CA GLN OB 109 -33.64 -10.44 79.60
C GLN OB 109 -33.68 -9.79 80.98
N ILE OB 110 -34.88 -9.48 81.48
CA ILE OB 110 -35.02 -8.88 82.81
C ILE OB 110 -34.65 -9.90 83.88
N ALA OB 111 -35.02 -11.17 83.68
CA ALA OB 111 -34.64 -12.23 84.62
C ALA OB 111 -33.13 -12.45 84.61
N LYS OB 112 -32.50 -12.38 83.45
CA LYS OB 112 -31.05 -12.49 83.36
C LYS OB 112 -30.37 -11.33 84.06
N PHE OB 113 -30.89 -10.11 83.89
CA PHE OB 113 -30.33 -8.94 84.57
C PHE OB 113 -30.49 -9.05 86.09
N LYS OB 114 -31.63 -9.57 86.55
CA LYS OB 114 -31.86 -9.72 87.98
C LYS OB 114 -30.96 -10.79 88.59
N ARG OB 115 -30.78 -11.92 87.89
CA ARG OB 115 -29.89 -12.95 88.41
C ARG OB 115 -28.42 -12.58 88.26
N ARG OB 116 -28.10 -11.61 87.39
CA ARG OB 116 -26.71 -11.20 87.22
C ARG OB 116 -26.30 -10.10 88.21
N PHE OB 117 -27.01 -8.98 88.20
CA PHE OB 117 -26.59 -7.79 88.94
C PHE OB 117 -27.56 -7.44 90.06
N ASN OB 118 -28.05 -8.45 90.78
CA ASN OB 118 -28.87 -8.21 91.97
C ASN OB 118 -28.78 -9.39 92.93
N ALA PB 84 -59.99 6.67 -54.74
CA ALA PB 84 -61.43 6.65 -54.47
C ALA PB 84 -62.17 5.93 -55.59
N VAL PB 85 -63.01 4.97 -55.21
CA VAL PB 85 -63.76 4.16 -56.16
C VAL PB 85 -65.25 4.43 -55.97
N PRO PB 86 -66.09 4.22 -56.98
CA PRO PB 86 -67.54 4.31 -56.76
C PRO PB 86 -68.03 3.24 -55.79
N LYS PB 87 -68.86 3.65 -54.83
CA LYS PB 87 -69.39 2.75 -53.83
C LYS PB 87 -70.48 1.85 -54.38
N LYS PB 88 -71.20 2.30 -55.40
CA LYS PB 88 -72.32 1.58 -55.99
C LYS PB 88 -72.29 1.75 -57.50
N LYS PB 89 -72.93 0.83 -58.20
CA LYS PB 89 -73.17 1.01 -59.62
C LYS PB 89 -74.15 2.17 -59.84
N VAL PB 90 -73.87 2.98 -60.84
CA VAL PB 90 -74.74 4.12 -61.17
C VAL PB 90 -75.91 3.62 -62.01
N SER PB 91 -77.12 3.97 -61.59
CA SER PB 91 -78.31 3.53 -62.29
C SER PB 91 -78.44 4.26 -63.63
N LYS PB 92 -79.27 3.69 -64.51
CA LYS PB 92 -79.57 4.32 -65.79
C LYS PB 92 -80.28 5.65 -65.60
N HIS PB 93 -81.04 5.78 -64.51
CA HIS PB 93 -81.72 7.02 -64.18
C HIS PB 93 -80.72 8.14 -63.89
N LYS PB 94 -79.73 7.87 -63.03
CA LYS PB 94 -78.73 8.87 -62.69
C LYS PB 94 -77.80 9.18 -63.86
N ARG PB 95 -77.47 8.16 -64.66
CA ARG PB 95 -76.64 8.39 -65.85
C ARG PB 95 -77.38 9.25 -66.86
N GLY PB 96 -78.67 8.99 -67.07
CA GLY PB 96 -79.46 9.82 -67.95
C GLY PB 96 -79.62 11.24 -67.45
N ILE PB 97 -79.73 11.40 -66.13
CA ILE PB 97 -79.78 12.74 -65.54
C ILE PB 97 -78.46 13.48 -65.75
N ARG PB 98 -77.34 12.79 -65.58
CA ARG PB 98 -76.02 13.40 -65.77
C ARG PB 98 -75.80 13.82 -67.22
N ASN PB 99 -76.16 12.96 -68.16
CA ASN PB 99 -75.89 13.22 -69.57
C ASN PB 99 -76.94 14.10 -70.24
N GLY PB 100 -77.99 14.47 -69.52
CA GLY PB 100 -79.06 15.30 -70.04
C GLY PB 100 -78.66 16.67 -70.57
N PRO PB 101 -77.97 17.50 -69.77
CA PRO PB 101 -77.54 18.81 -70.28
C PRO PB 101 -76.47 18.75 -71.36
N LYS PB 102 -75.84 17.61 -71.59
CA LYS PB 102 -74.80 17.49 -72.59
C LYS PB 102 -75.33 17.12 -73.96
N ALA PB 103 -76.64 17.17 -74.15
CA ALA PB 103 -77.23 16.94 -75.46
C ALA PB 103 -76.95 18.11 -76.38
N LEU PB 104 -76.72 17.81 -77.66
CA LEU PB 104 -76.48 18.85 -78.65
C LEU PB 104 -77.75 19.65 -78.91
N LYS PB 105 -77.56 20.91 -79.29
CA LYS PB 105 -78.63 21.84 -79.61
C LYS PB 105 -78.49 22.33 -81.05
N PRO PB 106 -79.59 22.67 -81.72
CA PRO PB 106 -79.49 23.16 -83.09
C PRO PB 106 -78.88 24.56 -83.16
N VAL PB 107 -78.17 24.80 -84.25
CA VAL PB 107 -77.59 26.12 -84.53
C VAL PB 107 -78.70 27.08 -84.96
N PRO PB 108 -78.79 28.29 -84.40
CA PRO PB 108 -79.94 29.16 -84.70
C PRO PB 108 -79.90 29.86 -86.06
N VAL PB 109 -78.73 30.10 -86.63
CA VAL PB 109 -78.60 30.85 -87.88
C VAL PB 109 -77.64 30.12 -88.80
N ILE PB 110 -78.09 29.84 -90.01
CA ILE PB 110 -77.31 29.11 -91.00
C ILE PB 110 -77.33 29.90 -92.31
N ILE PB 111 -76.16 30.09 -92.93
CA ILE PB 111 -76.03 30.82 -94.18
C ILE PB 111 -75.72 29.84 -95.29
N ARG PB 112 -76.39 29.99 -96.43
CA ARG PB 112 -76.08 29.23 -97.64
C ARG PB 112 -75.75 30.20 -98.76
N CYS PB 113 -74.56 30.06 -99.34
CA CYS PB 113 -74.15 30.90 -100.45
C CYS PB 113 -74.93 30.52 -101.71
N ARG PB 114 -75.47 31.52 -102.39
CA ARG PB 114 -76.25 31.25 -103.60
C ARG PB 114 -75.39 30.84 -104.79
N SER PB 115 -74.08 31.06 -104.74
CA SER PB 115 -73.22 30.75 -105.88
C SER PB 115 -72.61 29.34 -105.76
N CYS PB 116 -71.82 29.10 -104.72
CA CYS PB 116 -71.16 27.82 -104.57
C CYS PB 116 -72.01 26.78 -103.86
N GLY PB 117 -73.08 27.21 -103.18
CA GLY PB 117 -73.94 26.29 -102.47
C GLY PB 117 -73.43 25.81 -101.13
N ARG PB 118 -72.39 26.45 -100.59
CA ARG PB 118 -71.84 26.00 -99.32
C ARG PB 118 -72.74 26.40 -98.16
N VAL PB 119 -72.97 25.48 -97.25
CA VAL PB 119 -73.71 25.73 -96.02
C VAL PB 119 -72.70 26.05 -94.93
N LYS PB 120 -72.90 27.17 -94.24
CA LYS PB 120 -71.86 27.68 -93.36
C LYS PB 120 -72.47 28.55 -92.28
N LEU PB 121 -71.69 28.74 -91.23
CA LEU PB 121 -72.00 29.67 -90.14
C LEU PB 121 -71.73 31.11 -90.58
N PRO PB 122 -72.27 32.10 -89.87
CA PRO PB 122 -71.85 33.49 -90.10
C PRO PB 122 -70.37 33.70 -89.85
N HIS PB 123 -69.81 34.66 -90.58
CA HIS PB 123 -68.39 35.04 -90.53
C HIS PB 123 -67.50 33.88 -90.96
N PHE PB 124 -67.86 33.26 -92.07
CA PHE PB 124 -67.03 32.28 -92.74
C PHE PB 124 -66.97 32.67 -94.22
N PHE PB 125 -65.77 32.67 -94.78
CA PHE PB 125 -65.56 33.10 -96.16
C PHE PB 125 -65.56 31.89 -97.07
N CYS PB 126 -66.37 31.95 -98.14
CA CYS PB 126 -66.35 30.94 -99.18
C CYS PB 126 -65.95 31.50 -100.54
N CYS PB 127 -66.64 32.53 -101.01
CA CYS PB 127 -66.47 33.02 -102.37
C CYS PB 127 -66.20 34.52 -102.38
N SER PB 128 -65.33 34.92 -103.29
CA SER PB 128 -65.29 36.29 -103.76
C SER PB 128 -66.29 36.46 -104.90
N GLY PB 129 -66.67 37.70 -105.16
CA GLY PB 129 -67.56 37.98 -106.27
C GLY PB 129 -66.86 37.89 -107.62
N GLU PB 130 -67.60 38.20 -108.66
CA GLU PB 130 -67.02 38.14 -109.99
C GLU PB 130 -66.30 39.44 -110.33
N ARG PB 131 -65.48 39.39 -111.39
CA ARG PB 131 -64.53 40.44 -111.76
C ARG PB 131 -63.56 40.70 -110.61
N GLY PB 132 -63.03 39.60 -110.09
CA GLY PB 132 -62.00 39.54 -109.06
C GLY PB 132 -60.79 40.42 -109.38
N ARG QB 5 -42.97 -40.66 -0.70
CA ARG QB 5 -43.04 -41.73 -1.68
C ARG QB 5 -42.62 -43.05 -1.04
N LYS QB 6 -42.00 -42.94 0.14
CA LYS QB 6 -41.64 -44.10 0.95
C LYS QB 6 -42.81 -44.49 1.83
N LYS QB 7 -43.17 -45.76 1.81
CA LYS QB 7 -44.25 -46.27 2.63
C LYS QB 7 -43.75 -46.52 4.04
N THR QB 8 -44.58 -46.14 5.03
CA THR QB 8 -44.29 -46.39 6.43
C THR QB 8 -44.90 -47.69 6.93
N PHE QB 9 -45.51 -48.47 6.04
CA PHE QB 9 -46.07 -49.77 6.35
C PHE QB 9 -45.62 -50.77 5.30
N MET QB 10 -45.78 -52.05 5.60
CA MET QB 10 -45.50 -53.11 4.65
C MET QB 10 -46.57 -54.18 4.78
N PHE QB 11 -46.75 -54.94 3.71
CA PHE QB 11 -47.69 -56.05 3.68
C PHE QB 11 -46.98 -57.34 4.04
N ILE QB 12 -47.67 -58.21 4.77
CA ILE QB 12 -47.16 -59.52 5.14
C ILE QB 12 -48.25 -60.54 4.83
N ARG QB 13 -47.86 -61.80 4.83
CA ARG QB 13 -48.80 -62.91 4.69
C ARG QB 13 -48.83 -63.72 5.97
N LEU QB 14 -50.02 -63.91 6.53
CA LEU QB 14 -50.25 -64.90 7.58
C LEU QB 14 -50.54 -66.23 6.88
N VAL QB 15 -49.58 -67.12 6.87
CA VAL QB 15 -49.69 -68.37 6.13
C VAL QB 15 -50.16 -69.48 7.06
N SER QB 16 -51.09 -70.29 6.58
CA SER QB 16 -51.63 -71.42 7.34
C SER QB 16 -50.55 -72.44 7.65
N ALA QB 17 -50.50 -72.86 8.92
CA ALA QB 17 -49.56 -73.89 9.35
C ALA QB 17 -50.00 -75.29 8.99
N ALA QB 18 -51.20 -75.45 8.43
CA ALA QB 18 -51.71 -76.74 7.99
C ALA QB 18 -51.18 -77.14 6.62
N GLY QB 19 -50.36 -76.30 5.98
CA GLY QB 19 -49.78 -76.66 4.70
C GLY QB 19 -50.71 -76.59 3.52
N THR QB 20 -51.84 -75.89 3.65
CA THR QB 20 -52.80 -75.77 2.56
C THR QB 20 -52.48 -74.63 1.60
N GLY QB 21 -51.54 -73.76 1.93
CA GLY QB 21 -51.26 -72.60 1.12
C GLY QB 21 -52.23 -71.46 1.28
N PHE QB 22 -53.25 -71.60 2.12
CA PHE QB 22 -54.17 -70.50 2.37
C PHE QB 22 -53.48 -69.43 3.20
N PHE QB 23 -53.78 -68.17 2.91
CA PHE QB 23 -53.08 -67.08 3.55
C PHE QB 23 -54.01 -65.87 3.69
N TYR QB 24 -53.65 -65.00 4.63
CA TYR QB 24 -54.29 -63.71 4.81
C TYR QB 24 -53.24 -62.62 4.58
N VAL QB 25 -53.63 -61.54 3.93
CA VAL QB 25 -52.74 -60.41 3.68
C VAL QB 25 -52.99 -59.38 4.77
N LYS QB 26 -51.95 -59.03 5.51
CA LYS QB 26 -52.05 -58.14 6.65
C LYS QB 26 -50.99 -57.05 6.55
N ARG QB 27 -51.10 -56.06 7.42
CA ARG QB 27 -50.16 -54.94 7.47
C ARG QB 27 -49.35 -54.98 8.75
N LYS QB 28 -48.19 -54.33 8.71
CA LYS QB 28 -47.45 -53.97 9.90
C LYS QB 28 -46.57 -52.77 9.57
N SER QB 29 -46.11 -52.09 10.62
CA SER QB 29 -45.26 -50.92 10.44
C SER QB 29 -43.84 -51.34 10.06
N SER QB 30 -43.21 -50.52 9.22
CA SER QB 30 -41.83 -50.72 8.82
C SER QB 30 -40.83 -50.12 9.80
N LYS QB 31 -41.31 -49.42 10.84
CA LYS QB 31 -40.41 -48.69 11.72
C LYS QB 31 -39.56 -49.63 12.57
N GLY QB 32 -40.12 -50.77 12.98
CA GLY QB 32 -39.34 -51.75 13.71
C GLY QB 32 -40.15 -52.60 14.67
N LEU QB 33 -39.84 -53.90 14.67
CA LEU QB 33 -40.50 -54.87 15.54
C LEU QB 33 -39.64 -56.12 15.61
N LEU QB 34 -39.79 -56.88 16.69
CA LEU QB 34 -39.06 -58.13 16.85
C LEU QB 34 -39.92 -59.33 17.19
N GLU QB 35 -41.24 -59.24 17.12
CA GLU QB 35 -42.12 -60.39 17.33
C GLU QB 35 -42.99 -60.59 16.10
N LYS QB 36 -42.92 -61.80 15.53
CA LYS QB 36 -43.72 -62.13 14.37
C LYS QB 36 -45.17 -62.38 14.77
N LEU QB 37 -46.10 -61.97 13.92
CA LEU QB 37 -47.51 -62.13 14.19
C LEU QB 37 -47.93 -63.58 14.06
N GLU QB 38 -48.69 -64.07 15.04
CA GLU QB 38 -49.31 -65.38 15.00
C GLU QB 38 -50.75 -65.26 15.48
N PHE QB 39 -51.66 -65.96 14.79
CA PHE QB 39 -53.06 -65.96 15.16
C PHE QB 39 -53.66 -67.33 14.86
N ARG QB 40 -54.71 -67.65 15.58
CA ARG QB 40 -55.51 -68.85 15.35
C ARG QB 40 -56.73 -68.43 14.54
N LYS QB 41 -56.74 -68.75 13.25
CA LYS QB 41 -57.77 -68.29 12.34
C LYS QB 41 -58.32 -69.46 11.54
N TYR QB 42 -59.50 -69.24 10.95
CA TYR QB 42 -60.17 -70.26 10.16
C TYR QB 42 -59.44 -70.52 8.85
N ASP QB 43 -59.30 -71.79 8.52
CA ASP QB 43 -58.74 -72.23 7.24
C ASP QB 43 -59.81 -73.00 6.48
N PRO QB 44 -60.32 -72.47 5.36
CA PRO QB 44 -61.39 -73.17 4.64
C PRO QB 44 -60.95 -74.44 3.94
N ARG QB 45 -59.67 -74.62 3.66
CA ARG QB 45 -59.23 -75.83 2.98
C ARG QB 45 -59.17 -77.04 3.90
N VAL QB 46 -59.13 -76.85 5.21
CA VAL QB 46 -59.28 -77.95 6.17
C VAL QB 46 -60.53 -77.82 7.03
N ASN QB 47 -61.29 -76.72 6.87
CA ASN QB 47 -62.55 -76.46 7.59
C ASN QB 47 -62.35 -76.45 9.11
N ARG QB 48 -61.20 -75.94 9.57
CA ARG QB 48 -60.88 -75.86 10.99
C ARG QB 48 -60.13 -74.57 11.28
N HIS QB 49 -60.12 -74.18 12.55
CA HIS QB 49 -59.26 -73.11 13.02
C HIS QB 49 -57.88 -73.67 13.29
N VAL QB 50 -56.88 -73.16 12.57
CA VAL QB 50 -55.50 -73.62 12.70
C VAL QB 50 -54.60 -72.45 13.05
N LEU QB 51 -53.31 -72.71 13.18
CA LEU QB 51 -52.34 -71.65 13.43
C LEU QB 51 -51.95 -70.96 12.13
N PHE QB 52 -51.81 -69.65 12.19
CA PHE QB 52 -51.38 -68.85 11.06
C PHE QB 52 -50.12 -68.08 11.45
N THR QB 53 -49.10 -68.11 10.61
CA THR QB 53 -47.79 -67.57 10.93
C THR QB 53 -47.36 -66.55 9.89
N GLU QB 54 -46.80 -65.44 10.36
CA GLU QB 54 -46.33 -64.37 9.49
C GLU QB 54 -45.15 -64.82 8.62
N GLN QB 55 -45.26 -64.58 7.32
CA GLN QB 55 -44.15 -64.69 6.38
C GLN QB 55 -44.12 -63.42 5.54
N LYS QB 56 -42.98 -63.18 4.89
CA LYS QB 56 -42.84 -61.99 4.07
C LYS QB 56 -43.68 -62.11 2.80
N MET QB 57 -44.00 -60.96 2.22
CA MET QB 57 -44.93 -60.88 1.10
C MET QB 57 -44.25 -61.37 -0.17
N LYS QB 58 -44.76 -62.46 -0.74
CA LYS QB 58 -44.29 -62.96 -2.01
C LYS QB 58 -45.47 -63.18 -2.95
N PRO RB 103 -34.87 -3.33 -66.91
CA PRO RB 103 -33.68 -3.95 -66.31
C PRO RB 103 -33.26 -5.21 -67.04
N LYS RB 104 -32.13 -5.79 -66.67
CA LYS RB 104 -31.71 -7.05 -67.25
C LYS RB 104 -32.63 -8.17 -66.79
N ARG RB 105 -33.09 -8.99 -67.73
CA ARG RB 105 -34.10 -10.01 -67.49
C ARG RB 105 -33.47 -11.39 -67.54
N THR RB 106 -34.28 -12.39 -67.18
CA THR RB 106 -33.72 -13.73 -66.93
C THR RB 106 -33.32 -14.44 -68.22
N PHE RB 107 -33.99 -14.16 -69.32
CA PHE RB 107 -33.72 -14.88 -70.56
C PHE RB 107 -32.75 -14.09 -71.42
N GLN RB 108 -31.55 -14.63 -71.59
CA GLN RB 108 -30.53 -14.06 -72.47
C GLN RB 108 -30.18 -15.11 -73.50
N PRO RB 109 -30.73 -15.02 -74.71
CA PRO RB 109 -30.68 -16.15 -75.64
C PRO RB 109 -29.27 -16.44 -76.16
N SER RB 110 -28.99 -17.72 -76.33
CA SER RB 110 -27.76 -18.21 -76.95
C SER RB 110 -28.07 -19.57 -77.55
N THR RB 111 -27.94 -19.69 -78.87
CA THR RB 111 -28.38 -20.90 -79.56
C THR RB 111 -27.57 -22.12 -79.16
N ILE RB 112 -26.24 -21.97 -79.05
CA ILE RB 112 -25.40 -23.12 -78.73
C ILE RB 112 -25.65 -23.62 -77.31
N ARG RB 113 -25.98 -22.72 -76.38
CA ARG RB 113 -26.28 -23.16 -75.02
C ARG RB 113 -27.61 -23.88 -74.97
N ARG RB 114 -28.58 -23.42 -75.78
CA ARG RB 114 -29.85 -24.13 -75.90
C ARG RB 114 -29.66 -25.53 -76.45
N LYS RB 115 -28.84 -25.68 -77.50
CA LYS RB 115 -28.62 -27.01 -78.06
C LYS RB 115 -27.81 -27.89 -77.11
N ARG RB 116 -26.92 -27.30 -76.30
CA ARG RB 116 -26.12 -28.12 -75.39
C ARG RB 116 -26.86 -28.51 -74.14
N ASN RB 117 -27.87 -27.76 -73.74
CA ASN RB 117 -28.67 -28.11 -72.56
C ASN RB 117 -29.90 -28.91 -72.90
N HIS RB 118 -30.66 -28.51 -73.92
CA HIS RB 118 -31.96 -29.10 -74.20
C HIS RB 118 -32.05 -29.75 -75.57
N GLY RB 119 -30.93 -29.87 -76.29
CA GLY RB 119 -30.94 -30.43 -77.63
C GLY RB 119 -31.19 -31.92 -77.62
N PHE RB 120 -31.30 -32.46 -78.85
CA PHE RB 120 -31.66 -33.86 -79.02
C PHE RB 120 -30.60 -34.79 -78.42
N PHE RB 121 -29.34 -34.57 -78.78
CA PHE RB 121 -28.27 -35.41 -78.26
C PHE RB 121 -27.95 -35.12 -76.80
N ALA RB 122 -28.23 -33.92 -76.31
CA ALA RB 122 -28.11 -33.66 -74.88
C ALA RB 122 -29.11 -34.49 -74.09
N ARG RB 123 -30.34 -34.63 -74.59
CA ARG RB 123 -31.30 -35.53 -73.96
C ARG RB 123 -30.89 -36.98 -74.11
N LYS RB 124 -30.35 -37.38 -75.27
CA LYS RB 124 -29.99 -38.78 -75.47
C LYS RB 124 -28.81 -39.23 -74.61
N ALA RB 125 -28.06 -38.29 -74.01
CA ALA RB 125 -26.85 -38.63 -73.26
C ALA RB 125 -27.11 -39.11 -71.84
N THR RB 126 -28.32 -38.95 -71.31
CA THR RB 126 -28.63 -39.35 -69.96
C THR RB 126 -29.90 -40.19 -69.96
N LYS RB 127 -30.05 -41.02 -68.91
CA LYS RB 127 -31.25 -41.84 -68.77
C LYS RB 127 -32.49 -40.99 -68.51
N GLY RB 128 -32.34 -39.92 -67.72
CA GLY RB 128 -33.45 -39.01 -67.50
C GLY RB 128 -33.87 -38.28 -68.76
N GLY RB 129 -32.90 -37.91 -69.60
CA GLY RB 129 -33.24 -37.30 -70.88
C GLY RB 129 -33.93 -38.25 -71.83
N ARG RB 130 -33.54 -39.52 -71.81
CA ARG RB 130 -34.21 -40.52 -72.63
C ARG RB 130 -35.63 -40.76 -72.14
N ARG RB 131 -35.85 -40.70 -70.83
CA ARG RB 131 -37.21 -40.73 -70.29
C ARG RB 131 -38.00 -39.50 -70.69
N VAL RB 132 -37.36 -38.33 -70.76
CA VAL RB 132 -38.01 -37.12 -71.24
C VAL RB 132 -38.48 -37.31 -72.68
N ILE RB 133 -37.61 -37.85 -73.53
CA ILE RB 133 -37.96 -38.09 -74.92
C ILE RB 133 -39.11 -39.09 -75.05
N ALA RB 134 -39.08 -40.17 -74.24
CA ALA RB 134 -40.13 -41.17 -74.33
C ALA RB 134 -41.48 -40.63 -73.85
N ARG RB 135 -41.49 -39.92 -72.71
CA ARG RB 135 -42.70 -39.26 -72.23
C ARG RB 135 -43.22 -38.26 -73.26
N ARG RB 136 -42.29 -37.57 -73.88
CA ARG RB 136 -42.54 -36.55 -74.86
C ARG RB 136 -43.22 -37.11 -76.12
N ILE RB 137 -42.74 -38.25 -76.60
CA ILE RB 137 -43.36 -38.89 -77.75
C ILE RB 137 -44.70 -39.51 -77.36
N ALA RB 138 -44.79 -40.03 -76.14
CA ALA RB 138 -46.03 -40.63 -75.66
C ALA RB 138 -47.15 -39.60 -75.53
N LYS RB 139 -46.83 -38.35 -75.15
CA LYS RB 139 -47.87 -37.33 -75.12
C LYS RB 139 -48.26 -36.90 -76.54
N GLY RB 140 -47.37 -37.04 -77.50
CA GLY RB 140 -47.65 -36.65 -78.86
C GLY RB 140 -47.21 -35.25 -79.25
N ARG RB 141 -46.28 -34.64 -78.51
CA ARG RB 141 -45.79 -33.32 -78.84
C ARG RB 141 -45.09 -33.30 -80.20
N HIS RB 142 -45.32 -32.22 -80.94
CA HIS RB 142 -44.62 -32.04 -82.21
C HIS RB 142 -43.14 -31.73 -82.02
N ARG RB 143 -42.80 -31.04 -80.92
CA ARG RB 143 -41.41 -30.68 -80.61
C ARG RB 143 -40.90 -31.64 -79.54
N VAL RB 144 -40.15 -32.66 -79.98
CA VAL RB 144 -39.63 -33.64 -79.04
C VAL RB 144 -38.52 -33.04 -78.19
N THR RB 145 -37.60 -32.30 -78.79
CA THR RB 145 -36.51 -31.69 -78.05
C THR RB 145 -36.42 -30.22 -78.43
N ALA RB 146 -35.87 -29.44 -77.50
CA ALA RB 146 -35.74 -28.01 -77.67
C ALA RB 146 -34.38 -27.66 -78.26
N ASN SB 72 -31.12 -63.27 -18.89
CA ASN SB 72 -31.32 -64.71 -19.06
C ASN SB 72 -32.49 -65.00 -19.99
N ILE SB 73 -33.49 -65.73 -19.53
CA ILE SB 73 -34.69 -66.04 -20.30
C ILE SB 73 -35.90 -65.87 -19.40
N THR SB 74 -36.70 -64.84 -19.66
CA THR SB 74 -37.99 -64.67 -18.99
C THR SB 74 -39.07 -65.39 -19.78
N SER SB 75 -40.29 -65.41 -19.22
CA SER SB 75 -41.41 -66.02 -19.94
C SER SB 75 -41.79 -65.22 -21.17
N LYS SB 76 -41.64 -63.89 -21.12
CA LYS SB 76 -42.05 -63.04 -22.22
C LYS SB 76 -41.21 -63.26 -23.47
N ASP SB 77 -39.89 -63.29 -23.32
CA ASP SB 77 -39.03 -63.45 -24.49
C ASP SB 77 -38.94 -64.90 -24.95
N LYS SB 78 -39.12 -65.86 -24.04
CA LYS SB 78 -39.32 -67.24 -24.45
C LYS SB 78 -40.56 -67.39 -25.31
N MET SB 79 -41.67 -66.76 -24.89
CA MET SB 79 -42.87 -66.75 -25.70
C MET SB 79 -42.67 -66.04 -27.03
N ALA SB 80 -41.88 -64.96 -27.04
CA ALA SB 80 -41.64 -64.22 -28.28
C ALA SB 80 -40.87 -65.06 -29.29
N LYS SB 81 -39.84 -65.76 -28.83
CA LYS SB 81 -39.11 -66.67 -29.72
C LYS SB 81 -40.00 -67.83 -30.19
N TRP SB 82 -40.83 -68.37 -29.28
CA TRP SB 82 -41.72 -69.46 -29.65
C TRP SB 82 -42.75 -69.02 -30.70
N LYS SB 83 -43.30 -67.82 -30.53
CA LYS SB 83 -44.31 -67.32 -31.48
C LYS SB 83 -43.69 -66.94 -32.80
N LYS SB 84 -42.45 -66.46 -32.80
CA LYS SB 84 -41.76 -66.18 -34.05
C LYS SB 84 -41.48 -67.47 -34.81
N LYS SB 85 -41.12 -68.55 -34.11
CA LYS SB 85 -40.79 -69.78 -34.82
C LYS SB 85 -42.00 -70.64 -35.19
N TRP SB 86 -42.98 -70.79 -34.30
CA TRP SB 86 -43.96 -71.85 -34.43
C TRP SB 86 -45.39 -71.38 -34.72
N ARG SB 87 -45.74 -70.15 -34.39
CA ARG SB 87 -47.05 -69.66 -34.77
C ARG SB 87 -47.06 -69.36 -36.26
N PRO SB 88 -48.13 -69.74 -36.98
CA PRO SB 88 -48.20 -69.42 -38.41
C PRO SB 88 -48.29 -67.92 -38.63
N ARG SB 89 -47.67 -67.47 -39.72
CA ARG SB 89 -47.53 -66.04 -39.98
C ARG SB 89 -48.81 -65.46 -40.55
N THR SB 90 -49.14 -64.25 -40.11
CA THR SB 90 -50.22 -63.48 -40.71
C THR SB 90 -49.91 -63.25 -42.18
N PRO SB 91 -50.86 -63.47 -43.08
CA PRO SB 91 -50.59 -63.24 -44.51
C PRO SB 91 -50.26 -61.79 -44.81
N ILE SB 92 -49.42 -61.61 -45.82
CA ILE SB 92 -48.93 -60.28 -46.18
C ILE SB 92 -50.05 -59.44 -46.78
N THR SB 93 -50.85 -60.03 -47.66
CA THR SB 93 -51.98 -59.36 -48.28
C THR SB 93 -53.21 -60.25 -48.15
N SER SB 94 -54.37 -59.61 -47.97
CA SER SB 94 -55.61 -60.33 -47.78
C SER SB 94 -56.12 -60.94 -49.09
N LYS SB 95 -56.74 -62.11 -48.98
CA LYS SB 95 -57.40 -62.76 -50.10
C LYS SB 95 -58.88 -62.45 -50.20
N VAL SB 96 -59.46 -61.81 -49.18
CA VAL SB 96 -60.91 -61.63 -49.13
C VAL SB 96 -61.27 -60.41 -49.97
N LYS SB 97 -61.88 -60.66 -51.13
CA LYS SB 97 -62.31 -59.58 -52.01
C LYS SB 97 -63.55 -58.88 -51.47
N LYS SB 98 -64.42 -59.63 -50.81
CA LYS SB 98 -65.68 -59.08 -50.31
C LYS SB 98 -65.44 -58.24 -49.06
N VAL SB 99 -66.03 -57.05 -49.03
CA VAL SB 99 -65.93 -56.19 -47.86
C VAL SB 99 -66.88 -56.72 -46.79
N LYS SB 100 -66.35 -56.97 -45.59
CA LYS SB 100 -67.13 -57.43 -44.45
C LYS SB 100 -66.84 -56.53 -43.27
N ILE SB 101 -67.83 -56.37 -42.39
CA ILE SB 101 -67.71 -55.42 -41.29
C ILE SB 101 -66.84 -56.01 -40.19
N LYS SB 102 -66.04 -55.16 -39.55
CA LYS SB 102 -65.21 -55.54 -38.42
C LYS SB 102 -65.59 -54.69 -37.22
N PHE SB 103 -65.77 -55.32 -36.07
CA PHE SB 103 -65.94 -54.57 -34.84
C PHE SB 103 -64.58 -54.39 -34.17
N TYR SB 104 -64.58 -53.67 -33.03
CA TYR SB 104 -63.36 -53.47 -32.27
C TYR SB 104 -62.84 -54.79 -31.73
N SER SB 105 -61.55 -55.04 -31.88
CA SER SB 105 -60.96 -56.27 -31.37
C SER SB 105 -60.97 -56.33 -29.85
N SER SB 106 -61.01 -55.20 -29.19
CA SER SB 106 -61.08 -55.14 -27.75
C SER SB 106 -62.33 -55.84 -27.22
N TYR SB 107 -63.38 -55.99 -28.03
CA TYR SB 107 -64.58 -56.73 -27.63
C TYR SB 107 -64.44 -58.21 -27.48
N LYS SB 108 -63.59 -58.84 -28.27
CA LYS SB 108 -63.54 -60.29 -28.32
C LYS SB 108 -63.37 -61.13 -27.05
N ASP SB 109 -62.50 -60.79 -26.14
CA ASP SB 109 -62.32 -61.67 -24.98
C ASP SB 109 -62.99 -61.14 -23.77
N ARG SB 110 -63.70 -60.03 -23.89
CA ARG SB 110 -64.28 -59.38 -22.75
C ARG SB 110 -65.78 -59.48 -22.66
N PHE SB 111 -66.45 -59.83 -23.75
CA PHE SB 111 -67.90 -59.85 -23.76
C PHE SB 111 -68.41 -61.13 -24.39
N ARG SB 112 -69.62 -61.52 -24.01
CA ARG SB 112 -70.26 -62.70 -24.56
C ARG SB 112 -71.74 -62.41 -24.81
N PRO SB 113 -72.21 -62.55 -26.05
CA PRO SB 113 -73.64 -62.38 -26.31
C PRO SB 113 -74.45 -63.55 -25.78
N LEU SB 114 -75.53 -63.23 -25.08
CA LEU SB 114 -76.48 -64.21 -24.58
C LEU SB 114 -77.71 -64.25 -25.48
N ASN SB 115 -78.38 -65.40 -25.50
CA ASN SB 115 -79.59 -65.55 -26.31
C ASN SB 115 -80.78 -64.78 -25.73
N ASP SB 116 -80.64 -64.24 -24.52
CA ASP SB 116 -81.65 -63.35 -23.95
C ASP SB 116 -81.74 -62.03 -24.71
N GLY SB 117 -80.72 -61.68 -25.48
CA GLY SB 117 -80.61 -60.36 -26.07
C GLY SB 117 -79.74 -59.40 -25.31
N THR SB 118 -79.11 -59.85 -24.23
CA THR SB 118 -78.16 -59.07 -23.46
C THR SB 118 -76.76 -59.61 -23.68
N ILE SB 119 -75.77 -58.87 -23.19
CA ILE SB 119 -74.35 -59.20 -23.38
C ILE SB 119 -73.70 -59.41 -22.02
N ARG SB 120 -73.06 -60.55 -21.85
CA ARG SB 120 -72.36 -60.87 -20.61
C ARG SB 120 -71.04 -60.11 -20.53
N ARG SB 121 -70.73 -59.57 -19.36
CA ARG SB 121 -69.44 -58.95 -19.06
C ARG SB 121 -68.95 -59.45 -17.71
N TRP SB 122 -67.73 -59.06 -17.34
CA TRP SB 122 -67.20 -59.32 -16.01
C TRP SB 122 -66.68 -58.01 -15.41
N LYS SB 123 -66.57 -58.00 -14.09
CA LYS SB 123 -66.35 -56.77 -13.36
C LYS SB 123 -64.87 -56.45 -13.20
N GLU SB 124 -64.57 -55.16 -13.07
CA GLU SB 124 -63.21 -54.71 -12.88
C GLU SB 124 -62.87 -54.66 -11.39
N GLY SB 125 -61.58 -54.72 -11.10
CA GLY SB 125 -61.09 -54.68 -9.74
C GLY SB 125 -60.64 -56.01 -9.18
N LYS SB 126 -60.62 -57.07 -9.98
CA LYS SB 126 -60.22 -58.38 -9.51
C LYS SB 126 -58.81 -58.77 -9.91
N ARG SB 127 -58.05 -57.83 -10.48
CA ARG SB 127 -56.71 -58.13 -10.96
C ARG SB 127 -55.66 -57.98 -9.86
N HIS SB 128 -55.73 -56.92 -9.08
CA HIS SB 128 -54.83 -56.69 -7.96
C HIS SB 128 -55.51 -55.72 -7.00
N ASN SB 129 -54.74 -55.21 -6.04
CA ASN SB 129 -55.20 -54.21 -5.06
C ASN SB 129 -56.38 -54.69 -4.23
N ALA SB 130 -56.33 -55.95 -3.80
CA ALA SB 130 -57.42 -56.46 -2.96
C ALA SB 130 -57.44 -55.82 -1.58
N HIS SB 131 -56.34 -55.21 -1.13
CA HIS SB 131 -56.32 -54.55 0.16
C HIS SB 131 -57.09 -53.22 0.16
N LEU SB 132 -57.39 -52.68 -1.02
CA LEU SB 132 -58.12 -51.42 -1.09
C LEU SB 132 -59.63 -51.59 -0.93
N LYS SB 133 -60.14 -52.81 -0.90
CA LYS SB 133 -61.56 -53.06 -1.02
C LYS SB 133 -62.12 -53.67 0.25
N SER SB 134 -63.41 -53.47 0.46
CA SER SB 134 -64.12 -54.11 1.55
C SER SB 134 -64.50 -55.55 1.16
N LYS SB 135 -64.95 -56.31 2.14
CA LYS SB 135 -65.34 -57.70 1.90
C LYS SB 135 -66.59 -57.78 1.03
N LYS SB 136 -67.52 -56.86 1.22
CA LYS SB 136 -68.70 -56.80 0.35
C LYS SB 136 -68.31 -56.48 -1.08
N SER SB 137 -67.35 -55.54 -1.25
CA SER SB 137 -66.88 -55.21 -2.59
C SER SB 137 -66.17 -56.38 -3.24
N LYS SB 138 -65.35 -57.11 -2.49
CA LYS SB 138 -64.69 -58.30 -3.03
C LYS SB 138 -65.70 -59.39 -3.38
N ARG SB 139 -66.79 -59.50 -2.63
CA ARG SB 139 -67.84 -60.43 -2.99
C ARG SB 139 -68.64 -59.95 -4.20
N ARG SB 140 -68.95 -58.64 -4.24
CA ARG SB 140 -69.76 -58.07 -5.31
C ARG SB 140 -69.07 -58.13 -6.67
N LEU SB 141 -67.75 -57.99 -6.69
CA LEU SB 141 -66.99 -58.02 -7.94
C LEU SB 141 -66.75 -59.43 -8.45
N ARG SB 142 -67.20 -60.44 -7.71
CA ARG SB 142 -67.03 -61.82 -8.15
C ARG SB 142 -68.21 -62.31 -9.00
N GLN SB 143 -69.31 -61.56 -9.02
CA GLN SB 143 -70.46 -61.96 -9.82
C GLN SB 143 -70.34 -61.41 -11.25
N PRO SB 144 -70.81 -62.15 -12.24
CA PRO SB 144 -70.81 -61.62 -13.62
C PRO SB 144 -71.82 -60.51 -13.79
N GLY SB 145 -71.58 -59.68 -14.80
CA GLY SB 145 -72.44 -58.55 -15.06
C GLY SB 145 -73.02 -58.50 -16.46
N LEU SB 146 -73.57 -57.34 -16.83
CA LEU SB 146 -74.12 -57.11 -18.15
C LEU SB 146 -73.69 -55.73 -18.65
N VAL SB 147 -73.58 -55.60 -19.96
CA VAL SB 147 -73.22 -54.33 -20.59
C VAL SB 147 -74.39 -53.35 -20.44
N PRO SB 148 -74.13 -52.09 -20.08
CA PRO SB 148 -75.21 -51.10 -20.07
C PRO SB 148 -75.78 -50.90 -21.46
N PRO SB 149 -77.06 -50.53 -21.56
CA PRO SB 149 -77.77 -50.62 -22.86
C PRO SB 149 -77.22 -49.79 -24.01
N ALA SB 150 -76.65 -48.61 -23.77
CA ALA SB 150 -76.14 -47.79 -24.87
C ALA SB 150 -74.91 -48.42 -25.51
N TYR SB 151 -73.97 -48.87 -24.67
CA TYR SB 151 -72.80 -49.56 -25.20
C TYR SB 151 -73.17 -50.89 -25.82
N ALA SB 152 -74.20 -51.56 -25.29
CA ALA SB 152 -74.67 -52.81 -25.88
C ALA SB 152 -75.28 -52.57 -27.26
N LYS SB 153 -76.00 -51.45 -27.42
CA LYS SB 153 -76.53 -51.08 -28.72
C LYS SB 153 -75.42 -50.78 -29.73
N VAL SB 154 -74.36 -50.12 -29.27
CA VAL SB 154 -73.20 -49.87 -30.12
C VAL SB 154 -72.58 -51.19 -30.56
N MET SB 155 -72.44 -52.14 -29.64
CA MET SB 155 -71.87 -53.44 -29.97
C MET SB 155 -72.76 -54.22 -30.94
N LYS SB 156 -74.08 -54.16 -30.74
CA LYS SB 156 -75.01 -54.88 -31.61
C LYS SB 156 -74.98 -54.31 -33.02
N LYS SB 157 -74.91 -52.99 -33.15
CA LYS SB 157 -74.89 -52.37 -34.47
C LYS SB 157 -73.61 -52.68 -35.26
N LEU SB 158 -72.52 -53.00 -34.57
CA LEU SB 158 -71.27 -53.38 -35.23
C LEU SB 158 -71.11 -54.89 -35.36
N ASN SB 159 -72.23 -55.62 -35.38
CA ASN SB 159 -72.28 -57.06 -35.70
C ASN SB 159 -71.55 -57.91 -34.65
N PHE SB 160 -71.52 -57.48 -33.38
CA PHE SB 160 -70.90 -58.33 -32.37
C PHE SB 160 -71.81 -59.49 -31.98
N CYS SB 161 -73.10 -59.24 -31.88
CA CYS SB 161 -74.08 -60.27 -31.53
C CYS SB 161 -74.57 -61.06 -32.73
N ASN SB 162 -73.88 -60.96 -33.87
CA ASN SB 162 -74.26 -61.54 -35.16
C ASN SB 162 -75.65 -61.13 -35.64
N MET TB 1 -71.53 39.42 -0.82
CA MET TB 1 -72.46 38.31 -1.04
C MET TB 1 -71.75 36.97 -0.92
N LYS TB 2 -72.26 36.12 -0.03
CA LYS TB 2 -71.74 34.77 0.16
C LYS TB 2 -72.75 33.80 -0.42
N VAL TB 3 -72.29 32.95 -1.36
CA VAL TB 3 -73.18 32.05 -2.08
C VAL TB 3 -72.92 30.63 -1.59
N ARG TB 4 -73.94 30.01 -1.01
CA ARG TB 4 -73.80 28.69 -0.42
C ARG TB 4 -75.15 27.98 -0.43
N SER TB 5 -75.12 26.67 -0.20
CA SER TB 5 -76.34 25.88 -0.17
C SER TB 5 -77.13 26.09 1.11
N SER TB 6 -76.44 26.25 2.24
CA SER TB 6 -77.08 26.42 3.54
C SER TB 6 -76.93 27.86 3.99
N VAL TB 7 -77.94 28.69 3.70
CA VAL TB 7 -77.95 30.06 4.17
C VAL TB 7 -78.59 30.10 5.56
N LYS TB 8 -78.08 30.98 6.42
CA LYS TB 8 -78.47 31.04 7.81
C LYS TB 8 -78.60 32.48 8.27
N LYS TB 9 -79.46 32.70 9.25
CA LYS TB 9 -79.40 33.90 10.06
C LYS TB 9 -78.33 33.71 11.13
N MET TB 10 -77.34 34.60 11.16
CA MET TB 10 -76.23 34.48 12.10
C MET TB 10 -76.16 35.61 13.10
N CYS TB 11 -77.13 36.52 13.10
CA CYS TB 11 -77.29 37.49 14.18
C CYS TB 11 -78.75 37.91 14.20
N GLU TB 12 -79.10 38.72 15.20
CA GLU TB 12 -80.49 39.13 15.37
C GLU TB 12 -80.93 40.15 14.32
N PHE TB 13 -79.99 40.74 13.58
CA PHE TB 13 -80.35 41.68 12.53
C PHE TB 13 -80.44 41.03 11.16
N CYS TB 14 -80.27 39.70 11.06
CA CYS TB 14 -80.35 39.01 9.79
C CYS TB 14 -81.78 38.62 9.46
N LYS TB 15 -82.25 39.05 8.30
CA LYS TB 15 -83.58 38.73 7.80
C LYS TB 15 -83.48 37.88 6.54
N THR TB 16 -84.36 36.91 6.41
CA THR TB 16 -84.50 36.12 5.19
C THR TB 16 -85.54 36.80 4.30
N VAL TB 17 -85.20 36.96 3.03
CA VAL TB 17 -86.08 37.56 2.03
C VAL TB 17 -86.00 36.70 0.77
N LYS TB 18 -87.13 36.58 0.07
CA LYS TB 18 -87.20 35.82 -1.16
C LYS TB 18 -87.35 36.77 -2.33
N ARG TB 19 -86.33 36.83 -3.19
CA ARG TB 19 -86.28 37.73 -4.32
C ARG TB 19 -86.03 36.95 -5.60
N ARG TB 20 -86.90 37.17 -6.60
CA ARG TB 20 -86.81 36.53 -7.92
C ARG TB 20 -86.83 35.01 -7.80
N GLY TB 21 -87.60 34.50 -6.85
CA GLY TB 21 -87.63 33.07 -6.60
C GLY TB 21 -86.37 32.50 -6.00
N ARG TB 22 -85.58 33.32 -5.30
CA ARG TB 22 -84.34 32.89 -4.66
C ARG TB 22 -84.32 33.38 -3.23
N VAL TB 23 -83.72 32.59 -2.36
CA VAL TB 23 -83.64 32.91 -0.93
C VAL TB 23 -82.38 33.71 -0.67
N TYR TB 24 -82.55 34.87 -0.04
CA TYR TB 24 -81.43 35.73 0.36
C TYR TB 24 -81.46 35.94 1.87
N VAL TB 25 -80.30 36.21 2.44
CA VAL TB 25 -80.18 36.69 3.81
C VAL TB 25 -79.61 38.09 3.76
N ILE TB 26 -80.35 39.06 4.29
CA ILE TB 26 -79.92 40.45 4.32
C ILE TB 26 -79.72 40.86 5.77
N CYS TB 27 -78.75 41.73 6.00
CA CYS TB 27 -78.40 42.16 7.35
C CYS TB 27 -78.19 43.67 7.37
N SER TB 28 -78.88 44.35 8.28
CA SER TB 28 -78.72 45.79 8.43
C SER TB 28 -77.43 46.16 9.14
N SER TB 29 -76.83 45.24 9.88
CA SER TB 29 -75.66 45.53 10.70
C SER TB 29 -74.35 45.09 10.07
N ASN TB 30 -74.21 43.80 9.76
CA ASN TB 30 -72.95 43.25 9.28
C ASN TB 30 -73.06 42.89 7.81
N PRO TB 31 -72.34 43.58 6.91
CA PRO TB 31 -72.40 43.21 5.49
C PRO TB 31 -71.75 41.88 5.16
N LYS TB 32 -70.95 41.31 6.06
CA LYS TB 32 -70.44 39.95 5.86
C LYS TB 32 -71.55 38.92 5.91
N HIS TB 33 -72.65 39.22 6.56
CA HIS TB 33 -73.76 38.30 6.77
C HIS TB 33 -74.67 38.15 5.56
N LYS TB 34 -74.42 38.92 4.49
CA LYS TB 34 -75.30 38.93 3.34
C LYS TB 34 -75.06 37.67 2.51
N GLN TB 35 -76.12 36.90 2.28
CA GLN TB 35 -76.00 35.58 1.65
C GLN TB 35 -77.04 35.40 0.55
N ARG TB 36 -76.71 34.52 -0.39
CA ARG TB 36 -77.62 34.06 -1.43
C ARG TB 36 -77.56 32.54 -1.51
N GLN TB 37 -78.72 31.90 -1.54
CA GLN TB 37 -78.76 30.46 -1.71
C GLN TB 37 -78.47 30.09 -3.16
N GLY TB 38 -77.52 29.17 -3.35
CA GLY TB 38 -77.12 28.74 -4.67
C GLY TB 38 -75.73 28.15 -4.69
N ARG UB 65 -22.67 -45.45 54.12
CA ARG UB 65 -23.64 -44.79 53.26
C ARG UB 65 -25.04 -45.33 53.52
N ILE UB 66 -25.97 -45.00 52.63
CA ILE UB 66 -27.31 -45.57 52.70
C ILE UB 66 -27.25 -47.01 52.22
N SER UB 67 -27.73 -47.94 53.05
CA SER UB 67 -27.58 -49.36 52.78
C SER UB 67 -28.57 -49.81 51.72
N ASP UB 68 -28.07 -50.45 50.67
CA ASP UB 68 -28.95 -51.12 49.71
C ASP UB 68 -29.49 -52.43 50.26
N GLU UB 69 -28.76 -53.05 51.19
CA GLU UB 69 -29.26 -54.27 51.84
C GLU UB 69 -30.46 -53.97 52.72
N LYS UB 70 -30.46 -52.82 53.40
CA LYS UB 70 -31.61 -52.42 54.20
C LYS UB 70 -32.82 -52.14 53.32
N GLN UB 71 -32.60 -51.49 52.17
CA GLN UB 71 -33.69 -51.25 51.24
C GLN UB 71 -34.22 -52.56 50.67
N LYS UB 72 -33.34 -53.54 50.43
CA LYS UB 72 -33.77 -54.85 49.98
C LYS UB 72 -34.59 -55.57 51.05
N LEU UB 73 -34.19 -55.44 52.32
CA LEU UB 73 -34.96 -56.02 53.41
C LEU UB 73 -36.34 -55.37 53.53
N TYR UB 74 -36.40 -54.04 53.34
CA TYR UB 74 -37.70 -53.37 53.39
C TYR UB 74 -38.57 -53.75 52.21
N GLU UB 75 -37.96 -54.01 51.04
CA GLU UB 75 -38.70 -54.52 49.89
C GLU UB 75 -39.24 -55.92 50.17
N GLN UB 76 -38.44 -56.75 50.85
CA GLN UB 76 -38.92 -58.07 51.27
C GLN UB 76 -40.07 -57.96 52.25
N CYS UB 77 -40.07 -56.92 53.10
CA CYS UB 77 -41.21 -56.67 53.97
C CYS UB 77 -42.43 -56.25 53.17
N LEU UB 78 -42.24 -55.42 52.14
CA LEU UB 78 -43.37 -54.94 51.36
C LEU UB 78 -43.96 -56.03 50.46
N ASN UB 79 -43.17 -57.04 50.12
CA ASN UB 79 -43.62 -58.16 49.29
C ASN UB 79 -43.59 -59.47 50.07
N ALA UB 80 -43.90 -59.40 51.36
CA ALA UB 80 -43.86 -60.56 52.22
C ALA UB 80 -44.99 -61.52 51.88
N PRO UB 81 -44.76 -62.83 52.03
CA PRO UB 81 -45.82 -63.82 51.77
C PRO UB 81 -46.80 -63.90 52.93
N CYS UB 82 -47.90 -64.60 52.68
CA CYS UB 82 -48.94 -64.88 53.65
C CYS UB 82 -48.91 -66.36 54.03
N PRO UB 83 -49.40 -66.72 55.24
CA PRO UB 83 -49.43 -68.13 55.62
C PRO UB 83 -50.24 -69.02 54.70
N VAL UB 84 -51.33 -68.52 54.14
CA VAL UB 84 -52.10 -69.25 53.12
C VAL UB 84 -52.39 -68.30 51.97
N ARG UB 85 -52.31 -68.82 50.76
CA ARG UB 85 -52.53 -68.05 49.55
C ARG UB 85 -54.01 -68.11 49.18
N SER UB 86 -54.65 -66.95 49.14
CA SER UB 86 -56.07 -66.85 48.79
C SER UB 86 -56.20 -66.37 47.35
N LEU UB 87 -57.03 -67.07 46.57
CA LEU UB 87 -57.23 -66.74 45.17
C LEU UB 87 -58.71 -66.50 44.90
N THR UB 88 -58.98 -65.44 44.15
CA THR UB 88 -60.32 -65.23 43.60
C THR UB 88 -60.66 -66.38 42.66
N PRO UB 89 -61.91 -66.86 42.65
CA PRO UB 89 -62.28 -67.97 41.75
C PRO UB 89 -62.05 -67.66 40.27
N LYS UB 90 -62.10 -66.41 39.84
CA LYS UB 90 -61.61 -66.06 38.51
C LYS UB 90 -60.11 -66.31 38.38
N GLU UB 91 -59.32 -65.93 39.38
CA GLU UB 91 -57.88 -66.13 39.35
C GLU UB 91 -57.49 -67.58 39.62
N ALA UB 92 -58.30 -68.33 40.36
CA ALA UB 92 -57.99 -69.73 40.63
C ALA UB 92 -58.03 -70.57 39.36
N GLU UB 93 -59.02 -70.32 38.49
CA GLU UB 93 -59.08 -71.04 37.22
C GLU UB 93 -57.95 -70.61 36.29
N ARG UB 94 -57.54 -69.34 36.37
CA ARG UB 94 -56.38 -68.89 35.60
C ARG UB 94 -55.10 -69.57 36.06
N GLU UB 95 -54.93 -69.74 37.37
CA GLU UB 95 -53.78 -70.47 37.91
C GLU UB 95 -53.83 -71.94 37.52
N ALA UB 96 -55.03 -72.53 37.50
CA ALA UB 96 -55.18 -73.92 37.06
C ALA UB 96 -54.82 -74.08 35.58
N GLN UB 97 -55.23 -73.12 34.75
CA GLN UB 97 -54.86 -73.16 33.33
C GLN UB 97 -53.37 -72.96 33.14
N ARG UB 98 -52.76 -72.10 33.95
CA ARG UB 98 -51.31 -71.92 33.92
C ARG UB 98 -50.58 -73.21 34.32
N GLU UB 99 -51.11 -73.92 35.31
CA GLU UB 99 -50.55 -75.21 35.70
C GLU UB 99 -50.69 -76.24 34.58
N LYS UB 100 -51.83 -76.21 33.88
CA LYS UB 100 -52.03 -77.11 32.74
C LYS UB 100 -51.04 -76.80 31.61
N LEU UB 101 -50.79 -75.51 31.35
CA LEU UB 101 -49.83 -75.13 30.33
C LEU UB 101 -48.38 -75.38 30.76
N GLY UB 102 -48.13 -75.49 32.06
CA GLY UB 102 -46.78 -75.67 32.57
C GLY UB 102 -46.10 -74.40 33.04
N LEU UB 103 -46.84 -73.32 33.23
CA LEU UB 103 -46.27 -72.04 33.64
C LEU UB 103 -46.46 -71.85 35.13
N ILE UB 104 -45.40 -71.43 35.81
CA ILE UB 104 -45.40 -71.23 37.26
C ILE UB 104 -45.17 -69.76 37.56
N SER UB 105 -46.08 -69.16 38.31
CA SER UB 105 -45.90 -67.79 38.76
C SER UB 105 -44.84 -67.72 39.86
N LYS UB 106 -44.32 -66.51 40.07
CA LYS UB 106 -43.36 -66.28 41.15
C LYS UB 106 -44.00 -66.49 42.52
N ASP UB 107 -45.22 -65.99 42.70
CA ASP UB 107 -45.93 -66.18 43.96
C ASP UB 107 -46.30 -67.65 44.19
N LYS UB 108 -46.67 -68.36 43.13
CA LYS UB 108 -46.92 -69.79 43.24
C LYS UB 108 -45.67 -70.56 43.62
N GLN UB 109 -44.53 -70.18 43.04
CA GLN UB 109 -43.25 -70.79 43.40
C GLN UB 109 -42.88 -70.52 44.85
N ARG UB 110 -43.11 -69.29 45.33
CA ARG UB 110 -42.83 -68.97 46.73
C ARG UB 110 -43.76 -69.74 47.66
N ASP UB 111 -45.03 -69.89 47.28
CA ASP UB 111 -45.97 -70.66 48.08
C ASP UB 111 -45.60 -72.13 48.14
N MET UB 112 -45.10 -72.67 47.03
CA MET UB 112 -44.63 -74.06 47.05
C MET UB 112 -43.33 -74.20 47.84
N GLU UB 113 -42.51 -73.15 47.89
CA GLU UB 113 -41.35 -73.15 48.77
C GLU UB 113 -41.77 -73.14 50.23
N ILE UB 114 -42.86 -72.44 50.55
CA ILE UB 114 -43.38 -72.42 51.92
C ILE UB 114 -43.95 -73.79 52.29
N GLN UB 115 -44.72 -74.41 51.38
CA GLN UB 115 -45.43 -75.64 51.71
C GLN UB 115 -44.51 -76.84 51.81
N LYS UB 116 -43.33 -76.81 51.16
CA LYS UB 116 -42.40 -77.93 51.27
C LYS UB 116 -41.64 -77.94 52.58
N LYS UB 117 -41.63 -76.83 53.31
CA LYS UB 117 -41.02 -76.75 54.63
C LYS UB 117 -42.06 -76.54 55.72
N GLY UB 118 -43.29 -76.98 55.50
CA GLY UB 118 -44.36 -76.76 56.46
C GLY UB 118 -45.60 -76.18 55.82
N GLY UB 119 -45.97 -74.98 56.23
CA GLY UB 119 -47.15 -74.32 55.69
C GLY UB 119 -47.63 -73.20 56.60
N ALA UB 120 -48.93 -73.18 56.90
CA ALA UB 120 -49.46 -72.20 57.85
C ALA UB 120 -48.98 -72.47 59.26
N ALA UB 121 -48.79 -73.76 59.61
CA ALA UB 121 -48.33 -74.11 60.96
C ALA UB 121 -46.90 -73.66 61.19
N ALA UB 122 -46.07 -73.63 60.15
CA ALA UB 122 -44.71 -73.13 60.26
C ALA UB 122 -44.64 -71.60 60.24
N MET UB 123 -45.74 -70.92 59.89
CA MET UB 123 -45.79 -69.47 59.82
C MET UB 123 -46.68 -68.88 60.92
N GLY UB 124 -46.72 -69.53 62.08
CA GLY UB 124 -47.44 -69.03 63.22
C GLY UB 124 -48.95 -68.98 63.11
N ILE UB 125 -49.53 -69.95 62.40
CA ILE UB 125 -50.98 -70.07 62.28
C ILE UB 125 -51.38 -71.49 62.66
N ASN UB 126 -52.18 -71.62 63.71
CA ASN UB 126 -52.76 -72.90 64.09
C ASN UB 126 -54.22 -72.71 64.50
N THR UB 127 -55.03 -73.74 64.28
CA THR UB 127 -56.47 -73.63 64.42
C THR UB 127 -56.93 -73.91 65.85
N ASP UB 128 -56.38 -74.96 66.47
CA ASP UB 128 -56.89 -75.42 67.76
C ASP UB 128 -56.50 -74.52 68.92
N GLU UB 129 -55.43 -73.72 68.78
CA GLU UB 129 -54.96 -72.86 69.86
C GLU UB 129 -54.83 -71.43 69.33
N PRO UB 130 -55.93 -70.67 69.32
CA PRO UB 130 -55.85 -69.29 68.82
C PRO UB 130 -55.08 -68.39 69.77
N MET UB 131 -54.52 -67.33 69.20
CA MET UB 131 -53.84 -66.31 69.99
C MET UB 131 -54.85 -65.47 70.75
N ARG UB 132 -54.56 -65.22 72.02
CA ARG UB 132 -55.45 -64.42 72.85
C ARG UB 132 -55.24 -62.93 72.58
N ILE UB 133 -56.19 -62.13 73.01
CA ILE UB 133 -56.09 -60.68 72.88
C ILE UB 133 -55.22 -60.15 74.01
N GLY UB 134 -54.19 -59.40 73.65
CA GLY UB 134 -53.27 -58.86 74.63
C GLY UB 134 -51.95 -59.61 74.66
N THR UB 135 -51.06 -59.11 75.51
CA THR UB 135 -49.72 -59.67 75.63
C THR UB 135 -49.72 -60.85 76.61
N ALA UB 136 -48.57 -61.50 76.72
CA ALA UB 136 -48.45 -62.70 77.55
C ALA UB 136 -48.57 -62.36 79.02
N GLY UB 137 -49.38 -63.13 79.74
CA GLY UB 137 -49.62 -62.90 81.15
C GLY UB 137 -50.61 -61.79 81.45
N LEU UB 138 -51.18 -61.16 80.43
CA LEU UB 138 -52.10 -60.04 80.61
C LEU UB 138 -53.37 -60.23 79.79
N ASP UB 139 -53.78 -61.48 79.58
CA ASP UB 139 -55.02 -61.75 78.87
C ASP UB 139 -56.22 -61.51 79.77
N TYR UB 140 -57.42 -61.60 79.19
CA TYR UB 140 -58.64 -61.24 79.89
C TYR UB 140 -58.95 -62.16 81.07
N VAL UB 141 -58.53 -63.43 80.99
CA VAL UB 141 -58.67 -64.33 82.13
C VAL UB 141 -57.72 -63.92 83.25
N SER UB 142 -56.48 -63.56 82.91
CA SER UB 142 -55.50 -63.20 83.92
C SER UB 142 -55.79 -61.86 84.58
N LEU UB 143 -56.44 -60.94 83.86
CA LEU UB 143 -56.79 -59.66 84.44
C LEU UB 143 -58.03 -59.72 85.32
N GLY UB 144 -58.71 -60.86 85.37
CA GLY UB 144 -59.92 -60.97 86.16
C GLY UB 144 -61.18 -60.46 85.48
N ILE UB 145 -61.09 -60.06 84.22
CA ILE UB 145 -62.28 -59.62 83.48
C ILE UB 145 -63.19 -60.81 83.20
N PHE UB 146 -62.62 -61.91 82.74
CA PHE UB 146 -63.36 -63.11 82.39
C PHE UB 146 -62.89 -64.28 83.24
N SER UB 147 -63.82 -65.17 83.56
CA SER UB 147 -63.45 -66.47 84.09
C SER UB 147 -63.19 -67.44 82.95
N ALA UB 148 -62.51 -68.54 83.27
CA ALA UB 148 -62.15 -69.51 82.23
C ALA UB 148 -63.36 -70.26 81.71
N ASP UB 149 -64.33 -70.56 82.57
CA ASP UB 149 -65.48 -71.37 82.16
C ASP UB 149 -66.50 -70.57 81.36
N GLU UB 150 -66.48 -69.24 81.45
CA GLU UB 150 -67.45 -68.40 80.77
C GLU UB 150 -66.95 -67.87 79.43
N LEU UB 151 -65.87 -68.46 78.90
CA LEU UB 151 -65.34 -68.09 77.60
C LEU UB 151 -65.90 -69.05 76.55
N VAL UB 152 -66.41 -68.49 75.45
CA VAL UB 152 -66.94 -69.32 74.36
C VAL UB 152 -65.79 -70.01 73.65
N LYS UB 153 -65.89 -71.32 73.52
CA LYS UB 153 -64.84 -72.12 72.87
C LYS UB 153 -65.11 -72.23 71.38
N TYR UB 154 -64.05 -72.11 70.59
CA TYR UB 154 -64.17 -72.11 69.13
C TYR UB 154 -62.88 -72.63 68.52
N LYS UB 155 -62.91 -72.78 67.20
CA LYS UB 155 -61.72 -73.04 66.40
C LYS UB 155 -61.66 -72.01 65.29
N VAL UB 156 -60.48 -71.87 64.68
CA VAL UB 156 -60.29 -70.88 63.60
C VAL UB 156 -60.71 -71.58 62.32
N THR UB 157 -62.02 -71.62 62.09
CA THR UB 157 -62.63 -72.17 60.88
C THR UB 157 -63.78 -71.27 60.46
N ALA UB 158 -64.16 -71.37 59.19
CA ALA UB 158 -65.27 -70.56 58.68
C ALA UB 158 -66.60 -71.00 59.26
N GLU UB 159 -66.74 -72.30 59.57
CA GLU UB 159 -67.99 -72.81 60.14
C GLU UB 159 -68.25 -72.23 61.52
N ASP UB 160 -67.22 -72.14 62.36
CA ASP UB 160 -67.37 -71.46 63.64
C ASP UB 160 -67.48 -69.96 63.45
N GLY UB 161 -66.88 -69.44 62.37
CA GLY UB 161 -66.94 -68.01 62.11
C GLY UB 161 -68.33 -67.52 61.79
N GLU UB 162 -69.11 -68.31 61.05
CA GLU UB 162 -70.49 -67.95 60.75
C GLU UB 162 -71.32 -67.84 62.04
N ARG UB 163 -71.17 -68.83 62.92
CA ARG UB 163 -71.88 -68.83 64.20
C ARG UB 163 -71.50 -67.63 65.06
N LEU UB 164 -70.20 -67.40 65.22
CA LEU UB 164 -69.74 -66.29 66.05
C LEU UB 164 -70.14 -64.95 65.47
N ALA UB 165 -70.09 -64.80 64.14
CA ALA UB 165 -70.46 -63.55 63.50
C ALA UB 165 -71.95 -63.25 63.65
N LYS UB 166 -72.80 -64.27 63.47
CA LYS UB 166 -74.24 -64.06 63.62
C LYS UB 166 -74.61 -63.71 65.05
N GLU UB 167 -74.02 -64.42 66.03
CA GLU UB 167 -74.33 -64.12 67.42
C GLU UB 167 -73.78 -62.76 67.83
N ASN UB 168 -72.61 -62.39 67.30
CA ASN UB 168 -72.04 -61.08 67.54
C ASN UB 168 -72.93 -59.97 67.00
N SER UB 169 -73.47 -60.15 65.80
CA SER UB 169 -74.37 -59.17 65.21
C SER UB 169 -75.63 -59.00 66.07
N LYS UB 170 -76.21 -60.12 66.52
CA LYS UB 170 -77.40 -60.05 67.36
C LYS UB 170 -77.14 -59.30 68.67
N VAL UB 171 -76.06 -59.66 69.37
CA VAL UB 171 -75.76 -59.06 70.67
C VAL UB 171 -75.44 -57.57 70.51
N LEU UB 172 -74.62 -57.22 69.51
CA LEU UB 172 -74.25 -55.82 69.30
C LEU UB 172 -75.45 -54.97 68.93
N MET UB 173 -76.36 -55.50 68.08
CA MET UB 173 -77.56 -54.76 67.73
C MET UB 173 -78.45 -54.54 68.95
N ARG UB 174 -78.60 -55.56 69.80
CA ARG UB 174 -79.41 -55.43 71.01
C ARG UB 174 -78.85 -54.37 71.95
N GLU UB 175 -77.53 -54.40 72.18
CA GLU UB 175 -76.91 -53.43 73.09
C GLU UB 175 -76.99 -52.01 72.54
N HIS UB 176 -76.76 -51.86 71.23
CA HIS UB 176 -76.85 -50.55 70.59
C HIS UB 176 -78.27 -49.99 70.67
N ARG UB 177 -79.28 -50.84 70.44
CA ARG UB 177 -80.66 -50.37 70.52
C ARG UB 177 -81.05 -49.98 71.94
N GLU UB 178 -80.55 -50.74 72.94
CA GLU UB 178 -80.80 -50.37 74.33
C GLU UB 178 -80.22 -49.00 74.67
N ARG UB 179 -78.98 -48.76 74.23
CA ARG UB 179 -78.35 -47.46 74.48
C ARG UB 179 -79.09 -46.32 73.78
N ARG UB 180 -79.51 -46.53 72.53
CA ARG UB 180 -80.20 -45.47 71.80
C ARG UB 180 -81.57 -45.19 72.38
N ALA UB 181 -82.28 -46.22 72.85
CA ALA UB 181 -83.57 -46.01 73.49
C ALA UB 181 -83.42 -45.23 74.80
N ALA UB 182 -82.39 -45.57 75.60
CA ALA UB 182 -82.16 -44.84 76.84
C ALA UB 182 -81.81 -43.38 76.57
N GLU UB 183 -80.99 -43.12 75.55
CA GLU UB 183 -80.63 -41.74 75.20
C GLU UB 183 -81.85 -40.97 74.68
N THR UB 184 -82.72 -41.63 73.92
CA THR UB 184 -83.93 -40.97 73.44
C THR UB 184 -84.86 -40.58 74.59
N VAL UB 185 -85.03 -41.48 75.57
CA VAL UB 185 -85.86 -41.19 76.73
C VAL UB 185 -85.28 -40.02 77.53
N LEU UB 186 -83.95 -40.02 77.71
CA LEU UB 186 -83.31 -38.92 78.43
C LEU UB 186 -83.45 -37.59 77.70
N LEU UB 187 -83.33 -37.62 76.37
CA LEU UB 187 -83.49 -36.39 75.59
C LEU UB 187 -84.91 -35.85 75.67
N ASN UB 188 -85.91 -36.74 75.61
CA ASN UB 188 -87.30 -36.31 75.74
C ASN UB 188 -87.57 -35.71 77.11
N MET UB 189 -87.02 -36.31 78.17
CA MET UB 189 -87.21 -35.72 79.49
C MET UB 189 -86.46 -34.40 79.65
N LYS UB 190 -85.31 -34.26 78.98
CA LYS UB 190 -84.61 -32.97 78.99
C LYS UB 190 -85.44 -31.88 78.31
N LYS UB 191 -86.07 -32.21 77.18
CA LYS UB 191 -86.94 -31.24 76.51
C LYS UB 191 -88.15 -30.89 77.37
N ALA UB 192 -88.72 -31.89 78.05
CA ALA UB 192 -89.85 -31.64 78.96
C ALA UB 192 -89.43 -30.76 80.13
N ALA UB 193 -88.22 -30.96 80.66
CA ALA UB 193 -87.73 -30.13 81.75
C ALA UB 193 -87.46 -28.71 81.29
N ILE UB 194 -86.97 -28.55 80.05
CA ILE UB 194 -86.75 -27.23 79.50
C ILE UB 194 -88.08 -26.49 79.33
N GLU UB 195 -89.09 -27.16 78.80
CA GLU UB 195 -90.37 -26.52 78.55
C GLU UB 195 -91.18 -26.22 79.82
N ALA UB 196 -90.75 -26.73 80.98
CA ALA UB 196 -91.45 -26.50 82.24
C ALA UB 196 -90.76 -25.45 83.10
N LEU UB 197 -90.18 -24.43 82.49
CA LEU UB 197 -89.40 -23.41 83.18
C LEU UB 197 -90.01 -22.03 82.96
N PRO UB 198 -89.77 -21.08 83.87
CA PRO UB 198 -90.11 -19.69 83.59
C PRO UB 198 -89.29 -19.13 82.43
N GLU UB 199 -89.82 -18.07 81.83
CA GLU UB 199 -89.36 -17.63 80.50
C GLU UB 199 -87.90 -17.17 80.52
N LYS UB 200 -87.50 -16.40 81.53
CA LYS UB 200 -86.11 -15.97 81.64
C LYS UB 200 -85.18 -17.15 81.87
N LEU UB 201 -85.56 -18.06 82.77
CA LEU UB 201 -84.77 -19.25 83.04
C LEU UB 201 -84.78 -20.22 81.88
N LYS UB 202 -85.89 -20.27 81.11
CA LYS UB 202 -85.93 -21.11 79.93
C LYS UB 202 -85.02 -20.56 78.83
N MET UB 203 -84.97 -19.22 78.68
CA MET UB 203 -84.04 -18.62 77.73
C MET UB 203 -82.60 -18.85 78.14
N ALA UB 204 -82.31 -18.76 79.44
CA ALA UB 204 -80.96 -19.02 79.93
C ALA UB 204 -80.56 -20.48 79.75
N ALA UB 205 -81.49 -21.41 79.99
CA ALA UB 205 -81.20 -22.83 79.89
C ALA UB 205 -81.09 -23.33 78.46
N LEU UB 206 -81.66 -22.60 77.49
CA LEU UB 206 -81.64 -23.04 76.10
C LEU UB 206 -80.34 -22.69 75.39
N GLU UB 207 -79.45 -21.94 76.02
CA GLU UB 207 -78.18 -21.61 75.39
C GLU UB 207 -77.27 -22.84 75.40
N PRO UB 208 -76.53 -23.09 74.31
CA PRO UB 208 -75.62 -24.23 74.28
C PRO UB 208 -74.46 -24.03 75.25
N ASP UB 209 -73.99 -25.15 75.81
CA ASP UB 209 -72.85 -25.16 76.71
C ASP UB 209 -71.63 -25.57 75.90
N LEU UB 210 -70.87 -24.58 75.43
CA LEU UB 210 -69.69 -24.81 74.60
C LEU UB 210 -68.42 -24.93 75.42
N THR UB 211 -68.54 -25.11 76.74
CA THR UB 211 -67.38 -25.29 77.59
C THR UB 211 -66.71 -26.62 77.27
N PRO UB 212 -65.41 -26.65 76.99
CA PRO UB 212 -64.74 -27.90 76.64
C PRO UB 212 -64.67 -28.87 77.80
N PHE UB 213 -64.56 -30.14 77.45
CA PHE UB 213 -64.48 -31.20 78.45
C PHE UB 213 -63.17 -31.10 79.24
N PRO UB 214 -63.19 -31.43 80.53
CA PRO UB 214 -61.96 -31.38 81.32
C PRO UB 214 -61.01 -32.50 80.91
N ALA UB 215 -59.77 -32.12 80.61
CA ALA UB 215 -58.75 -33.10 80.26
C ALA UB 215 -58.33 -33.94 81.45
N ASN UB 216 -58.55 -33.46 82.67
CA ASN UB 216 -58.14 -34.18 83.86
C ASN UB 216 -59.06 -35.38 84.16
N ARG UB 217 -60.27 -35.39 83.59
CA ARG UB 217 -61.13 -36.56 83.69
C ARG UB 217 -60.52 -37.71 82.89
N GLY UB 218 -60.62 -38.91 83.44
CA GLY UB 218 -59.98 -40.06 82.83
C GLY UB 218 -60.82 -40.72 81.75
N MET UB 219 -60.25 -41.79 81.20
CA MET UB 219 -60.94 -42.68 80.27
C MET UB 219 -60.85 -44.09 80.82
N ALA UB 220 -61.99 -44.78 80.85
CA ALA UB 220 -62.04 -46.13 81.41
C ALA UB 220 -61.20 -47.09 80.57
N THR UB 221 -60.44 -47.95 81.24
CA THR UB 221 -59.46 -48.79 80.58
C THR UB 221 -59.64 -50.18 81.20
N LEU UB 222 -58.82 -51.17 80.84
CA LEU UB 222 -59.02 -52.52 81.37
C LEU UB 222 -58.56 -52.68 82.81
N THR UB 223 -57.90 -51.68 83.38
CA THR UB 223 -57.25 -51.81 84.67
C THR UB 223 -57.27 -50.47 85.39
N PRO UB 224 -57.61 -50.42 86.67
CA PRO UB 224 -57.70 -49.14 87.38
C PRO UB 224 -56.32 -48.54 87.62
N PRO UB 225 -56.25 -47.26 87.98
CA PRO UB 225 -54.96 -46.68 88.39
C PRO UB 225 -54.42 -47.36 89.65
N ILE UB 226 -53.10 -47.48 89.69
CA ILE UB 226 -52.40 -47.95 90.88
C ILE UB 226 -52.24 -46.78 91.84
N GLU UB 227 -52.40 -47.03 93.14
CA GLU UB 227 -52.53 -45.96 94.13
C GLU UB 227 -51.25 -45.13 94.24
N GLY UB 228 -50.09 -45.78 94.19
CA GLY UB 228 -48.84 -45.07 94.30
C GLY UB 228 -48.07 -44.98 93.00
N TYR UB 229 -48.77 -44.77 91.89
CA TYR UB 229 -48.18 -44.74 90.56
C TYR UB 229 -48.08 -43.35 89.98
N LEU UB 230 -49.20 -42.63 89.88
CA LEU UB 230 -49.19 -41.30 89.27
C LEU UB 230 -48.45 -40.28 90.13
N GLU UB 231 -48.61 -40.37 91.46
CA GLU UB 231 -47.92 -39.47 92.37
C GLU UB 231 -46.41 -39.63 92.29
N LYS UB 232 -45.95 -40.89 92.20
CA LYS UB 232 -44.52 -41.17 92.09
C LYS UB 232 -43.94 -40.65 90.79
N VAL UB 233 -44.67 -40.84 89.69
CA VAL UB 233 -44.21 -40.40 88.37
C VAL UB 233 -44.16 -38.87 88.31
N MET UB 234 -45.20 -38.21 88.84
CA MET UB 234 -45.21 -36.75 88.86
C MET UB 234 -44.14 -36.17 89.78
N ASP UB 235 -43.88 -36.83 90.91
CA ASP UB 235 -42.82 -36.36 91.81
C ASP UB 235 -41.45 -36.54 91.19
N ALA UB 236 -41.22 -37.64 90.47
CA ALA UB 236 -39.97 -37.84 89.77
C ALA UB 236 -39.78 -36.81 88.65
N ALA UB 237 -40.85 -36.50 87.92
CA ALA UB 237 -40.77 -35.49 86.87
C ALA UB 237 -40.50 -34.10 87.46
N LYS UB 238 -41.14 -33.78 88.58
CA LYS UB 238 -40.93 -32.48 89.22
C LYS UB 238 -39.52 -32.37 89.80
N LYS UB 239 -38.99 -33.46 90.35
CA LYS UB 239 -37.63 -33.43 90.89
C LYS UB 239 -36.59 -33.37 89.78
N SER UB 240 -36.83 -34.03 88.65
CA SER UB 240 -35.88 -33.94 87.54
C SER UB 240 -35.98 -32.59 86.83
N SER UB 241 -37.15 -31.95 86.88
CA SER UB 241 -37.31 -30.64 86.24
C SER UB 241 -36.57 -29.54 86.98
N SER UB 242 -36.49 -29.65 88.31
CA SER UB 242 -35.82 -28.63 89.12
C SER UB 242 -34.39 -29.03 89.44
N SER VB 12 -45.47 -25.51 -105.90
CA SER VB 12 -46.73 -25.78 -105.24
C SER VB 12 -46.61 -25.58 -103.73
N PHE VB 13 -47.58 -24.87 -103.14
CA PHE VB 13 -47.64 -24.77 -101.69
C PHE VB 13 -48.05 -26.11 -101.09
N ARG VB 14 -47.41 -26.46 -99.98
CA ARG VB 14 -47.72 -27.70 -99.29
C ARG VB 14 -47.68 -27.47 -97.79
N ARG VB 15 -48.57 -28.14 -97.09
CA ARG VB 15 -48.70 -27.98 -95.65
C ARG VB 15 -47.54 -28.64 -94.91
N LYS VB 16 -47.03 -27.95 -93.90
CA LYS VB 16 -46.02 -28.47 -92.99
C LYS VB 16 -46.49 -28.23 -91.55
N ARG VB 17 -45.78 -28.84 -90.61
CA ARG VB 17 -45.99 -28.53 -89.21
C ARG VB 17 -45.26 -27.26 -88.82
N ALA VB 18 -45.89 -26.48 -87.94
CA ALA VB 18 -45.26 -25.26 -87.44
C ALA VB 18 -44.02 -25.55 -86.61
N SER VB 19 -43.90 -26.77 -86.07
CA SER VB 19 -42.72 -27.15 -85.30
C SER VB 19 -41.48 -27.30 -86.16
N SER VB 20 -41.62 -27.42 -87.48
CA SER VB 20 -40.47 -27.55 -88.35
C SER VB 20 -39.69 -26.25 -88.51
N LEU VB 21 -40.25 -25.12 -88.09
CA LEU VB 21 -39.53 -23.85 -88.09
C LEU VB 21 -38.50 -23.75 -86.97
N ASP VB 22 -38.51 -24.69 -86.03
CA ASP VB 22 -37.55 -24.71 -84.94
C ASP VB 22 -36.32 -25.57 -85.23
N ILE VB 23 -36.28 -26.24 -86.38
CA ILE VB 23 -35.11 -27.00 -86.77
C ILE VB 23 -34.01 -26.03 -87.20
N LEU VB 24 -32.80 -26.23 -86.69
CA LEU VB 24 -31.71 -25.29 -86.89
C LEU VB 24 -31.24 -25.26 -88.34
N SER VB 25 -31.10 -24.05 -88.88
CA SER VB 25 -30.60 -23.80 -90.22
C SER VB 25 -29.46 -22.80 -90.14
N PRO VB 26 -28.44 -22.94 -90.99
CA PRO VB 26 -27.30 -22.00 -90.93
C PRO VB 26 -27.66 -20.57 -91.29
N LYS VB 27 -28.77 -20.35 -92.01
CA LYS VB 27 -29.29 -19.01 -92.22
C LYS VB 27 -29.78 -18.38 -90.92
N ARG VB 28 -30.12 -19.18 -89.91
CA ARG VB 28 -30.68 -18.71 -88.66
C ARG VB 28 -29.89 -19.25 -87.47
N ALA VB 29 -28.57 -19.12 -87.54
CA ALA VB 29 -27.68 -19.75 -86.57
C ALA VB 29 -26.51 -18.84 -86.25
N PRO VB 30 -25.69 -19.14 -85.23
CA PRO VB 30 -24.39 -18.48 -85.12
C PRO VB 30 -23.49 -18.82 -86.30
N ARG VB 31 -22.46 -17.98 -86.49
CA ARG VB 31 -21.71 -18.02 -87.75
C ARG VB 31 -20.84 -19.26 -87.90
N ASP VB 32 -20.62 -20.04 -86.84
CA ASP VB 32 -19.81 -21.24 -86.94
C ASP VB 32 -20.64 -22.51 -87.04
N PHE VB 33 -21.95 -22.41 -87.25
CA PHE VB 33 -22.79 -23.58 -87.43
C PHE VB 33 -22.89 -23.90 -88.92
N TYR VB 34 -22.46 -25.09 -89.29
CA TYR VB 34 -22.47 -25.55 -90.68
C TYR VB 34 -23.36 -26.77 -90.80
N LYS VB 35 -24.26 -26.78 -91.79
CA LYS VB 35 -25.06 -27.96 -92.04
C LYS VB 35 -24.83 -28.57 -93.41
N GLY VB 36 -25.02 -27.84 -94.50
CA GLY VB 36 -24.86 -28.45 -95.80
C GLY VB 36 -26.16 -29.00 -96.35
N LYS VB 37 -26.17 -29.25 -97.67
CA LYS VB 37 -27.38 -29.51 -98.43
C LYS VB 37 -27.31 -30.83 -99.20
N ASN VB 38 -26.55 -31.81 -98.67
CA ASN VB 38 -26.35 -33.13 -99.28
C ASN VB 38 -25.76 -33.04 -100.69
N CYS VB 39 -24.88 -32.06 -100.90
CA CYS VB 39 -24.11 -32.01 -102.12
C CYS VB 39 -23.02 -33.06 -102.10
N LYS VB 40 -22.76 -33.65 -103.25
CA LYS VB 40 -21.74 -34.69 -103.32
C LYS VB 40 -20.35 -34.05 -103.22
N PRO VB 41 -19.44 -34.62 -102.45
CA PRO VB 41 -18.09 -34.05 -102.34
C PRO VB 41 -17.33 -34.18 -103.66
N THR VB 42 -16.47 -33.20 -103.91
CA THR VB 42 -15.66 -33.18 -105.11
C THR VB 42 -14.17 -33.35 -104.83
N GLY VB 43 -13.78 -33.50 -103.56
CA GLY VB 43 -12.38 -33.62 -103.20
C GLY VB 43 -12.17 -33.83 -101.72
N PHE VB 44 -11.22 -33.09 -101.13
CA PHE VB 44 -10.97 -33.24 -99.70
C PHE VB 44 -10.56 -31.90 -99.09
N HIS VB 45 -10.86 -31.75 -97.81
CA HIS VB 45 -10.35 -30.63 -97.04
C HIS VB 45 -8.86 -30.78 -96.80
N THR VB 46 -8.15 -29.67 -96.84
CA THR VB 46 -6.76 -29.63 -96.41
C THR VB 46 -6.71 -29.17 -94.95
N LYS VB 47 -5.55 -29.34 -94.34
CA LYS VB 47 -5.41 -28.93 -92.95
C LYS VB 47 -5.01 -27.48 -92.80
N LYS VB 48 -4.95 -26.73 -93.89
CA LYS VB 48 -4.80 -25.29 -93.83
C LYS VB 48 -6.11 -24.56 -94.09
N GLY VB 49 -7.22 -25.28 -94.14
CA GLY VB 49 -8.50 -24.64 -94.41
C GLY VB 49 -8.88 -24.55 -95.87
N GLY VB 50 -8.11 -25.14 -96.76
CA GLY VB 50 -8.41 -25.14 -98.17
C GLY VB 50 -9.17 -26.39 -98.60
N TYR VB 51 -9.24 -26.58 -99.91
CA TYR VB 51 -9.94 -27.72 -100.48
C TYR VB 51 -9.29 -28.04 -101.82
N VAL VB 52 -8.97 -29.31 -102.04
CA VAL VB 52 -8.41 -29.78 -103.30
C VAL VB 52 -9.48 -30.57 -104.01
N VAL VB 53 -9.89 -30.09 -105.18
CA VAL VB 53 -10.88 -30.78 -106.00
C VAL VB 53 -10.18 -31.88 -106.78
N GLN VB 54 -10.65 -33.12 -106.63
CA GLN VB 54 -10.10 -34.24 -107.37
C GLN VB 54 -10.96 -34.53 -108.58
N PRO VB 55 -10.42 -34.48 -109.80
CA PRO VB 55 -11.25 -34.71 -111.00
C PRO VB 55 -11.85 -36.11 -111.09
N ASP VB 56 -11.31 -37.10 -110.39
CA ASP VB 56 -11.91 -38.44 -110.40
C ASP VB 56 -13.27 -38.46 -109.72
N LYS VB 57 -13.53 -37.55 -108.80
CA LYS VB 57 -14.81 -37.44 -108.13
C LYS VB 57 -15.76 -36.49 -108.84
N LEU VB 58 -15.37 -35.93 -109.96
CA LEU VB 58 -16.24 -35.02 -110.70
C LEU VB 58 -17.17 -35.79 -111.63
N PRO VB 59 -18.39 -35.31 -111.84
CA PRO VB 59 -19.31 -36.01 -112.74
C PRO VB 59 -18.95 -35.80 -114.20
N ASN VB 60 -19.13 -36.85 -114.98
CA ASN VB 60 -19.04 -36.79 -116.44
C ASN VB 60 -20.41 -37.11 -117.01
N TYR VB 61 -20.90 -36.27 -117.90
CA TYR VB 61 -22.23 -36.43 -118.48
C TYR VB 61 -22.09 -36.89 -119.92
N VAL VB 62 -22.56 -38.11 -120.20
CA VAL VB 62 -22.55 -38.67 -121.55
C VAL VB 62 -23.88 -38.28 -122.20
N ILE VB 63 -23.83 -37.32 -123.11
CA ILE VB 63 -25.01 -36.79 -123.76
C ILE VB 63 -24.82 -36.93 -125.27
N PRO VB 64 -25.71 -37.64 -125.97
CA PRO VB 64 -25.55 -37.78 -127.42
C PRO VB 64 -26.00 -36.52 -128.16
N ASP VB 65 -25.56 -36.44 -129.42
CA ASP VB 65 -25.98 -35.36 -130.30
C ASP VB 65 -27.45 -35.56 -130.68
N LEU VB 66 -28.23 -34.49 -130.56
CA LEU VB 66 -29.67 -34.56 -130.77
C LEU VB 66 -30.11 -34.07 -132.13
N THR VB 67 -29.20 -33.55 -132.95
CA THR VB 67 -29.56 -33.10 -134.28
C THR VB 67 -29.77 -34.30 -135.21
N GLY VB 68 -30.80 -34.21 -136.05
CA GLY VB 68 -31.17 -35.32 -136.90
C GLY VB 68 -32.07 -36.35 -136.24
N PHE VB 69 -32.45 -36.15 -134.98
CA PHE VB 69 -33.32 -37.08 -134.28
C PHE VB 69 -34.78 -36.83 -134.64
N LYS VB 70 -35.52 -37.91 -134.85
CA LYS VB 70 -36.89 -37.81 -135.34
C LYS VB 70 -37.94 -37.87 -134.23
N LEU VB 71 -37.61 -38.45 -133.08
CA LEU VB 71 -38.59 -38.59 -132.02
C LEU VB 71 -38.73 -37.28 -131.25
N LYS VB 72 -39.97 -36.94 -130.93
CA LYS VB 72 -40.36 -35.66 -130.34
C LYS VB 72 -40.94 -35.90 -128.94
N PRO VB 73 -41.10 -34.85 -128.12
CA PRO VB 73 -41.60 -35.09 -126.74
C PRO VB 73 -42.96 -35.75 -126.64
N TYR VB 74 -43.88 -35.50 -127.57
CA TYR VB 74 -45.22 -36.04 -127.50
C TYR VB 74 -45.51 -36.94 -128.68
N VAL VB 75 -46.48 -37.83 -128.50
CA VAL VB 75 -46.95 -38.75 -129.53
C VAL VB 75 -48.27 -38.23 -130.06
N SER VB 76 -48.40 -38.16 -131.39
CA SER VB 76 -49.57 -37.57 -132.04
C SER VB 76 -50.87 -38.26 -131.65
N GLN VB 77 -51.90 -37.46 -131.42
CA GLN VB 77 -53.21 -37.94 -130.99
C GLN VB 77 -54.24 -37.92 -132.10
N CYS VB 78 -53.80 -37.70 -133.35
CA CYS VB 78 -54.71 -37.65 -134.48
C CYS VB 78 -55.37 -39.01 -134.72
N PRO VB 79 -56.59 -39.03 -135.24
CA PRO VB 79 -57.28 -40.32 -135.48
C PRO VB 79 -56.54 -41.13 -136.53
N ILE VB 80 -56.24 -42.38 -136.17
CA ILE VB 80 -55.28 -43.18 -136.91
C ILE VB 80 -55.93 -44.28 -137.74
N GLU VB 81 -56.66 -45.19 -137.11
CA GLU VB 81 -57.25 -46.38 -137.72
C GLU VB 81 -58.06 -47.08 -136.65
N VAL VB 82 -58.96 -47.94 -137.09
CA VAL VB 82 -59.75 -48.75 -136.17
C VAL VB 82 -58.92 -49.92 -135.65
N ALA WB 2 -126.71 -15.61 -63.84
CA ALA WB 2 -127.81 -14.82 -64.40
C ALA WB 2 -127.70 -13.34 -64.06
N LEU WB 3 -127.65 -12.49 -65.09
CA LEU WB 3 -127.60 -11.05 -64.90
C LEU WB 3 -128.99 -10.48 -65.18
N ARG WB 4 -129.65 -10.02 -64.12
CA ARG WB 4 -131.04 -9.53 -64.15
C ARG WB 4 -131.98 -10.53 -64.80
N GLY WB 5 -131.83 -11.80 -64.41
CA GLY WB 5 -132.69 -12.85 -64.88
C GLY WB 5 -132.30 -13.48 -66.19
N VAL WB 6 -131.24 -13.01 -66.83
CA VAL WB 6 -130.80 -13.52 -68.12
C VAL WB 6 -129.56 -14.37 -67.88
N TRP WB 7 -129.65 -15.65 -68.24
CA TRP WB 7 -128.55 -16.59 -68.03
C TRP WB 7 -127.35 -16.24 -68.91
N GLN WB 8 -126.16 -16.29 -68.33
CA GLN WB 8 -124.99 -15.78 -69.01
C GLN WB 8 -124.19 -16.87 -69.71
N LEU WB 9 -124.08 -18.06 -69.11
CA LEU WB 9 -123.36 -19.14 -69.77
C LEU WB 9 -124.22 -19.71 -70.89
N GLN WB 10 -123.70 -19.72 -72.11
CA GLN WB 10 -124.45 -20.17 -73.28
C GLN WB 10 -124.04 -21.54 -73.77
N LYS WB 11 -122.76 -21.88 -73.75
CA LYS WB 11 -122.29 -23.15 -74.26
C LYS WB 11 -121.29 -23.77 -73.30
N LEU WB 12 -121.43 -25.07 -73.07
CA LEU WB 12 -120.45 -25.85 -72.31
C LEU WB 12 -119.83 -26.87 -73.26
N VAL WB 13 -118.55 -26.70 -73.54
CA VAL WB 13 -117.81 -27.61 -74.41
C VAL WB 13 -117.12 -28.63 -73.53
N VAL WB 14 -117.37 -29.91 -73.79
CA VAL WB 14 -116.70 -31.00 -73.10
C VAL WB 14 -115.70 -31.57 -74.07
N SER WB 15 -114.42 -31.28 -73.86
CA SER WB 15 -113.35 -31.75 -74.72
C SER WB 15 -112.63 -32.90 -74.02
N TYR WB 16 -112.50 -34.02 -74.71
CA TYR WB 16 -112.04 -35.24 -74.08
C TYR WB 16 -111.32 -36.11 -75.11
N CYS WB 17 -110.67 -37.15 -74.60
CA CYS WB 17 -110.01 -38.16 -75.42
C CYS WB 17 -110.56 -39.52 -75.03
N ASN WB 18 -110.86 -40.35 -76.03
CA ASN WB 18 -111.35 -41.70 -75.75
C ASN WB 18 -110.22 -42.70 -75.55
N TRP WB 19 -108.97 -42.28 -75.72
CA TRP WB 19 -107.81 -43.15 -75.57
C TRP WB 19 -106.99 -42.84 -74.33
N GLY WB 20 -106.80 -41.56 -74.01
CA GLY WB 20 -105.81 -41.18 -73.02
C GLY WB 20 -106.27 -41.47 -71.60
N GLY WB 21 -105.31 -41.88 -70.76
CA GLY WB 21 -105.59 -42.18 -69.38
C GLY WB 21 -105.97 -40.99 -68.54
N SER WB 22 -105.60 -39.77 -68.96
CA SER WB 22 -105.94 -38.58 -68.20
C SER WB 22 -107.39 -38.13 -68.43
N SER WB 23 -108.12 -38.78 -69.33
CA SER WB 23 -109.52 -38.46 -69.59
C SER WB 23 -110.48 -39.44 -68.93
N ARG WB 24 -110.00 -40.27 -68.00
CA ARG WB 24 -110.88 -41.24 -67.34
C ARG WB 24 -111.99 -40.57 -66.56
N GLY WB 25 -111.65 -39.51 -65.82
CA GLY WB 25 -112.64 -38.84 -64.99
C GLY WB 25 -113.68 -38.09 -65.79
N ILE WB 26 -113.28 -37.44 -66.88
CA ILE WB 26 -114.25 -36.75 -67.71
C ILE WB 26 -115.11 -37.74 -68.49
N ARG WB 27 -114.58 -38.93 -68.80
CA ARG WB 27 -115.41 -39.94 -69.46
C ARG WB 27 -116.46 -40.50 -68.50
N ALA WB 28 -116.07 -40.70 -67.24
CA ALA WB 28 -117.05 -41.10 -66.23
C ALA WB 28 -118.04 -39.98 -65.94
N PHE WB 29 -117.61 -38.72 -66.01
CA PHE WB 29 -118.52 -37.59 -65.87
C PHE WB 29 -119.51 -37.52 -67.02
N MET WB 30 -119.04 -37.80 -68.24
CA MET WB 30 -119.92 -37.84 -69.41
C MET WB 30 -120.95 -38.94 -69.28
N GLU WB 31 -120.56 -40.10 -68.78
CA GLU WB 31 -121.53 -41.18 -68.62
C GLU WB 31 -122.46 -40.98 -67.44
N SER WB 32 -121.98 -40.41 -66.33
CA SER WB 32 -122.72 -40.43 -65.08
C SER WB 32 -123.41 -39.12 -64.77
N GLU WB 33 -122.68 -38.01 -64.71
CA GLU WB 33 -123.25 -36.76 -64.22
C GLU WB 33 -123.71 -35.82 -65.32
N LEU WB 34 -123.18 -35.96 -66.53
CA LEU WB 34 -123.53 -35.04 -67.61
C LEU WB 34 -125.01 -35.04 -68.02
N PRO WB 35 -125.71 -36.18 -68.17
CA PRO WB 35 -127.16 -36.07 -68.49
C PRO WB 35 -127.99 -35.35 -67.44
N ALA WB 36 -127.65 -35.48 -66.16
CA ALA WB 36 -128.40 -34.77 -65.12
C ALA WB 36 -128.21 -33.26 -65.23
N LEU WB 37 -126.98 -32.82 -65.48
CA LEU WB 37 -126.69 -31.40 -65.68
C LEU WB 37 -127.36 -30.88 -66.94
N ILE WB 38 -127.39 -31.68 -68.00
CA ILE WB 38 -128.07 -31.30 -69.24
C ILE WB 38 -129.56 -31.14 -68.99
N GLU WB 39 -130.15 -32.04 -68.20
CA GLU WB 39 -131.57 -31.96 -67.88
C GLU WB 39 -131.89 -30.73 -67.03
N LYS WB 40 -131.08 -30.45 -66.01
CA LYS WB 40 -131.37 -29.35 -65.11
C LYS WB 40 -131.08 -27.98 -65.71
N ASN WB 41 -130.47 -27.90 -66.88
CA ASN WB 41 -130.14 -26.64 -67.53
C ASN WB 41 -130.67 -26.65 -68.96
N PRO WB 42 -131.98 -26.41 -69.15
CA PRO WB 42 -132.50 -26.34 -70.52
C PRO WB 42 -132.04 -25.12 -71.29
N GLN WB 43 -131.61 -24.06 -70.60
CA GLN WB 43 -131.11 -22.86 -71.26
C GLN WB 43 -129.68 -23.00 -71.75
N LEU WB 44 -129.00 -24.08 -71.38
CA LEU WB 44 -127.59 -24.26 -71.67
C LEU WB 44 -127.40 -25.26 -72.79
N GLU WB 45 -126.57 -24.89 -73.77
CA GLU WB 45 -126.17 -25.81 -74.83
C GLU WB 45 -124.92 -26.55 -74.39
N VAL WB 46 -124.94 -27.88 -74.49
CA VAL WB 46 -123.82 -28.70 -74.10
C VAL WB 46 -123.37 -29.50 -75.32
N VAL WB 47 -122.18 -29.20 -75.82
CA VAL WB 47 -121.60 -29.94 -76.92
C VAL WB 47 -120.39 -30.69 -76.38
N THR WB 48 -120.10 -31.84 -76.99
CA THR WB 48 -119.02 -32.71 -76.56
C THR WB 48 -118.11 -32.95 -77.76
N GLU WB 49 -116.81 -32.75 -77.57
CA GLU WB 49 -115.85 -32.77 -78.66
C GLU WB 49 -114.73 -33.75 -78.34
N LEU WB 50 -114.43 -34.62 -79.30
CA LEU WB 50 -113.31 -35.55 -79.15
C LEU WB 50 -112.02 -34.88 -79.59
N SER WB 51 -111.01 -34.92 -78.73
CA SER WB 51 -109.69 -34.36 -79.02
C SER WB 51 -108.66 -35.42 -78.60
N ARG WB 52 -108.33 -36.30 -79.53
CA ARG WB 52 -107.47 -37.43 -79.22
C ARG WB 52 -106.02 -36.99 -79.00
N GLY WB 53 -105.39 -37.57 -78.00
CA GLY WB 53 -104.01 -37.27 -77.67
C GLY WB 53 -103.81 -36.03 -76.82
N GLN WB 54 -104.87 -35.33 -76.47
CA GLN WB 54 -104.78 -34.12 -75.68
C GLN WB 54 -105.39 -34.34 -74.30
N HIS WB 55 -105.03 -33.49 -73.38
CA HIS WB 55 -105.62 -33.51 -72.04
C HIS WB 55 -107.02 -32.89 -72.09
N PRO WB 56 -107.96 -33.40 -71.29
CA PRO WB 56 -109.34 -32.91 -71.35
C PRO WB 56 -109.51 -31.54 -70.69
N TYR WB 57 -110.52 -30.81 -71.17
CA TYR WB 57 -110.91 -29.56 -70.53
C TYR WB 57 -112.41 -29.34 -70.67
N LEU WB 58 -112.93 -28.44 -69.84
CA LEU WB 58 -114.26 -27.88 -70.01
C LEU WB 58 -114.12 -26.41 -70.43
N LYS WB 59 -114.93 -25.98 -71.38
CA LYS WB 59 -114.89 -24.62 -71.88
C LYS WB 59 -116.26 -23.97 -71.72
N GLY WB 60 -116.28 -22.77 -71.16
CA GLY WB 60 -117.52 -22.05 -70.96
C GLY WB 60 -117.59 -20.77 -71.75
N ILE WB 61 -118.55 -20.66 -72.66
CA ILE WB 61 -118.72 -19.49 -73.50
C ILE WB 61 -119.93 -18.72 -73.00
N TYR WB 62 -119.75 -17.42 -72.79
CA TYR WB 62 -120.73 -16.60 -72.08
C TYR WB 62 -121.34 -15.56 -73.02
N ARG WB 63 -122.35 -14.84 -72.49
CA ARG WB 63 -123.02 -13.80 -73.25
C ARG WB 63 -122.07 -12.66 -73.62
N ASN WB 64 -121.16 -12.30 -72.72
CA ASN WB 64 -120.22 -11.20 -72.97
C ASN WB 64 -119.02 -11.62 -73.84
N ARG WB 65 -119.11 -12.78 -74.51
CA ARG WB 65 -118.08 -13.30 -75.41
C ARG WB 65 -116.78 -13.61 -74.68
N ASN WB 66 -116.88 -13.94 -73.41
CA ASN WB 66 -115.74 -14.41 -72.64
C ASN WB 66 -115.74 -15.94 -72.66
N GLU WB 67 -114.56 -16.52 -72.81
CA GLU WB 67 -114.40 -17.97 -72.79
C GLU WB 67 -113.46 -18.35 -71.66
N ARG WB 68 -113.87 -19.32 -70.84
CA ARG WB 68 -113.08 -19.79 -69.72
C ARG WB 68 -112.83 -21.27 -69.90
N VAL WB 69 -111.57 -21.67 -69.84
CA VAL WB 69 -111.17 -23.06 -70.01
C VAL WB 69 -110.65 -23.57 -68.68
N VAL WB 70 -111.14 -24.73 -68.25
CA VAL WB 70 -110.67 -25.39 -67.05
C VAL WB 70 -110.19 -26.78 -67.45
N CYS WB 71 -108.88 -27.02 -67.31
CA CYS WB 71 -108.35 -28.36 -67.53
C CYS WB 71 -108.80 -29.28 -66.41
N VAL WB 72 -109.22 -30.49 -66.78
CA VAL WB 72 -109.74 -31.45 -65.82
C VAL WB 72 -108.98 -32.76 -65.95
N LYS WB 73 -107.72 -32.68 -66.36
CA LYS WB 73 -106.91 -33.89 -66.51
C LYS WB 73 -106.65 -34.53 -65.15
N ASN WB 74 -106.75 -35.86 -65.13
CA ASN WB 74 -106.55 -36.71 -63.95
C ASN WB 74 -107.48 -36.36 -62.79
N MET WB 75 -108.65 -35.80 -63.08
CA MET WB 75 -109.60 -35.47 -62.03
C MET WB 75 -110.59 -36.60 -61.82
N ASP WB 76 -111.10 -36.70 -60.59
CA ASP WB 76 -112.22 -37.55 -60.29
C ASP WB 76 -113.50 -36.94 -60.85
N PRO WB 77 -114.53 -37.75 -61.13
CA PRO WB 77 -115.77 -37.20 -61.75
C PRO WB 77 -116.48 -36.13 -60.92
N ASP WB 78 -116.39 -36.20 -59.59
CA ASP WB 78 -117.05 -35.20 -58.76
C ASP WB 78 -116.36 -33.84 -58.87
N GLN WB 79 -115.03 -33.84 -59.04
CA GLN WB 79 -114.31 -32.59 -59.27
C GLN WB 79 -114.68 -31.98 -60.63
N VAL WB 80 -114.87 -32.83 -61.64
CA VAL WB 80 -115.29 -32.35 -62.95
C VAL WB 80 -116.69 -31.75 -62.86
N LEU WB 81 -117.58 -32.40 -62.12
CA LEU WB 81 -118.93 -31.86 -61.95
C LEU WB 81 -118.92 -30.53 -61.18
N LEU WB 82 -118.04 -30.43 -60.17
CA LEU WB 82 -117.90 -29.17 -59.43
C LEU WB 82 -117.41 -28.05 -60.34
N ASN WB 83 -116.43 -28.35 -61.20
CA ASN WB 83 -115.94 -27.34 -62.13
C ASN WB 83 -117.01 -26.91 -63.13
N ALA WB 84 -117.80 -27.87 -63.62
CA ALA WB 84 -118.88 -27.54 -64.54
C ALA WB 84 -119.95 -26.69 -63.85
N THR WB 85 -120.24 -26.99 -62.58
CA THR WB 85 -121.19 -26.19 -61.81
C THR WB 85 -120.67 -24.77 -61.58
N ARG WB 86 -119.37 -24.62 -61.30
CA ARG WB 86 -118.82 -23.29 -61.13
C ARG WB 86 -118.82 -22.51 -62.44
N LEU WB 87 -118.65 -23.19 -63.58
CA LEU WB 87 -118.81 -22.52 -64.86
C LEU WB 87 -120.25 -22.07 -65.08
N ARG WB 88 -121.22 -22.91 -64.71
CA ARG WB 88 -122.62 -22.56 -64.86
C ARG WB 88 -123.02 -21.40 -63.95
N ASN WB 89 -122.47 -21.36 -62.74
CA ASN WB 89 -122.87 -20.35 -61.76
C ASN WB 89 -122.15 -19.02 -61.96
N SER WB 90 -121.19 -18.95 -62.87
CA SER WB 90 -120.43 -17.74 -63.08
C SER WB 90 -121.16 -16.79 -64.03
N LEU WB 91 -120.83 -15.52 -63.93
CA LEU WB 91 -121.29 -14.50 -64.87
C LEU WB 91 -120.32 -14.28 -66.01
N GLY WB 92 -119.22 -15.03 -66.07
CA GLY WB 92 -118.25 -14.93 -67.14
C GLY WB 92 -117.31 -13.75 -67.04
N ARG WB 93 -117.23 -13.10 -65.89
CA ARG WB 93 -116.40 -11.92 -65.71
C ARG WB 93 -114.93 -12.29 -65.63
N LYS WB 94 -114.08 -11.27 -65.77
CA LYS WB 94 -112.65 -11.48 -65.63
C LYS WB 94 -112.30 -11.71 -64.17
N VAL WB 95 -111.35 -12.60 -63.92
CA VAL WB 95 -110.94 -12.89 -62.55
C VAL WB 95 -109.97 -11.79 -62.10
N VAL WB 96 -110.52 -10.74 -61.51
CA VAL WB 96 -109.75 -9.67 -60.90
C VAL WB 96 -110.36 -9.41 -59.52
N LYS WB 97 -109.65 -8.61 -58.72
CA LYS WB 97 -110.07 -8.38 -57.35
C LYS WB 97 -111.35 -7.56 -57.31
N LEU WB 98 -112.29 -8.00 -56.48
CA LEU WB 98 -113.53 -7.27 -56.26
C LEU WB 98 -113.25 -5.97 -55.53
N ARG WB 99 -113.51 -4.84 -56.19
CA ARG WB 99 -113.15 -3.56 -55.61
C ARG WB 99 -114.13 -3.11 -54.54
N THR WB 100 -115.38 -3.54 -54.62
CA THR WB 100 -116.36 -3.22 -53.59
C THR WB 100 -117.38 -4.34 -53.53
N ARG WB 101 -118.06 -4.45 -52.39
CA ARG WB 101 -119.11 -5.44 -52.19
C ARG WB 101 -120.50 -4.83 -52.18
N HIS WB 102 -120.65 -3.56 -52.56
CA HIS WB 102 -121.95 -2.92 -52.67
C HIS WB 102 -121.90 -1.97 -53.87
N VAL WB 103 -122.45 -2.42 -54.99
CA VAL WB 103 -122.50 -1.63 -56.21
C VAL WB 103 -123.81 -0.87 -56.23
N THR WB 104 -123.73 0.45 -56.31
CA THR WB 104 -124.91 1.30 -56.41
C THR WB 104 -124.64 2.47 -57.32
N LYS WB 105 -125.68 2.89 -58.04
CA LYS WB 105 -125.64 4.10 -58.83
C LYS WB 105 -126.29 5.28 -58.14
N HIS WB 106 -127.06 5.04 -57.08
CA HIS WB 106 -127.73 6.09 -56.31
C HIS WB 106 -127.34 5.93 -54.85
N PRO WB 107 -126.18 6.46 -54.46
CA PRO WB 107 -125.71 6.27 -53.07
C PRO WB 107 -126.56 6.98 -52.04
N SER WB 108 -127.35 7.97 -52.43
CA SER WB 108 -128.06 8.80 -51.47
C SER WB 108 -129.51 9.00 -51.89
N VAL WB 109 -130.42 8.77 -50.95
CA VAL WB 109 -131.83 9.09 -51.15
C VAL WB 109 -132.11 10.53 -50.74
N GLN WB 110 -131.58 10.95 -49.60
CA GLN WB 110 -131.86 12.27 -49.05
C GLN WB 110 -130.85 13.33 -49.48
N GLY WB 111 -129.86 12.99 -50.28
CA GLY WB 111 -128.84 13.95 -50.67
C GLY WB 111 -127.58 13.82 -49.83
N THR WB 112 -126.43 13.84 -50.49
CA THR WB 112 -125.16 13.72 -49.79
C THR WB 112 -124.92 14.95 -48.91
N TRP WB 113 -124.32 14.74 -47.74
CA TRP WB 113 -123.96 15.83 -46.85
C TRP WB 113 -123.04 16.81 -47.55
N THR WB 114 -123.40 18.09 -47.50
CA THR WB 114 -122.56 19.19 -47.91
C THR WB 114 -122.55 20.22 -46.80
N THR WB 115 -121.74 21.26 -46.98
CA THR WB 115 -121.73 22.36 -46.02
C THR WB 115 -122.98 23.24 -46.11
N ALA WB 116 -123.77 23.09 -47.17
CA ALA WB 116 -124.99 23.87 -47.37
C ALA WB 116 -126.22 23.22 -46.78
N VAL WB 117 -126.09 22.03 -46.20
CA VAL WB 117 -127.24 21.30 -45.67
C VAL WB 117 -127.69 21.95 -44.35
N LYS WB 118 -128.98 22.25 -44.25
CA LYS WB 118 -129.55 22.83 -43.04
C LYS WB 118 -130.45 21.80 -42.37
N PHE WB 119 -130.45 21.81 -41.04
CA PHE WB 119 -131.27 20.87 -40.27
C PHE WB 119 -132.38 21.60 -39.54
N SER XB 29 -97.69 -16.99 92.54
CA SER XB 29 -98.45 -18.11 93.07
C SER XB 29 -97.57 -19.34 93.23
N SER XB 30 -97.59 -20.23 92.24
CA SER XB 30 -96.75 -21.42 92.27
C SER XB 30 -95.29 -21.02 92.05
N GLU XB 31 -94.45 -21.29 93.05
CA GLU XB 31 -93.09 -20.77 93.07
C GLU XB 31 -92.21 -21.78 93.82
N LYS XB 32 -91.06 -21.30 94.28
CA LYS XB 32 -90.06 -22.08 95.02
C LYS XB 32 -89.54 -23.26 94.19
N ILE XB 33 -88.85 -22.90 93.12
CA ILE XB 33 -88.22 -23.89 92.25
C ILE XB 33 -87.01 -24.49 92.97
N VAL XB 34 -86.88 -25.81 92.90
CA VAL XB 34 -85.79 -26.54 93.54
C VAL XB 34 -84.85 -27.07 92.47
N ALA XB 35 -83.55 -26.86 92.65
CA ALA XB 35 -82.53 -27.34 91.73
C ALA XB 35 -81.73 -28.43 92.43
N SER XB 36 -81.70 -29.62 91.83
CA SER XB 36 -80.99 -30.76 92.37
C SER XB 36 -79.74 -31.05 91.54
N VAL XB 37 -78.78 -31.74 92.16
CA VAL XB 37 -77.52 -32.08 91.52
C VAL XB 37 -77.36 -33.59 91.54
N LEU XB 38 -77.21 -34.19 90.35
CA LEU XB 38 -76.88 -35.61 90.21
C LEU XB 38 -75.36 -35.70 90.08
N PHE XB 39 -74.68 -35.84 91.21
CA PHE XB 39 -73.22 -35.81 91.24
C PHE XB 39 -72.68 -37.20 90.90
N GLU XB 40 -71.84 -37.26 89.87
CA GLU XB 40 -71.49 -38.47 89.14
C GLU XB 40 -70.00 -38.75 89.11
N ARG XB 41 -69.65 -39.99 89.43
CA ARG XB 41 -68.31 -40.53 89.20
C ARG XB 41 -68.43 -41.59 88.12
N LEU XB 42 -67.73 -41.38 86.99
CA LEU XB 42 -67.83 -42.26 85.85
C LEU XB 42 -67.17 -43.61 86.15
N ARG XB 43 -67.31 -44.54 85.21
CA ARG XB 43 -66.69 -45.85 85.37
C ARG XB 43 -65.17 -45.72 85.33
N VAL XB 44 -64.50 -46.40 86.25
CA VAL XB 44 -63.04 -46.40 86.26
C VAL XB 44 -62.50 -47.43 85.28
N VAL XB 45 -63.16 -48.58 85.18
CA VAL XB 45 -62.74 -49.62 84.24
C VAL XB 45 -63.89 -49.95 83.30
N ILE XB 46 -63.52 -50.52 82.17
CA ILE XB 46 -64.50 -51.02 81.20
C ILE XB 46 -65.20 -52.24 81.78
N PRO XB 47 -66.53 -52.32 81.72
CA PRO XB 47 -67.22 -53.51 82.21
C PRO XB 47 -66.92 -54.73 81.34
N LYS XB 48 -67.22 -55.88 81.90
CA LYS XB 48 -67.01 -57.14 81.21
C LYS XB 48 -67.89 -57.23 79.97
N PRO XB 49 -67.33 -57.50 78.80
CA PRO XB 49 -68.13 -57.58 77.58
C PRO XB 49 -68.89 -58.91 77.52
N ASP XB 50 -69.81 -58.97 76.56
CA ASP XB 50 -70.52 -60.21 76.29
C ASP XB 50 -69.53 -61.24 75.75
N PRO XB 51 -69.62 -62.51 76.20
CA PRO XB 51 -68.65 -63.52 75.78
C PRO XB 51 -68.65 -63.80 74.28
N ALA XB 52 -69.79 -63.63 73.61
CA ALA XB 52 -69.82 -63.80 72.16
C ALA XB 52 -69.09 -62.69 71.44
N VAL XB 53 -69.15 -61.46 71.95
CA VAL XB 53 -68.43 -60.34 71.36
C VAL XB 53 -66.93 -60.56 71.47
N TYR XB 54 -66.46 -60.97 72.66
CA TYR XB 54 -65.04 -61.27 72.86
C TYR XB 54 -64.60 -62.43 71.99
N ALA XB 55 -65.43 -63.48 71.90
CA ALA XB 55 -65.09 -64.63 71.08
C ALA XB 55 -64.98 -64.26 69.62
N PHE XB 56 -65.89 -63.42 69.13
CA PHE XB 56 -65.82 -63.01 67.72
C PHE XB 56 -64.63 -62.09 67.47
N GLN XB 57 -64.29 -61.20 68.42
CA GLN XB 57 -63.12 -60.35 68.22
C GLN XB 57 -61.83 -61.16 68.18
N GLU XB 58 -61.69 -62.13 69.08
CA GLU XB 58 -60.51 -62.99 69.09
C GLU XB 58 -60.45 -63.84 67.82
N PHE XB 59 -61.59 -64.37 67.38
CA PHE XB 59 -61.62 -65.13 66.12
C PHE XB 59 -61.29 -64.24 64.94
N LYS XB 60 -61.76 -62.99 64.95
CA LYS XB 60 -61.54 -62.09 63.84
C LYS XB 60 -60.07 -61.70 63.74
N PHE XB 61 -59.41 -61.56 64.89
CA PHE XB 61 -57.96 -61.37 64.88
C PHE XB 61 -57.26 -62.60 64.31
N ASN XB 62 -57.60 -63.79 64.82
CA ASN XB 62 -56.85 -64.99 64.42
C ASN XB 62 -57.13 -65.41 62.98
N TRP XB 63 -58.33 -65.14 62.48
CA TRP XB 63 -58.69 -65.54 61.13
C TRP XB 63 -58.02 -64.67 60.08
N GLN XB 64 -57.97 -63.36 60.33
CA GLN XB 64 -57.38 -62.44 59.35
C GLN XB 64 -55.86 -62.54 59.29
N GLN XB 65 -55.22 -63.12 60.31
CA GLN XB 65 -53.77 -63.28 60.29
C GLN XB 65 -53.32 -64.25 59.22
N GLN XB 66 -54.17 -65.21 58.84
CA GLN XB 66 -53.81 -66.18 57.81
C GLN XB 66 -53.66 -65.53 56.45
N PHE XB 67 -54.37 -64.43 56.20
CA PHE XB 67 -54.39 -63.77 54.91
C PHE XB 67 -53.69 -62.42 54.95
N ARG XB 68 -52.73 -62.25 55.87
CA ARG XB 68 -52.01 -61.01 56.01
C ARG XB 68 -50.51 -61.28 55.90
N ARG XB 69 -49.78 -60.26 55.46
CA ARG XB 69 -48.38 -60.45 55.08
C ARG XB 69 -47.49 -60.60 56.30
N ARG XB 70 -46.67 -61.65 56.29
CA ARG XB 70 -45.85 -62.04 57.42
C ARG XB 70 -44.42 -61.55 57.18
N TYR XB 71 -44.00 -60.55 57.95
CA TYR XB 71 -42.69 -59.92 57.75
C TYR XB 71 -41.58 -60.91 58.08
N PRO XB 72 -40.46 -60.87 57.37
CA PRO XB 72 -39.41 -61.87 57.58
C PRO XB 72 -38.73 -61.73 58.93
N ASP XB 73 -38.06 -62.81 59.33
CA ASP XB 73 -37.43 -62.87 60.65
C ASP XB 73 -36.29 -61.89 60.79
N GLU XB 74 -35.64 -61.52 59.68
CA GLU XB 74 -34.51 -60.59 59.75
C GLU XB 74 -34.97 -59.18 60.12
N PHE XB 75 -36.16 -58.78 59.66
CA PHE XB 75 -36.70 -57.47 60.04
C PHE XB 75 -37.09 -57.44 61.52
N LEU XB 76 -37.57 -58.57 62.05
CA LEU XB 76 -37.84 -58.65 63.48
C LEU XB 76 -36.54 -58.75 64.28
N ASP XB 77 -35.48 -59.23 63.64
CA ASP XB 77 -34.18 -59.34 64.31
C ASP XB 77 -33.50 -58.00 64.50
N ILE XB 78 -34.01 -56.94 63.87
CA ILE XB 78 -33.55 -55.59 64.19
C ILE XB 78 -33.84 -55.27 65.65
N ALA XB 79 -35.01 -55.68 66.14
CA ALA XB 79 -35.33 -55.53 67.55
C ALA XB 79 -34.83 -56.70 68.39
N LYS XB 80 -34.83 -57.91 67.82
CA LYS XB 80 -34.42 -59.08 68.60
C LYS XB 80 -32.93 -59.10 68.89
N ASN XB 81 -32.11 -58.63 67.95
CA ASN XB 81 -30.66 -58.60 68.14
C ASN XB 81 -30.21 -57.57 69.16
N ARG XB 82 -31.03 -56.59 69.48
CA ARG XB 82 -30.77 -55.67 70.58
C ARG XB 82 -31.94 -55.66 71.56
N ALA XB 83 -32.60 -56.81 71.71
CA ALA XB 83 -33.54 -57.02 72.79
C ALA XB 83 -32.73 -57.28 74.06
N LYS XB 84 -32.39 -56.21 74.77
CA LYS XB 84 -31.37 -56.22 75.80
C LYS XB 84 -32.02 -56.31 77.17
N GLY XB 85 -31.59 -57.28 77.97
CA GLY XB 85 -32.04 -57.41 79.34
C GLY XB 85 -31.57 -56.27 80.21
N GLU XB 86 -32.30 -55.98 81.29
CA GLU XB 86 -31.97 -54.87 82.16
C GLU XB 86 -31.88 -55.34 83.61
N TYR XB 87 -31.83 -54.38 84.54
CA TYR XB 87 -32.00 -54.72 85.96
C TYR XB 87 -33.42 -55.21 86.22
N GLN XB 88 -34.37 -54.77 85.37
CA GLN XB 88 -35.70 -55.33 85.16
C GLN XB 88 -36.69 -54.94 86.25
N MET XB 89 -37.88 -54.51 85.83
CA MET XB 89 -38.96 -54.15 86.76
C MET XB 89 -40.26 -54.69 86.19
N ASP XB 90 -40.88 -55.64 86.89
CA ASP XB 90 -42.08 -56.31 86.41
C ASP XB 90 -43.31 -55.50 86.78
N TYR XB 91 -44.21 -55.35 85.82
CA TYR XB 91 -45.44 -54.59 86.01
C TYR XB 91 -46.54 -55.52 86.51
N VAL XB 92 -47.23 -55.10 87.56
CA VAL XB 92 -48.40 -55.81 88.08
C VAL XB 92 -49.61 -54.90 87.94
N PRO XB 93 -50.59 -55.25 87.11
CA PRO XB 93 -51.78 -54.41 86.99
C PRO XB 93 -52.64 -54.46 88.24
N ALA XB 94 -53.26 -53.32 88.55
CA ALA XB 94 -54.13 -53.25 89.71
C ALA XB 94 -55.39 -54.09 89.48
N PRO XB 95 -55.88 -54.79 90.50
CA PRO XB 95 -57.07 -55.61 90.32
C PRO XB 95 -58.33 -54.76 90.17
N ARG XB 96 -59.30 -55.30 89.42
CA ARG XB 96 -60.55 -54.61 89.22
C ARG XB 96 -61.48 -54.69 90.43
N ILE XB 97 -61.23 -55.62 91.35
CA ILE XB 97 -61.98 -55.74 92.59
C ILE XB 97 -61.11 -55.20 93.72
N THR XB 98 -61.57 -54.14 94.36
CA THR XB 98 -60.79 -53.43 95.37
C THR XB 98 -61.17 -53.89 96.77
N GLU XB 99 -60.43 -53.36 97.75
CA GLU XB 99 -60.71 -53.69 99.15
C GLU XB 99 -61.98 -53.01 99.63
N ALA XB 100 -62.35 -51.88 99.03
CA ALA XB 100 -63.65 -51.28 99.34
C ALA XB 100 -64.80 -52.13 98.81
N ASP XB 101 -64.58 -52.82 97.69
CA ASP XB 101 -65.60 -53.74 97.18
C ASP XB 101 -65.72 -54.97 98.07
N LYS XB 102 -64.61 -55.47 98.58
CA LYS XB 102 -64.63 -56.66 99.45
C LYS XB 102 -65.25 -56.35 100.80
N ASN XB 103 -65.05 -55.14 101.31
CA ASN XB 103 -65.59 -54.74 102.61
C ASN XB 103 -66.94 -54.05 102.50
N ASN XB 104 -67.48 -53.90 101.27
CA ASN XB 104 -68.71 -53.14 100.99
C ASN XB 104 -68.62 -51.73 101.55
N ASP XB 105 -67.46 -51.10 101.37
CA ASP XB 105 -67.16 -49.81 101.98
C ASP XB 105 -67.87 -48.71 101.20
N ARG XB 106 -68.96 -48.21 101.76
CA ARG XB 106 -69.59 -47.01 101.23
C ARG XB 106 -68.80 -45.78 101.67
N LYS XB 107 -69.23 -44.62 101.17
CA LYS XB 107 -68.49 -43.35 101.22
C LYS XB 107 -67.14 -43.42 100.50
N SER XB 108 -66.95 -44.38 99.62
CA SER XB 108 -65.68 -44.62 98.96
C SER XB 108 -65.86 -44.53 97.45
N LEU XB 109 -65.02 -43.73 96.80
CA LEU XB 109 -65.01 -43.60 95.35
C LEU XB 109 -64.10 -44.62 94.68
N TYR XB 110 -63.80 -45.73 95.36
CA TYR XB 110 -62.86 -46.72 94.87
C TYR XB 110 -63.50 -48.12 94.81
N ARG XB 111 -64.82 -48.21 94.90
CA ARG XB 111 -65.54 -49.46 94.75
C ARG XB 111 -66.47 -49.38 93.55
N ALA XB 112 -66.81 -50.57 93.02
CA ALA XB 112 -67.62 -50.73 91.82
C ALA XB 112 -67.02 -49.95 90.64
N LEU XB 113 -65.83 -50.37 90.24
CA LEU XB 113 -65.06 -49.63 89.25
C LEU XB 113 -65.68 -49.73 87.86
N ASP XB 114 -66.35 -50.83 87.55
CA ASP XB 114 -66.99 -51.00 86.26
C ASP XB 114 -68.38 -50.36 86.19
N LYS XB 115 -68.85 -49.75 87.28
CA LYS XB 115 -70.15 -49.12 87.34
C LYS XB 115 -69.97 -47.64 87.69
N LYS XB 116 -71.09 -46.93 87.75
CA LYS XB 116 -71.12 -45.51 88.06
C LYS XB 116 -71.68 -45.28 89.45
N LEU XB 117 -71.15 -44.28 90.14
CA LEU XB 117 -71.54 -43.98 91.51
C LEU XB 117 -72.24 -42.63 91.59
N TYR XB 118 -73.19 -42.52 92.52
CA TYR XB 118 -74.01 -41.33 92.70
C TYR XB 118 -74.01 -40.92 94.16
N LEU XB 119 -73.96 -39.62 94.41
CA LEU XB 119 -73.84 -39.08 95.75
C LEU XB 119 -75.23 -38.79 96.33
N LEU XB 120 -75.54 -39.41 97.47
CA LEU XB 120 -76.73 -39.11 98.23
C LEU XB 120 -76.34 -38.52 99.57
N ILE XB 121 -77.07 -37.49 100.00
CA ILE XB 121 -76.86 -36.89 101.32
C ILE XB 121 -78.07 -37.19 102.19
N PHE XB 122 -77.84 -37.25 103.50
CA PHE XB 122 -78.86 -37.65 104.46
C PHE XB 122 -79.21 -36.44 105.33
N GLY XB 123 -80.44 -35.97 105.18
CA GLY XB 123 -80.85 -34.77 105.89
C GLY XB 123 -82.26 -34.38 105.52
N LYS XB 124 -82.56 -33.09 105.66
CA LYS XB 124 -83.91 -32.59 105.42
C LYS XB 124 -83.98 -31.90 104.07
N PRO XB 125 -84.72 -32.45 103.10
CA PRO XB 125 -84.90 -31.76 101.82
C PRO XB 125 -85.93 -30.65 101.90
N PHE XB 126 -86.30 -30.08 100.75
CA PHE XB 126 -87.28 -29.01 100.72
C PHE XB 126 -88.67 -29.50 101.14
N GLY XB 127 -89.00 -30.76 100.89
CA GLY XB 127 -90.29 -31.28 101.27
C GLY XB 127 -90.46 -31.38 102.77
N ALA XB 128 -91.71 -31.26 103.22
CA ALA XB 128 -92.02 -31.21 104.64
C ALA XB 128 -92.95 -32.34 105.05
N THR XB 129 -92.65 -33.56 104.60
CA THR XB 129 -93.44 -34.72 105.02
C THR XB 129 -93.28 -34.99 106.50
N SER XB 130 -92.07 -34.83 107.02
CA SER XB 130 -91.80 -35.01 108.45
C SER XB 130 -90.53 -34.24 108.79
N ASP XB 131 -90.24 -34.18 110.10
CA ASP XB 131 -89.00 -33.61 110.59
C ASP XB 131 -87.90 -34.65 110.75
N GLU XB 132 -88.03 -35.80 110.06
CA GLU XB 132 -87.06 -36.88 110.08
C GLU XB 132 -86.20 -36.84 108.83
N PRO XB 133 -84.89 -37.06 108.97
CA PRO XB 133 -84.00 -37.01 107.81
C PRO XB 133 -84.24 -38.17 106.85
N VAL XB 134 -84.03 -37.90 105.56
CA VAL XB 134 -84.21 -38.87 104.50
C VAL XB 134 -83.09 -38.68 103.49
N TRP XB 135 -82.79 -39.74 102.74
CA TRP XB 135 -81.80 -39.66 101.67
C TRP XB 135 -82.30 -38.79 100.54
N HIS XB 136 -81.42 -37.97 100.00
CA HIS XB 136 -81.74 -37.10 98.86
C HIS XB 136 -80.44 -36.64 98.22
N PHE XB 137 -80.59 -35.84 97.17
CA PHE XB 137 -79.52 -35.18 96.42
C PHE XB 137 -79.22 -33.82 97.01
N PRO XB 138 -78.11 -33.17 96.64
CA PRO XB 138 -77.92 -31.77 97.04
C PRO XB 138 -78.89 -30.82 96.37
N GLU XB 139 -79.78 -30.20 97.14
CA GLU XB 139 -80.74 -29.25 96.60
C GLU XB 139 -80.47 -27.85 97.12
N LYS XB 140 -81.05 -26.87 96.43
CA LYS XB 140 -81.16 -25.50 96.92
C LYS XB 140 -82.40 -24.88 96.31
N VAL XB 141 -83.12 -24.09 97.11
CA VAL XB 141 -84.33 -23.43 96.65
C VAL XB 141 -83.95 -22.17 95.88
N TYR XB 142 -84.49 -22.03 94.68
CA TYR XB 142 -84.18 -20.89 93.82
C TYR XB 142 -84.85 -19.63 94.32
N ASP XB 143 -84.08 -18.54 94.46
CA ASP XB 143 -84.64 -17.28 94.92
C ASP XB 143 -84.56 -16.17 93.88
N SER XB 144 -83.36 -15.77 93.46
CA SER XB 144 -83.24 -14.62 92.57
C SER XB 144 -82.12 -14.75 91.53
N GLU XB 145 -81.47 -15.90 91.43
CA GLU XB 145 -80.25 -16.00 90.63
C GLU XB 145 -80.58 -16.01 89.13
N PRO XB 146 -79.63 -15.61 88.27
CA PRO XB 146 -79.94 -15.55 86.83
C PRO XB 146 -80.25 -16.90 86.19
N THR XB 147 -79.56 -17.98 86.59
CA THR XB 147 -79.76 -19.28 86.00
C THR XB 147 -79.99 -20.33 87.09
N LEU XB 148 -80.62 -21.44 86.72
CA LEU XB 148 -80.71 -22.58 87.63
C LEU XB 148 -79.38 -23.31 87.76
N ARG XB 149 -78.49 -23.16 86.78
CA ARG XB 149 -77.16 -23.75 86.90
C ARG XB 149 -76.38 -23.10 88.03
N LYS XB 150 -76.57 -21.79 88.24
CA LYS XB 150 -75.99 -21.12 89.39
C LYS XB 150 -76.53 -21.69 90.70
N CYS XB 151 -77.83 -21.97 90.75
CA CYS XB 151 -78.43 -22.53 91.95
C CYS XB 151 -77.93 -23.95 92.22
N ALA XB 152 -77.75 -24.75 91.17
CA ALA XB 152 -77.19 -26.08 91.33
C ALA XB 152 -75.73 -26.02 91.76
N GLU XB 153 -74.98 -25.06 91.22
CA GLU XB 153 -73.59 -24.89 91.64
C GLU XB 153 -73.49 -24.46 93.10
N SER XB 154 -74.40 -23.60 93.55
CA SER XB 154 -74.42 -23.22 94.96
C SER XB 154 -74.82 -24.40 95.84
N ALA XB 155 -75.77 -25.22 95.39
CA ALA XB 155 -76.17 -26.42 96.13
C ALA XB 155 -75.01 -27.39 96.26
N LEU XB 156 -74.23 -27.56 95.19
CA LEU XB 156 -73.09 -28.47 95.27
C LEU XB 156 -71.97 -27.89 96.11
N LYS XB 157 -71.76 -26.57 96.03
CA LYS XB 157 -70.73 -25.91 96.84
C LYS XB 157 -71.06 -26.00 98.33
N SER XB 158 -72.34 -25.93 98.68
CA SER XB 158 -72.74 -26.08 100.08
C SER XB 158 -72.54 -27.49 100.62
N VAL XB 159 -72.26 -28.48 99.76
CA VAL XB 159 -72.09 -29.86 100.17
C VAL XB 159 -70.63 -30.29 100.13
N LEU XB 160 -69.97 -30.10 98.97
CA LEU XB 160 -68.60 -30.56 98.84
C LEU XB 160 -67.57 -29.49 99.22
N GLY XB 161 -67.98 -28.23 99.35
CA GLY XB 161 -67.10 -27.19 99.83
C GLY XB 161 -66.50 -26.31 98.75
N ASP XB 162 -66.05 -26.92 97.65
CA ASP XB 162 -65.49 -26.15 96.54
C ASP XB 162 -65.72 -26.92 95.25
N LEU XB 163 -65.75 -26.17 94.15
CA LEU XB 163 -66.02 -26.73 92.82
C LEU XB 163 -64.73 -26.93 92.03
N THR XB 164 -63.64 -27.31 92.71
CA THR XB 164 -62.37 -27.49 92.03
C THR XB 164 -62.36 -28.76 91.19
N HIS XB 165 -62.89 -29.86 91.72
CA HIS XB 165 -62.87 -31.15 91.04
C HIS XB 165 -64.24 -31.55 90.52
N THR XB 166 -65.06 -30.58 90.16
CA THR XB 166 -66.40 -30.81 89.64
C THR XB 166 -66.53 -30.22 88.25
N TYR XB 167 -67.40 -30.83 87.44
CA TYR XB 167 -67.64 -30.38 86.07
C TYR XB 167 -69.12 -30.50 85.77
N PHE XB 168 -69.81 -29.37 85.67
CA PHE XB 168 -71.23 -29.37 85.33
C PHE XB 168 -71.42 -29.63 83.84
N VAL XB 169 -72.44 -30.41 83.51
CA VAL XB 169 -72.69 -30.85 82.14
C VAL XB 169 -73.97 -30.19 81.68
N GLY XB 170 -73.83 -29.11 80.91
CA GLY XB 170 -74.98 -28.50 80.25
C GLY XB 170 -75.65 -27.43 81.09
N ASN XB 171 -76.17 -26.42 80.41
CA ASN XB 171 -76.94 -25.35 81.03
C ASN XB 171 -78.38 -25.73 81.29
N ALA XB 172 -78.86 -26.82 80.71
CA ALA XB 172 -80.22 -27.28 80.79
C ALA XB 172 -80.36 -28.37 81.84
N PRO XB 173 -81.52 -28.47 82.51
CA PRO XB 173 -81.77 -29.62 83.37
C PRO XB 173 -81.94 -30.89 82.55
N MET XB 174 -81.51 -32.01 83.13
CA MET XB 174 -81.66 -33.29 82.45
C MET XB 174 -83.07 -33.85 82.58
N ALA XB 175 -83.76 -33.52 83.67
CA ALA XB 175 -85.14 -33.94 83.90
C ALA XB 175 -85.74 -33.03 84.96
N HIS XB 176 -87.04 -33.19 85.17
CA HIS XB 176 -87.73 -32.41 86.19
C HIS XB 176 -88.88 -33.23 86.77
N MET XB 177 -89.30 -32.84 87.96
CA MET XB 177 -90.43 -33.45 88.65
C MET XB 177 -91.36 -32.34 89.13
N ALA XB 178 -92.64 -32.46 88.81
CA ALA XB 178 -93.66 -31.57 89.31
C ALA XB 178 -94.37 -32.25 90.47
N ILE XB 179 -94.23 -31.68 91.67
CA ILE XB 179 -94.81 -32.26 92.88
C ILE XB 179 -96.06 -31.47 93.23
N GLN XB 180 -97.21 -32.15 93.20
CA GLN XB 180 -98.49 -31.54 93.52
C GLN XB 180 -99.06 -32.14 94.80
N PRO XB 181 -99.80 -31.37 95.59
CA PRO XB 181 -100.40 -31.94 96.80
C PRO XB 181 -101.53 -32.90 96.47
N THR XB 182 -101.60 -33.99 97.22
CA THR XB 182 -102.61 -35.02 97.07
C THR XB 182 -103.61 -34.93 98.21
N GLU XB 183 -104.51 -35.91 98.29
CA GLU XB 183 -105.60 -35.87 99.26
C GLU XB 183 -105.14 -36.16 100.68
N GLU XB 184 -103.91 -36.61 100.89
CA GLU XB 184 -103.43 -36.92 102.23
C GLU XB 184 -102.41 -35.93 102.78
N THR XB 185 -101.79 -35.11 101.93
CA THR XB 185 -100.92 -34.02 102.37
C THR XB 185 -101.33 -32.72 101.68
N PRO XB 186 -102.32 -32.01 102.25
CA PRO XB 186 -102.74 -30.73 101.67
C PRO XB 186 -101.93 -29.55 102.14
N ASP XB 187 -100.96 -29.74 103.02
CA ASP XB 187 -100.13 -28.64 103.52
C ASP XB 187 -98.95 -28.33 102.62
N LEU XB 188 -98.46 -29.32 101.87
CA LEU XB 188 -97.29 -29.12 101.03
C LEU XB 188 -97.65 -28.30 99.80
N PRO XB 189 -96.98 -27.16 99.56
CA PRO XB 189 -97.27 -26.37 98.36
C PRO XB 189 -96.71 -27.04 97.11
N SER XB 190 -97.24 -26.62 95.97
CA SER XB 190 -96.77 -27.14 94.69
C SER XB 190 -95.42 -26.52 94.33
N TYR XB 191 -94.53 -27.36 93.80
CA TYR XB 191 -93.20 -26.91 93.40
C TYR XB 191 -92.65 -27.86 92.36
N LYS XB 192 -91.61 -27.41 91.67
CA LYS XB 192 -90.93 -28.22 90.66
C LYS XB 192 -89.48 -28.41 91.05
N ARG XB 193 -89.00 -29.65 90.95
CA ARG XB 193 -87.62 -29.99 91.27
C ARG XB 193 -86.89 -30.32 89.98
N PHE XB 194 -85.80 -29.61 89.72
CA PHE XB 194 -85.02 -29.75 88.49
C PHE XB 194 -83.68 -30.41 88.82
N PHE XB 195 -83.31 -31.40 88.01
CA PHE XB 195 -82.10 -32.18 88.23
C PHE XB 195 -81.01 -31.74 87.26
N PHE XB 196 -79.83 -31.49 87.78
CA PHE XB 196 -78.66 -31.12 86.99
C PHE XB 196 -77.57 -32.17 87.17
N LYS XB 197 -76.75 -32.35 86.15
CA LYS XB 197 -75.70 -33.34 86.18
C LYS XB 197 -74.35 -32.69 86.44
N CYS XB 198 -73.55 -33.35 87.27
CA CYS XB 198 -72.18 -32.93 87.53
C CYS XB 198 -71.29 -34.15 87.64
N SER XB 199 -70.07 -34.03 87.13
CA SER XB 199 -69.13 -35.14 87.05
C SER XB 199 -67.99 -34.95 88.04
N VAL XB 200 -67.56 -36.06 88.65
CA VAL XB 200 -66.32 -36.10 89.42
C VAL XB 200 -65.17 -36.10 88.42
N VAL XB 201 -64.25 -35.15 88.55
CA VAL XB 201 -63.20 -35.00 87.55
C VAL XB 201 -62.02 -35.91 87.88
N ALA XB 202 -61.34 -35.65 88.99
CA ALA XB 202 -60.20 -36.48 89.36
C ALA XB 202 -60.10 -36.81 90.84
N ALA XB 203 -60.87 -36.16 91.71
CA ALA XB 203 -60.74 -36.40 93.14
C ALA XB 203 -61.37 -37.73 93.52
N SER XB 204 -60.64 -38.52 94.30
CA SER XB 204 -61.16 -39.76 94.85
C SER XB 204 -61.72 -39.58 96.25
N LYS XB 205 -61.64 -38.37 96.81
CA LYS XB 205 -62.16 -38.07 98.14
C LYS XB 205 -62.72 -36.65 98.14
N TYR XB 206 -63.84 -36.46 98.83
CA TYR XB 206 -64.45 -35.15 99.00
C TYR XB 206 -64.77 -34.92 100.46
N ASN XB 207 -64.74 -33.64 100.86
CA ASN XB 207 -65.14 -33.24 102.21
C ASN XB 207 -66.62 -32.88 102.16
N ILE XB 208 -67.46 -33.79 102.65
CA ILE XB 208 -68.91 -33.63 102.58
C ILE XB 208 -69.38 -32.98 103.88
N SER XB 209 -70.01 -31.82 103.75
CA SER XB 209 -70.50 -31.06 104.90
C SER XB 209 -71.95 -30.66 104.67
N ASN XB 210 -72.52 -29.97 105.66
CA ASN XB 210 -73.91 -29.52 105.69
C ASN XB 210 -74.91 -30.67 105.53
N CYS XB 211 -74.54 -31.84 106.05
CA CYS XB 211 -75.41 -33.01 106.03
C CYS XB 211 -74.96 -33.96 107.14
N GLU XB 212 -75.87 -34.87 107.50
CA GLU XB 212 -75.57 -35.80 108.58
C GLU XB 212 -74.77 -37.00 108.08
N ASP XB 213 -75.11 -37.52 106.91
CA ASP XB 213 -74.52 -38.75 106.41
C ASP XB 213 -74.53 -38.71 104.89
N PHE XB 214 -73.66 -39.51 104.28
CA PHE XB 214 -73.61 -39.58 102.83
C PHE XB 214 -73.15 -40.97 102.41
N VAL XB 215 -73.46 -41.32 101.16
CA VAL XB 215 -73.04 -42.58 100.55
C VAL XB 215 -72.67 -42.34 99.09
N TRP XB 216 -71.96 -43.32 98.53
CA TRP XB 216 -71.69 -43.40 97.10
C TRP XB 216 -72.24 -44.73 96.62
N VAL XB 217 -73.31 -44.68 95.82
CA VAL XB 217 -74.07 -45.88 95.47
C VAL XB 217 -74.23 -45.96 93.95
N THR XB 218 -74.44 -47.18 93.47
CA THR XB 218 -74.67 -47.42 92.06
C THR XB 218 -76.10 -47.07 91.69
N LYS XB 219 -76.47 -47.34 90.43
CA LYS XB 219 -77.84 -47.06 90.00
C LYS XB 219 -78.84 -48.01 90.66
N ASP XB 220 -78.49 -49.31 90.74
CA ASP XB 220 -79.38 -50.28 91.39
C ASP XB 220 -79.54 -50.00 92.88
N GLU XB 221 -78.44 -49.65 93.55
CA GLU XB 221 -78.51 -49.33 94.97
C GLU XB 221 -79.27 -48.03 95.22
N LEU XB 222 -79.17 -47.07 94.30
CA LEU XB 222 -79.95 -45.84 94.43
C LEU XB 222 -81.43 -46.09 94.20
N LEU XB 223 -81.75 -47.01 93.27
CA LEU XB 223 -83.15 -47.40 93.07
C LEU XB 223 -83.69 -48.11 94.31
N GLU XB 224 -82.86 -48.96 94.95
CA GLU XB 224 -83.28 -49.60 96.19
C GLU XB 224 -83.41 -48.59 97.33
N PHE XB 225 -82.59 -47.54 97.33
CA PHE XB 225 -82.72 -46.50 98.34
C PHE XB 225 -83.98 -45.66 98.13
N LEU XB 226 -84.46 -45.58 96.90
CA LEU XB 226 -85.62 -44.77 96.53
C LEU XB 226 -86.65 -45.69 95.89
N PRO XB 227 -87.39 -46.47 96.68
CA PRO XB 227 -88.34 -47.43 96.10
C PRO XB 227 -89.57 -46.76 95.52
N GLU XB 228 -89.89 -45.55 96.02
CA GLU XB 228 -91.07 -44.83 95.55
C GLU XB 228 -90.78 -43.93 94.35
N GLN XB 229 -89.51 -43.64 94.07
CA GLN XB 229 -89.13 -42.82 92.93
C GLN XB 229 -88.33 -43.59 91.90
N ALA XB 230 -88.36 -44.93 91.93
CA ALA XB 230 -87.50 -45.73 91.07
C ALA XB 230 -87.93 -45.65 89.61
N GLU XB 231 -89.22 -45.49 89.33
CA GLU XB 231 -89.70 -45.44 87.96
C GLU XB 231 -89.27 -44.17 87.23
N PHE XB 232 -88.95 -43.11 87.95
CA PHE XB 232 -88.44 -41.88 87.34
C PHE XB 232 -86.92 -41.91 87.19
N PHE XB 233 -86.22 -42.38 88.22
CA PHE XB 233 -84.76 -42.42 88.18
C PHE XB 233 -84.23 -43.54 87.31
N ASN XB 234 -85.04 -44.55 87.01
CA ASN XB 234 -84.65 -45.55 86.02
C ASN XB 234 -84.57 -44.94 84.62
N LYS XB 235 -85.40 -43.93 84.34
CA LYS XB 235 -85.33 -43.22 83.07
C LYS XB 235 -84.34 -42.07 83.09
N MET XB 236 -84.19 -41.39 84.23
CA MET XB 236 -83.27 -40.27 84.30
C MET XB 236 -81.81 -40.71 84.21
N ILE XB 237 -81.50 -41.91 84.67
CA ILE XB 237 -80.13 -42.40 84.76
C ILE XB 237 -79.96 -43.52 83.74
N ILE XB 238 -79.03 -43.34 82.81
CA ILE XB 238 -78.70 -44.38 81.85
C ILE XB 238 -77.70 -45.34 82.49
N SER XB 239 -78.04 -46.62 82.48
CA SER XB 239 -77.19 -47.63 83.10
C SER XB 239 -75.95 -47.92 82.26
N MET YB 1 -89.58 64.72 19.85
CA MET YB 1 -90.92 65.06 20.34
C MET YB 1 -91.12 66.55 20.30
N LEU YB 2 -90.39 67.26 21.16
CA LEU YB 2 -90.44 68.71 21.23
C LEU YB 2 -89.28 69.27 20.43
N LYS YB 3 -89.49 69.35 19.12
CA LYS YB 3 -88.57 70.05 18.25
C LYS YB 3 -89.31 70.85 17.19
N PHE YB 4 -90.64 70.84 17.23
CA PHE YB 4 -91.46 71.68 16.37
C PHE YB 4 -92.44 72.51 17.15
N LEU YB 5 -92.47 72.40 18.47
CA LEU YB 5 -93.53 72.95 19.29
C LEU YB 5 -92.95 74.03 20.21
N SER YB 6 -93.83 74.92 20.65
CA SER YB 6 -93.45 75.98 21.57
C SER YB 6 -94.42 76.09 22.74
N LYS YB 7 -95.50 75.32 22.74
CA LYS YB 7 -96.47 75.30 23.82
C LYS YB 7 -97.31 74.04 23.68
N VAL YB 8 -97.42 73.26 24.76
CA VAL YB 8 -98.31 72.10 24.81
C VAL YB 8 -99.30 72.38 25.94
N LYS YB 9 -100.47 72.89 25.60
CA LYS YB 9 -101.49 73.19 26.60
C LYS YB 9 -102.50 72.06 26.64
N ILE YB 10 -102.53 71.33 27.76
CA ILE YB 10 -103.40 70.17 27.95
C ILE YB 10 -104.34 70.47 29.11
N GLU YB 11 -105.63 70.30 28.88
CA GLU YB 11 -106.62 70.45 29.96
C GLU YB 11 -107.56 69.27 29.94
N PHE YB 12 -107.91 68.76 31.12
CA PHE YB 12 -108.85 67.66 31.24
C PHE YB 12 -109.52 67.73 32.61
N ASN YB 13 -110.76 67.26 32.66
CA ASN YB 13 -111.41 67.05 33.95
C ASN YB 13 -110.79 65.82 34.61
N THR YB 14 -110.45 65.94 35.89
CA THR YB 14 -109.66 64.91 36.57
C THR YB 14 -110.43 63.61 36.73
N LEU YB 15 -111.76 63.68 36.93
CA LEU YB 15 -112.55 62.51 37.26
C LEU YB 15 -113.09 61.75 36.04
N ASP YB 16 -113.14 62.39 34.87
CA ASP YB 16 -113.81 61.84 33.71
C ASP YB 16 -113.07 60.63 33.16
N PRO YB 17 -113.78 59.56 32.79
CA PRO YB 17 -113.11 58.30 32.42
C PRO YB 17 -112.44 58.29 31.06
N ARG YB 18 -112.27 59.44 30.42
CA ARG YB 18 -111.54 59.54 29.16
C ARG YB 18 -110.26 60.34 29.30
N LEU YB 19 -109.63 60.29 30.48
CA LEU YB 19 -108.43 61.08 30.73
C LEU YB 19 -107.16 60.37 30.30
N ALA YB 20 -107.27 59.15 29.76
CA ALA YB 20 -106.11 58.31 29.52
C ALA YB 20 -105.17 58.91 28.49
N SER YB 21 -105.73 59.47 27.42
CA SER YB 21 -104.90 60.07 26.37
C SER YB 21 -104.18 61.31 26.88
N CYS YB 22 -104.85 62.13 27.68
CA CYS YB 22 -104.23 63.35 28.18
C CYS YB 22 -103.10 63.06 29.15
N VAL YB 23 -103.33 62.13 30.08
CA VAL YB 23 -102.28 61.82 31.05
C VAL YB 23 -101.15 61.04 30.37
N GLU YB 24 -101.45 60.27 29.34
CA GLU YB 24 -100.38 59.60 28.61
C GLU YB 24 -99.57 60.59 27.78
N PHE YB 25 -100.22 61.62 27.24
CA PHE YB 25 -99.48 62.65 26.53
C PHE YB 25 -98.60 63.45 27.48
N LEU YB 26 -99.08 63.68 28.71
CA LEU YB 26 -98.24 64.27 29.74
C LEU YB 26 -97.07 63.37 30.07
N ALA YB 27 -97.26 62.06 30.03
CA ALA YB 27 -96.14 61.15 30.21
C ALA YB 27 -95.14 61.25 29.07
N GLN YB 28 -95.63 61.40 27.84
CA GLN YB 28 -94.74 61.50 26.68
C GLN YB 28 -93.91 62.78 26.71
N CYS YB 29 -94.54 63.92 26.99
CA CYS YB 29 -93.89 65.22 26.77
C CYS YB 29 -93.14 65.76 27.98
N ASN YB 30 -93.25 65.13 29.14
CA ASN YB 30 -92.53 65.58 30.34
C ASN YB 30 -91.33 64.70 30.63
N ALA YB 31 -90.90 63.92 29.66
CA ALA YB 31 -89.81 62.97 29.85
C ALA YB 31 -88.48 63.68 29.94
N ARG YB 32 -87.46 62.93 30.37
CA ARG YB 32 -86.10 63.46 30.38
C ARG YB 32 -85.59 63.69 28.96
N LYS YB 33 -85.90 62.78 28.05
CA LYS YB 33 -85.50 62.93 26.65
C LYS YB 33 -86.25 64.07 25.96
N ALA YB 34 -87.49 64.34 26.39
CA ALA YB 34 -88.28 65.35 25.69
C ALA YB 34 -87.82 66.76 26.02
N LYS YB 35 -87.53 67.05 27.28
CA LYS YB 35 -87.17 68.40 27.67
C LYS YB 35 -85.71 68.72 27.42
N GLU YB 36 -84.89 67.74 27.05
CA GLU YB 36 -83.54 68.05 26.59
C GLU YB 36 -83.50 68.32 25.09
N SER YB 37 -84.63 68.18 24.40
CA SER YB 37 -84.74 68.56 23.01
C SER YB 37 -85.35 69.94 22.81
N ASN YB 38 -86.09 70.45 23.79
CA ASN YB 38 -86.56 71.82 23.76
C ASN YB 38 -86.77 72.34 25.17
N PRO YB 39 -85.70 72.79 25.84
CA PRO YB 39 -85.89 73.42 27.16
C PRO YB 39 -86.64 74.74 27.10
N ASN YB 40 -86.74 75.35 25.92
CA ASN YB 40 -87.50 76.59 25.75
C ASN YB 40 -89.00 76.34 25.61
N CYS YB 41 -89.43 75.09 25.50
CA CYS YB 41 -90.86 74.81 25.31
C CYS YB 41 -91.60 74.88 26.64
N GLN YB 42 -92.91 75.11 26.53
CA GLN YB 42 -93.79 75.24 27.68
C GLN YB 42 -94.81 74.11 27.64
N VAL YB 43 -94.97 73.42 28.76
CA VAL YB 43 -96.00 72.40 28.92
C VAL YB 43 -96.94 72.89 30.00
N LEU YB 44 -98.18 73.18 29.63
CA LEU YB 44 -99.15 73.79 30.52
C LEU YB 44 -100.26 72.79 30.81
N VAL YB 45 -100.59 72.62 32.08
CA VAL YB 45 -101.63 71.71 32.51
C VAL YB 45 -102.71 72.51 33.22
N LYS YB 46 -103.96 72.32 32.81
CA LYS YB 46 -105.11 72.99 33.42
C LYS YB 46 -106.07 71.93 33.92
N ARG YB 47 -106.10 71.72 35.23
CA ARG YB 47 -107.03 70.80 35.87
C ARG YB 47 -108.30 71.55 36.23
N ARG YB 48 -109.43 71.00 35.83
CA ARG YB 48 -110.69 71.74 35.90
C ARG YB 48 -111.80 70.86 36.43
N THR YB 49 -112.78 71.49 37.05
CA THR YB 49 -113.89 70.78 37.67
C THR YB 49 -115.07 70.60 36.73
N ASP YB 50 -115.24 71.48 35.73
CA ASP YB 50 -116.37 71.40 34.82
C ASP YB 50 -116.20 70.21 33.87
N ASP YB 51 -117.14 70.06 32.95
CA ASP YB 51 -117.23 68.84 32.15
C ASP YB 51 -117.01 69.15 30.67
N GLN YB 52 -116.02 69.98 30.39
CA GLN YB 52 -115.54 70.03 29.02
C GLN YB 52 -114.81 68.74 28.68
N PRO YB 53 -114.89 68.28 27.44
CA PRO YB 53 -114.12 67.11 27.02
C PRO YB 53 -112.64 67.40 27.09
N PRO YB 54 -111.80 66.38 27.30
CA PRO YB 54 -110.35 66.59 27.31
C PRO YB 54 -109.85 67.11 25.97
N GLN YB 55 -108.92 68.06 26.02
CA GLN YB 55 -108.47 68.76 24.83
C GLN YB 55 -106.97 68.98 24.89
N ILE YB 56 -106.25 68.44 23.92
CA ILE YB 56 -104.84 68.74 23.71
C ILE YB 56 -104.76 69.75 22.57
N SER YB 57 -104.30 70.95 22.88
CA SER YB 57 -104.14 72.02 21.90
C SER YB 57 -102.68 72.44 21.90
N VAL YB 58 -101.95 72.08 20.85
CA VAL YB 58 -100.56 72.47 20.70
C VAL YB 58 -100.47 73.62 19.72
N THR YB 59 -99.39 74.39 19.82
CA THR YB 59 -99.05 75.36 18.80
C THR YB 59 -97.59 75.16 18.41
N PHE YB 60 -97.29 75.47 17.16
CA PHE YB 60 -95.99 75.14 16.60
C PHE YB 60 -95.06 76.35 16.67
N VAL YB 61 -93.88 76.18 16.07
CA VAL YB 61 -92.85 77.22 16.13
C VAL YB 61 -93.25 78.42 15.28
N ASN YB 62 -93.87 78.19 14.13
CA ASN YB 62 -94.35 79.28 13.27
C ASN YB 62 -95.78 79.65 13.58
N GLY YB 63 -96.11 79.81 14.86
CA GLY YB 63 -97.42 80.28 15.29
C GLY YB 63 -98.64 79.43 14.95
N VAL YB 64 -98.44 78.32 14.23
CA VAL YB 64 -99.55 77.49 13.81
C VAL YB 64 -100.09 76.70 14.98
N GLU YB 65 -101.39 76.84 15.24
CA GLU YB 65 -102.06 76.11 16.29
C GLU YB 65 -102.99 75.09 15.65
N GLU YB 66 -102.96 73.86 16.16
CA GLU YB 66 -103.83 72.81 15.64
C GLU YB 66 -104.29 71.96 16.82
N ALA YB 67 -105.55 72.13 17.21
CA ALA YB 67 -106.12 71.40 18.33
C ALA YB 67 -106.33 69.93 17.98
N PHE YB 68 -106.60 69.14 19.01
CA PHE YB 68 -106.83 67.71 18.88
C PHE YB 68 -108.04 67.29 19.70
N ASP YB 69 -108.67 66.20 19.27
CA ASP YB 69 -109.72 65.54 20.03
C ASP YB 69 -109.11 64.51 20.98
N ALA YB 70 -108.79 64.98 22.19
CA ALA YB 70 -108.05 64.15 23.14
C ALA YB 70 -108.90 63.02 23.68
N ALA YB 71 -110.20 63.22 23.78
CA ALA YB 71 -111.07 62.19 24.35
C ALA YB 71 -111.30 61.01 23.42
N ALA YB 72 -110.90 61.11 22.14
CA ALA YB 72 -111.22 60.09 21.17
C ALA YB 72 -110.01 59.49 20.46
N THR YB 73 -108.81 60.07 20.62
CA THR YB 73 -107.62 59.60 19.94
C THR YB 73 -106.50 59.36 20.94
N SER YB 74 -105.71 58.31 20.66
CA SER YB 74 -104.62 57.91 21.52
C SER YB 74 -103.45 58.89 21.43
N ALA YB 75 -102.60 58.85 22.46
CA ALA YB 75 -101.48 59.77 22.53
C ALA YB 75 -100.43 59.48 21.47
N GLN YB 76 -100.29 58.21 21.06
CA GLN YB 76 -99.36 57.90 19.98
C GLN YB 76 -99.83 58.46 18.65
N SER YB 77 -101.16 58.49 18.42
CA SER YB 77 -101.69 59.11 17.22
C SER YB 77 -101.47 60.61 17.22
N ILE YB 78 -101.67 61.25 18.38
CA ILE YB 78 -101.41 62.68 18.53
C ILE YB 78 -99.95 62.98 18.22
N ARG YB 79 -99.05 62.14 18.76
CA ARG YB 79 -97.62 62.32 18.54
C ARG YB 79 -97.25 62.13 17.07
N LYS YB 80 -97.87 61.15 16.40
CA LYS YB 80 -97.56 60.90 15.00
C LYS YB 80 -97.97 62.07 14.12
N MET YB 81 -99.18 62.60 14.32
CA MET YB 81 -99.55 63.73 13.46
C MET YB 81 -98.88 65.04 13.88
N ILE YB 82 -98.44 65.19 15.13
CA ILE YB 82 -97.57 66.31 15.49
C ILE YB 82 -96.24 66.22 14.75
N LEU YB 83 -95.66 65.02 14.68
CA LEU YB 83 -94.41 64.85 13.94
C LEU YB 83 -94.60 65.18 12.47
N ASP YB 84 -95.71 64.74 11.87
CA ASP YB 84 -95.95 65.02 10.46
C ASP YB 84 -96.14 66.50 10.18
N LYS YB 85 -96.97 67.18 10.98
CA LYS YB 85 -97.22 68.60 10.74
C LYS YB 85 -95.97 69.44 11.03
N GLY YB 86 -95.19 69.06 12.04
CA GLY YB 86 -93.96 69.79 12.31
C GLY YB 86 -92.93 69.61 11.22
N GLN YB 87 -92.82 68.40 10.67
CA GLN YB 87 -91.92 68.18 9.54
C GLN YB 87 -92.35 68.96 8.32
N TYR YB 88 -93.66 69.04 8.07
CA TYR YB 88 -94.17 69.82 6.96
C TYR YB 88 -93.90 71.31 7.14
N LEU YB 89 -94.02 71.82 8.36
CA LEU YB 89 -93.72 73.24 8.58
C LEU YB 89 -92.23 73.52 8.44
N GLU YB 90 -91.39 72.58 8.87
CA GLU YB 90 -89.95 72.74 8.68
C GLU YB 90 -89.57 72.69 7.20
N THR YB 91 -90.23 71.84 6.42
CA THR YB 91 -90.01 71.81 4.97
C THR YB 91 -90.43 73.11 4.33
N GLU YB 92 -91.60 73.63 4.72
CA GLU YB 92 -92.04 74.93 4.21
C GLU YB 92 -91.10 76.05 4.59
N GLN YB 93 -90.45 75.95 5.76
CA GLN YB 93 -89.53 76.98 6.19
C GLN YB 93 -88.28 77.03 5.33
N MET YB 94 -87.24 76.46 5.50
CA MET YB 94 -86.10 76.60 4.61
C MET YB 94 -86.51 76.77 3.15
N PHE YB 95 -87.75 76.46 2.79
CA PHE YB 95 -88.24 76.84 1.48
C PHE YB 95 -88.40 78.35 1.34
N ARG YB 96 -89.04 78.99 2.34
CA ARG YB 96 -89.19 80.44 2.32
C ARG YB 96 -87.90 81.16 2.68
N GLU YB 97 -87.02 80.52 3.44
CA GLU YB 97 -85.76 81.15 3.83
C GLU YB 97 -84.75 81.18 2.67
N ALA YB 98 -84.96 80.36 1.64
CA ALA YB 98 -84.04 80.30 0.51
C ALA YB 98 -84.60 80.95 -0.74
N GLY YB 99 -85.70 81.70 -0.62
CA GLY YB 99 -86.27 82.40 -1.74
C GLY YB 99 -87.24 81.61 -2.58
N GLU YB 100 -87.50 80.34 -2.25
CA GLU YB 100 -88.46 79.54 -2.98
C GLU YB 100 -89.87 79.84 -2.48
N GLN YB 101 -90.81 79.93 -3.41
CA GLN YB 101 -92.19 80.19 -3.06
C GLN YB 101 -92.83 78.93 -2.49
N TRP YB 102 -93.62 79.10 -1.44
CA TRP YB 102 -94.31 78.00 -0.78
C TRP YB 102 -95.82 78.25 -0.81
N PRO YB 103 -96.63 77.27 -1.20
CA PRO YB 103 -96.29 75.88 -1.56
C PRO YB 103 -95.77 75.71 -2.98
N VAL YB 104 -94.87 74.74 -3.17
CA VAL YB 104 -94.43 74.38 -4.51
C VAL YB 104 -95.59 73.69 -5.24
N ILE YB 105 -95.84 74.10 -6.47
CA ILE YB 105 -97.04 73.71 -7.20
C ILE YB 105 -96.64 73.17 -8.57
N ILE YB 106 -97.30 72.09 -8.99
CA ILE YB 106 -97.12 71.50 -10.31
C ILE YB 106 -98.50 71.17 -10.87
N PRO YB 107 -98.70 71.22 -12.19
CA PRO YB 107 -100.00 70.84 -12.76
C PRO YB 107 -100.29 69.36 -12.55
N GLU YB 108 -101.56 69.06 -12.30
CA GLU YB 108 -101.98 67.71 -11.95
C GLU YB 108 -102.42 66.93 -13.20
N GLU YB 109 -101.55 66.94 -14.20
CA GLU YB 109 -101.73 66.08 -15.37
C GLU YB 109 -100.43 65.42 -15.82
N GLU YB 110 -99.30 65.70 -15.17
CA GLU YB 110 -98.05 65.05 -15.53
C GLU YB 110 -97.97 63.63 -15.01
N ILE YB 111 -98.91 63.22 -14.15
CA ILE YB 111 -99.03 61.81 -13.78
C ILE YB 111 -99.39 60.96 -14.99
N HIS YB 112 -100.30 61.46 -15.83
CA HIS YB 112 -100.70 60.72 -17.02
C HIS YB 112 -99.63 60.78 -18.12
N GLN YB 113 -98.72 61.74 -18.05
CA GLN YB 113 -97.59 61.76 -18.96
C GLN YB 113 -96.64 60.61 -18.65
N GLU YB 114 -96.12 59.97 -19.70
CA GLU YB 114 -95.20 58.86 -19.53
C GLU YB 114 -93.85 59.36 -19.07
N ALA YB 115 -93.27 58.65 -18.11
CA ALA YB 115 -91.97 59.02 -17.53
C ALA YB 115 -90.95 57.93 -17.83
N PRO YB 116 -90.04 58.14 -18.77
CA PRO YB 116 -88.94 57.18 -18.96
C PRO YB 116 -88.00 57.19 -17.76
N GLY YB 117 -87.29 56.07 -17.61
CA GLY YB 117 -86.44 55.90 -16.45
C GLY YB 117 -85.27 56.86 -16.44
N VAL YB 118 -84.91 57.35 -15.26
CA VAL YB 118 -83.92 58.41 -15.12
C VAL YB 118 -82.53 57.78 -15.22
N LYS YB 119 -81.86 58.01 -16.35
CA LYS YB 119 -80.50 57.56 -16.54
C LYS YB 119 -79.55 58.73 -16.39
N PRO YB 120 -78.65 58.72 -15.40
CA PRO YB 120 -77.70 59.83 -15.26
C PRO YB 120 -76.72 59.85 -16.43
N ARG YB 121 -76.47 61.04 -16.95
CA ARG YB 121 -75.65 61.23 -18.13
C ARG YB 121 -74.62 62.31 -17.85
N LYS YB 122 -73.45 62.18 -18.49
CA LYS YB 122 -72.41 63.19 -18.41
C LYS YB 122 -72.85 64.49 -19.06
N LYS ZB 49 -60.20 37.03 71.84
CA LYS ZB 49 -60.25 36.94 70.37
C LYS ZB 49 -61.65 37.20 69.84
N SER ZB 50 -62.64 37.11 70.71
CA SER ZB 50 -64.04 37.27 70.34
C SER ZB 50 -64.76 38.18 71.33
N THR ZB 51 -64.15 39.32 71.64
CA THR ZB 51 -64.72 40.27 72.59
C THR ZB 51 -65.01 41.64 72.00
N THR ZB 52 -64.39 41.99 70.88
CA THR ZB 52 -64.62 43.27 70.24
C THR ZB 52 -64.71 43.06 68.73
N VAL ZB 53 -65.45 43.94 68.06
CA VAL ZB 53 -65.49 43.90 66.60
C VAL ZB 53 -64.31 44.70 66.07
N VAL ZB 54 -63.46 44.04 65.28
CA VAL ZB 54 -62.15 44.60 64.93
C VAL ZB 54 -62.32 45.58 63.78
N GLY ZB 55 -62.03 46.84 64.05
CA GLY ZB 55 -62.03 47.87 63.02
C GLY ZB 55 -63.39 48.30 62.53
N ALA ZB 56 -64.46 48.01 63.26
CA ALA ZB 56 -65.79 48.46 62.88
C ALA ZB 56 -65.89 49.98 62.96
N ASN ZB 57 -65.71 50.51 64.16
CA ASN ZB 57 -65.79 51.95 64.36
C ASN ZB 57 -64.58 52.64 63.72
N THR ZB 58 -64.84 53.70 62.98
CA THR ZB 58 -63.81 54.43 62.27
C THR ZB 58 -63.66 55.87 62.76
N LEU ZB 59 -64.53 56.32 63.66
CA LEU ZB 59 -64.44 57.67 64.21
C LEU ZB 59 -63.19 57.81 65.07
N LYS ZB 60 -62.54 58.98 65.01
CA LYS ZB 60 -61.27 59.15 65.72
C LYS ZB 60 -61.47 59.28 67.22
N ASP ZB 61 -62.60 59.84 67.66
CA ASP ZB 61 -62.87 59.89 69.09
C ASP ZB 61 -63.28 58.51 69.61
N ARG ZB 62 -64.11 57.79 68.86
CA ARG ZB 62 -64.59 56.49 69.29
C ARG ZB 62 -63.58 55.39 69.07
N SER ZB 63 -63.89 54.23 69.65
CA SER ZB 63 -63.08 53.03 69.51
C SER ZB 63 -63.99 51.87 69.13
N ASP ZB 64 -63.38 50.69 68.99
CA ASP ZB 64 -64.12 49.52 68.55
C ASP ZB 64 -65.12 49.06 69.60
N PRO ZB 65 -66.37 48.81 69.23
CA PRO ZB 65 -67.38 48.36 70.20
C PRO ZB 65 -67.12 46.95 70.68
N LYS ZB 66 -67.91 46.54 71.67
CA LYS ZB 66 -67.78 45.25 72.33
C LYS ZB 66 -69.02 44.40 72.08
N ILE ZB 67 -68.83 43.08 72.16
CA ILE ZB 67 -69.91 42.13 71.95
C ILE ZB 67 -70.76 42.08 73.22
N LEU ZB 68 -72.01 42.49 73.11
CA LEU ZB 68 -72.92 42.59 74.22
C LEU ZB 68 -73.42 41.20 74.64
N PRO ZB 69 -73.96 41.05 75.85
CA PRO ZB 69 -74.60 39.79 76.22
C PRO ZB 69 -75.90 39.59 75.44
N ASP ZB 70 -76.40 38.35 75.49
CA ASP ZB 70 -77.55 37.96 74.66
C ASP ZB 70 -78.88 38.39 75.27
N SER ZB 71 -78.98 39.67 75.62
CA SER ZB 71 -80.23 40.25 76.12
C SER ZB 71 -80.50 41.54 75.36
N ASP ZB 72 -79.43 42.18 74.89
CA ASP ZB 72 -79.52 43.41 74.12
C ASP ZB 72 -79.77 43.15 72.64
N TYR ZB 73 -79.71 41.90 72.21
CA TYR ZB 73 -79.83 41.46 70.84
C TYR ZB 73 -81.29 41.20 70.46
N PRO ZB 74 -81.66 41.46 69.22
CA PRO ZB 74 -83.01 41.13 68.75
C PRO ZB 74 -83.19 39.62 68.52
N ASP ZB 75 -84.46 39.22 68.48
CA ASP ZB 75 -84.76 37.80 68.41
C ASP ZB 75 -84.46 37.20 67.03
N TRP ZB 76 -84.46 38.03 65.98
CA TRP ZB 76 -84.25 37.49 64.65
C TRP ZB 76 -82.82 37.06 64.40
N LEU ZB 77 -81.87 37.54 65.22
CA LEU ZB 77 -80.44 37.39 64.93
C LEU ZB 77 -79.98 35.95 64.98
N TRP ZB 78 -80.67 35.08 65.74
CA TRP ZB 78 -80.37 33.67 65.77
C TRP ZB 78 -81.29 32.87 64.86
N ARG ZB 79 -82.12 33.54 64.07
CA ARG ZB 79 -82.91 32.91 63.03
C ARG ZB 79 -82.40 33.22 61.64
N LEU ZB 80 -81.23 33.85 61.53
CA LEU ZB 80 -80.71 34.20 60.21
C LEU ZB 80 -80.22 32.97 59.46
N LEU ZB 81 -79.78 31.95 60.20
CA LEU ZB 81 -79.11 30.81 59.62
C LEU ZB 81 -80.06 29.72 59.14
N GLN ZB 82 -81.38 29.95 59.25
CA GLN ZB 82 -82.33 28.91 58.93
C GLN ZB 82 -82.41 28.72 57.42
N ILE ZB 83 -82.96 27.57 57.02
CA ILE ZB 83 -83.09 27.24 55.61
C ILE ZB 83 -84.41 27.81 55.12
N ARG ZB 84 -84.32 28.90 54.37
CA ARG ZB 84 -85.50 29.44 53.70
C ARG ZB 84 -85.94 28.45 52.63
N PRO ZB 85 -87.25 28.41 52.32
CA PRO ZB 85 -87.73 27.48 51.30
C PRO ZB 85 -87.12 27.77 49.93
N ALA ZB 86 -86.78 26.72 49.21
CA ALA ZB 86 -86.17 26.83 47.90
C ALA ZB 86 -87.25 26.73 46.83
N LEU ZB 87 -86.80 26.84 45.57
CA LEU ZB 87 -87.74 26.85 44.46
C LEU ZB 87 -88.30 25.46 44.17
N SER ZB 88 -87.52 24.41 44.45
CA SER ZB 88 -87.97 23.04 44.22
C SER ZB 88 -89.15 22.68 45.12
N GLU ZB 89 -89.10 23.09 46.38
CA GLU ZB 89 -90.22 22.86 47.29
C GLU ZB 89 -91.45 23.64 46.88
N LEU ZB 90 -91.28 24.91 46.52
CA LEU ZB 90 -92.42 25.77 46.23
C LEU ZB 90 -93.08 25.45 44.89
N ARG ZB 91 -92.33 24.89 43.95
CA ARG ZB 91 -92.90 24.54 42.67
C ARG ZB 91 -93.78 23.30 42.74
N ARG ZB 92 -93.62 22.45 43.76
CA ARG ZB 92 -94.42 21.23 43.87
C ARG ZB 92 -95.54 21.35 44.90
N LYS ZB 93 -95.79 22.55 45.42
CA LYS ZB 93 -96.87 22.77 46.35
C LYS ZB 93 -98.08 23.34 45.63
N ASN ZB 94 -99.09 23.73 46.39
CA ASN ZB 94 -100.27 24.40 45.88
C ASN ZB 94 -100.10 25.90 46.03
N VAL ZB 95 -100.31 26.63 44.94
CA VAL ZB 95 -100.07 28.08 44.96
C VAL ZB 95 -101.11 28.80 45.79
N GLU ZB 96 -102.37 28.35 45.74
CA GLU ZB 96 -103.45 29.03 46.44
C GLU ZB 96 -103.38 28.88 47.95
N THR ZB 97 -102.80 27.79 48.45
CA THR ZB 97 -102.63 27.57 49.88
C THR ZB 97 -101.20 27.86 50.31
N LEU ZB 98 -100.60 28.89 49.72
CA LEU ZB 98 -99.31 29.38 50.14
C LEU ZB 98 -99.47 30.62 50.99
N PRO ZB 99 -98.60 30.84 51.97
CA PRO ZB 99 -98.61 32.11 52.70
C PRO ZB 99 -98.15 33.27 51.82
N TYR ZB 100 -98.28 34.48 52.36
CA TYR ZB 100 -97.96 35.68 51.60
C TYR ZB 100 -96.46 35.78 51.34
N ASP ZB 101 -95.63 35.60 52.36
CA ASP ZB 101 -94.19 35.69 52.17
C ASP ZB 101 -93.65 34.52 51.38
N ASP ZB 102 -94.27 33.35 51.51
CA ASP ZB 102 -93.86 32.22 50.71
C ASP ZB 102 -94.20 32.45 49.24
N LEU ZB 103 -95.34 33.09 48.97
CA LEU ZB 103 -95.70 33.46 47.61
C LEU ZB 103 -94.75 34.51 47.03
N LYS ZB 104 -94.36 35.48 47.86
CA LYS ZB 104 -93.42 36.51 47.43
C LYS ZB 104 -92.07 35.91 47.08
N ARG ZB 105 -91.59 35.00 47.93
CA ARG ZB 105 -90.34 34.31 47.64
C ARG ZB 105 -90.46 33.46 46.39
N PHE ZB 106 -91.63 32.83 46.19
CA PHE ZB 106 -91.84 32.00 45.02
C PHE ZB 106 -91.81 32.82 43.75
N VAL ZB 107 -92.44 34.00 43.74
CA VAL ZB 107 -92.45 34.77 42.51
C VAL ZB 107 -91.07 35.37 42.22
N LYS ZB 108 -90.32 35.80 43.24
CA LYS ZB 108 -88.99 36.33 42.95
C LYS ZB 108 -88.05 35.22 42.48
N LEU ZB 109 -88.12 34.05 43.10
CA LEU ZB 109 -87.28 32.94 42.68
C LEU ZB 109 -87.67 32.42 41.30
N ASP ZB 110 -88.94 32.47 40.93
CA ASP ZB 110 -89.31 32.03 39.59
C ASP ZB 110 -88.85 33.05 38.56
N THR ZB 111 -88.95 34.34 38.89
CA THR ZB 111 -88.43 35.37 37.99
C THR ZB 111 -86.93 35.24 37.80
N ARG ZB 112 -86.19 35.00 38.87
CA ARG ZB 112 -84.74 34.80 38.74
C ARG ZB 112 -84.42 33.55 37.93
N ALA ZB 113 -85.16 32.47 38.14
CA ALA ZB 113 -84.92 31.26 37.38
C ALA ZB 113 -85.17 31.44 35.90
N LYS ZB 114 -86.25 32.13 35.54
CA LYS ZB 114 -86.55 32.34 34.13
C LYS ZB 114 -85.63 33.37 33.49
N ILE ZB 115 -85.17 34.38 34.24
CA ILE ZB 115 -84.22 35.34 33.70
C ILE ZB 115 -82.87 34.67 33.44
N LYS ZB 116 -82.42 33.82 34.38
CA LYS ZB 116 -81.19 33.07 34.15
C LYS ZB 116 -81.34 32.07 33.03
N GLU ZB 117 -82.53 31.47 32.89
CA GLU ZB 117 -82.76 30.57 31.76
C GLU ZB 117 -82.71 31.30 30.43
N ASN ZB 118 -83.30 32.50 30.36
CA ASN ZB 118 -83.21 33.32 29.15
C ASN ZB 118 -81.78 33.68 28.84
N ASN ZB 119 -81.00 34.05 29.86
CA ASN ZB 119 -79.60 34.38 29.64
C ASN ZB 119 -78.82 33.17 29.19
N SER ZB 120 -79.16 31.98 29.68
CA SER ZB 120 -78.43 30.78 29.30
C SER ZB 120 -78.74 30.38 27.87
N ILE ZB 121 -80.00 30.47 27.46
CA ILE ZB 121 -80.32 30.07 26.09
C ILE ZB 121 -79.93 31.15 25.09
N LYS ZB 122 -79.84 32.40 25.54
CA LYS ZB 122 -79.45 33.51 24.69
C LYS ZB 122 -77.95 33.77 24.71
N ALA ZB 123 -77.22 33.07 25.56
CA ALA ZB 123 -75.78 33.26 25.65
C ALA ZB 123 -75.07 32.60 24.48
N LYS ZB 124 -73.77 32.86 24.38
CA LYS ZB 124 -72.93 32.22 23.37
C LYS ZB 124 -71.50 32.12 23.87
N THR AC 14 -58.53 -102.46 -75.57
CA THR AC 14 -58.95 -103.04 -74.30
C THR AC 14 -58.03 -102.60 -73.16
N ALA AC 15 -57.02 -101.81 -73.50
CA ALA AC 15 -56.05 -101.37 -72.52
C ALA AC 15 -56.48 -100.18 -71.68
N VAL AC 16 -57.52 -99.45 -72.11
CA VAL AC 16 -57.98 -98.26 -71.41
C VAL AC 16 -59.08 -98.57 -70.39
N GLN AC 17 -59.61 -99.80 -70.37
CA GLN AC 17 -60.48 -100.20 -69.28
C GLN AC 17 -59.72 -100.21 -67.96
N HIS AC 18 -58.48 -100.70 -67.99
CA HIS AC 18 -57.55 -100.57 -66.87
C HIS AC 18 -56.20 -100.10 -67.44
N PRO AC 19 -55.98 -98.79 -67.51
CA PRO AC 19 -54.67 -98.27 -67.90
C PRO AC 19 -53.58 -98.42 -66.86
N TRP AC 20 -53.91 -98.95 -65.68
CA TRP AC 20 -52.99 -99.07 -64.57
C TRP AC 20 -52.32 -100.44 -64.49
N ARG AC 21 -52.64 -101.37 -65.41
CA ARG AC 21 -52.00 -102.68 -65.39
C ARG AC 21 -50.53 -102.59 -65.78
N ALA AC 22 -50.19 -101.65 -66.66
CA ALA AC 22 -48.80 -101.50 -67.08
C ALA AC 22 -47.91 -101.03 -65.93
N LYS AC 23 -48.37 -100.01 -65.20
CA LYS AC 23 -47.63 -99.52 -64.03
C LYS AC 23 -47.53 -100.60 -62.95
N LEU AC 24 -48.63 -101.33 -62.73
CA LEU AC 24 -48.63 -102.40 -61.72
C LEU AC 24 -47.66 -103.51 -62.09
N ASP AC 25 -47.62 -103.91 -63.36
CA ASP AC 25 -46.66 -104.92 -63.80
C ASP AC 25 -45.23 -104.40 -63.71
N LYS AC 26 -45.01 -103.10 -63.99
CA LYS AC 26 -43.68 -102.52 -63.87
C LYS AC 26 -43.20 -102.50 -62.43
N TYR AC 27 -44.09 -102.18 -61.49
CA TYR AC 27 -43.69 -101.97 -60.11
C TYR AC 27 -44.02 -103.14 -59.18
N ARG AC 28 -44.47 -104.27 -59.73
CA ARG AC 28 -44.90 -105.40 -58.88
C ARG AC 28 -43.76 -105.95 -58.03
N THR AC 29 -42.56 -106.09 -58.59
CA THR AC 29 -41.45 -106.58 -57.79
C THR AC 29 -40.92 -105.51 -56.83
N GLU AC 30 -41.07 -104.23 -57.19
CA GLU AC 30 -40.61 -103.15 -56.33
C GLU AC 30 -41.51 -102.99 -55.11
N LEU AC 31 -42.82 -103.17 -55.30
CA LEU AC 31 -43.79 -102.91 -54.23
C LEU AC 31 -43.72 -103.93 -53.11
N THR AC 32 -43.04 -105.06 -53.31
CA THR AC 32 -42.86 -106.02 -52.22
C THR AC 32 -41.76 -105.62 -51.26
N LYS AC 33 -40.90 -104.66 -51.63
CA LYS AC 33 -39.75 -104.33 -50.81
C LYS AC 33 -40.10 -103.43 -49.63
N GLY AC 34 -41.13 -102.59 -49.77
CA GLY AC 34 -41.50 -101.69 -48.69
C GLY AC 34 -42.52 -100.69 -49.18
N VAL AC 35 -42.89 -99.78 -48.28
CA VAL AC 35 -43.83 -98.72 -48.62
C VAL AC 35 -43.12 -97.52 -49.21
N TRP AC 36 -42.10 -97.02 -48.51
CA TRP AC 36 -41.37 -95.85 -48.96
C TRP AC 36 -39.94 -96.16 -49.37
N GLY AC 37 -39.43 -97.33 -49.00
CA GLY AC 37 -38.05 -97.65 -49.30
C GLY AC 37 -37.66 -98.97 -48.65
N TYR AC 38 -36.39 -99.29 -48.81
CA TYR AC 38 -35.86 -100.58 -48.38
C TYR AC 38 -34.35 -100.48 -48.21
N TRP AC 39 -33.78 -101.48 -47.57
CA TRP AC 39 -32.34 -101.54 -47.32
C TRP AC 39 -31.66 -102.36 -48.41
N GLU AC 40 -30.56 -101.83 -48.95
CA GLU AC 40 -29.79 -102.51 -49.98
C GLU AC 40 -28.31 -102.24 -49.74
N MET AC 41 -27.54 -103.32 -49.56
CA MET AC 41 -26.10 -103.27 -49.29
C MET AC 41 -25.77 -102.46 -48.04
N GLY AC 42 -26.66 -102.48 -47.05
CA GLY AC 42 -26.44 -101.79 -45.80
C GLY AC 42 -26.95 -100.36 -45.75
N ALA AC 43 -27.38 -99.80 -46.87
CA ALA AC 43 -27.86 -98.43 -46.94
C ALA AC 43 -29.34 -98.40 -47.25
N TRP AC 44 -29.98 -97.29 -46.88
CA TRP AC 44 -31.39 -97.09 -47.19
C TRP AC 44 -31.55 -96.53 -48.59
N LYS AC 45 -32.50 -97.07 -49.33
CA LYS AC 45 -32.75 -96.67 -50.70
C LYS AC 45 -34.23 -96.36 -50.88
N PRO AC 46 -34.58 -95.19 -51.41
CA PRO AC 46 -36.00 -94.87 -51.62
C PRO AC 46 -36.64 -95.74 -52.69
N LEU AC 47 -37.94 -95.93 -52.56
CA LEU AC 47 -38.68 -96.78 -53.49
C LEU AC 47 -38.78 -96.11 -54.85
N GLY AC 48 -38.95 -96.95 -55.89
CA GLY AC 48 -39.01 -96.46 -57.25
C GLY AC 48 -40.26 -95.70 -57.59
N ILE AC 49 -41.33 -95.87 -56.81
CA ILE AC 49 -42.55 -95.12 -57.02
C ILE AC 49 -42.82 -94.33 -55.75
N SER AC 50 -43.11 -93.03 -55.91
CA SER AC 50 -43.40 -92.17 -54.78
C SER AC 50 -44.71 -92.59 -54.12
N ALA AC 51 -44.89 -92.15 -52.87
CA ALA AC 51 -45.98 -92.66 -52.05
C ALA AC 51 -47.35 -92.23 -52.57
N ARG AC 52 -47.44 -91.01 -53.12
CA ARG AC 52 -48.72 -90.55 -53.65
C ARG AC 52 -49.11 -91.31 -54.92
N ARG AC 53 -48.14 -91.56 -55.80
CA ARG AC 53 -48.41 -92.33 -57.02
C ARG AC 53 -48.70 -93.79 -56.69
N ARG AC 54 -48.02 -94.34 -55.69
CA ARG AC 54 -48.32 -95.69 -55.23
C ARG AC 54 -49.73 -95.77 -54.63
N ALA AC 55 -50.14 -94.71 -53.92
CA ALA AC 55 -51.50 -94.65 -53.38
C ALA AC 55 -52.53 -94.56 -54.50
N MET AC 56 -52.23 -93.83 -55.57
CA MET AC 56 -53.13 -93.78 -56.72
C MET AC 56 -53.25 -95.15 -57.39
N LEU AC 57 -52.13 -95.85 -57.53
CA LEU AC 57 -52.16 -97.21 -58.05
C LEU AC 57 -52.96 -98.16 -57.15
N ARG AC 58 -52.81 -98.01 -55.83
CA ARG AC 58 -53.56 -98.83 -54.89
C ARG AC 58 -55.06 -98.56 -54.99
N LYS AC 59 -55.43 -97.29 -55.16
CA LYS AC 59 -56.83 -96.93 -55.35
C LYS AC 59 -57.39 -97.53 -56.64
N GLU AC 60 -56.58 -97.51 -57.71
CA GLU AC 60 -57.03 -98.10 -58.97
C GLU AC 60 -57.18 -99.62 -58.86
N VAL AC 61 -56.31 -100.28 -58.11
CA VAL AC 61 -56.44 -101.73 -57.92
C VAL AC 61 -57.65 -102.05 -57.06
N LEU AC 62 -57.84 -101.31 -55.97
CA LEU AC 62 -58.91 -101.60 -55.01
C LEU AC 62 -60.28 -101.16 -55.49
N THR AC 63 -60.38 -100.27 -56.48
CA THR AC 63 -61.69 -99.90 -56.98
C THR AC 63 -62.25 -100.97 -57.91
N ALA AC 64 -61.43 -101.92 -58.34
CA ALA AC 64 -61.87 -103.03 -59.17
C ALA AC 64 -61.94 -104.34 -58.41
N GLY AC 65 -61.83 -104.30 -57.08
CA GLY AC 65 -61.99 -105.49 -56.28
C GLY AC 65 -60.87 -106.49 -56.39
N GLU AC 66 -59.69 -106.07 -56.82
CA GLU AC 66 -58.57 -106.98 -57.00
C GLU AC 66 -57.75 -107.01 -55.71
N ASP AC 67 -56.57 -107.63 -55.77
CA ASP AC 67 -55.75 -107.86 -54.59
C ASP AC 67 -54.69 -106.79 -54.47
N TRP AC 68 -54.55 -106.23 -53.26
CA TRP AC 68 -53.46 -105.31 -52.93
C TRP AC 68 -52.72 -105.89 -51.73
N PRO AC 69 -51.70 -106.71 -51.96
CA PRO AC 69 -51.01 -107.38 -50.86
C PRO AC 69 -49.83 -106.62 -50.25
N TYR AC 70 -49.48 -105.45 -50.76
CA TYR AC 70 -48.26 -104.77 -50.36
C TYR AC 70 -48.43 -103.84 -49.15
N ASP AC 71 -49.61 -103.72 -48.60
CA ASP AC 71 -49.79 -102.83 -47.45
C ASP AC 71 -49.43 -103.57 -46.17
N PRO AC 72 -48.56 -103.01 -45.33
CA PRO AC 72 -48.14 -103.71 -44.11
C PRO AC 72 -49.19 -103.59 -43.02
N GLU AC 73 -48.94 -104.32 -41.93
CA GLU AC 73 -49.83 -104.30 -40.79
C GLU AC 73 -49.52 -103.09 -39.91
N ARG AC 74 -50.57 -102.51 -39.34
CA ARG AC 74 -50.39 -101.37 -38.44
C ARG AC 74 -49.76 -101.83 -37.13
N LYS AC 75 -48.87 -101.01 -36.60
CA LYS AC 75 -48.17 -101.33 -35.37
C LYS AC 75 -49.04 -101.03 -34.17
N ALA AC 76 -48.64 -101.56 -33.02
CA ALA AC 76 -49.43 -101.45 -31.80
C ALA AC 76 -49.32 -100.05 -31.21
N MET AC 77 -50.45 -99.54 -30.74
CA MET AC 77 -50.49 -98.29 -30.00
C MET AC 77 -49.95 -98.47 -28.59
N ARG AC 78 -49.70 -97.35 -27.93
CA ARG AC 78 -49.51 -97.32 -26.50
C ARG AC 78 -50.78 -96.78 -25.85
N THR AC 79 -51.32 -97.52 -24.90
CA THR AC 79 -52.60 -97.19 -24.30
C THR AC 79 -52.50 -96.79 -22.83
N LYS AC 80 -51.32 -96.83 -22.24
CA LYS AC 80 -51.16 -96.37 -20.87
C LYS AC 80 -51.32 -94.86 -20.80
N ARG AC 81 -52.04 -94.39 -19.78
CA ARG AC 81 -52.16 -92.97 -19.49
C ARG AC 81 -51.29 -92.68 -18.28
N LYS AC 82 -50.27 -91.86 -18.47
CA LYS AC 82 -49.26 -91.65 -17.43
C LYS AC 82 -49.80 -90.85 -16.26
N GLY AC 83 -50.73 -89.94 -16.52
CA GLY AC 83 -51.19 -89.00 -15.52
C GLY AC 83 -50.32 -87.77 -15.46
N HIS AC 84 -50.77 -86.81 -14.64
CA HIS AC 84 -50.10 -85.53 -14.51
C HIS AC 84 -49.34 -85.47 -13.20
N LYS AC 85 -48.11 -84.95 -13.25
CA LYS AC 85 -47.31 -84.84 -12.04
C LYS AC 85 -47.84 -83.78 -11.09
N CYS AC 86 -48.67 -82.84 -11.57
CA CYS AC 86 -49.34 -81.91 -10.68
C CYS AC 86 -50.31 -82.63 -9.74
N ASP AC 87 -50.97 -83.68 -10.24
CA ASP AC 87 -51.81 -84.52 -9.40
C ASP AC 87 -51.01 -85.21 -8.31
N ARG AC 88 -49.82 -85.72 -8.68
CA ARG AC 88 -48.97 -86.40 -7.70
C ARG AC 88 -48.44 -85.44 -6.63
N ILE AC 89 -48.02 -84.24 -7.06
CA ILE AC 89 -47.54 -83.25 -6.11
C ILE AC 89 -48.66 -82.79 -5.17
N SER AC 90 -49.88 -82.60 -5.72
CA SER AC 90 -51.00 -82.20 -4.87
C SER AC 90 -51.43 -83.31 -3.93
N ALA AC 91 -51.29 -84.57 -4.34
CA ALA AC 91 -51.57 -85.68 -3.43
C ALA AC 91 -50.56 -85.74 -2.29
N GLU AC 92 -49.28 -85.50 -2.58
CA GLU AC 92 -48.27 -85.44 -1.52
C GLU AC 92 -48.54 -84.28 -0.57
N LYS AC 93 -48.97 -83.14 -1.11
CA LYS AC 93 -49.28 -82.00 -0.26
C LYS AC 93 -50.51 -82.24 0.59
N ARG AC 94 -51.50 -82.99 0.08
CA ARG AC 94 -52.65 -83.34 0.90
C ARG AC 94 -52.27 -84.31 2.01
N GLU AC 95 -51.36 -85.24 1.73
CA GLU AC 95 -50.83 -86.13 2.76
C GLU AC 95 -50.10 -85.34 3.84
N ASN AC 96 -49.28 -84.36 3.43
CA ASN AC 96 -48.59 -83.51 4.38
C ASN AC 96 -49.56 -82.68 5.19
N THR AC 97 -50.65 -82.23 4.57
CA THR AC 97 -51.68 -81.49 5.30
C THR AC 97 -52.35 -82.35 6.36
N ALA AC 98 -52.62 -83.62 6.03
CA ALA AC 98 -53.19 -84.53 7.02
C ALA AC 98 -52.24 -84.77 8.19
N LYS AC 99 -50.94 -84.94 7.88
CA LYS AC 99 -49.96 -85.11 8.96
C LYS AC 99 -49.84 -83.86 9.82
N LEU AC 100 -49.87 -82.68 9.21
CA LEU AC 100 -49.81 -81.44 9.98
C LEU AC 100 -51.06 -81.22 10.80
N MET AC 101 -52.22 -81.66 10.31
CA MET AC 101 -53.44 -81.54 11.10
C MET AC 101 -53.45 -82.52 12.26
N LEU AC 102 -52.70 -83.62 12.17
CA LEU AC 102 -52.51 -84.45 13.35
C LEU AC 102 -51.71 -83.73 14.42
N LYS AC 103 -50.69 -82.97 14.03
CA LYS AC 103 -49.85 -82.22 14.96
C LYS AC 103 -50.43 -80.87 15.35
N MET AC 104 -51.57 -80.49 14.78
CA MET AC 104 -52.16 -79.17 15.05
C MET AC 104 -52.57 -78.91 16.50
N PRO AC 105 -53.19 -79.85 17.25
CA PRO AC 105 -53.48 -79.53 18.67
C PRO AC 105 -52.28 -79.17 19.52
N GLN AC 106 -51.15 -79.84 19.34
CA GLN AC 106 -49.96 -79.48 20.11
C GLN AC 106 -49.39 -78.15 19.66
N MET AC 107 -49.50 -77.83 18.37
CA MET AC 107 -49.10 -76.51 17.88
C MET AC 107 -49.94 -75.40 18.49
N LEU AC 108 -51.24 -75.63 18.60
CA LEU AC 108 -52.12 -74.62 19.20
C LEU AC 108 -51.90 -74.49 20.70
N LEU AC 109 -51.62 -75.62 21.37
CA LEU AC 109 -51.27 -75.58 22.79
C LEU AC 109 -49.96 -74.82 23.02
N ASP AC 110 -48.99 -75.00 22.14
CA ASP AC 110 -47.73 -74.26 22.27
C ASP AC 110 -47.93 -72.77 22.01
N TYR AC 111 -48.80 -72.42 21.05
CA TYR AC 111 -49.14 -71.03 20.82
C TYR AC 111 -49.80 -70.40 22.05
N LYS AC 112 -50.75 -71.12 22.66
CA LYS AC 112 -51.40 -70.60 23.87
C LYS AC 112 -50.42 -70.49 25.02
N LYS AC 113 -49.48 -71.43 25.12
CA LYS AC 113 -48.45 -71.36 26.15
C LYS AC 113 -47.56 -70.14 25.95
N ARG AC 114 -47.19 -69.83 24.71
CA ARG AC 114 -46.40 -68.63 24.43
C ARG AC 114 -47.16 -67.36 24.82
N ARG AC 115 -48.46 -67.30 24.49
CA ARG AC 115 -49.26 -66.13 24.82
C ARG AC 115 -49.39 -65.95 26.33
N TRP AC 116 -49.70 -67.03 27.05
CA TRP AC 116 -49.88 -66.93 28.50
C TRP AC 116 -48.56 -66.65 29.20
N GLU AC 117 -47.45 -67.18 28.68
CA GLU AC 117 -46.13 -66.87 29.22
C GLU AC 117 -45.78 -65.40 29.04
N LYS AC 118 -46.07 -64.84 27.87
CA LYS AC 118 -45.87 -63.40 27.63
C LYS AC 118 -46.71 -62.55 28.58
N LYS AC 119 -47.97 -62.93 28.79
CA LYS AC 119 -48.83 -62.18 29.72
C LYS AC 119 -48.31 -62.27 31.15
N MET AC 120 -47.87 -63.45 31.57
CA MET AC 120 -47.34 -63.62 32.92
C MET AC 120 -46.07 -62.81 33.14
N LYS AC 121 -45.18 -62.77 32.13
CA LYS AC 121 -43.98 -61.94 32.26
C LYS AC 121 -44.31 -60.47 32.32
N GLU AC 122 -45.31 -60.00 31.54
CA GLU AC 122 -45.71 -58.60 31.62
C GLU AC 122 -46.30 -58.27 32.99
N GLU AC 123 -47.09 -59.18 33.55
CA GLU AC 123 -47.65 -58.97 34.88
C GLU AC 123 -46.57 -58.90 35.94
N GLU AC 124 -45.56 -59.79 35.85
CA GLU AC 124 -44.44 -59.75 36.78
C GLU AC 124 -43.62 -58.47 36.64
N LYS AC 125 -43.43 -58.00 35.40
CA LYS AC 125 -42.73 -56.73 35.21
C LYS AC 125 -43.50 -55.55 35.81
N ALA AC 126 -44.82 -55.54 35.64
CA ALA AC 126 -45.65 -54.50 36.25
C ALA AC 126 -45.58 -54.55 37.77
N LYS AC 127 -45.58 -55.76 38.34
CA LYS AC 127 -45.46 -55.89 39.79
C LYS AC 127 -44.09 -55.40 40.29
N GLU AC 128 -43.01 -55.78 39.58
CA GLU AC 128 -41.67 -55.41 40.03
C GLU AC 128 -41.38 -53.93 39.84
N ASP AC 129 -41.99 -53.30 38.83
CA ASP AC 129 -41.73 -51.88 38.61
C ASP AC 129 -42.45 -50.99 39.61
N LYS AC 130 -43.51 -51.50 40.23
CA LYS AC 130 -44.21 -50.75 41.26
C LYS AC 130 -43.82 -51.27 42.64
N ILE BC 12 -92.11 -6.73 -14.13
CA ILE BC 12 -91.82 -5.38 -14.61
C ILE BC 12 -90.35 -5.07 -14.45
N VAL BC 13 -89.81 -4.30 -15.38
CA VAL BC 13 -88.44 -3.80 -15.29
C VAL BC 13 -88.41 -2.56 -14.40
N LYS BC 14 -87.43 -2.51 -13.50
CA LYS BC 14 -87.30 -1.41 -12.56
C LYS BC 14 -85.94 -0.73 -12.64
N LYS BC 15 -85.19 -0.97 -13.72
CA LYS BC 15 -83.87 -0.39 -13.94
C LYS BC 15 -84.00 0.72 -14.97
N HIS BC 16 -83.88 1.98 -14.52
CA HIS BC 16 -84.16 3.11 -15.40
C HIS BC 16 -83.05 4.14 -15.51
N ASP BC 17 -82.02 4.09 -14.67
CA ASP BC 17 -80.98 5.13 -14.69
C ASP BC 17 -79.59 4.53 -14.75
N SER BC 18 -79.43 3.41 -15.45
CA SER BC 18 -78.15 2.75 -15.56
C SER BC 18 -78.12 1.93 -16.84
N GLY BC 19 -76.97 1.92 -17.51
CA GLY BC 19 -76.80 1.14 -18.72
C GLY BC 19 -77.15 1.91 -19.98
N GLY BC 20 -76.89 1.27 -21.11
CA GLY BC 20 -77.17 1.87 -22.39
C GLY BC 20 -78.46 1.42 -23.03
N LEU BC 21 -79.10 0.40 -22.45
CA LEU BC 21 -80.38 -0.08 -22.93
C LEU BC 21 -81.48 0.63 -22.15
N ILE BC 22 -82.30 1.40 -22.86
CA ILE BC 22 -83.32 2.24 -22.22
C ILE BC 22 -84.55 1.40 -21.93
N TRP BC 23 -84.90 1.29 -20.66
CA TRP BC 23 -86.21 0.82 -20.22
C TRP BC 23 -86.89 2.04 -19.62
N LYS BC 24 -87.83 2.61 -20.36
CA LYS BC 24 -88.48 3.83 -19.90
C LYS BC 24 -89.40 3.55 -18.73
N ARG BC 25 -89.44 4.48 -17.79
CA ARG BC 25 -90.29 4.33 -16.62
C ARG BC 25 -91.74 4.56 -17.03
N ILE BC 26 -92.59 3.57 -16.76
CA ILE BC 26 -94.01 3.67 -17.07
C ILE BC 26 -94.65 4.55 -16.00
N LYS BC 27 -95.13 5.72 -16.40
CA LYS BC 27 -95.76 6.64 -15.47
C LYS BC 27 -97.10 6.07 -15.00
N LEU BC 28 -97.39 6.26 -13.71
CA LEU BC 28 -98.65 5.83 -13.13
C LEU BC 28 -99.70 6.90 -13.40
N THR BC 29 -100.37 6.78 -14.54
CA THR BC 29 -101.40 7.73 -14.92
C THR BC 29 -102.74 7.32 -14.32
N SER BC 30 -103.74 8.20 -14.50
CA SER BC 30 -105.09 7.90 -14.01
C SER BC 30 -105.72 6.73 -14.76
N THR BC 31 -105.41 6.58 -16.05
CA THR BC 31 -105.94 5.47 -16.82
C THR BC 31 -105.38 4.12 -16.33
N ARG BC 32 -104.10 4.10 -15.98
CA ARG BC 32 -103.50 2.89 -15.42
C ARG BC 32 -104.11 2.56 -14.05
N LYS BC 33 -104.39 3.59 -13.26
CA LYS BC 33 -105.07 3.38 -11.99
C LYS BC 33 -106.48 2.82 -12.19
N ALA BC 34 -107.17 3.30 -13.23
CA ALA BC 34 -108.50 2.77 -13.54
C ALA BC 34 -108.44 1.28 -13.92
N ASN BC 35 -107.45 0.89 -14.72
CA ASN BC 35 -107.29 -0.52 -15.06
C ASN BC 35 -106.97 -1.36 -13.83
N ALA BC 36 -106.10 -0.85 -12.95
CA ALA BC 36 -105.79 -1.57 -11.72
C ALA BC 36 -107.02 -1.72 -10.83
N LYS BC 37 -107.86 -0.69 -10.77
CA LYS BC 37 -109.09 -0.76 -9.97
C LYS BC 37 -110.08 -1.76 -10.56
N THR BC 38 -110.16 -1.84 -11.89
CA THR BC 38 -111.01 -2.85 -12.51
C THR BC 38 -110.54 -4.26 -12.19
N ARG BC 39 -109.22 -4.50 -12.28
CA ARG BC 39 -108.69 -5.81 -11.93
C ARG BC 39 -108.91 -6.14 -10.46
N LEU BC 40 -108.79 -5.14 -9.58
CA LEU BC 40 -109.07 -5.35 -8.16
C LEU BC 40 -110.53 -5.70 -7.91
N ARG BC 41 -111.46 -5.03 -8.63
CA ARG BC 41 -112.88 -5.35 -8.49
C ARG BC 41 -113.18 -6.78 -8.92
N ARG BC 42 -112.53 -7.23 -10.01
CA ARG BC 42 -112.72 -8.60 -10.45
C ARG BC 42 -112.22 -9.61 -9.41
N VAL BC 43 -111.02 -9.39 -8.87
CA VAL BC 43 -110.48 -10.34 -7.89
C VAL BC 43 -111.25 -10.27 -6.57
N TRP BC 44 -111.78 -9.10 -6.20
CA TRP BC 44 -112.59 -8.99 -4.99
C TRP BC 44 -113.92 -9.73 -5.13
N GLN BC 45 -114.55 -9.66 -6.31
CA GLN BC 45 -115.77 -10.43 -6.52
C GLN BC 45 -115.48 -11.93 -6.53
N ASN BC 46 -114.35 -12.34 -7.11
CA ASN BC 46 -113.96 -13.75 -7.06
C ASN BC 46 -113.74 -14.22 -5.63
N GLU BC 47 -113.09 -13.39 -4.81
CA GLU BC 47 -112.86 -13.73 -3.41
C GLU BC 47 -114.16 -13.81 -2.62
N ALA BC 48 -115.11 -12.92 -2.94
CA ALA BC 48 -116.42 -12.98 -2.28
C ALA BC 48 -117.16 -14.26 -2.64
N VAL BC 49 -117.09 -14.67 -3.91
CA VAL BC 49 -117.72 -15.93 -4.33
C VAL BC 49 -117.09 -17.12 -3.62
N LEU BC 50 -115.76 -17.12 -3.51
CA LEU BC 50 -115.07 -18.22 -2.83
C LEU BC 50 -115.36 -18.25 -1.34
N LYS BC 51 -115.51 -17.08 -0.72
CA LYS BC 51 -115.89 -17.04 0.70
C LYS BC 51 -117.30 -17.56 0.91
N ALA BC 52 -118.24 -17.18 0.04
CA ALA BC 52 -119.62 -17.62 0.20
C ALA BC 52 -119.78 -19.11 -0.06
N CYS BC 53 -119.05 -19.65 -1.03
CA CYS BC 53 -119.18 -21.05 -1.41
C CYS BC 53 -118.30 -21.98 -0.60
N GLY BC 54 -117.39 -21.46 0.23
CA GLY BC 54 -116.45 -22.29 0.95
C GLY BC 54 -116.94 -22.85 2.27
N THR BC 55 -118.20 -22.59 2.64
CA THR BC 55 -118.70 -23.04 3.94
C THR BC 55 -119.03 -24.52 3.94
N SER BC 56 -119.36 -25.09 2.79
CA SER BC 56 -119.72 -26.51 2.71
C SER BC 56 -119.43 -27.00 1.29
N ASP BC 57 -119.58 -28.30 1.10
CA ASP BC 57 -119.32 -28.94 -0.18
C ASP BC 57 -120.63 -29.37 -0.83
N ALA BC 58 -120.62 -29.42 -2.16
CA ALA BC 58 -121.78 -29.90 -2.90
C ALA BC 58 -121.91 -31.41 -2.78
N SER BC 59 -123.15 -31.87 -2.62
CA SER BC 59 -123.43 -33.28 -2.42
C SER BC 59 -123.56 -33.99 -3.78
N VAL BC 60 -123.99 -35.25 -3.74
CA VAL BC 60 -124.12 -36.16 -4.89
C VAL BC 60 -122.78 -36.23 -5.61
N SER BC 61 -121.83 -36.95 -5.02
CA SER BC 61 -120.49 -37.06 -5.60
C SER BC 61 -120.32 -38.36 -6.36
N SER CC 39 -14.10 36.87 -81.53
CA SER CC 39 -13.87 36.28 -80.21
C SER CC 39 -13.46 37.37 -79.22
N ARG CC 40 -12.24 37.27 -78.69
CA ARG CC 40 -11.69 38.30 -77.83
C ARG CC 40 -10.67 39.17 -78.52
N GLU CC 41 -9.88 38.62 -79.44
CA GLU CC 41 -8.80 39.38 -80.08
C GLU CC 41 -9.37 40.51 -80.93
N ARG CC 42 -8.73 41.67 -80.85
CA ARG CC 42 -9.25 42.90 -81.45
C ARG CC 42 -8.20 43.62 -82.29
N ALA CC 43 -7.16 42.90 -82.70
CA ALA CC 43 -6.11 43.48 -83.51
C ALA CC 43 -6.62 43.71 -84.95
N VAL CC 44 -5.78 44.39 -85.74
CA VAL CC 44 -6.23 45.03 -86.97
C VAL CC 44 -6.64 44.01 -88.03
N ASN CC 45 -5.82 42.98 -88.27
CA ASN CC 45 -6.01 41.98 -89.33
C ASN CC 45 -6.06 42.64 -90.71
N VAL CC 46 -4.87 43.05 -91.16
CA VAL CC 46 -4.69 43.77 -92.42
C VAL CC 46 -5.25 43.05 -93.66
N ARG CC 47 -5.39 41.73 -93.61
CA ARG CC 47 -5.95 41.02 -94.77
C ARG CC 47 -7.46 41.27 -94.91
N LYS CC 48 -8.18 41.34 -93.79
CA LYS CC 48 -9.64 41.46 -93.82
C LYS CC 48 -10.11 42.91 -93.74
N ILE CC 49 -9.64 43.77 -94.63
CA ILE CC 49 -9.96 45.19 -94.56
C ILE CC 49 -10.61 45.65 -95.86
N ASN CC 50 -11.73 46.36 -95.71
CA ASN CC 50 -12.50 46.91 -96.82
C ASN CC 50 -12.10 48.34 -97.08
N PRO CC 51 -11.41 48.64 -98.18
CA PRO CC 51 -11.34 50.03 -98.62
C PRO CC 51 -12.68 50.42 -99.21
N LYS CC 52 -13.10 51.67 -98.98
CA LYS CC 52 -14.46 52.02 -99.37
C LYS CC 52 -14.59 52.35 -100.86
N VAL CC 53 -13.99 51.49 -101.69
CA VAL CC 53 -13.93 51.66 -103.14
C VAL CC 53 -13.85 50.26 -103.71
N SER CC 54 -13.99 50.13 -105.02
CA SER CC 54 -13.76 48.84 -105.64
C SER CC 54 -12.26 48.56 -105.72
N ILE CC 55 -11.93 47.29 -106.02
CA ILE CC 55 -10.54 46.84 -105.92
C ILE CC 55 -9.64 47.40 -107.01
N GLN CC 56 -10.16 47.70 -108.21
CA GLN CC 56 -9.32 48.21 -109.28
C GLN CC 56 -8.90 49.65 -109.00
N GLU CC 57 -9.86 50.48 -108.60
CA GLU CC 57 -9.51 51.84 -108.25
C GLU CC 57 -8.75 51.90 -106.93
N ALA CC 58 -8.91 50.91 -106.06
CA ALA CC 58 -8.05 50.77 -104.90
C ALA CC 58 -6.61 50.47 -105.31
N HIS CC 59 -6.43 49.66 -106.36
CA HIS CC 59 -5.09 49.43 -106.91
C HIS CC 59 -4.50 50.70 -107.49
N ILE CC 60 -5.34 51.52 -108.13
CA ILE CC 60 -4.87 52.79 -108.69
C ILE CC 60 -4.40 53.73 -107.57
N ILE CC 61 -5.22 53.86 -106.51
CA ILE CC 61 -4.84 54.67 -105.35
C ILE CC 61 -3.59 54.12 -104.69
N SER CC 62 -3.46 52.79 -104.64
CA SER CC 62 -2.32 52.17 -103.99
C SER CC 62 -1.03 52.42 -104.76
N SER CC 63 -1.06 52.34 -106.09
CA SER CC 63 0.13 52.63 -106.87
C SER CC 63 0.51 54.11 -106.78
N SER CC 64 -0.49 55.00 -106.76
CA SER CC 64 -0.21 56.43 -106.59
C SER CC 64 0.47 56.72 -105.25
N LEU CC 65 -0.01 56.09 -104.17
CA LEU CC 65 0.62 56.30 -102.87
C LEU CC 65 1.95 55.58 -102.75
N TYR CC 66 2.12 54.46 -103.45
CA TYR CC 66 3.41 53.76 -103.46
C TYR CC 66 4.49 54.62 -104.10
N ASP CC 67 4.14 55.34 -105.17
CA ASP CC 67 5.11 56.26 -105.78
C ASP CC 67 5.50 57.38 -104.81
N VAL CC 68 4.53 57.90 -104.05
CA VAL CC 68 4.80 58.94 -103.06
C VAL CC 68 5.74 58.42 -101.98
N PHE CC 69 5.49 57.19 -101.51
CA PHE CC 69 6.34 56.60 -100.48
C PHE CC 69 7.73 56.25 -101.02
N LYS CC 70 7.83 55.91 -102.31
CA LYS CC 70 9.13 55.75 -102.95
C LYS CC 70 9.90 57.07 -102.96
N LYS CC 71 9.22 58.16 -103.31
CA LYS CC 71 9.90 59.44 -103.46
C LYS CC 71 10.32 60.01 -102.12
N HIS CC 72 9.42 60.02 -101.13
CA HIS CC 72 9.65 60.76 -99.90
C HIS CC 72 10.13 59.91 -98.73
N GLY CC 73 10.35 58.61 -98.92
CA GLY CC 73 10.88 57.77 -97.88
C GLY CC 73 9.88 57.45 -96.78
N PRO CC 74 10.37 57.19 -95.57
CA PRO CC 74 9.48 56.86 -94.45
C PRO CC 74 8.68 58.07 -94.00
N LEU CC 75 7.37 57.89 -93.88
CA LEU CC 75 6.46 58.96 -93.52
C LEU CC 75 5.55 58.51 -92.38
N SER CC 76 5.21 59.45 -91.50
CA SER CC 76 4.20 59.22 -90.50
C SER CC 76 2.81 59.39 -91.11
N VAL CC 77 1.78 59.03 -90.33
CA VAL CC 77 0.40 59.08 -90.84
C VAL CC 77 -0.07 60.49 -91.18
N PRO CC 78 0.12 61.52 -90.34
CA PRO CC 78 -0.26 62.87 -90.80
C PRO CC 78 0.61 63.40 -91.92
N ASN CC 79 1.91 63.09 -91.91
CA ASN CC 79 2.78 63.50 -92.99
C ASN CC 79 2.47 62.78 -94.29
N THR CC 80 1.96 61.54 -94.22
CA THR CC 80 1.51 60.85 -95.43
C THR CC 80 0.34 61.60 -96.07
N TRP CC 81 -0.58 62.10 -95.24
CA TRP CC 81 -1.67 62.92 -95.76
C TRP CC 81 -1.14 64.21 -96.37
N LEU CC 82 -0.16 64.82 -95.71
CA LEU CC 82 0.42 66.07 -96.23
C LEU CC 82 1.09 65.86 -97.57
N ARG CC 83 1.85 64.78 -97.74
CA ARG CC 83 2.51 64.54 -99.02
C ARG CC 83 1.53 64.08 -100.08
N ALA CC 84 0.48 63.34 -99.70
CA ALA CC 84 -0.52 62.91 -100.67
C ALA CC 84 -1.34 64.09 -101.18
N GLN CC 85 -1.55 65.10 -100.34
CA GLN CC 85 -2.15 66.33 -100.83
C GLN CC 85 -1.16 67.16 -101.64
N GLU CC 86 0.13 67.13 -101.26
CA GLU CC 86 1.15 67.87 -101.99
C GLU CC 86 1.41 67.25 -103.35
N ALA CC 87 1.45 65.92 -103.43
CA ALA CC 87 1.69 65.24 -104.70
C ALA CC 87 0.42 65.04 -105.51
N GLY CC 88 -0.72 65.52 -105.02
CA GLY CC 88 -1.96 65.44 -105.76
C GLY CC 88 -2.49 64.04 -105.98
N VAL CC 89 -2.34 63.17 -104.98
CA VAL CC 89 -2.97 61.85 -105.02
C VAL CC 89 -4.46 62.06 -104.86
N SER CC 90 -5.21 61.88 -105.93
CA SER CC 90 -6.64 62.17 -105.91
C SER CC 90 -7.37 60.99 -105.28
N GLY CC 91 -8.71 61.07 -105.33
CA GLY CC 91 -9.61 59.93 -105.23
C GLY CC 91 -9.69 59.37 -103.81
N LEU CC 92 -8.93 59.94 -102.88
CA LEU CC 92 -9.00 59.61 -101.46
C LEU CC 92 -10.02 60.54 -100.81
N ASN CC 93 -10.97 59.95 -100.08
CA ASN CC 93 -12.07 60.72 -99.50
C ASN CC 93 -11.59 61.63 -98.37
N SER CC 94 -10.81 61.08 -97.44
CA SER CC 94 -10.41 61.79 -96.24
C SER CC 94 -9.24 61.06 -95.61
N LYS CC 95 -8.81 61.55 -94.44
CA LYS CC 95 -7.73 60.91 -93.70
C LYS CC 95 -8.11 59.50 -93.22
N THR CC 96 -9.37 59.32 -92.81
CA THR CC 96 -9.87 58.01 -92.43
C THR CC 96 -9.77 57.01 -93.57
N HIS CC 97 -10.18 57.44 -94.77
CA HIS CC 97 -10.06 56.60 -95.96
C HIS CC 97 -8.60 56.33 -96.30
N MET CC 98 -7.71 57.29 -96.03
CA MET CC 98 -6.29 57.06 -96.26
C MET CC 98 -5.72 56.03 -95.29
N LYS CC 99 -6.12 56.07 -94.02
CA LYS CC 99 -5.67 55.04 -93.08
C LYS CC 99 -6.18 53.66 -93.48
N LEU CC 100 -7.41 53.60 -93.98
CA LEU CC 100 -7.92 52.34 -94.53
C LEU CC 100 -7.08 51.85 -95.70
N MET CC 101 -6.70 52.76 -96.60
CA MET CC 101 -5.87 52.38 -97.75
C MET CC 101 -4.47 51.93 -97.33
N LEU CC 102 -3.87 52.60 -96.34
CA LEU CC 102 -2.55 52.18 -95.87
C LEU CC 102 -2.60 50.80 -95.24
N LYS CC 103 -3.64 50.52 -94.45
CA LYS CC 103 -3.83 49.18 -93.90
C LYS CC 103 -4.05 48.15 -95.00
N TRP CC 104 -4.82 48.53 -96.02
CA TRP CC 104 -5.07 47.65 -97.17
C TRP CC 104 -3.79 47.34 -97.93
N MET CC 105 -2.92 48.34 -98.07
CA MET CC 105 -1.63 48.12 -98.74
C MET CC 105 -0.73 47.23 -97.92
N ARG CC 106 -0.77 47.38 -96.59
CA ARG CC 106 -0.03 46.45 -95.73
C ARG CC 106 -0.54 45.03 -95.89
N GLY CC 107 -1.84 44.86 -96.09
CA GLY CC 107 -2.38 43.53 -96.34
C GLY CC 107 -1.98 42.95 -97.68
N ARG CC 108 -1.67 43.81 -98.65
CA ARG CC 108 -1.32 43.38 -100.00
C ARG CC 108 0.20 43.31 -100.20
N LYS CC 109 0.97 43.36 -99.11
CA LYS CC 109 2.44 43.21 -99.14
C LYS CC 109 3.12 44.27 -100.01
N MET CC 110 2.61 45.50 -99.94
CA MET CC 110 3.21 46.63 -100.62
C MET CC 110 3.77 47.68 -99.67
N LEU CC 111 3.47 47.59 -98.37
CA LEU CC 111 3.93 48.56 -97.39
C LEU CC 111 4.29 47.83 -96.10
N LYS CC 112 5.09 48.49 -95.28
CA LYS CC 112 5.40 47.96 -93.96
C LYS CC 112 5.25 49.06 -92.92
N LEU CC 113 4.56 48.76 -91.83
CA LEU CC 113 4.54 49.63 -90.66
C LEU CC 113 5.72 49.28 -89.77
N ILE CC 114 6.48 50.30 -89.38
CA ILE CC 114 7.67 50.12 -88.57
C ILE CC 114 7.58 51.00 -87.35
N CYS CC 115 8.18 50.55 -86.26
CA CYS CC 115 8.25 51.29 -85.01
C CYS CC 115 9.69 51.63 -84.71
N ASN CC 116 9.99 52.91 -84.54
CA ASN CC 116 11.33 53.40 -84.23
C ASN CC 116 11.33 53.94 -82.80
N GLN CC 117 12.22 53.41 -81.98
CA GLN CC 117 12.35 53.83 -80.58
C GLN CC 117 13.49 54.85 -80.48
N VAL CC 118 13.13 56.10 -80.26
CA VAL CC 118 14.14 57.14 -80.07
C VAL CC 118 14.77 57.02 -78.68
N GLY CC 119 13.96 56.66 -77.69
CA GLY CC 119 14.44 56.47 -76.33
C GLY CC 119 13.47 57.00 -75.29
N SER CC 120 12.73 58.06 -75.64
CA SER CC 120 11.74 58.63 -74.75
C SER CC 120 10.33 58.64 -75.34
N SER CC 121 10.18 58.27 -76.61
CA SER CC 121 8.87 58.19 -77.25
C SER CC 121 8.95 57.19 -78.40
N LYS CC 122 7.79 56.76 -78.86
CA LYS CC 122 7.69 55.82 -79.97
C LYS CC 122 7.16 56.54 -81.20
N LYS CC 123 7.76 56.23 -82.35
CA LYS CC 123 7.33 56.78 -83.63
C LYS CC 123 7.01 55.63 -84.58
N PHE CC 124 5.96 55.81 -85.37
CA PHE CC 124 5.51 54.81 -86.32
C PHE CC 124 5.56 55.38 -87.73
N PHE CC 125 6.04 54.57 -88.67
CA PHE CC 125 6.22 55.00 -90.05
C PHE CC 125 5.74 53.91 -90.99
N HIS CC 126 5.38 54.33 -92.20
CA HIS CC 126 5.11 53.42 -93.30
C HIS CC 126 6.23 53.52 -94.32
N THR CC 127 6.74 52.37 -94.75
CA THR CC 127 7.82 52.30 -95.72
C THR CC 127 7.40 51.34 -96.83
N VAL CC 128 8.02 51.52 -98.01
CA VAL CC 128 7.76 50.60 -99.11
C VAL CC 128 8.39 49.24 -98.83
N LEU CC 129 7.92 48.24 -99.58
CA LEU CC 129 8.52 46.92 -99.55
C LEU CC 129 9.15 46.63 -100.90
N PRO CC 130 10.43 46.21 -100.95
CA PRO CC 130 11.12 45.85 -102.20
C PRO CC 130 10.51 44.64 -102.88
N SER DC 60 -2.35 -31.14 -119.76
CA SER DC 60 -2.30 -31.00 -121.21
C SER DC 60 -1.74 -32.26 -121.86
N LEU DC 61 -2.12 -33.41 -121.29
CA LEU DC 61 -1.89 -34.78 -121.74
C LEU DC 61 -0.45 -35.24 -121.60
N THR DC 62 0.49 -34.35 -121.28
CA THR DC 62 1.88 -34.74 -121.05
C THR DC 62 2.42 -34.11 -119.77
N ASP DC 63 1.56 -33.52 -118.94
CA ASP DC 63 2.00 -32.86 -117.72
C ASP DC 63 2.46 -33.91 -116.71
N THR DC 64 3.68 -33.73 -116.20
CA THR DC 64 4.29 -34.69 -115.29
C THR DC 64 4.10 -34.35 -113.82
N ARG DC 65 3.43 -33.25 -113.51
CA ARG DC 65 3.25 -32.86 -112.12
C ARG DC 65 2.26 -33.80 -111.42
N LEU DC 66 2.44 -33.95 -110.13
CA LEU DC 66 1.68 -34.92 -109.35
C LEU DC 66 0.58 -34.22 -108.55
N PRO DC 67 -0.57 -34.85 -108.39
CA PRO DC 67 -1.67 -34.22 -107.66
C PRO DC 67 -1.40 -34.19 -106.16
N LYS DC 68 -2.00 -33.19 -105.50
CA LYS DC 68 -1.93 -33.10 -104.06
C LYS DC 68 -2.67 -34.27 -103.42
N ARG DC 69 -2.09 -34.82 -102.36
CA ARG DC 69 -2.57 -36.05 -101.75
C ARG DC 69 -3.35 -35.76 -100.47
N ARG DC 70 -4.32 -36.62 -100.20
CA ARG DC 70 -5.20 -36.43 -99.06
C ARG DC 70 -4.49 -36.80 -97.76
N PRO DC 71 -4.65 -36.01 -96.69
CA PRO DC 71 -4.10 -36.39 -95.39
C PRO DC 71 -4.72 -37.67 -94.85
N MET DC 72 -3.90 -38.46 -94.16
CA MET DC 72 -4.37 -39.68 -93.54
C MET DC 72 -4.99 -39.38 -92.18
N ALA DC 73 -5.90 -40.26 -91.76
CA ALA DC 73 -6.70 -40.03 -90.57
C ALA DC 73 -6.25 -40.84 -89.36
N HIS DC 74 -5.19 -41.63 -89.49
CA HIS DC 74 -4.69 -42.37 -88.34
C HIS DC 74 -4.06 -41.42 -87.32
N PRO DC 75 -4.13 -41.75 -86.04
CA PRO DC 75 -3.49 -40.89 -85.03
C PRO DC 75 -1.99 -40.87 -85.18
N LYS DC 76 -1.41 -39.70 -84.90
CA LYS DC 76 0.03 -39.50 -84.93
C LYS DC 76 0.51 -39.25 -83.51
N LYS DC 77 1.77 -39.60 -83.26
CA LYS DC 77 2.33 -39.42 -81.93
C LYS DC 77 2.63 -37.95 -81.66
N LYS DC 78 2.19 -37.45 -80.51
CA LYS DC 78 2.59 -36.12 -80.08
C LYS DC 78 4.06 -36.13 -79.69
N ARG DC 79 4.67 -34.95 -79.72
CA ARG DC 79 6.11 -34.86 -79.58
C ARG DC 79 6.59 -35.09 -78.16
N PHE DC 80 5.74 -34.89 -77.16
CA PHE DC 80 6.11 -35.18 -75.78
C PHE DC 80 6.34 -36.67 -75.56
N LYS DC 81 5.51 -37.51 -76.18
CA LYS DC 81 5.67 -38.95 -76.05
C LYS DC 81 6.81 -39.50 -76.89
N LEU DC 82 7.33 -38.73 -77.85
CA LEU DC 82 8.47 -39.17 -78.64
C LEU DC 82 9.79 -39.03 -77.90
N LYS DC 83 9.82 -38.19 -76.85
CA LYS DC 83 11.03 -38.02 -76.05
C LYS DC 83 11.31 -39.29 -75.26
N PRO DC 84 12.58 -39.63 -75.04
CA PRO DC 84 12.91 -40.80 -74.22
C PRO DC 84 12.65 -40.51 -72.76
N PRO DC 85 12.09 -41.48 -72.02
CA PRO DC 85 11.86 -41.27 -70.59
C PRO DC 85 13.16 -41.18 -69.82
N GLY DC 86 13.10 -40.46 -68.70
CA GLY DC 86 14.26 -40.20 -67.88
C GLY DC 86 14.25 -38.79 -67.34
N PRO DC 87 15.14 -38.50 -66.39
CA PRO DC 87 15.15 -37.17 -65.79
C PRO DC 87 15.83 -36.11 -66.64
N TYR DC 88 16.73 -36.49 -67.54
CA TYR DC 88 17.58 -35.52 -68.23
C TYR DC 88 16.89 -34.94 -69.46
N ALA DC 89 17.20 -33.68 -69.73
CA ALA DC 89 16.93 -33.06 -71.02
C ALA DC 89 18.26 -32.68 -71.66
N TYR DC 90 18.39 -32.94 -72.94
CA TYR DC 90 19.65 -32.69 -73.67
C TYR DC 90 19.44 -31.45 -74.52
N VAL DC 91 19.84 -30.30 -73.99
CA VAL DC 91 19.56 -29.01 -74.60
C VAL DC 91 20.80 -28.52 -75.33
N GLN DC 92 20.58 -27.61 -76.27
CA GLN DC 92 21.68 -27.02 -77.04
C GLN DC 92 22.54 -26.15 -76.14
N TYR DC 93 23.86 -26.35 -76.19
CA TYR DC 93 24.78 -25.79 -75.21
C TYR DC 93 26.00 -25.23 -75.92
N THR DC 94 26.27 -23.94 -75.71
CA THR DC 94 27.52 -23.30 -76.11
C THR DC 94 28.48 -23.28 -74.94
N PRO DC 95 29.69 -23.82 -75.10
CA PRO DC 95 30.55 -24.11 -73.92
C PRO DC 95 30.98 -22.90 -73.10
N GLY DC 96 30.82 -21.68 -73.59
CA GLY DC 96 31.12 -20.53 -72.77
C GLY DC 96 29.93 -19.68 -72.39
N GLU DC 97 28.75 -20.06 -72.87
CA GLU DC 97 27.56 -19.22 -72.77
C GLU DC 97 26.55 -19.81 -71.79
N PRO DC 98 25.69 -18.97 -71.19
CA PRO DC 98 24.59 -19.51 -70.39
C PRO DC 98 23.61 -20.28 -71.25
N ILE DC 99 23.01 -21.31 -70.65
CA ILE DC 99 22.09 -22.17 -71.39
C ILE DC 99 20.78 -21.44 -71.62
N ALA DC 100 20.36 -21.36 -72.87
CA ALA DC 100 19.15 -20.62 -73.23
C ALA DC 100 17.91 -21.44 -72.93
N SER DC 101 16.88 -20.77 -72.43
CA SER DC 101 15.60 -21.42 -72.18
C SER DC 101 14.80 -21.68 -73.44
N ASN DC 102 15.11 -20.98 -74.52
CA ASN DC 102 14.32 -21.06 -75.74
C ASN DC 102 15.20 -20.59 -76.89
N ASN DC 103 15.24 -21.36 -77.98
CA ASN DC 103 16.16 -21.12 -79.09
C ASN DC 103 15.39 -20.96 -80.40
N PRO DC 104 14.73 -19.84 -80.62
CA PRO DC 104 14.01 -19.63 -81.87
C PRO DC 104 14.95 -19.49 -83.07
N ASN DC 105 14.47 -19.96 -84.21
CA ASN DC 105 15.21 -19.94 -85.46
C ASN DC 105 14.44 -19.09 -86.47
N LYS DC 106 14.87 -19.14 -87.72
CA LYS DC 106 14.28 -18.32 -88.78
C LYS DC 106 12.86 -18.73 -89.15
N GLY DC 107 12.41 -19.90 -88.75
CA GLY DC 107 11.04 -20.31 -88.97
C GLY DC 107 10.08 -20.00 -87.86
N SER DC 108 10.56 -19.49 -86.72
CA SER DC 108 9.73 -19.26 -85.54
C SER DC 108 8.94 -17.96 -85.74
N VAL DC 109 7.86 -18.07 -86.48
CA VAL DC 109 6.99 -16.94 -86.78
C VAL DC 109 5.88 -16.88 -85.73
N LYS DC 110 5.53 -15.67 -85.33
CA LYS DC 110 4.62 -15.45 -84.21
C LYS DC 110 3.54 -14.45 -84.59
N ARG DC 111 2.37 -14.59 -83.97
CA ARG DC 111 1.27 -13.63 -84.01
C ARG DC 111 0.79 -13.34 -85.43
N ARG DC 112 0.52 -14.39 -86.20
CA ARG DC 112 0.08 -14.20 -87.57
C ARG DC 112 -1.37 -13.72 -87.64
N ASN DC 113 -2.26 -14.33 -86.85
CA ASN DC 113 -3.64 -13.87 -86.77
C ASN DC 113 -3.73 -12.46 -86.21
N ALA DC 114 -2.92 -12.15 -85.20
CA ALA DC 114 -2.93 -10.82 -84.59
C ALA DC 114 -2.51 -9.75 -85.59
N LYS DC 115 -1.49 -10.02 -86.41
CA LYS DC 115 -1.07 -9.07 -87.44
C LYS DC 115 -2.13 -8.93 -88.53
N LYS DC 116 -2.80 -10.04 -88.86
CA LYS DC 116 -3.90 -9.96 -89.83
C LYS DC 116 -5.04 -9.09 -89.32
N ARG DC 117 -5.34 -9.19 -88.02
CA ARG DC 117 -6.38 -8.34 -87.43
C ARG DC 117 -5.96 -6.88 -87.40
N ILE DC 118 -4.68 -6.62 -87.11
CA ILE DC 118 -4.18 -5.23 -87.12
C ILE DC 118 -4.31 -4.62 -88.52
N GLY DC 119 -3.94 -5.39 -89.55
CA GLY DC 119 -4.08 -4.90 -90.91
C GLY DC 119 -5.52 -4.68 -91.32
N GLN DC 120 -6.42 -5.57 -90.88
CA GLN DC 120 -7.84 -5.39 -91.17
C GLN DC 120 -8.40 -4.13 -90.51
N ARG DC 121 -8.00 -3.86 -89.27
CA ARG DC 121 -8.48 -2.66 -88.59
C ARG DC 121 -7.95 -1.39 -89.25
N ARG DC 122 -6.68 -1.42 -89.68
CA ARG DC 122 -6.11 -0.26 -90.37
C ARG DC 122 -6.84 0.02 -91.69
N ALA DC 123 -7.13 -1.05 -92.45
CA ALA DC 123 -7.86 -0.89 -93.70
C ALA DC 123 -9.28 -0.38 -93.47
N PHE DC 124 -9.95 -0.85 -92.40
CA PHE DC 124 -11.28 -0.37 -92.07
C PHE DC 124 -11.27 1.11 -91.72
N ILE DC 125 -10.28 1.55 -90.93
CA ILE DC 125 -10.18 2.96 -90.54
C ILE DC 125 -9.99 3.84 -91.77
N LEU DC 126 -9.10 3.42 -92.68
CA LEU DC 126 -8.87 4.22 -93.89
C LEU DC 126 -10.09 4.27 -94.79
N SER DC 127 -10.79 3.15 -94.97
CA SER DC 127 -11.94 3.12 -95.86
C SER DC 127 -13.09 3.98 -95.32
N GLU DC 128 -13.33 3.91 -94.01
CA GLU DC 128 -14.38 4.74 -93.41
C GLU DC 128 -14.02 6.22 -93.49
N LYS DC 129 -12.73 6.55 -93.34
CA LYS DC 129 -12.31 7.94 -93.51
C LYS DC 129 -12.55 8.43 -94.93
N LYS DC 130 -12.26 7.59 -95.93
CA LYS DC 130 -12.48 7.97 -97.32
C LYS DC 130 -13.97 8.18 -97.62
N LYS DC 131 -14.82 7.31 -97.08
CA LYS DC 131 -16.27 7.48 -97.23
C LYS DC 131 -16.74 8.81 -96.64
N ARG DC 132 -16.28 9.12 -95.44
CA ARG DC 132 -16.67 10.35 -94.75
C ARG DC 132 -16.22 11.59 -95.51
N GLN DC 133 -14.98 11.56 -96.02
CA GLN DC 133 -14.45 12.67 -96.80
C GLN DC 133 -15.21 12.87 -98.10
N GLY DC 134 -15.57 11.78 -98.78
CA GLY DC 134 -16.35 11.88 -99.99
C GLY DC 134 -17.72 12.50 -99.78
N LEU DC 135 -18.39 12.11 -98.69
CA LEU DC 135 -19.70 12.69 -98.38
C LEU DC 135 -19.59 14.18 -98.08
N VAL DC 136 -18.58 14.58 -97.29
CA VAL DC 136 -18.39 15.99 -96.97
C VAL DC 136 -18.10 16.80 -98.23
N GLN DC 137 -17.23 16.28 -99.11
CA GLN DC 137 -16.87 17.00 -100.34
C GLN DC 137 -18.07 17.16 -101.26
N GLU DC 138 -18.91 16.12 -101.39
CA GLU DC 138 -20.09 16.22 -102.24
C GLU DC 138 -21.08 17.27 -101.71
N ALA DC 139 -21.28 17.30 -100.39
CA ALA DC 139 -22.19 18.30 -99.83
C ALA DC 139 -21.65 19.73 -100.00
N LYS DC 140 -20.34 19.91 -99.85
CA LYS DC 140 -19.76 21.24 -100.07
C LYS DC 140 -19.85 21.65 -101.53
N ARG DC 141 -19.77 20.69 -102.46
CA ARG DC 141 -19.98 20.99 -103.87
C ARG DC 141 -21.39 21.47 -104.14
N LYS DC 142 -22.39 20.80 -103.56
CA LYS DC 142 -23.77 21.25 -103.72
C LYS DC 142 -24.00 22.63 -103.12
N LYS DC 143 -23.33 22.90 -101.99
CA LYS DC 143 -23.42 24.22 -101.37
C LYS DC 143 -22.84 25.30 -102.28
N ARG DC 144 -21.71 25.03 -102.92
CA ARG DC 144 -21.11 26.01 -103.84
C ARG DC 144 -22.02 26.27 -105.05
N ILE DC 145 -22.65 25.21 -105.57
CA ILE DC 145 -23.62 25.38 -106.65
C ILE DC 145 -24.78 26.27 -106.22
N LYS DC 146 -25.28 26.06 -105.00
CA LYS DC 146 -26.36 26.89 -104.49
C LYS DC 146 -25.94 28.35 -104.31
N GLU DC 147 -24.70 28.59 -103.89
CA GLU DC 147 -24.21 29.96 -103.74
C GLU DC 147 -24.14 30.68 -105.10
N VAL DC 148 -23.66 29.97 -106.13
CA VAL DC 148 -23.61 30.55 -107.47
C VAL DC 148 -25.02 30.85 -107.98
N GLU DC 149 -25.96 29.92 -107.75
CA GLU DC 149 -27.34 30.14 -108.19
C GLU DC 149 -28.00 31.31 -107.44
N ARG DC 150 -27.67 31.48 -106.15
CA ARG DC 150 -28.19 32.60 -105.38
C ARG DC 150 -27.68 33.94 -105.93
N LYS DC 151 -26.38 33.99 -106.27
CA LYS DC 151 -25.82 35.21 -106.83
C LYS DC 151 -26.42 35.54 -108.20
N MET DC 152 -26.71 34.50 -109.00
CA MET DC 152 -27.38 34.73 -110.28
C MET DC 152 -28.82 35.24 -110.07
N ALA DC 153 -29.53 34.64 -109.11
CA ALA DC 153 -30.92 35.01 -108.88
C ALA DC 153 -31.04 36.43 -108.35
N LYS DC 154 -30.00 36.93 -107.67
CA LYS DC 154 -29.99 38.32 -107.23
C LYS DC 154 -30.09 39.30 -108.42
N VAL DC 155 -29.22 39.14 -109.42
CA VAL DC 155 -29.24 40.08 -110.55
C VAL DC 155 -30.45 39.86 -111.43
N ALA DC 156 -30.93 38.61 -111.55
CA ALA DC 156 -32.18 38.36 -112.27
C ALA DC 156 -33.35 39.05 -111.58
N ARG DC 157 -33.36 39.03 -110.24
CA ARG DC 157 -34.41 39.67 -109.47
C ARG DC 157 -34.38 41.19 -109.65
N GLU DC 158 -33.18 41.77 -109.67
CA GLU DC 158 -33.07 43.22 -109.86
C GLU DC 158 -33.54 43.64 -111.25
N ARG DC 159 -33.16 42.88 -112.28
CA ARG DC 159 -33.62 43.21 -113.63
C ARG DC 159 -35.13 43.04 -113.78
N ALA DC 160 -35.68 41.98 -113.18
CA ALA DC 160 -37.13 41.79 -113.22
C ALA DC 160 -37.86 42.91 -112.48
N TRP DC 161 -37.27 43.43 -111.40
CA TRP DC 161 -37.88 44.56 -110.73
C TRP DC 161 -37.81 45.82 -111.59
N GLU DC 162 -36.73 45.99 -112.35
CA GLU DC 162 -36.68 47.10 -113.30
C GLU DC 162 -37.81 47.02 -114.32
N GLU DC 163 -38.04 45.82 -114.87
CA GLU DC 163 -39.15 45.62 -115.81
C GLU DC 163 -40.51 45.88 -115.16
N ARG DC 164 -40.73 45.36 -113.95
CA ARG DC 164 -42.04 45.49 -113.31
C ARG DC 164 -42.31 46.93 -112.87
N LEU DC 165 -41.28 47.62 -112.36
CA LEU DC 165 -41.44 49.03 -112.00
C LEU DC 165 -41.69 49.88 -113.24
N ALA DC 166 -41.02 49.56 -114.34
CA ALA DC 166 -41.30 50.25 -115.60
C ALA DC 166 -42.74 50.05 -116.04
N GLU DC 167 -43.23 48.81 -115.93
CA GLU DC 167 -44.61 48.51 -116.33
C GLU DC 167 -45.62 49.23 -115.44
N LEU DC 168 -45.41 49.23 -114.13
CA LEU DC 168 -46.38 49.88 -113.24
C LEU DC 168 -46.35 51.40 -113.38
N GLN DC 169 -45.15 51.99 -113.38
CA GLN DC 169 -45.05 53.44 -113.51
C GLN DC 169 -45.50 53.92 -114.89
N ARG DC 170 -45.33 53.10 -115.92
CA ARG DC 170 -45.81 53.50 -117.25
C ARG DC 170 -47.29 53.20 -117.45
N LEU DC 171 -47.87 52.25 -116.72
CA LEU DC 171 -49.32 52.16 -116.66
C LEU DC 171 -49.91 53.40 -116.01
N GLU DC 172 -49.27 53.89 -114.94
CA GLU DC 172 -49.68 55.16 -114.35
C GLU DC 172 -49.42 56.33 -115.29
N GLU DC 173 -48.37 56.24 -116.12
CA GLU DC 173 -48.12 57.26 -117.13
C GLU DC 173 -49.19 57.25 -118.22
N GLU DC 174 -49.66 56.06 -118.60
CA GLU DC 174 -50.79 55.96 -119.53
C GLU DC 174 -52.05 56.54 -118.91
N LYS DC 175 -52.25 56.31 -117.60
CA LYS DC 175 -53.30 56.99 -116.87
C LYS DC 175 -53.10 58.51 -116.88
N LYS DC 176 -51.85 58.98 -116.96
CA LYS DC 176 -51.54 60.40 -117.11
C LYS DC 176 -51.60 60.85 -118.57
N LYS DC 177 -50.95 60.10 -119.47
CA LYS DC 177 -50.74 60.39 -120.90
C LYS DC 177 -50.52 61.86 -121.25
N HIS EC 5 8.84 39.59 -105.89
CA HIS EC 5 7.85 40.53 -106.40
C HIS EC 5 6.45 40.04 -106.05
N LEU EC 6 5.47 40.95 -106.11
CA LEU EC 6 4.09 40.58 -105.86
C LEU EC 6 3.52 39.67 -106.94
N SER EC 7 3.92 39.86 -108.19
CA SER EC 7 3.44 39.00 -109.28
C SER EC 7 4.09 37.63 -109.27
N ARG EC 8 5.28 37.50 -108.70
CA ARG EC 8 5.98 36.21 -108.59
C ARG EC 8 6.45 36.02 -107.15
N PRO EC 9 5.52 35.71 -106.23
CA PRO EC 9 5.90 35.62 -104.82
C PRO EC 9 6.77 34.43 -104.47
N ARG EC 10 6.70 33.34 -105.24
CA ARG EC 10 7.47 32.14 -104.94
C ARG EC 10 8.86 32.26 -105.57
N ASP EC 11 9.66 33.15 -104.99
CA ASP EC 11 11.00 33.41 -105.48
C ASP EC 11 11.93 32.26 -105.11
N ILE EC 12 12.72 31.79 -106.08
CA ILE EC 12 13.58 30.63 -105.88
C ILE EC 12 14.92 31.01 -105.25
N VAL EC 13 15.25 32.29 -105.16
CA VAL EC 13 16.48 32.73 -104.51
C VAL EC 13 16.24 33.01 -103.03
N LYS EC 14 15.15 33.70 -102.70
CA LYS EC 14 14.86 34.14 -101.35
C LYS EC 14 14.12 33.10 -100.52
N ARG EC 15 13.83 31.93 -101.08
CA ARG EC 15 13.05 30.94 -100.36
C ARG EC 15 13.86 30.28 -99.24
N SER EC 16 13.14 29.71 -98.28
CA SER EC 16 13.76 29.11 -97.12
C SER EC 16 14.53 27.85 -97.49
N THR EC 17 15.73 27.71 -96.93
CA THR EC 17 16.56 26.54 -97.18
C THR EC 17 16.23 25.36 -96.27
N LYS EC 18 15.44 25.58 -95.22
CA LYS EC 18 15.02 24.46 -94.37
C LYS EC 18 13.97 23.62 -95.07
N LYS EC 19 13.00 24.26 -95.73
CA LYS EC 19 11.92 23.56 -96.41
C LYS EC 19 12.27 23.21 -97.85
N TYR EC 20 12.88 24.15 -98.58
CA TYR EC 20 13.13 23.99 -100.00
C TYR EC 20 14.59 23.66 -100.27
N LEU EC 21 14.86 23.36 -101.54
CA LEU EC 21 16.20 23.04 -102.00
C LEU EC 21 17.06 24.31 -102.01
N ASP EC 22 18.38 24.09 -101.91
CA ASP EC 22 19.32 25.22 -101.96
C ASP EC 22 19.50 25.76 -103.37
N GLU EC 23 19.27 24.93 -104.38
CA GLU EC 23 19.39 25.30 -105.79
C GLU EC 23 18.13 24.86 -106.51
N PRO EC 24 17.84 25.44 -107.69
CA PRO EC 24 16.69 24.98 -108.47
C PRO EC 24 16.80 23.53 -108.89
N LEU EC 25 15.64 22.87 -108.98
CA LEU EC 25 15.59 21.45 -109.31
C LEU EC 25 16.07 21.18 -110.74
N TYR EC 26 15.83 22.12 -111.66
CA TYR EC 26 16.35 21.97 -113.01
C TYR EC 26 17.85 22.24 -113.11
N HIS EC 27 18.47 22.74 -112.05
CA HIS EC 27 19.93 22.72 -111.94
C HIS EC 27 20.44 21.50 -111.19
N ARG EC 28 19.65 21.00 -110.23
CA ARG EC 28 20.10 19.90 -109.38
C ARG EC 28 20.14 18.59 -110.13
N LEU EC 29 19.15 18.34 -111.00
CA LEU EC 29 19.09 17.07 -111.71
C LEU EC 29 20.16 16.95 -112.79
N PHE EC 30 20.72 18.06 -113.24
CA PHE EC 30 21.78 18.06 -114.25
C PHE EC 30 23.14 18.38 -113.64
N LYS EC 31 23.33 18.05 -112.35
CA LYS EC 31 24.57 18.36 -111.67
C LYS EC 31 25.74 17.52 -112.18
N ASP EC 32 25.49 16.24 -112.45
CA ASP EC 32 26.53 15.32 -112.89
C ASP EC 32 26.54 15.12 -114.40
N GLY EC 33 25.80 15.92 -115.15
CA GLY EC 33 25.73 15.81 -116.59
C GLY EC 33 24.32 15.48 -117.06
N GLY EC 34 24.17 15.54 -118.38
CA GLY EC 34 22.90 15.32 -119.04
C GLY EC 34 22.63 13.92 -119.49
N SER EC 35 23.44 12.94 -119.08
CA SER EC 35 23.21 11.56 -119.46
C SER EC 35 22.01 11.00 -118.72
N GLU EC 36 21.44 9.92 -119.27
CA GLU EC 36 20.27 9.29 -118.68
C GLU EC 36 20.57 8.71 -117.30
N VAL EC 37 21.73 8.07 -117.15
CA VAL EC 37 22.09 7.41 -115.90
C VAL EC 37 22.29 8.43 -114.79
N SER EC 38 23.00 9.52 -115.09
CA SER EC 38 23.26 10.55 -114.09
C SER EC 38 21.98 11.27 -113.68
N VAL EC 39 21.10 11.54 -114.64
CA VAL EC 39 19.83 12.21 -114.33
C VAL EC 39 18.93 11.31 -113.49
N ARG EC 40 18.89 10.01 -113.79
CA ARG EC 40 18.12 9.08 -112.97
C ARG EC 40 18.69 8.95 -111.57
N GLN EC 41 20.03 8.96 -111.45
CA GLN EC 41 20.66 8.93 -110.13
C GLN EC 41 20.33 10.19 -109.32
N GLN EC 42 20.38 11.35 -109.97
CA GLN EC 42 20.05 12.60 -109.28
C GLN EC 42 18.58 12.66 -108.89
N LEU EC 43 17.70 12.12 -109.73
CA LEU EC 43 16.28 12.08 -109.39
C LEU EC 43 16.01 11.14 -108.23
N ASN EC 44 16.70 9.99 -108.20
CA ASN EC 44 16.57 9.07 -107.07
C ASN EC 44 17.08 9.68 -105.78
N GLN EC 45 18.18 10.43 -105.86
CA GLN EC 45 18.70 11.12 -104.67
C GLN EC 45 17.77 12.23 -104.23
N PHE EC 46 17.13 12.93 -105.17
CA PHE EC 46 16.21 14.01 -104.81
C PHE EC 46 14.94 13.49 -104.17
N LEU EC 47 14.41 12.37 -104.67
CA LEU EC 47 13.13 11.86 -104.19
C LEU EC 47 13.26 11.23 -102.80
N LYS EC 48 14.45 10.82 -102.39
CA LYS EC 48 14.66 10.31 -101.04
C LYS EC 48 14.92 11.40 -100.02
N GLY EC 49 15.11 12.64 -100.45
CA GLY EC 49 15.41 13.73 -99.56
C GLY EC 49 14.17 14.30 -98.90
N THR EC 50 14.39 15.33 -98.08
CA THR EC 50 13.32 15.98 -97.34
C THR EC 50 13.08 17.42 -97.78
N LYS EC 51 13.81 17.91 -98.78
CA LYS EC 51 13.64 19.26 -99.28
C LYS EC 51 12.59 19.30 -100.38
N HIS EC 52 11.84 20.39 -100.42
CA HIS EC 52 10.69 20.52 -101.30
C HIS EC 52 10.99 21.48 -102.45
N VAL EC 53 10.10 21.48 -103.43
CA VAL EC 53 10.21 22.32 -104.63
C VAL EC 53 8.85 22.93 -104.94
N PHE EC 54 8.87 23.98 -105.76
CA PHE EC 54 7.66 24.65 -106.19
C PHE EC 54 6.96 23.86 -107.29
N LYS EC 55 5.72 24.25 -107.59
CA LYS EC 55 4.98 23.66 -108.70
C LYS EC 55 5.55 24.10 -110.04
N TRP EC 56 5.81 25.40 -110.19
CA TRP EC 56 6.42 25.90 -111.41
C TRP EC 56 7.85 25.40 -111.59
N GLU EC 57 8.54 25.13 -110.49
CA GLU EC 57 9.87 24.53 -110.57
C GLU EC 57 9.80 23.13 -111.17
N VAL EC 58 8.80 22.34 -110.76
CA VAL EC 58 8.61 21.02 -111.34
C VAL EC 58 8.21 21.12 -112.81
N GLY EC 59 7.36 22.09 -113.15
CA GLY EC 59 6.99 22.28 -114.54
C GLY EC 59 8.17 22.67 -115.42
N ASP EC 60 9.01 23.59 -114.94
CA ASP EC 60 10.21 23.97 -115.68
C ASP EC 60 11.20 22.82 -115.79
N THR EC 61 11.33 22.00 -114.73
CA THR EC 61 12.20 20.84 -114.79
C THR EC 61 11.69 19.82 -115.80
N ILE EC 62 10.36 19.64 -115.86
CA ILE EC 62 9.76 18.72 -116.83
C ILE EC 62 10.00 19.22 -118.26
N LYS EC 63 9.82 20.52 -118.48
CA LYS EC 63 10.04 21.08 -119.81
C LYS EC 63 11.51 21.03 -120.22
N LYS EC 64 12.42 21.22 -119.27
CA LYS EC 64 13.85 21.09 -119.57
C LYS EC 64 14.23 19.64 -119.85
N LEU EC 65 13.65 18.69 -119.11
CA LEU EC 65 13.92 17.28 -119.35
C LEU EC 65 13.32 16.82 -120.68
N ARG EC 66 12.21 17.40 -121.09
CA ARG EC 66 11.57 17.02 -122.35
C ARG EC 66 12.42 17.45 -123.55
N SER EC 67 13.08 18.60 -123.45
CA SER EC 67 13.86 19.13 -124.57
C SER EC 67 15.14 18.37 -124.81
N ARG EC 68 15.55 17.48 -123.89
CA ARG EC 68 16.77 16.71 -124.04
C ARG EC 68 16.50 15.23 -124.26
N GLY EC 69 15.24 14.85 -124.48
CA GLY EC 69 14.89 13.46 -124.72
C GLY EC 69 14.82 12.59 -123.49
N LEU EC 70 14.84 13.17 -122.30
CA LEU EC 70 14.80 12.41 -121.06
C LEU EC 70 13.34 12.29 -120.62
N TYR EC 71 12.62 11.38 -121.28
CA TYR EC 71 11.19 11.26 -121.05
C TYR EC 71 10.87 10.45 -119.80
N TYR EC 72 11.67 9.41 -119.52
CA TYR EC 72 11.46 8.64 -118.30
C TYR EC 72 11.69 9.44 -117.02
N PRO EC 73 12.77 10.22 -116.84
CA PRO EC 73 12.85 11.03 -115.62
C PRO EC 73 11.76 12.10 -115.52
N ALA EC 74 11.33 12.68 -116.63
CA ALA EC 74 10.26 13.65 -116.61
C ALA EC 74 8.94 13.01 -116.17
N LEU EC 75 8.64 11.82 -116.72
CA LEU EC 75 7.42 11.10 -116.34
C LEU EC 75 7.47 10.66 -114.89
N LYS EC 76 8.63 10.18 -114.43
CA LYS EC 76 8.78 9.76 -113.04
C LYS EC 76 8.61 10.95 -112.09
N LEU EC 77 9.21 12.09 -112.42
CA LEU EC 77 9.07 13.29 -111.60
C LEU EC 77 7.62 13.76 -111.56
N SER EC 78 6.94 13.77 -112.71
CA SER EC 78 5.55 14.20 -112.77
C SER EC 78 4.64 13.28 -111.95
N GLU EC 79 4.83 11.96 -112.09
CA GLU EC 79 4.00 11.01 -111.36
C GLU EC 79 4.22 11.08 -109.85
N VAL EC 80 5.50 11.14 -109.43
CA VAL EC 80 5.78 11.17 -107.99
C VAL EC 80 5.33 12.50 -107.38
N MET EC 81 5.51 13.61 -108.09
CA MET EC 81 5.06 14.89 -107.56
C MET EC 81 3.54 14.98 -107.51
N GLU EC 82 2.84 14.38 -108.48
CA GLU EC 82 1.39 14.33 -108.41
C GLU EC 82 0.91 13.45 -107.27
N HIS EC 83 1.61 12.35 -106.99
CA HIS EC 83 1.25 11.49 -105.86
C HIS EC 83 1.49 12.16 -104.52
N ARG EC 84 2.35 13.18 -104.46
CA ARG EC 84 2.69 13.83 -103.20
C ARG EC 84 1.86 15.09 -102.93
N GLY EC 85 0.85 15.37 -103.75
CA GLY EC 85 -0.06 16.47 -103.50
C GLY EC 85 -0.01 17.60 -104.51
N MET EC 86 0.86 17.57 -105.50
CA MET EC 86 0.90 18.62 -106.52
C MET EC 86 -0.19 18.33 -107.54
N ASN EC 87 -1.34 18.97 -107.36
CA ASN EC 87 -2.50 18.68 -108.20
C ASN EC 87 -2.31 19.22 -109.60
N LYS EC 88 -2.61 18.39 -110.59
CA LYS EC 88 -2.42 18.75 -111.98
C LYS EC 88 -3.60 19.55 -112.51
N THR EC 89 -3.30 20.52 -113.37
CA THR EC 89 -4.32 21.24 -114.12
C THR EC 89 -4.58 20.51 -115.44
N VAL EC 90 -5.43 21.10 -116.27
CA VAL EC 90 -5.71 20.50 -117.59
C VAL EC 90 -4.49 20.62 -118.48
N SER EC 91 -3.78 21.74 -118.40
CA SER EC 91 -2.53 21.91 -119.15
C SER EC 91 -1.47 20.92 -118.68
N ASP EC 92 -1.35 20.74 -117.36
CA ASP EC 92 -0.42 19.75 -116.82
C ASP EC 92 -0.84 18.33 -117.21
N GLN EC 93 -2.14 18.08 -117.32
CA GLN EC 93 -2.61 16.77 -117.77
C GLN EC 93 -2.28 16.53 -119.24
N ALA EC 94 -2.36 17.57 -120.08
CA ALA EC 94 -1.94 17.43 -121.47
C ALA EC 94 -0.44 17.14 -121.58
N ILE EC 95 0.37 17.87 -120.79
CA ILE EC 95 1.81 17.63 -120.77
C ILE EC 95 2.12 16.22 -120.28
N HIS EC 96 1.41 15.77 -119.25
CA HIS EC 96 1.61 14.43 -118.72
C HIS EC 96 1.15 13.35 -119.69
N LEU EC 97 0.08 13.61 -120.46
CA LEU EC 97 -0.36 12.67 -121.49
C LEU EC 97 0.71 12.52 -122.56
N ASP EC 98 1.32 13.64 -122.98
CA ASP EC 98 2.41 13.57 -123.94
C ASP EC 98 3.61 12.83 -123.37
N LEU EC 99 3.92 13.04 -122.09
CA LEU EC 99 5.03 12.33 -121.45
C LEU EC 99 4.77 10.83 -121.38
N VAL EC 100 3.54 10.44 -121.03
CA VAL EC 100 3.17 9.03 -120.97
C VAL EC 100 3.30 8.38 -122.35
N ALA EC 101 2.81 9.06 -123.39
CA ALA EC 101 2.89 8.50 -124.74
C ALA EC 101 4.33 8.46 -125.25
N LYS EC 102 5.18 9.37 -124.81
CA LYS EC 102 6.58 9.35 -125.23
C LYS EC 102 7.37 8.27 -124.51
N ALA EC 103 7.09 8.03 -123.22
CA ALA EC 103 7.92 7.14 -122.44
C ALA EC 103 7.43 5.69 -122.42
N ARG EC 104 6.12 5.47 -122.43
CA ARG EC 104 5.58 4.13 -122.28
C ARG EC 104 4.88 3.58 -123.51
N GLY EC 105 4.67 4.40 -124.53
CA GLY EC 105 3.98 3.97 -125.72
C GLY EC 105 2.63 4.66 -125.87
N ILE EC 106 2.08 4.55 -127.08
CA ILE EC 106 0.84 5.27 -127.41
C ILE EC 106 -0.36 4.62 -126.71
N ALA EC 107 -0.31 3.30 -126.45
CA ALA EC 107 -1.41 2.64 -125.77
C ALA EC 107 -1.55 3.12 -124.33
N ALA EC 108 -0.42 3.35 -123.65
CA ALA EC 108 -0.47 3.93 -122.31
C ALA EC 108 -1.00 5.35 -122.34
N GLY EC 109 -0.70 6.11 -123.40
CA GLY EC 109 -1.27 7.45 -123.54
C GLY EC 109 -2.77 7.44 -123.75
N GLU EC 110 -3.27 6.49 -124.55
CA GLU EC 110 -4.71 6.32 -124.69
C GLU EC 110 -5.37 5.88 -123.39
N SER EC 111 -4.70 5.00 -122.63
CA SER EC 111 -5.23 4.59 -121.33
C SER EC 111 -5.28 5.76 -120.35
N TYR EC 112 -4.26 6.63 -120.38
CA TYR EC 112 -4.28 7.82 -119.54
C TYR EC 112 -5.36 8.80 -119.98
N PHE EC 113 -5.60 8.93 -121.28
CA PHE EC 113 -6.65 9.82 -121.76
C PHE EC 113 -8.04 9.30 -121.39
N VAL EC 114 -8.23 7.98 -121.45
CA VAL EC 114 -9.53 7.38 -121.11
C VAL EC 114 -9.83 7.57 -119.63
N ASP EC 115 -8.83 7.37 -118.77
CA ASP EC 115 -9.01 7.49 -117.32
C ASP EC 115 -9.09 8.94 -116.84
N LEU EC 116 -8.94 9.91 -117.73
CA LEU EC 116 -9.04 11.31 -117.35
C LEU EC 116 -10.49 11.65 -117.00
N PRO EC 117 -10.69 12.66 -116.14
CA PRO EC 117 -12.06 13.16 -115.91
C PRO EC 117 -12.65 13.76 -117.17
N GLU EC 118 -13.99 13.72 -117.25
CA GLU EC 118 -14.68 14.23 -118.43
C GLU EC 118 -14.54 15.75 -118.56
N THR EC 119 -14.41 16.46 -117.44
CA THR EC 119 -14.14 17.89 -117.49
C THR EC 119 -12.70 18.20 -117.87
N SER EC 120 -11.80 17.22 -117.81
CA SER EC 120 -10.42 17.40 -118.24
C SER EC 120 -10.20 16.99 -119.69
N LYS EC 121 -11.23 16.49 -120.37
CA LYS EC 121 -11.13 16.13 -121.78
C LYS EC 121 -11.55 17.34 -122.61
N THR EC 122 -10.61 18.26 -122.75
CA THR EC 122 -10.80 19.55 -123.42
C THR EC 122 -9.91 19.60 -124.66
N GLU EC 123 -9.81 20.79 -125.25
CA GLU EC 123 -9.01 20.97 -126.46
C GLU EC 123 -7.52 20.68 -126.23
N LEU EC 124 -7.02 20.91 -125.01
CA LEU EC 124 -5.59 20.73 -124.76
C LEU EC 124 -5.20 19.26 -124.77
N THR EC 125 -5.96 18.41 -124.07
CA THR EC 125 -5.64 16.99 -124.01
C THR EC 125 -5.93 16.32 -125.35
N TYR EC 126 -7.00 16.77 -126.04
CA TYR EC 126 -7.29 16.26 -127.37
C TYR EC 126 -6.19 16.61 -128.36
N ALA EC 127 -5.67 17.84 -128.28
CA ALA EC 127 -4.56 18.24 -129.15
C ALA EC 127 -3.29 17.47 -128.82
N SER EC 128 -3.04 17.22 -127.53
CA SER EC 128 -1.86 16.46 -127.14
C SER EC 128 -1.94 15.02 -127.65
N LEU EC 129 -3.10 14.38 -127.53
CA LEU EC 129 -3.26 13.03 -128.04
C LEU EC 129 -3.19 13.00 -129.57
N LEU EC 130 -3.69 14.04 -130.24
CA LEU EC 130 -3.57 14.13 -131.69
C LEU EC 130 -2.12 14.25 -132.13
N ASN EC 131 -1.34 15.08 -131.42
CA ASN EC 131 0.09 15.20 -131.73
C ASN EC 131 0.82 13.89 -131.49
N CYS EC 132 0.46 13.17 -130.42
CA CYS EC 132 1.07 11.87 -130.16
C CYS EC 132 0.70 10.84 -131.23
N TYR EC 133 -0.52 10.93 -131.77
CA TYR EC 133 -0.90 10.07 -132.90
C TYR EC 133 -0.10 10.43 -134.14
N CYS EC 134 0.07 11.72 -134.41
CA CYS EC 134 0.77 12.16 -135.62
C CYS EC 134 2.26 11.85 -135.55
N LYS EC 135 2.85 11.84 -134.34
CA LYS EC 135 4.26 11.51 -134.20
C LYS EC 135 4.51 10.02 -134.41
N GLU EC 136 3.51 9.18 -134.19
CA GLU EC 136 3.65 7.73 -134.30
C GLU EC 136 3.26 7.20 -135.68
N LEU EC 137 2.97 8.10 -136.62
CA LEU EC 137 2.62 7.76 -138.01
C LEU EC 137 1.40 6.84 -138.10
N MET EC 138 0.35 7.19 -137.36
CA MET EC 138 -0.92 6.46 -137.40
C MET EC 138 -1.98 7.42 -137.95
N THR EC 139 -2.28 7.28 -139.24
CA THR EC 139 -3.18 8.22 -139.90
C THR EC 139 -4.64 8.01 -139.51
N GLU EC 140 -5.04 6.74 -139.33
CA GLU EC 140 -6.46 6.42 -139.10
C GLU EC 140 -6.94 6.97 -137.76
N LYS EC 141 -6.15 6.78 -136.70
CA LYS EC 141 -6.53 7.30 -135.39
C LYS EC 141 -6.48 8.82 -135.36
N ALA EC 142 -5.54 9.42 -136.10
CA ALA EC 142 -5.47 10.87 -136.18
C ALA EC 142 -6.70 11.45 -136.87
N GLU EC 143 -7.13 10.84 -137.98
CA GLU EC 143 -8.33 11.30 -138.67
C GLU EC 143 -9.58 11.07 -137.83
N GLY EC 144 -9.64 9.93 -137.13
CA GLY EC 144 -10.77 9.67 -136.26
C GLY EC 144 -10.88 10.66 -135.12
N LEU EC 145 -9.74 11.01 -134.50
CA LEU EC 145 -9.76 11.98 -133.42
C LEU EC 145 -10.05 13.38 -133.93
N LEU EC 146 -9.59 13.71 -135.14
CA LEU EC 146 -9.92 15.01 -135.73
C LEU EC 146 -11.42 15.12 -136.02
N ASN EC 147 -12.02 14.05 -136.56
CA ASN EC 147 -13.46 14.04 -136.79
C ASN EC 147 -14.23 14.07 -135.48
N LYS EC 148 -13.71 13.44 -134.42
CA LYS EC 148 -14.34 13.50 -133.11
C LYS EC 148 -14.27 14.92 -132.53
N MET EC 149 -13.14 15.60 -132.73
CA MET EC 149 -13.02 17.00 -132.29
C MET EC 149 -13.99 17.90 -133.06
N LYS EC 150 -14.13 17.68 -134.37
CA LYS EC 150 -15.06 18.47 -135.15
C LYS EC 150 -16.51 18.15 -134.80
N GLU EC 151 -16.78 16.91 -134.39
CA GLU EC 151 -18.14 16.52 -134.01
C GLU EC 151 -18.56 17.16 -132.70
N LEU EC 152 -17.66 17.20 -131.71
CA LEU EC 152 -17.98 17.69 -130.37
C LEU EC 152 -17.75 19.18 -130.22
N ASN EC 153 -17.54 19.90 -131.33
CA ASN EC 153 -17.31 21.35 -131.35
C ASN EC 153 -16.11 21.75 -130.49
N ILE EC 154 -15.08 20.90 -130.48
CA ILE EC 154 -13.82 21.21 -129.82
C ILE EC 154 -12.90 21.88 -130.84
N THR EC 155 -12.38 23.05 -130.49
CA THR EC 155 -11.67 23.87 -131.44
C THR EC 155 -10.34 23.24 -131.83
N VAL EC 156 -10.10 23.12 -133.12
CA VAL EC 156 -8.85 22.60 -133.66
C VAL EC 156 -7.97 23.78 -133.97
N SER EC 157 -6.90 23.95 -133.20
CA SER EC 157 -6.00 25.09 -133.36
C SER EC 157 -5.08 24.85 -134.56
N SER EC 158 -4.20 25.82 -134.81
CA SER EC 158 -3.24 25.69 -135.89
C SER EC 158 -2.21 24.60 -135.60
N MET EC 159 -1.96 24.31 -134.32
CA MET EC 159 -0.99 23.29 -133.95
C MET EC 159 -1.45 21.89 -134.38
N SER EC 160 -2.73 21.59 -134.21
CA SER EC 160 -3.24 20.28 -134.59
C SER EC 160 -3.27 20.10 -136.09
N TYR EC 161 -3.62 21.16 -136.83
CA TYR EC 161 -3.54 21.14 -138.28
C TYR EC 161 -2.10 20.96 -138.75
N ASN EC 162 -1.15 21.61 -138.06
CA ASN EC 162 0.26 21.46 -138.39
C ASN EC 162 0.74 20.04 -138.14
N SER EC 163 0.29 19.43 -137.06
CA SER EC 163 0.65 18.04 -136.78
C SER EC 163 0.08 17.10 -137.83
N LEU EC 164 -1.16 17.34 -138.26
CA LEU EC 164 -1.75 16.52 -139.31
C LEU EC 164 -1.03 16.68 -140.63
N MET EC 165 -0.63 17.91 -140.98
CA MET EC 165 0.11 18.12 -142.23
C MET EC 165 1.51 17.52 -142.16
N THR EC 166 2.15 17.56 -140.99
CA THR EC 166 3.43 16.89 -140.81
C THR EC 166 3.28 15.38 -140.95
N LEU EC 167 2.18 14.82 -140.42
CA LEU EC 167 1.91 13.39 -140.59
C LEU EC 167 1.71 13.04 -142.06
N TYR EC 168 0.99 13.89 -142.81
CA TYR EC 168 0.80 13.64 -144.24
C TYR EC 168 2.11 13.71 -145.01
N THR EC 169 2.97 14.67 -144.67
CA THR EC 169 4.26 14.79 -145.34
C THR EC 169 5.17 13.61 -145.01
N LYS EC 170 5.15 13.14 -143.76
CA LYS EC 170 6.01 12.03 -143.37
C LYS EC 170 5.52 10.69 -143.90
N THR EC 171 4.20 10.50 -144.02
CA THR EC 171 3.71 9.22 -144.53
C THR EC 171 3.92 9.08 -146.03
N GLY EC 172 3.82 10.18 -146.77
CA GLY EC 172 4.06 10.14 -148.20
C GLY EC 172 2.92 10.73 -149.00
N GLN EC 173 1.81 11.03 -148.33
CA GLN EC 173 0.63 11.61 -148.97
C GLN EC 173 0.63 13.14 -148.80
N ALA EC 174 1.68 13.75 -149.36
CA ALA EC 174 1.91 15.18 -149.23
C ALA EC 174 0.96 16.02 -150.08
N GLU EC 175 0.19 15.40 -150.97
CA GLU EC 175 -0.74 16.14 -151.82
C GLU EC 175 -1.93 16.70 -151.03
N ARG EC 176 -2.19 16.19 -149.83
CA ARG EC 176 -3.35 16.62 -149.05
C ARG EC 176 -3.09 17.91 -148.28
N VAL EC 177 -1.84 18.34 -148.16
CA VAL EC 177 -1.46 19.54 -147.42
C VAL EC 177 -2.03 20.83 -148.02
N PRO EC 178 -1.95 21.09 -149.35
CA PRO EC 178 -2.58 22.34 -149.85
C PRO EC 178 -4.09 22.38 -149.69
N GLY EC 179 -4.76 21.23 -149.69
CA GLY EC 179 -6.17 21.22 -149.34
C GLY EC 179 -6.40 21.60 -147.89
N MET EC 180 -5.54 21.12 -146.98
CA MET EC 180 -5.64 21.46 -145.58
C MET EC 180 -5.32 22.92 -145.30
N ILE EC 181 -4.49 23.56 -146.12
CA ILE EC 181 -4.23 24.99 -145.94
C ILE EC 181 -5.50 25.79 -146.16
N GLN EC 182 -6.23 25.49 -147.25
CA GLN EC 182 -7.49 26.17 -147.51
C GLN EC 182 -8.57 25.77 -146.51
N GLU EC 183 -8.53 24.52 -146.03
CA GLU EC 183 -9.46 24.10 -144.98
C GLU EC 183 -9.21 24.87 -143.69
N MET EC 184 -7.95 25.08 -143.32
CA MET EC 184 -7.60 25.91 -142.17
C MET EC 184 -8.05 27.35 -142.36
N LYS EC 185 -7.84 27.89 -143.57
CA LYS EC 185 -8.26 29.26 -143.85
C LYS EC 185 -9.78 29.42 -143.92
N ALA EC 186 -10.51 28.30 -144.10
CA ALA EC 186 -11.97 28.36 -144.10
C ALA EC 186 -12.55 28.64 -142.71
N GLU EC 187 -12.02 27.99 -141.68
CA GLU EC 187 -12.53 28.16 -140.31
C GLU EC 187 -11.85 29.29 -139.55
N ASP EC 188 -11.23 30.24 -140.26
CA ASP EC 188 -10.59 31.43 -139.67
C ASP EC 188 -9.51 31.07 -138.64
N VAL EC 189 -8.79 29.98 -138.88
CA VAL EC 189 -7.67 29.58 -138.04
C VAL EC 189 -6.40 30.14 -138.67
N MET EC 190 -5.69 30.99 -137.92
CA MET EC 190 -4.59 31.64 -138.62
C MET EC 190 -3.32 30.81 -138.55
N PRO EC 191 -2.57 30.75 -139.64
CA PRO EC 191 -1.33 29.96 -139.66
C PRO EC 191 -0.24 30.60 -138.81
N ASP EC 192 0.65 29.75 -138.33
CA ASP EC 192 1.89 30.17 -137.70
C ASP EC 192 3.04 29.98 -138.68
N SER EC 193 4.27 30.18 -138.20
CA SER EC 193 5.44 30.02 -139.07
C SER EC 193 5.67 28.57 -139.45
N TYR EC 194 5.38 27.63 -138.55
CA TYR EC 194 5.55 26.22 -138.86
C TYR EC 194 4.57 25.75 -139.94
N THR EC 195 3.40 26.39 -140.02
CA THR EC 195 2.46 26.09 -141.09
C THR EC 195 3.06 26.39 -142.44
N TYR EC 196 3.71 27.56 -142.57
CA TYR EC 196 4.37 27.91 -143.82
C TYR EC 196 5.56 27.00 -144.09
N ASN EC 197 6.29 26.60 -143.05
CA ASN EC 197 7.43 25.71 -143.23
C ASN EC 197 6.99 24.35 -143.76
N VAL EC 198 5.97 23.75 -143.14
CA VAL EC 198 5.50 22.44 -143.60
C VAL EC 198 4.78 22.57 -144.94
N TRP EC 199 4.20 23.74 -145.23
CA TRP EC 199 3.56 23.96 -146.53
C TRP EC 199 4.59 24.00 -147.65
N MET EC 200 5.68 24.75 -147.46
CA MET EC 200 6.70 24.79 -148.50
C MET EC 200 7.45 23.46 -148.60
N ARG EC 201 7.58 22.73 -147.48
CA ARG EC 201 8.16 21.39 -147.54
C ARG EC 201 7.28 20.43 -148.34
N ALA EC 202 5.96 20.53 -148.16
CA ALA EC 202 5.04 19.66 -148.90
C ALA EC 202 4.99 20.05 -150.38
N LEU EC 203 5.11 21.34 -150.68
CA LEU EC 203 5.12 21.77 -152.07
C LEU EC 203 6.43 21.36 -152.77
N ALA EC 204 7.55 21.38 -152.04
CA ALA EC 204 8.79 20.87 -152.59
C ALA EC 204 8.79 19.35 -152.68
N ALA EC 205 7.99 18.66 -151.87
CA ALA EC 205 7.92 17.21 -151.94
C ALA EC 205 7.18 16.72 -153.17
N THR EC 206 6.29 17.54 -153.74
CA THR EC 206 5.56 17.18 -154.95
C THR EC 206 6.23 17.70 -156.22
N GLU EC 207 7.54 17.93 -156.17
CA GLU EC 207 8.35 18.40 -157.31
C GLU EC 207 7.82 19.71 -157.88
N ASP EC 208 7.47 20.64 -156.99
CA ASP EC 208 6.97 21.96 -157.38
C ASP EC 208 7.83 23.00 -156.66
N VAL EC 209 8.95 23.37 -157.29
CA VAL EC 209 9.86 24.35 -156.68
C VAL EC 209 9.23 25.75 -156.71
N SER EC 210 8.50 26.07 -157.77
CA SER EC 210 7.95 27.42 -157.94
C SER EC 210 6.84 27.73 -156.95
N GLY EC 211 6.29 26.71 -156.28
CA GLY EC 211 5.26 26.96 -155.27
C GLY EC 211 5.79 27.56 -153.98
N VAL EC 212 7.10 27.43 -153.73
CA VAL EC 212 7.68 27.99 -152.52
C VAL EC 212 7.68 29.52 -152.58
N GLU EC 213 7.86 30.09 -153.78
CA GLU EC 213 7.92 31.53 -153.94
C GLU EC 213 6.59 32.20 -153.62
N ARG EC 214 5.47 31.62 -154.05
CA ARG EC 214 4.18 32.20 -153.67
C ARG EC 214 3.88 32.01 -152.18
N VAL EC 215 4.41 30.95 -151.56
CA VAL EC 215 4.23 30.77 -150.12
C VAL EC 215 4.97 31.85 -149.34
N ILE EC 216 6.23 32.11 -149.69
CA ILE EC 216 6.98 33.15 -148.99
C ILE EC 216 6.42 34.53 -149.32
N GLU EC 217 5.92 34.73 -150.55
CA GLU EC 217 5.31 36.01 -150.90
C GLU EC 217 4.04 36.27 -150.11
N GLU EC 218 3.17 35.27 -149.98
CA GLU EC 218 1.94 35.45 -149.20
C GLU EC 218 2.21 35.47 -147.70
N MET EC 219 3.32 34.88 -147.24
CA MET EC 219 3.70 35.03 -145.84
C MET EC 219 4.16 36.45 -145.56
N ASN EC 220 4.93 37.04 -146.49
CA ASN EC 220 5.34 38.44 -146.35
C ASN EC 220 4.14 39.37 -146.42
N ARG EC 221 3.19 39.09 -147.31
CA ARG EC 221 2.00 39.92 -147.45
C ARG EC 221 0.94 39.64 -146.38
N ASP EC 222 1.10 38.57 -145.59
CA ASP EC 222 0.14 38.27 -144.54
C ASP EC 222 0.19 39.31 -143.43
N GLY EC 223 1.39 39.66 -142.98
CA GLY EC 223 1.57 40.73 -142.02
C GLY EC 223 1.31 40.35 -140.57
N ARG EC 224 0.95 39.10 -140.29
CA ARG EC 224 0.69 38.69 -138.92
C ARG EC 224 1.61 37.57 -138.43
N VAL EC 225 2.43 36.99 -139.31
CA VAL EC 225 3.41 35.99 -138.91
C VAL EC 225 4.80 36.55 -139.22
N ALA EC 226 5.61 36.71 -138.19
CA ALA EC 226 6.97 37.19 -138.37
C ALA EC 226 7.88 36.03 -138.75
N PRO EC 227 8.63 36.12 -139.85
CA PRO EC 227 9.56 35.05 -140.20
C PRO EC 227 10.70 34.93 -139.21
N ASP EC 228 11.17 33.70 -139.04
CA ASP EC 228 12.29 33.37 -138.16
C ASP EC 228 13.34 32.62 -138.97
N TRP EC 229 14.35 32.08 -138.27
CA TRP EC 229 15.44 31.41 -138.97
C TRP EC 229 15.04 30.05 -139.51
N THR EC 230 14.01 29.41 -138.93
CA THR EC 230 13.57 28.12 -139.43
C THR EC 230 12.91 28.22 -140.79
N THR EC 231 12.22 29.33 -141.07
CA THR EC 231 11.64 29.56 -142.38
C THR EC 231 12.71 29.65 -143.45
N TYR EC 232 13.77 30.41 -143.19
CA TYR EC 232 14.84 30.54 -144.15
C TYR EC 232 15.69 29.28 -144.22
N SER EC 233 15.76 28.51 -143.14
CA SER EC 233 16.42 27.20 -143.21
C SER EC 233 15.65 26.24 -144.09
N ASN EC 234 14.33 26.26 -144.00
CA ASN EC 234 13.49 25.44 -144.88
C ASN EC 234 13.64 25.86 -146.33
N MET EC 235 13.62 27.17 -146.58
CA MET EC 235 13.81 27.69 -147.94
C MET EC 235 15.18 27.31 -148.49
N ALA EC 236 16.23 27.46 -147.67
CA ALA EC 236 17.58 27.14 -148.11
C ALA EC 236 17.75 25.65 -148.37
N SER EC 237 17.16 24.79 -147.53
CA SER EC 237 17.23 23.36 -147.77
C SER EC 237 16.51 22.96 -149.05
N ILE EC 238 15.34 23.57 -149.30
CA ILE EC 238 14.60 23.31 -150.54
C ILE EC 238 15.41 23.75 -151.76
N TYR EC 239 16.02 24.94 -151.68
CA TYR EC 239 16.79 25.45 -152.81
C TYR EC 239 18.07 24.66 -153.05
N VAL EC 240 18.72 24.20 -151.98
CA VAL EC 240 19.93 23.39 -152.13
C VAL EC 240 19.59 22.03 -152.72
N ASP EC 241 18.52 21.39 -152.25
CA ASP EC 241 18.12 20.11 -152.82
C ASP EC 241 17.57 20.25 -154.23
N ALA EC 242 17.06 21.42 -154.59
CA ALA EC 242 16.54 21.66 -155.94
C ALA EC 242 17.61 22.12 -156.92
N GLY EC 243 18.82 22.39 -156.46
CA GLY EC 243 19.90 22.82 -157.33
C GLY EC 243 20.03 24.33 -157.52
N LEU EC 244 19.13 25.12 -156.93
CA LEU EC 244 19.20 26.57 -157.05
C LEU EC 244 20.21 27.11 -156.05
N SER EC 245 21.20 27.85 -156.55
CA SER EC 245 22.31 28.31 -155.72
C SER EC 245 22.15 29.73 -155.20
N GLU EC 246 21.76 30.67 -156.05
CA GLU EC 246 21.69 32.08 -155.64
C GLU EC 246 20.55 32.31 -154.65
N LYS EC 247 19.40 31.68 -154.88
CA LYS EC 247 18.30 31.75 -153.92
C LYS EC 247 18.69 31.12 -152.59
N ALA EC 248 19.48 30.04 -152.62
CA ALA EC 248 20.00 29.46 -151.39
C ALA EC 248 20.93 30.42 -150.66
N GLU EC 249 21.75 31.17 -151.41
CA GLU EC 249 22.62 32.17 -150.80
C GLU EC 249 21.82 33.27 -150.13
N LYS EC 250 20.76 33.76 -150.79
CA LYS EC 250 19.90 34.77 -150.18
C LYS EC 250 19.19 34.24 -148.94
N ALA EC 251 18.71 32.99 -149.00
CA ALA EC 251 18.04 32.39 -147.85
C ALA EC 251 18.99 32.20 -146.68
N LEU EC 252 20.23 31.80 -146.94
CA LEU EC 252 21.19 31.60 -145.86
C LEU EC 252 21.68 32.92 -145.28
N GLN EC 253 21.80 33.97 -146.11
CA GLN EC 253 22.07 35.30 -145.58
C GLN EC 253 20.94 35.80 -144.70
N GLU EC 254 19.69 35.54 -145.12
CA GLU EC 254 18.55 35.88 -144.27
C GLU EC 254 18.52 35.06 -142.99
N LEU EC 255 19.00 33.81 -143.04
CA LEU EC 255 19.11 32.99 -141.84
C LEU EC 255 20.13 33.58 -140.87
N GLU EC 256 21.26 34.05 -141.41
CA GLU EC 256 22.26 34.70 -140.58
C GLU EC 256 21.71 35.99 -139.97
N MET EC 257 20.94 36.74 -140.74
CA MET EC 257 20.38 37.99 -140.21
C MET EC 257 19.32 37.73 -139.16
N LYS EC 258 18.54 36.65 -139.30
CA LYS EC 258 17.49 36.34 -138.35
C LYS EC 258 17.98 35.60 -137.13
N ASN EC 259 19.21 35.11 -137.13
CA ASN EC 259 19.78 34.39 -135.98
C ASN EC 259 20.41 35.40 -135.01
N THR EC 260 19.54 36.16 -134.35
CA THR EC 260 19.97 37.17 -133.40
C THR EC 260 20.29 36.59 -132.02
N ASP EC 261 19.88 35.36 -131.74
CA ASP EC 261 20.12 34.73 -130.45
C ASP EC 261 21.31 33.77 -130.46
N ARG EC 262 22.00 33.67 -131.60
CA ARG EC 262 23.17 32.80 -131.80
C ARG EC 262 22.85 31.34 -131.44
N ASP EC 263 21.83 30.82 -132.11
CA ASP EC 263 21.38 29.46 -131.84
C ASP EC 263 22.37 28.44 -132.39
N PHE EC 264 22.62 27.39 -131.59
CA PHE EC 264 23.55 26.34 -131.99
C PHE EC 264 23.04 25.57 -133.20
N LYS EC 265 21.73 25.27 -133.22
CA LYS EC 265 21.15 24.51 -134.33
C LYS EC 265 21.19 25.31 -135.62
N ALA EC 266 20.94 26.63 -135.55
CA ALA EC 266 21.03 27.48 -136.72
C ALA EC 266 22.45 27.54 -137.27
N TYR EC 267 23.44 27.51 -136.37
CA TYR EC 267 24.84 27.45 -136.79
C TYR EC 267 25.15 26.13 -137.49
N GLN EC 268 24.59 25.03 -136.99
CA GLN EC 268 24.76 23.74 -137.67
C GLN EC 268 24.14 23.75 -139.05
N PHE EC 269 22.95 24.34 -139.18
CA PHE EC 269 22.30 24.51 -140.49
C PHE EC 269 23.16 25.33 -141.44
N LEU EC 270 23.70 26.46 -140.95
CA LEU EC 270 24.52 27.32 -141.80
C LEU EC 270 25.77 26.59 -142.29
N ILE EC 271 26.46 25.91 -141.37
CA ILE EC 271 27.68 25.19 -141.70
C ILE EC 271 27.39 24.10 -142.73
N THR EC 272 26.33 23.32 -142.51
CA THR EC 272 26.08 22.20 -143.40
C THR EC 272 25.51 22.63 -144.75
N LEU EC 273 24.73 23.71 -144.78
CA LEU EC 273 24.17 24.15 -146.06
C LEU EC 273 25.22 24.85 -146.92
N TYR EC 274 26.10 25.68 -146.32
CA TYR EC 274 27.30 26.10 -147.05
C TYR EC 274 28.22 24.93 -147.43
N GLY EC 275 28.25 23.87 -146.63
CA GLY EC 275 29.04 22.70 -147.02
C GLY EC 275 28.49 22.00 -148.25
N ARG EC 276 27.17 21.85 -148.31
CA ARG EC 276 26.53 21.28 -149.49
C ARG EC 276 26.57 22.23 -150.68
N LEU EC 277 26.64 23.54 -150.44
CA LEU EC 277 26.74 24.51 -151.51
C LEU EC 277 28.16 24.64 -152.05
N GLY EC 278 29.15 24.12 -151.36
CA GLY EC 278 30.51 24.09 -151.85
C GLY EC 278 31.34 25.34 -151.61
N LYS EC 279 30.87 26.27 -150.78
CA LYS EC 279 31.57 27.53 -150.55
C LYS EC 279 32.38 27.41 -149.26
N LEU EC 280 33.70 27.25 -149.41
CA LEU EC 280 34.57 26.94 -148.28
C LEU EC 280 34.81 28.16 -147.40
N ASN EC 281 35.00 29.34 -148.00
CA ASN EC 281 35.26 30.54 -147.23
C ASN EC 281 34.08 30.94 -146.37
N GLU EC 282 32.85 30.76 -146.90
CA GLU EC 282 31.65 30.99 -146.11
C GLU EC 282 31.54 30.01 -144.96
N VAL EC 283 31.95 28.75 -145.18
CA VAL EC 283 31.99 27.76 -144.11
C VAL EC 283 32.94 28.20 -142.99
N TYR EC 284 34.13 28.67 -143.37
CA TYR EC 284 35.10 29.13 -142.37
C TYR EC 284 34.63 30.38 -141.66
N ARG EC 285 33.94 31.28 -142.36
CA ARG EC 285 33.39 32.47 -141.70
C ARG EC 285 32.32 32.12 -140.68
N ILE EC 286 31.42 31.19 -141.03
CA ILE EC 286 30.40 30.75 -140.08
C ILE EC 286 31.04 30.02 -138.91
N TRP EC 287 32.10 29.24 -139.17
CA TRP EC 287 32.80 28.57 -138.09
C TRP EC 287 33.46 29.56 -137.13
N ARG EC 288 34.05 30.63 -137.66
CA ARG EC 288 34.61 31.67 -136.82
C ARG EC 288 33.52 32.38 -136.01
N SER EC 289 32.37 32.64 -136.62
CA SER EC 289 31.25 33.24 -135.88
C SER EC 289 30.75 32.34 -134.77
N LEU EC 290 30.64 31.03 -135.04
CA LEU EC 290 30.20 30.08 -134.03
C LEU EC 290 31.21 29.96 -132.90
N ARG EC 291 32.50 29.92 -133.22
CA ARG EC 291 33.53 29.82 -132.19
C ARG EC 291 33.62 31.11 -131.38
N LEU EC 292 33.30 32.25 -131.99
CA LEU EC 292 33.14 33.48 -131.21
C LEU EC 292 31.94 33.39 -130.27
N ALA EC 293 30.82 32.87 -130.75
CA ALA EC 293 29.62 32.79 -129.92
C ALA EC 293 29.72 31.68 -128.88
N MET EC 294 30.42 30.58 -129.18
CA MET EC 294 30.58 29.46 -128.26
C MET EC 294 32.07 29.28 -127.98
N PRO EC 295 32.59 29.89 -126.92
CA PRO EC 295 34.02 29.73 -126.59
C PRO EC 295 34.42 28.30 -126.27
N LYS EC 296 33.55 27.53 -125.62
CA LYS EC 296 33.77 26.10 -125.41
C LYS EC 296 32.87 25.35 -126.39
N THR EC 297 33.38 25.13 -127.59
CA THR EC 297 32.62 24.51 -128.66
C THR EC 297 32.45 23.01 -128.41
N SER EC 298 31.22 22.54 -128.56
CA SER EC 298 30.87 21.16 -128.26
C SER EC 298 31.36 20.22 -129.35
N ASN EC 299 31.13 18.93 -129.14
CA ASN EC 299 31.60 17.90 -130.07
C ASN EC 299 30.76 17.86 -131.33
N VAL EC 300 29.49 18.27 -131.25
CA VAL EC 300 28.59 18.19 -132.39
C VAL EC 300 29.00 19.19 -133.47
N ALA EC 301 29.38 20.40 -133.06
CA ALA EC 301 29.80 21.42 -134.02
C ALA EC 301 31.10 21.03 -134.70
N TYR EC 302 32.06 20.48 -133.96
CA TYR EC 302 33.28 19.95 -134.55
C TYR EC 302 32.98 18.79 -135.49
N LEU EC 303 32.04 17.92 -135.12
CA LEU EC 303 31.67 16.77 -135.93
C LEU EC 303 31.07 17.22 -137.27
N ASN EC 304 30.25 18.26 -137.26
CA ASN EC 304 29.73 18.79 -138.51
C ASN EC 304 30.81 19.52 -139.31
N MET EC 305 31.64 20.32 -138.64
CA MET EC 305 32.57 21.21 -139.33
C MET EC 305 33.71 20.43 -139.99
N ILE EC 306 34.28 19.45 -139.28
CA ILE EC 306 35.37 18.66 -139.84
C ILE EC 306 34.87 17.81 -141.00
N GLN EC 307 33.65 17.29 -140.89
CA GLN EC 307 33.06 16.52 -141.99
C GLN EC 307 32.81 17.41 -143.21
N VAL EC 308 32.37 18.65 -142.99
CA VAL EC 308 32.18 19.59 -144.10
C VAL EC 308 33.52 19.90 -144.78
N LEU EC 309 34.58 20.11 -143.99
CA LEU EC 309 35.90 20.35 -144.56
C LEU EC 309 36.43 19.14 -145.30
N VAL EC 310 36.12 17.93 -144.84
CA VAL EC 310 36.52 16.73 -145.56
C VAL EC 310 35.75 16.60 -146.87
N ASN EC 311 34.46 16.97 -146.86
CA ASN EC 311 33.65 16.91 -148.07
C ASN EC 311 34.11 17.91 -149.12
N LEU EC 312 34.59 19.08 -148.68
CA LEU EC 312 35.03 20.13 -149.58
C LEU EC 312 36.50 19.99 -149.98
N LYS EC 313 37.12 18.84 -149.69
CA LYS EC 313 38.51 18.53 -150.04
C LYS EC 313 39.49 19.53 -149.44
N ASP EC 314 39.32 19.83 -148.16
CA ASP EC 314 40.27 20.62 -147.39
C ASP EC 314 40.76 19.73 -146.25
N LEU EC 315 41.76 18.91 -146.55
CA LEU EC 315 42.28 17.93 -145.62
C LEU EC 315 43.26 18.52 -144.59
N PRO EC 316 44.19 19.43 -144.94
CA PRO EC 316 44.97 20.07 -143.86
C PRO EC 316 44.14 20.90 -142.89
N GLY EC 317 43.10 21.59 -143.37
CA GLY EC 317 42.23 22.33 -142.46
C GLY EC 317 41.44 21.41 -141.54
N ALA EC 318 40.96 20.29 -142.08
CA ALA EC 318 40.27 19.29 -141.27
C ALA EC 318 41.21 18.68 -140.25
N GLU EC 319 42.47 18.42 -140.64
CA GLU EC 319 43.47 17.89 -139.71
C GLU EC 319 43.77 18.88 -138.60
N THR EC 320 43.89 20.16 -138.94
CA THR EC 320 44.16 21.19 -137.94
C THR EC 320 43.00 21.32 -136.96
N LEU EC 321 41.76 21.31 -137.46
CA LEU EC 321 40.61 21.38 -136.56
C LEU EC 321 40.45 20.12 -135.72
N PHE EC 322 40.82 18.96 -136.26
CA PHE EC 322 40.81 17.72 -135.47
C PHE EC 322 41.85 17.76 -134.36
N LYS EC 323 43.05 18.28 -134.65
CA LYS EC 323 44.07 18.43 -133.61
C LYS EC 323 43.65 19.46 -132.57
N GLU EC 324 42.93 20.50 -132.97
CA GLU EC 324 42.41 21.46 -132.01
C GLU EC 324 41.32 20.83 -131.15
N TRP EC 325 40.49 19.96 -131.73
CA TRP EC 325 39.46 19.28 -130.96
C TRP EC 325 40.06 18.28 -129.97
N GLN EC 326 41.14 17.60 -130.36
CA GLN EC 326 41.73 16.56 -129.52
C GLN EC 326 42.33 17.14 -128.24
N ALA EC 327 42.78 18.39 -128.27
CA ALA EC 327 43.41 19.01 -127.12
C ALA EC 327 42.42 19.69 -126.18
N ASN EC 328 41.14 19.74 -126.54
CA ASN EC 328 40.15 20.44 -125.73
C ASN EC 328 38.88 19.66 -125.47
N CYS EC 329 38.80 18.40 -125.89
CA CYS EC 329 37.57 17.64 -125.76
C CYS EC 329 37.41 17.15 -124.31
N SER EC 330 36.26 17.48 -123.71
CA SER EC 330 35.95 16.94 -122.39
C SER EC 330 35.59 15.46 -122.49
N THR EC 331 34.84 15.07 -123.51
CA THR EC 331 34.52 13.68 -123.80
C THR EC 331 35.07 13.34 -125.17
N TYR EC 332 35.77 12.21 -125.27
CA TYR EC 332 36.36 11.77 -126.52
C TYR EC 332 35.29 11.07 -127.35
N ASP EC 333 34.56 11.85 -128.14
CA ASP EC 333 33.53 11.30 -129.00
C ASP EC 333 34.15 10.52 -130.15
N ILE EC 334 33.56 9.39 -130.48
CA ILE EC 334 34.10 8.52 -131.53
C ILE EC 334 33.67 8.98 -132.92
N ARG EC 335 32.65 9.83 -133.03
CA ARG EC 335 32.17 10.26 -134.34
C ARG EC 335 33.13 11.22 -135.02
N VAL EC 336 33.75 12.12 -134.26
CA VAL EC 336 34.76 13.03 -134.82
C VAL EC 336 35.98 12.22 -135.29
N VAL EC 337 36.37 11.21 -134.52
CA VAL EC 337 37.47 10.34 -134.93
C VAL EC 337 37.09 9.53 -136.16
N ASN EC 338 35.82 9.14 -136.26
CA ASN EC 338 35.33 8.40 -137.43
C ASN EC 338 35.33 9.25 -138.68
N VAL EC 339 35.11 10.55 -138.55
CA VAL EC 339 35.22 11.46 -139.70
C VAL EC 339 36.62 11.42 -140.29
N MET EC 340 37.64 11.53 -139.43
CA MET EC 340 39.01 11.49 -139.91
C MET EC 340 39.42 10.10 -140.37
N ILE EC 341 38.87 9.06 -139.76
CA ILE EC 341 39.14 7.69 -140.21
C ILE EC 341 38.58 7.47 -141.61
N GLY EC 342 37.36 7.96 -141.87
CA GLY EC 342 36.80 7.87 -143.20
C GLY EC 342 37.55 8.71 -144.22
N ALA EC 343 38.03 9.89 -143.79
CA ALA EC 343 38.82 10.74 -144.68
C ALA EC 343 40.15 10.07 -145.05
N TYR EC 344 40.78 9.40 -144.09
CA TYR EC 344 42.04 8.73 -144.36
C TYR EC 344 41.86 7.47 -145.18
N THR EC 345 40.83 6.67 -144.89
CA THR EC 345 40.60 5.43 -145.62
C THR EC 345 40.06 5.67 -147.03
N ARG EC 346 39.34 6.76 -147.25
CA ARG EC 346 38.85 7.07 -148.59
C ARG EC 346 39.95 7.59 -149.50
N GLU EC 347 41.08 8.01 -148.95
CA GLU EC 347 42.20 8.52 -149.73
C GLU EC 347 43.40 7.58 -149.73
N GLY EC 348 43.27 6.39 -149.17
CA GLY EC 348 44.33 5.41 -149.16
C GLY EC 348 45.37 5.58 -148.06
N LEU EC 349 45.20 6.55 -147.17
CA LEU EC 349 46.12 6.75 -146.06
C LEU EC 349 45.70 5.87 -144.87
N VAL EC 350 45.86 4.56 -145.07
CA VAL EC 350 45.42 3.59 -144.08
C VAL EC 350 46.29 3.61 -142.82
N GLU EC 351 47.53 4.11 -142.92
CA GLU EC 351 48.41 4.15 -141.75
C GLU EC 351 47.92 5.16 -140.71
N LYS EC 352 47.46 6.33 -141.15
CA LYS EC 352 46.94 7.32 -140.21
C LYS EC 352 45.61 6.88 -139.61
N ALA EC 353 44.75 6.25 -140.41
CA ALA EC 353 43.50 5.71 -139.91
C ALA EC 353 43.73 4.58 -138.90
N ASN EC 354 44.70 3.71 -139.16
CA ASN EC 354 45.04 2.65 -138.20
C ASN EC 354 45.66 3.21 -136.94
N GLU EC 355 46.45 4.29 -137.05
CA GLU EC 355 46.97 4.97 -135.87
C GLU EC 355 45.86 5.56 -135.02
N LEU EC 356 44.88 6.21 -135.67
CA LEU EC 356 43.73 6.76 -134.95
C LEU EC 356 42.91 5.66 -134.30
N LYS EC 357 42.69 4.55 -135.01
CA LYS EC 357 41.91 3.44 -134.48
C LYS EC 357 42.60 2.78 -133.29
N GLU EC 358 43.93 2.62 -133.37
CA GLU EC 358 44.67 1.98 -132.28
C GLU EC 358 44.94 2.92 -131.10
N LYS EC 359 44.81 4.24 -131.29
CA LYS EC 359 45.02 5.15 -130.18
C LYS EC 359 43.74 5.74 -129.60
N SER EC 360 42.61 5.59 -130.28
CA SER EC 360 41.36 6.15 -129.76
C SER EC 360 40.84 5.55 -128.45
N PRO EC 361 40.81 4.21 -128.23
CA PRO EC 361 40.20 3.70 -126.97
C PRO EC 361 40.91 4.14 -125.70
N ARG EC 362 42.21 4.42 -125.73
CA ARG EC 362 42.87 4.94 -124.54
C ARG EC 362 42.50 6.39 -124.31
N ARG EC 363 42.27 7.16 -125.38
CA ARG EC 363 41.90 8.56 -125.25
C ARG EC 363 40.50 8.76 -124.69
N GLY EC 364 39.66 7.72 -124.67
CA GLY EC 364 38.34 7.79 -124.07
C GLY EC 364 37.20 7.41 -124.98
N GLY EC 365 37.43 7.12 -126.26
CA GLY EC 365 36.36 6.75 -127.15
C GLY EC 365 36.48 5.34 -127.72
N LYS EC 366 35.60 4.45 -127.29
CA LYS EC 366 35.59 3.09 -127.81
C LYS EC 366 35.05 3.06 -129.23
N LEU EC 367 35.58 2.14 -130.03
CA LEU EC 367 35.16 2.02 -131.42
C LEU EC 367 33.74 1.48 -131.53
N ASN EC 368 32.97 2.07 -132.42
CA ASN EC 368 31.60 1.66 -132.70
C ASN EC 368 31.56 0.93 -134.04
N ALA EC 369 30.34 0.63 -134.50
CA ALA EC 369 30.17 -0.09 -135.75
C ALA EC 369 30.54 0.75 -136.97
N LYS EC 370 30.55 2.08 -136.84
CA LYS EC 370 30.88 2.94 -137.98
C LYS EC 370 32.36 2.87 -138.32
N THR EC 371 33.23 2.73 -137.32
CA THR EC 371 34.67 2.60 -137.56
C THR EC 371 34.97 1.34 -138.36
N TRP EC 372 34.43 0.21 -137.91
CA TRP EC 372 34.64 -1.05 -138.62
C TRP EC 372 33.90 -1.05 -139.96
N GLU EC 373 32.81 -0.29 -140.08
CA GLU EC 373 32.13 -0.13 -141.37
C GLU EC 373 33.02 0.60 -142.37
N LEU EC 374 33.68 1.67 -141.95
CA LEU EC 374 34.61 2.38 -142.82
C LEU EC 374 35.79 1.50 -143.20
N PHE EC 375 36.31 0.73 -142.25
CA PHE EC 375 37.42 -0.16 -142.57
C PHE EC 375 37.03 -1.29 -143.52
N MET EC 376 35.83 -1.86 -143.36
CA MET EC 376 35.43 -2.93 -144.27
C MET EC 376 35.06 -2.37 -145.63
N ASP EC 377 34.60 -1.11 -145.69
CA ASP EC 377 34.40 -0.45 -146.97
C ASP EC 377 35.73 -0.26 -147.70
N TYR EC 378 36.77 0.14 -146.95
CA TYR EC 378 38.10 0.25 -147.53
C TYR EC 378 38.62 -1.10 -148.01
N TYR EC 379 38.39 -2.16 -147.23
CA TYR EC 379 38.90 -3.48 -147.61
C TYR EC 379 38.12 -4.08 -148.78
N VAL EC 380 36.82 -3.78 -148.88
CA VAL EC 380 36.04 -4.23 -150.02
C VAL EC 380 36.45 -3.49 -151.28
N LYS EC 381 36.68 -2.16 -151.17
CA LYS EC 381 37.13 -1.38 -152.32
C LYS EC 381 38.51 -1.81 -152.80
N ARG EC 382 39.39 -2.18 -151.89
CA ARG EC 382 40.72 -2.65 -152.25
C ARG EC 382 40.70 -4.06 -152.82
N GLY EC 383 39.72 -4.88 -152.45
CA GLY EC 383 39.62 -6.23 -152.95
C GLY EC 383 40.03 -7.31 -151.98
N GLU EC 384 40.35 -6.97 -150.73
CA GLU EC 384 40.72 -7.95 -149.72
C GLU EC 384 39.48 -8.37 -148.95
N THR EC 385 39.20 -9.67 -148.93
CA THR EC 385 37.98 -10.17 -148.30
C THR EC 385 38.22 -10.66 -146.88
N ALA EC 386 39.37 -11.28 -146.62
CA ALA EC 386 39.64 -11.85 -145.30
C ALA EC 386 39.72 -10.76 -144.23
N GLN EC 387 40.31 -9.61 -144.56
CA GLN EC 387 40.33 -8.49 -143.63
C GLN EC 387 38.97 -7.82 -143.52
N ALA EC 388 38.15 -7.91 -144.56
CA ALA EC 388 36.81 -7.31 -144.51
C ALA EC 388 35.86 -8.10 -143.64
N LEU EC 389 35.96 -9.43 -143.65
CA LEU EC 389 35.08 -10.26 -142.83
C LEU EC 389 35.33 -10.05 -141.35
N GLU EC 390 36.59 -9.77 -140.96
CA GLU EC 390 36.89 -9.48 -139.57
C GLU EC 390 36.22 -8.19 -139.11
N CYS EC 391 36.25 -7.16 -139.95
CA CYS EC 391 35.57 -5.91 -139.62
C CYS EC 391 34.05 -6.10 -139.62
N ILE EC 392 33.54 -6.98 -140.48
CA ILE EC 392 32.12 -7.31 -140.46
C ILE EC 392 31.72 -7.96 -139.13
N THR EC 393 32.55 -8.91 -138.66
CA THR EC 393 32.29 -9.54 -137.36
C THR EC 393 32.34 -8.53 -136.22
N LYS EC 394 33.33 -7.62 -136.26
CA LYS EC 394 33.45 -6.61 -135.22
C LYS EC 394 32.24 -5.67 -135.21
N ALA EC 395 31.79 -5.24 -136.39
CA ALA EC 395 30.66 -4.32 -136.45
C ALA EC 395 29.34 -4.99 -136.09
N VAL EC 396 29.19 -6.28 -136.43
CA VAL EC 396 27.99 -7.01 -136.05
C VAL EC 396 27.97 -7.26 -134.55
N SER EC 397 29.13 -7.61 -133.96
CA SER EC 397 29.18 -7.85 -132.52
C SER EC 397 29.00 -6.58 -131.71
N ILE EC 398 29.48 -5.44 -132.21
CA ILE EC 398 29.25 -4.17 -131.51
C ILE EC 398 27.79 -3.76 -131.60
N GLY EC 399 27.23 -3.78 -132.81
CA GLY EC 399 25.86 -3.37 -133.01
C GLY EC 399 25.70 -1.86 -133.06
N LYS EC 400 24.46 -1.43 -133.25
CA LYS EC 400 24.16 -0.01 -133.32
C LYS EC 400 24.14 0.61 -131.92
N GLY EC 401 24.37 1.92 -131.89
CA GLY EC 401 24.50 2.62 -130.62
C GLY EC 401 23.20 2.83 -129.87
N ASP EC 402 22.06 2.75 -130.56
CA ASP EC 402 20.76 2.90 -129.92
C ASP EC 402 20.16 1.58 -129.49
N GLY EC 403 20.90 0.47 -129.63
CA GLY EC 403 20.41 -0.84 -129.25
C GLY EC 403 19.97 -1.71 -130.41
N GLY EC 404 19.95 -1.18 -131.63
CA GLY EC 404 19.55 -1.96 -132.78
C GLY EC 404 20.64 -2.90 -133.25
N LYS EC 405 20.34 -3.61 -134.33
CA LYS EC 405 21.26 -4.57 -134.93
C LYS EC 405 21.91 -3.95 -136.15
N TRP EC 406 23.23 -4.10 -136.25
CA TRP EC 406 23.98 -3.59 -137.38
C TRP EC 406 24.05 -4.66 -138.48
N LEU EC 407 23.79 -4.23 -139.71
CA LEU EC 407 23.89 -5.10 -140.87
C LEU EC 407 24.62 -4.37 -141.99
N PRO EC 408 25.39 -5.10 -142.79
CA PRO EC 408 26.04 -4.46 -143.94
C PRO EC 408 25.04 -4.04 -145.00
N SER EC 409 25.44 -3.05 -145.80
CA SER EC 409 24.58 -2.56 -146.87
C SER EC 409 24.46 -3.60 -147.98
N GLU EC 410 23.38 -3.49 -148.76
CA GLU EC 410 23.08 -4.47 -149.80
C GLU EC 410 24.13 -4.44 -150.91
N ASP EC 411 24.55 -3.24 -151.31
CA ASP EC 411 25.56 -3.09 -152.35
C ASP EC 411 26.91 -3.66 -151.92
N THR EC 412 27.29 -3.47 -150.65
CA THR EC 412 28.57 -3.97 -150.19
C THR EC 412 28.59 -5.50 -150.13
N VAL EC 413 27.49 -6.11 -149.67
CA VAL EC 413 27.37 -7.57 -149.67
C VAL EC 413 27.37 -8.10 -151.10
N ARG EC 414 26.70 -7.39 -152.03
CA ARG EC 414 26.71 -7.80 -153.44
C ARG EC 414 28.12 -7.76 -154.03
N ALA EC 415 28.86 -6.68 -153.75
CA ALA EC 415 30.23 -6.57 -154.24
C ALA EC 415 31.14 -7.61 -153.60
N LEU EC 416 30.94 -7.90 -152.31
CA LEU EC 416 31.77 -8.89 -151.64
C LEU EC 416 31.50 -10.30 -152.16
N MET EC 417 30.24 -10.64 -152.44
CA MET EC 417 29.94 -11.94 -153.02
C MET EC 417 30.46 -12.03 -154.46
N SER EC 418 30.43 -10.91 -155.20
CA SER EC 418 31.06 -10.88 -156.52
C SER EC 418 32.56 -11.10 -156.42
N GLN EC 419 33.20 -10.57 -155.39
CA GLN EC 419 34.62 -10.85 -155.16
C GLN EC 419 34.87 -12.31 -154.79
N PHE EC 420 33.97 -12.91 -154.01
CA PHE EC 420 34.10 -14.33 -153.68
C PHE EC 420 33.91 -15.23 -154.91
N GLU EC 421 33.13 -14.77 -155.89
CA GLU EC 421 32.93 -15.56 -157.12
C GLU EC 421 34.24 -15.75 -157.88
N GLU EC 422 35.06 -14.69 -157.97
CA GLU EC 422 36.25 -14.76 -158.81
C GLU EC 422 37.32 -15.66 -158.19
N LYS EC 423 37.52 -15.60 -156.89
CA LYS EC 423 38.54 -16.40 -156.22
C LYS EC 423 38.03 -17.76 -155.78
N LYS EC 424 36.76 -18.07 -156.04
CA LYS EC 424 36.13 -19.37 -155.74
C LYS EC 424 36.25 -19.74 -154.26
N ASP EC 425 36.03 -18.75 -153.40
CA ASP EC 425 36.13 -18.94 -151.95
C ASP EC 425 34.77 -19.37 -151.43
N VAL EC 426 34.59 -20.68 -151.32
CA VAL EC 426 33.34 -21.23 -150.77
C VAL EC 426 33.27 -20.97 -149.27
N ASN EC 427 34.40 -21.10 -148.57
CA ASN EC 427 34.42 -20.92 -147.12
C ASN EC 427 34.10 -19.48 -146.72
N GLY EC 428 34.65 -18.51 -147.46
CA GLY EC 428 34.35 -17.11 -147.16
C GLY EC 428 32.90 -16.75 -147.45
N ALA EC 429 32.35 -17.30 -148.54
CA ALA EC 429 30.94 -17.08 -148.86
C ALA EC 429 30.04 -17.68 -147.79
N GLU EC 430 30.36 -18.88 -147.32
CA GLU EC 430 29.58 -19.49 -146.26
C GLU EC 430 29.72 -18.74 -144.95
N SER EC 431 30.91 -18.18 -144.67
CA SER EC 431 31.08 -17.36 -143.47
C SER EC 431 30.24 -16.09 -143.55
N LEU EC 432 30.20 -15.44 -144.72
CA LEU EC 432 29.36 -14.26 -144.89
C LEU EC 432 27.88 -14.62 -144.76
N LEU EC 433 27.46 -15.76 -145.29
CA LEU EC 433 26.08 -16.21 -145.09
C LEU EC 433 25.79 -16.51 -143.62
N GLU EC 434 26.77 -17.02 -142.88
CA GLU EC 434 26.60 -17.24 -141.44
C GLU EC 434 26.38 -15.93 -140.70
N ILE EC 435 27.17 -14.91 -141.05
CA ILE EC 435 26.99 -13.59 -140.43
C ILE EC 435 25.64 -13.00 -140.81
N LEU EC 436 25.19 -13.23 -142.04
CA LEU EC 436 23.87 -12.73 -142.44
C LEU EC 436 22.73 -13.49 -141.76
N LYS EC 437 22.93 -14.77 -141.43
CA LYS EC 437 21.99 -15.47 -140.55
C LYS EC 437 21.98 -14.85 -139.16
N LYS EC 438 23.16 -14.54 -138.63
CA LYS EC 438 23.26 -13.95 -137.30
C LYS EC 438 22.67 -12.54 -137.24
N GLY EC 439 22.67 -11.81 -138.35
CA GLY EC 439 22.14 -10.46 -138.38
C GLY EC 439 20.65 -10.38 -138.66
N THR EC 440 20.21 -10.95 -139.78
CA THR EC 440 18.81 -10.86 -140.18
C THR EC 440 18.24 -12.23 -140.48
N ASP EC 441 17.01 -12.28 -140.98
CA ASP EC 441 16.32 -13.54 -141.23
C ASP EC 441 15.79 -13.70 -142.64
N ASP EC 442 15.36 -12.62 -143.30
CA ASP EC 442 14.84 -12.73 -144.66
C ASP EC 442 15.95 -13.13 -145.64
N VAL EC 443 16.92 -12.23 -145.84
CA VAL EC 443 18.14 -12.33 -146.67
C VAL EC 443 17.90 -13.11 -147.98
N GLY EC 444 16.98 -12.61 -148.79
CA GLY EC 444 16.73 -13.26 -150.06
C GLY EC 444 16.27 -12.31 -151.15
N ALA EC 445 17.02 -12.28 -152.25
CA ALA EC 445 16.81 -11.44 -153.43
C ALA EC 445 17.88 -11.76 -154.45
N GLU EC 446 19.09 -11.25 -154.21
CA GLU EC 446 20.26 -11.50 -155.03
C GLU EC 446 21.43 -12.00 -154.20
N THR EC 447 21.23 -12.18 -152.88
CA THR EC 447 22.33 -12.52 -151.97
C THR EC 447 22.90 -13.90 -152.27
N PHE EC 448 22.05 -14.91 -152.42
CA PHE EC 448 22.53 -16.22 -152.83
C PHE EC 448 21.65 -16.90 -153.86
N GLU EC 449 20.67 -16.19 -154.44
CA GLU EC 449 19.91 -16.75 -155.55
C GLU EC 449 20.74 -16.96 -156.81
N SER EC 450 21.57 -16.01 -157.29
CA SER EC 450 22.50 -16.35 -158.37
C SER EC 450 23.89 -16.73 -157.91
N LEU EC 451 24.13 -16.83 -156.59
CA LEU EC 451 25.45 -17.08 -156.04
C LEU EC 451 25.71 -18.57 -155.82
N ILE EC 452 25.03 -19.44 -156.58
CA ILE EC 452 25.34 -20.86 -156.54
C ILE EC 452 26.59 -21.15 -157.37
N ARG EC 453 27.01 -20.19 -158.20
CA ARG EC 453 28.20 -20.31 -159.02
C ARG EC 453 29.49 -20.37 -158.21
N THR EC 454 29.47 -19.96 -156.94
CA THR EC 454 30.64 -20.11 -156.09
C THR EC 454 30.91 -21.56 -155.76
N TYR EC 455 29.88 -22.40 -155.80
CA TYR EC 455 30.03 -23.84 -155.56
C TYR EC 455 30.69 -24.57 -156.71
N ALA EC 456 30.90 -23.92 -157.87
CA ALA EC 456 31.47 -24.60 -159.01
C ALA EC 456 33.00 -24.64 -158.95
N ALA EC 457 33.54 -25.10 -157.82
CA ALA EC 457 34.96 -25.34 -157.67
C ALA EC 457 35.28 -26.79 -157.37
N ALA EC 458 34.65 -27.37 -156.35
CA ALA EC 458 34.86 -28.78 -156.01
C ALA EC 458 33.60 -29.27 -155.27
N GLY EC 459 32.73 -29.96 -155.99
CA GLY EC 459 31.55 -30.55 -155.39
C GLY EC 459 30.48 -29.51 -155.01
N LYS EC 460 29.52 -29.99 -154.22
CA LYS EC 460 28.41 -29.16 -153.77
C LYS EC 460 27.85 -29.81 -152.50
N SER EC 461 27.09 -29.02 -151.74
CA SER EC 461 26.53 -29.49 -150.49
C SER EC 461 25.42 -30.52 -150.72
N HIS EC 462 25.03 -31.19 -149.63
CA HIS EC 462 24.06 -32.28 -149.71
C HIS EC 462 22.65 -31.91 -150.16
N PRO EC 463 21.97 -30.88 -149.62
CA PRO EC 463 20.49 -30.94 -149.55
C PRO EC 463 19.75 -30.92 -150.88
N ALA EC 464 20.35 -30.37 -151.94
CA ALA EC 464 19.85 -30.45 -153.32
C ALA EC 464 18.44 -29.86 -153.45
N MET EC 465 18.40 -28.53 -153.29
CA MET EC 465 17.22 -27.62 -153.35
C MET EC 465 16.39 -27.65 -152.08
N ARG EC 466 16.76 -28.45 -151.08
CA ARG EC 466 16.08 -28.42 -149.80
C ARG EC 466 16.67 -27.39 -148.84
N GLN EC 467 17.82 -26.81 -149.18
CA GLN EC 467 18.41 -25.77 -148.34
C GLN EC 467 17.67 -24.45 -148.50
N ARG EC 468 17.21 -24.16 -149.72
CA ARG EC 468 16.54 -22.91 -150.09
C ARG EC 468 15.08 -22.86 -149.70
N LEU EC 469 14.55 -23.93 -149.11
CA LEU EC 469 13.20 -23.93 -148.56
C LEU EC 469 13.17 -23.48 -147.11
N LYS EC 470 14.33 -23.44 -146.44
CA LYS EC 470 14.37 -23.23 -145.00
C LYS EC 470 14.24 -21.75 -144.62
N MET EC 471 14.84 -20.85 -145.39
CA MET EC 471 14.82 -19.43 -145.05
C MET EC 471 13.61 -18.73 -145.67
N GLU EC 472 12.43 -19.26 -145.32
CA GLU EC 472 11.12 -18.75 -145.68
C GLU EC 472 10.90 -18.67 -147.19
N LYS EC 473 11.51 -19.62 -147.92
CA LYS EC 473 11.39 -19.83 -149.37
C LYS EC 473 11.98 -18.70 -150.20
N VAL EC 474 12.98 -19.02 -151.02
CA VAL EC 474 13.58 -18.07 -151.94
C VAL EC 474 13.47 -18.64 -153.35
N LYS EC 475 13.12 -17.76 -154.30
CA LYS EC 475 12.95 -18.15 -155.70
C LYS EC 475 14.17 -17.68 -156.48
N VAL EC 476 14.83 -18.62 -157.15
CA VAL EC 476 16.03 -18.29 -157.91
C VAL EC 476 15.64 -17.93 -159.35
N ASP EC 477 16.58 -17.28 -160.03
CA ASP EC 477 16.37 -16.88 -161.42
C ASP EC 477 16.36 -18.09 -162.35
N LYS EC 478 15.80 -17.90 -163.53
CA LYS EC 478 15.63 -18.99 -164.50
C LYS EC 478 16.94 -19.47 -165.10
N ALA EC 479 18.01 -18.67 -165.04
CA ALA EC 479 19.30 -19.06 -165.59
C ALA EC 479 20.22 -19.71 -164.55
N THR EC 480 19.75 -19.89 -163.32
CA THR EC 480 20.59 -20.37 -162.24
C THR EC 480 20.36 -21.84 -161.88
N GLU EC 481 19.22 -22.41 -162.25
CA GLU EC 481 18.95 -23.80 -161.91
C GLU EC 481 19.55 -24.79 -162.89
N LYS EC 482 20.17 -24.32 -163.98
CA LYS EC 482 20.77 -25.23 -164.96
C LYS EC 482 22.00 -25.91 -164.38
N LEU EC 483 23.01 -25.13 -163.99
CA LEU EC 483 24.18 -25.68 -163.31
C LEU EC 483 23.85 -26.20 -161.91
N LEU EC 484 22.74 -25.76 -161.32
CA LEU EC 484 22.31 -26.32 -160.04
C LEU EC 484 21.81 -27.74 -160.21
N ASP EC 485 20.98 -28.00 -161.23
CA ASP EC 485 20.51 -29.35 -161.50
C ASP EC 485 21.57 -30.20 -162.19
N GLU EC 486 22.61 -29.58 -162.77
CA GLU EC 486 23.70 -30.35 -163.35
C GLU EC 486 24.48 -31.11 -162.29
N LEU EC 487 24.74 -30.47 -161.15
CA LEU EC 487 25.42 -31.11 -160.04
C LEU EC 487 24.47 -31.73 -159.03
N CYS EC 488 23.16 -31.63 -159.28
CA CYS EC 488 22.10 -32.21 -158.43
C CYS EC 488 22.16 -31.76 -156.98
N HIS FC 76 -8.77 -119.40 -50.73
CA HIS FC 76 -8.94 -117.96 -50.95
C HIS FC 76 -9.78 -117.64 -52.20
N GLU FC 77 -9.76 -116.38 -52.61
CA GLU FC 77 -10.56 -115.92 -53.73
C GLU FC 77 -9.65 -115.44 -54.86
N LYS FC 78 -10.13 -115.56 -56.09
CA LYS FC 78 -9.50 -114.90 -57.22
C LYS FC 78 -10.00 -113.45 -57.32
N LEU FC 79 -9.52 -112.75 -58.35
CA LEU FC 79 -9.77 -111.33 -58.48
C LEU FC 79 -10.93 -111.02 -59.42
N GLU FC 80 -11.20 -111.88 -60.39
CA GLU FC 80 -12.19 -111.57 -61.40
C GLU FC 80 -13.61 -111.71 -60.85
N ASP FC 81 -13.83 -112.70 -60.00
CA ASP FC 81 -15.17 -112.87 -59.42
C ASP FC 81 -15.50 -111.77 -58.43
N THR FC 82 -14.52 -111.28 -57.67
CA THR FC 82 -14.82 -110.13 -56.82
C THR FC 82 -14.95 -108.84 -57.62
N ILE FC 83 -14.25 -108.72 -58.77
CA ILE FC 83 -14.50 -107.58 -59.66
C ILE FC 83 -15.93 -107.61 -60.19
N CYS FC 84 -16.40 -108.79 -60.59
CA CYS FC 84 -17.76 -108.90 -61.11
C CYS FC 84 -18.81 -108.72 -60.00
N ARG FC 85 -18.51 -109.15 -58.78
CA ARG FC 85 -19.39 -108.85 -57.65
C ARG FC 85 -19.44 -107.35 -57.38
N MET FC 86 -18.30 -106.66 -57.50
CA MET FC 86 -18.26 -105.21 -57.35
C MET FC 86 -19.13 -104.52 -58.40
N MET FC 87 -19.05 -104.97 -59.64
CA MET FC 87 -19.83 -104.34 -60.70
C MET FC 87 -21.31 -104.72 -60.58
N ASP FC 88 -21.61 -105.87 -59.98
CA ASP FC 88 -22.98 -106.29 -59.81
C ASP FC 88 -23.69 -105.56 -58.67
N ASN FC 89 -22.98 -105.27 -57.58
CA ASN FC 89 -23.64 -104.73 -56.40
C ASN FC 89 -23.60 -103.22 -56.30
N ARG FC 90 -22.74 -102.54 -57.06
CA ARG FC 90 -22.55 -101.11 -56.95
C ARG FC 90 -22.76 -100.44 -58.30
N GLU FC 91 -23.20 -99.18 -58.26
CA GLU FC 91 -23.36 -98.41 -59.47
C GLU FC 91 -22.00 -98.00 -60.04
N TRP FC 92 -21.93 -97.93 -61.36
CA TRP FC 92 -20.68 -97.68 -62.08
C TRP FC 92 -20.31 -96.20 -61.96
N THR FC 93 -19.80 -95.84 -60.78
CA THR FC 93 -19.38 -94.49 -60.49
C THR FC 93 -17.85 -94.41 -60.60
N THR FC 94 -17.31 -93.22 -60.32
CA THR FC 94 -15.86 -93.06 -60.39
C THR FC 94 -15.15 -93.68 -59.19
N ARG FC 95 -15.80 -93.71 -58.02
CA ARG FC 95 -15.15 -94.28 -56.84
C ARG FC 95 -15.11 -95.79 -56.91
N LEU FC 96 -16.08 -96.43 -57.57
CA LEU FC 96 -16.01 -97.86 -57.81
C LEU FC 96 -14.86 -98.20 -58.75
N GLN FC 97 -14.67 -97.37 -59.78
CA GLN FC 97 -13.53 -97.56 -60.69
C GLN FC 97 -12.21 -97.37 -59.96
N ASN FC 98 -12.14 -96.39 -59.06
CA ASN FC 98 -10.93 -96.20 -58.27
C ASN FC 98 -10.67 -97.38 -57.33
N SER FC 99 -11.73 -97.93 -56.75
CA SER FC 99 -11.60 -99.12 -55.90
C SER FC 99 -11.12 -100.32 -56.70
N ILE FC 100 -11.65 -100.52 -57.90
CA ILE FC 100 -11.22 -101.63 -58.74
C ILE FC 100 -9.76 -101.45 -59.17
N ARG FC 101 -9.39 -100.22 -59.54
CA ARG FC 101 -8.01 -99.95 -59.96
C ARG FC 101 -7.02 -100.15 -58.82
N ASP FC 102 -7.38 -99.74 -57.60
CA ASP FC 102 -6.53 -100.01 -56.45
C ASP FC 102 -6.55 -101.49 -56.05
N LEU FC 103 -7.60 -102.21 -56.42
CA LEU FC 103 -7.68 -103.63 -56.08
C LEU FC 103 -6.71 -104.46 -56.92
N ILE FC 104 -6.58 -104.12 -58.20
CA ILE FC 104 -5.77 -104.91 -59.15
C ILE FC 104 -4.30 -104.57 -59.00
N PRO FC 105 -3.45 -105.53 -58.64
CA PRO FC 105 -2.01 -105.23 -58.51
C PRO FC 105 -1.27 -105.23 -59.85
N GLU FC 106 -1.75 -105.99 -60.83
CA GLU FC 106 -1.06 -106.11 -62.11
C GLU FC 106 -2.08 -106.39 -63.21
N TRP FC 107 -1.94 -105.69 -64.32
CA TRP FC 107 -2.87 -105.79 -65.45
C TRP FC 107 -2.32 -106.69 -66.53
N ASP FC 108 -3.13 -107.64 -66.99
CA ASP FC 108 -2.77 -108.45 -68.14
C ASP FC 108 -4.04 -108.84 -68.90
N HIS FC 109 -3.85 -109.56 -70.00
CA HIS FC 109 -4.97 -109.90 -70.87
C HIS FC 109 -5.84 -111.01 -70.28
N SER FC 110 -5.24 -111.93 -69.52
CA SER FC 110 -6.01 -113.03 -68.95
C SER FC 110 -6.96 -112.55 -67.86
N LEU FC 111 -6.55 -111.53 -67.10
CA LEU FC 111 -7.45 -110.94 -66.10
C LEU FC 111 -8.67 -110.33 -66.74
N VAL FC 112 -8.48 -109.57 -67.83
CA VAL FC 112 -9.59 -108.97 -68.55
C VAL FC 112 -10.47 -110.05 -69.18
N TYR FC 113 -9.85 -111.10 -69.71
CA TYR FC 113 -10.61 -112.19 -70.31
C TYR FC 113 -11.49 -112.90 -69.28
N ASN FC 114 -10.96 -113.17 -68.10
CA ASN FC 114 -11.76 -113.83 -67.07
C ASN FC 114 -12.77 -112.90 -66.41
N VAL FC 115 -12.52 -111.60 -66.42
CA VAL FC 115 -13.54 -110.65 -65.95
C VAL FC 115 -14.70 -110.60 -66.93
N LEU FC 116 -14.39 -110.51 -68.23
CA LEU FC 116 -15.43 -110.46 -69.26
C LEU FC 116 -16.22 -111.76 -69.31
N HIS FC 117 -15.55 -112.90 -69.12
CA HIS FC 117 -16.25 -114.18 -69.10
C HIS FC 117 -17.16 -114.29 -67.88
N GLY FC 118 -16.71 -113.81 -66.73
CA GLY FC 118 -17.46 -113.95 -65.50
C GLY FC 118 -18.44 -112.84 -65.18
N ALA FC 119 -18.68 -111.91 -66.10
CA ALA FC 119 -19.57 -110.79 -65.82
C ALA FC 119 -21.02 -111.25 -65.75
N LYS FC 120 -21.72 -110.84 -64.70
CA LYS FC 120 -23.10 -111.28 -64.49
C LYS FC 120 -24.06 -110.59 -65.45
N LYS FC 121 -23.68 -109.46 -66.02
CA LYS FC 121 -24.49 -108.78 -67.03
C LYS FC 121 -23.58 -108.40 -68.19
N LEU FC 122 -24.20 -108.12 -69.34
CA LEU FC 122 -23.44 -107.67 -70.49
C LEU FC 122 -23.01 -106.22 -70.34
N ASP FC 123 -23.83 -105.40 -69.69
CA ASP FC 123 -23.50 -103.99 -69.51
C ASP FC 123 -22.31 -103.81 -68.60
N HIS FC 124 -22.14 -104.68 -67.61
CA HIS FC 124 -20.95 -104.65 -66.76
C HIS FC 124 -19.70 -104.93 -67.59
N ALA FC 125 -19.77 -105.94 -68.46
CA ALA FC 125 -18.63 -106.29 -69.31
C ALA FC 125 -18.28 -105.18 -70.27
N LEU FC 126 -19.30 -104.53 -70.86
CA LEU FC 126 -19.03 -103.41 -71.77
C LEU FC 126 -18.43 -102.22 -71.03
N GLN FC 127 -18.95 -101.91 -69.84
CA GLN FC 127 -18.40 -100.82 -69.03
C GLN FC 127 -16.95 -101.09 -68.67
N PHE FC 128 -16.64 -102.31 -68.24
CA PHE FC 128 -15.26 -102.66 -67.89
C PHE FC 128 -14.35 -102.60 -69.10
N PHE FC 129 -14.84 -103.10 -70.25
CA PHE FC 129 -14.02 -103.14 -71.46
C PHE FC 129 -13.69 -101.73 -71.95
N ARG FC 130 -14.65 -100.82 -71.86
CA ARG FC 130 -14.37 -99.45 -72.28
C ARG FC 130 -13.52 -98.71 -71.27
N TRP FC 131 -13.75 -98.94 -69.98
CA TRP FC 131 -13.01 -98.22 -68.94
C TRP FC 131 -11.55 -98.66 -68.91
N SER FC 132 -11.27 -99.93 -69.16
CA SER FC 132 -9.89 -100.40 -69.12
C SER FC 132 -9.09 -99.98 -70.33
N GLU FC 133 -9.73 -99.66 -71.45
CA GLU FC 133 -9.01 -99.15 -72.61
C GLU FC 133 -8.98 -97.63 -72.67
N ARG FC 134 -9.88 -96.95 -71.96
CA ARG FC 134 -9.87 -95.49 -71.92
C ARG FC 134 -9.09 -94.93 -70.75
N SER FC 135 -8.85 -95.73 -69.70
CA SER FC 135 -8.02 -95.28 -68.59
C SER FC 135 -6.54 -95.42 -68.87
N GLY FC 136 -6.16 -96.04 -69.97
CA GLY FC 136 -4.76 -96.28 -70.24
C GLY FC 136 -4.14 -97.39 -69.42
N LEU FC 137 -4.95 -98.17 -68.71
CA LEU FC 137 -4.41 -99.21 -67.84
C LEU FC 137 -3.92 -100.41 -68.64
N ILE FC 138 -4.46 -100.62 -69.84
CA ILE FC 138 -4.05 -101.74 -70.69
C ILE FC 138 -4.42 -101.41 -72.12
N ARG FC 139 -3.75 -102.06 -73.07
CA ARG FC 139 -4.16 -102.07 -74.47
C ARG FC 139 -4.64 -103.47 -74.81
N HIS FC 140 -5.88 -103.58 -75.27
CA HIS FC 140 -6.50 -104.87 -75.48
C HIS FC 140 -5.95 -105.54 -76.73
N ASP FC 141 -6.00 -106.87 -76.73
CA ASP FC 141 -5.49 -107.71 -77.81
C ASP FC 141 -6.66 -108.35 -78.56
N ARG FC 142 -6.32 -109.29 -79.45
CA ARG FC 142 -7.30 -109.84 -80.39
C ARG FC 142 -8.39 -110.63 -79.70
N ASP FC 143 -8.03 -111.47 -78.72
CA ASP FC 143 -9.03 -112.36 -78.12
C ASP FC 143 -9.98 -111.58 -77.20
N THR FC 144 -9.51 -110.49 -76.61
CA THR FC 144 -10.39 -109.65 -75.80
C THR FC 144 -11.46 -108.98 -76.64
N HIS FC 145 -11.04 -108.38 -77.77
CA HIS FC 145 -11.99 -107.82 -78.74
C HIS FC 145 -12.92 -108.90 -79.27
N MET FC 146 -12.39 -110.10 -79.51
CA MET FC 146 -13.19 -111.22 -79.97
C MET FC 146 -14.28 -111.58 -78.96
N LYS FC 147 -13.91 -111.70 -77.68
CA LYS FC 147 -14.89 -112.02 -76.64
C LYS FC 147 -15.95 -110.95 -76.53
N MET FC 148 -15.53 -109.68 -76.60
CA MET FC 148 -16.49 -108.57 -76.51
C MET FC 148 -17.47 -108.60 -77.67
N ILE FC 149 -16.98 -108.83 -78.89
CA ILE FC 149 -17.85 -108.86 -80.06
C ILE FC 149 -18.78 -110.06 -80.01
N GLU FC 150 -18.28 -111.22 -79.56
CA GLU FC 150 -19.10 -112.42 -79.44
C GLU FC 150 -20.27 -112.22 -78.50
N MET FC 151 -20.00 -111.76 -77.28
CA MET FC 151 -21.12 -111.64 -76.35
C MET FC 151 -21.95 -110.37 -76.57
N LEU FC 152 -21.44 -109.38 -77.30
CA LEU FC 152 -22.29 -108.25 -77.66
C LEU FC 152 -23.26 -108.62 -78.77
N GLY FC 153 -22.82 -109.44 -79.72
CA GLY FC 153 -23.72 -109.91 -80.74
C GLY FC 153 -24.65 -111.03 -80.30
N GLN FC 154 -24.27 -111.77 -79.26
CA GLN FC 154 -25.17 -112.81 -78.74
C GLN FC 154 -26.37 -112.22 -78.01
N GLY FC 155 -26.29 -110.98 -77.55
CA GLY FC 155 -27.39 -110.32 -76.86
C GLY FC 155 -27.96 -109.19 -77.75
N GLN FC 156 -27.62 -109.25 -79.05
CA GLN FC 156 -28.18 -108.38 -80.10
C GLN FC 156 -27.88 -106.90 -79.84
N LYS FC 157 -26.67 -106.61 -79.37
CA LYS FC 157 -26.15 -105.24 -79.36
C LYS FC 157 -25.23 -105.11 -80.57
N LEU FC 158 -25.86 -104.98 -81.74
CA LEU FC 158 -25.15 -105.15 -83.01
C LEU FC 158 -24.29 -103.93 -83.35
N ASN FC 159 -24.80 -102.73 -83.09
CA ASN FC 159 -24.02 -101.52 -83.36
C ASN FC 159 -22.81 -101.44 -82.44
N HIS FC 160 -22.92 -101.98 -81.23
CA HIS FC 160 -21.80 -102.02 -80.29
C HIS FC 160 -20.66 -102.85 -80.86
N ALA FC 161 -20.97 -104.06 -81.34
CA ALA FC 161 -19.94 -104.94 -81.88
C ALA FC 161 -19.44 -104.47 -83.23
N ARG FC 162 -20.28 -103.77 -84.00
CA ARG FC 162 -19.81 -103.17 -85.24
C ARG FC 162 -18.82 -102.05 -84.97
N CYS FC 163 -19.14 -101.16 -84.03
CA CYS FC 163 -18.29 -100.00 -83.76
C CYS FC 163 -17.01 -100.41 -83.04
N ILE FC 164 -17.05 -101.46 -82.22
CA ILE FC 164 -15.82 -101.92 -81.58
C ILE FC 164 -14.88 -102.54 -82.62
N LEU FC 165 -15.43 -103.30 -83.57
CA LEU FC 165 -14.60 -103.90 -84.62
C LEU FC 165 -14.04 -102.84 -85.57
N LEU FC 166 -14.76 -101.74 -85.77
CA LEU FC 166 -14.32 -100.71 -86.71
C LEU FC 166 -13.28 -99.77 -86.11
N ASP FC 167 -12.88 -99.96 -84.85
CA ASP FC 167 -11.82 -99.18 -84.24
C ASP FC 167 -10.54 -99.98 -84.03
N MET FC 168 -10.48 -101.21 -84.51
CA MET FC 168 -9.33 -102.09 -84.32
C MET FC 168 -8.14 -101.81 -85.25
N PRO FC 169 -8.32 -101.43 -86.53
CA PRO FC 169 -7.14 -100.95 -87.28
C PRO FC 169 -6.47 -99.74 -86.68
N GLU FC 170 -7.23 -98.84 -86.07
CA GLU FC 170 -6.65 -97.66 -85.45
C GLU FC 170 -5.92 -97.96 -84.15
N LYS FC 171 -6.22 -99.10 -83.52
CA LYS FC 171 -5.56 -99.52 -82.29
C LYS FC 171 -4.31 -100.35 -82.53
N GLY FC 172 -3.98 -100.66 -83.78
CA GLY FC 172 -2.87 -101.53 -84.06
C GLY FC 172 -3.13 -103.01 -83.84
N VAL FC 173 -4.39 -103.41 -83.75
CA VAL FC 173 -4.76 -104.81 -83.55
C VAL FC 173 -5.35 -105.32 -84.87
N PRO FC 174 -4.73 -106.29 -85.53
CA PRO FC 174 -5.18 -106.66 -86.88
C PRO FC 174 -6.48 -107.43 -86.88
N TRP FC 175 -7.27 -107.20 -87.93
CA TRP FC 175 -8.52 -107.91 -88.13
C TRP FC 175 -8.28 -109.37 -88.46
N ASP FC 176 -9.15 -110.23 -87.92
CA ASP FC 176 -9.19 -111.63 -88.30
C ASP FC 176 -10.58 -111.96 -88.82
N GLU FC 177 -10.65 -113.07 -89.56
CA GLU FC 177 -11.89 -113.44 -90.25
C GLU FC 177 -12.96 -113.88 -89.26
N ASP FC 178 -12.55 -114.59 -88.20
CA ASP FC 178 -13.50 -115.16 -87.25
C ASP FC 178 -14.32 -114.11 -86.51
N MET FC 179 -13.76 -112.92 -86.29
CA MET FC 179 -14.55 -111.83 -85.73
C MET FC 179 -15.67 -111.41 -86.67
N PHE FC 180 -15.37 -111.31 -87.97
CA PHE FC 180 -16.37 -110.98 -88.96
C PHE FC 180 -17.44 -112.06 -89.08
N LYS FC 181 -17.07 -113.34 -88.97
CA LYS FC 181 -18.08 -114.36 -89.17
C LYS FC 181 -18.98 -114.46 -87.93
N ILE FC 182 -18.43 -114.17 -86.74
CA ILE FC 182 -19.27 -114.03 -85.55
C ILE FC 182 -20.24 -112.86 -85.69
N LEU FC 183 -19.76 -111.74 -86.23
CA LEU FC 183 -20.65 -110.58 -86.40
C LEU FC 183 -21.72 -110.87 -87.45
N ILE FC 184 -21.39 -111.67 -88.47
CA ILE FC 184 -22.37 -112.08 -89.47
C ILE FC 184 -23.45 -112.95 -88.83
N GLU FC 185 -23.04 -113.91 -87.99
CA GLU FC 185 -24.01 -114.71 -87.25
C GLU FC 185 -24.87 -113.86 -86.32
N SER FC 186 -24.27 -112.82 -85.74
CA SER FC 186 -24.98 -111.91 -84.85
C SER FC 186 -26.06 -111.13 -85.59
N TYR FC 187 -25.74 -110.65 -86.79
CA TYR FC 187 -26.75 -109.97 -87.59
C TYR FC 187 -27.76 -110.96 -88.17
N GLY FC 188 -27.38 -112.23 -88.31
CA GLY FC 188 -28.30 -113.21 -88.84
C GLY FC 188 -29.32 -113.69 -87.80
N LYS FC 189 -28.93 -113.69 -86.53
CA LYS FC 189 -29.87 -114.10 -85.48
C LYS FC 189 -30.99 -113.08 -85.31
N ALA FC 190 -30.72 -111.81 -85.63
CA ALA FC 190 -31.75 -110.79 -85.57
C ALA FC 190 -32.62 -110.74 -86.82
N GLY FC 191 -32.36 -111.61 -87.81
CA GLY FC 191 -33.11 -111.58 -89.05
C GLY FC 191 -32.85 -110.35 -89.89
N ILE FC 192 -31.63 -109.84 -89.86
CA ILE FC 192 -31.26 -108.59 -90.52
C ILE FC 192 -30.23 -109.02 -91.57
N VAL FC 193 -30.49 -110.16 -92.21
CA VAL FC 193 -29.61 -110.89 -93.13
C VAL FC 193 -29.05 -110.03 -94.26
N GLN FC 194 -29.69 -108.88 -94.54
CA GLN FC 194 -29.17 -107.94 -95.53
C GLN FC 194 -27.78 -107.44 -95.13
N GLU FC 195 -27.57 -107.16 -93.86
CA GLU FC 195 -26.26 -106.70 -93.41
C GLU FC 195 -25.23 -107.83 -93.41
N SER FC 196 -25.65 -109.07 -93.17
CA SER FC 196 -24.74 -110.19 -93.32
C SER FC 196 -24.28 -110.33 -94.77
N VAL FC 197 -25.21 -110.14 -95.72
CA VAL FC 197 -24.86 -110.12 -97.14
C VAL FC 197 -23.90 -108.97 -97.43
N LYS FC 198 -24.18 -107.79 -96.88
CA LYS FC 198 -23.36 -106.60 -97.15
C LYS FC 198 -21.94 -106.74 -96.62
N ILE FC 199 -21.80 -107.24 -95.39
CA ILE FC 199 -20.47 -107.37 -94.78
C ILE FC 199 -19.74 -108.58 -95.37
N PHE FC 200 -20.49 -109.56 -95.90
CA PHE FC 200 -19.83 -110.60 -96.68
C PHE FC 200 -19.23 -110.03 -97.97
N GLN FC 201 -19.93 -109.11 -98.62
CA GLN FC 201 -19.39 -108.42 -99.79
C GLN FC 201 -18.19 -107.55 -99.45
N LYS FC 202 -18.20 -106.88 -98.30
CA LYS FC 202 -17.22 -105.87 -97.97
C LYS FC 202 -16.05 -106.41 -97.15
N MET FC 203 -15.92 -107.73 -97.05
CA MET FC 203 -14.70 -108.29 -96.46
C MET FC 203 -13.48 -107.97 -97.32
N LYS FC 204 -13.49 -108.38 -98.58
CA LYS FC 204 -12.34 -108.15 -99.45
C LYS FC 204 -12.20 -106.70 -99.88
N GLU FC 205 -13.27 -105.90 -99.77
CA GLU FC 205 -13.13 -104.45 -99.91
C GLU FC 205 -12.25 -103.89 -98.80
N LEU FC 206 -12.43 -104.37 -97.57
CA LEU FC 206 -11.53 -104.04 -96.48
C LEU FC 206 -10.22 -104.79 -96.54
N GLY FC 207 -10.12 -105.83 -97.37
CA GLY FC 207 -8.86 -106.52 -97.58
C GLY FC 207 -8.57 -107.63 -96.58
N VAL FC 208 -9.50 -108.57 -96.43
CA VAL FC 208 -9.35 -109.67 -95.48
C VAL FC 208 -9.75 -110.96 -96.19
N GLU FC 209 -9.18 -112.07 -95.71
CA GLU FC 209 -9.43 -113.37 -96.32
C GLU FC 209 -10.87 -113.82 -96.12
N ARG FC 210 -11.45 -114.36 -97.19
CA ARG FC 210 -12.81 -114.91 -97.19
C ARG FC 210 -12.73 -116.31 -97.80
N THR FC 211 -12.36 -117.30 -97.00
CA THR FC 211 -12.11 -118.61 -97.59
C THR FC 211 -13.25 -119.60 -97.46
N VAL FC 212 -13.54 -120.07 -96.25
CA VAL FC 212 -14.40 -121.24 -96.11
C VAL FC 212 -15.54 -121.04 -95.12
N LYS FC 213 -15.23 -120.59 -93.89
CA LYS FC 213 -16.24 -120.55 -92.85
C LYS FC 213 -17.24 -119.42 -93.08
N SER FC 214 -16.77 -118.34 -93.71
CA SER FC 214 -17.64 -117.21 -94.01
C SER FC 214 -18.75 -117.60 -94.98
N TYR FC 215 -18.42 -118.43 -95.98
CA TYR FC 215 -19.43 -118.92 -96.92
C TYR FC 215 -20.47 -119.77 -96.21
N ASP FC 216 -20.02 -120.70 -95.37
CA ASP FC 216 -20.94 -121.61 -94.68
C ASP FC 216 -21.87 -120.86 -93.74
N THR FC 217 -21.32 -119.90 -92.98
CA THR FC 217 -22.17 -119.13 -92.08
C THR FC 217 -23.07 -118.15 -92.82
N LEU FC 218 -22.61 -117.60 -93.93
CA LEU FC 218 -23.48 -116.76 -94.75
C LEU FC 218 -24.66 -117.55 -95.26
N PHE FC 219 -24.42 -118.80 -95.69
CA PHE FC 219 -25.53 -119.66 -96.09
C PHE FC 219 -26.44 -119.99 -94.90
N LYS FC 220 -25.84 -120.27 -93.73
CA LYS FC 220 -26.63 -120.53 -92.53
C LYS FC 220 -27.50 -119.34 -92.15
N VAL FC 221 -27.05 -118.13 -92.48
CA VAL FC 221 -27.82 -116.93 -92.18
C VAL FC 221 -28.92 -116.71 -93.22
N ILE FC 222 -28.59 -116.81 -94.51
CA ILE FC 222 -29.53 -116.36 -95.52
C ILE FC 222 -30.54 -117.43 -95.93
N LEU FC 223 -30.19 -118.73 -95.87
CA LEU FC 223 -31.17 -119.75 -96.21
C LEU FC 223 -32.12 -120.02 -95.07
N ARG FC 224 -31.72 -119.68 -93.83
CA ARG FC 224 -32.67 -119.66 -92.74
C ARG FC 224 -33.75 -118.63 -92.99
N ARG FC 225 -33.37 -117.49 -93.57
CA ARG FC 225 -34.35 -116.54 -94.08
C ARG FC 225 -35.07 -117.08 -95.31
N GLY FC 226 -34.40 -117.90 -96.12
CA GLY FC 226 -35.02 -118.48 -97.29
C GLY FC 226 -34.60 -117.85 -98.60
N ARG FC 227 -33.30 -117.58 -98.74
CA ARG FC 227 -32.73 -117.06 -99.98
C ARG FC 227 -32.05 -118.24 -100.67
N TYR FC 228 -32.62 -118.69 -101.80
CA TYR FC 228 -32.19 -119.92 -102.44
C TYR FC 228 -31.47 -119.69 -103.77
N MET FC 229 -31.96 -118.80 -104.62
CA MET FC 229 -31.21 -118.51 -105.84
C MET FC 229 -29.98 -117.65 -105.56
N MET FC 230 -30.06 -116.79 -104.53
CA MET FC 230 -28.86 -116.13 -104.04
C MET FC 230 -27.89 -117.12 -103.44
N ALA FC 231 -28.40 -118.18 -102.81
CA ALA FC 231 -27.54 -119.28 -102.38
C ALA FC 231 -26.87 -119.97 -103.56
N LYS FC 232 -27.61 -120.16 -104.65
CA LYS FC 232 -27.05 -120.76 -105.86
C LYS FC 232 -25.92 -119.91 -106.41
N ARG FC 233 -26.16 -118.60 -106.52
CA ARG FC 233 -25.13 -117.70 -107.03
C ARG FC 233 -23.92 -117.62 -106.11
N TYR FC 234 -24.16 -117.60 -104.80
CA TYR FC 234 -23.05 -117.49 -103.86
C TYR FC 234 -22.26 -118.79 -103.77
N PHE FC 235 -22.90 -119.93 -104.00
CA PHE FC 235 -22.15 -121.17 -104.12
C PHE FC 235 -21.40 -121.23 -105.44
N ASN FC 236 -21.94 -120.62 -106.50
CA ASN FC 236 -21.19 -120.50 -107.75
C ASN FC 236 -19.94 -119.67 -107.56
N LYS FC 237 -20.03 -118.57 -106.81
CA LYS FC 237 -18.84 -117.81 -106.46
C LYS FC 237 -17.94 -118.58 -105.50
N MET FC 238 -18.53 -119.41 -104.63
CA MET FC 238 -17.76 -120.21 -103.69
C MET FC 238 -16.88 -121.22 -104.42
N VAL FC 239 -17.42 -121.85 -105.48
CA VAL FC 239 -16.64 -122.78 -106.28
C VAL FC 239 -15.87 -122.09 -107.41
N SER FC 240 -16.13 -120.80 -107.65
CA SER FC 240 -15.44 -120.10 -108.74
C SER FC 240 -14.00 -119.75 -108.38
N GLU FC 241 -13.76 -119.27 -107.16
CA GLU FC 241 -12.44 -118.82 -106.75
C GLU FC 241 -11.63 -119.90 -106.03
N GLY FC 242 -11.82 -121.16 -106.41
CA GLY FC 242 -10.94 -122.23 -105.98
C GLY FC 242 -10.95 -122.57 -104.50
N VAL FC 243 -12.13 -122.65 -103.89
CA VAL FC 243 -12.27 -123.10 -102.51
C VAL FC 243 -13.08 -124.37 -102.51
N GLU FC 244 -12.54 -125.43 -101.88
CA GLU FC 244 -13.18 -126.73 -101.87
C GLU FC 244 -14.35 -126.73 -100.90
N PRO FC 245 -15.56 -127.09 -101.34
CA PRO FC 245 -16.67 -127.27 -100.40
C PRO FC 245 -16.44 -128.45 -99.47
N THR FC 246 -17.01 -128.33 -98.27
CA THR FC 246 -16.98 -129.40 -97.29
C THR FC 246 -18.38 -129.97 -97.13
N ARG FC 247 -18.53 -130.92 -96.20
CA ARG FC 247 -19.85 -131.51 -95.96
C ARG FC 247 -20.79 -130.52 -95.30
N HIS FC 248 -20.23 -129.58 -94.51
CA HIS FC 248 -21.04 -128.58 -93.84
C HIS FC 248 -21.75 -127.67 -94.84
N THR FC 249 -21.04 -127.26 -95.89
CA THR FC 249 -21.60 -126.34 -96.89
C THR FC 249 -22.77 -126.99 -97.61
N TYR FC 250 -22.60 -128.24 -98.04
CA TYR FC 250 -23.65 -128.94 -98.75
C TYR FC 250 -24.81 -129.28 -97.84
N ASN FC 251 -24.54 -129.64 -96.58
CA ASN FC 251 -25.62 -129.93 -95.64
C ASN FC 251 -26.47 -128.69 -95.37
N LEU FC 252 -25.83 -127.53 -95.23
CA LEU FC 252 -26.57 -126.31 -94.95
C LEU FC 252 -27.39 -125.85 -96.14
N MET FC 253 -26.82 -125.89 -97.36
CA MET FC 253 -27.63 -125.52 -98.52
C MET FC 253 -28.70 -126.56 -98.82
N LEU FC 254 -28.44 -127.83 -98.49
CA LEU FC 254 -29.45 -128.88 -98.62
C LEU FC 254 -30.61 -128.65 -97.66
N TRP FC 255 -30.30 -128.23 -96.43
CA TRP FC 255 -31.34 -127.88 -95.46
C TRP FC 255 -32.16 -126.70 -95.93
N GLY FC 256 -31.51 -125.68 -96.48
CA GLY FC 256 -32.24 -124.53 -96.99
C GLY FC 256 -33.10 -124.87 -98.19
N PHE FC 257 -32.61 -125.74 -99.08
CA PHE FC 257 -33.37 -126.08 -100.28
C PHE FC 257 -34.56 -126.97 -99.96
N PHE FC 258 -34.35 -127.99 -99.12
CA PHE FC 258 -35.47 -128.78 -98.61
C PHE FC 258 -36.45 -127.95 -97.81
N LEU FC 259 -35.98 -126.95 -97.06
CA LEU FC 259 -36.90 -126.08 -96.32
C LEU FC 259 -37.74 -125.23 -97.26
N CYS FC 260 -37.11 -124.61 -98.26
CA CYS FC 260 -37.76 -123.62 -99.09
C CYS FC 260 -38.55 -124.23 -100.26
N LEU FC 261 -38.92 -125.51 -100.15
CA LEU FC 261 -39.75 -126.22 -101.14
C LEU FC 261 -39.11 -126.22 -102.52
N ARG FC 262 -37.89 -126.75 -102.59
CA ARG FC 262 -37.19 -126.99 -103.85
C ARG FC 262 -36.69 -128.43 -103.82
N LEU FC 263 -37.44 -129.32 -104.45
CA LEU FC 263 -37.06 -130.73 -104.50
C LEU FC 263 -35.95 -130.96 -105.51
N GLU FC 264 -36.20 -130.60 -106.78
CA GLU FC 264 -35.26 -130.90 -107.85
C GLU FC 264 -33.96 -130.12 -107.71
N THR FC 265 -34.02 -128.92 -107.13
CA THR FC 265 -32.80 -128.18 -106.82
C THR FC 265 -31.94 -128.91 -105.81
N ALA FC 266 -32.56 -129.42 -104.74
CA ALA FC 266 -31.80 -130.13 -103.73
C ALA FC 266 -31.28 -131.47 -104.22
N LEU FC 267 -32.01 -132.15 -105.12
CA LEU FC 267 -31.48 -133.36 -105.73
C LEU FC 267 -30.31 -133.05 -106.66
N ARG FC 268 -30.37 -131.96 -107.41
CA ARG FC 268 -29.24 -131.57 -108.25
C ARG FC 268 -28.03 -131.20 -107.40
N PHE FC 269 -28.25 -130.55 -106.26
CA PHE FC 269 -27.13 -130.23 -105.37
C PHE FC 269 -26.61 -131.46 -104.65
N TYR FC 270 -27.46 -132.46 -104.41
CA TYR FC 270 -26.98 -133.75 -103.92
C TYR FC 270 -26.11 -134.43 -104.96
N ASP FC 271 -26.49 -134.35 -106.23
CA ASP FC 271 -25.66 -134.88 -107.31
C ASP FC 271 -24.34 -134.12 -107.40
N ASP FC 272 -24.38 -132.80 -107.21
CA ASP FC 272 -23.15 -132.01 -107.21
C ASP FC 272 -22.26 -132.36 -106.01
N MET FC 273 -22.86 -132.67 -104.87
CA MET FC 273 -22.09 -133.18 -103.73
C MET FC 273 -21.45 -134.53 -104.07
N ILE FC 274 -22.19 -135.41 -104.75
CA ILE FC 274 -21.66 -136.71 -105.12
C ILE FC 274 -20.60 -136.64 -106.22
N SER FC 275 -20.59 -135.58 -107.02
CA SER FC 275 -19.51 -135.40 -107.99
C SER FC 275 -18.17 -135.18 -107.30
N ARG FC 276 -18.17 -134.43 -106.20
CA ARG FC 276 -16.95 -134.22 -105.42
C ARG FC 276 -16.50 -135.48 -104.68
N GLY FC 277 -17.39 -136.44 -104.49
CA GLY FC 277 -17.05 -137.67 -103.80
C GLY FC 277 -16.74 -137.53 -102.32
N ILE FC 278 -17.55 -136.76 -101.60
CA ILE FC 278 -17.49 -136.72 -100.14
C ILE FC 278 -18.62 -137.58 -99.59
N SER FC 279 -18.31 -138.37 -98.57
CA SER FC 279 -19.25 -139.38 -98.09
C SER FC 279 -20.31 -138.74 -97.20
N PRO FC 280 -21.59 -138.95 -97.48
CA PRO FC 280 -22.63 -138.51 -96.54
C PRO FC 280 -22.56 -139.25 -95.21
N ASP FC 281 -23.08 -138.60 -94.18
CA ASP FC 281 -22.99 -139.11 -92.82
C ASP FC 281 -24.38 -138.99 -92.19
N VAL FC 282 -24.44 -139.11 -90.86
CA VAL FC 282 -25.73 -139.18 -90.17
C VAL FC 282 -26.51 -137.89 -90.32
N VAL FC 283 -25.83 -136.74 -90.19
CA VAL FC 283 -26.50 -135.45 -90.34
C VAL FC 283 -26.98 -135.23 -91.78
N THR FC 284 -26.25 -135.75 -92.76
CA THR FC 284 -26.66 -135.61 -94.15
C THR FC 284 -27.97 -136.35 -94.41
N TYR FC 285 -28.06 -137.61 -93.95
CA TYR FC 285 -29.31 -138.36 -94.11
C TYR FC 285 -30.42 -137.79 -93.24
N ASN FC 286 -30.07 -137.18 -92.11
CA ASN FC 286 -31.05 -136.48 -91.27
C ASN FC 286 -31.67 -135.31 -92.01
N THR FC 287 -30.86 -134.55 -92.74
CA THR FC 287 -31.38 -133.42 -93.51
C THR FC 287 -32.35 -133.88 -94.59
N MET FC 288 -32.00 -134.98 -95.30
CA MET FC 288 -32.92 -135.56 -96.27
C MET FC 288 -34.22 -136.05 -95.65
N ILE FC 289 -34.17 -136.71 -94.49
CA ILE FC 289 -35.43 -137.21 -93.94
C ILE FC 289 -36.26 -136.06 -93.35
N ASN FC 290 -35.63 -134.99 -92.84
CA ASN FC 290 -36.37 -133.78 -92.49
C ASN FC 290 -37.08 -133.19 -93.69
N GLY FC 291 -36.35 -133.05 -94.80
CA GLY FC 291 -36.95 -132.48 -96.01
C GLY FC 291 -38.10 -133.32 -96.55
N TYR FC 292 -37.92 -134.64 -96.59
CA TYR FC 292 -39.00 -135.50 -97.07
C TYR FC 292 -40.15 -135.58 -96.08
N CYS FC 293 -39.88 -135.37 -94.79
CA CYS FC 293 -40.96 -135.35 -93.81
C CYS FC 293 -41.79 -134.10 -93.94
N ARG FC 294 -41.17 -132.98 -94.35
CA ARG FC 294 -41.99 -131.81 -94.66
C ARG FC 294 -42.59 -131.88 -96.06
N PHE FC 295 -42.18 -132.86 -96.87
CA PHE FC 295 -42.79 -133.10 -98.17
C PHE FC 295 -44.02 -134.01 -98.10
N LYS FC 296 -44.37 -134.51 -96.91
CA LYS FC 296 -45.47 -135.48 -96.71
C LYS FC 296 -45.27 -136.72 -97.57
N LYS FC 297 -44.04 -137.25 -97.56
CA LYS FC 297 -43.65 -138.41 -98.37
C LYS FC 297 -42.79 -139.30 -97.49
N MET FC 298 -43.43 -140.25 -96.80
CA MET FC 298 -42.74 -140.99 -95.74
C MET FC 298 -42.08 -142.27 -96.26
N ASP FC 299 -42.58 -142.83 -97.37
CA ASP FC 299 -41.98 -144.03 -97.95
C ASP FC 299 -40.56 -143.73 -98.45
N GLU FC 300 -40.35 -142.53 -99.00
CA GLU FC 300 -39.01 -142.13 -99.41
C GLU FC 300 -38.09 -141.99 -98.20
N ALA FC 301 -38.61 -141.50 -97.07
CA ALA FC 301 -37.81 -141.44 -95.86
C ALA FC 301 -37.46 -142.83 -95.35
N GLU FC 302 -38.39 -143.78 -95.44
CA GLU FC 302 -38.11 -145.15 -95.02
C GLU FC 302 -37.07 -145.81 -95.92
N LYS FC 303 -37.14 -145.59 -97.23
CA LYS FC 303 -36.13 -146.18 -98.11
C LYS FC 303 -34.78 -145.48 -97.95
N LEU FC 304 -34.79 -144.19 -97.59
CA LEU FC 304 -33.54 -143.53 -97.24
C LEU FC 304 -32.95 -144.07 -95.94
N PHE FC 305 -33.81 -144.46 -94.99
CA PHE FC 305 -33.30 -145.12 -93.79
C PHE FC 305 -32.76 -146.51 -94.10
N VAL FC 306 -33.37 -147.20 -95.07
CA VAL FC 306 -32.80 -148.46 -95.55
C VAL FC 306 -31.41 -148.25 -96.13
N GLU FC 307 -31.25 -147.20 -96.95
CA GLU FC 307 -29.94 -146.84 -97.48
C GLU FC 307 -28.97 -146.43 -96.36
N MET FC 308 -29.50 -145.77 -95.33
CA MET FC 308 -28.70 -145.37 -94.17
C MET FC 308 -28.17 -146.58 -93.40
N LYS FC 309 -29.01 -147.60 -93.21
CA LYS FC 309 -28.56 -148.84 -92.59
C LYS FC 309 -27.60 -149.59 -93.51
N GLY FC 310 -27.78 -149.46 -94.82
CA GLY FC 310 -26.88 -150.11 -95.76
C GLY FC 310 -25.48 -149.50 -95.81
N LYS FC 311 -25.32 -148.28 -95.29
CA LYS FC 311 -24.03 -147.60 -95.30
C LYS FC 311 -23.21 -147.83 -94.04
N ASN FC 312 -23.68 -148.70 -93.14
CA ASN FC 312 -22.96 -149.14 -91.94
C ASN FC 312 -22.62 -147.96 -91.01
N ILE FC 313 -23.62 -147.11 -90.80
CA ILE FC 313 -23.49 -145.94 -89.94
C ILE FC 313 -24.43 -146.12 -88.75
N GLU FC 314 -23.97 -145.70 -87.57
CA GLU FC 314 -24.76 -145.79 -86.36
C GLU FC 314 -25.95 -144.85 -86.37
N PRO FC 315 -27.07 -145.31 -85.81
CA PRO FC 315 -28.33 -144.56 -85.89
C PRO FC 315 -28.37 -143.37 -84.95
N SER FC 316 -28.62 -142.19 -85.51
CA SER FC 316 -28.73 -140.98 -84.70
C SER FC 316 -30.08 -140.94 -83.99
N VAL FC 317 -30.10 -140.33 -82.81
CA VAL FC 317 -31.35 -140.10 -82.10
C VAL FC 317 -32.22 -139.09 -82.87
N VAL FC 318 -31.57 -138.11 -83.50
CA VAL FC 318 -32.28 -137.10 -84.29
C VAL FC 318 -32.96 -137.74 -85.49
N SER FC 319 -32.34 -138.76 -86.08
CA SER FC 319 -32.93 -139.45 -87.23
C SER FC 319 -34.25 -140.14 -86.85
N TYR FC 320 -34.25 -140.87 -85.73
CA TYR FC 320 -35.47 -141.55 -85.32
C TYR FC 320 -36.52 -140.56 -84.82
N THR FC 321 -36.08 -139.44 -84.21
CA THR FC 321 -37.04 -138.41 -83.84
C THR FC 321 -37.69 -137.77 -85.06
N THR FC 322 -36.90 -137.57 -86.12
CA THR FC 322 -37.46 -137.11 -87.39
C THR FC 322 -38.42 -138.14 -87.99
N MET FC 323 -38.11 -139.43 -87.84
CA MET FC 323 -39.04 -140.48 -88.27
C MET FC 323 -40.36 -140.40 -87.51
N ILE FC 324 -40.29 -140.21 -86.19
CA ILE FC 324 -41.51 -140.09 -85.37
C ILE FC 324 -42.29 -138.84 -85.73
N LYS FC 325 -41.59 -137.74 -86.06
CA LYS FC 325 -42.27 -136.54 -86.55
C LYS FC 325 -42.97 -136.81 -87.88
N GLY FC 326 -42.31 -137.53 -88.78
CA GLY FC 326 -42.96 -137.93 -90.01
C GLY FC 326 -43.99 -139.01 -89.80
N TYR FC 327 -43.79 -139.86 -88.80
CA TYR FC 327 -44.83 -140.83 -88.41
C TYR FC 327 -46.06 -140.13 -87.87
N VAL FC 328 -45.89 -138.95 -87.27
CA VAL FC 328 -47.00 -138.19 -86.74
C VAL FC 328 -47.57 -137.20 -87.75
N SER FC 329 -47.38 -137.47 -89.05
CA SER FC 329 -48.09 -136.69 -90.06
C SER FC 329 -49.58 -136.93 -89.98
N VAL FC 330 -50.01 -138.19 -89.92
CA VAL FC 330 -51.42 -138.51 -89.72
C VAL FC 330 -51.64 -139.48 -88.55
N GLU FC 331 -51.00 -140.66 -88.55
CA GLU FC 331 -51.43 -141.69 -87.60
C GLU FC 331 -50.31 -142.42 -86.86
N ARG FC 332 -49.12 -142.60 -87.43
CA ARG FC 332 -48.27 -143.72 -87.00
C ARG FC 332 -47.63 -143.54 -85.62
N VAL FC 333 -48.44 -143.59 -84.57
CA VAL FC 333 -47.88 -143.71 -83.22
C VAL FC 333 -47.29 -145.10 -83.00
N ASP FC 334 -47.88 -146.12 -83.63
CA ASP FC 334 -47.42 -147.49 -83.40
C ASP FC 334 -46.10 -147.77 -84.10
N ASP FC 335 -45.86 -147.11 -85.25
CA ASP FC 335 -44.54 -147.21 -85.87
C ASP FC 335 -43.48 -146.54 -85.01
N GLY FC 336 -43.84 -145.43 -84.35
CA GLY FC 336 -42.95 -144.82 -83.38
C GLY FC 336 -42.68 -145.72 -82.19
N LEU FC 337 -43.67 -146.52 -81.79
CA LEU FC 337 -43.40 -147.58 -80.81
C LEU FC 337 -42.44 -148.62 -81.37
N ARG FC 338 -42.66 -149.03 -82.63
CA ARG FC 338 -41.90 -150.14 -83.20
C ARG FC 338 -40.44 -149.81 -83.39
N ILE FC 339 -40.12 -148.55 -83.73
CA ILE FC 339 -38.71 -148.17 -83.82
C ILE FC 339 -38.11 -147.79 -82.49
N PHE FC 340 -38.94 -147.66 -81.44
CA PHE FC 340 -38.41 -147.35 -80.10
C PHE FC 340 -37.60 -148.51 -79.54
N GLU FC 341 -37.95 -149.75 -79.88
CA GLU FC 341 -37.16 -150.89 -79.47
C GLU FC 341 -35.92 -151.09 -80.32
N GLU FC 342 -35.76 -150.31 -81.39
CA GLU FC 342 -34.58 -150.37 -82.24
C GLU FC 342 -33.44 -149.50 -81.72
N MET FC 343 -33.64 -148.81 -80.60
CA MET FC 343 -32.61 -147.99 -79.98
C MET FC 343 -31.58 -148.80 -79.22
N ARG FC 344 -31.83 -150.10 -78.99
CA ARG FC 344 -30.90 -150.93 -78.26
C ARG FC 344 -29.66 -151.26 -79.07
N SER FC 345 -29.71 -151.05 -80.39
CA SER FC 345 -28.50 -151.06 -81.21
C SER FC 345 -27.81 -149.70 -81.23
N PHE FC 346 -28.47 -148.64 -80.73
CA PHE FC 346 -27.87 -147.32 -80.71
C PHE FC 346 -27.12 -147.07 -79.40
N GLY FC 347 -27.82 -147.17 -78.27
CA GLY FC 347 -27.18 -147.10 -76.98
C GLY FC 347 -27.80 -146.14 -75.98
N ILE FC 348 -28.23 -144.97 -76.45
CA ILE FC 348 -28.83 -143.94 -75.59
C ILE FC 348 -30.18 -143.59 -76.18
N GLU FC 349 -31.26 -144.05 -75.54
CA GLU FC 349 -32.63 -143.78 -75.93
C GLU FC 349 -33.14 -142.37 -75.60
N ALA FC 350 -33.21 -141.96 -74.31
CA ALA FC 350 -34.18 -140.93 -73.93
C ALA FC 350 -33.75 -139.49 -74.16
N ASN FC 351 -33.96 -138.96 -75.36
CA ASN FC 351 -33.80 -137.52 -75.58
C ASN FC 351 -35.13 -136.81 -75.33
N ALA FC 352 -35.02 -135.52 -74.97
CA ALA FC 352 -36.20 -134.76 -74.56
C ALA FC 352 -37.09 -134.37 -75.74
N THR FC 353 -36.50 -134.21 -76.93
CA THR FC 353 -37.27 -133.72 -78.07
C THR FC 353 -38.28 -134.77 -78.56
N THR FC 354 -37.95 -136.05 -78.45
CA THR FC 354 -38.88 -137.10 -78.83
C THR FC 354 -40.12 -137.08 -77.96
N TYR FC 355 -39.94 -136.95 -76.64
CA TYR FC 355 -41.08 -136.81 -75.73
C TYR FC 355 -41.82 -135.50 -75.95
N SER FC 356 -41.10 -134.46 -76.37
CA SER FC 356 -41.73 -133.19 -76.68
C SER FC 356 -42.62 -133.30 -77.91
N THR FC 357 -42.25 -134.16 -78.87
CA THR FC 357 -42.93 -134.20 -80.16
C THR FC 357 -43.89 -135.36 -80.34
N LEU FC 358 -43.89 -136.36 -79.44
CA LEU FC 358 -44.74 -137.52 -79.72
C LEU FC 358 -46.15 -137.37 -79.18
N LEU FC 359 -46.34 -136.58 -78.13
CA LEU FC 359 -47.67 -136.44 -77.52
C LEU FC 359 -48.78 -135.89 -78.41
N PRO FC 360 -48.60 -134.84 -79.25
CA PRO FC 360 -49.75 -134.34 -80.02
C PRO FC 360 -50.36 -135.33 -80.99
N GLY FC 361 -49.56 -136.26 -81.54
CA GLY FC 361 -50.11 -137.27 -82.43
C GLY FC 361 -51.07 -138.22 -81.74
N LEU FC 362 -50.69 -138.70 -80.56
CA LEU FC 362 -51.60 -139.58 -79.81
C LEU FC 362 -52.74 -138.79 -79.19
N CYS FC 363 -52.53 -137.49 -78.91
CA CYS FC 363 -53.61 -136.68 -78.35
C CYS FC 363 -54.68 -136.40 -79.39
N ASP FC 364 -54.29 -136.12 -80.64
CA ASP FC 364 -55.27 -135.91 -81.70
C ASP FC 364 -55.86 -137.24 -82.15
N ALA FC 365 -55.08 -138.32 -82.09
CA ALA FC 365 -55.60 -139.63 -82.49
C ALA FC 365 -56.61 -140.16 -81.48
N GLY FC 366 -56.29 -140.10 -80.20
CA GLY FC 366 -57.17 -140.64 -79.17
C GLY FC 366 -56.67 -141.95 -78.62
N LYS FC 367 -55.37 -142.07 -78.45
CA LYS FC 367 -54.70 -143.30 -78.04
C LYS FC 367 -54.02 -143.10 -76.70
N MET FC 368 -54.28 -144.02 -75.77
CA MET FC 368 -54.02 -143.77 -74.35
C MET FC 368 -53.13 -144.82 -73.69
N VAL FC 369 -53.23 -146.09 -74.11
CA VAL FC 369 -52.65 -147.19 -73.33
C VAL FC 369 -51.12 -147.13 -73.35
N GLU FC 370 -50.54 -146.91 -74.52
CA GLU FC 370 -49.09 -146.78 -74.64
C GLU FC 370 -48.61 -145.35 -74.46
N ALA FC 371 -49.37 -144.52 -73.75
CA ALA FC 371 -48.95 -143.17 -73.40
C ALA FC 371 -48.73 -142.97 -71.91
N ARG FC 372 -49.51 -143.64 -71.06
CA ARG FC 372 -49.33 -143.57 -69.61
C ARG FC 372 -47.96 -144.10 -69.20
N ASN FC 373 -47.53 -145.22 -69.80
CA ASN FC 373 -46.27 -145.85 -69.44
C ASN FC 373 -45.08 -144.96 -69.81
N VAL FC 374 -45.13 -144.28 -70.95
CA VAL FC 374 -44.02 -143.41 -71.32
C VAL FC 374 -44.11 -142.05 -70.64
N LEU FC 375 -45.29 -141.60 -70.23
CA LEU FC 375 -45.36 -140.47 -69.30
C LEU FC 375 -44.72 -140.81 -67.96
N LYS FC 376 -44.89 -142.06 -67.50
CA LYS FC 376 -44.11 -142.52 -66.36
C LYS FC 376 -42.61 -142.53 -66.67
N SER FC 377 -42.25 -142.99 -67.88
CA SER FC 377 -40.84 -143.17 -68.24
C SER FC 377 -40.09 -141.85 -68.34
N MET FC 378 -40.77 -140.78 -68.79
CA MET FC 378 -40.05 -139.52 -69.02
C MET FC 378 -39.64 -138.86 -67.71
N MET FC 379 -40.31 -139.18 -66.60
CA MET FC 379 -39.79 -138.81 -65.29
C MET FC 379 -38.98 -139.95 -64.65
N ALA FC 380 -39.13 -141.17 -65.13
CA ALA FC 380 -38.19 -142.22 -64.78
C ALA FC 380 -36.80 -141.98 -65.38
N LYS FC 381 -36.69 -141.05 -66.33
CA LYS FC 381 -35.40 -140.64 -66.87
C LYS FC 381 -35.18 -139.14 -66.75
N HIS FC 382 -36.02 -138.45 -65.97
CA HIS FC 382 -35.85 -137.04 -65.58
C HIS FC 382 -35.81 -136.11 -66.81
N ILE FC 383 -36.92 -136.07 -67.53
CA ILE FC 383 -37.00 -135.34 -68.79
C ILE FC 383 -38.19 -134.38 -68.74
N ALA FC 384 -37.92 -133.10 -69.04
CA ALA FC 384 -38.94 -132.08 -69.19
C ALA FC 384 -39.10 -131.72 -70.67
N PRO FC 385 -40.34 -131.59 -71.15
CA PRO FC 385 -40.54 -131.29 -72.58
C PRO FC 385 -40.14 -129.87 -72.92
N ASN FC 386 -39.88 -129.66 -74.22
CA ASN FC 386 -39.52 -128.33 -74.71
C ASN FC 386 -40.68 -127.35 -74.58
N ASP FC 387 -41.90 -127.80 -74.87
CA ASP FC 387 -43.09 -126.99 -74.68
C ASP FC 387 -43.82 -127.47 -73.44
N ASN FC 388 -44.19 -126.52 -72.57
CA ASN FC 388 -44.90 -126.84 -71.34
C ASN FC 388 -46.42 -126.82 -71.51
N SER FC 389 -46.92 -126.40 -72.66
CA SER FC 389 -48.36 -126.44 -72.92
C SER FC 389 -48.81 -127.83 -73.36
N ILE FC 390 -47.88 -128.76 -73.54
CA ILE FC 390 -48.24 -130.12 -73.95
C ILE FC 390 -48.91 -130.87 -72.81
N PHE FC 391 -48.73 -130.43 -71.56
CA PHE FC 391 -49.34 -131.13 -70.44
C PHE FC 391 -50.85 -130.89 -70.35
N LEU FC 392 -51.31 -129.66 -70.60
CA LEU FC 392 -52.74 -129.41 -70.57
C LEU FC 392 -53.45 -130.06 -71.76
N LYS FC 393 -52.76 -130.14 -72.89
CA LYS FC 393 -53.33 -130.82 -74.07
C LYS FC 393 -53.54 -132.30 -73.78
N LEU FC 394 -52.54 -132.94 -73.17
CA LEU FC 394 -52.71 -134.35 -72.82
C LEU FC 394 -53.69 -134.52 -71.66
N LEU FC 395 -53.78 -133.52 -70.77
CA LEU FC 395 -54.78 -133.56 -69.70
C LEU FC 395 -56.20 -133.56 -70.27
N VAL FC 396 -56.50 -132.64 -71.18
CA VAL FC 396 -57.85 -132.59 -71.73
C VAL FC 396 -58.14 -133.80 -72.60
N SER FC 397 -57.15 -134.29 -73.37
CA SER FC 397 -57.39 -135.47 -74.20
C SER FC 397 -57.59 -136.73 -73.36
N GLN FC 398 -56.77 -136.90 -72.31
CA GLN FC 398 -56.83 -138.09 -71.47
C GLN FC 398 -58.06 -138.06 -70.56
N SER FC 399 -58.49 -136.87 -70.15
CA SER FC 399 -59.73 -136.75 -69.40
C SER FC 399 -60.95 -136.98 -70.25
N LYS FC 400 -60.94 -136.51 -71.52
CA LYS FC 400 -62.05 -136.81 -72.41
C LYS FC 400 -62.03 -138.26 -72.86
N ALA FC 401 -60.89 -138.94 -72.74
CA ALA FC 401 -60.88 -140.39 -72.88
C ALA FC 401 -61.58 -141.05 -71.70
N GLY FC 402 -61.25 -140.63 -70.48
CA GLY FC 402 -61.96 -141.10 -69.30
C GLY FC 402 -61.06 -141.61 -68.17
N ASP FC 403 -59.75 -141.64 -68.41
CA ASP FC 403 -58.81 -142.12 -67.40
C ASP FC 403 -58.65 -141.04 -66.34
N MET FC 404 -59.54 -141.06 -65.36
CA MET FC 404 -59.55 -140.03 -64.34
C MET FC 404 -58.43 -140.20 -63.33
N ALA FC 405 -58.12 -141.44 -62.94
CA ALA FC 405 -57.15 -141.66 -61.87
C ALA FC 405 -55.72 -141.41 -62.30
N ALA FC 406 -55.43 -141.40 -63.61
CA ALA FC 406 -54.10 -141.04 -64.07
C ALA FC 406 -53.93 -139.53 -64.22
N ALA FC 407 -55.03 -138.77 -64.20
CA ALA FC 407 -54.93 -137.32 -64.28
C ALA FC 407 -54.30 -136.74 -63.01
N THR FC 408 -54.54 -137.36 -61.86
CA THR FC 408 -53.84 -136.95 -60.65
C THR FC 408 -52.35 -137.29 -60.73
N GLU FC 409 -52.01 -138.38 -61.41
CA GLU FC 409 -50.60 -138.68 -61.68
C GLU FC 409 -49.98 -137.62 -62.57
N VAL FC 410 -50.73 -137.12 -63.54
CA VAL FC 410 -50.21 -136.04 -64.39
C VAL FC 410 -50.05 -134.76 -63.57
N LEU FC 411 -50.98 -134.47 -62.66
CA LEU FC 411 -50.84 -133.30 -61.79
C LEU FC 411 -49.61 -133.40 -60.89
N LYS FC 412 -49.37 -134.58 -60.30
CA LYS FC 412 -48.21 -134.73 -59.44
C LYS FC 412 -46.92 -134.71 -60.25
N ALA FC 413 -46.95 -135.21 -61.49
CA ALA FC 413 -45.79 -135.12 -62.37
C ALA FC 413 -45.49 -133.66 -62.71
N MET FC 414 -46.52 -132.88 -63.01
CA MET FC 414 -46.35 -131.46 -63.29
C MET FC 414 -45.78 -130.73 -62.09
N ALA FC 415 -46.28 -131.04 -60.90
CA ALA FC 415 -45.75 -130.44 -59.68
C ALA FC 415 -44.33 -130.88 -59.37
N THR FC 416 -43.91 -132.06 -59.83
CA THR FC 416 -42.60 -132.57 -59.47
C THR FC 416 -41.51 -132.31 -60.50
N LEU FC 417 -41.83 -131.98 -61.75
CA LEU FC 417 -40.72 -131.69 -62.65
C LEU FC 417 -40.20 -130.27 -62.49
N ASN FC 418 -40.92 -129.29 -63.01
CA ASN FC 418 -40.60 -127.89 -62.78
C ASN FC 418 -41.87 -127.05 -62.70
N VAL FC 419 -42.93 -127.55 -63.32
CA VAL FC 419 -44.01 -126.68 -63.81
C VAL FC 419 -44.91 -126.29 -62.64
N PRO FC 420 -45.12 -125.00 -62.40
CA PRO FC 420 -46.15 -124.59 -61.43
C PRO FC 420 -47.54 -124.88 -61.99
N ALA FC 421 -48.37 -125.54 -61.20
CA ALA FC 421 -49.72 -125.83 -61.64
C ALA FC 421 -50.57 -124.56 -61.60
N GLU FC 422 -51.28 -124.30 -62.69
CA GLU FC 422 -52.06 -123.10 -62.89
C GLU FC 422 -53.54 -123.38 -62.61
N ALA FC 423 -54.38 -122.38 -62.89
CA ALA FC 423 -55.79 -122.50 -62.56
C ALA FC 423 -56.52 -123.43 -63.52
N GLY FC 424 -56.13 -123.43 -64.80
CA GLY FC 424 -56.78 -124.30 -65.76
C GLY FC 424 -56.47 -125.78 -65.54
N HIS FC 425 -55.26 -126.09 -65.08
CA HIS FC 425 -54.85 -127.46 -64.82
C HIS FC 425 -55.68 -128.10 -63.72
N TYR FC 426 -56.13 -127.31 -62.75
CA TYR FC 426 -57.04 -127.83 -61.74
C TYR FC 426 -58.49 -127.73 -62.20
N GLY FC 427 -58.84 -126.66 -62.91
CA GLY FC 427 -60.23 -126.44 -63.27
C GLY FC 427 -60.79 -127.43 -64.27
N VAL FC 428 -59.97 -127.80 -65.27
CA VAL FC 428 -60.42 -128.76 -66.28
C VAL FC 428 -60.67 -130.13 -65.62
N LEU FC 429 -59.78 -130.52 -64.71
CA LEU FC 429 -59.98 -131.76 -63.96
C LEU FC 429 -61.15 -131.67 -62.99
N ILE FC 430 -61.41 -130.49 -62.43
CA ILE FC 430 -62.58 -130.31 -61.57
C ILE FC 430 -63.85 -130.50 -62.38
N GLU FC 431 -63.91 -129.95 -63.60
CA GLU FC 431 -65.05 -130.18 -64.48
C GLU FC 431 -65.20 -131.64 -64.85
N ASN FC 432 -64.10 -132.31 -65.19
CA ASN FC 432 -64.16 -133.73 -65.55
C ASN FC 432 -64.58 -134.60 -64.38
N GLN FC 433 -64.17 -134.24 -63.17
CA GLN FC 433 -64.62 -134.94 -61.98
C GLN FC 433 -66.08 -134.66 -61.68
N CYS FC 434 -66.55 -133.43 -61.93
CA CYS FC 434 -67.93 -133.08 -61.63
C CYS FC 434 -68.90 -133.69 -62.62
N LYS FC 435 -68.46 -133.94 -63.86
CA LYS FC 435 -69.37 -134.52 -64.84
C LYS FC 435 -69.61 -136.01 -64.59
N ALA FC 436 -68.74 -136.68 -63.83
CA ALA FC 436 -68.95 -138.09 -63.50
C ALA FC 436 -68.76 -138.31 -62.00
N ASN FC 437 -69.82 -138.03 -61.23
CA ASN FC 437 -70.15 -138.59 -59.91
C ASN FC 437 -68.98 -138.85 -58.95
N ALA FC 438 -68.02 -137.95 -58.88
CA ALA FC 438 -66.82 -138.14 -58.07
C ALA FC 438 -66.49 -136.88 -57.28
N TYR FC 439 -67.51 -136.35 -56.59
CA TYR FC 439 -67.41 -135.01 -56.02
C TYR FC 439 -66.42 -134.91 -54.86
N ASN FC 440 -66.16 -136.03 -54.16
CA ASN FC 440 -65.40 -135.93 -52.91
C ASN FC 440 -63.92 -135.63 -53.16
N ARG FC 441 -63.30 -136.31 -54.12
CA ARG FC 441 -61.91 -135.99 -54.41
C ARG FC 441 -61.79 -134.70 -55.23
N ALA FC 442 -62.87 -134.27 -55.87
CA ALA FC 442 -62.92 -132.92 -56.42
C ALA FC 442 -62.85 -131.88 -55.30
N ILE FC 443 -63.57 -132.11 -54.21
CA ILE FC 443 -63.48 -131.25 -53.03
C ILE FC 443 -62.07 -131.30 -52.44
N LYS FC 444 -61.46 -132.49 -52.43
CA LYS FC 444 -60.08 -132.62 -51.94
C LYS FC 444 -59.09 -131.82 -52.79
N LEU FC 445 -59.26 -131.84 -54.11
CA LEU FC 445 -58.44 -131.01 -54.99
C LEU FC 445 -58.68 -129.53 -54.75
N LEU FC 446 -59.95 -129.15 -54.60
CA LEU FC 446 -60.33 -127.76 -54.40
C LEU FC 446 -59.78 -127.20 -53.10
N ASP FC 447 -59.63 -128.05 -52.08
CA ASP FC 447 -59.10 -127.59 -50.79
C ASP FC 447 -57.65 -127.14 -50.91
N VAL FC 448 -56.79 -127.94 -51.54
CA VAL FC 448 -55.40 -127.53 -51.69
C VAL FC 448 -55.26 -126.44 -52.76
N LEU FC 449 -56.20 -126.37 -53.71
CA LEU FC 449 -56.25 -125.24 -54.64
C LEU FC 449 -56.50 -123.93 -53.91
N VAL FC 450 -57.44 -123.93 -52.97
CA VAL FC 450 -57.73 -122.73 -52.18
C VAL FC 450 -56.57 -122.42 -51.24
N GLU FC 451 -56.00 -123.45 -50.60
CA GLU FC 451 -54.93 -123.24 -49.62
C GLU FC 451 -53.68 -122.66 -50.26
N LYS FC 452 -53.29 -123.16 -51.43
CA LYS FC 452 -52.07 -122.65 -52.06
C LYS FC 452 -52.29 -121.34 -52.83
N GLU FC 453 -53.56 -120.95 -53.05
CA GLU FC 453 -53.94 -119.70 -53.71
C GLU FC 453 -53.35 -119.61 -55.12
N ILE FC 454 -53.76 -120.54 -55.97
CA ILE FC 454 -53.32 -120.51 -57.37
C ILE FC 454 -54.10 -119.46 -58.16
N ILE FC 455 -55.36 -119.21 -57.79
CA ILE FC 455 -56.20 -118.24 -58.50
C ILE FC 455 -55.62 -116.83 -58.40
N LEU FC 456 -55.01 -116.49 -57.28
CA LEU FC 456 -54.45 -115.17 -57.05
C LEU FC 456 -53.00 -115.06 -57.53
N ARG FC 457 -52.58 -115.89 -58.47
CA ARG FC 457 -51.23 -115.84 -59.04
C ARG FC 457 -51.26 -115.05 -60.34
N HIS FC 458 -50.32 -114.11 -60.49
CA HIS FC 458 -50.29 -113.25 -61.67
C HIS FC 458 -49.42 -113.81 -62.78
N GLN FC 459 -48.46 -114.69 -62.48
CA GLN FC 459 -47.61 -115.28 -63.49
C GLN FC 459 -48.36 -116.20 -64.44
N ASP FC 460 -49.47 -116.78 -64.01
CA ASP FC 460 -50.16 -117.79 -64.79
C ASP FC 460 -50.90 -117.18 -65.96
N THR FC 461 -51.10 -117.98 -67.00
CA THR FC 461 -51.84 -117.61 -68.19
C THR FC 461 -53.19 -118.34 -68.27
N LEU FC 462 -53.22 -119.59 -67.81
CA LEU FC 462 -54.42 -120.41 -67.87
C LEU FC 462 -55.28 -120.16 -66.64
N GLU FC 463 -56.48 -119.63 -66.84
CA GLU FC 463 -57.36 -119.27 -65.74
C GLU FC 463 -58.53 -120.25 -65.66
N MET FC 464 -59.18 -120.24 -64.50
CA MET FC 464 -60.30 -121.14 -64.23
C MET FC 464 -61.51 -120.72 -65.05
N GLU FC 465 -61.99 -121.62 -65.89
CA GLU FC 465 -63.01 -121.32 -66.88
C GLU FC 465 -64.41 -121.36 -66.26
N PRO FC 466 -65.40 -120.71 -66.88
CA PRO FC 466 -66.77 -120.82 -66.39
C PRO FC 466 -67.34 -122.23 -66.40
N SER FC 467 -66.81 -123.12 -67.25
CA SER FC 467 -67.20 -124.52 -67.17
C SER FC 467 -66.66 -125.20 -65.92
N ALA FC 468 -65.64 -124.62 -65.28
CA ALA FC 468 -64.93 -125.28 -64.20
C ALA FC 468 -65.45 -124.91 -62.80
N TYR FC 469 -66.33 -123.92 -62.67
CA TYR FC 469 -66.82 -123.58 -61.34
C TYR FC 469 -68.33 -123.47 -61.28
N ASN FC 470 -68.98 -123.27 -62.42
CA ASN FC 470 -70.44 -123.20 -62.43
C ASN FC 470 -71.14 -124.49 -62.00
N PRO FC 471 -70.72 -125.70 -62.40
CA PRO FC 471 -71.39 -126.88 -61.82
C PRO FC 471 -70.98 -127.16 -60.37
N ILE FC 472 -69.72 -126.89 -60.01
CA ILE FC 472 -69.30 -127.25 -58.65
C ILE FC 472 -69.86 -126.28 -57.61
N ILE FC 473 -70.13 -125.03 -57.99
CA ILE FC 473 -70.81 -124.11 -57.07
C ILE FC 473 -72.26 -124.54 -56.89
N GLU FC 474 -72.90 -124.98 -57.98
CA GLU FC 474 -74.24 -125.56 -57.93
C GLU FC 474 -74.30 -126.75 -56.98
N TYR FC 475 -73.34 -127.67 -57.10
CA TYR FC 475 -73.34 -128.84 -56.22
C TYR FC 475 -73.06 -128.46 -54.77
N LEU FC 476 -72.04 -127.63 -54.53
CA LEU FC 476 -71.64 -127.33 -53.15
C LEU FC 476 -72.70 -126.50 -52.44
N CYS FC 477 -73.41 -125.62 -53.14
CA CYS FC 477 -74.50 -124.90 -52.52
C CYS FC 477 -75.75 -125.76 -52.36
N ASN FC 478 -76.01 -126.67 -53.30
CA ASN FC 478 -77.19 -127.52 -53.20
C ASN FC 478 -76.98 -128.72 -52.29
N ASN FC 479 -75.75 -129.06 -51.94
CA ASN FC 479 -75.45 -130.27 -51.17
C ASN FC 479 -74.47 -129.97 -50.05
N GLY FC 480 -74.72 -128.92 -49.27
CA GLY FC 480 -73.95 -128.73 -48.06
C GLY FC 480 -73.29 -127.39 -47.86
N GLN FC 481 -71.96 -127.40 -47.79
CA GLN FC 481 -71.21 -126.23 -47.34
C GLN FC 481 -71.20 -125.12 -48.39
N THR FC 482 -71.49 -123.90 -47.94
CA THR FC 482 -71.43 -122.71 -48.78
C THR FC 482 -70.32 -121.77 -48.29
N SER FC 483 -69.69 -122.11 -47.15
CA SER FC 483 -68.53 -121.36 -46.68
C SER FC 483 -67.36 -121.48 -47.65
N LYS FC 484 -67.00 -122.71 -48.04
CA LYS FC 484 -65.92 -122.84 -49.01
C LYS FC 484 -66.36 -122.44 -50.41
N ALA FC 485 -67.66 -122.51 -50.71
CA ALA FC 485 -68.16 -122.01 -51.99
C ALA FC 485 -67.93 -120.50 -52.12
N GLU FC 486 -68.29 -119.75 -51.08
CA GLU FC 486 -68.05 -118.31 -51.11
C GLU FC 486 -66.58 -117.96 -50.96
N VAL FC 487 -65.78 -118.81 -50.31
CA VAL FC 487 -64.33 -118.57 -50.27
C VAL FC 487 -63.73 -118.72 -51.66
N LEU FC 488 -64.10 -119.78 -52.38
CA LEU FC 488 -63.63 -119.99 -53.75
C LEU FC 488 -64.09 -118.87 -54.67
N PHE FC 489 -65.35 -118.46 -54.55
CA PHE FC 489 -65.82 -117.40 -55.44
C PHE FC 489 -65.30 -116.02 -55.06
N ARG FC 490 -64.96 -115.79 -53.78
CA ARG FC 490 -64.29 -114.55 -53.41
C ARG FC 490 -62.86 -114.52 -53.91
N GLN FC 491 -62.19 -115.67 -53.96
CA GLN FC 491 -60.90 -115.72 -54.63
C GLN FC 491 -61.04 -115.52 -56.13
N LEU FC 492 -62.14 -115.97 -56.72
CA LEU FC 492 -62.37 -115.80 -58.14
C LEU FC 492 -62.75 -114.37 -58.51
N MET FC 493 -63.42 -113.64 -57.61
CA MET FC 493 -63.84 -112.27 -57.92
C MET FC 493 -62.64 -111.33 -58.03
N LYS FC 494 -61.59 -111.58 -57.25
CA LYS FC 494 -60.39 -110.75 -57.31
C LYS FC 494 -59.65 -110.85 -58.63
N ARG FC 495 -59.93 -111.87 -59.45
CA ARG FC 495 -59.22 -112.04 -60.72
C ARG FC 495 -59.99 -111.38 -61.85
N GLY FC 496 -61.16 -111.89 -62.22
CA GLY FC 496 -62.03 -111.15 -63.12
C GLY FC 496 -63.52 -111.44 -63.06
N VAL FC 497 -63.96 -112.28 -62.14
CA VAL FC 497 -65.20 -113.04 -62.30
C VAL FC 497 -66.34 -112.35 -61.55
N GLN FC 498 -67.44 -112.10 -62.25
CA GLN FC 498 -68.68 -111.60 -61.65
C GLN FC 498 -69.88 -112.30 -62.29
N ASP FC 499 -69.81 -113.63 -62.43
CA ASP FC 499 -70.87 -114.40 -63.07
C ASP FC 499 -72.14 -114.37 -62.24
N GLN FC 500 -73.28 -114.22 -62.92
CA GLN FC 500 -74.56 -114.10 -62.24
C GLN FC 500 -75.02 -115.43 -61.67
N ASP FC 501 -74.80 -116.52 -62.41
CA ASP FC 501 -75.29 -117.84 -62.01
C ASP FC 501 -74.64 -118.33 -60.73
N ALA FC 502 -73.32 -118.17 -60.61
CA ALA FC 502 -72.61 -118.62 -59.41
C ALA FC 502 -73.01 -117.80 -58.19
N LEU FC 503 -73.17 -116.48 -58.34
CA LEU FC 503 -73.60 -115.65 -57.22
C LEU FC 503 -75.02 -115.98 -56.78
N ASN FC 504 -75.90 -116.25 -57.75
CA ASN FC 504 -77.26 -116.69 -57.41
C ASN FC 504 -77.23 -118.03 -56.68
N ASN FC 505 -76.36 -118.94 -57.10
CA ASN FC 505 -76.21 -120.22 -56.42
C ASN FC 505 -75.72 -120.03 -54.99
N LEU FC 506 -74.79 -119.10 -54.78
CA LEU FC 506 -74.37 -118.75 -53.41
C LEU FC 506 -75.52 -118.21 -52.59
N ILE FC 507 -76.40 -117.39 -53.21
CA ILE FC 507 -77.56 -116.86 -52.50
C ILE FC 507 -78.47 -117.99 -52.05
N SER FC 508 -78.79 -118.92 -52.96
CA SER FC 508 -79.67 -120.03 -52.62
C SER FC 508 -79.04 -120.95 -51.58
N GLY FC 509 -77.73 -121.20 -51.69
CA GLY FC 509 -77.06 -122.05 -50.73
C GLY FC 509 -77.01 -121.45 -49.34
N HIS FC 510 -76.72 -120.16 -49.24
CA HIS FC 510 -76.71 -119.50 -47.94
C HIS FC 510 -78.11 -119.36 -47.36
N ALA FC 511 -79.13 -119.26 -48.21
CA ALA FC 511 -80.50 -119.24 -47.71
C ALA FC 511 -80.90 -120.59 -47.14
N LYS FC 512 -80.61 -121.68 -47.85
CA LYS FC 512 -81.02 -122.98 -47.36
C LYS FC 512 -80.13 -123.49 -46.23
N GLU FC 513 -78.91 -122.96 -46.07
CA GLU FC 513 -78.07 -123.35 -44.95
C GLU FC 513 -78.44 -122.67 -43.65
N GLY FC 514 -79.41 -121.77 -43.67
CA GLY FC 514 -79.84 -121.08 -42.48
C GLY FC 514 -79.13 -119.77 -42.18
N ASN FC 515 -78.38 -119.23 -43.14
CA ASN FC 515 -77.63 -117.99 -42.96
C ASN FC 515 -78.02 -117.02 -44.07
N PRO FC 516 -79.19 -116.40 -43.99
CA PRO FC 516 -79.60 -115.46 -45.04
C PRO FC 516 -78.92 -114.11 -44.96
N ASP FC 517 -78.20 -113.81 -43.86
CA ASP FC 517 -77.39 -112.60 -43.80
C ASP FC 517 -76.30 -112.63 -44.86
N ALA FC 518 -75.76 -113.81 -45.14
CA ALA FC 518 -74.76 -113.94 -46.20
C ALA FC 518 -75.37 -113.77 -47.58
N SER FC 519 -76.62 -114.21 -47.77
CA SER FC 519 -77.31 -113.94 -49.03
C SER FC 519 -77.54 -112.45 -49.21
N TYR FC 520 -77.86 -111.76 -48.11
CA TYR FC 520 -78.05 -110.31 -48.15
C TYR FC 520 -76.75 -109.59 -48.50
N GLU FC 521 -75.63 -110.07 -47.95
CA GLU FC 521 -74.36 -109.43 -48.26
C GLU FC 521 -73.88 -109.78 -49.67
N ILE FC 522 -74.27 -110.94 -50.20
CA ILE FC 522 -73.96 -111.25 -51.60
C ILE FC 522 -74.80 -110.37 -52.53
N LEU FC 523 -76.06 -110.09 -52.15
CA LEU FC 523 -76.85 -109.13 -52.92
C LEU FC 523 -76.28 -107.72 -52.83
N LYS FC 524 -75.72 -107.35 -51.68
CA LYS FC 524 -75.00 -106.08 -51.58
C LYS FC 524 -73.77 -106.06 -52.47
N ILE FC 525 -73.06 -107.20 -52.58
CA ILE FC 525 -71.94 -107.31 -53.50
C ILE FC 525 -72.40 -107.13 -54.94
N MET FC 526 -73.57 -107.71 -55.28
CA MET FC 526 -74.16 -107.50 -56.60
C MET FC 526 -74.47 -106.04 -56.85
N SER FC 527 -75.02 -105.35 -55.86
CA SER FC 527 -75.38 -103.94 -56.03
C SER FC 527 -74.14 -103.06 -56.15
N ARG FC 528 -73.07 -103.42 -55.44
CA ARG FC 528 -71.84 -102.63 -55.52
C ARG FC 528 -71.06 -102.89 -56.80
N ARG FC 529 -71.07 -104.13 -57.31
CA ARG FC 529 -70.27 -104.49 -58.46
C ARG FC 529 -71.00 -104.29 -59.78
N GLY FC 530 -72.22 -103.76 -59.76
CA GLY FC 530 -72.94 -103.46 -60.98
C GLY FC 530 -73.61 -104.64 -61.65
N VAL FC 531 -73.55 -105.82 -61.05
CA VAL FC 531 -74.22 -107.00 -61.62
C VAL FC 531 -75.72 -106.86 -61.43
N PRO FC 532 -76.54 -107.08 -62.46
CA PRO FC 532 -78.00 -106.99 -62.29
C PRO FC 532 -78.53 -108.06 -61.34
N ARG FC 533 -79.61 -107.72 -60.64
CA ARG FC 533 -80.16 -108.56 -59.59
C ARG FC 533 -81.49 -109.16 -60.01
N GLU FC 534 -81.74 -110.38 -59.56
CA GLU FC 534 -82.99 -111.08 -59.83
C GLU FC 534 -84.10 -110.53 -58.94
N ALA FC 535 -85.33 -110.90 -59.28
CA ALA FC 535 -86.48 -110.65 -58.42
C ALA FC 535 -86.86 -111.87 -57.59
N ASN FC 536 -86.42 -113.06 -57.98
CA ASN FC 536 -86.72 -114.29 -57.25
C ASN FC 536 -85.73 -114.49 -56.11
N ALA FC 537 -84.49 -114.01 -56.27
CA ALA FC 537 -83.49 -114.13 -55.21
C ALA FC 537 -83.86 -113.31 -53.98
N TYR FC 538 -84.66 -112.25 -54.13
CA TYR FC 538 -85.18 -111.55 -52.97
C TYR FC 538 -86.25 -112.36 -52.24
N GLU FC 539 -87.04 -113.14 -52.98
CA GLU FC 539 -88.17 -113.87 -52.40
C GLU FC 539 -87.70 -114.90 -51.38
N LEU FC 540 -86.69 -115.69 -51.74
CA LEU FC 540 -86.21 -116.72 -50.84
C LEU FC 540 -85.42 -116.13 -49.68
N LEU FC 541 -84.78 -114.99 -49.89
CA LEU FC 541 -84.17 -114.24 -48.79
C LEU FC 541 -85.23 -113.80 -47.78
N ILE FC 542 -86.35 -113.27 -48.28
CA ILE FC 542 -87.43 -112.80 -47.41
C ILE FC 542 -88.03 -113.97 -46.64
N LYS FC 543 -88.28 -115.09 -47.31
CA LYS FC 543 -88.88 -116.22 -46.63
C LYS FC 543 -87.90 -116.96 -45.72
N SER FC 544 -86.58 -116.83 -45.95
CA SER FC 544 -85.61 -117.36 -45.00
C SER FC 544 -85.49 -116.48 -43.76
N TYR FC 545 -85.69 -115.17 -43.92
CA TYR FC 545 -85.89 -114.30 -42.78
C TYR FC 545 -87.15 -114.67 -41.99
N MET FC 546 -88.25 -114.93 -42.70
CA MET FC 546 -89.52 -115.18 -42.02
C MET FC 546 -89.53 -116.55 -41.35
N SER FC 547 -88.88 -117.54 -41.94
CA SER FC 547 -88.83 -118.87 -41.34
C SER FC 547 -88.02 -118.89 -40.05
N LYS FC 548 -86.93 -118.13 -40.00
CA LYS FC 548 -86.08 -118.08 -38.82
C LYS FC 548 -86.63 -117.17 -37.73
N GLY FC 549 -87.71 -116.44 -38.02
CA GLY FC 549 -88.34 -115.60 -37.01
C GLY FC 549 -87.81 -114.19 -36.92
N GLU FC 550 -87.41 -113.60 -38.05
CA GLU FC 550 -86.94 -112.22 -38.10
C GLU FC 550 -87.68 -111.46 -39.19
N PRO FC 551 -88.90 -111.00 -38.91
CA PRO FC 551 -89.64 -110.22 -39.93
C PRO FC 551 -89.16 -108.78 -40.08
N GLY FC 552 -88.40 -108.26 -39.13
CA GLY FC 552 -87.81 -106.93 -39.32
C GLY FC 552 -86.77 -106.92 -40.42
N ASP FC 553 -85.92 -107.95 -40.45
CA ASP FC 553 -85.02 -108.12 -41.58
C ASP FC 553 -85.79 -108.40 -42.87
N ALA FC 554 -86.96 -109.04 -42.76
CA ALA FC 554 -87.78 -109.27 -43.94
C ALA FC 554 -88.29 -107.97 -44.53
N LYS FC 555 -88.68 -107.03 -43.68
CA LYS FC 555 -89.06 -105.71 -44.17
C LYS FC 555 -87.86 -104.95 -44.71
N THR FC 556 -86.67 -105.15 -44.11
CA THR FC 556 -85.45 -104.56 -44.67
C THR FC 556 -85.18 -105.06 -46.09
N ALA FC 557 -85.29 -106.37 -46.29
CA ALA FC 557 -85.11 -106.96 -47.61
C ALA FC 557 -86.20 -106.52 -48.57
N LEU FC 558 -87.42 -106.34 -48.06
CA LEU FC 558 -88.51 -105.81 -48.89
C LEU FC 558 -88.20 -104.39 -49.35
N ASP FC 559 -87.65 -103.57 -48.47
CA ASP FC 559 -87.22 -102.22 -48.86
C ASP FC 559 -86.13 -102.27 -49.92
N SER FC 560 -85.16 -103.18 -49.75
CA SER FC 560 -84.10 -103.32 -50.74
C SER FC 560 -84.66 -103.78 -52.09
N MET FC 561 -85.66 -104.66 -52.06
CA MET FC 561 -86.29 -105.14 -53.29
C MET FC 561 -87.05 -104.03 -53.99
N ILE FC 562 -87.82 -103.25 -53.24
CA ILE FC 562 -88.60 -102.17 -53.83
C ILE FC 562 -87.68 -101.08 -54.38
N GLU FC 563 -86.64 -100.73 -53.63
CA GLU FC 563 -85.63 -99.77 -54.09
C GLU FC 563 -84.90 -100.28 -55.33
N ASP FC 564 -84.70 -101.60 -55.41
CA ASP FC 564 -84.10 -102.18 -56.60
C ASP FC 564 -84.98 -102.01 -57.82
N GLY FC 565 -86.30 -102.12 -57.66
CA GLY FC 565 -87.22 -101.87 -58.74
C GLY FC 565 -88.12 -103.06 -59.08
N HIS FC 566 -88.20 -104.02 -58.18
CA HIS FC 566 -89.05 -105.20 -58.37
C HIS FC 566 -90.19 -105.15 -57.36
N VAL FC 567 -91.32 -105.72 -57.75
CA VAL FC 567 -92.54 -105.70 -56.95
C VAL FC 567 -92.95 -107.15 -56.66
N PRO FC 568 -93.14 -107.52 -55.40
CA PRO FC 568 -93.47 -108.93 -55.09
C PRO FC 568 -94.96 -109.23 -55.20
N ASP FC 569 -95.36 -110.44 -54.82
CA ASP FC 569 -96.74 -110.89 -54.91
C ASP FC 569 -97.45 -110.75 -53.56
N SER FC 570 -98.78 -110.83 -53.62
CA SER FC 570 -99.62 -110.56 -52.45
C SER FC 570 -99.48 -111.63 -51.37
N THR FC 571 -99.11 -112.85 -51.75
CA THR FC 571 -98.90 -113.90 -50.74
C THR FC 571 -97.70 -113.59 -49.86
N LEU FC 572 -96.62 -113.09 -50.46
CA LEU FC 572 -95.45 -112.71 -49.67
C LEU FC 572 -95.75 -111.50 -48.79
N PHE FC 573 -96.56 -110.56 -49.32
CA PHE FC 573 -96.98 -109.41 -48.52
C PHE FC 573 -97.81 -109.85 -47.32
N ARG FC 574 -98.73 -110.81 -47.52
CA ARG FC 574 -99.53 -111.32 -46.41
C ARG FC 574 -98.67 -112.01 -45.37
N SER FC 575 -97.69 -112.82 -45.82
CA SER FC 575 -96.82 -113.49 -44.86
C SER FC 575 -95.98 -112.49 -44.08
N VAL FC 576 -95.46 -111.46 -44.76
CA VAL FC 576 -94.63 -110.45 -44.08
C VAL FC 576 -95.46 -109.66 -43.08
N ILE FC 577 -96.67 -109.24 -43.48
CA ILE FC 577 -97.52 -108.44 -42.59
C ILE FC 577 -97.97 -109.27 -41.39
N GLU FC 578 -98.27 -110.55 -41.61
CA GLU FC 578 -98.64 -111.43 -40.50
C GLU FC 578 -97.47 -111.66 -39.55
N SER FC 579 -96.28 -111.90 -40.10
CA SER FC 579 -95.12 -112.15 -39.24
C SER FC 579 -94.72 -110.91 -38.46
N LEU FC 580 -94.97 -109.72 -39.02
CA LEU FC 580 -94.74 -108.49 -38.26
C LEU FC 580 -95.82 -108.28 -37.20
N PHE FC 581 -97.08 -108.61 -37.52
CA PHE FC 581 -98.17 -108.31 -36.60
C PHE FC 581 -98.16 -109.24 -35.39
N GLU FC 582 -97.95 -110.54 -35.60
CA GLU FC 582 -97.82 -111.44 -34.46
C GLU FC 582 -96.47 -111.34 -33.75
N ASP FC 583 -95.55 -110.51 -34.22
CA ASP FC 583 -94.35 -110.19 -33.47
C ASP FC 583 -94.46 -108.86 -32.72
N GLY FC 584 -95.59 -108.16 -32.84
CA GLY FC 584 -95.78 -106.91 -32.15
C GLY FC 584 -95.29 -105.67 -32.87
N ARG FC 585 -94.77 -105.82 -34.10
CA ARG FC 585 -94.22 -104.70 -34.85
C ARG FC 585 -95.35 -104.06 -35.68
N VAL FC 586 -96.11 -103.19 -35.02
CA VAL FC 586 -97.27 -102.58 -35.65
C VAL FC 586 -96.85 -101.56 -36.70
N GLN FC 587 -95.88 -100.71 -36.38
CA GLN FC 587 -95.53 -99.60 -37.28
C GLN FC 587 -94.78 -100.09 -38.51
N THR FC 588 -93.98 -101.15 -38.36
CA THR FC 588 -93.33 -101.76 -39.52
C THR FC 588 -94.36 -102.35 -40.46
N ALA FC 589 -95.39 -103.02 -39.91
CA ALA FC 589 -96.49 -103.52 -40.71
C ALA FC 589 -97.28 -102.39 -41.36
N SER FC 590 -97.39 -101.25 -40.68
CA SER FC 590 -98.02 -100.09 -41.28
C SER FC 590 -97.21 -99.57 -42.47
N ARG FC 591 -95.89 -99.67 -42.40
CA ARG FC 591 -95.08 -99.23 -43.54
C ARG FC 591 -95.18 -100.20 -44.71
N VAL FC 592 -95.29 -101.51 -44.42
CA VAL FC 592 -95.56 -102.47 -45.49
C VAL FC 592 -96.94 -102.22 -46.10
N MET FC 593 -97.92 -101.85 -45.26
CA MET FC 593 -99.25 -101.52 -45.76
C MET FC 593 -99.21 -100.29 -46.66
N MET FC 594 -98.43 -99.27 -46.27
CA MET FC 594 -98.28 -98.09 -47.10
C MET FC 594 -97.60 -98.41 -48.43
N ILE FC 595 -96.60 -99.30 -48.41
CA ILE FC 595 -95.91 -99.56 -49.66
C ILE FC 595 -96.76 -100.46 -50.58
N MET FC 596 -97.68 -101.25 -50.01
CA MET FC 596 -98.58 -101.99 -50.91
C MET FC 596 -99.77 -101.13 -51.32
N ILE FC 597 -100.03 -100.02 -50.62
CA ILE FC 597 -100.86 -98.96 -51.22
C ILE FC 597 -100.17 -98.40 -52.45
N ASP FC 598 -98.88 -98.07 -52.31
CA ASP FC 598 -98.15 -97.43 -53.40
C ASP FC 598 -97.90 -98.37 -54.58
N LYS FC 599 -97.90 -99.68 -54.36
CA LYS FC 599 -97.68 -100.62 -55.45
C LYS FC 599 -98.95 -101.32 -55.93
N ASN FC 600 -100.04 -101.26 -55.15
CA ASN FC 600 -101.36 -101.77 -55.51
C ASN FC 600 -101.35 -103.28 -55.82
N VAL FC 601 -100.95 -104.05 -54.80
CA VAL FC 601 -100.70 -105.48 -54.98
C VAL FC 601 -101.62 -106.21 -53.98
N GLY FC 602 -102.86 -105.75 -53.85
CA GLY FC 602 -103.78 -106.57 -53.08
C GLY FC 602 -104.37 -105.95 -51.83
N VAL FC 603 -104.70 -104.66 -51.89
CA VAL FC 603 -105.30 -103.96 -50.75
C VAL FC 603 -106.62 -104.59 -50.37
N GLU FC 604 -107.45 -104.91 -51.38
CA GLU FC 604 -108.77 -105.47 -51.13
C GLU FC 604 -108.71 -106.87 -50.55
N GLU FC 605 -107.65 -107.62 -50.85
CA GLU FC 605 -107.53 -108.97 -50.30
C GLU FC 605 -107.23 -108.94 -48.81
N ASN FC 606 -106.50 -107.92 -48.35
CA ASN FC 606 -105.97 -107.89 -46.99
C ASN FC 606 -106.57 -106.75 -46.16
N MET FC 607 -107.82 -106.40 -46.41
CA MET FC 607 -108.48 -105.36 -45.61
C MET FC 607 -108.71 -105.81 -44.18
N ASP FC 608 -108.81 -107.13 -43.95
CA ASP FC 608 -108.88 -107.66 -42.59
C ASP FC 608 -107.61 -107.34 -41.81
N LEU FC 609 -106.45 -107.47 -42.46
CA LEU FC 609 -105.20 -107.07 -41.81
C LEU FC 609 -105.12 -105.56 -41.64
N VAL FC 610 -105.67 -104.81 -42.59
CA VAL FC 610 -105.62 -103.35 -42.52
C VAL FC 610 -106.42 -102.84 -41.33
N ALA FC 611 -107.60 -103.43 -41.09
CA ALA FC 611 -108.44 -103.00 -39.97
C ALA FC 611 -107.76 -103.25 -38.63
N LYS FC 612 -107.14 -104.42 -38.45
CA LYS FC 612 -106.49 -104.70 -37.17
C LYS FC 612 -105.17 -103.94 -37.03
N ILE FC 613 -104.51 -103.63 -38.16
CA ILE FC 613 -103.33 -102.78 -38.11
C ILE FC 613 -103.69 -101.38 -37.66
N LEU FC 614 -104.79 -100.82 -38.21
CA LEU FC 614 -105.26 -99.51 -37.77
C LEU FC 614 -105.71 -99.54 -36.31
N GLU FC 615 -106.31 -100.67 -35.88
CA GLU FC 615 -106.73 -100.80 -34.49
C GLU FC 615 -105.54 -100.81 -33.55
N ALA FC 616 -104.48 -101.55 -33.89
CA ALA FC 616 -103.30 -101.57 -33.04
C ALA FC 616 -102.55 -100.25 -33.09
N LEU FC 617 -102.57 -99.55 -34.24
CA LEU FC 617 -101.97 -98.23 -34.34
C LEU FC 617 -102.68 -97.23 -33.44
N LEU FC 618 -104.02 -97.25 -33.42
CA LEU FC 618 -104.75 -96.34 -32.55
C LEU FC 618 -104.68 -96.76 -31.10
N MET FC 619 -104.49 -98.05 -30.83
CA MET FC 619 -104.35 -98.52 -29.46
C MET FC 619 -103.00 -98.14 -28.87
N ARG FC 620 -101.95 -98.16 -29.69
CA ARG FC 620 -100.62 -97.79 -29.21
C ARG FC 620 -100.50 -96.29 -28.95
N GLY FC 621 -101.17 -95.46 -29.74
CA GLY FC 621 -101.10 -94.02 -29.58
C GLY FC 621 -100.65 -93.28 -30.82
N HIS FC 622 -100.42 -93.97 -31.93
CA HIS FC 622 -99.96 -93.34 -33.16
C HIS FC 622 -101.17 -92.88 -33.97
N VAL FC 623 -101.85 -91.87 -33.42
CA VAL FC 623 -103.12 -91.42 -33.99
C VAL FC 623 -102.91 -90.74 -35.34
N GLU FC 624 -101.90 -89.86 -35.44
CA GLU FC 624 -101.66 -89.13 -36.67
C GLU FC 624 -101.24 -90.06 -37.81
N GLU FC 625 -100.47 -91.10 -37.50
CA GLU FC 625 -100.06 -92.08 -38.51
C GLU FC 625 -101.26 -92.85 -39.04
N ALA FC 626 -102.16 -93.28 -38.14
CA ALA FC 626 -103.36 -93.99 -38.56
C ALA FC 626 -104.29 -93.09 -39.39
N LEU FC 627 -104.40 -91.81 -38.99
CA LEU FC 627 -105.21 -90.87 -39.77
C LEU FC 627 -104.63 -90.64 -41.16
N GLY FC 628 -103.30 -90.57 -41.26
CA GLY FC 628 -102.67 -90.46 -42.56
C GLY FC 628 -102.86 -91.71 -43.41
N ARG FC 629 -102.83 -92.88 -42.77
CA ARG FC 629 -103.07 -94.13 -43.49
C ARG FC 629 -104.49 -94.19 -44.02
N ILE FC 630 -105.47 -93.76 -43.22
CA ILE FC 630 -106.86 -93.75 -43.67
C ILE FC 630 -107.06 -92.71 -44.77
N ASP FC 631 -106.39 -91.55 -44.66
CA ASP FC 631 -106.48 -90.54 -45.71
C ASP FC 631 -105.88 -91.04 -47.02
N LEU FC 632 -104.81 -91.83 -46.94
CA LEU FC 632 -104.28 -92.47 -48.14
C LEU FC 632 -105.22 -93.56 -48.66
N LEU FC 633 -105.96 -94.21 -47.76
CA LEU FC 633 -106.88 -95.26 -48.18
C LEU FC 633 -108.08 -94.70 -48.93
N ASN FC 634 -108.70 -93.65 -48.40
CA ASN FC 634 -109.89 -93.10 -49.02
C ASN FC 634 -109.58 -92.26 -50.25
N GLN FC 635 -108.35 -91.76 -50.38
CA GLN FC 635 -107.98 -91.02 -51.58
C GLN FC 635 -107.85 -91.96 -52.77
N ASN FC 636 -107.48 -93.22 -52.54
CA ASN FC 636 -107.38 -94.20 -53.61
C ASN FC 636 -108.65 -95.02 -53.79
N GLY FC 637 -109.77 -94.58 -53.19
CA GLY FC 637 -111.05 -95.21 -53.41
C GLY FC 637 -111.32 -96.43 -52.54
N HIS FC 638 -110.34 -96.90 -51.78
CA HIS FC 638 -110.53 -98.07 -50.94
C HIS FC 638 -111.22 -97.67 -49.64
N THR FC 639 -112.29 -98.38 -49.30
CA THR FC 639 -113.09 -98.00 -48.15
C THR FC 639 -112.43 -98.43 -46.85
N ALA FC 640 -112.94 -97.90 -45.75
CA ALA FC 640 -112.44 -98.17 -44.41
C ALA FC 640 -113.58 -98.62 -43.52
N ASP FC 641 -113.23 -99.00 -42.29
CA ASP FC 641 -114.16 -99.54 -41.30
C ASP FC 641 -114.11 -98.71 -40.03
N VAL FC 642 -114.27 -97.41 -40.19
CA VAL FC 642 -114.20 -96.44 -39.11
C VAL FC 642 -115.23 -96.70 -38.01
N ASP FC 643 -116.35 -97.36 -38.35
CA ASP FC 643 -117.39 -97.66 -37.36
C ASP FC 643 -116.88 -98.62 -36.29
N ARG FC 644 -116.32 -99.76 -36.72
CA ARG FC 644 -115.82 -100.74 -35.75
C ARG FC 644 -114.60 -100.21 -35.03
N LEU FC 645 -113.82 -99.34 -35.68
CA LEU FC 645 -112.68 -98.71 -35.02
C LEU FC 645 -113.14 -97.78 -33.90
N LEU FC 646 -114.19 -96.99 -34.14
CA LEU FC 646 -114.74 -96.15 -33.07
C LEU FC 646 -115.34 -97.01 -31.96
N SER FC 647 -115.98 -98.13 -32.31
CA SER FC 647 -116.56 -98.98 -31.27
C SER FC 647 -115.49 -99.59 -30.38
N VAL FC 648 -114.40 -100.09 -30.97
CA VAL FC 648 -113.35 -100.68 -30.15
C VAL FC 648 -112.50 -99.62 -29.45
N LEU FC 649 -112.46 -98.39 -29.96
CA LEU FC 649 -111.79 -97.33 -29.21
C LEU FC 649 -112.66 -96.83 -28.06
N SER FC 650 -113.98 -96.88 -28.21
CA SER FC 650 -114.87 -96.48 -27.13
C SER FC 650 -114.97 -97.54 -26.05
N GLU FC 651 -114.85 -98.82 -26.41
CA GLU FC 651 -115.00 -99.88 -25.42
C GLU FC 651 -113.68 -100.35 -24.82
N LYS FC 652 -112.54 -99.83 -25.26
CA LYS FC 652 -111.25 -100.09 -24.63
C LYS FC 652 -110.71 -98.88 -23.87
N GLY FC 653 -111.51 -97.82 -23.72
CA GLY FC 653 -111.14 -96.69 -22.90
C GLY FC 653 -110.22 -95.68 -23.55
N LYS FC 654 -109.80 -95.91 -24.79
CA LYS FC 654 -108.94 -94.95 -25.50
C LYS FC 654 -109.84 -93.88 -26.10
N THR FC 655 -110.33 -92.99 -25.23
CA THR FC 655 -111.37 -92.04 -25.62
C THR FC 655 -110.81 -90.89 -26.44
N ILE FC 656 -109.60 -90.43 -26.13
CA ILE FC 656 -109.05 -89.27 -26.83
C ILE FC 656 -108.71 -89.63 -28.28
N ALA FC 657 -108.20 -90.86 -28.50
CA ALA FC 657 -107.99 -91.33 -29.87
C ALA FC 657 -109.31 -91.56 -30.58
N ALA FC 658 -110.34 -92.00 -29.83
CA ALA FC 658 -111.66 -92.19 -30.41
C ALA FC 658 -112.25 -90.87 -30.91
N LEU FC 659 -112.14 -89.81 -30.12
CA LEU FC 659 -112.69 -88.54 -30.53
C LEU FC 659 -111.83 -87.87 -31.60
N LYS FC 660 -110.51 -88.13 -31.60
CA LYS FC 660 -109.68 -87.67 -32.70
C LYS FC 660 -110.07 -88.34 -34.02
N LEU FC 661 -110.33 -89.65 -33.97
CA LEU FC 661 -110.80 -90.36 -35.16
C LEU FC 661 -112.18 -89.88 -35.60
N LEU FC 662 -113.04 -89.54 -34.63
CA LEU FC 662 -114.34 -88.97 -34.94
C LEU FC 662 -114.20 -87.62 -35.62
N ASP FC 663 -113.28 -86.78 -35.14
CA ASP FC 663 -113.03 -85.49 -35.76
C ASP FC 663 -112.48 -85.65 -37.17
N PHE FC 664 -111.60 -86.64 -37.37
CA PHE FC 664 -111.07 -86.92 -38.70
C PHE FC 664 -112.17 -87.35 -39.65
N ALA FC 665 -113.12 -88.17 -39.17
CA ALA FC 665 -114.25 -88.53 -39.99
C ALA FC 665 -115.16 -87.35 -40.30
N LEU FC 666 -115.34 -86.45 -39.33
CA LEU FC 666 -116.27 -85.34 -39.48
C LEU FC 666 -115.73 -84.26 -40.41
N GLU FC 667 -114.44 -83.91 -40.29
CA GLU FC 667 -113.93 -82.70 -40.94
C GLU FC 667 -113.87 -82.81 -42.45
N ARG FC 668 -113.89 -84.02 -43.00
CA ARG FC 668 -113.85 -84.23 -44.44
C ARG FC 668 -115.17 -84.75 -44.98
N ASP FC 669 -116.25 -84.64 -44.19
CA ASP FC 669 -117.62 -84.98 -44.58
C ASP FC 669 -117.78 -86.45 -44.96
N LEU FC 670 -116.95 -87.33 -44.43
CA LEU FC 670 -117.21 -88.76 -44.52
C LEU FC 670 -118.43 -89.13 -43.69
N SER FC 671 -119.30 -89.96 -44.27
CA SER FC 671 -120.56 -90.35 -43.66
C SER FC 671 -120.46 -91.75 -43.09
N LEU FC 672 -121.03 -91.94 -41.90
CA LEU FC 672 -120.96 -93.20 -41.20
C LEU FC 672 -122.31 -93.42 -40.51
N GLU FC 673 -122.39 -94.48 -39.69
CA GLU FC 673 -123.64 -94.79 -39.01
C GLU FC 673 -123.84 -93.87 -37.82
N PHE FC 674 -125.08 -93.83 -37.33
CA PHE FC 674 -125.44 -93.02 -36.18
C PHE FC 674 -125.24 -93.75 -34.86
N SER FC 675 -124.86 -95.02 -34.89
CA SER FC 675 -124.58 -95.77 -33.68
C SER FC 675 -123.14 -95.61 -33.21
N SER FC 676 -122.30 -94.92 -33.97
CA SER FC 676 -120.92 -94.71 -33.59
C SER FC 676 -120.68 -93.36 -32.92
N TYR FC 677 -121.52 -92.36 -33.20
CA TYR FC 677 -121.45 -91.10 -32.48
C TYR FC 677 -121.76 -91.30 -31.00
N ASP FC 678 -122.79 -92.07 -30.71
CA ASP FC 678 -123.28 -92.21 -29.34
C ASP FC 678 -122.31 -93.00 -28.48
N LYS FC 679 -121.66 -94.03 -29.06
CA LYS FC 679 -120.70 -94.83 -28.30
C LYS FC 679 -119.50 -94.01 -27.86
N VAL FC 680 -119.04 -93.08 -28.71
CA VAL FC 680 -118.01 -92.14 -28.27
C VAL FC 680 -118.56 -91.17 -27.24
N LEU FC 681 -119.78 -90.63 -27.47
CA LEU FC 681 -120.30 -89.56 -26.63
C LEU FC 681 -120.60 -90.00 -25.21
N ASP FC 682 -121.17 -91.19 -25.01
CA ASP FC 682 -121.41 -91.63 -23.64
C ASP FC 682 -120.13 -92.07 -22.94
N ALA FC 683 -119.15 -92.59 -23.71
CA ALA FC 683 -117.86 -92.95 -23.13
C ALA FC 683 -117.12 -91.72 -22.62
N LEU FC 684 -117.21 -90.61 -23.35
CA LEU FC 684 -116.55 -89.39 -22.89
C LEU FC 684 -117.39 -88.60 -21.90
N LEU FC 685 -118.72 -88.78 -21.88
CA LEU FC 685 -119.56 -88.06 -20.93
C LEU FC 685 -119.28 -88.50 -19.49
N GLY FC 686 -119.12 -89.80 -19.27
CA GLY FC 686 -118.91 -90.34 -17.94
C GLY FC 686 -117.48 -90.33 -17.45
N ALA FC 687 -116.63 -89.46 -17.98
CA ALA FC 687 -115.23 -89.38 -17.59
C ALA FC 687 -114.79 -87.94 -17.33
N GLY FC 688 -115.74 -87.04 -17.07
CA GLY FC 688 -115.41 -85.65 -16.83
C GLY FC 688 -114.90 -84.91 -18.05
N LYS FC 689 -115.46 -85.21 -19.22
CA LYS FC 689 -115.04 -84.55 -20.45
C LYS FC 689 -116.23 -83.82 -21.07
N THR FC 690 -117.01 -83.14 -20.24
CA THR FC 690 -118.22 -82.48 -20.72
C THR FC 690 -117.91 -81.28 -21.61
N LEU FC 691 -116.73 -80.66 -21.45
CA LEU FC 691 -116.28 -79.66 -22.40
C LEU FC 691 -116.02 -80.29 -23.76
N ASN FC 692 -115.38 -81.46 -23.78
CA ASN FC 692 -115.25 -82.23 -25.02
C ASN FC 692 -116.60 -82.70 -25.54
N ALA FC 693 -117.57 -82.93 -24.64
CA ALA FC 693 -118.91 -83.30 -25.08
C ALA FC 693 -119.58 -82.18 -25.84
N TYR FC 694 -119.49 -80.96 -25.32
CA TYR FC 694 -120.00 -79.79 -26.03
C TYR FC 694 -119.26 -79.58 -27.34
N SER FC 695 -117.94 -79.73 -27.31
CA SER FC 695 -117.11 -79.50 -28.50
C SER FC 695 -117.43 -80.51 -29.60
N VAL FC 696 -117.77 -81.74 -29.21
CA VAL FC 696 -118.18 -82.73 -30.21
C VAL FC 696 -119.57 -82.42 -30.73
N LEU FC 697 -120.56 -82.29 -29.82
CA LEU FC 697 -121.95 -82.26 -30.25
C LEU FC 697 -122.31 -80.97 -30.99
N CYS FC 698 -121.60 -79.87 -30.71
CA CYS FC 698 -121.85 -78.63 -31.43
C CYS FC 698 -121.56 -78.78 -32.92
N LYS FC 699 -120.44 -79.42 -33.28
CA LYS FC 699 -120.16 -79.65 -34.68
C LYS FC 699 -120.83 -80.92 -35.22
N ILE FC 700 -121.36 -81.78 -34.35
CA ILE FC 700 -122.30 -82.79 -34.81
C ILE FC 700 -123.56 -82.12 -35.36
N MET FC 701 -124.14 -81.19 -34.61
CA MET FC 701 -125.37 -80.55 -35.06
C MET FC 701 -125.13 -79.43 -36.06
N GLY FC 702 -123.90 -78.93 -36.16
CA GLY FC 702 -123.55 -78.02 -37.24
C GLY FC 702 -123.25 -78.76 -38.55
N LYS FC 703 -123.12 -80.08 -38.49
CA LYS FC 703 -122.95 -80.87 -39.70
C LYS FC 703 -124.24 -80.90 -40.52
N GLY FC 704 -125.38 -80.83 -39.85
CA GLY FC 704 -126.69 -80.95 -40.49
C GLY FC 704 -127.35 -82.29 -40.27
N SER FC 705 -126.65 -83.28 -39.72
CA SER FC 705 -127.24 -84.57 -39.47
C SER FC 705 -128.19 -84.53 -38.28
N GLY FC 706 -129.12 -85.49 -38.25
CA GLY FC 706 -130.09 -85.63 -37.17
C GLY FC 706 -129.73 -86.90 -36.41
N SER FC 707 -128.86 -86.77 -35.41
CA SER FC 707 -128.35 -87.92 -34.68
C SER FC 707 -129.34 -88.37 -33.60
N ASP FC 708 -129.25 -89.65 -33.26
CA ASP FC 708 -130.21 -90.31 -32.38
C ASP FC 708 -129.68 -90.52 -30.97
N TRP FC 709 -128.87 -89.58 -30.48
CA TRP FC 709 -128.35 -89.70 -29.12
C TRP FC 709 -129.45 -89.39 -28.12
N LYS FC 710 -129.80 -90.37 -27.30
CA LYS FC 710 -130.82 -90.22 -26.28
C LYS FC 710 -130.26 -89.96 -24.89
N SER FC 711 -128.95 -90.13 -24.69
CA SER FC 711 -128.30 -89.88 -23.41
C SER FC 711 -127.93 -88.41 -23.22
N CYS FC 712 -128.50 -87.51 -24.04
CA CYS FC 712 -128.21 -86.09 -23.92
C CYS FC 712 -128.79 -85.47 -22.67
N ASP FC 713 -129.78 -86.12 -22.04
CA ASP FC 713 -130.30 -85.61 -20.78
C ASP FC 713 -129.28 -85.74 -19.66
N GLU FC 714 -128.49 -86.83 -19.69
CA GLU FC 714 -127.39 -86.96 -18.75
C GLU FC 714 -126.31 -85.92 -18.99
N LEU FC 715 -126.14 -85.48 -20.24
CA LEU FC 715 -125.21 -84.40 -20.53
C LEU FC 715 -125.73 -83.05 -20.03
N ILE FC 716 -127.01 -82.75 -20.28
CA ILE FC 716 -127.57 -81.48 -19.85
C ILE FC 716 -127.70 -81.41 -18.33
N LYS FC 717 -127.80 -82.55 -17.65
CA LYS FC 717 -127.69 -82.56 -16.20
C LYS FC 717 -126.25 -82.55 -15.71
N SER FC 718 -125.31 -83.01 -16.55
CA SER FC 718 -123.90 -82.90 -16.22
C SER FC 718 -123.38 -81.47 -16.41
N LEU FC 719 -123.86 -80.78 -17.46
CA LEU FC 719 -123.41 -79.41 -17.70
C LEU FC 719 -124.01 -78.43 -16.70
N ASN FC 720 -125.24 -78.66 -16.26
CA ASN FC 720 -125.94 -77.70 -15.40
C ASN FC 720 -125.62 -77.93 -13.92
N GLN FC 721 -124.36 -78.08 -13.61
CA GLN FC 721 -123.91 -78.15 -12.22
C GLN FC 721 -122.77 -77.19 -11.91
N GLU FC 722 -121.85 -76.98 -12.84
CA GLU FC 722 -120.59 -76.29 -12.57
C GLU FC 722 -120.54 -74.92 -13.22
N GLY FC 723 -121.69 -74.30 -13.48
CA GLY FC 723 -121.70 -72.99 -14.10
C GLY FC 723 -121.48 -72.98 -15.58
N ASN FC 724 -121.59 -74.14 -16.24
CA ASN FC 724 -121.48 -74.21 -17.71
C ASN FC 724 -122.83 -73.91 -18.36
N THR FC 725 -123.31 -72.70 -18.09
CA THR FC 725 -124.66 -72.31 -18.50
C THR FC 725 -124.74 -71.94 -19.98
N LYS FC 726 -123.68 -71.36 -20.54
CA LYS FC 726 -123.68 -71.06 -21.98
C LYS FC 726 -123.72 -72.33 -22.81
N GLN FC 727 -122.96 -73.35 -22.39
CA GLN FC 727 -122.96 -74.63 -23.06
C GLN FC 727 -124.31 -75.31 -22.95
N ALA FC 728 -124.96 -75.21 -21.79
CA ALA FC 728 -126.30 -75.77 -21.63
C ALA FC 728 -127.32 -75.02 -22.48
N ASP FC 729 -127.19 -73.70 -22.58
CA ASP FC 729 -128.07 -72.88 -23.41
C ASP FC 729 -127.96 -73.29 -24.87
N VAL FC 730 -126.74 -73.42 -25.39
CA VAL FC 730 -126.60 -73.80 -26.79
C VAL FC 730 -126.94 -75.27 -27.01
N LEU FC 731 -126.76 -76.12 -26.00
CA LEU FC 731 -127.19 -77.52 -26.12
C LEU FC 731 -128.71 -77.61 -26.23
N SER FC 732 -129.44 -76.86 -25.41
CA SER FC 732 -130.89 -76.83 -25.54
C SER FC 732 -131.31 -76.17 -26.84
N ARG FC 733 -130.52 -75.21 -27.34
CA ARG FC 733 -130.82 -74.60 -28.63
C ARG FC 733 -130.69 -75.60 -29.77
N MET FC 734 -129.63 -76.42 -29.75
CA MET FC 734 -129.51 -77.48 -30.75
C MET FC 734 -130.53 -78.59 -30.56
N ILE FC 735 -130.99 -78.83 -29.33
CA ILE FC 735 -132.12 -79.75 -29.12
C ILE FC 735 -133.38 -79.21 -29.81
N LYS FC 736 -133.62 -77.89 -29.68
CA LYS FC 736 -134.74 -77.27 -30.39
C LYS FC 736 -134.57 -77.36 -31.90
N LYS FC 737 -133.36 -77.12 -32.40
CA LYS FC 737 -133.13 -77.16 -33.85
C LYS FC 737 -133.24 -78.58 -34.40
N GLU FC 738 -132.92 -79.59 -33.60
CA GLU FC 738 -133.10 -80.96 -34.02
C GLU FC 738 -134.54 -81.44 -33.95
N GLN FC 739 -135.28 -80.99 -32.93
CA GLN FC 739 -136.65 -81.47 -32.76
C GLN FC 739 -137.58 -80.85 -33.78
N GLY FC 740 -137.46 -79.54 -34.03
CA GLY FC 740 -138.33 -78.85 -34.95
C GLY FC 740 -137.66 -78.49 -36.26
N ASP GC 64 18.61 -89.06 -138.23
CA ASP GC 64 19.98 -89.08 -137.73
C ASP GC 64 20.51 -87.69 -137.45
N PRO GC 65 20.06 -86.72 -138.26
CA PRO GC 65 20.53 -85.35 -138.11
C PRO GC 65 20.09 -84.74 -136.78
N THR GC 66 18.87 -85.02 -136.35
CA THR GC 66 18.38 -84.51 -135.07
C THR GC 66 19.15 -85.12 -133.90
N GLN GC 67 19.42 -86.43 -133.97
CA GLN GC 67 20.15 -87.09 -132.89
C GLN GC 67 21.58 -86.57 -132.77
N ILE GC 68 22.26 -86.38 -133.90
CA ILE GC 68 23.63 -85.86 -133.83
C ILE GC 68 23.61 -84.38 -133.48
N ALA GC 69 22.51 -83.67 -133.77
CA ALA GC 69 22.39 -82.28 -133.33
C ALA GC 69 22.22 -82.18 -131.82
N LEU GC 70 21.41 -83.08 -131.24
CA LEU GC 70 21.30 -83.16 -129.78
C LEU GC 70 22.63 -83.54 -129.12
N SER GC 71 23.37 -84.48 -129.73
CA SER GC 71 24.68 -84.81 -129.18
C SER GC 71 25.66 -83.64 -129.31
N PHE GC 72 25.57 -82.90 -130.41
CA PHE GC 72 26.39 -81.71 -130.62
C PHE GC 72 26.09 -80.65 -129.56
N SER GC 73 24.81 -80.46 -129.26
CA SER GC 73 24.41 -79.56 -128.18
C SER GC 73 24.89 -80.06 -126.81
N LYS GC 74 24.83 -81.37 -126.57
CA LYS GC 74 25.32 -81.92 -125.31
C LYS GC 74 26.82 -81.71 -125.16
N GLU GC 75 27.55 -81.77 -126.26
CA GLU GC 75 28.98 -81.45 -126.19
C GLU GC 75 29.22 -79.97 -126.00
N LEU GC 76 28.35 -79.12 -126.56
CA LEU GC 76 28.39 -77.70 -126.25
C LEU GC 76 28.12 -77.45 -124.77
N THR GC 77 27.16 -78.17 -124.20
CA THR GC 77 26.85 -78.07 -122.77
C THR GC 77 27.71 -79.08 -122.01
N GLY GC 78 29.00 -78.74 -121.90
CA GLY GC 78 29.95 -79.61 -121.25
C GLY GC 78 30.90 -78.83 -120.36
N THR GC 79 31.68 -79.56 -119.59
CA THR GC 79 32.68 -78.96 -118.71
C THR GC 79 33.92 -78.60 -119.52
N PRO GC 80 34.29 -77.31 -119.57
CA PRO GC 80 35.49 -76.95 -120.34
C PRO GC 80 36.79 -77.33 -119.65
N GLU GC 81 36.86 -77.11 -118.34
CA GLU GC 81 38.10 -77.22 -117.58
C GLU GC 81 38.23 -78.55 -116.84
N ALA GC 82 37.37 -79.53 -117.14
CA ALA GC 82 37.51 -80.84 -116.52
C ALA GC 82 38.72 -81.59 -117.06
N ASP GC 83 38.99 -81.44 -118.35
CA ASP GC 83 40.16 -82.04 -118.98
C ASP GC 83 41.05 -80.94 -119.53
N PRO GC 84 42.31 -81.29 -119.77
CA PRO GC 84 43.31 -80.30 -120.19
C PRO GC 84 43.41 -80.19 -121.71
N GLN GC 85 42.27 -80.00 -122.37
CA GLN GC 85 42.21 -79.76 -123.80
C GLN GC 85 41.13 -78.73 -124.10
N SER GC 86 41.26 -78.05 -125.23
CA SER GC 86 40.32 -77.02 -125.62
C SER GC 86 39.05 -77.64 -126.18
N ILE GC 87 38.07 -76.77 -126.45
CA ILE GC 87 36.78 -77.19 -126.98
C ILE GC 87 36.92 -77.72 -128.41
N SER GC 88 37.88 -77.16 -129.17
CA SER GC 88 38.06 -77.54 -130.56
C SER GC 88 38.50 -79.00 -130.69
N GLN GC 89 39.38 -79.46 -129.80
CA GLN GC 89 39.77 -80.86 -129.79
C GLN GC 89 38.58 -81.76 -129.43
N ARG GC 90 37.75 -81.33 -128.49
CA ARG GC 90 36.57 -82.10 -128.09
C ARG GC 90 35.60 -82.25 -129.24
N PHE GC 91 35.42 -81.20 -130.04
CA PHE GC 91 34.57 -81.30 -131.22
C PHE GC 91 35.27 -81.95 -132.39
N HIS GC 92 36.59 -82.10 -132.33
CA HIS GC 92 37.32 -82.87 -133.34
C HIS GC 92 37.30 -84.37 -133.05
N LEU GC 93 37.10 -84.77 -131.78
CA LEU GC 93 37.11 -86.18 -131.41
C LEU GC 93 36.03 -87.00 -132.09
N SER GC 94 34.77 -86.71 -131.78
CA SER GC 94 33.65 -87.55 -132.23
C SER GC 94 32.71 -86.84 -133.20
N PHE GC 95 33.13 -85.70 -133.76
CA PHE GC 95 32.30 -84.98 -134.72
C PHE GC 95 33.04 -84.63 -135.99
N SER GC 96 34.26 -85.14 -136.18
CA SER GC 96 35.04 -84.83 -137.37
C SER GC 96 34.55 -85.53 -138.62
N HIS GC 97 33.62 -86.47 -138.49
CA HIS GC 97 32.97 -87.11 -139.62
C HIS GC 97 31.75 -86.37 -140.11
N ILE GC 98 31.44 -85.21 -139.53
CA ILE GC 98 30.27 -84.41 -139.89
C ILE GC 98 30.75 -83.13 -140.55
N THR GC 99 30.22 -82.85 -141.74
CA THR GC 99 30.48 -81.59 -142.42
C THR GC 99 29.55 -80.51 -141.87
N PRO GC 100 30.08 -79.41 -141.35
CA PRO GC 100 29.20 -78.36 -140.78
C PRO GC 100 28.45 -77.59 -141.86
N THR GC 101 27.31 -77.04 -141.45
CA THR GC 101 26.43 -76.22 -142.27
C THR GC 101 25.51 -75.46 -141.33
N ARG GC 102 25.02 -74.26 -141.73
CA ARG GC 102 24.32 -73.39 -140.77
C ARG GC 102 23.05 -73.96 -140.14
N ASP GC 103 22.47 -75.02 -140.72
CA ASP GC 103 21.32 -75.67 -140.11
C ASP GC 103 21.67 -76.28 -138.76
N LEU GC 104 22.87 -76.87 -138.64
CA LEU GC 104 23.28 -77.41 -137.35
C LEU GC 104 23.65 -76.33 -136.36
N ILE GC 105 24.21 -75.21 -136.81
CA ILE GC 105 24.46 -74.08 -135.90
C ILE GC 105 23.16 -73.53 -135.35
N LEU GC 106 22.14 -73.38 -136.20
CA LEU GC 106 20.86 -72.88 -135.70
C LEU GC 106 20.16 -73.92 -134.84
N GLN GC 107 20.25 -75.20 -135.18
CA GLN GC 107 19.56 -76.22 -134.40
C GLN GC 107 20.32 -76.59 -133.12
N THR GC 108 21.56 -76.12 -132.96
CA THR GC 108 22.26 -76.35 -131.70
C THR GC 108 22.27 -75.12 -130.81
N LEU GC 109 22.28 -73.92 -131.40
CA LEU GC 109 22.23 -72.71 -130.58
C LEU GC 109 20.82 -72.34 -130.14
N ASN GC 110 19.80 -73.08 -130.60
CA ASN GC 110 18.44 -72.76 -130.22
C ASN GC 110 18.05 -73.33 -128.87
N LEU GC 111 18.70 -74.42 -128.43
CA LEU GC 111 18.27 -75.11 -127.22
C LEU GC 111 19.30 -75.07 -126.11
N SER GC 112 20.48 -74.50 -126.34
CA SER GC 112 21.55 -74.48 -125.35
C SER GC 112 21.94 -73.04 -125.05
N PRO GC 113 21.21 -72.34 -124.19
CA PRO GC 113 21.62 -71.01 -123.76
C PRO GC 113 22.43 -70.98 -122.48
N GLU GC 114 22.71 -72.12 -121.86
CA GLU GC 114 23.52 -72.17 -120.66
C GLU GC 114 24.99 -72.43 -120.95
N ALA GC 115 25.37 -72.52 -122.24
CA ALA GC 115 26.77 -72.74 -122.60
C ALA GC 115 27.61 -71.51 -122.31
N GLY GC 116 27.13 -70.33 -122.72
CA GLY GC 116 27.86 -69.10 -122.47
C GLY GC 116 29.07 -68.93 -123.37
N ARG GC 117 30.26 -68.92 -122.77
CA ARG GC 117 31.50 -68.75 -123.52
C ARG GC 117 31.99 -70.03 -124.17
N ALA GC 118 31.28 -71.15 -124.00
CA ALA GC 118 31.69 -72.39 -124.62
C ALA GC 118 31.53 -72.39 -126.13
N ALA GC 119 30.72 -71.47 -126.67
CA ALA GC 119 30.54 -71.36 -128.12
C ALA GC 119 31.76 -70.78 -128.82
N LEU GC 120 32.72 -70.23 -128.08
CA LEU GC 120 33.91 -69.66 -128.72
C LEU GC 120 34.81 -70.75 -129.27
N GLY GC 121 35.03 -71.82 -128.50
CA GLY GC 121 35.77 -72.97 -129.01
C GLY GC 121 35.01 -73.69 -130.10
N PHE GC 122 33.67 -73.63 -130.07
CA PHE GC 122 32.88 -74.10 -131.19
C PHE GC 122 33.15 -73.28 -132.44
N ASN GC 123 33.31 -71.96 -132.29
CA ASN GC 123 33.69 -71.14 -133.43
C ASN GC 123 35.12 -71.44 -133.89
N ASP GC 124 36.00 -71.82 -132.95
CA ASP GC 124 37.34 -72.27 -133.32
C ASP GC 124 37.29 -73.54 -134.17
N TRP GC 125 36.45 -74.49 -133.76
CA TRP GC 125 36.26 -75.71 -134.54
C TRP GC 125 35.59 -75.44 -135.89
N LEU GC 126 34.74 -74.41 -135.97
CA LEU GC 126 34.19 -74.02 -137.25
C LEU GC 126 35.25 -73.40 -138.16
N ASP GC 127 36.16 -72.64 -137.57
CA ASP GC 127 37.22 -72.02 -138.38
C ASP GC 127 38.27 -73.03 -138.81
N SER GC 128 38.51 -74.08 -138.01
CA SER GC 128 39.55 -75.04 -138.35
C SER GC 128 39.14 -75.93 -139.52
N ASN GC 129 37.85 -76.13 -139.71
CA ASN GC 129 37.37 -77.02 -140.77
C ASN GC 129 37.55 -76.38 -142.14
N ALA GC 130 37.79 -77.23 -143.14
CA ALA GC 130 38.03 -76.76 -144.50
C ALA GC 130 36.78 -76.80 -145.37
N ALA GC 131 35.74 -77.54 -144.97
CA ALA GC 131 34.49 -77.56 -145.71
C ALA GC 131 33.63 -76.34 -145.43
N PHE GC 132 33.95 -75.56 -144.40
CA PHE GC 132 33.09 -74.48 -143.94
C PHE GC 132 33.62 -73.14 -144.45
N SER GC 133 32.88 -72.53 -145.37
CA SER GC 133 33.17 -71.18 -145.85
C SER GC 133 32.28 -70.26 -145.03
N HIS GC 134 32.87 -69.63 -144.02
CA HIS GC 134 32.10 -68.90 -143.02
C HIS GC 134 31.56 -67.62 -143.63
N ASP GC 135 30.26 -67.35 -143.40
CA ASP GC 135 29.56 -66.32 -144.15
C ASP GC 135 28.86 -65.38 -143.17
N ASP GC 136 28.33 -64.26 -143.66
CA ASP GC 136 27.59 -63.31 -142.83
C ASP GC 136 26.36 -63.96 -142.18
N GLU GC 137 25.70 -64.86 -142.91
CA GLU GC 137 24.55 -65.57 -142.38
C GLU GC 137 24.94 -66.47 -141.20
N THR GC 138 26.13 -67.07 -141.27
CA THR GC 138 26.57 -67.92 -140.18
C THR GC 138 26.97 -67.11 -138.94
N VAL GC 139 27.67 -65.99 -139.14
CA VAL GC 139 28.11 -65.20 -137.98
C VAL GC 139 26.94 -64.45 -137.37
N SER GC 140 25.88 -64.19 -138.16
CA SER GC 140 24.70 -63.51 -137.64
C SER GC 140 24.02 -64.31 -136.53
N LEU GC 141 24.04 -65.64 -136.62
CA LEU GC 141 23.43 -66.45 -135.57
C LEU GC 141 24.28 -66.50 -134.32
N PHE GC 142 25.61 -66.41 -134.46
CA PHE GC 142 26.46 -66.24 -133.28
C PHE GC 142 26.21 -64.90 -132.60
N VAL GC 143 26.02 -63.84 -133.40
CA VAL GC 143 25.70 -62.54 -132.85
C VAL GC 143 24.34 -62.59 -132.14
N ASP GC 144 23.38 -63.30 -132.73
CA ASP GC 144 22.07 -63.49 -132.10
C ASP GC 144 22.20 -64.24 -130.78
N TYR GC 145 23.06 -65.26 -130.72
CA TYR GC 145 23.23 -66.02 -129.50
C TYR GC 145 23.92 -65.20 -128.42
N PHE GC 146 24.93 -64.41 -128.79
CA PHE GC 146 25.65 -63.64 -127.79
C PHE GC 146 24.92 -62.37 -127.38
N GLY GC 147 23.95 -61.92 -128.16
CA GLY GC 147 23.12 -60.81 -127.75
C GLY GC 147 21.83 -61.27 -127.10
N ARG GC 148 21.52 -62.55 -127.25
CA ARG GC 148 20.39 -63.15 -126.52
C ARG GC 148 20.70 -63.22 -125.04
N ARG GC 149 21.95 -63.55 -124.69
CA ARG GC 149 22.42 -63.61 -123.31
C ARG GC 149 23.03 -62.31 -122.84
N LYS GC 150 23.04 -61.27 -123.68
CA LYS GC 150 23.66 -59.97 -123.41
C LYS GC 150 25.15 -60.10 -123.13
N ASP GC 151 25.80 -61.11 -123.73
CA ASP GC 151 27.25 -61.28 -123.63
C ASP GC 151 27.91 -60.40 -124.69
N PHE GC 152 27.90 -59.11 -124.42
CA PHE GC 152 28.20 -58.14 -125.46
C PHE GC 152 29.69 -58.02 -125.73
N LYS GC 153 30.53 -58.20 -124.71
CA LYS GC 153 31.97 -58.20 -124.91
C LYS GC 153 32.38 -59.39 -125.78
N GLY GC 154 31.73 -60.54 -125.60
CA GLY GC 154 31.93 -61.65 -126.50
C GLY GC 154 31.50 -61.34 -127.92
N MET GC 155 30.43 -60.54 -128.06
CA MET GC 155 29.99 -60.10 -129.39
C MET GC 155 31.04 -59.21 -130.05
N GLN GC 156 31.61 -58.26 -129.30
CA GLN GC 156 32.68 -57.42 -129.84
C GLN GC 156 33.88 -58.25 -130.24
N GLU GC 157 34.22 -59.27 -129.43
CA GLU GC 157 35.31 -60.17 -129.79
C GLU GC 157 35.00 -60.96 -131.07
N ILE GC 158 33.74 -61.39 -131.23
CA ILE GC 158 33.37 -62.23 -132.36
C ILE GC 158 33.43 -61.44 -133.67
N ILE GC 159 32.85 -60.23 -133.71
CA ILE GC 159 32.97 -59.49 -134.96
C ILE GC 159 34.38 -58.89 -135.11
N ALA GC 160 35.14 -58.77 -134.00
CA ALA GC 160 36.54 -58.38 -134.12
C ALA GC 160 37.37 -59.47 -134.79
N LYS GC 161 37.06 -60.74 -134.54
CA LYS GC 161 37.73 -61.82 -135.24
C LYS GC 161 37.39 -61.81 -136.72
N TYR GC 162 36.11 -61.71 -137.05
CA TYR GC 162 35.64 -61.86 -138.42
C TYR GC 162 35.38 -60.49 -139.06
N LYS GC 163 36.46 -59.76 -139.28
CA LYS GC 163 36.39 -58.41 -139.83
C LYS GC 163 36.37 -58.47 -141.35
N GLY GC 164 35.54 -57.61 -141.96
CA GLY GC 164 35.48 -57.48 -143.40
C GLY GC 164 34.53 -58.44 -144.08
N VAL GC 165 34.09 -59.48 -143.38
CA VAL GC 165 33.17 -60.46 -143.91
C VAL GC 165 31.74 -60.22 -143.43
N ALA GC 166 31.60 -59.85 -142.16
CA ALA GC 166 30.28 -59.62 -141.56
C ALA GC 166 29.74 -58.29 -142.07
N GLY GC 167 28.80 -58.36 -143.00
CA GLY GC 167 28.12 -57.17 -143.50
C GLY GC 167 26.70 -57.49 -143.94
N ALA GC 168 25.73 -56.76 -143.42
CA ALA GC 168 24.35 -57.06 -143.71
C ALA GC 168 23.58 -57.54 -142.49
N LYS GC 169 23.31 -58.84 -142.42
CA LYS GC 169 22.54 -59.41 -141.31
C LYS GC 169 23.25 -59.30 -139.97
N THR GC 170 24.59 -59.22 -139.95
CA THR GC 170 25.30 -59.00 -138.70
C THR GC 170 24.97 -57.65 -138.09
N LEU GC 171 24.88 -56.62 -138.94
CA LEU GC 171 24.44 -55.29 -138.51
C LEU GC 171 23.07 -55.35 -137.85
N ASP GC 172 22.12 -56.00 -138.53
CA ASP GC 172 20.75 -56.10 -138.04
C ASP GC 172 20.70 -56.85 -136.71
N SER GC 173 21.40 -57.99 -136.63
CA SER GC 173 21.38 -58.79 -135.41
C SER GC 173 22.02 -58.05 -134.24
N ALA GC 174 23.18 -57.42 -134.46
CA ALA GC 174 23.89 -56.76 -133.38
C ALA GC 174 23.11 -55.57 -132.86
N VAL GC 175 22.61 -54.72 -133.75
CA VAL GC 175 21.88 -53.54 -133.30
C VAL GC 175 20.52 -53.93 -132.70
N ASP GC 176 19.89 -54.98 -133.23
CA ASP GC 176 18.65 -55.48 -132.64
C ASP GC 176 18.87 -55.97 -131.22
N ARG GC 177 19.96 -56.70 -130.98
CA ARG GC 177 20.22 -57.19 -129.63
C ARG GC 177 20.63 -56.06 -128.69
N LEU GC 178 21.36 -55.06 -129.19
CA LEU GC 178 21.68 -53.88 -128.38
C LEU GC 178 20.43 -53.12 -127.97
N ALA GC 179 19.50 -52.89 -128.92
CA ALA GC 179 18.31 -52.12 -128.56
C ALA GC 179 17.33 -52.94 -127.73
N ARG GC 180 17.30 -54.26 -127.89
CA ARG GC 180 16.45 -55.06 -127.01
C ARG GC 180 17.03 -55.15 -125.60
N ALA GC 181 18.36 -55.17 -125.48
CA ALA GC 181 18.98 -55.11 -124.17
C ALA GC 181 18.88 -53.74 -123.53
N GLY GC 182 18.57 -52.70 -124.32
CA GLY GC 182 18.41 -51.37 -123.79
C GLY GC 182 19.72 -50.64 -123.58
N ARG GC 183 20.56 -50.58 -124.61
CA ARG GC 183 21.84 -49.87 -124.57
C ARG GC 183 21.96 -48.94 -125.78
N ALA GC 184 21.23 -47.82 -125.78
CA ALA GC 184 21.32 -46.89 -126.93
C ALA GC 184 22.64 -46.14 -127.01
N LYS GC 185 23.28 -45.89 -125.87
CA LYS GC 185 24.62 -45.31 -125.89
C LYS GC 185 25.61 -46.25 -126.57
N GLN GC 186 25.51 -47.55 -126.25
CA GLN GC 186 26.31 -48.55 -126.94
C GLN GC 186 25.93 -48.67 -128.40
N ALA GC 187 24.65 -48.39 -128.74
CA ALA GC 187 24.22 -48.39 -130.14
C ALA GC 187 24.95 -47.30 -130.91
N VAL GC 188 24.98 -46.08 -130.37
CA VAL GC 188 25.68 -45.00 -131.06
C VAL GC 188 27.19 -45.20 -131.04
N GLU GC 189 27.72 -45.86 -130.00
CA GLU GC 189 29.13 -46.22 -130.01
C GLU GC 189 29.44 -47.22 -131.13
N PHE GC 190 28.57 -48.22 -131.30
CA PHE GC 190 28.75 -49.18 -132.39
C PHE GC 190 28.59 -48.51 -133.75
N PHE GC 191 27.72 -47.51 -133.84
CA PHE GC 191 27.55 -46.81 -135.10
C PHE GC 191 28.75 -45.93 -135.43
N GLU GC 192 29.40 -45.36 -134.41
CA GLU GC 192 30.55 -44.50 -134.67
C GLU GC 192 31.76 -45.32 -135.15
N ARG GC 193 32.25 -46.25 -134.32
CA ARG GC 193 33.44 -47.01 -134.67
C ARG GC 193 33.04 -48.27 -135.47
N MET GC 194 32.40 -48.03 -136.60
CA MET GC 194 31.90 -49.09 -137.46
C MET GC 194 32.78 -49.34 -138.67
N GLU GC 195 33.18 -48.28 -139.37
CA GLU GC 195 34.06 -48.44 -140.53
C GLU GC 195 35.48 -48.77 -140.10
N ILE GC 196 35.89 -48.32 -138.92
CA ILE GC 196 37.28 -48.52 -138.48
C ILE GC 196 37.45 -49.83 -137.73
N ASP GC 197 36.54 -50.12 -136.80
CA ASP GC 197 36.71 -51.29 -135.94
C ASP GC 197 36.00 -52.54 -136.47
N TYR GC 198 34.99 -52.38 -137.32
CA TYR GC 198 34.25 -53.53 -137.83
C TYR GC 198 34.06 -53.53 -139.33
N GLY GC 199 34.26 -52.41 -140.02
CA GLY GC 199 34.31 -52.39 -141.46
C GLY GC 199 32.98 -52.36 -142.19
N LEU GC 200 31.87 -52.26 -141.47
CA LEU GC 200 30.58 -52.11 -142.13
C LEU GC 200 30.40 -50.67 -142.60
N LYS GC 201 29.80 -50.51 -143.77
CA LYS GC 201 29.68 -49.20 -144.39
C LYS GC 201 28.64 -48.35 -143.64
N ARG GC 202 29.07 -47.18 -143.17
CA ARG GC 202 28.18 -46.23 -142.51
C ARG GC 202 27.52 -45.37 -143.59
N ASP GC 203 26.51 -45.93 -144.22
CA ASP GC 203 25.78 -45.23 -145.26
C ASP GC 203 24.32 -45.06 -144.83
N ARG GC 204 23.50 -44.59 -145.76
CA ARG GC 204 22.12 -44.19 -145.45
C ARG GC 204 21.26 -45.36 -145.02
N GLU GC 205 21.41 -46.51 -145.69
CA GLU GC 205 20.62 -47.69 -145.32
C GLU GC 205 20.99 -48.19 -143.93
N SER GC 206 22.29 -48.23 -143.62
CA SER GC 206 22.73 -48.65 -142.30
C SER GC 206 22.26 -47.70 -141.22
N LEU GC 207 22.36 -46.39 -141.46
CA LEU GC 207 21.90 -45.39 -140.50
C LEU GC 207 20.40 -45.48 -140.28
N THR GC 208 19.63 -45.68 -141.35
CA THR GC 208 18.18 -45.83 -141.23
C THR GC 208 17.82 -47.09 -140.45
N LEU GC 209 18.60 -48.16 -140.64
CA LEU GC 209 18.39 -49.37 -139.84
C LEU GC 209 18.66 -49.12 -138.36
N VAL GC 210 19.72 -48.38 -138.04
CA VAL GC 210 20.03 -48.05 -136.64
C VAL GC 210 18.91 -47.20 -136.05
N VAL GC 211 18.42 -46.23 -136.82
CA VAL GC 211 17.34 -45.36 -136.36
C VAL GC 211 16.07 -46.16 -136.10
N LYS GC 212 15.76 -47.10 -137.00
CA LYS GC 212 14.58 -47.95 -136.82
C LYS GC 212 14.70 -48.81 -135.57
N LYS GC 213 15.87 -49.44 -135.36
CA LYS GC 213 16.04 -50.29 -134.19
C LYS GC 213 15.98 -49.49 -132.89
N LEU GC 214 16.52 -48.28 -132.89
CA LEU GC 214 16.39 -47.43 -131.69
C LEU GC 214 14.96 -46.99 -131.47
N CYS GC 215 14.23 -46.66 -132.54
CA CYS GC 215 12.89 -46.12 -132.41
C CYS GC 215 11.83 -47.17 -132.13
N GLU GC 216 12.11 -48.46 -132.39
CA GLU GC 216 11.17 -49.50 -131.97
C GLU GC 216 11.09 -49.62 -130.46
N LYS GC 217 12.21 -49.45 -129.76
CA LYS GC 217 12.31 -49.73 -128.35
C LYS GC 217 12.17 -48.49 -127.47
N GLY GC 218 11.80 -47.35 -128.06
CA GLY GC 218 11.58 -46.14 -127.28
C GLY GC 218 12.80 -45.28 -127.04
N HIS GC 219 13.95 -45.63 -127.60
CA HIS GC 219 15.15 -44.80 -127.48
C HIS GC 219 15.23 -43.80 -128.62
N ALA GC 220 14.16 -43.01 -128.77
CA ALA GC 220 14.07 -42.04 -129.84
C ALA GC 220 14.92 -40.80 -129.61
N SER GC 221 15.24 -40.47 -128.35
CA SER GC 221 16.02 -39.27 -128.09
C SER GC 221 17.45 -39.43 -128.56
N PHE GC 222 18.08 -40.56 -128.23
CA PHE GC 222 19.45 -40.79 -128.65
C PHE GC 222 19.52 -41.07 -130.14
N ALA GC 223 18.48 -41.67 -130.73
CA ALA GC 223 18.40 -41.79 -132.18
C ALA GC 223 18.31 -40.42 -132.86
N GLU GC 224 17.53 -39.52 -132.28
CA GLU GC 224 17.37 -38.18 -132.82
C GLU GC 224 18.68 -37.40 -132.73
N LYS GC 225 19.40 -37.56 -131.62
CA LYS GC 225 20.71 -36.93 -131.48
C LYS GC 225 21.73 -37.53 -132.44
N MET GC 226 21.67 -38.84 -132.65
CA MET GC 226 22.56 -39.52 -133.57
C MET GC 226 22.34 -39.05 -135.00
N VAL GC 227 21.08 -38.83 -135.38
CA VAL GC 227 20.79 -38.23 -136.68
C VAL GC 227 21.33 -36.81 -136.75
N LYS GC 228 21.12 -36.03 -135.68
CA LYS GC 228 21.49 -34.61 -135.72
C LYS GC 228 22.99 -34.38 -135.72
N SER GC 229 23.78 -35.28 -135.16
CA SER GC 229 25.22 -35.07 -135.19
C SER GC 229 25.89 -35.69 -136.41
N THR GC 230 25.38 -36.82 -136.90
CA THR GC 230 25.85 -37.38 -138.17
C THR GC 230 24.99 -36.89 -139.34
N ALA GC 231 24.82 -35.57 -139.43
CA ALA GC 231 24.06 -34.96 -140.50
C ALA GC 231 24.94 -34.32 -141.56
N ASN GC 232 26.24 -34.20 -141.31
CA ASN GC 232 27.19 -33.74 -142.32
C ASN GC 232 27.64 -34.88 -143.23
N GLU GC 233 27.91 -36.05 -142.66
CA GLU GC 233 28.28 -37.20 -143.47
C GLU GC 233 27.10 -37.72 -144.29
N ILE GC 234 25.96 -37.92 -143.63
CA ILE GC 234 24.77 -38.48 -144.25
C ILE GC 234 23.61 -37.52 -144.05
N PHE GC 235 22.95 -37.15 -145.14
CA PHE GC 235 21.81 -36.24 -145.05
C PHE GC 235 20.53 -37.03 -144.82
N PRO GC 236 19.69 -36.64 -143.86
CA PRO GC 236 18.46 -37.41 -143.60
C PRO GC 236 17.42 -37.20 -144.69
N ASP GC 237 16.53 -38.17 -144.79
CA ASP GC 237 15.42 -38.14 -145.74
C ASP GC 237 14.11 -38.33 -144.98
N GLU GC 238 13.02 -38.52 -145.74
CA GLU GC 238 11.70 -38.61 -145.14
C GLU GC 238 11.51 -39.87 -144.32
N LYS GC 239 12.16 -40.97 -144.70
CA LYS GC 239 12.00 -42.22 -143.96
C LYS GC 239 12.61 -42.13 -142.57
N ILE GC 240 13.78 -41.50 -142.44
CA ILE GC 240 14.40 -41.30 -141.13
C ILE GC 240 13.55 -40.37 -140.28
N CYS GC 241 12.96 -39.34 -140.89
CA CYS GC 241 12.11 -38.40 -140.17
C CYS GC 241 10.86 -39.09 -139.64
N ASP GC 242 10.21 -39.90 -140.48
CA ASP GC 242 9.02 -40.63 -140.05
C ASP GC 242 9.36 -41.67 -139.00
N LEU GC 243 10.53 -42.30 -139.10
CA LEU GC 243 10.97 -43.24 -138.09
C LEU GC 243 11.19 -42.56 -136.74
N LEU GC 244 11.78 -41.36 -136.76
CA LEU GC 244 12.02 -40.63 -135.52
C LEU GC 244 10.70 -40.17 -134.89
N ILE GC 245 9.75 -39.73 -135.72
CA ILE GC 245 8.44 -39.33 -135.21
C ILE GC 245 7.71 -40.53 -134.61
N SER GC 246 7.77 -41.68 -135.28
CA SER GC 246 7.12 -42.89 -134.76
C SER GC 246 7.79 -43.36 -133.48
N GLY GC 247 9.10 -43.18 -133.37
CA GLY GC 247 9.79 -43.51 -132.13
C GLY GC 247 9.43 -42.59 -130.99
N TRP GC 248 9.27 -41.30 -131.27
CA TRP GC 248 8.82 -40.37 -130.23
C TRP GC 248 7.40 -40.68 -129.79
N CYS GC 249 6.54 -41.07 -130.74
CA CYS GC 249 5.15 -41.37 -130.40
C CYS GC 249 5.03 -42.69 -129.63
N ALA GC 250 5.87 -43.67 -129.96
CA ALA GC 250 5.73 -44.99 -129.35
C ALA GC 250 6.29 -45.00 -127.93
N ALA GC 251 7.03 -43.96 -127.55
CA ALA GC 251 7.48 -43.79 -126.18
C ALA GC 251 6.59 -42.85 -125.38
N GLU GC 252 5.38 -42.57 -125.90
CA GLU GC 252 4.36 -41.75 -125.25
C GLU GC 252 4.81 -40.31 -125.01
N LYS GC 253 5.75 -39.82 -125.82
CA LYS GC 253 6.24 -38.45 -125.71
C LYS GC 253 5.58 -37.63 -126.81
N LEU GC 254 4.40 -37.08 -126.49
CA LEU GC 254 3.65 -36.34 -127.50
C LEU GC 254 4.25 -34.95 -127.72
N ASP GC 255 4.71 -34.30 -126.65
CA ASP GC 255 5.27 -32.96 -126.78
C ASP GC 255 6.58 -32.97 -127.57
N GLU GC 256 7.41 -33.99 -127.35
CA GLU GC 256 8.64 -34.11 -128.12
C GLU GC 256 8.36 -34.41 -129.58
N ALA GC 257 7.34 -35.22 -129.86
CA ALA GC 257 6.98 -35.50 -131.24
C ALA GC 257 6.45 -34.25 -131.94
N THR GC 258 5.64 -33.46 -131.23
CA THR GC 258 5.15 -32.20 -131.79
C THR GC 258 6.29 -31.21 -132.03
N ARG GC 259 7.26 -31.15 -131.11
CA ARG GC 259 8.40 -30.27 -131.27
C ARG GC 259 9.28 -30.71 -132.45
N PHE GC 260 9.51 -32.02 -132.60
CA PHE GC 260 10.30 -32.51 -133.72
C PHE GC 260 9.58 -32.29 -135.04
N ALA GC 261 8.26 -32.44 -135.06
CA ALA GC 261 7.49 -32.14 -136.27
C ALA GC 261 7.59 -30.66 -136.63
N GLY GC 262 7.54 -29.78 -135.63
CA GLY GC 262 7.72 -28.36 -135.88
C GLY GC 262 9.10 -28.02 -136.40
N GLU GC 263 10.13 -28.65 -135.83
CA GLU GC 263 11.50 -28.42 -136.27
C GLU GC 263 11.70 -28.89 -137.70
N MET GC 264 11.14 -30.05 -138.06
CA MET GC 264 11.30 -30.56 -139.42
C MET GC 264 10.49 -29.75 -140.42
N ALA GC 265 9.35 -29.21 -140.01
CA ALA GC 265 8.59 -28.33 -140.89
C ALA GC 265 9.31 -27.00 -141.11
N ARG GC 266 9.97 -26.49 -140.07
CA ARG GC 266 10.76 -25.27 -140.23
C ARG GC 266 12.14 -25.52 -140.82
N GLY GC 267 12.52 -26.78 -141.00
CA GLY GC 267 13.80 -27.09 -141.59
C GLY GC 267 13.72 -27.32 -143.09
N GLY GC 268 12.53 -27.65 -143.58
CA GLY GC 268 12.36 -27.88 -145.00
C GLY GC 268 11.48 -29.08 -145.33
N PHE GC 269 11.51 -30.10 -144.48
CA PHE GC 269 10.72 -31.30 -144.74
C PHE GC 269 9.25 -31.04 -144.46
N GLU GC 270 8.38 -31.57 -145.30
CA GLU GC 270 6.96 -31.57 -145.03
C GLU GC 270 6.62 -32.80 -144.20
N ILE GC 271 5.52 -32.70 -143.47
CA ILE GC 271 5.12 -33.78 -142.58
C ILE GC 271 3.99 -34.57 -143.25
N GLY GC 272 4.04 -35.89 -143.11
CA GLY GC 272 3.23 -36.79 -143.92
C GLY GC 272 2.14 -37.52 -143.16
N THR GC 273 1.48 -38.42 -143.89
CA THR GC 273 0.33 -39.14 -143.38
C THR GC 273 0.71 -40.16 -142.31
N LEU GC 274 1.87 -40.80 -142.45
CA LEU GC 274 2.33 -41.77 -141.45
C LEU GC 274 2.58 -41.09 -140.12
N ALA GC 275 3.19 -39.90 -140.15
CA ALA GC 275 3.46 -39.16 -138.93
C ALA GC 275 2.18 -38.68 -138.27
N TYR GC 276 1.21 -38.21 -139.06
CA TYR GC 276 -0.07 -37.80 -138.49
C TYR GC 276 -0.83 -38.98 -137.91
N ASN GC 277 -0.73 -40.15 -138.53
CA ASN GC 277 -1.32 -41.36 -137.96
C ASN GC 277 -0.68 -41.71 -136.63
N VAL GC 278 0.65 -41.55 -136.53
CA VAL GC 278 1.34 -41.84 -135.28
C VAL GC 278 0.98 -40.83 -134.19
N ILE GC 279 0.90 -39.54 -134.53
CA ILE GC 279 0.46 -38.54 -133.56
C ILE GC 279 -0.97 -38.78 -133.11
N LEU GC 280 -1.86 -39.15 -134.03
CA LEU GC 280 -3.24 -39.44 -133.67
C LEU GC 280 -3.33 -40.63 -132.73
N ASP GC 281 -2.56 -41.68 -132.99
CA ASP GC 281 -2.53 -42.84 -132.11
C ASP GC 281 -1.98 -42.48 -130.73
N CYS GC 282 -0.90 -41.69 -130.69
CA CYS GC 282 -0.32 -41.28 -129.42
C CYS GC 282 -1.28 -40.42 -128.60
N VAL GC 283 -1.96 -39.48 -129.27
CA VAL GC 283 -2.95 -38.62 -128.61
C VAL GC 283 -4.09 -39.46 -128.05
N CYS GC 284 -4.58 -40.41 -128.84
CA CYS GC 284 -5.68 -41.26 -128.39
C CYS GC 284 -5.29 -42.13 -127.20
N LYS GC 285 -4.08 -42.69 -127.23
CA LYS GC 285 -3.64 -43.53 -126.11
C LYS GC 285 -3.42 -42.72 -124.85
N LEU GC 286 -2.86 -41.51 -124.98
CA LEU GC 286 -2.69 -40.64 -123.81
C LEU GC 286 -4.03 -40.20 -123.25
N CYS GC 287 -5.00 -39.92 -124.12
CA CYS GC 287 -6.35 -39.58 -123.65
C CYS GC 287 -7.00 -40.75 -122.93
N ARG GC 288 -6.88 -41.96 -123.47
CA ARG GC 288 -7.49 -43.11 -122.82
C ARG GC 288 -6.81 -43.44 -121.50
N LYS GC 289 -5.51 -43.15 -121.36
CA LYS GC 289 -4.85 -43.36 -120.09
C LYS GC 289 -5.25 -42.30 -119.06
N LYS GC 290 -5.26 -41.03 -119.45
CA LYS GC 290 -5.39 -39.95 -118.47
C LYS GC 290 -6.83 -39.46 -118.30
N ASP GC 291 -7.47 -38.99 -119.36
CA ASP GC 291 -8.83 -38.47 -119.28
C ASP GC 291 -9.60 -38.78 -120.55
N PRO GC 292 -10.38 -39.87 -120.55
CA PRO GC 292 -10.96 -40.36 -121.81
C PRO GC 292 -12.10 -39.51 -122.34
N PHE GC 293 -12.65 -38.60 -121.55
CA PHE GC 293 -13.70 -37.72 -122.05
C PHE GC 293 -13.14 -36.52 -122.81
N ARG GC 294 -11.82 -36.33 -122.79
CA ARG GC 294 -11.16 -35.33 -123.60
C ARG GC 294 -10.82 -35.85 -124.99
N LEU GC 295 -11.14 -37.12 -125.27
CA LEU GC 295 -10.65 -37.78 -126.49
C LEU GC 295 -11.25 -37.16 -127.75
N GLN GC 296 -12.54 -36.85 -127.74
CA GLN GC 296 -13.17 -36.30 -128.94
C GLN GC 296 -12.66 -34.93 -129.36
N SER GC 297 -12.48 -33.92 -128.47
CA SER GC 297 -11.86 -32.67 -128.96
C SER GC 297 -10.43 -32.82 -129.41
N GLU GC 298 -9.64 -33.71 -128.78
CA GLU GC 298 -8.26 -33.90 -129.21
C GLU GC 298 -8.19 -34.57 -130.58
N VAL GC 299 -9.05 -35.56 -130.83
CA VAL GC 299 -9.16 -36.18 -132.13
C VAL GC 299 -9.59 -35.15 -133.18
N GLU GC 300 -10.54 -34.29 -132.81
CA GLU GC 300 -11.00 -33.23 -133.70
C GLU GC 300 -9.86 -32.27 -134.05
N LYS GC 301 -9.04 -31.92 -133.06
CA LYS GC 301 -7.91 -31.01 -133.32
C LYS GC 301 -6.87 -31.64 -134.23
N VAL GC 302 -6.51 -32.91 -134.00
CA VAL GC 302 -5.52 -33.56 -134.85
C VAL GC 302 -6.04 -33.73 -136.27
N LEU GC 303 -7.31 -34.10 -136.41
CA LEU GC 303 -7.89 -34.22 -137.74
C LEU GC 303 -7.98 -32.87 -138.45
N LEU GC 304 -8.35 -31.81 -137.72
CA LEU GC 304 -8.41 -30.49 -138.36
C LEU GC 304 -7.02 -29.99 -138.73
N GLU GC 305 -5.99 -30.40 -137.99
CA GLU GC 305 -4.63 -30.16 -138.44
C GLU GC 305 -4.30 -30.96 -139.70
N MET GC 306 -4.91 -32.14 -139.87
CA MET GC 306 -4.71 -32.88 -141.11
C MET GC 306 -5.33 -32.15 -142.31
N GLU GC 307 -6.61 -31.74 -142.22
CA GLU GC 307 -7.18 -31.06 -143.39
C GLU GC 307 -6.77 -29.60 -143.53
N THR GC 308 -6.17 -28.98 -142.51
CA THR GC 308 -5.57 -27.68 -142.78
C THR GC 308 -4.28 -27.81 -143.59
N ARG GC 309 -3.44 -28.79 -143.27
CA ARG GC 309 -2.18 -29.00 -143.95
C ARG GC 309 -2.35 -29.69 -145.30
N GLY GC 310 -3.57 -30.12 -145.63
CA GLY GC 310 -3.80 -30.78 -146.90
C GLY GC 310 -3.31 -32.21 -146.96
N VAL GC 311 -3.16 -32.86 -145.81
CA VAL GC 311 -2.67 -34.24 -145.74
C VAL GC 311 -3.88 -35.16 -145.66
N PRO GC 312 -4.14 -36.01 -146.65
CA PRO GC 312 -5.37 -36.79 -146.67
C PRO GC 312 -5.31 -38.00 -145.75
N ARG GC 313 -6.50 -38.48 -145.40
CA ARG GC 313 -6.64 -39.66 -144.57
C ARG GC 313 -6.58 -40.91 -145.43
N ASN GC 314 -5.96 -41.96 -144.88
CA ASN GC 314 -5.92 -43.26 -145.53
C ASN GC 314 -6.56 -44.30 -144.59
N THR GC 315 -6.43 -45.58 -144.97
CA THR GC 315 -7.02 -46.66 -144.17
C THR GC 315 -6.44 -46.74 -142.77
N LYS GC 316 -5.15 -46.41 -142.61
CA LYS GC 316 -4.52 -46.48 -141.29
C LYS GC 316 -5.09 -45.45 -140.33
N THR GC 317 -5.51 -44.28 -140.82
CA THR GC 317 -6.13 -43.28 -139.96
C THR GC 317 -7.46 -43.79 -139.39
N PHE GC 318 -8.29 -44.38 -140.25
CA PHE GC 318 -9.54 -44.96 -139.80
C PHE GC 318 -9.31 -46.18 -138.92
N ASN GC 319 -8.24 -46.94 -139.16
CA ASN GC 319 -7.91 -48.06 -138.29
C ASN GC 319 -7.53 -47.58 -136.91
N VAL GC 320 -6.75 -46.51 -136.82
CA VAL GC 320 -6.34 -45.94 -135.53
C VAL GC 320 -7.56 -45.44 -134.78
N LEU GC 321 -8.44 -44.70 -135.47
CA LEU GC 321 -9.63 -44.16 -134.82
C LEU GC 321 -10.59 -45.25 -134.38
N ILE GC 322 -10.80 -46.26 -135.22
CA ILE GC 322 -11.70 -47.36 -134.87
C ILE GC 322 -11.15 -48.18 -133.72
N ASN GC 323 -9.85 -48.49 -133.76
CA ASN GC 323 -9.22 -49.27 -132.68
C ASN GC 323 -9.27 -48.52 -131.35
N ASN GC 324 -9.06 -47.21 -131.37
CA ASN GC 324 -9.05 -46.48 -130.11
C ASN GC 324 -10.46 -46.21 -129.59
N LEU GC 325 -11.44 -46.02 -130.48
CA LEU GC 325 -12.82 -45.87 -130.02
C LEU GC 325 -13.37 -47.17 -129.44
N SER GC 326 -12.98 -48.30 -130.02
CA SER GC 326 -13.48 -49.60 -129.57
C SER GC 326 -12.91 -50.02 -128.22
N LYS GC 327 -11.79 -49.45 -127.80
CA LYS GC 327 -11.18 -49.85 -126.54
C LYS GC 327 -11.79 -49.13 -125.34
N ILE GC 328 -12.56 -48.08 -125.56
CA ILE GC 328 -13.41 -47.51 -124.54
C ILE GC 328 -14.88 -47.81 -124.81
N ARG GC 329 -15.13 -48.85 -125.61
CA ARG GC 329 -16.46 -49.43 -125.87
C ARG GC 329 -17.41 -48.44 -126.54
N ARG GC 330 -16.88 -47.52 -127.34
CA ARG GC 330 -17.72 -46.62 -128.14
C ARG GC 330 -17.92 -47.24 -129.52
N THR GC 331 -18.75 -48.27 -129.56
CA THR GC 331 -18.92 -49.08 -130.77
C THR GC 331 -19.75 -48.36 -131.83
N GLU GC 332 -20.75 -47.57 -131.41
CA GLU GC 332 -21.61 -46.90 -132.38
C GLU GC 332 -20.85 -45.85 -133.18
N GLU GC 333 -19.94 -45.12 -132.53
CA GLU GC 333 -19.11 -44.16 -133.24
C GLU GC 333 -18.15 -44.85 -134.19
N ALA GC 334 -17.62 -46.01 -133.79
CA ALA GC 334 -16.75 -46.78 -134.68
C ALA GC 334 -17.51 -47.29 -135.90
N MET GC 335 -18.76 -47.72 -135.71
CA MET GC 335 -19.57 -48.19 -136.83
C MET GC 335 -19.96 -47.04 -137.75
N GLU GC 336 -20.31 -45.88 -137.18
CA GLU GC 336 -20.62 -44.71 -137.99
C GLU GC 336 -19.40 -44.25 -138.79
N LEU GC 337 -18.21 -44.32 -138.17
CA LEU GC 337 -16.98 -43.98 -138.87
C LEU GC 337 -16.67 -44.99 -139.96
N PHE GC 338 -16.93 -46.28 -139.71
CA PHE GC 338 -16.71 -47.32 -140.71
C PHE GC 338 -17.63 -47.14 -141.91
N GLY GC 339 -18.89 -46.74 -141.67
CA GLY GC 339 -19.81 -46.52 -142.75
C GLY GC 339 -19.48 -45.34 -143.64
N ARG GC 340 -18.68 -44.39 -143.14
CA ARG GC 340 -18.31 -43.20 -143.87
C ARG GC 340 -16.89 -43.26 -144.43
N MET GC 341 -16.28 -44.45 -144.43
CA MET GC 341 -14.92 -44.58 -144.93
C MET GC 341 -14.82 -44.37 -146.44
N SER GC 342 -15.90 -44.63 -147.19
CA SER GC 342 -15.88 -44.38 -148.62
C SER GC 342 -15.91 -42.92 -148.99
N GLU GC 343 -16.38 -42.05 -148.08
CA GLU GC 343 -16.50 -40.63 -148.39
C GLU GC 343 -15.15 -39.93 -148.42
N TRP GC 344 -14.20 -40.41 -147.62
CA TRP GC 344 -12.82 -39.94 -147.71
C TRP GC 344 -12.00 -40.74 -148.72
N GLY GC 345 -12.63 -41.64 -149.46
CA GLY GC 345 -11.95 -42.41 -150.47
C GLY GC 345 -11.19 -43.62 -149.97
N CYS GC 346 -11.28 -43.93 -148.69
CA CYS GC 346 -10.56 -45.06 -148.13
C CYS GC 346 -11.40 -46.32 -148.19
N GLN GC 347 -10.73 -47.47 -148.13
CA GLN GC 347 -11.38 -48.76 -148.19
C GLN GC 347 -10.90 -49.63 -147.04
N PRO GC 348 -11.81 -50.34 -146.36
CA PRO GC 348 -11.41 -51.15 -145.20
C PRO GC 348 -10.52 -52.33 -145.58
N ASP GC 349 -9.65 -52.70 -144.66
CA ASP GC 349 -8.81 -53.89 -144.77
C ASP GC 349 -9.16 -54.85 -143.63
N ALA GC 350 -8.36 -55.91 -143.49
CA ALA GC 350 -8.67 -56.99 -142.55
C ALA GC 350 -8.63 -56.53 -141.10
N GLU GC 351 -7.74 -55.59 -140.77
CA GLU GC 351 -7.63 -55.12 -139.39
C GLU GC 351 -8.89 -54.39 -138.94
N THR GC 352 -9.44 -53.56 -139.84
CA THR GC 352 -10.69 -52.86 -139.55
C THR GC 352 -11.83 -53.83 -139.28
N TYR GC 353 -11.95 -54.85 -140.14
CA TYR GC 353 -13.00 -55.86 -139.97
C TYR GC 353 -12.83 -56.63 -138.68
N LEU GC 354 -11.61 -57.06 -138.36
CA LEU GC 354 -11.40 -57.86 -137.15
C LEU GC 354 -11.66 -57.06 -135.89
N VAL GC 355 -11.20 -55.81 -135.85
CA VAL GC 355 -11.44 -54.94 -134.70
C VAL GC 355 -12.93 -54.70 -134.51
N LEU GC 356 -13.65 -54.45 -135.62
CA LEU GC 356 -15.08 -54.21 -135.51
C LEU GC 356 -15.85 -55.46 -135.12
N ILE GC 357 -15.44 -56.65 -135.59
CA ILE GC 357 -16.13 -57.87 -135.20
C ILE GC 357 -15.95 -58.15 -133.71
N ARG GC 358 -14.72 -57.98 -133.21
CA ARG GC 358 -14.48 -58.16 -131.77
C ARG GC 358 -15.28 -57.15 -130.94
N SER GC 359 -15.36 -55.91 -131.41
CA SER GC 359 -16.09 -54.88 -130.66
C SER GC 359 -17.60 -55.13 -130.69
N LEU GC 360 -18.13 -55.58 -131.84
CA LEU GC 360 -19.55 -55.89 -131.92
C LEU GC 360 -19.90 -57.12 -131.11
N TYR GC 361 -18.98 -58.08 -130.99
CA TYR GC 361 -19.24 -59.23 -130.12
C TYR GC 361 -19.10 -58.89 -128.65
N GLN GC 362 -18.26 -57.90 -128.31
CA GLN GC 362 -18.18 -57.48 -126.91
C GLN GC 362 -19.41 -56.69 -126.49
N ALA GC 363 -20.03 -55.97 -127.42
CA ALA GC 363 -21.24 -55.20 -127.15
C ALA GC 363 -22.51 -56.03 -127.27
N ALA GC 364 -22.38 -57.35 -127.42
CA ALA GC 364 -23.48 -58.31 -127.57
C ALA GC 364 -24.32 -58.03 -128.81
N ARG GC 365 -23.73 -57.41 -129.83
CA ARG GC 365 -24.40 -57.21 -131.11
C ARG GC 365 -24.03 -58.35 -132.06
N ILE GC 366 -24.62 -59.52 -131.78
CA ILE GC 366 -24.17 -60.75 -132.41
C ILE GC 366 -24.58 -60.81 -133.88
N GLY GC 367 -25.79 -60.32 -134.20
CA GLY GC 367 -26.22 -60.31 -135.59
C GLY GC 367 -25.40 -59.38 -136.45
N GLU GC 368 -25.10 -58.19 -135.93
CA GLU GC 368 -24.23 -57.27 -136.65
C GLU GC 368 -22.80 -57.80 -136.74
N GLY GC 369 -22.35 -58.54 -135.73
CA GLY GC 369 -21.06 -59.19 -135.81
C GLY GC 369 -21.00 -60.26 -136.90
N ASP GC 370 -22.07 -61.06 -137.03
CA ASP GC 370 -22.14 -62.06 -138.08
C ASP GC 370 -22.20 -61.40 -139.46
N GLU GC 371 -22.95 -60.30 -139.57
CA GLU GC 371 -23.02 -59.58 -140.84
C GLU GC 371 -21.65 -58.98 -141.20
N MET GC 372 -20.92 -58.47 -140.21
CA MET GC 372 -19.59 -57.95 -140.46
C MET GC 372 -18.61 -59.06 -140.83
N ILE GC 373 -18.80 -60.26 -140.27
CA ILE GC 373 -18.00 -61.41 -140.68
C ILE GC 373 -18.23 -61.74 -142.14
N ASP GC 374 -19.51 -61.77 -142.55
CA ASP GC 374 -19.82 -62.06 -143.95
C ASP GC 374 -19.35 -60.95 -144.88
N LYS GC 375 -19.38 -59.70 -144.41
CA LYS GC 375 -18.90 -58.57 -145.21
C LYS GC 375 -17.38 -58.63 -145.37
N MET GC 376 -16.67 -59.10 -144.35
CA MET GC 376 -15.25 -59.36 -144.48
C MET GC 376 -14.98 -60.50 -145.45
N LYS GC 377 -15.86 -61.51 -145.46
CA LYS GC 377 -15.76 -62.58 -146.45
C LYS GC 377 -15.92 -62.05 -147.87
N SER GC 378 -16.86 -61.12 -148.06
CA SER GC 378 -17.13 -60.59 -149.40
C SER GC 378 -16.00 -59.73 -149.93
N ALA GC 379 -15.20 -59.14 -149.04
CA ALA GC 379 -14.15 -58.20 -149.44
C ALA GC 379 -12.85 -58.88 -149.80
N GLY GC 380 -12.76 -60.20 -149.73
CA GLY GC 380 -11.55 -60.90 -150.07
C GLY GC 380 -10.53 -61.03 -148.96
N TYR GC 381 -10.90 -60.68 -147.72
CA TYR GC 381 -10.04 -60.87 -146.56
C TYR GC 381 -10.40 -62.10 -145.76
N GLY GC 382 -11.00 -63.10 -146.41
CA GLY GC 382 -11.47 -64.27 -145.69
C GLY GC 382 -10.37 -65.19 -145.20
N LYS GC 383 -9.17 -65.06 -145.76
CA LYS GC 383 -8.03 -65.87 -145.34
C LYS GC 383 -7.46 -65.43 -144.00
N ALA GC 384 -7.71 -64.18 -143.60
CA ALA GC 384 -7.25 -63.70 -142.30
C ALA GC 384 -8.18 -64.09 -141.17
N LEU GC 385 -9.30 -64.74 -141.47
CA LEU GC 385 -10.16 -65.34 -140.46
C LEU GC 385 -9.66 -66.75 -140.15
N ASP GC 386 -8.50 -66.81 -139.51
CA ASP GC 386 -7.90 -68.08 -139.13
C ASP GC 386 -8.51 -68.57 -137.82
N LYS GC 387 -7.92 -69.62 -137.25
CA LYS GC 387 -8.48 -70.21 -136.04
C LYS GC 387 -8.26 -69.33 -134.81
N LYS GC 388 -7.24 -68.47 -134.82
CA LYS GC 388 -6.96 -67.62 -133.67
C LYS GC 388 -8.04 -66.56 -133.50
N GLU GC 389 -8.45 -65.93 -134.60
CA GLU GC 389 -9.48 -64.89 -134.53
C GLU GC 389 -10.83 -65.49 -134.17
N TYR GC 390 -11.14 -66.68 -134.72
CA TYR GC 390 -12.39 -67.35 -134.36
C TYR GC 390 -12.39 -67.77 -132.90
N TYR GC 391 -11.24 -68.22 -132.39
CA TYR GC 391 -11.14 -68.56 -130.97
C TYR GC 391 -11.30 -67.31 -130.09
N GLY GC 392 -10.77 -66.18 -130.54
CA GLY GC 392 -11.00 -64.94 -129.83
C GLY GC 392 -12.47 -64.55 -129.80
N PHE GC 393 -13.17 -64.76 -130.92
CA PHE GC 393 -14.60 -64.48 -130.95
C PHE GC 393 -15.36 -65.41 -130.00
N LEU GC 394 -14.97 -66.69 -129.95
CA LEU GC 394 -15.61 -67.63 -129.04
C LEU GC 394 -15.35 -67.27 -127.58
N LYS GC 395 -14.12 -66.83 -127.28
CA LYS GC 395 -13.79 -66.42 -125.91
C LYS GC 395 -14.59 -65.20 -125.49
N ILE GC 396 -14.74 -64.22 -126.40
CA ILE GC 396 -15.55 -63.05 -126.12
C ILE GC 396 -17.01 -63.43 -125.91
N LEU GC 397 -17.54 -64.29 -126.78
CA LEU GC 397 -18.96 -64.64 -126.71
C LEU GC 397 -19.28 -65.50 -125.49
N CYS GC 398 -18.34 -66.34 -125.06
CA CYS GC 398 -18.55 -67.08 -123.82
C CYS GC 398 -18.36 -66.19 -122.60
N GLY GC 399 -17.51 -65.15 -122.71
CA GLY GC 399 -17.29 -64.27 -121.58
C GLY GC 399 -18.44 -63.35 -121.25
N ILE GC 400 -19.35 -63.12 -122.19
CA ILE GC 400 -20.51 -62.28 -121.95
C ILE GC 400 -21.81 -63.08 -121.98
N GLU GC 401 -21.70 -64.41 -121.82
CA GLU GC 401 -22.83 -65.32 -121.66
C GLU GC 401 -23.75 -65.32 -122.89
N ARG GC 402 -23.16 -65.65 -124.03
CA ARG GC 402 -23.86 -65.81 -125.31
C ARG GC 402 -23.54 -67.17 -125.90
N LEU GC 403 -23.74 -68.21 -125.09
CA LEU GC 403 -23.32 -69.57 -125.44
C LEU GC 403 -23.98 -70.09 -126.72
N GLU GC 404 -25.23 -69.71 -126.99
CA GLU GC 404 -25.91 -70.17 -128.19
C GLU GC 404 -25.28 -69.57 -129.45
N HIS GC 405 -25.00 -68.26 -129.42
CA HIS GC 405 -24.30 -67.67 -130.55
C HIS GC 405 -22.86 -68.13 -130.62
N ALA GC 406 -22.28 -68.51 -129.47
CA ALA GC 406 -20.95 -69.11 -129.49
C ALA GC 406 -20.97 -70.45 -130.22
N MET GC 407 -22.01 -71.26 -130.02
CA MET GC 407 -22.14 -72.51 -130.75
C MET GC 407 -22.39 -72.25 -132.23
N SER GC 408 -23.13 -71.19 -132.55
CA SER GC 408 -23.34 -70.83 -133.96
C SER GC 408 -22.02 -70.43 -134.63
N VAL GC 409 -21.21 -69.62 -133.94
CA VAL GC 409 -19.91 -69.22 -134.47
C VAL GC 409 -18.98 -70.42 -134.57
N PHE GC 410 -19.08 -71.36 -133.63
CA PHE GC 410 -18.30 -72.59 -133.69
C PHE GC 410 -18.68 -73.44 -134.90
N LYS GC 411 -19.97 -73.55 -135.18
CA LYS GC 411 -20.43 -74.28 -136.36
C LYS GC 411 -19.97 -73.60 -137.64
N ASN GC 412 -20.03 -72.27 -137.69
CA ASN GC 412 -19.53 -71.54 -138.86
C ASN GC 412 -18.02 -71.71 -139.02
N MET GC 413 -17.29 -71.77 -137.90
CA MET GC 413 -15.85 -72.01 -137.92
C MET GC 413 -15.53 -73.40 -138.47
N LYS GC 414 -16.31 -74.40 -138.07
CA LYS GC 414 -16.14 -75.74 -138.62
C LYS GC 414 -16.50 -75.79 -140.10
N ALA GC 415 -17.48 -75.00 -140.52
CA ALA GC 415 -17.83 -74.93 -141.94
C ALA GC 415 -16.89 -74.05 -142.75
N ASP GC 416 -16.06 -73.24 -142.10
CA ASP GC 416 -15.13 -72.36 -142.79
C ASP GC 416 -13.80 -73.05 -143.10
N GLY GC 417 -13.61 -74.28 -142.66
CA GLY GC 417 -12.36 -74.99 -142.87
C GLY GC 417 -11.34 -74.82 -141.77
N CYS GC 418 -11.57 -73.94 -140.81
CA CYS GC 418 -10.68 -73.80 -139.66
C CYS GC 418 -10.82 -75.03 -138.77
N LYS GC 419 -9.68 -75.57 -138.33
CA LYS GC 419 -9.67 -76.79 -137.54
C LYS GC 419 -9.53 -76.43 -136.07
N PRO GC 420 -10.57 -76.62 -135.25
CA PRO GC 420 -10.43 -76.35 -133.82
C PRO GC 420 -9.57 -77.41 -133.15
N GLY GC 421 -8.61 -76.96 -132.35
CA GLY GC 421 -7.78 -77.84 -131.55
C GLY GC 421 -8.38 -78.06 -130.18
N ILE GC 422 -7.51 -78.34 -129.22
CA ILE GC 422 -7.97 -78.66 -127.87
C ILE GC 422 -8.41 -77.42 -127.10
N LYS GC 423 -7.93 -76.22 -127.47
CA LYS GC 423 -8.29 -75.02 -126.72
C LYS GC 423 -9.74 -74.61 -126.96
N THR GC 424 -10.21 -74.71 -128.19
CA THR GC 424 -11.60 -74.35 -128.50
C THR GC 424 -12.58 -75.29 -127.79
N TYR GC 425 -12.30 -76.60 -127.86
CA TYR GC 425 -13.16 -77.56 -127.17
C TYR GC 425 -13.04 -77.44 -125.66
N ASP GC 426 -11.86 -77.05 -125.15
CA ASP GC 426 -11.68 -76.81 -123.73
C ASP GC 426 -12.55 -75.64 -123.27
N LEU GC 427 -12.54 -74.55 -124.04
CA LEU GC 427 -13.35 -73.39 -123.71
C LEU GC 427 -14.84 -73.71 -123.75
N LEU GC 428 -15.28 -74.40 -124.80
CA LEU GC 428 -16.70 -74.69 -124.94
C LEU GC 428 -17.19 -75.70 -123.91
N MET GC 429 -16.39 -76.74 -123.63
CA MET GC 429 -16.74 -77.70 -122.58
C MET GC 429 -16.74 -77.05 -121.21
N GLY GC 430 -15.80 -76.16 -120.92
CA GLY GC 430 -15.80 -75.47 -119.65
C GLY GC 430 -17.01 -74.58 -119.48
N LYS GC 431 -17.41 -73.88 -120.56
CA LYS GC 431 -18.58 -73.01 -120.48
C LYS GC 431 -19.87 -73.83 -120.36
N MET GC 432 -19.94 -75.00 -121.01
CA MET GC 432 -21.12 -75.85 -120.90
C MET GC 432 -21.21 -76.49 -119.52
N CYS GC 433 -20.07 -76.86 -118.93
CA CYS GC 433 -20.10 -77.43 -117.58
C CYS GC 433 -20.37 -76.37 -116.53
N ALA GC 434 -19.92 -75.13 -116.76
CA ALA GC 434 -20.21 -74.05 -115.83
C ALA GC 434 -21.68 -73.69 -115.81
N ASN GC 435 -22.37 -73.85 -116.94
CA ASN GC 435 -23.80 -73.62 -117.02
C ASN GC 435 -24.61 -74.85 -116.63
N ASN GC 436 -23.98 -75.83 -115.95
CA ASN GC 436 -24.63 -77.02 -115.40
C ASN GC 436 -25.30 -77.85 -116.50
N GLN GC 437 -24.60 -77.99 -117.62
CA GLN GC 437 -25.07 -78.79 -118.75
C GLN GC 437 -23.97 -79.79 -119.10
N LEU GC 438 -23.96 -80.92 -118.40
CA LEU GC 438 -22.93 -81.92 -118.60
C LEU GC 438 -23.17 -82.76 -119.84
N THR GC 439 -24.43 -82.93 -120.25
CA THR GC 439 -24.75 -83.72 -121.44
C THR GC 439 -24.19 -83.08 -122.70
N ARG GC 440 -24.35 -81.76 -122.85
CA ARG GC 440 -23.83 -81.08 -124.03
C ARG GC 440 -22.30 -81.06 -124.04
N ALA GC 441 -21.69 -80.95 -122.86
CA ALA GC 441 -20.23 -81.04 -122.78
C ALA GC 441 -19.74 -82.42 -123.17
N ASN GC 442 -20.44 -83.47 -122.74
CA ASN GC 442 -20.09 -84.82 -123.16
C ASN GC 442 -20.31 -85.01 -124.66
N GLY GC 443 -21.34 -84.36 -125.21
CA GLY GC 443 -21.55 -84.42 -126.64
C GLY GC 443 -20.43 -83.79 -127.44
N LEU GC 444 -19.94 -82.63 -126.97
CA LEU GC 444 -18.77 -82.04 -127.60
C LEU GC 444 -17.51 -82.88 -127.38
N TYR GC 445 -17.43 -83.58 -126.25
CA TYR GC 445 -16.33 -84.52 -126.04
C TYR GC 445 -16.34 -85.63 -127.08
N LYS GC 446 -17.53 -86.19 -127.34
CA LYS GC 446 -17.66 -87.22 -128.37
C LYS GC 446 -17.34 -86.68 -129.76
N GLU GC 447 -17.78 -85.45 -130.04
CA GLU GC 447 -17.48 -84.83 -131.34
C GLU GC 447 -15.98 -84.61 -131.51
N ALA GC 448 -15.30 -84.12 -130.47
CA ALA GC 448 -13.86 -83.92 -130.54
C ALA GC 448 -13.11 -85.25 -130.62
N ALA GC 449 -13.64 -86.30 -129.99
CA ALA GC 449 -13.07 -87.63 -130.14
C ALA GC 449 -13.22 -88.14 -131.57
N ARG GC 450 -14.37 -87.88 -132.20
CA ARG GC 450 -14.57 -88.24 -133.60
C ARG GC 450 -13.61 -87.47 -134.51
N ARG GC 451 -13.40 -86.18 -134.24
CA ARG GC 451 -12.51 -85.38 -135.08
C ARG GC 451 -11.06 -85.80 -134.95
N GLY GC 452 -10.69 -86.46 -133.85
CA GLY GC 452 -9.32 -86.88 -133.65
C GLY GC 452 -8.47 -85.83 -132.96
N VAL GC 453 -8.97 -85.33 -131.83
CA VAL GC 453 -8.27 -84.31 -131.04
C VAL GC 453 -7.86 -84.94 -129.72
N ALA GC 454 -6.66 -84.59 -129.25
CA ALA GC 454 -6.13 -85.13 -128.01
C ALA GC 454 -6.90 -84.53 -126.84
N VAL GC 455 -7.94 -85.22 -126.40
CA VAL GC 455 -8.83 -84.74 -125.35
C VAL GC 455 -8.73 -85.69 -124.17
N SER GC 456 -9.07 -85.20 -122.99
CA SER GC 456 -8.85 -85.91 -121.74
C SER GC 456 -10.01 -85.66 -120.78
N PRO GC 457 -10.27 -86.58 -119.86
CA PRO GC 457 -11.16 -86.27 -118.74
C PRO GC 457 -10.60 -85.14 -117.89
N LYS GC 458 -11.50 -84.29 -117.40
CA LYS GC 458 -11.12 -83.09 -116.66
C LYS GC 458 -12.26 -82.67 -115.76
N GLU GC 459 -11.92 -82.09 -114.61
CA GLU GC 459 -12.91 -81.56 -113.67
C GLU GC 459 -13.14 -80.08 -113.98
N TYR GC 460 -14.33 -79.76 -114.46
CA TYR GC 460 -14.73 -78.38 -114.72
C TYR GC 460 -15.70 -77.96 -113.62
N ARG GC 461 -15.39 -76.86 -112.94
CA ARG GC 461 -16.21 -76.44 -111.81
C ARG GC 461 -17.48 -75.75 -112.30
N VAL GC 462 -18.59 -76.06 -111.63
CA VAL GC 462 -19.90 -75.51 -111.97
C VAL GC 462 -20.08 -74.18 -111.26
N ASP GC 463 -20.59 -73.19 -111.98
CA ASP GC 463 -20.88 -71.89 -111.40
C ASP GC 463 -21.95 -72.03 -110.32
N PRO GC 464 -21.79 -71.38 -109.15
CA PRO GC 464 -22.83 -71.40 -108.10
C PRO GC 464 -24.00 -70.45 -108.36
N ARG GC 465 -24.51 -70.47 -109.58
CA ARG GC 465 -25.70 -69.70 -109.95
C ARG GC 465 -26.67 -70.60 -110.67
N PHE GC 466 -26.14 -71.58 -111.40
CA PHE GC 466 -26.95 -72.52 -112.17
C PHE GC 466 -27.24 -73.80 -111.41
N LEU GC 467 -26.62 -74.00 -110.24
CA LEU GC 467 -26.90 -75.19 -109.44
C LEU GC 467 -28.29 -75.08 -108.82
N LYS GC 468 -29.00 -76.21 -108.79
CA LYS GC 468 -30.39 -76.21 -108.37
C LYS GC 468 -30.53 -76.01 -106.87
N LYS GC 469 -31.64 -75.40 -106.46
CA LYS GC 469 -31.93 -75.18 -105.05
C LYS GC 469 -32.87 -76.26 -104.53
N ARG GC 481 -48.90 -64.74 -90.38
CA ARG GC 481 -49.50 -63.81 -89.43
C ARG GC 481 -49.00 -62.38 -89.62
N GLU GC 482 -49.93 -61.45 -89.63
CA GLU GC 482 -49.64 -60.05 -89.90
C GLU GC 482 -48.95 -59.40 -88.72
N THR GC 483 -47.87 -58.66 -88.99
CA THR GC 483 -47.16 -57.96 -87.93
C THR GC 483 -47.92 -56.71 -87.50
N LEU GC 484 -47.50 -56.14 -86.38
CA LEU GC 484 -48.14 -54.93 -85.87
C LEU GC 484 -48.02 -53.71 -86.78
N PRO GC 485 -46.86 -53.36 -87.38
CA PRO GC 485 -46.88 -52.25 -88.35
C PRO GC 485 -47.74 -52.51 -89.57
N GLU GC 486 -47.80 -53.76 -90.04
CA GLU GC 486 -48.69 -54.09 -91.16
C GLU GC 486 -50.16 -53.93 -90.77
N LYS GC 487 -50.53 -54.34 -89.54
CA LYS GC 487 -51.88 -54.13 -89.05
C LYS GC 487 -52.21 -52.64 -88.93
N THR GC 488 -51.26 -51.86 -88.44
CA THR GC 488 -51.45 -50.41 -88.33
C THR GC 488 -51.65 -49.78 -89.70
N ALA GC 489 -50.87 -50.22 -90.70
CA ALA GC 489 -51.03 -49.70 -92.06
C ALA GC 489 -52.37 -50.11 -92.67
N ARG GC 490 -52.81 -51.34 -92.40
CA ARG GC 490 -54.11 -51.79 -92.89
C ARG GC 490 -55.25 -50.98 -92.28
N LYS GC 491 -55.15 -50.69 -90.98
CA LYS GC 491 -56.16 -49.86 -90.33
C LYS GC 491 -56.14 -48.43 -90.84
N ARG GC 492 -54.95 -47.91 -91.13
CA ARG GC 492 -54.82 -46.57 -91.72
C ARG GC 492 -55.51 -46.51 -93.08
N ARG GC 493 -55.28 -47.53 -93.91
CA ARG GC 493 -55.92 -47.61 -95.23
C ARG GC 493 -57.43 -47.75 -95.11
N ARG GC 494 -57.91 -48.55 -94.15
CA ARG GC 494 -59.34 -48.71 -93.96
C ARG GC 494 -59.99 -47.43 -93.44
N LEU GC 495 -59.29 -46.70 -92.57
CA LEU GC 495 -59.81 -45.43 -92.07
C LEU GC 495 -59.94 -44.41 -93.18
N LYS GC 496 -58.95 -44.35 -94.08
CA LYS GC 496 -59.10 -43.50 -95.26
C LYS GC 496 -60.24 -43.95 -96.14
N GLN GC 497 -60.40 -45.27 -96.33
CA GLN GC 497 -61.45 -45.80 -97.18
C GLN GC 497 -62.84 -45.48 -96.65
N ILE GC 498 -63.01 -45.50 -95.32
CA ILE GC 498 -64.28 -45.12 -94.72
C ILE GC 498 -64.61 -43.66 -94.99
N ASN GC 499 -63.63 -42.77 -94.83
CA ASN GC 499 -63.86 -41.34 -95.07
C ASN GC 499 -64.16 -41.01 -96.52
N MET GC 500 -63.73 -41.85 -97.46
CA MET GC 500 -63.97 -41.61 -98.87
C MET GC 500 -65.22 -42.30 -99.40
N SER GC 501 -66.00 -42.94 -98.54
CA SER GC 501 -67.22 -43.63 -98.95
C SER GC 501 -68.46 -42.76 -98.84
N PHE GC 502 -68.31 -41.50 -98.44
CA PHE GC 502 -69.45 -40.61 -98.24
C PHE GC 502 -69.57 -39.64 -99.39
N VAL GC 503 -70.74 -39.00 -99.47
CA VAL GC 503 -70.96 -37.97 -100.48
C VAL GC 503 -70.20 -36.71 -100.12
N LYS GC 504 -69.42 -36.19 -101.07
CA LYS GC 504 -68.59 -35.02 -100.82
C LYS GC 504 -69.42 -33.76 -100.67
N LYS GC 505 -69.05 -32.94 -99.71
CA LYS GC 505 -69.65 -31.62 -99.56
C LYS GC 505 -69.09 -30.70 -100.62
N PRO GC 506 -69.91 -30.10 -101.49
CA PRO GC 506 -69.38 -29.11 -102.43
C PRO GC 506 -68.93 -27.84 -101.72
N HIS GC 507 -67.97 -27.16 -102.32
CA HIS GC 507 -67.45 -25.91 -101.76
C HIS GC 507 -66.92 -24.97 -102.83
N1 PSU HC 805 -45.89 7.69 -55.02
C2 PSU HC 805 -44.87 7.15 -54.08
N3 PSU HC 805 -44.46 5.72 -54.16
C4 PSU HC 805 -45.05 4.87 -55.18
C5 PSU HC 805 -46.06 5.41 -56.11
C6 PSU HC 805 -46.46 6.83 -56.02
O2 PSU HC 805 -44.39 7.85 -53.26
O4 PSU HC 805 -44.74 3.73 -55.25
C1' PSU HC 805 -46.68 4.48 -57.17
C2' PSU HC 805 -48.19 4.50 -57.05
O2' PSU HC 805 -48.65 3.70 -55.97
C3' PSU HC 805 -48.63 4.03 -58.43
C4' PSU HC 805 -47.47 4.43 -59.35
O3' PSU HC 805 -48.77 2.61 -58.44
O4' PSU HC 805 -46.41 4.90 -58.48
C5' PSU HC 805 -47.80 5.51 -60.35
O5' PSU HC 805 -48.21 6.70 -59.71
P PSU HC 805 -48.28 8.08 -60.49
OP1 PSU HC 805 -49.31 7.98 -61.57
OP2 PSU HC 805 -48.37 9.17 -59.46
N1 PSU HC 1007 -70.93 -10.53 -5.17
C2 PSU HC 1007 -71.19 -9.80 -6.43
N3 PSU HC 1007 -70.21 -9.85 -7.55
C4 PSU HC 1007 -68.99 -10.61 -7.38
C5 PSU HC 1007 -68.74 -11.33 -6.12
C6 PSU HC 1007 -69.72 -11.28 -5.02
O2 PSU HC 1007 -72.19 -9.19 -6.57
O4 PSU HC 1007 -68.21 -10.65 -8.26
C1' PSU HC 1007 -67.45 -12.15 -5.94
C2' PSU HC 1007 -66.25 -11.22 -5.71
O2' PSU HC 1007 -65.12 -11.81 -6.33
C3' PSU HC 1007 -66.13 -11.27 -4.20
C4' PSU HC 1007 -66.48 -12.72 -3.88
O3' PSU HC 1007 -64.85 -10.89 -3.72
O4' PSU HC 1007 -67.52 -13.03 -4.83
C5' PSU HC 1007 -66.94 -13.01 -2.49
O5' PSU HC 1007 -68.03 -12.18 -2.10
P PSU HC 1007 -68.72 -12.34 -0.68
OP1 PSU HC 1007 -67.67 -12.48 0.38
OP2 PSU HC 1007 -69.75 -11.25 -0.56
N1 PSU HC 1962 -37.43 -87.20 -18.08
C2 PSU HC 1962 -36.08 -87.76 -18.40
N3 PSU HC 1962 -35.78 -88.25 -19.78
C4 PSU HC 1962 -36.79 -88.16 -20.80
C5 PSU HC 1962 -38.13 -87.60 -20.48
C6 PSU HC 1962 -38.42 -87.12 -19.12
O2 PSU HC 1962 -35.27 -87.82 -17.55
O4 PSU HC 1962 -36.55 -88.55 -21.89
C1' PSU HC 1962 -39.21 -87.50 -21.58
C2' PSU HC 1962 -39.87 -88.84 -21.88
O2' PSU HC 1962 -40.11 -88.91 -23.27
C3' PSU HC 1962 -41.16 -88.74 -21.11
C4' PSU HC 1962 -41.51 -87.26 -21.19
O3' PSU HC 1962 -42.19 -89.56 -21.66
O4' PSU HC 1962 -40.23 -86.60 -21.21
C5' PSU HC 1962 -42.33 -86.73 -20.06
O5' PSU HC 1962 -41.59 -86.76 -18.85
P PSU HC 1962 -42.12 -86.03 -17.53
OP1 PSU HC 1962 -43.61 -85.78 -17.50
OP2 PSU HC 1962 -41.10 -85.86 -16.45
N1 5MU HC 2031 -21.45 0.17 -21.41
C2 5MU HC 2031 -20.55 -0.61 -20.58
N3 5MU HC 2031 -19.10 -0.46 -20.70
C4 5MU HC 2031 -18.68 0.28 -21.47
C5 5MU HC 2031 -19.73 1.30 -22.57
C5M 5MU HC 2031 -19.12 2.29 -23.60
C6 5MU HC 2031 -20.88 1.23 -22.52
O2 5MU HC 2031 -21.00 -1.36 -19.80
O4 5MU HC 2031 -17.52 0.36 -21.54
C1' 5MU HC 2031 -22.89 -0.05 -21.23
C2' 5MU HC 2031 -23.63 1.15 -20.64
O2' 5MU HC 2031 -23.45 1.24 -19.25
C3' 5MU HC 2031 -25.06 0.86 -21.08
C4' 5MU HC 2031 -24.87 0.15 -22.43
O3' 5MU HC 2031 -25.67 -0.04 -20.16
O4' 5MU HC 2031 -23.49 -0.27 -22.48
C5' 5MU HC 2031 -25.21 0.98 -23.65
O5' 5MU HC 2031 -24.38 2.12 -23.77
P 5MU HC 2031 -24.95 3.49 -24.34
OP1 5MU HC 2031 -26.37 3.45 -24.83
OP2 5MU HC 2031 -24.04 4.68 -24.19
P OMG HC 2316 -59.04 -11.61 -18.96
OP1 OMG HC 2316 -58.14 -11.68 -17.76
OP2 OMG HC 2316 -60.52 -11.85 -18.89
O5' OMG HC 2316 -58.52 -12.75 -19.93
C5' OMG HC 2316 -59.37 -13.34 -20.89
C4' OMG HC 2316 -58.63 -13.62 -22.17
O4' OMG HC 2316 -58.25 -12.37 -22.80
C3' OMG HC 2316 -57.33 -14.40 -22.01
O3' OMG HC 2316 -57.54 -15.80 -22.09
C2' OMG HC 2316 -56.44 -13.86 -23.13
O2' OMG HC 2316 -56.76 -14.51 -24.35
CM2 OMG HC 2316 -56.74 -13.75 -25.53
C1' OMG HC 2316 -56.91 -12.40 -23.20
N9 OMG HC 2316 -56.15 -11.48 -22.34
C8 OMG HC 2316 -56.34 -10.72 -21.25
N7 OMG HC 2316 -55.22 -10.05 -20.99
C5 OMG HC 2316 -54.32 -10.38 -21.92
C6 OMG HC 2316 -52.88 -9.92 -22.13
O6 OMG HC 2316 -52.40 -9.15 -21.38
N1 OMG HC 2316 -52.13 -10.43 -23.22
C2 OMG HC 2316 -52.73 -11.36 -24.12
N2 OMG HC 2316 -51.97 -11.88 -25.23
N3 OMG HC 2316 -54.11 -11.79 -23.92
C4 OMG HC 2316 -54.91 -11.27 -22.78
P H2U HC 2507 -64.67 -14.54 -25.55
OP1 H2U HC 2507 -65.31 -15.04 -24.27
OP2 H2U HC 2507 -65.06 -13.17 -26.06
O5' H2U HC 2507 -63.09 -14.51 -25.31
C5' H2U HC 2507 -62.51 -13.61 -24.36
C4' H2U HC 2507 -61.36 -12.84 -24.94
O4' H2U HC 2507 -60.42 -13.77 -25.56
C3' H2U HC 2507 -61.72 -11.83 -26.03
O3' H2U HC 2507 -60.83 -10.72 -25.98
C1' H2U HC 2507 -60.25 -13.44 -26.92
C2' H2U HC 2507 -61.48 -12.62 -27.30
O2' H2U HC 2507 -61.26 -11.86 -28.46
N1 H2U HC 2507 -60.10 -14.67 -27.70
C2 H2U HC 2507 -59.04 -14.84 -28.53
O2 H2U HC 2507 -58.17 -14.02 -28.69
N3 H2U HC 2507 -59.01 -16.02 -29.25
C4 H2U HC 2507 -59.70 -17.16 -29.01
O4 H2U HC 2507 -59.60 -18.11 -29.74
C5 H2U HC 2507 -60.55 -17.10 -27.78
C6 H2U HC 2507 -61.12 -15.71 -27.58
N1 PSU HC 2515 -68.45 4.03 -17.98
C2 PSU HC 2515 -66.98 4.14 -17.83
N3 PSU HC 2515 -66.28 3.47 -16.69
C4 PSU HC 2515 -67.07 2.73 -15.72
C5 PSU HC 2515 -68.53 2.64 -15.86
C6 PSU HC 2515 -69.21 3.29 -17.01
O2 PSU HC 2515 -66.34 4.74 -18.64
O4 PSU HC 2515 -66.52 2.21 -14.81
C1' PSU HC 2515 -69.38 1.83 -14.87
C2' PSU HC 2515 -69.66 2.54 -13.54
O2' PSU HC 2515 -69.55 1.58 -12.50
C3' PSU HC 2515 -71.11 2.97 -13.71
C4' PSU HC 2515 -71.69 1.89 -14.58
O3' PSU HC 2515 -71.80 3.10 -12.49
O4' PSU HC 2515 -70.61 1.53 -15.47
C5' PSU HC 2515 -72.91 2.26 -15.39
O5' PSU HC 2515 -72.63 3.29 -16.32
P PSU HC 2515 -73.71 3.81 -17.35
OP1 PSU HC 2515 -75.03 3.98 -16.66
OP2 PSU HC 2515 -73.11 5.00 -18.06
N1 OMC HC 2556 -69.62 -4.98 -25.39
C2 OMC HC 2556 -69.09 -3.67 -25.86
N3 OMC HC 2556 -67.80 -3.17 -25.34
C4 OMC HC 2556 -67.05 -3.94 -24.39
C5 OMC HC 2556 -67.56 -5.24 -23.92
C6 OMC HC 2556 -68.85 -5.75 -24.43
O2 OMC HC 2556 -69.68 -3.00 -26.64
N4 OMC HC 2556 -65.79 -3.43 -23.89
C1' OMC HC 2556 -70.90 -5.51 -25.90
C2' OMC HC 2556 -70.77 -5.97 -27.34
O2' OMC HC 2556 -71.99 -5.68 -28.02
CM2 OMC HC 2556 -72.07 -4.37 -28.51
C3' OMC HC 2556 -70.57 -7.47 -27.17
C4' OMC HC 2556 -71.43 -7.79 -25.97
O4' OMC HC 2556 -71.27 -6.62 -25.12
O3' OMC HC 2556 -70.90 -8.23 -28.32
C5' OMC HC 2556 -71.09 -9.04 -25.20
O5' OMC HC 2556 -69.69 -9.24 -25.14
P OMC HC 2556 -69.02 -10.58 -25.68
OP1 OMC HC 2556 -68.73 -11.39 -24.46
OP2 OMC HC 2556 -69.86 -11.18 -26.78
P 2MA HC 2561 -62.47 -7.02 -43.90
OP1 2MA HC 2561 -63.85 -6.54 -44.21
OP2 2MA HC 2561 -62.02 -5.83 -44.71
O5' 2MA HC 2561 -61.08 -6.48 -43.32
C5' 2MA HC 2561 -60.55 -6.92 -42.08
C4' 2MA HC 2561 -60.21 -5.74 -41.21
O4' 2MA HC 2561 -58.84 -5.85 -40.78
C3' 2MA HC 2561 -60.35 -4.39 -41.90
O3' 2MA HC 2561 -60.75 -3.40 -40.96
C2' 2MA HC 2561 -58.93 -4.11 -42.36
O2' 2MA HC 2561 -58.63 -2.75 -42.57
C1' 2MA HC 2561 -58.13 -4.70 -41.20
N9 2MA HC 2561 -56.74 -5.10 -41.50
C8 2MA HC 2561 -55.55 -4.81 -40.93
N7 2MA HC 2561 -54.59 -5.46 -41.59
C5 2MA HC 2561 -55.16 -6.17 -42.57
C6 2MA HC 2561 -54.54 -7.10 -43.63
N6 2MA HC 2561 -53.30 -7.27 -43.66
N1 2MA HC 2561 -55.37 -7.76 -44.59
C2 2MA HC 2561 -56.78 -7.57 -44.56
CM2 2MA HC 2561 -57.69 -8.29 -45.59
N3 2MA HC 2561 -57.37 -6.68 -43.53
C4 2MA HC 2561 -56.50 -5.96 -42.52
N1 OMU HC 2610 -36.20 17.91 -26.21
C2 OMU HC 2610 -37.54 18.37 -25.72
N3 OMU HC 2610 -38.15 19.61 -26.29
C4 OMU HC 2610 -37.44 20.37 -27.30
C5 OMU HC 2610 -36.10 19.92 -27.77
C6 OMU HC 2610 -35.51 18.69 -27.22
O2 OMU HC 2610 -38.13 17.76 -24.92
O4 OMU HC 2610 -37.91 21.36 -27.74
C1' OMU HC 2610 -35.61 16.68 -25.66
C2' OMU HC 2610 -35.91 15.44 -26.52
O2' OMU HC 2610 -36.12 14.33 -25.67
CM2 OMU HC 2610 -37.09 13.41 -26.14
C3' OMU HC 2610 -34.61 15.29 -27.31
C4' OMU HC 2610 -33.56 15.77 -26.32
O3' OMU HC 2610 -34.36 13.98 -27.80
O4' OMU HC 2610 -34.22 16.83 -25.60
C5' OMU HC 2610 -32.30 16.31 -26.96
O5' OMU HC 2610 -32.63 17.32 -27.89
P OMU HC 2610 -31.53 18.27 -28.50
OP1 OMU HC 2610 -30.41 17.42 -29.05
OP2 OMU HC 2610 -32.22 19.26 -29.39
N1 PSU HC 2638 -48.20 13.05 -42.03
C2 PSU HC 2638 -48.35 12.81 -40.57
N3 PSU HC 2638 -47.23 13.15 -39.64
C4 PSU HC 2638 -46.00 13.72 -40.16
C5 PSU HC 2638 -45.86 13.95 -41.62
C6 PSU HC 2638 -46.98 13.62 -42.53
O2 PSU HC 2638 -49.35 12.33 -40.16
O4 PSU HC 2638 -45.14 13.99 -39.41
C1' PSU HC 2638 -44.62 14.60 -42.26
C2' PSU HC 2638 -43.27 13.89 -42.21
O2' PSU HC 2638 -42.32 14.82 -41.71
C3' PSU HC 2638 -42.98 13.57 -43.69
C4' PSU HC 2638 -43.84 14.56 -44.46
O3' PSU HC 2638 -41.62 13.69 -44.03
O4' PSU HC 2638 -44.95 14.85 -43.61
C5' PSU HC 2638 -44.36 14.05 -45.77
O5' PSU HC 2638 -45.47 13.19 -45.55
P PSU HC 2638 -46.51 12.88 -46.71
OP1 PSU HC 2638 -45.74 12.24 -47.84
OP2 PSU HC 2638 -47.65 12.14 -46.07
N1 PSU HC 2663 -31.52 0.90 -29.49
C2 PSU HC 2663 -31.30 -0.22 -30.44
N3 PSU HC 2663 -29.96 -0.41 -31.07
C4 PSU HC 2663 -28.89 0.51 -30.75
C5 PSU HC 2663 -29.11 1.63 -29.80
C6 PSU HC 2663 -30.44 1.81 -29.17
O2 PSU HC 2663 -32.16 -0.98 -30.71
O4 PSU HC 2663 -27.85 0.36 -31.26
C1' PSU HC 2663 -27.96 2.60 -29.47
C2' PSU HC 2663 -27.79 3.59 -30.62
O2' PSU HC 2663 -26.40 3.89 -30.75
C3' PSU HC 2663 -28.53 4.80 -30.08
C4' PSU HC 2663 -28.18 4.76 -28.61
O3' PSU HC 2663 -28.20 6.03 -30.70
O4' PSU HC 2663 -28.23 3.36 -28.30
C5' PSU HC 2663 -29.09 5.55 -27.69
O5' PSU HC 2663 -30.44 5.12 -27.80
P PSU HC 2663 -31.52 5.56 -26.72
OP1 PSU HC 2663 -31.44 7.06 -26.60
OP2 PSU HC 2663 -32.82 4.91 -27.09
P G7M IC 506 18.80 28.99 21.77
OP1 G7M IC 506 18.99 27.53 21.55
OP2 G7M IC 506 17.49 29.68 21.24
O5' G7M IC 506 18.89 29.27 23.34
C5' G7M IC 506 17.73 29.64 24.08
C4' G7M IC 506 17.82 31.05 24.60
O4' G7M IC 506 17.27 31.95 23.61
C3' G7M IC 506 17.03 31.36 25.84
O3' G7M IC 506 17.64 30.88 27.03
C2' G7M IC 506 16.88 32.87 25.77
O2' G7M IC 506 18.05 33.53 26.23
C1' G7M IC 506 16.76 33.09 24.27
N9 G7M IC 506 15.35 33.33 23.89
C8 G7M IC 506 14.94 32.27 23.16
N7 G7M IC 506 13.66 32.47 22.82
CN7 G7M IC 506 13.07 31.39 22.02
C5 G7M IC 506 13.28 33.64 23.32
C6 G7M IC 506 12.00 34.42 23.30
O6 G7M IC 506 11.02 33.97 22.72
N1 G7M IC 506 11.90 35.67 23.96
C2 G7M IC 506 13.04 36.18 24.65
N2 G7M IC 506 13.00 37.44 25.34
N3 G7M IC 506 14.24 35.46 24.68
C4 G7M IC 506 14.33 34.15 24.00
P 4OC IC 1584 14.40 10.30 21.59
OP1 4OC IC 1584 14.78 11.32 22.62
OP2 4OC IC 1584 13.75 9.05 22.12
O5' 4OC IC 1584 15.75 9.77 20.95
CM2 4OC IC 1584 18.93 7.89 15.70
C5' 4OC IC 1584 16.55 10.60 20.14
C4' 4OC IC 1584 17.21 9.83 19.04
O4' 4OC IC 1584 17.26 8.43 19.41
C3' 4OC IC 1584 16.47 9.79 17.71
C2' 4OC IC 1584 17.08 8.58 17.05
O2' 4OC IC 1584 18.37 8.87 16.55
C1' 4OC IC 1584 17.22 7.64 18.24
N1 4OC IC 1584 16.08 6.71 18.35
C2 4OC IC 1584 15.93 5.64 17.33
O2 4OC IC 1584 16.71 5.55 16.45
N3 4OC IC 1584 14.81 4.68 17.40
C4 4OC IC 1584 13.86 4.78 18.47
N4 4OC IC 1584 12.76 3.81 18.52
C5 4OC IC 1584 13.98 5.84 19.50
C6 4OC IC 1584 15.12 6.80 19.42
CM4 4OC IC 1584 12.68 2.79 17.47
O3' 4OC IC 1584 16.60 10.99 16.96
P UR3 IC 1727 7.00 -5.35 13.93
OP1 UR3 IC 1727 6.00 -4.83 14.92
OP2 UR3 IC 1727 6.58 -6.46 13.02
O5' UR3 IC 1727 7.28 -4.09 13.00
C5' UR3 IC 1727 7.97 -4.20 11.77
C4' UR3 IC 1727 9.05 -3.15 11.67
O4' UR3 IC 1727 8.49 -1.87 12.07
C1' UR3 IC 1727 9.34 -1.27 13.02
N1 UR3 IC 1727 8.52 -0.46 13.93
C6 UR3 IC 1727 7.32 -0.99 14.53
C2 UR3 IC 1727 8.96 0.90 14.27
O2 UR3 IC 1727 9.93 1.32 13.79
N3 UR3 IC 1727 8.18 1.75 15.19
C3U UR3 IC 1727 8.62 3.10 15.52
C4 UR3 IC 1727 6.98 1.23 15.78
O4 UR3 IC 1727 6.35 1.91 16.52
C5 UR3 IC 1727 6.53 -0.15 15.46
C2' UR3 IC 1727 10.04 -2.43 13.72
O2' UR3 IC 1727 11.22 -2.00 14.36
C3' UR3 IC 1727 10.26 -3.39 12.56
O3' UR3 IC 1727 11.45 -3.04 11.87
P 2MG IC 1745 1.04 -4.84 -6.53
OP1 2MG IC 1745 2.01 -4.12 -7.34
OP2 2MG IC 1745 0.40 -6.05 -7.08
O5' 2MG IC 1745 1.82 -5.34 -5.24
C5' 2MG IC 1745 1.32 -6.39 -4.44
C4' 2MG IC 1745 1.86 -6.28 -3.05
O4' 2MG IC 1745 3.28 -5.99 -3.12
C3' 2MG IC 1745 1.31 -5.13 -2.23
O3' 2MG IC 1745 0.03 -5.37 -1.69
C2' 2MG IC 1745 2.41 -4.92 -1.19
O2' 2MG IC 1745 2.30 -5.84 -0.13
C1' 2MG IC 1745 3.68 -5.24 -2.00
N9 2MG IC 1745 4.32 -3.97 -2.40
C8 2MG IC 1745 4.25 -3.89 -3.76
N7 2MG IC 1745 4.79 -2.70 -4.13
C5 2MG IC 1745 5.18 -2.05 -3.02
C6 2MG IC 1745 5.87 -0.72 -2.73
O6 2MG IC 1745 6.17 0.03 -3.63
N1 2MG IC 1745 6.16 -0.32 -1.39
C2 2MG IC 1745 5.82 -1.22 -0.34
N2 2MG IC 1745 6.04 -0.96 1.11
CM2 2MG IC 1745 5.59 -2.04 1.97
N3 2MG IC 1745 5.18 -2.48 -0.61
C4 2MG IC 1745 4.88 -2.86 -1.99
C2 MA6 IC 1747 4.09 -0.91 7.82
C4 MA6 IC 1747 3.34 -0.51 5.67
C5 MA6 IC 1747 3.34 -1.80 5.40
P MA6 IC 1747 2.44 0.44 -0.66
OP1 MA6 IC 1747 1.39 1.11 -1.39
OP2 MA6 IC 1747 2.39 -1.01 -0.49
O5' MA6 IC 1747 2.47 0.99 0.84
C5' MA6 IC 1747 2.27 2.36 1.13
C4' MA6 IC 1747 2.75 2.69 2.51
O4' MA6 IC 1747 1.98 1.96 3.49
C1' MA6 IC 1747 2.82 1.57 4.56
N9 MA6 IC 1747 2.94 0.11 4.57
N3 MA6 IC 1747 3.72 -0.05 6.87
N1 MA6 IC 1747 4.08 -2.24 7.54
C6 MA6 IC 1747 3.72 -2.69 6.37
N6 MA6 IC 1747 3.84 -4.18 6.51
C9 MA6 IC 1747 3.55 -5.01 5.38
C10 MA6 IC 1747 4.20 -4.84 7.81
N7 MA6 IC 1747 2.93 -1.97 4.15
C8 MA6 IC 1747 2.68 -0.77 3.63
C2' MA6 IC 1747 4.17 2.22 4.34
O2' MA6 IC 1747 4.09 3.52 4.89
C3' MA6 IC 1747 4.18 2.29 2.82
O3' MA6 IC 1747 5.17 3.14 2.27
C2 MA6 IC 1748 7.93 -1.33 8.73
C4 MA6 IC 1748 7.62 -0.43 6.61
C5 MA6 IC 1748 7.47 -1.64 6.10
P MA6 IC 1748 6.24 2.59 1.22
OP1 MA6 IC 1748 5.55 3.35 0.17
OP2 MA6 IC 1748 6.10 1.25 1.69
O5' MA6 IC 1748 7.56 3.30 1.75
C5' MA6 IC 1748 8.55 2.56 2.46
C4' MA6 IC 1748 8.57 2.95 3.92
O4' MA6 IC 1748 7.34 2.51 4.54
C1' MA6 IC 1748 7.60 1.89 5.79
N9 MA6 IC 1748 7.47 0.44 5.61
N3 MA6 IC 1748 7.84 -0.27 7.92
N1 MA6 IC 1748 7.79 -2.57 8.21
C6 MA6 IC 1748 7.55 -2.74 6.93
N6 MA6 IC 1748 7.50 -4.24 6.83
C9 MA6 IC 1748 7.20 -4.86 5.58
C10 MA6 IC 1748 7.85 -5.12 8.00
N7 MA6 IC 1748 7.27 -1.53 4.80
C8 MA6 IC 1748 7.26 -0.24 4.49
C2' MA6 IC 1748 9.05 2.26 6.14
O2' MA6 IC 1748 9.04 3.53 6.75
C3' MA6 IC 1748 9.67 2.30 4.75
O3' MA6 IC 1748 10.89 3.00 4.67
MG MG JC . -76.62 -51.37 54.74
MG MG KC . -95.28 -16.59 21.51
MG MG LC . -104.46 -14.05 12.33
MG MG MC . -6.09 -26.37 94.08
PG ATP NC . 12.37 -53.70 84.12
O1G ATP NC . 11.09 -54.31 84.57
O2G ATP NC . 12.77 -52.48 84.95
O3G ATP NC . 12.40 -53.34 82.64
PB ATP NC . 13.87 -56.17 84.90
O1B ATP NC . 12.65 -56.78 85.45
O2B ATP NC . 15.04 -56.03 85.86
O3B ATP NC . 13.59 -54.72 84.31
PA ATP NC . 14.13 -58.36 82.93
O1A ATP NC . 13.01 -58.29 81.97
O2A ATP NC . 13.95 -59.38 84.06
O3A ATP NC . 14.40 -56.94 83.62
O5' ATP NC . 15.50 -58.68 82.21
C5' ATP NC . 16.05 -57.80 81.21
C4' ATP NC . 16.76 -58.62 80.17
O4' ATP NC . 18.06 -59.02 80.67
C3' ATP NC . 16.07 -59.92 79.79
O3' ATP NC . 15.11 -59.72 78.77
C2' ATP NC . 17.24 -60.78 79.30
O2' ATP NC . 17.60 -60.50 77.96
C1' ATP NC . 18.35 -60.34 80.26
N9 ATP NC . 18.49 -61.17 81.46
C8 ATP NC . 18.34 -60.77 82.76
N7 ATP NC . 18.51 -61.72 83.64
C5 ATP NC . 18.80 -62.83 82.87
C6 ATP NC . 19.08 -64.17 83.20
N6 ATP NC . 19.13 -64.63 84.45
N1 ATP NC . 19.33 -65.03 82.18
C2 ATP NC . 19.29 -64.58 80.92
N3 ATP NC . 19.02 -63.35 80.50
C4 ATP NC . 18.78 -62.51 81.52
MG MG OC . 10.39 -56.33 84.78
K K PC . -24.53 -13.12 -33.52
K K QC . -22.29 -16.66 -32.76
MG MG RC . -54.24 50.45 -63.90
MG MG SC . -42.96 19.49 -53.79
K K TC . -69.15 -25.12 -64.33
ZN ZN UC . -69.88 30.71 -101.83
ZN ZN VC . -76.41 39.70 10.64
MG MG WC . -78.17 2.87 -26.01
MG MG XC . -109.75 -0.60 -18.70
MG MG YC . -32.65 42.01 -66.08
MG MG ZC . -66.30 36.69 -72.10
MG MG AD . -58.46 49.83 -4.46
MG MG BD . -45.27 -50.62 -58.30
K K CD . -25.44 0.98 -88.40
K K DD . -26.00 -9.10 -86.02
K K ED . -74.07 -60.83 -99.50
K K FD . -63.64 42.39 -6.21
MG MG GD . -103.43 -0.95 -55.95
MG MG HD . -19.36 -17.18 -66.92
MG MG ID . -99.99 -34.79 -1.85
MG MG JD . -62.06 -80.08 -54.65
MG MG KD . -86.14 0.80 -24.68
MG MG LD . -12.26 -54.98 -36.05
MG MG MD . -18.80 -39.94 -79.02
MG MG ND . -116.22 -22.17 -38.83
MG MG OD . -81.73 50.32 -19.56
MG MG PD . -29.32 -15.29 -92.28
MG MG QD . -36.03 45.15 -61.80
MG MG RD . -19.48 9.83 -60.60
MG MG SD . -86.69 -6.42 -79.40
MG MG TD . -78.48 -34.52 -98.94
MG MG UD . -57.36 -82.64 -16.84
K K VD . -28.46 -11.48 -34.36
MG MG WD . -7.79 -62.51 -36.43
MG MG XD . -57.42 19.01 -28.11
K K YD . -40.13 -29.86 -38.42
K K ZD . -51.93 12.22 -39.33
K K AE . -51.88 -61.92 -11.83
K K BE . -44.40 -73.85 -67.52
K K CE . -48.70 -31.60 -59.72
MG MG DE . -83.31 41.06 -42.28
K K EE . -69.76 8.23 -18.90
MG MG FE . -64.82 -8.82 -56.28
K K GE . -46.05 -14.06 -33.61
MG MG HE . -81.61 -7.73 18.71
MG MG IE . -83.88 -46.41 -93.16
MG MG JE . -75.72 -6.74 -12.26
K K KE . -27.13 43.85 -76.33
MG MG LE . -95.37 22.01 -57.85
MG MG ME . -75.39 -8.70 -102.10
MG MG NE . -33.09 -67.97 -36.74
MG MG OE . -2.91 7.61 -67.98
MG MG PE . -40.32 -23.28 -76.02
MG MG QE . -85.52 17.03 -5.26
MG MG RE . -73.41 -31.05 -33.92
K K SE . -59.34 22.53 -28.69
MG MG TE . -71.29 -24.13 -31.82
MG MG UE . -68.12 -13.69 -62.55
MG MG VE . -77.61 -18.02 -62.21
MG MG WE . -68.51 -28.15 -24.39
K K XE . -73.81 -36.00 -25.15
MG MG YE . -58.67 -13.97 -40.97
MG MG ZE . -53.26 -15.59 -40.99
MG MG AF . -55.03 -22.88 -22.43
MG MG BF . -84.62 -25.34 0.48
MG MG CF . -80.09 -28.73 1.89
MG MG DF . -67.19 0.41 -32.48
MG MG EF . -66.84 -9.53 -28.03
MG MG FF . -56.19 11.51 -32.20
MG MG GF . -80.58 -13.02 10.65
K K HF . -77.22 -26.18 3.73
MG MG IF . -68.39 -7.83 -51.51
MG MG JF . -70.04 -12.85 -20.61
MG MG KF . -74.88 -10.48 -8.04
MG MG LF . -65.87 -33.49 -68.47
MG MG MF . -65.46 -30.43 -75.02
K K NF . -62.36 -28.94 -73.12
K K OF . -58.87 5.98 -33.04
K K PF . -59.58 -6.10 -35.54
K K QF . -61.40 -9.26 -18.90
K K RF . -55.95 -35.63 -17.15
K K SF . -80.16 -53.36 -44.40
K K TF . -51.22 -31.59 -27.10
MG MG UF . -42.26 -33.56 -39.69
MG MG VF . -38.85 -29.32 -45.34
MG MG WF . -55.95 -38.39 -20.35
MG MG XF . -71.32 -24.57 -21.79
MG MG YF . -74.18 -10.60 -18.64
K K ZF . -35.49 -29.31 -50.75
MG MG AG . -70.55 -11.46 -30.75
MG MG BG . -12.26 -4.80 -31.19
MG MG CG . -11.45 -12.99 -23.27
MG MG DG . -52.24 -39.61 -35.93
K K EG . -19.98 7.37 -13.93
K K FG . -8.39 -0.39 -31.70
K K GG . -49.02 -34.03 -34.61
K K HG . -23.70 -1.30 -17.85
K K IG . -41.49 -26.34 -31.45
K K JG . -34.09 -11.88 -33.59
K K KG . -19.41 5.55 -44.88
K K LG . -20.66 3.17 -47.87
K K MG . -12.15 -13.88 -40.55
MG MG NG . -35.35 -14.61 -57.25
K K OG . -26.37 -36.37 -31.66
K K PG . -27.05 -21.88 -47.56
MG MG QG . -26.30 -26.89 -35.81
MG MG RG . -73.69 -5.33 -44.13
MG MG SG . -52.43 -41.92 -50.12
K K TG . -55.88 -37.44 -35.25
K K UG . -72.33 -16.32 -57.82
K K VG . -11.49 -28.68 -16.51
K K WG . -11.76 -24.44 -14.69
K K XG . -65.13 -6.45 -41.11
K K YG . -45.53 -42.31 -39.87
K K ZG . -40.75 -21.83 -43.58
MG MG AH . -14.41 0.62 -41.91
MG MG BH . -15.00 2.46 -48.55
MG MG CH . -6.74 -13.34 -19.92
MG MG DH . -33.63 -32.16 -34.05
MG MG EH . -32.77 -8.52 -35.36
MG MG FH . -65.43 -5.60 -44.89
MG MG GH . -45.48 -38.21 -39.22
MG MG HH . -14.19 -8.85 -33.99
MG MG IH . -32.69 19.36 -31.36
MG MG JH . -24.55 -15.14 -20.59
MG MG KH . -93.95 5.81 -43.82
MG MG LH . -47.62 53.16 -61.63
MG MG MH . -26.97 48.30 -80.30
MG MG NH . -93.13 -5.08 -28.91
MG MG OH . -53.15 12.79 -50.64
K K PH . -86.12 -40.82 -104.00
MG MG QH . -64.98 11.42 -62.50
MG MG RH . -80.82 -16.71 -86.80
K K SH . -23.84 35.13 -81.33
K K TH . -86.40 -46.42 -95.79
MG MG UH . -24.90 -9.21 -25.38
MG MG VH . -84.40 -27.37 -90.62
MG MG WH . -86.64 -27.87 -39.94
MG MG XH . -76.71 8.55 -33.53
MG MG YH . -24.37 36.62 -42.92
MG MG ZH . -49.19 27.78 -66.50
MG MG AI . -89.02 -30.32 -92.86
MG MG BI . -96.65 -25.72 -37.73
MG MG CI . -92.90 -9.99 -29.97
MG MG DI . -68.73 17.56 -58.47
MG MG EI . -43.60 9.71 -52.90
MG MG FI . -109.35 -6.83 -34.87
MG MG GI . -62.31 14.97 -75.59
MG MG HI . -60.55 16.14 -65.23
MG MG II . -56.09 14.84 -69.92
K K JI . -43.43 47.55 -60.73
K K KI . -85.43 -19.19 -90.61
MG MG LI . -34.03 37.35 -49.88
MG MG MI . -27.90 26.71 -31.39
MG MG NI . -38.93 25.38 -33.72
MG MG OI . -50.27 10.66 -48.99
MG MG PI . -32.73 30.13 -75.65
MG MG QI . -82.76 -54.93 -104.21
MG MG RI . -96.62 -26.97 -31.89
MG MG SI . -94.43 1.06 -32.76
MG MG TI . -102.34 -20.70 -33.16
MG MG UI . -36.74 1.17 -76.01
MG MG VI . -83.84 11.82 -52.57
MG MG WI . -17.49 41.82 -88.27
MG MG XI . -33.72 25.84 -33.97
MG MG YI . -22.30 9.84 -26.27
K K ZI . -80.71 -13.61 -84.36
K K AJ . -58.17 28.02 -70.06
MG MG BJ . -30.13 41.14 -50.31
MG MG CJ . -51.80 -73.20 -13.73
MG MG DJ . -40.43 -1.66 -96.28
MG MG EJ . -27.61 19.11 -48.50
MG MG FJ . -10.69 6.35 -52.08
K K GJ . 2.67 6.96 -61.43
MG MG HJ . -70.51 -52.93 30.01
MG MG IJ . -11.68 9.45 -58.57
MG MG JJ . -44.78 -10.79 -92.93
MG MG KJ . -45.88 -5.75 -96.25
MG MG LJ . -47.30 -82.26 -31.75
MG MG MJ . -49.90 -65.03 -13.34
MG MG NJ . -6.80 4.75 -56.17
K K OJ . -73.00 -68.16 11.35
MG MG PJ . -45.80 -3.60 -99.91
MG MG QJ . -62.21 3.08 -20.14
MG MG RJ . -48.42 -31.61 -55.45
MG MG SJ . -62.14 3.48 -42.75
MG MG TJ . -76.57 -25.86 -78.29
MG MG UJ . -72.94 -23.21 -42.22
K K VJ . -64.01 11.96 -48.14
K K WJ . -60.82 7.82 -44.35
K K XJ . -74.18 8.60 -49.54
K K YJ . -60.81 -55.67 26.52
MG MG ZJ . -75.92 -32.90 -59.42
MG MG AK . -58.72 10.83 -42.53
MG MG BK . -75.88 23.89 -26.10
MG MG CK . -64.64 -3.95 -66.74
MG MG DK . -58.87 -31.83 -52.45
MG MG EK . -79.98 -21.12 -48.32
MG MG FK . -73.88 -20.77 -18.31
K K GK . -62.58 39.66 -15.58
MG MG HK . -61.68 -0.11 -45.42
MG MG IK . -60.91 0.29 -24.71
MG MG JK . -69.91 30.75 -15.06
MG MG KK . -74.55 1.95 -45.19
MG MG LK . -87.50 -34.79 -76.50
MG MG MK . -72.56 -24.74 -13.02
MG MG NK . -29.18 25.91 -83.44
MG MG OK . -27.32 21.70 -81.00
MG MG PK . -28.45 -29.10 -64.54
K K QK . -5.83 -3.96 -29.33
MG MG RK . -52.47 -95.74 -44.00
MG MG SK . -79.11 -20.21 -32.08
K K TK . -92.66 -63.41 -42.98
K K UK . -22.09 -8.13 -43.40
K K VK . -97.52 5.14 -50.48
MG MG WK . -18.06 -7.37 -22.58
MG MG XK . -50.43 -84.11 -27.36
MG MG YK . -24.34 -4.82 -54.94
MG MG ZK . -26.82 9.44 -62.40
MG MG AL . -25.52 -12.32 -38.85
MG MG BL . -30.81 -12.71 -38.37
K K CL . -38.56 -21.11 -63.46
MG MG DL . -19.19 13.32 -20.91
MG MG EL . -83.42 -5.28 -35.39
MG MG FL . -32.19 -3.92 -50.13
MG MG GL . -30.00 1.31 -49.89
K K HL . -23.22 19.85 -76.70
MG MG IL . -24.52 -42.62 -88.36
MG MG JL . -77.34 -68.43 -61.02
MG MG KL . -43.26 -5.60 -68.28
MG MG LL . -10.24 -32.66 -82.39
MG MG ML . -14.83 -37.73 -67.20
MG MG NL . -25.86 -6.17 -95.56
MG MG OL . -46.03 5.52 -80.56
MG MG PL . -26.29 23.76 -56.79
MG MG QL . -73.20 10.69 -41.37
MG MG RL . -56.27 1.64 -87.68
MG MG SL . -18.92 -45.30 -67.20
MG MG TL . -18.98 15.46 -75.93
MG MG UL . -58.99 -36.69 -15.03
MG MG VL . -21.63 -18.38 -101.58
MG MG WL . -109.39 12.02 -33.09
MG MG XL . -40.52 -57.98 -73.30
MG MG YL . 2.19 37.39 -75.23
MG MG ZL . -106.72 -16.89 -32.68
MG MG AM . -61.55 4.26 -94.02
MG MG BM . -88.96 19.08 -15.15
MG MG CM . -12.67 -18.74 -82.70
MG MG DM . -46.67 31.17 -41.69
MG MG EM . -22.28 -0.27 -71.91
MG MG FM . -91.56 7.89 -73.05
MG MG GM . -84.31 -7.58 -73.29
MG MG HM . -70.68 -56.51 -101.31
MG MG IM . -41.79 -81.79 -34.82
MG MG JM . -96.83 28.20 -47.72
MG MG KM . -65.84 -16.69 -41.70
MG MG LM . -72.06 -5.81 -35.61
MG MG MM . -62.33 -28.72 -30.70
MG MG NM . -4.06 -13.17 -41.09
MG MG OM . -116.03 -1.02 -27.21
MG MG PM . -91.93 -37.94 -69.32
MG MG QM . -65.21 -1.04 -70.81
MG MG RM . -52.74 20.88 -97.60
MG MG SM . -43.65 14.28 -96.35
MG MG TM . -8.85 -31.27 -71.56
MG MG UM . -13.98 19.17 -66.31
MG MG VM . -3.88 -34.80 -54.72
MG MG WM . -10.92 -52.09 -17.13
MG MG XM . -31.16 8.03 -18.92
MG MG YM . -26.82 24.13 -17.53
MG MG ZM . -57.45 15.78 -53.95
MG MG AN . -54.58 -14.26 -16.13
MG MG BN . -62.29 -47.62 21.00
MG MG CN . -40.07 21.95 -27.92
MG MG DN . -39.05 6.72 -37.44
MG MG EN . -39.73 50.22 -58.66
MG MG FN . -57.90 52.04 -82.04
MG MG GN . -35.50 59.12 -71.53
MG MG HN . -11.31 -17.48 -94.99
MG MG IN . -85.51 44.70 -13.26
MG MG JN . -43.69 -60.54 -77.19
MG MG KN . -55.02 -27.79 -26.72
MG MG LN . -54.32 42.09 -48.79
MG MG MN . -47.13 -71.54 -69.31
MG MG NN . -107.45 13.66 -12.99
MG MG ON . -34.38 4.98 -34.54
MG MG PN . -83.37 -12.66 -8.78
MG MG QN . -46.99 -53.73 -44.52
MG MG RN . -78.52 -18.79 11.98
MG MG SN . -84.55 -20.52 -15.92
MG MG TN . -69.91 -23.60 -77.58
MG MG UN . -50.16 -56.79 -45.05
MG MG VN . -28.30 19.05 -91.97
MG MG WN . -0.95 -15.61 -76.64
MG MG XN . -59.98 -61.02 -75.13
MG MG YN . -22.89 -50.56 -31.76
MG MG ZN . -90.21 35.22 -57.62
MG MG AO . -56.01 -54.08 -119.00
MG MG BO . -79.94 -35.76 -38.21
MG MG CO . -95.99 -22.92 -80.12
MG MG DO . -41.23 -4.93 -78.06
MG MG EO . -79.77 -25.94 -62.07
MG MG FO . -54.64 -35.54 -60.05
MG MG GO . -83.79 10.39 -40.05
MG MG HO . -32.96 -42.58 -109.53
MG MG IO . -49.75 2.42 -68.90
MG MG JO . -24.41 -23.78 -68.25
MG MG KO . -45.05 -33.72 -95.98
MG MG LO . -44.49 28.96 -46.75
MG MG MO . -63.22 30.93 -27.26
MG MG NO . -47.38 49.48 -57.24
MG MG OO . -91.37 -19.80 -27.26
MG MG PO . 5.44 -33.02 -91.99
MG MG QO . -26.07 -35.92 -96.73
MG MG RO . 14.79 82.31 -38.33
MG MG SO . 37.92 -2.52 55.94
MG MG TO . 5.70 22.24 65.34
MG MG UO . -10.15 8.00 68.67
MG MG VO . 18.28 -20.57 65.93
MG MG WO . -2.53 -18.62 50.36
MG MG XO . -1.49 4.68 76.57
MG MG YO . 39.48 2.95 36.78
MG MG ZO . 19.59 -7.15 85.85
MG MG AP . -5.17 -38.59 55.31
MG MG BP . 2.24 15.64 52.94
MG MG CP . 18.43 -24.99 41.04
MG MG DP . -1.61 7.84 49.85
MG MG EP . 6.89 10.52 47.10
MG MG FP . 11.09 13.69 44.03
MG MG GP . 14.94 14.63 46.76
MG MG HP . 7.66 -5.74 54.70
MG MG IP . -11.70 12.95 70.38
MG MG JP . 38.76 -5.64 38.53
MG MG KP . 45.29 0.45 46.32
MG MG LP . 47.32 -28.18 56.25
MG MG MP . 13.59 4.79 48.30
MG MG NP . -7.09 -32.06 67.58
MG MG OP . -13.14 -31.09 51.54
MG MG PP . 2.86 -5.89 77.05
MG MG QP . 5.84 -44.39 71.16
MG MG RP . -14.40 -10.09 77.64
MG MG SP . -11.47 -33.79 64.96
MG MG TP . 25.76 -15.75 70.23
MG MG UP . 1.94 -20.92 94.29
MG MG VP . 6.82 -35.22 71.68
K K WP . -15.75 -5.06 73.06
K K XP . 43.63 -12.50 60.98
MG MG YP . 42.62 -19.26 90.43
K K ZP . -13.99 -5.23 61.72
K K AQ . 48.19 15.16 34.60
MG MG BQ . 7.74 -9.88 103.26
MG MG CQ . -5.46 20.69 62.16
MG MG DQ . 42.36 7.62 32.26
MG MG EQ . 37.51 9.42 -12.39
MG MG FQ . 2.89 73.61 -22.69
MG MG GQ . 8.31 76.94 -30.67
MG MG HQ . 25.17 69.39 14.35
MG MG IQ . 10.69 16.43 -19.18
MG MG JQ . -3.51 59.41 -1.02
MG MG KQ . 34.20 -1.02 -11.01
MG MG LQ . 12.82 -19.69 -2.46
MG MG MQ . 14.22 75.39 -47.13
MG MG NQ . 25.80 100.21 -3.08
MG MG OQ . 24.92 52.22 -16.38
MG MG PQ . 22.62 -7.73 -19.91
MG MG QQ . 18.38 10.35 -13.11
MG MG RQ . 14.88 -2.83 12.10
MG MG SQ . 30.64 15.12 -1.12
MG MG TQ . 25.67 10.21 -12.81
MG MG UQ . 34.32 40.41 -1.05
MG MG VQ . 4.82 72.03 -12.78
MG MG WQ . 68.41 36.88 -30.48
MG MG XQ . 28.24 44.96 30.91
MG MG YQ . 38.43 68.32 -14.50
MG MG ZQ . 12.86 53.27 -19.32
MG MG AR . 13.69 -15.70 -26.56
MG MG BR . 14.12 73.36 -27.52
MG MG CR . 25.35 53.88 -44.11
MG MG DR . -4.07 61.08 -50.96
MG MG ER . 33.67 31.24 8.79
MG MG FR . 58.37 46.75 -31.50
MG MG GR . 35.99 27.49 1.31
MG MG HR . 40.98 73.47 -3.15
MG MG IR . 6.65 91.11 -35.97
MG MG JR . 37.87 42.68 2.57
MG MG KR . 16.74 -3.83 6.04
MG MG LR . 30.86 11.76 -8.86
MG MG MR . 39.26 16.71 -18.22
MG MG NR . -1.96 26.15 -14.03
MG MG OR . 23.27 94.70 -30.84
MG MG PR . 12.46 65.19 -10.69
MG MG QR . 24.47 19.62 15.51
MG MG RR . 10.52 83.07 -10.73
MG MG SR . 24.76 -1.58 8.73
MG MG TR . 22.14 -11.64 11.74
MG MG UR . 42.18 32.64 -6.89
MG MG VR . 0.30 63.95 -19.55
MG MG WR . 19.24 62.42 -15.61
MG MG XR . 22.03 89.31 19.55
MG MG YR . 45.48 23.20 -31.10
K K ZR . 13.33 61.75 12.90
K K AS . 44.93 15.45 -27.97
MG MG BS . 36.66 73.77 -4.34
MG MG CS . 15.77 86.40 5.91
K K DS . 18.43 91.22 -16.35
K K ES . 29.96 65.01 -24.89
K K FS . 20.76 7.35 -2.16
K K GS . 6.57 44.98 20.89
K K HS . 55.21 -6.87 -17.12
K K IS . 48.93 0.30 -23.57
MG MG JS . 21.58 91.95 -20.04
K K KS . 6.40 60.28 -29.97
MG MG LS . 18.19 43.48 27.49
MG MG MS . 64.42 -6.88 -13.47
MG MG NS . 8.69 38.81 41.20
MG MG OS . 16.93 71.62 -13.41
K K PS . 36.10 -7.40 47.31
K K QS . 18.96 -3.64 -5.96
K K RS . 17.46 79.62 31.37
K K SS . 52.41 5.60 6.62
K K TS . 56.35 13.20 -10.81
K K US . 49.23 -2.53 -17.19
MG MG VS . 14.61 -24.87 -8.63
MG MG WS . 12.26 45.61 32.47
MG MG XS . 42.57 18.53 0.70
MG MG YS . 42.31 20.04 -7.91
MG MG ZS . 15.58 94.28 15.47
MG MG AT . 3.74 -17.45 1.02
MG MG BT . 22.49 36.75 -27.07
MG MG CT . 58.60 2.39 -8.27
#